data_8BL4
#
_entry.id   8BL4
#
_cell.length_a   1.00
_cell.length_b   1.00
_cell.length_c   1.00
_cell.angle_alpha   90.00
_cell.angle_beta   90.00
_cell.angle_gamma   90.00
#
_symmetry.space_group_name_H-M   'P 1'
#
loop_
_entity.id
_entity.type
_entity.pdbx_description
1 polymer 'Phage tail sheath family protein'
2 polymer 'Phage tail protein'
#
loop_
_entity_poly.entity_id
_entity_poly.type
_entity_poly.pdbx_seq_one_letter_code
_entity_poly.pdbx_strand_id
1 'polypeptide(L)'
;MPSYLSPGVYVEEVASGSRPIEGVGIEGVGTSVAAFVGLAPTGPLNEPTLVTNWTQYVAAFGDFTGGYYLAHSVYGFFNN
GGSAAYVVRVGGSAEDAAADGSVNGAAAPAAVTGSTAKALPAAEPKQLGTFAVTATAAGQSGPLTVEVADPEGEGPAERF
KLIVKDGDKPVETFDVSAKKGNRSYVVTQVKERSKLITVTEAAPSAQLVRPENQSLTLPAPPSAAPAVPAGQAESAHPGP
AQYLGDSSDRTGFGGLEAIDEISMVAVPDLMAAYQRGAIDLEAVKAVQLGLIAHCELMGDRVAIIDPPPNQNARQIRVWR
QETAGYDSKYAALYYPWIKSFDPATGQSRLVPPSGHVAGIWARNDSERGVHKAPANEVVRGAVDLELQITRGEQDLLNPI
GVNCIRSFPGRGIRVWGARTLSSDPAWRYLNIRRYFNYLEESILIGTQWVVFEPNDHNLWARIRRNVSAFLVNEWRNGAL
FGQSPDQAYYVKCDEETNPPESVDLGRVVCEIGIAPVKPAEFVIFRLAQFSSGGGELDE
;
V,P,J,D,W,Q,K,E,X,R,L,F,S,M,G,A,T,N,H,B,U,O,I,C
2 'polypeptide(L)'
;MSLPKPEDVLVAPNFGIQIDGVMVEYLNSVSNLQIEQDVIRYQQNQGTTGRNNVTLMPGVAKDGSVQVERGMSQSSVFTQ
WINDSMAGRMATARKNATIIVMDYEDNPVKRWNLRNAWCSKVVAGTLKAGDTNALTETITIVFEELVVE
;
v,p,j,d,w,q,k,e,x,r,l,f,s,m,g,a,t,n,h,b,u,o,i,c
#
# COMPACT_ATOMS: atom_id res chain seq x y z
N MET A 1 -57.07 28.47 -43.14
CA MET A 1 -55.67 28.09 -42.94
C MET A 1 -55.05 28.91 -41.75
N PRO A 2 -55.68 29.00 -40.51
CA PRO A 2 -55.29 29.90 -39.42
C PRO A 2 -54.08 29.45 -38.61
N SER A 3 -52.94 29.20 -39.26
CA SER A 3 -51.73 28.87 -38.52
C SER A 3 -51.98 27.86 -37.41
N TYR A 4 -51.65 28.35 -36.19
CA TYR A 4 -51.76 27.56 -34.96
C TYR A 4 -51.25 28.53 -33.88
N LEU A 5 -50.70 29.67 -34.33
CA LEU A 5 -50.17 30.68 -33.41
C LEU A 5 -51.13 31.14 -32.34
N SER A 6 -52.33 31.51 -32.71
CA SER A 6 -53.23 32.01 -31.69
C SER A 6 -54.67 32.12 -32.13
N PRO A 7 -55.63 31.88 -31.21
CA PRO A 7 -57.04 32.19 -31.35
C PRO A 7 -57.27 33.69 -31.68
N GLY A 8 -56.29 34.52 -31.31
CA GLY A 8 -56.30 35.95 -31.51
C GLY A 8 -54.85 36.38 -31.74
N VAL A 9 -54.55 36.72 -32.99
CA VAL A 9 -53.19 37.04 -33.40
C VAL A 9 -52.75 38.47 -33.27
N TYR A 10 -53.51 39.42 -33.76
CA TYR A 10 -52.97 40.76 -33.69
C TYR A 10 -53.09 41.32 -32.29
N VAL A 11 -54.12 40.89 -31.58
CA VAL A 11 -54.30 41.24 -30.20
C VAL A 11 -54.36 39.94 -29.45
N GLU A 12 -53.46 39.75 -28.51
CA GLU A 12 -53.45 38.46 -27.85
C GLU A 12 -54.52 38.35 -26.79
N GLU A 13 -55.72 38.01 -27.29
CA GLU A 13 -57.00 37.86 -26.58
C GLU A 13 -56.91 36.78 -25.54
N VAL A 14 -55.91 35.95 -25.71
CA VAL A 14 -55.60 34.83 -24.85
C VAL A 14 -55.16 35.28 -23.42
N ALA A 15 -54.66 36.54 -23.26
CA ALA A 15 -54.23 37.15 -22.02
C ALA A 15 -55.43 37.85 -21.39
N GLY A 28 -67.15 19.61 -18.73
CA GLY A 28 -67.73 20.24 -19.90
C GLY A 28 -69.01 19.50 -20.30
N VAL A 29 -69.62 19.91 -21.44
CA VAL A 29 -70.87 19.32 -21.99
C VAL A 29 -70.69 18.55 -23.32
N GLY A 30 -69.52 18.65 -23.96
CA GLY A 30 -69.27 17.93 -25.21
C GLY A 30 -69.27 18.81 -26.46
N THR A 31 -68.87 18.21 -27.58
CA THR A 31 -68.72 18.88 -28.88
C THR A 31 -69.95 18.67 -29.75
N SER A 32 -70.93 18.01 -29.16
CA SER A 32 -72.20 17.66 -29.78
C SER A 32 -73.34 18.54 -29.27
N VAL A 33 -73.02 19.63 -28.58
CA VAL A 33 -74.00 20.55 -28.04
C VAL A 33 -74.49 21.60 -29.02
N ALA A 34 -75.83 21.69 -29.05
CA ALA A 34 -76.59 22.58 -29.92
C ALA A 34 -77.10 23.80 -29.18
N ALA A 35 -77.46 24.82 -29.95
CA ALA A 35 -78.16 25.96 -29.37
C ALA A 35 -79.28 26.42 -30.30
N PHE A 36 -80.40 26.80 -29.68
CA PHE A 36 -81.57 27.21 -30.43
C PHE A 36 -82.17 28.54 -29.99
N VAL A 37 -82.67 29.28 -30.97
CA VAL A 37 -83.36 30.55 -30.72
C VAL A 37 -84.84 30.55 -31.14
N GLY A 38 -85.71 30.82 -30.17
CA GLY A 38 -87.15 30.86 -30.45
C GLY A 38 -87.99 31.25 -29.25
N LEU A 39 -89.31 31.28 -29.43
CA LEU A 39 -90.31 31.71 -28.45
C LEU A 39 -90.81 30.63 -27.53
N ALA A 40 -91.36 31.05 -26.38
CA ALA A 40 -91.97 30.09 -25.47
C ALA A 40 -93.04 30.75 -24.58
N PRO A 41 -93.96 29.99 -24.00
CA PRO A 41 -94.94 30.40 -23.02
C PRO A 41 -94.19 30.59 -21.72
N THR A 42 -94.91 30.94 -20.65
CA THR A 42 -94.30 31.24 -19.37
C THR A 42 -93.15 30.31 -19.06
N GLY A 43 -92.02 30.96 -18.78
CA GLY A 43 -90.74 30.34 -18.55
C GLY A 43 -89.72 31.46 -18.30
N PRO A 44 -88.41 31.16 -18.29
CA PRO A 44 -87.30 32.07 -18.02
C PRO A 44 -87.14 33.09 -19.11
N LEU A 45 -86.49 34.20 -18.77
CA LEU A 45 -86.23 35.34 -19.63
C LEU A 45 -85.17 35.08 -20.68
N ASN A 46 -84.96 36.08 -21.55
CA ASN A 46 -84.00 35.98 -22.65
C ASN A 46 -82.54 35.93 -22.20
N GLU A 47 -82.23 36.59 -21.10
CA GLU A 47 -80.87 36.68 -20.61
C GLU A 47 -80.23 35.37 -20.07
N PRO A 48 -80.87 34.59 -19.18
CA PRO A 48 -80.32 33.38 -18.61
C PRO A 48 -80.40 32.22 -19.56
N THR A 49 -79.63 32.29 -20.65
CA THR A 49 -79.69 31.23 -21.63
C THR A 49 -79.33 29.94 -20.90
N LEU A 50 -80.18 28.94 -21.06
CA LEU A 50 -80.00 27.69 -20.32
C LEU A 50 -79.55 26.52 -21.14
N VAL A 51 -78.55 25.78 -20.66
CA VAL A 51 -78.14 24.56 -21.34
C VAL A 51 -78.57 23.35 -20.56
N THR A 52 -79.24 22.43 -21.27
CA THR A 52 -79.72 21.29 -20.47
C THR A 52 -80.34 20.14 -21.26
N ASN A 53 -81.14 19.34 -20.58
CA ASN A 53 -81.83 18.11 -21.03
C ASN A 53 -83.30 18.39 -21.33
N TRP A 54 -83.93 17.52 -22.13
CA TRP A 54 -85.36 17.65 -22.41
C TRP A 54 -86.21 17.79 -21.13
N THR A 55 -85.91 17.03 -20.08
CA THR A 55 -86.76 17.08 -18.90
C THR A 55 -86.87 18.48 -18.29
N GLN A 56 -85.72 19.17 -18.18
CA GLN A 56 -85.71 20.51 -17.64
C GLN A 56 -86.23 21.46 -18.67
N TYR A 57 -85.92 21.22 -19.93
CA TYR A 57 -86.39 22.09 -20.97
C TYR A 57 -87.87 22.27 -20.86
N VAL A 58 -88.59 21.17 -20.72
CA VAL A 58 -90.03 21.30 -20.62
C VAL A 58 -90.43 22.00 -19.35
N ALA A 59 -89.82 21.63 -18.23
CA ALA A 59 -90.18 22.27 -16.98
C ALA A 59 -89.99 23.79 -17.06
N ALA A 60 -88.94 24.23 -17.75
CA ALA A 60 -88.65 25.63 -17.88
C ALA A 60 -89.39 26.35 -19.00
N PHE A 61 -89.59 25.72 -20.17
CA PHE A 61 -90.20 26.40 -21.31
C PHE A 61 -91.61 25.98 -21.76
N GLY A 62 -92.15 24.87 -21.26
CA GLY A 62 -93.48 24.41 -21.70
C GLY A 62 -93.46 23.18 -22.61
N ASP A 63 -94.47 22.31 -22.47
CA ASP A 63 -94.53 21.09 -23.28
C ASP A 63 -95.28 21.30 -24.60
N PHE A 64 -94.76 22.16 -25.49
CA PHE A 64 -95.40 22.36 -26.83
C PHE A 64 -96.76 23.04 -26.74
N THR A 65 -97.14 23.60 -25.58
CA THR A 65 -98.47 24.18 -25.39
C THR A 65 -98.60 25.60 -25.89
N GLY A 66 -97.48 26.22 -26.16
CA GLY A 66 -97.42 27.60 -26.60
C GLY A 66 -97.38 27.79 -28.12
N GLY A 67 -97.45 26.71 -28.92
CA GLY A 67 -97.44 26.89 -30.39
C GLY A 67 -96.11 27.40 -30.97
N TYR A 68 -95.00 27.05 -30.36
CA TYR A 68 -93.68 27.53 -30.76
C TYR A 68 -92.80 26.43 -31.34
N TYR A 69 -91.82 26.80 -32.17
CA TYR A 69 -90.93 25.83 -32.79
C TYR A 69 -89.81 25.28 -31.93
N LEU A 70 -89.43 25.95 -30.85
CA LEU A 70 -88.38 25.35 -30.04
C LEU A 70 -88.79 24.00 -29.50
N ALA A 71 -90.04 23.81 -29.09
CA ALA A 71 -90.32 22.53 -28.46
C ALA A 71 -90.08 21.39 -29.41
N HIS A 72 -90.46 21.56 -30.68
CA HIS A 72 -90.26 20.39 -31.59
C HIS A 72 -88.77 20.24 -31.91
N SER A 73 -88.06 21.35 -32.18
CA SER A 73 -86.68 21.18 -32.57
C SER A 73 -85.84 20.65 -31.42
N VAL A 74 -86.14 21.11 -30.20
CA VAL A 74 -85.43 20.65 -29.03
C VAL A 74 -85.79 19.19 -28.78
N TYR A 75 -87.07 18.84 -28.90
CA TYR A 75 -87.44 17.45 -28.72
C TYR A 75 -86.75 16.57 -29.73
N GLY A 76 -86.78 16.97 -31.01
CA GLY A 76 -86.17 16.21 -32.07
C GLY A 76 -84.70 16.03 -31.81
N PHE A 77 -84.06 17.04 -31.23
CA PHE A 77 -82.68 16.89 -30.88
C PHE A 77 -82.55 15.80 -29.84
N PHE A 78 -83.37 15.84 -28.79
CA PHE A 78 -83.22 14.85 -27.73
C PHE A 78 -83.89 13.52 -28.01
N ASN A 79 -84.61 13.43 -29.11
CA ASN A 79 -85.23 12.18 -29.50
C ASN A 79 -84.21 11.38 -30.32
N ASN A 80 -83.03 12.00 -30.55
CA ASN A 80 -81.90 11.38 -31.29
C ASN A 80 -80.66 11.39 -30.36
N GLY A 81 -79.50 11.95 -30.78
CA GLY A 81 -78.40 11.98 -29.81
C GLY A 81 -78.18 13.38 -29.23
N GLY A 82 -77.12 13.55 -28.42
CA GLY A 82 -76.82 14.87 -27.85
C GLY A 82 -77.04 14.95 -26.36
N SER A 83 -76.06 15.52 -25.66
CA SER A 83 -76.09 15.64 -24.21
C SER A 83 -76.86 16.83 -23.70
N ALA A 84 -76.86 17.89 -24.49
CA ALA A 84 -77.49 19.11 -24.05
C ALA A 84 -77.71 20.07 -25.18
N ALA A 85 -78.54 21.05 -24.91
CA ALA A 85 -78.71 22.15 -25.83
C ALA A 85 -79.00 23.43 -25.07
N TYR A 86 -78.55 24.54 -25.63
CA TYR A 86 -78.79 25.88 -25.10
C TYR A 86 -80.06 26.48 -25.66
N VAL A 87 -80.90 27.00 -24.78
CA VAL A 87 -82.12 27.62 -25.25
C VAL A 87 -82.29 29.07 -24.86
N VAL A 88 -82.52 29.86 -25.91
CA VAL A 88 -82.74 31.28 -25.78
C VAL A 88 -84.23 31.56 -25.87
N ARG A 89 -84.77 32.19 -24.83
CA ARG A 89 -86.21 32.48 -24.74
C ARG A 89 -86.76 33.39 -25.83
N VAL A 90 -85.99 34.43 -26.20
CA VAL A 90 -86.38 35.40 -27.28
C VAL A 90 -87.52 36.32 -26.84
N GLY A 91 -88.69 35.77 -26.54
CA GLY A 91 -89.89 36.48 -26.15
C GLY A 91 -91.01 35.48 -25.83
N GLY A 92 -92.16 35.98 -25.43
CA GLY A 92 -93.23 35.04 -25.10
C GLY A 92 -94.09 34.69 -26.30
N SER A 93 -94.77 33.54 -26.23
CA SER A 93 -95.76 33.23 -27.26
C SER A 93 -96.93 34.17 -27.08
N ALA A 94 -97.56 34.55 -28.18
CA ALA A 94 -98.75 35.38 -28.13
C ALA A 94 -99.96 34.55 -27.73
N GLU A 95 -100.93 35.17 -27.09
CA GLU A 95 -102.14 34.47 -26.75
C GLU A 95 -102.89 34.05 -28.02
N ASP A 96 -103.47 32.83 -28.04
CA ASP A 96 -104.27 32.24 -29.14
C ASP A 96 -103.64 32.47 -30.53
N GLN A 232 -92.66 46.51 -35.81
CA GLN A 232 -92.02 45.66 -34.80
C GLN A 232 -92.93 44.49 -34.38
N ALA A 233 -92.80 43.37 -35.11
CA ALA A 233 -93.48 42.09 -34.90
C ALA A 233 -92.37 41.13 -34.53
N GLU A 234 -92.16 40.10 -35.36
CA GLU A 234 -90.99 39.19 -35.18
C GLU A 234 -89.77 40.00 -35.65
N SER A 235 -89.32 40.92 -34.82
CA SER A 235 -88.27 41.88 -35.14
C SER A 235 -86.83 41.40 -35.14
N ALA A 236 -86.02 42.17 -35.85
CA ALA A 236 -84.59 41.95 -36.00
C ALA A 236 -83.86 42.01 -34.66
N HIS A 237 -84.39 42.76 -33.69
CA HIS A 237 -83.71 42.84 -32.40
C HIS A 237 -84.38 41.97 -31.30
N PRO A 238 -85.55 42.33 -30.73
CA PRO A 238 -86.25 41.44 -29.79
C PRO A 238 -86.91 40.46 -30.77
N GLY A 239 -87.23 39.23 -30.33
CA GLY A 239 -87.76 38.34 -31.36
C GLY A 239 -86.60 37.45 -31.78
N PRO A 240 -86.80 36.52 -32.73
CA PRO A 240 -85.85 35.46 -33.09
C PRO A 240 -84.73 36.00 -33.93
N ALA A 241 -83.94 36.89 -33.36
CA ALA A 241 -82.90 37.55 -34.11
C ALA A 241 -81.67 37.95 -33.27
N GLN A 242 -81.35 39.25 -33.15
CA GLN A 242 -80.18 39.62 -32.36
C GLN A 242 -80.14 40.97 -31.66
N TYR A 243 -79.88 40.92 -30.36
CA TYR A 243 -79.69 42.13 -29.58
C TYR A 243 -78.48 42.00 -28.64
N LEU A 244 -77.51 42.88 -28.84
CA LEU A 244 -76.30 42.86 -28.02
C LEU A 244 -76.40 43.66 -26.76
N GLY A 245 -77.05 44.82 -26.78
CA GLY A 245 -77.13 45.56 -25.52
C GLY A 245 -75.78 46.07 -25.07
N ASP A 246 -74.91 46.52 -25.99
CA ASP A 246 -73.58 46.96 -25.59
C ASP A 246 -72.83 45.86 -24.85
N SER A 247 -72.81 44.70 -25.49
CA SER A 247 -72.20 43.46 -25.01
C SER A 247 -72.82 42.95 -23.73
N SER A 248 -74.16 43.08 -23.64
CA SER A 248 -74.90 42.51 -22.55
C SER A 248 -75.31 41.12 -23.02
N ASP A 249 -75.31 40.93 -24.35
CA ASP A 249 -75.57 39.69 -25.04
C ASP A 249 -76.87 39.07 -24.58
N ARG A 250 -77.88 39.91 -24.48
CA ARG A 250 -79.19 39.54 -23.96
C ARG A 250 -80.13 38.74 -24.86
N THR A 251 -80.20 39.00 -26.16
CA THR A 251 -81.18 38.23 -26.93
C THR A 251 -80.64 37.62 -28.21
N GLY A 252 -81.10 36.40 -28.45
CA GLY A 252 -80.82 35.68 -29.68
C GLY A 252 -79.35 35.43 -29.90
N PHE A 253 -78.88 35.88 -31.06
CA PHE A 253 -77.49 35.73 -31.50
C PHE A 253 -76.56 36.54 -30.65
N GLY A 254 -77.12 37.40 -29.81
CA GLY A 254 -76.33 38.22 -28.92
C GLY A 254 -75.46 37.32 -28.04
N GLY A 255 -75.94 36.10 -27.72
CA GLY A 255 -75.20 35.20 -26.86
C GLY A 255 -74.08 34.43 -27.58
N LEU A 256 -73.93 34.60 -28.89
CA LEU A 256 -72.89 33.89 -29.61
C LEU A 256 -71.57 34.53 -29.25
N GLU A 257 -70.49 33.74 -29.24
CA GLU A 257 -69.13 34.14 -28.84
C GLU A 257 -69.07 34.16 -27.32
N ALA A 258 -70.00 34.90 -26.71
CA ALA A 258 -70.13 35.00 -25.27
C ALA A 258 -70.33 33.62 -24.66
N ILE A 259 -71.08 32.76 -25.36
CA ILE A 259 -71.29 31.41 -24.88
C ILE A 259 -70.48 30.41 -25.71
N ASP A 260 -69.62 29.70 -24.99
CA ASP A 260 -68.72 28.69 -25.53
C ASP A 260 -69.39 27.30 -25.50
N GLU A 261 -68.67 26.30 -26.00
CA GLU A 261 -69.10 24.90 -26.07
C GLU A 261 -70.41 24.67 -26.82
N ILE A 262 -70.58 25.38 -27.91
CA ILE A 262 -71.69 25.21 -28.82
C ILE A 262 -71.06 24.98 -30.16
N SER A 263 -71.39 23.86 -30.79
CA SER A 263 -70.82 23.57 -32.09
C SER A 263 -71.84 23.76 -33.21
N MET A 264 -73.12 23.71 -32.86
CA MET A 264 -74.16 23.86 -33.88
C MET A 264 -75.32 24.72 -33.44
N VAL A 265 -75.82 25.52 -34.39
CA VAL A 265 -76.94 26.42 -34.12
C VAL A 265 -78.08 26.44 -35.14
N ALA A 266 -79.27 26.78 -34.64
CA ALA A 266 -80.47 26.93 -35.46
C ALA A 266 -81.47 27.91 -34.84
N VAL A 267 -82.39 28.43 -35.65
CA VAL A 267 -83.41 29.35 -35.14
C VAL A 267 -84.81 28.86 -35.52
N PRO A 268 -85.41 27.93 -34.74
CA PRO A 268 -86.70 27.33 -35.01
C PRO A 268 -87.84 28.29 -35.29
N ASP A 269 -87.85 29.51 -34.70
CA ASP A 269 -88.97 30.41 -35.01
C ASP A 269 -88.67 31.52 -36.02
N LEU A 270 -87.60 31.40 -36.82
CA LEU A 270 -87.39 32.46 -37.80
C LEU A 270 -88.08 32.17 -39.13
N MET A 271 -87.61 31.21 -39.95
CA MET A 271 -88.33 30.98 -41.21
C MET A 271 -89.72 30.49 -40.94
N ALA A 272 -89.87 29.74 -39.88
CA ALA A 272 -91.15 29.16 -39.53
C ALA A 272 -92.18 30.24 -39.14
N ALA A 273 -91.73 31.45 -38.87
CA ALA A 273 -92.64 32.50 -38.50
C ALA A 273 -92.66 33.58 -39.57
N TYR A 274 -92.16 33.26 -40.77
CA TYR A 274 -92.08 34.24 -41.85
C TYR A 274 -93.40 34.98 -42.10
N GLN A 275 -94.55 34.30 -41.96
CA GLN A 275 -95.80 35.02 -42.15
C GLN A 275 -96.53 35.34 -40.85
N ARG A 276 -96.52 34.41 -39.88
CA ARG A 276 -97.23 34.66 -38.58
C ARG A 276 -96.59 35.84 -37.83
N GLY A 277 -95.31 36.12 -38.09
CA GLY A 277 -94.58 37.19 -37.44
C GLY A 277 -94.53 38.45 -38.29
N ALA A 278 -95.22 38.47 -39.45
CA ALA A 278 -95.20 39.60 -40.38
C ALA A 278 -93.77 40.00 -40.77
N ILE A 279 -92.95 39.02 -41.13
CA ILE A 279 -91.55 39.19 -41.48
C ILE A 279 -91.17 38.40 -42.73
N ASP A 280 -91.94 38.65 -43.79
CA ASP A 280 -91.78 37.81 -45.00
C ASP A 280 -90.92 38.44 -46.09
N LEU A 281 -90.37 37.60 -46.96
CA LEU A 281 -89.58 37.95 -48.13
C LEU A 281 -88.13 38.30 -47.90
N GLU A 282 -87.90 39.40 -47.18
CA GLU A 282 -86.56 39.92 -46.89
C GLU A 282 -86.18 39.86 -45.42
N ALA A 283 -87.18 39.94 -44.55
CA ALA A 283 -86.90 40.02 -43.13
C ALA A 283 -86.20 38.77 -42.62
N VAL A 284 -86.49 37.62 -43.22
CA VAL A 284 -85.82 36.42 -42.76
C VAL A 284 -84.34 36.46 -43.09
N LYS A 285 -83.98 36.87 -44.31
CA LYS A 285 -82.57 36.94 -44.71
C LYS A 285 -81.81 37.90 -43.82
N ALA A 286 -82.49 38.97 -43.41
CA ALA A 286 -81.93 40.01 -42.57
C ALA A 286 -81.41 39.45 -41.24
N VAL A 287 -81.94 38.31 -40.82
CA VAL A 287 -81.55 37.69 -39.60
C VAL A 287 -80.71 36.45 -39.87
N GLN A 288 -81.14 35.64 -40.82
CA GLN A 288 -80.54 34.36 -41.17
C GLN A 288 -79.08 34.52 -41.58
N LEU A 289 -78.77 35.62 -42.26
CA LEU A 289 -77.41 35.93 -42.68
C LEU A 289 -76.52 36.26 -41.47
N GLY A 290 -77.13 36.74 -40.38
CA GLY A 290 -76.40 37.08 -39.17
C GLY A 290 -75.94 35.79 -38.53
N LEU A 291 -76.83 34.80 -38.51
CA LEU A 291 -76.49 33.52 -37.87
C LEU A 291 -75.24 32.97 -38.53
N ILE A 292 -75.22 33.09 -39.86
CA ILE A 292 -74.10 32.61 -40.63
C ILE A 292 -72.85 33.42 -40.36
N ALA A 293 -72.96 34.75 -40.36
CA ALA A 293 -71.79 35.58 -40.12
C ALA A 293 -71.15 35.31 -38.77
N HIS A 294 -71.96 35.07 -37.75
CA HIS A 294 -71.40 34.85 -36.43
C HIS A 294 -70.65 33.56 -36.39
N CYS A 295 -71.20 32.55 -37.06
CA CYS A 295 -70.52 31.27 -37.11
C CYS A 295 -69.17 31.42 -37.79
N GLU A 296 -69.11 32.16 -38.90
CA GLU A 296 -67.83 32.34 -39.57
C GLU A 296 -66.82 33.06 -38.70
N LEU A 297 -67.27 34.07 -37.95
CA LEU A 297 -66.32 34.79 -37.09
C LEU A 297 -65.73 33.88 -36.02
N MET A 298 -66.56 33.01 -35.44
CA MET A 298 -66.11 32.07 -34.43
C MET A 298 -65.30 30.91 -34.99
N GLY A 299 -65.63 30.50 -36.20
CA GLY A 299 -64.98 29.40 -36.88
C GLY A 299 -65.56 28.07 -36.45
N ASP A 300 -65.41 27.75 -35.17
CA ASP A 300 -65.93 26.47 -34.72
C ASP A 300 -67.39 26.51 -34.34
N ARG A 301 -68.25 26.62 -35.36
CA ARG A 301 -69.68 26.61 -35.18
C ARG A 301 -70.36 26.53 -36.55
N VAL A 302 -71.36 25.68 -36.69
CA VAL A 302 -72.08 25.58 -37.98
C VAL A 302 -73.58 25.85 -37.89
N ALA A 303 -74.04 26.70 -38.80
CA ALA A 303 -75.44 27.07 -38.92
C ALA A 303 -76.27 26.13 -39.81
N ILE A 304 -77.48 25.87 -39.36
CA ILE A 304 -78.45 25.10 -40.12
C ILE A 304 -79.44 26.06 -40.76
N ILE A 305 -79.54 26.03 -42.08
CA ILE A 305 -80.40 27.01 -42.76
C ILE A 305 -81.79 26.45 -43.00
N ASP A 306 -82.80 27.12 -42.47
CA ASP A 306 -84.17 26.72 -42.64
C ASP A 306 -84.82 27.24 -43.96
N PRO A 307 -85.33 26.35 -44.85
CA PRO A 307 -85.98 26.65 -46.12
C PRO A 307 -87.42 27.10 -45.85
N PRO A 308 -88.09 27.81 -46.77
CA PRO A 308 -89.49 28.16 -46.71
C PRO A 308 -90.34 26.87 -46.66
N PRO A 309 -91.53 26.88 -46.06
CA PRO A 309 -92.47 25.76 -45.96
C PRO A 309 -92.96 25.11 -47.25
N ASN A 310 -93.01 25.82 -48.38
CA ASN A 310 -93.55 25.18 -49.57
C ASN A 310 -92.93 25.61 -50.87
N GLN A 311 -91.96 24.85 -51.35
CA GLN A 311 -91.33 25.17 -52.60
C GLN A 311 -91.12 23.97 -53.50
N ASN A 312 -91.28 24.20 -54.79
CA ASN A 312 -91.00 23.28 -55.85
C ASN A 312 -89.53 23.13 -55.95
N ALA A 313 -89.02 22.02 -56.45
CA ALA A 313 -87.57 21.90 -56.56
C ALA A 313 -86.97 23.07 -57.35
N ARG A 314 -87.70 23.56 -58.34
CA ARG A 314 -87.22 24.70 -59.11
C ARG A 314 -87.11 25.93 -58.22
N GLN A 315 -88.04 26.08 -57.27
CA GLN A 315 -88.09 27.22 -56.39
C GLN A 315 -87.03 27.09 -55.31
N ILE A 316 -86.74 25.86 -54.89
CA ILE A 316 -85.70 25.64 -53.90
C ILE A 316 -84.39 26.11 -54.50
N ARG A 317 -84.14 25.69 -55.76
CA ARG A 317 -82.93 26.06 -56.46
C ARG A 317 -82.83 27.55 -56.76
N VAL A 318 -83.89 28.15 -57.28
CA VAL A 318 -83.81 29.56 -57.58
C VAL A 318 -83.67 30.37 -56.32
N TRP A 319 -84.39 30.02 -55.27
CA TRP A 319 -84.26 30.76 -54.07
C TRP A 319 -82.81 30.68 -53.61
N ARG A 320 -82.25 29.48 -53.48
CA ARG A 320 -80.87 29.34 -53.07
C ARG A 320 -79.84 29.99 -54.03
N GLN A 321 -80.08 29.99 -55.33
CA GLN A 321 -79.08 30.57 -56.23
C GLN A 321 -79.24 32.05 -56.55
N GLU A 322 -80.46 32.53 -56.67
CA GLU A 322 -80.69 33.90 -57.10
C GLU A 322 -81.30 34.87 -56.08
N THR A 323 -82.17 34.41 -55.16
CA THR A 323 -82.85 35.40 -54.31
C THR A 323 -82.42 35.32 -52.86
N ALA A 324 -81.82 34.21 -52.50
CA ALA A 324 -81.38 33.93 -51.14
C ALA A 324 -80.06 33.20 -51.16
N GLY A 325 -79.05 33.81 -51.74
CA GLY A 325 -77.76 33.15 -51.75
C GLY A 325 -77.15 33.31 -50.37
N TYR A 326 -76.35 32.34 -49.98
CA TYR A 326 -75.66 32.35 -48.70
C TYR A 326 -74.17 32.11 -48.91
N ASP A 327 -73.87 30.95 -49.52
CA ASP A 327 -72.55 30.46 -49.92
C ASP A 327 -71.47 30.43 -48.83
N SER A 328 -71.86 30.07 -47.61
CA SER A 328 -70.94 30.02 -46.49
C SER A 328 -70.29 28.67 -46.22
N LYS A 329 -69.11 28.71 -45.60
CA LYS A 329 -68.38 27.49 -45.24
C LYS A 329 -68.83 26.96 -43.89
N TYR A 330 -69.70 27.71 -43.25
CA TYR A 330 -70.20 27.46 -41.92
C TYR A 330 -71.68 27.18 -41.92
N ALA A 331 -72.20 26.70 -43.03
CA ALA A 331 -73.62 26.46 -43.11
C ALA A 331 -74.00 25.45 -44.18
N ALA A 332 -75.20 24.88 -44.02
CA ALA A 332 -75.78 24.01 -45.06
C ALA A 332 -77.31 24.11 -45.10
N LEU A 333 -77.87 23.93 -46.31
CA LEU A 333 -79.30 23.93 -46.61
C LEU A 333 -79.82 22.55 -47.02
N TYR A 334 -81.07 22.24 -46.63
CA TYR A 334 -81.79 21.00 -46.95
C TYR A 334 -83.11 21.27 -47.66
N TYR A 335 -83.52 20.37 -48.55
CA TYR A 335 -84.72 20.62 -49.41
C TYR A 335 -86.04 20.57 -48.65
N PRO A 336 -86.59 19.39 -48.27
CA PRO A 336 -87.94 19.31 -47.71
C PRO A 336 -88.09 19.43 -46.19
N TRP A 337 -89.23 19.97 -45.74
CA TRP A 337 -89.51 20.01 -44.27
C TRP A 337 -89.91 18.59 -43.84
N ILE A 338 -90.37 18.42 -42.61
CA ILE A 338 -90.70 17.09 -42.14
C ILE A 338 -91.95 17.09 -41.27
N LYS A 339 -92.87 16.18 -41.58
CA LYS A 339 -94.11 16.03 -40.84
C LYS A 339 -93.85 15.27 -39.57
N SER A 340 -94.42 15.75 -38.45
CA SER A 340 -94.25 15.07 -37.16
C SER A 340 -95.41 15.32 -36.19
N PHE A 341 -95.48 14.52 -35.13
CA PHE A 341 -96.54 14.61 -34.13
C PHE A 341 -96.25 15.61 -33.01
N ASP A 342 -97.25 16.42 -32.65
CA ASP A 342 -97.18 17.39 -31.56
C ASP A 342 -98.30 17.13 -30.54
N PRO A 343 -98.01 16.50 -29.38
CA PRO A 343 -98.95 16.08 -28.35
C PRO A 343 -99.87 17.19 -27.86
N ALA A 344 -99.46 18.45 -28.01
CA ALA A 344 -100.30 19.54 -27.54
C ALA A 344 -101.60 19.62 -28.31
N THR A 345 -101.57 19.32 -29.62
CA THR A 345 -102.78 19.43 -30.42
C THR A 345 -103.11 18.20 -31.27
N GLY A 346 -102.11 17.34 -31.54
CA GLY A 346 -102.32 16.22 -32.46
C GLY A 346 -101.22 16.09 -33.53
N GLN A 347 -101.53 15.35 -34.58
CA GLN A 347 -100.61 15.04 -35.66
C GLN A 347 -100.41 16.12 -36.72
N SER A 348 -101.22 17.17 -36.69
CA SER A 348 -101.17 18.17 -37.76
C SER A 348 -100.04 19.19 -37.65
N ARG A 349 -98.79 18.74 -37.78
CA ARG A 349 -97.68 19.68 -37.71
C ARG A 349 -96.50 19.42 -38.65
N LEU A 350 -96.01 20.50 -39.26
CA LEU A 350 -94.80 20.42 -40.08
C LEU A 350 -93.71 21.23 -39.41
N VAL A 351 -92.47 20.75 -39.48
CA VAL A 351 -91.33 21.46 -38.90
C VAL A 351 -90.17 21.55 -39.91
N PRO A 352 -89.38 22.65 -39.95
CA PRO A 352 -88.21 22.78 -40.80
C PRO A 352 -87.25 21.63 -40.52
N PRO A 353 -86.37 21.28 -41.45
CA PRO A 353 -85.38 20.23 -41.31
C PRO A 353 -84.21 20.70 -40.44
N SER A 354 -84.51 20.92 -39.16
CA SER A 354 -83.55 21.38 -38.17
C SER A 354 -83.89 20.69 -36.85
N GLY A 355 -82.99 20.73 -35.87
CA GLY A 355 -83.27 20.08 -34.57
C GLY A 355 -82.94 18.59 -34.67
N HIS A 356 -83.66 17.94 -35.56
CA HIS A 356 -83.51 16.53 -35.87
C HIS A 356 -82.18 16.29 -36.57
N VAL A 357 -81.74 17.21 -37.41
CA VAL A 357 -80.47 16.99 -38.11
C VAL A 357 -79.35 17.12 -37.11
N ALA A 358 -79.51 18.04 -36.16
CA ALA A 358 -78.51 18.23 -35.12
C ALA A 358 -78.44 16.97 -34.29
N GLY A 359 -79.60 16.36 -34.06
CA GLY A 359 -79.73 15.11 -33.33
C GLY A 359 -79.00 13.95 -34.03
N ILE A 360 -78.99 13.96 -35.37
CA ILE A 360 -78.29 12.93 -36.12
C ILE A 360 -76.81 13.14 -35.98
N TRP A 361 -76.37 14.38 -36.11
CA TRP A 361 -74.96 14.65 -36.00
C TRP A 361 -74.49 14.25 -34.62
N ALA A 362 -75.27 14.60 -33.59
CA ALA A 362 -74.86 14.27 -32.25
C ALA A 362 -74.75 12.76 -32.05
N ARG A 363 -75.70 11.97 -32.59
CA ARG A 363 -75.59 10.54 -32.41
C ARG A 363 -74.36 9.99 -33.08
N ASN A 364 -74.14 10.41 -34.31
CA ASN A 364 -73.03 9.87 -35.06
C ASN A 364 -71.72 10.10 -34.41
N ASP A 365 -71.51 11.29 -33.93
CA ASP A 365 -70.21 11.58 -33.40
C ASP A 365 -70.04 10.86 -32.08
N SER A 366 -71.13 10.78 -31.30
CA SER A 366 -71.06 10.13 -30.01
C SER A 366 -70.69 8.66 -30.13
N GLU A 367 -71.22 7.99 -31.15
CA GLU A 367 -70.92 6.58 -31.32
C GLU A 367 -69.73 6.26 -32.23
N ARG A 368 -69.47 7.07 -33.26
CA ARG A 368 -68.42 6.75 -34.22
C ARG A 368 -67.26 7.72 -34.38
N GLY A 369 -67.29 8.88 -33.72
CA GLY A 369 -66.24 9.86 -33.93
C GLY A 369 -66.59 10.71 -35.15
N VAL A 370 -65.70 11.62 -35.53
CA VAL A 370 -66.01 12.47 -36.65
C VAL A 370 -65.13 12.13 -37.83
N HIS A 371 -65.67 11.37 -38.77
CA HIS A 371 -64.85 10.95 -39.89
C HIS A 371 -65.62 11.17 -41.17
N LYS A 372 -66.93 11.04 -41.02
CA LYS A 372 -67.89 11.16 -42.10
C LYS A 372 -69.11 11.91 -41.60
N ALA A 373 -69.76 12.66 -42.46
CA ALA A 373 -71.01 13.25 -42.10
C ALA A 373 -72.07 12.16 -42.22
N PRO A 374 -72.89 11.92 -41.21
CA PRO A 374 -73.86 10.85 -41.13
C PRO A 374 -75.11 11.06 -41.92
N ALA A 375 -75.00 11.19 -43.23
CA ALA A 375 -76.26 11.36 -43.95
C ALA A 375 -77.07 10.07 -43.86
N ASN A 376 -76.37 8.93 -43.94
CA ASN A 376 -77.05 7.65 -43.98
C ASN A 376 -77.36 7.09 -42.60
N GLU A 377 -78.31 7.75 -41.95
CA GLU A 377 -78.81 7.44 -40.61
C GLU A 377 -80.28 7.78 -40.55
N VAL A 378 -81.03 7.11 -39.69
CA VAL A 378 -82.47 7.35 -39.55
C VAL A 378 -82.91 8.41 -38.57
N VAL A 379 -83.81 9.24 -39.04
CA VAL A 379 -84.38 10.28 -38.21
C VAL A 379 -85.49 9.69 -37.37
N ARG A 380 -85.39 9.77 -36.05
CA ARG A 380 -86.43 9.19 -35.23
C ARG A 380 -87.41 10.27 -34.79
N GLY A 381 -88.70 9.93 -34.83
CA GLY A 381 -89.78 10.83 -34.44
C GLY A 381 -90.44 11.42 -35.69
N ALA A 382 -89.79 11.27 -36.83
CA ALA A 382 -90.30 11.75 -38.09
C ALA A 382 -91.46 10.88 -38.51
N VAL A 383 -92.46 11.47 -39.16
CA VAL A 383 -93.58 10.73 -39.68
C VAL A 383 -93.56 10.67 -41.20
N ASP A 384 -93.40 11.82 -41.85
CA ASP A 384 -93.41 11.82 -43.32
C ASP A 384 -92.62 12.99 -43.92
N LEU A 385 -92.54 13.04 -45.25
CA LEU A 385 -91.82 14.09 -45.96
C LEU A 385 -92.72 14.86 -46.92
N GLU A 386 -92.66 16.20 -46.86
CA GLU A 386 -93.50 17.04 -47.72
C GLU A 386 -93.13 17.00 -49.21
N LEU A 387 -91.86 16.86 -49.51
CA LEU A 387 -91.43 16.83 -50.90
C LEU A 387 -90.99 15.44 -51.26
N GLN A 388 -91.27 15.02 -52.49
CA GLN A 388 -90.74 13.74 -52.92
C GLN A 388 -89.57 14.00 -53.83
N ILE A 389 -88.51 13.26 -53.63
CA ILE A 389 -87.30 13.45 -54.39
C ILE A 389 -86.92 12.20 -55.16
N THR A 390 -86.64 12.38 -56.45
CA THR A 390 -86.24 11.30 -57.35
C THR A 390 -84.84 11.43 -57.88
N ARG A 391 -84.42 10.45 -58.69
CA ARG A 391 -83.06 10.41 -59.20
C ARG A 391 -82.69 11.67 -60.02
N GLY A 392 -83.64 12.20 -60.76
CA GLY A 392 -83.37 13.39 -61.57
C GLY A 392 -83.21 14.62 -60.69
N GLU A 393 -83.74 14.57 -59.47
CA GLU A 393 -83.66 15.69 -58.59
C GLU A 393 -82.27 15.67 -58.03
N GLN A 394 -81.73 14.48 -57.78
CA GLN A 394 -80.38 14.39 -57.22
C GLN A 394 -79.38 15.07 -58.17
N ASP A 395 -79.58 14.90 -59.49
CA ASP A 395 -78.70 15.57 -60.43
C ASP A 395 -78.92 17.09 -60.45
N LEU A 396 -80.12 17.55 -60.15
CA LEU A 396 -80.37 18.98 -60.10
C LEU A 396 -79.78 19.63 -58.82
N LEU A 397 -79.98 18.97 -57.68
CA LEU A 397 -79.57 19.48 -56.38
C LEU A 397 -78.11 19.31 -55.94
N ASN A 398 -77.43 18.25 -56.36
CA ASN A 398 -76.06 18.09 -55.88
C ASN A 398 -75.16 19.29 -56.26
N PRO A 399 -75.18 19.80 -57.51
CA PRO A 399 -74.39 20.91 -57.98
C PRO A 399 -74.67 22.24 -57.28
N ILE A 400 -75.77 22.35 -56.52
CA ILE A 400 -76.06 23.60 -55.86
C ILE A 400 -75.80 23.46 -54.37
N GLY A 401 -75.38 22.27 -53.96
CA GLY A 401 -75.06 22.02 -52.56
C GLY A 401 -76.26 21.94 -51.65
N VAL A 402 -77.44 21.59 -52.15
CA VAL A 402 -78.56 21.56 -51.22
C VAL A 402 -78.89 20.13 -51.01
N ASN A 403 -78.86 19.71 -49.77
CA ASN A 403 -78.99 18.31 -49.45
C ASN A 403 -80.41 17.79 -49.48
N CYS A 404 -80.56 16.60 -50.04
CA CYS A 404 -81.86 15.97 -50.06
C CYS A 404 -81.99 14.93 -48.99
N ILE A 405 -83.22 14.83 -48.50
CA ILE A 405 -83.68 13.90 -47.48
C ILE A 405 -84.73 13.03 -48.12
N ARG A 406 -84.61 11.72 -47.97
CA ARG A 406 -85.54 10.81 -48.61
C ARG A 406 -86.04 9.66 -47.75
N SER A 407 -87.24 9.17 -48.08
CA SER A 407 -87.80 7.99 -47.45
C SER A 407 -87.54 6.80 -48.36
N PHE A 408 -86.80 5.82 -47.85
CA PHE A 408 -86.44 4.69 -48.68
C PHE A 408 -87.18 3.43 -48.24
N PRO A 409 -87.77 2.65 -49.16
CA PRO A 409 -88.37 1.39 -48.80
C PRO A 409 -87.28 0.53 -48.21
N GLY A 410 -87.54 -0.05 -47.04
CA GLY A 410 -86.59 -0.94 -46.39
C GLY A 410 -85.51 -0.21 -45.57
N ARG A 411 -85.48 1.13 -45.63
CA ARG A 411 -84.47 1.89 -44.91
C ARG A 411 -85.03 3.03 -44.03
N GLY A 412 -86.18 3.61 -44.39
CA GLY A 412 -86.78 4.71 -43.61
C GLY A 412 -86.29 6.09 -44.02
N ILE A 413 -86.52 7.08 -43.15
CA ILE A 413 -86.16 8.45 -43.51
C ILE A 413 -84.74 8.72 -43.12
N ARG A 414 -83.94 8.98 -44.14
CA ARG A 414 -82.51 9.19 -44.02
C ARG A 414 -82.11 10.39 -44.86
N VAL A 415 -80.98 10.98 -44.55
CA VAL A 415 -80.49 12.07 -45.35
C VAL A 415 -79.65 11.41 -46.42
N TRP A 416 -79.78 11.81 -47.65
CA TRP A 416 -78.97 11.15 -48.65
C TRP A 416 -77.67 11.92 -48.88
N GLY A 417 -77.77 13.23 -49.08
CA GLY A 417 -76.57 14.01 -49.39
C GLY A 417 -75.82 14.56 -48.16
N ALA A 418 -74.55 14.94 -48.35
CA ALA A 418 -73.78 15.57 -47.27
C ALA A 418 -72.83 16.66 -47.79
N ARG A 419 -73.37 17.57 -48.59
CA ARG A 419 -72.59 18.60 -49.23
C ARG A 419 -72.61 19.91 -48.44
N THR A 420 -71.54 20.68 -48.59
CA THR A 420 -71.43 21.99 -47.98
C THR A 420 -72.12 23.02 -48.86
N LEU A 421 -72.33 24.19 -48.32
CA LEU A 421 -72.99 25.27 -49.03
C LEU A 421 -72.03 26.09 -49.91
N SER A 422 -70.81 26.23 -49.45
CA SER A 422 -69.78 27.02 -50.12
C SER A 422 -69.33 26.43 -51.43
N SER A 423 -69.00 27.32 -52.37
CA SER A 423 -68.47 26.95 -53.67
C SER A 423 -67.00 26.60 -53.63
N ASP A 424 -66.35 26.87 -52.50
CA ASP A 424 -64.92 26.64 -52.33
C ASP A 424 -64.61 25.14 -52.31
N PRO A 425 -63.89 24.60 -53.32
CA PRO A 425 -63.62 23.19 -53.55
C PRO A 425 -62.82 22.55 -52.42
N ALA A 426 -62.17 23.38 -51.61
CA ALA A 426 -61.41 22.86 -50.49
C ALA A 426 -62.34 22.15 -49.54
N TRP A 427 -63.59 22.61 -49.43
CA TRP A 427 -64.54 22.01 -48.53
C TRP A 427 -65.83 21.74 -49.25
N ARG A 428 -65.84 20.71 -50.09
CA ARG A 428 -67.05 20.35 -50.81
C ARG A 428 -67.97 19.55 -49.88
N TYR A 429 -67.36 18.82 -48.95
CA TYR A 429 -68.14 17.96 -48.08
C TYR A 429 -68.03 18.31 -46.61
N LEU A 430 -69.11 17.99 -45.92
CA LEU A 430 -69.23 18.20 -44.50
C LEU A 430 -68.23 17.34 -43.75
N ASN A 431 -67.95 16.15 -44.27
CA ASN A 431 -67.03 15.22 -43.57
C ASN A 431 -65.75 15.95 -43.14
N ILE A 432 -65.14 16.73 -44.03
CA ILE A 432 -63.85 17.40 -43.70
C ILE A 432 -64.06 18.66 -42.87
N ARG A 433 -65.07 19.47 -43.21
CA ARG A 433 -65.10 20.69 -42.43
C ARG A 433 -65.36 20.35 -40.95
N ARG A 434 -66.21 19.33 -40.72
CA ARG A 434 -66.54 18.91 -39.36
C ARG A 434 -65.34 18.36 -38.62
N TYR A 435 -64.52 17.57 -39.30
CA TYR A 435 -63.34 17.00 -38.67
C TYR A 435 -62.37 18.09 -38.29
N PHE A 436 -62.17 19.07 -39.17
CA PHE A 436 -61.22 20.11 -38.81
C PHE A 436 -61.69 20.89 -37.60
N ASN A 437 -62.99 21.19 -37.47
CA ASN A 437 -63.41 21.90 -36.26
C ASN A 437 -63.17 21.07 -35.01
N TYR A 438 -63.38 19.76 -35.12
CA TYR A 438 -63.13 18.90 -34.00
C TYR A 438 -61.68 19.02 -33.55
N LEU A 439 -60.77 18.92 -34.51
CA LEU A 439 -59.37 18.98 -34.18
C LEU A 439 -58.96 20.31 -33.59
N GLU A 440 -59.52 21.41 -34.08
CA GLU A 440 -59.08 22.68 -33.51
C GLU A 440 -59.41 22.75 -32.03
N GLU A 441 -60.56 22.24 -31.63
CA GLU A 441 -60.86 22.28 -30.21
C GLU A 441 -59.96 21.30 -29.47
N SER A 442 -59.72 20.13 -30.06
CA SER A 442 -58.94 19.09 -29.41
C SER A 442 -57.53 19.56 -29.09
N ILE A 443 -56.92 20.31 -30.00
CA ILE A 443 -55.57 20.79 -29.76
C ILE A 443 -55.57 22.05 -28.90
N LEU A 444 -56.42 23.02 -29.20
CA LEU A 444 -56.33 24.26 -28.45
C LEU A 444 -56.65 24.11 -26.98
N ILE A 445 -57.58 23.25 -26.63
CA ILE A 445 -57.95 23.07 -25.23
C ILE A 445 -56.80 22.50 -24.41
N GLY A 446 -55.82 21.88 -25.06
CA GLY A 446 -54.71 21.27 -24.37
C GLY A 446 -53.48 22.17 -24.24
N THR A 447 -53.54 23.43 -24.68
CA THR A 447 -52.33 24.25 -24.59
C THR A 447 -52.42 25.32 -23.50
N GLN A 448 -51.62 25.12 -22.46
CA GLN A 448 -51.56 25.97 -21.27
C GLN A 448 -50.55 27.10 -21.39
N TRP A 449 -49.81 27.11 -22.48
CA TRP A 449 -48.72 28.05 -22.66
C TRP A 449 -49.17 29.40 -23.18
N VAL A 450 -49.87 30.08 -22.30
CA VAL A 450 -50.49 31.38 -22.46
C VAL A 450 -49.99 32.21 -21.31
N VAL A 451 -49.91 33.54 -21.50
CA VAL A 451 -49.31 34.41 -20.45
C VAL A 451 -48.28 33.53 -19.76
N PHE A 452 -47.24 33.12 -20.48
CA PHE A 452 -46.21 32.25 -19.91
C PHE A 452 -44.86 32.96 -19.77
N GLU A 453 -43.79 32.16 -19.80
CA GLU A 453 -42.47 32.66 -19.47
C GLU A 453 -41.73 33.11 -20.74
N PRO A 454 -40.39 33.18 -20.66
CA PRO A 454 -39.53 33.61 -21.78
C PRO A 454 -39.66 32.71 -23.01
N ASN A 455 -39.77 33.34 -24.17
CA ASN A 455 -39.87 32.63 -25.45
C ASN A 455 -38.62 31.87 -25.80
N ASP A 456 -38.40 30.81 -25.05
CA ASP A 456 -37.27 29.92 -25.20
C ASP A 456 -37.54 28.90 -26.29
N HIS A 457 -36.48 28.40 -26.93
CA HIS A 457 -36.68 27.31 -27.91
C HIS A 457 -37.24 26.10 -27.18
N ASN A 458 -37.03 26.01 -25.86
CA ASN A 458 -37.50 24.92 -25.08
C ASN A 458 -39.02 24.85 -25.17
N LEU A 459 -39.70 25.99 -25.36
CA LEU A 459 -41.14 25.96 -25.44
C LEU A 459 -41.49 25.44 -26.80
N TRP A 460 -40.65 25.74 -27.78
CA TRP A 460 -40.91 25.29 -29.12
C TRP A 460 -40.89 23.77 -29.10
N ALA A 461 -39.89 23.21 -28.40
CA ALA A 461 -39.82 21.77 -28.31
C ALA A 461 -41.03 21.19 -27.60
N ARG A 462 -41.51 21.87 -26.57
CA ARG A 462 -42.65 21.34 -25.85
C ARG A 462 -43.90 21.27 -26.71
N ILE A 463 -44.14 22.29 -27.52
CA ILE A 463 -45.32 22.25 -28.33
C ILE A 463 -45.19 21.24 -29.44
N ARG A 464 -44.00 21.08 -30.04
CA ARG A 464 -43.90 20.10 -31.10
C ARG A 464 -44.27 18.74 -30.58
N ARG A 465 -43.84 18.41 -29.37
CA ARG A 465 -44.15 17.09 -28.89
C ARG A 465 -45.63 16.94 -28.56
N ASN A 466 -46.28 17.91 -27.97
CA ASN A 466 -47.68 17.63 -27.67
C ASN A 466 -48.53 17.46 -28.91
N VAL A 467 -48.23 18.21 -29.96
CA VAL A 467 -49.03 18.10 -31.15
C VAL A 467 -48.76 16.78 -31.84
N SER A 468 -47.50 16.39 -31.94
CA SER A 468 -47.16 15.15 -32.59
C SER A 468 -47.76 13.97 -31.81
N ALA A 469 -47.68 13.97 -30.48
CA ALA A 469 -48.22 12.84 -29.74
C ALA A 469 -49.71 12.70 -30.01
N PHE A 470 -50.43 13.82 -30.11
CA PHE A 470 -51.84 13.71 -30.41
C PHE A 470 -52.07 13.06 -31.77
N LEU A 471 -51.36 13.58 -32.76
CA LEU A 471 -51.54 13.14 -34.12
C LEU A 471 -51.07 11.74 -34.38
N VAL A 472 -50.09 11.24 -33.64
CA VAL A 472 -49.68 9.90 -33.96
C VAL A 472 -50.76 8.93 -33.53
N ASN A 473 -51.38 9.19 -32.38
CA ASN A 473 -52.42 8.29 -31.96
C ASN A 473 -53.62 8.39 -32.87
N GLU A 474 -53.90 9.60 -33.32
CA GLU A 474 -55.04 9.81 -34.16
C GLU A 474 -54.86 9.24 -35.56
N TRP A 475 -53.77 9.57 -36.25
CA TRP A 475 -53.65 9.09 -37.66
C TRP A 475 -53.73 7.57 -37.74
N ARG A 476 -53.29 6.86 -36.70
CA ARG A 476 -53.23 5.43 -36.66
C ARG A 476 -54.58 4.76 -36.57
N ASN A 477 -55.56 5.52 -36.11
CA ASN A 477 -56.91 5.06 -35.95
C ASN A 477 -57.54 5.24 -37.30
N GLY A 478 -58.81 4.91 -37.48
CA GLY A 478 -59.43 5.11 -38.79
C GLY A 478 -59.73 6.60 -39.02
N ALA A 479 -58.67 7.41 -39.12
CA ALA A 479 -58.77 8.84 -39.20
C ALA A 479 -58.00 9.44 -40.35
N LEU A 480 -56.68 9.23 -40.43
CA LEU A 480 -55.95 9.90 -41.50
C LEU A 480 -55.41 8.91 -42.48
N PHE A 481 -55.32 9.35 -43.72
CA PHE A 481 -54.69 8.55 -44.73
C PHE A 481 -53.22 8.44 -44.43
N GLY A 482 -52.65 7.26 -44.57
CA GLY A 482 -51.24 7.13 -44.38
C GLY A 482 -50.86 5.68 -44.46
N GLN A 483 -49.57 5.32 -44.33
CA GLN A 483 -49.14 3.89 -44.26
C GLN A 483 -48.08 3.93 -43.19
N SER A 484 -47.74 5.13 -42.78
CA SER A 484 -46.80 5.50 -41.77
C SER A 484 -47.20 6.91 -41.40
N PRO A 485 -46.94 7.38 -40.18
CA PRO A 485 -47.15 8.74 -39.74
C PRO A 485 -46.34 9.69 -40.62
N ASP A 486 -45.31 9.12 -41.27
CA ASP A 486 -44.43 9.86 -42.15
C ASP A 486 -45.22 10.52 -43.27
N GLN A 487 -46.30 9.88 -43.74
CA GLN A 487 -47.08 10.52 -44.78
C GLN A 487 -48.33 11.11 -44.18
N ALA A 488 -48.82 10.50 -43.11
CA ALA A 488 -50.09 10.93 -42.56
C ALA A 488 -50.10 12.35 -42.04
N TYR A 489 -49.04 12.82 -41.40
CA TYR A 489 -49.09 14.20 -40.87
C TYR A 489 -47.70 14.81 -40.68
N TYR A 490 -47.66 16.12 -40.49
CA TYR A 490 -46.38 16.77 -40.21
C TYR A 490 -46.45 18.00 -39.30
N VAL A 491 -45.51 18.09 -38.35
CA VAL A 491 -45.43 19.22 -37.41
C VAL A 491 -44.06 19.90 -37.43
N LYS A 492 -44.03 21.24 -37.56
CA LYS A 492 -42.77 21.99 -37.54
C LYS A 492 -42.79 23.23 -36.65
N CYS A 493 -41.69 23.46 -35.93
CA CYS A 493 -41.56 24.67 -35.09
C CYS A 493 -40.09 24.93 -34.75
N ASP A 494 -39.48 25.83 -35.51
CA ASP A 494 -38.06 26.18 -35.40
C ASP A 494 -37.86 27.64 -35.81
N GLU A 495 -36.63 28.10 -35.93
CA GLU A 495 -36.27 29.49 -36.21
C GLU A 495 -36.79 30.06 -37.54
N GLU A 496 -37.17 29.21 -38.49
CA GLU A 496 -37.68 29.72 -39.76
C GLU A 496 -39.20 29.92 -39.68
N THR A 497 -39.76 29.51 -38.55
CA THR A 497 -41.18 29.58 -38.24
C THR A 497 -41.37 30.61 -37.15
N ASN A 498 -40.32 30.75 -36.33
CA ASN A 498 -40.24 31.64 -35.19
C ASN A 498 -38.99 32.51 -35.28
N PRO A 499 -39.03 33.57 -36.11
CA PRO A 499 -37.92 34.43 -36.46
C PRO A 499 -37.33 35.03 -35.18
N PRO A 500 -36.03 35.38 -35.18
CA PRO A 500 -35.23 35.87 -34.08
C PRO A 500 -35.73 37.15 -33.46
N GLU A 501 -36.55 37.91 -34.15
CA GLU A 501 -37.05 39.11 -33.56
C GLU A 501 -37.82 38.81 -32.28
N SER A 502 -38.57 37.70 -32.27
CA SER A 502 -39.32 37.31 -31.08
C SER A 502 -40.10 38.44 -30.45
N VAL A 503 -40.87 39.17 -31.23
CA VAL A 503 -41.63 40.25 -30.62
C VAL A 503 -43.06 39.87 -30.53
N ASP A 504 -43.49 39.51 -29.32
CA ASP A 504 -44.83 39.06 -28.99
C ASP A 504 -45.30 37.81 -29.72
N LEU A 505 -45.41 37.88 -31.04
CA LEU A 505 -45.98 36.80 -31.83
C LEU A 505 -44.96 35.77 -32.25
N GLY A 506 -44.49 35.09 -31.24
CA GLY A 506 -43.57 33.98 -31.38
C GLY A 506 -44.47 32.80 -31.15
N ARG A 507 -43.92 31.63 -30.83
CA ARG A 507 -44.74 30.45 -30.59
C ARG A 507 -45.63 30.08 -31.78
N VAL A 508 -45.07 30.13 -32.97
CA VAL A 508 -45.74 29.78 -34.19
C VAL A 508 -45.47 28.33 -34.55
N VAL A 509 -46.51 27.58 -34.87
CA VAL A 509 -46.35 26.19 -35.25
C VAL A 509 -46.97 25.96 -36.62
N CYS A 510 -46.23 25.30 -37.49
CA CYS A 510 -46.75 24.98 -38.80
C CYS A 510 -47.22 23.55 -38.80
N GLU A 511 -48.39 23.31 -39.37
CA GLU A 511 -48.88 21.95 -39.42
C GLU A 511 -49.44 21.56 -40.76
N ILE A 512 -49.26 20.29 -41.07
CA ILE A 512 -49.84 19.65 -42.25
C ILE A 512 -50.85 18.63 -41.78
N GLY A 513 -52.06 18.72 -42.33
CA GLY A 513 -53.13 17.80 -42.00
C GLY A 513 -52.89 16.58 -42.85
N ILE A 514 -53.33 16.63 -44.09
CA ILE A 514 -53.00 15.57 -45.02
C ILE A 514 -52.42 16.32 -46.21
N ALA A 515 -53.25 16.63 -47.19
CA ALA A 515 -52.81 17.51 -48.24
C ALA A 515 -53.05 18.95 -47.77
N PRO A 516 -54.23 19.30 -47.17
CA PRO A 516 -54.51 20.62 -46.64
C PRO A 516 -53.54 20.92 -45.52
N VAL A 517 -53.13 22.18 -45.43
CA VAL A 517 -52.19 22.63 -44.41
C VAL A 517 -52.74 23.87 -43.71
N LYS A 518 -52.18 24.21 -42.53
CA LYS A 518 -52.50 25.41 -41.75
C LYS A 518 -51.18 26.12 -41.41
N MET B 1 -42.20 -10.11 -46.72
CA MET B 1 -42.25 -11.17 -47.75
C MET B 1 -41.28 -10.95 -48.94
N SER B 2 -40.26 -10.07 -48.79
CA SER B 2 -39.25 -9.73 -49.83
C SER B 2 -38.22 -10.83 -50.05
N LEU B 3 -38.10 -11.73 -49.09
CA LEU B 3 -37.16 -12.83 -49.21
C LEU B 3 -37.99 -14.01 -49.63
N PRO B 4 -37.47 -14.97 -50.39
CA PRO B 4 -38.13 -16.22 -50.74
C PRO B 4 -38.02 -17.19 -49.58
N LYS B 5 -38.50 -16.74 -48.44
CA LYS B 5 -38.48 -17.47 -47.21
C LYS B 5 -39.74 -16.93 -46.49
N PRO B 6 -40.93 -17.13 -47.09
CA PRO B 6 -42.21 -16.54 -46.74
C PRO B 6 -42.90 -17.12 -45.52
N GLU B 7 -42.40 -16.85 -44.35
CA GLU B 7 -43.05 -17.43 -43.18
C GLU B 7 -43.89 -16.42 -42.42
N ASP B 8 -45.20 -16.39 -42.64
CA ASP B 8 -46.01 -15.40 -41.93
C ASP B 8 -45.96 -15.60 -40.44
N VAL B 9 -45.62 -14.53 -39.71
CA VAL B 9 -45.59 -14.62 -38.22
C VAL B 9 -46.82 -13.86 -37.73
N LEU B 10 -47.23 -14.04 -36.47
CA LEU B 10 -48.39 -13.28 -36.09
C LEU B 10 -48.09 -11.83 -36.26
N VAL B 11 -48.93 -11.17 -37.02
CA VAL B 11 -48.84 -9.76 -37.25
C VAL B 11 -50.04 -9.13 -36.58
N ALA B 12 -51.21 -9.69 -36.87
CA ALA B 12 -52.42 -9.24 -36.24
C ALA B 12 -53.56 -10.24 -36.38
N PRO B 13 -54.43 -10.37 -35.38
CA PRO B 13 -55.68 -11.08 -35.41
C PRO B 13 -56.63 -10.09 -36.06
N ASN B 14 -56.35 -9.78 -37.32
CA ASN B 14 -57.16 -8.74 -38.04
C ASN B 14 -58.49 -9.34 -38.46
N PHE B 15 -59.57 -8.93 -37.80
CA PHE B 15 -60.87 -9.50 -38.13
C PHE B 15 -61.90 -8.45 -38.56
N GLY B 16 -62.29 -8.49 -39.84
CA GLY B 16 -63.21 -7.51 -40.44
C GLY B 16 -64.66 -7.96 -40.37
N ILE B 17 -65.44 -7.29 -39.55
CA ILE B 17 -66.82 -7.72 -39.33
C ILE B 17 -67.73 -6.49 -39.47
N GLN B 18 -69.07 -6.66 -39.54
CA GLN B 18 -69.98 -5.52 -39.68
C GLN B 18 -70.21 -4.78 -38.34
N ILE B 19 -69.76 -5.41 -37.27
CA ILE B 19 -69.83 -4.98 -35.88
C ILE B 19 -68.54 -4.25 -35.50
N ASP B 20 -68.63 -3.14 -34.78
CA ASP B 20 -67.40 -2.44 -34.42
C ASP B 20 -66.71 -3.10 -33.20
N GLY B 21 -66.19 -4.28 -33.47
CA GLY B 21 -65.52 -5.16 -32.54
C GLY B 21 -64.05 -4.80 -32.45
N VAL B 22 -63.77 -3.58 -32.00
CA VAL B 22 -62.42 -3.03 -31.90
C VAL B 22 -61.48 -3.68 -30.89
N MET B 23 -61.99 -4.13 -29.76
CA MET B 23 -61.10 -4.64 -28.73
C MET B 23 -60.73 -6.11 -28.94
N VAL B 24 -59.90 -6.38 -29.93
CA VAL B 24 -59.59 -7.77 -30.29
C VAL B 24 -58.31 -8.34 -29.74
N GLU B 25 -58.39 -9.49 -29.07
CA GLU B 25 -57.16 -10.11 -28.63
C GLU B 25 -56.86 -11.30 -29.52
N TYR B 26 -57.79 -12.23 -29.66
CA TYR B 26 -57.36 -13.42 -30.43
C TYR B 26 -58.46 -14.30 -31.04
N LEU B 27 -58.13 -14.91 -32.19
CA LEU B 27 -58.96 -15.85 -32.90
C LEU B 27 -58.40 -17.26 -32.73
N ASN B 28 -59.28 -18.25 -32.53
CA ASN B 28 -58.84 -19.65 -32.40
C ASN B 28 -59.87 -20.64 -33.01
N SER B 29 -59.52 -21.93 -32.94
CA SER B 29 -60.31 -23.07 -33.45
C SER B 29 -60.74 -22.97 -34.92
N VAL B 30 -59.80 -22.67 -35.82
CA VAL B 30 -60.14 -22.58 -37.24
C VAL B 30 -59.60 -23.75 -38.06
N SER B 31 -60.50 -24.49 -38.71
CA SER B 31 -60.12 -25.63 -39.53
C SER B 31 -61.06 -25.92 -40.70
N ASN B 32 -60.50 -26.53 -41.73
CA ASN B 32 -61.15 -27.00 -42.96
C ASN B 32 -61.26 -28.53 -42.96
N LEU B 33 -62.46 -29.06 -42.77
CA LEU B 33 -62.62 -30.51 -42.68
C LEU B 33 -63.46 -31.12 -43.80
N GLN B 34 -63.03 -32.31 -44.22
CA GLN B 34 -63.70 -33.08 -45.26
C GLN B 34 -63.95 -34.45 -44.64
N ILE B 35 -65.16 -34.96 -44.78
CA ILE B 35 -65.51 -36.25 -44.18
C ILE B 35 -65.07 -37.49 -44.95
N GLU B 36 -64.32 -38.37 -44.28
CA GLU B 36 -63.86 -39.61 -44.90
C GLU B 36 -64.89 -40.74 -44.90
N GLN B 37 -65.04 -41.47 -46.01
CA GLN B 37 -65.86 -42.69 -45.98
C GLN B 37 -64.95 -43.89 -46.11
N ASP B 38 -65.23 -44.95 -45.34
CA ASP B 38 -64.37 -46.13 -45.31
C ASP B 38 -65.07 -47.46 -45.63
N VAL B 39 -64.82 -48.03 -46.81
CA VAL B 39 -65.46 -49.31 -47.15
C VAL B 39 -64.44 -50.39 -47.53
N ILE B 40 -64.52 -51.55 -46.90
CA ILE B 40 -63.60 -52.61 -47.29
C ILE B 40 -64.33 -53.58 -48.17
N ARG B 41 -63.82 -53.76 -49.36
CA ARG B 41 -64.41 -54.64 -50.33
C ARG B 41 -63.73 -55.98 -50.21
N TYR B 42 -64.53 -57.04 -50.23
CA TYR B 42 -64.03 -58.42 -50.11
C TYR B 42 -63.25 -58.95 -51.33
N GLN B 43 -62.79 -60.20 -51.23
CA GLN B 43 -62.03 -60.78 -52.33
C GLN B 43 -62.94 -60.81 -53.56
N GLN B 44 -62.41 -60.30 -54.67
CA GLN B 44 -63.18 -60.24 -55.89
C GLN B 44 -63.00 -61.54 -56.65
N ASN B 45 -63.49 -62.62 -56.05
CA ASN B 45 -63.40 -63.96 -56.66
C ASN B 45 -62.01 -64.31 -57.18
N GLN B 46 -61.01 -64.06 -56.37
CA GLN B 46 -59.64 -64.30 -56.76
C GLN B 46 -58.77 -64.57 -55.55
N GLY B 47 -57.59 -65.13 -55.74
CA GLY B 47 -56.68 -65.42 -54.63
C GLY B 47 -55.90 -64.22 -54.10
N THR B 48 -56.62 -63.18 -53.69
CA THR B 48 -56.00 -61.95 -53.18
C THR B 48 -56.70 -61.52 -51.91
N THR B 49 -56.21 -60.42 -51.35
CA THR B 49 -56.80 -59.82 -50.19
C THR B 49 -57.90 -58.93 -50.70
N GLY B 50 -58.68 -58.40 -49.77
CA GLY B 50 -59.70 -57.46 -50.14
C GLY B 50 -58.99 -56.13 -50.27
N ARG B 51 -59.76 -55.08 -50.49
CA ARG B 51 -59.21 -53.74 -50.69
C ARG B 51 -59.90 -52.69 -49.89
N ASN B 52 -59.14 -51.66 -49.52
CA ASN B 52 -59.71 -50.59 -48.73
C ASN B 52 -60.09 -49.42 -49.59
N ASN B 53 -61.37 -49.17 -49.76
CA ASN B 53 -61.71 -48.07 -50.61
C ASN B 53 -61.71 -46.88 -49.69
N VAL B 54 -60.61 -46.18 -49.74
CA VAL B 54 -60.35 -45.05 -48.87
C VAL B 54 -60.38 -43.77 -49.64
N THR B 55 -60.92 -43.80 -50.85
CA THR B 55 -60.97 -42.64 -51.74
C THR B 55 -62.37 -42.08 -51.85
N LEU B 56 -63.23 -42.57 -51.00
CA LEU B 56 -64.62 -42.17 -50.98
C LEU B 56 -64.72 -40.79 -50.34
N MET B 57 -65.49 -39.89 -51.00
CA MET B 57 -65.60 -38.48 -50.59
C MET B 57 -66.94 -37.88 -50.16
N PRO B 58 -67.34 -38.02 -48.90
CA PRO B 58 -68.48 -37.38 -48.26
C PRO B 58 -68.25 -35.88 -48.21
N GLY B 59 -69.26 -35.13 -47.77
CA GLY B 59 -69.17 -33.67 -47.72
C GLY B 59 -68.31 -33.16 -46.57
N VAL B 60 -68.58 -31.95 -46.12
CA VAL B 60 -67.71 -31.34 -45.13
C VAL B 60 -68.41 -31.02 -43.83
N ALA B 61 -67.61 -30.83 -42.79
CA ALA B 61 -68.16 -30.52 -41.50
C ALA B 61 -68.34 -29.01 -41.28
N LYS B 62 -69.38 -28.68 -40.54
CA LYS B 62 -69.65 -27.34 -40.05
C LYS B 62 -68.88 -27.18 -38.77
N ASP B 63 -68.57 -25.94 -38.37
CA ASP B 63 -67.81 -25.71 -37.15
C ASP B 63 -67.99 -24.28 -36.62
N GLY B 64 -67.34 -23.98 -35.51
CA GLY B 64 -67.42 -22.66 -34.90
C GLY B 64 -66.04 -22.14 -34.55
N SER B 65 -65.90 -20.81 -34.54
CA SER B 65 -64.62 -20.18 -34.24
C SER B 65 -64.67 -19.33 -32.97
N VAL B 66 -63.70 -19.55 -32.09
CA VAL B 66 -63.61 -18.81 -30.83
C VAL B 66 -63.05 -17.41 -31.08
N GLN B 67 -63.66 -16.40 -30.45
CA GLN B 67 -63.24 -15.03 -30.61
C GLN B 67 -63.07 -14.41 -29.25
N VAL B 68 -61.92 -13.80 -29.00
CA VAL B 68 -61.74 -13.19 -27.70
C VAL B 68 -61.55 -11.72 -27.74
N GLU B 69 -62.45 -11.09 -26.99
CA GLU B 69 -62.53 -9.67 -26.85
C GLU B 69 -61.69 -9.37 -25.65
N ARG B 70 -60.93 -8.28 -25.72
CA ARG B 70 -60.02 -7.91 -24.61
C ARG B 70 -60.76 -7.93 -23.27
N GLY B 71 -61.98 -7.38 -23.20
CA GLY B 71 -62.60 -7.35 -21.91
C GLY B 71 -63.78 -6.47 -21.84
N MET B 72 -64.31 -6.44 -20.66
CA MET B 72 -65.48 -5.68 -20.36
C MET B 72 -65.28 -4.19 -20.45
N SER B 73 -66.33 -3.55 -20.92
CA SER B 73 -66.47 -2.11 -21.03
C SER B 73 -67.96 -1.89 -21.09
N GLN B 74 -68.38 -0.65 -21.12
CA GLN B 74 -69.81 -0.32 -21.22
C GLN B 74 -70.39 -0.62 -22.62
N SER B 75 -69.54 -0.86 -23.61
CA SER B 75 -69.99 -1.08 -24.97
C SER B 75 -70.46 -2.51 -25.19
N SER B 76 -71.66 -2.83 -24.69
CA SER B 76 -72.23 -4.19 -24.72
C SER B 76 -72.78 -4.60 -26.11
N VAL B 77 -71.89 -4.54 -27.07
CA VAL B 77 -72.14 -4.83 -28.48
C VAL B 77 -72.41 -6.28 -28.75
N PHE B 78 -71.57 -7.14 -28.19
CA PHE B 78 -71.72 -8.60 -28.42
C PHE B 78 -72.87 -9.11 -27.55
N THR B 79 -73.21 -8.40 -26.47
CA THR B 79 -74.33 -8.83 -25.70
C THR B 79 -75.59 -8.61 -26.53
N GLN B 80 -75.72 -7.47 -27.21
CA GLN B 80 -76.92 -7.31 -28.01
C GLN B 80 -77.00 -8.36 -29.10
N TRP B 81 -75.88 -8.67 -29.74
CA TRP B 81 -75.96 -9.65 -30.83
C TRP B 81 -76.56 -10.95 -30.31
N ILE B 82 -76.09 -11.43 -29.17
CA ILE B 82 -76.67 -12.66 -28.65
C ILE B 82 -78.11 -12.43 -28.17
N ASN B 83 -78.44 -11.27 -27.62
CA ASN B 83 -79.80 -11.03 -27.16
C ASN B 83 -80.81 -11.08 -28.29
N ASP B 84 -80.43 -10.56 -29.45
CA ASP B 84 -81.36 -10.57 -30.57
C ASP B 84 -81.59 -11.98 -31.04
N SER B 85 -80.54 -12.80 -31.05
CA SER B 85 -80.71 -14.18 -31.45
C SER B 85 -81.56 -14.95 -30.45
N MET B 86 -81.37 -14.71 -29.15
CA MET B 86 -82.13 -15.42 -28.13
C MET B 86 -83.61 -15.09 -28.25
N ALA B 87 -83.88 -13.86 -28.67
CA ALA B 87 -85.23 -13.35 -28.86
C ALA B 87 -85.86 -13.80 -30.19
N GLY B 88 -85.11 -14.49 -31.05
CA GLY B 88 -85.63 -14.93 -32.33
C GLY B 88 -85.60 -13.85 -33.42
N ARG B 89 -84.94 -12.74 -33.18
CA ARG B 89 -84.93 -11.68 -34.17
C ARG B 89 -83.81 -11.97 -35.12
N MET B 90 -84.11 -12.84 -36.06
CA MET B 90 -83.10 -13.37 -36.94
C MET B 90 -82.49 -12.46 -37.97
N ALA B 91 -81.18 -12.54 -37.97
CA ALA B 91 -80.27 -11.94 -38.91
C ALA B 91 -78.97 -12.70 -38.79
N THR B 92 -78.23 -12.81 -39.86
CA THR B 92 -76.92 -13.45 -39.82
C THR B 92 -75.94 -12.54 -40.49
N ALA B 93 -74.66 -12.82 -40.37
CA ALA B 93 -73.72 -11.93 -41.02
C ALA B 93 -72.45 -12.60 -41.51
N ARG B 94 -71.87 -11.96 -42.53
CA ARG B 94 -70.64 -12.35 -43.20
C ARG B 94 -69.45 -11.84 -42.40
N LYS B 95 -68.40 -12.66 -42.24
CA LYS B 95 -67.20 -12.20 -41.49
C LYS B 95 -65.91 -12.47 -42.29
N ASN B 96 -64.88 -11.66 -42.08
CA ASN B 96 -63.61 -11.88 -42.78
C ASN B 96 -62.33 -11.91 -41.92
N ALA B 97 -61.73 -13.08 -41.79
CA ALA B 97 -60.51 -13.19 -41.01
C ALA B 97 -59.35 -12.91 -41.94
N THR B 98 -58.55 -11.90 -41.64
CA THR B 98 -57.49 -11.49 -42.53
C THR B 98 -56.10 -11.63 -41.96
N ILE B 99 -55.21 -12.16 -42.76
CA ILE B 99 -53.82 -12.28 -42.39
C ILE B 99 -53.05 -11.23 -43.14
N ILE B 100 -52.31 -10.46 -42.38
CA ILE B 100 -51.53 -9.36 -42.91
C ILE B 100 -50.08 -9.71 -42.63
N VAL B 101 -49.16 -9.01 -43.25
CA VAL B 101 -47.74 -9.39 -43.17
C VAL B 101 -46.89 -8.44 -42.40
N MET B 102 -45.59 -8.75 -42.33
CA MET B 102 -44.66 -7.96 -41.52
C MET B 102 -44.82 -6.50 -41.86
N ASP B 103 -45.00 -6.20 -43.13
CA ASP B 103 -45.34 -4.86 -43.52
C ASP B 103 -46.86 -4.83 -43.40
N TYR B 104 -47.36 -4.14 -42.39
CA TYR B 104 -48.77 -4.09 -42.01
C TYR B 104 -49.68 -3.53 -43.08
N GLU B 105 -49.09 -2.92 -44.10
CA GLU B 105 -49.80 -2.36 -45.22
C GLU B 105 -50.49 -3.41 -46.10
N ASP B 106 -49.90 -4.60 -46.28
CA ASP B 106 -50.56 -5.51 -47.22
C ASP B 106 -51.59 -6.42 -46.54
N ASN B 107 -52.27 -7.26 -47.34
CA ASN B 107 -53.30 -8.20 -46.85
C ASN B 107 -53.43 -9.46 -47.73
N PRO B 108 -52.41 -10.31 -47.87
CA PRO B 108 -52.44 -11.46 -48.78
C PRO B 108 -53.41 -12.61 -48.50
N VAL B 109 -53.88 -12.82 -47.26
CA VAL B 109 -54.79 -13.96 -47.10
C VAL B 109 -56.09 -13.64 -46.39
N LYS B 110 -57.19 -14.08 -46.97
CA LYS B 110 -58.49 -13.87 -46.36
C LYS B 110 -59.28 -15.16 -46.25
N ARG B 111 -60.04 -15.29 -45.18
CA ARG B 111 -60.97 -16.40 -45.02
C ARG B 111 -62.33 -15.89 -44.69
N TRP B 112 -63.29 -16.33 -45.47
CA TRP B 112 -64.64 -15.90 -45.29
C TRP B 112 -65.50 -16.86 -44.51
N ASN B 113 -66.28 -16.27 -43.65
CA ASN B 113 -67.27 -16.90 -42.82
C ASN B 113 -68.60 -16.76 -43.51
N LEU B 114 -69.18 -17.87 -43.94
CA LEU B 114 -70.41 -17.83 -44.71
C LEU B 114 -71.50 -17.10 -43.91
N ARG B 115 -72.31 -16.28 -44.59
CA ARG B 115 -73.31 -15.49 -43.90
C ARG B 115 -74.55 -16.22 -43.38
N ASN B 116 -74.28 -17.17 -42.49
CA ASN B 116 -75.37 -17.87 -41.78
C ASN B 116 -74.82 -17.91 -40.36
N ALA B 117 -73.68 -17.24 -40.16
CA ALA B 117 -73.03 -17.19 -38.87
C ALA B 117 -73.77 -16.40 -37.82
N TRP B 118 -73.64 -16.90 -36.58
CA TRP B 118 -74.28 -16.19 -35.43
C TRP B 118 -73.57 -16.53 -34.10
N CYS B 119 -73.89 -15.82 -33.03
CA CYS B 119 -73.30 -15.98 -31.69
C CYS B 119 -74.05 -16.89 -30.73
N SER B 120 -73.34 -17.92 -30.29
CA SER B 120 -73.80 -18.97 -29.40
C SER B 120 -73.66 -18.65 -27.92
N LYS B 121 -72.46 -18.22 -27.57
CA LYS B 121 -72.16 -18.00 -26.15
C LYS B 121 -71.43 -16.73 -25.87
N VAL B 122 -71.67 -16.20 -24.69
CA VAL B 122 -70.84 -15.13 -24.16
C VAL B 122 -70.34 -15.60 -22.78
N VAL B 123 -69.03 -15.73 -22.62
CA VAL B 123 -68.49 -16.23 -21.36
C VAL B 123 -67.59 -15.23 -20.64
N ALA B 124 -67.91 -14.98 -19.37
CA ALA B 124 -67.17 -14.03 -18.52
C ALA B 124 -65.93 -14.67 -17.91
N GLY B 125 -64.98 -13.83 -17.48
CA GLY B 125 -63.79 -14.31 -16.79
C GLY B 125 -64.07 -14.44 -15.29
N THR B 126 -63.03 -14.66 -14.50
CA THR B 126 -63.17 -14.86 -13.04
C THR B 126 -62.78 -13.61 -12.27
N LEU B 127 -63.60 -13.24 -11.28
CA LEU B 127 -63.29 -12.04 -10.51
C LEU B 127 -62.87 -12.35 -9.09
N LYS B 128 -61.57 -12.29 -8.80
CA LYS B 128 -61.08 -12.65 -7.46
C LYS B 128 -60.25 -11.60 -6.77
N ALA B 129 -60.68 -11.18 -5.59
CA ALA B 129 -60.00 -10.12 -4.89
C ALA B 129 -58.55 -10.47 -4.71
N GLY B 130 -57.69 -9.54 -5.06
CA GLY B 130 -56.27 -9.75 -4.90
C GLY B 130 -55.56 -10.30 -6.13
N ASP B 131 -56.25 -10.90 -7.11
CA ASP B 131 -55.49 -11.39 -8.29
C ASP B 131 -54.55 -10.29 -8.77
N THR B 132 -55.03 -9.05 -8.88
CA THR B 132 -54.28 -7.88 -9.29
C THR B 132 -53.94 -7.94 -10.78
N ASN B 133 -53.12 -8.90 -11.18
CA ASN B 133 -52.73 -9.05 -12.57
C ASN B 133 -53.74 -9.87 -13.34
N ALA B 134 -54.94 -9.33 -13.49
CA ALA B 134 -55.99 -10.01 -14.21
C ALA B 134 -57.01 -9.02 -14.77
N LEU B 135 -57.54 -9.36 -15.93
CA LEU B 135 -58.57 -8.54 -16.57
C LEU B 135 -59.82 -9.30 -16.85
N THR B 136 -60.93 -8.59 -16.94
CA THR B 136 -62.16 -9.32 -17.18
C THR B 136 -62.35 -9.51 -18.66
N GLU B 137 -61.68 -10.56 -19.16
CA GLU B 137 -61.64 -10.96 -20.55
C GLU B 137 -62.94 -11.65 -20.89
N THR B 138 -63.38 -11.61 -22.16
CA THR B 138 -64.59 -12.37 -22.48
C THR B 138 -64.42 -13.21 -23.74
N ILE B 139 -65.15 -14.31 -23.77
CA ILE B 139 -65.09 -15.18 -24.93
C ILE B 139 -66.41 -15.24 -25.67
N THR B 140 -66.35 -15.01 -26.96
CA THR B 140 -67.53 -15.08 -27.80
C THR B 140 -67.42 -16.30 -28.69
N ILE B 141 -68.47 -17.10 -28.70
CA ILE B 141 -68.49 -18.30 -29.54
C ILE B 141 -69.43 -18.13 -30.69
N VAL B 142 -68.91 -18.30 -31.90
CA VAL B 142 -69.63 -18.09 -33.16
C VAL B 142 -69.68 -19.30 -34.09
N PHE B 143 -70.88 -19.56 -34.63
CA PHE B 143 -71.06 -20.73 -35.52
C PHE B 143 -70.87 -20.36 -36.98
N GLU B 144 -70.36 -21.28 -37.81
CA GLU B 144 -70.24 -20.99 -39.27
C GLU B 144 -70.58 -22.26 -40.05
N GLU B 145 -71.42 -22.17 -41.09
CA GLU B 145 -71.64 -23.40 -41.84
C GLU B 145 -70.41 -23.77 -42.66
N LEU B 146 -69.85 -22.78 -43.36
CA LEU B 146 -68.71 -23.01 -44.23
C LEU B 146 -67.56 -22.05 -44.02
N VAL B 147 -66.38 -22.56 -44.28
CA VAL B 147 -65.17 -21.76 -44.31
C VAL B 147 -64.73 -21.65 -45.75
N VAL B 148 -64.65 -20.44 -46.24
CA VAL B 148 -64.34 -20.22 -47.63
C VAL B 148 -63.00 -19.48 -47.82
N GLU B 149 -62.06 -20.07 -48.60
CA GLU B 149 -60.71 -19.51 -48.89
C GLU B 149 -60.72 -18.00 -49.21
N MET C 1 -33.79 54.34 -13.56
CA MET C 1 -32.56 54.49 -12.78
C MET C 1 -32.93 54.57 -11.26
N PRO C 2 -33.42 53.46 -10.58
CA PRO C 2 -33.79 53.38 -9.16
C PRO C 2 -32.56 53.41 -8.25
N SER C 3 -32.75 53.74 -6.98
CA SER C 3 -31.65 53.80 -6.03
C SER C 3 -30.96 52.48 -5.73
N TYR C 4 -29.67 52.60 -5.46
CA TYR C 4 -28.83 51.46 -5.11
C TYR C 4 -27.72 51.78 -4.10
N LEU C 5 -27.25 53.02 -4.06
CA LEU C 5 -26.16 53.39 -3.16
C LEU C 5 -26.69 53.57 -1.74
N SER C 6 -27.96 53.95 -1.64
CA SER C 6 -28.54 54.19 -0.34
C SER C 6 -30.06 54.33 -0.36
N PRO C 7 -30.74 53.94 0.74
CA PRO C 7 -32.13 54.24 1.02
C PRO C 7 -32.40 55.77 1.03
N GLY C 8 -31.34 56.55 1.23
CA GLY C 8 -31.37 58.01 1.27
C GLY C 8 -30.05 58.47 0.66
N VAL C 9 -30.11 59.23 -0.43
CA VAL C 9 -28.87 59.56 -1.14
C VAL C 9 -28.38 60.99 -1.01
N TYR C 10 -29.04 61.80 -0.21
CA TYR C 10 -28.58 63.18 -0.04
C TYR C 10 -28.15 63.44 1.40
N VAL C 11 -28.81 62.76 2.31
CA VAL C 11 -28.63 62.89 3.74
C VAL C 11 -28.42 61.50 4.27
N GLU C 12 -27.48 61.30 5.21
CA GLU C 12 -27.29 59.95 5.75
C GLU C 12 -28.33 59.64 6.82
N GLU C 13 -29.59 59.67 6.40
CA GLU C 13 -30.80 59.44 7.18
C GLU C 13 -30.87 57.98 7.57
N VAL C 14 -30.03 57.20 6.91
CA VAL C 14 -29.84 55.79 7.10
C VAL C 14 -29.30 55.39 8.48
N ALA C 15 -28.61 56.31 9.22
CA ALA C 15 -28.06 56.08 10.55
C ALA C 15 -28.39 57.26 11.46
N GLY C 28 -38.38 37.32 11.76
CA GLY C 28 -39.10 37.83 10.63
C GLY C 28 -40.39 37.02 10.43
N VAL C 29 -41.22 37.48 9.47
CA VAL C 29 -42.52 36.88 9.09
C VAL C 29 -42.42 36.18 7.72
N GLY C 30 -41.85 36.87 6.74
CA GLY C 30 -41.76 36.31 5.39
C GLY C 30 -42.05 37.37 4.35
N THR C 31 -41.92 37.02 3.08
CA THR C 31 -42.14 38.02 2.03
C THR C 31 -43.61 38.08 1.58
N SER C 32 -44.36 37.03 1.84
CA SER C 32 -45.76 37.02 1.41
C SER C 32 -46.67 37.68 2.46
N VAL C 33 -46.46 38.99 2.59
CA VAL C 33 -47.12 39.87 3.53
C VAL C 33 -47.77 41.08 2.86
N ALA C 34 -49.02 41.30 3.24
CA ALA C 34 -49.82 42.41 2.72
C ALA C 34 -50.49 43.19 3.84
N ALA C 35 -50.85 44.44 3.58
CA ALA C 35 -51.58 45.22 4.57
C ALA C 35 -52.96 45.63 4.07
N PHE C 36 -53.94 45.51 4.96
CA PHE C 36 -55.31 45.87 4.63
C PHE C 36 -55.87 46.94 5.54
N VAL C 37 -56.33 48.02 4.91
CA VAL C 37 -56.90 49.15 5.62
C VAL C 37 -58.40 49.20 5.43
N GLY C 38 -59.15 49.12 6.51
CA GLY C 38 -60.61 49.15 6.37
C GLY C 38 -61.27 49.21 7.73
N LEU C 39 -62.60 49.13 7.78
CA LEU C 39 -63.34 49.28 9.06
C LEU C 39 -63.80 47.98 9.69
N ALA C 40 -63.96 47.98 11.02
CA ALA C 40 -64.31 46.73 11.72
C ALA C 40 -65.34 47.00 12.82
N PRO C 41 -66.20 46.02 13.17
CA PRO C 41 -67.16 46.19 14.27
C PRO C 41 -66.50 45.90 15.63
N THR C 42 -66.34 46.93 16.46
CA THR C 42 -65.76 46.74 17.82
C THR C 42 -64.44 45.97 17.72
N GLY C 43 -63.59 46.32 16.75
CA GLY C 43 -62.27 45.66 16.61
C GLY C 43 -61.23 46.31 17.50
N PRO C 44 -59.98 45.81 17.56
CA PRO C 44 -58.92 46.45 18.34
C PRO C 44 -58.65 47.86 17.78
N LEU C 45 -58.10 48.75 18.60
CA LEU C 45 -57.86 50.16 18.15
C LEU C 45 -56.95 50.17 16.92
N ASN C 46 -57.02 51.23 16.12
CA ASN C 46 -56.16 51.37 14.96
C ASN C 46 -54.66 51.53 15.26
N GLU C 47 -54.35 52.03 16.44
CA GLU C 47 -52.96 52.15 16.84
C GLU C 47 -52.18 50.82 16.83
N PRO C 48 -52.63 49.75 17.52
CA PRO C 48 -51.96 48.47 17.54
C PRO C 48 -52.18 47.68 16.27
N THR C 49 -51.58 48.13 15.18
CA THR C 49 -51.74 47.40 13.93
C THR C 49 -51.19 46.02 14.17
N LEU C 50 -51.95 44.99 13.80
CA LEU C 50 -51.51 43.64 14.10
C LEU C 50 -51.10 42.86 12.90
N VAL C 51 -50.17 41.92 13.08
CA VAL C 51 -49.82 41.00 12.00
C VAL C 51 -50.53 39.70 12.33
N THR C 52 -51.47 39.31 11.48
CA THR C 52 -52.30 38.17 11.81
C THR C 52 -52.53 37.12 10.75
N ASN C 53 -52.98 35.96 11.25
CA ASN C 53 -53.52 34.83 10.47
C ASN C 53 -55.06 34.89 10.61
N TRP C 54 -55.82 33.98 10.00
CA TRP C 54 -57.29 34.07 10.10
C TRP C 54 -57.82 33.92 11.53
N THR C 55 -57.32 32.96 12.28
CA THR C 55 -57.85 32.78 13.63
C THR C 55 -57.73 34.07 14.43
N GLN C 56 -56.58 34.71 14.30
CA GLN C 56 -56.30 35.96 14.97
C GLN C 56 -57.15 37.09 14.40
N TYR C 57 -57.36 37.09 13.09
CA TYR C 57 -58.18 38.11 12.45
C TYR C 57 -59.55 38.09 13.04
N VAL C 58 -60.12 36.90 13.15
CA VAL C 58 -61.45 36.79 13.68
C VAL C 58 -61.48 37.25 15.11
N ALA C 59 -60.50 36.87 15.92
CA ALA C 59 -60.53 37.36 17.30
C ALA C 59 -60.57 38.90 17.34
N ALA C 60 -59.88 39.53 16.39
CA ALA C 60 -59.81 40.98 16.26
C ALA C 60 -60.94 41.62 15.41
N PHE C 61 -61.88 40.82 14.86
CA PHE C 61 -62.95 41.35 13.97
C PHE C 61 -64.35 40.76 14.21
N GLY C 62 -64.43 39.45 14.42
CA GLY C 62 -65.70 38.72 14.42
C GLY C 62 -65.92 37.93 13.12
N ASP C 63 -66.96 37.13 13.05
CA ASP C 63 -67.20 36.29 11.90
C ASP C 63 -67.99 36.96 10.76
N PHE C 64 -67.37 37.96 10.14
CA PHE C 64 -67.94 38.74 9.01
C PHE C 64 -69.16 39.61 9.37
N THR C 65 -69.58 39.61 10.64
CA THR C 65 -70.87 40.17 11.05
C THR C 65 -71.03 41.67 10.97
N GLY C 66 -69.92 42.41 10.89
CA GLY C 66 -70.03 43.85 10.78
C GLY C 66 -70.44 44.29 9.36
N GLY C 67 -70.36 43.37 8.39
CA GLY C 67 -70.72 43.73 7.01
C GLY C 67 -69.66 44.54 6.29
N TYR C 68 -68.40 44.42 6.68
CA TYR C 68 -67.32 45.18 6.10
C TYR C 68 -66.48 44.30 5.21
N TYR C 69 -65.83 44.92 4.22
CA TYR C 69 -65.04 44.17 3.28
C TYR C 69 -63.74 43.62 3.82
N LEU C 70 -63.23 44.11 4.95
CA LEU C 70 -61.99 43.51 5.42
C LEU C 70 -62.17 42.03 5.66
N ALA C 71 -63.32 41.59 6.15
CA ALA C 71 -63.38 40.17 6.44
C ALA C 71 -63.25 39.35 5.19
N HIS C 72 -63.78 39.84 4.09
CA HIS C 72 -63.74 39.09 2.86
C HIS C 72 -62.37 39.14 2.23
N SER C 73 -61.71 40.28 2.29
CA SER C 73 -60.41 40.38 1.67
C SER C 73 -59.35 39.62 2.45
N VAL C 74 -59.46 39.64 3.77
CA VAL C 74 -58.51 38.90 4.57
C VAL C 74 -58.77 37.43 4.43
N TYR C 75 -60.04 37.02 4.53
CA TYR C 75 -60.39 35.60 4.33
C TYR C 75 -60.10 35.22 2.88
N GLY C 76 -60.13 36.22 1.98
CA GLY C 76 -59.90 35.96 0.55
C GLY C 76 -58.47 35.53 0.26
N PHE C 77 -57.49 36.28 0.77
CA PHE C 77 -56.06 35.96 0.49
C PHE C 77 -55.63 34.81 1.40
N PHE C 78 -56.14 34.77 2.63
CA PHE C 78 -55.70 33.76 3.57
C PHE C 78 -55.99 32.36 3.06
N ASN C 79 -57.04 32.21 2.26
CA ASN C 79 -57.40 30.91 1.72
C ASN C 79 -56.76 30.62 0.38
N ASN C 80 -55.84 31.47 0.00
CA ASN C 80 -55.05 31.37 -1.20
C ASN C 80 -53.63 31.29 -0.62
N GLY C 81 -52.57 31.74 -1.28
CA GLY C 81 -51.28 31.56 -0.62
C GLY C 81 -51.02 32.76 0.29
N GLY C 82 -49.93 32.73 1.06
CA GLY C 82 -49.58 33.86 1.91
C GLY C 82 -49.46 33.47 3.35
N SER C 83 -48.70 34.24 4.13
CA SER C 83 -48.55 33.86 5.52
C SER C 83 -49.08 34.87 6.51
N ALA C 84 -49.13 36.15 6.14
CA ALA C 84 -49.57 37.10 7.13
C ALA C 84 -50.03 38.39 6.54
N ALA C 85 -50.79 39.11 7.32
CA ALA C 85 -51.15 40.43 6.88
C ALA C 85 -51.26 41.37 8.02
N TYR C 86 -51.07 42.64 7.71
CA TYR C 86 -51.23 43.69 8.69
C TYR C 86 -52.67 44.15 8.66
N VAL C 87 -53.28 44.19 9.83
CA VAL C 87 -54.66 44.60 9.92
C VAL C 87 -54.79 45.96 10.57
N VAL C 88 -55.32 46.90 9.80
CA VAL C 88 -55.48 48.26 10.28
C VAL C 88 -56.95 48.51 10.53
N ARG C 89 -57.33 48.67 11.80
CA ARG C 89 -58.77 48.81 12.17
C ARG C 89 -59.39 50.09 11.59
N VAL C 90 -58.62 51.17 11.47
CA VAL C 90 -59.12 52.46 10.95
C VAL C 90 -60.13 53.13 11.87
N GLY C 91 -61.25 52.46 12.12
CA GLY C 91 -62.36 52.95 12.92
C GLY C 91 -63.41 51.86 13.15
N GLY C 92 -64.52 52.24 13.78
CA GLY C 92 -65.52 51.26 14.19
C GLY C 92 -66.74 51.02 13.31
N SER C 93 -67.84 50.78 14.03
CA SER C 93 -69.12 50.42 13.45
C SER C 93 -70.29 50.96 14.22
N ALA C 94 -71.41 51.04 13.52
CA ALA C 94 -72.69 51.40 14.09
C ALA C 94 -73.42 50.13 14.46
N GLU C 95 -74.38 50.22 15.35
CA GLU C 95 -75.15 49.05 15.70
C GLU C 95 -75.89 48.55 14.46
N ASP C 96 -75.91 47.21 14.23
CA ASP C 96 -76.58 46.50 13.12
C ASP C 96 -76.30 47.16 11.75
N GLN C 232 -69.34 58.79 11.13
CA GLN C 232 -68.48 59.32 10.07
C GLN C 232 -67.16 58.52 9.86
N ALA C 233 -67.04 57.29 10.43
CA ALA C 233 -65.87 56.38 10.29
C ALA C 233 -65.65 56.02 8.83
N GLU C 234 -66.75 55.96 8.09
CA GLU C 234 -66.76 55.67 6.67
C GLU C 234 -66.22 56.79 5.79
N SER C 235 -66.18 58.02 6.30
CA SER C 235 -65.75 59.17 5.50
C SER C 235 -64.29 59.00 5.18
N ALA C 236 -63.85 59.45 4.00
CA ALA C 236 -62.46 59.22 3.64
C ALA C 236 -61.43 59.83 4.57
N HIS C 237 -61.56 61.11 4.92
CA HIS C 237 -60.48 61.75 5.75
C HIS C 237 -60.33 61.14 7.16
N PRO C 238 -61.39 61.04 7.99
CA PRO C 238 -61.28 60.62 9.36
C PRO C 238 -61.13 59.10 9.48
N GLY C 239 -60.03 58.59 8.97
CA GLY C 239 -59.73 57.17 9.03
C GLY C 239 -59.05 56.55 7.80
N PRO C 240 -59.78 56.00 6.81
CA PRO C 240 -59.23 55.29 5.65
C PRO C 240 -58.68 56.18 4.55
N ALA C 241 -57.72 57.01 4.88
CA ALA C 241 -57.13 57.94 3.91
C ALA C 241 -55.76 58.45 4.36
N GLN C 242 -55.42 59.66 3.89
CA GLN C 242 -54.10 60.25 4.16
C GLN C 242 -53.99 60.86 5.54
N TYR C 243 -53.99 59.98 6.51
CA TYR C 243 -53.88 60.27 7.94
C TYR C 243 -52.44 60.30 8.37
N LEU C 244 -52.07 61.30 9.16
CA LEU C 244 -50.73 61.35 9.72
C LEU C 244 -50.76 61.38 11.25
N GLY C 245 -51.56 62.30 11.81
CA GLY C 245 -51.66 62.42 13.26
C GLY C 245 -50.41 63.02 13.86
N ASP C 246 -49.72 63.86 13.10
CA ASP C 246 -48.45 64.44 13.54
C ASP C 246 -47.52 63.26 13.90
N SER C 247 -47.42 62.36 12.93
CA SER C 247 -46.67 61.11 13.00
C SER C 247 -47.14 60.24 14.15
N SER C 248 -48.46 60.12 14.31
CA SER C 248 -48.95 59.23 15.34
C SER C 248 -48.88 57.87 14.68
N ASP C 249 -49.05 57.89 13.35
CA ASP C 249 -48.99 56.73 12.48
C ASP C 249 -49.92 55.63 12.97
N ARG C 250 -51.05 56.04 13.54
CA ARG C 250 -52.06 55.16 14.12
C ARG C 250 -53.20 54.76 13.20
N THR C 251 -53.48 55.55 12.21
CA THR C 251 -54.66 55.31 11.42
C THR C 251 -54.39 55.38 9.93
N GLY C 252 -55.19 54.65 9.17
CA GLY C 252 -55.19 54.74 7.72
C GLY C 252 -53.85 54.40 7.11
N PHE C 253 -53.38 55.29 6.25
CA PHE C 253 -52.13 55.11 5.56
C PHE C 253 -51.00 55.69 6.37
N GLY C 254 -51.32 56.14 7.57
CA GLY C 254 -50.33 56.68 8.46
C GLY C 254 -49.44 55.55 8.96
N GLY C 255 -49.90 54.30 8.83
CA GLY C 255 -49.06 53.20 9.29
C GLY C 255 -47.97 52.85 8.27
N LEU C 256 -48.02 53.47 7.09
CA LEU C 256 -47.05 53.18 6.06
C LEU C 256 -45.80 53.95 6.42
N GLU C 257 -44.64 53.46 5.99
CA GLU C 257 -43.30 54.00 6.30
C GLU C 257 -42.92 53.55 7.70
N ALA C 258 -43.79 53.83 8.67
CA ALA C 258 -43.61 53.38 10.04
C ALA C 258 -43.51 51.86 10.08
N ILE C 259 -44.28 51.19 9.22
CA ILE C 259 -44.27 49.75 9.14
C ILE C 259 -43.64 49.21 7.85
N ASP C 260 -42.66 48.34 8.06
CA ASP C 260 -41.91 47.64 7.03
C ASP C 260 -42.39 46.18 6.88
N GLU C 261 -41.74 45.45 5.96
CA GLU C 261 -42.02 44.05 5.59
C GLU C 261 -43.43 43.83 5.08
N ILE C 262 -43.86 44.75 4.21
CA ILE C 262 -45.14 44.68 3.49
C ILE C 262 -44.83 44.84 2.02
N SER C 263 -45.29 43.93 1.16
CA SER C 263 -45.04 44.16 -0.26
C SER C 263 -46.29 44.70 -0.96
N MET C 264 -47.47 44.37 -0.42
CA MET C 264 -48.70 44.82 -1.06
C MET C 264 -49.65 45.49 -0.11
N VAL C 265 -50.35 46.50 -0.61
CA VAL C 265 -51.37 47.19 0.18
C VAL C 265 -52.70 47.28 -0.55
N ALA C 266 -53.78 47.29 0.22
CA ALA C 266 -55.12 47.43 -0.33
C ALA C 266 -56.08 48.02 0.68
N VAL C 267 -57.16 48.60 0.17
CA VAL C 267 -58.21 49.15 1.02
C VAL C 267 -59.56 48.49 0.68
N PRO C 268 -59.93 47.36 1.30
CA PRO C 268 -61.15 46.62 1.03
C PRO C 268 -62.42 47.44 1.12
N ASP C 269 -62.59 48.25 2.18
CA ASP C 269 -63.95 48.84 2.45
C ASP C 269 -64.23 50.24 1.91
N LEU C 270 -63.21 51.03 1.61
CA LEU C 270 -63.52 52.43 1.21
C LEU C 270 -64.32 52.44 -0.09
N MET C 271 -63.92 51.63 -1.07
CA MET C 271 -64.65 51.54 -2.37
C MET C 271 -66.08 51.01 -2.12
N ALA C 272 -66.52 51.00 -0.85
CA ALA C 272 -67.85 50.43 -0.53
C ALA C 272 -68.75 51.49 0.13
N ALA C 273 -68.15 52.51 0.75
CA ALA C 273 -68.94 53.54 1.47
C ALA C 273 -69.48 54.56 0.46
N TYR C 274 -69.30 54.30 -0.83
CA TYR C 274 -69.73 55.26 -1.89
C TYR C 274 -71.24 55.51 -1.83
N GLN C 275 -72.01 54.55 -1.31
CA GLN C 275 -73.49 54.69 -1.29
C GLN C 275 -73.97 55.04 0.12
N ARG C 276 -73.83 54.11 1.07
CA ARG C 276 -74.33 54.34 2.44
C ARG C 276 -74.07 55.72 3.00
N GLY C 277 -72.88 56.26 2.74
CA GLY C 277 -72.51 57.57 3.23
C GLY C 277 -72.43 58.55 2.08
N ALA C 278 -72.91 58.12 0.90
CA ALA C 278 -72.82 58.89 -0.32
C ALA C 278 -71.37 59.29 -0.60
N ILE C 279 -70.43 58.39 -0.36
CA ILE C 279 -69.06 58.77 -0.59
C ILE C 279 -68.69 58.47 -2.01
N ASP C 280 -69.07 59.39 -2.87
CA ASP C 280 -68.87 59.28 -4.30
C ASP C 280 -67.82 60.25 -4.83
N LEU C 281 -67.60 60.18 -6.13
CA LEU C 281 -66.73 61.05 -6.88
C LEU C 281 -65.33 61.13 -6.29
N GLU C 282 -64.84 62.35 -6.04
CA GLU C 282 -63.50 62.56 -5.53
C GLU C 282 -63.29 62.00 -4.14
N ALA C 283 -64.37 61.77 -3.40
CA ALA C 283 -64.21 61.27 -2.06
C ALA C 283 -63.51 59.93 -2.07
N VAL C 284 -63.71 59.12 -3.12
CA VAL C 284 -63.05 57.83 -3.17
C VAL C 284 -61.76 58.00 -3.93
N LYS C 285 -61.78 58.77 -5.03
CA LYS C 285 -60.56 58.95 -5.82
C LYS C 285 -59.41 59.43 -4.93
N ALA C 286 -59.72 60.31 -3.97
CA ALA C 286 -58.74 60.85 -3.06
C ALA C 286 -58.04 59.76 -2.26
N VAL C 287 -58.74 58.69 -1.92
CA VAL C 287 -58.16 57.65 -1.11
C VAL C 287 -57.25 56.83 -2.00
N GLN C 288 -57.70 56.54 -3.23
CA GLN C 288 -56.87 55.77 -4.15
C GLN C 288 -55.60 56.54 -4.49
N LEU C 289 -55.69 57.86 -4.62
CA LEU C 289 -54.50 58.64 -4.91
C LEU C 289 -53.52 58.56 -3.75
N GLY C 290 -54.04 58.59 -2.52
CA GLY C 290 -53.21 58.47 -1.35
C GLY C 290 -52.50 57.13 -1.29
N LEU C 291 -53.23 56.05 -1.47
CA LEU C 291 -52.63 54.73 -1.36
C LEU C 291 -51.48 54.61 -2.33
N ILE C 292 -51.68 55.11 -3.55
CA ILE C 292 -50.66 55.06 -4.56
C ILE C 292 -49.49 55.95 -4.21
N ALA C 293 -49.75 57.18 -3.76
CA ALA C 293 -48.68 58.11 -3.42
C ALA C 293 -47.78 57.57 -2.33
N HIS C 294 -48.34 56.87 -1.35
CA HIS C 294 -47.51 56.37 -0.28
C HIS C 294 -46.60 55.30 -0.81
N CYS C 295 -47.10 54.48 -1.71
CA CYS C 295 -46.26 53.45 -2.29
C CYS C 295 -45.11 54.09 -3.05
N GLU C 296 -45.43 55.13 -3.82
CA GLU C 296 -44.44 55.82 -4.64
C GLU C 296 -43.34 56.44 -3.77
N LEU C 297 -43.73 57.01 -2.63
CA LEU C 297 -42.76 57.61 -1.73
C LEU C 297 -41.85 56.59 -1.06
N MET C 298 -42.40 55.43 -0.67
CA MET C 298 -41.60 54.39 -0.03
C MET C 298 -40.60 53.73 -0.98
N GLY C 299 -41.02 53.53 -2.23
CA GLY C 299 -40.17 52.94 -3.27
C GLY C 299 -40.32 51.42 -3.45
N ASP C 300 -40.97 50.75 -2.51
CA ASP C 300 -41.20 49.30 -2.59
C ASP C 300 -42.49 48.93 -1.92
N ARG C 301 -43.56 48.98 -2.72
CA ARG C 301 -44.88 48.66 -2.28
C ARG C 301 -45.79 48.70 -3.51
N VAL C 302 -46.74 47.79 -3.63
CA VAL C 302 -47.69 47.90 -4.73
C VAL C 302 -49.11 47.98 -4.25
N ALA C 303 -49.82 48.99 -4.74
CA ALA C 303 -51.21 49.22 -4.41
C ALA C 303 -52.15 48.48 -5.33
N ILE C 304 -53.14 47.84 -4.73
CA ILE C 304 -54.16 47.21 -5.53
C ILE C 304 -55.42 48.02 -5.35
N ILE C 305 -56.00 48.44 -6.47
CA ILE C 305 -57.19 49.27 -6.44
C ILE C 305 -58.36 48.69 -7.23
N ASP C 306 -59.57 49.15 -6.93
CA ASP C 306 -60.79 48.69 -7.61
C ASP C 306 -61.38 49.72 -8.58
N PRO C 307 -62.07 49.27 -9.64
CA PRO C 307 -62.91 50.06 -10.49
C PRO C 307 -64.25 50.08 -9.77
N PRO C 308 -65.15 51.00 -10.08
CA PRO C 308 -66.52 50.99 -9.62
C PRO C 308 -67.18 49.62 -9.89
N PRO C 309 -68.07 49.15 -8.98
CA PRO C 309 -68.75 47.85 -8.98
C PRO C 309 -69.74 47.50 -10.11
N ASN C 310 -70.27 48.47 -10.83
CA ASN C 310 -71.21 48.09 -11.87
C ASN C 310 -71.06 48.93 -13.12
N GLN C 311 -70.35 48.41 -14.10
CA GLN C 311 -70.14 49.20 -15.30
C GLN C 311 -69.78 48.37 -16.54
N ASN C 312 -70.07 48.95 -17.69
CA ASN C 312 -69.74 48.44 -19.03
C ASN C 312 -68.27 48.57 -19.30
N ALA C 313 -67.73 47.72 -20.18
CA ALA C 313 -66.32 47.84 -20.56
C ALA C 313 -66.02 49.25 -21.12
N ARG C 314 -66.98 49.86 -21.83
CA ARG C 314 -66.70 51.19 -22.32
C ARG C 314 -66.55 52.17 -21.16
N GLN C 315 -67.32 51.96 -20.09
CA GLN C 315 -67.33 52.84 -18.95
C GLN C 315 -66.05 52.73 -18.18
N ILE C 316 -65.48 51.54 -18.05
CA ILE C 316 -64.22 51.47 -17.33
C ILE C 316 -63.16 52.17 -18.15
N ARG C 317 -63.22 52.05 -19.47
CA ARG C 317 -62.22 52.73 -20.28
C ARG C 317 -62.28 54.22 -20.06
N VAL C 318 -63.47 54.80 -20.04
CA VAL C 318 -63.60 56.22 -19.80
C VAL C 318 -63.23 56.58 -18.37
N TRP C 319 -63.69 55.80 -17.40
CA TRP C 319 -63.37 56.13 -16.05
C TRP C 319 -61.87 56.17 -15.86
N ARG C 320 -61.14 55.17 -16.33
CA ARG C 320 -59.70 55.25 -16.14
C ARG C 320 -59.00 56.27 -17.02
N GLN C 321 -59.47 56.51 -18.25
CA GLN C 321 -58.76 57.48 -19.07
C GLN C 321 -59.11 58.93 -18.78
N GLU C 322 -60.35 59.20 -18.40
CA GLU C 322 -60.75 60.58 -18.18
C GLU C 322 -60.95 60.96 -16.71
N THR C 323 -61.42 60.05 -15.85
CA THR C 323 -61.69 60.52 -14.48
C THR C 323 -60.76 60.00 -13.39
N ALA C 324 -60.11 58.86 -13.60
CA ALA C 324 -59.25 58.27 -12.57
C ALA C 324 -58.00 57.59 -13.14
N GLY C 325 -57.26 58.28 -14.00
CA GLY C 325 -56.04 57.66 -14.50
C GLY C 325 -54.97 57.83 -13.45
N TYR C 326 -54.01 56.91 -13.39
CA TYR C 326 -52.96 57.04 -12.39
C TYR C 326 -51.53 57.12 -12.98
N ASP C 327 -51.23 56.33 -14.01
CA ASP C 327 -49.92 56.36 -14.70
C ASP C 327 -48.64 56.20 -13.84
N SER C 328 -48.50 55.11 -13.07
CA SER C 328 -47.28 54.97 -12.27
C SER C 328 -46.90 53.51 -12.07
N LYS C 329 -45.73 53.30 -11.49
CA LYS C 329 -45.14 51.98 -11.32
C LYS C 329 -45.60 51.25 -10.07
N TYR C 330 -46.49 51.84 -9.31
CA TYR C 330 -46.86 51.27 -8.04
C TYR C 330 -48.27 50.73 -7.90
N ALA C 331 -48.96 50.42 -8.99
CA ALA C 331 -50.34 49.94 -8.81
C ALA C 331 -50.87 49.03 -9.91
N ALA C 332 -51.91 48.26 -9.54
CA ALA C 332 -52.61 47.35 -10.45
C ALA C 332 -54.14 47.36 -10.25
N LEU C 333 -54.88 47.16 -11.36
CA LEU C 333 -56.35 47.08 -11.34
C LEU C 333 -56.88 45.98 -12.28
N TYR C 334 -57.88 45.24 -11.80
CA TYR C 334 -58.55 44.21 -12.57
C TYR C 334 -59.99 44.66 -12.80
N TYR C 335 -60.48 44.54 -14.04
CA TYR C 335 -61.84 45.00 -14.36
C TYR C 335 -63.05 44.40 -13.62
N PRO C 336 -63.27 43.10 -13.63
CA PRO C 336 -64.47 42.50 -13.12
C PRO C 336 -64.54 42.44 -11.63
N TRP C 337 -65.76 42.40 -11.14
CA TRP C 337 -66.05 42.11 -9.75
C TRP C 337 -66.47 40.65 -9.63
N ILE C 338 -66.29 40.09 -8.44
CA ILE C 338 -66.49 38.67 -8.16
C ILE C 338 -67.70 38.33 -7.32
N LYS C 339 -68.40 37.25 -7.70
CA LYS C 339 -69.49 36.77 -6.90
C LYS C 339 -68.92 35.82 -5.85
N SER C 340 -69.26 36.09 -4.60
CA SER C 340 -68.84 35.33 -3.43
C SER C 340 -70.01 35.24 -2.47
N PHE C 341 -69.73 35.02 -1.18
CA PHE C 341 -70.80 34.84 -0.20
C PHE C 341 -70.40 35.30 1.19
N ASP C 342 -71.37 35.42 2.09
CA ASP C 342 -71.12 35.83 3.47
C ASP C 342 -71.97 34.99 4.39
N PRO C 343 -71.40 33.94 5.04
CA PRO C 343 -72.08 32.92 5.79
C PRO C 343 -72.77 33.45 7.02
N ALA C 344 -72.43 34.69 7.42
CA ALA C 344 -73.06 35.30 8.56
C ALA C 344 -74.53 35.58 8.27
N THR C 345 -74.85 35.89 7.01
CA THR C 345 -76.21 36.22 6.61
C THR C 345 -76.77 35.32 5.50
N GLY C 346 -75.92 34.89 4.55
CA GLY C 346 -76.44 34.15 3.41
C GLY C 346 -75.40 33.65 2.41
N GLN C 347 -75.91 33.06 1.35
CA GLN C 347 -75.10 32.38 0.35
C GLN C 347 -74.56 33.23 -0.78
N SER C 348 -74.77 34.54 -0.73
CA SER C 348 -74.21 35.37 -1.79
C SER C 348 -73.87 36.79 -1.33
N ARG C 349 -72.85 37.36 -2.01
CA ARG C 349 -72.39 38.75 -1.72
C ARG C 349 -71.43 39.23 -2.83
N LEU C 350 -71.55 40.50 -3.27
CA LEU C 350 -70.69 41.10 -4.28
C LEU C 350 -69.41 41.63 -3.67
N VAL C 351 -68.26 41.15 -4.15
CA VAL C 351 -66.98 41.57 -3.59
C VAL C 351 -66.02 42.04 -4.71
N PRO C 352 -65.07 42.91 -4.39
CA PRO C 352 -64.04 43.43 -5.27
C PRO C 352 -63.00 42.39 -5.59
N PRO C 353 -62.24 42.55 -6.67
CA PRO C 353 -61.10 41.74 -7.05
C PRO C 353 -59.91 42.17 -6.21
N SER C 354 -60.03 41.93 -4.92
CA SER C 354 -59.08 42.35 -3.89
C SER C 354 -58.99 41.29 -2.83
N GLY C 355 -57.86 41.20 -2.15
CA GLY C 355 -57.69 40.19 -1.10
C GLY C 355 -57.29 38.86 -1.74
N HIS C 356 -58.24 38.25 -2.44
CA HIS C 356 -57.92 36.99 -3.17
C HIS C 356 -56.71 37.22 -4.07
N VAL C 357 -56.63 38.39 -4.71
CA VAL C 357 -55.52 38.62 -5.61
C VAL C 357 -54.20 38.63 -4.84
N ALA C 358 -54.18 39.08 -3.58
CA ALA C 358 -52.93 39.11 -2.83
C ALA C 358 -52.41 37.70 -2.68
N GLY C 359 -53.35 36.77 -2.55
CA GLY C 359 -53.03 35.38 -2.36
C GLY C 359 -52.61 34.69 -3.66
N ILE C 360 -52.76 35.38 -4.78
CA ILE C 360 -52.38 34.85 -6.07
C ILE C 360 -50.91 35.09 -6.20
N TRP C 361 -50.46 36.30 -5.86
CA TRP C 361 -49.03 36.50 -5.97
C TRP C 361 -48.37 35.75 -4.84
N ALA C 362 -49.00 35.68 -3.68
CA ALA C 362 -48.34 34.99 -2.60
C ALA C 362 -48.11 33.51 -2.92
N ARG C 363 -49.07 32.83 -3.55
CA ARG C 363 -48.82 31.44 -3.88
C ARG C 363 -47.74 31.35 -4.95
N ASN C 364 -47.85 32.19 -5.97
CA ASN C 364 -46.91 32.12 -7.07
C ASN C 364 -45.48 32.33 -6.62
N ASP C 365 -45.28 33.35 -5.81
CA ASP C 365 -43.98 33.75 -5.40
C ASP C 365 -43.41 32.77 -4.39
N SER C 366 -44.24 32.21 -3.52
CA SER C 366 -43.73 31.26 -2.54
C SER C 366 -43.55 29.84 -3.08
N GLU C 367 -44.29 29.45 -4.12
CA GLU C 367 -44.10 28.10 -4.65
C GLU C 367 -43.19 28.00 -5.86
N ARG C 368 -43.24 29.03 -6.73
CA ARG C 368 -42.41 29.02 -7.96
C ARG C 368 -41.56 30.30 -8.00
N GLY C 369 -41.89 31.29 -7.18
CA GLY C 369 -41.14 32.56 -7.16
C GLY C 369 -41.76 33.60 -8.08
N VAL C 370 -41.08 34.73 -8.25
CA VAL C 370 -41.60 35.84 -9.13
C VAL C 370 -40.93 35.72 -10.50
N HIS C 371 -40.45 34.52 -10.85
CA HIS C 371 -39.82 34.31 -12.18
C HIS C 371 -40.83 34.62 -13.28
N LYS C 372 -42.08 34.20 -13.10
CA LYS C 372 -43.13 34.41 -14.13
C LYS C 372 -44.41 34.91 -13.44
N ALA C 373 -45.15 35.81 -14.10
CA ALA C 373 -46.37 36.36 -13.49
C ALA C 373 -47.36 35.25 -13.20
N PRO C 374 -48.22 35.38 -12.17
CA PRO C 374 -49.30 34.45 -11.91
C PRO C 374 -50.47 34.76 -12.82
N ALA C 375 -50.24 34.65 -14.10
CA ALA C 375 -51.23 35.05 -15.08
C ALA C 375 -52.16 33.92 -15.49
N ASN C 376 -51.98 32.74 -14.93
CA ASN C 376 -52.89 31.62 -15.20
C ASN C 376 -53.45 31.04 -13.92
N GLU C 377 -53.39 31.78 -12.84
CA GLU C 377 -53.80 31.18 -11.59
C GLU C 377 -55.28 31.22 -11.32
N VAL C 378 -55.74 30.23 -10.57
CA VAL C 378 -57.13 30.06 -10.18
C VAL C 378 -57.57 30.82 -8.94
N VAL C 379 -58.67 31.52 -9.09
CA VAL C 379 -59.19 32.25 -7.97
C VAL C 379 -60.00 31.22 -7.22
N ARG C 380 -59.35 30.61 -6.24
CA ARG C 380 -59.89 29.47 -5.54
C ARG C 380 -61.21 29.71 -4.84
N GLY C 381 -61.41 30.89 -4.30
CA GLY C 381 -62.62 31.17 -3.58
C GLY C 381 -63.74 31.80 -4.40
N ALA C 382 -63.57 31.96 -5.72
CA ALA C 382 -64.62 32.62 -6.49
C ALA C 382 -65.77 31.67 -6.69
N VAL C 383 -67.00 32.18 -6.67
CA VAL C 383 -68.13 31.35 -7.00
C VAL C 383 -68.40 31.55 -8.48
N ASP C 384 -68.46 32.81 -8.86
CA ASP C 384 -68.69 33.18 -10.25
C ASP C 384 -68.21 34.60 -10.47
N LEU C 385 -68.33 35.10 -11.69
CA LEU C 385 -67.96 36.47 -12.03
C LEU C 385 -69.20 37.30 -12.33
N GLU C 386 -69.14 38.61 -12.08
CA GLU C 386 -70.31 39.44 -12.44
C GLU C 386 -70.54 39.50 -13.93
N LEU C 387 -69.46 39.52 -14.69
CA LEU C 387 -69.54 39.57 -16.14
C LEU C 387 -68.51 38.66 -16.75
N GLN C 388 -68.91 37.91 -17.77
CA GLN C 388 -67.98 37.08 -18.52
C GLN C 388 -67.46 37.86 -19.69
N ILE C 389 -66.20 38.18 -19.62
CA ILE C 389 -65.55 39.05 -20.60
C ILE C 389 -65.37 38.33 -21.91
N THR C 390 -65.80 38.99 -22.98
CA THR C 390 -65.70 38.44 -24.33
C THR C 390 -64.48 38.94 -25.04
N ARG C 391 -64.31 38.52 -26.28
CA ARG C 391 -63.09 38.88 -27.00
C ARG C 391 -62.98 40.36 -27.28
N GLY C 392 -64.05 40.99 -27.73
CA GLY C 392 -63.97 42.42 -27.99
C GLY C 392 -63.63 43.19 -26.71
N GLU C 393 -64.15 42.73 -25.58
CA GLU C 393 -63.88 43.36 -24.30
C GLU C 393 -62.43 43.14 -23.88
N GLN C 394 -61.89 41.96 -24.14
CA GLN C 394 -60.49 41.71 -23.82
C GLN C 394 -59.60 42.60 -24.69
N ASP C 395 -59.99 42.79 -25.96
CA ASP C 395 -59.20 43.64 -26.89
C ASP C 395 -59.29 45.10 -26.43
N LEU C 396 -60.44 45.52 -25.92
CA LEU C 396 -60.65 46.87 -25.43
C LEU C 396 -59.76 47.16 -24.22
N LEU C 397 -59.69 46.21 -23.28
CA LEU C 397 -58.94 46.45 -22.02
C LEU C 397 -57.43 46.27 -22.23
N ASN C 398 -57.00 45.28 -23.02
CA ASN C 398 -55.57 45.05 -23.16
C ASN C 398 -54.67 46.29 -23.35
N PRO C 399 -54.90 47.16 -24.36
CA PRO C 399 -54.07 48.30 -24.68
C PRO C 399 -54.20 49.45 -23.70
N ILE C 400 -55.13 49.36 -22.74
CA ILE C 400 -55.28 50.48 -21.82
C ILE C 400 -54.76 50.09 -20.46
N GLY C 401 -54.19 48.87 -20.35
CA GLY C 401 -53.61 48.39 -19.11
C GLY C 401 -54.55 47.80 -18.08
N VAL C 402 -55.74 47.37 -18.46
CA VAL C 402 -56.66 46.79 -17.48
C VAL C 402 -56.58 45.29 -17.51
N ASN C 403 -56.39 44.66 -16.36
CA ASN C 403 -56.28 43.23 -16.36
C ASN C 403 -57.65 42.57 -16.25
N CYS C 404 -57.75 41.34 -16.73
CA CYS C 404 -59.00 40.60 -16.69
C CYS C 404 -58.92 39.30 -15.92
N ILE C 405 -60.09 38.91 -15.40
CA ILE C 405 -60.35 37.63 -14.75
C ILE C 405 -61.48 37.00 -15.58
N ARG C 406 -61.30 35.77 -16.04
CA ARG C 406 -62.27 35.08 -16.92
C ARG C 406 -62.53 33.62 -16.58
N SER C 407 -63.74 33.15 -16.92
CA SER C 407 -64.14 31.75 -16.72
C SER C 407 -63.93 30.89 -17.97
N PHE C 408 -63.21 29.78 -17.80
CA PHE C 408 -62.92 28.85 -18.89
C PHE C 408 -63.62 27.47 -18.75
N PRO C 409 -63.96 26.82 -19.88
CA PRO C 409 -64.74 25.59 -19.99
C PRO C 409 -64.01 24.35 -19.54
N GLY C 410 -63.85 24.24 -18.24
CA GLY C 410 -63.16 23.11 -17.61
C GLY C 410 -61.82 23.53 -17.03
N ARG C 411 -61.53 24.82 -17.10
CA ARG C 411 -60.27 25.33 -16.54
C ARG C 411 -60.54 26.19 -15.31
N GLY C 412 -61.80 26.63 -15.11
CA GLY C 412 -62.18 27.41 -13.93
C GLY C 412 -62.01 28.91 -14.09
N ILE C 413 -62.01 29.62 -12.95
CA ILE C 413 -61.93 31.07 -12.96
C ILE C 413 -60.51 31.46 -12.69
N ARG C 414 -59.91 32.09 -13.69
CA ARG C 414 -58.50 32.43 -13.62
C ARG C 414 -58.22 33.88 -13.89
N VAL C 415 -57.11 34.32 -13.34
CA VAL C 415 -56.61 35.66 -13.55
C VAL C 415 -55.82 35.58 -14.82
N TRP C 416 -56.02 36.53 -15.75
CA TRP C 416 -55.36 36.39 -17.07
C TRP C 416 -54.45 37.57 -17.40
N GLY C 417 -54.85 38.80 -17.06
CA GLY C 417 -54.03 39.93 -17.48
C GLY C 417 -52.76 40.00 -16.63
N ALA C 418 -51.72 40.65 -17.13
CA ALA C 418 -50.49 40.80 -16.35
C ALA C 418 -49.81 42.15 -16.47
N ARG C 419 -50.57 43.24 -16.64
CA ARG C 419 -49.97 44.56 -16.79
C ARG C 419 -50.23 45.54 -15.66
N THR C 420 -49.32 46.50 -15.57
CA THR C 420 -49.32 47.56 -14.59
C THR C 420 -50.10 48.78 -15.04
N LEU C 421 -50.44 49.65 -14.10
CA LEU C 421 -51.13 50.89 -14.46
C LEU C 421 -50.15 52.00 -14.80
N SER C 422 -49.40 51.81 -15.88
CA SER C 422 -48.37 52.76 -16.33
C SER C 422 -48.15 52.81 -17.82
N SER C 423 -47.93 54.03 -18.32
CA SER C 423 -47.64 54.26 -19.73
C SER C 423 -46.18 53.97 -20.12
N ASP C 424 -45.29 53.78 -19.15
CA ASP C 424 -43.86 53.58 -19.43
C ASP C 424 -43.58 52.16 -19.90
N PRO C 425 -43.17 51.91 -21.16
CA PRO C 425 -42.92 50.60 -21.71
C PRO C 425 -42.05 49.72 -20.80
N ALA C 426 -41.08 50.35 -20.11
CA ALA C 426 -40.18 49.61 -19.27
C ALA C 426 -40.87 48.89 -18.15
N TRP C 427 -41.93 49.47 -17.63
CA TRP C 427 -42.59 48.94 -16.48
C TRP C 427 -43.98 48.45 -16.75
N ARG C 428 -44.27 48.03 -17.99
CA ARG C 428 -45.61 47.53 -18.32
C ARG C 428 -46.00 46.24 -17.64
N TYR C 429 -45.05 45.38 -17.31
CA TYR C 429 -45.42 44.10 -16.76
C TYR C 429 -45.20 43.98 -15.27
N LEU C 430 -46.16 43.31 -14.64
CA LEU C 430 -46.11 43.07 -13.22
C LEU C 430 -44.95 42.21 -12.81
N ASN C 431 -44.60 41.25 -13.64
CA ASN C 431 -43.52 40.33 -13.32
C ASN C 431 -42.20 41.04 -13.14
N ILE C 432 -41.96 42.04 -13.96
CA ILE C 432 -40.70 42.74 -13.92
C ILE C 432 -40.68 43.63 -12.71
N ARG C 433 -41.79 44.31 -12.45
CA ARG C 433 -41.86 45.26 -11.31
C ARG C 433 -41.62 44.49 -10.00
N ARG C 434 -42.15 43.27 -9.91
CA ARG C 434 -42.01 42.46 -8.70
C ARG C 434 -40.61 41.89 -8.56
N TYR C 435 -40.03 41.49 -9.69
CA TYR C 435 -38.69 40.95 -9.70
C TYR C 435 -37.71 41.94 -9.12
N PHE C 436 -37.78 43.18 -9.56
CA PHE C 436 -36.86 44.14 -9.04
C PHE C 436 -37.08 44.46 -7.58
N ASN C 437 -38.33 44.52 -7.11
CA ASN C 437 -38.49 44.79 -5.68
C ASN C 437 -37.92 43.66 -4.85
N TYR C 438 -38.07 42.42 -5.33
CA TYR C 438 -37.51 41.30 -4.61
C TYR C 438 -36.01 41.43 -4.46
N LEU C 439 -35.33 41.75 -5.56
CA LEU C 439 -33.89 41.86 -5.49
C LEU C 439 -33.49 42.95 -4.52
N GLU C 440 -34.22 44.06 -4.50
CA GLU C 440 -33.87 45.15 -3.62
C GLU C 440 -34.01 44.76 -2.17
N GLU C 441 -35.05 44.02 -1.81
CA GLU C 441 -35.15 43.65 -0.42
C GLU C 441 -33.95 42.83 0.02
N SER C 442 -33.53 41.87 -0.81
CA SER C 442 -32.40 41.04 -0.42
C SER C 442 -31.08 41.80 -0.36
N ILE C 443 -30.85 42.69 -1.32
CA ILE C 443 -29.60 43.42 -1.30
C ILE C 443 -29.52 44.35 -0.11
N LEU C 444 -30.60 45.05 0.22
CA LEU C 444 -30.50 45.95 1.35
C LEU C 444 -30.34 45.24 2.66
N ILE C 445 -31.05 44.14 2.89
CA ILE C 445 -30.90 43.48 4.18
C ILE C 445 -29.50 42.93 4.34
N GLY C 446 -28.90 42.53 3.22
CA GLY C 446 -27.57 41.99 3.21
C GLY C 446 -26.43 42.98 3.56
N THR C 447 -26.67 44.29 3.58
CA THR C 447 -25.52 45.16 3.90
C THR C 447 -25.69 45.93 5.21
N GLN C 448 -24.81 45.61 6.16
CA GLN C 448 -24.79 46.25 7.47
C GLN C 448 -23.77 47.36 7.56
N TRP C 449 -23.03 47.53 6.49
CA TRP C 449 -21.90 48.46 6.44
C TRP C 449 -22.36 49.86 6.17
N VAL C 450 -23.09 50.42 7.11
CA VAL C 450 -23.67 51.73 6.90
C VAL C 450 -22.75 52.83 7.43
N VAL C 451 -22.25 52.66 8.65
CA VAL C 451 -21.34 53.65 9.19
C VAL C 451 -20.07 52.96 9.65
N PHE C 452 -19.09 52.90 8.74
CA PHE C 452 -17.81 52.26 9.01
C PHE C 452 -16.76 52.66 7.97
N GLU C 453 -15.98 53.70 8.28
CA GLU C 453 -14.94 54.19 7.40
C GLU C 453 -15.39 54.39 5.95
N PRO C 454 -16.29 55.36 5.73
CA PRO C 454 -16.83 55.68 4.40
C PRO C 454 -15.74 55.97 3.36
N ASN C 455 -14.48 55.88 3.76
CA ASN C 455 -13.35 56.14 2.83
C ASN C 455 -12.64 54.82 2.50
N ASP C 456 -12.61 53.88 3.45
CA ASP C 456 -11.91 52.59 3.22
C ASP C 456 -12.34 52.03 1.87
N HIS C 457 -11.39 51.88 0.94
CA HIS C 457 -11.71 51.35 -0.41
C HIS C 457 -11.89 49.83 -0.32
N ASN C 458 -11.24 49.20 0.67
CA ASN C 458 -11.35 47.76 0.80
C ASN C 458 -12.82 47.38 0.88
N LEU C 459 -13.67 48.34 1.26
CA LEU C 459 -15.08 48.08 1.32
C LEU C 459 -15.60 47.88 -0.09
N TRP C 460 -15.01 48.52 -1.10
CA TRP C 460 -15.54 48.37 -2.43
C TRP C 460 -15.37 46.92 -2.83
N ALA C 461 -14.21 46.37 -2.48
CA ALA C 461 -13.98 44.97 -2.80
C ALA C 461 -14.94 44.05 -2.09
N ARG C 462 -15.26 44.35 -0.83
CA ARG C 462 -16.19 43.52 -0.09
C ARG C 462 -17.59 43.61 -0.68
N ILE C 463 -17.95 44.78 -1.18
CA ILE C 463 -19.24 44.95 -1.83
C ILE C 463 -19.34 44.14 -3.08
N ARG C 464 -18.31 44.21 -3.94
CA ARG C 464 -18.39 43.49 -5.18
C ARG C 464 -18.54 42.02 -4.89
N ARG C 465 -17.84 41.53 -3.88
CA ARG C 465 -17.91 40.15 -3.53
C ARG C 465 -19.32 39.70 -3.18
N ASN C 466 -19.98 40.46 -2.32
CA ASN C 466 -21.31 40.01 -1.90
C ASN C 466 -22.35 40.11 -3.00
N VAL C 467 -22.24 41.14 -3.83
CA VAL C 467 -23.22 41.34 -4.88
C VAL C 467 -23.08 40.28 -5.93
N SER C 468 -21.84 39.99 -6.34
CA SER C 468 -21.61 38.99 -7.35
C SER C 468 -22.10 37.64 -6.88
N ALA C 469 -21.80 37.27 -5.65
CA ALA C 469 -22.23 35.95 -5.23
C ALA C 469 -23.74 35.78 -5.30
N PHE C 470 -24.48 36.83 -4.92
CA PHE C 470 -25.93 36.75 -4.96
C PHE C 470 -26.48 36.65 -6.37
N LEU C 471 -26.00 37.49 -7.27
CA LEU C 471 -26.59 37.50 -8.59
C LEU C 471 -26.16 36.31 -9.42
N VAL C 472 -24.95 35.81 -9.25
CA VAL C 472 -24.59 34.65 -10.02
C VAL C 472 -25.45 33.48 -9.60
N ASN C 473 -25.72 33.35 -8.30
CA ASN C 473 -26.57 32.26 -7.87
C ASN C 473 -27.93 32.32 -8.61
N GLU C 474 -28.44 33.52 -8.89
CA GLU C 474 -29.71 33.69 -9.63
C GLU C 474 -29.54 33.29 -11.11
N TRP C 475 -28.38 33.62 -11.69
CA TRP C 475 -28.05 33.26 -13.08
C TRP C 475 -28.06 31.77 -13.29
N ARG C 476 -27.58 31.03 -12.31
CA ARG C 476 -27.47 29.58 -12.38
C ARG C 476 -28.83 28.88 -12.26
N ASN C 477 -29.87 29.67 -12.03
CA ASN C 477 -31.26 29.31 -11.90
C ASN C 477 -31.99 30.02 -13.05
N GLY C 478 -33.27 30.37 -12.89
CA GLY C 478 -34.01 30.92 -14.02
C GLY C 478 -34.11 32.44 -14.12
N ALA C 479 -33.35 33.18 -13.32
CA ALA C 479 -33.52 34.62 -13.29
C ALA C 479 -33.08 35.39 -14.54
N LEU C 480 -32.03 34.98 -15.21
CA LEU C 480 -31.51 35.83 -16.28
C LEU C 480 -31.48 35.22 -17.66
N PHE C 481 -31.78 36.05 -18.62
CA PHE C 481 -31.85 35.64 -20.00
C PHE C 481 -30.49 35.67 -20.69
N GLY C 482 -29.62 34.71 -20.37
CA GLY C 482 -28.29 34.67 -21.00
C GLY C 482 -27.48 33.41 -20.70
N GLN C 483 -26.45 33.18 -21.52
CA GLN C 483 -25.58 32.00 -21.50
C GLN C 483 -24.46 31.98 -20.47
N SER C 484 -24.20 33.12 -19.89
CA SER C 484 -23.10 33.28 -18.96
C SER C 484 -23.29 34.56 -18.21
N PRO C 485 -22.90 34.68 -16.94
CA PRO C 485 -22.96 35.92 -16.20
C PRO C 485 -22.29 37.05 -17.00
N ASP C 486 -21.28 36.73 -17.82
CA ASP C 486 -20.64 37.79 -18.59
C ASP C 486 -21.60 38.56 -19.49
N GLN C 487 -22.63 37.90 -19.99
CA GLN C 487 -23.60 38.53 -20.87
C GLN C 487 -24.94 38.68 -20.20
N ALA C 488 -25.02 38.45 -18.90
CA ALA C 488 -26.30 38.48 -18.20
C ALA C 488 -26.31 39.36 -16.96
N TYR C 489 -25.15 39.50 -16.32
CA TYR C 489 -25.10 40.24 -15.03
C TYR C 489 -23.85 41.11 -14.95
N TYR C 490 -23.99 42.33 -14.42
CA TYR C 490 -22.87 43.24 -14.24
C TYR C 490 -22.84 43.95 -12.91
N VAL C 491 -21.64 44.04 -12.30
CA VAL C 491 -21.46 44.87 -11.12
C VAL C 491 -20.14 45.62 -11.18
N LYS C 492 -20.16 46.89 -10.80
CA LYS C 492 -18.93 47.65 -10.68
C LYS C 492 -18.93 48.61 -9.50
N CYS C 493 -17.82 48.66 -8.78
CA CYS C 493 -17.66 49.56 -7.65
C CYS C 493 -16.19 49.89 -7.53
N ASP C 494 -15.86 51.13 -7.85
CA ASP C 494 -14.49 51.61 -7.95
C ASP C 494 -14.39 53.09 -7.61
N GLU C 495 -13.18 53.63 -7.67
CA GLU C 495 -12.95 55.05 -7.37
C GLU C 495 -13.77 55.96 -8.26
N GLU C 496 -13.96 55.58 -9.51
CA GLU C 496 -14.74 56.40 -10.41
C GLU C 496 -16.23 56.40 -10.09
N THR C 497 -16.71 55.45 -9.27
CA THR C 497 -18.12 55.38 -8.94
C THR C 497 -18.30 55.99 -7.55
N ASN C 498 -17.20 56.07 -6.79
CA ASN C 498 -17.11 56.63 -5.45
C ASN C 498 -16.02 57.70 -5.46
N PRO C 499 -16.34 58.93 -5.94
CA PRO C 499 -15.43 60.02 -6.25
C PRO C 499 -14.54 60.30 -5.05
N PRO C 500 -13.31 60.81 -5.31
CA PRO C 500 -12.23 61.04 -4.36
C PRO C 500 -12.57 61.93 -3.21
N GLU C 501 -13.50 62.85 -3.42
CA GLU C 501 -13.96 63.76 -2.33
C GLU C 501 -14.33 62.92 -1.11
N SER C 502 -14.59 61.63 -1.31
CA SER C 502 -14.94 60.71 -0.18
C SER C 502 -16.08 61.31 0.63
N VAL C 503 -17.15 61.76 -0.05
CA VAL C 503 -18.32 62.36 0.65
C VAL C 503 -18.99 61.29 1.52
N ASP C 504 -19.68 61.70 2.58
CA ASP C 504 -20.40 60.73 3.46
C ASP C 504 -21.28 59.85 2.58
N LEU C 505 -21.99 60.45 1.62
CA LEU C 505 -22.80 59.65 0.67
C LEU C 505 -21.82 58.85 -0.21
N GLY C 506 -22.04 57.54 -0.35
CA GLY C 506 -21.10 56.69 -1.13
C GLY C 506 -21.63 55.28 -1.32
N ARG C 507 -20.76 54.28 -1.14
CA ARG C 507 -21.17 52.87 -1.37
C ARG C 507 -21.83 52.78 -2.75
N VAL C 508 -21.33 53.56 -3.71
CA VAL C 508 -21.91 53.57 -5.03
C VAL C 508 -21.53 52.32 -5.78
N VAL C 509 -22.54 51.57 -6.20
CA VAL C 509 -22.34 50.34 -6.91
C VAL C 509 -23.15 50.36 -8.19
N CYS C 510 -22.51 50.22 -9.33
CA CYS C 510 -23.23 50.26 -10.58
C CYS C 510 -23.62 48.84 -10.98
N GLU C 511 -24.89 48.64 -11.30
CA GLU C 511 -25.33 47.29 -11.64
C GLU C 511 -26.23 47.17 -12.87
N ILE C 512 -26.11 46.04 -13.58
CA ILE C 512 -27.05 45.73 -14.66
C ILE C 512 -27.83 44.50 -14.24
N GLY C 513 -29.15 44.71 -14.08
CA GLY C 513 -30.07 43.71 -13.57
C GLY C 513 -30.31 42.52 -14.48
N ILE C 514 -30.36 42.79 -15.77
CA ILE C 514 -30.60 41.80 -16.82
C ILE C 514 -30.31 42.56 -18.10
N ALA C 515 -30.51 43.86 -17.98
CA ALA C 515 -30.31 44.87 -19.02
C ALA C 515 -30.58 46.28 -18.46
N PRO C 516 -31.63 46.55 -17.64
CA PRO C 516 -31.87 47.81 -17.01
C PRO C 516 -30.72 48.14 -16.10
N VAL C 517 -30.39 49.41 -16.02
CA VAL C 517 -29.31 49.87 -15.18
C VAL C 517 -29.83 50.39 -13.82
N LYS C 518 -29.18 49.92 -12.74
CA LYS C 518 -29.43 50.21 -11.33
C LYS C 518 -28.09 50.25 -10.60
N MET D 1 -18.67 20.54 -29.41
CA MET D 1 -18.65 19.46 -30.40
C MET D 1 -18.07 19.99 -31.76
N SER D 2 -16.96 20.77 -31.70
CA SER D 2 -16.27 21.41 -32.82
C SER D 2 -15.51 20.47 -33.76
N LEU D 3 -15.18 19.30 -33.27
CA LEU D 3 -14.46 18.29 -34.00
C LEU D 3 -15.38 17.09 -34.21
N PRO D 4 -15.14 16.22 -35.20
CA PRO D 4 -15.82 14.93 -35.39
C PRO D 4 -15.40 13.90 -34.34
N LYS D 5 -14.28 14.21 -33.71
CA LYS D 5 -13.59 13.44 -32.69
C LYS D 5 -14.26 13.25 -31.27
N PRO D 6 -15.03 14.23 -30.80
CA PRO D 6 -15.59 14.18 -29.45
C PRO D 6 -16.88 13.39 -29.36
N GLU D 7 -17.18 12.96 -28.15
CA GLU D 7 -18.37 12.22 -27.85
C GLU D 7 -19.15 13.03 -26.88
N ASP D 8 -20.44 12.85 -26.82
CA ASP D 8 -21.15 13.57 -25.80
C ASP D 8 -20.53 13.15 -24.50
N VAL D 9 -20.09 14.12 -23.71
CA VAL D 9 -19.52 13.80 -22.37
C VAL D 9 -20.66 13.93 -21.36
N LEU D 10 -20.77 13.03 -20.39
CA LEU D 10 -21.88 13.24 -19.51
C LEU D 10 -21.73 14.62 -18.87
N VAL D 11 -22.69 15.51 -19.17
CA VAL D 11 -22.68 16.91 -18.75
C VAL D 11 -23.88 17.38 -17.95
N ALA D 12 -25.09 17.12 -18.46
CA ALA D 12 -26.30 17.59 -17.79
C ALA D 12 -27.60 17.10 -18.39
N PRO D 13 -28.03 15.86 -18.05
CA PRO D 13 -29.31 15.33 -18.50
C PRO D 13 -30.39 16.08 -17.73
N ASN D 14 -31.45 16.51 -18.41
CA ASN D 14 -32.49 17.29 -17.78
C ASN D 14 -33.89 16.83 -18.12
N PHE D 15 -34.89 17.46 -17.52
CA PHE D 15 -36.26 17.02 -17.75
C PHE D 15 -37.33 18.01 -18.15
N GLY D 16 -37.86 17.79 -19.32
CA GLY D 16 -38.96 18.55 -19.88
C GLY D 16 -40.23 17.91 -19.37
N ILE D 17 -40.52 18.15 -18.10
CA ILE D 17 -41.63 17.50 -17.44
C ILE D 17 -42.66 18.46 -16.82
N GLN D 18 -43.84 17.91 -16.52
CA GLN D 18 -44.98 18.67 -15.97
C GLN D 18 -45.08 18.66 -14.44
N ILE D 19 -44.09 18.05 -13.82
CA ILE D 19 -44.00 17.89 -12.38
C ILE D 19 -42.66 18.52 -11.96
N ASP D 20 -42.58 19.15 -10.80
CA ASP D 20 -41.34 19.84 -10.45
C ASP D 20 -40.20 18.98 -9.92
N GLY D 21 -39.69 18.15 -10.81
CA GLY D 21 -38.58 17.24 -10.57
C GLY D 21 -37.29 17.98 -10.80
N VAL D 22 -37.08 19.04 -10.01
CA VAL D 22 -35.98 19.96 -10.25
C VAL D 22 -34.55 19.48 -9.93
N MET D 23 -34.33 18.69 -8.90
CA MET D 23 -32.94 18.31 -8.67
C MET D 23 -32.75 16.81 -8.56
N VAL D 24 -31.92 16.31 -9.46
CA VAL D 24 -31.68 14.88 -9.62
C VAL D 24 -30.23 14.47 -9.59
N GLU D 25 -30.01 13.18 -9.37
CA GLU D 25 -28.67 12.60 -9.42
C GLU D 25 -28.44 11.75 -10.66
N TYR D 26 -29.41 10.92 -11.03
CA TYR D 26 -29.23 10.04 -12.18
C TYR D 26 -30.49 9.54 -12.84
N LEU D 27 -30.29 9.06 -14.06
CA LEU D 27 -31.29 8.36 -14.85
C LEU D 27 -30.69 7.08 -15.45
N ASN D 28 -31.32 5.94 -15.13
CA ASN D 28 -30.83 4.64 -15.60
C ASN D 28 -31.87 3.82 -16.38
N SER D 29 -31.43 2.64 -16.82
CA SER D 29 -32.23 1.64 -17.55
C SER D 29 -32.95 2.15 -18.80
N VAL D 30 -32.24 2.85 -19.66
CA VAL D 30 -32.84 3.33 -20.89
C VAL D 30 -32.41 2.49 -22.10
N SER D 31 -33.39 1.88 -22.76
CA SER D 31 -33.14 1.00 -23.91
C SER D 31 -34.29 0.98 -24.92
N ASN D 32 -33.98 0.50 -26.12
CA ASN D 32 -34.93 0.35 -27.24
C ASN D 32 -34.92 -1.07 -27.84
N LEU D 33 -35.96 -1.85 -27.53
CA LEU D 33 -35.99 -3.24 -27.96
C LEU D 33 -36.86 -3.61 -29.16
N GLN D 34 -36.33 -4.49 -29.99
CA GLN D 34 -37.02 -5.02 -31.16
C GLN D 34 -37.10 -6.52 -30.93
N ILE D 35 -38.29 -7.09 -31.07
CA ILE D 35 -38.47 -8.52 -30.83
C ILE D 35 -38.25 -9.42 -32.05
N GLU D 36 -37.30 -10.35 -31.91
CA GLU D 36 -37.01 -11.31 -32.99
C GLU D 36 -37.49 -12.73 -32.66
N GLN D 37 -37.65 -13.59 -33.69
CA GLN D 37 -37.95 -15.00 -33.41
C GLN D 37 -37.20 -15.91 -34.37
N ASP D 38 -36.86 -17.13 -33.90
CA ASP D 38 -36.12 -18.16 -34.66
C ASP D 38 -36.94 -19.22 -35.32
N VAL D 39 -36.95 -19.23 -36.64
CA VAL D 39 -37.73 -20.22 -37.35
C VAL D 39 -36.92 -21.11 -38.26
N ILE D 40 -37.01 -22.43 -38.07
CA ILE D 40 -36.23 -23.37 -38.87
C ILE D 40 -37.05 -24.30 -39.75
N ARG D 41 -36.71 -24.33 -41.04
CA ARG D 41 -37.42 -25.20 -42.00
C ARG D 41 -36.50 -25.91 -42.96
N TYR D 42 -37.02 -26.95 -43.60
CA TYR D 42 -36.26 -27.72 -44.58
C TYR D 42 -36.57 -27.34 -46.03
N GLN D 43 -35.54 -27.26 -46.86
CA GLN D 43 -35.66 -26.89 -48.27
C GLN D 43 -36.29 -27.94 -49.20
N GLN D 44 -36.87 -27.48 -50.30
CA GLN D 44 -37.51 -28.36 -51.29
C GLN D 44 -36.55 -29.42 -51.83
N ASN D 45 -36.71 -30.64 -51.30
CA ASN D 45 -35.94 -31.84 -51.58
C ASN D 45 -34.55 -31.63 -52.12
N GLN D 46 -33.84 -30.61 -51.66
CA GLN D 46 -32.51 -30.39 -52.19
C GLN D 46 -31.38 -30.95 -51.33
N GLY D 47 -31.69 -31.55 -50.18
CA GLY D 47 -30.62 -32.04 -49.34
C GLY D 47 -29.91 -30.92 -48.58
N THR D 48 -30.63 -29.89 -48.23
CA THR D 48 -30.03 -28.79 -47.53
C THR D 48 -30.25 -28.96 -46.08
N THR D 49 -29.56 -28.18 -45.30
CA THR D 49 -29.76 -28.18 -43.88
C THR D 49 -31.01 -27.38 -43.71
N GLY D 50 -31.52 -27.31 -42.52
CA GLY D 50 -32.67 -26.47 -42.41
C GLY D 50 -32.13 -25.06 -42.56
N ARG D 51 -33.05 -24.12 -42.77
CA ARG D 51 -32.71 -22.71 -42.90
C ARG D 51 -33.35 -21.93 -41.78
N ASN D 52 -32.54 -21.15 -41.08
CA ASN D 52 -33.05 -20.37 -39.96
C ASN D 52 -33.37 -18.96 -40.38
N ASN D 53 -34.60 -18.55 -40.17
CA ASN D 53 -35.09 -17.22 -40.47
C ASN D 53 -35.11 -16.37 -39.20
N VAL D 54 -34.20 -15.40 -39.09
CA VAL D 54 -34.21 -14.59 -37.86
C VAL D 54 -34.42 -13.13 -38.21
N THR D 55 -34.97 -12.88 -39.39
CA THR D 55 -35.16 -11.50 -39.84
C THR D 55 -36.61 -11.10 -39.68
N LEU D 56 -37.33 -11.94 -39.00
CA LEU D 56 -38.72 -11.76 -38.71
C LEU D 56 -38.81 -10.63 -37.70
N MET D 57 -39.86 -9.85 -37.78
CA MET D 57 -40.04 -8.70 -36.91
C MET D 57 -41.39 -8.70 -36.19
N PRO D 58 -41.66 -9.68 -35.29
CA PRO D 58 -42.94 -9.87 -34.60
C PRO D 58 -43.40 -8.81 -33.58
N GLY D 59 -42.51 -8.00 -33.01
CA GLY D 59 -43.09 -7.03 -32.07
C GLY D 59 -42.09 -6.18 -31.32
N VAL D 60 -42.58 -5.20 -30.56
CA VAL D 60 -41.72 -4.28 -29.80
C VAL D 60 -42.05 -4.29 -28.29
N ALA D 61 -40.99 -4.34 -27.49
CA ALA D 61 -41.06 -4.37 -26.02
C ALA D 61 -41.41 -3.02 -25.40
N LYS D 62 -42.00 -3.05 -24.20
CA LYS D 62 -42.31 -1.86 -23.42
C LYS D 62 -41.62 -2.02 -22.07
N ASP D 63 -41.29 -0.92 -21.40
CA ASP D 63 -40.59 -0.98 -20.11
C ASP D 63 -40.74 0.31 -19.31
N GLY D 64 -39.91 0.46 -18.28
CA GLY D 64 -39.93 1.63 -17.43
C GLY D 64 -38.53 2.16 -17.18
N SER D 65 -38.42 3.45 -16.85
CA SER D 65 -37.12 4.07 -16.59
C SER D 65 -36.96 4.51 -15.14
N VAL D 66 -35.84 4.14 -14.53
CA VAL D 66 -35.54 4.49 -13.15
C VAL D 66 -34.92 5.88 -13.05
N GLN D 67 -35.21 6.58 -11.96
CA GLN D 67 -34.70 7.92 -11.74
C GLN D 67 -34.56 8.23 -10.28
N VAL D 68 -33.45 8.90 -9.93
CA VAL D 68 -33.16 9.18 -8.50
C VAL D 68 -33.31 10.66 -8.19
N GLU D 69 -34.17 11.00 -7.22
CA GLU D 69 -34.34 12.35 -6.75
C GLU D 69 -33.12 12.54 -5.94
N ARG D 70 -32.48 13.69 -6.06
CA ARG D 70 -31.25 13.90 -5.33
C ARG D 70 -31.40 13.56 -3.86
N GLY D 71 -32.53 13.91 -3.26
CA GLY D 71 -32.70 13.56 -1.88
C GLY D 71 -34.03 13.95 -1.33
N MET D 72 -34.32 13.45 -0.15
CA MET D 72 -35.56 13.81 0.50
C MET D 72 -35.44 15.23 0.98
N SER D 73 -36.55 15.96 0.91
CA SER D 73 -36.62 17.33 1.36
C SER D 73 -38.06 17.58 1.71
N GLN D 74 -38.36 18.78 2.15
CA GLN D 74 -39.71 19.13 2.53
C GLN D 74 -40.68 19.25 1.34
N SER D 75 -40.17 19.30 0.11
CA SER D 75 -41.05 19.44 -1.03
C SER D 75 -41.85 18.17 -1.31
N SER D 76 -43.13 18.33 -1.60
CA SER D 76 -43.96 17.20 -1.97
C SER D 76 -44.17 17.21 -3.46
N VAL D 77 -43.52 16.30 -4.15
CA VAL D 77 -43.59 16.26 -5.59
C VAL D 77 -44.05 14.90 -6.06
N PHE D 78 -43.21 13.88 -5.82
CA PHE D 78 -43.53 12.54 -6.34
C PHE D 78 -44.51 11.82 -5.40
N THR D 79 -44.64 12.30 -4.16
CA THR D 79 -45.58 11.68 -3.28
C THR D 79 -46.99 11.98 -3.75
N GLN D 80 -47.22 13.19 -4.24
CA GLN D 80 -48.54 13.48 -4.70
C GLN D 80 -48.84 12.70 -5.95
N TRP D 81 -47.85 12.56 -6.81
CA TRP D 81 -48.06 11.86 -8.06
C TRP D 81 -48.43 10.40 -7.80
N ILE D 82 -47.68 9.74 -6.93
CA ILE D 82 -47.99 8.35 -6.68
C ILE D 82 -49.34 8.21 -5.99
N ASN D 83 -49.70 9.15 -5.12
CA ASN D 83 -50.99 9.05 -4.47
C ASN D 83 -52.14 9.17 -5.47
N ASP D 84 -51.99 10.02 -6.49
CA ASP D 84 -53.08 10.15 -7.45
C ASP D 84 -53.29 8.85 -8.20
N SER D 85 -52.19 8.17 -8.53
CA SER D 85 -52.32 6.90 -9.22
C SER D 85 -52.91 5.82 -8.31
N MET D 86 -52.51 5.78 -7.04
CA MET D 86 -53.04 4.74 -6.15
C MET D 86 -54.52 4.93 -5.93
N ALA D 87 -54.96 6.19 -5.97
CA ALA D 87 -56.35 6.58 -5.82
C ALA D 87 -57.22 6.14 -6.98
N GLY D 88 -56.62 5.78 -8.12
CA GLY D 88 -57.36 5.38 -9.30
C GLY D 88 -57.56 6.48 -10.34
N ARG D 89 -56.94 7.64 -10.20
CA ARG D 89 -57.13 8.65 -11.22
C ARG D 89 -56.22 8.36 -12.38
N MET D 90 -56.66 8.55 -13.61
CA MET D 90 -55.68 8.40 -14.66
C MET D 90 -54.86 9.67 -14.55
N ALA D 91 -53.58 9.50 -14.27
CA ALA D 91 -52.71 10.61 -13.97
C ALA D 91 -51.36 10.48 -14.64
N THR D 92 -51.37 10.58 -15.96
CA THR D 92 -50.17 10.39 -16.74
C THR D 92 -49.70 11.73 -17.31
N ALA D 93 -48.49 11.74 -17.83
CA ALA D 93 -47.91 12.94 -18.46
C ALA D 93 -46.82 12.54 -19.42
N ARG D 94 -46.44 13.41 -20.36
CA ARG D 94 -45.30 13.04 -21.24
C ARG D 94 -43.99 13.45 -20.55
N LYS D 95 -42.89 12.73 -20.81
CA LYS D 95 -41.62 13.12 -20.22
C LYS D 95 -40.51 13.27 -21.25
N ASN D 96 -39.89 14.44 -21.30
CA ASN D 96 -38.79 14.66 -22.24
C ASN D 96 -37.39 14.63 -21.61
N ALA D 97 -36.64 13.57 -21.85
CA ALA D 97 -35.30 13.48 -21.28
C ALA D 97 -34.35 14.20 -22.24
N THR D 98 -33.66 15.22 -21.76
CA THR D 98 -32.80 16.04 -22.62
C THR D 98 -31.33 15.92 -22.33
N ILE D 99 -30.57 15.84 -23.43
CA ILE D 99 -29.09 15.62 -23.36
C ILE D 99 -28.28 16.85 -23.78
N ILE D 100 -27.53 17.43 -22.85
CA ILE D 100 -26.58 18.52 -22.99
C ILE D 100 -25.18 18.05 -23.26
N VAL D 101 -24.50 18.79 -24.11
CA VAL D 101 -23.11 18.50 -24.43
C VAL D 101 -22.16 19.48 -23.75
N MET D 102 -20.89 19.47 -24.13
CA MET D 102 -19.86 20.24 -23.43
C MET D 102 -20.30 21.66 -23.14
N ASP D 103 -20.79 22.35 -24.16
CA ASP D 103 -21.34 23.68 -24.02
C ASP D 103 -22.80 23.51 -23.66
N TYR D 104 -23.21 24.05 -22.52
CA TYR D 104 -24.55 23.89 -21.96
C TYR D 104 -25.68 24.43 -22.84
N GLU D 105 -25.32 25.32 -23.76
CA GLU D 105 -26.28 25.88 -24.71
C GLU D 105 -26.72 24.80 -25.70
N ASP D 106 -25.84 23.85 -25.97
CA ASP D 106 -26.13 22.82 -26.94
C ASP D 106 -26.88 21.65 -26.34
N ASN D 107 -28.05 21.42 -26.91
CA ASN D 107 -28.99 20.39 -26.47
C ASN D 107 -29.45 19.48 -27.62
N PRO D 108 -28.53 18.77 -28.30
CA PRO D 108 -28.76 17.97 -29.48
C PRO D 108 -29.55 16.67 -29.33
N VAL D 109 -29.64 16.09 -28.13
CA VAL D 109 -30.33 14.80 -28.08
C VAL D 109 -31.50 14.75 -27.13
N LYS D 110 -32.62 14.28 -27.63
CA LYS D 110 -33.82 14.17 -26.81
C LYS D 110 -34.46 12.80 -26.92
N ARG D 111 -35.10 12.36 -25.83
CA ARG D 111 -35.79 11.05 -25.83
C ARG D 111 -37.14 11.21 -25.14
N TRP D 112 -38.24 10.88 -25.81
CA TRP D 112 -39.52 11.08 -25.21
C TRP D 112 -40.23 9.84 -24.77
N ASN D 113 -40.75 9.89 -23.55
CA ASN D 113 -41.57 8.75 -23.04
C ASN D 113 -43.03 9.06 -23.41
N LEU D 114 -43.81 8.04 -23.77
CA LEU D 114 -45.20 8.29 -24.22
C LEU D 114 -45.91 9.15 -23.17
N ARG D 115 -46.82 10.03 -23.60
CA ARG D 115 -47.55 10.93 -22.67
C ARG D 115 -48.29 10.08 -21.63
N ASN D 116 -48.43 8.77 -21.88
CA ASN D 116 -49.07 7.87 -20.89
C ASN D 116 -48.08 7.57 -19.77
N ALA D 117 -46.87 8.15 -19.83
CA ALA D 117 -45.85 7.94 -18.78
C ALA D 117 -46.54 7.86 -17.42
N TRP D 118 -46.33 6.76 -16.69
CA TRP D 118 -47.05 6.56 -15.40
C TRP D 118 -46.10 6.04 -14.32
N CYS D 119 -46.27 6.52 -13.08
CA CYS D 119 -45.43 6.11 -11.95
C CYS D 119 -46.05 5.05 -11.07
N SER D 120 -45.22 4.10 -10.62
CA SER D 120 -45.76 2.98 -9.80
C SER D 120 -44.93 2.72 -8.55
N LYS D 121 -43.66 3.14 -8.49
CA LYS D 121 -42.93 2.77 -7.27
C LYS D 121 -41.96 3.79 -6.75
N VAL D 122 -41.99 3.97 -5.43
CA VAL D 122 -41.03 4.84 -4.76
C VAL D 122 -40.27 4.11 -3.64
N VAL D 123 -38.94 4.19 -3.68
CA VAL D 123 -38.09 3.53 -2.68
C VAL D 123 -37.17 4.47 -1.93
N ALA D 124 -37.16 4.41 -0.61
CA ALA D 124 -36.28 5.28 0.18
C ALA D 124 -34.95 4.59 0.45
N GLY D 125 -33.88 5.37 0.60
CA GLY D 125 -32.61 4.77 1.00
C GLY D 125 -32.68 4.42 2.48
N THR D 126 -31.62 3.81 3.03
CA THR D 126 -31.64 3.37 4.43
C THR D 126 -31.18 4.40 5.44
N LEU D 127 -31.55 4.18 6.69
CA LEU D 127 -31.17 5.07 7.76
C LEU D 127 -30.28 4.40 8.79
N LYS D 128 -29.00 4.75 8.90
CA LYS D 128 -28.12 4.09 9.88
C LYS D 128 -27.19 5.03 10.68
N ALA D 129 -27.16 4.82 11.99
CA ALA D 129 -26.36 5.63 12.89
C ALA D 129 -24.90 5.56 12.51
N GLY D 130 -24.26 6.72 12.49
CA GLY D 130 -22.84 6.77 12.18
C GLY D 130 -22.57 6.84 10.69
N ASP D 131 -23.59 6.76 9.85
CA ASP D 131 -23.38 6.80 8.42
C ASP D 131 -23.34 8.24 7.96
N THR D 132 -22.15 8.70 7.63
CA THR D 132 -21.91 10.09 7.29
C THR D 132 -21.84 10.26 5.78
N ASN D 133 -22.15 9.20 5.06
CA ASN D 133 -22.06 9.22 3.63
C ASN D 133 -23.41 8.97 2.99
N ALA D 134 -24.48 9.38 3.64
CA ALA D 134 -25.79 9.15 3.07
C ALA D 134 -26.74 10.28 3.31
N LEU D 135 -27.51 10.55 2.27
CA LEU D 135 -28.56 11.54 2.27
C LEU D 135 -29.95 11.00 2.12
N THR D 136 -30.12 9.71 2.33
CA THR D 136 -31.46 9.18 2.21
C THR D 136 -32.15 9.68 0.94
N GLU D 137 -31.73 9.12 -0.19
CA GLU D 137 -32.26 9.49 -1.48
C GLU D 137 -33.56 8.80 -1.77
N THR D 138 -34.18 9.11 -2.91
CA THR D 138 -35.38 8.38 -3.27
C THR D 138 -35.32 7.91 -4.72
N ILE D 139 -35.85 6.73 -4.96
CA ILE D 139 -35.91 6.21 -6.30
C ILE D 139 -37.33 6.17 -6.80
N THR D 140 -37.56 6.74 -7.96
CA THR D 140 -38.88 6.74 -8.54
C THR D 140 -38.88 5.93 -9.84
N ILE D 141 -39.83 4.99 -9.95
CA ILE D 141 -39.92 4.17 -11.15
C ILE D 141 -41.17 4.47 -11.97
N VAL D 142 -40.88 4.81 -13.25
CA VAL D 142 -41.83 5.26 -14.27
C VAL D 142 -41.87 4.39 -15.52
N PHE D 143 -43.11 4.17 -15.98
CA PHE D 143 -43.33 3.26 -17.13
C PHE D 143 -43.43 4.00 -18.46
N GLU D 144 -42.88 3.39 -19.50
CA GLU D 144 -42.91 3.87 -20.87
C GLU D 144 -43.68 2.97 -21.84
N GLU D 145 -44.89 3.38 -22.25
CA GLU D 145 -45.64 2.60 -23.24
C GLU D 145 -44.98 2.66 -24.60
N LEU D 146 -44.43 3.82 -24.89
CA LEU D 146 -43.80 4.05 -26.17
C LEU D 146 -42.66 5.04 -26.04
N VAL D 147 -41.54 4.75 -26.69
CA VAL D 147 -40.40 5.65 -26.64
C VAL D 147 -40.01 6.17 -28.00
N VAL D 148 -39.88 7.47 -28.07
CA VAL D 148 -39.48 8.15 -29.29
C VAL D 148 -38.06 8.74 -29.19
N GLU D 149 -37.21 8.43 -30.18
CA GLU D 149 -35.82 8.90 -30.31
C GLU D 149 -35.74 10.45 -30.21
N MET E 1 -6.20 73.49 20.24
CA MET E 1 -5.06 72.69 20.67
C MET E 1 -5.24 72.27 22.17
N PRO E 2 -5.72 71.02 22.51
CA PRO E 2 -5.85 70.46 23.88
C PRO E 2 -4.47 70.39 24.52
N SER E 3 -4.38 70.43 25.85
CA SER E 3 -3.06 70.45 26.44
C SER E 3 -2.17 69.33 25.95
N TYR E 4 -0.98 69.75 25.54
CA TYR E 4 0.09 68.93 25.01
C TYR E 4 1.32 69.14 25.87
N LEU E 5 1.09 69.83 26.97
CA LEU E 5 2.12 70.18 27.91
C LEU E 5 1.96 69.60 29.29
N SER E 6 0.77 69.71 29.84
CA SER E 6 0.64 69.34 31.21
C SER E 6 -0.77 69.14 31.71
N PRO E 7 -0.92 68.48 32.87
CA PRO E 7 -2.13 68.42 33.68
C PRO E 7 -2.57 69.81 34.18
N GLY E 8 -1.66 70.77 34.18
CA GLY E 8 -1.91 72.14 34.62
C GLY E 8 -0.74 72.96 34.12
N VAL E 9 -1.04 74.13 33.56
CA VAL E 9 -0.05 74.95 32.86
C VAL E 9 0.54 76.14 33.59
N TYR E 10 -0.30 76.91 34.24
CA TYR E 10 0.18 78.14 34.84
C TYR E 10 0.92 77.88 36.13
N VAL E 11 0.48 76.86 36.84
CA VAL E 11 1.10 76.47 38.08
C VAL E 11 1.33 74.97 38.07
N GLU E 12 2.53 74.51 38.44
CA GLU E 12 2.74 73.07 38.51
C GLU E 12 2.28 72.59 39.87
N GLU E 13 0.99 72.76 40.12
CA GLU E 13 0.31 72.52 41.38
C GLU E 13 0.33 71.07 41.72
N VAL E 14 0.56 70.26 40.70
CA VAL E 14 0.59 68.84 40.85
C VAL E 14 1.71 68.38 41.81
N ALA E 15 2.86 69.12 41.91
CA ALA E 15 3.99 68.83 42.78
C ALA E 15 3.52 69.03 44.22
N GLY E 28 -4.41 50.00 35.31
CA GLY E 28 -5.61 50.77 35.55
C GLY E 28 -6.84 49.94 35.15
N VAL E 29 -8.03 50.53 35.37
CA VAL E 29 -9.35 49.91 35.08
C VAL E 29 -9.77 49.92 33.61
N GLY E 30 -9.35 50.93 32.85
CA GLY E 30 -9.74 51.04 31.45
C GLY E 30 -10.91 51.99 31.21
N THR E 31 -11.36 52.06 29.97
CA THR E 31 -12.39 52.99 29.53
C THR E 31 -13.77 52.60 29.97
N SER E 32 -13.91 51.36 30.43
CA SER E 32 -15.18 50.82 30.85
C SER E 32 -15.70 51.40 32.17
N VAL E 33 -14.86 52.06 32.95
CA VAL E 33 -15.38 52.59 34.21
C VAL E 33 -16.02 53.95 34.02
N ALA E 34 -17.23 54.05 34.56
CA ALA E 34 -18.08 55.23 34.48
C ALA E 34 -18.68 55.50 35.83
N ALA E 35 -19.40 56.61 35.96
CA ALA E 35 -20.05 56.95 37.21
C ALA E 35 -21.51 57.35 37.02
N PHE E 36 -22.31 57.06 38.06
CA PHE E 36 -23.76 57.36 38.00
C PHE E 36 -24.24 58.10 39.26
N VAL E 37 -25.09 59.11 39.09
CA VAL E 37 -25.67 59.88 40.20
C VAL E 37 -27.20 59.64 40.36
N GLY E 38 -27.60 59.17 41.55
CA GLY E 38 -29.02 58.92 41.81
C GLY E 38 -29.28 58.37 43.21
N LEU E 39 -30.52 58.00 43.51
CA LEU E 39 -30.96 57.51 44.84
C LEU E 39 -30.97 56.01 44.98
N ALA E 40 -30.72 55.53 46.20
CA ALA E 40 -30.73 54.09 46.47
C ALA E 40 -31.87 53.68 47.35
N PRO E 41 -32.40 52.48 47.23
CA PRO E 41 -33.32 51.92 48.16
C PRO E 41 -32.68 52.04 49.53
N THR E 42 -31.47 51.47 49.67
CA THR E 42 -30.73 51.53 50.92
C THR E 42 -29.44 52.25 50.65
N GLY E 43 -28.39 51.50 50.34
CA GLY E 43 -27.08 52.03 50.03
C GLY E 43 -26.24 52.35 51.28
N PRO E 44 -24.95 52.65 51.08
CA PRO E 44 -23.91 53.05 52.04
C PRO E 44 -24.07 54.52 52.34
N LEU E 45 -23.14 55.11 53.07
CA LEU E 45 -23.23 56.54 53.21
C LEU E 45 -23.10 57.11 51.81
N ASN E 46 -23.77 58.22 51.55
CA ASN E 46 -23.78 58.77 50.22
C ASN E 46 -22.57 59.47 49.61
N GLU E 47 -21.70 60.01 50.45
CA GLU E 47 -20.48 60.70 50.03
C GLU E 47 -19.35 59.80 49.46
N PRO E 48 -18.97 58.66 50.08
CA PRO E 48 -17.89 57.83 49.63
C PRO E 48 -18.30 57.10 48.39
N THR E 49 -18.14 57.76 47.26
CA THR E 49 -18.57 57.19 46.00
C THR E 49 -17.82 55.86 45.87
N LEU E 50 -18.54 54.78 45.61
CA LEU E 50 -17.86 53.48 45.52
C LEU E 50 -17.91 52.92 44.14
N VAL E 51 -16.90 52.13 43.77
CA VAL E 51 -16.92 51.46 42.48
C VAL E 51 -16.99 49.96 42.62
N THR E 52 -17.98 49.36 41.99
CA THR E 52 -18.10 47.90 42.06
C THR E 52 -18.91 47.23 40.97
N ASN E 53 -19.05 45.90 41.12
CA ASN E 53 -19.79 44.98 40.25
C ASN E 53 -21.24 44.77 40.72
N TRP E 54 -22.12 44.32 39.82
CA TRP E 54 -23.51 44.04 40.19
C TRP E 54 -23.63 43.20 41.45
N THR E 55 -22.80 42.19 41.54
CA THR E 55 -22.89 41.27 42.65
C THR E 55 -22.80 41.97 44.00
N GLN E 56 -21.92 42.97 44.14
CA GLN E 56 -21.79 43.63 45.43
C GLN E 56 -22.73 44.82 45.48
N TYR E 57 -23.00 45.39 44.32
CA TYR E 57 -23.85 46.55 44.22
C TYR E 57 -25.17 46.29 44.82
N VAL E 58 -25.79 45.19 44.42
CA VAL E 58 -27.11 44.94 44.91
C VAL E 58 -27.11 44.67 46.40
N ALA E 59 -26.07 44.02 46.90
CA ALA E 59 -26.01 43.75 48.31
C ALA E 59 -26.04 45.03 49.15
N ALA E 60 -25.39 46.11 48.67
CA ALA E 60 -25.40 47.36 49.40
C ALA E 60 -26.60 48.27 49.07
N PHE E 61 -26.99 48.29 47.79
CA PHE E 61 -28.06 49.24 47.35
C PHE E 61 -29.47 48.70 47.60
N GLY E 62 -29.76 47.44 47.26
CA GLY E 62 -31.13 46.96 47.37
C GLY E 62 -31.73 46.41 46.06
N ASP E 63 -32.64 45.44 46.16
CA ASP E 63 -33.22 44.79 44.99
C ASP E 63 -34.40 45.54 44.38
N PHE E 64 -34.11 46.72 43.82
CA PHE E 64 -35.08 47.62 43.15
C PHE E 64 -36.25 48.10 44.02
N THR E 65 -36.17 47.94 45.32
CA THR E 65 -37.32 48.22 46.19
C THR E 65 -37.66 49.67 46.37
N GLY E 66 -36.75 50.56 46.03
CA GLY E 66 -36.96 51.99 46.19
C GLY E 66 -37.62 52.62 44.97
N GLY E 67 -37.73 51.86 43.86
CA GLY E 67 -38.33 52.40 42.64
C GLY E 67 -37.44 53.43 41.94
N TYR E 68 -36.13 53.32 42.10
CA TYR E 68 -35.19 54.28 41.56
C TYR E 68 -34.59 53.82 40.25
N TYR E 69 -34.12 54.76 39.44
CA TYR E 69 -33.53 54.45 38.16
C TYR E 69 -32.15 53.85 38.25
N LEU E 70 -31.39 54.12 39.34
CA LEU E 70 -30.06 53.49 39.41
C LEU E 70 -30.20 51.99 39.45
N ALA E 71 -31.28 51.50 40.03
CA ALA E 71 -31.50 50.09 40.16
C ALA E 71 -31.50 49.40 38.80
N HIS E 72 -31.86 50.12 37.75
CA HIS E 72 -31.94 49.58 36.42
C HIS E 72 -30.78 50.03 35.52
N SER E 73 -30.35 51.28 35.63
CA SER E 73 -29.28 51.78 34.75
C SER E 73 -27.96 51.12 35.10
N VAL E 74 -27.85 50.61 36.31
CA VAL E 74 -26.68 49.90 36.72
C VAL E 74 -26.40 48.72 35.83
N TYR E 75 -27.45 48.08 35.32
CA TYR E 75 -27.27 46.85 34.50
C TYR E 75 -26.61 47.20 33.17
N GLY E 76 -26.48 48.51 32.85
CA GLY E 76 -25.84 48.88 31.64
C GLY E 76 -24.47 48.27 31.58
N PHE E 77 -23.85 48.05 32.75
CA PHE E 77 -22.46 47.51 32.76
C PHE E 77 -22.45 46.04 33.18
N PHE E 78 -23.61 45.38 33.29
CA PHE E 78 -23.62 43.98 33.80
C PHE E 78 -24.40 43.06 32.85
N ASN E 79 -25.43 43.58 32.19
CA ASN E 79 -26.19 42.80 31.22
C ASN E 79 -25.74 43.19 29.80
N ASN E 80 -24.63 43.88 29.77
CA ASN E 80 -23.97 44.38 28.60
C ASN E 80 -22.49 44.42 28.95
N GLY E 81 -21.65 44.87 28.05
CA GLY E 81 -20.22 44.85 28.37
C GLY E 81 -19.94 45.78 29.55
N GLY E 82 -18.99 45.39 30.41
CA GLY E 82 -18.66 46.21 31.57
C GLY E 82 -17.78 45.48 32.57
N SER E 83 -17.61 46.06 33.75
CA SER E 83 -16.77 45.51 34.81
C SER E 83 -17.22 46.00 36.18
N ALA E 84 -17.09 47.31 36.35
CA ALA E 84 -17.46 47.99 37.57
C ALA E 84 -17.78 49.44 37.28
N ALA E 85 -18.52 50.09 38.16
CA ALA E 85 -18.82 51.52 37.98
C ALA E 85 -19.01 52.21 39.31
N TYR E 86 -18.78 53.53 39.31
CA TYR E 86 -18.89 54.38 40.49
C TYR E 86 -20.30 54.86 40.76
N VAL E 87 -20.74 54.70 42.00
CA VAL E 87 -22.08 55.16 42.33
C VAL E 87 -22.15 56.15 43.47
N VAL E 88 -22.78 57.28 43.18
CA VAL E 88 -23.03 58.38 44.09
C VAL E 88 -24.45 58.19 44.58
N ARG E 89 -24.63 58.02 45.89
CA ARG E 89 -25.95 57.67 46.40
C ARG E 89 -26.92 58.79 46.59
N VAL E 90 -26.43 59.97 46.95
CA VAL E 90 -27.27 61.14 47.25
C VAL E 90 -28.06 61.01 48.57
N GLY E 91 -28.86 59.97 48.68
CA GLY E 91 -29.71 59.66 49.83
C GLY E 91 -30.45 58.34 49.55
N GLY E 92 -31.25 57.88 50.50
CA GLY E 92 -31.93 56.61 50.27
C GLY E 92 -33.44 56.74 50.20
N SER E 93 -34.11 55.60 50.12
CA SER E 93 -35.57 55.51 50.07
C SER E 93 -36.18 55.95 51.36
N ALA E 94 -37.35 56.53 51.22
CA ALA E 94 -38.16 56.89 52.36
C ALA E 94 -38.65 55.60 52.97
N GLU E 95 -38.97 55.64 54.25
CA GLU E 95 -39.48 54.46 54.91
C GLU E 95 -40.80 54.05 54.26
N ASP E 96 -41.02 52.73 54.06
CA ASP E 96 -42.23 52.11 53.49
C ASP E 96 -42.65 52.74 52.16
N GLN E 232 -37.62 66.74 48.91
CA GLN E 232 -36.49 67.65 49.09
C GLN E 232 -35.30 67.29 48.16
N ALA E 233 -35.03 65.97 47.96
CA ALA E 233 -33.94 65.42 47.13
C ALA E 233 -34.27 65.57 45.65
N GLU E 234 -35.51 65.97 45.40
CA GLU E 234 -36.06 66.17 44.07
C GLU E 234 -35.79 67.60 43.54
N SER E 235 -35.20 68.45 44.39
CA SER E 235 -34.81 69.82 44.06
C SER E 235 -33.60 69.84 43.15
N ALA E 236 -33.43 70.93 42.40
CA ALA E 236 -32.28 71.05 41.49
C ALA E 236 -30.97 71.34 42.22
N HIS E 237 -31.05 71.68 43.50
CA HIS E 237 -29.86 71.94 44.30
C HIS E 237 -29.09 70.69 44.83
N PRO E 238 -29.70 69.76 45.59
CA PRO E 238 -29.09 68.55 46.11
C PRO E 238 -29.03 67.47 45.05
N GLY E 239 -28.30 66.39 45.32
CA GLY E 239 -28.36 65.19 44.48
C GLY E 239 -27.89 65.36 43.05
N PRO E 240 -28.79 65.25 42.04
CA PRO E 240 -28.49 65.38 40.62
C PRO E 240 -28.29 66.86 40.38
N ALA E 241 -27.17 67.32 40.89
CA ALA E 241 -26.81 68.72 40.98
C ALA E 241 -25.33 68.86 41.27
N GLN E 242 -24.79 70.07 41.21
CA GLN E 242 -23.38 70.23 41.60
C GLN E 242 -23.28 70.35 43.13
N TYR E 243 -23.68 69.29 43.80
CA TYR E 243 -23.80 69.26 45.25
C TYR E 243 -22.51 68.86 45.95
N LEU E 244 -21.53 69.74 45.80
CA LEU E 244 -20.18 69.62 46.34
C LEU E 244 -20.10 69.80 47.85
N GLY E 245 -20.93 70.71 48.38
CA GLY E 245 -20.90 71.00 49.80
C GLY E 245 -19.76 71.93 50.21
N ASP E 246 -19.42 72.93 49.38
CA ASP E 246 -18.31 73.85 49.72
C ASP E 246 -17.03 73.07 49.98
N SER E 247 -16.55 72.36 48.95
CA SER E 247 -15.29 71.58 49.07
C SER E 247 -15.49 70.37 49.99
N SER E 248 -16.73 69.88 50.11
CA SER E 248 -16.99 68.67 50.93
C SER E 248 -17.06 67.44 50.03
N ASP E 249 -16.90 67.63 48.71
CA ASP E 249 -17.01 66.50 47.75
C ASP E 249 -18.30 65.73 48.05
N ARG E 250 -19.39 66.46 48.35
CA ARG E 250 -20.68 65.80 48.69
C ARG E 250 -21.30 65.18 47.43
N THR E 251 -22.30 64.32 47.60
CA THR E 251 -22.93 63.64 46.44
C THR E 251 -23.23 64.66 45.34
N GLY E 252 -22.82 64.37 44.10
CA GLY E 252 -23.05 65.29 42.98
C GLY E 252 -21.83 65.40 42.09
N PHE E 253 -21.92 66.18 41.02
CA PHE E 253 -20.79 66.33 40.07
C PHE E 253 -19.54 66.73 40.86
N GLY E 254 -19.71 67.45 41.96
CA GLY E 254 -18.57 67.93 42.72
C GLY E 254 -17.87 66.81 43.47
N GLY E 255 -18.63 65.83 43.93
CA GLY E 255 -18.08 64.72 44.69
C GLY E 255 -17.18 63.82 43.85
N LEU E 256 -17.24 63.95 42.52
CA LEU E 256 -16.41 63.15 41.63
C LEU E 256 -15.14 63.87 41.22
N GLU E 257 -14.94 65.11 41.65
CA GLU E 257 -13.76 65.87 41.22
C GLU E 257 -12.46 65.25 41.66
N ALA E 258 -12.48 64.61 42.82
CA ALA E 258 -11.29 63.99 43.37
C ALA E 258 -11.09 62.58 42.83
N ILE E 259 -11.97 62.10 41.95
CA ILE E 259 -11.86 60.73 41.48
C ILE E 259 -11.42 60.63 40.01
N ASP E 260 -10.33 59.89 39.82
CA ASP E 260 -9.76 59.63 38.51
C ASP E 260 -10.37 58.35 37.93
N GLU E 261 -9.95 57.96 36.75
CA GLU E 261 -10.41 56.76 36.07
C GLU E 261 -11.93 56.65 35.83
N ILE E 262 -12.55 57.75 35.43
CA ILE E 262 -13.97 57.79 35.05
C ILE E 262 -14.07 58.32 33.64
N SER E 263 -14.65 57.57 32.71
CA SER E 263 -14.74 58.04 31.32
C SER E 263 -16.09 58.68 30.96
N MET E 264 -17.13 58.33 31.70
CA MET E 264 -18.48 58.83 31.43
C MET E 264 -19.25 59.11 32.70
N VAL E 265 -20.09 60.14 32.68
CA VAL E 265 -20.97 60.37 33.83
C VAL E 265 -22.45 60.48 33.43
N ALA E 266 -23.28 59.70 34.13
CA ALA E 266 -24.72 59.68 33.91
C ALA E 266 -25.47 60.09 35.17
N VAL E 267 -26.69 60.63 35.01
CA VAL E 267 -27.52 61.01 36.16
C VAL E 267 -28.93 60.44 36.06
N PRO E 268 -29.13 59.11 36.23
CA PRO E 268 -30.37 58.41 36.04
C PRO E 268 -31.57 58.95 36.83
N ASP E 269 -31.35 59.55 38.02
CA ASP E 269 -32.54 60.01 38.72
C ASP E 269 -32.90 61.47 38.51
N LEU E 270 -32.25 62.19 37.60
CA LEU E 270 -32.64 63.60 37.46
C LEU E 270 -34.10 63.74 37.07
N MET E 271 -34.55 62.93 36.14
CA MET E 271 -35.92 63.01 35.70
C MET E 271 -36.83 62.04 36.45
N ALA E 272 -36.32 61.36 37.46
CA ALA E 272 -37.11 60.37 38.19
C ALA E 272 -38.31 61.00 38.83
N ALA E 273 -38.14 62.24 39.25
CA ALA E 273 -39.18 62.99 39.88
C ALA E 273 -39.56 64.14 39.00
N TYR E 274 -39.40 64.02 37.70
CA TYR E 274 -39.71 65.17 36.85
C TYR E 274 -41.09 65.66 37.13
N GLN E 275 -42.05 64.74 37.18
CA GLN E 275 -43.39 65.17 37.43
C GLN E 275 -43.60 65.37 38.93
N ARG E 276 -43.13 64.43 39.74
CA ARG E 276 -43.42 64.50 41.18
C ARG E 276 -42.85 65.72 41.89
N GLY E 277 -41.65 66.09 41.53
CA GLY E 277 -40.92 67.19 42.14
C GLY E 277 -41.11 68.48 41.39
N ALA E 278 -41.97 68.48 40.37
CA ALA E 278 -42.16 69.67 39.55
C ALA E 278 -40.80 70.17 39.08
N ILE E 279 -40.04 69.32 38.40
CA ILE E 279 -38.73 69.79 38.04
C ILE E 279 -38.95 70.65 36.81
N ASP E 280 -39.08 71.96 37.05
CA ASP E 280 -39.25 72.91 35.91
C ASP E 280 -38.16 72.65 34.87
N LEU E 281 -38.33 73.19 33.66
CA LEU E 281 -37.35 72.95 32.55
C LEU E 281 -35.95 73.37 33.02
N GLU E 282 -35.82 74.59 33.57
CA GLU E 282 -34.49 75.08 33.99
C GLU E 282 -33.95 74.18 35.10
N ALA E 283 -34.78 73.84 36.09
CA ALA E 283 -34.35 72.91 37.15
C ALA E 283 -33.62 71.72 36.51
N VAL E 284 -34.03 71.33 35.30
CA VAL E 284 -33.37 70.24 34.60
C VAL E 284 -32.18 70.84 33.88
N LYS E 285 -32.42 71.91 33.13
CA LYS E 285 -31.40 72.53 32.30
C LYS E 285 -30.19 72.90 33.13
N ALA E 286 -30.41 73.46 34.31
CA ALA E 286 -29.34 73.85 35.19
C ALA E 286 -28.46 72.68 35.58
N VAL E 287 -29.06 71.50 35.75
CA VAL E 287 -28.32 70.35 36.17
C VAL E 287 -27.53 69.82 35.01
N GLN E 288 -28.15 69.77 33.85
CA GLN E 288 -27.44 69.26 32.69
C GLN E 288 -26.28 70.19 32.39
N LEU E 289 -26.46 71.50 32.57
CA LEU E 289 -25.36 72.41 32.36
C LEU E 289 -24.26 72.16 33.39
N GLY E 290 -24.64 71.89 34.64
CA GLY E 290 -23.66 71.59 35.68
C GLY E 290 -22.86 70.33 35.37
N LEU E 291 -23.52 69.32 34.80
CA LEU E 291 -22.87 68.08 34.44
C LEU E 291 -21.90 68.28 33.30
N ILE E 292 -22.32 69.05 32.31
CA ILE E 292 -21.48 69.29 31.17
C ILE E 292 -20.28 70.08 31.62
N ALA E 293 -20.48 71.12 32.43
CA ALA E 293 -19.38 71.93 32.92
C ALA E 293 -18.40 71.09 33.71
N HIS E 294 -18.90 70.15 34.53
CA HIS E 294 -18.05 69.26 35.28
C HIS E 294 -17.14 68.51 34.35
N CYS E 295 -17.74 67.93 33.33
CA CYS E 295 -16.97 67.16 32.38
C CYS E 295 -15.95 68.04 31.65
N GLU E 296 -16.33 69.26 31.27
CA GLU E 296 -15.40 70.12 30.57
C GLU E 296 -14.20 70.47 31.45
N LEU E 297 -14.45 70.71 32.74
CA LEU E 297 -13.39 71.05 33.67
C LEU E 297 -12.46 69.88 33.97
N MET E 298 -12.99 68.67 34.12
CA MET E 298 -12.10 67.54 34.40
C MET E 298 -11.24 67.32 33.14
N GLY E 299 -11.89 67.43 31.98
CA GLY E 299 -11.27 67.38 30.67
C GLY E 299 -11.13 66.02 29.98
N ASP E 300 -11.37 64.91 30.70
CA ASP E 300 -11.13 63.56 30.12
C ASP E 300 -12.35 62.62 30.27
N ARG E 301 -13.55 63.15 30.51
CA ARG E 301 -14.76 62.35 30.61
C ARG E 301 -15.89 63.07 29.97
N VAL E 302 -16.93 62.33 29.58
CA VAL E 302 -18.07 62.99 28.93
C VAL E 302 -19.40 62.80 29.62
N ALA E 303 -20.32 63.70 29.29
CA ALA E 303 -21.64 63.70 29.85
C ALA E 303 -22.69 62.99 29.02
N ILE E 304 -23.51 62.23 29.72
CA ILE E 304 -24.66 61.58 29.13
C ILE E 304 -25.88 62.41 29.46
N ILE E 305 -26.51 62.96 28.43
CA ILE E 305 -27.61 63.88 28.61
C ILE E 305 -28.92 63.23 28.23
N ASP E 306 -29.88 63.27 29.15
CA ASP E 306 -31.20 62.70 28.90
C ASP E 306 -32.13 63.67 28.18
N PRO E 307 -32.96 63.21 27.24
CA PRO E 307 -33.98 63.98 26.59
C PRO E 307 -35.07 64.10 27.61
N PRO E 308 -35.99 65.06 27.51
CA PRO E 308 -37.15 65.18 28.34
C PRO E 308 -37.99 63.89 28.23
N PRO E 309 -38.87 63.59 29.20
CA PRO E 309 -39.57 62.29 29.25
C PRO E 309 -40.51 61.82 28.12
N ASN E 310 -41.30 62.71 27.53
CA ASN E 310 -42.28 62.16 26.58
C ASN E 310 -42.72 63.23 25.62
N GLN E 311 -42.19 63.23 24.42
CA GLN E 311 -42.50 64.25 23.46
C GLN E 311 -42.22 63.76 22.06
N ASN E 312 -42.82 64.42 21.08
CA ASN E 312 -42.67 64.03 19.69
C ASN E 312 -41.37 64.57 19.12
N ALA E 313 -41.11 64.25 17.85
CA ALA E 313 -39.88 64.71 17.21
C ALA E 313 -39.83 66.22 17.13
N ARG E 314 -40.97 66.85 16.92
CA ARG E 314 -40.99 68.28 16.77
C ARG E 314 -40.56 68.98 18.02
N GLN E 315 -40.81 68.36 19.14
CA GLN E 315 -40.61 68.98 20.41
C GLN E 315 -39.17 68.87 20.86
N ILE E 316 -38.43 68.00 20.20
CA ILE E 316 -37.05 67.84 20.57
C ILE E 316 -36.28 68.72 19.63
N ARG E 317 -36.80 68.91 18.42
CA ARG E 317 -36.16 69.83 17.55
C ARG E 317 -36.22 71.19 18.26
N VAL E 318 -37.33 71.33 18.98
CA VAL E 318 -37.62 72.60 19.72
C VAL E 318 -36.65 72.76 20.88
N TRP E 319 -36.59 71.80 21.83
CA TRP E 319 -35.68 72.19 22.90
C TRP E 319 -34.24 72.28 22.35
N ARG E 320 -33.87 71.46 21.36
CA ARG E 320 -32.51 71.49 20.87
C ARG E 320 -32.12 72.81 20.26
N GLN E 321 -33.00 73.40 19.46
CA GLN E 321 -32.68 74.64 18.79
C GLN E 321 -33.14 75.90 19.51
N GLU E 322 -34.23 75.82 20.28
CA GLU E 322 -34.81 77.00 20.88
C GLU E 322 -34.68 77.18 22.40
N THR E 323 -34.68 76.10 23.20
CA THR E 323 -34.74 76.37 24.64
C THR E 323 -33.61 75.82 25.50
N ALA E 324 -32.95 74.74 25.08
CA ALA E 324 -31.92 74.14 25.92
C ALA E 324 -30.83 73.45 25.12
N GLY E 325 -30.33 74.08 24.08
CA GLY E 325 -29.24 73.43 23.35
C GLY E 325 -28.02 73.57 24.23
N TYR E 326 -27.08 72.62 24.16
CA TYR E 326 -25.90 72.77 25.00
C TYR E 326 -24.62 73.10 24.23
N ASP E 327 -24.55 72.70 22.97
CA ASP E 327 -23.40 72.97 22.09
C ASP E 327 -22.00 72.67 22.66
N SER E 328 -21.71 71.42 23.01
CA SER E 328 -20.40 71.10 23.59
C SER E 328 -19.80 69.76 23.19
N LYS E 329 -18.48 69.77 23.02
CA LYS E 329 -17.72 68.60 22.60
C LYS E 329 -17.66 67.53 23.69
N TYR E 330 -18.10 67.88 24.88
CA TYR E 330 -18.13 66.96 26.01
C TYR E 330 -19.46 66.32 26.29
N ALA E 331 -20.43 66.39 25.38
CA ALA E 331 -21.71 65.77 25.69
C ALA E 331 -22.41 65.14 24.49
N ALA E 332 -23.26 64.15 24.79
CA ALA E 332 -24.10 63.51 23.76
C ALA E 332 -25.46 63.07 24.33
N LEU E 333 -26.45 63.05 23.42
CA LEU E 333 -27.82 62.66 23.72
C LEU E 333 -28.48 61.74 22.70
N TYR E 334 -29.22 60.76 23.21
CA TYR E 334 -30.02 59.83 22.43
C TYR E 334 -31.47 60.20 22.71
N TYR E 335 -32.39 59.97 21.77
CA TYR E 335 -33.79 60.50 21.95
C TYR E 335 -34.84 59.52 22.49
N PRO E 336 -35.16 58.38 21.84
CA PRO E 336 -36.29 57.59 22.25
C PRO E 336 -36.07 56.92 23.59
N TRP E 337 -37.14 56.74 24.33
CA TRP E 337 -37.11 56.01 25.58
C TRP E 337 -37.31 54.53 25.32
N ILE E 338 -36.70 53.72 26.19
CA ILE E 338 -36.69 52.28 26.06
C ILE E 338 -37.58 51.55 27.05
N LYS E 339 -38.37 50.63 26.53
CA LYS E 339 -39.21 49.81 27.37
C LYS E 339 -38.38 48.62 27.83
N SER E 340 -38.47 48.32 29.11
CA SER E 340 -37.79 47.20 29.76
C SER E 340 -38.68 46.72 30.88
N PHE E 341 -38.30 45.65 31.59
CA PHE E 341 -39.18 45.16 32.65
C PHE E 341 -38.57 45.40 34.01
N ASP E 342 -39.30 45.06 35.07
CA ASP E 342 -38.81 45.24 36.42
C ASP E 342 -39.25 44.05 37.25
N PRO E 343 -38.36 43.07 37.47
CA PRO E 343 -38.63 41.77 38.05
C PRO E 343 -39.11 41.84 39.47
N ALA E 344 -38.91 42.99 40.11
CA ALA E 344 -39.37 43.10 41.47
C ALA E 344 -40.89 43.00 41.52
N THR E 345 -41.59 43.55 40.50
CA THR E 345 -43.05 43.53 40.51
C THR E 345 -43.74 43.10 39.20
N GLY E 346 -43.11 43.25 38.02
CA GLY E 346 -43.85 42.99 36.79
C GLY E 346 -43.11 43.20 35.46
N GLN E 347 -43.89 43.10 34.39
CA GLN E 347 -43.41 43.15 33.01
C GLN E 347 -42.93 44.47 32.43
N SER E 348 -43.27 45.63 32.99
CA SER E 348 -42.80 46.82 32.31
C SER E 348 -42.49 48.04 33.18
N ARG E 349 -41.54 48.80 32.66
CA ARG E 349 -41.07 50.10 33.13
C ARG E 349 -40.50 50.86 31.94
N LEU E 350 -40.52 52.18 31.99
CA LEU E 350 -39.84 52.91 30.93
C LEU E 350 -38.54 53.48 31.50
N VAL E 351 -37.45 53.39 30.73
CA VAL E 351 -36.18 53.94 31.16
C VAL E 351 -35.55 54.84 30.08
N PRO E 352 -34.71 55.81 30.44
CA PRO E 352 -34.05 56.70 29.52
C PRO E 352 -33.02 55.92 28.72
N PRO E 353 -32.61 56.42 27.55
CA PRO E 353 -31.62 55.81 26.68
C PRO E 353 -30.20 55.99 27.18
N SER E 354 -29.95 55.38 28.33
CA SER E 354 -28.71 55.38 29.06
C SER E 354 -28.50 54.00 29.59
N GLY E 355 -27.64 53.84 30.58
CA GLY E 355 -27.49 52.49 31.08
C GLY E 355 -26.91 51.61 30.01
N HIS E 356 -27.74 50.69 29.50
CA HIS E 356 -27.29 49.77 28.44
C HIS E 356 -26.69 50.57 27.28
N VAL E 357 -27.25 51.76 27.01
CA VAL E 357 -26.72 52.53 25.92
C VAL E 357 -25.25 52.79 26.17
N ALA E 358 -24.86 53.02 27.44
CA ALA E 358 -23.47 53.25 27.77
C ALA E 358 -22.68 51.94 27.80
N GLY E 359 -23.39 50.84 28.11
CA GLY E 359 -22.83 49.48 28.16
C GLY E 359 -22.21 49.15 26.81
N ILE E 360 -22.84 49.68 25.77
CA ILE E 360 -22.35 49.55 24.43
C ILE E 360 -20.95 50.14 24.26
N TRP E 361 -20.63 51.27 24.89
CA TRP E 361 -19.32 51.81 24.68
C TRP E 361 -18.30 50.81 25.19
N ALA E 362 -18.58 50.21 26.35
CA ALA E 362 -17.64 49.24 26.89
C ALA E 362 -17.47 48.06 25.94
N ARG E 363 -18.58 47.60 25.37
CA ARG E 363 -18.54 46.50 24.43
C ARG E 363 -17.71 46.86 23.20
N ASN E 364 -17.97 48.05 22.68
CA ASN E 364 -17.35 48.53 21.46
C ASN E 364 -15.86 48.63 21.60
N ASP E 365 -15.38 49.09 22.76
CA ASP E 365 -13.96 49.25 22.98
C ASP E 365 -13.25 47.91 23.07
N SER E 366 -13.95 46.88 23.53
CA SER E 366 -13.34 45.57 23.57
C SER E 366 -13.27 44.95 22.17
N GLU E 367 -14.30 45.18 21.35
CA GLU E 367 -14.30 44.61 20.00
C GLU E 367 -13.22 45.21 19.10
N ARG E 368 -13.13 46.54 19.10
CA ARG E 368 -12.19 47.28 18.27
C ARG E 368 -11.62 48.44 19.02
N GLY E 369 -10.53 49.01 18.49
CA GLY E 369 -9.98 50.24 19.10
C GLY E 369 -11.07 51.29 19.27
N VAL E 370 -10.88 52.24 20.18
CA VAL E 370 -11.94 53.27 20.48
C VAL E 370 -12.27 54.04 19.19
N HIS E 371 -11.39 53.98 18.18
CA HIS E 371 -11.59 54.73 16.92
C HIS E 371 -12.95 54.40 16.30
N LYS E 372 -13.38 53.13 16.37
CA LYS E 372 -14.66 52.70 15.73
C LYS E 372 -15.85 53.32 16.46
N ALA E 373 -16.92 53.66 15.75
CA ALA E 373 -18.11 54.18 16.40
C ALA E 373 -19.09 53.03 16.60
N PRO E 374 -19.83 52.96 17.69
CA PRO E 374 -20.89 52.00 17.89
C PRO E 374 -22.12 52.52 17.16
N ALA E 375 -22.00 52.67 15.86
CA ALA E 375 -23.04 53.26 15.03
C ALA E 375 -24.01 52.22 14.53
N ASN E 376 -23.77 50.97 14.91
CA ASN E 376 -24.61 49.86 14.58
C ASN E 376 -24.42 48.80 15.64
N GLU E 377 -25.15 48.91 16.75
CA GLU E 377 -24.99 47.92 17.83
C GLU E 377 -26.28 47.65 18.59
N VAL E 378 -26.41 46.42 19.07
CA VAL E 378 -27.58 45.95 19.78
C VAL E 378 -27.72 46.38 21.22
N VAL E 379 -28.88 46.91 21.54
CA VAL E 379 -29.11 47.36 22.91
C VAL E 379 -29.61 46.19 23.70
N ARG E 380 -28.67 45.37 24.08
CA ARG E 380 -29.01 44.15 24.75
C ARG E 380 -29.73 44.47 26.04
N GLY E 381 -30.84 43.76 26.27
CA GLY E 381 -31.65 43.91 27.47
C GLY E 381 -32.91 44.74 27.20
N ALA E 382 -32.94 45.44 26.06
CA ALA E 382 -34.10 46.22 25.69
C ALA E 382 -35.22 45.30 25.29
N VAL E 383 -36.47 45.71 25.55
CA VAL E 383 -37.60 44.94 25.10
C VAL E 383 -38.21 45.60 23.87
N ASP E 384 -38.47 46.91 23.96
CA ASP E 384 -39.05 47.62 22.82
C ASP E 384 -38.79 49.12 22.92
N LEU E 385 -39.24 49.88 21.93
CA LEU E 385 -39.07 51.33 21.93
C LEU E 385 -40.43 52.01 21.97
N GLU E 386 -40.52 53.20 22.56
CA GLU E 386 -41.83 53.88 22.50
C GLU E 386 -42.25 54.28 21.09
N LEU E 387 -41.30 54.70 20.27
CA LEU E 387 -41.65 55.11 18.93
C LEU E 387 -40.61 54.69 17.93
N GLN E 388 -41.06 54.37 16.73
CA GLN E 388 -40.15 54.11 15.64
C GLN E 388 -39.97 55.42 14.91
N ILE E 389 -38.73 55.83 14.72
CA ILE E 389 -38.45 57.09 14.09
C ILE E 389 -38.08 56.83 12.64
N THR E 390 -38.89 57.36 11.74
CA THR E 390 -38.76 57.06 10.31
C THR E 390 -37.76 57.95 9.61
N ARG E 391 -37.44 57.64 8.36
CA ARG E 391 -36.44 58.40 7.61
C ARG E 391 -36.79 59.87 7.49
N GLY E 392 -38.07 60.20 7.38
CA GLY E 392 -38.47 61.60 7.27
C GLY E 392 -38.19 62.36 8.56
N GLU E 393 -37.95 61.65 9.65
CA GLU E 393 -37.65 62.24 10.94
C GLU E 393 -36.14 62.21 11.16
N GLN E 394 -35.47 61.17 10.64
CA GLN E 394 -34.01 61.03 10.79
C GLN E 394 -33.33 62.18 10.06
N ASP E 395 -33.99 62.61 8.99
CA ASP E 395 -33.58 63.73 8.14
C ASP E 395 -33.56 65.05 8.92
N LEU E 396 -34.35 65.15 9.98
CA LEU E 396 -34.39 66.36 10.75
C LEU E 396 -33.58 66.27 12.04
N LEU E 397 -33.49 65.07 12.61
CA LEU E 397 -32.80 64.93 13.89
C LEU E 397 -31.28 64.68 13.82
N ASN E 398 -30.80 63.94 12.82
CA ASN E 398 -29.36 63.70 12.81
C ASN E 398 -28.55 64.99 12.60
N PRO E 399 -28.95 65.93 11.73
CA PRO E 399 -28.28 67.18 11.47
C PRO E 399 -28.19 68.10 12.67
N ILE E 400 -28.95 67.83 13.74
CA ILE E 400 -28.89 68.70 14.91
C ILE E 400 -28.28 67.95 16.09
N GLY E 401 -27.65 66.81 15.82
CA GLY E 401 -26.95 66.06 16.86
C GLY E 401 -27.79 65.14 17.74
N VAL E 402 -28.97 64.72 17.30
CA VAL E 402 -29.75 63.84 18.14
C VAL E 402 -29.63 62.40 17.67
N ASN E 403 -29.10 61.54 18.54
CA ASN E 403 -28.89 60.16 18.16
C ASN E 403 -30.15 59.34 18.34
N CYS E 404 -30.39 58.42 17.43
CA CYS E 404 -31.54 57.57 17.56
C CYS E 404 -31.23 56.10 17.68
N ILE E 405 -32.18 55.42 18.29
CA ILE E 405 -32.23 53.99 18.47
C ILE E 405 -33.46 53.54 17.72
N ARG E 406 -33.32 52.53 16.88
CA ARG E 406 -34.44 52.04 16.06
C ARG E 406 -34.61 50.53 16.11
N SER E 407 -35.85 50.08 15.86
CA SER E 407 -36.11 48.66 15.75
C SER E 407 -35.95 48.33 14.28
N PHE E 408 -34.96 47.51 13.98
CA PHE E 408 -34.66 47.26 12.60
C PHE E 408 -35.29 45.92 12.15
N PRO E 409 -35.91 45.86 10.96
CA PRO E 409 -36.60 44.71 10.42
C PRO E 409 -35.68 43.56 10.04
N GLY E 410 -35.29 42.82 11.06
CA GLY E 410 -34.39 41.68 10.93
C GLY E 410 -33.08 41.83 11.69
N ARG E 411 -32.87 42.96 12.36
CA ARG E 411 -31.63 43.11 13.12
C ARG E 411 -31.85 43.41 14.62
N GLY E 412 -33.09 43.71 15.03
CA GLY E 412 -33.38 44.00 16.44
C GLY E 412 -33.19 45.46 16.83
N ILE E 413 -33.10 45.73 18.13
CA ILE E 413 -33.04 47.11 18.59
C ILE E 413 -31.62 47.59 18.58
N ARG E 414 -31.34 48.58 17.76
CA ARG E 414 -29.97 49.02 17.64
C ARG E 414 -29.76 50.51 17.70
N VAL E 415 -28.58 50.86 18.17
CA VAL E 415 -28.14 52.24 18.19
C VAL E 415 -27.63 52.55 16.83
N TRP E 416 -28.12 53.65 16.25
CA TRP E 416 -27.73 54.09 14.94
C TRP E 416 -27.05 55.45 14.86
N GLY E 417 -27.53 56.42 15.62
CA GLY E 417 -26.90 57.72 15.50
C GLY E 417 -25.55 57.71 16.22
N ALA E 418 -24.60 58.53 15.76
CA ALA E 418 -23.32 58.62 16.45
C ALA E 418 -22.70 60.01 16.41
N ARG E 419 -23.47 61.02 16.79
CA ARG E 419 -23.01 62.40 16.79
C ARG E 419 -22.95 63.04 18.16
N THR E 420 -22.03 63.97 18.25
CA THR E 420 -21.74 64.81 19.40
C THR E 420 -22.77 65.91 19.51
N LEU E 421 -23.19 66.27 20.72
CA LEU E 421 -24.17 67.34 20.87
C LEU E 421 -23.41 68.66 20.92
N SER E 422 -22.84 69.01 19.75
CA SER E 422 -21.94 70.14 19.51
C SER E 422 -22.09 70.80 18.16
N SER E 423 -21.89 72.12 18.17
CA SER E 423 -21.93 72.96 17.00
C SER E 423 -20.60 73.04 16.22
N ASP E 424 -19.52 72.53 16.81
CA ASP E 424 -18.18 72.61 16.22
C ASP E 424 -17.91 71.45 15.27
N PRO E 425 -17.78 71.66 13.93
CA PRO E 425 -17.59 70.63 12.94
C PRO E 425 -16.46 69.65 13.28
N ALA E 426 -15.41 70.15 13.95
CA ALA E 426 -14.28 69.30 14.30
C ALA E 426 -14.67 68.14 15.18
N TRP E 427 -15.63 68.34 16.05
CA TRP E 427 -15.95 67.33 17.03
C TRP E 427 -17.28 66.66 16.80
N ARG E 428 -17.80 66.70 15.58
CA ARG E 428 -19.10 66.10 15.30
C ARG E 428 -19.23 64.61 15.55
N TYR E 429 -18.16 63.86 15.35
CA TYR E 429 -18.23 62.41 15.47
C TYR E 429 -17.78 61.92 16.83
N LEU E 430 -18.59 61.08 17.46
CA LEU E 430 -18.28 60.63 18.80
C LEU E 430 -17.03 59.80 18.93
N ASN E 431 -16.75 58.99 17.92
CA ASN E 431 -15.59 58.11 18.00
C ASN E 431 -14.29 58.87 17.86
N ILE E 432 -14.35 60.07 17.33
CA ILE E 432 -13.14 60.82 17.15
C ILE E 432 -12.86 61.47 18.46
N ARG E 433 -13.90 62.06 19.07
CA ARG E 433 -13.74 62.69 20.41
C ARG E 433 -13.20 61.65 21.38
N ARG E 434 -13.69 60.41 21.31
CA ARG E 434 -13.24 59.36 22.18
C ARG E 434 -11.82 58.91 21.90
N TYR E 435 -11.42 58.82 20.63
CA TYR E 435 -10.07 58.42 20.32
C TYR E 435 -9.11 59.36 21.01
N PHE E 436 -9.39 60.65 20.95
CA PHE E 436 -8.49 61.56 21.61
C PHE E 436 -8.47 61.37 23.12
N ASN E 437 -9.61 61.15 23.77
CA ASN E 437 -9.52 60.96 25.22
C ASN E 437 -8.75 59.70 25.55
N TYR E 438 -8.89 58.68 24.70
CA TYR E 438 -8.17 57.44 24.87
C TYR E 438 -6.67 57.61 24.81
N LEU E 439 -6.19 58.32 23.79
CA LEU E 439 -4.77 58.49 23.68
C LEU E 439 -4.25 59.30 24.84
N GLU E 440 -5.00 60.31 25.26
CA GLU E 440 -4.51 61.14 26.34
C GLU E 440 -4.39 60.38 27.64
N GLU E 441 -5.36 59.54 27.96
CA GLU E 441 -5.21 58.87 29.22
C GLU E 441 -3.96 58.02 29.25
N SER E 442 -3.73 57.24 28.20
CA SER E 442 -2.59 56.34 28.24
C SER E 442 -1.25 57.05 28.15
N ILE E 443 -1.14 58.11 27.34
CA ILE E 443 0.16 58.72 27.21
C ILE E 443 0.52 59.51 28.45
N LEU E 444 -0.47 60.15 29.08
CA LEU E 444 -0.22 60.94 30.27
C LEU E 444 0.15 60.07 31.45
N ILE E 445 -0.45 58.89 31.56
CA ILE E 445 -0.04 58.03 32.65
C ILE E 445 1.36 57.52 32.38
N GLY E 446 1.63 57.09 31.16
CA GLY E 446 2.93 56.56 30.82
C GLY E 446 4.06 57.51 31.15
N THR E 447 4.08 58.70 30.54
CA THR E 447 5.20 59.61 30.81
C THR E 447 4.93 60.45 32.03
N GLN E 448 4.95 59.81 33.17
CA GLN E 448 4.68 60.50 34.41
C GLN E 448 5.91 60.66 35.26
N TRP E 449 6.51 61.83 35.18
CA TRP E 449 7.70 62.15 35.95
C TRP E 449 7.28 63.32 36.81
N VAL E 450 7.74 63.37 38.04
CA VAL E 450 7.32 64.46 38.91
C VAL E 450 8.46 65.31 39.41
N VAL E 451 8.23 66.63 39.28
CA VAL E 451 9.19 67.66 39.60
C VAL E 451 10.23 67.53 38.54
N PHE E 452 10.25 68.52 37.64
CA PHE E 452 11.22 68.54 36.57
C PHE E 452 12.53 69.03 37.17
N GLU E 453 13.61 68.31 36.89
CA GLU E 453 14.92 68.70 37.42
C GLU E 453 15.50 69.85 36.62
N PRO E 454 16.29 69.54 35.59
CA PRO E 454 16.88 70.58 34.76
C PRO E 454 16.37 70.55 33.33
N ASN E 455 15.88 71.69 32.83
CA ASN E 455 15.43 71.81 31.47
C ASN E 455 16.68 71.46 30.68
N ASP E 456 16.58 70.42 29.89
CA ASP E 456 17.72 69.85 29.22
C ASP E 456 17.31 69.04 28.02
N HIS E 457 18.15 69.08 26.98
CA HIS E 457 17.86 68.30 25.75
C HIS E 457 17.75 66.81 26.07
N ASN E 458 18.49 66.32 27.07
CA ASN E 458 18.45 64.90 27.31
C ASN E 458 17.04 64.47 27.66
N LEU E 459 16.24 65.36 28.26
CA LEU E 459 14.90 64.96 28.61
C LEU E 459 14.06 65.02 27.39
N TRP E 460 14.37 65.98 26.53
CA TRP E 460 13.58 66.11 25.32
C TRP E 460 13.78 64.84 24.52
N ALA E 461 15.02 64.37 24.45
CA ALA E 461 15.24 63.16 23.68
C ALA E 461 14.49 61.98 24.26
N ARG E 462 14.42 61.85 25.59
CA ARG E 462 13.71 60.73 26.15
C ARG E 462 12.23 60.79 25.80
N ILE E 463 11.68 61.99 25.84
CA ILE E 463 10.28 62.17 25.55
C ILE E 463 9.94 61.92 24.10
N ARG E 464 10.74 62.46 23.17
CA ARG E 464 10.39 62.26 21.78
C ARG E 464 10.42 60.81 21.44
N ARG E 465 11.41 60.12 21.99
CA ARG E 465 11.53 58.73 21.66
C ARG E 465 10.36 57.95 22.22
N ASN E 466 9.92 58.25 23.44
CA ASN E 466 8.81 57.52 24.00
C ASN E 466 7.47 57.78 23.34
N VAL E 467 7.23 59.01 22.90
CA VAL E 467 5.94 59.27 22.29
C VAL E 467 5.86 58.57 20.96
N SER E 468 6.93 58.64 20.16
CA SER E 468 6.89 58.00 18.88
C SER E 468 6.75 56.49 19.03
N ALA E 469 7.47 55.89 19.98
CA ALA E 469 7.35 54.44 20.14
C ALA E 469 5.92 54.05 20.44
N PHE E 470 5.22 54.86 21.23
CA PHE E 470 3.81 54.61 21.53
C PHE E 470 2.90 54.71 20.31
N LEU E 471 3.05 55.79 19.54
CA LEU E 471 2.18 56.06 18.40
C LEU E 471 2.44 55.21 17.16
N VAL E 472 3.65 54.71 16.96
CA VAL E 472 3.87 53.96 15.74
C VAL E 472 2.98 52.73 15.69
N ASN E 473 2.61 52.17 16.83
CA ASN E 473 1.72 51.03 16.82
C ASN E 473 0.31 51.37 16.37
N GLU E 474 -0.13 52.62 16.50
CA GLU E 474 -1.45 52.95 16.06
C GLU E 474 -1.43 52.89 14.54
N TRP E 475 -0.28 53.29 13.96
CA TRP E 475 -0.05 53.18 12.53
C TRP E 475 0.12 51.75 12.03
N ARG E 476 0.89 50.95 12.77
CA ARG E 476 1.13 49.56 12.36
C ARG E 476 -0.19 48.80 12.38
N ASN E 477 -1.03 49.15 13.35
CA ASN E 477 -2.34 48.59 13.52
C ASN E 477 -3.25 49.42 12.62
N GLY E 478 -4.53 49.13 12.57
CA GLY E 478 -5.38 49.88 11.64
C GLY E 478 -5.94 51.24 12.09
N ALA E 479 -5.59 51.72 13.29
CA ALA E 479 -6.17 52.97 13.81
C ALA E 479 -5.85 54.24 12.99
N LEU E 480 -4.64 54.36 12.43
CA LEU E 480 -4.28 55.59 11.71
C LEU E 480 -4.27 55.50 10.20
N PHE E 481 -4.37 56.66 9.58
CA PHE E 481 -4.31 56.78 8.13
C PHE E 481 -2.92 57.14 7.69
N GLY E 482 -2.51 56.68 6.51
CA GLY E 482 -1.21 57.04 5.92
C GLY E 482 -0.42 55.82 5.48
N GLN E 483 0.45 56.01 4.50
CA GLN E 483 1.28 54.93 3.95
C GLN E 483 2.49 54.59 4.79
N SER E 484 2.84 55.46 5.70
CA SER E 484 4.00 55.31 6.55
C SER E 484 3.84 56.25 7.76
N PRO E 485 4.56 56.03 8.88
CA PRO E 485 4.60 56.86 10.07
C PRO E 485 4.87 58.32 9.73
N ASP E 486 5.62 58.51 8.65
CA ASP E 486 6.00 59.81 8.15
C ASP E 486 4.79 60.70 7.96
N GLN E 487 3.69 60.13 7.53
CA GLN E 487 2.51 60.90 7.29
C GLN E 487 1.49 60.64 8.38
N ALA E 488 1.52 59.43 8.94
CA ALA E 488 0.52 59.03 9.91
C ALA E 488 0.55 59.80 11.22
N TYR E 489 1.72 60.23 11.70
CA TYR E 489 1.73 61.00 12.95
C TYR E 489 2.96 61.89 13.04
N TYR E 490 2.94 62.84 13.97
CA TYR E 490 4.08 63.78 14.10
C TYR E 490 4.41 64.09 15.57
N VAL E 491 5.70 64.00 15.94
CA VAL E 491 6.13 64.37 17.29
C VAL E 491 7.25 65.40 17.29
N LYS E 492 7.10 66.50 18.04
CA LYS E 492 8.13 67.51 18.16
C LYS E 492 8.39 67.99 19.58
N CYS E 493 9.65 67.96 20.00
CA CYS E 493 10.03 68.44 21.33
C CYS E 493 11.50 68.82 21.31
N ASP E 494 11.73 70.09 21.20
CA ASP E 494 13.05 70.68 21.04
C ASP E 494 13.01 72.11 21.57
N GLU E 495 14.09 72.85 21.39
CA GLU E 495 14.19 74.21 21.92
C GLU E 495 13.18 75.20 21.37
N GLU E 496 12.44 74.86 20.31
CA GLU E 496 11.46 75.81 19.84
C GLU E 496 10.10 75.61 20.48
N THR E 497 9.97 74.57 21.32
CA THR E 497 8.69 74.35 21.98
C THR E 497 9.04 74.66 23.42
N ASN E 498 10.34 74.55 23.69
CA ASN E 498 10.94 74.77 24.99
C ASN E 498 12.05 75.81 24.88
N PRO E 499 11.70 77.11 24.69
CA PRO E 499 12.58 78.22 24.40
C PRO E 499 13.49 78.53 25.58
N PRO E 500 14.60 79.29 25.34
CA PRO E 500 15.65 79.67 26.26
C PRO E 500 15.23 80.25 27.59
N GLU E 501 14.08 80.91 27.67
CA GLU E 501 13.70 81.47 28.97
C GLU E 501 13.70 80.35 30.00
N SER E 502 13.31 79.13 29.60
CA SER E 502 13.36 77.98 30.47
C SER E 502 12.74 78.27 31.82
N VAL E 503 11.57 78.87 31.85
CA VAL E 503 11.03 79.20 33.14
C VAL E 503 10.25 78.07 33.71
N ASP E 504 10.74 77.54 34.80
CA ASP E 504 10.13 76.44 35.49
C ASP E 504 9.76 75.30 34.53
N LEU E 505 8.48 74.89 34.46
CA LEU E 505 8.17 73.79 33.58
C LEU E 505 8.37 74.04 32.11
N GLY E 506 9.07 73.09 31.50
CA GLY E 506 9.33 73.02 30.08
C GLY E 506 8.48 71.86 29.62
N ARG E 507 9.11 70.81 29.09
CA ARG E 507 8.38 69.59 28.68
C ARG E 507 7.22 69.95 27.75
N VAL E 508 7.45 70.82 26.75
CA VAL E 508 6.40 71.11 25.80
C VAL E 508 6.53 70.16 24.61
N VAL E 509 5.49 69.37 24.34
CA VAL E 509 5.59 68.43 23.23
C VAL E 509 4.49 68.68 22.22
N CYS E 510 4.83 68.95 20.99
CA CYS E 510 3.78 69.20 20.03
C CYS E 510 3.49 67.93 19.28
N GLU E 511 2.20 67.63 19.07
CA GLU E 511 1.87 66.39 18.38
C GLU E 511 0.77 66.51 17.33
N ILE E 512 0.92 65.75 16.26
CA ILE E 512 -0.11 65.76 15.23
C ILE E 512 -0.75 64.39 15.18
N GLY E 513 -2.08 64.39 15.19
CA GLY E 513 -2.83 63.16 15.11
C GLY E 513 -2.98 62.89 13.64
N ILE E 514 -4.16 63.07 13.09
CA ILE E 514 -4.28 62.79 11.66
C ILE E 514 -4.16 64.14 10.95
N ALA E 515 -5.22 64.93 10.99
CA ALA E 515 -5.15 66.33 10.59
C ALA E 515 -4.94 67.29 11.79
N PRO E 516 -5.67 67.16 12.94
CA PRO E 516 -5.63 68.09 14.04
C PRO E 516 -4.34 68.02 14.79
N VAL E 517 -4.01 69.13 15.43
CA VAL E 517 -2.78 69.24 16.16
C VAL E 517 -3.04 69.56 17.64
N LYS E 518 -2.29 68.91 18.56
CA LYS E 518 -2.32 69.10 20.01
C LYS E 518 -1.08 69.95 20.37
N MET F 1 6.39 47.26 -8.57
CA MET F 1 6.30 46.45 -9.79
C MET F 1 6.50 47.34 -11.04
N SER F 2 7.65 48.06 -11.09
CA SER F 2 8.06 48.98 -12.17
C SER F 2 8.57 48.28 -13.43
N LEU F 3 8.92 47.03 -13.28
CA LEU F 3 9.52 46.20 -14.30
C LEU F 3 8.74 44.91 -14.43
N PRO F 4 8.81 44.20 -15.57
CA PRO F 4 8.29 42.84 -15.76
C PRO F 4 9.07 41.78 -14.96
N LYS F 5 10.28 42.15 -14.50
CA LYS F 5 11.19 41.17 -13.82
C LYS F 5 10.73 40.70 -12.42
N PRO F 6 10.17 41.53 -11.53
CA PRO F 6 9.71 41.06 -10.21
C PRO F 6 8.52 40.16 -10.23
N GLU F 7 8.36 39.48 -9.12
CA GLU F 7 7.27 38.58 -8.86
C GLU F 7 6.74 38.89 -7.51
N ASP F 8 5.50 38.55 -7.26
CA ASP F 8 4.97 38.75 -5.94
C ASP F 8 5.78 37.93 -4.96
N VAL F 9 6.01 38.50 -3.80
CA VAL F 9 6.78 37.93 -2.71
C VAL F 9 5.89 37.74 -1.51
N LEU F 10 6.30 36.91 -0.57
CA LEU F 10 5.55 36.67 0.65
C LEU F 10 5.71 37.82 1.62
N VAL F 11 5.09 38.92 1.23
CA VAL F 11 5.13 40.19 1.90
C VAL F 11 4.04 40.30 2.93
N ALA F 12 2.82 40.01 2.54
CA ALA F 12 1.72 40.21 3.45
C ALA F 12 0.46 39.48 3.06
N PRO F 13 0.37 38.17 3.20
CA PRO F 13 -0.84 37.50 2.87
C PRO F 13 -1.84 37.95 3.91
N ASN F 14 -3.08 38.30 3.53
CA ASN F 14 -4.05 38.68 4.61
C ASN F 14 -5.46 38.24 4.23
N PHE F 15 -6.43 38.38 5.16
CA PHE F 15 -7.78 37.85 4.83
C PHE F 15 -9.02 38.68 5.20
N GLY F 16 -9.93 38.84 4.24
CA GLY F 16 -11.25 39.41 4.44
C GLY F 16 -12.09 38.31 5.06
N ILE F 17 -12.62 38.57 6.24
CA ILE F 17 -13.41 37.58 6.99
C ILE F 17 -14.27 38.26 8.08
N GLN F 18 -15.48 37.79 8.40
CA GLN F 18 -16.27 38.52 9.45
C GLN F 18 -15.79 38.06 10.82
N ILE F 19 -15.22 36.87 10.89
CA ILE F 19 -14.69 36.21 12.08
C ILE F 19 -13.30 36.76 12.31
N ASP F 20 -12.99 37.20 13.52
CA ASP F 20 -11.74 37.93 13.73
C ASP F 20 -10.40 37.21 13.75
N GLY F 21 -10.04 36.73 12.58
CA GLY F 21 -8.76 36.10 12.28
C GLY F 21 -7.81 37.24 11.98
N VAL F 22 -7.54 38.05 13.01
CA VAL F 22 -6.80 39.28 12.87
C VAL F 22 -5.31 39.08 12.56
N MET F 23 -4.63 38.15 13.24
CA MET F 23 -3.20 37.92 12.95
C MET F 23 -3.00 36.46 12.58
N VAL F 24 -2.19 36.21 11.55
CA VAL F 24 -1.93 34.84 11.07
C VAL F 24 -0.46 34.53 10.84
N GLU F 25 -0.13 33.22 10.73
CA GLU F 25 1.22 32.85 10.32
C GLU F 25 1.26 32.53 8.83
N TYR F 26 0.36 31.63 8.39
CA TYR F 26 0.41 31.22 6.98
C TYR F 26 -0.84 30.63 6.37
N LEU F 27 -0.84 30.61 5.05
CA LEU F 27 -1.87 29.99 4.22
C LEU F 27 -1.31 28.94 3.26
N ASN F 28 -1.92 27.76 3.21
CA ASN F 28 -1.43 26.73 2.29
C ASN F 28 -2.56 25.92 1.63
N SER F 29 -2.16 24.98 0.77
CA SER F 29 -3.00 24.08 -0.01
C SER F 29 -4.04 24.77 -0.89
N VAL F 30 -3.63 25.79 -1.62
CA VAL F 30 -4.53 26.50 -2.51
C VAL F 30 -4.33 26.11 -3.99
N SER F 31 -5.37 25.57 -4.61
CA SER F 31 -5.29 25.12 -6.00
C SER F 31 -6.62 25.22 -6.75
N ASN F 32 -6.50 25.28 -8.08
CA ASN F 32 -7.61 25.33 -9.04
C ASN F 32 -7.61 24.15 -10.03
N LEU F 33 -8.54 23.21 -9.88
CA LEU F 33 -8.56 22.02 -10.75
C LEU F 33 -9.80 21.72 -11.58
N GLN F 34 -9.58 21.57 -12.87
CA GLN F 34 -10.60 21.19 -13.83
C GLN F 34 -10.32 19.71 -14.14
N ILE F 35 -11.31 18.85 -13.96
CA ILE F 35 -11.14 17.42 -14.15
C ILE F 35 -11.16 17.05 -15.62
N GLU F 36 -10.20 16.23 -16.08
CA GLU F 36 -10.20 15.82 -17.48
C GLU F 36 -10.87 14.45 -17.64
N GLN F 37 -10.95 13.98 -18.88
CA GLN F 37 -11.53 12.68 -19.18
C GLN F 37 -10.78 12.06 -20.33
N ASP F 38 -10.74 10.73 -20.39
CA ASP F 38 -9.94 10.03 -21.39
C ASP F 38 -10.62 8.87 -22.11
N VAL F 39 -10.87 9.01 -23.42
CA VAL F 39 -11.49 7.92 -24.16
C VAL F 39 -10.67 7.44 -25.37
N ILE F 40 -10.61 6.13 -25.56
CA ILE F 40 -9.85 5.59 -26.69
C ILE F 40 -10.79 4.93 -27.69
N ARG F 41 -10.64 5.27 -28.96
CA ARG F 41 -11.46 4.66 -30.02
C ARG F 41 -10.65 4.09 -31.17
N TYR F 42 -11.26 3.21 -31.95
CA TYR F 42 -10.63 2.65 -33.13
C TYR F 42 -11.07 3.53 -34.31
N GLN F 43 -10.21 3.75 -35.29
CA GLN F 43 -10.56 4.61 -36.42
C GLN F 43 -11.54 4.14 -37.49
N GLN F 44 -12.08 5.14 -38.18
CA GLN F 44 -13.09 5.01 -39.22
C GLN F 44 -12.96 4.00 -40.38
N ASN F 45 -12.95 2.70 -40.07
CA ASN F 45 -13.04 1.65 -41.10
C ASN F 45 -11.89 1.81 -42.09
N GLN F 46 -10.66 1.92 -41.59
CA GLN F 46 -9.53 2.00 -42.49
C GLN F 46 -8.25 1.64 -41.78
N GLY F 47 -7.16 1.55 -42.54
CA GLY F 47 -5.86 1.18 -41.99
C GLY F 47 -5.09 2.29 -41.25
N THR F 48 -5.72 2.91 -40.26
CA THR F 48 -5.06 3.95 -39.46
C THR F 48 -5.30 3.61 -38.00
N THR F 49 -4.57 4.27 -37.11
CA THR F 49 -4.64 3.94 -35.70
C THR F 49 -5.82 4.55 -35.07
N GLY F 50 -6.05 4.14 -33.84
CA GLY F 50 -7.13 4.72 -33.12
C GLY F 50 -6.74 6.09 -32.67
N ARG F 51 -7.67 6.72 -31.96
CA ARG F 51 -7.48 8.06 -31.46
C ARG F 51 -7.76 8.15 -29.97
N ASN F 52 -7.15 9.16 -29.38
CA ASN F 52 -7.31 9.47 -27.98
C ASN F 52 -7.96 10.79 -27.78
N ASN F 53 -9.15 10.80 -27.21
CA ASN F 53 -9.80 12.07 -27.02
C ASN F 53 -9.69 12.49 -25.56
N VAL F 54 -8.89 13.54 -25.37
CA VAL F 54 -8.57 14.11 -24.09
C VAL F 54 -8.97 15.57 -24.03
N THR F 55 -9.90 15.95 -24.89
CA THR F 55 -10.41 17.32 -25.01
C THR F 55 -11.79 17.38 -24.39
N LEU F 56 -12.12 16.31 -23.72
CA LEU F 56 -13.35 16.12 -23.03
C LEU F 56 -13.21 16.97 -21.78
N MET F 57 -14.27 17.60 -21.32
CA MET F 57 -14.15 18.50 -20.17
C MET F 57 -15.22 18.41 -19.07
N PRO F 58 -15.07 17.49 -18.10
CA PRO F 58 -15.89 17.28 -16.90
C PRO F 58 -15.82 18.50 -15.99
N GLY F 59 -16.57 18.50 -14.90
CA GLY F 59 -16.66 19.68 -14.05
C GLY F 59 -15.42 20.00 -13.20
N VAL F 60 -15.60 21.04 -12.40
CA VAL F 60 -14.58 21.63 -11.56
C VAL F 60 -14.57 21.09 -10.14
N ALA F 61 -13.39 20.78 -9.66
CA ALA F 61 -13.14 20.23 -8.35
C ALA F 61 -13.23 21.29 -7.25
N LYS F 62 -13.46 20.82 -6.03
CA LYS F 62 -13.57 21.64 -4.83
C LYS F 62 -12.63 21.10 -3.76
N ASP F 63 -12.20 21.93 -2.82
CA ASP F 63 -11.28 21.49 -1.77
C ASP F 63 -11.31 22.44 -0.57
N GLY F 64 -10.29 22.34 0.28
CA GLY F 64 -10.16 23.17 1.46
C GLY F 64 -8.76 23.72 1.59
N SER F 65 -8.64 24.87 2.27
CA SER F 65 -7.35 25.51 2.46
C SER F 65 -6.92 25.56 3.92
N VAL F 66 -5.69 25.14 4.18
CA VAL F 66 -5.14 25.14 5.54
C VAL F 66 -4.84 26.57 5.99
N GLN F 67 -5.21 26.88 7.23
CA GLN F 67 -5.00 28.21 7.78
C GLN F 67 -4.31 28.11 9.11
N VAL F 68 -3.16 28.75 9.27
CA VAL F 68 -2.51 28.66 10.55
C VAL F 68 -2.42 29.96 11.28
N GLU F 69 -2.99 29.92 12.46
CA GLU F 69 -3.06 31.01 13.40
C GLU F 69 -1.79 30.84 14.17
N ARG F 70 -1.10 31.94 14.45
CA ARG F 70 0.17 31.82 15.12
C ARG F 70 0.10 30.97 16.37
N GLY F 71 -0.94 31.12 17.16
CA GLY F 71 -1.00 30.32 18.34
C GLY F 71 -2.18 30.63 19.19
N MET F 72 -2.30 29.86 20.25
CA MET F 72 -3.41 30.03 21.14
C MET F 72 -3.27 31.29 21.94
N SER F 73 -4.41 31.89 22.23
CA SER F 73 -4.54 33.09 23.02
C SER F 73 -5.87 32.96 23.73
N GLN F 74 -6.22 33.94 24.52
CA GLN F 74 -7.47 33.89 25.28
C GLN F 74 -8.71 34.14 24.42
N SER F 75 -8.55 34.60 23.17
CA SER F 75 -9.72 34.91 22.35
C SER F 75 -10.15 33.73 21.49
N SER F 76 -11.27 33.12 21.86
CA SER F 76 -11.74 31.89 21.20
C SER F 76 -12.58 32.12 19.95
N VAL F 77 -11.94 32.72 18.96
CA VAL F 77 -12.59 33.08 17.72
C VAL F 77 -12.91 31.88 16.86
N PHE F 78 -11.91 31.03 16.65
CA PHE F 78 -12.10 29.83 15.79
C PHE F 78 -12.91 28.77 16.55
N THR F 79 -12.76 28.71 17.88
CA THR F 79 -13.45 27.68 18.57
C THR F 79 -14.94 27.91 18.42
N GLN F 80 -15.39 29.15 18.56
CA GLN F 80 -16.82 29.29 18.40
C GLN F 80 -17.28 29.01 16.99
N TRP F 81 -16.47 29.36 15.98
CA TRP F 81 -16.93 29.07 14.63
C TRP F 81 -17.20 27.57 14.49
N ILE F 82 -16.29 26.74 14.97
CA ILE F 82 -16.56 25.31 14.86
C ILE F 82 -17.73 24.89 15.74
N ASN F 83 -17.92 25.51 16.91
CA ASN F 83 -19.05 25.14 17.73
C ASN F 83 -20.38 25.40 17.04
N ASP F 84 -20.48 26.50 16.29
CA ASP F 84 -21.75 26.80 15.63
C ASP F 84 -22.11 25.75 14.60
N SER F 85 -21.12 25.27 13.86
CA SER F 85 -21.40 24.24 12.89
C SER F 85 -21.71 22.90 13.56
N MET F 86 -21.02 22.58 14.66
CA MET F 86 -21.28 21.30 15.34
C MET F 86 -22.69 21.27 15.89
N ALA F 87 -23.18 22.44 16.29
CA ALA F 87 -24.50 22.62 16.85
C ALA F 87 -25.61 22.46 15.82
N GLY F 88 -25.28 22.45 14.53
CA GLY F 88 -26.27 22.30 13.47
C GLY F 88 -26.69 23.57 12.70
N ARG F 89 -26.06 24.72 12.93
CA ARG F 89 -26.47 25.87 12.14
C ARG F 89 -25.61 25.92 10.89
N MET F 90 -26.17 26.28 9.75
CA MET F 90 -25.33 26.38 8.55
C MET F 90 -24.58 27.72 8.59
N ALA F 91 -23.62 27.79 9.50
CA ALA F 91 -22.84 28.97 9.82
C ALA F 91 -21.66 29.14 8.91
N THR F 92 -21.95 29.40 7.65
CA THR F 92 -20.91 29.51 6.65
C THR F 92 -20.61 30.97 6.38
N ALA F 93 -19.51 31.24 5.69
CA ALA F 93 -19.20 32.62 5.35
C ALA F 93 -18.28 32.76 4.15
N ARG F 94 -18.36 33.92 3.48
CA ARG F 94 -17.49 34.29 2.37
C ARG F 94 -16.11 34.75 2.85
N LYS F 95 -15.06 34.37 2.13
CA LYS F 95 -13.70 34.82 2.48
C LYS F 95 -12.89 35.34 1.32
N ASN F 96 -11.92 36.19 1.64
CA ASN F 96 -11.02 36.72 0.61
C ASN F 96 -9.54 36.64 0.94
N ALA F 97 -8.80 35.83 0.18
CA ALA F 97 -7.36 35.67 0.42
C ALA F 97 -6.61 36.66 -0.46
N THR F 98 -5.88 37.59 0.18
CA THR F 98 -5.21 38.66 -0.56
C THR F 98 -3.69 38.56 -0.63
N ILE F 99 -3.14 38.75 -1.82
CA ILE F 99 -1.70 38.80 -2.07
C ILE F 99 -1.27 40.22 -2.34
N ILE F 100 -0.27 40.66 -1.57
CA ILE F 100 0.21 42.03 -1.53
C ILE F 100 1.65 42.23 -2.00
N VAL F 101 1.87 43.36 -2.67
CA VAL F 101 3.13 43.80 -3.25
C VAL F 101 4.11 44.41 -2.26
N MET F 102 5.38 44.45 -2.65
CA MET F 102 6.48 44.98 -1.86
C MET F 102 6.05 46.30 -1.23
N ASP F 103 5.54 47.20 -2.06
CA ASP F 103 4.93 48.43 -1.58
C ASP F 103 3.51 48.02 -1.35
N TYR F 104 3.19 47.82 -0.10
CA TYR F 104 1.98 47.22 0.36
C TYR F 104 0.69 47.89 -0.02
N GLU F 105 0.74 49.15 -0.43
CA GLU F 105 -0.53 49.76 -0.81
C GLU F 105 -1.07 49.12 -2.08
N ASP F 106 -0.21 48.48 -2.85
CA ASP F 106 -0.55 47.80 -4.08
C ASP F 106 -0.99 46.36 -3.74
N ASN F 107 -2.27 46.03 -4.00
CA ASN F 107 -2.86 44.74 -3.61
C ASN F 107 -3.51 44.03 -4.80
N PRO F 108 -2.72 43.57 -5.81
CA PRO F 108 -3.17 43.07 -7.09
C PRO F 108 -3.87 41.72 -7.17
N VAL F 109 -3.72 40.81 -6.21
CA VAL F 109 -4.38 39.53 -6.44
C VAL F 109 -5.27 39.11 -5.31
N LYS F 110 -6.50 38.80 -5.64
CA LYS F 110 -7.43 38.35 -4.63
C LYS F 110 -8.18 37.11 -5.05
N ARG F 111 -8.37 36.20 -4.12
CA ARG F 111 -9.16 35.01 -4.38
C ARG F 111 -10.38 34.91 -3.51
N TRP F 112 -11.51 34.79 -4.17
CA TRP F 112 -12.80 34.70 -3.53
C TRP F 112 -13.18 33.28 -3.21
N ASN F 113 -13.47 33.06 -1.96
CA ASN F 113 -13.93 31.78 -1.50
C ASN F 113 -15.42 31.88 -1.26
N LEU F 114 -16.08 30.86 -1.82
CA LEU F 114 -17.55 30.79 -1.77
C LEU F 114 -18.14 30.95 -0.37
N ARG F 115 -19.30 31.57 -0.32
CA ARG F 115 -20.10 31.81 0.89
C ARG F 115 -20.46 30.59 1.69
N ASN F 116 -20.29 29.44 1.12
CA ASN F 116 -20.60 28.23 1.79
C ASN F 116 -19.39 27.68 2.53
N ALA F 117 -18.29 28.41 2.55
CA ALA F 117 -17.12 27.92 3.26
C ALA F 117 -17.36 27.79 4.77
N TRP F 118 -16.77 26.72 5.35
CA TRP F 118 -16.93 26.48 6.81
C TRP F 118 -15.74 25.73 7.41
N CYS F 119 -15.58 25.77 8.73
CA CYS F 119 -14.50 25.10 9.46
C CYS F 119 -14.83 23.70 9.97
N SER F 120 -14.03 22.72 9.56
CA SER F 120 -14.25 21.33 10.00
C SER F 120 -13.27 20.90 11.08
N LYS F 121 -12.10 21.52 11.13
CA LYS F 121 -11.13 21.12 12.17
C LYS F 121 -10.44 22.22 12.90
N VAL F 122 -10.19 21.92 14.17
CA VAL F 122 -9.28 22.72 14.96
C VAL F 122 -8.22 21.77 15.56
N VAL F 123 -6.96 21.98 15.24
CA VAL F 123 -5.92 21.07 15.73
C VAL F 123 -4.86 21.77 16.56
N ALA F 124 -4.60 21.23 17.75
CA ALA F 124 -3.62 21.76 18.68
C ALA F 124 -2.22 21.31 18.34
N GLY F 125 -1.22 22.06 18.77
CA GLY F 125 0.17 21.64 18.59
C GLY F 125 0.56 20.71 19.74
N THR F 126 1.82 20.31 19.80
CA THR F 126 2.33 19.41 20.85
C THR F 126 2.78 20.21 22.05
N LEU F 127 2.47 19.75 23.26
CA LEU F 127 2.95 20.46 24.43
C LEU F 127 3.96 19.64 25.21
N LYS F 128 5.24 19.97 25.08
CA LYS F 128 6.32 19.22 25.72
C LYS F 128 7.30 20.10 26.48
N ALA F 129 7.59 19.71 27.72
CA ALA F 129 8.45 20.52 28.55
C ALA F 129 9.81 20.73 27.93
N GLY F 130 10.23 21.99 27.89
CA GLY F 130 11.53 22.36 27.38
C GLY F 130 11.66 22.50 25.87
N ASP F 131 10.60 22.23 25.09
CA ASP F 131 10.81 22.29 23.64
C ASP F 131 11.28 23.61 23.11
N THR F 132 10.87 24.71 23.73
CA THR F 132 11.34 26.04 23.38
C THR F 132 10.91 26.61 22.01
N ASN F 133 11.16 25.87 20.95
CA ASN F 133 10.82 26.35 19.61
C ASN F 133 9.46 25.89 19.17
N ALA F 134 8.77 25.24 20.08
CA ALA F 134 7.41 24.77 19.87
C ALA F 134 6.58 25.80 20.59
N LEU F 135 5.71 26.49 19.85
CA LEU F 135 5.00 27.63 20.42
C LEU F 135 3.47 27.62 20.30
N THR F 136 2.85 26.50 20.63
CA THR F 136 1.40 26.29 20.64
C THR F 136 0.64 26.90 19.45
N GLU F 137 0.94 26.44 18.24
CA GLU F 137 0.30 26.89 17.01
C GLU F 137 -1.08 26.26 16.91
N THR F 138 -2.01 26.86 16.14
CA THR F 138 -3.27 26.17 15.93
C THR F 138 -3.52 26.03 14.45
N ILE F 139 -4.08 24.90 14.06
CA ILE F 139 -4.35 24.71 12.65
C ILE F 139 -5.84 24.70 12.42
N THR F 140 -6.31 25.52 11.51
CA THR F 140 -7.72 25.56 11.21
C THR F 140 -7.96 25.05 9.80
N ILE F 141 -8.88 24.10 9.66
CA ILE F 141 -9.16 23.58 8.33
C ILE F 141 -10.52 24.01 7.84
N VAL F 142 -10.51 24.73 6.72
CA VAL F 142 -11.71 25.30 6.12
C VAL F 142 -12.01 24.74 4.75
N PHE F 143 -13.25 24.31 4.56
CA PHE F 143 -13.66 23.74 3.26
C PHE F 143 -14.11 24.85 2.32
N GLU F 144 -13.55 24.90 1.12
CA GLU F 144 -13.92 25.89 0.13
C GLU F 144 -14.53 25.28 -1.13
N GLU F 145 -15.86 25.37 -1.20
CA GLU F 145 -16.64 24.81 -2.29
C GLU F 145 -16.22 25.32 -3.65
N LEU F 146 -15.92 26.59 -3.73
CA LEU F 146 -15.56 27.21 -4.98
C LEU F 146 -14.58 28.35 -4.81
N VAL F 147 -13.50 28.30 -5.58
CA VAL F 147 -12.51 29.37 -5.50
C VAL F 147 -12.39 30.07 -6.84
N VAL F 148 -12.59 31.38 -6.82
CA VAL F 148 -12.54 32.21 -8.02
C VAL F 148 -11.54 33.35 -7.86
N GLU F 149 -10.64 33.57 -8.84
CA GLU F 149 -9.66 34.68 -8.81
C GLU F 149 -10.39 36.04 -8.80
N MET G 1 24.94 83.89 51.43
CA MET G 1 26.36 83.98 51.70
C MET G 1 26.64 83.73 53.21
N PRO G 2 26.53 82.44 53.74
CA PRO G 2 26.81 82.04 55.11
C PRO G 2 28.30 82.07 55.29
N SER G 3 28.81 82.23 56.49
CA SER G 3 30.24 82.15 56.55
C SER G 3 30.71 80.75 56.23
N TYR G 4 31.75 80.71 55.43
CA TYR G 4 32.45 79.53 54.99
C TYR G 4 33.93 79.54 55.37
N LEU G 5 34.29 80.50 56.23
CA LEU G 5 35.67 80.65 56.69
C LEU G 5 36.08 79.52 57.60
N SER G 6 35.17 79.17 58.50
CA SER G 6 35.47 78.28 59.60
C SER G 6 34.24 77.66 60.24
N PRO G 7 34.40 76.54 60.98
CA PRO G 7 33.41 75.98 61.89
C PRO G 7 32.95 77.02 62.94
N GLY G 8 33.78 78.05 63.17
CA GLY G 8 33.51 79.13 64.10
C GLY G 8 34.62 80.17 63.95
N VAL G 9 34.28 81.44 64.13
CA VAL G 9 35.28 82.50 63.93
C VAL G 9 35.69 83.27 65.18
N TYR G 10 35.27 82.81 66.35
CA TYR G 10 35.64 83.53 67.55
C TYR G 10 36.48 82.69 68.47
N VAL G 11 35.99 81.52 68.85
CA VAL G 11 36.78 80.68 69.74
C VAL G 11 37.01 79.33 69.11
N GLU G 12 38.26 78.98 68.89
CA GLU G 12 38.52 77.71 68.26
C GLU G 12 38.61 76.58 69.25
N GLU G 13 37.45 76.12 69.68
CA GLU G 13 37.42 75.06 70.69
C GLU G 13 37.63 73.72 70.00
N VAL G 14 38.86 73.52 69.50
CA VAL G 14 39.24 72.35 68.71
C VAL G 14 40.40 71.46 69.23
N ALA G 15 41.09 71.86 70.33
CA ALA G 15 42.27 71.17 70.89
C ALA G 15 41.84 69.98 71.75
N GLY G 28 32.05 58.40 60.30
CA GLY G 28 30.64 58.61 60.45
C GLY G 28 29.90 57.65 59.54
N VAL G 29 28.57 57.84 59.39
CA VAL G 29 27.65 57.03 58.56
C VAL G 29 26.99 57.81 57.44
N GLY G 30 27.31 59.09 57.33
CA GLY G 30 26.68 59.95 56.35
C GLY G 30 25.31 60.34 56.85
N THR G 31 24.43 60.79 55.98
CA THR G 31 23.10 61.25 56.39
C THR G 31 22.20 60.04 56.46
N SER G 32 22.56 59.11 57.31
CA SER G 32 21.92 57.82 57.48
C SER G 32 21.18 57.72 58.79
N VAL G 33 21.26 58.81 59.56
CA VAL G 33 20.65 58.88 60.86
C VAL G 33 19.86 60.16 61.10
N ALA G 34 18.90 60.03 62.02
CA ALA G 34 18.01 61.14 62.38
C ALA G 34 17.68 61.12 63.85
N ALA G 35 17.20 62.26 64.38
CA ALA G 35 16.81 62.32 65.77
C ALA G 35 15.31 62.43 65.97
N PHE G 36 14.82 61.59 66.84
CA PHE G 36 13.44 61.51 67.23
C PHE G 36 13.30 61.94 68.67
N VAL G 37 12.67 63.09 68.86
CA VAL G 37 12.56 63.65 70.18
C VAL G 37 11.15 63.56 70.69
N GLY G 38 10.95 62.87 71.79
CA GLY G 38 9.60 62.78 72.32
C GLY G 38 9.40 61.75 73.41
N LEU G 39 8.33 61.90 74.19
CA LEU G 39 8.07 60.95 75.30
C LEU G 39 8.13 59.52 74.74
N ALA G 40 8.62 58.58 75.55
CA ALA G 40 8.68 57.16 75.11
C ALA G 40 8.09 56.28 76.21
N PRO G 41 7.05 55.45 75.93
CA PRO G 41 6.49 54.54 76.91
C PRO G 41 7.60 53.56 77.33
N THR G 42 7.96 53.54 78.62
CA THR G 42 9.06 52.65 79.10
C THR G 42 10.27 52.82 78.18
N GLY G 43 10.60 54.07 77.83
CA GLY G 43 11.74 54.33 76.91
C GLY G 43 13.04 54.53 77.68
N PRO G 44 14.08 55.15 77.06
CA PRO G 44 15.38 55.33 77.71
C PRO G 44 15.33 56.45 78.75
N LEU G 45 16.50 56.92 79.20
CA LEU G 45 16.54 58.05 80.18
C LEU G 45 16.38 59.37 79.41
N ASN G 46 15.73 60.36 80.04
CA ASN G 46 15.48 61.62 79.34
C ASN G 46 16.61 62.30 78.54
N GLU G 47 17.82 62.33 79.12
CA GLU G 47 19.04 62.95 78.58
C GLU G 47 19.98 62.16 77.62
N PRO G 48 20.42 60.93 77.94
CA PRO G 48 21.43 60.18 77.21
C PRO G 48 20.90 59.65 75.91
N THR G 49 20.82 60.53 74.94
CA THR G 49 20.28 60.20 73.64
C THR G 49 20.99 58.96 73.10
N LEU G 50 20.21 57.98 72.70
CA LEU G 50 20.74 56.71 72.18
C LEU G 50 20.59 56.55 70.69
N VAL G 51 21.62 56.06 70.01
CA VAL G 51 21.43 55.81 68.59
C VAL G 51 21.54 54.35 68.20
N THR G 52 20.52 53.84 67.51
CA THR G 52 20.51 52.47 67.02
C THR G 52 19.48 52.17 65.93
N ASN G 53 19.41 50.89 65.53
CA ASN G 53 18.51 50.35 64.49
C ASN G 53 17.13 49.92 65.05
N TRP G 54 16.23 49.40 64.20
CA TRP G 54 14.91 49.01 64.71
C TRP G 54 14.95 47.89 65.74
N THR G 55 15.70 46.85 65.47
CA THR G 55 15.73 45.71 66.34
C THR G 55 16.09 46.09 67.78
N GLN G 56 17.12 46.91 67.94
CA GLN G 56 17.50 47.30 69.28
C GLN G 56 16.54 48.35 69.83
N TYR G 57 16.00 49.22 68.96
CA TYR G 57 15.05 50.22 69.39
C TYR G 57 13.93 49.55 70.10
N VAL G 58 13.40 48.47 69.54
CA VAL G 58 12.30 47.80 70.20
C VAL G 58 12.74 47.23 71.51
N ALA G 59 13.90 46.59 71.55
CA ALA G 59 14.34 46.02 72.83
C ALA G 59 14.40 47.08 73.93
N ALA G 60 14.80 48.30 73.55
CA ALA G 60 14.90 49.44 74.45
C ALA G 60 13.67 50.38 74.46
N PHE G 61 12.60 50.05 73.74
CA PHE G 61 11.43 50.96 73.63
C PHE G 61 10.08 50.29 73.95
N GLY G 62 9.86 49.07 73.47
CA GLY G 62 8.57 48.39 73.58
C GLY G 62 7.87 48.25 72.22
N ASP G 63 7.16 47.15 72.01
CA ASP G 63 6.51 46.90 70.72
C ASP G 63 5.15 47.59 70.60
N PHE G 64 5.17 48.92 70.49
CA PHE G 64 3.93 49.73 70.38
C PHE G 64 2.96 49.49 71.55
N THR G 65 3.48 49.12 72.72
CA THR G 65 2.61 48.71 73.81
C THR G 65 1.85 49.84 74.49
N GLY G 66 2.31 51.07 74.37
CA GLY G 66 1.58 52.16 74.99
C GLY G 66 0.52 52.71 74.04
N GLY G 67 0.46 52.18 72.78
CA GLY G 67 -0.49 52.68 71.78
C GLY G 67 -0.04 54.06 71.36
N TYR G 68 1.28 54.20 71.51
CA TYR G 68 1.88 55.54 71.36
C TYR G 68 2.63 55.77 70.05
N TYR G 69 2.71 57.05 69.66
CA TYR G 69 3.26 57.42 68.33
C TYR G 69 4.75 57.19 68.09
N LEU G 70 5.64 57.44 69.05
CA LEU G 70 7.03 57.35 68.61
C LEU G 70 7.33 56.00 68.00
N ALA G 71 6.60 54.95 68.37
CA ALA G 71 6.92 53.67 67.76
C ALA G 71 6.68 53.73 66.27
N HIS G 72 5.62 54.43 65.87
CA HIS G 72 5.24 54.49 64.44
C HIS G 72 6.25 55.33 63.64
N SER G 73 6.65 56.50 64.16
CA SER G 73 7.51 57.33 63.34
C SER G 73 8.87 56.68 63.19
N VAL G 74 9.32 55.96 64.21
CA VAL G 74 10.59 55.30 64.08
C VAL G 74 10.45 54.07 63.20
N TYR G 75 9.39 53.31 63.38
CA TYR G 75 9.17 52.16 62.55
C TYR G 75 9.10 52.56 61.10
N GLY G 76 8.33 53.62 60.80
CA GLY G 76 8.17 54.08 59.44
C GLY G 76 9.50 54.49 58.84
N PHE G 77 10.37 55.11 59.63
CA PHE G 77 11.68 55.46 59.15
C PHE G 77 12.44 54.23 58.71
N PHE G 78 12.61 53.28 59.64
CA PHE G 78 13.37 52.04 59.32
C PHE G 78 12.60 51.24 58.27
N ASN G 79 11.27 51.36 58.27
CA ASN G 79 10.45 50.67 57.24
C ASN G 79 10.81 51.24 55.86
N ASN G 80 11.25 52.50 55.83
CA ASN G 80 11.58 53.16 54.54
C ASN G 80 13.10 53.16 54.34
N GLY G 81 13.84 53.87 55.21
CA GLY G 81 15.30 53.94 55.09
C GLY G 81 15.98 54.52 56.32
N GLY G 82 17.31 54.35 56.45
CA GLY G 82 18.05 54.91 57.59
C GLY G 82 18.60 53.81 58.48
N SER G 83 19.93 53.75 58.65
CA SER G 83 20.53 52.68 59.43
C SER G 83 20.32 52.82 60.92
N ALA G 84 20.11 54.03 61.39
CA ALA G 84 19.95 54.22 62.82
C ALA G 84 19.31 55.55 63.12
N ALA G 85 18.85 55.67 64.33
CA ALA G 85 18.34 56.95 64.74
C ALA G 85 18.59 57.17 66.20
N TYR G 86 18.70 58.44 66.54
CA TYR G 86 18.92 58.95 67.87
C TYR G 86 17.59 59.16 68.56
N VAL G 87 17.42 58.60 69.74
CA VAL G 87 16.16 58.80 70.44
C VAL G 87 16.34 59.51 71.76
N VAL G 88 15.55 60.54 71.93
CA VAL G 88 15.56 61.32 73.14
C VAL G 88 14.29 61.00 73.88
N ARG G 89 14.42 60.41 75.05
CA ARG G 89 13.24 60.02 75.80
C ARG G 89 12.41 61.20 76.22
N VAL G 90 13.05 62.29 76.62
CA VAL G 90 12.37 63.51 77.11
C VAL G 90 11.77 63.26 78.51
N GLY G 91 10.84 62.32 78.58
CA GLY G 91 10.14 61.92 79.78
C GLY G 91 9.20 60.77 79.46
N GLY G 92 8.42 60.34 80.44
CA GLY G 92 7.56 59.20 80.17
C GLY G 92 6.28 59.56 79.44
N SER G 93 5.74 58.57 78.74
CA SER G 93 4.47 58.64 78.04
C SER G 93 3.49 57.68 78.67
N ALA G 94 2.52 57.25 77.90
CA ALA G 94 1.53 56.34 78.44
C ALA G 94 2.19 55.02 78.79
N GLU G 95 1.87 54.49 79.96
CA GLU G 95 2.35 53.22 80.45
C GLU G 95 1.19 52.49 81.14
N ASP G 96 1.20 51.13 81.11
CA ASP G 96 0.20 50.25 81.77
C ASP G 96 -1.23 50.53 81.26
N GLN G 232 2.91 68.29 83.74
CA GLN G 232 2.76 69.15 82.53
C GLN G 232 3.41 68.46 81.33
N ALA G 233 3.12 67.17 81.13
CA ALA G 233 3.67 66.44 79.95
C ALA G 233 3.40 67.21 78.66
N GLU G 234 2.26 67.92 78.63
CA GLU G 234 1.86 68.73 77.50
C GLU G 234 2.63 70.05 77.42
N SER G 235 3.35 70.42 78.49
CA SER G 235 4.10 71.65 78.51
C SER G 235 5.31 71.49 77.67
N ALA G 236 5.79 72.63 77.19
CA ALA G 236 7.02 72.60 76.37
C ALA G 236 8.25 72.48 77.28
N HIS G 237 8.20 72.92 78.55
CA HIS G 237 9.44 72.92 79.38
C HIS G 237 10.01 71.50 79.58
N PRO G 238 9.24 70.47 80.01
CA PRO G 238 9.73 69.14 80.27
C PRO G 238 9.64 68.36 78.98
N GLY G 239 9.26 69.05 77.92
CA GLY G 239 8.90 68.49 76.64
C GLY G 239 9.86 69.05 75.61
N PRO G 240 9.45 69.19 74.35
CA PRO G 240 10.28 69.62 73.24
C PRO G 240 10.55 71.13 73.22
N ALA G 241 11.17 71.60 74.27
CA ALA G 241 11.59 72.98 74.46
C ALA G 241 13.07 73.05 74.40
N GLN G 242 13.59 74.26 74.45
CA GLN G 242 15.03 74.41 74.49
C GLN G 242 15.45 74.25 75.94
N TYR G 243 15.33 73.04 76.46
CA TYR G 243 15.64 72.81 77.85
C TYR G 243 17.12 72.62 78.01
N LEU G 244 17.77 73.76 78.06
CA LEU G 244 19.18 73.76 78.19
C LEU G 244 19.51 73.46 79.62
N GLY G 245 18.63 73.77 80.57
CA GLY G 245 18.97 73.39 81.93
C GLY G 245 20.13 74.21 82.49
N ASP G 246 20.14 75.52 82.23
CA ASP G 246 21.25 76.36 82.66
C ASP G 246 22.56 75.83 82.09
N SER G 247 22.52 75.65 80.77
CA SER G 247 23.57 75.12 79.91
C SER G 247 24.02 73.70 80.24
N SER G 248 23.07 72.84 80.61
CA SER G 248 23.34 71.44 80.87
C SER G 248 23.07 70.60 79.60
N ASP G 249 22.25 71.15 78.69
CA ASP G 249 21.84 70.50 77.43
C ASP G 249 21.11 69.17 77.72
N ARG G 250 19.85 69.19 78.17
CA ARG G 250 19.31 67.88 78.61
C ARG G 250 17.92 67.44 78.10
N THR G 251 16.92 68.31 78.03
CA THR G 251 15.57 67.79 77.75
C THR G 251 14.97 68.34 76.47
N GLY G 252 14.19 67.51 75.79
CA GLY G 252 13.55 68.01 74.58
C GLY G 252 14.61 68.16 73.54
N PHE G 253 14.88 69.39 73.14
CA PHE G 253 15.91 69.58 72.14
C PHE G 253 17.24 69.68 72.87
N GLY G 254 17.16 69.77 74.19
CA GLY G 254 18.36 69.80 74.95
C GLY G 254 18.92 68.41 74.82
N GLY G 255 20.21 68.34 74.74
CA GLY G 255 20.97 67.12 74.62
C GLY G 255 21.35 66.92 73.18
N LEU G 256 20.71 67.67 72.27
CA LEU G 256 21.07 67.53 70.88
C LEU G 256 22.07 68.58 70.44
N GLU G 257 22.27 69.67 71.18
CA GLU G 257 23.22 70.67 70.69
C GLU G 257 24.60 70.05 70.71
N ALA G 258 24.81 69.17 71.67
CA ALA G 258 26.05 68.45 71.87
C ALA G 258 26.26 67.28 70.90
N ILE G 259 25.27 66.98 70.05
CA ILE G 259 25.42 65.82 69.18
C ILE G 259 25.47 66.18 67.70
N ASP G 260 26.55 65.71 67.07
CA ASP G 260 26.83 65.84 65.65
C ASP G 260 26.26 64.60 64.97
N GLU G 261 26.36 64.55 63.63
CA GLU G 261 25.91 63.34 62.88
C GLU G 261 24.38 63.22 62.90
N ILE G 262 23.66 64.34 62.82
CA ILE G 262 22.21 64.25 62.71
C ILE G 262 21.77 65.10 61.54
N SER G 263 21.05 64.53 60.56
CA SER G 263 20.64 65.41 59.46
C SER G 263 19.22 65.97 59.64
N MET G 264 18.38 65.22 60.35
CA MET G 264 16.96 65.56 60.54
C MET G 264 16.50 65.48 61.97
N VAL G 265 15.64 66.41 62.38
CA VAL G 265 15.03 66.35 63.72
C VAL G 265 13.50 66.45 63.64
N ALA G 266 12.82 65.54 64.35
CA ALA G 266 11.35 65.55 64.41
C ALA G 266 10.84 65.40 65.84
N VAL G 267 9.65 65.97 66.10
CA VAL G 267 8.98 65.90 67.41
C VAL G 267 7.55 65.35 67.34
N PRO G 268 7.37 64.04 67.14
CA PRO G 268 6.11 63.37 66.93
C PRO G 268 5.14 63.39 68.11
N ASP G 269 5.58 63.68 69.33
CA ASP G 269 4.65 63.68 70.43
C ASP G 269 4.02 65.04 70.67
N LEU G 270 4.34 66.03 69.83
CA LEU G 270 3.75 67.35 70.00
C LEU G 270 2.28 67.24 69.74
N MET G 271 1.93 66.46 68.74
CA MET G 271 0.55 66.32 68.37
C MET G 271 -0.21 65.49 69.40
N ALA G 272 0.46 64.58 70.10
CA ALA G 272 -0.24 63.83 71.13
C ALA G 272 -0.66 64.80 72.22
N ALA G 273 0.25 65.74 72.54
CA ALA G 273 -0.02 66.78 73.51
C ALA G 273 -1.11 67.70 73.02
N TYR G 274 -1.11 67.99 71.72
CA TYR G 274 -2.14 68.85 71.15
C TYR G 274 -3.51 68.28 71.47
N GLN G 275 -3.67 66.99 71.17
CA GLN G 275 -4.94 66.29 71.38
C GLN G 275 -5.33 66.07 72.84
N ARG G 276 -4.36 65.76 73.70
CA ARG G 276 -4.71 65.46 75.08
C ARG G 276 -4.59 66.62 76.07
N GLY G 277 -3.70 67.56 75.82
CA GLY G 277 -3.48 68.67 76.73
C GLY G 277 -4.39 69.84 76.40
N ALA G 278 -5.20 69.68 75.35
CA ALA G 278 -6.10 70.72 74.86
C ALA G 278 -5.37 72.03 74.57
N ILE G 279 -4.33 71.98 73.73
CA ILE G 279 -3.55 73.19 73.44
C ILE G 279 -3.44 73.49 71.95
N ASP G 280 -3.16 74.75 71.61
CA ASP G 280 -2.98 75.18 70.21
C ASP G 280 -2.15 76.45 70.13
N LEU G 281 -1.91 76.90 68.90
CA LEU G 281 -1.24 78.15 68.56
C LEU G 281 0.04 78.36 69.32
N GLU G 282 0.10 79.30 70.25
CA GLU G 282 1.35 79.58 70.92
C GLU G 282 1.92 78.37 71.64
N ALA G 283 1.06 77.47 72.08
CA ALA G 283 1.47 76.27 72.80
C ALA G 283 2.07 75.23 71.85
N VAL G 284 1.96 75.47 70.57
CA VAL G 284 2.47 74.62 69.52
C VAL G 284 3.68 75.32 68.89
N LYS G 285 3.51 76.61 68.57
CA LYS G 285 4.52 77.45 67.95
C LYS G 285 5.74 77.56 68.84
N ALA G 286 5.54 77.55 70.15
CA ALA G 286 6.67 77.62 71.07
C ALA G 286 7.65 76.48 70.82
N VAL G 287 7.12 75.34 70.38
CA VAL G 287 7.93 74.18 70.11
C VAL G 287 8.46 74.21 68.70
N GLN G 288 7.59 74.54 67.75
CA GLN G 288 7.98 74.53 66.35
C GLN G 288 9.00 75.60 66.02
N LEU G 289 8.88 76.78 66.63
CA LEU G 289 9.82 77.85 66.40
C LEU G 289 11.10 77.48 67.15
N GLY G 290 10.94 76.76 68.25
CA GLY G 290 12.05 76.25 69.04
C GLY G 290 12.91 75.32 68.19
N LEU G 291 12.25 74.37 67.53
CA LEU G 291 12.91 73.42 66.64
C LEU G 291 13.63 74.13 65.51
N ILE G 292 13.00 75.15 64.94
CA ILE G 292 13.66 75.88 63.89
C ILE G 292 14.89 76.56 64.43
N ALA G 293 14.78 77.25 65.57
CA ALA G 293 15.91 77.95 66.12
C ALA G 293 17.07 76.99 66.39
N HIS G 294 16.76 75.78 66.85
CA HIS G 294 17.76 74.77 67.09
C HIS G 294 18.50 74.44 65.82
N CYS G 295 17.74 74.20 64.76
CA CYS G 295 18.36 73.85 63.52
C CYS G 295 19.22 74.98 62.96
N GLU G 296 18.73 76.22 63.08
CA GLU G 296 19.47 77.38 62.60
C GLU G 296 20.76 77.55 63.39
N LEU G 297 20.71 77.25 64.68
CA LEU G 297 21.87 77.34 65.55
C LEU G 297 22.95 76.36 65.14
N MET G 298 22.56 75.12 64.82
CA MET G 298 23.55 74.14 64.40
C MET G 298 24.20 74.60 63.10
N GLY G 299 23.38 75.19 62.24
CA GLY G 299 23.77 75.75 60.96
C GLY G 299 23.53 74.80 59.80
N ASP G 300 23.39 73.53 60.12
CA ASP G 300 23.11 72.45 59.17
C ASP G 300 22.31 71.36 59.85
N ARG G 301 21.01 71.42 59.68
CA ARG G 301 20.07 70.50 60.30
C ARG G 301 18.70 70.86 59.73
N VAL G 302 17.82 69.90 59.47
CA VAL G 302 16.49 70.34 59.01
C VAL G 302 15.37 69.92 59.93
N ALA G 303 14.49 70.87 60.16
CA ALA G 303 13.32 70.67 60.98
C ALA G 303 12.18 70.05 60.20
N ILE G 304 11.57 69.02 60.79
CA ILE G 304 10.38 68.45 60.21
C ILE G 304 9.18 68.95 61.00
N ILE G 305 8.31 69.71 60.36
CA ILE G 305 7.20 70.30 61.07
C ILE G 305 5.88 69.73 60.58
N ASP G 306 5.08 69.21 61.51
CA ASP G 306 3.78 68.59 61.12
C ASP G 306 2.64 69.53 61.54
N PRO G 307 1.51 69.58 60.79
CA PRO G 307 0.38 70.43 61.15
C PRO G 307 -0.63 69.72 62.05
N PRO G 308 -1.64 70.43 62.61
CA PRO G 308 -2.68 69.79 63.43
C PRO G 308 -3.25 68.56 62.73
N PRO G 309 -3.64 67.49 63.46
CA PRO G 309 -4.10 66.24 62.83
C PRO G 309 -5.37 66.36 61.97
N ASN G 310 -6.39 67.09 62.45
CA ASN G 310 -7.67 67.14 61.69
C ASN G 310 -8.01 68.58 61.30
N GLN G 311 -8.25 68.84 60.01
CA GLN G 311 -8.63 70.16 59.54
C GLN G 311 -8.76 70.19 58.02
N ASN G 312 -9.51 71.16 57.50
CA ASN G 312 -9.73 71.41 56.08
C ASN G 312 -8.55 72.07 55.39
N ALA G 313 -8.44 71.87 54.06
CA ALA G 313 -7.39 72.54 53.28
C ALA G 313 -7.46 74.05 53.44
N ARG G 314 -8.67 74.58 53.57
CA ARG G 314 -8.86 76.00 53.74
C ARG G 314 -8.23 76.45 55.04
N GLN G 315 -8.37 75.62 56.06
CA GLN G 315 -7.88 75.90 57.39
C GLN G 315 -6.35 75.81 57.40
N ILE G 316 -5.82 74.89 56.61
CA ILE G 316 -4.39 74.71 56.49
C ILE G 316 -3.77 75.93 55.87
N ARG G 317 -4.37 76.47 54.81
CA ARG G 317 -3.80 77.68 54.24
C ARG G 317 -3.72 78.77 55.31
N VAL G 318 -4.80 78.90 56.11
CA VAL G 318 -4.84 79.91 57.17
C VAL G 318 -3.75 79.64 58.20
N TRP G 319 -3.59 78.41 58.61
CA TRP G 319 -2.54 78.11 59.55
C TRP G 319 -1.21 78.61 59.01
N ARG G 320 -0.82 78.13 57.83
CA ARG G 320 0.45 78.49 57.25
C ARG G 320 0.70 79.98 57.07
N GLN G 321 -0.30 80.72 56.59
CA GLN G 321 -0.08 82.12 56.33
C GLN G 321 -0.50 83.10 57.39
N GLU G 322 -1.55 82.80 58.15
CA GLU G 322 -2.10 83.79 59.04
C GLU G 322 -1.87 83.53 60.53
N THR G 323 -1.80 82.27 60.99
CA THR G 323 -1.71 82.12 62.43
C THR G 323 -0.40 81.53 62.91
N ALA G 324 0.29 80.80 62.04
CA ALA G 324 1.51 80.11 62.41
C ALA G 324 2.57 80.16 61.32
N GLY G 325 2.99 81.35 60.92
CA GLY G 325 4.03 81.39 59.91
C GLY G 325 5.33 80.92 60.54
N TYR G 326 6.22 80.36 59.73
CA TYR G 326 7.53 79.90 60.18
C TYR G 326 8.61 80.65 59.43
N ASP G 327 8.45 80.68 58.10
CA ASP G 327 9.31 81.44 57.20
C ASP G 327 10.83 81.22 57.34
N SER G 328 11.27 79.96 57.26
CA SER G 328 12.68 79.65 57.41
C SER G 328 13.22 78.55 56.50
N LYS G 329 14.45 78.80 56.11
CA LYS G 329 15.28 78.00 55.23
C LYS G 329 15.63 76.65 55.82
N TYR G 330 15.44 76.52 57.12
CA TYR G 330 15.76 75.33 57.86
C TYR G 330 14.59 74.42 58.16
N ALA G 331 13.44 74.63 57.51
CA ALA G 331 12.31 73.76 57.80
C ALA G 331 11.40 73.44 56.61
N ALA G 332 10.72 72.30 56.71
CA ALA G 332 9.73 71.86 55.72
C ALA G 332 8.53 71.17 56.40
N LEU G 333 7.35 71.31 55.79
CA LEU G 333 6.09 70.74 56.28
C LEU G 333 5.29 69.96 55.24
N TYR G 334 4.71 68.83 55.65
CA TYR G 334 3.86 68.01 54.78
C TYR G 334 2.39 68.18 55.15
N TYR G 335 1.53 68.25 54.14
CA TYR G 335 0.11 68.52 54.32
C TYR G 335 -0.81 67.51 55.08
N PRO G 336 -1.05 66.27 54.61
CA PRO G 336 -2.00 65.32 55.16
C PRO G 336 -1.48 64.51 56.30
N TRP G 337 -2.36 63.94 57.09
CA TRP G 337 -1.94 62.85 57.96
C TRP G 337 -2.12 61.52 57.22
N ILE G 338 -1.34 60.54 57.62
CA ILE G 338 -1.29 59.22 57.01
C ILE G 338 -2.06 58.18 57.78
N LYS G 339 -2.81 57.35 57.05
CA LYS G 339 -3.50 56.25 57.69
C LYS G 339 -2.53 55.12 57.76
N SER G 340 -2.34 54.60 58.95
CA SER G 340 -1.41 53.53 59.19
C SER G 340 -1.99 52.60 60.24
N PHE G 341 -1.35 51.46 60.46
CA PHE G 341 -1.87 50.49 61.42
C PHE G 341 -0.87 50.23 62.52
N ASP G 342 -1.38 49.71 63.63
CA ASP G 342 -0.50 49.32 64.76
C ASP G 342 -0.33 47.81 64.66
N PRO G 343 0.85 47.32 64.27
CA PRO G 343 1.04 45.89 64.04
C PRO G 343 0.77 45.06 65.29
N ALA G 344 0.93 45.67 66.46
CA ALA G 344 0.70 44.96 67.69
C ALA G 344 -0.69 45.18 68.29
N THR G 345 -1.42 46.24 67.88
CA THR G 345 -2.69 46.55 68.57
C THR G 345 -3.96 46.73 67.72
N GLY G 346 -3.86 46.94 66.41
CA GLY G 346 -5.09 47.19 65.63
C GLY G 346 -4.86 47.68 64.19
N GLN G 347 -5.93 47.64 63.40
CA GLN G 347 -5.86 47.98 61.99
C GLN G 347 -5.73 49.43 61.56
N SER G 348 -6.07 50.41 62.39
CA SER G 348 -5.92 51.77 61.88
C SER G 348 -5.86 52.88 62.91
N ARG G 349 -5.17 53.94 62.52
CA ARG G 349 -5.09 55.21 63.21
C ARG G 349 -4.48 56.24 62.29
N LEU G 350 -4.53 57.52 62.64
CA LEU G 350 -3.75 58.43 61.82
C LEU G 350 -2.47 58.82 62.55
N VAL G 351 -1.42 58.98 61.74
CA VAL G 351 -0.13 59.39 62.21
C VAL G 351 0.39 60.54 61.36
N PRO G 352 1.31 61.35 61.86
CA PRO G 352 1.93 62.42 61.13
C PRO G 352 2.88 61.87 60.05
N PRO G 353 3.23 62.67 59.03
CA PRO G 353 4.22 62.43 57.97
C PRO G 353 5.67 62.18 58.42
N SER G 354 6.02 62.56 59.63
CA SER G 354 7.39 62.39 60.07
C SER G 354 7.70 60.91 60.18
N GLY G 355 8.98 60.59 60.20
CA GLY G 355 9.38 59.19 60.26
C GLY G 355 9.33 58.57 58.87
N HIS G 356 8.13 58.51 58.32
CA HIS G 356 7.88 57.95 57.01
C HIS G 356 8.59 58.74 55.93
N VAL G 357 8.55 60.07 56.04
CA VAL G 357 9.28 60.88 55.09
C VAL G 357 10.78 60.79 55.35
N ALA G 358 11.18 60.79 56.62
CA ALA G 358 12.60 60.75 56.93
C ALA G 358 13.22 59.50 56.31
N GLY G 359 12.46 58.41 56.27
CA GLY G 359 12.89 57.15 55.70
C GLY G 359 13.02 57.23 54.18
N ILE G 360 12.48 58.28 53.56
CA ILE G 360 12.59 58.45 52.14
C ILE G 360 13.86 59.20 51.92
N TRP G 361 14.09 60.22 52.74
CA TRP G 361 15.31 61.00 52.56
C TRP G 361 16.52 60.08 52.68
N ALA G 362 16.40 59.10 53.56
CA ALA G 362 17.43 58.11 53.83
C ALA G 362 17.83 57.31 52.59
N ARG G 363 16.90 57.17 51.65
CA ARG G 363 17.14 56.43 50.43
C ARG G 363 17.45 57.35 49.28
N ASN G 364 16.79 58.50 49.26
CA ASN G 364 16.91 59.44 48.16
C ASN G 364 18.34 59.89 47.97
N ASP G 365 19.08 60.07 49.07
CA ASP G 365 20.48 60.55 49.00
C ASP G 365 21.45 59.36 49.00
N SER G 366 20.95 58.13 48.89
CA SER G 366 21.77 56.93 48.86
C SER G 366 21.76 56.31 47.46
N GLU G 367 20.54 56.09 46.95
CA GLU G 367 20.36 55.48 45.63
C GLU G 367 20.89 56.41 44.54
N ARG G 368 20.74 57.71 44.77
CA ARG G 368 21.19 58.79 43.92
C ARG G 368 21.92 59.78 44.80
N GLY G 369 22.64 60.73 44.24
CA GLY G 369 23.35 61.65 45.12
C GLY G 369 22.38 62.67 45.66
N VAL G 370 22.87 63.62 46.43
CA VAL G 370 21.98 64.60 47.03
C VAL G 370 21.72 65.66 45.99
N HIS G 371 20.94 65.32 44.99
CA HIS G 371 20.75 66.21 43.87
C HIS G 371 19.32 66.62 43.61
N LYS G 372 18.37 65.86 44.12
CA LYS G 372 16.97 66.14 43.87
C LYS G 372 16.14 65.65 45.05
N ALA G 373 15.05 66.32 45.35
CA ALA G 373 14.09 65.88 46.35
C ALA G 373 13.37 64.63 45.81
N PRO G 374 12.94 63.69 46.67
CA PRO G 374 12.25 62.46 46.32
C PRO G 374 10.80 62.67 45.97
N ALA G 375 10.56 63.43 44.93
CA ALA G 375 9.24 63.87 44.54
C ALA G 375 8.35 62.74 44.01
N ASN G 376 8.93 61.60 43.66
CA ASN G 376 8.10 60.50 43.21
C ASN G 376 8.26 59.31 44.10
N GLU G 377 8.72 59.49 45.32
CA GLU G 377 8.92 58.29 46.09
C GLU G 377 7.69 57.81 46.81
N VAL G 378 7.70 56.50 47.05
CA VAL G 378 6.64 55.74 47.68
C VAL G 378 6.63 55.78 49.19
N VAL G 379 5.47 56.04 49.75
CA VAL G 379 5.37 56.01 51.18
C VAL G 379 5.05 54.57 51.49
N ARG G 380 6.10 53.80 51.65
CA ARG G 380 6.00 52.35 51.73
C ARG G 380 5.17 51.84 52.88
N GLY G 381 5.17 52.53 54.00
CA GLY G 381 4.43 52.06 55.15
C GLY G 381 2.99 52.59 55.25
N ALA G 382 2.53 53.35 54.26
CA ALA G 382 1.18 53.91 54.32
C ALA G 382 0.13 52.93 53.88
N VAL G 383 -1.04 53.02 54.49
CA VAL G 383 -2.18 52.24 54.05
C VAL G 383 -2.97 53.11 53.10
N ASP G 384 -3.24 54.32 53.55
CA ASP G 384 -4.01 55.31 52.82
C ASP G 384 -3.69 56.68 53.38
N LEU G 385 -4.29 57.70 52.82
CA LEU G 385 -4.16 59.05 53.34
C LEU G 385 -5.50 59.44 53.94
N GLU G 386 -5.54 60.28 54.96
CA GLU G 386 -6.86 60.65 55.48
C GLU G 386 -7.71 61.40 54.46
N LEU G 387 -7.07 62.14 53.56
CA LEU G 387 -7.74 62.92 52.56
C LEU G 387 -6.98 62.99 51.24
N GLN G 388 -7.68 62.83 50.13
CA GLN G 388 -7.04 63.06 48.84
C GLN G 388 -7.26 64.50 48.55
N ILE G 389 -6.33 65.11 47.88
CA ILE G 389 -6.45 66.53 47.60
C ILE G 389 -6.96 66.77 46.21
N THR G 390 -8.12 67.37 46.12
CA THR G 390 -8.69 67.67 44.83
C THR G 390 -7.70 68.66 44.25
N ARG G 391 -7.31 68.47 42.99
CA ARG G 391 -6.31 69.35 42.43
C ARG G 391 -6.58 70.82 42.51
N GLY G 392 -7.81 71.26 42.43
CA GLY G 392 -8.07 72.69 42.48
C GLY G 392 -7.59 73.36 43.77
N GLU G 393 -7.33 72.57 44.82
CA GLU G 393 -6.85 73.07 46.10
C GLU G 393 -5.33 73.14 46.16
N GLN G 394 -4.64 72.53 45.21
CA GLN G 394 -3.20 72.49 45.30
C GLN G 394 -2.60 73.86 45.06
N ASP G 395 -3.29 74.69 44.30
CA ASP G 395 -2.81 76.04 44.05
C ASP G 395 -2.86 76.89 45.32
N LEU G 396 -3.54 76.42 46.36
CA LEU G 396 -3.61 77.17 47.59
C LEU G 396 -2.58 76.66 48.59
N LEU G 397 -1.83 75.62 48.21
CA LEU G 397 -0.84 74.99 49.06
C LEU G 397 0.57 75.09 48.48
N ASN G 398 0.71 74.69 47.23
CA ASN G 398 2.02 74.69 46.58
C ASN G 398 2.75 76.03 46.68
N PRO G 399 2.15 77.19 46.34
CA PRO G 399 2.79 78.49 46.34
C PRO G 399 3.21 78.98 47.72
N ILE G 400 2.75 78.33 48.78
CA ILE G 400 3.08 78.78 50.11
C ILE G 400 3.96 77.77 50.84
N GLY G 401 4.51 76.82 50.07
CA GLY G 401 5.47 75.86 50.59
C GLY G 401 4.92 74.61 51.27
N VAL G 402 3.67 74.26 51.05
CA VAL G 402 3.17 73.06 51.71
C VAL G 402 3.37 71.82 50.82
N ASN G 403 4.07 70.81 51.35
CA ASN G 403 4.36 69.63 50.55
C ASN G 403 3.29 68.55 50.64
N CYS G 404 2.69 68.24 49.50
CA CYS G 404 1.60 67.31 49.49
C CYS G 404 1.96 65.87 49.10
N ILE G 405 1.14 64.95 49.64
CA ILE G 405 1.23 63.52 49.39
C ILE G 405 -0.10 63.09 48.74
N ARG G 406 -0.04 62.38 47.63
CA ARG G 406 -1.26 61.92 46.93
C ARG G 406 -1.25 60.48 46.44
N SER G 407 -2.45 59.89 46.31
CA SER G 407 -2.59 58.56 45.73
C SER G 407 -2.81 58.64 44.23
N PHE G 408 -2.11 57.79 43.47
CA PHE G 408 -2.27 57.74 42.03
C PHE G 408 -2.57 56.32 41.53
N PRO G 409 -3.40 56.15 40.48
CA PRO G 409 -3.73 54.86 39.93
C PRO G 409 -2.51 54.25 39.32
N GLY G 410 -2.22 53.01 39.67
CA GLY G 410 -1.07 52.32 39.11
C GLY G 410 0.26 52.74 39.75
N ARG G 411 0.19 53.60 40.76
CA ARG G 411 1.40 54.10 41.39
C ARG G 411 1.45 53.96 42.89
N GLY G 412 0.31 54.10 43.56
CA GLY G 412 0.31 54.06 45.01
C GLY G 412 0.43 55.45 45.60
N ILE G 413 0.96 55.53 46.82
CA ILE G 413 1.00 56.80 47.54
C ILE G 413 2.37 57.40 47.39
N ARG G 414 2.41 58.58 46.78
CA ARG G 414 3.69 59.21 46.50
C ARG G 414 3.77 60.61 47.09
N VAL G 415 5.00 61.02 47.42
CA VAL G 415 5.18 62.37 47.97
C VAL G 415 5.62 63.31 46.89
N TRP G 416 4.74 64.23 46.48
CA TRP G 416 5.05 65.08 45.32
C TRP G 416 5.67 66.45 45.61
N GLY G 417 5.48 66.96 46.81
CA GLY G 417 6.03 68.29 47.09
C GLY G 417 7.54 68.30 47.30
N ALA G 418 8.19 69.42 46.93
CA ALA G 418 9.63 69.58 47.13
C ALA G 418 10.04 71.01 47.55
N ARG G 419 9.24 71.68 48.37
CA ARG G 419 9.56 73.06 48.74
C ARG G 419 9.91 73.29 50.20
N THR G 420 10.60 74.39 50.44
CA THR G 420 10.99 74.82 51.78
C THR G 420 10.00 75.85 52.34
N LEU G 421 9.97 76.03 53.67
CA LEU G 421 9.09 77.04 54.27
C LEU G 421 9.75 78.39 54.34
N SER G 422 9.97 78.99 53.19
CA SER G 422 10.65 80.28 53.12
C SER G 422 10.22 81.16 51.98
N SER G 423 10.23 82.46 52.26
CA SER G 423 9.89 83.51 51.32
C SER G 423 11.06 83.95 50.43
N ASP G 424 12.27 83.48 50.75
CA ASP G 424 13.45 83.86 50.00
C ASP G 424 13.50 83.04 48.72
N PRO G 425 13.34 83.64 47.54
CA PRO G 425 13.19 82.96 46.27
C PRO G 425 14.37 82.11 45.87
N ALA G 426 15.55 82.40 46.42
CA ALA G 426 16.71 81.62 46.02
C ALA G 426 16.79 80.30 46.75
N TRP G 427 16.04 80.17 47.84
CA TRP G 427 16.12 79.02 48.71
C TRP G 427 14.81 78.27 48.87
N ARG G 428 13.97 78.35 47.84
CA ARG G 428 12.66 77.73 47.85
C ARG G 428 12.63 76.22 47.66
N TYR G 429 13.73 75.64 47.21
CA TYR G 429 13.69 74.24 46.91
C TYR G 429 14.62 73.40 47.72
N LEU G 430 14.13 72.21 48.03
CA LEU G 430 14.90 71.18 48.74
C LEU G 430 16.00 70.66 47.85
N ASN G 431 15.74 70.65 46.53
CA ASN G 431 16.79 70.23 45.57
C ASN G 431 18.04 71.10 45.74
N ILE G 432 17.88 72.38 46.13
CA ILE G 432 19.04 73.24 46.22
C ILE G 432 19.66 73.20 47.59
N ARG G 433 18.82 73.34 48.61
CA ARG G 433 19.41 73.47 49.91
C ARG G 433 20.04 72.21 50.46
N ARG G 434 19.49 71.03 50.19
CA ARG G 434 20.12 69.86 50.78
C ARG G 434 21.52 69.69 50.24
N TYR G 435 21.68 69.98 48.96
CA TYR G 435 22.94 69.88 48.29
C TYR G 435 23.95 70.84 48.87
N PHE G 436 23.55 72.09 49.11
CA PHE G 436 24.53 72.96 49.72
C PHE G 436 24.96 72.43 51.07
N ASN G 437 24.03 71.91 51.88
CA ASN G 437 24.48 71.40 53.17
C ASN G 437 25.44 70.23 52.99
N TYR G 438 25.17 69.38 52.01
CA TYR G 438 26.03 68.25 51.71
C TYR G 438 27.46 68.68 51.41
N LEU G 439 27.60 69.65 50.54
CA LEU G 439 28.95 70.07 50.22
C LEU G 439 29.65 70.71 51.40
N GLU G 440 28.92 71.49 52.20
CA GLU G 440 29.58 72.16 53.30
C GLU G 440 30.06 71.18 54.35
N GLU G 441 29.28 70.14 54.66
CA GLU G 441 29.81 69.23 55.66
C GLU G 441 30.96 68.45 55.08
N SER G 442 30.94 68.17 53.79
CA SER G 442 32.01 67.35 53.27
C SER G 442 33.36 68.04 53.42
N ILE G 443 33.40 69.33 53.14
CA ILE G 443 34.65 70.05 53.27
C ILE G 443 35.05 70.25 54.71
N LEU G 444 34.11 70.66 55.56
CA LEU G 444 34.43 70.94 56.95
C LEU G 444 34.84 69.68 57.68
N ILE G 445 34.26 68.56 57.33
CA ILE G 445 34.64 67.31 57.96
C ILE G 445 36.03 66.91 57.51
N GLY G 446 36.33 66.98 56.23
CA GLY G 446 37.64 66.56 55.78
C GLY G 446 38.84 67.33 56.36
N THR G 447 38.75 68.65 56.52
CA THR G 447 39.93 69.40 56.98
C THR G 447 40.16 69.36 58.49
N GLN G 448 40.44 68.18 59.03
CA GLN G 448 40.64 68.03 60.48
C GLN G 448 42.03 68.38 60.92
N TRP G 449 42.32 69.66 60.88
CA TRP G 449 43.62 70.13 61.31
C TRP G 449 43.49 70.45 62.79
N VAL G 450 44.53 70.23 63.59
CA VAL G 450 44.42 70.60 65.00
C VAL G 450 44.94 72.01 65.17
N VAL G 451 44.04 72.89 65.60
CA VAL G 451 44.30 74.30 65.73
C VAL G 451 44.89 74.65 64.36
N PHE G 452 46.19 74.95 64.22
CA PHE G 452 46.79 75.31 62.94
C PHE G 452 48.32 75.30 62.99
N GLU G 453 48.91 76.08 62.08
CA GLU G 453 50.36 76.22 61.97
C GLU G 453 50.65 77.65 61.54
N PRO G 454 51.90 77.92 61.12
CA PRO G 454 52.27 79.27 60.69
C PRO G 454 51.41 79.72 59.51
N ASN G 455 50.40 80.53 59.77
CA ASN G 455 49.51 81.00 58.71
C ASN G 455 50.23 81.63 57.53
N ASP G 456 51.01 80.81 56.86
CA ASP G 456 51.73 81.23 55.69
C ASP G 456 51.01 80.77 54.43
N HIS G 457 51.60 81.11 53.29
CA HIS G 457 51.05 80.79 51.99
C HIS G 457 51.01 79.29 51.71
N ASN G 458 51.77 78.53 52.48
CA ASN G 458 51.80 77.10 52.33
C ASN G 458 50.49 76.47 52.76
N LEU G 459 49.77 77.07 53.71
CA LEU G 459 48.53 76.44 54.09
C LEU G 459 47.51 76.87 53.08
N TRP G 460 47.69 78.07 52.52
CA TRP G 460 46.71 78.51 51.55
C TRP G 460 46.73 77.51 50.39
N ALA G 461 47.93 77.12 49.97
CA ALA G 461 48.06 76.19 48.88
C ALA G 461 47.45 74.83 49.19
N ARG G 462 47.63 74.33 50.42
CA ARG G 462 47.06 73.03 50.73
C ARG G 462 45.54 73.07 50.65
N ILE G 463 44.96 74.16 51.10
CA ILE G 463 43.53 74.28 51.07
C ILE G 463 43.00 74.35 49.66
N ARG G 464 43.61 75.17 48.81
CA ARG G 464 43.06 75.29 47.47
C ARG G 464 43.08 73.95 46.77
N ARG G 465 44.17 73.23 46.93
CA ARG G 465 44.28 71.96 46.25
C ARG G 465 43.26 70.95 46.71
N ASN G 466 43.06 70.84 48.02
CA ASN G 466 42.16 69.80 48.50
C ASN G 466 40.70 70.10 48.20
N VAL G 467 40.31 71.36 48.29
CA VAL G 467 38.93 71.71 48.08
C VAL G 467 38.57 71.53 46.63
N SER G 468 39.43 72.01 45.73
CA SER G 468 39.15 71.91 44.33
C SER G 468 39.05 70.48 43.87
N ALA G 469 39.97 69.62 44.30
CA ALA G 469 39.90 68.25 43.82
C ALA G 469 38.57 67.59 44.15
N PHE G 470 38.03 67.85 45.34
CA PHE G 470 36.76 67.26 45.69
C PHE G 470 35.64 67.72 44.77
N LEU G 471 35.57 69.02 44.56
CA LEU G 471 34.52 69.58 43.72
C LEU G 471 34.64 69.26 42.25
N VAL G 472 35.85 69.07 41.73
CA VAL G 472 35.95 68.73 40.33
C VAL G 472 35.31 67.38 40.07
N ASN G 473 35.52 66.40 40.96
CA ASN G 473 34.85 65.13 40.71
C ASN G 473 33.34 65.25 40.81
N GLU G 474 32.86 66.14 41.65
CA GLU G 474 31.43 66.31 41.75
C GLU G 474 30.88 66.84 40.41
N TRP G 475 31.62 67.77 39.77
CA TRP G 475 31.24 68.25 38.43
C TRP G 475 31.27 67.17 37.36
N ARG G 476 32.31 66.35 37.32
CA ARG G 476 32.39 65.40 36.21
C ARG G 476 31.33 64.33 36.34
N ASN G 477 30.80 64.14 37.55
CA ASN G 477 29.77 63.15 37.78
C ASN G 477 28.37 63.70 37.48
N GLY G 478 28.28 64.95 37.01
CA GLY G 478 27.02 65.54 36.61
C GLY G 478 26.23 66.29 37.68
N ALA G 479 26.83 66.59 38.84
CA ALA G 479 26.08 67.30 39.86
C ALA G 479 26.00 68.79 39.63
N LEU G 480 27.00 69.33 38.97
CA LEU G 480 27.11 70.76 38.76
C LEU G 480 26.93 71.08 37.31
N PHE G 481 26.42 72.26 37.03
CA PHE G 481 26.22 72.70 35.67
C PHE G 481 27.34 73.56 35.12
N GLY G 482 27.78 73.22 33.92
CA GLY G 482 28.80 73.95 33.19
C GLY G 482 29.41 73.03 32.17
N GLN G 483 30.16 73.59 31.23
CA GLN G 483 30.80 72.79 30.17
C GLN G 483 32.15 72.27 30.57
N SER G 484 32.65 72.81 31.65
CA SER G 484 33.95 72.51 32.19
C SER G 484 33.96 73.04 33.64
N PRO G 485 34.87 72.58 34.51
CA PRO G 485 35.03 73.10 35.86
C PRO G 485 35.31 74.60 35.82
N ASP G 486 35.90 75.07 34.72
CA ASP G 486 36.22 76.48 34.57
C ASP G 486 35.00 77.38 34.56
N GLN G 487 33.84 76.81 34.28
CA GLN G 487 32.63 77.59 34.27
C GLN G 487 31.81 77.24 35.50
N ALA G 488 31.83 75.97 35.87
CA ALA G 488 31.02 75.48 36.98
C ALA G 488 31.51 75.84 38.37
N TYR G 489 32.83 75.97 38.57
CA TYR G 489 33.31 76.16 39.96
C TYR G 489 34.59 77.00 40.09
N TYR G 490 34.71 77.73 41.20
CA TYR G 490 35.92 78.53 41.53
C TYR G 490 36.36 78.48 43.02
N VAL G 491 37.68 78.53 43.30
CA VAL G 491 38.21 78.62 44.67
C VAL G 491 39.28 79.69 44.82
N LYS G 492 39.20 80.51 45.87
CA LYS G 492 40.19 81.54 46.16
C LYS G 492 40.77 81.52 47.58
N CYS G 493 42.11 81.61 47.66
CA CYS G 493 42.84 81.69 48.91
C CYS G 493 44.08 82.52 48.66
N ASP G 494 43.87 83.75 48.21
CA ASP G 494 44.95 84.65 47.82
C ASP G 494 45.21 85.70 48.92
N GLU G 495 46.18 86.58 48.69
CA GLU G 495 46.51 87.64 49.65
C GLU G 495 45.41 88.70 49.74
N GLU G 496 44.50 88.71 48.77
CA GLU G 496 43.37 89.64 48.77
C GLU G 496 42.16 88.99 49.43
N THR G 497 42.33 87.74 49.85
CA THR G 497 41.31 86.96 50.49
C THR G 497 41.76 86.83 51.93
N ASN G 498 43.08 86.86 52.09
CA ASN G 498 43.77 86.74 53.37
C ASN G 498 44.73 87.92 53.57
N PRO G 499 44.21 89.11 53.93
CA PRO G 499 44.92 90.36 54.05
C PRO G 499 46.05 90.18 55.06
N PRO G 500 47.13 90.97 54.92
CA PRO G 500 48.37 90.96 55.69
C PRO G 500 48.20 91.23 57.17
N GLU G 501 47.05 91.74 57.58
CA GLU G 501 46.89 91.99 58.99
C GLU G 501 46.99 90.70 59.80
N SER G 502 46.59 89.56 59.20
CA SER G 502 46.69 88.28 59.88
C SER G 502 46.27 88.34 61.33
N VAL G 503 45.10 88.89 61.62
CA VAL G 503 44.79 89.02 63.03
C VAL G 503 44.20 87.75 63.57
N ASP G 504 45.05 86.93 64.18
CA ASP G 504 44.58 85.64 64.75
C ASP G 504 44.12 84.72 63.62
N LEU G 505 42.81 84.57 63.43
CA LEU G 505 42.26 83.66 62.39
C LEU G 505 42.20 84.39 61.05
N GLY G 506 43.36 84.67 60.44
CA GLY G 506 43.40 85.33 59.13
C GLY G 506 42.92 84.41 58.02
N ARG G 507 42.91 83.11 58.26
CA ARG G 507 42.51 82.12 57.23
C ARG G 507 41.19 82.54 56.57
N VAL G 508 41.13 82.53 55.24
CA VAL G 508 39.87 82.88 54.51
C VAL G 508 39.84 82.10 53.18
N VAL G 509 38.71 81.47 52.85
CA VAL G 509 38.59 80.74 51.62
C VAL G 509 37.33 81.18 50.95
N CYS G 510 37.38 81.64 49.73
CA CYS G 510 36.14 82.02 49.08
C CYS G 510 35.84 81.04 47.98
N GLU G 511 34.57 80.68 47.83
CA GLU G 511 34.24 79.70 46.82
C GLU G 511 33.01 80.03 46.02
N ILE G 512 33.02 79.59 44.78
CA ILE G 512 31.84 79.65 43.96
C ILE G 512 31.47 78.22 43.66
N GLY G 513 30.48 77.69 44.40
CA GLY G 513 30.11 76.28 44.29
C GLY G 513 29.29 76.02 43.06
N ILE G 514 28.72 77.09 42.56
CA ILE G 514 27.87 77.13 41.41
C ILE G 514 27.88 78.63 41.13
N ALA G 515 27.76 79.09 39.87
CA ALA G 515 27.79 80.55 39.64
C ALA G 515 26.86 81.34 40.58
N PRO G 516 25.58 80.97 40.83
CA PRO G 516 24.72 81.60 41.82
C PRO G 516 25.17 81.10 43.18
N VAL G 517 26.30 81.64 43.57
CA VAL G 517 27.08 81.32 44.73
C VAL G 517 26.31 81.41 46.04
N LYS G 518 26.54 80.43 46.93
CA LYS G 518 25.82 80.40 48.24
C LYS G 518 25.40 81.83 48.63
N MET H 1 33.21 67.47 13.58
CA MET H 1 32.07 68.38 13.58
C MET H 1 32.46 69.80 13.09
N SER H 2 33.61 70.34 13.57
CA SER H 2 34.13 71.68 13.23
C SER H 2 34.67 71.79 11.81
N LEU H 3 35.01 70.66 11.24
CA LEU H 3 35.58 70.55 9.92
C LEU H 3 34.81 69.52 9.12
N PRO H 4 34.76 69.62 7.78
CA PRO H 4 34.15 68.64 6.88
C PRO H 4 34.89 67.31 6.74
N LYS H 5 36.13 67.18 7.22
CA LYS H 5 36.92 65.94 6.93
C LYS H 5 37.03 64.92 8.08
N PRO H 6 37.08 65.31 9.38
CA PRO H 6 37.34 64.38 10.44
C PRO H 6 36.22 63.40 10.69
N GLU H 7 36.65 62.25 11.15
CA GLU H 7 35.83 61.10 11.47
C GLU H 7 35.49 61.14 12.95
N ASP H 8 34.32 60.66 13.36
CA ASP H 8 34.09 60.55 14.79
C ASP H 8 35.04 59.52 15.40
N VAL H 9 35.46 59.76 16.64
CA VAL H 9 36.39 58.87 17.31
C VAL H 9 35.79 58.32 18.58
N LEU H 10 36.45 57.34 19.19
CA LEU H 10 35.84 56.76 20.37
C LEU H 10 35.99 57.56 21.63
N VAL H 11 35.14 58.57 21.71
CA VAL H 11 35.09 59.46 22.85
C VAL H 11 34.34 58.77 23.95
N ALA H 12 33.12 58.34 23.65
CA ALA H 12 32.36 57.61 24.63
C ALA H 12 31.04 57.06 24.10
N PRO H 13 30.71 55.79 24.41
CA PRO H 13 29.40 55.24 24.28
C PRO H 13 28.66 55.78 25.49
N ASN H 14 27.39 56.07 25.38
CA ASN H 14 26.60 56.54 26.50
C ASN H 14 25.20 55.93 26.45
N PHE H 15 24.57 55.59 27.59
CA PHE H 15 23.26 54.95 27.48
C PHE H 15 22.10 55.46 28.27
N GLY H 16 20.96 55.51 27.59
CA GLY H 16 19.68 55.77 28.23
C GLY H 16 19.07 54.40 28.52
N ILE H 17 18.46 54.29 29.66
CA ILE H 17 17.81 53.09 30.16
C ILE H 17 16.93 53.50 31.34
N GLN H 18 15.92 52.72 31.71
CA GLN H 18 15.09 53.04 32.88
C GLN H 18 15.63 52.38 34.17
N ILE H 19 16.77 51.74 34.03
CA ILE H 19 17.50 51.02 35.07
C ILE H 19 18.78 51.79 35.39
N ASP H 20 19.05 52.11 36.64
CA ASP H 20 20.21 52.96 36.91
C ASP H 20 21.59 52.30 36.95
N GLY H 21 22.06 51.90 35.77
CA GLY H 21 23.41 51.37 35.62
C GLY H 21 24.30 52.61 35.57
N VAL H 22 25.59 52.53 35.96
CA VAL H 22 26.38 53.77 35.90
C VAL H 22 27.57 53.82 34.94
N MET H 23 28.45 52.81 34.91
CA MET H 23 29.64 52.90 34.07
C MET H 23 29.99 51.61 33.31
N VAL H 24 30.29 51.79 32.04
CA VAL H 24 30.60 50.70 31.12
C VAL H 24 31.87 50.95 30.34
N GLU H 25 32.41 49.88 29.75
CA GLU H 25 33.54 50.05 28.86
C GLU H 25 33.12 49.94 27.42
N TYR H 26 32.22 49.01 27.11
CA TYR H 26 31.93 48.91 25.67
C TYR H 26 30.63 48.34 25.20
N LEU H 27 30.37 48.67 23.94
CA LEU H 27 29.26 48.16 23.17
C LEU H 27 29.68 47.46 21.87
N ASN H 28 29.32 46.18 21.77
CA ASN H 28 29.65 45.35 20.62
C ASN H 28 28.46 44.92 19.75
N SER H 29 28.79 44.64 18.48
CA SER H 29 27.92 44.05 17.47
C SER H 29 26.60 44.73 17.14
N VAL H 30 26.65 46.03 16.93
CA VAL H 30 25.46 46.77 16.54
C VAL H 30 25.36 46.83 15.01
N SER H 31 24.22 46.40 14.47
CA SER H 31 24.02 46.39 13.02
C SER H 31 22.57 46.55 12.58
N ASN H 32 22.40 47.02 11.34
CA ASN H 32 21.13 47.18 10.64
C ASN H 32 21.06 46.22 9.44
N LEU H 33 20.33 45.11 9.57
CA LEU H 33 20.41 44.12 8.51
C LEU H 33 19.12 43.76 7.79
N GLN H 34 19.04 44.04 6.51
CA GLN H 34 17.89 43.63 5.75
C GLN H 34 18.22 42.34 5.11
N ILE H 35 17.21 41.56 4.87
CA ILE H 35 17.35 40.26 4.27
C ILE H 35 17.23 40.34 2.74
N GLU H 36 18.06 39.60 2.01
CA GLU H 36 18.00 39.55 0.54
C GLU H 36 17.37 38.25 0.08
N GLN H 37 16.66 38.26 -1.04
CA GLN H 37 16.09 37.04 -1.61
C GLN H 37 16.21 37.17 -3.12
N ASP H 38 16.27 36.06 -3.85
CA ASP H 38 16.38 36.19 -5.30
C ASP H 38 15.86 35.03 -6.11
N VAL H 39 15.63 35.30 -7.40
CA VAL H 39 15.28 34.27 -8.36
C VAL H 39 16.03 34.33 -9.67
N ILE H 40 16.04 33.23 -10.37
CA ILE H 40 16.56 33.22 -11.71
C ILE H 40 15.38 33.04 -12.64
N ARG H 41 15.27 33.91 -13.63
CA ARG H 41 14.16 33.78 -14.56
C ARG H 41 14.63 33.76 -15.97
N TYR H 42 14.03 32.88 -16.77
CA TYR H 42 14.37 32.75 -18.18
C TYR H 42 13.94 33.97 -19.01
N GLN H 43 14.58 34.18 -20.15
CA GLN H 43 14.24 35.34 -20.99
C GLN H 43 12.94 35.20 -21.78
N GLN H 44 12.56 36.31 -22.39
CA GLN H 44 11.34 36.42 -23.20
C GLN H 44 11.37 35.59 -24.50
N ASN H 45 11.28 34.28 -24.32
CA ASN H 45 11.27 33.28 -25.39
C ASN H 45 12.27 33.58 -26.51
N GLN H 46 13.45 33.98 -26.09
CA GLN H 46 14.61 34.33 -26.89
C GLN H 46 15.72 33.63 -26.19
N GLY H 47 16.65 32.96 -26.87
CA GLY H 47 17.68 32.20 -26.12
C GLY H 47 18.79 33.01 -25.42
N THR H 48 18.43 34.12 -24.84
CA THR H 48 19.27 35.04 -24.16
C THR H 48 19.26 34.72 -22.68
N THR H 49 20.40 34.95 -22.05
CA THR H 49 20.58 34.72 -20.64
C THR H 49 19.45 35.38 -19.89
N GLY H 50 18.94 34.67 -18.90
CA GLY H 50 17.83 35.15 -18.13
C GLY H 50 18.28 36.21 -17.16
N ARG H 51 17.36 36.64 -16.33
CA ARG H 51 17.64 37.74 -15.43
C ARG H 51 17.72 37.28 -14.01
N ASN H 52 18.52 37.97 -13.21
CA ASN H 52 18.57 37.63 -11.81
C ASN H 52 17.83 38.67 -11.02
N ASN H 53 16.67 38.28 -10.50
CA ASN H 53 15.86 39.22 -9.69
C ASN H 53 16.48 39.30 -8.30
N VAL H 54 17.38 40.26 -8.09
CA VAL H 54 18.09 40.33 -6.83
C VAL H 54 17.68 41.51 -6.00
N THR H 55 16.56 42.09 -6.39
CA THR H 55 16.00 43.26 -5.72
C THR H 55 14.66 42.95 -5.17
N LEU H 56 14.43 41.71 -4.88
CA LEU H 56 13.18 41.40 -4.28
C LEU H 56 13.43 41.93 -2.87
N MET H 57 12.41 42.46 -2.18
CA MET H 57 12.68 43.09 -0.88
C MET H 57 11.93 42.49 0.34
N PRO H 58 12.60 41.61 1.13
CA PRO H 58 12.16 40.91 2.34
C PRO H 58 12.06 41.81 3.56
N GLY H 59 11.74 41.20 4.69
CA GLY H 59 11.69 41.95 5.94
C GLY H 59 13.10 42.12 6.52
N VAL H 60 13.16 42.63 7.73
CA VAL H 60 14.39 42.97 8.41
C VAL H 60 14.71 42.01 9.56
N ALA H 61 15.99 41.64 9.66
CA ALA H 61 16.50 40.73 10.67
C ALA H 61 16.52 41.35 12.05
N LYS H 62 16.55 40.51 13.07
CA LYS H 62 16.59 40.94 14.46
C LYS H 62 17.76 40.27 15.17
N ASP H 63 18.37 40.97 16.13
CA ASP H 63 19.50 40.42 16.86
C ASP H 63 19.64 41.07 18.25
N GLY H 64 20.81 40.92 18.86
CA GLY H 64 21.06 41.48 20.18
C GLY H 64 22.40 42.19 20.28
N SER H 65 22.50 43.12 21.23
CA SER H 65 23.72 43.88 21.45
C SER H 65 24.36 43.53 22.79
N VAL H 66 25.67 43.25 22.77
CA VAL H 66 26.39 42.89 23.97
C VAL H 66 27.14 44.07 24.60
N GLN H 67 27.01 44.21 25.91
CA GLN H 67 27.66 45.27 26.66
C GLN H 67 28.47 44.77 27.80
N VAL H 68 29.56 45.46 28.05
CA VAL H 68 30.38 45.13 29.19
C VAL H 68 30.54 46.25 30.15
N GLU H 69 30.12 45.91 31.37
CA GLU H 69 30.10 46.77 32.53
C GLU H 69 31.50 46.81 33.01
N ARG H 70 31.92 47.94 33.54
CA ARG H 70 33.30 48.01 33.99
C ARG H 70 33.66 46.88 34.93
N GLY H 71 32.77 46.48 35.81
CA GLY H 71 33.17 45.38 36.65
C GLY H 71 32.20 45.07 37.73
N MET H 72 32.46 43.98 38.37
CA MET H 72 31.62 43.57 39.45
C MET H 72 31.80 44.52 40.58
N SER H 73 30.71 44.73 41.30
CA SER H 73 30.64 45.59 42.46
C SER H 73 29.49 45.06 43.27
N GLN H 74 29.20 45.68 44.39
CA GLN H 74 28.09 45.25 45.22
C GLN H 74 26.70 45.52 44.58
N SER H 75 26.66 46.27 43.47
CA SER H 75 25.40 46.58 42.79
C SER H 75 24.71 45.35 42.23
N SER H 76 23.39 45.31 42.41
CA SER H 76 22.52 44.22 41.96
C SER H 76 21.70 44.58 40.73
N VAL H 77 22.06 45.66 40.06
CA VAL H 77 21.24 46.11 38.95
C VAL H 77 21.04 45.13 37.80
N PHE H 78 22.12 44.52 37.30
CA PHE H 78 21.98 43.61 36.12
C PHE H 78 21.35 42.29 36.58
N THR H 79 21.56 41.91 37.85
CA THR H 79 21.03 40.69 38.38
C THR H 79 19.53 40.80 38.51
N GLN H 80 19.02 41.91 39.01
CA GLN H 80 17.58 41.96 39.15
C GLN H 80 16.88 42.05 37.81
N TRP H 81 17.48 42.72 36.82
CA TRP H 81 16.77 42.80 35.55
C TRP H 81 16.57 41.37 35.01
N ILE H 82 17.64 40.56 35.03
CA ILE H 82 17.49 39.20 34.54
C ILE H 82 16.57 38.37 35.43
N ASN H 83 16.53 38.63 36.74
CA ASN H 83 15.64 37.86 37.58
C ASN H 83 14.17 38.09 37.22
N ASP H 84 13.79 39.32 36.87
CA ASP H 84 12.38 39.54 36.50
C ASP H 84 12.05 38.77 35.25
N SER H 85 13.02 38.71 34.34
CA SER H 85 12.79 38.00 33.10
C SER H 85 12.61 36.51 33.35
N MET H 86 13.49 35.93 34.15
CA MET H 86 13.44 34.49 34.42
C MET H 86 12.21 34.10 35.20
N ALA H 87 11.73 35.02 36.03
CA ALA H 87 10.56 34.81 36.86
C ALA H 87 9.25 34.92 36.08
N GLY H 88 9.30 35.35 34.82
CA GLY H 88 8.09 35.49 34.03
C GLY H 88 7.33 36.80 34.21
N ARG H 89 7.99 37.84 34.74
CA ARG H 89 7.31 39.10 34.93
C ARG H 89 7.75 40.02 33.82
N MET H 90 6.90 40.24 32.84
CA MET H 90 7.37 41.01 31.71
C MET H 90 7.85 42.36 32.19
N ALA H 91 9.09 42.68 31.85
CA ALA H 91 9.72 43.92 32.26
C ALA H 91 10.75 44.37 31.25
N THR H 92 10.27 44.79 30.08
CA THR H 92 11.17 45.19 29.01
C THR H 92 11.53 46.62 29.23
N ALA H 93 12.51 47.10 28.48
CA ALA H 93 12.93 48.48 28.68
C ALA H 93 13.21 49.17 27.37
N ARG H 94 13.11 50.49 27.38
CA ARG H 94 13.40 51.25 26.17
C ARG H 94 14.83 51.74 26.27
N LYS H 95 15.65 51.50 25.25
CA LYS H 95 17.04 51.95 25.34
C LYS H 95 17.42 52.97 24.31
N ASN H 96 18.48 53.69 24.61
CA ASN H 96 19.01 54.66 23.67
C ASN H 96 20.53 54.68 23.65
N ALA H 97 21.11 54.19 22.57
CA ALA H 97 22.57 54.13 22.48
C ALA H 97 23.07 55.44 21.90
N THR H 98 23.86 56.17 22.65
CA THR H 98 24.30 57.50 22.23
C THR H 98 25.79 57.62 21.96
N ILE H 99 26.11 58.27 20.85
CA ILE H 99 27.48 58.59 20.51
C ILE H 99 27.72 60.07 20.69
N ILE H 100 28.71 60.39 21.51
CA ILE H 100 29.02 61.78 21.79
C ILE H 100 30.35 62.14 21.16
N VAL H 101 30.42 63.29 20.51
CA VAL H 101 31.65 63.68 19.85
C VAL H 101 32.65 64.27 20.80
N MET H 102 33.83 64.62 20.27
CA MET H 102 34.86 65.28 21.12
C MET H 102 34.15 66.24 22.07
N ASP H 103 33.05 66.86 21.63
CA ASP H 103 32.25 67.76 22.50
C ASP H 103 31.20 66.94 23.23
N TYR H 104 31.37 66.73 24.53
CA TYR H 104 30.42 65.88 25.30
C TYR H 104 29.02 66.51 25.27
N GLU H 105 28.94 67.84 25.19
CA GLU H 105 27.62 68.50 25.08
C GLU H 105 26.96 68.08 23.76
N ASP H 106 27.75 67.93 22.70
CA ASP H 106 27.20 67.57 21.37
C ASP H 106 26.93 66.06 21.30
N ASN H 107 25.66 65.67 21.12
CA ASN H 107 25.30 64.23 21.02
C ASN H 107 24.60 63.99 19.67
N PRO H 108 25.32 64.01 18.52
CA PRO H 108 24.68 63.85 17.23
C PRO H 108 24.07 62.51 16.88
N VAL H 109 24.47 61.39 17.51
CA VAL H 109 23.84 60.15 17.08
C VAL H 109 23.18 59.42 18.22
N LYS H 110 21.92 59.10 18.04
CA LYS H 110 21.18 58.39 19.06
C LYS H 110 20.37 57.28 18.41
N ARG H 111 20.51 56.04 18.89
CA ARG H 111 19.77 54.93 18.29
C ARG H 111 18.71 54.35 19.19
N TRP H 112 17.51 54.21 18.63
CA TRP H 112 16.37 53.65 19.34
C TRP H 112 16.44 52.18 19.45
N ASN H 113 16.24 51.68 20.63
CA ASN H 113 16.15 50.26 20.84
C ASN H 113 14.74 50.00 21.37
N LEU H 114 13.92 49.34 20.54
CA LEU H 114 12.50 49.06 20.91
C LEU H 114 12.39 48.79 22.42
N ARG H 115 11.29 49.23 23.03
CA ARG H 115 11.10 49.06 24.50
C ARG H 115 11.17 47.57 24.87
N ASN H 116 11.16 46.69 23.87
CA ASN H 116 11.18 45.22 24.14
C ASN H 116 12.54 44.81 24.73
N ALA H 117 13.56 45.67 24.60
CA ALA H 117 14.91 45.35 25.10
C ALA H 117 14.81 44.38 26.28
N TRP H 118 15.43 43.19 26.15
CA TRP H 118 15.26 42.13 27.17
C TRP H 118 16.62 41.49 27.48
N CYS H 119 17.04 41.47 28.76
CA CYS H 119 18.29 40.79 29.11
C CYS H 119 18.16 39.29 29.21
N SER H 120 18.99 38.58 28.45
CA SER H 120 18.95 37.12 28.42
C SER H 120 20.13 36.46 29.11
N LYS H 121 21.30 37.08 29.03
CA LYS H 121 22.45 36.40 29.62
C LYS H 121 23.33 37.29 30.46
N VAL H 122 23.82 36.70 31.54
CA VAL H 122 24.82 37.37 32.34
C VAL H 122 26.03 36.45 32.47
N VAL H 123 27.19 36.92 32.04
CA VAL H 123 28.37 36.07 32.08
C VAL H 123 29.50 36.66 32.90
N ALA H 124 30.05 35.83 33.79
CA ALA H 124 31.15 36.21 34.67
C ALA H 124 32.49 36.04 33.95
N GLY H 125 33.50 36.74 34.41
CA GLY H 125 34.83 36.55 33.85
C GLY H 125 35.52 35.40 34.56
N THR H 126 36.80 35.19 34.25
CA THR H 126 37.60 34.11 34.83
C THR H 126 38.23 34.52 36.13
N LEU H 127 38.10 33.69 37.16
CA LEU H 127 38.77 34.06 38.40
C LEU H 127 39.99 33.22 38.62
N LYS H 128 41.17 33.80 38.40
CA LYS H 128 42.40 33.07 38.56
C LYS H 128 43.35 33.73 39.52
N ALA H 129 43.69 33.02 40.58
CA ALA H 129 44.54 33.56 41.60
C ALA H 129 45.91 33.84 41.03
N GLY H 130 46.42 35.01 41.34
CA GLY H 130 47.74 35.39 40.89
C GLY H 130 47.72 36.04 39.52
N ASP H 131 46.57 36.08 38.84
CA ASP H 131 46.56 36.66 37.52
C ASP H 131 46.37 38.16 37.66
N THR H 132 47.41 38.79 38.14
CA THR H 132 47.38 40.18 38.57
C THR H 132 47.43 41.18 37.45
N ASN H 133 46.47 41.10 36.57
CA ASN H 133 46.33 42.01 35.48
C ASN H 133 44.88 42.07 35.16
N ALA H 134 44.15 41.17 35.79
CA ALA H 134 42.77 41.04 35.48
C ALA H 134 41.87 41.54 36.57
N LEU H 135 40.78 42.09 36.11
CA LEU H 135 39.70 42.57 36.92
C LEU H 135 38.47 41.81 36.53
N THR H 136 37.48 41.73 37.38
CA THR H 136 36.34 40.96 36.94
C THR H 136 35.29 41.85 36.30
N GLU H 137 35.05 41.55 35.03
CA GLU H 137 34.13 42.25 34.13
C GLU H 137 32.80 41.56 34.12
N THR H 138 31.73 42.26 33.77
CA THR H 138 30.48 41.53 33.62
C THR H 138 29.96 41.73 32.21
N ILE H 139 29.44 40.67 31.65
CA ILE H 139 28.90 40.75 30.31
C ILE H 139 27.39 40.64 30.33
N THR H 140 26.72 41.62 29.78
CA THR H 140 25.26 41.61 29.76
C THR H 140 24.81 41.50 28.31
N ILE H 141 23.98 40.51 28.03
CA ILE H 141 23.52 40.35 26.65
C ILE H 141 22.04 40.65 26.54
N VAL H 142 21.75 41.64 25.71
CA VAL H 142 20.40 42.16 25.55
C VAL H 142 19.87 41.96 24.16
N PHE H 143 18.71 41.30 24.08
CA PHE H 143 18.11 41.05 22.75
C PHE H 143 17.13 42.18 22.42
N GLU H 144 17.00 42.52 21.14
CA GLU H 144 16.10 43.62 20.72
C GLU H 144 15.45 43.30 19.37
N GLU H 145 14.18 43.66 19.19
CA GLU H 145 13.55 43.47 17.88
C GLU H 145 13.93 44.50 16.83
N LEU H 146 13.98 45.74 17.25
CA LEU H 146 14.12 46.82 16.30
C LEU H 146 15.06 47.94 16.69
N VAL H 147 15.95 48.30 15.76
CA VAL H 147 16.85 49.41 15.97
C VAL H 147 16.65 50.49 14.95
N VAL H 148 16.39 51.71 15.41
CA VAL H 148 16.18 52.82 14.48
C VAL H 148 17.15 53.99 14.68
N GLU H 149 17.83 54.36 13.59
CA GLU H 149 18.85 55.41 13.50
C GLU H 149 18.20 56.78 13.74
N MET I 1 -19.14 -14.73 -73.11
CA MET I 1 -18.23 -14.81 -71.98
C MET I 1 -17.80 -13.38 -71.51
N PRO I 2 -18.72 -12.38 -71.27
CA PRO I 2 -18.41 -10.97 -71.03
C PRO I 2 -17.90 -10.63 -69.63
N SER I 3 -16.83 -11.28 -69.19
CA SER I 3 -16.25 -10.93 -67.89
C SER I 3 -17.29 -10.73 -66.81
N TYR I 4 -17.25 -9.49 -66.29
CA TYR I 4 -18.14 -9.05 -65.20
C TYR I 4 -17.68 -7.61 -64.96
N LEU I 5 -16.57 -7.21 -65.60
CA LEU I 5 -16.03 -5.86 -65.45
C LEU I 5 -17.01 -4.74 -65.70
N SER I 6 -17.72 -4.78 -66.83
CA SER I 6 -18.61 -3.69 -67.10
C SER I 6 -19.60 -3.95 -68.21
N PRO I 7 -20.82 -3.40 -68.12
CA PRO I 7 -21.80 -3.31 -69.20
C PRO I 7 -21.22 -2.59 -70.43
N GLY I 8 -20.19 -1.78 -70.21
CA GLY I 8 -19.50 -1.01 -71.23
C GLY I 8 -18.04 -0.92 -70.81
N VAL I 9 -17.19 -1.65 -71.51
CA VAL I 9 -15.78 -1.75 -71.16
C VAL I 9 -14.85 -0.73 -71.75
N TYR I 10 -14.89 -0.50 -73.04
CA TYR I 10 -13.89 0.43 -73.55
C TYR I 10 -14.25 1.85 -73.22
N VAL I 11 -15.55 2.12 -73.17
CA VAL I 11 -16.04 3.40 -72.75
C VAL I 11 -16.93 3.13 -71.56
N GLU I 12 -16.62 3.73 -70.43
CA GLU I 12 -17.40 3.41 -69.27
C GLU I 12 -18.72 4.15 -69.24
N GLU I 13 -19.68 3.55 -69.97
CA GLU I 13 -21.05 3.99 -70.23
C GLU I 13 -21.82 4.09 -68.92
N VAL I 14 -21.29 3.42 -67.93
CA VAL I 14 -21.83 3.37 -66.59
C VAL I 14 -21.79 4.74 -65.86
N ALA I 15 -20.89 5.68 -66.29
CA ALA I 15 -20.73 7.02 -65.77
C ALA I 15 -21.64 7.96 -66.57
N GLY I 28 -40.17 -1.75 -60.23
CA GLY I 28 -39.94 -2.23 -61.58
C GLY I 28 -41.18 -3.01 -62.05
N VAL I 29 -41.09 -3.63 -63.26
CA VAL I 29 -42.16 -4.43 -63.88
C VAL I 29 -41.87 -5.94 -64.01
N GLY I 30 -40.63 -6.37 -63.75
CA GLY I 30 -40.28 -7.79 -63.81
C GLY I 30 -39.45 -8.18 -65.03
N THR I 31 -38.96 -9.42 -65.02
CA THR I 31 -38.08 -9.99 -66.06
C THR I 31 -38.87 -10.79 -67.08
N SER I 32 -40.18 -10.76 -66.91
CA SER I 32 -41.16 -11.46 -67.72
C SER I 32 -41.91 -10.50 -68.65
N VAL I 33 -41.42 -9.28 -68.78
CA VAL I 33 -42.03 -8.28 -69.64
C VAL I 33 -41.62 -8.34 -71.11
N ALA I 34 -42.67 -8.32 -71.93
CA ALA I 34 -42.60 -8.40 -73.38
C ALA I 34 -42.77 -7.06 -74.06
N ALA I 35 -42.35 -6.98 -75.31
CA ALA I 35 -42.64 -5.81 -76.12
C ALA I 35 -43.04 -6.22 -77.53
N PHE I 36 -44.02 -5.51 -78.07
CA PHE I 36 -44.54 -5.82 -79.39
C PHE I 36 -44.61 -4.62 -80.33
N VAL I 37 -44.35 -4.90 -81.61
CA VAL I 37 -44.46 -3.90 -82.66
C VAL I 37 -45.53 -4.21 -83.72
N GLY I 38 -46.49 -3.30 -83.87
CA GLY I 38 -47.55 -3.48 -84.86
C GLY I 38 -48.52 -2.32 -84.95
N LEU I 39 -49.52 -2.44 -85.81
CA LEU I 39 -50.52 -1.41 -86.12
C LEU I 39 -51.74 -1.40 -85.23
N ALA I 40 -52.43 -0.26 -85.20
CA ALA I 40 -53.67 -0.17 -84.44
C ALA I 40 -54.60 0.93 -85.00
N PRO I 41 -55.90 0.88 -84.74
CA PRO I 41 -56.89 1.90 -85.02
C PRO I 41 -56.66 3.02 -84.03
N THR I 42 -57.49 4.06 -84.08
CA THR I 42 -57.32 5.24 -83.25
C THR I 42 -56.88 4.88 -81.85
N GLY I 43 -55.78 5.50 -81.48
CA GLY I 43 -55.06 5.29 -80.24
C GLY I 43 -53.83 6.20 -80.24
N PRO I 44 -52.88 6.01 -79.31
CA PRO I 44 -51.67 6.81 -79.10
C PRO I 44 -50.70 6.63 -80.24
N LEU I 45 -49.82 7.60 -80.40
CA LEU I 45 -48.79 7.68 -81.43
C LEU I 45 -47.64 6.70 -81.23
N ASN I 46 -46.72 6.68 -82.20
CA ASN I 46 -45.57 5.78 -82.17
C ASN I 46 -44.56 6.10 -81.07
N GLU I 47 -44.42 7.35 -80.74
CA GLU I 47 -43.43 7.79 -79.78
C GLU I 47 -43.66 7.36 -78.30
N PRO I 48 -44.85 7.54 -77.69
CA PRO I 48 -45.14 7.20 -76.31
C PRO I 48 -45.36 5.72 -76.14
N THR I 49 -44.30 4.94 -76.32
CA THR I 49 -44.45 3.50 -76.20
C THR I 49 -44.97 3.24 -74.79
N LEU I 50 -46.04 2.47 -74.72
CA LEU I 50 -46.71 2.22 -73.44
C LEU I 50 -46.54 0.84 -72.88
N VAL I 51 -46.22 0.74 -71.60
CA VAL I 51 -46.14 -0.57 -70.96
C VAL I 51 -47.31 -0.74 -70.03
N THR I 52 -48.00 -1.88 -70.19
CA THR I 52 -49.18 -2.01 -69.32
C THR I 52 -49.90 -3.35 -69.35
N ASN I 53 -51.15 -3.35 -68.94
CA ASN I 53 -52.09 -4.46 -68.79
C ASN I 53 -53.07 -4.53 -69.96
N TRP I 54 -53.67 -5.70 -70.20
CA TRP I 54 -54.71 -5.83 -71.23
C TRP I 54 -55.81 -4.77 -71.12
N THR I 55 -56.26 -4.45 -69.92
CA THR I 55 -57.38 -3.51 -69.80
C THR I 55 -57.08 -2.15 -70.42
N GLN I 56 -55.89 -1.63 -70.15
CA GLN I 56 -55.50 -0.35 -70.70
C GLN I 56 -55.13 -0.52 -72.14
N TYR I 57 -54.53 -1.65 -72.49
CA TYR I 57 -54.16 -1.88 -73.86
C TYR I 57 -55.35 -1.68 -74.74
N VAL I 58 -56.46 -2.28 -74.38
CA VAL I 58 -57.63 -2.13 -75.22
C VAL I 58 -58.11 -0.70 -75.22
N ALA I 59 -58.18 -0.07 -74.04
CA ALA I 59 -58.67 1.29 -74.00
C ALA I 59 -57.82 2.21 -74.88
N ALA I 60 -56.51 1.97 -74.93
CA ALA I 60 -55.61 2.77 -75.72
C ALA I 60 -55.52 2.38 -77.19
N PHE I 61 -55.53 1.08 -77.53
CA PHE I 61 -55.31 0.65 -78.91
C PHE I 61 -56.49 0.02 -79.68
N GLY I 62 -57.61 -0.33 -79.01
CA GLY I 62 -58.75 -0.94 -79.71
C GLY I 62 -58.93 -2.43 -79.40
N ASP I 63 -60.19 -2.88 -79.36
CA ASP I 63 -60.46 -4.29 -79.04
C ASP I 63 -60.52 -5.16 -80.30
N PHE I 64 -59.40 -5.30 -81.03
CA PHE I 64 -59.34 -6.19 -82.22
C PHE I 64 -60.22 -5.68 -83.38
N THR I 65 -60.72 -4.44 -83.32
CA THR I 65 -61.62 -3.92 -84.33
C THR I 65 -60.93 -3.39 -85.58
N GLY I 66 -59.64 -3.19 -85.47
CA GLY I 66 -58.84 -2.65 -86.56
C GLY I 66 -58.17 -3.69 -87.46
N GLY I 67 -58.39 -5.00 -87.23
CA GLY I 67 -57.78 -6.00 -88.11
C GLY I 67 -56.26 -6.12 -88.01
N TYR I 68 -55.71 -5.88 -86.83
CA TYR I 68 -54.27 -5.88 -86.61
C TYR I 68 -53.81 -7.02 -85.71
N TYR I 69 -52.55 -7.41 -85.85
CA TYR I 69 -52.00 -8.51 -85.06
C TYR I 69 -51.62 -8.21 -83.62
N LEU I 70 -51.42 -6.96 -83.25
CA LEU I 70 -51.10 -6.72 -81.85
C LEU I 70 -52.22 -7.18 -80.94
N ALA I 71 -53.48 -6.99 -81.31
CA ALA I 71 -54.50 -7.33 -80.32
C ALA I 71 -54.44 -8.79 -79.97
N HIS I 72 -54.22 -9.66 -80.97
CA HIS I 72 -54.23 -11.09 -80.59
C HIS I 72 -52.95 -11.45 -79.84
N SER I 73 -51.79 -10.93 -80.28
CA SER I 73 -50.57 -11.34 -79.60
C SER I 73 -50.53 -10.79 -78.18
N VAL I 74 -51.03 -9.57 -77.99
CA VAL I 74 -51.06 -8.97 -76.68
C VAL I 74 -52.08 -9.73 -75.83
N TYR I 75 -53.24 -10.04 -76.39
CA TYR I 75 -54.22 -10.79 -75.64
C TYR I 75 -53.66 -12.13 -75.22
N GLY I 76 -53.05 -12.84 -76.17
CA GLY I 76 -52.48 -14.16 -75.90
C GLY I 76 -51.45 -14.07 -74.82
N PHE I 77 -50.69 -12.98 -74.80
CA PHE I 77 -49.74 -12.81 -73.74
C PHE I 77 -50.48 -12.72 -72.42
N PHE I 78 -51.52 -11.88 -72.35
CA PHE I 78 -52.22 -11.70 -71.08
C PHE I 78 -53.23 -12.78 -70.76
N ASN I 79 -53.48 -13.68 -71.69
CA ASN I 79 -54.38 -14.79 -71.47
C ASN I 79 -53.60 -15.92 -70.82
N ASN I 80 -52.27 -15.70 -70.66
CA ASN I 80 -51.34 -16.67 -70.00
C ASN I 80 -50.64 -15.94 -68.84
N GLY I 81 -49.29 -15.91 -68.76
CA GLY I 81 -48.72 -15.14 -67.64
C GLY I 81 -48.14 -13.80 -68.10
N GLY I 82 -47.49 -13.06 -67.18
CA GLY I 82 -46.87 -11.78 -67.54
C GLY I 82 -47.57 -10.59 -66.92
N SER I 83 -46.76 -9.68 -66.35
CA SER I 83 -47.27 -8.51 -65.68
C SER I 83 -47.57 -7.35 -66.60
N ALA I 84 -46.84 -7.27 -67.69
CA ALA I 84 -46.98 -6.15 -68.58
C ALA I 84 -46.33 -6.40 -69.91
N ALA I 85 -46.70 -5.55 -70.86
CA ALA I 85 -46.02 -5.55 -72.13
C ALA I 85 -45.99 -4.15 -72.71
N TYR I 86 -44.93 -3.86 -73.45
CA TYR I 86 -44.75 -2.60 -74.15
C TYR I 86 -45.33 -2.64 -75.55
N VAL I 87 -46.12 -1.63 -75.88
CA VAL I 87 -46.69 -1.59 -77.21
C VAL I 87 -46.35 -0.36 -78.01
N VAL I 88 -45.81 -0.65 -79.20
CA VAL I 88 -45.44 0.36 -80.17
C VAL I 88 -46.51 0.46 -81.22
N ARG I 89 -47.06 1.67 -81.37
CA ARG I 89 -48.15 1.92 -82.31
C ARG I 89 -47.82 1.67 -83.78
N VAL I 90 -46.60 2.06 -84.20
CA VAL I 90 -46.11 1.87 -85.61
C VAL I 90 -46.82 2.79 -86.60
N GLY I 91 -48.12 2.67 -86.76
CA GLY I 91 -48.96 3.42 -87.68
C GLY I 91 -50.42 3.02 -87.50
N GLY I 92 -51.31 3.65 -88.26
CA GLY I 92 -52.70 3.30 -88.10
C GLY I 92 -53.14 2.15 -89.00
N SER I 93 -54.21 1.46 -88.62
CA SER I 93 -54.81 0.47 -89.51
C SER I 93 -55.41 1.22 -90.68
N ALA I 94 -55.39 0.62 -91.86
CA ALA I 94 -56.03 1.19 -93.04
C ALA I 94 -57.52 0.96 -92.97
N GLU I 95 -58.29 1.86 -93.57
CA GLU I 95 -59.73 1.66 -93.64
C GLU I 95 -60.04 0.42 -94.47
N ASP I 96 -61.05 -0.38 -94.03
CA ASP I 96 -61.57 -1.61 -94.70
C ASP I 96 -60.44 -2.51 -95.23
N GLN I 232 -43.40 2.48 -100.70
CA GLN I 232 -43.59 2.70 -99.28
C GLN I 232 -45.01 2.27 -98.83
N ALA I 233 -45.12 0.98 -98.43
CA ALA I 233 -46.32 0.34 -97.89
C ALA I 233 -45.95 0.00 -96.46
N GLU I 234 -45.92 -1.31 -96.13
CA GLU I 234 -45.40 -1.75 -94.80
C GLU I 234 -43.89 -1.59 -94.87
N SER I 235 -43.41 -0.36 -94.77
CA SER I 235 -42.02 0.02 -94.95
C SER I 235 -41.03 -0.30 -93.84
N ALA I 236 -39.77 -0.35 -94.25
CA ALA I 236 -38.64 -0.60 -93.37
C ALA I 236 -38.50 0.46 -92.29
N HIS I 237 -38.96 1.69 -92.54
CA HIS I 237 -38.84 2.73 -91.52
C HIS I 237 -40.16 3.00 -90.77
N PRO I 238 -41.18 3.68 -91.35
CA PRO I 238 -42.48 3.82 -90.70
C PRO I 238 -43.10 2.45 -90.96
N GLY I 239 -44.04 1.99 -90.13
CA GLY I 239 -44.50 0.63 -90.42
C GLY I 239 -43.78 -0.27 -89.41
N PRO I 240 -44.00 -1.59 -89.44
CA PRO I 240 -43.53 -2.54 -88.44
C PRO I 240 -42.07 -2.85 -88.59
N ALA I 241 -41.24 -1.83 -88.41
CA ALA I 241 -39.82 -1.98 -88.63
C ALA I 241 -38.94 -1.09 -87.74
N GLN I 242 -38.16 -0.15 -88.33
CA GLN I 242 -37.32 0.69 -87.48
C GLN I 242 -36.97 2.09 -87.93
N TYR I 243 -37.25 3.06 -87.06
CA TYR I 243 -36.85 4.43 -87.30
C TYR I 243 -36.25 5.06 -86.05
N LEU I 244 -34.99 5.49 -86.16
CA LEU I 244 -34.30 6.09 -85.04
C LEU I 244 -34.50 7.57 -84.92
N GLY I 245 -34.53 8.30 -86.03
CA GLY I 245 -34.72 9.73 -85.87
C GLY I 245 -33.54 10.42 -85.20
N ASP I 246 -32.31 10.01 -85.49
CA ASP I 246 -31.16 10.60 -84.79
C ASP I 246 -31.28 10.46 -83.28
N SER I 247 -31.53 9.22 -82.88
CA SER I 247 -31.74 8.79 -81.50
C SER I 247 -32.95 9.44 -80.85
N SER I 248 -34.02 9.59 -81.63
CA SER I 248 -35.29 10.06 -81.12
C SER I 248 -36.05 8.81 -80.72
N ASP I 249 -35.64 7.67 -81.31
CA ASP I 249 -36.15 6.33 -81.04
C ASP I 249 -37.66 6.29 -81.13
N ARG I 250 -38.17 6.90 -82.19
CA ARG I 250 -39.59 7.07 -82.41
C ARG I 250 -40.39 5.86 -82.90
N THR I 251 -39.85 5.04 -83.80
CA THR I 251 -40.73 3.95 -84.28
C THR I 251 -40.08 2.58 -84.27
N GLY I 252 -40.90 1.61 -83.88
CA GLY I 252 -40.53 0.21 -83.93
C GLY I 252 -39.35 -0.12 -83.06
N PHE I 253 -38.34 -0.72 -83.69
CA PHE I 253 -37.10 -1.16 -83.04
C PHE I 253 -36.29 0.03 -82.58
N GLY I 254 -36.68 1.22 -82.99
CA GLY I 254 -36.00 2.41 -82.59
C GLY I 254 -36.00 2.51 -81.07
N GLY I 255 -37.03 1.98 -80.40
CA GLY I 255 -37.12 2.05 -78.95
C GLY I 255 -36.27 1.01 -78.21
N LEU I 256 -35.59 0.11 -78.93
CA LEU I 256 -34.78 -0.90 -78.28
C LEU I 256 -33.54 -0.20 -77.75
N GLU I 257 -32.99 -0.71 -76.65
CA GLU I 257 -31.85 -0.14 -75.91
C GLU I 257 -32.34 1.05 -75.08
N ALA I 258 -33.00 1.98 -75.75
CA ALA I 258 -33.60 3.15 -75.12
C ALA I 258 -34.58 2.72 -74.04
N ILE I 259 -35.31 1.64 -74.28
CA ILE I 259 -36.25 1.14 -73.30
C ILE I 259 -35.72 -0.13 -72.65
N ASP I 260 -35.57 -0.05 -71.33
CA ASP I 260 -35.07 -1.11 -70.48
C ASP I 260 -36.23 -1.99 -69.96
N GLU I 261 -35.90 -3.00 -69.18
CA GLU I 261 -36.82 -3.96 -68.58
C GLU I 261 -37.73 -4.68 -69.57
N ILE I 262 -37.16 -5.06 -70.70
CA ILE I 262 -37.83 -5.87 -71.70
C ILE I 262 -36.92 -7.04 -71.91
N SER I 263 -37.45 -8.24 -71.72
CA SER I 263 -36.63 -9.43 -71.91
C SER I 263 -36.99 -10.16 -73.19
N MET I 264 -38.20 -9.93 -73.70
CA MET I 264 -38.60 -10.61 -74.92
C MET I 264 -39.35 -9.73 -75.89
N VAL I 265 -39.08 -9.94 -77.18
CA VAL I 265 -39.71 -9.15 -78.24
C VAL I 265 -40.28 -9.92 -79.43
N ALA I 266 -41.29 -9.31 -80.06
CA ALA I 266 -41.91 -9.85 -81.27
C ALA I 266 -42.54 -8.75 -82.12
N VAL I 267 -42.78 -9.03 -83.41
CA VAL I 267 -43.42 -8.05 -84.28
C VAL I 267 -44.64 -8.65 -84.96
N PRO I 268 -45.82 -8.65 -84.31
CA PRO I 268 -47.05 -9.25 -84.79
C PRO I 268 -47.47 -8.84 -86.20
N ASP I 269 -47.17 -7.62 -86.65
CA ASP I 269 -47.60 -7.26 -88.03
C ASP I 269 -46.50 -7.34 -89.08
N LEU I 270 -45.38 -8.02 -88.83
CA LEU I 270 -44.39 -8.09 -89.91
C LEU I 270 -44.60 -9.29 -90.82
N MET I 271 -44.34 -10.53 -90.38
CA MET I 271 -44.57 -11.65 -91.31
C MET I 271 -46.03 -11.77 -91.65
N ALA I 272 -46.87 -11.43 -90.70
CA ALA I 272 -48.29 -11.52 -90.87
C ALA I 272 -48.81 -10.55 -91.91
N ALA I 273 -48.03 -9.55 -92.28
CA ALA I 273 -48.45 -8.59 -93.27
C ALA I 273 -47.61 -8.72 -94.52
N TYR I 274 -46.91 -9.84 -94.69
CA TYR I 274 -46.02 -10.04 -95.83
C TYR I 274 -46.70 -9.75 -97.18
N GLN I 275 -47.99 -10.09 -97.32
CA GLN I 275 -48.65 -9.77 -98.58
C GLN I 275 -49.59 -8.57 -98.50
N ARG I 276 -50.33 -8.41 -97.40
CA ARG I 276 -51.28 -7.27 -97.27
C ARG I 276 -50.51 -5.94 -97.25
N GLY I 277 -49.24 -5.95 -96.85
CA GLY I 277 -48.42 -4.77 -96.76
C GLY I 277 -47.52 -4.61 -97.99
N ALA I 278 -47.66 -5.49 -99.00
CA ALA I 278 -46.82 -5.47 -100.20
C ALA I 278 -45.32 -5.51 -99.86
N ILE I 279 -44.94 -6.41 -98.95
CA ILE I 279 -43.59 -6.58 -98.47
C ILE I 279 -43.16 -8.04 -98.42
N ASP I 280 -43.30 -8.69 -99.57
CA ASP I 280 -43.09 -10.16 -99.58
C ASP I 280 -41.72 -10.59 -100.08
N LEU I 281 -41.30 -11.78 -99.70
CA LEU I 281 -40.08 -12.46 -100.10
C LEU I 281 -38.80 -12.06 -99.37
N GLU I 282 -38.41 -10.81 -99.57
CA GLU I 282 -37.18 -10.24 -98.99
C GLU I 282 -37.43 -9.17 -97.95
N ALA I 283 -38.53 -8.44 -98.10
CA ALA I 283 -38.78 -7.30 -97.25
C ALA I 283 -38.93 -7.71 -95.79
N VAL I 284 -39.46 -8.91 -95.54
CA VAL I 284 -39.59 -9.34 -94.16
C VAL I 284 -38.23 -9.56 -93.53
N LYS I 285 -37.31 -10.24 -94.22
CA LYS I 285 -35.98 -10.49 -93.68
C LYS I 285 -35.25 -9.19 -93.40
N ALA I 286 -35.51 -8.19 -94.24
CA ALA I 286 -34.89 -6.87 -94.13
C ALA I 286 -35.19 -6.22 -92.78
N VAL I 287 -36.26 -6.63 -92.14
CA VAL I 287 -36.66 -6.10 -90.87
C VAL I 287 -36.40 -7.10 -89.75
N GLN I 288 -36.77 -8.35 -89.99
CA GLN I 288 -36.70 -9.45 -89.04
C GLN I 288 -35.26 -9.65 -88.54
N LEU I 289 -34.28 -9.46 -89.42
CA LEU I 289 -32.89 -9.58 -89.05
C LEU I 289 -32.45 -8.45 -88.13
N GLY I 290 -33.13 -7.30 -88.19
CA GLY I 290 -32.82 -6.16 -87.36
C GLY I 290 -33.24 -6.50 -85.94
N LEU I 291 -34.41 -7.11 -85.80
CA LEU I 291 -34.91 -7.45 -84.47
C LEU I 291 -33.88 -8.31 -83.76
N ILE I 292 -33.32 -9.25 -84.53
CA ILE I 292 -32.33 -10.15 -84.01
C ILE I 292 -31.04 -9.43 -83.67
N ALA I 293 -30.56 -8.56 -84.57
CA ALA I 293 -29.33 -7.85 -84.31
C ALA I 293 -29.41 -6.98 -83.06
N HIS I 294 -30.55 -6.36 -82.83
CA HIS I 294 -30.66 -5.49 -81.67
C HIS I 294 -30.61 -6.30 -80.41
N CYS I 295 -31.25 -7.46 -80.44
CA CYS I 295 -31.23 -8.31 -79.27
C CYS I 295 -29.81 -8.75 -78.96
N GLU I 296 -29.03 -9.11 -79.99
CA GLU I 296 -27.65 -9.50 -79.74
C GLU I 296 -26.82 -8.38 -79.16
N LEU I 297 -27.03 -7.15 -79.64
CA LEU I 297 -26.26 -6.04 -79.11
C LEU I 297 -26.54 -5.80 -77.64
N MET I 298 -27.81 -5.91 -77.24
CA MET I 298 -28.21 -5.75 -75.86
C MET I 298 -27.84 -6.92 -74.96
N GLY I 299 -27.86 -8.11 -75.54
CA GLY I 299 -27.55 -9.35 -74.84
C GLY I 299 -28.76 -9.86 -74.09
N ASP I 300 -29.24 -9.10 -73.14
CA ASP I 300 -30.39 -9.57 -72.37
C ASP I 300 -31.71 -9.27 -73.03
N ARG I 301 -31.99 -9.97 -74.12
CA ARG I 301 -33.25 -9.84 -74.82
C ARG I 301 -33.35 -10.93 -75.90
N VAL I 302 -34.49 -11.59 -75.99
CA VAL I 302 -34.65 -12.64 -77.01
C VAL I 302 -35.81 -12.40 -77.98
N ALA I 303 -35.50 -12.56 -79.27
CA ALA I 303 -36.45 -12.41 -80.36
C ALA I 303 -37.21 -13.69 -80.70
N ILE I 304 -38.49 -13.52 -80.99
CA ILE I 304 -39.34 -14.59 -81.44
C ILE I 304 -39.51 -14.46 -82.95
N ILE I 305 -39.13 -15.50 -83.70
CA ILE I 305 -39.18 -15.39 -85.16
C ILE I 305 -40.48 -15.94 -85.71
N ASP I 306 -41.21 -15.09 -86.41
CA ASP I 306 -42.46 -15.48 -87.03
C ASP I 306 -42.28 -16.16 -88.43
N PRO I 307 -42.76 -17.42 -88.63
CA PRO I 307 -42.71 -18.20 -89.85
C PRO I 307 -43.80 -17.70 -90.81
N PRO I 308 -43.72 -17.95 -92.13
CA PRO I 308 -44.75 -17.68 -93.10
C PRO I 308 -46.01 -18.46 -92.75
N PRO I 309 -47.22 -18.00 -93.10
CA PRO I 309 -48.51 -18.65 -92.87
C PRO I 309 -48.74 -20.05 -93.43
N ASN I 310 -48.05 -20.46 -94.50
CA ASN I 310 -48.35 -21.78 -95.03
C ASN I 310 -47.17 -22.50 -95.65
N GLN I 311 -46.53 -23.36 -94.87
CA GLN I 311 -45.41 -24.11 -95.39
C GLN I 311 -45.43 -25.57 -94.98
N ASN I 312 -44.99 -26.40 -95.91
CA ASN I 312 -44.78 -27.82 -95.73
C ASN I 312 -43.57 -27.99 -94.85
N ALA I 313 -43.47 -29.08 -94.13
CA ALA I 313 -42.28 -29.24 -93.30
C ALA I 313 -41.00 -29.09 -94.12
N ARG I 314 -41.02 -29.54 -95.37
CA ARG I 314 -39.86 -29.39 -96.22
C ARG I 314 -39.56 -27.92 -96.47
N GLN I 315 -40.61 -27.10 -96.58
CA GLN I 315 -40.48 -25.69 -96.86
C GLN I 315 -40.05 -24.94 -95.61
N ILE I 316 -40.50 -25.42 -94.44
CA ILE I 316 -40.08 -24.79 -93.19
C ILE I 316 -38.59 -24.95 -93.07
N ARG I 317 -38.11 -26.18 -93.34
CA ARG I 317 -36.70 -26.48 -93.26
C ARG I 317 -35.86 -25.76 -94.29
N VAL I 318 -36.28 -25.76 -95.55
CA VAL I 318 -35.50 -25.09 -96.57
C VAL I 318 -35.49 -23.61 -96.32
N TRP I 319 -36.62 -23.04 -95.95
CA TRP I 319 -36.63 -21.63 -95.70
C TRP I 319 -35.63 -21.32 -94.58
N ARG I 320 -35.74 -22.02 -93.45
CA ARG I 320 -34.81 -21.78 -92.37
C ARG I 320 -33.33 -22.09 -92.70
N GLN I 321 -33.05 -23.10 -93.52
CA GLN I 321 -31.65 -23.42 -93.81
C GLN I 321 -31.02 -22.70 -95.01
N GLU I 322 -31.79 -22.48 -96.07
CA GLU I 322 -31.23 -21.93 -97.29
C GLU I 322 -31.69 -20.52 -97.71
N THR I 323 -32.93 -20.11 -97.41
CA THR I 323 -33.38 -18.83 -97.97
C THR I 323 -33.59 -17.77 -96.91
N ALA I 324 -33.71 -18.20 -95.68
CA ALA I 324 -33.95 -17.36 -94.53
C ALA I 324 -33.17 -17.84 -93.34
N GLY I 325 -31.85 -17.88 -93.46
CA GLY I 325 -31.07 -18.32 -92.33
C GLY I 325 -31.00 -17.16 -91.33
N TYR I 326 -30.91 -17.48 -90.06
CA TYR I 326 -30.80 -16.50 -89.01
C TYR I 326 -29.60 -16.82 -88.12
N ASP I 327 -29.63 -18.02 -87.55
CA ASP I 327 -28.60 -18.64 -86.70
C ASP I 327 -28.12 -17.82 -85.50
N SER I 328 -29.04 -17.12 -84.84
CA SER I 328 -28.70 -16.30 -83.69
C SER I 328 -28.85 -16.96 -82.34
N LYS I 329 -28.10 -16.46 -81.36
CA LYS I 329 -28.15 -16.97 -79.99
C LYS I 329 -29.23 -16.27 -79.19
N TYR I 330 -29.85 -15.30 -79.82
CA TYR I 330 -30.87 -14.45 -79.24
C TYR I 330 -32.19 -14.63 -79.90
N ALA I 331 -32.43 -15.79 -80.47
CA ALA I 331 -33.69 -16.00 -81.16
C ALA I 331 -34.05 -17.48 -81.32
N ALA I 332 -35.34 -17.72 -81.54
CA ALA I 332 -35.82 -19.08 -81.88
C ALA I 332 -37.03 -19.04 -82.82
N LEU I 333 -37.12 -20.08 -83.66
CA LEU I 333 -38.19 -20.31 -84.63
C LEU I 333 -39.07 -21.52 -84.27
N TYR I 334 -40.38 -21.42 -84.57
CA TYR I 334 -41.38 -22.46 -84.36
C TYR I 334 -42.11 -22.83 -85.66
N TYR I 335 -42.54 -24.09 -85.79
CA TYR I 335 -43.12 -24.57 -87.07
C TYR I 335 -44.52 -24.00 -87.35
N PRO I 336 -45.61 -24.45 -86.68
CA PRO I 336 -46.96 -24.03 -87.06
C PRO I 336 -47.55 -22.79 -86.37
N TRP I 337 -48.55 -22.17 -86.99
CA TRP I 337 -49.25 -21.02 -86.36
C TRP I 337 -50.31 -21.57 -85.41
N ILE I 338 -51.25 -20.73 -84.96
CA ILE I 338 -52.25 -21.20 -83.95
C ILE I 338 -53.63 -20.62 -84.27
N LYS I 339 -54.57 -21.46 -84.72
CA LYS I 339 -55.93 -20.98 -84.92
C LYS I 339 -56.51 -20.50 -83.62
N SER I 340 -57.17 -19.34 -83.65
CA SER I 340 -57.80 -18.79 -82.45
C SER I 340 -59.00 -17.89 -82.75
N PHE I 341 -59.79 -17.59 -81.72
CA PHE I 341 -60.98 -16.76 -81.83
C PHE I 341 -60.72 -15.26 -81.72
N ASP I 342 -61.33 -14.47 -82.60
CA ASP I 342 -61.26 -13.01 -82.59
C ASP I 342 -62.66 -12.40 -82.52
N PRO I 343 -63.11 -11.91 -81.35
CA PRO I 343 -64.44 -11.39 -81.07
C PRO I 343 -64.90 -10.31 -82.02
N ALA I 344 -63.97 -9.61 -82.67
CA ALA I 344 -64.36 -8.54 -83.57
C ALA I 344 -65.12 -9.09 -84.78
N THR I 345 -64.75 -10.29 -85.25
CA THR I 345 -65.41 -10.83 -86.44
C THR I 345 -65.90 -12.27 -86.30
N GLY I 346 -65.36 -13.03 -85.34
CA GLY I 346 -65.67 -14.46 -85.23
C GLY I 346 -64.42 -15.35 -85.10
N GLN I 347 -64.62 -16.63 -85.36
CA GLN I 347 -63.60 -17.66 -85.22
C GLN I 347 -62.58 -17.78 -86.35
N SER I 348 -62.80 -17.09 -87.46
CA SER I 348 -61.96 -17.25 -88.63
C SER I 348 -60.62 -16.51 -88.58
N ARG I 349 -59.74 -16.90 -87.66
CA ARG I 349 -58.44 -16.24 -87.59
C ARG I 349 -57.23 -17.13 -87.25
N LEU I 350 -56.14 -16.90 -87.99
CA LEU I 350 -54.88 -17.58 -87.69
C LEU I 350 -53.87 -16.55 -87.23
N VAL I 351 -53.02 -16.91 -86.27
CA VAL I 351 -51.99 -16.01 -85.76
C VAL I 351 -50.63 -16.73 -85.70
N PRO I 352 -49.49 -16.05 -85.96
CA PRO I 352 -48.17 -16.61 -85.86
C PRO I 352 -47.97 -17.13 -84.43
N PRO I 353 -47.06 -18.08 -84.21
CA PRO I 353 -46.73 -18.65 -82.91
C PRO I 353 -45.89 -17.68 -82.09
N SER I 354 -46.51 -16.56 -81.72
CA SER I 354 -45.86 -15.50 -80.93
C SER I 354 -46.93 -14.93 -80.00
N GLY I 355 -46.54 -14.15 -78.99
CA GLY I 355 -47.51 -13.58 -78.03
C GLY I 355 -47.85 -14.61 -76.97
N HIS I 356 -48.40 -15.71 -77.43
CA HIS I 356 -48.77 -16.86 -76.63
C HIS I 356 -47.53 -17.54 -76.09
N VAL I 357 -46.45 -17.60 -76.88
CA VAL I 357 -45.25 -18.28 -76.40
C VAL I 357 -44.63 -17.41 -75.31
N ALA I 358 -44.71 -16.11 -75.48
CA ALA I 358 -44.18 -15.18 -74.49
C ALA I 358 -44.97 -15.36 -73.20
N GLY I 359 -46.27 -15.58 -73.35
CA GLY I 359 -47.18 -15.83 -72.24
C GLY I 359 -46.83 -17.11 -71.47
N ILE I 360 -46.33 -18.13 -72.19
CA ILE I 360 -45.93 -19.37 -71.54
C ILE I 360 -44.66 -19.12 -70.75
N TRP I 361 -43.71 -18.42 -71.36
CA TRP I 361 -42.48 -18.15 -70.68
C TRP I 361 -42.76 -17.36 -69.43
N ALA I 362 -43.63 -16.35 -69.54
CA ALA I 362 -43.92 -15.54 -68.39
C ALA I 362 -44.55 -16.35 -67.27
N ARG I 363 -45.48 -17.27 -67.59
CA ARG I 363 -46.08 -18.06 -66.52
C ARG I 363 -45.06 -18.92 -65.85
N ASN I 364 -44.24 -19.60 -66.64
CA ASN I 364 -43.28 -20.52 -66.07
C ASN I 364 -42.34 -19.87 -65.13
N ASP I 365 -41.82 -18.74 -65.51
CA ASP I 365 -40.83 -18.15 -64.68
C ASP I 365 -41.47 -17.60 -63.43
N SER I 366 -42.69 -17.06 -63.57
CA SER I 366 -43.39 -16.48 -62.44
C SER I 366 -43.67 -17.52 -61.37
N GLU I 367 -44.03 -18.73 -61.79
CA GLU I 367 -44.32 -19.77 -60.82
C GLU I 367 -43.15 -20.67 -60.42
N ARG I 368 -42.21 -20.93 -61.34
CA ARG I 368 -41.15 -21.88 -61.05
C ARG I 368 -39.71 -21.37 -61.10
N GLY I 369 -39.46 -20.13 -61.49
CA GLY I 369 -38.10 -19.65 -61.63
C GLY I 369 -37.58 -20.04 -63.01
N VAL I 370 -36.31 -19.76 -63.29
CA VAL I 370 -35.79 -20.06 -64.60
C VAL I 370 -34.79 -21.18 -64.51
N HIS I 371 -35.22 -22.39 -64.83
CA HIS I 371 -34.30 -23.51 -64.70
C HIS I 371 -34.40 -24.35 -65.95
N LYS I 372 -35.59 -24.32 -66.52
CA LYS I 372 -35.93 -25.07 -67.72
C LYS I 372 -36.80 -24.21 -68.61
N ALA I 373 -36.70 -24.39 -69.91
CA ALA I 373 -37.60 -23.73 -70.81
C ALA I 373 -38.90 -24.53 -70.77
N PRO I 374 -40.05 -23.90 -70.55
CA PRO I 374 -41.34 -24.54 -70.38
C PRO I 374 -42.00 -25.00 -71.64
N ALA I 375 -41.39 -25.92 -72.35
CA ALA I 375 -42.07 -26.36 -73.56
C ALA I 375 -43.34 -27.14 -73.15
N ASN I 376 -43.22 -27.93 -72.08
CA ASN I 376 -44.32 -28.78 -71.67
C ASN I 376 -45.32 -28.06 -70.76
N GLU I 377 -46.06 -27.15 -71.37
CA GLU I 377 -47.09 -26.33 -70.73
C GLU I 377 -48.18 -26.07 -71.77
N VAL I 378 -49.40 -25.84 -71.30
CA VAL I 378 -50.54 -25.59 -72.20
C VAL I 378 -50.80 -24.15 -72.58
N VAL I 379 -51.02 -23.98 -73.87
CA VAL I 379 -51.33 -22.66 -74.40
C VAL I 379 -52.81 -22.41 -74.22
N ARG I 380 -53.17 -21.34 -73.50
CA ARG I 380 -54.58 -21.08 -73.30
C ARG I 380 -55.09 -20.05 -74.29
N GLY I 381 -56.27 -20.31 -74.83
CA GLY I 381 -56.92 -19.44 -75.81
C GLY I 381 -56.76 -20.00 -77.21
N ALA I 382 -55.87 -20.98 -77.35
CA ALA I 382 -55.63 -21.63 -78.62
C ALA I 382 -56.81 -22.51 -78.95
N VAL I 383 -57.14 -22.63 -80.23
CA VAL I 383 -58.21 -23.51 -80.67
C VAL I 383 -57.66 -24.71 -81.41
N ASP I 384 -56.79 -24.47 -82.41
CA ASP I 384 -56.27 -25.60 -83.19
C ASP I 384 -54.90 -25.31 -83.81
N LEU I 385 -54.33 -26.29 -84.49
CA LEU I 385 -53.01 -26.15 -85.13
C LEU I 385 -53.08 -26.39 -86.63
N GLU I 386 -52.47 -25.49 -87.41
CA GLU I 386 -52.48 -25.60 -88.88
C GLU I 386 -51.66 -26.76 -89.43
N LEU I 387 -50.56 -27.09 -88.79
CA LEU I 387 -49.72 -28.18 -89.27
C LEU I 387 -49.83 -29.34 -88.33
N GLN I 388 -49.79 -30.55 -88.86
CA GLN I 388 -49.74 -31.71 -88.00
C GLN I 388 -48.34 -32.23 -87.99
N ILE I 389 -47.86 -32.55 -86.81
CA ILE I 389 -46.50 -33.02 -86.65
C ILE I 389 -46.44 -34.41 -86.06
N THR I 390 -45.67 -35.28 -86.70
CA THR I 390 -45.48 -36.66 -86.26
C THR I 390 -44.07 -36.99 -85.83
N ARG I 391 -43.86 -38.23 -85.41
CA ARG I 391 -42.56 -38.66 -84.90
C ARG I 391 -41.42 -38.47 -85.90
N GLY I 392 -41.70 -38.70 -87.18
CA GLY I 392 -40.67 -38.56 -88.21
C GLY I 392 -40.32 -37.08 -88.43
N GLU I 393 -41.23 -36.19 -88.04
CA GLU I 393 -41.01 -34.79 -88.25
C GLU I 393 -40.06 -34.37 -87.15
N GLN I 394 -40.22 -34.95 -85.95
CA GLN I 394 -39.35 -34.57 -84.85
C GLN I 394 -37.89 -34.87 -85.21
N ASP I 395 -37.66 -35.99 -85.91
CA ASP I 395 -36.29 -36.28 -86.35
C ASP I 395 -35.81 -35.31 -87.44
N LEU I 396 -36.71 -34.78 -88.25
CA LEU I 396 -36.31 -33.83 -89.26
C LEU I 396 -36.02 -32.43 -88.67
N LEU I 397 -36.88 -31.99 -87.75
CA LEU I 397 -36.79 -30.65 -87.15
C LEU I 397 -35.82 -30.43 -85.99
N ASN I 398 -35.56 -31.43 -85.16
CA ASN I 398 -34.67 -31.17 -84.04
C ASN I 398 -33.28 -30.68 -84.49
N PRO I 399 -32.62 -31.31 -85.48
CA PRO I 399 -31.31 -30.96 -85.99
C PRO I 399 -31.22 -29.57 -86.61
N ILE I 400 -32.36 -28.91 -86.90
CA ILE I 400 -32.30 -27.60 -87.50
C ILE I 400 -32.70 -26.55 -86.48
N GLY I 401 -33.02 -27.00 -85.27
CA GLY I 401 -33.35 -26.09 -84.20
C GLY I 401 -34.72 -25.44 -84.34
N VAL I 402 -35.65 -26.06 -85.04
CA VAL I 402 -36.93 -25.38 -85.17
C VAL I 402 -37.90 -26.13 -84.33
N ASN I 403 -38.50 -25.44 -83.38
CA ASN I 403 -39.34 -26.10 -82.41
C ASN I 403 -40.73 -26.46 -82.90
N CYS I 404 -41.15 -27.66 -82.54
CA CYS I 404 -42.49 -28.08 -82.88
C CYS I 404 -43.44 -27.92 -81.72
N ILE I 405 -44.67 -27.62 -82.09
CA ILE I 405 -45.82 -27.43 -81.23
C ILE I 405 -46.84 -28.48 -81.61
N ARG I 406 -47.35 -29.21 -80.63
CA ARG I 406 -48.28 -30.30 -80.92
C ARG I 406 -49.51 -30.38 -80.02
N SER I 407 -50.58 -30.94 -80.56
CA SER I 407 -51.79 -31.22 -79.80
C SER I 407 -51.76 -32.68 -79.38
N PHE I 408 -51.75 -32.92 -78.08
CA PHE I 408 -51.64 -34.28 -77.60
C PHE I 408 -52.96 -34.76 -76.98
N PRO I 409 -53.45 -35.97 -77.31
CA PRO I 409 -54.62 -36.50 -76.67
C PRO I 409 -54.31 -36.60 -75.19
N GLY I 410 -55.20 -36.09 -74.36
CA GLY I 410 -55.02 -36.16 -72.91
C GLY I 410 -54.12 -35.05 -72.32
N ARG I 411 -53.50 -34.24 -73.19
CA ARG I 411 -52.60 -33.20 -72.72
C ARG I 411 -52.88 -31.79 -73.28
N GLY I 412 -53.46 -31.69 -74.49
CA GLY I 412 -53.76 -30.40 -75.11
C GLY I 412 -52.61 -29.81 -75.92
N ILE I 413 -52.69 -28.51 -76.22
CA ILE I 413 -51.67 -27.90 -77.07
C ILE I 413 -50.52 -27.43 -76.23
N ARG I 414 -49.38 -28.05 -76.49
CA ARG I 414 -48.16 -27.81 -75.76
C ARG I 414 -47.00 -27.69 -76.73
N VAL I 415 -45.92 -27.08 -76.30
CA VAL I 415 -44.76 -26.98 -77.13
C VAL I 415 -43.97 -28.23 -76.82
N TRP I 416 -43.44 -28.91 -77.79
CA TRP I 416 -42.70 -30.09 -77.44
C TRP I 416 -41.22 -29.79 -77.32
N GLY I 417 -40.65 -29.09 -78.31
CA GLY I 417 -39.21 -28.83 -78.30
C GLY I 417 -38.80 -27.53 -77.57
N ALA I 418 -37.52 -27.43 -77.19
CA ALA I 418 -37.01 -26.19 -76.59
C ALA I 418 -35.57 -25.89 -77.02
N ARG I 419 -35.33 -25.92 -78.31
CA ARG I 419 -34.00 -25.74 -78.87
C ARG I 419 -33.74 -24.31 -79.28
N THR I 420 -32.47 -23.92 -79.24
CA THR I 420 -32.04 -22.61 -79.70
C THR I 420 -31.84 -22.63 -81.19
N LEU I 421 -31.71 -21.45 -81.77
CA LEU I 421 -31.52 -21.31 -83.21
C LEU I 421 -30.07 -21.45 -83.65
N SER I 422 -29.16 -21.01 -82.80
CA SER I 422 -27.73 -21.01 -83.08
C SER I 422 -27.13 -22.39 -83.15
N SER I 423 -26.13 -22.53 -84.01
CA SER I 423 -25.39 -23.78 -84.18
C SER I 423 -24.33 -23.97 -83.11
N ASP I 424 -24.09 -22.93 -82.30
CA ASP I 424 -23.08 -22.94 -81.27
C ASP I 424 -23.48 -23.90 -80.13
N PRO I 425 -22.75 -25.02 -79.92
CA PRO I 425 -23.06 -26.10 -79.00
C PRO I 425 -23.07 -25.65 -77.55
N ALA I 426 -22.48 -24.48 -77.27
CA ALA I 426 -22.47 -23.96 -75.92
C ALA I 426 -23.90 -23.69 -75.48
N TRP I 427 -24.77 -23.31 -76.43
CA TRP I 427 -26.14 -23.01 -76.10
C TRP I 427 -27.06 -23.74 -77.04
N ARG I 428 -27.20 -25.05 -76.85
CA ARG I 428 -28.10 -25.83 -77.68
C ARG I 428 -29.53 -25.64 -77.21
N TYR I 429 -29.70 -25.39 -75.91
CA TYR I 429 -31.03 -25.28 -75.34
C TYR I 429 -31.31 -23.93 -74.72
N LEU I 430 -32.60 -23.61 -74.77
CA LEU I 430 -33.13 -22.38 -74.21
C LEU I 430 -32.94 -22.35 -72.71
N ASN I 431 -33.04 -23.53 -72.06
CA ASN I 431 -32.93 -23.60 -70.58
C ASN I 431 -31.72 -22.78 -70.10
N ILE I 432 -30.55 -22.97 -70.72
CA ILE I 432 -29.32 -22.29 -70.23
C ILE I 432 -29.25 -20.84 -70.72
N ARG I 433 -29.60 -20.56 -71.98
CA ARG I 433 -29.39 -19.19 -72.34
C ARG I 433 -30.29 -18.29 -71.51
N ARG I 434 -31.51 -18.76 -71.20
CA ARG I 434 -32.46 -17.99 -70.42
C ARG I 434 -31.97 -17.77 -68.99
N TYR I 435 -31.39 -18.81 -68.39
CA TYR I 435 -30.89 -18.69 -67.03
C TYR I 435 -29.76 -17.70 -66.96
N PHE I 436 -28.85 -17.74 -67.93
CA PHE I 436 -27.76 -16.80 -67.87
C PHE I 436 -28.24 -15.36 -67.99
N ASN I 437 -29.24 -15.07 -68.84
CA ASN I 437 -29.71 -13.69 -68.88
C ASN I 437 -30.33 -13.27 -67.56
N TYR I 438 -31.03 -14.19 -66.91
CA TYR I 438 -31.60 -13.89 -65.62
C TYR I 438 -30.53 -13.47 -64.65
N LEU I 439 -29.46 -14.27 -64.58
CA LEU I 439 -28.40 -13.98 -63.65
C LEU I 439 -27.70 -12.68 -63.95
N GLU I 440 -27.50 -12.33 -65.22
CA GLU I 440 -26.80 -11.08 -65.48
C GLU I 440 -27.58 -9.91 -64.91
N GLU I 441 -28.90 -9.92 -65.04
CA GLU I 441 -29.65 -8.81 -64.47
C GLU I 441 -29.59 -8.87 -62.95
N SER I 442 -29.69 -10.07 -62.39
CA SER I 442 -29.73 -10.25 -60.95
C SER I 442 -28.47 -9.70 -60.28
N ILE I 443 -27.32 -9.92 -60.89
CA ILE I 443 -26.10 -9.43 -60.31
C ILE I 443 -25.87 -7.96 -60.65
N LEU I 444 -26.03 -7.56 -61.90
CA LEU I 444 -25.69 -6.19 -62.24
C LEU I 444 -26.54 -5.17 -61.53
N ILE I 445 -27.82 -5.44 -61.33
CA ILE I 445 -28.71 -4.50 -60.68
C ILE I 445 -28.31 -4.23 -59.24
N GLY I 446 -27.53 -5.12 -58.64
CA GLY I 446 -27.12 -4.98 -57.27
C GLY I 446 -25.77 -4.32 -57.07
N THR I 447 -25.12 -3.83 -58.13
CA THR I 447 -23.80 -3.24 -57.91
C THR I 447 -23.80 -1.72 -58.06
N GLN I 448 -23.60 -1.05 -56.94
CA GLN I 448 -23.62 0.41 -56.81
C GLN I 448 -22.26 1.04 -57.01
N TRP I 449 -21.25 0.22 -57.18
CA TRP I 449 -19.87 0.68 -57.25
C TRP I 449 -19.47 1.15 -58.64
N VAL I 450 -20.08 2.26 -58.99
CA VAL I 450 -19.96 2.98 -60.26
C VAL I 450 -19.62 4.39 -59.89
N VAL I 451 -18.90 5.10 -60.79
CA VAL I 451 -18.42 6.47 -60.44
C VAL I 451 -18.19 6.43 -58.93
N PHE I 452 -17.25 5.62 -58.47
CA PHE I 452 -16.98 5.50 -57.04
C PHE I 452 -15.68 6.17 -56.62
N GLU I 453 -15.11 5.70 -55.51
CA GLU I 453 -13.87 6.25 -54.98
C GLU I 453 -12.63 5.56 -55.55
N PRO I 454 -11.55 5.54 -54.77
CA PRO I 454 -10.26 4.94 -55.15
C PRO I 454 -10.32 3.42 -55.32
N ASN I 455 -9.65 2.93 -56.36
CA ASN I 455 -9.59 1.50 -56.64
C ASN I 455 -8.75 0.74 -55.64
N ASP I 456 -9.29 0.64 -54.44
CA ASP I 456 -8.69 -0.06 -53.34
C ASP I 456 -8.96 -1.54 -53.41
N HIS I 457 -8.06 -2.35 -52.84
CA HIS I 457 -8.34 -3.80 -52.79
C HIS I 457 -9.60 -4.03 -51.94
N ASN I 458 -9.94 -3.07 -51.07
CA ASN I 458 -11.09 -3.19 -50.24
C ASN I 458 -12.34 -3.30 -51.09
N LEU I 459 -12.34 -2.70 -52.30
CA LEU I 459 -13.51 -2.79 -53.14
C LEU I 459 -13.53 -4.17 -53.73
N TRP I 460 -12.34 -4.72 -53.96
CA TRP I 460 -12.28 -6.04 -54.54
C TRP I 460 -12.91 -7.00 -53.55
N ALA I 461 -12.59 -6.83 -52.27
CA ALA I 461 -13.18 -7.68 -51.27
C ALA I 461 -14.69 -7.51 -51.21
N ARG I 462 -15.17 -6.28 -51.36
CA ARG I 462 -16.60 -6.08 -51.29
C ARG I 462 -17.35 -6.78 -52.40
N ILE I 463 -16.81 -6.74 -53.62
CA ILE I 463 -17.51 -7.40 -54.69
C ILE I 463 -17.44 -8.90 -54.57
N ARG I 464 -16.31 -9.44 -54.11
CA ARG I 464 -16.26 -10.88 -53.99
C ARG I 464 -17.34 -11.36 -53.07
N ARG I 465 -17.57 -10.65 -51.97
CA ARG I 465 -18.57 -11.14 -51.07
C ARG I 465 -19.98 -10.99 -51.62
N ASN I 466 -20.31 -9.91 -52.30
CA ASN I 466 -21.69 -9.85 -52.74
C ASN I 466 -22.02 -10.93 -53.77
N VAL I 467 -21.06 -11.23 -54.63
CA VAL I 467 -21.34 -12.22 -55.66
C VAL I 467 -21.44 -13.59 -55.03
N SER I 468 -20.52 -13.91 -54.13
CA SER I 468 -20.55 -15.21 -53.50
C SER I 468 -21.83 -15.39 -52.68
N ALA I 469 -22.25 -14.36 -51.93
CA ALA I 469 -23.45 -14.53 -51.13
C ALA I 469 -24.65 -14.83 -52.02
N PHE I 470 -24.73 -14.18 -53.18
CA PHE I 470 -25.83 -14.48 -54.08
C PHE I 470 -25.80 -15.93 -54.51
N LEU I 471 -24.62 -16.36 -54.96
CA LEU I 471 -24.47 -17.68 -55.52
C LEU I 471 -24.60 -18.78 -54.50
N VAL I 472 -24.27 -18.53 -53.23
CA VAL I 472 -24.40 -19.65 -52.33
C VAL I 472 -25.86 -19.94 -52.09
N ASN I 473 -26.68 -18.90 -52.00
CA ASN I 473 -28.08 -19.15 -51.79
C ASN I 473 -28.69 -19.79 -53.01
N GLU I 474 -28.24 -19.36 -54.18
CA GLU I 474 -28.79 -19.87 -55.40
C GLU I 474 -28.38 -21.30 -55.68
N TRP I 475 -27.09 -21.62 -55.64
CA TRP I 475 -26.68 -23.00 -56.03
C TRP I 475 -27.38 -24.04 -55.15
N ARG I 476 -27.70 -23.70 -53.91
CA ARG I 476 -28.26 -24.59 -52.94
C ARG I 476 -29.71 -24.95 -53.23
N ASN I 477 -30.36 -24.11 -54.01
CA ASN I 477 -31.73 -24.29 -54.41
C ASN I 477 -31.69 -25.21 -55.60
N GLY I 478 -32.81 -25.56 -56.20
CA GLY I 478 -32.76 -26.44 -57.36
C GLY I 478 -32.28 -25.65 -58.61
N ALA I 479 -31.03 -25.21 -58.57
CA ALA I 479 -30.46 -24.33 -59.56
C ALA I 479 -29.14 -24.83 -60.12
N LEU I 480 -28.11 -25.04 -59.29
CA LEU I 480 -26.83 -25.43 -59.87
C LEU I 480 -26.46 -26.81 -59.48
N PHE I 481 -25.75 -27.47 -60.35
CA PHE I 481 -25.21 -28.76 -60.02
C PHE I 481 -24.15 -28.61 -58.96
N GLY I 482 -24.14 -29.47 -57.98
CA GLY I 482 -23.09 -29.41 -56.99
C GLY I 482 -23.38 -30.40 -55.90
N GLN I 483 -22.52 -30.53 -54.88
CA GLN I 483 -22.80 -31.40 -53.70
C GLN I 483 -22.29 -30.55 -52.54
N SER I 484 -21.65 -29.47 -52.90
CA SER I 484 -21.08 -28.46 -52.07
C SER I 484 -20.94 -27.27 -52.98
N PRO I 485 -20.96 -26.03 -52.49
CA PRO I 485 -20.71 -24.81 -53.24
C PRO I 485 -19.32 -24.88 -53.84
N ASP I 486 -18.47 -25.74 -53.25
CA ASP I 486 -17.10 -25.95 -53.69
C ASP I 486 -17.06 -26.37 -55.15
N GLN I 487 -18.06 -27.14 -55.60
CA GLN I 487 -18.05 -27.54 -56.99
C GLN I 487 -19.05 -26.69 -57.76
N ALA I 488 -20.11 -26.26 -57.07
CA ALA I 488 -21.16 -25.57 -57.77
C ALA I 488 -20.75 -24.26 -58.41
N TYR I 489 -19.91 -23.46 -57.76
CA TYR I 489 -19.54 -22.18 -58.37
C TYR I 489 -18.21 -21.63 -57.88
N TYR I 490 -17.67 -20.64 -58.58
CA TYR I 490 -16.43 -20.01 -58.12
C TYR I 490 -16.30 -18.52 -58.46
N VAL I 491 -15.82 -17.73 -57.49
CA VAL I 491 -15.61 -16.28 -57.65
C VAL I 491 -14.18 -15.86 -57.32
N LYS I 492 -13.53 -15.09 -58.21
CA LYS I 492 -12.17 -14.61 -57.97
C LYS I 492 -11.97 -13.12 -58.30
N CYS I 493 -11.23 -12.42 -57.44
CA CYS I 493 -10.91 -11.01 -57.68
C CYS I 493 -9.70 -10.57 -56.84
N ASP I 494 -8.53 -10.58 -57.46
CA ASP I 494 -7.25 -10.27 -56.83
C ASP I 494 -6.31 -9.64 -57.86
N GLU I 495 -5.05 -9.44 -57.50
CA GLU I 495 -4.05 -8.76 -58.34
C GLU I 495 -3.75 -9.40 -59.69
N GLU I 496 -4.09 -10.68 -59.87
CA GLU I 496 -3.82 -11.33 -61.16
C GLU I 496 -5.01 -11.14 -62.10
N THR I 497 -6.07 -10.54 -61.56
CA THR I 497 -7.33 -10.26 -62.25
C THR I 497 -7.44 -8.75 -62.42
N ASN I 498 -6.81 -8.04 -61.48
CA ASN I 498 -6.77 -6.60 -61.39
C ASN I 498 -5.33 -6.11 -61.29
N PRO I 499 -4.60 -6.05 -62.42
CA PRO I 499 -3.18 -5.77 -62.53
C PRO I 499 -2.92 -4.41 -61.89
N PRO I 500 -1.69 -4.18 -61.38
CA PRO I 500 -1.22 -3.03 -60.65
C PRO I 500 -1.30 -1.72 -61.40
N GLU I 501 -1.40 -1.77 -62.72
CA GLU I 501 -1.50 -0.53 -63.46
C GLU I 501 -2.73 0.24 -63.02
N SER I 502 -3.84 -0.46 -62.73
CA SER I 502 -5.06 0.20 -62.27
C SER I 502 -5.44 1.41 -63.10
N VAL I 503 -5.48 1.28 -64.42
CA VAL I 503 -5.86 2.45 -65.19
C VAL I 503 -7.25 2.27 -65.71
N ASP I 504 -8.18 2.96 -65.10
CA ASP I 504 -9.61 2.93 -65.38
C ASP I 504 -10.27 1.56 -65.24
N LEU I 505 -9.85 0.60 -66.06
CA LEU I 505 -10.50 -0.71 -66.12
C LEU I 505 -9.95 -1.68 -65.12
N GLY I 506 -10.22 -1.35 -63.87
CA GLY I 506 -9.90 -2.18 -62.73
C GLY I 506 -11.24 -2.76 -62.36
N ARG I 507 -11.40 -3.27 -61.16
CA ARG I 507 -12.68 -3.84 -60.74
C ARG I 507 -13.14 -4.99 -61.64
N VAL I 508 -12.21 -5.87 -61.98
CA VAL I 508 -12.48 -7.03 -62.81
C VAL I 508 -12.74 -8.24 -61.92
N VAL I 509 -13.81 -8.96 -62.20
CA VAL I 509 -14.16 -10.15 -61.43
C VAL I 509 -14.26 -11.35 -62.36
N CYS I 510 -13.61 -12.44 -62.00
CA CYS I 510 -13.69 -13.65 -62.78
C CYS I 510 -14.71 -14.58 -62.14
N GLU I 511 -15.57 -15.16 -62.95
CA GLU I 511 -16.55 -16.07 -62.40
C GLU I 511 -16.68 -17.36 -63.18
N ILE I 512 -16.98 -18.42 -62.44
CA ILE I 512 -17.30 -19.71 -62.98
C ILE I 512 -18.75 -20.01 -62.66
N GLY I 513 -19.51 -20.38 -63.69
CA GLY I 513 -20.91 -20.72 -63.54
C GLY I 513 -20.93 -22.15 -63.08
N ILE I 514 -20.82 -23.07 -64.02
CA ILE I 514 -20.67 -24.47 -63.67
C ILE I 514 -19.44 -24.89 -64.43
N ALA I 515 -19.64 -25.44 -65.62
CA ALA I 515 -18.51 -25.69 -66.49
C ALA I 515 -18.25 -24.40 -67.28
N PRO I 516 -19.29 -23.71 -67.85
CA PRO I 516 -19.15 -22.46 -68.56
C PRO I 516 -18.63 -21.41 -67.61
N VAL I 517 -17.77 -20.54 -68.12
CA VAL I 517 -17.17 -19.47 -67.34
C VAL I 517 -17.34 -18.13 -68.07
N LYS I 518 -17.16 -17.00 -67.34
CA LYS I 518 -17.20 -15.63 -67.86
C LYS I 518 -15.93 -14.91 -67.39
N MET J 1 -22.22 -42.29 -42.23
CA MET J 1 -22.35 -43.75 -42.13
C MET J 1 -21.02 -44.53 -42.37
N SER J 2 -19.85 -43.84 -42.26
CA SER J 2 -18.50 -44.43 -42.45
C SER J 2 -18.04 -45.29 -41.30
N LEU J 3 -18.68 -45.15 -40.15
CA LEU J 3 -18.34 -45.94 -39.00
C LEU J 3 -19.39 -47.02 -38.94
N PRO J 4 -19.08 -48.22 -38.44
CA PRO J 4 -20.04 -49.29 -38.22
C PRO J 4 -20.79 -49.04 -36.92
N LYS J 5 -21.41 -47.87 -36.87
CA LYS J 5 -22.16 -47.39 -35.74
C LYS J 5 -23.22 -46.50 -36.41
N PRO J 6 -24.07 -47.09 -37.27
CA PRO J 6 -25.01 -46.44 -38.18
C PRO J 6 -26.26 -45.88 -37.57
N GLU J 7 -26.16 -44.81 -36.83
CA GLU J 7 -27.37 -44.30 -36.21
C GLU J 7 -27.90 -43.06 -36.92
N ASP J 8 -28.90 -43.20 -37.79
CA ASP J 8 -29.39 -42.03 -38.49
C ASP J 8 -29.98 -41.02 -37.55
N VAL J 9 -29.51 -39.76 -37.64
CA VAL J 9 -30.06 -38.68 -36.78
C VAL J 9 -30.93 -37.82 -37.70
N LEU J 10 -31.80 -36.97 -37.14
CA LEU J 10 -32.57 -36.21 -38.08
C LEU J 10 -31.63 -35.38 -38.92
N VAL J 11 -31.76 -35.55 -40.21
CA VAL J 11 -31.00 -34.81 -41.18
C VAL J 11 -31.95 -33.90 -41.89
N ALA J 12 -33.06 -34.48 -42.36
CA ALA J 12 -34.10 -33.71 -42.98
C ALA J 12 -35.42 -34.46 -43.07
N PRO J 13 -36.55 -33.77 -42.94
CA PRO J 13 -37.87 -34.25 -43.23
C PRO J 13 -38.01 -34.12 -44.73
N ASN J 14 -37.18 -34.89 -45.45
CA ASN J 14 -37.13 -34.76 -46.92
C ASN J 14 -38.34 -35.48 -47.53
N PHE J 15 -39.29 -34.72 -48.05
CA PHE J 15 -40.50 -35.33 -48.60
C PHE J 15 -40.74 -34.98 -50.07
N GLY J 16 -40.62 -35.99 -50.95
CA GLY J 16 -40.73 -35.82 -52.40
C GLY J 16 -42.14 -36.05 -52.90
N ILE J 17 -42.80 -34.99 -53.32
CA ILE J 17 -44.20 -35.09 -53.72
C ILE J 17 -44.37 -34.41 -55.08
N GLN J 18 -45.52 -34.58 -55.75
CA GLN J 18 -45.74 -33.95 -57.08
C GLN J 18 -46.10 -32.46 -56.96
N ILE J 19 -46.38 -32.05 -55.74
CA ILE J 19 -46.75 -30.70 -55.32
C ILE J 19 -45.52 -29.93 -54.85
N ASP J 20 -45.37 -28.67 -55.22
CA ASP J 20 -44.19 -27.94 -54.77
C ASP J 20 -44.34 -27.43 -53.32
N GLY J 21 -44.33 -28.40 -52.43
CA GLY J 21 -44.48 -28.26 -51.00
C GLY J 21 -43.15 -27.95 -50.35
N VAL J 22 -42.57 -26.83 -50.72
CA VAL J 22 -41.24 -26.39 -50.25
C VAL J 22 -41.11 -26.05 -48.77
N MET J 23 -42.14 -25.46 -48.18
CA MET J 23 -42.00 -25.01 -46.80
C MET J 23 -42.25 -26.11 -45.78
N VAL J 24 -41.33 -27.05 -45.67
CA VAL J 24 -41.55 -28.20 -44.80
C VAL J 24 -40.93 -28.15 -43.42
N GLU J 25 -41.75 -28.39 -42.40
CA GLU J 25 -41.15 -28.46 -41.08
C GLU J 25 -41.09 -29.89 -40.62
N TYR J 26 -42.22 -30.60 -40.64
CA TYR J 26 -42.09 -31.96 -40.05
C TYR J 26 -43.15 -32.99 -40.43
N LEU J 27 -42.72 -34.26 -40.48
CA LEU J 27 -43.56 -35.42 -40.73
C LEU J 27 -43.77 -36.19 -39.42
N ASN J 28 -44.99 -36.67 -39.19
CA ASN J 28 -45.28 -37.48 -38.00
C ASN J 28 -46.34 -38.56 -38.27
N SER J 29 -46.64 -39.36 -37.22
CA SER J 29 -47.60 -40.48 -37.22
C SER J 29 -47.37 -41.53 -38.30
N VAL J 30 -46.14 -42.03 -38.44
CA VAL J 30 -45.87 -43.06 -39.43
C VAL J 30 -45.62 -44.44 -38.83
N SER J 31 -46.45 -45.42 -39.22
CA SER J 31 -46.33 -46.78 -38.72
C SER J 31 -46.81 -47.86 -39.69
N ASN J 32 -46.22 -49.04 -39.53
CA ASN J 32 -46.53 -50.28 -40.26
C ASN J 32 -47.28 -51.27 -39.35
N LEU J 33 -48.57 -51.46 -39.60
CA LEU J 33 -49.37 -52.32 -38.72
C LEU J 33 -49.86 -53.64 -39.31
N GLN J 34 -49.85 -54.66 -38.46
CA GLN J 34 -50.32 -56.00 -38.81
C GLN J 34 -51.44 -56.35 -37.84
N ILE J 35 -52.56 -56.82 -38.35
CA ILE J 35 -53.70 -57.16 -37.51
C ILE J 35 -53.61 -58.56 -36.89
N GLU J 36 -53.57 -58.61 -35.56
CA GLU J 36 -53.51 -59.88 -34.85
C GLU J 36 -54.85 -60.61 -34.71
N GLN J 37 -54.88 -61.93 -34.92
CA GLN J 37 -56.09 -62.70 -34.60
C GLN J 37 -55.82 -63.56 -33.39
N ASP J 38 -56.78 -63.66 -32.48
CA ASP J 38 -56.59 -64.40 -31.23
C ASP J 38 -57.63 -65.49 -30.95
N VAL J 39 -57.24 -66.76 -31.08
CA VAL J 39 -58.19 -67.85 -30.81
C VAL J 39 -57.68 -68.83 -29.76
N ILE J 40 -58.48 -69.10 -28.74
CA ILE J 40 -58.03 -70.08 -27.75
C ILE J 40 -58.75 -71.38 -28.02
N ARG J 41 -57.96 -72.40 -28.25
CA ARG J 41 -58.48 -73.70 -28.54
C ARG J 41 -58.54 -74.48 -27.24
N TYR J 42 -59.65 -75.18 -27.03
CA TYR J 42 -59.87 -75.97 -25.82
C TYR J 42 -59.01 -77.25 -25.68
N GLN J 43 -59.22 -77.99 -24.59
CA GLN J 43 -58.45 -79.20 -24.38
C GLN J 43 -58.76 -80.16 -25.52
N GLN J 44 -57.70 -80.67 -26.13
CA GLN J 44 -57.85 -81.57 -27.25
C GLN J 44 -57.99 -82.98 -26.73
N ASN J 45 -59.09 -83.22 -26.02
CA ASN J 45 -59.36 -84.55 -25.44
C ASN J 45 -58.18 -85.17 -24.71
N GLN J 46 -57.54 -84.40 -23.88
CA GLN J 46 -56.37 -84.85 -23.15
C GLN J 46 -56.21 -84.09 -21.85
N GLY J 47 -55.41 -84.60 -20.94
CA GLY J 47 -55.19 -83.93 -19.65
C GLY J 47 -54.22 -82.76 -19.69
N THR J 48 -54.50 -81.78 -20.53
CA THR J 48 -53.65 -80.59 -20.68
C THR J 48 -54.51 -79.35 -20.69
N THR J 49 -53.84 -78.22 -20.80
CA THR J 49 -54.48 -76.94 -20.90
C THR J 49 -54.82 -76.75 -22.34
N GLY J 50 -55.57 -75.70 -22.63
CA GLY J 50 -55.87 -75.37 -24.00
C GLY J 50 -54.67 -74.63 -24.51
N ARG J 51 -54.77 -74.12 -25.73
CA ARG J 51 -53.67 -73.41 -26.36
C ARG J 51 -54.07 -72.11 -27.00
N ASN J 52 -53.15 -71.16 -27.02
CA ASN J 52 -53.44 -69.89 -27.59
C ASN J 52 -52.92 -69.79 -29.01
N ASN J 53 -53.81 -69.76 -29.97
CA ASN J 53 -53.31 -69.70 -31.31
C ASN J 53 -53.13 -68.23 -31.59
N VAL J 54 -51.89 -67.81 -31.44
CA VAL J 54 -51.51 -66.43 -31.52
C VAL J 54 -50.71 -66.18 -32.76
N THR J 55 -50.72 -67.14 -33.70
CA THR J 55 -49.94 -67.06 -34.93
C THR J 55 -50.81 -66.80 -36.13
N LEU J 56 -52.06 -66.46 -35.87
CA LEU J 56 -53.03 -66.19 -36.88
C LEU J 56 -52.74 -64.81 -37.48
N MET J 57 -52.76 -64.72 -38.82
CA MET J 57 -52.38 -63.51 -39.56
C MET J 57 -53.39 -62.80 -40.47
N PRO J 58 -54.24 -61.92 -39.95
CA PRO J 58 -55.15 -61.03 -40.65
C PRO J 58 -54.32 -60.02 -41.44
N GLY J 59 -54.99 -59.20 -42.26
CA GLY J 59 -54.30 -58.22 -43.10
C GLY J 59 -53.79 -57.02 -42.32
N VAL J 60 -53.66 -55.90 -42.99
CA VAL J 60 -53.03 -54.74 -42.37
C VAL J 60 -53.94 -53.55 -42.28
N ALA J 61 -53.58 -52.63 -41.39
CA ALA J 61 -54.36 -51.42 -41.21
C ALA J 61 -53.94 -50.29 -42.14
N LYS J 62 -54.93 -49.52 -42.56
CA LYS J 62 -54.74 -48.28 -43.30
C LYS J 62 -54.50 -47.19 -42.28
N ASP J 63 -53.86 -46.09 -42.68
CA ASP J 63 -53.58 -45.00 -41.75
C ASP J 63 -53.27 -43.70 -42.49
N GLY J 64 -53.04 -42.63 -41.74
CA GLY J 64 -52.74 -41.33 -42.29
C GLY J 64 -51.51 -40.72 -41.65
N SER J 65 -50.79 -39.89 -42.40
CA SER J 65 -49.58 -39.25 -41.89
C SER J 65 -49.72 -37.73 -41.80
N VAL J 66 -49.36 -37.18 -40.64
CA VAL J 66 -49.43 -35.74 -40.41
C VAL J 66 -48.28 -35.03 -41.11
N GLN J 67 -48.58 -33.89 -41.73
CA GLN J 67 -47.58 -33.13 -42.44
C GLN J 67 -47.66 -31.68 -42.02
N VAL J 68 -46.54 -31.10 -41.63
CA VAL J 68 -46.60 -29.71 -41.21
C VAL J 68 -45.79 -28.79 -42.06
N GLU J 69 -46.53 -27.83 -42.57
CA GLU J 69 -46.03 -26.81 -43.43
C GLU J 69 -45.66 -25.69 -42.51
N ARG J 70 -44.52 -25.04 -42.81
CA ARG J 70 -44.02 -23.94 -41.95
C ARG J 70 -45.12 -22.95 -41.63
N GLY J 71 -45.92 -22.53 -42.63
CA GLY J 71 -46.88 -21.53 -42.32
C GLY J 71 -47.51 -20.91 -43.51
N MET J 72 -48.37 -19.99 -43.20
CA MET J 72 -49.11 -19.27 -44.18
C MET J 72 -48.27 -18.37 -45.05
N SER J 73 -48.69 -18.33 -46.30
CA SER J 73 -48.14 -17.48 -47.34
C SER J 73 -49.26 -17.39 -48.36
N GLN J 74 -49.06 -16.61 -49.39
CA GLN J 74 -50.05 -16.48 -50.46
C GLN J 74 -50.15 -17.73 -51.35
N SER J 75 -49.19 -18.65 -51.23
CA SER J 75 -49.17 -19.84 -52.08
C SER J 75 -50.10 -20.92 -51.55
N SER J 76 -51.41 -20.75 -51.77
CA SER J 76 -52.46 -21.65 -51.24
C SER J 76 -52.59 -22.97 -52.03
N VAL J 77 -51.47 -23.68 -52.08
CA VAL J 77 -51.28 -24.94 -52.79
C VAL J 77 -52.04 -26.08 -52.17
N PHE J 78 -51.91 -26.20 -50.84
CA PHE J 78 -52.59 -27.30 -50.12
C PHE J 78 -54.08 -26.99 -50.01
N THR J 79 -54.44 -25.70 -50.07
CA THR J 79 -55.84 -25.38 -50.01
C THR J 79 -56.48 -25.88 -51.30
N GLN J 80 -55.85 -25.66 -52.46
CA GLN J 80 -56.48 -26.18 -53.66
C GLN J 80 -56.60 -27.69 -53.63
N TRP J 81 -55.59 -28.38 -53.15
CA TRP J 81 -55.67 -29.83 -53.13
C TRP J 81 -56.92 -30.28 -52.38
N ILE J 82 -57.15 -29.72 -51.20
CA ILE J 82 -58.35 -30.11 -50.48
C ILE J 82 -59.61 -29.60 -51.19
N ASN J 83 -59.58 -28.42 -51.81
CA ASN J 83 -60.77 -27.91 -52.48
C ASN J 83 -61.21 -28.82 -53.62
N ASP J 84 -60.26 -29.37 -54.36
CA ASP J 84 -60.62 -30.23 -55.47
C ASP J 84 -61.25 -31.50 -54.96
N SER J 85 -60.74 -32.03 -53.85
CA SER J 85 -61.33 -33.24 -53.29
C SER J 85 -62.72 -32.96 -52.74
N MET J 86 -62.93 -31.81 -52.10
CA MET J 86 -64.24 -31.48 -51.54
C MET J 86 -65.27 -31.37 -52.65
N ALA J 87 -64.81 -30.91 -53.81
CA ALA J 87 -65.64 -30.72 -54.98
C ALA J 87 -65.87 -32.02 -55.77
N GLY J 88 -65.23 -33.12 -55.36
CA GLY J 88 -65.39 -34.39 -56.06
C GLY J 88 -64.50 -34.54 -57.29
N ARG J 89 -63.57 -33.63 -57.50
CA ARG J 89 -62.74 -33.71 -58.68
C ARG J 89 -61.59 -34.63 -58.38
N MET J 90 -61.88 -35.90 -58.51
CA MET J 90 -60.95 -36.91 -58.07
C MET J 90 -59.67 -37.11 -58.84
N ALA J 91 -58.62 -37.18 -58.05
CA ALA J 91 -57.28 -37.51 -58.42
C ALA J 91 -56.59 -37.89 -57.13
N THR J 92 -55.63 -38.79 -57.21
CA THR J 92 -54.83 -39.18 -56.06
C THR J 92 -53.39 -39.09 -56.45
N ALA J 93 -52.50 -39.18 -55.47
CA ALA J 93 -51.09 -39.10 -55.85
C ALA J 93 -50.17 -39.92 -54.97
N ARG J 94 -49.05 -40.27 -55.58
CA ARG J 94 -47.95 -41.04 -54.99
C ARG J 94 -47.04 -40.10 -54.22
N LYS J 95 -46.58 -40.50 -53.03
CA LYS J 95 -45.67 -39.64 -52.25
C LYS J 95 -44.43 -40.43 -51.78
N ASN J 96 -43.29 -39.74 -51.60
CA ASN J 96 -42.09 -40.41 -51.11
C ASN J 96 -41.37 -39.78 -49.92
N ALA J 97 -41.43 -40.43 -48.76
CA ALA J 97 -40.75 -39.90 -47.59
C ALA J 97 -39.33 -40.44 -47.60
N THR J 98 -38.35 -39.55 -47.64
CA THR J 98 -36.97 -39.97 -47.77
C THR J 98 -36.08 -39.63 -46.59
N ILE J 99 -35.29 -40.58 -46.18
CA ILE J 99 -34.33 -40.37 -45.13
C ILE J 99 -32.96 -40.28 -45.75
N ILE J 100 -32.30 -39.19 -45.42
CA ILE J 100 -30.99 -38.89 -45.94
C ILE J 100 -30.04 -38.90 -44.76
N VAL J 101 -28.75 -38.93 -45.01
CA VAL J 101 -27.78 -39.11 -43.93
C VAL J 101 -26.94 -37.91 -43.64
N MET J 102 -26.03 -38.05 -42.68
CA MET J 102 -25.22 -36.93 -42.23
C MET J 102 -24.60 -36.24 -43.42
N ASP J 103 -24.16 -37.02 -44.38
CA ASP J 103 -23.71 -36.45 -45.63
C ASP J 103 -25.00 -36.36 -46.44
N TYR J 104 -25.48 -35.13 -46.62
CA TYR J 104 -26.77 -34.81 -47.24
C TYR J 104 -26.88 -35.27 -48.69
N GLU J 105 -25.76 -35.66 -49.27
CA GLU J 105 -25.70 -36.15 -50.63
C GLU J 105 -26.40 -37.51 -50.82
N ASP J 106 -26.36 -38.41 -49.83
CA ASP J 106 -26.96 -39.71 -50.12
C ASP J 106 -28.45 -39.78 -49.77
N ASN J 107 -29.08 -40.93 -50.05
CA ASN J 107 -30.51 -41.16 -49.78
C ASN J 107 -30.85 -42.65 -49.51
N PRO J 108 -30.32 -43.31 -48.48
CA PRO J 108 -30.51 -44.73 -48.25
C PRO J 108 -31.92 -45.27 -47.92
N VAL J 109 -32.84 -44.45 -47.41
CA VAL J 109 -34.14 -45.06 -47.11
C VAL J 109 -35.34 -44.30 -47.66
N LYS J 110 -36.22 -45.04 -48.31
CA LYS J 110 -37.43 -44.44 -48.86
C LYS J 110 -38.68 -45.19 -48.44
N ARG J 111 -39.75 -44.45 -48.20
CA ARG J 111 -41.06 -45.04 -47.95
C ARG J 111 -42.08 -44.46 -48.87
N TRP J 112 -42.78 -45.34 -49.54
CA TRP J 112 -43.78 -44.92 -50.48
C TRP J 112 -45.17 -44.96 -49.94
N ASN J 113 -45.88 -43.91 -50.30
CA ASN J 113 -47.27 -43.68 -50.01
C ASN J 113 -48.06 -44.11 -51.23
N LEU J 114 -48.86 -45.16 -51.08
CA LEU J 114 -49.58 -45.72 -52.21
C LEU J 114 -50.45 -44.65 -52.86
N ARG J 115 -50.52 -44.65 -54.20
CA ARG J 115 -51.26 -43.60 -54.90
C ARG J 115 -52.78 -43.68 -54.85
N ASN J 116 -53.30 -43.61 -53.63
CA ASN J 116 -54.76 -43.52 -53.42
C ASN J 116 -54.84 -42.45 -52.33
N ALA J 117 -53.68 -41.86 -52.01
CA ALA J 117 -53.59 -40.85 -50.99
C ALA J 117 -54.25 -39.54 -51.34
N TRP J 118 -54.80 -38.90 -50.30
CA TRP J 118 -55.44 -37.57 -50.49
C TRP J 118 -55.48 -36.78 -49.17
N CYS J 119 -55.82 -35.50 -49.24
CA CYS J 119 -55.90 -34.57 -48.10
C CYS J 119 -57.26 -34.43 -47.42
N SER J 120 -57.28 -34.75 -46.15
CA SER J 120 -58.43 -34.74 -45.26
C SER J 120 -58.71 -33.41 -44.62
N LYS J 121 -57.67 -32.85 -44.01
CA LYS J 121 -57.84 -31.63 -43.23
C LYS J 121 -56.79 -30.60 -43.48
N VAL J 122 -57.19 -29.35 -43.32
CA VAL J 122 -56.23 -28.26 -43.23
C VAL J 122 -56.53 -27.50 -41.94
N VAL J 123 -55.56 -27.46 -41.03
CA VAL J 123 -55.78 -26.83 -39.74
C VAL J 123 -54.87 -25.63 -39.48
N ALA J 124 -55.49 -24.50 -39.13
CA ALA J 124 -54.78 -23.24 -38.87
C ALA J 124 -54.26 -23.16 -37.44
N GLY J 125 -53.26 -22.31 -37.22
CA GLY J 125 -52.74 -22.09 -35.87
C GLY J 125 -53.58 -21.03 -35.15
N THR J 126 -53.10 -20.55 -34.00
CA THR J 126 -53.82 -19.57 -33.17
C THR J 126 -53.25 -18.18 -33.35
N LEU J 127 -54.12 -17.17 -33.51
CA LEU J 127 -53.63 -15.82 -33.68
C LEU J 127 -53.92 -14.93 -32.50
N LYS J 128 -52.93 -14.67 -31.65
CA LYS J 128 -53.19 -13.88 -30.44
C LYS J 128 -52.28 -12.68 -30.26
N ALA J 129 -52.90 -11.50 -30.14
CA ALA J 129 -52.12 -10.28 -30.06
C ALA J 129 -51.15 -10.37 -28.92
N GLY J 130 -49.91 -10.03 -29.21
CA GLY J 130 -48.87 -10.05 -28.20
C GLY J 130 -48.08 -11.35 -28.10
N ASP J 131 -48.56 -12.48 -28.63
CA ASP J 131 -47.71 -13.70 -28.52
C ASP J 131 -46.28 -13.35 -28.93
N THR J 132 -46.11 -12.65 -30.05
CA THR J 132 -44.85 -12.20 -30.58
C THR J 132 -44.05 -13.38 -31.15
N ASN J 133 -43.63 -14.31 -30.29
CA ASN J 133 -42.86 -15.46 -30.72
C ASN J 133 -43.78 -16.60 -31.17
N ALA J 134 -44.48 -16.35 -32.27
CA ALA J 134 -45.38 -17.34 -32.82
C ALA J 134 -45.59 -17.14 -34.30
N LEU J 135 -45.75 -18.24 -35.02
CA LEU J 135 -46.02 -18.20 -36.46
C LEU J 135 -47.27 -18.92 -36.83
N THR J 136 -47.85 -18.52 -37.95
CA THR J 136 -49.09 -19.17 -38.32
C THR J 136 -48.79 -20.44 -39.08
N GLU J 137 -48.52 -21.48 -38.31
CA GLU J 137 -48.15 -22.82 -38.78
C GLU J 137 -49.40 -23.51 -39.25
N THR J 138 -49.29 -24.45 -40.21
CA THR J 138 -50.49 -25.19 -40.56
C THR J 138 -50.26 -26.69 -40.61
N ILE J 139 -51.32 -27.43 -40.34
CA ILE J 139 -51.23 -28.88 -40.37
C ILE J 139 -52.07 -29.48 -41.47
N THR J 140 -51.46 -30.32 -42.27
CA THR J 140 -52.16 -31.00 -43.34
C THR J 140 -52.28 -32.48 -42.99
N ILE J 141 -53.48 -33.01 -43.07
CA ILE J 141 -53.70 -34.42 -42.76
C ILE J 141 -53.99 -35.18 -44.03
N VAL J 142 -53.19 -36.23 -44.26
CA VAL J 142 -53.25 -37.06 -45.47
C VAL J 142 -53.47 -38.55 -45.22
N PHE J 143 -54.37 -39.12 -46.02
CA PHE J 143 -54.71 -40.56 -45.86
C PHE J 143 -53.86 -41.43 -46.77
N GLU J 144 -53.54 -42.66 -46.34
CA GLU J 144 -52.79 -43.59 -47.23
C GLU J 144 -53.32 -45.01 -47.02
N GLU J 145 -53.60 -45.75 -48.11
CA GLU J 145 -54.05 -47.12 -47.86
C GLU J 145 -52.88 -47.98 -47.36
N LEU J 146 -51.75 -47.88 -48.04
CA LEU J 146 -50.58 -48.70 -47.72
C LEU J 146 -49.31 -47.91 -47.57
N VAL J 147 -48.44 -48.44 -46.72
CA VAL J 147 -47.09 -47.95 -46.55
C VAL J 147 -46.16 -48.98 -47.15
N VAL J 148 -45.40 -48.57 -48.13
CA VAL J 148 -44.53 -49.50 -48.82
C VAL J 148 -43.04 -49.17 -48.62
N GLU J 149 -42.23 -50.14 -48.15
CA GLU J 149 -40.78 -50.01 -47.88
C GLU J 149 -40.03 -49.28 -49.02
N MET K 1 0.50 24.57 -60.62
CA MET K 1 1.29 25.26 -59.60
C MET K 1 0.47 26.48 -59.06
N PRO K 2 -0.66 26.28 -58.27
CA PRO K 2 -1.51 27.32 -57.68
C PRO K 2 -0.82 28.03 -56.52
N SER K 3 -1.29 29.23 -56.16
CA SER K 3 -0.71 29.99 -55.07
C SER K 3 -0.81 29.37 -53.69
N TYR K 4 0.20 29.65 -52.89
CA TYR K 4 0.28 29.19 -51.52
C TYR K 4 0.96 30.16 -50.56
N LEU K 5 1.87 31.00 -51.06
CA LEU K 5 2.60 31.92 -50.19
C LEU K 5 1.72 33.12 -49.84
N SER K 6 0.80 33.45 -50.75
CA SER K 6 -0.04 34.60 -50.55
C SER K 6 -1.23 34.68 -51.50
N PRO K 7 -2.36 35.27 -51.05
CA PRO K 7 -3.47 35.67 -51.88
C PRO K 7 -3.04 36.66 -52.98
N GLY K 8 -1.91 37.32 -52.78
CA GLY K 8 -1.31 38.28 -53.70
C GLY K 8 0.20 38.12 -53.57
N VAL K 9 0.87 37.77 -54.65
CA VAL K 9 2.29 37.43 -54.55
C VAL K 9 3.27 38.46 -55.10
N TYR K 10 2.78 39.60 -55.57
CA TYR K 10 3.69 40.61 -56.08
C TYR K 10 3.65 41.88 -55.25
N VAL K 11 2.48 42.14 -54.70
CA VAL K 11 2.16 43.31 -53.93
C VAL K 11 1.54 42.83 -52.64
N GLU K 12 1.89 43.41 -51.50
CA GLU K 12 1.27 42.96 -50.24
C GLU K 12 -0.12 43.59 -50.06
N GLU K 13 -0.99 43.27 -51.02
CA GLU K 13 -2.37 43.73 -51.14
C GLU K 13 -3.20 43.08 -50.05
N VAL K 14 -2.60 42.08 -49.44
CA VAL K 14 -3.12 41.31 -48.33
C VAL K 14 -3.36 42.12 -47.04
N ALA K 15 -2.65 43.28 -46.85
CA ALA K 15 -2.79 44.15 -45.67
C ALA K 15 -2.88 45.60 -46.14
N GLY K 28 -19.85 33.00 -39.00
CA GLY K 28 -19.81 32.46 -40.33
C GLY K 28 -21.15 31.79 -40.66
N VAL K 29 -21.30 31.35 -41.92
CA VAL K 29 -22.48 30.67 -42.47
C VAL K 29 -22.21 29.18 -42.71
N GLY K 30 -21.08 28.86 -43.34
CA GLY K 30 -20.75 27.47 -43.66
C GLY K 30 -20.16 27.36 -45.05
N THR K 31 -19.74 26.15 -45.43
CA THR K 31 -19.11 26.01 -46.74
C THR K 31 -20.13 25.69 -47.84
N SER K 32 -21.30 25.22 -47.47
CA SER K 32 -22.31 24.88 -48.47
C SER K 32 -23.15 26.11 -48.85
N VAL K 33 -22.44 27.05 -49.50
CA VAL K 33 -22.98 28.33 -49.92
C VAL K 33 -22.73 28.60 -51.41
N ALA K 34 -23.82 29.04 -52.05
CA ALA K 34 -23.80 29.35 -53.49
C ALA K 34 -24.43 30.70 -53.76
N ALA K 35 -24.09 31.31 -54.89
CA ALA K 35 -24.73 32.58 -55.27
C ALA K 35 -25.50 32.46 -56.57
N PHE K 36 -26.68 33.06 -56.57
CA PHE K 36 -27.54 33.03 -57.74
C PHE K 36 -27.87 34.42 -58.26
N VAL K 37 -27.55 34.63 -59.53
CA VAL K 37 -27.80 35.90 -60.20
C VAL K 37 -28.94 35.79 -61.18
N GLY K 38 -29.99 36.57 -60.98
CA GLY K 38 -31.14 36.48 -61.89
C GLY K 38 -32.15 37.55 -61.58
N LEU K 39 -33.29 37.55 -62.25
CA LEU K 39 -34.31 38.61 -62.09
C LEU K 39 -35.48 38.26 -61.18
N ALA K 40 -36.09 39.27 -60.57
CA ALA K 40 -37.17 38.98 -59.61
C ALA K 40 -38.18 40.14 -59.53
N PRO K 41 -39.50 39.86 -59.39
CA PRO K 41 -40.50 40.91 -59.25
C PRO K 41 -40.66 41.31 -57.77
N THR K 42 -40.88 42.61 -57.51
CA THR K 42 -41.09 43.07 -56.11
C THR K 42 -40.04 42.47 -55.19
N GLY K 43 -38.75 42.57 -55.58
CA GLY K 43 -37.66 42.01 -54.76
C GLY K 43 -36.76 43.11 -54.22
N PRO K 44 -35.96 42.86 -53.16
CA PRO K 44 -35.02 43.84 -52.64
C PRO K 44 -34.05 44.31 -53.74
N LEU K 45 -33.62 45.57 -53.67
CA LEU K 45 -32.70 46.13 -54.70
C LEU K 45 -31.48 45.21 -54.86
N ASN K 46 -30.81 45.28 -56.01
CA ASN K 46 -29.61 44.48 -56.22
C ASN K 46 -28.43 44.82 -55.32
N GLU K 47 -28.38 46.04 -54.82
CA GLU K 47 -27.32 46.43 -53.91
C GLU K 47 -27.25 45.57 -52.63
N PRO K 48 -28.32 45.40 -51.85
CA PRO K 48 -28.34 44.59 -50.65
C PRO K 48 -28.41 43.11 -50.96
N THR K 49 -27.32 42.56 -51.47
CA THR K 49 -27.31 41.13 -51.77
C THR K 49 -27.54 40.43 -50.45
N LEU K 50 -28.47 39.49 -50.43
CA LEU K 50 -28.80 38.85 -49.16
C LEU K 50 -28.37 37.42 -49.09
N VAL K 51 -28.07 36.96 -47.87
CA VAL K 51 -27.79 35.54 -47.67
C VAL K 51 -29.05 34.96 -47.06
N THR K 52 -29.69 34.06 -47.80
CA THR K 52 -30.99 33.58 -47.38
C THR K 52 -31.24 32.09 -47.40
N ASN K 53 -32.30 31.72 -46.66
CA ASN K 53 -32.95 30.40 -46.66
C ASN K 53 -34.24 30.54 -47.50
N TRP K 54 -35.04 29.49 -47.68
CA TRP K 54 -36.26 29.63 -48.50
C TRP K 54 -37.27 30.62 -47.96
N THR K 55 -37.56 30.58 -46.66
CA THR K 55 -38.57 31.50 -46.12
C THR K 55 -38.19 32.94 -46.47
N GLN K 56 -36.91 33.26 -46.28
CA GLN K 56 -36.39 34.58 -46.56
C GLN K 56 -36.40 34.87 -48.05
N TYR K 57 -36.08 33.87 -48.87
CA TYR K 57 -36.09 34.02 -50.30
C TYR K 57 -37.45 34.47 -50.76
N VAL K 58 -38.47 33.78 -50.27
CA VAL K 58 -39.82 34.12 -50.67
C VAL K 58 -40.16 35.52 -50.22
N ALA K 59 -39.81 35.89 -49.00
CA ALA K 59 -40.12 37.25 -48.58
C ALA K 59 -39.51 38.28 -49.56
N ALA K 60 -38.32 37.96 -50.08
CA ALA K 60 -37.59 38.79 -51.03
C ALA K 60 -37.93 38.55 -52.52
N PHE K 61 -38.86 37.62 -52.84
CA PHE K 61 -39.18 37.27 -54.24
C PHE K 61 -40.69 37.08 -54.53
N GLY K 62 -41.41 36.38 -53.64
CA GLY K 62 -42.77 35.92 -53.89
C GLY K 62 -42.80 34.42 -54.21
N ASP K 63 -43.99 33.86 -54.33
CA ASP K 63 -44.13 32.42 -54.55
C ASP K 63 -44.08 31.98 -56.02
N PHE K 64 -42.91 32.16 -56.63
CA PHE K 64 -42.64 31.80 -58.05
C PHE K 64 -43.40 32.64 -59.09
N THR K 65 -44.20 33.60 -58.66
CA THR K 65 -45.18 34.27 -59.52
C THR K 65 -44.63 35.17 -60.60
N GLY K 66 -43.38 35.59 -60.49
CA GLY K 66 -42.79 36.43 -61.52
C GLY K 66 -42.43 35.64 -62.77
N GLY K 67 -42.40 34.30 -62.67
CA GLY K 67 -42.05 33.48 -63.82
C GLY K 67 -40.55 33.44 -64.13
N TYR K 68 -39.72 33.66 -63.12
CA TYR K 68 -38.28 33.71 -63.30
C TYR K 68 -37.64 32.47 -62.76
N TYR K 69 -36.49 32.11 -63.31
CA TYR K 69 -35.82 30.90 -62.88
C TYR K 69 -35.18 30.96 -61.51
N LEU K 70 -34.95 32.14 -60.94
CA LEU K 70 -34.36 32.11 -59.61
C LEU K 70 -35.23 31.35 -58.65
N ALA K 71 -36.55 31.44 -58.76
CA ALA K 71 -37.32 30.75 -57.74
C ALA K 71 -37.10 29.27 -57.80
N HIS K 72 -36.94 28.74 -59.01
CA HIS K 72 -36.78 27.31 -59.16
C HIS K 72 -35.40 26.87 -58.75
N SER K 73 -34.38 27.65 -59.07
CA SER K 73 -33.04 27.24 -58.73
C SER K 73 -32.78 27.35 -57.25
N VAL K 74 -33.34 28.37 -56.60
CA VAL K 74 -33.16 28.51 -55.19
C VAL K 74 -33.96 27.44 -54.48
N TYR K 75 -35.23 27.27 -54.88
CA TYR K 75 -36.06 26.20 -54.28
C TYR K 75 -35.46 24.84 -54.65
N GLY K 76 -34.73 24.78 -55.77
CA GLY K 76 -34.13 23.52 -56.24
C GLY K 76 -33.03 23.03 -55.31
N PHE K 77 -32.07 23.90 -54.96
CA PHE K 77 -30.93 23.49 -54.11
C PHE K 77 -31.40 23.44 -52.65
N PHE K 78 -32.29 24.36 -52.25
CA PHE K 78 -32.70 24.43 -50.88
C PHE K 78 -33.36 23.14 -50.42
N ASN K 79 -34.01 22.43 -51.35
CA ASN K 79 -34.67 21.19 -51.02
C ASN K 79 -33.78 19.96 -51.19
N ASN K 80 -32.51 20.23 -51.41
CA ASN K 80 -31.46 19.24 -51.53
C ASN K 80 -30.54 19.63 -50.37
N GLY K 81 -29.23 19.43 -50.42
CA GLY K 81 -28.48 19.81 -49.22
C GLY K 81 -28.07 21.28 -49.35
N GLY K 82 -27.47 21.85 -48.31
CA GLY K 82 -27.00 23.23 -48.37
C GLY K 82 -27.61 24.08 -47.29
N SER K 83 -26.93 25.17 -46.93
CA SER K 83 -27.47 26.00 -45.87
C SER K 83 -27.82 27.41 -46.28
N ALA K 84 -27.19 27.94 -47.31
CA ALA K 84 -27.50 29.31 -47.64
C ALA K 84 -27.10 29.69 -49.02
N ALA K 85 -27.71 30.75 -49.50
CA ALA K 85 -27.27 31.25 -50.77
C ALA K 85 -27.37 32.74 -50.82
N TYR K 86 -26.55 33.32 -51.68
CA TYR K 86 -26.59 34.74 -51.91
C TYR K 86 -27.56 35.02 -53.04
N VAL K 87 -28.47 35.94 -52.79
CA VAL K 87 -29.47 36.27 -53.77
C VAL K 87 -29.24 37.63 -54.36
N VAL K 88 -29.01 37.68 -55.67
CA VAL K 88 -28.82 38.98 -56.38
C VAL K 88 -30.01 39.20 -57.31
N ARG K 89 -30.97 40.05 -56.91
CA ARG K 89 -32.18 40.30 -57.73
C ARG K 89 -31.78 40.97 -59.05
N VAL K 90 -30.68 41.73 -59.04
CA VAL K 90 -30.16 42.38 -60.28
C VAL K 90 -31.18 43.44 -60.76
N GLY K 91 -32.33 43.00 -61.29
CA GLY K 91 -33.32 43.94 -61.80
C GLY K 91 -34.74 43.41 -61.59
N GLY K 92 -35.71 44.13 -62.12
CA GLY K 92 -37.11 43.82 -61.84
C GLY K 92 -37.90 42.99 -62.84
N SER K 93 -39.18 43.38 -62.94
CA SER K 93 -40.18 42.71 -63.73
C SER K 93 -41.20 43.64 -64.33
N ALA K 94 -41.83 43.15 -65.38
CA ALA K 94 -42.94 43.83 -66.04
C ALA K 94 -44.22 43.29 -65.45
N GLU K 95 -45.30 44.04 -65.57
CA GLU K 95 -46.56 43.55 -65.08
C GLU K 95 -46.94 42.27 -65.85
N ASP K 96 -47.45 41.24 -65.13
CA ASP K 96 -47.91 39.93 -65.65
C ASP K 96 -46.89 39.31 -66.63
N GLN K 232 -35.91 46.31 -70.39
CA GLN K 232 -34.57 45.85 -70.79
C GLN K 232 -33.76 45.17 -69.66
N ALA K 233 -34.40 44.82 -68.51
CA ALA K 233 -33.77 44.13 -67.35
C ALA K 233 -33.22 42.78 -67.77
N GLU K 234 -33.88 42.16 -68.75
CA GLU K 234 -33.51 40.90 -69.32
C GLU K 234 -32.24 40.94 -70.19
N SER K 235 -31.86 42.12 -70.68
CA SER K 235 -30.72 42.26 -71.58
C SER K 235 -29.47 41.91 -70.83
N ALA K 236 -28.50 41.28 -71.49
CA ALA K 236 -27.31 40.86 -70.74
C ALA K 236 -26.54 41.97 -70.06
N HIS K 237 -26.21 43.06 -70.75
CA HIS K 237 -25.35 44.10 -70.11
C HIS K 237 -26.00 44.79 -68.89
N PRO K 238 -27.23 45.36 -68.99
CA PRO K 238 -27.83 46.14 -67.93
C PRO K 238 -28.39 45.26 -66.82
N GLY K 239 -27.51 44.55 -66.15
CA GLY K 239 -27.90 43.68 -65.06
C GLY K 239 -27.17 42.33 -64.93
N PRO K 240 -27.64 41.22 -65.53
CA PRO K 240 -27.08 39.88 -65.37
C PRO K 240 -25.85 39.60 -66.22
N ALA K 241 -24.80 40.39 -66.02
CA ALA K 241 -23.57 40.25 -66.79
C ALA K 241 -22.38 40.92 -66.11
N GLN K 242 -21.39 41.34 -66.92
CA GLN K 242 -20.16 41.92 -66.41
C GLN K 242 -20.32 43.38 -66.00
N TYR K 243 -21.04 43.56 -64.92
CA TYR K 243 -21.34 44.83 -64.30
C TYR K 243 -20.30 45.18 -63.26
N LEU K 244 -19.85 46.43 -63.27
CA LEU K 244 -18.92 46.89 -62.24
C LEU K 244 -19.49 48.08 -61.47
N GLY K 245 -19.95 49.11 -62.21
CA GLY K 245 -20.51 50.30 -61.57
C GLY K 245 -19.44 51.15 -60.92
N ASP K 246 -18.24 51.10 -61.47
CA ASP K 246 -17.10 51.80 -60.89
C ASP K 246 -16.96 51.33 -59.43
N SER K 247 -16.91 50.00 -59.30
CA SER K 247 -16.86 49.26 -58.07
C SER K 247 -18.04 49.57 -57.17
N SER K 248 -19.25 49.62 -57.76
CA SER K 248 -20.41 49.82 -56.92
C SER K 248 -20.71 48.46 -56.38
N ASP K 249 -20.35 47.45 -57.19
CA ASP K 249 -20.48 46.04 -56.88
C ASP K 249 -21.91 45.69 -56.44
N ARG K 250 -22.87 46.41 -57.04
CA ARG K 250 -24.29 46.27 -56.75
C ARG K 250 -25.07 45.31 -57.62
N THR K 251 -24.61 45.07 -58.82
CA THR K 251 -25.40 44.30 -59.74
C THR K 251 -24.60 43.21 -60.43
N GLY K 252 -25.30 42.16 -60.83
CA GLY K 252 -24.72 41.11 -61.65
C GLY K 252 -23.55 40.42 -61.00
N PHE K 253 -22.46 40.35 -61.75
CA PHE K 253 -21.26 39.69 -61.31
C PHE K 253 -20.38 40.68 -60.60
N GLY K 254 -20.87 41.89 -60.42
CA GLY K 254 -20.15 42.93 -59.74
C GLY K 254 -20.09 42.58 -58.26
N GLY K 255 -20.95 41.68 -57.79
CA GLY K 255 -20.91 41.32 -56.38
C GLY K 255 -19.79 40.32 -56.09
N LEU K 256 -19.13 39.82 -57.13
CA LEU K 256 -18.08 38.84 -56.95
C LEU K 256 -16.85 39.61 -56.54
N GLU K 257 -15.95 38.97 -55.80
CA GLU K 257 -14.72 39.55 -55.23
C GLU K 257 -15.10 40.34 -53.98
N ALA K 258 -16.05 41.25 -54.14
CA ALA K 258 -16.60 42.01 -53.03
C ALA K 258 -17.19 41.07 -51.98
N ILE K 259 -17.81 39.98 -52.45
CA ILE K 259 -18.39 38.99 -51.57
C ILE K 259 -17.63 37.66 -51.58
N ASP K 260 -17.28 37.26 -50.36
CA ASP K 260 -16.58 36.02 -50.04
C ASP K 260 -17.55 34.96 -49.45
N GLU K 261 -17.00 33.79 -49.12
CA GLU K 261 -17.70 32.61 -48.59
C GLU K 261 -18.78 32.08 -49.52
N ILE K 262 -18.42 31.99 -50.80
CA ILE K 262 -19.23 31.40 -51.86
C ILE K 262 -18.39 30.38 -52.57
N SER K 263 -18.84 29.14 -52.72
CA SER K 263 -18.02 28.20 -53.47
C SER K 263 -18.56 28.01 -54.89
N MET K 264 -19.87 28.21 -55.06
CA MET K 264 -20.47 28.00 -56.38
C MET K 264 -21.31 29.16 -56.84
N VAL K 265 -21.26 29.44 -58.14
CA VAL K 265 -22.10 30.48 -58.71
C VAL K 265 -22.89 29.98 -59.92
N ALA K 266 -24.06 30.57 -60.12
CA ALA K 266 -24.90 30.25 -61.26
C ALA K 266 -25.80 31.40 -61.64
N VAL K 267 -26.27 31.39 -62.88
CA VAL K 267 -27.20 32.38 -63.37
C VAL K 267 -28.48 31.70 -63.91
N PRO K 268 -29.50 31.45 -63.07
CA PRO K 268 -30.73 30.76 -63.44
C PRO K 268 -31.46 31.36 -64.63
N ASP K 269 -31.62 32.68 -64.77
CA ASP K 269 -32.59 33.25 -65.79
C ASP K 269 -32.03 33.70 -67.16
N LEU K 270 -30.71 33.83 -67.26
CA LEU K 270 -30.10 34.20 -68.56
C LEU K 270 -30.70 33.29 -69.65
N MET K 271 -30.90 32.01 -69.33
CA MET K 271 -31.49 31.06 -70.31
C MET K 271 -32.90 31.50 -70.66
N ALA K 272 -33.69 31.92 -69.65
CA ALA K 272 -35.06 32.41 -69.92
C ALA K 272 -34.99 33.59 -70.90
N ALA K 273 -33.94 34.42 -70.79
CA ALA K 273 -33.77 35.55 -71.72
C ALA K 273 -33.16 35.04 -73.03
N TYR K 274 -34.00 34.47 -73.91
CA TYR K 274 -33.50 33.95 -75.21
C TYR K 274 -34.59 34.15 -76.27
N GLN K 275 -35.84 33.79 -75.95
CA GLN K 275 -36.93 34.01 -76.88
C GLN K 275 -37.65 35.33 -76.57
N ARG K 276 -37.97 35.60 -75.31
CA ARG K 276 -38.79 36.80 -75.00
C ARG K 276 -38.17 38.12 -75.42
N GLY K 277 -36.86 38.27 -75.24
CA GLY K 277 -36.18 39.49 -75.60
C GLY K 277 -35.27 39.23 -76.78
N ALA K 278 -35.43 38.06 -77.41
CA ALA K 278 -34.56 37.62 -78.49
C ALA K 278 -33.10 37.65 -78.08
N ILE K 279 -32.80 37.27 -76.85
CA ILE K 279 -31.42 37.34 -76.43
C ILE K 279 -30.74 36.05 -76.79
N ASP K 280 -30.33 35.99 -78.05
CA ASP K 280 -29.70 34.82 -78.63
C ASP K 280 -28.22 35.04 -78.92
N LEU K 281 -27.60 34.01 -79.44
CA LEU K 281 -26.23 33.99 -79.90
C LEU K 281 -25.25 34.49 -78.85
N GLU K 282 -24.41 35.47 -79.21
CA GLU K 282 -23.39 35.99 -78.32
C GLU K 282 -23.97 36.70 -77.11
N ALA K 283 -25.22 37.12 -77.19
CA ALA K 283 -25.80 37.82 -76.07
C ALA K 283 -25.80 36.94 -74.82
N VAL K 284 -25.94 35.62 -74.98
CA VAL K 284 -25.93 34.75 -73.82
C VAL K 284 -24.51 34.28 -73.60
N LYS K 285 -23.80 33.94 -74.68
CA LYS K 285 -22.42 33.46 -74.53
C LYS K 285 -21.60 34.45 -73.72
N ALA K 286 -21.81 35.74 -73.94
CA ALA K 286 -21.10 36.79 -73.24
C ALA K 286 -21.29 36.70 -71.73
N VAL K 287 -22.46 36.27 -71.26
CA VAL K 287 -22.72 36.22 -69.85
C VAL K 287 -22.00 35.01 -69.29
N GLN K 288 -22.06 33.88 -70.03
CA GLN K 288 -21.36 32.69 -69.55
C GLN K 288 -19.85 32.92 -69.49
N LEU K 289 -19.31 33.67 -70.46
CA LEU K 289 -17.88 33.95 -70.43
C LEU K 289 -17.54 34.78 -69.21
N GLY K 290 -18.40 35.74 -68.87
CA GLY K 290 -18.19 36.57 -67.70
C GLY K 290 -18.19 35.76 -66.43
N LEU K 291 -19.21 34.91 -66.25
CA LEU K 291 -19.34 34.16 -65.02
C LEU K 291 -18.07 33.32 -64.81
N ILE K 292 -17.57 32.73 -65.89
CA ILE K 292 -16.39 31.92 -65.81
C ILE K 292 -15.17 32.76 -65.53
N ALA K 293 -15.01 33.90 -66.22
CA ALA K 293 -13.86 34.75 -66.02
C ALA K 293 -13.74 35.23 -64.59
N HIS K 294 -14.87 35.54 -63.96
CA HIS K 294 -14.78 36.04 -62.59
C HIS K 294 -14.29 34.94 -61.68
N CYS K 295 -14.73 33.72 -61.93
CA CYS K 295 -14.28 32.62 -61.10
C CYS K 295 -12.77 32.44 -61.27
N GLU K 296 -12.31 32.52 -62.52
CA GLU K 296 -10.90 32.36 -62.83
C GLU K 296 -10.03 33.41 -62.15
N LEU K 297 -10.52 34.65 -62.11
CA LEU K 297 -9.80 35.73 -61.47
C LEU K 297 -9.73 35.58 -59.95
N MET K 298 -10.82 35.13 -59.32
CA MET K 298 -10.84 34.95 -57.87
C MET K 298 -9.96 33.81 -57.41
N GLY K 299 -9.95 32.72 -58.17
CA GLY K 299 -9.11 31.55 -57.87
C GLY K 299 -9.83 30.42 -57.10
N ASP K 300 -10.99 30.72 -56.53
CA ASP K 300 -11.78 29.72 -55.79
C ASP K 300 -13.25 30.00 -55.93
N ARG K 301 -13.82 29.42 -56.99
CA ARG K 301 -15.22 29.55 -57.30
C ARG K 301 -15.50 28.63 -58.48
N VAL K 302 -16.63 27.95 -58.50
CA VAL K 302 -16.96 27.18 -59.70
C VAL K 302 -18.28 27.60 -60.31
N ALA K 303 -18.25 27.87 -61.60
CA ALA K 303 -19.41 28.28 -62.35
C ALA K 303 -20.18 27.09 -62.91
N ILE K 304 -21.48 27.14 -62.75
CA ILE K 304 -22.31 26.12 -63.33
C ILE K 304 -23.08 26.77 -64.47
N ILE K 305 -22.97 26.19 -65.66
CA ILE K 305 -23.61 26.76 -66.83
C ILE K 305 -24.52 25.76 -67.54
N ASP K 306 -25.44 26.29 -68.36
CA ASP K 306 -26.39 25.48 -69.13
C ASP K 306 -26.09 25.39 -70.63
N PRO K 307 -26.46 24.29 -71.29
CA PRO K 307 -26.52 24.15 -72.71
C PRO K 307 -27.86 24.71 -73.10
N PRO K 308 -28.10 25.07 -74.35
CA PRO K 308 -29.41 25.42 -74.89
C PRO K 308 -30.44 24.34 -74.53
N PRO K 309 -31.71 24.72 -74.24
CA PRO K 309 -32.84 23.88 -73.82
C PRO K 309 -33.39 22.80 -74.75
N ASN K 310 -33.14 22.86 -76.05
CA ASN K 310 -33.70 21.83 -76.89
C ASN K 310 -32.77 21.42 -77.99
N GLN K 311 -32.05 20.32 -77.79
CA GLN K 311 -31.11 19.91 -78.80
C GLN K 311 -30.72 18.44 -78.73
N ASN K 312 -30.28 17.92 -79.87
CA ASN K 312 -29.74 16.58 -80.09
C ASN K 312 -28.36 16.44 -79.47
N ALA K 313 -27.98 15.23 -79.11
CA ALA K 313 -26.63 15.02 -78.58
C ALA K 313 -25.57 15.49 -79.60
N ARG K 314 -25.84 15.34 -80.91
CA ARG K 314 -24.85 15.82 -81.85
C ARG K 314 -24.72 17.33 -81.78
N GLN K 315 -25.84 18.02 -81.50
CA GLN K 315 -25.89 19.47 -81.46
C GLN K 315 -25.15 20.00 -80.26
N ILE K 316 -25.24 19.31 -79.12
CA ILE K 316 -24.48 19.82 -77.98
C ILE K 316 -23.02 19.65 -78.25
N ARG K 317 -22.64 18.56 -78.92
CA ARG K 317 -21.24 18.38 -79.20
C ARG K 317 -20.70 19.50 -80.07
N VAL K 318 -21.46 19.89 -81.10
CA VAL K 318 -21.04 21.00 -81.94
C VAL K 318 -21.10 22.32 -81.20
N TRP K 319 -22.16 22.56 -80.46
CA TRP K 319 -22.25 23.81 -79.77
C TRP K 319 -21.06 23.98 -78.84
N ARG K 320 -20.72 22.98 -78.05
CA ARG K 320 -19.57 23.17 -77.19
C ARG K 320 -18.22 23.16 -77.90
N GLN K 321 -18.06 22.37 -78.97
CA GLN K 321 -16.76 22.36 -79.62
C GLN K 321 -16.53 23.51 -80.58
N GLU K 322 -17.57 23.98 -81.25
CA GLU K 322 -17.39 25.04 -82.22
C GLU K 322 -17.92 26.41 -81.80
N THR K 323 -19.02 26.49 -81.04
CA THR K 323 -19.54 27.83 -80.76
C THR K 323 -19.39 28.33 -79.32
N ALA K 324 -19.28 27.43 -78.35
CA ALA K 324 -19.19 27.84 -76.94
C ALA K 324 -18.24 26.97 -76.12
N GLY K 325 -17.02 26.77 -76.59
CA GLY K 325 -16.09 25.98 -75.78
C GLY K 325 -15.51 26.89 -74.73
N TYR K 326 -15.16 26.34 -73.56
CA TYR K 326 -14.58 27.19 -72.52
C TYR K 326 -13.16 26.80 -72.09
N ASP K 327 -12.88 25.49 -71.97
CA ASP K 327 -11.54 24.99 -71.60
C ASP K 327 -10.87 25.55 -70.33
N SER K 328 -11.50 25.43 -69.16
CA SER K 328 -10.85 25.96 -67.94
C SER K 328 -11.23 25.17 -66.70
N LYS K 329 -10.56 25.47 -65.61
CA LYS K 329 -10.70 24.77 -64.35
C LYS K 329 -11.85 25.25 -63.48
N TYR K 330 -12.61 26.21 -63.95
CA TYR K 330 -13.63 26.82 -63.12
C TYR K 330 -15.07 26.57 -63.51
N ALA K 331 -15.38 25.53 -64.28
CA ALA K 331 -16.78 25.37 -64.65
C ALA K 331 -17.22 23.93 -64.97
N ALA K 332 -18.54 23.73 -64.86
CA ALA K 332 -19.19 22.44 -65.18
C ALA K 332 -20.51 22.61 -65.94
N LEU K 333 -20.81 21.63 -66.81
CA LEU K 333 -22.06 21.59 -67.58
C LEU K 333 -22.64 20.17 -67.68
N TYR K 334 -23.96 20.06 -67.53
CA TYR K 334 -24.68 18.80 -67.67
C TYR K 334 -25.59 18.91 -68.89
N TYR K 335 -25.60 17.89 -69.74
CA TYR K 335 -26.40 17.94 -70.97
C TYR K 335 -27.92 18.12 -70.89
N PRO K 336 -28.67 17.26 -70.19
CA PRO K 336 -30.11 17.27 -70.22
C PRO K 336 -30.72 18.38 -69.43
N TRP K 337 -31.93 18.73 -69.83
CA TRP K 337 -32.81 19.60 -69.07
C TRP K 337 -33.83 18.75 -68.33
N ILE K 338 -34.35 19.30 -67.23
CA ILE K 338 -35.23 18.61 -66.30
C ILE K 338 -36.69 19.03 -66.32
N LYS K 339 -37.58 18.04 -66.25
CA LYS K 339 -38.99 18.34 -66.13
C LYS K 339 -39.31 18.53 -64.65
N SER K 340 -39.92 19.67 -64.34
CA SER K 340 -40.33 20.08 -63.00
C SER K 340 -41.68 20.76 -63.10
N PHE K 341 -42.02 21.59 -62.12
CA PHE K 341 -43.33 22.25 -62.08
C PHE K 341 -43.30 23.61 -61.41
N ASP K 342 -44.39 24.36 -61.56
CA ASP K 342 -44.50 25.68 -60.95
C ASP K 342 -45.91 25.85 -60.40
N PRO K 343 -46.12 25.66 -59.08
CA PRO K 343 -47.39 25.58 -58.41
C PRO K 343 -48.18 26.88 -58.49
N ALA K 344 -47.51 27.97 -58.86
CA ALA K 344 -48.19 29.24 -58.99
C ALA K 344 -49.17 29.19 -60.16
N THR K 345 -48.84 28.41 -61.20
CA THR K 345 -49.67 28.33 -62.40
C THR K 345 -50.13 26.90 -62.73
N GLY K 346 -49.27 25.91 -62.49
CA GLY K 346 -49.60 24.55 -62.91
C GLY K 346 -48.59 23.46 -62.54
N GLN K 347 -48.87 22.27 -63.02
CA GLN K 347 -48.15 21.07 -62.67
C GLN K 347 -46.91 20.76 -63.49
N SER K 348 -46.55 21.63 -64.43
CA SER K 348 -45.34 21.36 -65.19
C SER K 348 -44.60 22.63 -65.65
N ARG K 349 -43.28 22.48 -65.79
CA ARG K 349 -42.40 23.60 -66.26
C ARG K 349 -40.99 23.08 -66.61
N LEU K 350 -40.39 23.53 -67.72
CA LEU K 350 -39.05 23.14 -68.15
C LEU K 350 -37.99 23.95 -67.43
N VAL K 351 -37.07 23.27 -66.74
CA VAL K 351 -36.04 23.97 -65.99
C VAL K 351 -34.65 23.42 -66.33
N PRO K 352 -33.59 24.23 -66.18
CA PRO K 352 -32.20 23.88 -66.40
C PRO K 352 -31.69 22.97 -65.31
N PRO K 353 -30.58 22.25 -65.57
CA PRO K 353 -29.85 21.43 -64.61
C PRO K 353 -28.99 22.35 -63.76
N SER K 354 -29.66 23.20 -62.99
CA SER K 354 -29.07 24.25 -62.18
C SER K 354 -29.85 24.37 -60.90
N GLY K 355 -29.20 24.84 -59.83
CA GLY K 355 -29.87 24.99 -58.55
C GLY K 355 -29.89 23.65 -57.82
N HIS K 356 -30.68 22.72 -58.34
CA HIS K 356 -30.70 21.35 -57.75
C HIS K 356 -29.27 20.81 -57.69
N VAL K 357 -28.46 21.06 -58.73
CA VAL K 357 -27.12 20.54 -58.73
C VAL K 357 -26.30 21.13 -57.58
N ALA K 358 -26.56 22.39 -57.18
CA ALA K 358 -25.79 22.98 -56.10
C ALA K 358 -26.02 22.18 -54.84
N GLY K 359 -27.24 21.69 -54.70
CA GLY K 359 -27.64 20.94 -53.54
C GLY K 359 -27.12 19.50 -53.56
N ILE K 360 -26.54 19.08 -54.68
CA ILE K 360 -25.98 17.75 -54.81
C ILE K 360 -24.61 17.81 -54.20
N TRP K 361 -23.85 18.85 -54.53
CA TRP K 361 -22.54 18.90 -53.91
C TRP K 361 -22.73 19.28 -52.46
N ALA K 362 -23.71 20.12 -52.16
CA ALA K 362 -23.86 20.50 -50.78
C ALA K 362 -24.18 19.31 -49.88
N ARG K 363 -25.04 18.39 -50.33
CA ARG K 363 -25.31 17.24 -49.48
C ARG K 363 -24.08 16.36 -49.39
N ASN K 364 -23.43 16.12 -50.52
CA ASN K 364 -22.28 15.24 -50.53
C ASN K 364 -21.19 15.71 -49.62
N ASP K 365 -20.88 16.99 -49.73
CA ASP K 365 -19.77 17.55 -49.02
C ASP K 365 -20.08 17.70 -47.54
N SER K 366 -21.34 18.01 -47.20
CA SER K 366 -21.69 18.15 -45.80
C SER K 366 -21.94 16.82 -45.08
N GLU K 367 -22.35 15.77 -45.79
CA GLU K 367 -22.60 14.51 -45.12
C GLU K 367 -21.44 13.52 -45.19
N ARG K 368 -20.71 13.51 -46.31
CA ARG K 368 -19.59 12.56 -46.51
C ARG K 368 -18.32 13.35 -46.85
N GLY K 369 -18.47 14.61 -47.27
CA GLY K 369 -17.31 15.45 -47.62
C GLY K 369 -17.02 15.42 -49.11
N VAL K 370 -15.89 16.00 -49.54
CA VAL K 370 -15.52 16.04 -50.98
C VAL K 370 -14.53 14.90 -51.26
N HIS K 371 -14.54 13.87 -50.41
CA HIS K 371 -13.64 12.70 -50.61
C HIS K 371 -13.93 12.05 -51.97
N LYS K 372 -15.21 11.94 -52.32
CA LYS K 372 -15.62 11.30 -53.60
C LYS K 372 -16.72 12.14 -54.27
N ALA K 373 -16.68 12.24 -55.60
CA ALA K 373 -17.67 13.05 -56.31
C ALA K 373 -19.09 12.57 -56.02
N PRO K 374 -20.11 13.42 -56.05
CA PRO K 374 -21.49 13.03 -55.93
C PRO K 374 -21.99 12.53 -57.26
N ALA K 375 -21.39 11.48 -57.74
CA ALA K 375 -21.67 10.99 -59.07
C ALA K 375 -22.79 9.94 -59.10
N ASN K 376 -23.36 9.61 -57.96
CA ASN K 376 -24.48 8.69 -57.91
C ASN K 376 -25.66 9.29 -57.18
N GLU K 377 -25.69 10.59 -57.05
CA GLU K 377 -26.74 11.16 -56.23
C GLU K 377 -28.05 11.39 -56.95
N VAL K 378 -29.12 11.34 -56.18
CA VAL K 378 -30.49 11.53 -56.64
C VAL K 378 -30.96 12.95 -56.72
N VAL K 379 -31.52 13.29 -57.86
CA VAL K 379 -32.05 14.62 -58.03
C VAL K 379 -33.43 14.54 -57.43
N ARG K 380 -33.51 14.90 -56.16
CA ARG K 380 -34.70 14.69 -55.37
C ARG K 380 -35.94 15.38 -55.89
N GLY K 381 -35.79 16.56 -56.46
CA GLY K 381 -36.95 17.29 -56.95
C GLY K 381 -37.29 17.07 -58.42
N ALA K 382 -36.60 16.17 -59.11
CA ALA K 382 -36.90 15.98 -60.54
C ALA K 382 -38.20 15.22 -60.69
N VAL K 383 -38.99 15.57 -61.70
CA VAL K 383 -40.16 14.78 -61.98
C VAL K 383 -39.77 13.79 -63.04
N ASP K 384 -39.13 14.30 -64.08
CA ASP K 384 -38.66 13.48 -65.18
C ASP K 384 -37.56 14.22 -65.93
N LEU K 385 -37.00 13.60 -66.95
CA LEU K 385 -35.98 14.23 -67.79
C LEU K 385 -36.54 14.53 -69.18
N GLU K 386 -36.03 15.57 -69.85
CA GLU K 386 -36.49 15.82 -71.21
C GLU K 386 -36.11 14.71 -72.18
N LEU K 387 -34.94 14.14 -71.99
CA LEU K 387 -34.46 13.08 -72.82
C LEU K 387 -33.78 12.02 -71.99
N GLN K 388 -34.07 10.76 -72.29
CA GLN K 388 -33.39 9.66 -71.63
C GLN K 388 -32.19 9.25 -72.46
N ILE K 389 -31.03 9.52 -71.92
CA ILE K 389 -29.77 9.33 -72.61
C ILE K 389 -29.45 7.86 -72.76
N THR K 390 -29.14 7.47 -73.98
CA THR K 390 -28.80 6.09 -74.29
C THR K 390 -27.32 5.86 -74.30
N ARG K 391 -26.91 4.64 -74.60
CA ARG K 391 -25.48 4.32 -74.52
C ARG K 391 -24.65 5.05 -75.54
N GLY K 392 -25.10 5.12 -76.79
CA GLY K 392 -24.32 5.84 -77.78
C GLY K 392 -24.18 7.31 -77.40
N GLU K 393 -25.21 7.88 -76.80
CA GLU K 393 -25.18 9.27 -76.37
C GLU K 393 -24.23 9.45 -75.18
N GLN K 394 -24.20 8.49 -74.26
CA GLN K 394 -23.28 8.58 -73.15
C GLN K 394 -21.84 8.49 -73.68
N ASP K 395 -21.62 7.64 -74.68
CA ASP K 395 -20.26 7.48 -75.27
C ASP K 395 -19.87 8.76 -76.00
N LEU K 396 -20.83 9.42 -76.65
CA LEU K 396 -20.59 10.67 -77.36
C LEU K 396 -20.17 11.77 -76.39
N LEU K 397 -20.87 11.89 -75.26
CA LEU K 397 -20.60 13.00 -74.31
C LEU K 397 -19.36 12.73 -73.47
N ASN K 398 -19.14 11.49 -73.02
CA ASN K 398 -18.01 11.23 -72.12
C ASN K 398 -16.66 11.89 -72.53
N PRO K 399 -16.10 11.67 -73.73
CA PRO K 399 -14.82 12.16 -74.15
C PRO K 399 -14.77 13.65 -74.43
N ILE K 400 -15.93 14.34 -74.39
CA ILE K 400 -15.91 15.74 -74.70
C ILE K 400 -16.14 16.55 -73.43
N GLY K 401 -16.24 15.84 -72.29
CA GLY K 401 -16.40 16.49 -71.00
C GLY K 401 -17.83 16.90 -70.60
N VAL K 402 -18.86 16.33 -71.20
CA VAL K 402 -20.21 16.71 -70.83
C VAL K 402 -20.79 15.71 -69.86
N ASN K 403 -21.33 16.19 -68.75
CA ASN K 403 -21.85 15.27 -67.78
C ASN K 403 -23.30 14.93 -68.07
N CYS K 404 -23.74 13.77 -67.61
CA CYS K 404 -25.11 13.33 -67.82
C CYS K 404 -25.89 13.08 -66.55
N ILE K 405 -27.21 13.21 -66.69
CA ILE K 405 -28.22 12.89 -65.68
C ILE K 405 -29.12 11.85 -66.37
N ARG K 406 -29.34 10.71 -65.72
CA ARG K 406 -30.11 9.60 -66.29
C ARG K 406 -31.08 8.91 -65.34
N SER K 407 -32.16 8.34 -65.91
CA SER K 407 -33.16 7.60 -65.14
C SER K 407 -32.91 6.09 -65.14
N PHE K 408 -32.86 5.51 -63.95
CA PHE K 408 -32.63 4.08 -63.78
C PHE K 408 -33.84 3.30 -63.22
N PRO K 409 -33.99 2.01 -63.61
CA PRO K 409 -35.13 1.15 -63.33
C PRO K 409 -35.23 0.67 -61.90
N GLY K 410 -35.62 1.60 -61.03
CA GLY K 410 -35.76 1.36 -59.60
C GLY K 410 -34.69 2.08 -58.81
N ARG K 411 -33.85 2.86 -59.49
CA ARG K 411 -32.81 3.60 -58.81
C ARG K 411 -33.11 5.11 -58.85
N GLY K 412 -34.03 5.54 -59.73
CA GLY K 412 -34.43 6.95 -59.82
C GLY K 412 -33.58 7.80 -60.75
N ILE K 413 -33.69 9.11 -60.59
CA ILE K 413 -33.00 10.04 -61.47
C ILE K 413 -31.76 10.50 -60.77
N ARG K 414 -30.62 10.15 -61.35
CA ARG K 414 -29.35 10.41 -60.75
C ARG K 414 -28.40 11.15 -61.65
N VAL K 415 -27.48 11.85 -61.01
CA VAL K 415 -26.41 12.55 -61.68
C VAL K 415 -25.33 11.53 -61.86
N TRP K 416 -24.76 11.42 -63.06
CA TRP K 416 -23.79 10.32 -63.31
C TRP K 416 -22.41 10.84 -63.72
N GLY K 417 -22.33 11.88 -64.54
CA GLY K 417 -21.00 12.29 -65.01
C GLY K 417 -20.25 12.99 -63.89
N ALA K 418 -18.92 13.02 -63.98
CA ALA K 418 -18.12 13.70 -62.96
C ALA K 418 -16.93 14.49 -63.50
N ARG K 419 -17.04 15.06 -64.71
CA ARG K 419 -15.91 15.80 -65.27
C ARG K 419 -16.12 17.29 -65.45
N THR K 420 -14.99 17.98 -65.50
CA THR K 420 -14.88 19.41 -65.64
C THR K 420 -14.84 19.86 -67.10
N LEU K 421 -15.07 21.14 -67.34
CA LEU K 421 -14.98 21.66 -68.70
C LEU K 421 -13.57 22.12 -69.03
N SER K 422 -12.64 21.15 -69.06
CA SER K 422 -11.21 21.42 -69.32
C SER K 422 -10.48 20.32 -70.02
N SER K 423 -9.58 20.72 -70.92
CA SER K 423 -8.73 19.80 -71.65
C SER K 423 -7.51 19.30 -70.87
N ASP K 424 -7.21 19.92 -69.72
CA ASP K 424 -6.01 19.58 -68.94
C ASP K 424 -6.23 18.32 -68.13
N PRO K 425 -5.53 17.18 -68.42
CA PRO K 425 -5.69 15.92 -67.73
C PRO K 425 -5.68 16.05 -66.21
N ALA K 426 -4.86 16.98 -65.69
CA ALA K 426 -4.74 17.16 -64.27
C ALA K 426 -6.03 17.54 -63.60
N TRP K 427 -6.85 18.32 -64.30
CA TRP K 427 -8.04 18.86 -63.72
C TRP K 427 -9.31 18.33 -64.34
N ARG K 428 -9.27 17.12 -64.90
CA ARG K 428 -10.48 16.55 -65.51
C ARG K 428 -11.60 16.23 -64.56
N TYR K 429 -11.30 15.93 -63.31
CA TYR K 429 -12.37 15.53 -62.41
C TYR K 429 -12.78 16.58 -61.42
N LEU K 430 -14.08 16.64 -61.20
CA LEU K 430 -14.66 17.58 -60.26
C LEU K 430 -14.22 17.34 -58.84
N ASN K 431 -14.05 16.08 -58.49
CA ASN K 431 -13.66 15.74 -57.13
C ASN K 431 -12.33 16.33 -56.74
N ILE K 432 -11.41 16.35 -57.67
CA ILE K 432 -10.09 16.83 -57.38
C ILE K 432 -10.11 18.33 -57.29
N ARG K 433 -10.85 18.96 -58.21
CA ARG K 433 -10.91 20.45 -58.23
C ARG K 433 -11.51 20.95 -56.93
N ARG K 434 -12.52 20.24 -56.39
CA ARG K 434 -13.18 20.64 -55.17
C ARG K 434 -12.33 20.37 -53.95
N TYR K 435 -11.61 19.26 -53.96
CA TYR K 435 -10.73 18.90 -52.86
C TYR K 435 -9.72 19.99 -52.63
N PHE K 436 -9.07 20.44 -53.69
CA PHE K 436 -8.08 21.47 -53.50
C PHE K 436 -8.66 22.78 -53.05
N ASN K 437 -9.84 23.19 -53.55
CA ASN K 437 -10.37 24.45 -53.06
C ASN K 437 -10.69 24.36 -51.57
N TYR K 438 -11.17 23.20 -51.13
CA TYR K 438 -11.46 23.02 -49.72
C TYR K 438 -10.22 23.22 -48.88
N LEU K 439 -9.12 22.60 -49.29
CA LEU K 439 -7.92 22.72 -48.51
C LEU K 439 -7.47 24.16 -48.44
N GLU K 440 -7.60 24.88 -49.55
CA GLU K 440 -7.16 26.27 -49.58
C GLU K 440 -7.96 27.13 -48.63
N GLU K 441 -9.27 26.93 -48.57
CA GLU K 441 -10.02 27.76 -47.65
C GLU K 441 -9.53 27.56 -46.23
N SER K 442 -9.30 26.31 -45.82
CA SER K 442 -8.87 26.06 -44.46
C SER K 442 -7.48 26.61 -44.16
N ILE K 443 -6.55 26.45 -45.09
CA ILE K 443 -5.21 26.93 -44.84
C ILE K 443 -5.18 28.44 -44.75
N LEU K 444 -5.88 29.14 -45.62
CA LEU K 444 -5.83 30.59 -45.55
C LEU K 444 -6.48 31.14 -44.31
N ILE K 445 -7.62 30.60 -43.89
CA ILE K 445 -8.25 31.17 -42.71
C ILE K 445 -7.39 30.93 -41.48
N GLY K 446 -6.66 29.83 -41.49
CA GLY K 446 -5.79 29.47 -40.40
C GLY K 446 -4.56 30.36 -40.19
N THR K 447 -4.19 31.23 -41.15
CA THR K 447 -3.00 32.04 -40.88
C THR K 447 -3.26 33.52 -40.76
N GLN K 448 -3.02 34.05 -39.56
CA GLN K 448 -3.21 35.47 -39.25
C GLN K 448 -1.92 36.25 -39.34
N TRP K 449 -0.84 35.55 -39.60
CA TRP K 449 0.51 36.10 -39.57
C TRP K 449 0.83 36.79 -40.86
N VAL K 450 0.12 37.87 -41.13
CA VAL K 450 0.29 38.56 -42.40
C VAL K 450 1.33 39.66 -42.28
N VAL K 451 1.23 40.49 -41.26
CA VAL K 451 2.20 41.55 -41.07
C VAL K 451 2.79 41.45 -39.69
N PHE K 452 3.90 40.73 -39.57
CA PHE K 452 4.59 40.51 -38.30
C PHE K 452 6.00 39.98 -38.54
N GLU K 453 6.97 40.88 -38.61
CA GLU K 453 8.37 40.52 -38.83
C GLU K 453 8.56 39.56 -40.00
N PRO K 454 8.25 40.04 -41.22
CA PRO K 454 8.36 39.26 -42.46
C PRO K 454 9.75 38.65 -42.64
N ASN K 455 10.65 38.91 -41.70
CA ASN K 455 12.03 38.36 -41.78
C ASN K 455 12.21 37.25 -40.73
N ASP K 456 11.44 37.30 -39.64
CA ASP K 456 11.60 36.30 -38.55
C ASP K 456 11.61 34.89 -39.14
N HIS K 457 12.62 34.09 -38.79
CA HIS K 457 12.69 32.69 -39.27
C HIS K 457 11.85 31.79 -38.37
N ASN K 458 11.72 32.15 -37.09
CA ASN K 458 10.96 31.34 -36.17
C ASN K 458 9.56 31.15 -36.72
N LEU K 459 9.13 32.06 -37.59
CA LEU K 459 7.84 31.94 -38.20
C LEU K 459 7.82 30.73 -39.12
N TRP K 460 8.96 30.37 -39.72
CA TRP K 460 8.94 29.25 -40.63
C TRP K 460 8.61 28.02 -39.84
N ALA K 461 9.19 27.93 -38.64
CA ALA K 461 8.91 26.79 -37.80
C ALA K 461 7.44 26.74 -37.39
N ARG K 462 6.86 27.90 -37.08
CA ARG K 462 5.46 27.93 -36.69
C ARG K 462 4.56 27.52 -37.86
N ILE K 463 4.94 27.91 -39.07
CA ILE K 463 4.19 27.52 -40.24
C ILE K 463 4.23 26.04 -40.45
N ARG K 464 5.40 25.43 -40.38
CA ARG K 464 5.47 24.01 -40.62
C ARG K 464 4.61 23.28 -39.62
N ARG K 465 4.62 23.75 -38.38
CA ARG K 465 3.83 23.12 -37.35
C ARG K 465 2.36 23.10 -37.69
N ASN K 466 1.81 24.25 -38.08
CA ASN K 466 0.38 24.28 -38.33
C ASN K 466 -0.04 23.49 -39.56
N VAL K 467 0.80 23.53 -40.59
CA VAL K 467 0.46 22.86 -41.82
C VAL K 467 0.50 21.36 -41.64
N SER K 468 1.53 20.87 -40.97
CA SER K 468 1.66 19.45 -40.74
C SER K 468 0.51 18.93 -39.92
N ALA K 469 0.15 19.64 -38.85
CA ALA K 469 -0.93 19.12 -38.04
C ALA K 469 -2.22 18.96 -38.84
N PHE K 470 -2.53 19.93 -39.70
CA PHE K 470 -3.74 19.84 -40.50
C PHE K 470 -3.72 18.69 -41.50
N LEU K 471 -2.63 18.55 -42.24
CA LEU K 471 -2.64 17.54 -43.26
C LEU K 471 -2.49 16.14 -42.72
N VAL K 472 -1.78 15.95 -41.63
CA VAL K 472 -1.69 14.61 -41.10
C VAL K 472 -3.07 14.19 -40.62
N ASN K 473 -3.82 15.08 -40.00
CA ASN K 473 -5.15 14.72 -39.58
C ASN K 473 -5.98 14.19 -40.76
N GLU K 474 -5.77 14.75 -41.97
CA GLU K 474 -6.48 14.30 -43.16
C GLU K 474 -5.98 12.91 -43.62
N TRP K 475 -4.67 12.67 -43.47
CA TRP K 475 -4.04 11.38 -43.80
C TRP K 475 -4.62 10.25 -42.98
N ARG K 476 -4.89 10.53 -41.71
CA ARG K 476 -5.40 9.54 -40.78
C ARG K 476 -6.88 9.19 -41.03
N ASN K 477 -7.46 9.88 -42.01
CA ASN K 477 -8.82 9.73 -42.49
C ASN K 477 -8.70 9.31 -43.96
N GLY K 478 -9.66 9.67 -44.81
CA GLY K 478 -9.63 9.15 -46.19
C GLY K 478 -9.01 10.05 -47.26
N ALA K 479 -8.37 11.15 -46.86
CA ALA K 479 -7.89 12.08 -47.86
C ALA K 479 -6.75 11.63 -48.77
N LEU K 480 -5.81 10.85 -48.26
CA LEU K 480 -4.63 10.58 -49.08
C LEU K 480 -4.36 9.14 -49.40
N PHE K 481 -3.90 8.94 -50.61
CA PHE K 481 -3.63 7.61 -51.13
C PHE K 481 -2.25 7.09 -50.74
N GLY K 482 -2.06 6.74 -49.48
CA GLY K 482 -0.76 6.23 -49.04
C GLY K 482 -0.74 5.64 -47.61
N GLN K 483 0.31 4.86 -47.34
CA GLN K 483 0.51 4.12 -46.08
C GLN K 483 1.06 4.90 -44.90
N SER K 484 1.55 6.07 -45.16
CA SER K 484 2.20 6.89 -44.15
C SER K 484 2.31 8.28 -44.67
N PRO K 485 2.23 9.34 -43.84
CA PRO K 485 2.45 10.70 -44.27
C PRO K 485 3.76 10.81 -45.03
N ASP K 486 4.76 9.98 -44.70
CA ASP K 486 6.03 10.08 -45.41
C ASP K 486 5.90 9.89 -46.91
N GLN K 487 4.95 9.06 -47.35
CA GLN K 487 4.74 8.80 -48.76
C GLN K 487 3.44 9.42 -49.26
N ALA K 488 2.82 10.27 -48.45
CA ALA K 488 1.52 10.82 -48.84
C ALA K 488 1.44 12.34 -48.73
N TYR K 489 2.23 12.91 -47.82
CA TYR K 489 2.12 14.38 -47.58
C TYR K 489 3.49 15.00 -47.38
N TYR K 490 3.71 16.19 -47.95
CA TYR K 490 4.97 16.91 -47.79
C TYR K 490 4.82 18.39 -47.52
N VAL K 491 5.62 18.91 -46.59
CA VAL K 491 5.70 20.35 -46.38
C VAL K 491 7.13 20.79 -46.14
N LYS K 492 7.53 21.91 -46.75
CA LYS K 492 8.83 22.48 -46.48
C LYS K 492 8.82 24.00 -46.46
N CYS K 493 9.50 24.58 -45.48
CA CYS K 493 9.60 26.02 -45.35
C CYS K 493 10.91 26.33 -44.67
N ASP K 494 11.84 26.88 -45.44
CA ASP K 494 13.21 27.12 -45.02
C ASP K 494 13.82 28.32 -45.72
N GLU K 495 15.06 28.64 -45.42
CA GLU K 495 15.75 29.77 -46.01
C GLU K 495 15.79 29.67 -47.53
N GLU K 496 15.93 28.48 -48.06
CA GLU K 496 15.97 28.31 -49.50
C GLU K 496 14.61 28.57 -50.17
N THR K 497 13.52 28.57 -49.40
CA THR K 497 12.20 28.79 -49.98
C THR K 497 11.81 30.24 -49.73
N ASN K 498 12.48 30.87 -48.76
CA ASN K 498 12.31 32.26 -48.35
C ASN K 498 13.68 32.95 -48.42
N PRO K 499 14.12 33.37 -49.62
CA PRO K 499 15.44 33.84 -49.97
C PRO K 499 15.87 34.92 -49.01
N PRO K 500 17.20 35.06 -48.77
CA PRO K 500 17.85 35.92 -47.79
C PRO K 500 17.53 37.39 -47.95
N GLU K 501 17.12 37.83 -49.13
CA GLU K 501 16.79 39.23 -49.27
C GLU K 501 15.72 39.59 -48.24
N SER K 502 14.83 38.64 -47.95
CA SER K 502 13.75 38.87 -46.96
C SER K 502 13.12 40.25 -47.20
N VAL K 503 13.22 40.75 -48.44
CA VAL K 503 12.67 42.11 -48.77
C VAL K 503 11.16 42.10 -48.52
N ASP K 504 10.45 41.09 -49.01
CA ASP K 504 8.98 41.02 -48.87
C ASP K 504 8.45 39.75 -49.53
N LEU K 505 7.13 39.55 -49.53
CA LEU K 505 6.52 38.38 -50.20
C LEU K 505 7.17 37.08 -49.67
N GLY K 506 7.36 36.98 -48.35
CA GLY K 506 7.93 35.75 -47.76
C GLY K 506 6.88 34.66 -47.65
N ARG K 507 6.71 34.06 -46.47
CA ARG K 507 5.63 33.06 -46.28
C ARG K 507 5.68 32.03 -47.42
N VAL K 508 6.87 31.62 -47.86
CA VAL K 508 6.86 30.61 -48.89
C VAL K 508 6.92 29.23 -48.28
N VAL K 509 5.91 28.43 -48.62
CA VAL K 509 5.80 27.09 -48.10
C VAL K 509 5.61 26.11 -49.25
N CYS K 510 6.50 25.16 -49.40
CA CYS K 510 6.37 24.23 -50.50
C CYS K 510 5.58 23.02 -50.04
N GLU K 511 4.56 22.64 -50.80
CA GLU K 511 3.74 21.51 -50.37
C GLU K 511 3.40 20.48 -51.45
N ILE K 512 3.26 19.22 -51.05
CA ILE K 512 2.75 18.19 -51.96
C ILE K 512 1.41 17.73 -51.41
N GLY K 513 0.36 17.98 -52.19
CA GLY K 513 -1.02 17.72 -51.81
C GLY K 513 -1.40 16.27 -51.68
N ILE K 514 -0.86 15.45 -52.56
CA ILE K 514 -1.10 14.01 -52.63
C ILE K 514 -0.08 13.51 -53.61
N ALA K 515 0.28 14.45 -54.49
CA ALA K 515 1.26 14.29 -55.57
C ALA K 515 1.45 15.63 -56.32
N PRO K 516 0.40 16.43 -56.64
CA PRO K 516 0.52 17.73 -57.25
C PRO K 516 1.28 18.64 -56.31
N VAL K 517 2.06 19.52 -56.89
CA VAL K 517 2.85 20.45 -56.12
C VAL K 517 2.16 21.83 -56.03
N LYS K 518 2.10 22.35 -54.79
CA LYS K 518 1.50 23.62 -54.37
C LYS K 518 2.36 24.21 -53.25
N MET L 1 4.15 -9.31 -39.13
CA MET L 1 4.07 -10.76 -38.97
C MET L 1 5.25 -11.46 -39.69
N SER L 2 6.48 -10.91 -39.53
CA SER L 2 7.74 -11.36 -40.14
C SER L 2 8.30 -12.68 -39.62
N LEU L 3 7.88 -13.04 -38.43
CA LEU L 3 8.32 -14.26 -37.78
C LEU L 3 7.11 -15.19 -37.66
N PRO L 4 7.30 -16.52 -37.48
CA PRO L 4 6.25 -17.50 -37.16
C PRO L 4 5.77 -17.35 -35.71
N LYS L 5 6.59 -16.67 -34.94
CA LYS L 5 6.47 -16.37 -33.53
C LYS L 5 5.32 -15.42 -33.02
N PRO L 6 4.93 -14.42 -33.84
CA PRO L 6 3.95 -13.43 -33.41
C PRO L 6 2.51 -13.87 -33.58
N GLU L 7 1.64 -13.21 -32.84
CA GLU L 7 0.23 -13.47 -32.89
C GLU L 7 -0.41 -12.20 -33.32
N ASP L 8 -1.58 -12.28 -33.90
CA ASP L 8 -2.22 -11.03 -34.21
C ASP L 8 -2.36 -10.31 -32.90
N VAL L 9 -1.88 -9.07 -32.85
CA VAL L 9 -2.03 -8.25 -31.61
C VAL L 9 -3.27 -7.40 -31.81
N LEU L 10 -4.12 -7.24 -30.79
CA LEU L 10 -5.25 -6.42 -31.08
C LEU L 10 -4.77 -5.04 -31.53
N VAL L 11 -5.07 -4.70 -32.79
CA VAL L 11 -4.62 -3.48 -33.44
C VAL L 11 -5.69 -2.57 -33.99
N ALA L 12 -6.62 -3.13 -34.78
CA ALA L 12 -7.65 -2.31 -35.41
C ALA L 12 -8.72 -3.09 -36.15
N PRO L 13 -9.74 -3.62 -35.42
CA PRO L 13 -10.86 -4.31 -36.06
C PRO L 13 -11.70 -3.23 -36.74
N ASN L 14 -12.14 -3.49 -37.97
CA ASN L 14 -12.90 -2.49 -38.71
C ASN L 14 -14.12 -3.06 -39.38
N PHE L 15 -14.90 -2.19 -40.03
CA PHE L 15 -16.13 -2.66 -40.65
C PHE L 15 -16.44 -2.32 -42.09
N GLY L 16 -16.55 -3.36 -42.87
CA GLY L 16 -16.93 -3.30 -44.27
C GLY L 16 -18.44 -3.32 -44.31
N ILE L 17 -19.04 -2.20 -43.95
CA ILE L 17 -20.49 -2.11 -43.82
C ILE L 17 -21.13 -1.03 -44.67
N GLN L 18 -22.46 -1.14 -44.84
CA GLN L 18 -23.27 -0.23 -45.67
C GLN L 18 -23.91 0.93 -44.90
N ILE L 19 -23.59 1.01 -43.63
CA ILE L 19 -24.10 2.02 -42.71
C ILE L 19 -22.87 2.74 -42.14
N ASP L 20 -22.95 4.04 -41.87
CA ASP L 20 -21.75 4.75 -41.43
C ASP L 20 -21.39 4.60 -39.95
N GLY L 21 -21.00 3.39 -39.61
CA GLY L 21 -20.57 2.98 -38.29
C GLY L 21 -19.09 3.30 -38.14
N VAL L 22 -18.75 4.57 -38.27
CA VAL L 22 -17.35 4.98 -38.36
C VAL L 22 -16.51 4.92 -37.09
N MET L 23 -17.04 5.19 -35.92
CA MET L 23 -16.14 5.13 -34.76
C MET L 23 -16.67 4.25 -33.66
N VAL L 24 -15.87 3.24 -33.35
CA VAL L 24 -16.24 2.20 -32.40
C VAL L 24 -15.22 1.95 -31.30
N GLU L 25 -15.68 1.30 -30.23
CA GLU L 25 -14.80 0.88 -29.14
C GLU L 25 -14.53 -0.61 -29.14
N TYR L 26 -15.56 -1.43 -29.35
CA TYR L 26 -15.37 -2.87 -29.31
C TYR L 26 -16.38 -3.70 -30.06
N LEU L 27 -15.98 -4.95 -30.28
CA LEU L 27 -16.83 -6.00 -30.82
C LEU L 27 -16.67 -7.28 -30.00
N ASN L 28 -17.79 -7.78 -29.46
CA ASN L 28 -17.78 -8.96 -28.61
C ASN L 28 -18.71 -10.09 -29.09
N SER L 29 -18.70 -11.21 -28.34
CA SER L 29 -19.52 -12.40 -28.55
C SER L 29 -19.45 -13.03 -29.93
N VAL L 30 -18.24 -13.23 -30.44
CA VAL L 30 -18.08 -13.86 -31.74
C VAL L 30 -17.65 -15.33 -31.61
N SER L 31 -18.48 -16.23 -32.12
CA SER L 31 -18.23 -17.67 -32.03
C SER L 31 -18.82 -18.46 -33.20
N ASN L 32 -18.35 -19.69 -33.37
CA ASN L 32 -18.78 -20.64 -34.40
C ASN L 32 -19.18 -22.01 -33.81
N LEU L 33 -20.47 -22.28 -33.74
CA LEU L 33 -20.95 -23.51 -33.12
C LEU L 33 -21.44 -24.65 -34.01
N GLN L 34 -21.07 -25.86 -33.63
CA GLN L 34 -21.48 -27.08 -34.31
C GLN L 34 -22.25 -27.88 -33.27
N ILE L 35 -23.43 -28.36 -33.63
CA ILE L 35 -24.26 -29.10 -32.68
C ILE L 35 -24.02 -30.61 -32.64
N GLU L 36 -23.66 -31.11 -31.46
CA GLU L 36 -23.45 -32.55 -31.25
C GLU L 36 -24.57 -33.21 -30.46
N GLN L 37 -24.71 -34.54 -30.56
CA GLN L 37 -25.66 -35.24 -29.67
C GLN L 37 -25.09 -36.56 -29.18
N ASP L 38 -25.50 -36.99 -27.98
CA ASP L 38 -25.06 -38.23 -27.31
C ASP L 38 -25.96 -39.43 -27.46
N VAL L 39 -25.49 -40.43 -28.16
CA VAL L 39 -26.30 -41.61 -28.36
C VAL L 39 -25.69 -42.89 -27.81
N ILE L 40 -26.40 -43.59 -26.92
CA ILE L 40 -25.88 -44.81 -26.32
C ILE L 40 -26.63 -46.08 -26.66
N ARG L 41 -25.90 -47.09 -27.13
CA ARG L 41 -26.51 -48.37 -27.49
C ARG L 41 -25.71 -49.58 -27.04
N TYR L 42 -26.35 -50.73 -27.02
CA TYR L 42 -25.71 -51.98 -26.61
C TYR L 42 -25.28 -52.85 -27.81
N GLN L 43 -24.08 -53.43 -27.72
CA GLN L 43 -23.51 -54.27 -28.78
C GLN L 43 -24.14 -55.66 -28.95
N GLN L 44 -24.03 -56.21 -30.16
CA GLN L 44 -24.57 -57.53 -30.48
C GLN L 44 -24.04 -58.63 -29.56
N ASN L 45 -24.90 -59.00 -28.60
CA ASN L 45 -24.68 -59.98 -27.55
C ASN L 45 -23.23 -60.27 -27.18
N GLN L 46 -22.39 -59.26 -27.18
CA GLN L 46 -20.99 -59.53 -26.85
C GLN L 46 -20.61 -59.23 -25.40
N GLY L 47 -21.54 -58.72 -24.59
CA GLY L 47 -21.18 -58.40 -23.22
C GLY L 47 -20.40 -57.10 -23.14
N THR L 48 -20.67 -56.16 -24.02
CA THR L 48 -19.95 -54.92 -24.00
C THR L 48 -20.74 -53.92 -23.23
N THR L 49 -20.12 -52.82 -22.92
CA THR L 49 -20.79 -51.73 -22.29
C THR L 49 -21.53 -51.09 -23.41
N GLY L 50 -22.36 -50.13 -23.10
CA GLY L 50 -22.98 -49.51 -24.23
C GLY L 50 -21.88 -48.72 -24.90
N ARG L 51 -22.16 -48.27 -26.11
CA ARG L 51 -21.21 -47.47 -26.88
C ARG L 51 -21.82 -46.11 -27.14
N ASN L 52 -21.07 -45.07 -26.81
CA ASN L 52 -21.57 -43.71 -26.99
C ASN L 52 -21.06 -43.12 -28.29
N ASN L 53 -21.98 -42.69 -29.13
CA ASN L 53 -21.70 -42.07 -30.41
C ASN L 53 -21.80 -40.56 -30.29
N VAL L 54 -20.67 -39.85 -30.33
CA VAL L 54 -20.78 -38.38 -30.20
C VAL L 54 -20.20 -37.72 -31.40
N THR L 55 -20.11 -38.45 -32.51
CA THR L 55 -19.52 -37.90 -33.73
C THR L 55 -20.59 -37.53 -34.71
N LEU L 56 -21.81 -37.55 -34.22
CA LEU L 56 -22.97 -37.21 -34.98
C LEU L 56 -22.93 -35.72 -35.20
N MET L 57 -23.43 -35.28 -36.34
CA MET L 57 -23.39 -33.88 -36.71
C MET L 57 -24.78 -33.32 -37.08
N PRO L 58 -25.75 -33.27 -36.13
CA PRO L 58 -27.13 -32.86 -36.37
C PRO L 58 -27.43 -31.40 -36.75
N GLY L 59 -26.56 -30.44 -36.46
CA GLY L 59 -26.96 -29.09 -36.91
C GLY L 59 -26.04 -27.97 -36.48
N VAL L 60 -26.29 -26.76 -36.97
CA VAL L 60 -25.46 -25.58 -36.67
C VAL L 60 -26.28 -24.43 -36.04
N ALA L 61 -25.72 -23.84 -34.98
CA ALA L 61 -26.32 -22.74 -34.23
C ALA L 61 -26.25 -21.40 -34.94
N LYS L 62 -27.20 -20.51 -34.62
CA LYS L 62 -27.23 -19.14 -35.14
C LYS L 62 -27.21 -18.21 -33.93
N ASP L 63 -26.70 -16.99 -34.09
CA ASP L 63 -26.62 -16.04 -32.97
C ASP L 63 -26.49 -14.60 -33.45
N GLY L 64 -26.11 -13.71 -32.53
CA GLY L 64 -25.93 -12.31 -32.82
C GLY L 64 -24.64 -11.77 -32.23
N SER L 65 -24.12 -10.69 -32.81
CA SER L 65 -22.86 -10.09 -32.34
C SER L 65 -23.06 -8.70 -31.75
N VAL L 66 -22.51 -8.48 -30.56
CA VAL L 66 -22.62 -7.20 -29.88
C VAL L 66 -21.55 -6.22 -30.36
N GLN L 67 -21.88 -4.94 -30.39
CA GLN L 67 -20.96 -3.90 -30.82
C GLN L 67 -21.25 -2.59 -30.16
N VAL L 68 -20.16 -1.90 -29.78
CA VAL L 68 -20.33 -0.61 -29.02
C VAL L 68 -19.92 0.58 -29.88
N GLU L 69 -20.84 1.53 -30.06
CA GLU L 69 -20.57 2.76 -30.77
C GLU L 69 -19.77 3.52 -29.77
N ARG L 70 -18.71 4.15 -30.21
CA ARG L 70 -17.86 4.85 -29.26
C ARG L 70 -18.67 5.76 -28.35
N GLY L 71 -19.66 6.45 -28.88
CA GLY L 71 -20.46 7.27 -28.02
C GLY L 71 -21.59 7.93 -28.73
N MET L 72 -22.48 8.52 -27.95
CA MET L 72 -23.57 9.25 -28.54
C MET L 72 -23.03 10.53 -29.11
N SER L 73 -23.61 10.95 -30.22
CA SER L 73 -23.24 12.18 -30.90
C SER L 73 -24.45 12.61 -31.68
N GLN L 74 -24.34 13.72 -32.38
CA GLN L 74 -25.44 14.23 -33.17
C GLN L 74 -25.76 13.40 -34.41
N SER L 75 -24.87 12.48 -34.80
CA SER L 75 -25.13 11.70 -36.01
C SER L 75 -26.23 10.67 -35.80
N SER L 76 -27.10 10.56 -36.78
CA SER L 76 -28.14 9.53 -36.72
C SER L 76 -27.76 8.41 -37.64
N VAL L 77 -27.39 7.29 -37.06
CA VAL L 77 -26.94 6.16 -37.86
C VAL L 77 -27.73 4.93 -37.50
N PHE L 78 -27.54 4.46 -36.26
CA PHE L 78 -28.21 3.20 -35.83
C PHE L 78 -29.70 3.48 -35.56
N THR L 79 -30.02 4.71 -35.18
CA THR L 79 -31.39 4.99 -34.84
C THR L 79 -32.25 4.82 -36.08
N GLN L 80 -31.75 5.22 -37.23
CA GLN L 80 -32.55 5.05 -38.42
C GLN L 80 -32.68 3.59 -38.75
N TRP L 81 -31.60 2.85 -38.55
CA TRP L 81 -31.63 1.44 -38.90
C TRP L 81 -32.65 0.71 -38.05
N ILE L 82 -32.64 0.94 -36.75
CA ILE L 82 -33.59 0.23 -35.91
C ILE L 82 -35.01 0.68 -36.23
N ASN L 83 -35.21 1.95 -36.56
CA ASN L 83 -36.57 2.38 -36.87
C ASN L 83 -37.09 1.70 -38.13
N ASP L 84 -36.24 1.46 -39.12
CA ASP L 84 -36.72 0.81 -40.33
C ASP L 84 -37.19 -0.60 -40.03
N SER L 85 -36.46 -1.30 -39.15
CA SER L 85 -36.87 -2.65 -38.78
C SER L 85 -38.15 -2.64 -37.95
N MET L 86 -38.29 -1.69 -37.02
CA MET L 86 -39.50 -1.67 -36.20
C MET L 86 -40.73 -1.38 -37.05
N ALA L 87 -40.52 -0.61 -38.10
CA ALA L 87 -41.55 -0.24 -39.05
C ALA L 87 -42.05 -1.42 -39.88
N GLY L 88 -41.29 -2.52 -39.91
CA GLY L 88 -41.65 -3.68 -40.71
C GLY L 88 -40.97 -3.77 -42.08
N ARG L 89 -39.99 -2.92 -42.38
CA ARG L 89 -39.35 -3.05 -43.67
C ARG L 89 -38.30 -4.12 -43.58
N MET L 90 -38.14 -4.94 -44.62
CA MET L 90 -37.01 -5.84 -44.53
C MET L 90 -35.82 -4.93 -44.80
N ALA L 91 -34.94 -4.83 -43.83
CA ALA L 91 -33.85 -3.88 -43.87
C ALA L 91 -32.56 -4.48 -43.39
N THR L 92 -32.04 -5.43 -44.15
CA THR L 92 -30.84 -6.15 -43.77
C THR L 92 -29.68 -5.73 -44.65
N ALA L 93 -28.48 -6.11 -44.25
CA ALA L 93 -27.26 -5.82 -45.02
C ALA L 93 -26.18 -6.81 -44.66
N ARG L 94 -25.15 -6.96 -45.49
CA ARG L 94 -24.02 -7.85 -45.12
C ARG L 94 -23.03 -7.08 -44.23
N LYS L 95 -22.35 -7.76 -43.31
CA LYS L 95 -21.34 -7.06 -42.52
C LYS L 95 -19.99 -7.75 -42.54
N ASN L 96 -18.95 -7.03 -42.96
CA ASN L 96 -17.61 -7.60 -42.97
C ASN L 96 -16.70 -7.13 -41.82
N ALA L 97 -16.45 -8.00 -40.86
CA ALA L 97 -15.59 -7.63 -39.73
C ALA L 97 -14.15 -7.90 -40.17
N THR L 98 -13.31 -6.88 -40.17
CA THR L 98 -11.94 -7.01 -40.66
C THR L 98 -10.88 -6.85 -39.59
N ILE L 99 -9.87 -7.75 -39.71
CA ILE L 99 -8.79 -7.84 -38.70
C ILE L 99 -7.42 -7.38 -39.23
N ILE L 100 -6.90 -6.29 -38.69
CA ILE L 100 -5.60 -5.69 -38.92
C ILE L 100 -4.54 -6.20 -37.98
N VAL L 101 -3.34 -6.38 -38.52
CA VAL L 101 -2.21 -6.81 -37.70
C VAL L 101 -1.25 -5.65 -37.43
N MET L 102 -0.06 -5.96 -36.92
CA MET L 102 0.85 -4.93 -36.44
C MET L 102 1.00 -3.78 -37.44
N ASP L 103 1.26 -4.13 -38.69
CA ASP L 103 1.34 -3.15 -39.76
C ASP L 103 -0.07 -2.99 -40.30
N TYR L 104 -0.59 -1.77 -40.26
CA TYR L 104 -1.97 -1.45 -40.62
C TYR L 104 -2.35 -1.77 -42.06
N GLU L 105 -1.34 -1.91 -42.91
CA GLU L 105 -1.55 -2.27 -44.31
C GLU L 105 -2.01 -3.72 -44.41
N ASP L 106 -1.61 -4.54 -43.45
CA ASP L 106 -1.93 -5.95 -43.48
C ASP L 106 -3.27 -6.24 -42.85
N ASN L 107 -4.13 -6.84 -43.66
CA ASN L 107 -5.51 -7.16 -43.30
C ASN L 107 -5.86 -8.62 -43.61
N PRO L 108 -5.16 -9.60 -43.00
CA PRO L 108 -5.27 -11.02 -43.24
C PRO L 108 -6.53 -11.74 -42.78
N VAL L 109 -7.30 -11.18 -41.84
CA VAL L 109 -8.43 -11.98 -41.39
C VAL L 109 -9.77 -11.29 -41.51
N LYS L 110 -10.73 -11.98 -42.11
CA LYS L 110 -12.05 -11.42 -42.28
C LYS L 110 -13.14 -12.38 -41.83
N ARG L 111 -14.24 -11.84 -41.34
CA ARG L 111 -15.38 -12.69 -40.90
C ARG L 111 -16.68 -12.05 -41.38
N TRP L 112 -17.50 -12.78 -42.15
CA TRP L 112 -18.69 -12.18 -42.69
C TRP L 112 -19.96 -12.65 -42.08
N ASN L 113 -20.82 -11.67 -41.75
CA ASN L 113 -22.16 -12.02 -41.23
C ASN L 113 -23.10 -12.11 -42.44
N LEU L 114 -24.06 -13.04 -42.42
CA LEU L 114 -24.93 -13.22 -43.61
C LEU L 114 -25.53 -11.86 -44.00
N ARG L 115 -25.74 -11.63 -45.30
CA ARG L 115 -26.30 -10.34 -45.79
C ARG L 115 -27.65 -10.09 -45.11
N ASN L 116 -28.23 -11.13 -44.49
CA ASN L 116 -29.52 -10.95 -43.77
C ASN L 116 -29.24 -10.28 -42.41
N ALA L 117 -27.96 -9.96 -42.14
CA ALA L 117 -27.60 -9.29 -40.87
C ALA L 117 -28.70 -8.29 -40.48
N TRP L 118 -29.26 -8.45 -39.29
CA TRP L 118 -30.41 -7.60 -38.88
C TRP L 118 -30.25 -7.09 -37.44
N CYS L 119 -30.63 -5.84 -37.19
CA CYS L 119 -30.51 -5.23 -35.85
C CYS L 119 -31.80 -5.24 -35.06
N SER L 120 -31.70 -5.51 -33.75
CA SER L 120 -32.93 -5.60 -32.92
C SER L 120 -32.81 -4.81 -31.61
N LYS L 121 -31.60 -4.50 -31.14
CA LYS L 121 -31.60 -3.81 -29.84
C LYS L 121 -30.55 -2.75 -29.66
N VAL L 122 -30.98 -1.61 -29.08
CA VAL L 122 -30.05 -0.55 -28.74
C VAL L 122 -30.14 -0.16 -27.26
N VAL L 123 -29.00 -0.13 -26.58
CA VAL L 123 -28.95 0.21 -25.15
C VAL L 123 -28.04 1.38 -24.84
N ALA L 124 -28.55 2.36 -24.09
CA ALA L 124 -27.74 3.51 -23.72
C ALA L 124 -27.04 3.29 -22.39
N GLY L 125 -25.87 3.89 -22.20
CA GLY L 125 -25.22 3.82 -20.89
C GLY L 125 -25.97 4.73 -19.92
N THR L 126 -25.56 4.76 -18.64
CA THR L 126 -26.28 5.55 -17.65
C THR L 126 -25.82 6.98 -17.50
N LEU L 127 -26.67 7.80 -16.90
CA LEU L 127 -26.36 9.19 -16.67
C LEU L 127 -26.30 9.54 -15.20
N LYS L 128 -25.13 9.87 -14.65
CA LYS L 128 -25.04 10.18 -13.21
C LYS L 128 -24.16 11.40 -12.85
N ALA L 129 -24.70 12.27 -12.01
CA ALA L 129 -24.01 13.48 -11.59
C ALA L 129 -22.70 13.15 -10.93
N GLY L 130 -21.67 13.87 -11.31
CA GLY L 130 -20.37 13.68 -10.71
C GLY L 130 -19.55 12.57 -11.38
N ASP L 131 -20.14 11.88 -12.36
CA ASP L 131 -19.42 10.81 -13.02
C ASP L 131 -18.60 11.38 -14.16
N THR L 132 -17.30 11.44 -13.95
CA THR L 132 -16.38 12.06 -14.88
C THR L 132 -15.70 11.03 -15.73
N ASN L 133 -16.16 9.79 -15.63
CA ASN L 133 -15.56 8.70 -16.35
C ASN L 133 -16.54 8.04 -17.29
N ALA L 134 -17.49 8.81 -17.81
CA ALA L 134 -18.45 8.22 -18.71
C ALA L 134 -18.83 9.14 -19.84
N LEU L 135 -18.98 8.50 -20.99
CA LEU L 135 -19.42 9.15 -22.21
C LEU L 135 -20.73 8.68 -22.73
N THR L 136 -21.52 8.02 -21.90
CA THR L 136 -22.80 7.59 -22.39
C THR L 136 -22.70 6.93 -23.76
N GLU L 137 -22.19 5.70 -23.78
CA GLU L 137 -22.00 4.96 -25.00
C GLU L 137 -23.27 4.30 -25.44
N THR L 138 -23.22 3.62 -26.59
CA THR L 138 -24.40 2.87 -27.01
C THR L 138 -24.02 1.47 -27.43
N ILE L 139 -24.89 0.52 -27.12
CA ILE L 139 -24.67 -0.84 -27.54
C ILE L 139 -25.68 -1.24 -28.58
N THR L 140 -25.21 -1.77 -29.68
CA THR L 140 -26.08 -2.22 -30.74
C THR L 140 -25.96 -3.73 -30.92
N ILE L 141 -27.10 -4.42 -30.92
CA ILE L 141 -27.10 -5.88 -31.09
C ILE L 141 -27.70 -6.31 -32.42
N VAL L 142 -26.86 -7.07 -33.14
CA VAL L 142 -27.07 -7.55 -34.51
C VAL L 142 -27.03 -9.07 -34.64
N PHE L 143 -27.98 -9.57 -35.45
CA PHE L 143 -28.13 -11.03 -35.61
C PHE L 143 -27.42 -11.57 -36.84
N GLU L 144 -26.85 -12.76 -36.70
CA GLU L 144 -26.17 -13.50 -37.75
C GLU L 144 -26.83 -14.83 -38.13
N GLU L 145 -27.51 -14.87 -39.28
CA GLU L 145 -28.11 -16.13 -39.74
C GLU L 145 -27.04 -17.13 -40.13
N LEU L 146 -25.98 -16.61 -40.71
CA LEU L 146 -24.90 -17.45 -41.18
C LEU L 146 -23.58 -16.71 -41.08
N VAL L 147 -22.55 -17.40 -40.62
CA VAL L 147 -21.24 -16.77 -40.52
C VAL L 147 -20.20 -17.49 -41.34
N VAL L 148 -19.49 -16.69 -42.14
CA VAL L 148 -18.42 -17.19 -42.99
C VAL L 148 -17.04 -16.74 -42.52
N GLU L 149 -16.11 -17.70 -42.35
CA GLU L 149 -14.72 -17.49 -41.95
C GLU L 149 -14.02 -16.42 -42.81
N MET M 1 19.27 62.79 -39.20
CA MET M 1 19.69 62.59 -37.83
C MET M 1 18.82 63.48 -36.87
N PRO M 2 17.75 62.93 -36.17
CA PRO M 2 16.91 63.61 -35.15
C PRO M 2 17.78 64.06 -34.00
N SER M 3 17.40 65.11 -33.27
CA SER M 3 18.29 65.57 -32.21
C SER M 3 18.72 64.47 -31.28
N TYR M 4 20.02 64.43 -31.08
CA TYR M 4 20.74 63.50 -30.24
C TYR M 4 21.55 64.29 -29.23
N LEU M 5 21.25 65.57 -29.21
CA LEU M 5 21.91 66.53 -28.35
C LEU M 5 21.02 67.21 -27.33
N SER M 6 19.90 67.70 -27.78
CA SER M 6 19.13 68.51 -26.89
C SER M 6 17.69 68.76 -27.30
N PRO M 7 16.85 69.23 -26.35
CA PRO M 7 15.55 69.81 -26.56
C PRO M 7 15.59 71.08 -27.43
N GLY M 8 16.77 71.70 -27.52
CA GLY M 8 17.00 72.92 -28.30
C GLY M 8 18.49 73.07 -28.42
N VAL M 9 18.95 73.39 -29.63
CA VAL M 9 20.38 73.38 -29.95
C VAL M 9 21.11 74.70 -29.99
N TYR M 10 20.52 75.70 -30.60
CA TYR M 10 21.23 76.94 -30.79
C TYR M 10 21.26 77.76 -29.52
N VAL M 11 20.19 77.66 -28.76
CA VAL M 11 20.09 78.36 -27.50
C VAL M 11 19.63 77.39 -26.43
N GLU M 12 20.28 77.37 -25.26
CA GLU M 12 19.83 76.49 -24.19
C GLU M 12 18.74 77.23 -23.43
N GLU M 13 17.66 77.52 -24.13
CA GLU M 13 16.53 78.34 -23.69
C GLU M 13 15.80 77.66 -22.58
N VAL M 14 16.02 76.36 -22.49
CA VAL M 14 15.37 75.56 -21.49
C VAL M 14 15.74 76.00 -20.06
N ALA M 15 16.97 76.56 -19.83
CA ALA M 15 17.47 77.03 -18.54
C ALA M 15 16.64 78.27 -18.17
N GLY M 28 5.11 59.20 -15.35
CA GLY M 28 4.37 59.87 -16.38
C GLY M 28 3.14 59.04 -16.76
N VAL M 29 2.33 59.58 -17.70
CA VAL M 29 1.08 58.97 -18.20
C VAL M 29 1.28 57.84 -19.23
N GLY M 30 2.34 57.92 -20.03
CA GLY M 30 2.57 56.91 -21.06
C GLY M 30 2.09 57.34 -22.45
N THR M 31 2.21 56.43 -23.41
CA THR M 31 1.92 56.70 -24.80
C THR M 31 0.44 56.78 -25.10
N SER M 32 -0.37 56.33 -24.16
CA SER M 32 -1.81 56.31 -24.32
C SER M 32 -2.47 57.69 -24.26
N VAL M 33 -1.76 58.72 -23.79
CA VAL M 33 -2.42 60.02 -23.76
C VAL M 33 -2.30 60.74 -25.08
N ALA M 34 -3.44 61.22 -25.54
CA ALA M 34 -3.61 61.93 -26.80
C ALA M 34 -4.48 63.13 -26.59
N ALA M 35 -4.64 63.94 -27.63
CA ALA M 35 -5.49 65.13 -27.56
C ALA M 35 -6.45 65.23 -28.73
N PHE M 36 -7.61 65.85 -28.45
CA PHE M 36 -8.66 65.99 -29.50
C PHE M 36 -9.19 67.43 -29.56
N VAL M 37 -9.39 67.95 -30.76
CA VAL M 37 -9.95 69.29 -31.00
C VAL M 37 -11.37 69.25 -31.61
N GLY M 38 -12.33 69.86 -30.91
CA GLY M 38 -13.71 69.90 -31.41
C GLY M 38 -14.67 70.62 -30.48
N LEU M 39 -15.97 70.61 -30.78
CA LEU M 39 -17.01 71.32 -30.02
C LEU M 39 -17.74 70.46 -28.99
N ALA M 40 -18.18 71.09 -27.91
CA ALA M 40 -18.90 70.36 -26.87
C ALA M 40 -20.34 70.78 -26.77
N PRO M 41 -21.25 69.90 -26.39
CA PRO M 41 -22.60 70.25 -26.05
C PRO M 41 -22.51 71.39 -25.03
N THR M 42 -21.80 71.13 -23.93
CA THR M 42 -21.62 72.12 -22.88
C THR M 42 -20.14 72.38 -22.76
N GLY M 43 -19.49 71.66 -21.85
CA GLY M 43 -18.07 71.77 -21.60
C GLY M 43 -17.70 72.93 -20.67
N PRO M 44 -16.43 72.97 -20.23
CA PRO M 44 -15.75 73.95 -19.40
C PRO M 44 -15.35 75.13 -20.25
N LEU M 45 -14.60 76.06 -19.71
CA LEU M 45 -14.09 77.11 -20.59
C LEU M 45 -13.24 76.40 -21.62
N ASN M 46 -13.21 76.92 -22.84
CA ASN M 46 -12.51 76.24 -23.91
C ASN M 46 -10.99 76.23 -23.98
N GLU M 47 -10.33 77.23 -23.40
CA GLU M 47 -8.88 77.35 -23.35
C GLU M 47 -8.12 76.33 -22.45
N PRO M 48 -8.53 76.07 -21.20
CA PRO M 48 -7.83 75.19 -20.29
C PRO M 48 -8.04 73.77 -20.73
N THR M 49 -7.21 73.34 -21.65
CA THR M 49 -7.36 72.00 -22.19
C THR M 49 -7.27 71.05 -21.00
N LEU M 50 -8.23 70.15 -20.87
CA LEU M 50 -8.20 69.25 -19.71
C LEU M 50 -7.98 67.83 -20.12
N VAL M 51 -7.35 67.04 -19.24
CA VAL M 51 -7.19 65.62 -19.52
C VAL M 51 -7.94 64.76 -18.53
N THR M 52 -8.79 63.89 -19.05
CA THR M 52 -9.55 63.02 -18.15
C THR M 52 -10.11 61.74 -18.78
N ASN M 53 -10.85 61.00 -17.94
CA ASN M 53 -11.54 59.74 -18.23
C ASN M 53 -13.00 59.97 -18.67
N TRP M 54 -13.60 58.99 -19.36
CA TRP M 54 -15.00 59.10 -19.77
C TRP M 54 -15.91 59.51 -18.64
N THR M 55 -15.70 58.94 -17.48
CA THR M 55 -16.57 59.19 -16.37
C THR M 55 -16.69 60.69 -16.03
N GLN M 56 -15.59 61.43 -16.09
CA GLN M 56 -15.66 62.84 -15.76
C GLN M 56 -15.94 63.64 -17.01
N TYR M 57 -15.50 63.13 -18.14
CA TYR M 57 -15.66 63.79 -19.40
C TYR M 57 -17.08 64.08 -19.65
N VAL M 58 -17.92 63.07 -19.53
CA VAL M 58 -19.30 63.28 -19.86
C VAL M 58 -19.95 64.25 -18.91
N ALA M 59 -19.56 64.21 -17.64
CA ALA M 59 -20.13 65.12 -16.67
C ALA M 59 -19.91 66.59 -17.07
N ALA M 60 -18.74 66.90 -17.63
CA ALA M 60 -18.47 68.29 -18.04
C ALA M 60 -18.95 68.61 -19.46
N PHE M 61 -18.80 67.65 -20.37
CA PHE M 61 -19.11 67.90 -21.81
C PHE M 61 -20.60 67.76 -22.13
N GLY M 62 -21.25 66.69 -21.68
CA GLY M 62 -22.65 66.47 -22.09
C GLY M 62 -22.89 65.11 -22.79
N ASP M 63 -24.10 64.57 -22.62
CA ASP M 63 -24.43 63.24 -23.16
C ASP M 63 -24.86 63.27 -24.64
N PHE M 64 -23.91 63.59 -25.51
CA PHE M 64 -24.08 63.64 -26.98
C PHE M 64 -25.15 64.63 -27.48
N THR M 65 -25.63 65.53 -26.65
CA THR M 65 -26.78 66.36 -27.02
C THR M 65 -26.49 67.45 -28.04
N GLY M 66 -25.23 67.75 -28.26
CA GLY M 66 -24.85 68.79 -29.20
C GLY M 66 -24.68 68.27 -30.62
N GLY M 67 -24.69 66.93 -30.79
CA GLY M 67 -24.51 66.34 -32.12
C GLY M 67 -23.08 66.46 -32.63
N TYR M 68 -22.11 66.52 -31.74
CA TYR M 68 -20.71 66.72 -32.11
C TYR M 68 -19.94 65.43 -32.17
N TYR M 69 -18.85 65.42 -32.94
CA TYR M 69 -18.04 64.23 -33.08
C TYR M 69 -17.19 63.92 -31.87
N LEU M 70 -16.85 64.92 -31.03
CA LEU M 70 -16.04 64.58 -29.85
C LEU M 70 -16.82 63.64 -28.96
N ALA M 71 -18.13 63.78 -28.96
CA ALA M 71 -18.97 62.96 -28.12
C ALA M 71 -18.78 61.47 -28.39
N HIS M 72 -18.38 61.13 -29.62
CA HIS M 72 -18.19 59.77 -30.02
C HIS M 72 -16.72 59.37 -30.14
N SER M 73 -15.85 60.26 -30.62
CA SER M 73 -14.45 59.91 -30.80
C SER M 73 -13.76 59.75 -29.46
N VAL M 74 -14.34 60.35 -28.43
CA VAL M 74 -13.82 60.20 -27.10
C VAL M 74 -13.78 58.76 -26.66
N TYR M 75 -14.74 57.96 -27.13
CA TYR M 75 -14.82 56.54 -26.68
C TYR M 75 -13.62 55.76 -27.23
N GLY M 76 -12.86 56.35 -28.16
CA GLY M 76 -11.73 55.67 -28.68
C GLY M 76 -10.83 55.22 -27.55
N PHE M 77 -10.84 55.97 -26.45
CA PHE M 77 -9.94 55.63 -25.32
C PHE M 77 -10.72 55.02 -24.15
N PHE M 78 -12.00 54.68 -24.33
CA PHE M 78 -12.79 54.17 -23.18
C PHE M 78 -13.49 52.85 -23.55
N ASN M 79 -13.87 52.67 -24.81
CA ASN M 79 -14.49 51.43 -25.25
C ASN M 79 -13.44 50.59 -26.00
N ASN M 80 -12.20 51.01 -25.83
CA ASN M 80 -11.01 50.44 -26.40
C ASN M 80 -9.91 50.74 -25.39
N GLY M 81 -8.69 50.34 -25.68
CA GLY M 81 -7.64 50.58 -24.70
C GLY M 81 -7.43 52.08 -24.50
N GLY M 82 -7.13 52.47 -23.27
CA GLY M 82 -6.92 53.89 -22.98
C GLY M 82 -6.88 54.18 -21.48
N SER M 83 -6.91 55.47 -21.14
CA SER M 83 -6.83 55.92 -19.75
C SER M 83 -7.49 57.29 -19.59
N ALA M 84 -6.88 58.26 -20.25
CA ALA M 84 -7.35 59.63 -20.23
C ALA M 84 -6.88 60.34 -21.49
N ALA M 85 -7.53 61.43 -21.85
CA ALA M 85 -7.09 62.21 -23.02
C ALA M 85 -7.44 63.68 -22.86
N TYR M 86 -6.67 64.53 -23.56
CA TYR M 86 -6.83 65.98 -23.53
C TYR M 86 -7.88 66.49 -24.48
N VAL M 87 -8.77 67.34 -23.98
CA VAL M 87 -9.79 67.88 -24.84
C VAL M 87 -9.83 69.41 -24.90
N VAL M 88 -9.76 69.90 -26.14
CA VAL M 88 -9.83 71.31 -26.48
C VAL M 88 -11.25 71.57 -26.91
N ARG M 89 -11.95 72.44 -26.21
CA ARG M 89 -13.38 72.62 -26.45
C ARG M 89 -13.77 73.49 -27.61
N VAL M 90 -12.98 74.51 -27.90
CA VAL M 90 -13.29 75.50 -28.95
C VAL M 90 -14.47 76.43 -28.61
N GLY M 91 -15.63 75.84 -28.35
CA GLY M 91 -16.87 76.52 -28.02
C GLY M 91 -17.94 75.46 -27.76
N GLY M 92 -19.15 75.89 -27.40
CA GLY M 92 -20.18 74.89 -27.11
C GLY M 92 -21.35 74.91 -28.08
N SER M 93 -22.38 74.13 -27.78
CA SER M 93 -23.59 74.04 -28.57
C SER M 93 -24.37 75.30 -28.51
N ALA M 94 -25.05 75.56 -29.62
CA ALA M 94 -25.97 76.67 -29.70
C ALA M 94 -27.15 76.31 -28.83
N GLU M 95 -27.86 77.31 -28.35
CA GLU M 95 -29.03 77.05 -27.55
C GLU M 95 -30.06 76.29 -28.38
N ASP M 96 -30.74 75.29 -27.77
CA ASP M 96 -31.80 74.46 -28.36
C ASP M 96 -31.39 73.85 -29.71
N GLN M 232 -20.01 80.36 -37.45
CA GLN M 232 -18.75 81.10 -37.29
C GLN M 232 -17.59 80.15 -36.88
N ALA M 233 -17.86 79.15 -36.00
CA ALA M 233 -16.90 78.15 -35.48
C ALA M 233 -16.56 77.13 -36.54
N GLU M 234 -17.32 77.19 -37.63
CA GLU M 234 -17.22 76.30 -38.78
C GLU M 234 -16.19 76.81 -39.80
N SER M 235 -15.64 78.01 -39.56
CA SER M 235 -14.61 78.63 -40.38
C SER M 235 -13.26 77.95 -40.20
N ALA M 236 -12.37 78.07 -41.19
CA ALA M 236 -11.05 77.46 -41.10
C ALA M 236 -10.10 78.22 -40.16
N HIS M 237 -10.50 79.40 -39.73
CA HIS M 237 -9.68 80.19 -38.80
C HIS M 237 -9.77 79.79 -37.30
N PRO M 238 -10.96 79.77 -36.64
CA PRO M 238 -11.17 79.39 -35.27
C PRO M 238 -11.20 77.89 -35.10
N GLY M 239 -11.17 77.41 -33.88
CA GLY M 239 -11.43 75.99 -33.59
C GLY M 239 -10.45 75.00 -34.20
N PRO M 240 -10.87 74.16 -35.16
CA PRO M 240 -10.05 73.15 -35.84
C PRO M 240 -9.16 73.93 -36.78
N ALA M 241 -8.22 74.62 -36.18
CA ALA M 241 -7.35 75.58 -36.81
C ALA M 241 -6.17 75.89 -35.90
N GLN M 242 -5.19 76.63 -36.39
CA GLN M 242 -4.10 77.02 -35.51
C GLN M 242 -4.51 78.27 -34.71
N TYR M 243 -5.55 78.10 -33.91
CA TYR M 243 -6.19 79.19 -33.19
C TYR M 243 -5.54 79.47 -31.83
N LEU M 244 -4.30 79.92 -31.91
CA LEU M 244 -3.44 80.26 -30.78
C LEU M 244 -3.85 81.53 -30.06
N GLY M 245 -4.33 82.52 -30.82
CA GLY M 245 -4.69 83.79 -30.23
C GLY M 245 -3.49 84.72 -29.96
N ASP M 246 -2.48 84.72 -30.84
CA ASP M 246 -1.29 85.57 -30.61
C ASP M 246 -0.67 85.27 -29.25
N SER M 247 -0.21 84.02 -29.09
CA SER M 247 0.44 83.61 -27.82
C SER M 247 -0.59 83.54 -26.68
N SER M 248 -1.85 83.26 -27.01
CA SER M 248 -2.89 83.10 -25.96
C SER M 248 -3.16 81.61 -25.72
N ASP M 249 -2.47 80.73 -26.46
CA ASP M 249 -2.70 79.27 -26.33
C ASP M 249 -4.22 79.02 -26.40
N ARG M 250 -4.91 79.71 -27.30
CA ARG M 250 -6.38 79.58 -27.42
C ARG M 250 -6.71 78.22 -28.06
N THR M 251 -7.97 77.80 -27.99
CA THR M 251 -8.38 76.48 -28.54
C THR M 251 -7.78 76.31 -29.94
N GLY M 252 -7.11 75.18 -30.18
CA GLY M 252 -6.48 74.92 -31.49
C GLY M 252 -5.10 74.31 -31.33
N PHE M 253 -4.45 73.97 -32.43
CA PHE M 253 -3.11 73.35 -32.37
C PHE M 253 -2.18 74.20 -31.50
N GLY M 254 -2.40 75.52 -31.48
CA GLY M 254 -1.51 76.41 -30.74
C GLY M 254 -1.70 76.25 -29.23
N GLY M 255 -2.92 75.98 -28.80
CA GLY M 255 -3.22 75.84 -27.39
C GLY M 255 -2.55 74.63 -26.75
N LEU M 256 -2.06 73.69 -27.56
CA LEU M 256 -1.41 72.50 -27.08
C LEU M 256 0.10 72.64 -27.02
N GLU M 257 0.65 73.77 -27.47
CA GLU M 257 2.10 73.92 -27.52
C GLU M 257 2.74 73.88 -26.15
N ALA M 258 2.04 74.34 -25.14
CA ALA M 258 2.54 74.37 -23.79
C ALA M 258 2.31 73.05 -23.07
N ILE M 259 1.69 72.07 -23.73
CA ILE M 259 1.36 70.82 -23.05
C ILE M 259 2.21 69.64 -23.52
N ASP M 260 2.86 69.02 -22.54
CA ASP M 260 3.69 67.84 -22.74
C ASP M 260 2.85 66.58 -22.59
N GLU M 261 3.47 65.42 -22.74
CA GLU M 261 2.81 64.13 -22.61
C GLU M 261 1.59 63.88 -23.51
N ILE M 262 1.70 64.27 -24.77
CA ILE M 262 0.68 64.01 -25.80
C ILE M 262 1.34 63.28 -26.95
N SER M 263 0.88 62.08 -27.28
CA SER M 263 1.51 61.32 -28.37
C SER M 263 0.80 61.46 -29.73
N MET M 264 -0.47 61.79 -29.71
CA MET M 264 -1.27 61.91 -30.93
C MET M 264 -2.25 63.06 -30.87
N VAL M 265 -2.49 63.71 -32.00
CA VAL M 265 -3.54 64.73 -32.03
C VAL M 265 -4.56 64.49 -33.14
N ALA M 266 -5.84 64.52 -32.75
CA ALA M 266 -6.97 64.35 -33.66
C ALA M 266 -7.86 65.57 -33.69
N VAL M 267 -8.58 65.80 -34.80
CA VAL M 267 -9.51 66.93 -34.89
C VAL M 267 -10.89 66.48 -35.38
N PRO M 268 -11.69 65.76 -34.57
CA PRO M 268 -12.95 65.16 -34.93
C PRO M 268 -13.99 66.12 -35.51
N ASP M 269 -13.98 67.40 -35.14
CA ASP M 269 -15.02 68.23 -35.73
C ASP M 269 -14.61 69.02 -36.97
N LEU M 270 -13.44 68.78 -37.54
CA LEU M 270 -13.09 69.58 -38.72
C LEU M 270 -14.10 69.38 -39.84
N MET M 271 -14.48 68.14 -40.08
CA MET M 271 -15.42 67.85 -41.14
C MET M 271 -16.86 67.80 -40.66
N ALA M 272 -17.10 68.14 -39.39
CA ALA M 272 -18.45 68.06 -38.82
C ALA M 272 -19.40 68.95 -39.56
N ALA M 273 -18.87 70.08 -40.03
CA ALA M 273 -19.64 71.04 -40.75
C ALA M 273 -19.14 71.11 -42.16
N TYR M 274 -18.57 70.03 -42.68
CA TYR M 274 -18.04 70.12 -44.03
C TYR M 274 -19.07 70.65 -44.99
N GLN M 275 -20.26 70.11 -44.91
CA GLN M 275 -21.28 70.56 -45.81
C GLN M 275 -21.92 71.85 -45.26
N ARG M 276 -22.23 71.87 -43.96
CA ARG M 276 -22.96 73.01 -43.40
C ARG M 276 -22.23 74.34 -43.49
N GLY M 277 -20.93 74.30 -43.23
CA GLY M 277 -20.09 75.47 -43.19
C GLY M 277 -19.40 75.73 -44.50
N ALA M 278 -19.74 74.95 -45.53
CA ALA M 278 -19.09 75.08 -46.83
C ALA M 278 -17.59 75.04 -46.63
N ILE M 279 -17.07 73.99 -46.02
CA ILE M 279 -15.65 74.01 -45.77
C ILE M 279 -15.02 73.63 -47.10
N ASP M 280 -14.57 74.64 -47.82
CA ASP M 280 -13.84 74.35 -49.08
C ASP M 280 -12.77 73.29 -48.82
N LEU M 281 -12.39 72.54 -49.86
CA LEU M 281 -11.35 71.49 -49.73
C LEU M 281 -10.03 72.15 -49.30
N GLU M 282 -9.68 73.29 -49.90
CA GLU M 282 -8.42 74.01 -49.54
C GLU M 282 -8.52 74.46 -48.07
N ALA M 283 -9.68 74.98 -47.68
CA ALA M 283 -9.88 75.39 -46.26
C ALA M 283 -9.58 74.20 -45.35
N VAL M 284 -10.14 73.02 -45.66
CA VAL M 284 -9.81 71.80 -44.86
C VAL M 284 -8.30 71.59 -44.95
N LYS M 285 -7.75 71.62 -46.17
CA LYS M 285 -6.34 71.38 -46.41
C LYS M 285 -5.49 72.26 -45.53
N ALA M 286 -5.85 73.52 -45.37
CA ALA M 286 -5.11 74.44 -44.56
C ALA M 286 -5.05 73.99 -43.10
N VAL M 287 -6.11 73.36 -42.61
CA VAL M 287 -6.14 72.95 -41.24
C VAL M 287 -5.30 71.73 -41.07
N GLN M 288 -5.41 70.79 -42.01
CA GLN M 288 -4.63 69.59 -41.90
C GLN M 288 -3.16 69.95 -42.00
N LEU M 289 -2.81 70.93 -42.82
CA LEU M 289 -1.42 71.35 -42.89
C LEU M 289 -1.00 71.97 -41.58
N GLY M 290 -1.89 72.76 -40.95
CA GLY M 290 -1.59 73.37 -39.66
C GLY M 290 -1.35 72.32 -38.58
N LEU M 291 -2.13 71.23 -38.62
CA LEU M 291 -2.00 70.16 -37.65
C LEU M 291 -0.70 69.42 -37.84
N ILE M 292 -0.36 69.16 -39.09
CA ILE M 292 0.86 68.44 -39.37
C ILE M 292 2.03 69.29 -38.94
N ALA M 293 2.01 70.59 -39.29
CA ALA M 293 3.10 71.47 -38.92
C ALA M 293 3.26 71.54 -37.41
N HIS M 294 2.14 71.55 -36.68
CA HIS M 294 2.18 71.57 -35.22
C HIS M 294 2.95 70.38 -34.74
N CYS M 295 2.57 69.21 -35.25
CA CYS M 295 3.23 68.00 -34.83
C CYS M 295 4.71 68.00 -35.20
N GLU M 296 5.05 68.49 -36.39
CA GLU M 296 6.45 68.51 -36.78
C GLU M 296 7.27 69.40 -35.86
N LEU M 297 6.70 70.55 -35.47
CA LEU M 297 7.38 71.48 -34.58
C LEU M 297 7.54 70.97 -33.17
N MET M 298 6.53 70.29 -32.62
CA MET M 298 6.68 69.78 -31.26
C MET M 298 7.74 68.68 -31.30
N GLY M 299 7.68 67.87 -32.35
CA GLY M 299 8.64 66.83 -32.67
C GLY M 299 8.42 65.42 -32.09
N ASP M 300 7.48 65.26 -31.15
CA ASP M 300 7.30 63.94 -30.46
C ASP M 300 5.84 63.46 -30.48
N ARG M 301 5.00 63.98 -31.36
CA ARG M 301 3.62 63.54 -31.49
C ARG M 301 3.22 63.52 -32.92
N VAL M 302 2.19 62.74 -33.26
CA VAL M 302 1.78 62.67 -34.65
C VAL M 302 0.34 63.07 -34.91
N ALA M 303 0.08 63.39 -36.18
CA ALA M 303 -1.21 63.83 -36.63
C ALA M 303 -2.08 62.73 -37.21
N ILE M 304 -3.34 62.78 -36.83
CA ILE M 304 -4.35 61.91 -37.37
C ILE M 304 -5.12 62.70 -38.42
N ILE M 305 -5.02 62.27 -39.66
CA ILE M 305 -5.60 62.99 -40.78
C ILE M 305 -6.84 62.29 -41.29
N ASP M 306 -7.95 63.00 -41.37
CA ASP M 306 -9.18 62.45 -41.89
C ASP M 306 -9.27 62.53 -43.42
N PRO M 307 -9.81 61.51 -44.10
CA PRO M 307 -10.09 61.50 -45.50
C PRO M 307 -11.31 62.37 -45.65
N PRO M 308 -11.61 62.90 -46.83
CA PRO M 308 -12.82 63.63 -47.12
C PRO M 308 -14.03 62.70 -46.83
N PRO M 309 -15.26 63.25 -46.63
CA PRO M 309 -16.41 62.45 -46.18
C PRO M 309 -16.97 61.28 -47.00
N ASN M 310 -17.02 61.40 -48.32
CA ASN M 310 -17.73 60.33 -49.04
C ASN M 310 -17.28 60.28 -50.48
N GLN M 311 -16.41 59.36 -50.80
CA GLN M 311 -15.87 59.29 -52.14
C GLN M 311 -15.33 57.90 -52.42
N ASN M 312 -15.19 57.56 -53.69
CA ASN M 312 -14.73 56.26 -54.10
C ASN M 312 -13.22 56.16 -54.02
N ALA M 313 -12.68 54.99 -54.34
CA ALA M 313 -11.24 54.80 -54.27
C ALA M 313 -10.51 55.71 -55.24
N ARG M 314 -11.11 55.94 -56.39
CA ARG M 314 -10.46 56.75 -57.39
C ARG M 314 -10.24 58.17 -56.92
N GLN M 315 -11.14 58.62 -56.08
CA GLN M 315 -11.15 60.00 -55.69
C GLN M 315 -10.19 60.26 -54.57
N ILE M 316 -9.70 59.19 -53.94
CA ILE M 316 -8.77 59.37 -52.88
C ILE M 316 -7.41 59.24 -53.49
N ARG M 317 -7.33 58.43 -54.55
CA ARG M 317 -6.07 58.35 -55.23
C ARG M 317 -5.80 59.76 -55.76
N VAL M 318 -6.92 60.42 -56.09
CA VAL M 318 -6.87 61.79 -56.64
C VAL M 318 -6.42 62.78 -55.58
N TRP M 319 -7.13 62.89 -54.44
CA TRP M 319 -6.60 63.96 -53.60
C TRP M 319 -5.18 63.61 -53.14
N ARG M 320 -4.88 62.33 -52.94
CA ARG M 320 -3.55 61.96 -52.46
C ARG M 320 -2.43 62.35 -53.39
N GLN M 321 -2.62 62.11 -54.68
CA GLN M 321 -1.58 62.40 -55.65
C GLN M 321 -1.68 63.75 -56.33
N GLU M 322 -2.89 64.29 -56.48
CA GLU M 322 -3.07 65.52 -57.23
C GLU M 322 -3.45 66.79 -56.47
N THR M 323 -4.20 66.71 -55.36
CA THR M 323 -4.66 67.99 -54.80
C THR M 323 -4.27 68.30 -53.35
N ALA M 324 -4.05 67.28 -52.52
CA ALA M 324 -3.75 67.53 -51.11
C ALA M 324 -2.87 66.48 -50.48
N GLY M 325 -1.80 66.09 -51.15
CA GLY M 325 -0.92 65.12 -50.52
C GLY M 325 -0.17 65.87 -49.45
N TYR M 326 0.21 65.21 -48.36
CA TYR M 326 0.95 65.96 -47.34
C TYR M 326 2.44 65.57 -47.23
N ASP M 327 2.78 64.35 -47.62
CA ASP M 327 4.16 63.85 -47.61
C ASP M 327 4.99 64.10 -46.32
N SER M 328 4.56 63.55 -45.18
CA SER M 328 5.29 63.80 -43.92
C SER M 328 5.36 62.63 -42.96
N LYS M 329 6.50 62.51 -42.31
CA LYS M 329 6.78 61.44 -41.35
C LYS M 329 5.97 61.58 -40.08
N TYR M 330 5.32 62.71 -39.91
CA TYR M 330 4.50 62.98 -38.74
C TYR M 330 3.01 62.78 -38.94
N ALA M 331 2.58 62.14 -40.02
CA ALA M 331 1.13 61.97 -40.18
C ALA M 331 0.72 60.65 -40.82
N ALA M 332 -0.52 60.24 -40.51
CA ALA M 332 -1.10 59.04 -41.13
C ALA M 332 -2.62 59.19 -41.32
N LEU M 333 -3.12 58.49 -42.35
CA LEU M 333 -4.53 58.47 -42.72
C LEU M 333 -5.10 57.09 -43.05
N TYR M 334 -6.33 56.85 -42.57
CA TYR M 334 -7.10 55.65 -42.86
C TYR M 334 -8.25 56.10 -43.76
N TYR M 335 -8.76 55.24 -44.63
CA TYR M 335 -9.75 55.72 -45.64
C TYR M 335 -11.24 55.50 -45.35
N PRO M 336 -11.76 54.26 -45.15
CA PRO M 336 -13.19 54.08 -45.07
C PRO M 336 -13.77 54.67 -43.81
N TRP M 337 -15.01 55.11 -43.91
CA TRP M 337 -15.75 55.61 -42.76
C TRP M 337 -16.46 54.45 -42.07
N ILE M 338 -16.61 54.59 -40.76
CA ILE M 338 -17.18 53.57 -39.91
C ILE M 338 -18.59 53.86 -39.43
N LYS M 339 -19.45 52.87 -39.57
CA LYS M 339 -20.80 52.99 -39.07
C LYS M 339 -20.80 52.57 -37.62
N SER M 340 -21.47 53.36 -36.80
CA SER M 340 -21.62 53.13 -35.37
C SER M 340 -22.98 53.68 -34.96
N PHE M 341 -23.39 53.54 -33.70
CA PHE M 341 -24.72 54.04 -33.32
C PHE M 341 -24.59 55.24 -32.41
N ASP M 342 -25.74 55.82 -32.05
CA ASP M 342 -25.74 56.97 -31.17
C ASP M 342 -26.92 56.85 -30.22
N PRO M 343 -26.69 56.37 -28.97
CA PRO M 343 -27.68 55.98 -27.99
C PRO M 343 -28.55 57.12 -27.56
N ALA M 344 -28.14 58.36 -27.84
CA ALA M 344 -28.96 59.46 -27.44
C ALA M 344 -30.28 59.44 -28.21
N THR M 345 -30.24 59.01 -29.49
CA THR M 345 -31.46 59.00 -30.30
C THR M 345 -31.75 57.72 -31.12
N GLY M 346 -30.73 56.93 -31.47
CA GLY M 346 -31.00 55.81 -32.39
C GLY M 346 -29.82 54.93 -32.81
N GLN M 347 -30.12 54.03 -33.75
CA GLN M 347 -29.20 53.01 -34.24
C GLN M 347 -28.02 53.41 -35.13
N SER M 348 -28.01 54.60 -35.74
CA SER M 348 -26.86 54.84 -36.59
C SER M 348 -26.39 56.29 -36.73
N ARG M 349 -25.08 56.39 -36.95
CA ARG M 349 -24.32 57.58 -37.26
C ARG M 349 -23.08 57.17 -38.05
N LEU M 350 -22.55 58.05 -38.87
CA LEU M 350 -21.29 57.70 -39.50
C LEU M 350 -20.17 58.50 -38.83
N VAL M 351 -19.03 57.86 -38.57
CA VAL M 351 -17.90 58.55 -37.97
C VAL M 351 -16.60 58.30 -38.75
N PRO M 352 -15.62 59.20 -38.69
CA PRO M 352 -14.35 59.06 -39.38
C PRO M 352 -13.56 57.96 -38.73
N PRO M 353 -12.57 57.37 -39.43
CA PRO M 353 -11.70 56.32 -38.96
C PRO M 353 -10.63 56.82 -38.00
N SER M 354 -11.10 57.31 -36.87
CA SER M 354 -10.34 57.87 -35.77
C SER M 354 -10.96 57.39 -34.50
N GLY M 355 -10.68 58.04 -33.39
CA GLY M 355 -11.33 57.56 -32.19
C GLY M 355 -10.84 56.17 -31.88
N HIS M 356 -11.74 55.19 -32.03
CA HIS M 356 -11.38 53.78 -31.76
C HIS M 356 -10.11 53.43 -32.54
N VAL M 357 -9.97 53.96 -33.76
CA VAL M 357 -8.80 53.62 -34.52
C VAL M 357 -7.56 53.99 -33.71
N ALA M 358 -7.61 55.10 -32.98
CA ALA M 358 -6.47 55.51 -32.16
C ALA M 358 -6.40 54.69 -30.86
N GLY M 359 -7.58 54.23 -30.41
CA GLY M 359 -7.71 53.38 -29.20
C GLY M 359 -6.85 52.14 -29.36
N ILE M 360 -6.76 51.69 -30.60
CA ILE M 360 -5.93 50.57 -30.96
C ILE M 360 -4.47 50.83 -30.64
N TRP M 361 -3.95 52.03 -30.83
CA TRP M 361 -2.55 52.22 -30.54
C TRP M 361 -2.32 51.97 -29.07
N ALA M 362 -3.24 52.47 -28.24
CA ALA M 362 -3.07 52.27 -26.80
C ALA M 362 -3.11 50.77 -26.46
N ARG M 363 -4.01 50.04 -27.11
CA ARG M 363 -4.10 48.61 -26.87
C ARG M 363 -2.83 47.90 -27.30
N ASN M 364 -2.33 48.27 -28.48
CA ASN M 364 -1.17 47.65 -29.07
C ASN M 364 0.05 47.82 -28.22
N ASP M 365 0.23 49.00 -27.63
CA ASP M 365 1.39 49.28 -26.80
C ASP M 365 1.36 48.47 -25.51
N SER M 366 0.17 48.17 -25.01
CA SER M 366 0.09 47.36 -23.81
C SER M 366 0.40 45.89 -24.13
N GLU M 367 -0.05 45.40 -25.30
CA GLU M 367 0.18 44.01 -25.65
C GLU M 367 1.67 43.71 -25.90
N ARG M 368 2.29 44.54 -26.73
CA ARG M 368 3.73 44.30 -27.09
C ARG M 368 4.46 45.65 -27.13
N GLY M 369 5.69 45.65 -27.64
CA GLY M 369 6.46 46.91 -27.77
C GLY M 369 5.91 47.79 -28.87
N VAL M 370 6.19 49.10 -28.81
CA VAL M 370 5.71 50.05 -29.85
C VAL M 370 6.28 49.62 -31.20
N HIS M 371 7.37 48.84 -31.18
CA HIS M 371 8.00 48.35 -32.44
C HIS M 371 7.00 47.51 -33.25
N LYS M 372 6.07 46.84 -32.58
CA LYS M 372 5.03 46.03 -33.28
C LYS M 372 4.04 46.97 -33.96
N ALA M 373 3.48 46.57 -35.11
CA ALA M 373 2.48 47.41 -35.76
C ALA M 373 1.11 46.82 -35.49
N PRO M 374 0.06 47.61 -35.28
CA PRO M 374 -1.30 47.15 -35.17
C PRO M 374 -1.82 46.93 -36.57
N ALA M 375 -1.19 46.02 -37.29
CA ALA M 375 -1.48 45.76 -38.69
C ALA M 375 -2.55 44.71 -38.84
N ASN M 376 -3.02 44.21 -37.72
CA ASN M 376 -4.09 43.24 -37.67
C ASN M 376 -4.78 43.37 -36.33
N GLU M 377 -5.72 44.28 -36.22
CA GLU M 377 -6.41 44.47 -34.93
C GLU M 377 -7.88 44.89 -35.07
N VAL M 378 -8.69 44.44 -34.12
CA VAL M 378 -10.12 44.69 -34.10
C VAL M 378 -10.57 46.07 -33.69
N VAL M 379 -11.42 46.66 -34.52
CA VAL M 379 -11.90 48.00 -34.20
C VAL M 379 -13.12 47.84 -33.31
N ARG M 380 -12.83 47.61 -32.07
CA ARG M 380 -13.89 47.34 -31.14
C ARG M 380 -14.81 48.52 -31.06
N GLY M 381 -16.11 48.25 -31.12
CA GLY M 381 -17.14 49.27 -31.04
C GLY M 381 -17.73 49.59 -32.41
N ALA M 382 -17.04 49.18 -33.46
CA ALA M 382 -17.52 49.39 -34.81
C ALA M 382 -18.71 48.49 -35.08
N VAL M 383 -19.65 48.95 -35.91
CA VAL M 383 -20.77 48.11 -36.30
C VAL M 383 -20.52 47.60 -37.71
N ASP M 384 -20.22 48.51 -38.64
CA ASP M 384 -19.97 48.10 -40.02
C ASP M 384 -19.14 49.14 -40.78
N LEU M 385 -18.82 48.87 -42.03
CA LEU M 385 -18.07 49.80 -42.86
C LEU M 385 -18.90 50.27 -44.02
N GLU M 386 -18.68 51.48 -44.52
CA GLU M 386 -19.44 51.87 -45.72
C GLU M 386 -19.10 51.06 -46.96
N LEU M 387 -17.86 50.69 -47.12
CA LEU M 387 -17.48 49.94 -48.29
C LEU M 387 -16.42 48.90 -47.98
N GLN M 388 -16.51 47.77 -48.65
CA GLN M 388 -15.47 46.77 -48.56
C GLN M 388 -14.49 47.05 -49.67
N ILE M 389 -13.22 47.17 -49.33
CA ILE M 389 -12.20 47.51 -50.31
C ILE M 389 -11.49 46.23 -50.70
N THR M 390 -11.59 45.87 -51.97
CA THR M 390 -11.11 44.59 -52.47
C THR M 390 -9.64 44.62 -52.84
N ARG M 391 -9.06 43.47 -53.12
CA ARG M 391 -7.63 43.39 -53.43
C ARG M 391 -7.24 44.25 -54.63
N GLY M 392 -8.12 44.37 -55.62
CA GLY M 392 -7.80 45.18 -56.79
C GLY M 392 -7.71 46.66 -56.42
N GLU M 393 -8.22 47.04 -55.26
CA GLU M 393 -8.18 48.40 -54.79
C GLU M 393 -7.03 48.55 -53.79
N GLN M 394 -6.74 47.48 -53.03
CA GLN M 394 -5.65 47.52 -52.04
C GLN M 394 -4.33 47.70 -52.78
N ASP M 395 -4.29 47.15 -53.98
CA ASP M 395 -3.16 47.22 -54.91
C ASP M 395 -2.87 48.67 -55.31
N LEU M 396 -3.86 49.55 -55.27
CA LEU M 396 -3.65 50.92 -55.65
C LEU M 396 -3.49 51.83 -54.45
N LEU M 397 -4.13 51.51 -53.32
CA LEU M 397 -4.09 52.39 -52.17
C LEU M 397 -2.92 52.18 -51.20
N ASN M 398 -2.47 50.94 -51.00
CA ASN M 398 -1.39 50.78 -50.03
C ASN M 398 -0.09 51.44 -50.50
N PRO M 399 0.30 51.39 -51.79
CA PRO M 399 1.49 52.00 -52.34
C PRO M 399 1.53 53.51 -52.22
N ILE M 400 0.40 54.15 -51.92
CA ILE M 400 0.39 55.60 -51.82
C ILE M 400 0.15 56.03 -50.37
N GLY M 401 0.27 55.09 -49.43
CA GLY M 401 0.14 55.39 -48.01
C GLY M 401 -1.26 55.47 -47.44
N VAL M 402 -2.26 54.88 -48.07
CA VAL M 402 -3.59 54.95 -47.51
C VAL M 402 -3.94 53.66 -46.78
N ASN M 403 -4.19 53.78 -45.49
CA ASN M 403 -4.47 52.59 -44.70
C ASN M 403 -5.93 52.21 -44.79
N CYS M 404 -6.20 50.92 -44.82
CA CYS M 404 -7.57 50.47 -44.87
C CYS M 404 -7.98 49.62 -43.70
N ILE M 405 -9.29 49.65 -43.48
CA ILE M 405 -10.01 48.87 -42.51
C ILE M 405 -10.95 48.00 -43.32
N ARG M 406 -10.96 46.70 -43.04
CA ARG M 406 -11.80 45.76 -43.80
C ARG M 406 -12.61 44.84 -42.92
N SER M 407 -13.73 44.35 -43.47
CA SER M 407 -14.53 43.35 -42.78
C SER M 407 -14.00 42.01 -43.25
N PHE M 408 -13.43 41.25 -42.34
CA PHE M 408 -12.79 40.04 -42.74
C PHE M 408 -13.72 38.83 -42.49
N PRO M 409 -13.83 37.88 -43.44
CA PRO M 409 -14.70 36.72 -43.39
C PRO M 409 -14.30 35.70 -42.34
N GLY M 410 -14.66 36.00 -41.10
CA GLY M 410 -14.36 35.17 -39.95
C GLY M 410 -13.49 35.85 -38.91
N ARG M 411 -13.08 37.10 -39.13
CA ARG M 411 -12.27 37.77 -38.14
C ARG M 411 -12.86 39.11 -37.65
N GLY M 412 -13.90 39.62 -38.33
CA GLY M 412 -14.53 40.88 -37.92
C GLY M 412 -13.89 42.12 -38.54
N ILE M 413 -14.17 43.28 -37.96
CA ILE M 413 -13.70 44.53 -38.56
C ILE M 413 -12.32 44.83 -38.05
N ARG M 414 -11.35 44.83 -38.96
CA ARG M 414 -9.99 45.03 -38.53
C ARG M 414 -9.18 46.04 -39.32
N VAL M 415 -8.23 46.63 -38.64
CA VAL M 415 -7.28 47.52 -39.24
C VAL M 415 -6.23 46.68 -39.88
N TRP M 416 -5.95 46.95 -41.15
CA TRP M 416 -4.97 46.23 -41.92
C TRP M 416 -3.79 47.05 -42.42
N GLY M 417 -4.04 48.25 -42.89
CA GLY M 417 -2.91 49.00 -43.44
C GLY M 417 -2.07 49.54 -42.29
N ALA M 418 -0.77 49.72 -42.51
CA ALA M 418 0.08 50.31 -41.47
C ALA M 418 1.21 51.18 -42.03
N ARG M 419 0.86 52.11 -42.90
CA ARG M 419 1.84 52.99 -43.52
C ARG M 419 1.68 54.45 -43.16
N THR M 420 2.81 55.13 -43.18
CA THR M 420 2.98 56.55 -42.93
C THR M 420 2.57 57.33 -44.15
N LEU M 421 1.94 58.49 -43.98
CA LEU M 421 1.55 59.29 -45.12
C LEU M 421 2.72 60.18 -45.51
N SER M 422 3.76 59.51 -46.03
CA SER M 422 5.08 60.05 -46.36
C SER M 422 5.73 59.45 -47.57
N SER M 423 6.46 60.30 -48.29
CA SER M 423 7.23 59.95 -49.47
C SER M 423 8.63 59.41 -49.18
N ASP M 424 9.10 59.53 -47.94
CA ASP M 424 10.45 59.12 -47.54
C ASP M 424 10.52 57.65 -47.16
N PRO M 425 11.20 56.76 -47.94
CA PRO M 425 11.28 55.34 -47.71
C PRO M 425 11.66 54.98 -46.27
N ALA M 426 12.50 55.81 -45.64
CA ALA M 426 12.93 55.53 -44.27
C ALA M 426 11.81 55.46 -43.29
N TRP M 427 10.78 56.25 -43.49
CA TRP M 427 9.72 56.35 -42.53
C TRP M 427 8.41 55.74 -42.97
N ARG M 428 8.45 54.84 -43.94
CA ARG M 428 7.21 54.24 -44.44
C ARG M 428 6.38 53.47 -43.45
N TYR M 429 7.01 52.84 -42.46
CA TYR M 429 6.28 51.99 -41.53
C TYR M 429 5.95 52.72 -40.24
N LEU M 430 4.69 52.65 -39.83
CA LEU M 430 4.25 53.40 -38.65
C LEU M 430 4.89 52.96 -37.36
N ASN M 431 5.14 51.67 -37.21
CA ASN M 431 5.68 51.17 -35.97
C ASN M 431 7.12 51.55 -35.79
N ILE M 432 7.80 51.91 -36.87
CA ILE M 432 9.18 52.27 -36.75
C ILE M 432 9.21 53.69 -36.31
N ARG M 433 8.39 54.52 -36.94
CA ARG M 433 8.31 55.95 -36.55
C ARG M 433 7.96 56.03 -35.05
N ARG M 434 7.04 55.17 -34.60
CA ARG M 434 6.64 55.16 -33.21
C ARG M 434 7.72 54.66 -32.27
N TYR M 435 8.47 53.64 -32.67
CA TYR M 435 9.53 53.14 -31.83
C TYR M 435 10.48 54.27 -31.50
N PHE M 436 10.83 55.06 -32.51
CA PHE M 436 11.72 56.15 -32.22
C PHE M 436 11.10 57.19 -31.30
N ASN M 437 9.83 57.54 -31.46
CA ASN M 437 9.31 58.52 -30.52
C ASN M 437 9.27 57.96 -29.11
N TYR M 438 9.03 56.67 -29.00
CA TYR M 438 9.02 55.99 -27.71
C TYR M 438 10.36 56.06 -27.00
N LEU M 439 11.43 55.74 -27.73
CA LEU M 439 12.71 55.77 -27.09
C LEU M 439 13.07 57.16 -26.69
N GLU M 440 12.73 58.14 -27.54
CA GLU M 440 13.10 59.50 -27.20
C GLU M 440 12.40 60.00 -25.98
N GLU M 441 11.13 59.71 -25.82
CA GLU M 441 10.51 60.26 -24.64
C GLU M 441 11.14 59.72 -23.37
N SER M 442 11.38 58.41 -23.31
CA SER M 442 11.93 57.87 -22.09
C SER M 442 13.37 58.26 -21.81
N ILE M 443 14.22 58.32 -22.85
CA ILE M 443 15.60 58.61 -22.58
C ILE M 443 15.79 60.07 -22.21
N LEU M 444 15.02 60.97 -22.84
CA LEU M 444 15.12 62.39 -22.57
C LEU M 444 14.64 62.71 -21.18
N ILE M 445 13.59 62.06 -20.72
CA ILE M 445 13.16 62.33 -19.37
C ILE M 445 14.19 61.80 -18.39
N GLY M 446 14.67 60.58 -18.63
CA GLY M 446 15.63 59.99 -17.74
C GLY M 446 16.87 60.85 -17.53
N THR M 447 17.62 61.15 -18.59
CA THR M 447 18.84 61.94 -18.39
C THR M 447 18.54 63.42 -18.43
N GLN M 448 17.86 63.89 -17.40
CA GLN M 448 17.49 65.28 -17.33
C GLN M 448 18.26 66.03 -16.29
N TRP M 449 19.29 66.72 -16.73
CA TRP M 449 20.13 67.50 -15.85
C TRP M 449 19.97 68.92 -16.37
N VAL M 450 19.94 69.90 -15.49
CA VAL M 450 19.74 71.26 -15.94
C VAL M 450 20.87 72.20 -15.59
N VAL M 451 21.30 72.94 -16.61
CA VAL M 451 22.41 73.85 -16.56
C VAL M 451 23.61 72.95 -16.45
N PHE M 452 24.36 72.90 -17.54
CA PHE M 452 25.58 72.10 -17.58
C PHE M 452 26.64 72.87 -16.81
N GLU M 453 27.34 72.18 -15.92
CA GLU M 453 28.38 72.81 -15.12
C GLU M 453 29.64 72.97 -15.96
N PRO M 454 30.55 71.98 -15.86
CA PRO M 454 31.78 72.04 -16.63
C PRO M 454 31.87 70.91 -17.66
N ASN M 455 32.14 71.27 -18.91
CA ASN M 455 32.30 70.30 -19.97
C ASN M 455 33.48 69.47 -19.47
N ASP M 456 33.24 68.20 -19.28
CA ASP M 456 34.17 67.32 -18.63
C ASP M 456 33.92 65.87 -19.00
N HIS M 457 35.00 65.11 -19.09
CA HIS M 457 34.88 63.67 -19.42
C HIS M 457 34.03 62.95 -18.37
N ASN M 458 34.06 63.40 -17.11
CA ASN M 458 33.33 62.67 -16.11
C ASN M 458 31.85 62.66 -16.45
N LEU M 459 31.36 63.70 -17.14
CA LEU M 459 29.95 63.70 -17.45
C LEU M 459 29.73 62.80 -18.62
N TRP M 460 30.71 62.77 -19.52
CA TRP M 460 30.56 61.93 -20.68
C TRP M 460 30.46 60.50 -20.18
N ALA M 461 31.31 60.14 -19.24
CA ALA M 461 31.25 58.78 -18.74
C ALA M 461 29.91 58.46 -18.12
N ARG M 462 29.31 59.39 -17.37
CA ARG M 462 28.04 59.10 -16.77
C ARG M 462 26.97 58.87 -17.82
N ILE M 463 27.02 59.67 -18.87
CA ILE M 463 26.05 59.57 -19.94
C ILE M 463 26.19 58.30 -20.73
N ARG M 464 27.41 57.94 -21.12
CA ARG M 464 27.55 56.74 -21.93
C ARG M 464 27.07 55.55 -21.18
N ARG M 465 27.39 55.51 -19.89
CA ARG M 465 27.01 54.38 -19.11
C ARG M 465 25.50 54.30 -18.99
N ASN M 466 24.83 55.42 -18.78
CA ASN M 466 23.39 55.39 -18.65
C ASN M 466 22.64 55.05 -19.92
N VAL M 467 23.13 55.50 -21.06
CA VAL M 467 22.39 55.21 -22.28
C VAL M 467 22.52 53.73 -22.59
N SER M 468 23.71 53.17 -22.46
CA SER M 468 23.88 51.77 -22.75
C SER M 468 23.05 50.92 -21.79
N ALA M 469 23.04 51.25 -20.50
CA ALA M 469 22.26 50.45 -19.57
C ALA M 469 20.79 50.43 -19.98
N PHE M 470 20.28 51.55 -20.45
CA PHE M 470 18.90 51.62 -20.94
C PHE M 470 18.63 50.75 -22.15
N LEU M 471 19.50 50.86 -23.17
CA LEU M 471 19.31 50.15 -24.43
C LEU M 471 19.62 48.66 -24.41
N VAL M 472 20.47 48.19 -23.52
CA VAL M 472 20.77 46.78 -23.56
C VAL M 472 19.53 45.94 -23.32
N ASN M 473 18.57 46.45 -22.57
CA ASN M 473 17.34 45.72 -22.36
C ASN M 473 16.49 45.58 -23.60
N GLU M 474 16.62 46.49 -24.57
CA GLU M 474 15.83 46.37 -25.77
C GLU M 474 16.38 45.15 -26.51
N TRP M 475 17.71 44.98 -26.43
CA TRP M 475 18.37 43.81 -26.99
C TRP M 475 18.07 42.51 -26.26
N ARG M 476 18.09 42.55 -24.91
CA ARG M 476 17.84 41.35 -24.13
C ARG M 476 16.42 40.88 -24.38
N ASN M 477 15.53 41.84 -24.56
CA ASN M 477 14.15 41.61 -24.86
C ASN M 477 14.07 41.46 -26.37
N GLY M 478 12.90 41.24 -26.94
CA GLY M 478 12.87 41.00 -28.38
C GLY M 478 12.83 42.23 -29.32
N ALA M 479 12.88 43.44 -28.79
CA ALA M 479 12.76 44.65 -29.63
C ALA M 479 13.87 44.84 -30.69
N LEU M 480 15.12 44.50 -30.37
CA LEU M 480 16.22 44.73 -31.33
C LEU M 480 16.73 43.52 -32.07
N PHE M 481 17.37 43.78 -33.20
CA PHE M 481 18.00 42.75 -34.02
C PHE M 481 19.48 42.65 -33.69
N GLY M 482 20.04 41.45 -33.78
CA GLY M 482 21.47 41.24 -33.59
C GLY M 482 21.76 40.11 -32.61
N GLN M 483 22.92 39.48 -32.76
CA GLN M 483 23.34 38.36 -31.91
C GLN M 483 23.89 38.79 -30.55
N SER M 484 24.21 40.05 -30.43
CA SER M 484 24.81 40.61 -29.23
C SER M 484 24.64 42.14 -29.27
N PRO M 485 24.73 42.85 -28.12
CA PRO M 485 24.69 44.31 -28.00
C PRO M 485 25.66 44.97 -28.96
N ASP M 486 26.76 44.26 -29.22
CA ASP M 486 27.82 44.72 -30.08
C ASP M 486 27.28 45.16 -31.44
N GLN M 487 26.27 44.45 -31.93
CA GLN M 487 25.72 44.77 -33.21
C GLN M 487 24.37 45.43 -33.04
N ALA M 488 23.67 45.09 -31.96
CA ALA M 488 22.32 45.57 -31.75
C ALA M 488 22.20 47.07 -31.54
N TYR M 489 23.17 47.71 -30.88
CA TYR M 489 23.06 49.15 -30.71
C TYR M 489 24.43 49.80 -30.53
N TYR M 490 24.48 51.13 -30.64
CA TYR M 490 25.78 51.84 -30.52
C TYR M 490 25.66 53.16 -29.75
N VAL M 491 26.54 53.38 -28.77
CA VAL M 491 26.57 54.66 -28.05
C VAL M 491 27.95 55.31 -28.06
N LYS M 492 28.01 56.60 -28.46
CA LYS M 492 29.27 57.34 -28.44
C LYS M 492 29.17 58.75 -27.85
N CYS M 493 30.04 59.05 -26.89
CA CYS M 493 30.09 60.37 -26.27
C CYS M 493 31.47 60.60 -25.70
N ASP M 494 32.25 61.33 -26.44
CA ASP M 494 33.65 61.60 -26.15
C ASP M 494 34.04 62.93 -26.79
N GLU M 495 35.32 63.26 -26.75
CA GLU M 495 35.79 64.53 -27.25
C GLU M 495 35.59 64.74 -28.75
N GLU M 496 35.21 63.73 -29.51
CA GLU M 496 34.99 63.97 -30.93
C GLU M 496 33.55 64.34 -31.22
N THR M 497 32.68 64.30 -30.19
CA THR M 497 31.29 64.68 -30.42
C THR M 497 31.19 65.97 -29.66
N ASN M 498 32.12 66.11 -28.71
CA ASN M 498 32.23 67.25 -27.82
C ASN M 498 33.64 67.83 -27.92
N PRO M 499 33.98 68.52 -29.02
CA PRO M 499 35.29 69.01 -29.39
C PRO M 499 35.74 70.12 -28.44
N PRO M 500 37.07 70.42 -28.42
CA PRO M 500 37.78 71.37 -27.58
C PRO M 500 37.20 72.76 -27.49
N GLU M 501 36.51 73.25 -28.50
CA GLU M 501 35.97 74.60 -28.38
C GLU M 501 35.10 74.67 -27.13
N SER M 502 34.40 73.58 -26.80
CA SER M 502 33.63 73.50 -25.57
C SER M 502 32.76 74.72 -25.38
N VAL M 503 32.04 75.14 -26.41
CA VAL M 503 31.26 76.34 -26.25
C VAL M 503 29.93 76.03 -25.66
N ASP M 504 29.70 76.55 -24.46
CA ASP M 504 28.46 76.35 -23.76
C ASP M 504 28.02 74.89 -23.76
N LEU M 505 26.82 74.58 -24.26
CA LEU M 505 26.40 73.19 -24.21
C LEU M 505 27.21 72.22 -25.03
N GLY M 506 27.60 71.15 -24.36
CA GLY M 506 28.30 70.01 -24.92
C GLY M 506 27.26 68.91 -24.91
N ARG M 507 27.53 67.84 -24.16
CA ARG M 507 26.56 66.73 -24.03
C ARG M 507 26.09 66.25 -25.41
N VAL M 508 27.01 66.05 -26.36
CA VAL M 508 26.61 65.51 -27.64
C VAL M 508 26.75 64.00 -27.60
N VAL M 509 25.64 63.27 -27.83
CA VAL M 509 25.72 61.82 -27.77
C VAL M 509 25.28 61.21 -29.08
N CYS M 510 26.13 60.44 -29.71
CA CYS M 510 25.73 59.86 -30.98
C CYS M 510 25.20 58.47 -30.74
N GLU M 511 24.09 58.11 -31.39
CA GLU M 511 23.53 56.79 -31.15
C GLU M 511 23.07 56.07 -32.40
N ILE M 512 23.24 54.76 -32.41
CA ILE M 512 22.76 53.97 -33.54
C ILE M 512 21.67 53.05 -33.07
N GLY M 513 20.57 53.05 -33.81
CA GLY M 513 19.44 52.20 -33.50
C GLY M 513 19.74 50.91 -34.19
N ILE M 514 19.04 50.60 -35.26
CA ILE M 514 19.33 49.33 -35.91
C ILE M 514 20.29 49.64 -37.08
N ALA M 515 19.74 50.19 -38.15
CA ALA M 515 20.53 50.79 -39.21
C ALA M 515 20.70 52.32 -39.07
N PRO M 516 19.62 53.11 -38.79
CA PRO M 516 19.65 54.56 -38.77
C PRO M 516 20.41 55.08 -37.59
N VAL M 517 20.93 56.29 -37.76
CA VAL M 517 21.73 56.93 -36.76
C VAL M 517 21.12 58.27 -36.31
N LYS M 518 21.12 58.54 -34.99
CA LYS M 518 20.65 59.78 -34.37
C LYS M 518 21.90 60.60 -34.01
N MET N 1 28.80 23.85 -30.82
CA MET N 1 28.82 22.40 -31.00
C MET N 1 29.82 22.02 -32.11
N SER N 2 31.10 22.44 -31.94
CA SER N 2 32.22 22.20 -32.88
C SER N 2 32.81 20.80 -32.81
N LEU N 3 32.50 20.11 -31.74
CA LEU N 3 33.00 18.79 -31.43
C LEU N 3 31.85 17.86 -31.12
N PRO N 4 32.02 16.52 -31.23
CA PRO N 4 31.07 15.50 -30.77
C PRO N 4 30.98 15.44 -29.24
N LYS N 5 31.95 16.03 -28.53
CA LYS N 5 32.04 15.91 -27.05
C LYS N 5 30.95 16.68 -26.27
N PRO N 6 30.51 17.90 -26.63
CA PRO N 6 29.46 18.61 -25.89
C PRO N 6 28.09 18.02 -26.02
N GLU N 7 27.25 18.42 -25.08
CA GLU N 7 25.87 18.03 -24.99
C GLU N 7 25.08 19.27 -24.77
N ASP N 8 23.83 19.25 -25.12
CA ASP N 8 23.00 20.39 -24.85
C ASP N 8 22.95 20.62 -23.35
N VAL N 9 22.97 21.87 -22.96
CA VAL N 9 22.96 22.33 -21.58
C VAL N 9 21.71 23.13 -21.34
N LEU N 10 21.34 23.32 -20.08
CA LEU N 10 20.18 24.09 -19.70
C LEU N 10 20.46 25.58 -19.82
N VAL N 11 20.56 25.98 -21.07
CA VAL N 11 20.89 27.32 -21.49
C VAL N 11 19.67 28.18 -21.63
N ALA N 12 18.68 27.69 -22.35
CA ALA N 12 17.53 28.52 -22.62
C ALA N 12 16.31 27.75 -23.08
N PRO N 13 15.62 27.01 -22.24
CA PRO N 13 14.45 26.32 -22.66
C PRO N 13 13.44 27.40 -22.95
N ASN N 14 12.71 27.34 -24.07
CA ASN N 14 11.69 28.42 -24.29
C ASN N 14 10.46 27.85 -25.01
N PHE N 15 9.39 28.63 -25.15
CA PHE N 15 8.16 28.05 -25.75
C PHE N 15 7.37 28.86 -26.78
N GLY N 16 7.03 28.23 -27.90
CA GLY N 16 6.13 28.75 -28.90
C GLY N 16 4.72 28.52 -28.35
N ILE N 17 3.97 29.59 -28.18
CA ILE N 17 2.62 29.53 -27.62
C ILE N 17 1.81 30.80 -27.95
N GLN N 18 0.49 30.73 -28.17
CA GLN N 18 -0.22 32.01 -28.52
C GLN N 18 -0.54 32.76 -27.22
N ILE N 19 -0.60 32.06 -26.11
CA ILE N 19 -0.89 32.54 -24.76
C ILE N 19 0.42 33.07 -24.21
N ASP N 20 0.43 34.27 -23.67
CA ASP N 20 1.70 34.91 -23.32
C ASP N 20 2.48 34.47 -22.09
N GLY N 21 3.00 33.26 -22.21
CA GLY N 21 3.89 32.63 -21.24
C GLY N 21 5.28 33.13 -21.59
N VAL N 22 5.47 34.43 -21.40
CA VAL N 22 6.67 35.13 -21.83
C VAL N 22 7.92 34.76 -21.03
N MET N 23 7.84 34.68 -19.71
CA MET N 23 9.02 34.31 -18.91
C MET N 23 8.70 33.09 -18.05
N VAL N 24 9.63 32.14 -17.98
CA VAL N 24 9.44 30.89 -17.24
C VAL N 24 10.60 30.51 -16.32
N GLU N 25 10.34 29.60 -15.38
CA GLU N 25 11.44 29.04 -14.60
C GLU N 25 11.88 27.70 -15.16
N TYR N 26 10.92 26.77 -15.34
CA TYR N 26 11.29 25.44 -15.81
C TYR N 26 10.21 24.58 -16.46
N LEU N 27 10.69 23.55 -17.15
CA LEU N 27 9.87 22.52 -17.77
C LEU N 27 10.23 21.12 -17.31
N ASN N 28 9.23 20.32 -16.93
CA ASN N 28 9.52 18.96 -16.49
C ASN N 28 8.48 17.93 -16.96
N SER N 29 8.73 16.66 -16.60
CA SER N 29 7.93 15.48 -16.93
C SER N 29 7.68 15.25 -18.41
N VAL N 30 8.74 15.34 -19.21
CA VAL N 30 8.62 15.12 -20.64
C VAL N 30 9.15 13.75 -21.07
N SER N 31 8.28 12.92 -21.64
CA SER N 31 8.66 11.57 -22.05
C SER N 31 7.87 11.06 -23.26
N ASN N 32 8.48 10.09 -23.95
CA ASN N 32 7.94 9.38 -25.11
C ASN N 32 7.80 7.86 -24.89
N LEU N 33 6.56 7.37 -24.74
CA LEU N 33 6.35 5.93 -24.46
C LEU N 33 5.49 5.11 -25.41
N GLN N 34 6.08 4.02 -25.88
CA GLN N 34 5.42 3.03 -26.73
C GLN N 34 5.13 1.85 -25.79
N ILE N 35 3.88 1.43 -25.71
CA ILE N 35 3.48 0.37 -24.82
C ILE N 35 3.84 -1.00 -25.37
N GLU N 36 4.43 -1.88 -24.56
CA GLU N 36 4.77 -3.21 -25.03
C GLU N 36 3.69 -4.21 -24.64
N GLN N 37 3.87 -5.46 -25.04
CA GLN N 37 2.92 -6.53 -24.71
C GLN N 37 3.69 -7.80 -24.51
N ASP N 38 3.17 -8.70 -23.67
CA ASP N 38 3.89 -9.93 -23.31
C ASP N 38 3.09 -11.23 -23.34
N VAL N 39 3.43 -12.14 -24.26
CA VAL N 39 2.71 -13.41 -24.31
C VAL N 39 3.62 -14.63 -24.19
N ILE N 40 3.18 -15.63 -23.44
CA ILE N 40 3.98 -16.83 -23.27
C ILE N 40 3.28 -18.03 -23.91
N ARG N 41 4.02 -18.78 -24.71
CA ARG N 41 3.46 -19.99 -25.35
C ARG N 41 4.31 -21.23 -25.15
N TYR N 42 3.70 -22.39 -25.35
CA TYR N 42 4.41 -23.66 -25.27
C TYR N 42 4.84 -23.99 -26.70
N GLN N 43 6.01 -24.60 -26.87
CA GLN N 43 6.51 -24.91 -28.22
C GLN N 43 5.89 -26.04 -29.03
N GLN N 44 6.12 -25.93 -30.34
CA GLN N 44 5.61 -26.81 -31.38
C GLN N 44 5.70 -28.34 -31.29
N ASN N 45 5.03 -28.93 -30.29
CA ASN N 45 4.88 -30.41 -30.23
C ASN N 45 6.27 -31.07 -30.21
N GLN N 46 7.14 -30.62 -29.31
CA GLN N 46 8.44 -31.24 -29.21
C GLN N 46 9.08 -30.94 -27.87
N GLY N 47 10.21 -31.57 -27.62
CA GLY N 47 10.94 -31.38 -26.35
C GLY N 47 11.78 -30.11 -26.24
N THR N 48 11.17 -28.95 -26.45
CA THR N 48 11.87 -27.66 -26.30
C THR N 48 11.00 -26.76 -25.45
N THR N 49 11.55 -25.67 -24.98
CA THR N 49 10.85 -24.79 -24.07
C THR N 49 9.90 -23.92 -24.78
N GLY N 50 9.09 -23.24 -24.01
CA GLY N 50 8.18 -22.33 -24.59
C GLY N 50 8.94 -21.09 -25.00
N ARG N 51 8.18 -20.14 -25.55
CA ARG N 51 8.74 -18.90 -26.02
C ARG N 51 8.02 -17.71 -25.44
N ASN N 52 8.73 -16.59 -25.43
CA ASN N 52 8.22 -15.33 -24.96
C ASN N 52 8.18 -14.32 -26.07
N ASN N 53 7.00 -13.90 -26.44
CA ASN N 53 6.94 -12.93 -27.51
C ASN N 53 6.69 -11.54 -26.94
N VAL N 54 7.73 -10.72 -27.05
CA VAL N 54 7.77 -9.36 -26.54
C VAL N 54 8.05 -8.38 -27.66
N THR N 55 7.77 -8.79 -28.88
CA THR N 55 7.97 -8.01 -30.10
C THR N 55 6.64 -7.49 -30.59
N LEU N 56 5.65 -7.67 -29.75
CA LEU N 56 4.30 -7.26 -29.95
C LEU N 56 4.34 -5.76 -29.75
N MET N 57 3.56 -5.00 -30.50
CA MET N 57 3.64 -3.55 -30.38
C MET N 57 2.32 -2.76 -30.35
N PRO N 58 1.69 -2.60 -29.17
CA PRO N 58 0.49 -1.83 -28.86
C PRO N 58 0.74 -0.35 -29.12
N GLY N 59 -0.28 0.49 -28.96
CA GLY N 59 -0.15 1.90 -29.30
C GLY N 59 0.69 2.75 -28.35
N VAL N 60 0.71 4.04 -28.69
CA VAL N 60 1.50 5.06 -28.04
C VAL N 60 0.76 5.80 -26.94
N ALA N 61 1.43 5.97 -25.82
CA ALA N 61 0.93 6.63 -24.63
C ALA N 61 0.90 8.15 -24.78
N LYS N 62 0.07 8.77 -23.96
CA LYS N 62 -0.10 10.22 -23.90
C LYS N 62 0.05 10.69 -22.46
N ASP N 63 0.42 11.95 -22.24
CA ASP N 63 0.60 12.47 -20.89
C ASP N 63 0.56 14.00 -20.86
N GLY N 64 1.05 14.58 -19.78
CA GLY N 64 1.08 16.02 -19.60
C GLY N 64 2.43 16.48 -19.10
N SER N 65 2.78 17.74 -19.39
CA SER N 65 4.06 18.30 -18.97
C SER N 65 3.89 19.45 -17.98
N VAL N 66 4.64 19.37 -16.88
CA VAL N 66 4.59 20.41 -15.85
C VAL N 66 5.29 21.68 -16.34
N GLN N 67 4.67 22.83 -16.10
CA GLN N 67 5.23 24.09 -16.52
C GLN N 67 5.27 25.06 -15.36
N VAL N 68 6.43 25.59 -15.04
CA VAL N 68 6.46 26.52 -13.93
C VAL N 68 6.85 27.91 -14.31
N GLU N 69 5.92 28.79 -13.98
CA GLU N 69 5.99 30.21 -14.21
C GLU N 69 6.69 30.69 -12.98
N ARG N 70 7.62 31.61 -13.15
CA ARG N 70 8.38 32.05 -11.99
C ARG N 70 7.51 32.45 -10.83
N GLY N 71 6.43 33.16 -11.09
CA GLY N 71 5.60 33.55 -9.99
C GLY N 71 4.45 34.40 -10.40
N MET N 72 3.64 34.70 -9.42
CA MET N 72 2.47 35.50 -9.68
C MET N 72 2.84 36.93 -9.97
N SER N 73 2.05 37.53 -10.85
CA SER N 73 2.18 38.91 -11.26
C SER N 73 0.77 39.36 -11.55
N GLN N 74 0.61 40.61 -11.95
CA GLN N 74 -0.71 41.15 -12.22
C GLN N 74 -1.33 40.65 -13.53
N SER N 75 -0.54 39.99 -14.38
CA SER N 75 -1.07 39.56 -15.69
C SER N 75 -1.63 38.15 -15.65
N SER N 76 -2.95 38.03 -15.69
CA SER N 76 -3.62 36.75 -15.53
C SER N 76 -3.76 35.93 -16.81
N VAL N 77 -2.62 35.57 -17.35
CA VAL N 77 -2.54 34.84 -18.61
C VAL N 77 -3.03 33.42 -18.49
N PHE N 78 -2.49 32.71 -17.50
CA PHE N 78 -2.85 31.28 -17.31
C PHE N 78 -4.24 31.17 -16.69
N THR N 79 -4.63 32.15 -15.86
CA THR N 79 -5.90 32.02 -15.22
C THR N 79 -6.98 32.06 -16.28
N GLN N 80 -6.86 32.95 -17.26
CA GLN N 80 -7.93 32.93 -18.23
C GLN N 80 -7.90 31.66 -19.07
N TRP N 81 -6.73 31.11 -19.37
CA TRP N 81 -6.74 29.90 -20.16
C TRP N 81 -7.57 28.83 -19.44
N ILE N 82 -7.34 28.65 -18.14
CA ILE N 82 -8.13 27.64 -17.46
C ILE N 82 -9.60 28.06 -17.39
N ASN N 83 -9.92 29.35 -17.26
CA ASN N 83 -11.32 29.74 -17.22
C ASN N 83 -12.05 29.38 -18.51
N ASP N 84 -11.38 29.51 -19.66
CA ASP N 84 -12.07 29.20 -20.92
C ASP N 84 -12.44 27.74 -21.01
N SER N 85 -11.56 26.86 -20.53
CA SER N 85 -11.88 25.45 -20.55
C SER N 85 -12.96 25.11 -19.53
N MET N 86 -12.94 25.74 -18.35
CA MET N 86 -13.95 25.44 -17.33
C MET N 86 -15.32 25.84 -17.81
N ALA N 87 -15.36 26.90 -18.62
CA ALA N 87 -16.58 27.45 -19.18
C ALA N 87 -17.19 26.55 -20.26
N GLY N 88 -16.45 25.56 -20.74
CA GLY N 88 -16.95 24.65 -21.77
C GLY N 88 -16.47 24.88 -23.21
N ARG N 89 -15.54 25.79 -23.47
CA ARG N 89 -15.09 25.93 -24.85
C ARG N 89 -13.90 25.01 -25.05
N MET N 90 -13.80 24.36 -26.21
CA MET N 90 -12.63 23.51 -26.42
C MET N 90 -11.44 24.40 -26.83
N ALA N 91 -10.95 25.14 -25.85
CA ALA N 91 -9.92 26.15 -25.99
C ALA N 91 -8.54 25.56 -25.91
N THR N 92 -8.21 24.76 -26.91
CA THR N 92 -6.94 24.07 -26.92
C THR N 92 -5.96 24.80 -27.82
N ALA N 93 -4.68 24.44 -27.74
CA ALA N 93 -3.71 25.08 -28.62
C ALA N 93 -2.45 24.25 -28.83
N ARG N 94 -1.78 24.49 -29.96
CA ARG N 94 -0.49 23.87 -30.29
C ARG N 94 0.66 24.53 -29.54
N LYS N 95 1.63 23.74 -29.10
CA LYS N 95 2.82 24.30 -28.43
C LYS N 95 4.14 23.75 -28.91
N ASN N 96 5.20 24.54 -28.74
CA ASN N 96 6.54 24.08 -29.10
C ASN N 96 7.60 24.28 -28.04
N ALA N 97 8.14 23.19 -27.51
CA ALA N 97 9.17 23.27 -26.48
C ALA N 97 10.54 23.24 -27.15
N THR N 98 11.31 24.31 -26.99
CA THR N 98 12.60 24.44 -27.68
C THR N 98 13.83 24.34 -26.79
N ILE N 99 14.81 23.55 -27.24
CA ILE N 99 16.11 23.38 -26.59
C ILE N 99 17.18 24.10 -27.39
N ILE N 100 17.90 24.96 -26.69
CA ILE N 100 18.87 25.87 -27.26
C ILE N 100 20.33 25.65 -26.83
N VAL N 101 21.24 25.85 -27.77
CA VAL N 101 22.68 25.69 -27.65
C VAL N 101 23.38 26.85 -26.94
N MET N 102 24.60 26.57 -26.47
CA MET N 102 25.45 27.52 -25.77
C MET N 102 25.44 28.85 -26.51
N ASP N 103 25.70 28.80 -27.80
CA ASP N 103 25.56 29.95 -28.67
C ASP N 103 24.12 29.87 -29.08
N TYR N 104 23.33 30.70 -28.47
CA TYR N 104 21.88 30.67 -28.54
C TYR N 104 21.26 30.80 -29.90
N GLU N 105 21.99 31.30 -30.88
CA GLU N 105 21.34 31.39 -32.17
C GLU N 105 21.08 30.01 -32.76
N ASP N 106 21.79 29.01 -32.27
CA ASP N 106 21.67 27.63 -32.69
C ASP N 106 20.55 26.96 -31.85
N ASN N 107 19.45 26.56 -32.50
CA ASN N 107 18.27 26.03 -31.81
C ASN N 107 17.86 24.65 -32.36
N PRO N 108 18.68 23.59 -32.16
CA PRO N 108 18.55 22.28 -32.78
C PRO N 108 17.43 21.35 -32.37
N VAL N 109 16.82 21.50 -31.20
CA VAL N 109 15.80 20.50 -30.88
C VAL N 109 14.47 21.10 -30.51
N LYS N 110 13.43 20.64 -31.19
CA LYS N 110 12.11 21.13 -30.90
C LYS N 110 11.10 20.01 -30.76
N ARG N 111 10.22 20.13 -29.79
CA ARG N 111 9.15 19.16 -29.62
C ARG N 111 7.77 19.78 -29.78
N TRP N 112 7.04 19.20 -30.71
CA TRP N 112 5.70 19.61 -31.03
C TRP N 112 4.65 18.95 -30.19
N ASN N 113 3.86 19.77 -29.54
CA ASN N 113 2.76 19.30 -28.75
C ASN N 113 1.49 19.54 -29.52
N LEU N 114 0.71 18.45 -29.56
CA LEU N 114 -0.56 18.45 -30.31
C LEU N 114 -1.47 19.63 -30.00
N ARG N 115 -2.18 20.07 -31.02
CA ARG N 115 -3.17 21.14 -30.97
C ARG N 115 -4.29 20.97 -29.99
N ASN N 116 -4.44 19.79 -29.47
CA ASN N 116 -5.47 19.51 -28.52
C ASN N 116 -4.98 19.74 -27.10
N ALA N 117 -3.76 20.23 -26.92
CA ALA N 117 -3.27 20.46 -25.57
C ALA N 117 -4.06 21.52 -24.82
N TRP N 118 -4.25 21.29 -23.52
CA TRP N 118 -5.03 22.24 -22.68
C TRP N 118 -4.58 22.21 -21.21
N CYS N 119 -4.90 23.26 -20.45
CA CYS N 119 -4.58 23.38 -19.03
C CYS N 119 -5.63 22.88 -18.05
N SER N 120 -5.26 21.93 -17.20
CA SER N 120 -6.19 21.38 -16.21
C SER N 120 -5.95 21.92 -14.81
N LYS N 121 -4.73 22.36 -14.53
CA LYS N 121 -4.50 22.89 -13.18
C LYS N 121 -3.71 24.17 -13.08
N VAL N 122 -4.09 24.95 -12.08
CA VAL N 122 -3.29 26.07 -11.65
C VAL N 122 -3.05 25.91 -10.15
N VAL N 123 -1.79 25.81 -9.73
CA VAL N 123 -1.50 25.60 -8.31
C VAL N 123 -0.63 26.69 -7.71
N ALA N 124 -1.08 27.24 -6.59
CA ALA N 124 -0.38 28.30 -5.88
C ALA N 124 0.71 27.74 -4.99
N GLY N 125 1.70 28.56 -4.66
CA GLY N 125 2.72 28.15 -3.71
C GLY N 125 2.22 28.43 -2.29
N THR N 126 3.08 28.23 -1.29
CA THR N 126 2.73 28.45 0.12
C THR N 126 3.01 29.88 0.51
N LEU N 127 2.11 30.51 1.26
CA LEU N 127 2.39 31.86 1.70
C LEU N 127 2.59 31.93 3.21
N LYS N 128 3.84 32.05 3.65
CA LYS N 128 4.17 32.06 5.08
C LYS N 128 5.09 33.20 5.48
N ALA N 129 4.70 33.90 6.54
CA ALA N 129 5.46 35.07 6.95
C ALA N 129 6.90 34.72 7.26
N GLY N 130 7.81 35.49 6.68
CA GLY N 130 9.22 35.36 6.92
C GLY N 130 9.95 34.28 6.09
N ASP N 131 9.23 33.52 5.26
CA ASP N 131 9.96 32.45 4.56
C ASP N 131 11.11 32.89 3.71
N THR N 132 11.02 34.06 3.11
CA THR N 132 12.11 34.66 2.35
C THR N 132 12.50 33.97 1.03
N ASN N 133 12.77 32.68 1.06
CA ASN N 133 13.19 31.97 -0.14
C ASN N 133 12.02 31.33 -0.85
N ALA N 134 10.84 31.61 -0.34
CA ALA N 134 9.60 31.15 -0.92
C ALA N 134 9.09 32.36 -1.66
N LEU N 135 8.94 32.25 -2.98
CA LEU N 135 8.63 33.41 -3.80
C LEU N 135 7.42 33.31 -4.72
N THR N 136 6.30 32.85 -4.18
CA THR N 136 5.01 32.72 -4.87
C THR N 136 5.07 32.20 -6.31
N GLU N 137 5.57 30.98 -6.49
CA GLU N 137 5.67 30.32 -7.80
C GLU N 137 4.30 29.84 -8.23
N THR N 138 4.08 29.64 -9.54
CA THR N 138 2.81 29.03 -9.92
C THR N 138 3.08 27.81 -10.78
N ILE N 139 2.28 26.78 -10.58
CA ILE N 139 2.48 25.58 -11.35
C ILE N 139 1.33 25.40 -12.31
N THR N 140 1.64 25.22 -13.58
CA THR N 140 0.59 25.03 -14.56
C THR N 140 0.67 23.62 -15.12
N ILE N 141 -0.44 22.90 -15.11
CA ILE N 141 -0.41 21.54 -15.66
C ILE N 141 -1.17 21.46 -16.95
N VAL N 142 -0.45 21.04 -18.00
CA VAL N 142 -0.97 20.97 -19.35
C VAL N 142 -0.96 19.55 -19.89
N PHE N 143 -2.11 19.13 -20.42
CA PHE N 143 -2.22 17.76 -20.98
C PHE N 143 -1.76 17.77 -22.44
N GLU N 144 -0.84 16.87 -22.79
CA GLU N 144 -0.35 16.74 -24.16
C GLU N 144 -0.67 15.39 -24.78
N GLU N 145 -1.70 15.41 -25.62
CA GLU N 145 -2.20 14.21 -26.29
C GLU N 145 -1.14 13.48 -27.09
N LEU N 146 -0.30 14.24 -27.77
CA LEU N 146 0.71 13.68 -28.62
C LEU N 146 1.96 14.55 -28.70
N VAL N 147 3.10 13.94 -28.47
CA VAL N 147 4.36 14.68 -28.55
C VAL N 147 5.25 14.10 -29.64
N VAL N 148 5.63 14.97 -30.57
CA VAL N 148 6.47 14.58 -31.69
C VAL N 148 7.73 15.44 -31.77
N GLU N 149 8.93 14.82 -31.92
CA GLU N 149 10.20 15.57 -32.05
C GLU N 149 10.18 16.45 -33.33
N MET O 1 38.12 93.36 -11.65
CA MET O 1 39.23 93.62 -10.75
C MET O 1 38.81 94.61 -9.64
N PRO O 2 37.97 94.18 -8.61
CA PRO O 2 37.53 94.99 -7.46
C PRO O 2 38.72 95.14 -6.56
N SER O 3 38.76 96.16 -5.72
CA SER O 3 39.88 96.16 -4.83
C SER O 3 39.79 95.01 -3.85
N TYR O 4 40.92 94.38 -3.66
CA TYR O 4 41.15 93.27 -2.76
C TYR O 4 42.23 93.58 -1.73
N LEU O 5 42.62 94.84 -1.67
CA LEU O 5 43.67 95.30 -0.76
C LEU O 5 43.18 95.28 0.69
N SER O 6 41.96 95.74 0.87
CA SER O 6 41.42 96.01 2.18
C SER O 6 39.91 96.10 2.22
N PRO O 7 39.29 95.94 3.41
CA PRO O 7 37.90 96.27 3.69
C PRO O 7 37.58 97.75 3.34
N GLY O 8 38.63 98.58 3.27
CA GLY O 8 38.54 100.00 2.93
C GLY O 8 39.95 100.55 2.82
N VAL O 9 40.16 101.51 1.92
CA VAL O 9 41.52 102.04 1.72
C VAL O 9 41.74 103.49 2.11
N TYR O 10 40.77 104.09 2.79
CA TYR O 10 40.93 105.47 3.18
C TYR O 10 40.93 105.63 4.68
N VAL O 11 39.89 105.16 5.34
CA VAL O 11 39.86 105.32 6.79
C VAL O 11 39.69 103.97 7.44
N GLU O 12 40.65 103.56 8.24
CA GLU O 12 40.55 102.27 8.87
C GLU O 12 39.77 102.31 10.14
N GLU O 13 38.47 102.33 10.03
CA GLU O 13 37.61 102.43 11.21
C GLU O 13 37.46 101.02 11.82
N VAL O 14 38.57 100.53 12.36
CA VAL O 14 38.67 99.16 12.90
C VAL O 14 39.04 98.99 14.39
N ALA O 15 39.40 100.09 15.11
CA ALA O 15 39.87 100.09 16.51
C ALA O 15 38.69 99.97 17.48
N GLY O 28 29.77 83.75 13.19
CA GLY O 28 28.63 84.01 12.34
C GLY O 28 27.95 82.67 12.05
N VAL O 29 26.97 82.70 11.10
CA VAL O 29 26.17 81.53 10.66
C VAL O 29 26.37 81.17 9.19
N GLY O 30 27.23 81.92 8.50
CA GLY O 30 27.44 81.72 7.08
C GLY O 30 26.28 82.36 6.33
N THR O 31 26.07 81.98 5.08
CA THR O 31 25.02 82.59 4.27
C THR O 31 23.73 81.86 4.55
N SER O 32 23.32 81.92 5.80
CA SER O 32 22.18 81.21 6.35
C SER O 32 21.05 82.15 6.69
N VAL O 33 21.30 83.45 6.45
CA VAL O 33 20.35 84.49 6.75
C VAL O 33 20.17 85.48 5.63
N ALA O 34 19.00 86.11 5.65
CA ALA O 34 18.60 87.10 4.65
C ALA O 34 17.79 88.21 5.25
N ALA O 35 17.70 89.35 4.54
CA ALA O 35 16.89 90.45 5.02
C ALA O 35 15.63 90.68 4.20
N PHE O 36 14.54 90.80 4.93
CA PHE O 36 13.22 91.05 4.39
C PHE O 36 12.78 92.43 4.81
N VAL O 37 12.68 93.31 3.84
CA VAL O 37 12.35 94.69 4.12
C VAL O 37 10.96 95.01 3.64
N GLY O 38 10.09 95.41 4.56
CA GLY O 38 8.75 95.76 4.13
C GLY O 38 7.76 95.92 5.26
N LEU O 39 6.61 96.50 4.90
CA LEU O 39 5.56 96.84 5.85
C LEU O 39 5.00 95.61 6.49
N ALA O 40 4.51 95.73 7.72
CA ALA O 40 4.02 94.53 8.44
C ALA O 40 2.90 94.91 9.42
N PRO O 41 1.85 94.10 9.58
CA PRO O 41 0.80 94.37 10.56
C PRO O 41 1.30 94.06 11.98
N THR O 42 1.25 95.05 12.88
CA THR O 42 1.70 94.84 14.28
C THR O 42 3.06 94.15 14.28
N GLY O 43 3.97 94.59 13.40
CA GLY O 43 5.32 93.99 13.33
C GLY O 43 6.27 94.64 14.32
N PRO O 44 7.60 94.49 14.15
CA PRO O 44 8.58 95.12 15.03
C PRO O 44 8.60 96.65 14.84
N LEU O 45 9.53 97.34 15.49
CA LEU O 45 9.66 98.81 15.28
C LEU O 45 10.36 99.05 13.94
N ASN O 46 9.97 100.11 13.22
CA ASN O 46 10.57 100.39 11.91
C ASN O 46 12.08 100.22 11.70
N GLU O 47 12.87 100.67 12.67
CA GLU O 47 14.34 100.66 12.68
C GLU O 47 15.13 99.42 13.20
N PRO O 48 14.85 98.88 14.39
CA PRO O 48 15.62 97.83 15.05
C PRO O 48 15.43 96.49 14.40
N THR O 49 16.10 96.32 13.29
CA THR O 49 15.97 95.12 12.51
C THR O 49 16.22 93.91 13.40
N LEU O 50 15.30 92.96 13.36
CA LEU O 50 15.37 91.75 14.18
C LEU O 50 15.72 90.51 13.42
N VAL O 51 16.62 89.67 13.94
CA VAL O 51 16.86 88.43 13.23
C VAL O 51 16.47 87.18 14.02
N THR O 52 15.66 86.33 13.39
CA THR O 52 15.24 85.07 13.99
C THR O 52 14.65 84.05 13.03
N ASN O 53 14.19 82.91 13.58
CA ASN O 53 13.59 81.77 12.86
C ASN O 53 12.06 81.92 12.66
N TRP O 54 11.41 80.93 12.03
CA TRP O 54 9.96 81.07 11.80
C TRP O 54 9.13 81.15 13.08
N THR O 55 9.40 80.26 14.01
CA THR O 55 8.61 80.20 15.21
C THR O 55 8.55 81.54 15.95
N GLN O 56 9.69 82.19 16.09
CA GLN O 56 9.69 83.47 16.76
C GLN O 56 9.16 84.57 15.85
N TYR O 57 9.40 84.47 14.54
CA TYR O 57 8.90 85.44 13.59
C TYR O 57 7.41 85.55 13.76
N VAL O 58 6.72 84.42 13.84
CA VAL O 58 5.29 84.50 14.00
C VAL O 58 4.92 85.13 15.31
N ALA O 59 5.59 84.76 16.39
CA ALA O 59 5.25 85.36 17.68
C ALA O 59 5.36 86.89 17.62
N ALA O 60 6.34 87.38 16.87
CA ALA O 60 6.60 88.81 16.69
C ALA O 60 5.98 89.42 15.41
N PHE O 61 5.22 88.66 14.62
CA PHE O 61 4.69 89.16 13.34
C PHE O 61 3.17 88.97 13.17
N GLY O 62 2.63 87.81 13.57
CA GLY O 62 1.23 87.46 13.32
C GLY O 62 1.09 86.33 12.29
N ASP O 63 0.10 85.47 12.48
CA ASP O 63 -0.08 84.33 11.58
C ASP O 63 -0.86 84.67 10.31
N PHE O 64 -0.23 85.44 9.42
CA PHE O 64 -0.86 85.88 8.16
C PHE O 64 -2.18 86.61 8.39
N THR O 65 -2.35 87.28 9.53
CA THR O 65 -3.64 87.85 9.87
C THR O 65 -4.03 89.09 9.10
N GLY O 66 -3.07 89.79 8.51
CA GLY O 66 -3.41 90.97 7.74
C GLY O 66 -3.71 90.60 6.28
N GLY O 67 -3.53 89.30 5.93
CA GLY O 67 -3.74 88.84 4.55
C GLY O 67 -2.63 89.42 3.70
N TYR O 68 -1.52 89.62 4.43
CA TYR O 68 -0.40 90.36 3.84
C TYR O 68 0.80 89.51 3.43
N TYR O 69 1.56 90.03 2.46
CA TYR O 69 2.66 89.25 1.83
C TYR O 69 3.88 88.92 2.67
N LEU O 70 4.37 89.82 3.54
CA LEU O 70 5.63 89.43 4.15
C LEU O 70 5.51 88.09 4.85
N ALA O 71 4.32 87.69 5.29
CA ALA O 71 4.26 86.42 5.95
C ALA O 71 4.64 85.30 5.00
N HIS O 72 4.20 85.46 3.74
CA HIS O 72 4.44 84.39 2.73
C HIS O 72 5.92 84.33 2.34
N SER O 73 6.57 85.48 2.11
CA SER O 73 7.94 85.38 1.64
C SER O 73 8.83 84.83 2.74
N VAL O 74 8.53 85.16 3.98
CA VAL O 74 9.33 84.63 5.05
C VAL O 74 9.02 83.17 5.27
N TYR O 75 7.73 82.82 5.26
CA TYR O 75 7.36 81.45 5.43
C TYR O 75 8.01 80.60 4.36
N GLY O 76 7.93 81.04 3.09
CA GLY O 76 8.51 80.30 1.98
C GLY O 76 9.99 80.11 2.16
N PHE O 77 10.68 81.11 2.68
CA PHE O 77 12.09 80.97 2.94
C PHE O 77 12.35 79.85 3.91
N PHE O 78 11.73 79.93 5.09
CA PHE O 78 11.94 78.90 6.14
C PHE O 78 11.26 77.59 5.68
N ASN O 79 10.33 77.69 4.73
CA ASN O 79 9.65 76.49 4.20
C ASN O 79 10.68 75.62 3.50
N ASN O 80 11.65 76.22 2.82
CA ASN O 80 12.66 75.44 2.06
C ASN O 80 13.93 75.25 2.91
N GLY O 81 14.49 76.34 3.43
CA GLY O 81 15.75 76.24 4.22
C GLY O 81 16.25 77.58 4.71
N GLY O 82 17.27 77.58 5.57
CA GLY O 82 17.83 78.82 6.12
C GLY O 82 17.53 78.81 7.60
N SER O 83 18.35 79.48 8.41
CA SER O 83 18.09 79.40 9.85
C SER O 83 17.44 80.63 10.43
N ALA O 84 17.62 81.76 9.78
CA ALA O 84 17.07 82.98 10.34
C ALA O 84 16.99 84.08 9.31
N ALA O 85 16.23 85.08 9.62
CA ALA O 85 16.20 86.20 8.73
C ALA O 85 15.97 87.47 9.51
N TYR O 86 16.50 88.55 8.94
CA TYR O 86 16.41 89.90 9.45
C TYR O 86 15.15 90.56 8.94
N VAL O 87 14.34 91.10 9.82
CA VAL O 87 13.14 91.76 9.36
C VAL O 87 13.11 93.22 9.71
N VAL O 88 12.84 94.03 8.69
CA VAL O 88 12.74 95.46 8.86
C VAL O 88 11.29 95.81 8.73
N ARG O 89 10.71 96.32 9.81
CA ARG O 89 9.30 96.65 9.78
C ARG O 89 8.97 97.73 8.80
N VAL O 90 9.83 98.73 8.67
CA VAL O 90 9.62 99.89 7.79
C VAL O 90 8.49 100.81 8.34
N GLY O 91 7.30 100.25 8.45
CA GLY O 91 6.12 100.92 8.94
C GLY O 91 4.95 99.93 8.97
N GLY O 92 3.78 100.39 9.33
CA GLY O 92 2.67 99.47 9.41
C GLY O 92 2.05 99.14 8.08
N SER O 93 1.42 97.98 8.03
CA SER O 93 0.65 97.47 6.91
C SER O 93 -0.79 97.35 7.28
N ALA O 94 -1.51 96.48 6.59
CA ALA O 94 -2.91 96.29 6.90
C ALA O 94 -3.06 95.70 8.30
N GLU O 95 -3.98 96.27 9.07
CA GLU O 95 -4.32 95.82 10.42
C GLU O 95 -5.84 95.87 10.58
N ASP O 96 -6.41 94.98 11.43
CA ASP O 96 -7.85 94.92 11.77
C ASP O 96 -8.72 94.72 10.52
N GLN O 232 1.47 108.05 2.95
CA GLN O 232 2.15 107.67 1.69
C GLN O 232 2.82 106.31 1.85
N ALA O 233 2.10 105.32 2.38
CA ALA O 233 2.66 103.96 2.53
C ALA O 233 3.24 103.46 1.20
N GLU O 234 2.61 103.89 0.10
CA GLU O 234 3.05 103.55 -1.25
C GLU O 234 4.28 104.34 -1.69
N SER O 235 4.65 105.40 -0.95
CA SER O 235 5.80 106.20 -1.29
C SER O 235 7.04 105.47 -0.95
N ALA O 236 8.10 105.82 -1.65
CA ALA O 236 9.39 105.18 -1.37
C ALA O 236 10.01 105.80 -0.13
N HIS O 237 9.71 107.05 0.23
CA HIS O 237 10.43 107.68 1.39
C HIS O 237 10.22 106.92 2.72
N PRO O 238 8.98 106.59 3.15
CA PRO O 238 8.72 105.94 4.41
C PRO O 238 8.78 104.44 4.18
N GLY O 239 9.15 104.07 2.96
CA GLY O 239 9.08 102.75 2.43
C GLY O 239 10.48 102.32 2.07
N PRO O 240 10.65 101.45 1.07
CA PRO O 240 11.93 100.86 0.69
C PRO O 240 12.81 101.81 -0.12
N ALA O 241 13.16 102.93 0.49
CA ALA O 241 14.02 103.95 -0.05
C ALA O 241 15.30 103.96 0.70
N GLN O 242 16.23 104.78 0.25
CA GLN O 242 17.47 104.90 1.00
C GLN O 242 17.22 105.91 2.11
N TYR O 243 16.41 105.53 3.09
CA TYR O 243 16.06 106.46 4.15
C TYR O 243 17.13 106.45 5.18
N LEU O 244 18.15 107.22 4.85
CA LEU O 244 19.28 107.32 5.72
C LEU O 244 18.88 108.22 6.86
N GLY O 245 17.96 109.16 6.67
CA GLY O 245 17.58 109.95 7.82
C GLY O 245 18.68 110.90 8.25
N ASP O 246 19.36 111.55 7.29
CA ASP O 246 20.48 112.43 7.62
C ASP O 246 21.54 111.64 8.38
N SER O 247 21.90 110.51 7.78
CA SER O 247 22.85 109.52 8.25
C SER O 247 22.50 108.86 9.58
N SER O 248 21.20 108.58 9.78
CA SER O 248 20.72 107.88 10.96
C SER O 248 20.61 106.38 10.66
N ASP O 249 20.49 106.02 9.36
CA ASP O 249 20.33 104.64 8.87
C ASP O 249 19.05 104.02 9.46
N ARG O 250 17.86 104.37 8.98
CA ARG O 250 16.68 103.86 9.73
C ARG O 250 15.53 103.19 8.96
N THR O 251 15.12 103.69 7.80
CA THR O 251 13.87 103.14 7.23
C THR O 251 14.07 102.51 5.86
N GLY O 252 13.33 101.46 5.57
CA GLY O 252 13.45 100.86 4.27
C GLY O 252 14.77 100.16 4.21
N PHE O 253 15.67 100.65 3.37
CA PHE O 253 16.96 100.00 3.31
C PHE O 253 17.83 100.62 4.37
N GLY O 254 17.34 101.68 4.98
CA GLY O 254 18.06 102.29 6.04
C GLY O 254 17.97 101.30 7.17
N GLY O 255 19.04 101.19 7.89
CA GLY O 255 19.18 100.32 9.03
C GLY O 255 19.93 99.09 8.60
N LEU O 256 20.05 98.87 7.29
CA LEU O 256 20.80 97.72 6.85
C LEU O 256 22.24 98.06 6.52
N GLU O 257 22.60 99.33 6.32
CA GLU O 257 24.00 99.59 5.97
C GLU O 257 24.87 99.21 7.14
N ALA O 258 24.31 99.37 8.33
CA ALA O 258 24.95 99.07 9.60
C ALA O 258 24.97 97.58 9.94
N ILE O 259 24.33 96.74 9.13
CA ILE O 259 24.26 95.33 9.47
C ILE O 259 25.00 94.41 8.49
N ASP O 260 25.91 93.64 9.06
CA ASP O 260 26.72 92.63 8.38
C ASP O 260 25.96 91.31 8.48
N GLU O 261 26.51 90.25 7.87
CA GLU O 261 25.89 88.90 7.98
C GLU O 261 24.57 88.85 7.21
N ILE O 262 24.47 89.50 6.04
CA ILE O 262 23.29 89.36 5.22
C ILE O 262 23.72 89.00 3.81
N SER O 263 23.23 87.89 3.25
CA SER O 263 23.67 87.60 1.88
C SER O 263 22.68 88.11 0.82
N MET O 264 21.41 88.17 1.19
CA MET O 264 20.32 88.54 0.28
C MET O 264 19.37 89.57 0.84
N VAL O 265 18.92 90.49 -0.03
CA VAL O 265 17.90 91.47 0.37
C VAL O 265 16.71 91.48 -0.59
N ALA O 266 15.50 91.44 -0.03
CA ALA O 266 14.27 91.48 -0.83
C ALA O 266 13.26 92.48 -0.26
N VAL O 267 12.43 93.05 -1.15
CA VAL O 267 11.37 94.01 -0.79
C VAL O 267 9.98 93.60 -1.30
N PRO O 268 9.35 92.60 -0.67
CA PRO O 268 8.09 92.01 -1.07
C PRO O 268 6.86 92.93 -1.00
N ASP O 269 6.92 94.05 -0.29
CA ASP O 269 5.74 94.90 -0.23
C ASP O 269 5.73 95.95 -1.32
N LEU O 270 6.72 95.94 -2.20
CA LEU O 270 6.74 96.92 -3.28
C LEU O 270 5.57 96.65 -4.18
N MET O 271 5.31 95.39 -4.42
CA MET O 271 4.24 95.01 -5.31
C MET O 271 2.89 95.26 -4.67
N ALA O 272 2.79 95.22 -3.34
CA ALA O 272 1.52 95.52 -2.71
C ALA O 272 1.19 96.98 -2.98
N ALA O 273 2.23 97.83 -2.89
CA ALA O 273 2.10 99.24 -3.18
C ALA O 273 1.78 99.45 -4.65
N TYR O 274 2.38 98.65 -5.52
CA TYR O 274 2.12 98.76 -6.95
C TYR O 274 0.62 98.65 -7.20
N GLN O 275 0.03 97.59 -6.63
CA GLN O 275 -1.39 97.29 -6.79
C GLN O 275 -2.34 98.27 -6.09
N ARG O 276 -1.99 98.73 -4.89
CA ARG O 276 -2.91 99.59 -4.16
C ARG O 276 -2.67 101.09 -4.30
N GLY O 277 -1.44 101.51 -4.54
CA GLY O 277 -1.11 102.93 -4.64
C GLY O 277 -1.22 103.42 -6.05
N ALA O 278 -1.59 102.51 -6.96
CA ALA O 278 -1.71 102.80 -8.39
C ALA O 278 -0.43 103.42 -8.97
N ILE O 279 0.71 102.75 -8.79
CA ILE O 279 1.98 103.31 -9.26
C ILE O 279 2.75 102.36 -10.19
N ASP O 280 3.64 102.91 -11.01
CA ASP O 280 4.48 102.12 -11.92
C ASP O 280 5.75 102.87 -12.30
N LEU O 281 6.59 102.22 -13.11
CA LEU O 281 7.81 102.77 -13.69
C LEU O 281 8.68 103.48 -12.70
N GLU O 282 8.79 104.81 -12.77
CA GLU O 282 9.71 105.50 -11.88
C GLU O 282 9.40 105.27 -10.41
N ALA O 283 8.13 105.02 -10.10
CA ALA O 283 7.70 104.79 -8.72
C ALA O 283 8.08 103.41 -8.22
N VAL O 284 8.56 102.58 -9.13
CA VAL O 284 9.00 101.23 -8.86
C VAL O 284 10.52 101.21 -8.96
N LYS O 285 11.06 101.78 -10.03
CA LYS O 285 12.48 101.85 -10.33
C LYS O 285 13.21 102.60 -9.23
N ALA O 286 12.57 103.60 -8.64
CA ALA O 286 13.19 104.35 -7.56
C ALA O 286 13.60 103.42 -6.42
N VAL O 287 12.84 102.35 -6.23
CA VAL O 287 13.10 101.40 -5.19
C VAL O 287 14.06 100.34 -5.66
N GLN O 288 13.83 99.82 -6.86
CA GLN O 288 14.65 98.74 -7.38
C GLN O 288 16.09 99.18 -7.65
N LEU O 289 16.27 100.41 -8.14
CA LEU O 289 17.59 100.93 -8.40
C LEU O 289 18.22 101.26 -7.06
N GLY O 290 17.38 101.63 -6.10
CA GLY O 290 17.79 101.92 -4.73
C GLY O 290 18.39 100.66 -4.11
N LEU O 291 17.69 99.54 -4.24
CA LEU O 291 18.15 98.26 -3.74
C LEU O 291 19.45 97.86 -4.38
N ILE O 292 19.59 98.08 -5.69
CA ILE O 292 20.82 97.73 -6.33
C ILE O 292 21.94 98.59 -5.78
N ALA O 293 21.72 99.91 -5.66
CA ALA O 293 22.77 100.78 -5.17
C ALA O 293 23.21 100.36 -3.78
N HIS O 294 22.26 99.94 -2.95
CA HIS O 294 22.56 99.48 -1.61
C HIS O 294 23.49 98.30 -1.66
N CYS O 295 23.16 97.33 -2.50
CA CYS O 295 23.96 96.14 -2.59
C CYS O 295 25.37 96.45 -3.12
N GLU O 296 25.46 97.34 -4.11
CA GLU O 296 26.73 97.72 -4.69
C GLU O 296 27.59 98.43 -3.65
N LEU O 297 26.95 99.23 -2.79
CA LEU O 297 27.64 99.95 -1.74
C LEU O 297 28.25 99.00 -0.72
N MET O 298 27.50 97.97 -0.33
CA MET O 298 28.05 97.01 0.63
C MET O 298 29.26 96.32 0.02
N GLY O 299 29.16 96.04 -1.28
CA GLY O 299 30.18 95.41 -2.10
C GLY O 299 30.00 93.91 -2.25
N ASP O 300 29.21 93.34 -1.35
CA ASP O 300 28.86 91.93 -1.33
C ASP O 300 27.49 91.74 -0.73
N ARG O 301 26.49 91.65 -1.60
CA ARG O 301 25.10 91.53 -1.21
C ARG O 301 24.33 91.32 -2.52
N VAL O 302 23.28 90.51 -2.54
CA VAL O 302 22.55 90.44 -3.82
C VAL O 302 21.10 90.86 -3.69
N ALA O 303 20.70 91.65 -4.67
CA ALA O 303 19.36 92.15 -4.77
C ALA O 303 18.42 91.16 -5.44
N ILE O 304 17.27 90.96 -4.83
CA ILE O 304 16.24 90.14 -5.44
C ILE O 304 15.19 91.06 -6.01
N ILE O 305 15.03 91.05 -7.32
CA ILE O 305 14.10 91.98 -7.94
C ILE O 305 12.95 91.25 -8.60
N ASP O 306 11.72 91.61 -8.21
CA ASP O 306 10.53 90.89 -8.75
C ASP O 306 9.83 91.79 -9.77
N PRO O 307 9.23 91.23 -10.85
CA PRO O 307 8.49 92.02 -11.83
C PRO O 307 7.00 92.14 -11.48
N PRO O 308 6.20 92.95 -12.21
CA PRO O 308 4.76 93.06 -11.95
C PRO O 308 4.08 91.68 -11.94
N PRO O 309 3.01 91.48 -11.13
CA PRO O 309 2.36 90.17 -11.01
C PRO O 309 1.75 89.68 -12.33
N ASN O 310 0.95 90.52 -13.00
CA ASN O 310 0.29 90.12 -14.26
C ASN O 310 0.89 90.89 -15.43
N GLN O 311 1.43 90.18 -16.43
CA GLN O 311 2.07 90.85 -17.59
C GLN O 311 2.54 89.79 -18.60
N ASN O 312 1.98 89.81 -19.81
CA ASN O 312 2.43 88.87 -20.85
C ASN O 312 3.94 88.76 -20.97
N ALA O 313 4.43 87.63 -21.48
CA ALA O 313 5.86 87.46 -21.73
C ALA O 313 6.39 88.55 -22.64
N ARG O 314 5.58 88.99 -23.59
CA ARG O 314 5.98 90.04 -24.50
C ARG O 314 6.22 91.32 -23.74
N GLN O 315 5.36 91.57 -22.75
CA GLN O 315 5.42 92.77 -21.95
C GLN O 315 6.62 92.71 -21.02
N ILE O 316 6.96 91.51 -20.57
CA ILE O 316 8.11 91.32 -19.71
C ILE O 316 9.37 91.61 -20.45
N ARG O 317 9.50 91.15 -21.71
CA ARG O 317 10.70 91.49 -22.44
C ARG O 317 10.83 93.02 -22.52
N VAL O 318 9.72 93.72 -22.79
CA VAL O 318 9.74 95.18 -22.88
C VAL O 318 10.15 95.79 -21.56
N TRP O 319 9.59 95.31 -20.47
CA TRP O 319 9.99 95.84 -19.19
C TRP O 319 11.50 95.76 -19.03
N ARG O 320 12.04 94.54 -19.14
CA ARG O 320 13.46 94.33 -18.96
C ARG O 320 14.37 95.15 -19.86
N GLN O 321 14.04 95.25 -21.15
CA GLN O 321 14.93 95.96 -22.04
C GLN O 321 14.62 97.42 -22.34
N GLU O 322 13.36 97.78 -22.34
CA GLU O 322 12.99 99.10 -22.79
C GLU O 322 12.53 100.08 -21.71
N THR O 323 11.88 99.62 -20.63
CA THR O 323 11.36 100.64 -19.72
C THR O 323 12.02 100.61 -18.35
N ALA O 324 12.59 99.48 -17.97
CA ALA O 324 13.16 99.32 -16.65
C ALA O 324 14.45 98.53 -16.66
N GLY O 325 15.45 98.98 -17.38
CA GLY O 325 16.69 98.23 -17.36
C GLY O 325 17.35 98.41 -16.00
N TYR O 326 18.12 97.43 -15.57
CA TYR O 326 18.84 97.49 -14.30
C TYR O 326 20.34 97.38 -14.57
N ASP O 327 20.71 96.39 -15.38
CA ASP O 327 22.06 96.19 -15.85
C ASP O 327 23.17 96.17 -14.79
N SER O 328 23.03 95.30 -13.78
CA SER O 328 23.99 95.20 -12.70
C SER O 328 24.30 93.80 -12.19
N LYS O 329 25.57 93.66 -11.86
CA LYS O 329 26.22 92.47 -11.35
C LYS O 329 25.71 92.05 -9.99
N TYR O 330 25.03 92.97 -9.32
CA TYR O 330 24.51 92.77 -7.99
C TYR O 330 23.04 92.40 -7.92
N ALA O 331 22.42 92.05 -9.06
CA ALA O 331 21.00 91.71 -8.98
C ALA O 331 20.56 90.60 -9.92
N ALA O 332 19.45 89.94 -9.54
CA ALA O 332 18.81 88.89 -10.35
C ALA O 332 17.28 88.97 -10.23
N LEU O 333 16.58 88.59 -11.31
CA LEU O 333 15.12 88.60 -11.39
C LEU O 333 14.51 87.30 -11.90
N TYR O 334 13.39 86.89 -11.29
CA TYR O 334 12.65 85.70 -11.72
C TYR O 334 11.37 86.08 -12.46
N TYR O 335 11.06 85.36 -13.52
CA TYR O 335 9.93 85.67 -14.40
C TYR O 335 8.46 85.60 -13.88
N PRO O 336 7.90 84.43 -13.49
CA PRO O 336 6.50 84.26 -13.14
C PRO O 336 6.18 84.61 -11.72
N TRP O 337 4.91 84.84 -11.42
CA TRP O 337 4.46 84.80 -10.04
C TRP O 337 4.01 83.39 -9.71
N ILE O 338 4.10 83.07 -8.43
CA ILE O 338 3.80 81.75 -7.89
C ILE O 338 2.43 81.66 -7.25
N LYS O 339 1.72 80.58 -7.55
CA LYS O 339 0.44 80.36 -6.91
C LYS O 339 0.73 79.67 -5.60
N SER O 340 0.22 80.26 -4.53
CA SER O 340 0.43 79.75 -3.20
C SER O 340 -0.82 79.97 -2.38
N PHE O 341 -0.86 79.40 -1.19
CA PHE O 341 -2.05 79.50 -0.36
C PHE O 341 -1.74 80.17 0.95
N ASP O 342 -2.80 80.69 1.58
CA ASP O 342 -2.65 81.31 2.92
C ASP O 342 -3.13 80.26 3.92
N PRO O 343 -2.22 79.64 4.70
CA PRO O 343 -2.60 78.55 5.58
C PRO O 343 -3.62 78.97 6.62
N ALA O 344 -3.66 80.26 6.95
CA ALA O 344 -4.60 80.75 7.92
C ALA O 344 -5.88 81.35 7.31
N THR O 345 -5.88 81.71 6.02
CA THR O 345 -7.04 82.45 5.47
C THR O 345 -7.70 81.90 4.19
N GLY O 346 -7.05 81.03 3.41
CA GLY O 346 -7.67 80.60 2.15
C GLY O 346 -6.75 79.82 1.21
N GLN O 347 -7.36 79.19 0.21
CA GLN O 347 -6.65 78.33 -0.72
C GLN O 347 -5.75 78.93 -1.79
N SER O 348 -5.91 80.20 -2.16
CA SER O 348 -5.03 80.67 -3.21
C SER O 348 -4.86 82.18 -3.33
N ARG O 349 -3.69 82.56 -3.82
CA ARG O 349 -3.34 83.91 -4.21
C ARG O 349 -2.04 83.86 -5.00
N LEU O 350 -1.66 84.95 -5.65
CA LEU O 350 -0.33 84.93 -6.22
C LEU O 350 0.64 85.72 -5.36
N VAL O 351 1.85 85.21 -5.30
CA VAL O 351 2.94 85.83 -4.58
C VAL O 351 4.17 85.93 -5.47
N PRO O 352 5.09 86.83 -5.19
CA PRO O 352 6.33 86.96 -5.90
C PRO O 352 7.27 85.79 -5.60
N PRO O 353 8.28 85.52 -6.45
CA PRO O 353 9.37 84.54 -6.30
C PRO O 353 10.30 84.72 -5.08
N SER O 354 10.31 85.90 -4.48
CA SER O 354 11.21 86.13 -3.37
C SER O 354 10.80 85.27 -2.20
N GLY O 355 11.71 85.07 -1.27
CA GLY O 355 11.40 84.21 -0.13
C GLY O 355 11.59 82.76 -0.49
N HIS O 356 10.78 82.29 -1.44
CA HIS O 356 10.81 80.93 -1.91
C HIS O 356 12.13 80.61 -2.59
N VAL O 357 12.63 81.55 -3.39
CA VAL O 357 13.93 81.35 -4.00
C VAL O 357 15.03 81.50 -2.95
N ALA O 358 14.90 82.46 -2.06
CA ALA O 358 15.94 82.66 -1.06
C ALA O 358 16.15 81.38 -0.25
N GLY O 359 15.06 80.67 -0.01
CA GLY O 359 15.07 79.42 0.72
C GLY O 359 15.77 78.30 -0.06
N ILE O 360 16.00 78.50 -1.35
CA ILE O 360 16.69 77.52 -2.16
C ILE O 360 18.14 77.85 -2.03
N TRP O 361 18.48 79.12 -2.10
CA TRP O 361 19.88 79.48 -2.02
C TRP O 361 20.44 78.99 -0.68
N ALA O 362 19.60 79.04 0.35
CA ALA O 362 19.92 78.61 1.69
C ALA O 362 20.36 77.14 1.75
N ARG O 363 19.87 76.33 0.82
CA ARG O 363 20.19 74.92 0.78
C ARG O 363 21.26 74.63 -0.24
N ASN O 364 21.22 75.35 -1.35
CA ASN O 364 22.13 75.11 -2.45
C ASN O 364 23.57 75.27 -2.03
N ASP O 365 23.85 76.23 -1.15
CA ASP O 365 25.24 76.48 -0.69
C ASP O 365 25.53 75.72 0.61
N SER O 366 24.63 74.83 1.03
CA SER O 366 24.80 74.03 2.24
C SER O 366 25.02 72.58 1.88
N GLU O 367 24.12 72.03 1.08
CA GLU O 367 24.18 70.64 0.65
C GLU O 367 25.43 70.40 -0.21
N ARG O 368 25.78 71.41 -1.00
CA ARG O 368 26.91 71.46 -1.89
C ARG O 368 27.64 72.77 -1.63
N GLY O 369 28.85 72.95 -2.13
CA GLY O 369 29.50 74.22 -1.83
C GLY O 369 28.95 75.29 -2.74
N VAL O 370 29.48 76.49 -2.65
CA VAL O 370 28.95 77.58 -3.47
C VAL O 370 29.56 77.46 -4.84
N HIS O 371 29.14 76.47 -5.58
CA HIS O 371 29.79 76.19 -6.85
C HIS O 371 28.87 76.26 -8.05
N LYS O 372 27.57 76.15 -7.83
CA LYS O 372 26.63 76.15 -8.94
C LYS O 372 25.30 76.73 -8.47
N ALA O 373 24.58 77.40 -9.34
CA ALA O 373 23.24 77.87 -9.08
C ALA O 373 22.30 76.66 -8.97
N PRO O 374 21.23 76.71 -8.18
CA PRO O 374 20.26 75.64 -7.97
C PRO O 374 19.26 75.52 -9.10
N ALA O 375 19.78 75.21 -10.28
CA ALA O 375 19.02 75.19 -11.51
C ALA O 375 17.99 74.06 -11.58
N ASN O 376 18.11 73.06 -10.72
CA ASN O 376 17.11 72.01 -10.73
C ASN O 376 16.40 71.92 -9.41
N GLU O 377 16.41 72.98 -8.62
CA GLU O 377 15.78 72.80 -7.34
C GLU O 377 14.30 73.04 -7.35
N VAL O 378 13.66 72.38 -6.39
CA VAL O 378 12.22 72.37 -6.16
C VAL O 378 11.68 73.55 -5.39
N VAL O 379 10.63 74.14 -5.93
CA VAL O 379 10.02 75.23 -5.19
C VAL O 379 9.03 74.53 -4.30
N ARG O 380 9.50 74.16 -3.13
CA ARG O 380 8.76 73.28 -2.24
C ARG O 380 7.44 73.83 -1.77
N GLY O 381 7.34 75.14 -1.61
CA GLY O 381 6.09 75.73 -1.12
C GLY O 381 5.10 76.13 -2.22
N ALA O 382 5.41 75.86 -3.48
CA ALA O 382 4.52 76.28 -4.57
C ALA O 382 3.39 75.30 -4.77
N VAL O 383 2.23 75.83 -5.17
CA VAL O 383 1.11 74.98 -5.55
C VAL O 383 1.18 74.82 -7.05
N ASP O 384 1.32 75.95 -7.73
CA ASP O 384 1.38 76.02 -9.18
C ASP O 384 2.03 77.33 -9.57
N LEU O 385 2.18 77.56 -10.84
CA LEU O 385 2.67 78.83 -11.35
C LEU O 385 1.51 79.53 -12.03
N GLU O 386 1.49 80.86 -12.04
CA GLU O 386 0.37 81.50 -12.74
C GLU O 386 0.36 81.19 -14.25
N LEU O 387 1.54 80.98 -14.82
CA LEU O 387 1.69 80.72 -16.24
C LEU O 387 2.82 79.76 -16.56
N GLN O 388 2.57 78.79 -17.44
CA GLN O 388 3.66 77.96 -17.90
C GLN O 388 4.21 78.66 -19.10
N ILE O 389 5.50 78.55 -19.30
CA ILE O 389 6.11 79.24 -20.42
C ILE O 389 6.29 78.33 -21.60
N THR O 390 5.63 78.65 -22.68
CA THR O 390 5.76 77.87 -23.87
C THR O 390 7.21 78.04 -24.24
N ARG O 391 7.91 76.96 -24.58
CA ARG O 391 9.33 77.10 -24.86
C ARG O 391 9.71 78.12 -25.91
N GLY O 392 8.90 78.33 -26.92
CA GLY O 392 9.29 79.28 -27.95
C GLY O 392 9.50 80.71 -27.41
N GLU O 393 8.99 81.01 -26.21
CA GLU O 393 9.14 82.30 -25.57
C GLU O 393 10.41 82.39 -24.72
N GLN O 394 11.06 81.27 -24.46
CA GLN O 394 12.20 81.31 -23.57
C GLN O 394 13.36 82.02 -24.23
N ASP O 395 13.44 81.97 -25.55
CA ASP O 395 14.51 82.64 -26.27
C ASP O 395 14.37 84.16 -26.16
N LEU O 396 13.23 84.66 -25.68
CA LEU O 396 13.05 86.08 -25.55
C LEU O 396 13.31 86.52 -24.12
N LEU O 397 13.62 85.55 -23.24
CA LEU O 397 13.86 85.81 -21.82
C LEU O 397 15.27 85.42 -21.39
N ASN O 398 15.68 84.21 -21.73
CA ASN O 398 16.98 83.72 -21.34
C ASN O 398 18.14 84.65 -21.72
N PRO O 399 18.27 85.14 -22.97
CA PRO O 399 19.35 85.97 -23.43
C PRO O 399 19.42 87.35 -22.78
N ILE O 400 18.36 87.74 -22.06
CA ILE O 400 18.34 89.06 -21.45
C ILE O 400 18.38 88.95 -19.93
N GLY O 401 18.71 87.75 -19.43
CA GLY O 401 18.89 87.53 -17.99
C GLY O 401 17.65 87.25 -17.16
N VAL O 402 16.54 86.86 -17.76
CA VAL O 402 15.37 86.60 -16.93
C VAL O 402 15.33 85.13 -16.51
N ASN O 403 15.27 84.87 -15.21
CA ASN O 403 15.30 83.51 -14.70
C ASN O 403 13.92 82.87 -14.59
N CYS O 404 13.71 81.81 -15.32
CA CYS O 404 12.40 81.19 -15.36
C CYS O 404 12.21 79.97 -14.46
N ILE O 405 10.95 79.79 -14.05
CA ILE O 405 10.50 78.67 -13.23
C ILE O 405 9.45 77.91 -14.05
N ARG O 406 9.59 76.59 -14.16
CA ARG O 406 8.64 75.76 -14.93
C ARG O 406 8.22 74.46 -14.27
N SER O 407 7.01 73.98 -14.65
CA SER O 407 6.53 72.68 -14.20
C SER O 407 6.92 71.58 -15.17
N PHE O 408 7.41 70.46 -14.63
CA PHE O 408 7.79 69.33 -15.47
C PHE O 408 7.11 68.03 -14.99
N PRO O 409 6.72 67.13 -15.91
CA PRO O 409 6.10 65.87 -15.59
C PRO O 409 7.07 65.00 -14.83
N GLY O 410 6.64 64.47 -13.69
CA GLY O 410 7.50 63.60 -12.91
C GLY O 410 8.54 64.37 -12.08
N ARG O 411 8.49 65.70 -12.12
CA ARG O 411 9.48 66.49 -11.42
C ARG O 411 8.90 67.55 -10.51
N GLY O 412 7.79 68.16 -10.90
CA GLY O 412 7.24 69.25 -10.09
C GLY O 412 7.73 70.59 -10.60
N ILE O 413 7.75 71.57 -9.70
CA ILE O 413 8.07 72.94 -10.10
C ILE O 413 9.52 73.22 -9.79
N ARG O 414 10.29 73.51 -10.83
CA ARG O 414 11.72 73.70 -10.66
C ARG O 414 12.17 75.05 -11.18
N VAL O 415 13.24 75.57 -10.57
CA VAL O 415 13.79 76.86 -11.02
C VAL O 415 14.94 76.64 -11.95
N TRP O 416 14.76 76.90 -13.25
CA TRP O 416 15.81 76.57 -14.22
C TRP O 416 16.79 77.67 -14.59
N GLY O 417 16.42 78.93 -14.39
CA GLY O 417 17.36 79.99 -14.76
C GLY O 417 18.53 80.16 -13.80
N ALA O 418 19.68 80.60 -14.34
CA ALA O 418 20.86 80.86 -13.52
C ALA O 418 21.67 82.09 -13.97
N ARG O 419 21.00 83.15 -14.41
CA ARG O 419 21.73 84.32 -14.91
C ARG O 419 21.59 85.59 -14.08
N THR O 420 22.55 86.49 -14.26
CA THR O 420 22.56 87.78 -13.60
C THR O 420 21.99 88.88 -14.51
N LEU O 421 21.56 90.01 -13.94
CA LEU O 421 21.05 91.12 -14.75
C LEU O 421 22.15 92.04 -15.20
N SER O 422 23.01 91.55 -16.06
CA SER O 422 24.15 92.32 -16.52
C SER O 422 24.59 92.02 -17.94
N SER O 423 25.05 93.06 -18.60
CA SER O 423 25.58 93.02 -19.96
C SER O 423 27.05 92.63 -20.04
N ASP O 424 27.73 92.57 -18.89
CA ASP O 424 29.15 92.24 -18.87
C ASP O 424 29.30 90.73 -18.99
N PRO O 425 29.84 90.21 -20.10
CA PRO O 425 29.89 88.81 -20.43
C PRO O 425 30.65 87.96 -19.43
N ALA O 426 31.55 88.56 -18.66
CA ALA O 426 32.31 87.76 -17.73
C ALA O 426 31.55 87.46 -16.46
N TRP O 427 30.48 88.21 -16.22
CA TRP O 427 29.73 88.14 -14.99
C TRP O 427 28.27 87.77 -15.18
N ARG O 428 27.98 87.04 -16.23
CA ARG O 428 26.62 86.64 -16.58
C ARG O 428 26.03 85.53 -15.75
N TYR O 429 26.84 84.82 -15.00
CA TYR O 429 26.30 83.68 -14.30
C TYR O 429 26.41 83.76 -12.80
N LEU O 430 25.38 83.23 -12.16
CA LEU O 430 25.33 83.11 -10.71
C LEU O 430 26.33 82.10 -10.23
N ASN O 431 26.60 81.09 -11.07
CA ASN O 431 27.63 80.08 -10.72
C ASN O 431 28.98 80.77 -10.47
N ILE O 432 29.25 81.89 -11.16
CA ILE O 432 30.55 82.51 -11.01
C ILE O 432 30.54 83.55 -9.90
N ARG O 433 29.54 84.41 -9.92
CA ARG O 433 29.61 85.49 -8.98
C ARG O 433 29.39 85.10 -7.53
N ARG O 434 28.53 84.12 -7.25
CA ARG O 434 28.32 83.82 -5.84
C ARG O 434 29.60 83.31 -5.23
N TYR O 435 30.32 82.52 -6.00
CA TYR O 435 31.56 81.94 -5.58
C TYR O 435 32.60 83.01 -5.32
N PHE O 436 32.72 83.99 -6.20
CA PHE O 436 33.69 85.02 -5.87
C PHE O 436 33.32 85.71 -4.57
N ASN O 437 32.04 86.00 -4.34
CA ASN O 437 31.72 86.65 -3.08
C ASN O 437 32.07 85.76 -1.89
N TYR O 438 31.84 84.47 -2.03
CA TYR O 438 32.17 83.51 -0.99
C TYR O 438 33.64 83.57 -0.61
N LEU O 439 34.50 83.52 -1.61
CA LEU O 439 35.90 83.54 -1.28
C LEU O 439 36.33 84.86 -0.67
N GLU O 440 35.78 85.97 -1.15
CA GLU O 440 36.22 87.24 -0.61
C GLU O 440 35.80 87.41 0.83
N GLU O 441 34.60 86.98 1.22
CA GLU O 441 34.27 87.17 2.62
C GLU O 441 35.10 86.22 3.45
N SER O 442 35.42 85.05 2.94
CA SER O 442 36.15 84.13 3.78
C SER O 442 37.50 84.68 4.18
N ILE O 443 38.20 85.31 3.23
CA ILE O 443 39.50 85.87 3.56
C ILE O 443 39.39 87.10 4.43
N LEU O 444 38.48 88.01 4.09
CA LEU O 444 38.36 89.25 4.83
C LEU O 444 37.89 89.01 6.25
N ILE O 445 37.05 88.01 6.44
CA ILE O 445 36.60 87.70 7.77
C ILE O 445 37.73 87.09 8.58
N GLY O 446 38.48 86.15 8.01
CA GLY O 446 39.54 85.54 8.79
C GLY O 446 40.66 86.48 9.28
N THR O 447 41.09 87.46 8.48
CA THR O 447 42.22 88.29 8.93
C THR O 447 41.85 89.42 9.88
N GLN O 448 41.37 89.08 11.07
CA GLN O 448 40.95 90.09 12.03
C GLN O 448 42.09 90.65 12.84
N TRP O 449 42.91 91.47 12.18
CA TRP O 449 44.04 92.14 12.88
C TRP O 449 43.63 93.57 13.22
N VAL O 450 42.83 93.75 14.28
CA VAL O 450 42.31 95.10 14.63
C VAL O 450 43.47 96.10 14.67
N VAL O 451 44.56 95.75 15.36
CA VAL O 451 45.73 96.67 15.47
C VAL O 451 46.78 96.26 14.42
N PHE O 452 47.13 97.16 13.51
CA PHE O 452 48.11 96.86 12.48
C PHE O 452 49.51 97.12 13.01
N GLU O 453 50.38 96.11 12.91
CA GLU O 453 51.75 96.22 13.38
C GLU O 453 52.67 96.81 12.31
N PRO O 454 53.97 96.88 12.60
CA PRO O 454 54.98 97.42 11.68
C PRO O 454 54.86 96.77 10.30
N ASN O 455 54.66 97.59 9.28
CA ASN O 455 54.52 97.08 7.92
C ASN O 455 55.80 96.59 7.30
N ASP O 456 56.34 95.54 7.90
CA ASP O 456 57.54 94.92 7.42
C ASP O 456 57.21 93.65 6.63
N HIS O 457 58.24 93.00 6.14
CA HIS O 457 58.13 91.79 5.35
C HIS O 457 57.56 90.63 6.13
N ASN O 458 57.58 90.73 7.45
CA ASN O 458 57.04 89.68 8.28
C ASN O 458 55.53 89.61 8.17
N LEU O 459 54.85 90.73 7.89
CA LEU O 459 53.41 90.60 7.79
C LEU O 459 53.13 90.11 6.40
N TRP O 460 53.99 90.45 5.46
CA TRP O 460 53.73 89.99 4.12
C TRP O 460 53.73 88.47 4.13
N ALA O 461 54.71 87.90 4.84
CA ALA O 461 54.80 86.46 4.91
C ALA O 461 53.61 85.83 5.59
N ARG O 462 53.10 86.44 6.67
CA ARG O 462 51.94 85.85 7.33
C ARG O 462 50.75 85.80 6.41
N ILE O 463 50.57 86.86 5.63
CA ILE O 463 49.45 86.91 4.73
C ILE O 463 49.56 85.87 3.64
N ARG O 464 50.73 85.75 3.02
CA ARG O 464 50.80 84.80 1.92
C ARG O 464 50.50 83.41 2.40
N ARG O 465 51.03 83.06 3.56
CA ARG O 465 50.82 81.73 4.05
C ARG O 465 49.36 81.43 4.37
N ASN O 466 48.68 82.36 5.03
CA ASN O 466 47.33 82.06 5.43
C ASN O 466 46.35 82.02 4.26
N VAL O 467 46.55 82.90 3.29
CA VAL O 467 45.64 82.96 2.17
C VAL O 467 45.79 81.73 1.31
N SER O 468 47.03 81.36 1.02
CA SER O 468 47.26 80.22 0.18
C SER O 468 46.73 78.94 0.79
N ALA O 469 46.96 78.72 2.08
CA ALA O 469 46.50 77.48 2.64
C ALA O 469 44.98 77.31 2.49
N PHE O 470 44.22 78.38 2.66
CA PHE O 470 42.78 78.27 2.50
C PHE O 470 42.40 77.86 1.08
N LEU O 471 42.97 78.53 0.10
CA LEU O 471 42.65 78.26 -1.29
C LEU O 471 43.16 76.92 -1.80
N VAL O 472 44.25 76.41 -1.27
CA VAL O 472 44.70 75.10 -1.73
C VAL O 472 43.68 74.04 -1.38
N ASN O 473 43.11 74.09 -0.18
CA ASN O 473 42.10 73.09 0.12
C ASN O 473 40.87 73.24 -0.75
N GLU O 474 40.55 74.46 -1.14
CA GLU O 474 39.41 74.64 -2.00
C GLU O 474 39.67 73.95 -3.37
N TRP O 475 40.91 74.06 -3.87
CA TRP O 475 41.30 73.35 -5.09
C TRP O 475 41.24 71.83 -4.97
N ARG O 476 41.77 71.28 -3.88
CA ARG O 476 41.82 69.82 -3.83
C ARG O 476 40.43 69.22 -3.69
N ASN O 477 39.47 70.03 -3.23
CA ASN O 477 38.12 69.56 -3.07
C ASN O 477 37.31 69.68 -4.36
N GLY O 478 37.94 70.13 -5.44
CA GLY O 478 37.31 70.21 -6.74
C GLY O 478 36.59 71.51 -7.09
N ALA O 479 36.79 72.58 -6.33
CA ALA O 479 36.10 73.82 -6.66
C ALA O 479 36.77 74.61 -7.77
N LEU O 480 38.07 74.45 -7.90
CA LEU O 480 38.85 75.21 -8.84
C LEU O 480 39.37 74.31 -9.92
N PHE O 481 39.54 74.86 -11.11
CA PHE O 481 40.08 74.10 -12.21
C PHE O 481 41.58 74.22 -12.42
N GLY O 482 42.22 73.08 -12.58
CA GLY O 482 43.64 73.01 -12.86
C GLY O 482 44.12 71.63 -12.48
N GLN O 483 45.33 71.26 -12.91
CA GLN O 483 45.89 69.95 -12.62
C GLN O 483 46.63 69.92 -11.30
N SER O 484 46.90 71.10 -10.80
CA SER O 484 47.64 71.33 -9.58
C SER O 484 47.35 72.75 -9.13
N PRO O 485 47.59 73.14 -7.87
CA PRO O 485 47.46 74.50 -7.41
C PRO O 485 48.35 75.43 -8.21
N ASP O 486 49.43 74.90 -8.76
CA ASP O 486 50.36 75.69 -9.54
C ASP O 486 49.75 76.25 -10.81
N GLN O 487 48.64 75.67 -11.25
CA GLN O 487 47.99 76.17 -12.44
C GLN O 487 46.72 76.90 -12.03
N ALA O 488 46.04 76.36 -11.00
CA ALA O 488 44.76 76.87 -10.58
C ALA O 488 44.81 78.18 -9.78
N TYR O 489 45.89 78.42 -9.03
CA TYR O 489 45.86 79.60 -8.13
C TYR O 489 47.23 80.24 -7.87
N TYR O 490 47.24 81.57 -7.66
CA TYR O 490 48.47 82.35 -7.31
C TYR O 490 48.26 83.44 -6.24
N VAL O 491 49.28 83.68 -5.39
CA VAL O 491 49.26 84.81 -4.41
C VAL O 491 50.56 85.61 -4.41
N LYS O 492 50.46 86.94 -4.41
CA LYS O 492 51.62 87.82 -4.35
C LYS O 492 51.57 88.90 -3.25
N CYS O 493 52.67 89.00 -2.51
CA CYS O 493 52.87 90.03 -1.48
C CYS O 493 54.34 90.36 -1.44
N ASP O 494 54.86 90.81 -2.58
CA ASP O 494 56.29 91.10 -2.74
C ASP O 494 56.55 92.60 -2.68
N GLU O 495 57.81 93.00 -2.81
CA GLU O 495 58.19 94.42 -2.79
C GLU O 495 57.71 95.17 -4.03
N GLU O 496 57.31 94.44 -5.06
CA GLU O 496 56.79 95.04 -6.29
C GLU O 496 55.26 95.12 -6.21
N THR O 497 54.72 94.63 -5.10
CA THR O 497 53.30 94.62 -4.84
C THR O 497 53.10 95.63 -3.75
N ASN O 498 54.14 95.79 -2.93
CA ASN O 498 54.20 96.70 -1.79
C ASN O 498 55.41 97.59 -1.89
N PRO O 499 55.38 98.64 -2.74
CA PRO O 499 56.45 99.54 -3.06
C PRO O 499 56.95 100.19 -1.78
N PRO O 500 58.23 100.61 -1.74
CA PRO O 500 58.97 101.18 -0.63
C PRO O 500 58.41 102.48 -0.11
N GLU O 501 57.53 103.13 -0.86
CA GLU O 501 56.99 104.37 -0.37
C GLU O 501 56.22 104.16 0.93
N SER O 502 55.68 102.95 1.12
CA SER O 502 54.94 102.62 2.37
C SER O 502 53.95 103.74 2.69
N VAL O 503 53.46 104.45 1.67
CA VAL O 503 52.47 105.55 1.89
C VAL O 503 51.26 104.97 2.62
N ASP O 504 50.79 105.65 3.67
CA ASP O 504 49.63 105.17 4.46
C ASP O 504 49.93 103.75 4.97
N LEU O 505 48.99 102.82 4.78
CA LEU O 505 49.18 101.42 5.26
C LEU O 505 49.96 100.65 4.19
N GLY O 506 51.10 100.05 4.57
CA GLY O 506 51.90 99.25 3.62
C GLY O 506 51.32 97.85 3.46
N ARG O 507 50.14 97.73 2.86
CA ARG O 507 49.48 96.42 2.70
C ARG O 507 48.94 96.28 1.27
N VAL O 508 49.41 95.28 0.52
CA VAL O 508 48.90 95.03 -0.86
C VAL O 508 49.02 93.54 -1.15
N VAL O 509 47.93 92.90 -1.59
CA VAL O 509 47.96 91.49 -1.85
C VAL O 509 47.36 91.26 -3.19
N CYS O 510 48.04 90.61 -4.10
CA CYS O 510 47.42 90.36 -5.39
C CYS O 510 47.15 88.89 -5.51
N GLU O 511 46.00 88.54 -6.09
CA GLU O 511 45.66 87.14 -6.19
C GLU O 511 45.09 86.74 -7.52
N ILE O 512 45.34 85.51 -7.90
CA ILE O 512 44.70 84.91 -9.04
C ILE O 512 43.88 83.76 -8.50
N GLY O 513 42.58 83.99 -8.33
CA GLY O 513 41.70 82.99 -7.71
C GLY O 513 41.36 81.89 -8.66
N ILE O 514 41.52 82.19 -9.92
CA ILE O 514 41.26 81.34 -11.04
C ILE O 514 42.02 82.09 -12.13
N ALA O 515 42.58 81.43 -13.15
CA ALA O 515 43.32 82.17 -14.19
C ALA O 515 42.56 83.42 -14.71
N PRO O 516 41.25 83.37 -15.06
CA PRO O 516 40.45 84.53 -15.42
C PRO O 516 40.10 85.26 -14.14
N VAL O 517 41.14 85.89 -13.62
CA VAL O 517 41.21 86.58 -12.37
C VAL O 517 40.14 87.63 -12.17
N LYS O 518 39.58 87.68 -10.95
CA LYS O 518 38.51 88.67 -10.64
C LYS O 518 38.62 89.88 -11.58
N MET P 1 51.61 53.82 -16.69
CA MET P 1 51.07 54.41 -17.92
C MET P 1 52.18 54.94 -18.85
N SER P 2 53.19 55.65 -18.29
CA SER P 2 54.32 56.26 -19.03
C SER P 2 55.33 55.25 -19.55
N LEU P 3 55.33 54.08 -18.94
CA LEU P 3 56.24 53.00 -19.25
C LEU P 3 55.44 51.73 -19.46
N PRO P 4 55.93 50.77 -20.26
CA PRO P 4 55.33 49.45 -20.46
C PRO P 4 55.41 48.48 -19.27
N LYS P 5 56.31 48.73 -18.33
CA LYS P 5 56.51 47.85 -17.20
C LYS P 5 55.66 48.00 -15.91
N PRO P 6 55.39 49.27 -15.51
CA PRO P 6 54.70 49.56 -14.24
C PRO P 6 53.31 48.96 -14.00
N GLU P 7 53.08 48.61 -12.75
CA GLU P 7 51.80 48.11 -12.32
C GLU P 7 50.99 49.26 -11.73
N ASP P 8 49.67 49.27 -11.87
CA ASP P 8 48.91 50.31 -11.18
C ASP P 8 49.03 50.10 -9.67
N VAL P 9 49.03 51.20 -8.93
CA VAL P 9 49.17 51.14 -7.48
C VAL P 9 47.99 51.76 -6.80
N LEU P 10 47.88 51.59 -5.49
CA LEU P 10 46.70 52.13 -4.83
C LEU P 10 46.71 53.60 -4.59
N VAL P 11 46.42 54.32 -5.66
CA VAL P 11 46.34 55.76 -5.66
C VAL P 11 45.02 56.16 -5.05
N ALA P 12 43.93 55.65 -5.63
CA ALA P 12 42.64 55.94 -5.07
C ALA P 12 41.51 55.17 -5.74
N PRO P 13 40.58 54.59 -4.96
CA PRO P 13 39.31 54.15 -5.43
C PRO P 13 38.49 55.41 -5.54
N ASN P 14 37.60 55.51 -6.51
CA ASN P 14 36.74 56.68 -6.65
C ASN P 14 35.34 56.25 -7.09
N PHE P 15 34.27 56.91 -6.62
CA PHE P 15 32.94 56.40 -7.02
C PHE P 15 31.91 57.34 -7.58
N GLY P 16 31.25 56.85 -8.61
CA GLY P 16 30.07 57.50 -9.15
C GLY P 16 28.87 56.84 -8.49
N ILE P 17 27.89 57.65 -8.16
CA ILE P 17 26.67 57.25 -7.49
C ILE P 17 25.69 58.43 -7.63
N GLN P 18 24.38 58.21 -7.50
CA GLN P 18 23.41 59.31 -7.55
C GLN P 18 23.10 59.87 -6.16
N ILE P 19 23.82 59.34 -5.18
CA ILE P 19 23.73 59.67 -3.76
C ILE P 19 25.00 60.42 -3.34
N ASP P 20 24.91 61.58 -2.74
CA ASP P 20 26.15 62.34 -2.46
C ASP P 20 26.98 61.95 -1.26
N GLY P 21 27.62 60.80 -1.36
CA GLY P 21 28.57 60.33 -0.34
C GLY P 21 29.85 61.09 -0.65
N VAL P 22 30.73 61.34 0.32
CA VAL P 22 31.94 62.10 -0.03
C VAL P 22 33.31 61.39 0.08
N MET P 23 33.61 60.71 1.21
CA MET P 23 34.94 60.12 1.38
C MET P 23 34.94 58.73 1.98
N VAL P 24 35.73 57.86 1.37
CA VAL P 24 35.85 56.46 1.74
C VAL P 24 37.28 56.03 1.89
N GLU P 25 37.44 54.87 2.55
CA GLU P 25 38.79 54.30 2.76
C GLU P 25 38.97 53.10 1.82
N TYR P 26 37.91 52.30 1.59
CA TYR P 26 38.16 51.14 0.74
C TYR P 26 37.01 50.41 0.11
N LEU P 27 37.40 49.65 -0.91
CA LEU P 27 36.54 48.74 -1.63
C LEU P 27 37.04 47.29 -1.63
N ASN P 28 36.23 46.39 -1.08
CA ASN P 28 36.56 44.97 -0.99
C ASN P 28 35.72 44.04 -1.85
N SER P 29 36.33 42.89 -2.15
CA SER P 29 35.72 41.73 -2.80
C SER P 29 35.05 41.92 -4.15
N VAL P 30 35.73 42.59 -5.07
CA VAL P 30 35.20 42.76 -6.42
C VAL P 30 35.69 41.64 -7.33
N SER P 31 34.76 40.94 -7.98
CA SER P 31 35.13 39.82 -8.86
C SER P 31 34.16 39.58 -10.01
N ASN P 32 34.68 38.94 -11.06
CA ASN P 32 33.95 38.51 -12.25
C ASN P 32 33.92 36.98 -12.32
N LEU P 33 32.79 36.37 -11.96
CA LEU P 33 32.80 34.91 -11.85
C LEU P 33 31.85 34.12 -12.74
N GLN P 34 32.42 33.34 -13.64
CA GLN P 34 31.64 32.48 -14.53
C GLN P 34 31.56 31.09 -13.89
N ILE P 35 30.39 30.47 -13.97
CA ILE P 35 30.15 29.17 -13.39
C ILE P 35 30.65 28.06 -14.32
N GLU P 36 31.27 27.03 -13.77
CA GLU P 36 31.74 25.87 -14.55
C GLU P 36 30.82 24.68 -14.33
N GLN P 37 30.66 23.83 -15.34
CA GLN P 37 29.86 22.60 -15.19
C GLN P 37 30.56 21.54 -16.00
N ASP P 38 30.40 20.26 -15.66
CA ASP P 38 31.08 19.24 -16.45
C ASP P 38 30.43 17.87 -16.44
N VAL P 39 30.84 17.06 -17.42
CA VAL P 39 30.44 15.65 -17.48
C VAL P 39 31.58 14.70 -17.79
N ILE P 40 31.37 13.45 -17.45
CA ILE P 40 32.27 12.41 -17.87
C ILE P 40 31.56 11.59 -18.91
N ARG P 41 32.20 11.39 -20.06
CA ARG P 41 31.58 10.60 -21.10
C ARG P 41 32.45 9.50 -21.56
N TYR P 42 31.87 8.32 -21.77
CA TYR P 42 32.61 7.16 -22.24
C TYR P 42 33.07 7.30 -23.70
N GLN P 43 34.13 6.58 -24.08
CA GLN P 43 34.65 6.69 -25.44
C GLN P 43 33.81 5.99 -26.51
N GLN P 44 34.18 6.23 -27.76
CA GLN P 44 33.51 5.68 -28.93
C GLN P 44 33.66 4.16 -29.08
N ASN P 45 32.95 3.44 -28.21
CA ASN P 45 32.90 1.99 -28.16
C ASN P 45 34.27 1.32 -28.38
N GLN P 46 35.26 1.90 -27.75
CA GLN P 46 36.65 1.51 -27.73
C GLN P 46 37.02 1.59 -26.29
N GLY P 47 37.73 0.64 -25.71
CA GLY P 47 37.99 0.73 -24.24
C GLY P 47 39.01 1.80 -23.76
N THR P 48 38.96 2.94 -24.36
CA THR P 48 39.82 4.07 -24.10
C THR P 48 39.14 4.99 -23.12
N THR P 49 39.94 5.62 -22.29
CA THR P 49 39.48 6.55 -21.29
C THR P 49 38.56 7.56 -21.95
N GLY P 50 37.47 7.85 -21.26
CA GLY P 50 36.48 8.74 -21.78
C GLY P 50 36.96 10.17 -21.70
N ARG P 51 36.10 11.08 -22.03
CA ARG P 51 36.46 12.48 -22.09
C ARG P 51 35.81 13.27 -21.00
N ASN P 52 36.48 14.32 -20.57
CA ASN P 52 35.88 15.18 -19.58
C ASN P 52 35.42 16.45 -20.23
N ASN P 53 34.10 16.60 -20.36
CA ASN P 53 33.54 17.82 -20.98
C ASN P 53 33.59 18.94 -19.96
N VAL P 54 34.68 19.72 -19.94
CA VAL P 54 34.83 20.73 -18.91
C VAL P 54 34.69 22.11 -19.45
N THR P 55 34.16 22.20 -20.66
CA THR P 55 33.98 23.45 -21.35
C THR P 55 32.53 23.68 -21.61
N LEU P 56 31.70 23.11 -20.81
CA LEU P 56 30.32 23.37 -21.01
C LEU P 56 30.24 24.79 -20.45
N MET P 57 29.38 25.65 -20.99
CA MET P 57 29.39 27.05 -20.54
C MET P 57 28.08 27.59 -19.94
N PRO P 58 27.95 27.64 -18.59
CA PRO P 58 26.85 28.13 -17.76
C PRO P 58 26.72 29.63 -17.74
N GLY P 59 25.78 30.12 -16.93
CA GLY P 59 25.60 31.55 -16.77
C GLY P 59 26.63 32.10 -15.78
N VAL P 60 26.45 33.35 -15.42
CA VAL P 60 27.38 34.10 -14.57
C VAL P 60 26.81 34.35 -13.18
N ALA P 61 27.67 34.20 -12.18
CA ALA P 61 27.32 34.38 -10.77
C ALA P 61 27.12 35.84 -10.42
N LYS P 62 26.41 36.07 -9.32
CA LYS P 62 26.12 37.43 -8.83
C LYS P 62 26.54 37.54 -7.38
N ASP P 63 26.99 38.72 -6.96
CA ASP P 63 27.43 38.93 -5.58
C ASP P 63 27.31 40.40 -5.18
N GLY P 64 28.00 40.77 -4.10
CA GLY P 64 27.97 42.13 -3.60
C GLY P 64 29.34 42.67 -3.26
N SER P 65 29.47 44.01 -3.27
CA SER P 65 30.74 44.66 -2.95
C SER P 65 30.62 45.47 -1.66
N VAL P 66 31.60 45.26 -0.76
CA VAL P 66 31.61 45.95 0.53
C VAL P 66 32.50 47.19 0.53
N GLN P 67 31.98 48.29 1.05
CA GLN P 67 32.70 49.54 1.16
C GLN P 67 32.74 50.09 2.54
N VAL P 68 33.84 50.74 2.84
CA VAL P 68 33.96 51.40 4.12
C VAL P 68 34.22 52.85 4.01
N GLU P 69 33.29 53.57 4.63
CA GLU P 69 33.22 55.01 4.69
C GLU P 69 34.22 55.40 5.72
N ARG P 70 34.87 56.53 5.52
CA ARG P 70 35.87 56.92 6.50
C ARG P 70 35.34 56.92 7.91
N GLY P 71 34.11 57.35 8.13
CA GLY P 71 33.66 57.27 9.49
C GLY P 71 32.34 57.89 9.71
N MET P 72 31.85 57.68 10.90
CA MET P 72 30.58 58.24 11.25
C MET P 72 30.72 59.73 11.35
N SER P 73 29.65 60.40 10.99
CA SER P 73 29.56 61.84 11.02
C SER P 73 28.08 62.13 11.13
N GLN P 74 27.70 63.38 11.18
CA GLN P 74 26.30 63.74 11.26
C GLN P 74 25.51 63.43 9.97
N SER P 75 26.20 63.06 8.88
CA SER P 75 25.53 62.74 7.61
C SER P 75 24.63 61.51 7.70
N SER P 76 23.47 61.62 7.08
CA SER P 76 22.43 60.59 7.04
C SER P 76 22.37 59.88 5.70
N VAL P 77 23.36 60.05 4.85
CA VAL P 77 23.29 59.49 3.51
C VAL P 77 23.12 57.97 3.41
N PHE P 78 23.92 57.21 4.14
CA PHE P 78 23.84 55.73 4.02
C PHE P 78 22.59 55.22 4.75
N THR P 79 22.15 55.95 5.78
CA THR P 79 20.98 55.57 6.52
C THR P 79 19.74 55.74 5.68
N GLN P 80 19.62 56.84 4.96
CA GLN P 80 18.42 56.97 4.19
C GLN P 80 18.36 56.01 3.02
N TRP P 81 19.50 55.68 2.41
CA TRP P 81 19.40 54.75 1.29
C TRP P 81 18.82 53.44 1.79
N ILE P 82 19.35 52.93 2.92
CA ILE P 82 18.82 51.68 3.43
C ILE P 82 17.37 51.82 3.91
N ASN P 83 16.98 52.99 4.42
CA ASN P 83 15.59 53.13 4.84
C ASN P 83 14.62 53.01 3.68
N ASP P 84 14.96 53.53 2.51
CA ASP P 84 14.03 53.39 1.38
C ASP P 84 13.88 51.93 1.02
N SER P 85 14.98 51.20 1.11
CA SER P 85 14.94 49.79 0.78
C SER P 85 14.05 49.02 1.74
N MET P 86 14.24 49.26 3.04
CA MET P 86 13.49 48.55 4.07
C MET P 86 12.02 48.90 4.03
N ALA P 87 11.71 50.12 3.61
CA ALA P 87 10.35 50.61 3.52
C ALA P 87 9.60 50.10 2.31
N GLY P 88 10.29 49.40 1.39
CA GLY P 88 9.63 48.89 0.20
C GLY P 88 9.51 49.87 -0.95
N ARG P 89 10.31 50.93 -0.97
CA ARG P 89 10.23 51.89 -2.04
C ARG P 89 11.39 51.65 -2.96
N MET P 90 11.14 51.03 -4.11
CA MET P 90 12.27 50.65 -4.93
C MET P 90 13.08 51.90 -5.25
N ALA P 91 14.37 51.85 -4.94
CA ALA P 91 15.27 52.96 -5.14
C ALA P 91 16.67 52.47 -5.39
N THR P 92 16.89 51.86 -6.54
CA THR P 92 18.18 51.29 -6.86
C THR P 92 19.03 52.37 -7.44
N ALA P 93 20.32 52.11 -7.59
CA ALA P 93 21.19 53.15 -8.11
C ALA P 93 22.18 52.59 -9.10
N ARG P 94 22.68 53.45 -9.99
CA ARG P 94 23.69 53.01 -10.94
C ARG P 94 25.04 53.41 -10.38
N LYS P 95 25.98 52.48 -10.32
CA LYS P 95 27.29 52.83 -9.77
C LYS P 95 28.42 52.70 -10.74
N ASN P 96 29.50 53.39 -10.44
CA ASN P 96 30.69 53.30 -11.25
C ASN P 96 31.96 53.29 -10.42
N ALA P 97 32.63 52.15 -10.36
CA ALA P 97 33.84 52.05 -9.54
C ALA P 97 35.02 52.44 -10.40
N THR P 98 35.72 53.50 -10.01
CA THR P 98 36.81 54.01 -10.83
C THR P 98 38.19 53.89 -10.21
N ILE P 99 39.14 53.47 -11.03
CA ILE P 99 40.53 53.41 -10.63
C ILE P 99 41.29 54.50 -11.34
N ILE P 100 41.96 55.33 -10.55
CA ILE P 100 42.72 56.44 -11.11
C ILE P 100 44.20 56.19 -10.91
N VAL P 101 44.98 56.44 -11.95
CA VAL P 101 46.42 56.17 -11.86
C VAL P 101 47.15 57.29 -11.16
N MET P 102 48.47 57.12 -11.00
CA MET P 102 49.29 58.20 -10.40
C MET P 102 48.74 59.55 -10.86
N ASP P 103 48.31 59.63 -12.12
CA ASP P 103 47.70 60.89 -12.64
C ASP P 103 46.22 60.91 -12.23
N TYR P 104 45.85 61.84 -11.35
CA TYR P 104 44.44 61.95 -10.88
C TYR P 104 43.54 62.23 -12.08
N GLU P 105 44.04 62.97 -13.06
CA GLU P 105 43.25 63.24 -14.30
C GLU P 105 43.07 61.93 -15.08
N ASP P 106 44.14 61.12 -15.15
CA ASP P 106 44.09 59.85 -15.93
C ASP P 106 43.21 58.83 -15.19
N ASN P 107 42.07 58.46 -15.76
CA ASN P 107 41.18 57.50 -15.14
C ASN P 107 40.85 56.30 -16.06
N PRO P 108 41.81 55.39 -16.33
CA PRO P 108 41.69 54.28 -17.28
C PRO P 108 40.73 53.14 -16.96
N VAL P 109 40.35 52.92 -15.70
CA VAL P 109 39.46 51.79 -15.51
C VAL P 109 38.18 52.20 -14.81
N LYS P 110 37.06 51.84 -15.41
CA LYS P 110 35.77 52.16 -14.84
C LYS P 110 34.85 50.96 -14.93
N ARG P 111 34.27 50.53 -13.82
CA ARG P 111 33.40 49.35 -13.85
C ARG P 111 31.94 49.67 -13.61
N TRP P 112 31.08 49.15 -14.50
CA TRP P 112 29.65 49.34 -14.41
C TRP P 112 29.04 48.47 -13.39
N ASN P 113 28.34 49.08 -12.43
CA ASN P 113 27.58 48.29 -11.42
C ASN P 113 26.12 48.36 -11.84
N LEU P 114 25.44 47.22 -11.97
CA LEU P 114 24.05 47.24 -12.49
C LEU P 114 23.23 48.28 -11.72
N ARG P 115 22.33 48.98 -12.43
CA ARG P 115 21.52 50.06 -11.79
C ARG P 115 20.74 49.51 -10.59
N ASN P 116 20.65 48.18 -10.48
CA ASN P 116 19.90 47.55 -9.37
C ASN P 116 20.68 47.70 -8.07
N ALA P 117 21.93 48.19 -8.14
CA ALA P 117 22.76 48.39 -6.93
C ALA P 117 21.83 48.67 -5.74
N TRP P 118 21.88 47.81 -4.72
CA TRP P 118 20.92 47.91 -3.59
C TRP P 118 21.66 47.74 -2.26
N CYS P 119 21.52 48.70 -1.33
CA CYS P 119 22.14 48.53 0.00
C CYS P 119 21.34 47.64 0.92
N SER P 120 22.00 46.61 1.43
CA SER P 120 21.35 45.65 2.32
C SER P 120 21.78 45.75 3.77
N LYS P 121 23.05 46.09 3.99
CA LYS P 121 23.49 46.11 5.40
C LYS P 121 24.29 47.32 5.77
N VAL P 122 24.05 47.77 6.99
CA VAL P 122 24.88 48.81 7.56
C VAL P 122 25.43 48.32 8.89
N VAL P 123 26.74 48.29 9.02
CA VAL P 123 27.33 47.77 10.25
C VAL P 123 28.23 48.78 10.95
N ALA P 124 27.99 48.94 12.25
CA ALA P 124 28.75 49.85 13.10
C ALA P 124 30.04 49.20 13.58
N GLY P 125 31.02 50.00 13.96
CA GLY P 125 32.24 49.45 14.53
C GLY P 125 32.05 49.24 16.02
N THR P 126 33.13 48.87 16.70
CA THR P 126 33.11 48.63 18.14
C THR P 126 33.34 49.89 18.94
N LEU P 127 32.51 50.14 19.94
CA LEU P 127 32.76 51.33 20.73
C LEU P 127 33.33 50.96 22.08
N LYS P 128 34.63 51.16 22.25
CA LYS P 128 35.27 50.81 23.50
C LYS P 128 35.99 51.98 24.12
N ALA P 129 35.58 52.33 25.34
CA ALA P 129 36.15 53.45 26.02
C ALA P 129 37.60 53.20 26.30
N GLY P 130 38.41 54.20 26.02
CA GLY P 130 39.84 54.10 26.29
C GLY P 130 40.60 53.46 25.14
N ASP P 131 39.91 52.97 24.11
CA ASP P 131 40.63 52.32 23.03
C ASP P 131 41.08 53.40 22.04
N THR P 132 42.03 54.18 22.49
CA THR P 132 42.44 55.40 21.82
C THR P 132 43.33 55.19 20.63
N ASN P 133 42.82 54.45 19.66
CA ASN P 133 43.50 54.21 18.43
C ASN P 133 42.44 54.01 17.40
N ALA P 134 41.22 53.91 17.89
CA ALA P 134 40.13 53.58 17.04
C ALA P 134 39.21 54.74 16.79
N LEU P 135 38.72 54.74 15.59
CA LEU P 135 37.74 55.67 15.11
C LEU P 135 36.54 54.87 14.68
N THR P 136 35.37 55.48 14.62
CA THR P 136 34.26 54.66 14.24
C THR P 136 34.02 54.72 12.74
N GLU P 137 34.14 53.55 12.11
CA GLU P 137 34.01 53.33 10.68
C GLU P 137 32.63 52.86 10.36
N THR P 138 32.17 53.05 9.13
CA THR P 138 30.88 52.47 8.80
C THR P 138 31.05 51.52 7.63
N ILE P 139 30.37 50.40 7.71
CA ILE P 139 30.44 49.43 6.64
C ILE P 139 29.14 49.38 5.88
N THR P 140 29.21 49.60 4.57
CA THR P 140 28.02 49.56 3.75
C THR P 140 28.12 48.38 2.81
N ILE P 141 27.11 47.53 2.81
CA ILE P 141 27.16 46.38 1.92
C ILE P 141 26.10 46.49 0.84
N VAL P 142 26.60 46.49 -0.40
CA VAL P 142 25.76 46.70 -1.57
C VAL P 142 25.74 45.51 -2.48
N PHE P 143 24.53 45.02 -2.77
CA PHE P 143 24.41 43.83 -3.66
C PHE P 143 24.19 44.31 -5.09
N GLU P 144 24.72 43.56 -6.06
CA GLU P 144 24.59 43.95 -7.49
C GLU P 144 24.44 42.71 -8.38
N GLU P 145 23.57 42.79 -9.40
CA GLU P 145 23.46 41.67 -10.34
C GLU P 145 24.59 41.52 -11.33
N LEU P 146 25.03 42.64 -11.86
CA LEU P 146 25.95 42.61 -12.97
C LEU P 146 27.07 43.63 -12.94
N VAL P 147 28.30 43.15 -13.16
CA VAL P 147 29.45 44.03 -13.24
C VAL P 147 30.11 43.93 -14.59
N VAL P 148 30.26 45.08 -15.25
CA VAL P 148 30.89 45.08 -16.57
C VAL P 148 32.13 45.98 -16.65
N GLU P 149 33.25 45.38 -17.08
CA GLU P 149 34.58 45.99 -17.22
C GLU P 149 34.55 47.06 -18.33
N MET Q 1 4.41 -65.45 -40.32
CA MET Q 1 4.71 -64.64 -39.14
C MET Q 1 5.53 -63.36 -39.56
N PRO Q 2 5.09 -62.53 -40.59
CA PRO Q 2 5.88 -61.44 -41.17
C PRO Q 2 5.95 -60.15 -40.36
N SER Q 3 6.37 -60.22 -39.10
CA SER Q 3 6.54 -59.01 -38.31
C SER Q 3 5.38 -58.05 -38.46
N TYR Q 4 5.75 -56.86 -38.93
CA TYR Q 4 4.81 -55.73 -39.14
C TYR Q 4 5.72 -54.62 -39.67
N LEU Q 5 7.05 -54.86 -39.63
CA LEU Q 5 8.02 -53.88 -40.10
C LEU Q 5 7.79 -53.36 -41.51
N SER Q 6 7.60 -54.24 -42.46
CA SER Q 6 7.44 -53.74 -43.81
C SER Q 6 6.90 -54.77 -44.78
N PRO Q 7 6.10 -54.35 -45.77
CA PRO Q 7 5.72 -55.11 -46.95
C PRO Q 7 6.95 -55.60 -47.74
N GLY Q 8 8.08 -54.90 -47.55
CA GLY Q 8 9.35 -55.19 -48.19
C GLY Q 8 10.45 -54.79 -47.20
N VAL Q 9 11.08 -55.81 -46.63
CA VAL Q 9 12.08 -55.62 -45.58
C VAL Q 9 13.50 -55.41 -46.02
N TYR Q 10 14.04 -56.24 -46.87
CA TYR Q 10 15.45 -56.04 -47.16
C TYR Q 10 15.64 -54.86 -48.10
N VAL Q 11 14.66 -54.65 -48.97
CA VAL Q 11 14.66 -53.51 -49.84
C VAL Q 11 13.38 -52.77 -49.53
N GLU Q 12 13.49 -51.53 -49.12
CA GLU Q 12 12.27 -50.83 -48.76
C GLU Q 12 11.50 -50.34 -49.96
N GLU Q 13 10.72 -51.29 -50.49
CA GLU Q 13 9.86 -51.20 -51.69
C GLU Q 13 8.79 -50.14 -51.50
N VAL Q 14 8.59 -49.81 -50.24
CA VAL Q 14 7.63 -48.83 -49.81
C VAL Q 14 8.00 -47.38 -50.27
N ALA Q 15 9.30 -47.10 -50.58
CA ALA Q 15 9.83 -45.84 -51.07
C ALA Q 15 9.75 -45.85 -52.60
N GLY Q 28 -12.02 -47.25 -53.54
CA GLY Q 28 -11.56 -48.59 -53.83
C GLY Q 28 -12.75 -49.45 -54.27
N VAL Q 29 -12.49 -50.77 -54.48
CA VAL Q 29 -13.51 -51.78 -54.92
C VAL Q 29 -13.87 -52.84 -53.86
N GLY Q 30 -13.13 -52.91 -52.76
CA GLY Q 30 -13.43 -53.88 -51.70
C GLY Q 30 -12.47 -55.06 -51.64
N THR Q 31 -12.60 -55.86 -50.56
CA THR Q 31 -11.75 -57.01 -50.25
C THR Q 31 -12.37 -58.30 -50.74
N SER Q 32 -13.51 -58.15 -51.40
CA SER Q 32 -14.31 -59.23 -51.95
C SER Q 32 -14.18 -59.33 -53.47
N VAL Q 33 -13.20 -58.64 -54.04
CA VAL Q 33 -12.97 -58.66 -55.48
C VAL Q 33 -12.13 -59.82 -55.98
N ALA Q 34 -12.68 -60.43 -57.02
CA ALA Q 34 -12.13 -61.60 -57.70
C ALA Q 34 -11.45 -61.25 -59.00
N ALA Q 35 -10.60 -62.16 -59.47
CA ALA Q 35 -10.04 -62.02 -60.81
C ALA Q 35 -10.05 -63.37 -61.52
N PHE Q 36 -10.35 -63.33 -62.82
CA PHE Q 36 -10.43 -64.54 -63.62
C PHE Q 36 -9.63 -64.49 -64.92
N VAL Q 37 -9.07 -65.64 -65.27
CA VAL Q 37 -8.34 -65.80 -66.53
C VAL Q 37 -8.99 -66.82 -67.50
N GLY Q 38 -9.33 -66.34 -68.69
CA GLY Q 38 -9.92 -67.23 -69.69
C GLY Q 38 -10.20 -66.53 -71.02
N LEU Q 39 -10.76 -67.28 -71.97
CA LEU Q 39 -11.02 -66.85 -73.35
C LEU Q 39 -12.35 -66.16 -73.58
N ALA Q 40 -12.44 -65.40 -74.67
CA ALA Q 40 -13.70 -64.77 -75.02
C ALA Q 40 -13.78 -64.49 -76.53
N PRO Q 41 -14.98 -64.31 -77.10
CA PRO Q 41 -15.25 -63.88 -78.45
C PRO Q 41 -14.94 -62.40 -78.50
N THR Q 42 -15.15 -61.78 -79.66
CA THR Q 42 -14.82 -60.38 -79.87
C THR Q 42 -15.11 -59.54 -78.64
N GLY Q 43 -14.06 -58.85 -78.23
CA GLY Q 43 -14.02 -58.04 -77.03
C GLY Q 43 -12.60 -57.46 -76.91
N PRO Q 44 -12.24 -56.86 -75.76
CA PRO Q 44 -10.98 -56.20 -75.47
C PRO Q 44 -9.83 -57.18 -75.41
N LEU Q 45 -8.63 -56.67 -75.62
CA LEU Q 45 -7.38 -57.42 -75.62
C LEU Q 45 -6.92 -57.88 -74.26
N ASN Q 46 -5.82 -58.64 -74.24
CA ASN Q 46 -5.27 -59.20 -73.01
C ASN Q 46 -4.69 -58.17 -72.05
N GLU Q 47 -4.16 -57.09 -72.59
CA GLU Q 47 -3.50 -56.08 -71.80
C GLU Q 47 -4.42 -55.22 -70.88
N PRO Q 48 -5.55 -54.63 -71.34
CA PRO Q 48 -6.42 -53.80 -70.55
C PRO Q 48 -7.31 -54.62 -69.64
N THR Q 49 -6.70 -55.26 -68.65
CA THR Q 49 -7.49 -56.10 -67.75
C THR Q 49 -8.55 -55.20 -67.14
N LEU Q 50 -9.80 -55.63 -67.22
CA LEU Q 50 -10.91 -54.80 -66.76
C LEU Q 50 -11.58 -55.26 -65.50
N VAL Q 51 -11.81 -54.35 -64.57
CA VAL Q 51 -12.56 -54.70 -63.36
C VAL Q 51 -13.93 -54.10 -63.42
N THR Q 52 -14.93 -54.96 -63.17
CA THR Q 52 -16.28 -54.38 -63.29
C THR Q 52 -17.44 -55.27 -62.87
N ASN Q 53 -18.62 -54.95 -63.36
CA ASN Q 53 -19.94 -55.56 -63.10
C ASN Q 53 -20.35 -56.49 -64.23
N TRP Q 54 -21.26 -57.42 -63.96
CA TRP Q 54 -21.79 -58.30 -65.02
C TRP Q 54 -22.29 -57.53 -66.25
N THR Q 55 -22.97 -56.40 -66.07
CA THR Q 55 -23.52 -55.71 -67.23
C THR Q 55 -22.46 -55.31 -68.25
N GLN Q 56 -21.35 -54.77 -67.76
CA GLN Q 56 -20.28 -54.36 -68.65
C GLN Q 56 -19.52 -55.58 -69.09
N TYR Q 57 -19.39 -56.57 -68.23
CA TYR Q 57 -18.69 -57.77 -68.60
C TYR Q 57 -19.26 -58.32 -69.86
N VAL Q 58 -20.57 -58.43 -69.93
CA VAL Q 58 -21.16 -58.97 -71.13
C VAL Q 58 -20.95 -58.05 -72.31
N ALA Q 59 -21.16 -56.75 -72.10
CA ALA Q 59 -20.99 -55.84 -73.22
C ALA Q 59 -19.57 -55.92 -73.79
N ALA Q 60 -18.58 -56.12 -72.93
CA ALA Q 60 -17.20 -56.20 -73.35
C ALA Q 60 -16.75 -57.59 -73.82
N PHE Q 61 -17.20 -58.67 -73.19
CA PHE Q 61 -16.71 -60.01 -73.52
C PHE Q 61 -17.67 -61.00 -74.20
N GLY Q 62 -18.98 -60.72 -74.27
CA GLY Q 62 -19.94 -61.64 -74.88
C GLY Q 62 -20.85 -62.38 -73.89
N ASP Q 63 -22.10 -62.63 -74.28
CA ASP Q 63 -23.05 -63.29 -73.38
C ASP Q 63 -23.01 -64.82 -73.53
N PHE Q 64 -21.88 -65.46 -73.19
CA PHE Q 64 -21.79 -66.95 -73.24
C PHE Q 64 -21.86 -67.50 -74.67
N THR Q 65 -21.75 -66.67 -75.70
CA THR Q 65 -21.92 -67.10 -77.09
C THR Q 65 -20.67 -67.71 -77.69
N GLY Q 66 -19.55 -67.51 -77.03
CA GLY Q 66 -18.27 -67.99 -77.50
C GLY Q 66 -17.84 -69.35 -76.95
N GLY Q 67 -18.67 -70.01 -76.12
CA GLY Q 67 -18.27 -71.34 -75.61
C GLY Q 67 -17.10 -71.33 -74.61
N TYR Q 68 -16.97 -70.27 -73.83
CA TYR Q 68 -15.87 -70.10 -72.91
C TYR Q 68 -16.31 -70.16 -71.45
N TYR Q 69 -15.38 -70.51 -70.55
CA TYR Q 69 -15.70 -70.61 -69.13
C TYR Q 69 -15.78 -69.32 -68.34
N LEU Q 70 -15.20 -68.22 -68.84
CA LEU Q 70 -15.33 -67.01 -68.05
C LEU Q 70 -16.79 -66.60 -67.92
N ALA Q 71 -17.62 -66.75 -68.94
CA ALA Q 71 -18.97 -66.24 -68.77
C ALA Q 71 -19.68 -66.90 -67.63
N HIS Q 72 -19.50 -68.22 -67.49
CA HIS Q 72 -20.27 -68.86 -66.39
C HIS Q 72 -19.64 -68.50 -65.04
N SER Q 73 -18.30 -68.52 -64.94
CA SER Q 73 -17.71 -68.25 -63.64
C SER Q 73 -17.97 -66.81 -63.21
N VAL Q 74 -17.92 -65.89 -64.16
CA VAL Q 74 -18.16 -64.49 -63.87
C VAL Q 74 -19.63 -64.33 -63.51
N TYR Q 75 -20.53 -64.96 -64.27
CA TYR Q 75 -21.94 -64.87 -63.94
C TYR Q 75 -22.20 -65.40 -62.55
N GLY Q 76 -21.66 -66.60 -62.26
CA GLY Q 76 -21.86 -67.24 -60.98
C GLY Q 76 -21.35 -66.35 -59.87
N PHE Q 77 -20.28 -65.63 -60.13
CA PHE Q 77 -19.80 -64.71 -59.14
C PHE Q 77 -20.85 -63.63 -58.91
N PHE Q 78 -21.37 -63.05 -59.98
CA PHE Q 78 -22.33 -61.96 -59.82
C PHE Q 78 -23.75 -62.41 -59.55
N ASN Q 79 -24.00 -63.71 -59.61
CA ASN Q 79 -25.31 -64.24 -59.29
C ASN Q 79 -25.38 -64.48 -57.78
N ASN Q 80 -24.24 -64.22 -57.11
CA ASN Q 80 -24.13 -64.35 -55.62
C ASN Q 80 -23.67 -62.98 -55.06
N GLY Q 81 -22.57 -62.89 -54.28
CA GLY Q 81 -22.18 -61.54 -53.85
C GLY Q 81 -20.95 -61.03 -54.60
N GLY Q 82 -20.43 -59.86 -54.22
CA GLY Q 82 -19.25 -59.31 -54.87
C GLY Q 82 -19.52 -58.06 -55.69
N SER Q 83 -18.68 -57.05 -55.51
CA SER Q 83 -18.83 -55.77 -56.18
C SER Q 83 -18.24 -55.73 -57.57
N ALA Q 84 -17.21 -56.51 -57.78
CA ALA Q 84 -16.52 -56.47 -59.05
C ALA Q 84 -15.61 -57.65 -59.23
N ALA Q 85 -15.20 -57.83 -60.47
CA ALA Q 85 -14.18 -58.81 -60.77
C ALA Q 85 -13.34 -58.34 -61.94
N TYR Q 86 -12.07 -58.73 -61.92
CA TYR Q 86 -11.11 -58.45 -62.99
C TYR Q 86 -11.11 -59.54 -64.03
N VAL Q 87 -11.21 -59.16 -65.30
CA VAL Q 87 -11.18 -60.15 -66.35
C VAL Q 87 -10.07 -59.97 -67.35
N VAL Q 88 -9.32 -61.06 -67.50
CA VAL Q 88 -8.22 -61.15 -68.43
C VAL Q 88 -8.68 -61.90 -69.67
N ARG Q 89 -8.56 -61.23 -70.82
CA ARG Q 89 -9.00 -61.80 -72.11
C ARG Q 89 -8.30 -63.08 -72.54
N VAL Q 90 -6.97 -63.15 -72.32
CA VAL Q 90 -6.15 -64.36 -72.66
C VAL Q 90 -5.97 -64.51 -74.18
N GLY Q 91 -7.05 -64.72 -74.92
CA GLY Q 91 -7.08 -64.95 -76.35
C GLY Q 91 -8.53 -65.06 -76.83
N GLY Q 92 -8.71 -65.24 -78.13
CA GLY Q 92 -10.07 -65.34 -78.61
C GLY Q 92 -10.60 -66.77 -78.60
N SER Q 93 -11.92 -66.92 -78.58
CA SER Q 93 -12.51 -68.25 -78.76
C SER Q 93 -12.27 -68.65 -80.19
N ALA Q 94 -12.08 -69.95 -80.43
CA ALA Q 94 -11.94 -70.48 -81.77
C ALA Q 94 -13.29 -70.57 -82.44
N GLU Q 95 -13.32 -70.46 -83.75
CA GLU Q 95 -14.57 -70.63 -84.48
C GLU Q 95 -15.06 -72.07 -84.32
N ASP Q 96 -16.39 -72.25 -84.14
CA ASP Q 96 -17.11 -73.55 -84.01
C ASP Q 96 -16.38 -74.54 -83.09
N GLN Q 232 1.84 -75.51 -79.53
CA GLN Q 232 1.25 -74.28 -79.03
C GLN Q 232 -0.26 -74.22 -79.32
N ALA Q 233 -1.05 -74.73 -78.36
CA ALA Q 233 -2.51 -74.74 -78.33
C ALA Q 233 -2.88 -73.86 -77.15
N GLU Q 234 -3.53 -74.45 -76.13
CA GLU Q 234 -3.80 -73.72 -74.85
C GLU Q 234 -2.44 -73.67 -74.15
N SER Q 235 -1.56 -72.79 -74.59
CA SER Q 235 -0.18 -72.68 -74.14
C SER Q 235 0.09 -72.04 -72.81
N ALA Q 236 1.27 -72.39 -72.27
CA ALA Q 236 1.78 -71.88 -71.01
C ALA Q 236 1.96 -70.37 -71.02
N HIS Q 237 2.19 -69.77 -72.20
CA HIS Q 237 2.38 -68.33 -72.25
C HIS Q 237 1.12 -67.56 -72.76
N PRO Q 238 0.79 -67.58 -74.08
CA PRO Q 238 -0.46 -66.99 -74.55
C PRO Q 238 -1.47 -68.08 -74.16
N GLY Q 239 -2.75 -67.74 -73.97
CA GLY Q 239 -3.60 -68.83 -73.52
C GLY Q 239 -3.77 -68.64 -72.02
N PRO Q 240 -4.51 -69.51 -71.32
CA PRO Q 240 -4.90 -69.35 -69.92
C PRO Q 240 -3.77 -69.67 -68.99
N ALA Q 241 -2.72 -68.87 -69.06
CA ALA Q 241 -1.53 -69.14 -68.28
C ALA Q 241 -0.74 -67.88 -67.88
N GLN Q 242 0.53 -67.73 -68.34
CA GLN Q 242 1.28 -66.53 -67.95
C GLN Q 242 2.34 -65.98 -68.88
N TYR Q 243 2.21 -64.69 -69.19
CA TYR Q 243 3.22 -63.99 -69.96
C TYR Q 243 3.53 -62.63 -69.36
N LEU Q 244 4.80 -62.44 -68.97
CA LEU Q 244 5.22 -61.19 -68.37
C LEU Q 244 5.65 -60.15 -69.35
N GLY Q 245 6.34 -60.53 -70.42
CA GLY Q 245 6.74 -59.49 -71.36
C GLY Q 245 7.77 -58.53 -70.77
N ASP Q 246 8.71 -59.01 -69.96
CA ASP Q 246 9.67 -58.10 -69.31
C ASP Q 246 8.95 -57.04 -68.49
N SER Q 247 8.06 -57.53 -67.64
CA SER Q 247 7.21 -56.75 -66.75
C SER Q 247 6.26 -55.82 -67.50
N SER Q 248 5.71 -56.33 -68.61
CA SER Q 248 4.69 -55.63 -69.35
C SER Q 248 3.37 -56.13 -68.77
N ASP Q 249 3.43 -57.32 -68.13
CA ASP Q 249 2.34 -57.97 -67.44
C ASP Q 249 1.10 -58.08 -68.31
N ARG Q 250 1.34 -58.48 -69.54
CA ARG Q 250 0.31 -58.55 -70.57
C ARG Q 250 -0.68 -59.70 -70.53
N THR Q 251 -0.28 -60.92 -70.18
CA THR Q 251 -1.29 -61.99 -70.24
C THR Q 251 -1.36 -62.87 -69.00
N GLY Q 252 -2.59 -63.19 -68.64
CA GLY Q 252 -2.88 -64.13 -67.57
C GLY Q 252 -2.34 -63.67 -66.23
N PHE Q 253 -1.54 -64.54 -65.63
CA PHE Q 253 -0.95 -64.33 -64.30
C PHE Q 253 0.06 -63.21 -64.35
N GLY Q 254 0.40 -62.76 -65.55
CA GLY Q 254 1.33 -61.69 -65.70
C GLY Q 254 0.83 -60.46 -64.95
N GLY Q 255 -0.50 -60.29 -64.85
CA GLY Q 255 -1.07 -59.14 -64.17
C GLY Q 255 -1.08 -59.24 -62.63
N LEU Q 256 -0.65 -60.36 -62.08
CA LEU Q 256 -0.65 -60.51 -60.63
C LEU Q 256 0.48 -59.66 -60.09
N GLU Q 257 0.31 -59.14 -58.87
CA GLU Q 257 1.23 -58.21 -58.20
C GLU Q 257 1.04 -56.82 -58.78
N ALA Q 258 1.13 -56.72 -60.10
CA ALA Q 258 0.92 -55.49 -60.84
C ALA Q 258 -0.48 -54.94 -60.55
N ILE Q 259 -1.46 -55.82 -60.41
CA ILE Q 259 -2.80 -55.40 -60.10
C ILE Q 259 -3.14 -55.71 -58.64
N ASP Q 260 -3.46 -54.65 -57.92
CA ASP Q 260 -3.83 -54.68 -56.52
C ASP Q 260 -5.34 -54.85 -56.34
N GLU Q 261 -5.79 -54.91 -55.10
CA GLU Q 261 -7.19 -55.06 -54.69
C GLU Q 261 -7.89 -56.29 -55.28
N ILE Q 262 -7.18 -57.39 -55.32
CA ILE Q 262 -7.70 -58.68 -55.71
C ILE Q 262 -7.38 -59.60 -54.56
N SER Q 263 -8.40 -60.23 -54.01
CA SER Q 263 -8.17 -61.13 -52.89
C SER Q 263 -8.33 -62.58 -53.32
N MET Q 264 -9.04 -62.82 -54.41
CA MET Q 264 -9.23 -64.19 -54.85
C MET Q 264 -9.11 -64.37 -56.36
N VAL Q 265 -8.51 -65.49 -56.75
CA VAL Q 265 -8.30 -65.80 -58.17
C VAL Q 265 -8.67 -67.21 -58.64
N ALA Q 266 -9.01 -67.29 -59.92
CA ALA Q 266 -9.32 -68.57 -60.58
C ALA Q 266 -9.06 -68.51 -62.09
N VAL Q 267 -8.91 -69.68 -62.72
CA VAL Q 267 -8.69 -69.72 -64.17
C VAL Q 267 -9.72 -70.63 -64.85
N PRO Q 268 -10.93 -70.13 -65.16
CA PRO Q 268 -12.03 -70.88 -65.72
C PRO Q 268 -11.69 -71.69 -66.98
N ASP Q 269 -10.74 -71.26 -67.82
CA ASP Q 269 -10.44 -72.07 -69.02
C ASP Q 269 -9.18 -72.93 -68.92
N LEU Q 270 -8.65 -73.18 -67.72
CA LEU Q 270 -7.46 -74.05 -67.68
C LEU Q 270 -7.82 -75.52 -67.53
N MET Q 271 -8.30 -75.99 -66.36
CA MET Q 271 -8.64 -77.41 -66.28
C MET Q 271 -9.78 -77.75 -67.20
N ALA Q 272 -10.67 -76.80 -67.39
CA ALA Q 272 -11.82 -76.99 -68.22
C ALA Q 272 -11.46 -77.17 -69.69
N ALA Q 273 -10.23 -76.80 -70.08
CA ALA Q 273 -9.82 -76.94 -71.45
C ALA Q 273 -8.72 -77.99 -71.55
N TYR Q 274 -8.57 -78.83 -70.53
CA TYR Q 274 -7.51 -79.84 -70.50
C TYR Q 274 -7.46 -80.69 -71.80
N GLN Q 275 -8.61 -81.01 -72.39
CA GLN Q 275 -8.55 -81.77 -73.63
C GLN Q 275 -8.84 -80.94 -74.87
N ARG Q 276 -9.79 -80.00 -74.80
CA ARG Q 276 -10.12 -79.17 -76.00
C ARG Q 276 -8.93 -78.30 -76.39
N GLY Q 277 -8.03 -77.99 -75.46
CA GLY Q 277 -6.87 -77.16 -75.69
C GLY Q 277 -5.61 -77.99 -75.94
N ALA Q 278 -5.74 -79.34 -76.00
CA ALA Q 278 -4.60 -80.24 -76.16
C ALA Q 278 -3.51 -80.01 -75.12
N ILE Q 279 -3.92 -79.90 -73.86
CA ILE Q 279 -3.04 -79.62 -72.73
C ILE Q 279 -3.34 -80.53 -71.54
N ASP Q 280 -3.32 -81.83 -71.82
CA ASP Q 280 -3.77 -82.78 -70.78
C ASP Q 280 -2.64 -83.45 -70.00
N LEU Q 281 -2.96 -83.92 -68.80
CA LEU Q 281 -2.09 -84.66 -67.89
C LEU Q 281 -1.12 -83.85 -67.05
N GLU Q 282 -0.20 -83.18 -67.72
CA GLU Q 282 0.85 -82.38 -67.08
C GLU Q 282 0.73 -80.89 -67.34
N ALA Q 283 0.20 -80.55 -68.51
CA ALA Q 283 0.16 -79.15 -68.91
C ALA Q 283 -0.66 -78.31 -67.97
N VAL Q 284 -1.70 -78.88 -67.37
CA VAL Q 284 -2.49 -78.11 -66.44
C VAL Q 284 -1.69 -77.77 -65.20
N LYS Q 285 -0.98 -78.73 -64.62
CA LYS Q 285 -0.18 -78.48 -63.42
C LYS Q 285 0.87 -77.42 -63.68
N ALA Q 286 1.40 -77.42 -64.91
CA ALA Q 286 2.43 -76.49 -65.32
C ALA Q 286 1.98 -75.04 -65.19
N VAL Q 287 0.68 -74.82 -65.21
CA VAL Q 287 0.13 -73.50 -65.09
C VAL Q 287 -0.50 -73.29 -63.71
N GLN Q 288 -1.26 -74.28 -63.26
CA GLN Q 288 -2.02 -74.24 -62.03
C GLN Q 288 -1.10 -74.00 -60.81
N LEU Q 289 0.11 -74.55 -60.85
CA LEU Q 289 1.08 -74.35 -59.79
C LEU Q 289 1.59 -72.91 -59.77
N GLY Q 290 1.54 -72.22 -60.91
CA GLY Q 290 1.99 -70.85 -61.01
C GLY Q 290 0.98 -69.98 -60.29
N LEU Q 291 -0.31 -70.28 -60.49
CA LEU Q 291 -1.35 -69.46 -59.84
C LEU Q 291 -1.11 -69.49 -58.35
N ILE Q 292 -0.79 -70.68 -57.84
CA ILE Q 292 -0.55 -70.85 -56.44
C ILE Q 292 0.71 -70.13 -56.00
N ALA Q 293 1.81 -70.26 -56.74
CA ALA Q 293 3.04 -69.60 -56.36
C ALA Q 293 2.89 -68.09 -56.28
N HIS Q 294 2.13 -67.51 -57.21
CA HIS Q 294 2.00 -66.07 -57.20
C HIS Q 294 1.23 -65.62 -56.00
N CYS Q 295 0.21 -66.39 -55.64
CA CYS Q 295 -0.56 -66.05 -54.47
C CYS Q 295 0.32 -66.08 -53.23
N GLU Q 296 1.17 -67.10 -53.10
CA GLU Q 296 2.04 -67.16 -51.94
C GLU Q 296 3.01 -66.00 -51.88
N LEU Q 297 3.54 -65.58 -53.03
CA LEU Q 297 4.47 -64.46 -53.02
C LEU Q 297 3.80 -63.17 -52.54
N MET Q 298 2.56 -62.95 -52.97
CA MET Q 298 1.79 -61.78 -52.57
C MET Q 298 1.27 -61.85 -51.16
N GLY Q 299 0.95 -63.06 -50.71
CA GLY Q 299 0.42 -63.31 -49.38
C GLY Q 299 -1.08 -63.08 -49.34
N ASP Q 300 -1.49 -61.85 -49.58
CA ASP Q 300 -2.91 -61.58 -49.53
C ASP Q 300 -3.64 -61.88 -50.83
N ARG Q 301 -3.78 -63.17 -51.12
CA ARG Q 301 -4.51 -63.62 -52.28
C ARG Q 301 -4.67 -65.14 -52.21
N VAL Q 302 -5.86 -65.65 -52.49
CA VAL Q 302 -6.08 -67.09 -52.47
C VAL Q 302 -6.57 -67.69 -53.78
N ALA Q 303 -5.91 -68.78 -54.19
CA ALA Q 303 -6.24 -69.51 -55.40
C ALA Q 303 -7.30 -70.60 -55.20
N ILE Q 304 -8.18 -70.71 -56.18
CA ILE Q 304 -9.19 -71.75 -56.23
C ILE Q 304 -8.72 -72.82 -57.20
N ILE Q 305 -8.59 -74.06 -56.73
CA ILE Q 305 -8.05 -75.10 -57.60
C ILE Q 305 -9.15 -75.87 -58.28
N ASP Q 306 -9.13 -75.87 -59.61
CA ASP Q 306 -10.11 -76.60 -60.39
C ASP Q 306 -9.76 -78.11 -60.61
N PRO Q 307 -10.61 -79.07 -60.19
CA PRO Q 307 -10.46 -80.50 -60.32
C PRO Q 307 -10.80 -80.92 -61.75
N PRO Q 308 -10.36 -82.09 -62.25
CA PRO Q 308 -10.74 -82.67 -63.52
C PRO Q 308 -12.25 -82.90 -63.55
N PRO Q 309 -12.93 -82.87 -64.71
CA PRO Q 309 -14.36 -83.11 -64.90
C PRO Q 309 -14.94 -84.44 -64.44
N ASN Q 310 -14.16 -85.52 -64.36
CA ASN Q 310 -14.79 -86.78 -63.97
C ASN Q 310 -13.90 -87.71 -63.19
N GLN Q 311 -14.02 -87.68 -61.87
CA GLN Q 311 -13.24 -88.55 -61.04
C GLN Q 311 -14.03 -89.18 -59.92
N ASN Q 312 -13.69 -90.43 -59.64
CA ASN Q 312 -14.20 -91.20 -58.52
C ASN Q 312 -13.60 -90.64 -57.27
N ALA Q 313 -14.23 -90.79 -56.13
CA ALA Q 313 -13.62 -90.25 -54.91
C ALA Q 313 -12.21 -90.79 -54.72
N ARG Q 314 -11.97 -92.03 -55.13
CA ARG Q 314 -10.63 -92.59 -55.01
C ARG Q 314 -9.66 -91.83 -55.90
N GLN Q 315 -10.12 -91.39 -57.08
CA GLN Q 315 -9.31 -90.69 -58.04
C GLN Q 315 -9.09 -89.26 -57.61
N ILE Q 316 -10.09 -88.67 -56.93
CA ILE Q 316 -9.94 -87.30 -56.45
C ILE Q 316 -8.82 -87.32 -55.43
N ARG Q 317 -8.85 -88.31 -54.52
CA ARG Q 317 -7.84 -88.45 -53.49
C ARG Q 317 -6.47 -88.77 -54.02
N VAL Q 318 -6.35 -89.73 -54.93
CA VAL Q 318 -5.05 -90.08 -55.46
C VAL Q 318 -4.49 -88.94 -56.26
N TRP Q 319 -5.32 -88.29 -57.06
CA TRP Q 319 -4.80 -87.19 -57.82
C TRP Q 319 -4.25 -86.14 -56.86
N ARG Q 320 -5.05 -85.72 -55.88
CA ARG Q 320 -4.57 -84.73 -54.93
C ARG Q 320 -3.37 -85.19 -54.08
N GLN Q 321 -3.27 -86.47 -53.72
CA GLN Q 321 -2.15 -86.89 -52.88
C GLN Q 321 -0.89 -87.34 -53.61
N GLU Q 322 -1.04 -88.02 -54.74
CA GLU Q 322 0.10 -88.60 -55.43
C GLU Q 322 0.49 -88.01 -56.79
N THR Q 323 -0.48 -87.52 -57.59
CA THR Q 323 -0.08 -87.13 -58.96
C THR Q 323 -0.18 -85.63 -59.18
N ALA Q 324 -0.91 -84.96 -58.32
CA ALA Q 324 -1.17 -83.55 -58.38
C ALA Q 324 -1.17 -82.94 -57.01
N GLY Q 325 -0.06 -83.07 -56.30
CA GLY Q 325 0.00 -82.47 -54.98
C GLY Q 325 0.19 -80.97 -55.15
N TYR Q 326 -0.34 -80.20 -54.21
CA TYR Q 326 -0.20 -78.76 -54.22
C TYR Q 326 0.33 -78.29 -52.87
N ASP Q 327 -0.42 -78.63 -51.82
CA ASP Q 327 -0.14 -78.38 -50.40
C ASP Q 327 0.16 -76.93 -50.01
N SER Q 328 -0.53 -75.98 -50.62
CA SER Q 328 -0.32 -74.56 -50.33
C SER Q 328 -1.22 -73.95 -49.28
N LYS Q 329 -0.73 -72.90 -48.65
CA LYS Q 329 -1.49 -72.17 -47.63
C LYS Q 329 -2.38 -71.10 -48.26
N TYR Q 330 -2.25 -70.96 -49.55
CA TYR Q 330 -2.93 -69.97 -50.36
C TYR Q 330 -3.86 -70.58 -51.36
N ALA Q 331 -4.35 -71.78 -51.06
CA ALA Q 331 -5.23 -72.45 -52.00
C ALA Q 331 -6.11 -73.50 -51.34
N ALA Q 332 -7.19 -73.84 -52.04
CA ALA Q 332 -8.06 -74.97 -51.64
C ALA Q 332 -8.69 -75.67 -52.84
N LEU Q 333 -8.92 -76.98 -52.67
CA LEU Q 333 -9.54 -77.87 -53.66
C LEU Q 333 -10.93 -78.37 -53.20
N TYR Q 334 -11.85 -78.54 -54.15
CA TYR Q 334 -13.21 -79.04 -53.95
C TYR Q 334 -13.50 -80.28 -54.83
N TYR Q 335 -14.34 -81.19 -54.34
CA TYR Q 335 -14.57 -82.48 -55.04
C TYR Q 335 -15.37 -82.33 -56.33
N PRO Q 336 -16.71 -82.11 -56.32
CA PRO Q 336 -17.51 -82.12 -57.54
C PRO Q 336 -17.70 -80.79 -58.29
N TRP Q 337 -18.04 -80.88 -59.59
CA TRP Q 337 -18.35 -79.65 -60.38
C TRP Q 337 -19.81 -79.27 -60.11
N ILE Q 338 -20.39 -78.40 -60.93
CA ILE Q 338 -21.78 -77.93 -60.67
C ILE Q 338 -22.56 -77.79 -61.98
N LYS Q 339 -23.53 -78.68 -62.21
CA LYS Q 339 -24.37 -78.54 -63.40
C LYS Q 339 -25.11 -77.22 -63.34
N SER Q 340 -25.15 -76.50 -64.45
CA SER Q 340 -25.87 -75.24 -64.52
C SER Q 340 -26.36 -74.88 -65.94
N PHE Q 341 -27.26 -73.90 -66.01
CA PHE Q 341 -27.84 -73.46 -67.29
C PHE Q 341 -27.02 -72.40 -68.01
N ASP Q 342 -26.86 -72.56 -69.33
CA ASP Q 342 -26.17 -71.62 -70.20
C ASP Q 342 -27.09 -71.18 -71.35
N PRO Q 343 -27.68 -69.97 -71.29
CA PRO Q 343 -28.65 -69.41 -72.21
C PRO Q 343 -28.22 -69.45 -73.67
N ALA Q 344 -26.91 -69.48 -73.92
CA ALA Q 344 -26.46 -69.50 -75.30
C ALA Q 344 -26.88 -70.77 -76.02
N THR Q 345 -26.91 -71.91 -75.31
CA THR Q 345 -27.26 -73.16 -75.97
C THR Q 345 -28.34 -73.99 -75.26
N GLY Q 346 -28.57 -73.73 -73.96
CA GLY Q 346 -29.48 -74.58 -73.18
C GLY Q 346 -28.89 -75.05 -71.84
N GLN Q 347 -29.51 -76.08 -71.29
CA GLN Q 347 -29.16 -76.62 -69.98
C GLN Q 347 -27.96 -77.57 -69.94
N SER Q 348 -27.45 -77.97 -71.08
CA SER Q 348 -26.38 -78.97 -71.12
C SER Q 348 -24.99 -78.45 -70.81
N ARG Q 349 -24.76 -78.01 -69.58
CA ARG Q 349 -23.43 -77.52 -69.22
C ARG Q 349 -22.94 -77.84 -67.81
N LEU Q 350 -21.67 -78.26 -67.72
CA LEU Q 350 -21.03 -78.46 -66.43
C LEU Q 350 -19.92 -77.44 -66.26
N VAL Q 351 -19.72 -76.94 -65.05
CA VAL Q 351 -18.67 -75.97 -64.77
C VAL Q 351 -17.87 -76.39 -63.51
N PRO Q 352 -16.55 -76.15 -63.43
CA PRO Q 352 -15.74 -76.43 -62.27
C PRO Q 352 -16.31 -75.68 -61.07
N PRO Q 353 -16.05 -76.11 -59.85
CA PRO Q 353 -16.50 -75.49 -58.62
C PRO Q 353 -15.69 -74.23 -58.31
N SER Q 354 -15.85 -73.22 -59.17
CA SER Q 354 -15.15 -71.95 -59.07
C SER Q 354 -16.12 -70.86 -59.53
N GLY Q 355 -15.82 -69.59 -59.26
CA GLY Q 355 -16.72 -68.49 -59.66
C GLY Q 355 -17.84 -68.34 -58.63
N HIS Q 356 -18.60 -69.41 -58.50
CA HIS Q 356 -19.69 -69.52 -57.56
C HIS Q 356 -19.15 -69.55 -56.14
N VAL Q 357 -18.01 -70.19 -55.92
CA VAL Q 357 -17.49 -70.25 -54.55
C VAL Q 357 -17.00 -68.88 -54.16
N ALA Q 358 -16.43 -68.16 -55.14
CA ALA Q 358 -15.96 -66.81 -54.90
C ALA Q 358 -17.15 -65.93 -54.54
N GLY Q 359 -18.28 -66.20 -55.21
CA GLY Q 359 -19.54 -65.50 -54.99
C GLY Q 359 -20.07 -65.74 -53.57
N ILE Q 360 -19.85 -66.95 -53.03
CA ILE Q 360 -20.28 -67.24 -51.67
C ILE Q 360 -19.41 -66.49 -50.69
N TRP Q 361 -18.10 -66.50 -50.92
CA TRP Q 361 -17.22 -65.80 -50.03
C TRP Q 361 -17.56 -64.33 -50.03
N ALA Q 362 -17.80 -63.78 -51.21
CA ALA Q 362 -18.11 -62.37 -51.27
C ALA Q 362 -19.39 -62.03 -50.53
N ARG Q 363 -20.44 -62.87 -50.64
CA ARG Q 363 -21.66 -62.56 -49.92
C ARG Q 363 -21.44 -62.60 -48.43
N ASN Q 364 -20.77 -63.64 -47.96
CA ASN Q 364 -20.58 -63.79 -46.55
C ASN Q 364 -19.86 -62.66 -45.92
N ASP Q 365 -18.81 -62.22 -46.55
CA ASP Q 365 -18.04 -61.21 -45.92
C ASP Q 365 -18.79 -59.90 -45.98
N SER Q 366 -19.50 -59.66 -47.07
CA SER Q 366 -20.24 -58.42 -47.22
C SER Q 366 -21.31 -58.28 -46.16
N GLU Q 367 -21.98 -59.37 -45.82
CA GLU Q 367 -23.03 -59.29 -44.81
C GLU Q 367 -22.59 -59.57 -43.37
N ARG Q 368 -21.59 -60.45 -43.16
CA ARG Q 368 -21.23 -60.83 -41.81
C ARG Q 368 -19.81 -60.54 -41.34
N GLY Q 369 -18.92 -60.04 -42.20
CA GLY Q 369 -17.54 -59.84 -41.81
C GLY Q 369 -16.77 -61.15 -42.00
N VAL Q 370 -15.51 -61.18 -41.61
CA VAL Q 370 -14.73 -62.38 -41.82
C VAL Q 370 -14.43 -63.03 -40.50
N HIS Q 371 -15.18 -64.05 -40.15
CA HIS Q 371 -14.97 -64.67 -38.85
C HIS Q 371 -14.94 -66.17 -39.04
N LYS Q 372 -15.71 -66.59 -40.04
CA LYS Q 372 -15.87 -67.98 -40.40
C LYS Q 372 -15.89 -68.11 -41.90
N ALA Q 373 -15.41 -69.23 -42.42
CA ALA Q 373 -15.55 -69.49 -43.83
C ALA Q 373 -16.99 -69.98 -44.03
N PRO Q 374 -17.75 -69.40 -44.97
CA PRO Q 374 -19.15 -69.69 -45.19
C PRO Q 374 -19.44 -70.94 -45.94
N ALA Q 375 -19.06 -72.08 -45.39
CA ALA Q 375 -19.39 -73.29 -46.14
C ALA Q 375 -20.92 -73.47 -46.16
N ASN Q 376 -21.54 -73.16 -45.02
CA ASN Q 376 -22.97 -73.40 -44.88
C ASN Q 376 -23.82 -72.25 -45.41
N GLU Q 377 -23.81 -72.12 -46.73
CA GLU Q 377 -24.55 -71.11 -47.50
C GLU Q 377 -24.95 -71.73 -48.83
N VAL Q 378 -26.03 -71.22 -49.41
CA VAL Q 378 -26.54 -71.75 -50.68
C VAL Q 378 -25.98 -71.12 -51.95
N VAL Q 379 -25.63 -72.00 -52.87
CA VAL Q 379 -25.13 -71.57 -54.16
C VAL Q 379 -26.30 -71.25 -55.06
N ARG Q 380 -26.40 -70.02 -55.55
CA ARG Q 380 -27.52 -69.70 -56.40
C ARG Q 380 -27.13 -69.80 -57.87
N GLY Q 381 -28.04 -70.38 -58.65
CA GLY Q 381 -27.85 -70.56 -60.09
C GLY Q 381 -27.44 -72.01 -60.39
N ALA Q 382 -27.07 -72.73 -59.35
CA ALA Q 382 -26.70 -74.13 -59.47
C ALA Q 382 -27.94 -74.95 -59.75
N VAL Q 383 -27.79 -76.00 -60.54
CA VAL Q 383 -28.89 -76.90 -60.82
C VAL Q 383 -28.68 -78.25 -60.15
N ASP Q 384 -27.50 -78.85 -60.34
CA ASP Q 384 -27.27 -80.17 -59.76
C ASP Q 384 -25.78 -80.46 -59.48
N LEU Q 385 -25.49 -81.62 -58.91
CA LEU Q 385 -24.12 -82.01 -58.60
C LEU Q 385 -23.73 -83.32 -59.28
N GLU Q 386 -22.56 -83.34 -59.92
CA GLU Q 386 -22.08 -84.53 -60.62
C GLU Q 386 -21.71 -85.70 -59.73
N LEU Q 387 -21.16 -85.42 -58.56
CA LEU Q 387 -20.77 -86.49 -57.65
C LEU Q 387 -21.71 -86.52 -56.48
N GLN Q 388 -22.01 -87.70 -55.97
CA GLN Q 388 -22.78 -87.78 -54.76
C GLN Q 388 -21.85 -88.11 -53.63
N ILE Q 389 -22.02 -87.42 -52.52
CA ILE Q 389 -21.15 -87.59 -51.38
C ILE Q 389 -21.93 -88.04 -50.16
N THR Q 390 -21.43 -89.09 -49.51
CA THR Q 390 -22.03 -89.64 -48.30
C THR Q 390 -21.16 -89.53 -47.06
N ARG Q 391 -21.68 -90.00 -45.94
CA ARG Q 391 -20.97 -89.88 -44.67
C ARG Q 391 -19.58 -90.53 -44.68
N GLY Q 392 -19.45 -91.66 -45.36
CA GLY Q 392 -18.17 -92.35 -45.42
C GLY Q 392 -17.17 -91.57 -46.27
N GLU Q 393 -17.67 -90.70 -47.15
CA GLU Q 393 -16.81 -89.95 -48.01
C GLU Q 393 -16.24 -88.84 -47.16
N GLN Q 394 -17.06 -88.30 -46.25
CA GLN Q 394 -16.58 -87.21 -45.41
C GLN Q 394 -15.36 -87.69 -44.59
N ASP Q 395 -15.41 -88.94 -44.12
CA ASP Q 395 -14.24 -89.46 -43.41
C ASP Q 395 -13.03 -89.67 -44.31
N LEU Q 396 -13.26 -89.95 -45.60
CA LEU Q 396 -12.14 -90.11 -46.52
C LEU Q 396 -11.52 -88.76 -46.91
N LEU Q 397 -12.37 -87.77 -47.19
CA LEU Q 397 -11.94 -86.46 -47.66
C LEU Q 397 -11.46 -85.42 -46.64
N ASN Q 398 -11.98 -85.43 -45.42
CA ASN Q 398 -11.54 -84.40 -44.50
C ASN Q 398 -10.02 -84.43 -44.25
N PRO Q 399 -9.38 -85.59 -44.01
CA PRO Q 399 -7.96 -85.75 -43.77
C PRO Q 399 -7.07 -85.33 -44.93
N ILE Q 400 -7.62 -85.14 -46.13
CA ILE Q 400 -6.79 -84.76 -47.24
C ILE Q 400 -7.03 -83.30 -47.58
N GLY Q 401 -7.93 -82.67 -46.84
CA GLY Q 401 -8.21 -81.26 -47.03
C GLY Q 401 -9.00 -80.95 -48.29
N VAL Q 402 -9.78 -81.88 -48.81
CA VAL Q 402 -10.49 -81.53 -50.03
C VAL Q 402 -11.93 -81.38 -49.66
N ASN Q 403 -12.47 -80.21 -49.92
CA ASN Q 403 -13.80 -79.90 -49.46
C ASN Q 403 -14.92 -80.50 -50.28
N CYS Q 404 -15.92 -81.00 -49.56
CA CYS Q 404 -17.08 -81.52 -50.24
C CYS Q 404 -18.22 -80.54 -50.26
N ILE Q 405 -18.97 -80.63 -51.35
CA ILE Q 405 -20.15 -79.84 -51.66
C ILE Q 405 -21.31 -80.82 -51.77
N ARG Q 406 -22.40 -80.54 -51.07
CA ARG Q 406 -23.53 -81.45 -51.07
C ARG Q 406 -24.91 -80.81 -51.23
N SER Q 407 -25.84 -81.61 -51.77
CA SER Q 407 -27.23 -81.20 -51.87
C SER Q 407 -27.99 -81.81 -50.71
N PHE Q 408 -28.56 -80.98 -49.86
CA PHE Q 408 -29.24 -81.48 -48.68
C PHE Q 408 -30.76 -81.32 -48.79
N PRO Q 409 -31.56 -82.34 -48.48
CA PRO Q 409 -32.99 -82.19 -48.46
C PRO Q 409 -33.31 -81.12 -47.44
N GLY Q 410 -34.13 -80.15 -47.82
CA GLY Q 410 -34.54 -79.08 -46.91
C GLY Q 410 -33.54 -77.94 -46.79
N ARG Q 411 -32.36 -78.08 -47.40
CA ARG Q 411 -31.33 -77.05 -47.31
C ARG Q 411 -30.76 -76.57 -48.67
N GLY Q 412 -30.75 -77.43 -49.69
CA GLY Q 412 -30.21 -77.08 -51.01
C GLY Q 412 -28.72 -77.32 -51.16
N ILE Q 413 -28.11 -76.71 -52.19
CA ILE Q 413 -26.70 -76.98 -52.45
C ILE Q 413 -25.85 -76.03 -51.65
N ARG Q 414 -25.08 -76.62 -50.75
CA ARG Q 414 -24.23 -75.90 -49.82
C ARG Q 414 -22.88 -76.57 -49.76
N VAL Q 415 -21.87 -75.85 -49.31
CA VAL Q 415 -20.57 -76.42 -49.16
C VAL Q 415 -20.57 -76.98 -47.76
N TRP Q 416 -20.07 -78.18 -47.56
CA TRP Q 416 -20.10 -78.67 -46.20
C TRP Q 416 -18.78 -78.38 -45.49
N GLY Q 417 -17.67 -78.68 -46.15
CA GLY Q 417 -16.36 -78.50 -45.48
C GLY Q 417 -15.73 -77.11 -45.69
N ALA Q 418 -14.77 -76.75 -44.83
CA ALA Q 418 -14.03 -75.50 -44.99
C ALA Q 418 -12.56 -75.63 -44.60
N ARG Q 419 -11.90 -76.65 -45.14
CA ARG Q 419 -10.52 -76.95 -44.80
C ARG Q 419 -9.54 -76.35 -45.78
N THR Q 420 -8.34 -76.07 -45.29
CA THR Q 420 -7.25 -75.57 -46.11
C THR Q 420 -6.55 -76.73 -46.78
N LEU Q 421 -5.73 -76.41 -47.76
CA LEU Q 421 -4.99 -77.42 -48.51
C LEU Q 421 -3.68 -77.85 -47.83
N SER Q 422 -3.05 -76.91 -47.14
CA SER Q 422 -1.77 -77.13 -46.49
C SER Q 422 -1.85 -78.07 -45.31
N SER Q 423 -0.77 -78.82 -45.12
CA SER Q 423 -0.64 -79.75 -44.00
C SER Q 423 -0.24 -79.05 -42.71
N ASP Q 424 0.12 -77.77 -42.81
CA ASP Q 424 0.58 -76.98 -41.68
C ASP Q 424 -0.58 -76.72 -40.70
N PRO Q 425 -0.54 -77.28 -39.46
CA PRO Q 425 -1.60 -77.27 -38.47
C PRO Q 425 -1.94 -75.87 -37.99
N ALA Q 426 -1.05 -74.91 -38.24
CA ALA Q 426 -1.31 -73.55 -37.85
C ALA Q 426 -2.54 -73.04 -38.60
N TRP Q 427 -2.74 -73.52 -39.82
CA TRP Q 427 -3.86 -73.07 -40.62
C TRP Q 427 -4.59 -74.27 -41.18
N ARG Q 428 -5.35 -74.95 -40.33
CA ARG Q 428 -6.13 -76.10 -40.78
C ARG Q 428 -7.39 -75.61 -41.47
N TYR Q 429 -7.90 -74.45 -41.02
CA TYR Q 429 -9.15 -73.95 -41.54
C TYR Q 429 -9.03 -72.60 -42.22
N LEU Q 430 -9.93 -72.43 -43.17
CA LEU Q 430 -10.04 -71.23 -43.95
C LEU Q 430 -10.43 -70.05 -43.06
N ASN Q 431 -11.24 -70.32 -42.04
CA ASN Q 431 -11.72 -69.22 -41.15
C ASN Q 431 -10.55 -68.33 -40.73
N ILE Q 432 -9.44 -68.92 -40.28
CA ILE Q 432 -8.30 -68.11 -39.75
C ILE Q 432 -7.45 -67.56 -40.88
N ARG Q 433 -7.17 -68.34 -41.93
CA ARG Q 433 -6.26 -67.75 -42.87
C ARG Q 433 -6.92 -66.51 -43.51
N ARG Q 434 -8.24 -66.59 -43.74
CA ARG Q 434 -8.98 -65.49 -44.34
C ARG Q 434 -9.00 -64.27 -43.45
N TYR Q 435 -9.19 -64.46 -42.14
CA TYR Q 435 -9.21 -63.36 -41.21
C TYR Q 435 -7.87 -62.66 -41.17
N PHE Q 436 -6.79 -63.43 -41.15
CA PHE Q 436 -5.50 -62.77 -41.09
C PHE Q 436 -5.25 -61.94 -42.33
N ASN Q 437 -5.63 -62.41 -43.52
CA ASN Q 437 -5.41 -61.55 -44.69
C ASN Q 437 -6.22 -60.27 -44.61
N TYR Q 438 -7.43 -60.36 -44.07
CA TYR Q 438 -8.23 -59.18 -43.91
C TYR Q 438 -7.52 -58.17 -43.03
N LEU Q 439 -7.01 -58.62 -41.91
CA LEU Q 439 -6.35 -57.73 -40.99
C LEU Q 439 -5.10 -57.12 -41.58
N GLU Q 440 -4.33 -57.87 -42.36
CA GLU Q 440 -3.13 -57.26 -42.89
C GLU Q 440 -3.45 -56.08 -43.77
N GLU Q 441 -4.51 -56.19 -44.57
CA GLU Q 441 -4.85 -55.04 -45.40
C GLU Q 441 -5.38 -53.91 -44.53
N SER Q 442 -6.18 -54.25 -43.52
CA SER Q 442 -6.81 -53.27 -42.66
C SER Q 442 -5.79 -52.40 -41.95
N ILE Q 443 -4.71 -53.01 -41.49
CA ILE Q 443 -3.70 -52.24 -40.80
C ILE Q 443 -2.75 -51.56 -41.77
N LEU Q 444 -2.26 -52.26 -42.78
CA LEU Q 444 -1.27 -51.64 -43.64
C LEU Q 444 -1.78 -50.43 -44.39
N ILE Q 445 -3.03 -50.46 -44.83
CA ILE Q 445 -3.59 -49.36 -45.58
C ILE Q 445 -3.67 -48.08 -44.76
N GLY Q 446 -3.63 -48.19 -43.44
CA GLY Q 446 -3.74 -47.05 -42.57
C GLY Q 446 -2.40 -46.47 -42.12
N THR Q 447 -1.26 -46.98 -42.61
CA THR Q 447 0.01 -46.43 -42.14
C THR Q 447 0.71 -45.56 -43.18
N GLN Q 448 0.75 -44.27 -42.90
CA GLN Q 448 1.32 -43.24 -43.75
C GLN Q 448 2.80 -42.98 -43.49
N TRP Q 449 3.33 -43.64 -42.50
CA TRP Q 449 4.70 -43.40 -42.05
C TRP Q 449 5.73 -44.15 -42.86
N VAL Q 450 5.85 -43.72 -44.09
CA VAL Q 450 6.70 -44.22 -45.15
C VAL Q 450 7.47 -43.03 -45.65
N VAL Q 451 8.69 -43.25 -46.16
CA VAL Q 451 9.56 -42.11 -46.57
C VAL Q 451 9.17 -40.97 -45.63
N PHE Q 452 9.43 -41.14 -44.33
CA PHE Q 452 9.07 -40.11 -43.36
C PHE Q 452 10.28 -39.37 -42.81
N GLU Q 453 10.14 -38.83 -41.60
CA GLU Q 453 11.21 -38.07 -40.97
C GLU Q 453 12.15 -38.96 -40.15
N PRO Q 454 12.76 -38.37 -39.10
CA PRO Q 454 13.70 -39.05 -38.22
C PRO Q 454 13.06 -40.15 -37.37
N ASN Q 455 13.78 -41.26 -37.22
CA ASN Q 455 13.32 -42.40 -36.44
C ASN Q 455 13.32 -42.12 -34.95
N ASP Q 456 12.39 -41.27 -34.55
CA ASP Q 456 12.18 -40.86 -33.20
C ASP Q 456 11.35 -41.88 -32.45
N HIS Q 457 11.53 -41.97 -31.13
CA HIS Q 457 10.65 -42.86 -30.32
C HIS Q 457 9.22 -42.36 -30.44
N ASN Q 458 9.03 -41.08 -30.79
CA ASN Q 458 7.73 -40.51 -30.91
C ASN Q 458 6.96 -41.24 -32.01
N LEU Q 459 7.65 -41.78 -33.03
CA LEU Q 459 6.95 -42.48 -34.08
C LEU Q 459 6.55 -43.82 -33.54
N TRP Q 460 7.39 -44.35 -32.65
CA TRP Q 460 7.08 -45.65 -32.07
C TRP Q 460 5.78 -45.50 -31.29
N ALA Q 461 5.65 -44.41 -30.54
CA ALA Q 461 4.43 -44.19 -29.81
C ALA Q 461 3.24 -44.05 -30.73
N ARG Q 462 3.43 -43.36 -31.87
CA ARG Q 462 2.31 -43.18 -32.77
C ARG Q 462 1.79 -44.49 -33.34
N ILE Q 463 2.69 -45.38 -33.70
CA ILE Q 463 2.22 -46.63 -34.25
C ILE Q 463 1.59 -47.50 -33.20
N ARG Q 464 2.12 -47.51 -31.96
CA ARG Q 464 1.50 -48.35 -30.97
C ARG Q 464 0.07 -47.95 -30.78
N ARG Q 465 -0.22 -46.65 -30.78
CA ARG Q 465 -1.58 -46.28 -30.56
C ARG Q 465 -2.48 -46.60 -31.74
N ASN Q 466 -2.03 -46.42 -32.97
CA ASN Q 466 -3.00 -46.72 -34.02
C ASN Q 466 -3.35 -48.19 -34.08
N VAL Q 467 -2.38 -49.06 -33.81
CA VAL Q 467 -2.67 -50.47 -33.87
C VAL Q 467 -3.57 -50.88 -32.73
N SER Q 468 -3.28 -50.40 -31.53
CA SER Q 468 -4.09 -50.75 -30.39
C SER Q 468 -5.52 -50.23 -30.57
N ALA Q 469 -5.70 -49.00 -31.05
CA ALA Q 469 -7.06 -48.50 -31.21
C ALA Q 469 -7.84 -49.38 -32.17
N PHE Q 470 -7.21 -49.85 -33.24
CA PHE Q 470 -7.92 -50.73 -34.13
C PHE Q 470 -8.37 -51.99 -33.44
N LEU Q 471 -7.42 -52.62 -32.74
CA LEU Q 471 -7.66 -53.88 -32.11
C LEU Q 471 -8.62 -53.81 -30.94
N VAL Q 472 -8.69 -52.68 -30.25
CA VAL Q 472 -9.61 -52.71 -29.13
C VAL Q 472 -11.03 -52.72 -29.66
N ASN Q 473 -11.28 -51.97 -30.72
CA ASN Q 473 -12.63 -51.98 -31.25
C ASN Q 473 -12.97 -53.33 -31.83
N GLU Q 474 -11.99 -53.94 -32.47
CA GLU Q 474 -12.22 -55.21 -33.11
C GLU Q 474 -12.39 -56.34 -32.13
N TRP Q 475 -11.47 -56.52 -31.17
CA TRP Q 475 -11.59 -57.71 -30.27
C TRP Q 475 -12.94 -57.70 -29.54
N ARG Q 476 -13.51 -56.53 -29.28
CA ARG Q 476 -14.72 -56.35 -28.52
C ARG Q 476 -15.96 -56.81 -29.26
N ASN Q 477 -15.84 -56.88 -30.58
CA ASN Q 477 -16.91 -57.29 -31.44
C ASN Q 477 -16.84 -58.80 -31.47
N GLY Q 478 -17.69 -59.47 -32.21
CA GLY Q 478 -17.62 -60.94 -32.24
C GLY Q 478 -16.43 -61.38 -33.12
N ALA Q 479 -15.22 -61.06 -32.68
CA ALA Q 479 -14.01 -61.27 -33.44
C ALA Q 479 -12.92 -62.02 -32.68
N LEU Q 480 -12.47 -61.51 -31.53
CA LEU Q 480 -11.38 -62.20 -30.86
C LEU Q 480 -11.81 -62.79 -29.57
N PHE Q 481 -11.19 -63.89 -29.21
CA PHE Q 481 -11.42 -64.46 -27.91
C PHE Q 481 -10.86 -63.55 -26.86
N GLY Q 482 -11.59 -63.35 -25.78
CA GLY Q 482 -11.06 -62.55 -24.71
C GLY Q 482 -12.11 -62.37 -23.66
N GLN Q 483 -11.82 -61.67 -22.55
CA GLN Q 483 -12.87 -61.32 -21.53
C GLN Q 483 -12.50 -59.89 -21.17
N SER Q 484 -11.37 -59.47 -21.69
CA SER Q 484 -10.76 -58.18 -21.55
C SER Q 484 -9.81 -58.12 -22.72
N PRO Q 485 -9.47 -56.93 -23.26
CA PRO Q 485 -8.46 -56.73 -24.27
C PRO Q 485 -7.12 -57.24 -23.76
N ASP Q 486 -7.01 -57.33 -22.44
CA ASP Q 486 -5.81 -57.80 -21.76
C ASP Q 486 -5.43 -59.20 -22.24
N GLN Q 487 -6.42 -60.04 -22.56
CA GLN Q 487 -6.08 -61.35 -23.05
C GLN Q 487 -6.26 -61.40 -24.55
N ALA Q 488 -7.20 -60.59 -25.06
CA ALA Q 488 -7.52 -60.68 -26.46
C ALA Q 488 -6.38 -60.33 -27.39
N TYR Q 489 -5.57 -59.31 -27.08
CA TYR Q 489 -4.49 -58.96 -28.01
C TYR Q 489 -3.35 -58.23 -27.34
N TYR Q 490 -2.21 -58.13 -28.04
CA TYR Q 490 -1.08 -57.38 -27.49
C TYR Q 490 -0.21 -56.68 -28.53
N VAL Q 491 0.17 -55.42 -28.25
CA VAL Q 491 1.03 -54.62 -29.13
C VAL Q 491 2.28 -54.09 -28.41
N LYS Q 492 3.46 -54.29 -29.01
CA LYS Q 492 4.71 -53.78 -28.43
C LYS Q 492 5.64 -53.08 -29.42
N CYS Q 493 6.24 -51.97 -28.98
CA CYS Q 493 7.20 -51.24 -29.83
C CYS Q 493 8.08 -50.32 -28.98
N ASP Q 494 9.27 -50.79 -28.64
CA ASP Q 494 10.23 -50.11 -27.78
C ASP Q 494 11.66 -50.49 -28.20
N GLU Q 495 12.66 -50.10 -27.42
CA GLU Q 495 14.07 -50.29 -27.73
C GLU Q 495 14.53 -51.75 -27.87
N GLU Q 496 13.77 -52.72 -27.36
CA GLU Q 496 14.17 -54.11 -27.48
C GLU Q 496 13.62 -54.71 -28.76
N THR Q 497 12.81 -53.92 -29.46
CA THR Q 497 12.14 -54.26 -30.70
C THR Q 497 12.76 -53.41 -31.81
N ASN Q 498 13.25 -52.24 -31.41
CA ASN Q 498 13.88 -51.24 -32.26
C ASN Q 498 15.24 -50.85 -31.69
N PRO Q 499 16.27 -51.68 -31.91
CA PRO Q 499 17.60 -51.57 -31.35
C PRO Q 499 18.18 -50.22 -31.73
N PRO Q 500 19.11 -49.69 -30.90
CA PRO Q 500 19.73 -48.37 -30.98
C PRO Q 500 20.50 -48.11 -32.26
N GLU Q 501 20.87 -49.16 -32.98
CA GLU Q 501 21.59 -48.93 -34.21
C GLU Q 501 20.75 -48.09 -35.16
N SER Q 502 19.43 -48.32 -35.18
CA SER Q 502 18.54 -47.55 -36.05
C SER Q 502 19.05 -47.40 -37.48
N VAL Q 503 19.44 -48.48 -38.11
CA VAL Q 503 19.91 -48.33 -39.47
C VAL Q 503 18.88 -48.85 -40.42
N ASP Q 504 18.18 -47.93 -41.05
CA ASP Q 504 17.09 -48.17 -41.99
C ASP Q 504 15.90 -48.95 -41.43
N LEU Q 505 16.13 -50.19 -41.01
CA LEU Q 505 15.06 -51.07 -40.59
C LEU Q 505 14.71 -50.93 -39.13
N GLY Q 506 14.18 -49.77 -38.83
CA GLY Q 506 13.68 -49.42 -37.53
C GLY Q 506 12.20 -49.53 -37.71
N ARG Q 507 11.41 -48.92 -36.84
CA ARG Q 507 9.95 -48.97 -36.98
C ARG Q 507 9.40 -50.40 -36.99
N VAL Q 508 9.91 -51.23 -36.11
CA VAL Q 508 9.49 -52.61 -35.95
C VAL Q 508 8.42 -52.71 -34.87
N VAL Q 509 7.33 -53.39 -35.17
CA VAL Q 509 6.26 -53.56 -34.19
C VAL Q 509 5.99 -55.04 -33.99
N CYS Q 510 5.92 -55.46 -32.74
CA CYS Q 510 5.61 -56.85 -32.44
C CYS Q 510 4.15 -56.95 -32.09
N GLU Q 511 3.48 -57.95 -32.63
CA GLU Q 511 2.07 -58.11 -32.32
C GLU Q 511 1.68 -59.54 -31.99
N ILE Q 512 0.72 -59.66 -31.10
CA ILE Q 512 0.09 -60.91 -30.75
C ILE Q 512 -1.34 -60.85 -31.21
N GLY Q 513 -1.76 -61.87 -31.95
CA GLY Q 513 -3.11 -61.98 -32.45
C GLY Q 513 -3.92 -62.55 -31.30
N ILE Q 514 -3.88 -63.86 -31.16
CA ILE Q 514 -4.49 -64.49 -30.01
C ILE Q 514 -3.37 -65.35 -29.45
N ALA Q 515 -3.35 -66.61 -29.84
CA ALA Q 515 -2.21 -67.43 -29.52
C ALA Q 515 -1.15 -67.21 -30.60
N PRO Q 516 -1.50 -67.20 -31.93
CA PRO Q 516 -0.59 -66.95 -33.02
C PRO Q 516 -0.05 -65.55 -32.89
N VAL Q 517 1.21 -65.37 -33.23
CA VAL Q 517 1.89 -64.09 -33.15
C VAL Q 517 2.60 -63.77 -34.48
N LYS Q 518 2.96 -62.49 -34.70
CA LYS Q 518 3.72 -62.01 -35.87
C LYS Q 518 4.90 -61.19 -35.35
N MET R 1 -21.27 -59.55 -8.24
CA MET R 1 -22.04 -60.41 -7.33
C MET R 1 -21.18 -61.10 -6.22
N SER R 2 -19.96 -60.57 -5.93
CA SER R 2 -19.03 -61.10 -4.91
C SER R 2 -19.45 -60.76 -3.48
N LEU R 3 -20.32 -59.79 -3.33
CA LEU R 3 -20.80 -59.42 -2.02
C LEU R 3 -22.16 -60.07 -1.89
N PRO R 4 -22.61 -60.47 -0.69
CA PRO R 4 -23.94 -60.98 -0.44
C PRO R 4 -24.92 -59.82 -0.34
N LYS R 5 -24.94 -59.04 -1.40
CA LYS R 5 -25.76 -57.87 -1.52
C LYS R 5 -26.01 -57.80 -3.05
N PRO R 6 -26.67 -58.84 -3.62
CA PRO R 6 -26.81 -59.12 -5.04
C PRO R 6 -27.84 -58.29 -5.77
N GLU R 7 -27.56 -57.03 -5.99
CA GLU R 7 -28.57 -56.22 -6.68
C GLU R 7 -28.21 -55.97 -8.13
N ASP R 8 -28.78 -56.74 -9.08
CA ASP R 8 -28.42 -56.52 -10.46
C ASP R 8 -28.81 -55.14 -10.93
N VAL R 9 -27.85 -54.42 -11.51
CA VAL R 9 -28.15 -53.06 -12.05
C VAL R 9 -28.17 -53.20 -13.56
N LEU R 10 -28.71 -52.24 -14.30
CA LEU R 10 -28.68 -52.46 -15.72
C LEU R 10 -27.25 -52.57 -16.15
N VAL R 11 -26.97 -53.67 -16.81
CA VAL R 11 -25.65 -53.93 -17.36
C VAL R 11 -25.79 -53.89 -18.85
N ALA R 12 -26.79 -54.62 -19.35
CA ALA R 12 -27.08 -54.62 -20.76
C ALA R 12 -28.46 -55.17 -21.08
N PRO R 13 -29.15 -54.62 -22.09
CA PRO R 13 -30.36 -55.15 -22.68
C PRO R 13 -29.85 -56.21 -23.64
N ASN R 14 -29.24 -57.25 -23.06
CA ASN R 14 -28.62 -58.31 -23.90
C ASN R 14 -29.71 -59.22 -24.45
N PHE R 15 -29.96 -59.13 -25.75
CA PHE R 15 -31.03 -59.95 -26.33
C PHE R 15 -30.54 -60.86 -27.47
N GLY R 16 -30.56 -62.17 -27.24
CA GLY R 16 -30.04 -63.17 -28.17
C GLY R 16 -31.14 -63.71 -29.09
N ILE R 17 -31.07 -63.35 -30.35
CA ILE R 17 -32.12 -63.73 -31.29
C ILE R 17 -31.47 -64.32 -32.54
N GLN R 18 -32.25 -64.95 -33.44
CA GLN R 18 -31.68 -65.56 -34.66
C GLN R 18 -31.37 -64.51 -35.75
N ILE R 19 -31.86 -63.31 -35.51
CA ILE R 19 -31.75 -62.12 -36.35
C ILE R 19 -30.57 -61.27 -35.90
N ASP R 20 -29.78 -60.74 -36.81
CA ASP R 20 -28.65 -59.92 -36.36
C ASP R 20 -29.08 -58.49 -36.00
N GLY R 21 -29.80 -58.43 -34.91
CA GLY R 21 -30.39 -57.23 -34.33
C GLY R 21 -29.40 -56.54 -33.42
N VAL R 22 -28.29 -56.10 -34.00
CA VAL R 22 -27.19 -55.47 -33.28
C VAL R 22 -27.47 -54.11 -32.64
N MET R 23 -28.27 -53.28 -33.27
CA MET R 23 -28.47 -51.94 -32.75
C MET R 23 -29.51 -51.86 -31.66
N VAL R 24 -29.20 -52.38 -30.48
CA VAL R 24 -30.20 -52.47 -29.41
C VAL R 24 -30.17 -51.37 -28.37
N GLU R 25 -31.31 -50.74 -28.12
CA GLU R 25 -31.33 -49.77 -27.06
C GLU R 25 -32.06 -50.34 -25.87
N TYR R 26 -33.30 -50.81 -26.06
CA TYR R 26 -33.99 -51.24 -24.82
C TYR R 26 -35.17 -52.19 -24.97
N LEU R 27 -35.36 -53.04 -23.95
CA LEU R 27 -36.45 -53.99 -23.83
C LEU R 27 -37.43 -53.49 -22.76
N ASN R 28 -38.73 -53.61 -23.03
CA ASN R 28 -39.76 -53.22 -22.04
C ASN R 28 -41.00 -54.13 -22.09
N SER R 29 -41.97 -53.83 -21.21
CA SER R 29 -43.24 -54.56 -21.04
C SER R 29 -43.11 -56.07 -20.82
N VAL R 30 -42.27 -56.48 -19.89
CA VAL R 30 -42.13 -57.91 -19.60
C VAL R 30 -42.74 -58.34 -18.27
N SER R 31 -43.70 -59.26 -18.34
CA SER R 31 -44.37 -59.76 -17.14
C SER R 31 -44.89 -61.20 -17.24
N ASN R 32 -44.98 -61.84 -16.08
CA ASN R 32 -45.49 -63.19 -15.85
C ASN R 32 -46.87 -63.12 -15.18
N LEU R 33 -47.95 -63.41 -15.91
CA LEU R 33 -49.28 -63.21 -15.34
C LEU R 33 -50.17 -64.45 -15.25
N GLN R 34 -50.54 -64.78 -14.01
CA GLN R 34 -51.46 -65.88 -13.73
C GLN R 34 -52.84 -65.29 -13.47
N ILE R 35 -53.86 -65.84 -14.13
CA ILE R 35 -55.21 -65.34 -14.01
C ILE R 35 -55.92 -65.85 -12.76
N GLU R 36 -56.61 -64.96 -12.07
CA GLU R 36 -57.37 -65.22 -10.85
C GLU R 36 -58.84 -65.59 -11.08
N GLN R 37 -59.36 -66.60 -10.37
CA GLN R 37 -60.80 -66.85 -10.40
C GLN R 37 -61.39 -66.48 -9.05
N ASP R 38 -62.56 -65.86 -9.06
CA ASP R 38 -63.18 -65.37 -7.82
C ASP R 38 -64.60 -65.85 -7.56
N VAL R 39 -64.79 -66.77 -6.61
CA VAL R 39 -66.13 -67.27 -6.31
C VAL R 39 -66.53 -67.10 -4.85
N ILE R 40 -67.67 -66.49 -4.59
CA ILE R 40 -68.09 -66.36 -3.19
C ILE R 40 -69.13 -67.40 -2.92
N ARG R 41 -68.84 -68.23 -1.94
CA ARG R 41 -69.72 -69.30 -1.57
C ARG R 41 -70.59 -68.81 -0.42
N TYR R 42 -71.88 -69.09 -0.50
CA TYR R 42 -72.85 -68.68 0.52
C TYR R 42 -72.74 -69.40 1.89
N GLN R 43 -73.62 -69.02 2.81
CA GLN R 43 -73.58 -69.64 4.13
C GLN R 43 -73.84 -71.13 3.95
N GLN R 44 -72.97 -71.94 4.56
CA GLN R 44 -73.08 -73.38 4.45
C GLN R 44 -73.99 -73.88 5.54
N ASN R 45 -75.26 -73.49 5.45
CA ASN R 45 -76.27 -73.90 6.43
C ASN R 45 -75.83 -73.74 7.88
N GLN R 46 -75.26 -72.60 8.20
CA GLN R 46 -74.75 -72.34 9.53
C GLN R 46 -74.77 -70.86 9.82
N GLY R 47 -74.66 -70.49 11.09
CA GLY R 47 -74.66 -69.07 11.47
C GLY R 47 -73.33 -68.34 11.26
N THR R 48 -72.84 -68.36 10.03
CA THR R 48 -71.58 -67.72 9.68
C THR R 48 -71.74 -66.92 8.40
N THR R 49 -70.66 -66.27 8.01
CA THR R 49 -70.60 -65.53 6.79
C THR R 49 -70.28 -66.52 5.71
N GLY R 50 -70.34 -66.06 4.47
CA GLY R 50 -69.95 -66.90 3.37
C GLY R 50 -68.44 -66.81 3.30
N ARG R 51 -67.87 -67.40 2.27
CA ARG R 51 -66.42 -67.44 2.12
C ARG R 51 -65.96 -67.08 0.73
N ASN R 52 -64.78 -66.50 0.64
CA ASN R 52 -64.26 -66.11 -0.64
C ASN R 52 -63.28 -67.13 -1.16
N ASN R 53 -63.65 -67.85 -2.19
CA ASN R 53 -62.72 -68.84 -2.66
C ASN R 53 -61.84 -68.10 -3.63
N VAL R 54 -60.70 -67.72 -3.11
CA VAL R 54 -59.75 -66.90 -3.82
C VAL R 54 -58.53 -67.69 -4.17
N THR R 55 -58.62 -69.01 -4.07
CA THR R 55 -57.49 -69.91 -4.34
C THR R 55 -57.66 -70.66 -5.64
N LEU R 56 -58.63 -70.24 -6.41
CA LEU R 56 -58.95 -70.85 -7.68
C LEU R 56 -57.90 -70.42 -8.71
N MET R 57 -57.39 -71.39 -9.48
CA MET R 57 -56.29 -71.17 -10.43
C MET R 57 -56.48 -71.42 -11.93
N PRO R 58 -57.00 -70.44 -12.68
CA PRO R 58 -57.10 -70.41 -14.13
C PRO R 58 -55.70 -70.36 -14.72
N GLY R 59 -55.60 -70.46 -16.05
CA GLY R 59 -54.31 -70.48 -16.73
C GLY R 59 -53.64 -69.11 -16.78
N VAL R 60 -52.80 -68.90 -17.79
CA VAL R 60 -52.02 -67.68 -17.82
C VAL R 60 -52.28 -66.84 -19.04
N ALA R 61 -51.91 -65.58 -18.95
CA ALA R 61 -52.10 -64.66 -20.06
C ALA R 61 -50.93 -64.64 -21.02
N LYS R 62 -51.26 -64.46 -22.29
CA LYS R 62 -50.30 -64.24 -23.38
C LYS R 62 -50.01 -62.75 -23.39
N ASP R 63 -48.85 -62.35 -23.92
CA ASP R 63 -48.49 -60.94 -23.96
C ASP R 63 -47.44 -60.65 -25.02
N GLY R 64 -47.04 -59.38 -25.13
CA GLY R 64 -46.04 -58.96 -26.10
C GLY R 64 -44.98 -58.09 -25.45
N SER R 65 -43.77 -58.12 -26.00
CA SER R 65 -42.67 -57.32 -25.45
C SER R 65 -42.17 -56.27 -26.43
N VAL R 66 -42.03 -55.04 -25.94
CA VAL R 66 -41.56 -53.93 -26.76
C VAL R 66 -40.05 -54.00 -26.93
N GLN R 67 -39.57 -53.77 -28.15
CA GLN R 67 -38.16 -53.82 -28.44
C GLN R 67 -37.75 -52.56 -29.19
N VAL R 68 -36.72 -51.89 -28.71
CA VAL R 68 -36.32 -50.68 -29.40
C VAL R 68 -34.95 -50.74 -29.98
N GLU R 69 -34.96 -50.51 -31.28
CA GLU R 69 -33.79 -50.52 -32.10
C GLU R 69 -33.33 -49.09 -32.10
N ARG R 70 -32.02 -48.91 -32.03
CA ARG R 70 -31.44 -47.54 -31.98
C ARG R 70 -32.03 -46.65 -33.07
N GLY R 71 -32.15 -47.15 -34.31
CA GLY R 71 -32.62 -46.27 -35.33
C GLY R 71 -32.44 -46.78 -36.70
N MET R 72 -32.86 -45.95 -37.60
CA MET R 72 -32.80 -46.25 -39.00
C MET R 72 -31.41 -46.33 -39.55
N SER R 73 -31.28 -47.25 -40.48
CA SER R 73 -30.09 -47.50 -41.27
C SER R 73 -30.60 -48.23 -42.49
N GLN R 74 -29.73 -48.53 -43.42
CA GLN R 74 -30.10 -49.25 -44.62
C GLN R 74 -30.41 -50.74 -44.36
N SER R 75 -30.05 -51.25 -43.18
CA SER R 75 -30.24 -52.65 -42.86
C SER R 75 -31.67 -52.95 -42.42
N SER R 76 -32.59 -53.00 -43.38
CA SER R 76 -34.03 -53.17 -43.13
C SER R 76 -34.42 -54.63 -42.78
N VAL R 77 -33.79 -55.13 -41.74
CA VAL R 77 -33.92 -56.47 -41.22
C VAL R 77 -35.26 -56.73 -40.59
N PHE R 78 -35.70 -55.80 -39.74
CA PHE R 78 -36.99 -55.96 -39.04
C PHE R 78 -38.13 -55.67 -40.01
N THR R 79 -37.85 -54.88 -41.06
CA THR R 79 -38.88 -54.64 -42.03
C THR R 79 -39.16 -55.94 -42.76
N GLN R 80 -38.12 -56.69 -43.15
CA GLN R 80 -38.42 -57.94 -43.82
C GLN R 80 -39.20 -58.89 -42.92
N TRP R 81 -38.83 -58.97 -41.64
CA TRP R 81 -39.53 -59.90 -40.78
C TRP R 81 -41.03 -59.61 -40.80
N ILE R 82 -41.41 -58.33 -40.65
CA ILE R 82 -42.82 -58.04 -40.71
C ILE R 82 -43.39 -58.25 -42.11
N ASN R 83 -42.63 -57.98 -43.17
CA ASN R 83 -43.15 -58.17 -44.52
C ASN R 83 -43.49 -59.61 -44.80
N ASP R 84 -42.68 -60.54 -44.31
CA ASP R 84 -42.94 -61.94 -44.56
C ASP R 84 -44.20 -62.37 -43.84
N SER R 85 -44.41 -61.85 -42.62
CA SER R 85 -45.61 -62.20 -41.90
C SER R 85 -46.85 -61.61 -42.57
N MET R 86 -46.75 -60.38 -43.07
CA MET R 86 -47.89 -59.74 -43.72
C MET R 86 -48.29 -60.52 -44.96
N ALA R 87 -47.30 -61.11 -45.62
CA ALA R 87 -47.48 -61.89 -46.82
C ALA R 87 -47.95 -63.32 -46.55
N GLY R 88 -48.04 -63.72 -45.28
CA GLY R 88 -48.46 -65.08 -44.94
C GLY R 88 -47.34 -66.11 -44.99
N ARG R 89 -46.10 -65.68 -45.14
CA ARG R 89 -45.02 -66.63 -45.26
C ARG R 89 -44.57 -67.00 -43.87
N MET R 90 -45.32 -67.91 -43.29
CA MET R 90 -45.16 -68.23 -41.89
C MET R 90 -43.91 -68.94 -41.47
N ALA R 91 -43.36 -68.38 -40.41
CA ALA R 91 -42.25 -68.87 -39.65
C ALA R 91 -42.31 -68.14 -38.33
N THR R 92 -41.88 -68.78 -37.26
CA THR R 92 -41.81 -68.15 -35.95
C THR R 92 -40.45 -68.38 -35.39
N ALA R 93 -40.10 -67.69 -34.32
CA ALA R 93 -38.77 -67.94 -33.77
C ALA R 93 -38.67 -67.78 -32.27
N ARG R 94 -37.68 -68.49 -31.73
CA ARG R 94 -37.32 -68.53 -30.32
C ARG R 94 -36.44 -67.33 -29.99
N LYS R 95 -36.68 -66.68 -28.85
CA LYS R 95 -35.83 -65.52 -28.46
C LYS R 95 -35.32 -65.66 -27.02
N ASN R 96 -34.15 -65.09 -26.71
CA ASN R 96 -33.62 -65.15 -25.35
C ASN R 96 -33.19 -63.83 -24.71
N ALA R 97 -33.94 -63.36 -23.72
CA ALA R 97 -33.57 -62.12 -23.04
C ALA R 97 -32.63 -62.48 -21.91
N THR R 98 -31.42 -61.92 -21.94
CA THR R 98 -30.41 -62.31 -20.95
C THR R 98 -29.96 -61.18 -20.06
N ILE R 99 -29.87 -61.48 -18.79
CA ILE R 99 -29.37 -60.54 -17.82
C ILE R 99 -27.98 -60.95 -17.43
N ILE R 100 -27.07 -60.00 -17.58
CA ILE R 100 -25.67 -60.20 -17.30
C ILE R 100 -25.34 -59.31 -16.13
N VAL R 101 -24.19 -59.52 -15.52
CA VAL R 101 -23.86 -58.81 -14.28
C VAL R 101 -22.75 -57.80 -14.42
N MET R 102 -22.41 -57.17 -13.31
CA MET R 102 -21.43 -56.09 -13.31
C MET R 102 -20.18 -56.57 -14.03
N ASP R 103 -19.80 -57.82 -13.79
CA ASP R 103 -18.74 -58.40 -14.57
C ASP R 103 -19.45 -58.96 -15.79
N TYR R 104 -19.25 -58.30 -16.93
CA TYR R 104 -19.96 -58.57 -18.19
C TYR R 104 -19.74 -59.97 -18.73
N GLU R 105 -18.76 -60.67 -18.16
CA GLU R 105 -18.43 -62.03 -18.54
C GLU R 105 -19.52 -63.05 -18.18
N ASP R 106 -20.24 -62.87 -17.06
CA ASP R 106 -21.19 -63.93 -16.73
C ASP R 106 -22.57 -63.71 -17.34
N ASN R 107 -23.50 -64.66 -17.12
CA ASN R 107 -24.87 -64.61 -17.63
C ASN R 107 -25.88 -65.36 -16.75
N PRO R 108 -26.11 -64.99 -15.48
CA PRO R 108 -26.97 -65.73 -14.57
C PRO R 108 -28.47 -65.82 -14.85
N VAL R 109 -29.08 -64.90 -15.61
CA VAL R 109 -30.52 -65.07 -15.80
C VAL R 109 -30.99 -65.01 -17.25
N LYS R 110 -31.80 -65.98 -17.63
CA LYS R 110 -32.33 -66.01 -18.98
C LYS R 110 -33.84 -66.17 -18.98
N ARG R 111 -34.49 -65.52 -19.94
CA ARG R 111 -35.91 -65.70 -20.16
C ARG R 111 -36.18 -66.03 -21.60
N TRP R 112 -36.89 -67.11 -21.79
CA TRP R 112 -37.18 -67.57 -23.11
C TRP R 112 -38.56 -67.17 -23.60
N ASN R 113 -38.56 -66.78 -24.85
CA ASN R 113 -39.70 -66.42 -25.62
C ASN R 113 -40.11 -67.62 -26.43
N LEU R 114 -41.27 -68.18 -26.14
CA LEU R 114 -41.69 -69.41 -26.80
C LEU R 114 -41.73 -69.21 -28.32
N ARG R 115 -41.29 -70.23 -29.08
CA ARG R 115 -41.19 -70.10 -30.52
C ARG R 115 -42.49 -70.12 -31.31
N ASN R 116 -43.33 -69.13 -30.98
CA ASN R 116 -44.58 -68.91 -31.77
C ASN R 116 -44.58 -67.39 -31.90
N ALA R 117 -43.48 -66.77 -31.45
CA ALA R 117 -43.35 -65.34 -31.48
C ALA R 117 -43.20 -64.77 -32.88
N TRP R 118 -43.76 -63.56 -33.05
CA TRP R 118 -43.64 -62.85 -34.35
C TRP R 118 -43.81 -61.34 -34.18
N CYS R 119 -43.51 -60.56 -35.22
CA CYS R 119 -43.59 -59.09 -35.24
C CYS R 119 -44.89 -58.48 -35.74
N SER R 120 -45.51 -57.71 -34.87
CA SER R 120 -46.79 -57.03 -35.05
C SER R 120 -46.68 -55.67 -35.71
N LYS R 121 -45.80 -54.86 -35.14
CA LYS R 121 -45.70 -53.47 -35.60
C LYS R 121 -44.29 -52.99 -35.80
N VAL R 122 -44.14 -52.08 -36.73
CA VAL R 122 -42.91 -51.31 -36.83
C VAL R 122 -43.30 -49.83 -36.79
N VAL R 123 -42.81 -49.10 -35.79
CA VAL R 123 -43.19 -47.70 -35.63
C VAL R 123 -42.02 -46.74 -35.74
N ALA R 124 -42.16 -45.74 -36.62
CA ALA R 124 -41.13 -44.73 -36.86
C ALA R 124 -41.19 -43.59 -35.85
N GLY R 125 -40.08 -42.87 -35.72
CA GLY R 125 -40.04 -41.70 -34.85
C GLY R 125 -40.54 -40.46 -35.62
N THR R 126 -40.35 -39.27 -35.03
CA THR R 126 -40.83 -38.01 -35.62
C THR R 126 -39.70 -37.25 -36.27
N LEU R 127 -39.91 -36.73 -37.49
CA LEU R 127 -38.86 -35.99 -38.16
C LEU R 127 -39.16 -34.51 -38.26
N LYS R 128 -38.54 -33.68 -37.40
CA LYS R 128 -38.84 -32.24 -37.40
C LYS R 128 -37.64 -31.35 -37.57
N ALA R 129 -37.67 -30.50 -38.59
CA ALA R 129 -36.55 -29.65 -38.88
C ALA R 129 -36.19 -28.83 -37.67
N GLY R 130 -34.91 -28.84 -37.33
CA GLY R 130 -34.44 -28.07 -36.21
C GLY R 130 -34.38 -28.84 -34.88
N ASP R 131 -35.07 -29.96 -34.72
CA ASP R 131 -34.94 -30.67 -33.41
C ASP R 131 -33.46 -30.76 -33.05
N THR R 132 -32.61 -31.17 -33.99
CA THR R 132 -31.18 -31.28 -33.84
C THR R 132 -30.82 -32.47 -32.94
N ASN R 133 -31.19 -32.42 -31.67
CA ASN R 133 -30.91 -33.48 -30.72
C ASN R 133 -31.97 -34.56 -30.77
N ALA R 134 -32.06 -35.23 -31.90
CA ALA R 134 -33.03 -36.30 -32.08
C ALA R 134 -32.56 -37.30 -33.11
N LEU R 135 -32.92 -38.57 -32.89
CA LEU R 135 -32.61 -39.64 -33.82
C LEU R 135 -33.81 -40.39 -34.28
N THR R 136 -33.71 -40.98 -35.46
CA THR R 136 -34.88 -41.68 -35.94
C THR R 136 -34.91 -43.08 -35.38
N GLU R 137 -35.41 -43.17 -34.15
CA GLU R 137 -35.51 -44.38 -33.34
C GLU R 137 -36.67 -45.20 -33.86
N THR R 138 -36.64 -46.52 -33.72
CA THR R 138 -37.83 -47.28 -34.11
C THR R 138 -38.26 -48.29 -33.06
N ILE R 139 -39.55 -48.56 -33.05
CA ILE R 139 -40.09 -49.51 -32.10
C ILE R 139 -40.65 -50.73 -32.78
N THR R 140 -40.21 -51.89 -32.33
CA THR R 140 -40.70 -53.15 -32.86
C THR R 140 -41.56 -53.82 -31.80
N ILE R 141 -42.75 -54.23 -32.20
CA ILE R 141 -43.65 -54.91 -31.26
C ILE R 141 -43.77 -56.36 -31.61
N VAL R 142 -43.47 -57.22 -30.63
CA VAL R 142 -43.43 -58.68 -30.78
C VAL R 142 -44.35 -59.44 -29.83
N PHE R 143 -45.06 -60.43 -30.40
CA PHE R 143 -46.02 -61.22 -29.60
C PHE R 143 -45.36 -62.49 -29.04
N GLU R 144 -45.78 -62.94 -27.86
CA GLU R 144 -45.24 -64.22 -27.31
C GLU R 144 -46.36 -64.98 -26.61
N GLU R 145 -46.51 -66.29 -26.88
CA GLU R 145 -47.56 -66.98 -26.13
C GLU R 145 -47.17 -67.15 -24.67
N LEU R 146 -45.93 -67.60 -24.45
CA LEU R 146 -45.44 -67.88 -23.11
C LEU R 146 -44.10 -67.26 -22.81
N VAL R 147 -43.93 -66.95 -21.52
CA VAL R 147 -42.66 -66.50 -20.99
C VAL R 147 -42.13 -67.62 -20.13
N VAL R 148 -40.96 -68.11 -20.48
CA VAL R 148 -40.39 -69.24 -19.77
C VAL R 148 -39.09 -68.87 -19.03
N GLU R 149 -39.02 -69.14 -17.70
CA GLU R 149 -37.85 -68.86 -16.83
C GLU R 149 -36.50 -69.25 -17.48
N MET S 1 33.05 -30.59 -47.44
CA MET S 1 33.64 -29.37 -46.90
C MET S 1 33.28 -28.17 -47.83
N PRO S 2 31.97 -27.70 -47.93
CA PRO S 2 31.50 -26.57 -48.75
C PRO S 2 31.96 -25.23 -48.19
N SER S 3 31.96 -24.19 -49.03
CA SER S 3 32.37 -22.85 -48.60
C SER S 3 31.52 -22.19 -47.54
N TYR S 4 32.18 -21.41 -46.72
CA TYR S 4 31.56 -20.65 -45.65
C TYR S 4 32.19 -19.29 -45.37
N LEU S 5 33.48 -19.14 -45.66
CA LEU S 5 34.17 -17.88 -45.36
C LEU S 5 33.83 -16.85 -46.43
N SER S 6 33.55 -17.33 -47.63
CA SER S 6 33.28 -16.43 -48.73
C SER S 6 32.68 -17.11 -49.96
N PRO S 7 31.84 -16.39 -50.73
CA PRO S 7 31.39 -16.77 -52.06
C PRO S 7 32.57 -16.97 -53.03
N GLY S 8 33.72 -16.40 -52.69
CA GLY S 8 34.96 -16.47 -53.45
C GLY S 8 36.09 -16.48 -52.43
N VAL S 9 36.90 -17.54 -52.41
CA VAL S 9 37.88 -17.67 -51.34
C VAL S 9 39.33 -17.43 -51.72
N TYR S 10 39.58 -17.06 -52.96
CA TYR S 10 40.96 -16.80 -53.37
C TYR S 10 41.17 -15.35 -53.75
N VAL S 11 40.12 -14.76 -54.28
CA VAL S 11 40.08 -13.41 -54.79
C VAL S 11 38.90 -12.74 -54.15
N GLU S 12 39.02 -11.48 -53.73
CA GLU S 12 37.86 -10.82 -53.12
C GLU S 12 36.91 -10.27 -54.21
N GLU S 13 36.40 -11.21 -55.01
CA GLU S 13 35.50 -11.01 -56.14
C GLU S 13 34.16 -10.59 -55.61
N VAL S 14 34.00 -10.76 -54.32
CA VAL S 14 32.82 -10.41 -53.54
C VAL S 14 32.51 -8.92 -53.50
N ALA S 15 33.52 -8.02 -53.74
CA ALA S 15 33.36 -6.56 -53.74
C ALA S 15 34.08 -5.98 -54.95
N GLY S 28 12.04 -8.63 -52.77
CA GLY S 28 12.32 -10.00 -53.12
C GLY S 28 11.05 -10.68 -53.62
N VAL S 29 11.19 -11.93 -54.11
CA VAL S 29 10.11 -12.80 -54.63
C VAL S 29 9.78 -13.93 -53.65
N GLY S 30 10.81 -14.62 -53.16
CA GLY S 30 10.60 -15.75 -52.26
C GLY S 30 11.53 -16.89 -52.59
N THR S 31 11.50 -17.96 -51.80
CA THR S 31 12.43 -19.06 -52.04
C THR S 31 11.87 -20.09 -53.01
N SER S 32 10.55 -20.12 -53.17
CA SER S 32 9.94 -21.11 -54.06
C SER S 32 9.92 -20.61 -55.51
N VAL S 33 11.13 -20.49 -56.05
CA VAL S 33 11.41 -19.99 -57.38
C VAL S 33 12.26 -20.96 -58.22
N ALA S 34 11.79 -21.17 -59.44
CA ALA S 34 12.46 -22.07 -60.39
C ALA S 34 12.62 -21.40 -61.74
N ALA S 35 13.57 -21.88 -62.53
CA ALA S 35 13.74 -21.36 -63.89
C ALA S 35 13.52 -22.43 -64.94
N PHE S 36 12.81 -22.05 -66.00
CA PHE S 36 12.52 -22.95 -67.09
C PHE S 36 13.02 -22.46 -68.42
N VAL S 37 13.84 -23.30 -69.05
CA VAL S 37 14.43 -23.00 -70.35
C VAL S 37 13.79 -23.82 -71.44
N GLY S 38 13.19 -23.16 -72.42
CA GLY S 38 12.53 -23.92 -73.50
C GLY S 38 12.05 -22.99 -74.58
N LEU S 39 11.35 -23.50 -75.57
CA LEU S 39 10.91 -22.70 -76.73
C LEU S 39 9.46 -22.23 -76.69
N ALA S 40 9.17 -21.11 -77.36
CA ALA S 40 7.79 -20.56 -77.27
C ALA S 40 7.43 -19.78 -78.53
N PRO S 41 6.14 -19.76 -78.94
CA PRO S 41 5.70 -18.97 -80.09
C PRO S 41 5.16 -17.60 -79.66
N THR S 42 5.39 -16.56 -80.48
CA THR S 42 4.83 -15.21 -80.19
C THR S 42 5.06 -14.88 -78.71
N GLY S 43 6.32 -14.85 -78.27
CA GLY S 43 6.64 -14.51 -76.86
C GLY S 43 7.80 -13.55 -76.77
N PRO S 44 8.04 -12.88 -75.61
CA PRO S 44 9.11 -11.91 -75.46
C PRO S 44 10.46 -12.54 -75.81
N LEU S 45 11.43 -11.73 -76.26
CA LEU S 45 12.76 -12.26 -76.67
C LEU S 45 13.43 -12.96 -75.49
N ASN S 46 14.47 -13.75 -75.76
CA ASN S 46 15.19 -14.43 -74.69
C ASN S 46 15.99 -13.52 -73.75
N GLU S 47 16.38 -12.36 -74.23
CA GLU S 47 17.08 -11.41 -73.40
C GLU S 47 16.31 -10.98 -72.13
N PRO S 48 15.05 -10.49 -72.21
CA PRO S 48 14.26 -10.09 -71.07
C PRO S 48 13.68 -11.28 -70.34
N THR S 49 14.53 -12.03 -69.64
CA THR S 49 14.03 -13.17 -68.90
C THR S 49 13.06 -12.61 -67.89
N LEU S 50 11.88 -13.20 -67.81
CA LEU S 50 10.86 -12.65 -66.92
C LEU S 50 10.58 -13.50 -65.73
N VAL S 51 10.18 -12.87 -64.63
CA VAL S 51 9.73 -13.63 -63.46
C VAL S 51 8.22 -13.55 -63.49
N THR S 52 7.57 -14.68 -63.67
CA THR S 52 6.14 -14.67 -63.87
C THR S 52 5.28 -15.65 -63.09
N ASN S 53 3.99 -15.32 -63.06
CA ASN S 53 2.88 -16.17 -62.60
C ASN S 53 2.18 -16.72 -63.85
N TRP S 54 1.13 -17.53 -63.74
CA TRP S 54 0.49 -18.07 -64.94
C TRP S 54 -0.12 -17.02 -65.85
N THR S 55 -0.85 -16.05 -65.31
CA THR S 55 -1.47 -15.06 -66.17
C THR S 55 -0.42 -14.38 -67.05
N GLN S 56 0.69 -14.04 -66.43
CA GLN S 56 1.81 -13.41 -67.12
C GLN S 56 2.48 -14.36 -68.10
N TYR S 57 2.59 -15.64 -67.72
CA TYR S 57 3.17 -16.63 -68.59
C TYR S 57 2.41 -16.70 -69.88
N VAL S 58 1.10 -16.75 -69.77
CA VAL S 58 0.27 -16.85 -70.94
C VAL S 58 0.42 -15.61 -71.78
N ALA S 59 0.44 -14.43 -71.18
CA ALA S 59 0.61 -13.24 -71.99
C ALA S 59 1.92 -13.33 -72.80
N ALA S 60 2.95 -13.93 -72.21
CA ALA S 60 4.26 -14.12 -72.83
C ALA S 60 4.41 -15.42 -73.67
N PHE S 61 3.37 -16.25 -73.77
CA PHE S 61 3.45 -17.55 -74.47
C PHE S 61 2.23 -17.91 -75.35
N GLY S 62 1.02 -17.66 -74.85
CA GLY S 62 -0.21 -18.15 -75.46
C GLY S 62 -0.77 -19.37 -74.70
N ASP S 63 -1.95 -19.83 -75.09
CA ASP S 63 -2.61 -20.91 -74.38
C ASP S 63 -2.22 -22.31 -74.84
N PHE S 64 -0.96 -22.68 -74.61
CA PHE S 64 -0.38 -23.98 -74.99
C PHE S 64 -0.26 -24.25 -76.51
N THR S 65 -0.66 -23.30 -77.33
CA THR S 65 -0.87 -23.52 -78.77
C THR S 65 0.37 -23.78 -79.61
N GLY S 66 1.54 -23.42 -79.10
CA GLY S 66 2.76 -23.66 -79.85
C GLY S 66 3.17 -25.14 -79.81
N GLY S 67 2.58 -25.92 -78.89
CA GLY S 67 2.94 -27.34 -78.78
C GLY S 67 4.26 -27.59 -78.08
N TYR S 68 4.68 -26.68 -77.22
CA TYR S 68 5.95 -26.79 -76.53
C TYR S 68 5.75 -27.17 -75.09
N TYR S 69 6.74 -27.82 -74.50
CA TYR S 69 6.62 -28.27 -73.14
C TYR S 69 6.68 -27.18 -72.09
N LEU S 70 7.17 -25.98 -72.41
CA LEU S 70 7.17 -24.97 -71.35
C LEU S 70 5.76 -24.73 -70.84
N ALA S 71 4.75 -24.77 -71.70
CA ALA S 71 3.45 -24.43 -71.17
C ALA S 71 3.01 -25.43 -70.14
N HIS S 72 3.35 -26.69 -70.35
CA HIS S 72 2.93 -27.73 -69.44
C HIS S 72 3.72 -27.71 -68.16
N SER S 73 5.02 -27.44 -68.25
CA SER S 73 5.83 -27.45 -67.05
C SER S 73 5.55 -26.24 -66.18
N VAL S 74 5.29 -25.10 -66.80
CA VAL S 74 4.99 -23.91 -66.04
C VAL S 74 3.61 -24.06 -65.44
N TYR S 75 2.64 -24.47 -66.26
CA TYR S 75 1.27 -24.71 -65.73
C TYR S 75 1.31 -25.87 -64.73
N GLY S 76 2.31 -26.76 -64.89
CA GLY S 76 2.43 -27.93 -64.00
C GLY S 76 2.78 -27.54 -62.58
N PHE S 77 3.82 -26.72 -62.40
CA PHE S 77 4.26 -26.32 -61.04
C PHE S 77 3.33 -25.23 -60.50
N PHE S 78 2.87 -24.34 -61.37
CA PHE S 78 2.04 -23.25 -60.92
C PHE S 78 0.77 -23.73 -60.23
N ASN S 79 0.28 -24.89 -60.63
CA ASN S 79 -0.94 -25.44 -60.05
C ASN S 79 -0.66 -26.35 -58.87
N ASN S 80 0.58 -26.35 -58.42
CA ASN S 80 1.06 -27.08 -57.28
C ASN S 80 1.56 -25.94 -56.40
N GLY S 81 2.59 -26.10 -55.54
CA GLY S 81 2.94 -24.94 -54.74
C GLY S 81 3.95 -24.09 -55.50
N GLY S 82 4.30 -22.93 -54.96
CA GLY S 82 5.31 -22.09 -55.61
C GLY S 82 4.79 -20.72 -55.91
N SER S 83 5.70 -19.74 -56.03
CA SER S 83 5.22 -18.40 -56.29
C SER S 83 5.68 -17.81 -57.60
N ALA S 84 6.81 -18.26 -58.12
CA ALA S 84 7.26 -17.62 -59.35
C ALA S 84 8.26 -18.44 -60.10
N ALA S 85 8.39 -18.13 -61.36
CA ALA S 85 9.44 -18.76 -62.10
C ALA S 85 10.01 -17.85 -63.13
N TYR S 86 11.26 -18.14 -63.49
CA TYR S 86 11.91 -17.40 -64.53
C TYR S 86 11.64 -18.08 -65.85
N VAL S 87 11.19 -17.29 -66.81
CA VAL S 87 10.86 -17.84 -68.12
C VAL S 87 11.87 -17.40 -69.15
N VAL S 88 12.57 -18.39 -69.73
CA VAL S 88 13.55 -18.08 -70.81
C VAL S 88 12.97 -18.57 -72.15
N ARG S 89 12.51 -17.64 -73.00
CA ARG S 89 11.89 -18.01 -74.29
C ARG S 89 12.94 -18.70 -75.17
N VAL S 90 14.21 -18.30 -75.05
CA VAL S 90 15.32 -18.93 -75.83
C VAL S 90 15.13 -18.60 -77.32
N GLY S 91 14.16 -19.26 -77.97
CA GLY S 91 13.93 -19.05 -79.39
C GLY S 91 12.44 -19.22 -79.74
N GLY S 92 12.14 -19.16 -81.03
CA GLY S 92 10.75 -19.16 -81.48
C GLY S 92 10.11 -20.46 -81.93
N SER S 93 9.26 -20.27 -82.95
CA SER S 93 8.43 -21.32 -83.52
C SER S 93 8.22 -21.17 -84.99
N ALA S 94 7.86 -22.29 -85.60
CA ALA S 94 7.47 -22.36 -87.00
C ALA S 94 5.97 -22.26 -87.07
N GLU S 95 5.45 -21.87 -88.22
CA GLU S 95 4.01 -21.82 -88.36
C GLU S 95 3.43 -23.22 -88.18
N ASP S 96 2.31 -23.34 -87.43
CA ASP S 96 1.55 -24.58 -87.14
C ASP S 96 2.47 -25.73 -86.69
N GLN S 232 15.94 -24.10 -86.92
CA GLN S 232 16.98 -24.70 -86.09
C GLN S 232 16.94 -24.27 -84.60
N ALA S 233 15.85 -23.62 -84.12
CA ALA S 233 15.64 -23.18 -82.72
C ALA S 233 15.68 -24.37 -81.77
N GLU S 234 15.22 -25.51 -82.28
CA GLU S 234 15.19 -26.77 -81.57
C GLU S 234 16.56 -27.40 -81.35
N SER S 235 17.57 -27.01 -82.15
CA SER S 235 18.89 -27.63 -82.07
C SER S 235 19.50 -27.27 -80.73
N ALA S 236 20.28 -28.17 -80.14
CA ALA S 236 20.80 -27.87 -78.81
C ALA S 236 21.67 -26.64 -78.71
N HIS S 237 22.66 -26.47 -79.59
CA HIS S 237 23.59 -25.30 -79.41
C HIS S 237 22.90 -23.93 -79.57
N PRO S 238 22.18 -23.64 -80.67
CA PRO S 238 21.63 -22.32 -80.94
C PRO S 238 20.38 -22.04 -80.12
N GLY S 239 20.56 -21.98 -78.81
CA GLY S 239 19.45 -21.71 -77.91
C GLY S 239 19.44 -22.48 -76.56
N PRO S 240 18.79 -23.64 -76.45
CA PRO S 240 18.62 -24.40 -75.20
C PRO S 240 19.82 -25.21 -74.78
N ALA S 241 20.95 -24.56 -74.58
CA ALA S 241 22.20 -25.24 -74.20
C ALA S 241 23.22 -24.28 -73.60
N GLN S 242 24.50 -24.63 -73.74
CA GLN S 242 25.59 -23.87 -73.14
C GLN S 242 25.95 -22.62 -73.93
N TYR S 243 25.03 -21.68 -73.88
CA TYR S 243 25.10 -20.39 -74.52
C TYR S 243 25.74 -19.36 -73.61
N LEU S 244 26.65 -18.57 -74.15
CA LEU S 244 27.25 -17.49 -73.37
C LEU S 244 27.01 -16.13 -74.04
N GLY S 245 27.34 -16.03 -75.33
CA GLY S 245 27.16 -14.78 -76.06
C GLY S 245 28.17 -13.73 -75.65
N ASP S 246 29.34 -14.18 -75.23
CA ASP S 246 30.38 -13.29 -74.72
C ASP S 246 29.76 -12.47 -73.57
N SER S 247 29.18 -13.23 -72.65
CA SER S 247 28.45 -12.76 -71.49
C SER S 247 27.28 -11.87 -71.87
N SER S 248 26.53 -12.29 -72.90
CA SER S 248 25.34 -11.53 -73.24
C SER S 248 24.32 -11.98 -72.24
N ASP S 249 24.46 -13.25 -71.85
CA ASP S 249 23.64 -13.93 -70.87
C ASP S 249 22.15 -13.82 -71.22
N ARG S 250 21.88 -13.81 -72.53
CA ARG S 250 20.54 -13.68 -73.09
C ARG S 250 19.81 -14.96 -73.38
N THR S 251 20.52 -16.03 -73.61
CA THR S 251 19.87 -17.24 -74.07
C THR S 251 20.31 -18.46 -73.29
N GLY S 252 19.42 -19.45 -73.23
CA GLY S 252 19.75 -20.75 -72.68
C GLY S 252 20.18 -20.70 -71.23
N PHE S 253 21.31 -21.33 -70.97
CA PHE S 253 21.87 -21.41 -69.65
C PHE S 253 22.77 -20.23 -69.39
N GLY S 254 22.82 -19.31 -70.35
CA GLY S 254 23.61 -18.11 -70.23
C GLY S 254 22.98 -17.22 -69.19
N GLY S 255 21.70 -17.43 -68.86
CA GLY S 255 21.07 -16.58 -67.86
C GLY S 255 21.46 -17.00 -66.44
N LEU S 256 22.15 -18.12 -66.30
CA LEU S 256 22.54 -18.61 -65.00
C LEU S 256 23.74 -17.80 -64.57
N GLU S 257 23.93 -17.66 -63.26
CA GLU S 257 25.00 -16.84 -62.64
C GLU S 257 24.57 -15.37 -62.68
N ALA S 258 24.23 -14.90 -63.88
CA ALA S 258 23.71 -13.56 -64.08
C ALA S 258 22.43 -13.38 -63.27
N ILE S 259 21.62 -14.44 -63.17
CA ILE S 259 20.39 -14.40 -62.41
C ILE S 259 20.45 -15.25 -61.13
N ASP S 260 20.13 -14.58 -60.03
CA ASP S 260 20.05 -15.13 -58.69
C ASP S 260 18.58 -15.38 -58.26
N GLU S 261 18.41 -15.87 -57.03
CA GLU S 261 17.13 -16.21 -56.40
C GLU S 261 16.34 -17.28 -57.17
N ILE S 262 17.07 -18.31 -57.60
CA ILE S 262 16.53 -19.49 -58.25
C ILE S 262 17.04 -20.71 -57.50
N SER S 263 16.18 -21.61 -57.05
CA SER S 263 16.73 -22.79 -56.40
C SER S 263 16.71 -24.00 -57.34
N MET S 264 15.79 -24.01 -58.29
CA MET S 264 15.68 -25.15 -59.19
C MET S 264 15.66 -24.75 -60.64
N VAL S 265 16.29 -25.58 -61.48
CA VAL S 265 16.26 -25.35 -62.91
C VAL S 265 15.82 -26.59 -63.69
N ALA S 266 15.18 -26.35 -64.82
CA ALA S 266 14.77 -27.45 -65.70
C ALA S 266 14.66 -26.99 -67.14
N VAL S 267 14.71 -27.96 -68.05
CA VAL S 267 14.55 -27.69 -69.47
C VAL S 267 13.40 -28.54 -70.05
N PRO S 268 12.14 -28.06 -70.02
CA PRO S 268 10.96 -28.78 -70.47
C PRO S 268 11.05 -29.30 -71.89
N ASP S 269 11.55 -28.56 -72.90
CA ASP S 269 11.38 -28.98 -74.34
C ASP S 269 12.53 -29.72 -75.06
N LEU S 270 13.73 -29.68 -74.47
CA LEU S 270 14.88 -30.42 -75.07
C LEU S 270 14.41 -31.84 -75.38
N MET S 271 13.61 -32.44 -74.49
CA MET S 271 13.08 -33.81 -74.72
C MET S 271 12.21 -33.81 -75.97
N ALA S 272 11.34 -32.81 -76.13
CA ALA S 272 10.49 -32.71 -77.34
C ALA S 272 11.40 -32.69 -78.58
N ALA S 273 12.56 -32.05 -78.47
CA ALA S 273 13.52 -32.02 -79.60
C ALA S 273 14.29 -33.34 -79.64
N TYR S 274 13.69 -34.38 -80.23
CA TYR S 274 14.33 -35.71 -80.33
C TYR S 274 13.91 -36.39 -81.63
N GLN S 275 12.60 -36.40 -81.91
CA GLN S 275 12.13 -36.97 -83.16
C GLN S 275 12.00 -35.90 -84.24
N ARG S 276 11.39 -34.75 -83.93
CA ARG S 276 11.12 -33.75 -84.97
C ARG S 276 12.35 -33.23 -85.69
N GLY S 277 13.43 -32.99 -84.95
CA GLY S 277 14.66 -32.48 -85.52
C GLY S 277 15.73 -33.54 -85.47
N ALA S 278 15.32 -34.78 -85.15
CA ALA S 278 16.23 -35.90 -84.96
C ALA S 278 17.31 -35.55 -83.94
N ILE S 279 16.94 -34.86 -82.87
CA ILE S 279 17.95 -34.50 -81.92
C ILE S 279 18.10 -35.60 -80.91
N ASP S 280 18.87 -36.60 -81.32
CA ASP S 280 19.09 -37.79 -80.51
C ASP S 280 20.52 -37.87 -79.98
N LEU S 281 20.77 -38.94 -79.26
CA LEU S 281 22.06 -39.30 -78.71
C LEU S 281 22.70 -38.16 -77.91
N GLU S 282 23.94 -37.82 -78.26
CA GLU S 282 24.68 -36.81 -77.54
C GLU S 282 24.08 -35.43 -77.67
N ALA S 283 23.24 -35.21 -78.68
CA ALA S 283 22.67 -33.91 -78.86
C ALA S 283 21.83 -33.51 -77.65
N VAL S 284 21.21 -34.49 -76.97
CA VAL S 284 20.42 -34.17 -75.80
C VAL S 284 21.32 -34.29 -74.59
N LYS S 285 22.15 -35.34 -74.54
CA LYS S 285 23.02 -35.53 -73.38
C LYS S 285 23.84 -34.28 -73.10
N ALA S 286 24.30 -33.61 -74.16
CA ALA S 286 25.07 -32.40 -74.05
C ALA S 286 24.34 -31.30 -73.30
N VAL S 287 23.01 -31.22 -73.44
CA VAL S 287 22.27 -30.18 -72.80
C VAL S 287 22.13 -30.53 -71.34
N GLN S 288 21.87 -31.81 -71.04
CA GLN S 288 21.75 -32.22 -69.65
C GLN S 288 23.08 -32.02 -68.92
N LEU S 289 24.21 -32.28 -69.59
CA LEU S 289 25.49 -32.06 -68.96
C LEU S 289 25.69 -30.60 -68.64
N GLY S 290 25.28 -29.73 -69.55
CA GLY S 290 25.38 -28.30 -69.34
C GLY S 290 24.55 -27.86 -68.14
N LEU S 291 23.29 -28.26 -68.09
CA LEU S 291 22.41 -27.80 -67.03
C LEU S 291 23.02 -28.17 -65.67
N ILE S 292 23.56 -29.39 -65.59
CA ILE S 292 24.16 -29.86 -64.37
C ILE S 292 25.44 -29.08 -64.06
N ALA S 293 26.30 -28.89 -65.06
CA ALA S 293 27.55 -28.19 -64.85
C ALA S 293 27.34 -26.79 -64.33
N HIS S 294 26.31 -26.09 -64.82
CA HIS S 294 26.10 -24.73 -64.36
C HIS S 294 25.70 -24.74 -62.91
N CYS S 295 24.89 -25.72 -62.51
CA CYS S 295 24.49 -25.79 -61.13
C CYS S 295 25.72 -26.03 -60.25
N GLU S 296 26.60 -26.93 -60.71
CA GLU S 296 27.80 -27.27 -59.96
C GLU S 296 28.72 -26.08 -59.78
N LEU S 297 28.84 -25.26 -60.83
CA LEU S 297 29.67 -24.06 -60.76
C LEU S 297 29.11 -23.00 -59.82
N MET S 298 27.80 -22.81 -59.82
CA MET S 298 27.17 -21.81 -58.95
C MET S 298 27.23 -22.19 -57.47
N GLY S 299 27.06 -23.48 -57.18
CA GLY S 299 27.12 -24.00 -55.81
C GLY S 299 25.78 -24.13 -55.09
N ASP S 300 24.73 -23.51 -55.64
CA ASP S 300 23.39 -23.59 -55.06
C ASP S 300 22.34 -23.52 -56.14
N ARG S 301 22.00 -24.69 -56.65
CA ARG S 301 21.02 -24.85 -57.69
C ARG S 301 20.82 -26.35 -57.91
N VAL S 302 19.60 -26.81 -58.12
CA VAL S 302 19.43 -28.22 -58.46
C VAL S 302 18.74 -28.41 -59.78
N ALA S 303 19.35 -29.23 -60.62
CA ALA S 303 18.84 -29.55 -61.94
C ALA S 303 17.90 -30.73 -61.93
N ILE S 304 16.78 -30.58 -62.60
CA ILE S 304 15.88 -31.69 -62.74
C ILE S 304 15.94 -32.14 -64.18
N ILE S 305 16.21 -33.42 -64.38
CA ILE S 305 16.35 -33.96 -65.73
C ILE S 305 15.42 -35.14 -66.00
N ASP S 306 15.20 -35.42 -67.28
CA ASP S 306 14.34 -36.53 -67.71
C ASP S 306 15.09 -37.73 -68.28
N PRO S 307 14.56 -38.95 -68.14
CA PRO S 307 14.96 -40.13 -68.84
C PRO S 307 14.23 -40.07 -70.17
N PRO S 308 14.65 -40.80 -71.19
CA PRO S 308 13.92 -40.98 -72.43
C PRO S 308 12.47 -41.41 -72.14
N PRO S 309 11.47 -40.94 -72.95
CA PRO S 309 10.03 -41.16 -72.83
C PRO S 309 9.45 -42.56 -72.94
N ASN S 310 10.14 -43.51 -73.54
CA ASN S 310 9.54 -44.83 -73.65
C ASN S 310 10.54 -45.94 -73.45
N GLN S 311 10.59 -46.49 -72.24
CA GLN S 311 11.56 -47.53 -71.98
C GLN S 311 11.21 -48.42 -70.80
N ASN S 312 11.77 -49.63 -70.83
CA ASN S 312 11.71 -50.65 -69.79
C ASN S 312 12.56 -50.27 -68.60
N ALA S 313 12.22 -50.77 -67.42
CA ALA S 313 13.06 -50.50 -66.26
C ALA S 313 14.50 -50.98 -66.49
N ARG S 314 14.69 -52.07 -67.25
CA ARG S 314 16.06 -52.48 -67.50
C ARG S 314 16.79 -51.46 -68.34
N GLN S 315 16.06 -50.81 -69.26
CA GLN S 315 16.64 -49.85 -70.17
C GLN S 315 17.04 -48.59 -69.45
N ILE S 316 16.25 -48.15 -68.46
CA ILE S 316 16.68 -46.95 -67.77
C ILE S 316 17.92 -47.26 -66.96
N ARG S 317 18.01 -48.48 -66.42
CA ARG S 317 19.18 -48.82 -65.67
C ARG S 317 20.43 -48.76 -66.54
N VAL S 318 20.34 -49.29 -67.76
CA VAL S 318 21.48 -49.23 -68.65
C VAL S 318 21.74 -47.81 -69.13
N TRP S 319 20.69 -47.09 -69.49
CA TRP S 319 20.90 -45.75 -69.97
C TRP S 319 21.62 -44.93 -68.91
N ARG S 320 21.16 -45.03 -67.66
CA ARG S 320 21.78 -44.24 -66.56
C ARG S 320 23.19 -44.76 -66.23
N GLN S 321 23.44 -46.07 -66.27
CA GLN S 321 24.75 -46.58 -65.87
C GLN S 321 25.79 -46.56 -66.98
N GLU S 322 25.38 -46.77 -68.22
CA GLU S 322 26.33 -46.84 -69.31
C GLU S 322 26.34 -45.63 -70.25
N THR S 323 25.19 -44.99 -70.50
CA THR S 323 25.23 -43.93 -71.51
C THR S 323 25.05 -42.51 -70.97
N ALA S 324 24.41 -42.33 -69.82
CA ALA S 324 24.15 -41.00 -69.28
C ALA S 324 24.26 -40.92 -67.77
N GLY S 325 25.34 -41.42 -67.19
CA GLY S 325 25.47 -41.30 -65.75
C GLY S 325 25.96 -39.90 -65.43
N TYR S 326 25.59 -39.36 -64.27
CA TYR S 326 26.05 -38.02 -63.93
C TYR S 326 26.91 -37.95 -62.64
N ASP S 327 26.53 -38.69 -61.60
CA ASP S 327 27.28 -38.74 -60.33
C ASP S 327 27.62 -37.40 -59.63
N SER S 328 26.62 -36.58 -59.28
CA SER S 328 26.95 -35.31 -58.60
C SER S 328 25.84 -34.86 -57.66
N LYS S 329 26.12 -33.83 -56.91
CA LYS S 329 25.23 -33.32 -55.87
C LYS S 329 24.19 -32.35 -56.36
N TYR S 330 24.15 -32.10 -57.65
CA TYR S 330 23.27 -31.07 -58.17
C TYR S 330 22.11 -31.52 -59.03
N ALA S 331 21.69 -32.78 -58.96
CA ALA S 331 20.59 -33.17 -59.84
C ALA S 331 19.73 -34.34 -59.34
N ALA S 332 18.50 -34.40 -59.91
CA ALA S 332 17.53 -35.46 -59.63
C ALA S 332 16.79 -35.94 -60.88
N LEU S 333 16.44 -37.24 -60.89
CA LEU S 333 15.66 -37.86 -61.98
C LEU S 333 14.61 -38.84 -61.47
N TYR S 334 13.42 -38.80 -62.06
CA TYR S 334 12.34 -39.71 -61.74
C TYR S 334 12.08 -40.58 -62.98
N TYR S 335 11.94 -41.89 -62.79
CA TYR S 335 11.73 -42.79 -63.93
C TYR S 335 10.53 -42.62 -64.86
N PRO S 336 9.29 -42.64 -64.36
CA PRO S 336 8.12 -42.65 -65.19
C PRO S 336 7.79 -41.33 -65.83
N TRP S 337 7.11 -41.41 -66.94
CA TRP S 337 6.48 -40.28 -67.59
C TRP S 337 5.00 -40.26 -67.22
N ILE S 338 4.41 -39.06 -67.29
CA ILE S 338 3.05 -38.79 -66.85
C ILE S 338 2.03 -38.54 -67.95
N LYS S 339 0.84 -39.12 -67.79
CA LYS S 339 -0.24 -38.83 -68.71
C LYS S 339 -0.95 -37.58 -68.23
N SER S 340 -1.08 -36.61 -69.14
CA SER S 340 -1.73 -35.32 -68.92
C SER S 340 -2.52 -34.96 -70.16
N PHE S 341 -2.79 -33.67 -70.35
CA PHE S 341 -3.61 -33.23 -71.48
C PHE S 341 -3.24 -31.84 -71.96
N ASP S 342 -3.75 -31.46 -73.13
CA ASP S 342 -3.50 -30.15 -73.71
C ASP S 342 -4.78 -29.62 -74.32
N PRO S 343 -5.52 -28.73 -73.62
CA PRO S 343 -6.86 -28.26 -73.93
C PRO S 343 -6.92 -27.51 -75.23
N ALA S 344 -5.76 -27.08 -75.75
CA ALA S 344 -5.72 -26.37 -77.00
C ALA S 344 -6.13 -27.29 -78.15
N THR S 345 -5.80 -28.58 -78.03
CA THR S 345 -6.10 -29.56 -79.07
C THR S 345 -6.96 -30.73 -78.60
N GLY S 346 -6.78 -31.19 -77.37
CA GLY S 346 -7.49 -32.38 -76.92
C GLY S 346 -7.26 -32.79 -75.46
N GLN S 347 -7.83 -33.93 -75.12
CA GLN S 347 -7.87 -34.42 -73.77
C GLN S 347 -6.69 -35.27 -73.32
N SER S 348 -5.68 -35.42 -74.15
CA SER S 348 -4.52 -36.18 -73.71
C SER S 348 -3.20 -35.71 -74.34
N ARG S 349 -2.11 -35.91 -73.57
CA ARG S 349 -0.74 -35.55 -74.03
C ARG S 349 0.33 -36.15 -73.08
N LEU S 350 1.42 -36.71 -73.62
CA LEU S 350 2.52 -37.29 -72.85
C LEU S 350 3.48 -36.22 -72.39
N VAL S 351 3.70 -36.13 -71.07
CA VAL S 351 4.58 -35.11 -70.53
C VAL S 351 5.62 -35.72 -69.58
N PRO S 352 6.78 -35.08 -69.41
CA PRO S 352 7.86 -35.47 -68.53
C PRO S 352 7.50 -35.23 -67.08
N PRO S 353 8.18 -35.88 -66.13
CA PRO S 353 8.09 -35.68 -64.70
C PRO S 353 8.89 -34.44 -64.35
N SER S 354 8.42 -33.31 -64.86
CA SER S 354 9.06 -32.01 -64.75
C SER S 354 8.01 -30.94 -64.59
N GLY S 355 8.37 -29.84 -63.95
CA GLY S 355 7.41 -28.75 -63.74
C GLY S 355 6.55 -29.06 -62.52
N HIS S 356 5.68 -30.05 -62.66
CA HIS S 356 4.86 -30.49 -61.49
C HIS S 356 5.79 -30.79 -60.31
N VAL S 357 6.94 -31.41 -60.56
CA VAL S 357 7.83 -31.76 -59.48
C VAL S 357 8.34 -30.49 -58.78
N ALA S 358 8.52 -29.38 -59.50
CA ALA S 358 9.02 -28.17 -58.87
C ALA S 358 8.03 -27.72 -57.83
N GLY S 359 6.77 -27.93 -58.14
CA GLY S 359 5.68 -27.53 -57.27
C GLY S 359 5.50 -28.47 -56.08
N ILE S 360 6.19 -29.59 -56.07
CA ILE S 360 6.13 -30.54 -54.99
C ILE S 360 7.06 -30.05 -53.92
N TRP S 361 8.27 -29.63 -54.33
CA TRP S 361 9.14 -29.12 -53.30
C TRP S 361 8.62 -27.77 -52.88
N ALA S 362 8.07 -26.99 -53.79
CA ALA S 362 7.61 -25.69 -53.38
C ALA S 362 6.50 -25.77 -52.34
N ARG S 363 5.55 -26.71 -52.48
CA ARG S 363 4.52 -26.79 -51.47
C ARG S 363 5.14 -27.29 -50.17
N ASN S 364 5.97 -28.30 -50.24
CA ASN S 364 6.55 -28.89 -49.05
C ASN S 364 7.32 -27.88 -48.23
N ASP S 365 8.16 -27.14 -48.92
CA ASP S 365 9.08 -26.24 -48.29
C ASP S 365 8.34 -25.01 -47.78
N SER S 366 7.32 -24.55 -48.50
CA SER S 366 6.59 -23.39 -48.03
C SER S 366 5.53 -23.69 -46.96
N GLU S 367 5.01 -24.91 -46.90
CA GLU S 367 4.01 -25.21 -45.88
C GLU S 367 4.56 -25.90 -44.64
N ARG S 368 5.54 -26.79 -44.77
CA ARG S 368 6.06 -27.47 -43.59
C ARG S 368 7.51 -27.09 -43.32
N GLY S 369 8.28 -26.94 -44.40
CA GLY S 369 9.72 -26.62 -44.26
C GLY S 369 10.57 -27.58 -45.07
N VAL S 370 11.90 -27.39 -45.06
CA VAL S 370 12.83 -28.30 -45.79
C VAL S 370 13.29 -29.39 -44.82
N HIS S 371 12.65 -29.46 -43.65
CA HIS S 371 13.04 -30.47 -42.62
C HIS S 371 12.88 -31.89 -43.18
N LYS S 372 11.76 -32.16 -43.86
CA LYS S 372 11.49 -33.53 -44.38
C LYS S 372 11.33 -33.49 -45.90
N ALA S 373 11.57 -34.63 -46.56
CA ALA S 373 11.46 -34.70 -48.04
C ALA S 373 9.99 -34.86 -48.45
N PRO S 374 9.56 -34.27 -49.59
CA PRO S 374 8.20 -34.44 -50.07
C PRO S 374 8.07 -35.78 -50.74
N ALA S 375 8.28 -36.83 -49.99
CA ALA S 375 8.32 -38.16 -50.54
C ALA S 375 6.96 -38.86 -50.53
N ASN S 376 5.93 -38.19 -50.04
CA ASN S 376 4.59 -38.75 -50.05
C ASN S 376 3.61 -37.81 -50.72
N GLU S 377 4.09 -36.86 -51.49
CA GLU S 377 3.18 -35.87 -52.01
C GLU S 377 2.46 -36.27 -53.28
N VAL S 378 1.27 -35.71 -53.43
CA VAL S 378 0.40 -35.95 -54.57
C VAL S 378 0.65 -35.09 -55.79
N VAL S 379 0.74 -35.75 -56.92
CA VAL S 379 0.94 -35.02 -58.14
C VAL S 379 -0.45 -34.61 -58.56
N ARG S 380 -0.82 -33.42 -58.15
CA ARG S 380 -2.19 -32.95 -58.28
C ARG S 380 -2.71 -32.90 -59.68
N GLY S 381 -1.87 -32.59 -60.64
CA GLY S 381 -2.34 -32.48 -62.01
C GLY S 381 -2.18 -33.75 -62.85
N ALA S 382 -1.75 -34.86 -62.27
CA ALA S 382 -1.56 -36.07 -63.07
C ALA S 382 -2.90 -36.68 -63.40
N VAL S 383 -3.04 -37.23 -64.61
CA VAL S 383 -4.25 -37.95 -64.93
C VAL S 383 -3.97 -39.40 -64.64
N ASP S 384 -2.85 -39.87 -65.15
CA ASP S 384 -2.41 -41.24 -64.95
C ASP S 384 -0.91 -41.33 -65.19
N LEU S 385 -0.35 -42.51 -65.04
CA LEU S 385 1.08 -42.76 -65.30
C LEU S 385 1.25 -43.62 -66.54
N GLU S 386 2.36 -43.47 -67.26
CA GLU S 386 2.59 -44.35 -68.41
C GLU S 386 2.77 -45.80 -68.01
N LEU S 387 3.42 -46.02 -66.89
CA LEU S 387 3.67 -47.35 -66.39
C LEU S 387 3.47 -47.39 -64.89
N GLN S 388 2.80 -48.43 -64.42
CA GLN S 388 2.64 -48.63 -62.99
C GLN S 388 3.76 -49.53 -62.50
N ILE S 389 4.63 -48.94 -61.72
CA ILE S 389 5.83 -49.60 -61.25
C ILE S 389 5.52 -50.65 -60.23
N THR S 390 6.05 -51.84 -60.46
CA THR S 390 5.85 -52.97 -59.56
C THR S 390 6.98 -53.11 -58.58
N ARG S 391 6.90 -54.14 -57.73
CA ARG S 391 7.90 -54.27 -56.69
C ARG S 391 9.28 -54.59 -57.22
N GLY S 392 9.39 -55.49 -58.18
CA GLY S 392 10.71 -55.79 -58.72
C GLY S 392 11.32 -54.56 -59.37
N GLU S 393 10.49 -53.73 -59.99
CA GLU S 393 10.95 -52.50 -60.62
C GLU S 393 11.39 -51.48 -59.58
N GLN S 394 10.67 -51.40 -58.46
CA GLN S 394 11.07 -50.48 -57.40
C GLN S 394 12.40 -50.95 -56.81
N ASP S 395 12.59 -52.27 -56.70
CA ASP S 395 13.85 -52.81 -56.13
C ASP S 395 15.00 -52.55 -57.11
N LEU S 396 14.73 -52.63 -58.41
CA LEU S 396 15.72 -52.35 -59.45
C LEU S 396 16.20 -50.91 -59.39
N LEU S 397 15.25 -49.98 -59.25
CA LEU S 397 15.61 -48.53 -59.31
C LEU S 397 16.22 -48.05 -57.98
N ASN S 398 15.70 -48.52 -56.84
CA ASN S 398 16.20 -47.99 -55.56
C ASN S 398 17.73 -47.87 -55.43
N PRO S 399 18.53 -48.93 -55.62
CA PRO S 399 19.97 -48.94 -55.41
C PRO S 399 20.74 -48.20 -56.49
N ILE S 400 20.07 -47.73 -57.56
CA ILE S 400 20.81 -47.06 -58.60
C ILE S 400 20.51 -45.57 -58.56
N GLY S 401 19.70 -45.15 -57.57
CA GLY S 401 19.37 -43.75 -57.38
C GLY S 401 18.24 -43.18 -58.24
N VAL S 402 17.35 -44.01 -58.78
CA VAL S 402 16.26 -43.48 -59.58
C VAL S 402 15.00 -43.37 -58.76
N ASN S 403 14.37 -42.21 -58.77
CA ASN S 403 13.18 -42.07 -57.97
C ASN S 403 11.94 -42.51 -58.74
N CYS S 404 10.91 -42.91 -58.00
CA CYS S 404 9.67 -43.35 -58.61
C CYS S 404 8.46 -42.54 -58.22
N ILE S 405 7.48 -42.55 -59.12
CA ILE S 405 6.14 -41.99 -58.95
C ILE S 405 5.20 -43.19 -59.16
N ARG S 406 4.29 -43.43 -58.23
CA ARG S 406 3.38 -44.58 -58.27
C ARG S 406 1.93 -44.30 -57.87
N SER S 407 1.01 -45.10 -58.42
CA SER S 407 -0.42 -44.99 -58.11
C SER S 407 -0.86 -45.96 -57.01
N PHE S 408 -1.52 -45.42 -55.98
CA PHE S 408 -1.99 -46.21 -54.86
C PHE S 408 -3.54 -46.29 -54.75
N PRO S 409 -4.08 -47.41 -54.23
CA PRO S 409 -5.49 -47.76 -54.18
C PRO S 409 -6.30 -46.96 -53.18
N GLY S 410 -6.53 -45.71 -53.53
CA GLY S 410 -7.27 -44.76 -52.70
C GLY S 410 -6.36 -43.69 -52.11
N ARG S 411 -5.09 -43.72 -52.51
CA ARG S 411 -4.16 -42.72 -52.02
C ARG S 411 -3.74 -41.78 -53.17
N GLY S 412 -3.99 -42.17 -54.43
CA GLY S 412 -3.68 -41.34 -55.58
C GLY S 412 -2.28 -41.50 -56.14
N ILE S 413 -1.86 -40.53 -56.95
CA ILE S 413 -0.57 -40.60 -57.61
C ILE S 413 0.41 -39.78 -56.84
N ARG S 414 1.39 -40.46 -56.28
CA ARG S 414 2.34 -39.81 -55.40
C ARG S 414 3.77 -40.03 -55.80
N VAL S 415 4.59 -39.08 -55.40
CA VAL S 415 6.03 -39.16 -55.60
C VAL S 415 6.55 -39.95 -54.43
N TRP S 416 7.41 -40.94 -54.68
CA TRP S 416 7.83 -41.83 -53.57
C TRP S 416 9.34 -41.81 -53.33
N GLY S 417 10.16 -41.77 -54.39
CA GLY S 417 11.58 -41.86 -54.14
C GLY S 417 12.11 -40.56 -53.56
N ALA S 418 13.26 -40.61 -52.88
CA ALA S 418 13.84 -39.39 -52.33
C ALA S 418 15.36 -39.29 -52.44
N ARG S 419 15.96 -39.85 -53.50
CA ARG S 419 17.41 -39.81 -53.63
C ARG S 419 17.94 -38.98 -54.77
N THR S 420 19.20 -38.58 -54.60
CA THR S 420 19.96 -37.76 -55.53
C THR S 420 20.71 -38.59 -56.55
N LEU S 421 21.15 -37.95 -57.63
CA LEU S 421 21.95 -38.67 -58.62
C LEU S 421 23.42 -38.62 -58.29
N SER S 422 23.80 -39.26 -57.18
CA SER S 422 25.18 -39.28 -56.68
C SER S 422 25.57 -40.53 -55.94
N SER S 423 26.81 -40.96 -56.17
CA SER S 423 27.38 -42.11 -55.49
C SER S 423 27.89 -41.83 -54.08
N ASP S 424 27.99 -40.56 -53.69
CA ASP S 424 28.54 -40.18 -52.39
C ASP S 424 27.53 -40.37 -51.26
N PRO S 425 27.72 -41.31 -50.31
CA PRO S 425 26.78 -41.61 -49.24
C PRO S 425 26.29 -40.35 -48.51
N ALA S 426 27.19 -39.36 -48.37
CA ALA S 426 26.85 -38.15 -47.64
C ALA S 426 25.71 -37.40 -48.27
N TRP S 427 25.63 -37.43 -49.59
CA TRP S 427 24.66 -36.65 -50.30
C TRP S 427 23.62 -37.46 -51.01
N ARG S 428 23.32 -38.66 -50.51
CA ARG S 428 22.31 -39.51 -51.15
C ARG S 428 20.90 -38.98 -51.09
N TYR S 429 20.56 -38.22 -50.06
CA TYR S 429 19.18 -37.79 -49.94
C TYR S 429 18.93 -36.34 -50.31
N LEU S 430 17.80 -36.14 -50.96
CA LEU S 430 17.37 -34.82 -51.40
C LEU S 430 17.13 -33.89 -50.24
N ASN S 431 16.59 -34.42 -49.16
CA ASN S 431 16.28 -33.61 -48.00
C ASN S 431 17.49 -32.92 -47.42
N ILE S 432 18.60 -33.64 -47.39
CA ILE S 432 19.79 -33.09 -46.80
C ILE S 432 20.37 -32.07 -47.71
N ARG S 433 20.39 -32.36 -49.02
CA ARG S 433 20.99 -31.43 -50.00
C ARG S 433 20.23 -30.10 -49.97
N ARG S 434 18.90 -30.15 -49.79
CA ARG S 434 18.08 -28.96 -49.78
C ARG S 434 18.22 -28.19 -48.49
N TYR S 435 18.35 -28.91 -47.38
CA TYR S 435 18.52 -28.31 -46.08
C TYR S 435 19.73 -27.43 -46.07
N PHE S 436 20.85 -27.95 -46.56
CA PHE S 436 22.05 -27.15 -46.54
C PHE S 436 21.97 -25.95 -47.46
N ASN S 437 21.35 -26.08 -48.64
CA ASN S 437 21.28 -24.89 -49.48
C ASN S 437 20.43 -23.81 -48.81
N TYR S 438 19.38 -24.21 -48.12
CA TYR S 438 18.55 -23.25 -47.43
C TYR S 438 19.35 -22.48 -46.41
N LEU S 439 20.14 -23.20 -45.60
CA LEU S 439 20.90 -22.52 -44.58
C LEU S 439 21.88 -21.54 -45.21
N GLU S 440 22.48 -21.93 -46.34
CA GLU S 440 23.45 -21.06 -46.97
C GLU S 440 22.81 -19.78 -47.46
N GLU S 441 21.62 -19.86 -48.04
CA GLU S 441 21.03 -18.63 -48.50
C GLU S 441 20.83 -17.66 -47.35
N SER S 442 20.33 -18.15 -46.21
CA SER S 442 20.09 -17.26 -45.09
C SER S 442 21.37 -16.68 -44.48
N ILE S 443 22.40 -17.50 -44.37
CA ILE S 443 23.62 -17.00 -43.78
C ILE S 443 24.26 -15.96 -44.66
N LEU S 444 24.31 -16.18 -45.98
CA LEU S 444 24.95 -15.19 -46.81
C LEU S 444 24.20 -13.89 -46.87
N ILE S 445 22.87 -13.92 -46.95
CA ILE S 445 22.16 -12.65 -47.04
C ILE S 445 22.32 -11.86 -45.75
N GLY S 446 22.45 -12.57 -44.64
CA GLY S 446 22.62 -11.97 -43.34
C GLY S 446 23.95 -11.23 -43.11
N THR S 447 24.98 -11.41 -43.95
CA THR S 447 26.22 -10.69 -43.65
C THR S 447 26.59 -9.63 -44.68
N GLN S 448 26.58 -8.38 -44.24
CA GLN S 448 26.92 -7.24 -45.07
C GLN S 448 28.36 -6.78 -44.89
N TRP S 449 29.04 -7.43 -43.97
CA TRP S 449 30.38 -7.07 -43.54
C TRP S 449 31.41 -7.61 -44.49
N VAL S 450 31.40 -7.12 -45.71
CA VAL S 450 32.29 -7.64 -46.73
C VAL S 450 33.59 -6.85 -46.79
N VAL S 451 33.49 -5.52 -46.81
CA VAL S 451 34.69 -4.71 -46.83
C VAL S 451 34.62 -3.71 -45.70
N PHE S 452 35.17 -4.09 -44.55
CA PHE S 452 35.18 -3.25 -43.36
C PHE S 452 36.21 -3.76 -42.34
N GLU S 453 37.44 -3.29 -42.46
CA GLU S 453 38.53 -3.69 -41.57
C GLU S 453 38.62 -5.21 -41.42
N PRO S 454 38.94 -5.90 -42.53
CA PRO S 454 39.06 -7.36 -42.56
C PRO S 454 40.02 -7.89 -41.49
N ASN S 455 40.64 -6.98 -40.74
CA ASN S 455 41.60 -7.37 -39.67
C ASN S 455 40.91 -7.26 -38.30
N ASP S 456 39.92 -6.37 -38.17
CA ASP S 456 39.26 -6.16 -36.86
C ASP S 456 38.86 -7.52 -36.27
N HIS S 457 39.24 -7.77 -35.01
CA HIS S 457 38.87 -9.04 -34.33
C HIS S 457 37.45 -8.92 -33.76
N ASN S 458 37.03 -7.70 -33.41
CA ASN S 458 35.72 -7.53 -32.83
C ASN S 458 34.69 -8.06 -33.80
N LEU S 459 35.04 -8.14 -35.08
CA LEU S 459 34.14 -8.69 -36.05
C LEU S 459 33.94 -10.16 -35.78
N TRP S 460 34.94 -10.87 -35.24
CA TRP S 460 34.77 -12.28 -35.02
C TRP S 460 33.68 -12.46 -34.01
N ALA S 461 33.69 -11.61 -33.00
CA ALA S 461 32.65 -11.70 -31.98
C ALA S 461 31.28 -11.41 -32.56
N ARG S 462 31.18 -10.44 -33.46
CA ARG S 462 29.90 -10.11 -34.05
C ARG S 462 29.41 -11.27 -34.93
N ILE S 463 30.32 -11.94 -35.59
CA ILE S 463 29.96 -13.10 -36.40
C ILE S 463 29.42 -14.21 -35.55
N ARG S 464 30.11 -14.53 -34.47
CA ARG S 464 29.64 -15.64 -33.66
C ARG S 464 28.26 -15.34 -33.16
N ARG S 465 28.02 -14.10 -32.78
CA ARG S 465 26.73 -13.71 -32.29
C ARG S 465 25.62 -13.99 -33.29
N ASN S 466 25.81 -13.55 -34.53
CA ASN S 466 24.73 -13.72 -35.49
C ASN S 466 24.49 -15.16 -35.88
N VAL S 467 25.57 -15.93 -35.98
CA VAL S 467 25.45 -17.30 -36.41
C VAL S 467 24.77 -18.12 -35.33
N SER S 468 25.17 -17.93 -34.08
CA SER S 468 24.57 -18.67 -33.00
C SER S 468 23.11 -18.37 -32.88
N ALA S 469 22.72 -17.11 -32.97
CA ALA S 469 21.31 -16.82 -32.82
C ALA S 469 20.47 -17.54 -33.86
N PHE S 470 20.95 -17.58 -35.10
CA PHE S 470 20.20 -18.24 -36.15
C PHE S 470 20.08 -19.74 -35.94
N LEU S 471 21.19 -20.39 -35.63
CA LEU S 471 21.12 -21.84 -35.56
C LEU S 471 20.43 -22.32 -34.30
N VAL S 472 20.54 -21.60 -33.19
CA VAL S 472 19.85 -22.07 -32.02
C VAL S 472 18.35 -21.97 -32.27
N ASN S 473 17.90 -20.92 -32.94
CA ASN S 473 16.48 -20.83 -33.23
C ASN S 473 16.01 -22.07 -33.99
N GLU S 474 16.85 -22.63 -34.87
CA GLU S 474 16.51 -23.85 -35.62
C GLU S 474 16.49 -25.09 -34.69
N TRP S 475 17.42 -25.13 -33.73
CA TRP S 475 17.50 -26.21 -32.72
C TRP S 475 16.23 -26.30 -31.91
N ARG S 476 15.67 -25.16 -31.57
CA ARG S 476 14.48 -25.08 -30.73
C ARG S 476 13.21 -25.50 -31.48
N ASN S 477 13.36 -25.81 -32.76
CA ASN S 477 12.36 -26.27 -33.69
C ASN S 477 12.80 -27.66 -34.14
N GLY S 478 12.48 -28.09 -35.36
CA GLY S 478 12.78 -29.47 -35.75
C GLY S 478 14.07 -29.71 -36.54
N ALA S 479 14.93 -28.71 -36.65
CA ALA S 479 16.09 -28.87 -37.51
C ALA S 479 17.17 -29.85 -37.06
N LEU S 480 17.42 -29.97 -35.76
CA LEU S 480 18.58 -30.76 -35.36
C LEU S 480 18.30 -31.94 -34.47
N PHE S 481 19.03 -33.00 -34.73
CA PHE S 481 18.86 -34.24 -34.01
C PHE S 481 19.65 -34.28 -32.70
N GLY S 482 19.19 -33.54 -31.70
CA GLY S 482 19.89 -33.53 -30.41
C GLY S 482 19.13 -32.83 -29.27
N GLN S 483 19.56 -33.11 -28.03
CA GLN S 483 18.95 -32.62 -26.78
C GLN S 483 19.30 -31.21 -26.34
N SER S 484 20.31 -30.66 -26.94
CA SER S 484 20.83 -29.36 -26.57
C SER S 484 21.72 -28.85 -27.66
N PRO S 485 21.81 -27.55 -27.93
CA PRO S 485 22.73 -27.00 -28.89
C PRO S 485 24.15 -27.51 -28.62
N ASP S 486 24.48 -27.79 -27.36
CA ASP S 486 25.82 -28.27 -27.08
C ASP S 486 26.19 -29.55 -27.83
N GLN S 487 25.20 -30.41 -28.08
CA GLN S 487 25.43 -31.66 -28.78
C GLN S 487 24.81 -31.65 -30.17
N ALA S 488 24.37 -30.49 -30.63
CA ALA S 488 23.68 -30.42 -31.91
C ALA S 488 24.22 -29.37 -32.86
N TYR S 489 24.79 -28.30 -32.30
CA TYR S 489 25.24 -27.18 -33.17
C TYR S 489 26.58 -26.62 -32.68
N TYR S 490 27.47 -26.28 -33.61
CA TYR S 490 28.77 -25.71 -33.27
C TYR S 490 29.19 -24.54 -34.14
N VAL S 491 29.73 -23.48 -33.52
CA VAL S 491 30.34 -22.40 -34.27
C VAL S 491 31.63 -21.94 -33.62
N LYS S 492 32.66 -21.69 -34.43
CA LYS S 492 33.89 -21.11 -33.91
C LYS S 492 34.53 -20.11 -34.86
N CYS S 493 34.98 -19.00 -34.32
CA CYS S 493 35.64 -17.97 -35.12
C CYS S 493 36.62 -17.25 -34.21
N ASP S 494 37.89 -17.48 -34.44
CA ASP S 494 38.97 -17.01 -33.59
C ASP S 494 40.24 -16.77 -34.39
N GLU S 495 41.30 -16.34 -33.72
CA GLU S 495 42.58 -16.06 -34.37
C GLU S 495 43.12 -17.28 -35.08
N GLU S 496 42.92 -18.46 -34.53
CA GLU S 496 43.40 -19.67 -35.17
C GLU S 496 42.63 -20.02 -36.45
N THR S 497 41.44 -19.41 -36.67
CA THR S 497 40.67 -19.73 -37.85
C THR S 497 40.88 -18.61 -38.86
N ASN S 498 41.35 -17.46 -38.36
CA ASN S 498 41.66 -16.25 -39.12
C ASN S 498 43.11 -15.86 -38.81
N PRO S 499 44.10 -16.51 -39.47
CA PRO S 499 45.52 -16.48 -39.21
C PRO S 499 45.99 -15.03 -39.14
N PRO S 500 47.05 -14.76 -38.35
CA PRO S 500 47.61 -13.47 -38.02
C PRO S 500 48.04 -12.64 -39.20
N GLU S 501 48.41 -13.30 -40.30
CA GLU S 501 48.77 -12.56 -41.54
C GLU S 501 47.74 -11.45 -41.76
N SER S 502 46.53 -11.59 -41.20
CA SER S 502 45.50 -10.53 -41.32
C SER S 502 45.27 -10.18 -42.80
N VAL S 503 45.22 -11.19 -43.67
CA VAL S 503 44.96 -10.94 -45.11
C VAL S 503 43.54 -10.40 -45.27
N ASP S 504 43.28 -9.61 -46.33
CA ASP S 504 41.90 -9.11 -46.58
C ASP S 504 40.94 -10.30 -46.55
N LEU S 505 41.33 -11.41 -47.17
CA LEU S 505 40.49 -12.63 -47.13
C LEU S 505 40.46 -13.16 -45.69
N GLY S 506 39.28 -13.54 -45.19
CA GLY S 506 39.15 -14.03 -43.81
C GLY S 506 37.73 -14.40 -43.47
N ARG S 507 37.16 -13.76 -42.43
CA ARG S 507 35.77 -14.08 -41.99
C ARG S 507 35.63 -15.60 -41.88
N VAL S 508 36.72 -16.29 -41.53
CA VAL S 508 36.65 -17.73 -41.44
C VAL S 508 35.89 -18.15 -40.22
N VAL S 509 34.83 -18.92 -40.44
CA VAL S 509 33.96 -19.39 -39.39
C VAL S 509 33.80 -20.89 -39.50
N CYS S 510 34.18 -21.62 -38.48
CA CYS S 510 34.07 -23.06 -38.53
C CYS S 510 32.72 -23.48 -37.97
N GLU S 511 32.00 -24.31 -38.71
CA GLU S 511 30.67 -24.71 -38.24
C GLU S 511 30.35 -26.20 -38.36
N ILE S 512 29.54 -26.71 -37.41
CA ILE S 512 29.00 -28.06 -37.54
C ILE S 512 27.49 -27.94 -37.70
N GLY S 513 27.03 -28.39 -38.88
CA GLY S 513 25.64 -28.26 -39.30
C GLY S 513 24.65 -29.08 -38.51
N ILE S 514 25.05 -30.30 -38.15
CA ILE S 514 24.27 -31.28 -37.43
C ILE S 514 25.26 -32.35 -37.06
N ALA S 515 26.28 -32.42 -37.91
CA ALA S 515 27.40 -33.34 -37.84
C ALA S 515 28.41 -33.05 -38.97
N PRO S 516 28.00 -32.79 -40.24
CA PRO S 516 28.89 -32.41 -41.31
C PRO S 516 29.57 -31.11 -40.97
N VAL S 517 30.80 -30.99 -41.38
CA VAL S 517 31.59 -29.81 -41.13
C VAL S 517 31.57 -28.84 -42.33
N LYS S 518 31.29 -27.56 -42.04
CA LYS S 518 31.19 -26.42 -42.95
C LYS S 518 31.75 -25.19 -42.24
N MET T 1 13.63 -35.94 -12.55
CA MET T 1 12.87 -36.75 -11.60
C MET T 1 13.81 -37.76 -10.88
N SER T 2 15.01 -37.28 -10.44
CA SER T 2 16.08 -38.03 -9.76
C SER T 2 15.78 -38.48 -8.34
N LEU T 3 14.84 -37.81 -7.71
CA LEU T 3 14.43 -38.09 -6.35
C LEU T 3 12.99 -38.60 -6.38
N PRO T 4 12.51 -39.32 -5.35
CA PRO T 4 11.10 -39.70 -5.15
C PRO T 4 10.25 -38.50 -4.75
N LYS T 5 10.95 -37.47 -4.30
CA LYS T 5 10.45 -36.21 -3.81
C LYS T 5 9.73 -35.20 -4.78
N PRO T 6 10.14 -35.18 -6.08
CA PRO T 6 9.61 -34.21 -7.02
C PRO T 6 8.29 -34.63 -7.64
N GLU T 7 7.58 -33.64 -8.17
CA GLU T 7 6.32 -33.85 -8.82
C GLU T 7 6.50 -33.35 -10.21
N ASP T 8 5.72 -33.85 -11.14
CA ASP T 8 5.84 -33.29 -12.45
C ASP T 8 5.56 -31.83 -12.30
N VAL T 9 6.48 -30.98 -12.78
CA VAL T 9 6.25 -29.52 -12.72
C VAL T 9 5.66 -29.12 -14.07
N LEU T 10 4.67 -28.22 -14.10
CA LEU T 10 4.18 -27.91 -15.41
C LEU T 10 5.35 -27.38 -16.25
N VAL T 11 5.70 -28.13 -17.30
CA VAL T 11 6.85 -27.85 -18.17
C VAL T 11 6.55 -27.68 -19.64
N ALA T 12 5.83 -28.64 -20.23
CA ALA T 12 5.56 -28.60 -21.66
C ALA T 12 4.60 -29.66 -22.17
N PRO T 13 3.27 -29.45 -22.02
CA PRO T 13 2.28 -30.38 -22.55
C PRO T 13 2.29 -30.20 -24.07
N ASN T 14 2.27 -31.31 -24.81
CA ASN T 14 2.34 -31.24 -26.26
C ASN T 14 1.33 -32.12 -26.95
N PHE T 15 1.30 -32.06 -28.28
CA PHE T 15 0.31 -32.82 -29.01
C PHE T 15 0.73 -33.72 -30.17
N GLY T 16 0.46 -34.99 -29.98
CA GLY T 16 0.69 -36.03 -30.97
C GLY T 16 -0.56 -36.06 -31.84
N ILE T 17 -0.70 -35.07 -32.70
CA ILE T 17 -1.90 -34.90 -33.50
C ILE T 17 -1.65 -34.86 -35.00
N GLN T 18 -2.73 -35.06 -35.77
CA GLN T 18 -2.72 -35.12 -37.24
C GLN T 18 -3.01 -33.78 -37.93
N ILE T 19 -3.18 -32.76 -37.13
CA ILE T 19 -3.51 -31.40 -37.55
C ILE T 19 -2.40 -30.50 -37.02
N ASP T 20 -2.00 -29.47 -37.74
CA ASP T 20 -0.86 -28.67 -37.28
C ASP T 20 -1.15 -27.63 -36.19
N GLY T 21 -1.47 -28.15 -35.03
CA GLY T 21 -1.77 -27.40 -33.82
C GLY T 21 -0.48 -27.09 -33.11
N VAL T 22 0.41 -26.37 -33.80
CA VAL T 22 1.77 -26.17 -33.32
C VAL T 22 1.97 -25.24 -32.13
N MET T 23 1.23 -24.16 -31.97
CA MET T 23 1.52 -23.31 -30.81
C MET T 23 0.31 -23.03 -29.97
N VAL T 24 0.42 -23.45 -28.71
CA VAL T 24 -0.68 -23.40 -27.76
C VAL T 24 -0.35 -22.71 -26.44
N GLU T 25 -1.40 -22.31 -25.72
CA GLU T 25 -1.25 -21.75 -24.39
C GLU T 25 -1.67 -22.70 -23.29
N TYR T 26 -2.79 -23.40 -23.46
CA TYR T 26 -3.27 -24.30 -22.42
C TYR T 26 -4.20 -25.40 -22.87
N LEU T 27 -4.33 -26.37 -21.97
CA LEU T 27 -5.28 -27.46 -22.07
C LEU T 27 -6.00 -27.65 -20.73
N ASN T 28 -7.34 -27.56 -20.77
CA ASN T 28 -8.15 -27.68 -19.57
C ASN T 28 -9.23 -28.77 -19.63
N SER T 29 -9.97 -28.91 -18.52
CA SER T 29 -11.09 -29.84 -18.34
C SER T 29 -10.80 -31.31 -18.64
N VAL T 30 -9.71 -31.82 -18.09
CA VAL T 30 -9.38 -33.22 -18.29
C VAL T 30 -9.71 -34.06 -17.06
N SER T 31 -10.59 -35.04 -17.23
CA SER T 31 -11.04 -35.90 -16.13
C SER T 31 -11.45 -37.30 -16.59
N ASN T 32 -11.53 -38.22 -15.62
CA ASN T 32 -11.91 -39.62 -15.82
C ASN T 32 -13.04 -40.06 -14.87
N LEU T 33 -14.26 -40.16 -15.39
CA LEU T 33 -15.41 -40.47 -14.54
C LEU T 33 -15.96 -41.90 -14.54
N GLN T 34 -16.34 -42.35 -13.34
CA GLN T 34 -16.93 -43.66 -13.13
C GLN T 34 -18.31 -43.40 -12.53
N ILE T 35 -19.34 -44.00 -13.11
CA ILE T 35 -20.71 -43.77 -12.66
C ILE T 35 -21.18 -44.69 -11.53
N GLU T 36 -21.54 -44.11 -10.40
CA GLU T 36 -22.05 -44.88 -9.25
C GLU T 36 -23.55 -44.70 -9.05
N GLN T 37 -24.21 -45.63 -8.34
CA GLN T 37 -25.61 -45.40 -7.96
C GLN T 37 -25.90 -45.88 -6.54
N ASP T 38 -26.86 -45.23 -5.87
CA ASP T 38 -27.27 -45.52 -4.48
C ASP T 38 -28.47 -46.40 -4.31
N VAL T 39 -28.27 -47.59 -3.78
CA VAL T 39 -29.38 -48.50 -3.60
C VAL T 39 -29.62 -48.89 -2.16
N ILE T 40 -30.84 -48.66 -1.65
CA ILE T 40 -31.15 -48.98 -0.25
C ILE T 40 -32.19 -50.07 -0.05
N ARG T 41 -31.86 -51.08 0.74
CA ARG T 41 -32.78 -52.18 1.02
C ARG T 41 -32.80 -52.60 2.46
N TYR T 42 -33.84 -53.35 2.84
CA TYR T 42 -33.99 -53.84 4.21
C TYR T 42 -33.58 -55.31 4.36
N GLN T 43 -32.86 -55.62 5.44
CA GLN T 43 -32.37 -56.98 5.72
C GLN T 43 -33.44 -57.99 6.17
N GLN T 44 -33.15 -59.27 5.94
CA GLN T 44 -34.05 -60.37 6.31
C GLN T 44 -34.43 -60.37 7.80
N ASN T 45 -35.63 -59.87 8.06
CA ASN T 45 -36.26 -59.70 9.36
C ASN T 45 -35.32 -59.59 10.55
N GLN T 46 -34.19 -58.95 10.40
CA GLN T 46 -33.27 -58.86 11.52
C GLN T 46 -33.35 -57.57 12.31
N GLY T 47 -34.20 -56.62 11.90
CA GLY T 47 -34.26 -55.36 12.62
C GLY T 47 -33.09 -54.45 12.29
N THR T 48 -32.59 -54.53 11.08
CA THR T 48 -31.46 -53.72 10.71
C THR T 48 -31.96 -52.49 10.04
N THR T 49 -31.08 -51.54 9.86
CA THR T 49 -31.40 -50.35 9.13
C THR T 49 -31.32 -50.80 7.71
N GLY T 50 -31.71 -49.95 6.80
CA GLY T 50 -31.55 -50.41 5.46
C GLY T 50 -30.05 -50.42 5.23
N ARG T 51 -29.64 -51.06 4.14
CA ARG T 51 -28.24 -51.13 3.76
C ARG T 51 -28.06 -50.46 2.42
N ASN T 52 -27.11 -49.53 2.36
CA ASN T 52 -26.86 -48.79 1.12
C ASN T 52 -25.73 -49.41 0.35
N ASN T 53 -25.99 -49.78 -0.89
CA ASN T 53 -25.04 -50.36 -1.81
C ASN T 53 -24.51 -49.29 -2.75
N VAL T 54 -23.25 -48.86 -2.59
CA VAL T 54 -22.76 -47.82 -3.50
C VAL T 54 -21.55 -48.32 -4.25
N THR T 55 -21.40 -49.63 -4.32
CA THR T 55 -20.23 -50.22 -4.97
C THR T 55 -20.58 -50.73 -6.34
N LEU T 56 -21.77 -50.37 -6.75
CA LEU T 56 -22.32 -50.73 -8.02
C LEU T 56 -21.57 -49.94 -9.06
N MET T 57 -21.37 -50.53 -10.22
CA MET T 57 -20.60 -49.91 -11.29
C MET T 57 -21.37 -49.83 -12.61
N PRO T 58 -22.49 -49.07 -12.70
CA PRO T 58 -23.37 -49.00 -13.85
C PRO T 58 -22.84 -48.35 -15.15
N GLY T 59 -21.82 -47.50 -15.11
CA GLY T 59 -21.40 -46.98 -16.43
C GLY T 59 -20.31 -45.93 -16.38
N VAL T 60 -19.83 -45.52 -17.56
CA VAL T 60 -18.75 -44.54 -17.67
C VAL T 60 -19.14 -43.32 -18.52
N ALA T 61 -18.81 -42.13 -18.02
CA ALA T 61 -19.11 -40.85 -18.65
C ALA T 61 -18.21 -40.53 -19.84
N LYS T 62 -18.73 -39.71 -20.77
CA LYS T 62 -17.98 -39.22 -21.93
C LYS T 62 -17.99 -37.70 -21.85
N ASP T 63 -16.99 -37.04 -22.43
CA ASP T 63 -16.92 -35.58 -22.39
C ASP T 63 -16.02 -35.01 -23.49
N GLY T 64 -15.65 -33.74 -23.35
CA GLY T 64 -14.80 -33.05 -24.29
C GLY T 64 -13.71 -32.27 -23.59
N SER T 65 -12.60 -32.02 -24.29
CA SER T 65 -11.48 -31.27 -23.71
C SER T 65 -11.26 -29.93 -24.40
N VAL T 66 -11.14 -28.88 -23.59
CA VAL T 66 -10.92 -27.53 -24.09
C VAL T 66 -9.44 -27.26 -24.36
N GLN T 67 -9.15 -26.45 -25.37
CA GLN T 67 -7.79 -26.12 -25.72
C GLN T 67 -7.70 -24.76 -26.37
N VAL T 68 -6.64 -24.02 -26.00
CA VAL T 68 -6.50 -22.62 -26.50
C VAL T 68 -5.33 -22.50 -27.48
N GLU T 69 -5.61 -22.04 -28.69
CA GLU T 69 -4.61 -21.78 -29.70
C GLU T 69 -3.98 -20.54 -29.18
N ARG T 70 -2.66 -20.45 -29.22
CA ARG T 70 -2.02 -19.28 -28.68
C ARG T 70 -2.62 -18.01 -29.23
N GLY T 71 -2.95 -17.97 -30.50
CA GLY T 71 -3.57 -16.78 -31.02
C GLY T 71 -3.96 -16.89 -32.46
N MET T 72 -4.71 -15.91 -32.92
CA MET T 72 -5.10 -15.90 -34.30
C MET T 72 -3.88 -15.52 -35.12
N SER T 73 -3.79 -16.10 -36.30
CA SER T 73 -2.70 -15.83 -37.22
C SER T 73 -3.23 -16.15 -38.59
N GLN T 74 -2.40 -15.97 -39.60
CA GLN T 74 -2.81 -16.24 -40.97
C GLN T 74 -2.97 -17.73 -41.28
N SER T 75 -2.49 -18.62 -40.41
CA SER T 75 -2.61 -20.05 -40.69
C SER T 75 -4.04 -20.55 -40.56
N SER T 76 -4.46 -21.38 -41.50
CA SER T 76 -5.77 -21.99 -41.41
C SER T 76 -5.61 -23.42 -40.98
N VAL T 77 -5.99 -23.70 -39.75
CA VAL T 77 -5.82 -25.02 -39.20
C VAL T 77 -7.14 -25.54 -38.68
N PHE T 78 -7.63 -24.90 -37.61
CA PHE T 78 -8.88 -25.38 -36.98
C PHE T 78 -10.09 -25.00 -37.84
N THR T 79 -9.97 -23.91 -38.60
CA THR T 79 -11.10 -23.48 -39.37
C THR T 79 -11.43 -24.53 -40.41
N GLN T 80 -10.43 -25.16 -40.99
CA GLN T 80 -10.73 -26.17 -41.97
C GLN T 80 -11.34 -27.37 -41.29
N TRP T 81 -10.84 -27.70 -40.11
CA TRP T 81 -11.35 -28.86 -39.42
C TRP T 81 -12.82 -28.69 -39.08
N ILE T 82 -13.19 -27.54 -38.53
CA ILE T 82 -14.58 -27.35 -38.18
C ILE T 82 -15.44 -27.31 -39.42
N ASN T 83 -14.94 -26.74 -40.53
CA ASN T 83 -15.76 -26.71 -41.72
C ASN T 83 -16.04 -28.10 -42.25
N ASP T 84 -15.07 -29.02 -42.14
CA ASP T 84 -15.31 -30.37 -42.65
C ASP T 84 -16.42 -31.04 -41.86
N SER T 85 -16.43 -30.82 -40.54
CA SER T 85 -17.48 -31.40 -39.73
C SER T 85 -18.84 -30.76 -40.01
N MET T 86 -18.89 -29.45 -40.20
CA MET T 86 -20.18 -28.80 -40.46
C MET T 86 -20.76 -29.27 -41.78
N ALA T 87 -19.87 -29.58 -42.71
CA ALA T 87 -20.22 -30.06 -44.04
C ALA T 87 -20.84 -31.46 -44.02
N GLY T 88 -20.67 -32.19 -42.91
CA GLY T 88 -21.18 -33.54 -42.80
C GLY T 88 -20.16 -34.65 -43.07
N ARG T 89 -18.88 -34.32 -43.23
CA ARG T 89 -17.92 -35.42 -43.56
C ARG T 89 -17.38 -36.02 -42.25
N MET T 90 -17.41 -37.35 -42.09
CA MET T 90 -16.90 -37.86 -40.84
C MET T 90 -15.43 -37.49 -40.88
N ALA T 91 -15.01 -36.67 -39.94
CA ALA T 91 -13.68 -36.10 -39.95
C ALA T 91 -13.04 -36.11 -38.58
N THR T 92 -12.75 -37.31 -38.09
CA THR T 92 -12.21 -37.47 -36.77
C THR T 92 -10.75 -37.87 -36.84
N ALA T 93 -10.06 -37.82 -35.71
CA ALA T 93 -8.66 -38.22 -35.60
C ALA T 93 -8.33 -38.58 -34.19
N ARG T 94 -7.24 -39.31 -33.95
CA ARG T 94 -6.83 -39.60 -32.55
C ARG T 94 -6.00 -38.42 -32.01
N LYS T 95 -6.07 -38.15 -30.70
CA LYS T 95 -5.22 -37.09 -30.16
C LYS T 95 -4.39 -37.55 -28.97
N ASN T 96 -3.08 -37.41 -29.06
CA ASN T 96 -2.20 -37.79 -27.95
C ASN T 96 -1.67 -36.62 -27.13
N ALA T 97 -2.19 -36.43 -25.92
CA ALA T 97 -1.72 -35.33 -25.08
C ALA T 97 -0.50 -35.84 -24.32
N THR T 98 0.64 -35.18 -24.50
CA THR T 98 1.90 -35.64 -23.89
C THR T 98 2.45 -34.73 -22.84
N ILE T 99 2.93 -35.39 -21.76
CA ILE T 99 3.43 -34.67 -20.55
C ILE T 99 4.94 -34.78 -20.36
N ILE T 100 5.64 -33.67 -20.46
CA ILE T 100 7.07 -33.46 -20.23
C ILE T 100 7.37 -33.06 -18.81
N VAL T 101 8.48 -33.59 -18.31
CA VAL T 101 8.94 -33.25 -16.97
C VAL T 101 10.12 -32.29 -17.02
N MET T 102 10.78 -32.09 -15.88
CA MET T 102 11.82 -31.07 -15.75
C MET T 102 12.80 -31.10 -16.93
N ASP T 103 13.32 -32.27 -17.22
CA ASP T 103 14.19 -32.47 -18.37
C ASP T 103 13.29 -32.77 -19.55
N TYR T 104 13.38 -31.96 -20.60
CA TYR T 104 12.51 -32.03 -21.77
C TYR T 104 12.58 -33.34 -22.55
N GLU T 105 13.67 -34.07 -22.33
CA GLU T 105 13.84 -35.39 -22.96
C GLU T 105 12.87 -36.39 -22.36
N ASP T 106 12.50 -36.19 -21.10
CA ASP T 106 11.65 -37.11 -20.42
C ASP T 106 10.17 -36.81 -20.65
N ASN T 107 9.50 -37.83 -21.20
CA ASN T 107 8.09 -37.75 -21.58
C ASN T 107 7.29 -38.93 -21.02
N PRO T 108 7.22 -39.09 -19.67
CA PRO T 108 6.60 -40.20 -18.97
C PRO T 108 5.09 -40.30 -18.99
N VAL T 109 4.34 -39.22 -19.27
CA VAL T 109 2.90 -39.40 -19.17
C VAL T 109 2.14 -39.05 -20.43
N LYS T 110 1.27 -39.95 -20.85
CA LYS T 110 0.48 -39.72 -22.03
C LYS T 110 -0.99 -40.00 -21.80
N ARG T 111 -1.85 -39.27 -22.51
CA ARG T 111 -3.31 -39.48 -22.38
C ARG T 111 -3.93 -39.44 -23.78
N TRP T 112 -4.64 -40.50 -24.18
CA TRP T 112 -5.17 -40.53 -25.51
C TRP T 112 -6.66 -40.36 -25.62
N ASN T 113 -7.05 -39.48 -26.54
CA ASN T 113 -8.50 -39.30 -26.81
C ASN T 113 -8.88 -40.29 -27.93
N LEU T 114 -10.07 -40.87 -27.87
CA LEU T 114 -10.45 -41.90 -28.87
C LEU T 114 -10.22 -41.32 -30.27
N ARG T 115 -9.81 -42.18 -31.23
CA ARG T 115 -9.54 -41.71 -32.61
C ARG T 115 -10.79 -41.03 -33.18
N ASN T 116 -11.94 -41.23 -32.53
CA ASN T 116 -13.19 -40.55 -32.98
C ASN T 116 -13.16 -39.09 -32.53
N ALA T 117 -12.07 -38.67 -31.87
CA ALA T 117 -11.94 -37.27 -31.41
C ALA T 117 -12.56 -36.34 -32.45
N TRP T 118 -13.53 -35.52 -32.03
CA TRP T 118 -14.26 -34.66 -33.01
C TRP T 118 -14.41 -33.24 -32.47
N CYS T 119 -14.29 -32.23 -33.34
CA CYS T 119 -14.42 -30.82 -32.95
C CYS T 119 -15.78 -30.22 -33.25
N SER T 120 -16.29 -29.40 -32.33
CA SER T 120 -17.64 -28.82 -32.52
C SER T 120 -17.67 -27.31 -32.26
N LYS T 121 -16.71 -26.73 -31.53
CA LYS T 121 -16.89 -25.29 -31.27
C LYS T 121 -15.62 -24.48 -31.25
N VAL T 122 -15.70 -23.31 -31.90
CA VAL T 122 -14.60 -22.37 -31.88
C VAL T 122 -15.04 -20.98 -31.39
N VAL T 123 -14.34 -20.44 -30.39
CA VAL T 123 -14.67 -19.14 -29.82
C VAL T 123 -13.53 -18.14 -29.88
N ALA T 124 -13.80 -16.93 -30.39
CA ALA T 124 -12.76 -15.91 -30.47
C ALA T 124 -12.77 -15.03 -29.23
N GLY T 125 -11.61 -14.49 -28.85
CA GLY T 125 -11.58 -13.54 -27.75
C GLY T 125 -12.15 -12.21 -28.23
N THR T 126 -12.28 -11.22 -27.34
CA THR T 126 -12.89 -9.94 -27.71
C THR T 126 -11.94 -8.92 -28.27
N LEU T 127 -12.51 -7.92 -28.95
CA LEU T 127 -11.73 -6.86 -29.54
C LEU T 127 -12.07 -5.50 -28.95
N LYS T 128 -11.16 -4.88 -28.19
CA LYS T 128 -11.47 -3.57 -27.58
C LYS T 128 -10.36 -2.52 -27.66
N ALA T 129 -10.73 -1.31 -28.07
CA ALA T 129 -9.79 -0.21 -28.23
C ALA T 129 -9.09 0.09 -26.93
N GLY T 130 -7.79 0.27 -27.00
CA GLY T 130 -7.02 0.59 -25.82
C GLY T 130 -6.58 -0.63 -25.03
N ASP T 131 -7.01 -1.83 -25.44
CA ASP T 131 -6.62 -3.02 -24.71
C ASP T 131 -5.30 -3.52 -25.21
N THR T 132 -4.27 -3.33 -24.40
CA THR T 132 -2.91 -3.64 -24.77
C THR T 132 -2.49 -4.96 -24.18
N ASN T 133 -3.43 -5.67 -23.60
CA ASN T 133 -3.15 -6.92 -22.96
C ASN T 133 -3.90 -8.07 -23.60
N ALA T 134 -4.15 -7.98 -24.90
CA ALA T 134 -4.89 -9.04 -25.54
C ALA T 134 -4.40 -9.32 -26.93
N LEU T 135 -4.36 -10.60 -27.24
CA LEU T 135 -4.01 -11.12 -28.54
C LEU T 135 -5.11 -11.83 -29.26
N THR T 136 -6.34 -11.62 -28.85
CA THR T 136 -7.42 -12.27 -29.56
C THR T 136 -7.11 -13.74 -29.82
N GLU T 137 -7.21 -14.53 -28.76
CA GLU T 137 -6.93 -15.95 -28.83
C GLU T 137 -8.10 -16.72 -29.36
N THR T 138 -7.94 -18.04 -29.52
CA THR T 138 -9.10 -18.84 -29.93
C THR T 138 -9.23 -20.07 -29.05
N ILE T 139 -10.47 -20.44 -28.78
CA ILE T 139 -10.73 -21.64 -28.02
C ILE T 139 -11.35 -22.69 -28.88
N THR T 140 -10.79 -23.88 -28.87
CA THR T 140 -11.32 -24.97 -29.64
C THR T 140 -11.81 -26.08 -28.71
N ILE T 141 -13.05 -26.53 -28.92
CA ILE T 141 -13.61 -27.59 -28.10
C ILE T 141 -13.81 -28.88 -28.86
N VAL T 142 -13.17 -29.92 -28.29
CA VAL T 142 -13.08 -31.28 -28.83
C VAL T 142 -13.64 -32.37 -27.92
N PHE T 143 -14.34 -33.31 -28.57
CA PHE T 143 -15.05 -34.37 -27.82
C PHE T 143 -14.24 -35.66 -27.72
N GLU T 144 -14.34 -36.31 -26.58
CA GLU T 144 -13.72 -37.59 -26.29
C GLU T 144 -14.70 -38.74 -26.01
N GLU T 145 -14.86 -39.65 -26.99
CA GLU T 145 -15.73 -40.82 -26.77
C GLU T 145 -15.13 -41.75 -25.74
N LEU T 146 -13.83 -41.87 -25.78
CA LEU T 146 -13.12 -42.76 -24.90
C LEU T 146 -11.75 -42.21 -24.56
N VAL T 147 -11.37 -42.29 -23.29
CA VAL T 147 -10.05 -41.82 -22.90
C VAL T 147 -9.19 -42.90 -22.31
N VAL T 148 -7.98 -43.01 -22.82
CA VAL T 148 -7.02 -43.98 -22.36
C VAL T 148 -5.84 -43.32 -21.61
N GLU T 149 -5.55 -43.81 -20.40
CA GLU T 149 -4.45 -43.36 -19.53
C GLU T 149 -3.10 -43.34 -20.27
N MET U 1 57.26 10.40 -49.63
CA MET U 1 57.02 11.32 -48.53
C MET U 1 56.34 12.63 -49.08
N PRO U 2 54.97 12.82 -48.96
CA PRO U 2 54.20 14.02 -49.33
C PRO U 2 54.70 15.21 -48.51
N SER U 3 54.57 16.43 -49.00
CA SER U 3 55.11 17.53 -48.23
C SER U 3 54.66 17.55 -46.79
N TYR U 4 55.65 17.68 -45.94
CA TYR U 4 55.53 17.72 -44.49
C TYR U 4 56.16 19.00 -44.00
N LEU U 5 56.47 19.85 -44.96
CA LEU U 5 57.12 21.12 -44.74
C LEU U 5 56.31 22.33 -45.13
N SER U 6 55.74 22.29 -46.31
CA SER U 6 55.15 23.50 -46.79
C SER U 6 54.22 23.35 -47.97
N PRO U 7 53.38 24.38 -48.24
CA PRO U 7 52.62 24.59 -49.46
C PRO U 7 53.53 24.74 -50.69
N GLY U 8 54.81 25.08 -50.48
CA GLY U 8 55.79 25.26 -51.53
C GLY U 8 57.15 25.27 -50.84
N VAL U 9 58.10 24.55 -51.43
CA VAL U 9 59.39 24.29 -50.78
C VAL U 9 60.58 25.11 -51.23
N TYR U 10 60.74 25.30 -52.53
CA TYR U 10 61.94 25.95 -53.01
C TYR U 10 61.86 27.45 -52.84
N VAL U 11 60.66 27.97 -52.97
CA VAL U 11 60.41 29.38 -52.79
C VAL U 11 59.23 29.57 -51.87
N GLU U 12 59.33 30.45 -50.87
CA GLU U 12 58.18 30.71 -50.02
C GLU U 12 57.33 31.77 -50.68
N GLU U 13 56.82 31.42 -51.86
CA GLU U 13 56.09 32.27 -52.77
C GLU U 13 54.78 32.69 -52.16
N VAL U 14 54.38 31.93 -51.17
CA VAL U 14 53.12 32.18 -50.50
C VAL U 14 53.09 33.56 -49.81
N ALA U 15 54.27 34.08 -49.34
CA ALA U 15 54.42 35.38 -48.68
C ALA U 15 54.14 36.46 -49.73
N GLY U 28 35.36 26.35 -42.68
CA GLY U 28 35.42 25.99 -44.08
C GLY U 28 34.18 25.17 -44.45
N VAL U 29 34.09 24.79 -45.74
CA VAL U 29 32.97 24.01 -46.32
C VAL U 29 33.02 22.50 -46.05
N GLY U 30 34.21 21.94 -45.93
CA GLY U 30 34.35 20.50 -45.70
C GLY U 30 34.64 19.72 -46.98
N THR U 31 34.69 18.39 -46.85
CA THR U 31 35.08 17.49 -47.92
C THR U 31 34.01 17.32 -48.97
N SER U 32 32.80 17.75 -48.64
CA SER U 32 31.67 17.62 -49.53
C SER U 32 31.70 18.54 -50.74
N VAL U 33 32.54 19.57 -50.74
CA VAL U 33 32.54 20.44 -51.92
C VAL U 33 33.44 19.89 -53.01
N ALA U 34 32.87 19.84 -54.20
CA ALA U 34 33.50 19.32 -55.41
C ALA U 34 33.23 20.26 -56.55
N ALA U 35 33.82 19.99 -57.71
CA ALA U 35 33.60 20.81 -58.89
C ALA U 35 33.28 19.98 -60.13
N PHE U 36 32.49 20.58 -61.03
CA PHE U 36 32.06 19.88 -62.26
C PHE U 36 32.26 20.75 -63.50
N VAL U 37 32.77 20.17 -64.59
CA VAL U 37 32.97 20.85 -65.87
C VAL U 37 32.01 20.36 -66.98
N GLY U 38 31.22 21.29 -67.54
CA GLY U 38 30.29 20.92 -68.60
C GLY U 38 29.46 22.11 -69.10
N LEU U 39 28.50 21.86 -69.99
CA LEU U 39 27.65 22.91 -70.62
C LEU U 39 26.32 23.13 -69.94
N ALA U 40 25.83 24.37 -70.01
CA ALA U 40 24.54 24.70 -69.41
C ALA U 40 23.49 25.03 -70.44
N PRO U 41 22.22 24.77 -70.19
CA PRO U 41 21.15 25.26 -70.99
C PRO U 41 21.33 26.76 -71.13
N THR U 42 21.41 27.45 -69.97
CA THR U 42 21.61 28.88 -69.93
C THR U 42 22.89 29.14 -69.20
N GLY U 43 22.79 29.38 -67.89
CA GLY U 43 23.92 29.63 -67.03
C GLY U 43 24.39 31.10 -67.06
N PRO U 44 25.30 31.46 -66.14
CA PRO U 44 25.98 32.73 -65.93
C PRO U 44 27.13 32.83 -66.91
N LEU U 45 27.96 33.85 -66.79
CA LEU U 45 29.15 33.84 -67.62
C LEU U 45 29.91 32.60 -67.24
N ASN U 46 30.60 32.00 -68.21
CA ASN U 46 31.29 30.75 -67.95
C ASN U 46 32.56 30.69 -67.13
N GLU U 47 33.31 31.77 -67.07
CA GLU U 47 34.55 31.88 -66.31
C GLU U 47 34.41 31.92 -64.77
N PRO U 48 33.51 32.72 -64.15
CA PRO U 48 33.37 32.84 -62.73
C PRO U 48 32.75 31.60 -62.18
N THR U 49 33.59 30.62 -61.93
CA THR U 49 33.08 29.34 -61.45
C THR U 49 32.31 29.64 -60.18
N LEU U 50 31.08 29.16 -60.07
CA LEU U 50 30.29 29.46 -58.88
C LEU U 50 30.01 28.25 -58.06
N VAL U 51 29.87 28.41 -56.74
CA VAL U 51 29.49 27.27 -55.91
C VAL U 51 28.15 27.48 -55.26
N THR U 52 27.25 26.52 -55.46
CA THR U 52 25.93 26.64 -54.86
C THR U 52 25.13 25.36 -54.70
N ASN U 53 23.90 25.51 -54.21
CA ASN U 53 22.89 24.47 -53.96
C ASN U 53 21.95 24.29 -55.15
N TRP U 54 21.29 23.13 -55.24
CA TRP U 54 20.31 22.88 -56.31
C TRP U 54 19.34 24.02 -56.50
N THR U 55 18.84 24.54 -55.40
CA THR U 55 17.82 25.56 -55.46
C THR U 55 18.25 26.77 -56.29
N GLN U 56 19.51 27.20 -56.17
CA GLN U 56 19.93 28.37 -56.93
C GLN U 56 20.51 27.93 -58.26
N TYR U 57 21.06 26.72 -58.28
CA TYR U 57 21.67 26.18 -59.46
C TYR U 57 20.72 26.17 -60.59
N VAL U 58 19.54 25.62 -60.35
CA VAL U 58 18.61 25.50 -61.44
C VAL U 58 18.14 26.86 -61.91
N ALA U 59 17.99 27.80 -60.99
CA ALA U 59 17.55 29.13 -61.38
C ALA U 59 18.52 29.77 -62.39
N ALA U 60 19.83 29.54 -62.23
CA ALA U 60 20.80 30.13 -63.17
C ALA U 60 21.06 29.24 -64.39
N PHE U 61 21.09 27.92 -64.19
CA PHE U 61 21.48 26.99 -65.29
C PHE U 61 20.29 26.65 -66.22
N GLY U 62 19.13 26.30 -65.66
CA GLY U 62 18.03 25.84 -66.53
C GLY U 62 17.49 24.44 -66.17
N ASP U 63 16.20 24.21 -66.43
CA ASP U 63 15.56 22.94 -66.07
C ASP U 63 15.75 21.84 -67.10
N PHE U 64 16.99 21.38 -67.24
CA PHE U 64 17.41 20.29 -68.15
C PHE U 64 17.13 20.53 -69.64
N THR U 65 16.83 21.75 -70.04
CA THR U 65 16.37 22.01 -71.41
C THR U 65 17.43 21.93 -72.47
N GLY U 66 18.69 21.95 -72.07
CA GLY U 66 19.80 21.91 -73.01
C GLY U 66 20.23 20.47 -73.33
N GLY U 67 19.70 19.48 -72.59
CA GLY U 67 20.08 18.09 -72.82
C GLY U 67 21.50 17.77 -72.38
N TYR U 68 22.02 18.50 -71.38
CA TYR U 68 23.38 18.34 -70.91
C TYR U 68 23.47 17.46 -69.69
N TYR U 69 24.65 16.87 -69.48
CA TYR U 69 24.86 15.99 -68.35
C TYR U 69 24.99 16.74 -67.02
N LEU U 70 25.40 18.01 -67.02
CA LEU U 70 25.49 18.70 -65.73
C LEU U 70 24.12 18.77 -65.09
N ALA U 71 23.09 18.86 -65.91
CA ALA U 71 21.74 18.97 -65.43
C ALA U 71 21.36 17.81 -64.53
N HIS U 72 21.99 16.66 -64.74
CA HIS U 72 21.70 15.47 -63.99
C HIS U 72 22.78 15.12 -62.96
N SER U 73 24.06 15.32 -63.30
CA SER U 73 25.13 14.97 -62.38
C SER U 73 25.15 15.90 -61.18
N VAL U 74 24.55 17.06 -61.34
CA VAL U 74 24.43 17.99 -60.25
C VAL U 74 23.68 17.39 -59.08
N TYR U 75 22.71 16.53 -59.37
CA TYR U 75 21.87 15.93 -58.29
C TYR U 75 22.74 15.05 -57.38
N GLY U 76 23.95 14.69 -57.83
CA GLY U 76 24.78 13.86 -57.03
C GLY U 76 24.91 14.43 -55.66
N PHE U 77 24.84 15.76 -55.54
CA PHE U 77 25.02 16.42 -54.22
C PHE U 77 23.68 16.91 -53.64
N PHE U 78 22.55 16.54 -54.26
CA PHE U 78 21.26 17.10 -53.76
C PHE U 78 20.24 15.98 -53.52
N ASN U 79 20.31 14.89 -54.29
CA ASN U 79 19.42 13.75 -54.09
C ASN U 79 20.20 12.65 -53.37
N ASN U 80 21.34 13.04 -52.84
CA ASN U 80 22.28 12.24 -52.12
C ASN U 80 22.96 13.20 -51.15
N GLY U 81 23.89 12.73 -50.37
CA GLY U 81 24.51 13.63 -49.39
C GLY U 81 25.25 14.75 -50.12
N GLY U 82 25.23 15.96 -49.54
CA GLY U 82 25.91 17.07 -50.17
C GLY U 82 25.53 18.41 -49.54
N SER U 83 25.92 19.51 -50.19
CA SER U 83 25.69 20.86 -49.69
C SER U 83 25.67 21.86 -50.85
N ALA U 84 26.83 21.98 -51.47
CA ALA U 84 27.03 22.88 -52.58
C ALA U 84 28.18 22.37 -53.43
N ALA U 85 28.25 22.79 -54.69
CA ALA U 85 29.37 22.41 -55.54
C ALA U 85 29.66 23.46 -56.59
N TYR U 86 30.92 23.49 -57.06
CA TYR U 86 31.39 24.44 -58.06
C TYR U 86 31.09 24.04 -59.48
N VAL U 87 30.55 24.97 -60.25
CA VAL U 87 30.25 24.65 -61.63
C VAL U 87 30.90 25.59 -62.65
N VAL U 88 31.62 24.96 -63.58
CA VAL U 88 32.30 25.61 -64.69
C VAL U 88 31.39 25.44 -65.88
N ARG U 89 30.94 26.55 -66.46
CA ARG U 89 29.92 26.46 -67.51
C ARG U 89 30.40 26.14 -68.89
N VAL U 90 31.59 26.58 -69.24
CA VAL U 90 32.15 26.42 -70.59
C VAL U 90 31.45 27.27 -71.66
N GLY U 91 30.15 27.09 -71.81
CA GLY U 91 29.29 27.78 -72.77
C GLY U 91 27.85 27.30 -72.57
N GLY U 92 26.91 27.85 -73.33
CA GLY U 92 25.53 27.42 -73.13
C GLY U 92 24.94 26.70 -74.32
N SER U 93 23.63 26.42 -74.23
CA SER U 93 22.87 25.75 -75.28
C SER U 93 22.75 26.61 -76.50
N ALA U 94 22.71 25.95 -77.62
CA ALA U 94 22.46 26.58 -78.89
C ALA U 94 21.02 27.02 -78.86
N GLU U 95 20.69 28.03 -79.65
CA GLU U 95 19.32 28.48 -79.72
C GLU U 95 18.44 27.35 -80.27
N ASP U 96 17.23 27.17 -79.68
CA ASP U 96 16.20 26.18 -80.07
C ASP U 96 16.77 24.77 -80.17
N GLN U 232 31.79 23.03 -81.97
CA GLN U 232 33.08 23.63 -81.63
C GLN U 232 33.49 23.34 -80.17
N ALA U 233 32.51 23.37 -79.23
CA ALA U 233 32.68 23.12 -77.78
C ALA U 233 32.91 21.64 -77.51
N GLU U 234 32.70 20.85 -78.55
CA GLU U 234 32.82 19.40 -78.54
C GLU U 234 34.27 18.95 -78.83
N SER U 235 35.15 19.90 -79.14
CA SER U 235 36.57 19.68 -79.39
C SER U 235 37.32 19.38 -78.11
N ALA U 236 38.46 18.71 -78.20
CA ALA U 236 39.25 18.38 -77.02
C ALA U 236 40.02 19.58 -76.47
N HIS U 237 40.06 20.67 -77.22
CA HIS U 237 40.73 21.90 -76.76
C HIS U 237 39.93 22.79 -75.77
N PRO U 238 38.71 23.27 -76.07
CA PRO U 238 37.87 24.09 -75.22
C PRO U 238 37.14 23.24 -74.21
N GLY U 239 36.51 23.87 -73.22
CA GLY U 239 35.58 23.18 -72.32
C GLY U 239 36.17 22.08 -71.46
N PRO U 240 35.83 20.79 -71.67
CA PRO U 240 36.31 19.63 -70.94
C PRO U 240 37.72 19.41 -71.43
N ALA U 241 38.58 20.32 -71.01
CA ALA U 241 39.94 20.45 -71.47
C ALA U 241 40.72 21.35 -70.52
N GLN U 242 42.03 21.45 -70.68
CA GLN U 242 42.78 22.38 -69.86
C GLN U 242 42.68 23.79 -70.46
N TYR U 243 41.46 24.29 -70.51
CA TYR U 243 41.14 25.55 -71.17
C TYR U 243 41.30 26.77 -70.27
N LEU U 244 42.56 27.00 -69.89
CA LEU U 244 43.01 28.08 -69.02
C LEU U 244 42.95 29.45 -69.68
N GLY U 245 43.25 29.50 -70.97
CA GLY U 245 43.30 30.78 -71.67
C GLY U 245 44.58 31.58 -71.44
N ASP U 246 45.74 30.91 -71.33
CA ASP U 246 47.00 31.62 -71.07
C ASP U 246 46.89 32.47 -69.81
N SER U 247 46.66 31.79 -68.68
CA SER U 247 46.57 32.49 -67.37
C SER U 247 45.26 33.30 -67.28
N SER U 248 44.31 33.02 -68.17
CA SER U 248 42.99 33.71 -68.10
C SER U 248 42.06 32.94 -67.16
N ASP U 249 42.52 31.79 -66.65
CA ASP U 249 41.69 30.97 -65.73
C ASP U 249 40.31 30.77 -66.37
N ARG U 250 40.27 30.44 -67.66
CA ARG U 250 38.97 30.26 -68.37
C ARG U 250 38.37 28.91 -68.01
N THR U 251 37.15 28.63 -68.50
CA THR U 251 36.47 27.35 -68.17
C THR U 251 37.40 26.18 -68.47
N GLY U 252 37.52 25.24 -67.52
CA GLY U 252 38.40 24.08 -67.70
C GLY U 252 39.24 23.82 -66.45
N PHE U 253 40.06 22.77 -66.48
CA PHE U 253 40.88 22.41 -65.30
C PHE U 253 41.70 23.63 -64.86
N GLY U 254 42.07 24.50 -65.81
CA GLY U 254 42.91 25.63 -65.47
C GLY U 254 42.15 26.69 -64.68
N GLY U 255 40.86 26.84 -64.97
CA GLY U 255 40.03 27.84 -64.31
C GLY U 255 39.83 27.54 -62.82
N LEU U 256 40.13 26.31 -62.38
CA LEU U 256 39.98 25.92 -61.00
C LEU U 256 41.27 26.06 -60.21
N GLU U 257 42.37 26.45 -60.86
CA GLU U 257 43.66 26.50 -60.16
C GLU U 257 43.68 27.52 -59.03
N ALA U 258 42.92 28.58 -59.20
CA ALA U 258 42.85 29.64 -58.21
C ALA U 258 41.83 29.34 -57.12
N ILE U 259 41.13 28.20 -57.20
CA ILE U 259 40.09 27.93 -56.24
C ILE U 259 40.44 26.80 -55.26
N ASP U 260 40.35 27.16 -53.98
CA ASP U 260 40.61 26.25 -52.87
C ASP U 260 39.31 25.55 -52.48
N GLU U 261 39.38 24.69 -51.48
CA GLU U 261 38.22 23.96 -50.95
C GLU U 261 37.44 23.11 -51.96
N ILE U 262 38.15 22.39 -52.83
CA ILE U 262 37.57 21.44 -53.78
C ILE U 262 38.22 20.09 -53.55
N SER U 263 37.44 19.05 -53.22
CA SER U 263 38.03 17.74 -52.97
C SER U 263 38.01 16.78 -54.18
N MET U 264 37.08 17.02 -55.11
CA MET U 264 36.92 16.16 -56.27
C MET U 264 36.59 16.95 -57.52
N VAL U 265 37.08 16.50 -58.68
CA VAL U 265 36.67 17.14 -59.93
C VAL U 265 36.13 16.13 -60.95
N ALA U 266 34.94 16.44 -61.48
CA ALA U 266 34.27 15.63 -62.48
C ALA U 266 34.06 16.41 -63.78
N VAL U 267 33.98 15.69 -64.91
CA VAL U 267 33.73 16.36 -66.20
C VAL U 267 32.57 15.68 -66.95
N PRO U 268 31.30 15.85 -66.52
CA PRO U 268 30.14 15.18 -67.05
C PRO U 268 29.90 15.35 -68.55
N ASP U 269 30.33 16.46 -69.16
CA ASP U 269 30.05 16.54 -70.59
C ASP U 269 31.17 16.10 -71.50
N LEU U 270 32.24 15.52 -71.00
CA LEU U 270 33.31 15.12 -71.93
C LEU U 270 32.79 14.14 -72.97
N MET U 271 32.03 13.15 -72.53
CA MET U 271 31.52 12.16 -73.44
C MET U 271 30.14 12.49 -73.96
N ALA U 272 29.61 13.69 -73.64
CA ALA U 272 28.26 14.07 -74.06
C ALA U 272 28.13 14.07 -75.54
N ALA U 273 29.22 14.44 -76.20
CA ALA U 273 29.27 14.51 -77.63
C ALA U 273 30.23 13.47 -78.14
N TYR U 274 30.41 12.37 -77.42
CA TYR U 274 31.38 11.41 -77.89
C TYR U 274 31.11 11.02 -79.31
N GLN U 275 29.86 10.72 -79.60
CA GLN U 275 29.55 10.33 -80.94
C GLN U 275 29.38 11.58 -81.82
N ARG U 276 28.66 12.58 -81.31
CA ARG U 276 28.35 13.74 -82.15
C ARG U 276 29.55 14.53 -82.62
N GLY U 277 30.51 14.71 -81.73
CA GLY U 277 31.70 15.49 -81.98
C GLY U 277 32.85 14.65 -82.45
N ALA U 278 32.61 13.36 -82.70
CA ALA U 278 33.67 12.45 -83.10
C ALA U 278 34.83 12.59 -82.13
N ILE U 279 34.57 12.37 -80.84
CA ILE U 279 35.66 12.58 -79.92
C ILE U 279 36.49 11.31 -80.02
N ASP U 280 37.53 11.39 -80.87
CA ASP U 280 38.46 10.22 -81.02
C ASP U 280 38.92 9.77 -79.63
N LEU U 281 39.51 8.57 -79.54
CA LEU U 281 39.94 8.03 -78.22
C LEU U 281 40.90 9.01 -77.54
N GLU U 282 41.92 9.48 -78.27
CA GLU U 282 42.92 10.41 -77.68
C GLU U 282 42.20 11.70 -77.25
N ALA U 283 41.36 12.25 -78.13
CA ALA U 283 40.57 13.46 -77.77
C ALA U 283 40.00 13.27 -76.36
N VAL U 284 39.67 12.03 -75.98
CA VAL U 284 39.17 11.77 -74.64
C VAL U 284 40.36 11.59 -73.75
N LYS U 285 41.30 10.73 -74.16
CA LYS U 285 42.45 10.39 -73.34
C LYS U 285 43.22 11.64 -72.95
N ALA U 286 43.40 12.56 -73.87
CA ALA U 286 44.11 13.79 -73.61
C ALA U 286 43.45 14.62 -72.51
N VAL U 287 42.12 14.58 -72.44
CA VAL U 287 41.41 15.36 -71.48
C VAL U 287 41.52 14.70 -70.14
N GLN U 288 41.36 13.38 -70.11
CA GLN U 288 41.45 12.69 -68.85
C GLN U 288 42.86 12.86 -68.30
N LEU U 289 43.87 12.85 -69.16
CA LEU U 289 45.22 13.07 -68.69
C LEU U 289 45.35 14.49 -68.14
N GLY U 290 44.74 15.47 -68.81
CA GLY U 290 44.78 16.85 -68.33
C GLY U 290 44.13 17.01 -66.96
N LEU U 291 43.04 16.27 -66.74
CA LEU U 291 42.32 16.32 -65.47
C LEU U 291 43.14 15.70 -64.37
N ILE U 292 43.77 14.57 -64.67
CA ILE U 292 44.56 13.90 -63.68
C ILE U 292 45.75 14.77 -63.34
N ALA U 293 46.41 15.34 -64.34
CA ALA U 293 47.57 16.19 -64.09
C ALA U 293 47.17 17.39 -63.25
N HIS U 294 45.98 17.97 -63.50
CA HIS U 294 45.51 19.08 -62.72
C HIS U 294 45.45 18.69 -61.27
N CYS U 295 44.82 17.56 -61.01
CA CYS U 295 44.68 17.10 -59.66
C CYS U 295 46.04 16.82 -59.01
N GLU U 296 46.97 16.22 -59.76
CA GLU U 296 48.28 15.93 -59.20
C GLU U 296 49.00 17.21 -58.81
N LEU U 297 48.89 18.24 -59.65
CA LEU U 297 49.53 19.52 -59.38
C LEU U 297 48.93 20.28 -58.21
N MET U 298 47.59 20.26 -58.07
CA MET U 298 47.00 20.97 -56.94
C MET U 298 47.42 20.25 -55.67
N GLY U 299 47.40 18.91 -55.75
CA GLY U 299 47.86 18.00 -54.71
C GLY U 299 46.86 17.53 -53.64
N ASP U 300 45.68 18.15 -53.57
CA ASP U 300 44.71 17.82 -52.48
C ASP U 300 43.30 17.50 -53.00
N ARG U 301 43.15 17.16 -54.28
CA ARG U 301 41.87 16.79 -54.85
C ARG U 301 42.04 15.66 -55.81
N VAL U 302 40.99 14.91 -56.08
CA VAL U 302 41.12 13.79 -57.02
C VAL U 302 40.20 13.85 -58.21
N ALA U 303 40.59 13.09 -59.23
CA ALA U 303 39.87 13.03 -60.49
C ALA U 303 38.89 11.88 -60.60
N ILE U 304 37.73 12.21 -61.13
CA ILE U 304 36.71 11.22 -61.43
C ILE U 304 36.79 10.93 -62.92
N ILE U 305 37.15 9.70 -63.25
CA ILE U 305 37.39 9.32 -64.64
C ILE U 305 36.26 8.47 -65.16
N ASP U 306 35.68 8.86 -66.28
CA ASP U 306 34.60 8.11 -66.90
C ASP U 306 35.12 7.00 -67.81
N PRO U 307 34.49 5.82 -67.83
CA PRO U 307 34.77 4.74 -68.73
C PRO U 307 34.17 5.18 -70.05
N PRO U 308 34.58 4.62 -71.18
CA PRO U 308 34.00 4.86 -72.48
C PRO U 308 32.50 4.49 -72.42
N PRO U 309 31.66 5.00 -73.35
CA PRO U 309 30.20 4.83 -73.25
C PRO U 309 29.53 3.45 -73.28
N ASN U 310 30.02 2.50 -74.08
CA ASN U 310 29.24 1.27 -74.18
C ASN U 310 30.12 0.14 -74.66
N GLN U 311 30.56 -0.70 -73.75
CA GLN U 311 31.45 -1.78 -74.12
C GLN U 311 31.39 -2.88 -73.08
N ASN U 312 31.82 -4.06 -73.48
CA ASN U 312 31.79 -5.22 -72.60
C ASN U 312 32.96 -5.21 -71.65
N ALA U 313 33.02 -6.21 -70.77
CA ALA U 313 34.10 -6.29 -69.79
C ALA U 313 35.45 -6.44 -70.47
N ARG U 314 35.48 -7.17 -71.57
CA ARG U 314 36.72 -7.42 -72.25
C ARG U 314 37.34 -6.15 -72.78
N GLN U 315 36.50 -5.21 -73.12
CA GLN U 315 36.93 -4.03 -73.79
C GLN U 315 37.44 -3.00 -72.81
N ILE U 316 37.16 -3.21 -71.54
CA ILE U 316 37.62 -2.27 -70.56
C ILE U 316 38.89 -2.84 -70.02
N ARG U 317 39.00 -4.17 -70.03
CA ARG U 317 40.25 -4.74 -69.64
C ARG U 317 41.28 -4.23 -70.65
N VAL U 318 40.75 -4.06 -71.87
CA VAL U 318 41.59 -3.60 -73.02
C VAL U 318 42.01 -2.15 -72.84
N TRP U 319 41.06 -1.21 -72.69
CA TRP U 319 41.65 0.11 -72.62
C TRP U 319 42.50 0.25 -71.36
N ARG U 320 42.12 -0.42 -70.26
CA ARG U 320 42.88 -0.29 -69.03
C ARG U 320 44.32 -0.76 -69.13
N GLN U 321 44.53 -1.90 -69.77
CA GLN U 321 45.86 -2.45 -69.89
C GLN U 321 46.61 -2.09 -71.16
N GLU U 322 45.89 -1.87 -72.26
CA GLU U 322 46.56 -1.66 -73.54
C GLU U 322 46.51 -0.25 -74.15
N THR U 323 45.45 0.55 -73.94
CA THR U 323 45.43 1.80 -74.70
C THR U 323 45.34 3.10 -73.91
N ALA U 324 44.80 3.08 -72.69
CA ALA U 324 44.64 4.32 -71.95
C ALA U 324 44.69 4.13 -70.45
N GLY U 325 45.63 3.37 -69.95
CA GLY U 325 45.72 3.22 -68.51
C GLY U 325 46.27 4.53 -68.00
N TYR U 326 45.91 4.95 -66.78
CA TYR U 326 46.46 6.20 -66.29
C TYR U 326 47.49 6.04 -65.16
N ASP U 327 47.38 4.96 -64.39
CA ASP U 327 48.29 4.65 -63.29
C ASP U 327 48.62 5.79 -62.31
N SER U 328 47.62 6.31 -61.59
CA SER U 328 47.87 7.43 -60.67
C SER U 328 47.07 7.42 -59.37
N LYS U 329 47.74 7.83 -58.30
CA LYS U 329 47.15 7.88 -56.97
C LYS U 329 46.08 8.94 -56.83
N TYR U 330 45.98 9.80 -57.83
CA TYR U 330 45.00 10.87 -57.85
C TYR U 330 43.75 10.59 -58.67
N ALA U 331 43.50 9.35 -59.09
CA ALA U 331 42.30 9.12 -59.87
C ALA U 331 41.62 7.79 -59.60
N ALA U 332 40.31 7.75 -59.88
CA ALA U 332 39.52 6.51 -59.79
C ALA U 332 38.42 6.45 -60.83
N LEU U 333 38.07 5.22 -61.22
CA LEU U 333 37.02 4.91 -62.19
C LEU U 333 36.09 3.78 -61.82
N TYR U 334 34.80 3.99 -62.11
CA TYR U 334 33.74 3.00 -61.94
C TYR U 334 33.32 2.60 -63.35
N TYR U 335 32.84 1.37 -63.56
CA TYR U 335 32.60 0.91 -64.97
C TYR U 335 31.16 0.99 -65.50
N PRO U 336 30.13 0.35 -64.91
CA PRO U 336 28.84 0.29 -65.56
C PRO U 336 28.15 1.64 -65.60
N TRP U 337 27.36 1.84 -66.62
CA TRP U 337 26.56 3.04 -66.75
C TRP U 337 25.22 2.82 -66.05
N ILE U 338 24.67 3.93 -65.53
CA ILE U 338 23.45 3.91 -64.75
C ILE U 338 22.24 4.47 -65.47
N LYS U 339 21.15 3.72 -65.41
CA LYS U 339 19.90 4.18 -65.98
C LYS U 339 19.19 5.02 -64.95
N SER U 340 18.68 6.16 -65.40
CA SER U 340 17.95 7.12 -64.57
C SER U 340 16.91 7.77 -65.46
N PHE U 341 16.05 8.64 -64.94
CA PHE U 341 15.04 9.26 -65.80
C PHE U 341 15.32 10.73 -66.00
N ASP U 342 14.50 11.38 -66.82
CA ASP U 342 14.68 12.79 -67.09
C ASP U 342 13.30 13.43 -67.17
N PRO U 343 12.83 14.08 -66.09
CA PRO U 343 11.49 14.57 -65.88
C PRO U 343 11.10 15.65 -66.86
N ALA U 344 12.08 16.23 -67.55
CA ALA U 344 11.74 17.25 -68.51
C ALA U 344 10.92 16.63 -69.64
N THR U 345 11.23 15.38 -70.03
CA THR U 345 10.51 14.75 -71.14
C THR U 345 10.03 13.31 -70.93
N GLY U 346 10.65 12.52 -70.04
CA GLY U 346 10.27 11.11 -69.97
C GLY U 346 11.02 10.22 -68.97
N GLN U 347 10.73 8.92 -69.08
CA GLN U 347 11.22 7.88 -68.18
C GLN U 347 12.69 7.47 -68.24
N SER U 348 13.44 7.76 -69.30
CA SER U 348 14.81 7.27 -69.25
C SER U 348 15.86 8.10 -69.98
N ARG U 349 17.06 7.99 -69.41
CA ARG U 349 18.32 8.52 -69.90
C ARG U 349 19.45 7.65 -69.36
N LEU U 350 20.58 7.59 -70.06
CA LEU U 350 21.70 6.88 -69.47
C LEU U 350 22.72 7.91 -68.98
N VAL U 351 23.28 7.71 -67.79
CA VAL U 351 24.30 8.61 -67.28
C VAL U 351 25.54 7.83 -66.80
N PRO U 352 26.73 8.46 -66.78
CA PRO U 352 27.97 7.86 -66.34
C PRO U 352 27.91 7.64 -64.85
N PRO U 353 28.73 6.73 -64.30
CA PRO U 353 28.81 6.41 -62.89
C PRO U 353 29.56 7.47 -62.10
N SER U 354 28.97 8.65 -62.07
CA SER U 354 29.45 9.84 -61.42
C SER U 354 28.27 10.51 -60.78
N GLY U 355 28.38 11.78 -60.45
CA GLY U 355 27.20 12.39 -59.87
C GLY U 355 26.89 11.73 -58.55
N HIS U 356 25.81 10.97 -58.52
CA HIS U 356 25.38 10.30 -57.25
C HIS U 356 26.49 9.39 -56.75
N VAL U 357 27.34 8.87 -57.66
CA VAL U 357 28.44 8.07 -57.20
C VAL U 357 29.32 8.94 -56.30
N ALA U 358 29.50 10.21 -56.64
CA ALA U 358 30.32 11.10 -55.83
C ALA U 358 29.55 11.56 -54.57
N GLY U 359 28.21 11.60 -54.69
CA GLY U 359 27.30 11.99 -53.61
C GLY U 359 27.53 11.07 -52.42
N ILE U 360 27.85 9.83 -52.74
CA ILE U 360 28.20 8.84 -51.75
C ILE U 360 29.39 9.25 -50.92
N TRP U 361 30.42 9.88 -51.50
CA TRP U 361 31.54 10.22 -50.67
C TRP U 361 31.09 11.19 -49.60
N ALA U 362 30.24 12.14 -49.99
CA ALA U 362 29.77 13.12 -49.00
C ALA U 362 28.97 12.41 -47.90
N ARG U 363 28.15 11.45 -48.29
CA ARG U 363 27.37 10.70 -47.31
C ARG U 363 28.27 9.92 -46.37
N ASN U 364 29.26 9.25 -46.95
CA ASN U 364 30.17 8.41 -46.22
C ASN U 364 30.95 9.17 -45.18
N ASP U 365 31.39 10.38 -45.52
CA ASP U 365 32.17 11.18 -44.60
C ASP U 365 31.33 11.67 -43.42
N SER U 366 30.02 11.85 -43.63
CA SER U 366 29.18 12.25 -42.53
C SER U 366 28.92 11.06 -41.59
N GLU U 367 28.76 9.85 -42.16
CA GLU U 367 28.47 8.68 -41.34
C GLU U 367 29.66 8.30 -40.44
N ARG U 368 30.84 8.19 -41.06
CA ARG U 368 32.05 7.79 -40.30
C ARG U 368 33.22 8.66 -40.77
N GLY U 369 33.46 8.72 -42.08
CA GLY U 369 34.52 9.61 -42.61
C GLY U 369 35.31 8.97 -43.76
N VAL U 370 36.37 9.64 -44.19
CA VAL U 370 37.22 9.13 -45.32
C VAL U 370 37.85 7.79 -44.90
N HIS U 371 38.17 7.64 -43.62
CA HIS U 371 38.84 6.40 -43.13
C HIS U 371 38.04 5.17 -43.58
N LYS U 372 36.71 5.21 -43.42
CA LYS U 372 35.85 4.09 -43.88
C LYS U 372 35.64 4.21 -45.39
N ALA U 373 35.73 3.09 -46.12
CA ALA U 373 35.51 3.13 -47.56
C ALA U 373 34.03 2.96 -47.81
N PRO U 374 33.43 3.63 -48.79
CA PRO U 374 32.06 3.42 -49.21
C PRO U 374 32.05 2.20 -50.11
N ALA U 375 32.45 1.06 -49.55
CA ALA U 375 32.59 -0.17 -50.30
C ALA U 375 31.31 -0.97 -50.33
N ASN U 376 30.30 -0.44 -49.68
CA ASN U 376 28.98 -1.02 -49.64
C ASN U 376 27.98 0.10 -49.39
N GLU U 377 27.56 0.77 -50.46
CA GLU U 377 26.60 1.88 -50.28
C GLU U 377 25.62 2.03 -51.44
N VAL U 378 24.42 2.48 -51.12
CA VAL U 378 23.34 2.64 -52.08
C VAL U 378 23.41 3.85 -52.98
N VAL U 379 23.27 3.60 -54.27
CA VAL U 379 23.33 4.70 -55.22
C VAL U 379 21.94 5.27 -55.33
N ARG U 380 21.62 6.08 -54.36
CA ARG U 380 20.29 6.62 -54.29
C ARG U 380 20.02 7.45 -55.53
N GLY U 381 18.85 7.22 -56.11
CA GLY U 381 18.40 7.94 -57.30
C GLY U 381 18.55 7.09 -58.57
N ALA U 382 19.32 6.02 -58.48
CA ALA U 382 19.51 5.12 -59.59
C ALA U 382 18.24 4.33 -59.84
N VAL U 383 17.96 4.00 -61.10
CA VAL U 383 16.83 3.16 -61.41
C VAL U 383 17.31 1.75 -61.69
N ASP U 384 18.29 1.62 -62.59
CA ASP U 384 18.83 0.30 -62.92
C ASP U 384 20.23 0.40 -63.52
N LEU U 385 20.84 -0.73 -63.83
CA LEU U 385 22.16 -0.77 -64.43
C LEU U 385 22.10 -1.37 -65.82
N GLU U 386 22.99 -0.97 -66.72
CA GLU U 386 22.97 -1.63 -68.03
C GLU U 386 23.34 -3.09 -67.99
N LEU U 387 24.28 -3.46 -67.14
CA LEU U 387 24.69 -4.84 -67.07
C LEU U 387 24.98 -5.27 -65.65
N GLN U 388 24.69 -6.51 -65.35
CA GLN U 388 25.07 -7.09 -64.08
C GLN U 388 26.41 -7.75 -64.30
N ILE U 389 27.38 -7.41 -63.47
CA ILE U 389 28.72 -7.95 -63.63
C ILE U 389 28.90 -9.08 -62.63
N THR U 390 29.12 -10.27 -63.14
CA THR U 390 29.16 -11.48 -62.32
C THR U 390 30.51 -11.74 -61.71
N ARG U 391 30.59 -12.70 -60.80
CA ARG U 391 31.85 -12.98 -60.11
C ARG U 391 32.99 -13.35 -61.06
N GLY U 392 32.66 -14.03 -62.16
CA GLY U 392 33.70 -14.40 -63.12
C GLY U 392 34.29 -13.18 -63.81
N GLU U 393 33.60 -12.04 -63.72
CA GLU U 393 34.06 -10.80 -64.31
C GLU U 393 34.71 -9.94 -63.22
N GLN U 394 34.21 -10.04 -61.98
CA GLN U 394 34.77 -9.27 -60.86
C GLN U 394 36.20 -9.71 -60.61
N ASP U 395 36.44 -10.99 -60.89
CA ASP U 395 37.73 -11.65 -60.79
C ASP U 395 38.75 -11.04 -61.76
N LEU U 396 38.29 -10.43 -62.85
CA LEU U 396 39.20 -9.84 -63.80
C LEU U 396 39.30 -8.33 -63.64
N LEU U 397 38.21 -7.68 -63.21
CA LEU U 397 38.20 -6.23 -63.13
C LEU U 397 38.74 -5.62 -61.82
N ASN U 398 38.49 -6.25 -60.68
CA ASN U 398 38.96 -5.63 -59.45
C ASN U 398 40.49 -5.56 -59.38
N PRO U 399 41.26 -6.58 -59.82
CA PRO U 399 42.70 -6.61 -59.82
C PRO U 399 43.35 -5.55 -60.69
N ILE U 400 42.57 -4.89 -61.57
CA ILE U 400 43.16 -3.88 -62.44
C ILE U 400 42.62 -2.51 -62.08
N GLY U 401 41.97 -2.39 -60.91
CA GLY U 401 41.48 -1.11 -60.42
C GLY U 401 40.15 -0.62 -60.97
N VAL U 402 39.30 -1.50 -61.49
CA VAL U 402 38.02 -1.02 -61.99
C VAL U 402 36.92 -1.28 -60.98
N ASN U 403 36.29 -0.22 -60.50
CA ASN U 403 35.26 -0.37 -59.50
C ASN U 403 33.92 -0.69 -60.13
N CYS U 404 33.17 -1.55 -59.49
CA CYS U 404 31.86 -1.87 -60.00
C CYS U 404 30.71 -1.53 -59.07
N ILE U 405 29.58 -1.34 -59.72
CA ILE U 405 28.29 -1.10 -59.10
C ILE U 405 27.42 -2.27 -59.52
N ARG U 406 26.77 -2.90 -58.57
CA ARG U 406 25.94 -4.08 -58.84
C ARG U 406 24.54 -4.01 -58.25
N SER U 407 23.61 -4.75 -58.86
CA SER U 407 22.28 -4.86 -58.31
C SER U 407 22.30 -6.08 -57.42
N PHE U 408 22.11 -5.87 -56.14
CA PHE U 408 22.27 -6.96 -55.21
C PHE U 408 20.88 -7.54 -54.85
N PRO U 409 20.73 -8.88 -54.81
CA PRO U 409 19.49 -9.59 -54.54
C PRO U 409 19.00 -9.45 -53.12
N GLY U 410 18.38 -8.30 -52.86
CA GLY U 410 17.85 -7.96 -51.56
C GLY U 410 18.48 -6.72 -50.93
N ARG U 411 19.45 -6.10 -51.62
CA ARG U 411 20.04 -4.90 -51.04
C ARG U 411 19.94 -3.66 -51.97
N GLY U 412 19.56 -3.85 -53.24
CA GLY U 412 19.44 -2.73 -54.19
C GLY U 412 20.73 -2.40 -54.93
N ILE U 413 20.78 -1.21 -55.52
CA ILE U 413 21.93 -0.87 -56.35
C ILE U 413 23.02 -0.29 -55.50
N ARG U 414 24.15 -0.98 -55.44
CA ARG U 414 25.20 -0.52 -54.56
C ARG U 414 26.58 -0.49 -55.17
N VAL U 415 27.38 0.42 -54.64
CA VAL U 415 28.77 0.54 -54.99
C VAL U 415 29.51 -0.49 -54.20
N TRP U 416 30.31 -1.28 -54.89
CA TRP U 416 31.09 -2.34 -54.28
C TRP U 416 32.59 -2.21 -54.41
N GLY U 417 33.08 -1.80 -55.55
CA GLY U 417 34.54 -1.72 -55.68
C GLY U 417 35.05 -0.50 -54.95
N ALA U 418 36.29 -0.55 -54.43
CA ALA U 418 36.86 0.62 -53.77
C ALA U 418 38.37 0.75 -53.98
N ARG U 419 38.80 0.68 -55.24
CA ARG U 419 40.21 0.78 -55.57
C ARG U 419 40.57 2.00 -56.38
N THR U 420 41.81 2.42 -56.19
CA THR U 420 42.48 3.52 -56.85
C THR U 420 42.92 3.10 -58.24
N LEU U 421 42.83 3.98 -59.23
CA LEU U 421 43.27 3.62 -60.58
C LEU U 421 44.77 3.88 -60.67
N SER U 422 45.53 3.06 -59.94
CA SER U 422 46.98 3.16 -59.71
C SER U 422 47.69 1.84 -59.61
N SER U 423 48.92 1.84 -60.11
CA SER U 423 49.83 0.71 -60.08
C SER U 423 50.65 0.58 -58.79
N ASP U 424 50.64 1.61 -57.95
CA ASP U 424 51.43 1.65 -56.72
C ASP U 424 50.72 1.00 -55.55
N PRO U 425 51.18 -0.17 -55.02
CA PRO U 425 50.54 -0.90 -53.95
C PRO U 425 50.17 -0.03 -52.75
N ALA U 426 50.99 0.99 -52.45
CA ALA U 426 50.74 1.84 -51.31
C ALA U 426 49.42 2.56 -51.37
N TRP U 427 48.99 2.90 -52.57
CA TRP U 427 47.80 3.71 -52.72
C TRP U 427 46.63 2.98 -53.32
N ARG U 428 46.62 1.65 -53.22
CA ARG U 428 45.52 0.90 -53.81
C ARG U 428 44.14 1.16 -53.27
N TYR U 429 44.03 1.50 -52.00
CA TYR U 429 42.73 1.67 -51.38
C TYR U 429 42.30 3.13 -51.33
N LEU U 430 41.07 3.39 -51.80
CA LEU U 430 40.62 4.77 -51.88
C LEU U 430 40.47 5.47 -50.56
N ASN U 431 40.08 4.76 -49.53
CA ASN U 431 39.86 5.38 -48.24
C ASN U 431 41.15 5.78 -47.57
N ILE U 432 42.25 5.19 -47.99
CA ILE U 432 43.51 5.50 -47.37
C ILE U 432 43.99 6.75 -48.02
N ARG U 433 43.90 6.81 -49.34
CA ARG U 433 44.31 8.03 -50.08
C ARG U 433 43.50 9.22 -49.55
N ARG U 434 42.21 9.01 -49.28
CA ARG U 434 41.37 10.08 -48.76
C ARG U 434 41.70 10.47 -47.35
N TYR U 435 42.02 9.51 -46.48
CA TYR U 435 42.38 9.84 -45.11
C TYR U 435 43.54 10.81 -45.13
N PHE U 436 44.53 10.54 -45.96
CA PHE U 436 45.63 11.47 -45.99
C PHE U 436 45.24 12.84 -46.50
N ASN U 437 44.39 12.95 -47.53
CA ASN U 437 44.03 14.30 -47.95
C ASN U 437 43.26 15.01 -46.86
N TYR U 438 42.45 14.27 -46.12
CA TYR U 438 41.69 14.82 -45.02
C TYR U 438 42.57 15.40 -43.93
N LEU U 439 43.58 14.64 -43.51
CA LEU U 439 44.41 15.15 -42.46
C LEU U 439 45.17 16.35 -42.93
N GLU U 440 45.62 16.34 -44.19
CA GLU U 440 46.39 17.47 -44.66
C GLU U 440 45.59 18.73 -44.72
N GLU U 441 44.36 18.67 -45.18
CA GLU U 441 43.64 19.92 -45.24
C GLU U 441 43.48 20.53 -43.87
N SER U 442 43.09 19.74 -42.88
CA SER U 442 42.86 20.33 -41.58
C SER U 442 44.12 20.79 -40.87
N ILE U 443 45.22 20.04 -40.97
CA ILE U 443 46.40 20.44 -40.24
C ILE U 443 47.05 21.66 -40.86
N LEU U 444 47.03 21.75 -42.19
CA LEU U 444 47.62 22.87 -42.88
C LEU U 444 46.86 24.14 -42.64
N ILE U 445 45.54 24.08 -42.56
CA ILE U 445 44.81 25.28 -42.25
C ILE U 445 45.08 25.69 -40.82
N GLY U 446 45.05 24.73 -39.91
CA GLY U 446 45.26 25.03 -38.51
C GLY U 446 46.58 25.74 -38.25
N THR U 447 47.70 25.13 -38.59
CA THR U 447 48.98 25.79 -38.28
C THR U 447 49.38 26.71 -39.41
N GLN U 448 48.65 27.79 -39.54
CA GLN U 448 48.91 28.75 -40.59
C GLN U 448 49.51 30.02 -40.08
N TRP U 449 50.81 30.13 -40.17
CA TRP U 449 51.53 31.30 -39.73
C TRP U 449 52.20 31.82 -40.99
N VAL U 450 52.28 33.12 -41.16
CA VAL U 450 52.87 33.66 -42.38
C VAL U 450 54.06 34.53 -42.14
N VAL U 451 55.11 34.22 -42.91
CA VAL U 451 56.41 34.86 -42.82
C VAL U 451 56.96 34.37 -41.53
N PHE U 452 57.96 33.49 -41.64
CA PHE U 452 58.62 32.95 -40.47
C PHE U 452 59.56 34.03 -39.96
N GLU U 453 59.53 34.28 -38.65
CA GLU U 453 60.38 35.29 -38.05
C GLU U 453 61.79 34.74 -37.88
N PRO U 454 62.07 34.20 -36.69
CA PRO U 454 63.39 33.64 -36.43
C PRO U 454 63.36 32.13 -36.22
N ASN U 455 64.18 31.40 -36.96
CA ASN U 455 64.28 29.96 -36.81
C ASN U 455 64.71 29.82 -35.36
N ASP U 456 63.89 29.13 -34.60
CA ASP U 456 64.05 29.07 -33.17
C ASP U 456 63.34 27.86 -32.59
N HIS U 457 63.95 27.29 -31.54
CA HIS U 457 63.35 26.11 -30.87
C HIS U 457 61.95 26.46 -30.34
N ASN U 458 61.71 27.71 -29.94
CA ASN U 458 60.43 28.00 -29.36
C ASN U 458 59.33 27.75 -30.37
N LEU U 459 59.62 27.87 -31.67
CA LEU U 459 58.57 27.64 -32.64
C LEU U 459 58.44 26.17 -32.81
N TRP U 460 59.55 25.46 -32.71
CA TRP U 460 59.49 24.03 -32.88
C TRP U 460 58.61 23.49 -31.77
N ALA U 461 58.81 23.99 -30.55
CA ALA U 461 57.99 23.48 -29.47
C ALA U 461 56.52 23.75 -29.70
N ARG U 462 56.16 24.93 -30.23
CA ARG U 462 54.76 25.20 -30.44
C ARG U 462 54.16 24.25 -31.46
N ILE U 463 54.92 23.96 -32.50
CA ILE U 463 54.47 23.07 -33.54
C ILE U 463 54.32 21.65 -33.08
N ARG U 464 55.32 21.12 -32.37
CA ARG U 464 55.21 19.73 -31.96
C ARG U 464 54.02 19.55 -31.08
N ARG U 465 53.81 20.51 -30.20
CA ARG U 465 52.72 20.37 -29.28
C ARG U 465 51.39 20.42 -30.02
N ASN U 466 51.25 21.30 -31.01
CA ASN U 466 49.99 21.38 -31.72
C ASN U 466 49.69 20.19 -32.61
N VAL U 467 50.71 19.60 -33.22
CA VAL U 467 50.42 18.48 -34.09
C VAL U 467 49.99 17.29 -33.25
N SER U 468 50.70 17.03 -32.15
CA SER U 468 50.33 15.90 -31.33
C SER U 468 48.94 16.08 -30.75
N ALA U 469 48.61 17.29 -30.28
CA ALA U 469 47.27 17.49 -29.73
C ALA U 469 46.20 17.16 -30.75
N PHE U 470 46.44 17.52 -32.01
CA PHE U 470 45.50 17.20 -33.08
C PHE U 470 45.35 15.70 -33.33
N LEU U 471 46.49 14.99 -33.44
CA LEU U 471 46.48 13.57 -33.77
C LEU U 471 46.08 12.63 -32.65
N VAL U 472 46.26 13.01 -31.40
CA VAL U 472 45.90 12.07 -30.36
C VAL U 472 44.43 11.72 -30.40
N ASN U 473 43.59 12.62 -30.87
CA ASN U 473 42.18 12.31 -30.98
C ASN U 473 41.87 11.26 -32.04
N GLU U 474 42.72 11.11 -33.05
CA GLU U 474 42.45 10.12 -34.06
C GLU U 474 42.66 8.77 -33.38
N TRP U 475 43.64 8.72 -32.47
CA TRP U 475 43.90 7.53 -31.66
C TRP U 475 42.81 7.26 -30.62
N ARG U 476 42.36 8.31 -29.92
CA ARG U 476 41.35 8.15 -28.88
C ARG U 476 40.07 7.65 -29.52
N ASN U 477 39.81 8.13 -30.73
CA ASN U 477 38.67 7.75 -31.53
C ASN U 477 39.10 6.50 -32.26
N GLY U 478 38.25 5.93 -33.10
CA GLY U 478 38.65 4.66 -33.72
C GLY U 478 39.48 4.73 -35.02
N ALA U 479 39.86 5.92 -35.48
CA ALA U 479 40.58 6.05 -36.76
C ALA U 479 41.97 5.37 -36.82
N LEU U 480 42.74 5.39 -35.73
CA LEU U 480 44.09 4.81 -35.77
C LEU U 480 44.26 3.45 -35.10
N PHE U 481 45.31 2.77 -35.50
CA PHE U 481 45.68 1.48 -34.93
C PHE U 481 46.73 1.66 -33.85
N GLY U 482 46.72 0.82 -32.84
CA GLY U 482 47.74 0.82 -31.79
C GLY U 482 47.14 0.86 -30.39
N GLN U 483 47.88 0.34 -29.42
CA GLN U 483 47.43 0.27 -28.02
C GLN U 483 47.57 1.57 -27.27
N SER U 484 48.35 2.49 -27.81
CA SER U 484 48.64 3.76 -27.19
C SER U 484 49.17 4.71 -28.27
N PRO U 485 49.13 6.05 -28.07
CA PRO U 485 49.69 7.08 -28.94
C PRO U 485 51.13 6.78 -29.31
N ASP U 486 51.82 6.13 -28.40
CA ASP U 486 53.21 5.75 -28.55
C ASP U 486 53.45 5.01 -29.83
N GLN U 487 52.47 4.17 -30.22
CA GLN U 487 52.62 3.40 -31.42
C GLN U 487 51.74 3.94 -32.51
N ALA U 488 50.62 4.55 -32.11
CA ALA U 488 49.63 5.02 -33.07
C ALA U 488 50.11 6.15 -33.98
N TYR U 489 50.95 7.06 -33.49
CA TYR U 489 51.43 8.13 -34.37
C TYR U 489 52.76 8.69 -33.91
N TYR U 490 53.43 9.46 -34.78
CA TYR U 490 54.76 10.00 -34.42
C TYR U 490 54.95 11.44 -34.92
N VAL U 491 55.42 12.33 -34.05
CA VAL U 491 55.72 13.71 -34.45
C VAL U 491 57.15 14.12 -34.09
N LYS U 492 57.90 14.64 -35.07
CA LYS U 492 59.26 15.14 -34.83
C LYS U 492 59.57 16.50 -35.46
N CYS U 493 60.07 17.42 -34.64
CA CYS U 493 60.45 18.75 -35.13
C CYS U 493 61.48 19.33 -34.19
N ASP U 494 62.72 19.24 -34.61
CA ASP U 494 63.88 19.63 -33.83
C ASP U 494 65.00 19.99 -34.79
N GLU U 495 66.19 20.25 -34.26
CA GLU U 495 67.32 20.68 -35.07
C GLU U 495 67.79 19.67 -36.11
N GLU U 496 67.31 18.43 -36.08
CA GLU U 496 67.75 17.51 -37.11
C GLU U 496 66.82 17.52 -38.31
N THR U 497 65.71 18.28 -38.24
CA THR U 497 64.82 18.34 -39.37
C THR U 497 65.01 19.76 -39.85
N ASN U 498 65.49 20.57 -38.91
CA ASN U 498 65.75 21.99 -39.08
C ASN U 498 67.21 22.29 -38.71
N PRO U 499 68.19 21.89 -39.55
CA PRO U 499 69.62 21.93 -39.31
C PRO U 499 70.12 23.36 -39.25
N PRO U 500 71.35 23.57 -38.69
CA PRO U 500 72.02 24.83 -38.44
C PRO U 500 72.12 25.80 -39.60
N GLU U 501 72.12 25.32 -40.84
CA GLU U 501 72.21 26.29 -41.93
C GLU U 501 71.08 27.30 -41.80
N SER U 502 69.91 26.85 -41.32
CA SER U 502 68.79 27.74 -41.07
C SER U 502 68.52 28.67 -42.23
N VAL U 503 68.50 28.15 -43.44
CA VAL U 503 68.30 29.04 -44.55
C VAL U 503 66.86 29.29 -44.81
N ASP U 504 66.46 30.54 -44.62
CA ASP U 504 65.09 30.96 -44.82
C ASP U 504 64.10 30.01 -44.14
N LEU U 505 63.16 29.43 -44.89
CA LEU U 505 62.19 28.58 -44.22
C LEU U 505 62.75 27.31 -43.59
N GLY U 506 62.36 27.15 -42.33
CA GLY U 506 62.65 25.98 -41.51
C GLY U 506 61.32 25.29 -41.41
N ARG U 507 60.80 25.17 -40.17
CA ARG U 507 59.47 24.56 -39.95
C ARG U 507 59.37 23.19 -40.65
N VAL U 508 60.39 22.34 -40.51
CA VAL U 508 60.30 21.01 -41.06
C VAL U 508 59.74 20.06 -40.02
N VAL U 509 58.60 19.42 -40.30
CA VAL U 509 58.01 18.53 -39.31
C VAL U 509 57.87 17.13 -39.86
N CYS U 510 58.47 16.16 -39.23
CA CYS U 510 58.34 14.81 -39.77
C CYS U 510 57.21 14.10 -39.06
N GLU U 511 56.39 13.38 -39.80
CA GLU U 511 55.26 12.70 -39.16
C GLU U 511 55.03 11.28 -39.63
N ILE U 512 54.60 10.43 -38.71
CA ILE U 512 54.29 9.06 -39.08
C ILE U 512 52.81 8.83 -38.86
N GLY U 513 52.17 8.26 -39.88
CA GLY U 513 50.76 7.95 -39.82
C GLY U 513 50.70 6.59 -39.20
N ILE U 514 50.38 5.57 -39.96
CA ILE U 514 50.32 4.26 -39.33
C ILE U 514 51.65 3.57 -39.62
N ALA U 515 51.83 3.09 -40.85
CA ALA U 515 53.14 2.67 -41.33
C ALA U 515 53.87 3.77 -42.14
N PRO U 516 53.23 4.50 -43.10
CA PRO U 516 53.87 5.43 -43.98
C PRO U 516 54.29 6.68 -43.27
N VAL U 517 55.31 7.31 -43.82
CA VAL U 517 55.88 8.49 -43.24
C VAL U 517 55.79 9.70 -44.20
N LYS U 518 55.43 10.89 -43.66
CA LYS U 518 55.35 12.17 -44.37
C LYS U 518 56.60 12.97 -44.00
N MET V 1 45.27 -8.24 -15.19
CA MET V 1 44.73 -9.31 -14.37
C MET V 1 45.79 -10.41 -14.15
N SER V 2 46.97 -10.01 -13.60
CA SER V 2 48.14 -10.87 -13.31
C SER V 2 47.98 -11.72 -12.05
N LEU V 3 47.04 -11.35 -11.23
CA LEU V 3 46.77 -11.96 -9.94
C LEU V 3 45.31 -12.32 -9.84
N PRO V 4 44.91 -13.26 -8.96
CA PRO V 4 43.52 -13.57 -8.61
C PRO V 4 42.86 -12.44 -7.81
N LYS V 5 43.67 -11.52 -7.26
CA LYS V 5 43.15 -10.45 -6.35
C LYS V 5 42.30 -9.36 -7.02
N PRO V 6 42.60 -8.85 -8.25
CA PRO V 6 41.76 -7.84 -8.89
C PRO V 6 40.42 -8.32 -9.35
N GLU V 7 39.57 -7.34 -9.58
CA GLU V 7 38.23 -7.51 -10.07
C GLU V 7 38.03 -6.55 -11.18
N ASP V 8 37.11 -6.84 -12.07
CA ASP V 8 36.81 -5.89 -13.11
C ASP V 8 36.33 -4.59 -12.47
N VAL V 9 36.75 -3.50 -13.05
CA VAL V 9 36.44 -2.15 -12.62
C VAL V 9 35.66 -1.44 -13.70
N LEU V 10 34.99 -0.36 -13.36
CA LEU V 10 34.22 0.43 -14.30
C LEU V 10 35.13 1.29 -15.15
N VAL V 11 35.85 0.59 -16.01
CA VAL V 11 36.85 1.13 -16.89
C VAL V 11 36.27 1.58 -18.20
N ALA V 12 35.50 0.71 -18.83
CA ALA V 12 35.01 1.04 -20.15
C ALA V 12 33.83 0.19 -20.58
N PRO V 13 32.64 0.37 -20.06
CA PRO V 13 31.53 -0.40 -20.51
C PRO V 13 31.27 0.07 -21.92
N ASN V 14 31.06 -0.82 -22.90
CA ASN V 14 30.75 -0.30 -24.26
C ASN V 14 29.75 -1.23 -24.98
N PHE V 15 29.26 -0.82 -26.15
CA PHE V 15 28.21 -1.66 -26.81
C PHE V 15 28.28 -1.92 -28.31
N GLY V 16 28.13 -3.19 -28.70
CA GLY V 16 27.97 -3.63 -30.06
C GLY V 16 26.52 -3.35 -30.42
N ILE V 17 26.29 -2.53 -31.43
CA ILE V 17 24.95 -2.14 -31.85
C ILE V 17 24.95 -1.58 -33.29
N GLN V 18 23.91 -1.78 -34.11
CA GLN V 18 24.00 -1.24 -35.51
C GLN V 18 23.59 0.24 -35.47
N ILE V 19 22.83 0.64 -34.47
CA ILE V 19 22.32 1.98 -34.22
C ILE V 19 23.43 2.75 -33.53
N ASP V 20 23.76 3.93 -33.99
CA ASP V 20 24.95 4.61 -33.49
C ASP V 20 24.96 5.27 -32.12
N GLY V 21 24.91 4.40 -31.12
CA GLY V 21 25.02 4.73 -29.72
C GLY V 21 26.51 4.80 -29.43
N VAL V 22 27.16 5.77 -30.05
CA VAL V 22 28.61 5.90 -30.03
C VAL V 22 29.19 6.27 -28.67
N MET V 23 28.61 7.23 -27.96
CA MET V 23 29.14 7.61 -26.64
C MET V 23 28.03 7.47 -25.60
N VAL V 24 28.36 6.91 -24.44
CA VAL V 24 27.39 6.69 -23.36
C VAL V 24 27.85 7.14 -21.98
N GLU V 25 26.90 7.28 -21.04
CA GLU V 25 27.29 7.52 -19.65
C GLU V 25 27.28 6.22 -18.86
N TYR V 26 26.14 5.49 -18.91
CA TYR V 26 26.04 4.27 -18.10
C TYR V 26 25.02 3.23 -18.51
N LEU V 27 25.23 2.03 -17.96
CA LEU V 27 24.32 0.89 -18.10
C LEU V 27 23.86 0.34 -16.77
N ASN V 28 22.54 0.12 -16.62
CA ASN V 28 22.04 -0.42 -15.37
C ASN V 28 20.91 -1.45 -15.55
N SER V 29 20.43 -1.99 -14.42
CA SER V 29 19.38 -2.99 -14.31
C SER V 29 19.62 -4.28 -15.08
N VAL V 30 20.82 -4.82 -14.97
CA VAL V 30 21.14 -6.07 -15.66
C VAL V 30 21.14 -7.27 -14.72
N SER V 31 20.28 -8.25 -14.98
CA SER V 31 20.16 -9.43 -14.14
C SER V 31 19.73 -10.69 -14.90
N ASN V 32 20.06 -11.84 -14.30
CA ASN V 32 19.73 -13.18 -14.78
C ASN V 32 18.88 -14.00 -13.79
N LEU V 33 17.59 -14.19 -14.09
CA LEU V 33 16.70 -14.90 -13.16
C LEU V 33 15.98 -16.16 -13.63
N GLN V 34 16.16 -17.23 -12.85
CA GLN V 34 15.49 -18.50 -13.05
C GLN V 34 14.41 -18.55 -11.97
N ILE V 35 13.16 -18.76 -12.38
CA ILE V 35 12.05 -18.76 -11.45
C ILE V 35 11.95 -20.06 -10.68
N GLU V 36 11.77 -20.00 -9.36
CA GLU V 36 11.65 -21.23 -8.57
C GLU V 36 10.18 -21.57 -8.34
N GLN V 37 9.93 -22.68 -7.67
CA GLN V 37 8.57 -23.11 -7.35
C GLN V 37 8.58 -23.78 -5.99
N ASP V 38 7.47 -23.72 -5.27
CA ASP V 38 7.40 -24.23 -3.91
C ASP V 38 6.19 -25.09 -3.56
N VAL V 39 6.41 -26.38 -3.28
CA VAL V 39 5.29 -27.24 -2.91
C VAL V 39 5.46 -27.93 -1.55
N ILE V 40 4.39 -27.99 -0.77
CA ILE V 40 4.47 -28.64 0.52
C ILE V 40 3.61 -29.90 0.55
N ARG V 41 4.18 -31.01 1.02
CA ARG V 41 3.44 -32.26 1.12
C ARG V 41 3.53 -32.91 2.49
N TYR V 42 2.60 -33.81 2.78
CA TYR V 42 2.61 -34.57 4.03
C TYR V 42 3.34 -35.88 3.72
N GLN V 43 4.10 -36.40 4.68
CA GLN V 43 4.87 -37.62 4.43
C GLN V 43 4.16 -38.99 4.37
N GLN V 44 4.88 -39.90 3.73
CA GLN V 44 4.46 -41.26 3.45
C GLN V 44 3.84 -42.19 4.51
N ASN V 45 2.67 -41.81 5.04
CA ASN V 45 1.88 -42.70 5.93
C ASN V 45 2.73 -43.12 7.13
N GLN V 46 3.33 -42.13 7.82
CA GLN V 46 4.09 -42.45 9.00
C GLN V 46 4.27 -41.24 9.88
N GLY V 47 4.84 -41.45 11.05
CA GLY V 47 5.05 -40.37 12.01
C GLY V 47 6.26 -39.45 11.75
N THR V 48 6.33 -38.87 10.55
CA THR V 48 7.41 -37.94 10.22
C THR V 48 6.77 -36.70 9.60
N THR V 49 7.54 -35.64 9.48
CA THR V 49 6.99 -34.37 9.01
C THR V 49 6.85 -34.36 7.55
N GLY V 50 6.19 -33.34 7.07
CA GLY V 50 6.06 -33.19 5.67
C GLY V 50 7.36 -32.70 5.09
N ARG V 51 7.35 -32.52 3.78
CA ARG V 51 8.52 -32.08 3.06
C ARG V 51 8.21 -30.87 2.21
N ASN V 52 9.28 -30.15 1.91
CA ASN V 52 9.24 -28.97 1.08
C ASN V 52 10.05 -29.17 -0.18
N ASN V 53 9.39 -29.18 -1.31
CA ASN V 53 10.14 -29.38 -2.52
C ASN V 53 10.33 -28.04 -3.24
N VAL V 54 11.57 -27.61 -3.23
CA VAL V 54 12.01 -26.34 -3.80
C VAL V 54 13.08 -26.56 -4.85
N THR V 55 13.11 -27.77 -5.40
CA THR V 55 14.06 -28.19 -6.43
C THR V 55 13.36 -28.24 -7.76
N LEU V 56 12.17 -27.71 -7.76
CA LEU V 56 11.31 -27.60 -8.89
C LEU V 56 11.90 -26.47 -9.71
N MET V 57 11.87 -26.56 -11.03
CA MET V 57 12.52 -25.53 -11.84
C MET V 57 11.76 -25.01 -13.07
N PRO V 58 10.87 -24.01 -12.89
CA PRO V 58 10.11 -23.27 -13.90
C PRO V 58 11.05 -22.52 -14.82
N GLY V 59 10.51 -21.86 -15.85
CA GLY V 59 11.35 -21.21 -16.84
C GLY V 59 12.07 -19.93 -16.41
N VAL V 60 12.76 -19.36 -17.39
CA VAL V 60 13.62 -18.21 -17.24
C VAL V 60 12.91 -16.89 -17.55
N ALA V 61 13.14 -15.92 -16.67
CA ALA V 61 12.57 -14.59 -16.74
C ALA V 61 13.27 -13.73 -17.80
N LYS V 62 12.56 -12.70 -18.24
CA LYS V 62 13.01 -11.72 -19.21
C LYS V 62 12.82 -10.32 -18.66
N ASP V 63 13.59 -9.34 -19.12
CA ASP V 63 13.48 -7.97 -18.63
C ASP V 63 14.08 -6.96 -19.62
N GLY V 64 14.34 -5.76 -19.12
CA GLY V 64 14.93 -4.70 -19.92
C GLY V 64 16.07 -4.01 -19.19
N SER V 65 16.99 -3.43 -19.94
CA SER V 65 18.14 -2.75 -19.35
C SER V 65 18.16 -1.25 -19.64
N VAL V 66 18.33 -0.45 -18.60
CA VAL V 66 18.37 1.00 -18.73
C VAL V 66 19.67 1.44 -19.39
N GLN V 67 19.56 2.36 -20.34
CA GLN V 67 20.73 2.87 -21.06
C GLN V 67 20.75 4.37 -21.03
N VAL V 68 21.83 4.96 -20.53
CA VAL V 68 21.85 6.40 -20.51
C VAL V 68 22.90 7.01 -21.38
N GLU V 69 22.40 7.82 -22.28
CA GLU V 69 23.15 8.56 -23.26
C GLU V 69 23.50 9.82 -22.51
N ARG V 70 24.72 10.28 -22.66
CA ARG V 70 25.12 11.45 -21.90
C ARG V 70 24.16 12.60 -22.03
N GLY V 71 23.66 12.85 -23.23
CA GLY V 71 22.74 13.93 -23.35
C GLY V 71 22.31 14.18 -24.76
N MET V 72 21.42 15.12 -24.89
CA MET V 72 20.88 15.43 -26.19
C MET V 72 21.91 16.13 -27.04
N SER V 73 21.84 15.84 -28.33
CA SER V 73 22.69 16.42 -29.35
C SER V 73 21.83 16.49 -30.59
N GLN V 74 22.38 16.98 -31.67
CA GLN V 74 21.61 17.13 -32.90
C GLN V 74 21.38 15.80 -33.64
N SER V 75 22.05 14.72 -33.22
CA SER V 75 21.91 13.45 -33.94
C SER V 75 20.81 12.56 -33.34
N SER V 76 19.69 12.46 -34.04
CA SER V 76 18.52 11.76 -33.53
C SER V 76 18.52 10.25 -33.76
N VAL V 77 19.50 9.61 -33.18
CA VAL V 77 19.71 8.18 -33.33
C VAL V 77 18.65 7.35 -32.65
N PHE V 78 18.42 7.65 -31.37
CA PHE V 78 17.44 6.87 -30.57
C PHE V 78 16.03 7.28 -30.97
N THR V 79 15.83 8.55 -31.36
CA THR V 79 14.49 8.95 -31.66
C THR V 79 14.00 8.16 -32.85
N GLN V 80 14.83 7.99 -33.87
CA GLN V 80 14.30 7.23 -34.97
C GLN V 80 14.08 5.77 -34.60
N TRP V 81 14.91 5.20 -33.75
CA TRP V 81 14.67 3.81 -33.40
C TRP V 81 13.26 3.66 -32.82
N ILE V 82 12.91 4.55 -31.89
CA ILE V 82 11.57 4.42 -31.34
C ILE V 82 10.51 4.74 -32.39
N ASN V 83 10.76 5.67 -33.32
CA ASN V 83 9.76 5.95 -34.34
C ASN V 83 9.46 4.73 -35.20
N ASP V 84 10.48 3.94 -35.52
CA ASP V 84 10.25 2.77 -36.38
C ASP V 84 9.34 1.76 -35.71
N SER V 85 9.52 1.57 -34.41
CA SER V 85 8.64 0.64 -33.71
C SER V 85 7.24 1.21 -33.56
N MET V 86 7.11 2.51 -33.32
CA MET V 86 5.77 3.09 -33.15
C MET V 86 4.99 2.99 -34.44
N ALA V 87 5.70 3.06 -35.56
CA ALA V 87 5.13 2.98 -36.89
C ALA V 87 4.63 1.57 -37.25
N GLY V 88 5.00 0.56 -36.46
CA GLY V 88 4.57 -0.81 -36.71
C GLY V 88 5.59 -1.77 -37.35
N ARG V 89 6.84 -1.37 -37.54
CA ARG V 89 7.77 -2.35 -38.10
C ARG V 89 8.42 -3.09 -36.96
N MET V 90 8.66 -4.39 -37.10
CA MET V 90 9.33 -5.11 -36.02
C MET V 90 10.84 -4.85 -36.13
N ALA V 91 11.21 -3.62 -35.81
CA ALA V 91 12.55 -3.07 -35.93
C ALA V 91 13.41 -3.39 -34.73
N THR V 92 13.69 -4.67 -34.58
CA THR V 92 14.45 -5.12 -33.42
C THR V 92 15.89 -5.34 -33.81
N ALA V 93 16.77 -5.51 -32.83
CA ALA V 93 18.17 -5.77 -33.14
C ALA V 93 18.93 -6.46 -32.02
N ARG V 94 19.99 -7.18 -32.39
CA ARG V 94 20.91 -7.83 -31.46
C ARG V 94 21.88 -6.83 -30.82
N LYS V 95 22.17 -6.99 -29.53
CA LYS V 95 23.15 -6.12 -28.86
C LYS V 95 24.18 -6.84 -28.02
N ASN V 96 25.33 -6.20 -27.83
CA ASN V 96 26.37 -6.78 -26.99
C ASN V 96 26.95 -5.84 -25.95
N ALA V 97 26.72 -6.14 -24.68
CA ALA V 97 27.24 -5.30 -23.59
C ALA V 97 28.60 -5.83 -23.16
N THR V 98 29.64 -5.01 -23.32
CA THR V 98 31.02 -5.46 -23.04
C THR V 98 31.66 -4.85 -21.81
N ILE V 99 32.28 -5.70 -20.99
CA ILE V 99 33.05 -5.30 -19.81
C ILE V 99 34.53 -5.46 -20.08
N ILE V 100 35.26 -4.37 -19.84
CA ILE V 100 36.66 -4.21 -20.18
C ILE V 100 37.60 -4.02 -18.99
N VAL V 101 38.78 -4.62 -19.10
CA VAL V 101 39.87 -4.62 -18.13
C VAL V 101 40.69 -3.34 -18.09
N MET V 102 41.39 -3.16 -16.98
CA MET V 102 42.25 -2.01 -16.72
C MET V 102 43.09 -1.71 -17.96
N ASP V 103 43.76 -2.75 -18.47
CA ASP V 103 44.45 -2.67 -19.74
C ASP V 103 43.37 -3.05 -20.71
N TYR V 104 42.86 -2.03 -21.37
CA TYR V 104 41.68 -2.11 -22.19
C TYR V 104 41.71 -3.06 -23.34
N GLU V 105 42.88 -3.50 -23.77
CA GLU V 105 42.87 -4.42 -24.88
C GLU V 105 42.26 -5.76 -24.47
N ASP V 106 42.24 -6.03 -23.17
CA ASP V 106 41.70 -7.24 -22.60
C ASP V 106 40.19 -7.03 -22.35
N ASN V 107 39.34 -7.78 -23.06
CA ASN V 107 37.88 -7.60 -23.04
C ASN V 107 37.14 -8.91 -22.69
N PRO V 108 37.30 -9.43 -21.45
CA PRO V 108 36.85 -10.75 -21.02
C PRO V 108 35.37 -11.04 -20.85
N VAL V 109 34.50 -10.04 -20.68
CA VAL V 109 33.12 -10.44 -20.44
C VAL V 109 32.14 -9.78 -21.38
N LYS V 110 31.33 -10.59 -22.03
CA LYS V 110 30.34 -10.05 -22.93
C LYS V 110 28.99 -10.67 -22.71
N ARG V 111 27.94 -9.85 -22.78
CA ARG V 111 26.59 -10.35 -22.69
C ARG V 111 25.79 -10.08 -23.93
N TRP V 112 25.26 -11.16 -24.47
CA TRP V 112 24.45 -11.13 -25.66
C TRP V 112 23.00 -10.91 -25.38
N ASN V 113 22.46 -9.89 -26.00
CA ASN V 113 21.06 -9.59 -25.90
C ASN V 113 20.40 -10.03 -27.19
N LEU V 114 19.30 -10.75 -26.96
CA LEU V 114 18.53 -11.33 -28.07
C LEU V 114 18.16 -10.34 -29.16
N ARG V 115 18.13 -10.83 -30.39
CA ARG V 115 17.76 -10.11 -31.60
C ARG V 115 16.42 -9.46 -31.61
N ASN V 116 15.59 -9.83 -30.67
CA ASN V 116 14.28 -9.28 -30.57
C ASN V 116 14.26 -8.05 -29.67
N ALA V 117 15.41 -7.60 -29.20
CA ALA V 117 15.43 -6.42 -28.35
C ALA V 117 14.96 -5.16 -29.08
N TRP V 118 14.23 -4.31 -28.34
CA TRP V 118 13.70 -3.06 -28.94
C TRP V 118 13.53 -1.95 -27.89
N CYS V 119 13.42 -0.69 -28.33
CA CYS V 119 13.23 0.48 -27.47
C CYS V 119 11.79 0.90 -27.23
N SER V 120 11.38 0.95 -25.97
CA SER V 120 10.01 1.34 -25.62
C SER V 120 9.93 2.76 -25.10
N LYS V 121 11.03 3.27 -24.52
CA LYS V 121 10.96 4.65 -24.01
C LYS V 121 12.12 5.53 -24.32
N VAL V 122 11.79 6.80 -24.50
CA VAL V 122 12.78 7.86 -24.52
C VAL V 122 12.36 8.91 -23.49
N VAL V 123 13.21 9.16 -22.49
CA VAL V 123 12.83 10.12 -21.44
C VAL V 123 13.81 11.27 -21.31
N ALA V 124 13.26 12.49 -21.33
CA ALA V 124 14.05 13.71 -21.22
C ALA V 124 14.37 14.04 -19.78
N GLY V 125 15.43 14.81 -19.57
CA GLY V 125 15.76 15.27 -18.23
C GLY V 125 14.95 16.54 -17.94
N THR V 126 15.20 17.17 -16.79
CA THR V 126 14.50 18.40 -16.38
C THR V 126 15.20 19.62 -16.92
N LEU V 127 14.46 20.59 -17.42
CA LEU V 127 15.11 21.81 -17.89
C LEU V 127 14.76 23.00 -17.02
N LYS V 128 15.68 23.42 -16.16
CA LYS V 128 15.44 24.51 -15.22
C LYS V 128 16.55 25.55 -15.21
N ALA V 129 16.14 26.83 -15.31
CA ALA V 129 17.12 27.89 -15.39
C ALA V 129 18.05 27.90 -14.20
N GLY V 130 19.34 27.96 -14.49
CA GLY V 130 20.38 28.05 -13.46
C GLY V 130 20.81 26.73 -12.83
N ASP V 131 20.19 25.59 -13.18
CA ASP V 131 20.58 24.37 -12.47
C ASP V 131 22.02 24.00 -12.55
N THR V 132 22.67 24.31 -13.66
CA THR V 132 24.11 24.10 -13.83
C THR V 132 24.61 22.66 -13.87
N ASN V 133 24.26 21.85 -12.89
CA ASN V 133 24.74 20.48 -12.84
C ASN V 133 23.75 19.51 -13.47
N ALA V 134 22.72 20.08 -14.05
CA ALA V 134 21.71 19.35 -14.77
C ALA V 134 22.08 19.56 -16.22
N LEU V 135 22.38 18.47 -16.93
CA LEU V 135 22.93 18.60 -18.27
C LEU V 135 22.22 17.81 -19.38
N THR V 136 20.89 17.93 -19.44
CA THR V 136 20.02 17.32 -20.45
C THR V 136 20.38 15.89 -20.84
N GLU V 137 20.33 14.97 -19.88
CA GLU V 137 20.61 13.54 -20.11
C GLU V 137 19.43 12.89 -20.80
N THR V 138 19.63 11.77 -21.50
CA THR V 138 18.46 11.08 -22.03
C THR V 138 18.46 9.65 -21.56
N ILE V 139 17.28 9.14 -21.26
CA ILE V 139 17.21 7.77 -20.79
C ILE V 139 16.54 6.92 -21.83
N THR V 140 17.17 5.83 -22.24
CA THR V 140 16.58 4.96 -23.21
C THR V 140 16.26 3.62 -22.58
N ILE V 141 15.02 3.16 -22.75
CA ILE V 141 14.66 1.88 -22.16
C ILE V 141 14.46 0.82 -23.23
N VAL V 142 15.26 -0.23 -23.10
CA VAL V 142 15.28 -1.32 -24.08
C VAL V 142 14.88 -2.64 -23.46
N PHE V 143 13.94 -3.33 -24.13
CA PHE V 143 13.47 -4.64 -23.61
C PHE V 143 14.37 -5.75 -24.14
N GLU V 144 14.87 -6.59 -23.24
CA GLU V 144 15.71 -7.71 -23.61
C GLU V 144 15.10 -9.07 -23.27
N GLU V 145 14.56 -9.70 -24.30
CA GLU V 145 13.87 -10.99 -24.18
C GLU V 145 14.73 -12.06 -23.55
N LEU V 146 15.99 -12.09 -23.93
CA LEU V 146 16.90 -13.10 -23.45
C LEU V 146 18.32 -12.61 -23.33
N VAL V 147 18.93 -12.82 -22.18
CA VAL V 147 20.30 -12.41 -21.98
C VAL V 147 21.19 -13.60 -21.69
N VAL V 148 22.22 -13.77 -22.51
CA VAL V 148 23.16 -14.88 -22.39
C VAL V 148 24.59 -14.39 -22.27
N GLU V 149 25.37 -14.90 -21.28
CA GLU V 149 26.80 -14.51 -21.11
C GLU V 149 27.62 -14.92 -22.35
N MET W 1 76.01 51.18 -43.69
CA MET W 1 76.72 52.02 -42.74
C MET W 1 76.39 53.52 -43.02
N PRO W 2 75.15 54.03 -42.68
CA PRO W 2 74.71 55.42 -42.83
C PRO W 2 75.43 56.22 -41.77
N SER W 3 75.60 57.51 -41.95
CA SER W 3 76.21 58.19 -40.84
C SER W 3 75.27 58.20 -39.65
N TYR W 4 75.87 57.94 -38.51
CA TYR W 4 75.25 57.92 -37.20
C TYR W 4 75.90 58.90 -36.24
N LEU W 5 76.75 59.77 -36.79
CA LEU W 5 77.48 60.77 -36.00
C LEU W 5 76.54 61.85 -35.49
N SER W 6 75.67 62.29 -36.37
CA SER W 6 74.85 63.46 -36.15
C SER W 6 73.63 63.55 -37.04
N PRO W 7 72.62 64.36 -36.66
CA PRO W 7 71.51 64.79 -37.51
C PRO W 7 72.02 65.47 -38.80
N GLY W 8 73.27 65.96 -38.78
CA GLY W 8 73.93 66.60 -39.91
C GLY W 8 75.37 66.87 -39.52
N VAL W 9 76.29 66.80 -40.48
CA VAL W 9 77.72 66.98 -40.15
C VAL W 9 78.37 68.23 -40.74
N TYR W 10 77.58 69.12 -41.31
CA TYR W 10 78.18 70.32 -41.88
C TYR W 10 77.70 71.57 -41.18
N VAL W 11 76.39 71.78 -41.13
CA VAL W 11 75.92 72.97 -40.47
C VAL W 11 74.95 72.61 -39.37
N GLU W 12 75.28 72.96 -38.15
CA GLU W 12 74.41 72.61 -37.05
C GLU W 12 73.32 73.61 -36.83
N GLU W 13 72.29 73.54 -37.66
CA GLU W 13 71.20 74.50 -37.57
C GLU W 13 70.25 74.05 -36.44
N VAL W 14 70.76 74.16 -35.21
CA VAL W 14 70.05 73.69 -34.01
C VAL W 14 69.75 74.73 -32.89
N ALA W 15 70.25 75.99 -33.01
CA ALA W 15 70.13 77.05 -32.00
C ALA W 15 68.75 77.72 -32.08
N GLY W 28 55.94 64.01 -29.14
CA GLY W 28 55.43 63.51 -30.39
C GLY W 28 54.39 62.43 -30.10
N VAL W 29 53.94 61.72 -31.15
CA VAL W 29 52.94 60.64 -31.10
C VAL W 29 53.47 59.28 -31.55
N GLY W 30 54.75 59.23 -31.90
CA GLY W 30 55.36 58.01 -32.42
C GLY W 30 54.96 57.85 -33.87
N THR W 31 55.08 56.65 -34.41
CA THR W 31 54.77 56.42 -35.82
C THR W 31 53.29 56.17 -35.94
N SER W 32 52.52 57.16 -35.55
CA SER W 32 51.07 57.12 -35.45
C SER W 32 50.41 57.99 -36.50
N VAL W 33 51.27 58.63 -37.30
CA VAL W 33 50.83 59.54 -38.33
C VAL W 33 51.51 59.32 -39.67
N ALA W 34 50.81 59.73 -40.71
CA ALA W 34 51.28 59.60 -42.09
C ALA W 34 50.87 60.78 -42.94
N ALA W 35 51.54 60.97 -44.08
CA ALA W 35 51.17 62.05 -44.98
C ALA W 35 50.53 61.57 -46.27
N PHE W 36 49.42 62.20 -46.58
CA PHE W 36 48.63 61.96 -47.76
C PHE W 36 48.71 63.16 -48.66
N VAL W 37 49.36 62.98 -49.79
CA VAL W 37 49.58 64.08 -50.70
C VAL W 37 48.75 63.92 -51.94
N GLY W 38 47.87 64.88 -52.20
CA GLY W 38 47.07 64.78 -53.40
C GLY W 38 45.91 65.75 -53.47
N LEU W 39 45.34 65.85 -54.66
CA LEU W 39 44.28 66.80 -54.96
C LEU W 39 43.05 66.48 -54.17
N ALA W 40 42.25 67.51 -53.87
CA ALA W 40 41.04 67.32 -53.05
C ALA W 40 40.00 68.40 -53.40
N PRO W 41 38.68 68.13 -53.23
CA PRO W 41 37.64 69.10 -53.55
C PRO W 41 37.29 70.03 -52.37
N THR W 42 37.21 71.34 -52.62
CA THR W 42 36.80 72.30 -51.57
C THR W 42 37.48 71.94 -50.24
N GLY W 43 38.81 72.05 -50.17
CA GLY W 43 39.51 71.61 -48.95
C GLY W 43 40.58 72.57 -48.48
N PRO W 44 41.59 72.09 -47.73
CA PRO W 44 42.64 72.94 -47.18
C PRO W 44 43.40 73.60 -48.30
N LEU W 45 44.18 74.61 -48.00
CA LEU W 45 44.96 75.26 -49.04
C LEU W 45 46.13 74.37 -49.42
N ASN W 46 46.65 74.54 -50.63
CA ASN W 46 47.74 73.72 -51.17
C ASN W 46 48.99 73.45 -50.32
N GLU W 47 49.50 74.48 -49.65
CA GLU W 47 50.70 74.48 -48.80
C GLU W 47 50.63 74.08 -47.30
N PRO W 48 49.71 74.65 -46.47
CA PRO W 48 49.67 74.48 -45.03
C PRO W 48 49.17 73.12 -44.64
N THR W 49 50.05 72.16 -44.74
CA THR W 49 49.71 70.78 -44.47
C THR W 49 49.08 70.69 -43.09
N LEU W 50 47.91 70.05 -43.03
CA LEU W 50 47.16 69.90 -41.78
C LEU W 50 47.19 68.52 -41.22
N VAL W 51 47.37 68.37 -39.91
CA VAL W 51 47.29 67.04 -39.35
C VAL W 51 46.15 66.84 -38.37
N THR W 52 45.33 65.81 -38.63
CA THR W 52 44.23 65.45 -37.75
C THR W 52 43.66 64.05 -37.94
N ASN W 53 42.57 63.75 -37.20
CA ASN W 53 41.85 62.47 -37.19
C ASN W 53 40.73 62.40 -38.26
N TRP W 54 39.99 61.28 -38.34
CA TRP W 54 38.94 61.20 -39.37
C TRP W 54 37.84 62.22 -39.20
N THR W 55 37.33 62.37 -37.99
CA THR W 55 36.21 63.25 -37.75
C THR W 55 36.47 64.67 -38.25
N GLN W 56 37.65 65.21 -37.94
CA GLN W 56 37.95 66.54 -38.39
C GLN W 56 38.33 66.55 -39.87
N TYR W 57 38.95 65.48 -40.36
CA TYR W 57 39.29 65.38 -41.77
C TYR W 57 38.06 65.59 -42.59
N VAL W 58 36.97 64.92 -42.22
CA VAL W 58 35.76 65.08 -42.99
C VAL W 58 35.26 66.50 -42.91
N ALA W 59 35.25 67.09 -41.71
CA ALA W 59 34.77 68.47 -41.61
C ALA W 59 35.54 69.40 -42.55
N ALA W 60 36.83 69.15 -42.70
CA ALA W 60 37.73 69.92 -43.55
C ALA W 60 37.95 69.33 -44.97
N PHE W 61 37.28 68.24 -45.33
CA PHE W 61 37.52 67.58 -46.63
C PHE W 61 36.25 67.33 -47.46
N GLY W 62 35.16 66.89 -46.82
CA GLY W 62 33.95 66.47 -47.52
C GLY W 62 33.71 64.96 -47.43
N ASP W 63 32.45 64.55 -47.34
CA ASP W 63 32.14 63.12 -47.19
C ASP W 63 32.10 62.38 -48.53
N PHE W 64 33.28 62.19 -49.13
CA PHE W 64 33.40 61.49 -50.44
C PHE W 64 32.55 62.15 -51.52
N THR W 65 32.29 63.45 -51.44
CA THR W 65 31.34 64.08 -52.34
C THR W 65 31.84 64.29 -53.76
N GLY W 66 33.15 64.28 -53.97
CA GLY W 66 33.64 64.45 -55.32
C GLY W 66 33.77 63.10 -56.02
N GLY W 67 33.48 61.99 -55.29
CA GLY W 67 33.62 60.64 -55.85
C GLY W 67 35.10 60.37 -56.03
N TYR W 68 35.82 61.05 -55.15
CA TYR W 68 37.29 61.09 -55.30
C TYR W 68 38.06 60.22 -54.31
N TYR W 69 39.26 59.82 -54.73
CA TYR W 69 40.06 58.83 -53.95
C TYR W 69 40.62 59.27 -52.60
N LEU W 70 41.10 60.52 -52.43
CA LEU W 70 41.75 60.72 -51.14
C LEU W 70 40.83 60.39 -49.99
N ALA W 71 39.51 60.48 -50.18
CA ALA W 71 38.67 60.16 -49.05
C ALA W 71 38.84 58.71 -48.65
N HIS W 72 39.02 57.85 -49.65
CA HIS W 72 39.11 56.39 -49.40
C HIS W 72 40.44 56.06 -48.72
N SER W 73 41.56 56.61 -49.20
CA SER W 73 42.82 56.20 -48.62
C SER W 73 42.92 56.69 -47.19
N VAL W 74 42.36 57.85 -46.90
CA VAL W 74 42.42 58.33 -45.55
C VAL W 74 41.44 57.56 -44.69
N TYR W 75 40.23 57.33 -45.19
CA TYR W 75 39.27 56.56 -44.45
C TYR W 75 39.83 55.20 -44.11
N GLY W 76 40.41 54.52 -45.11
CA GLY W 76 40.97 53.19 -44.91
C GLY W 76 42.05 53.20 -43.85
N PHE W 77 42.86 54.24 -43.82
CA PHE W 77 43.87 54.35 -42.79
C PHE W 77 43.25 54.38 -41.42
N PHE W 78 42.34 55.34 -41.21
CA PHE W 78 41.69 55.47 -39.88
C PHE W 78 40.75 54.28 -39.68
N ASN W 79 40.35 53.62 -40.78
CA ASN W 79 39.46 52.44 -40.69
C ASN W 79 40.19 51.33 -39.93
N ASN W 80 41.51 51.22 -40.12
CA ASN W 80 42.28 50.13 -39.46
C ASN W 80 42.93 50.66 -38.17
N GLY W 81 43.67 51.77 -38.25
CA GLY W 81 44.36 52.30 -37.07
C GLY W 81 45.18 53.54 -37.37
N GLY W 82 45.73 54.19 -36.33
CA GLY W 82 46.53 55.41 -36.51
C GLY W 82 45.74 56.53 -35.88
N SER W 83 46.41 57.58 -35.42
CA SER W 83 45.64 58.64 -34.75
C SER W 83 45.42 59.87 -35.59
N ALA W 84 46.30 60.11 -36.54
CA ALA W 84 46.16 61.31 -37.33
C ALA W 84 46.94 61.23 -38.61
N ALA W 85 46.64 62.11 -39.52
CA ALA W 85 47.43 62.16 -40.71
C ALA W 85 47.50 63.56 -41.23
N TYR W 86 48.60 63.83 -41.92
CA TYR W 86 48.93 65.08 -42.54
C TYR W 86 48.36 65.12 -43.94
N VAL W 87 47.60 66.15 -44.28
CA VAL W 87 47.06 66.21 -45.63
C VAL W 87 47.55 67.43 -46.37
N VAL W 88 48.03 67.16 -47.57
CA VAL W 88 48.51 68.20 -48.44
C VAL W 88 47.53 68.34 -49.56
N ARG W 89 46.87 69.48 -49.64
CA ARG W 89 45.86 69.68 -50.65
C ARG W 89 46.40 69.61 -52.04
N VAL W 90 47.60 70.17 -52.26
CA VAL W 90 48.24 70.24 -53.58
C VAL W 90 47.50 71.24 -54.49
N GLY W 91 46.25 70.98 -54.76
CA GLY W 91 45.38 71.78 -55.59
C GLY W 91 43.98 71.17 -55.60
N GLY W 92 43.08 71.74 -56.38
CA GLY W 92 41.73 71.21 -56.37
C GLY W 92 41.56 69.97 -57.22
N SER W 93 40.55 69.18 -56.86
CA SER W 93 40.12 68.00 -57.58
C SER W 93 38.72 68.21 -58.11
N ALA W 94 38.01 67.13 -58.33
CA ALA W 94 36.67 67.24 -58.84
C ALA W 94 35.78 67.93 -57.82
N GLU W 95 34.99 68.89 -58.29
CA GLU W 95 34.03 69.63 -57.47
C GLU W 95 32.74 69.78 -58.29
N ASP W 96 31.57 69.86 -57.60
CA ASP W 96 30.22 70.08 -58.18
C ASP W 96 29.88 69.00 -59.22
N GLN W 232 46.80 71.79 -65.90
CA GLN W 232 47.66 70.57 -65.96
C GLN W 232 47.56 69.82 -64.63
N ALA W 233 46.35 69.60 -64.13
CA ALA W 233 46.16 68.82 -62.86
C ALA W 233 46.91 67.49 -62.94
N GLU W 234 46.99 66.93 -64.15
CA GLU W 234 47.68 65.67 -64.40
C GLU W 234 49.20 65.85 -64.44
N SER W 235 49.69 67.09 -64.50
CA SER W 235 51.11 67.35 -64.55
C SER W 235 51.69 67.14 -63.20
N ALA W 236 52.97 66.82 -63.20
CA ALA W 236 53.66 66.63 -61.92
C ALA W 236 54.00 67.98 -61.29
N HIS W 237 54.15 69.07 -62.06
CA HIS W 237 54.60 70.35 -61.44
C HIS W 237 53.62 70.89 -60.38
N PRO W 238 52.29 71.01 -60.64
CA PRO W 238 51.34 71.54 -59.70
C PRO W 238 50.83 70.40 -58.85
N GLY W 239 51.41 69.23 -59.06
CA GLY W 239 50.98 67.97 -58.55
C GLY W 239 52.08 67.43 -57.67
N PRO W 240 52.22 66.10 -57.54
CA PRO W 240 53.15 65.43 -56.66
C PRO W 240 54.58 65.42 -57.19
N ALA W 241 55.13 66.61 -57.38
CA ALA W 241 56.48 66.85 -57.83
C ALA W 241 57.26 67.44 -56.71
N GLN W 242 58.55 67.62 -56.93
CA GLN W 242 59.35 68.27 -55.93
C GLN W 242 59.18 69.77 -56.11
N TYR W 243 57.99 70.27 -55.80
CA TYR W 243 57.72 71.67 -56.03
C TYR W 243 58.22 72.47 -54.87
N LEU W 244 59.52 72.70 -54.95
CA LEU W 244 60.17 73.44 -53.93
C LEU W 244 59.83 74.90 -54.10
N GLY W 245 59.54 75.35 -55.33
CA GLY W 245 59.14 76.75 -55.42
C GLY W 245 60.31 77.68 -55.18
N ASP W 246 61.49 77.36 -55.71
CA ASP W 246 62.68 78.18 -55.46
C ASP W 246 62.94 78.27 -53.96
N SER W 247 62.97 77.07 -53.36
CA SER W 247 63.15 76.79 -51.95
C SER W 247 62.09 77.38 -51.03
N SER W 248 60.84 77.36 -51.47
CA SER W 248 59.70 77.81 -50.68
C SER W 248 59.06 76.62 -49.95
N ASP W 249 59.28 75.40 -50.48
CA ASP W 249 58.75 74.14 -49.96
C ASP W 249 57.20 74.17 -49.97
N ARG W 250 56.55 74.03 -51.13
CA ARG W 250 55.08 74.28 -51.07
C ARG W 250 54.12 73.26 -51.69
N THR W 251 54.42 72.69 -52.87
CA THR W 251 53.35 71.90 -53.53
C THR W 251 53.75 70.45 -53.74
N GLY W 252 52.78 69.55 -53.65
CA GLY W 252 53.11 68.16 -53.90
C GLY W 252 53.92 67.68 -52.74
N PHE W 253 55.16 67.35 -52.98
CA PHE W 253 55.98 66.88 -51.88
C PHE W 253 56.59 68.10 -51.21
N GLY W 254 56.41 69.25 -51.85
CA GLY W 254 56.88 70.45 -51.26
C GLY W 254 55.96 70.68 -50.08
N GLY W 255 56.55 71.16 -49.03
CA GLY W 255 55.86 71.47 -47.80
C GLY W 255 56.11 70.34 -46.82
N LEU W 256 56.59 69.21 -47.31
CA LEU W 256 56.88 68.12 -46.40
C LEU W 256 58.33 68.09 -45.98
N GLU W 257 59.26 68.77 -46.67
CA GLU W 257 60.65 68.66 -46.24
C GLU W 257 60.78 69.32 -44.88
N ALA W 258 59.95 70.34 -44.67
CA ALA W 258 59.88 71.11 -43.45
C ALA W 258 59.13 70.40 -42.31
N ILE W 259 58.53 69.23 -42.56
CA ILE W 259 57.75 68.59 -41.53
C ILE W 259 58.33 67.26 -41.06
N ASP W 260 58.53 67.20 -39.75
CA ASP W 260 59.00 66.03 -39.03
C ASP W 260 57.79 65.26 -38.56
N GLU W 261 57.99 64.11 -37.92
CA GLU W 261 56.86 63.32 -37.35
C GLU W 261 56.02 62.69 -38.46
N ILE W 262 56.66 62.23 -39.55
CA ILE W 262 55.91 61.50 -40.58
C ILE W 262 56.63 60.19 -40.86
N SER W 263 55.95 59.05 -40.73
CA SER W 263 56.68 57.82 -41.02
C SER W 263 56.47 57.33 -42.47
N MET W 264 55.31 57.65 -43.02
CA MET W 264 54.90 57.19 -44.35
C MET W 264 54.37 58.28 -45.25
N VAL W 265 54.70 58.21 -46.54
CA VAL W 265 54.14 59.15 -47.52
C VAL W 265 53.51 58.41 -48.71
N ALA W 266 52.28 58.82 -49.07
CA ALA W 266 51.58 58.24 -50.21
C ALA W 266 50.97 59.32 -51.11
N VAL W 267 50.86 58.99 -52.41
CA VAL W 267 50.27 59.89 -53.42
C VAL W 267 49.12 59.24 -54.22
N PRO W 268 47.94 59.07 -53.61
CA PRO W 268 46.79 58.39 -54.17
C PRO W 268 46.16 59.03 -55.40
N ASP W 269 46.42 60.29 -55.70
CA ASP W 269 45.79 60.89 -56.86
C ASP W 269 46.64 60.73 -58.12
N LEU W 270 47.77 60.05 -58.03
CA LEU W 270 48.60 59.86 -59.20
C LEU W 270 47.85 58.98 -60.17
N MET W 271 47.17 57.99 -59.64
CA MET W 271 46.46 57.07 -60.48
C MET W 271 45.21 57.72 -61.07
N ALA W 272 44.63 58.71 -60.38
CA ALA W 272 43.48 59.38 -60.96
C ALA W 272 43.94 60.12 -62.22
N ALA W 273 45.13 60.73 -62.11
CA ALA W 273 45.74 61.42 -63.24
C ALA W 273 46.10 60.43 -64.33
N TYR W 274 46.56 59.25 -63.95
CA TYR W 274 46.91 58.24 -64.92
C TYR W 274 45.72 57.97 -65.82
N GLN W 275 44.56 57.72 -65.19
CA GLN W 275 43.33 57.41 -65.89
C GLN W 275 42.72 58.56 -66.67
N ARG W 276 42.77 59.78 -66.13
CA ARG W 276 42.12 60.88 -66.80
C ARG W 276 43.00 61.75 -67.69
N GLY W 277 44.29 61.84 -67.39
CA GLY W 277 45.20 62.68 -68.14
C GLY W 277 45.84 61.91 -69.28
N ALA W 278 45.49 60.63 -69.40
CA ALA W 278 46.03 59.72 -70.40
C ALA W 278 47.56 59.68 -70.38
N ILE W 279 48.14 59.38 -69.22
CA ILE W 279 49.61 59.38 -69.10
C ILE W 279 50.17 58.07 -68.55
N ASP W 280 51.44 57.79 -68.84
CA ASP W 280 52.12 56.58 -68.34
C ASP W 280 53.64 56.78 -68.31
N LEU W 281 54.35 55.74 -67.85
CA LEU W 281 55.79 55.66 -67.82
C LEU W 281 56.46 56.87 -67.26
N GLU W 282 57.14 57.66 -68.07
CA GLU W 282 57.88 58.79 -67.52
C GLU W 282 56.99 59.77 -66.77
N ALA W 283 55.73 59.85 -67.15
CA ALA W 283 54.77 60.75 -66.53
C ALA W 283 54.31 60.25 -65.17
N VAL W 284 54.68 59.02 -64.86
CA VAL W 284 54.36 58.36 -63.61
C VAL W 284 55.64 58.27 -62.80
N LYS W 285 56.73 57.81 -63.42
CA LYS W 285 58.03 57.64 -62.82
C LYS W 285 58.57 58.96 -62.31
N ALA W 286 58.25 60.05 -62.98
CA ALA W 286 58.69 61.36 -62.53
C ALA W 286 58.21 61.62 -61.11
N VAL W 287 57.05 61.10 -60.76
CA VAL W 287 56.49 61.27 -59.46
C VAL W 287 56.99 60.24 -58.50
N GLN W 288 57.01 58.99 -58.93
CA GLN W 288 57.41 57.89 -58.07
C GLN W 288 58.89 57.97 -57.68
N LEU W 289 59.74 58.38 -58.62
CA LEU W 289 61.16 58.52 -58.33
C LEU W 289 61.33 59.76 -57.48
N GLY W 290 60.45 60.73 -57.67
CA GLY W 290 60.41 61.96 -56.90
C GLY W 290 60.14 61.63 -55.43
N LEU W 291 59.12 60.81 -55.19
CA LEU W 291 58.76 60.37 -53.85
C LEU W 291 59.91 59.62 -53.21
N ILE W 292 60.58 58.77 -53.96
CA ILE W 292 61.69 58.04 -53.38
C ILE W 292 62.79 59.02 -53.01
N ALA W 293 63.12 59.95 -53.90
CA ALA W 293 64.19 60.89 -53.60
C ALA W 293 63.87 61.69 -52.35
N HIS W 294 62.61 62.06 -52.18
CA HIS W 294 62.16 62.78 -51.00
C HIS W 294 62.45 61.98 -49.76
N CYS W 295 62.05 60.72 -49.78
CA CYS W 295 62.23 59.89 -48.62
C CYS W 295 63.72 59.69 -48.30
N GLU W 296 64.53 59.49 -49.35
CA GLU W 296 65.97 59.30 -49.17
C GLU W 296 66.61 60.55 -48.58
N LEU W 297 66.11 61.72 -48.99
CA LEU W 297 66.60 63.00 -48.51
C LEU W 297 66.33 63.17 -47.03
N MET W 298 65.13 62.79 -46.58
CA MET W 298 64.82 62.91 -45.16
C MET W 298 65.74 62.00 -44.36
N GLY W 299 66.00 60.82 -44.93
CA GLY W 299 66.87 59.80 -44.39
C GLY W 299 66.13 58.72 -43.64
N ASP W 300 64.91 59.03 -43.23
CA ASP W 300 64.00 58.13 -42.53
C ASP W 300 62.57 58.47 -42.87
N ARG W 301 62.02 57.76 -43.83
CA ARG W 301 60.68 57.98 -44.34
C ARG W 301 60.43 56.84 -45.33
N VAL W 302 59.22 56.29 -45.42
CA VAL W 302 59.04 55.28 -46.47
C VAL W 302 58.00 55.65 -47.49
N ALA W 303 58.36 55.41 -48.74
CA ALA W 303 57.50 55.65 -49.86
C ALA W 303 56.54 54.50 -50.12
N ILE W 304 55.29 54.84 -50.31
CA ILE W 304 54.31 53.84 -50.69
C ILE W 304 54.04 54.00 -52.18
N ILE W 305 54.39 52.98 -52.96
CA ILE W 305 54.24 53.11 -54.41
C ILE W 305 53.22 52.14 -54.94
N ASP W 306 52.22 52.66 -55.66
CA ASP W 306 51.14 51.79 -56.19
C ASP W 306 51.33 51.62 -57.71
N PRO W 307 50.97 50.45 -58.29
CA PRO W 307 51.11 50.21 -59.73
C PRO W 307 49.87 50.64 -60.51
N PRO W 308 49.90 50.65 -61.86
CA PRO W 308 48.72 51.00 -62.67
C PRO W 308 47.50 50.19 -62.20
N PRO W 309 46.27 50.77 -62.27
CA PRO W 309 45.08 50.09 -61.75
C PRO W 309 44.72 48.76 -62.43
N ASN W 310 44.78 48.69 -63.75
CA ASN W 310 44.34 47.46 -64.46
C ASN W 310 45.48 46.86 -65.29
N GLN W 311 45.80 45.58 -65.07
CA GLN W 311 46.84 44.90 -65.82
C GLN W 311 47.04 43.46 -65.31
N ASN W 312 47.61 42.62 -66.17
CA ASN W 312 47.95 41.22 -65.88
C ASN W 312 49.20 41.06 -65.02
N ALA W 313 49.30 39.94 -64.31
CA ALA W 313 50.49 39.65 -63.51
C ALA W 313 51.74 39.65 -64.38
N ARG W 314 51.61 39.20 -65.63
CA ARG W 314 52.71 39.18 -66.55
C ARG W 314 53.19 40.58 -66.82
N GLN W 315 52.24 41.51 -66.94
CA GLN W 315 52.51 42.90 -67.24
C GLN W 315 53.15 43.56 -66.03
N ILE W 316 52.74 43.14 -64.84
CA ILE W 316 53.28 43.68 -63.62
C ILE W 316 54.73 43.30 -63.48
N ARG W 317 55.09 42.05 -63.79
CA ARG W 317 56.49 41.69 -63.72
C ARG W 317 57.29 42.62 -64.65
N VAL W 318 56.77 42.87 -65.86
CA VAL W 318 57.45 43.73 -66.82
C VAL W 318 57.57 45.14 -66.28
N TRP W 319 56.51 45.67 -65.71
CA TRP W 319 56.60 46.98 -65.13
C TRP W 319 57.75 47.05 -64.15
N ARG W 320 57.71 46.19 -63.13
CA ARG W 320 58.73 46.19 -62.10
C ARG W 320 60.16 46.02 -62.58
N GLN W 321 60.40 45.10 -63.52
CA GLN W 321 61.77 44.88 -63.94
C GLN W 321 62.24 45.58 -65.18
N GLU W 322 61.36 45.82 -66.14
CA GLU W 322 61.80 46.33 -67.42
C GLU W 322 61.45 47.78 -67.73
N THR W 323 60.32 48.31 -67.22
CA THR W 323 60.00 49.67 -67.67
C THR W 323 60.02 50.70 -66.57
N ALA W 324 59.87 50.26 -65.32
CA ALA W 324 59.80 51.17 -64.19
C ALA W 324 60.53 50.65 -62.97
N GLY W 325 61.81 50.38 -63.08
CA GLY W 325 62.51 49.92 -61.89
C GLY W 325 62.63 51.08 -60.92
N TYR W 326 62.68 50.77 -59.62
CA TYR W 326 62.84 51.78 -58.58
C TYR W 326 64.13 51.52 -57.82
N ASP W 327 64.30 50.27 -57.42
CA ASP W 327 65.51 49.77 -56.77
C ASP W 327 66.02 50.56 -55.55
N SER W 328 65.16 50.78 -54.56
CA SER W 328 65.54 51.55 -53.39
C SER W 328 64.99 51.03 -52.06
N LYS W 329 65.85 51.19 -51.07
CA LYS W 329 65.70 50.83 -49.68
C LYS W 329 64.60 51.60 -48.98
N TYR W 330 64.20 52.70 -49.59
CA TYR W 330 63.20 53.59 -49.05
C TYR W 330 61.81 53.40 -49.62
N ALA W 331 61.54 52.31 -50.34
CA ALA W 331 60.21 52.14 -50.89
C ALA W 331 59.70 50.70 -50.94
N ALA W 332 58.36 50.58 -50.93
CA ALA W 332 57.68 49.28 -51.06
C ALA W 332 56.39 49.42 -51.92
N LEU W 333 56.05 48.36 -52.65
CA LEU W 333 54.87 48.28 -53.53
C LEU W 333 54.00 47.06 -53.32
N TYR W 334 52.67 47.26 -53.37
CA TYR W 334 51.71 46.18 -53.25
C TYR W 334 51.09 45.86 -54.61
N TYR W 335 50.90 44.58 -54.90
CA TYR W 335 50.41 44.11 -56.20
C TYR W 335 48.99 44.46 -56.70
N PRO W 336 47.88 44.01 -56.07
CA PRO W 336 46.52 44.17 -56.57
C PRO W 336 45.88 45.48 -56.21
N TRP W 337 44.84 45.85 -56.92
CA TRP W 337 43.95 46.88 -56.42
C TRP W 337 42.85 46.23 -55.60
N ILE W 338 42.31 47.01 -54.67
CA ILE W 338 41.29 46.57 -53.72
C ILE W 338 39.90 46.99 -54.09
N LYS W 339 38.95 46.07 -53.97
CA LYS W 339 37.57 46.42 -54.21
C LYS W 339 37.03 46.98 -52.93
N SER W 340 36.48 48.17 -53.02
CA SER W 340 35.95 48.87 -51.86
C SER W 340 34.72 49.63 -52.27
N PHE W 341 34.00 50.18 -51.30
CA PHE W 341 32.76 50.88 -51.61
C PHE W 341 32.83 52.32 -51.15
N ASP W 342 31.96 53.14 -51.75
CA ASP W 342 31.85 54.56 -51.33
C ASP W 342 30.65 54.65 -50.42
N PRO W 343 30.85 54.83 -49.10
CA PRO W 343 29.74 54.82 -48.16
C PRO W 343 28.70 55.87 -48.45
N ALA W 344 29.11 56.95 -49.11
CA ALA W 344 28.19 58.01 -49.43
C ALA W 344 27.61 57.94 -50.85
N THR W 345 28.24 57.18 -51.78
CA THR W 345 27.80 57.23 -53.18
C THR W 345 27.48 55.90 -53.90
N GLY W 346 27.92 54.75 -53.39
CA GLY W 346 27.69 53.50 -54.14
C GLY W 346 28.45 52.28 -53.62
N GLN W 347 28.03 51.11 -54.10
CA GLN W 347 28.58 49.85 -53.64
C GLN W 347 29.98 49.41 -54.09
N SER W 348 30.53 49.95 -55.18
CA SER W 348 31.86 49.45 -55.53
C SER W 348 32.68 50.32 -56.46
N ARG W 349 33.99 50.20 -56.30
CA ARG W 349 35.00 50.77 -57.16
C ARG W 349 36.34 50.13 -56.82
N LEU W 350 37.36 50.34 -57.64
CA LEU W 350 38.66 49.88 -57.18
C LEU W 350 39.49 51.05 -56.68
N VAL W 351 40.26 50.77 -55.63
CA VAL W 351 41.15 51.72 -55.02
C VAL W 351 42.53 51.10 -54.86
N PRO W 352 43.58 51.90 -54.76
CA PRO W 352 44.92 51.44 -54.53
C PRO W 352 45.08 50.92 -53.09
N PRO W 353 46.11 50.09 -52.81
CA PRO W 353 46.53 49.58 -51.50
C PRO W 353 46.93 50.63 -50.44
N SER W 354 47.23 51.85 -50.87
CA SER W 354 47.67 52.84 -49.91
C SER W 354 46.53 53.19 -48.97
N GLY W 355 46.86 53.77 -47.84
CA GLY W 355 45.82 54.10 -46.87
C GLY W 355 45.48 52.88 -46.03
N HIS W 356 44.95 51.86 -46.70
CA HIS W 356 44.57 50.61 -46.07
C HIS W 356 45.75 49.90 -45.49
N VAL W 357 46.87 49.88 -46.22
CA VAL W 357 48.08 49.29 -45.69
C VAL W 357 48.68 50.18 -44.60
N ALA W 358 48.66 51.48 -44.81
CA ALA W 358 49.24 52.39 -43.82
C ALA W 358 48.56 52.19 -42.46
N GLY W 359 47.27 51.90 -42.50
CA GLY W 359 46.46 51.66 -41.30
C GLY W 359 46.85 50.35 -40.62
N ILE W 360 47.59 49.48 -41.31
CA ILE W 360 48.03 48.24 -40.74
C ILE W 360 49.32 48.54 -40.06
N TRP W 361 50.19 49.31 -40.70
CA TRP W 361 51.46 49.61 -40.09
C TRP W 361 51.22 50.31 -38.76
N ALA W 362 50.19 51.13 -38.72
CA ALA W 362 49.77 51.88 -37.55
C ALA W 362 49.47 50.99 -36.35
N ARG W 363 49.06 49.75 -36.60
CA ARG W 363 48.73 48.81 -35.55
C ARG W 363 49.86 47.85 -35.30
N ASN W 364 50.54 47.46 -36.37
CA ASN W 364 51.59 46.47 -36.30
C ASN W 364 52.70 46.88 -35.35
N ASP W 365 53.02 48.18 -35.33
CA ASP W 365 54.11 48.69 -34.46
C ASP W 365 53.55 49.19 -33.12
N SER W 366 52.27 48.95 -32.85
CA SER W 366 51.62 49.37 -31.61
C SER W 366 51.31 48.15 -30.76
N GLU W 367 50.62 47.18 -31.35
CA GLU W 367 50.23 45.95 -30.66
C GLU W 367 51.46 45.15 -30.27
N ARG W 368 52.48 45.20 -31.12
CA ARG W 368 53.76 44.55 -30.98
C ARG W 368 54.83 45.59 -31.26
N GLY W 369 56.09 45.33 -30.96
CA GLY W 369 57.07 46.37 -31.24
C GLY W 369 57.40 46.36 -32.71
N VAL W 370 58.34 47.20 -33.13
CA VAL W 370 58.66 47.28 -34.54
C VAL W 370 59.61 46.16 -34.85
N HIS W 371 59.11 44.94 -34.86
CA HIS W 371 59.98 43.79 -34.99
C HIS W 371 59.69 42.92 -36.18
N LYS W 372 58.49 43.01 -36.73
CA LYS W 372 58.11 42.17 -37.86
C LYS W 372 57.09 42.90 -38.72
N ALA W 373 57.11 42.65 -40.02
CA ALA W 373 56.11 43.17 -40.93
C ALA W 373 54.77 42.46 -40.64
N PRO W 374 53.62 43.11 -40.85
CA PRO W 374 52.28 42.59 -40.62
C PRO W 374 51.83 41.63 -41.70
N ALA W 375 52.55 40.53 -41.83
CA ALA W 375 52.35 39.58 -42.91
C ALA W 375 51.04 38.80 -42.81
N ASN W 376 50.39 38.82 -41.66
CA ASN W 376 49.13 38.13 -41.56
C ASN W 376 48.02 39.08 -41.21
N GLU W 377 48.20 40.36 -41.44
CA GLU W 377 47.13 41.23 -41.01
C GLU W 377 46.01 41.38 -42.00
N VAL W 378 44.86 41.69 -41.44
CA VAL W 378 43.58 41.86 -42.12
C VAL W 378 43.36 43.20 -42.76
N VAL W 379 42.95 43.17 -44.00
CA VAL W 379 42.64 44.42 -44.65
C VAL W 379 41.19 44.67 -44.31
N ARG W 380 41.01 45.32 -43.18
CA ARG W 380 39.69 45.44 -42.57
C ARG W 380 38.66 46.16 -43.42
N GLY W 381 39.09 47.12 -44.21
CA GLY W 381 38.14 47.86 -45.02
C GLY W 381 37.89 47.29 -46.42
N ALA W 382 38.49 46.14 -46.76
CA ALA W 382 38.32 45.59 -48.09
C ALA W 382 37.04 44.80 -48.22
N VAL W 383 36.46 44.84 -49.41
CA VAL W 383 35.31 44.00 -49.72
C VAL W 383 35.84 42.75 -50.38
N ASP W 384 36.69 42.96 -51.36
CA ASP W 384 37.30 41.89 -52.15
C ASP W 384 38.54 42.43 -52.81
N LEU W 385 39.24 41.61 -53.55
CA LEU W 385 40.37 42.04 -54.35
C LEU W 385 39.97 41.96 -55.80
N GLU W 386 40.52 42.82 -56.67
CA GLU W 386 40.13 42.68 -58.08
C GLU W 386 40.53 41.34 -58.69
N LEU W 387 41.62 40.76 -58.19
CA LEU W 387 42.14 39.50 -58.69
C LEU W 387 42.78 38.65 -57.62
N GLN W 388 42.48 37.36 -57.61
CA GLN W 388 43.19 36.46 -56.72
C GLN W 388 44.37 36.00 -57.48
N ILE W 389 45.47 35.76 -56.80
CA ILE W 389 46.67 35.36 -57.48
C ILE W 389 46.86 33.87 -57.43
N THR W 390 46.85 33.25 -58.58
CA THR W 390 47.05 31.83 -58.64
C THR W 390 48.46 31.66 -58.14
N ARG W 391 48.69 30.71 -57.24
CA ARG W 391 50.03 30.58 -56.68
C ARG W 391 51.16 30.43 -57.66
N GLY W 392 50.95 29.79 -58.79
CA GLY W 392 52.06 29.62 -59.72
C GLY W 392 52.66 30.96 -60.20
N GLU W 393 51.93 32.06 -60.04
CA GLU W 393 52.37 33.39 -60.44
C GLU W 393 53.15 34.09 -59.33
N GLN W 394 53.10 33.58 -58.12
CA GLN W 394 53.75 34.28 -57.04
C GLN W 394 55.25 34.23 -57.16
N ASP W 395 55.77 33.20 -57.80
CA ASP W 395 57.21 33.07 -58.00
C ASP W 395 57.71 34.13 -58.99
N LEU W 396 56.81 34.82 -59.68
CA LEU W 396 57.22 35.83 -60.61
C LEU W 396 57.11 37.22 -59.99
N LEU W 397 56.63 37.27 -58.74
CA LEU W 397 56.42 38.52 -58.01
C LEU W 397 57.27 38.60 -56.74
N ASN W 398 57.20 37.55 -55.92
CA ASN W 398 57.93 37.54 -54.66
C ASN W 398 59.42 37.86 -54.80
N PRO W 399 60.19 37.20 -55.71
CA PRO W 399 61.62 37.39 -55.87
C PRO W 399 62.02 38.77 -56.35
N ILE W 400 61.06 39.58 -56.81
CA ILE W 400 61.39 40.89 -57.34
C ILE W 400 60.82 41.99 -56.44
N GLY W 401 60.39 41.60 -55.23
CA GLY W 401 59.93 42.56 -54.23
C GLY W 401 58.49 43.01 -54.30
N VAL W 402 57.61 42.31 -55.01
CA VAL W 402 56.23 42.77 -55.06
C VAL W 402 55.41 42.14 -53.93
N ASN W 403 54.78 42.98 -53.10
CA ASN W 403 54.03 42.48 -51.96
C ASN W 403 52.57 42.17 -52.27
N CYS W 404 52.21 40.91 -52.12
CA CYS W 404 50.87 40.48 -52.49
C CYS W 404 49.86 40.38 -51.33
N ILE W 405 48.59 40.58 -51.72
CA ILE W 405 47.45 40.50 -50.82
C ILE W 405 46.55 39.38 -51.37
N ARG W 406 46.13 38.44 -50.52
CA ARG W 406 45.28 37.33 -50.94
C ARG W 406 44.11 36.98 -50.01
N SER W 407 43.06 36.40 -50.59
CA SER W 407 41.93 35.90 -49.79
C SER W 407 42.14 34.45 -49.39
N PHE W 408 41.87 34.13 -48.12
CA PHE W 408 41.99 32.77 -47.64
C PHE W 408 40.69 32.29 -46.95
N PRO W 409 40.32 31.01 -47.09
CA PRO W 409 39.14 30.45 -46.47
C PRO W 409 39.28 30.48 -44.97
N GLY W 410 38.30 31.00 -44.28
CA GLY W 410 38.35 31.04 -42.83
C GLY W 410 39.23 32.17 -42.29
N ARG W 411 39.78 33.00 -43.17
CA ARG W 411 40.69 34.04 -42.75
C ARG W 411 40.34 35.42 -43.25
N GLY W 412 39.82 35.52 -44.47
CA GLY W 412 39.55 36.83 -45.05
C GLY W 412 40.71 37.31 -45.88
N ILE W 413 40.84 38.62 -46.02
CA ILE W 413 41.82 39.20 -46.91
C ILE W 413 43.03 39.63 -46.11
N ARG W 414 44.17 39.02 -46.41
CA ARG W 414 45.37 39.26 -45.63
C ARG W 414 46.52 39.74 -46.50
N VAL W 415 47.41 40.53 -45.91
CA VAL W 415 48.56 41.02 -46.65
C VAL W 415 49.77 40.17 -46.36
N TRP W 416 50.21 39.36 -47.32
CA TRP W 416 51.27 38.39 -47.04
C TRP W 416 52.70 38.82 -47.36
N GLY W 417 52.87 39.78 -48.26
CA GLY W 417 54.23 40.17 -48.61
C GLY W 417 54.92 41.02 -47.54
N ALA W 418 56.26 40.89 -47.45
CA ALA W 418 57.05 41.69 -46.52
C ALA W 418 58.41 42.14 -47.08
N ARG W 419 58.49 42.48 -48.36
CA ARG W 419 59.76 42.85 -48.96
C ARG W 419 59.89 44.30 -49.40
N THR W 420 61.14 44.75 -49.51
CA THR W 420 61.47 46.09 -49.97
C THR W 420 61.81 46.09 -51.48
N LEU W 421 61.73 47.26 -52.13
CA LEU W 421 62.08 47.35 -53.54
C LEU W 421 63.55 47.60 -53.75
N SER W 422 64.36 46.62 -53.41
CA SER W 422 65.81 46.77 -53.50
C SER W 422 66.56 45.49 -53.81
N SER W 423 67.63 45.66 -54.56
CA SER W 423 68.54 44.60 -54.97
C SER W 423 69.61 44.27 -53.93
N ASP W 424 69.72 45.11 -52.89
CA ASP W 424 70.75 44.92 -51.87
C ASP W 424 70.27 43.85 -50.91
N PRO W 425 70.90 42.67 -50.86
CA PRO W 425 70.45 41.52 -50.12
C PRO W 425 70.34 41.73 -48.62
N ALA W 426 71.06 42.71 -48.08
CA ALA W 426 71.01 42.90 -46.65
C ALA W 426 69.78 43.70 -46.22
N TRP W 427 69.14 44.36 -47.18
CA TRP W 427 68.04 45.25 -46.89
C TRP W 427 66.75 44.88 -47.58
N ARG W 428 66.57 43.59 -47.84
CA ARG W 428 65.41 43.07 -48.55
C ARG W 428 64.14 42.99 -47.75
N TYR W 429 64.24 43.11 -46.43
CA TYR W 429 63.05 42.91 -45.64
C TYR W 429 62.63 44.10 -44.84
N LEU W 430 61.31 44.26 -44.75
CA LEU W 430 60.68 45.29 -43.94
C LEU W 430 60.91 45.00 -42.46
N ASN W 431 60.99 43.72 -42.12
CA ASN W 431 61.29 43.33 -40.72
C ASN W 431 62.60 43.97 -40.27
N ILE W 432 63.56 44.15 -41.18
CA ILE W 432 64.84 44.68 -40.76
C ILE W 432 64.89 46.18 -40.83
N ARG W 433 64.44 46.73 -41.95
CA ARG W 433 64.62 48.15 -42.09
C ARG W 433 63.75 49.00 -41.20
N ARG W 434 62.50 48.60 -40.92
CA ARG W 434 61.69 49.47 -40.11
C ARG W 434 62.31 49.61 -38.73
N TYR W 435 62.84 48.52 -38.24
CA TYR W 435 63.46 48.46 -36.95
C TYR W 435 64.68 49.35 -36.89
N PHE W 436 65.54 49.31 -37.92
CA PHE W 436 66.66 50.22 -37.84
C PHE W 436 66.18 51.66 -37.81
N ASN W 437 65.16 52.02 -38.58
CA ASN W 437 64.72 53.41 -38.51
C ASN W 437 64.20 53.74 -37.12
N TYR W 438 63.49 52.80 -36.50
CA TYR W 438 62.98 52.99 -35.17
C TYR W 438 64.07 53.30 -34.17
N LEU W 439 65.13 52.52 -34.18
CA LEU W 439 66.17 52.78 -33.22
C LEU W 439 66.87 54.10 -33.49
N GLU W 440 67.08 54.45 -34.76
CA GLU W 440 67.79 55.68 -35.03
C GLU W 440 67.00 56.89 -34.61
N GLU W 441 65.68 56.91 -34.81
CA GLU W 441 64.98 58.11 -34.37
C GLU W 441 64.95 58.14 -32.87
N SER W 442 64.89 56.98 -32.21
CA SER W 442 64.79 57.04 -30.76
C SER W 442 66.00 57.70 -30.14
N ILE W 443 67.19 57.38 -30.65
CA ILE W 443 68.39 58.00 -30.09
C ILE W 443 68.51 59.46 -30.48
N LEU W 444 68.29 59.78 -31.75
CA LEU W 444 68.45 61.14 -32.21
C LEU W 444 67.44 62.07 -31.56
N ILE W 445 66.25 61.57 -31.31
CA ILE W 445 65.26 62.39 -30.65
C ILE W 445 65.64 62.61 -29.21
N GLY W 446 66.05 61.58 -28.48
CA GLY W 446 66.38 61.79 -27.09
C GLY W 446 67.53 62.77 -26.79
N THR W 447 68.60 62.79 -27.59
CA THR W 447 69.74 63.65 -27.24
C THR W 447 69.57 65.11 -27.66
N GLN W 448 68.59 65.81 -27.08
CA GLN W 448 68.33 67.21 -27.45
C GLN W 448 69.22 68.17 -26.73
N TRP W 449 70.46 68.18 -27.12
CA TRP W 449 71.42 69.10 -26.54
C TRP W 449 71.39 70.35 -27.41
N VAL W 450 71.58 71.53 -26.83
CA VAL W 450 71.61 72.71 -27.67
C VAL W 450 73.04 73.01 -28.04
N VAL W 451 73.31 72.94 -29.34
CA VAL W 451 74.64 73.07 -29.90
C VAL W 451 75.44 72.07 -29.06
N PHE W 452 76.33 72.49 -28.16
CA PHE W 452 77.15 71.57 -27.37
C PHE W 452 77.86 72.28 -26.21
N GLU W 453 78.95 71.66 -25.77
CA GLU W 453 79.79 72.18 -24.70
C GLU W 453 81.24 71.84 -25.01
N PRO W 454 82.12 71.97 -24.02
CA PRO W 454 83.55 71.64 -24.23
C PRO W 454 83.71 70.17 -24.62
N ASN W 455 83.90 69.92 -25.92
CA ASN W 455 84.05 68.55 -26.40
C ASN W 455 85.12 67.76 -25.68
N ASP W 456 84.89 67.54 -24.40
CA ASP W 456 85.80 66.78 -23.58
C ASP W 456 85.26 65.36 -23.39
N HIS W 457 86.01 64.57 -22.65
CA HIS W 457 85.68 63.18 -22.38
C HIS W 457 84.43 63.03 -21.55
N ASN W 458 84.00 64.11 -20.90
CA ASN W 458 82.80 64.07 -20.11
C ASN W 458 81.56 63.94 -20.97
N LEU W 459 81.58 64.44 -22.21
CA LEU W 459 80.39 64.28 -23.00
C LEU W 459 80.44 62.90 -23.57
N TRP W 460 81.64 62.40 -23.80
CA TRP W 460 81.72 61.07 -24.38
C TRP W 460 81.06 60.10 -23.40
N ALA W 461 81.36 60.29 -22.12
CA ALA W 461 80.79 59.41 -21.11
C ALA W 461 79.28 59.54 -21.02
N ARG W 462 78.73 60.75 -21.13
CA ARG W 462 77.28 60.88 -21.05
C ARG W 462 76.61 60.14 -22.19
N ILE W 463 77.21 60.22 -23.37
CA ILE W 463 76.63 59.56 -24.52
C ILE W 463 76.67 58.06 -24.38
N ARG W 464 77.80 57.50 -23.98
CA ARG W 464 77.86 56.06 -23.91
C ARG W 464 76.83 55.54 -22.95
N ARG W 465 76.69 56.19 -21.81
CA ARG W 465 75.77 55.71 -20.83
C ARG W 465 74.33 55.76 -21.29
N ASN W 466 73.92 56.86 -21.92
CA ASN W 466 72.53 56.97 -22.28
C ASN W 466 72.13 56.06 -23.42
N VAL W 467 73.02 55.88 -24.39
CA VAL W 467 72.70 55.06 -25.53
C VAL W 467 72.62 53.60 -25.13
N SER W 468 73.58 53.15 -24.35
CA SER W 468 73.59 51.77 -23.94
C SER W 468 72.38 51.42 -23.11
N ALA W 469 72.01 52.26 -22.16
CA ALA W 469 70.87 51.89 -21.33
C ALA W 469 69.60 51.66 -22.16
N PHE W 470 69.38 52.49 -23.18
CA PHE W 470 68.20 52.29 -24.00
C PHE W 470 68.22 50.94 -24.72
N LEU W 471 69.35 50.63 -25.34
CA LEU W 471 69.46 49.38 -26.08
C LEU W 471 69.49 48.13 -25.23
N VAL W 472 69.99 48.21 -24.00
CA VAL W 472 69.95 47.02 -23.17
C VAL W 472 68.53 46.60 -22.89
N ASN W 473 67.65 47.55 -22.60
CA ASN W 473 66.27 47.14 -22.37
C ASN W 473 65.64 46.56 -23.64
N GLU W 474 66.04 47.05 -24.79
CA GLU W 474 65.49 46.50 -26.01
C GLU W 474 65.91 45.02 -26.14
N TRP W 475 67.16 44.70 -25.78
CA TRP W 475 67.62 43.30 -25.77
C TRP W 475 66.87 42.43 -24.78
N ARG W 476 66.67 42.90 -23.55
CA ARG W 476 66.06 42.01 -22.56
C ARG W 476 64.61 41.74 -22.90
N ASN W 477 64.00 42.61 -23.70
CA ASN W 477 62.62 42.44 -24.09
C ASN W 477 62.47 41.51 -25.30
N GLY W 478 63.59 40.98 -25.80
CA GLY W 478 63.57 40.03 -26.91
C GLY W 478 63.65 40.60 -28.32
N ALA W 479 64.01 41.87 -28.48
CA ALA W 479 64.10 42.42 -29.83
C ALA W 479 65.39 42.08 -30.54
N LEU W 480 66.45 41.87 -29.77
CA LEU W 480 67.76 41.64 -30.31
C LEU W 480 68.20 40.23 -30.03
N PHE W 481 69.00 39.68 -30.90
CA PHE W 481 69.52 38.35 -30.70
C PHE W 481 70.88 38.27 -30.06
N GLY W 482 70.98 37.41 -29.06
CA GLY W 482 72.23 37.14 -28.35
C GLY W 482 71.88 36.55 -27.00
N GLN W 483 72.88 35.99 -26.33
CA GLN W 483 72.67 35.36 -25.02
C GLN W 483 72.80 36.37 -23.88
N SER W 484 73.33 37.50 -24.21
CA SER W 484 73.61 38.58 -23.29
C SER W 484 73.83 39.84 -24.12
N PRO W 485 73.72 41.05 -23.56
CA PRO W 485 74.03 42.29 -24.25
C PRO W 485 75.47 42.27 -24.76
N ASP W 486 76.33 41.50 -24.10
CA ASP W 486 77.73 41.42 -24.48
C ASP W 486 77.91 40.81 -25.86
N GLN W 487 76.92 40.10 -26.36
CA GLN W 487 77.02 39.51 -27.67
C GLN W 487 76.14 40.29 -28.63
N ALA W 488 74.98 40.73 -28.13
CA ALA W 488 73.99 41.38 -28.96
C ALA W 488 74.30 42.84 -29.33
N TYR W 489 75.01 43.57 -28.46
CA TYR W 489 75.18 45.02 -28.76
C TYR W 489 76.49 45.63 -28.25
N TYR W 490 77.01 46.64 -28.97
CA TYR W 490 78.23 47.41 -28.58
C TYR W 490 78.13 48.93 -28.83
N VAL W 491 78.78 49.74 -27.95
CA VAL W 491 78.88 51.21 -28.15
C VAL W 491 80.30 51.73 -27.92
N LYS W 492 80.79 52.59 -28.83
CA LYS W 492 82.11 53.20 -28.69
C LYS W 492 82.14 54.73 -28.82
N CYS W 493 82.83 55.37 -27.87
CA CYS W 493 83.06 56.82 -27.86
C CYS W 493 84.40 57.05 -27.22
N ASP W 494 85.45 56.49 -27.81
CA ASP W 494 86.79 56.54 -27.28
C ASP W 494 87.64 57.56 -28.05
N GLU W 495 88.90 57.72 -27.65
CA GLU W 495 89.82 58.64 -28.32
C GLU W 495 90.21 58.18 -29.73
N GLU W 496 89.93 56.91 -30.04
CA GLU W 496 90.20 56.36 -31.37
C GLU W 496 88.95 56.47 -32.23
N THR W 497 87.89 57.00 -31.65
CA THR W 497 86.62 57.20 -32.30
C THR W 497 86.49 58.69 -32.47
N ASN W 498 87.11 59.41 -31.56
CA ASN W 498 87.14 60.87 -31.48
C ASN W 498 88.57 61.38 -31.42
N PRO W 499 89.30 61.39 -32.55
CA PRO W 499 90.69 61.73 -32.68
C PRO W 499 90.93 63.14 -32.14
N PRO W 500 92.14 63.42 -31.66
CA PRO W 500 92.59 64.64 -31.02
C PRO W 500 92.51 65.89 -31.87
N GLU W 501 92.34 65.71 -33.18
CA GLU W 501 92.25 66.90 -34.01
C GLU W 501 91.05 67.76 -33.61
N SER W 502 89.97 67.13 -33.10
CA SER W 502 88.79 67.87 -32.67
C SER W 502 88.42 68.99 -33.61
N VAL W 503 88.28 68.72 -34.89
CA VAL W 503 88.02 69.83 -35.77
C VAL W 503 86.56 70.14 -35.81
N ASP W 504 86.15 71.13 -35.01
CA ASP W 504 84.72 71.55 -34.97
C ASP W 504 83.88 70.40 -34.41
N LEU W 505 83.21 69.65 -35.29
CA LEU W 505 82.32 68.55 -34.84
C LEU W 505 83.15 67.27 -34.68
N GLY W 506 84.11 67.28 -33.75
CA GLY W 506 84.92 66.06 -33.48
C GLY W 506 84.07 64.95 -32.91
N ARG W 507 82.86 65.28 -32.44
CA ARG W 507 81.93 64.28 -31.85
C ARG W 507 81.82 63.07 -32.77
N VAL W 508 82.01 61.86 -32.23
CA VAL W 508 81.85 60.61 -33.03
C VAL W 508 81.40 59.48 -32.10
N VAL W 509 80.43 58.67 -32.53
CA VAL W 509 79.92 57.54 -31.71
C VAL W 509 79.67 56.33 -32.63
N CYS W 510 80.27 55.18 -32.34
CA CYS W 510 80.11 54.04 -33.22
C CYS W 510 79.30 52.99 -32.51
N GLU W 511 78.41 52.33 -33.25
CA GLU W 511 77.57 51.34 -32.60
C GLU W 511 77.41 50.07 -33.38
N ILE W 512 77.23 49.00 -32.66
CA ILE W 512 76.86 47.74 -33.25
C ILE W 512 75.48 47.41 -32.70
N GLY W 513 74.44 47.68 -33.49
CA GLY W 513 73.06 47.52 -33.02
C GLY W 513 72.65 46.07 -33.02
N ILE W 514 73.38 45.32 -33.79
CA ILE W 514 73.20 43.91 -34.00
C ILE W 514 74.54 43.55 -34.62
N ALA W 515 75.09 42.35 -34.43
CA ALA W 515 76.40 42.03 -35.03
C ALA W 515 76.50 42.43 -36.53
N PRO W 516 75.52 42.13 -37.43
CA PRO W 516 75.49 42.61 -38.79
C PRO W 516 75.05 44.06 -38.76
N VAL W 517 76.00 44.85 -38.32
CA VAL W 517 75.90 46.27 -38.04
C VAL W 517 75.40 47.10 -39.20
N LYS W 518 74.52 48.06 -38.91
CA LYS W 518 73.95 48.93 -39.97
C LYS W 518 74.90 48.99 -41.17
N MET X 1 71.92 21.87 -13.76
CA MET X 1 72.17 21.31 -15.09
C MET X 1 73.66 20.94 -15.30
N SER X 2 74.59 21.83 -14.88
CA SER X 2 76.05 21.66 -15.01
C SER X 2 76.63 20.61 -14.07
N LEU X 3 75.91 20.33 -13.02
CA LEU X 3 76.31 19.39 -11.99
C LEU X 3 75.18 18.41 -11.74
N PRO X 4 75.45 17.17 -11.29
CA PRO X 4 74.47 16.17 -10.90
C PRO X 4 73.68 16.46 -9.61
N LYS X 5 74.10 17.43 -8.79
CA LYS X 5 73.44 17.60 -7.45
C LYS X 5 72.43 18.76 -7.32
N PRO X 6 72.57 19.91 -8.01
CA PRO X 6 71.71 21.05 -7.79
C PRO X 6 70.30 20.86 -8.25
N GLU X 7 69.38 21.45 -7.49
CA GLU X 7 67.95 21.36 -7.82
C GLU X 7 67.53 22.68 -8.47
N ASP X 8 66.60 22.64 -9.41
CA ASP X 8 66.16 23.84 -10.13
C ASP X 8 65.62 24.86 -9.14
N VAL X 9 65.82 26.13 -9.44
CA VAL X 9 65.39 27.20 -8.56
C VAL X 9 64.43 28.12 -9.24
N LEU X 10 63.79 29.01 -8.51
CA LEU X 10 62.82 29.86 -9.17
C LEU X 10 63.37 31.00 -9.96
N VAL X 11 63.83 30.63 -11.15
CA VAL X 11 64.39 31.58 -12.10
C VAL X 11 63.26 32.28 -12.78
N ALA X 12 62.35 31.52 -13.37
CA ALA X 12 61.20 32.13 -13.99
C ALA X 12 60.18 31.12 -14.50
N PRO X 13 58.88 31.34 -14.24
CA PRO X 13 57.80 30.70 -14.93
C PRO X 13 57.72 31.43 -16.25
N ASN X 14 57.38 30.75 -17.32
CA ASN X 14 57.22 31.39 -18.63
C ASN X 14 56.03 30.78 -19.38
N PHE X 15 55.27 31.56 -20.15
CA PHE X 15 54.10 30.93 -20.79
C PHE X 15 53.85 31.11 -22.27
N GLY X 16 53.47 29.99 -22.88
CA GLY X 16 52.98 30.00 -24.24
C GLY X 16 51.46 30.09 -24.15
N ILE X 17 50.88 30.86 -25.03
CA ILE X 17 49.45 31.11 -25.13
C ILE X 17 49.20 31.76 -26.48
N GLN X 18 47.99 31.71 -27.01
CA GLN X 18 47.67 32.38 -28.29
C GLN X 18 47.16 33.82 -28.07
N ILE X 19 47.17 34.24 -26.82
CA ILE X 19 46.72 35.53 -26.33
C ILE X 19 47.95 36.33 -25.85
N ASP X 20 48.15 37.55 -26.32
CA ASP X 20 49.39 38.23 -25.96
C ASP X 20 49.47 38.92 -24.59
N GLY X 21 49.55 38.09 -23.56
CA GLY X 21 49.75 38.57 -22.20
C GLY X 21 51.26 38.82 -22.12
N VAL X 22 51.74 39.73 -21.26
CA VAL X 22 53.20 39.94 -21.24
C VAL X 22 53.97 39.58 -19.96
N MET X 23 53.52 40.01 -18.77
CA MET X 23 54.30 39.76 -17.56
C MET X 23 53.47 39.33 -16.35
N VAL X 24 53.97 38.29 -15.69
CA VAL X 24 53.34 37.68 -14.54
C VAL X 24 54.27 37.51 -13.37
N GLU X 25 53.71 37.28 -12.19
CA GLU X 25 54.55 36.96 -11.04
C GLU X 25 54.48 35.50 -10.71
N TYR X 26 53.30 34.89 -10.82
CA TYR X 26 53.31 33.49 -10.40
C TYR X 26 52.27 32.54 -10.93
N LEU X 27 52.65 31.26 -10.76
CA LEU X 27 51.80 30.12 -11.06
C LEU X 27 51.60 29.19 -9.85
N ASN X 28 50.34 29.04 -9.46
CA ASN X 28 49.96 28.20 -8.32
C ASN X 28 49.17 26.93 -8.66
N SER X 29 49.29 25.97 -7.76
CA SER X 29 48.53 24.72 -7.71
C SER X 29 48.54 23.81 -8.92
N VAL X 30 49.72 23.54 -9.46
CA VAL X 30 49.86 22.62 -10.57
C VAL X 30 50.11 21.20 -10.07
N SER X 31 49.28 20.25 -10.50
CA SER X 31 49.42 18.87 -10.05
C SER X 31 48.92 17.82 -11.06
N ASN X 32 49.46 16.61 -10.92
CA ASN X 32 49.11 15.41 -11.69
C ASN X 32 48.44 14.38 -10.77
N LEU X 33 47.12 14.25 -10.83
CA LEU X 33 46.46 13.41 -9.85
C LEU X 33 45.65 12.22 -10.36
N GLN X 34 46.12 11.02 -10.02
CA GLN X 34 45.44 9.79 -10.39
C GLN X 34 44.53 9.38 -9.21
N ILE X 35 43.32 8.92 -9.54
CA ILE X 35 42.36 8.53 -8.54
C ILE X 35 42.62 7.11 -8.04
N GLU X 36 42.49 6.86 -6.74
CA GLU X 36 42.66 5.52 -6.17
C GLU X 36 41.31 4.93 -5.82
N GLN X 37 41.17 3.60 -5.91
CA GLN X 37 39.93 2.93 -5.50
C GLN X 37 40.34 1.61 -4.87
N ASP X 38 39.54 1.06 -3.97
CA ASP X 38 39.94 -0.21 -3.36
C ASP X 38 38.82 -1.08 -2.85
N VAL X 39 39.16 -2.35 -2.62
CA VAL X 39 38.24 -3.30 -1.99
C VAL X 39 38.88 -4.14 -0.92
N ILE X 40 38.04 -4.69 -0.07
CA ILE X 40 38.50 -5.68 0.88
C ILE X 40 37.93 -7.01 0.44
N ARG X 41 38.79 -8.01 0.33
CA ARG X 41 38.30 -9.32 -0.08
C ARG X 41 38.74 -10.38 0.86
N TYR X 42 37.82 -11.29 1.16
CA TYR X 42 38.09 -12.40 2.07
C TYR X 42 39.08 -13.43 1.48
N GLN X 43 39.75 -14.20 2.33
CA GLN X 43 40.72 -15.16 1.83
C GLN X 43 40.11 -16.43 1.21
N GLN X 44 41.00 -17.23 0.63
CA GLN X 44 40.64 -18.48 -0.03
C GLN X 44 40.15 -19.58 0.92
N ASN X 45 38.95 -19.37 1.44
CA ASN X 45 38.25 -20.27 2.35
C ASN X 45 39.17 -20.87 3.43
N GLN X 46 40.02 -20.01 3.96
CA GLN X 46 40.99 -20.25 5.00
C GLN X 46 40.80 -19.09 5.92
N GLY X 47 40.78 -19.25 7.23
CA GLY X 47 40.49 -18.08 8.10
C GLY X 47 41.61 -17.02 8.26
N THR X 48 42.29 -16.74 7.19
CA THR X 48 43.39 -15.82 7.10
C THR X 48 42.87 -14.48 6.65
N THR X 49 43.50 -13.43 7.16
CA THR X 49 43.15 -12.07 6.83
C THR X 49 43.08 -11.92 5.34
N GLY X 50 42.05 -11.21 4.91
CA GLY X 50 41.81 -11.03 3.50
C GLY X 50 42.79 -10.05 2.92
N ARG X 51 42.58 -9.72 1.65
CA ARG X 51 43.52 -8.87 0.96
C ARG X 51 42.92 -7.53 0.67
N ASN X 52 43.78 -6.51 0.61
CA ASN X 52 43.29 -5.20 0.25
C ASN X 52 43.70 -4.88 -1.15
N ASN X 53 42.72 -4.90 -2.06
CA ASN X 53 43.02 -4.59 -3.48
C ASN X 53 43.17 -3.07 -3.62
N VAL X 54 44.39 -2.56 -3.48
CA VAL X 54 44.58 -1.12 -3.49
C VAL X 54 45.26 -0.65 -4.73
N THR X 55 45.30 -1.52 -5.72
CA THR X 55 45.94 -1.23 -7.00
C THR X 55 44.93 -1.29 -8.09
N LEU X 56 43.70 -1.05 -7.77
CA LEU X 56 42.76 -1.03 -8.82
C LEU X 56 43.09 0.31 -9.47
N MET X 57 42.96 0.45 -10.78
CA MET X 57 43.41 1.69 -11.43
C MET X 57 42.34 2.51 -12.19
N PRO X 58 41.77 3.57 -11.57
CA PRO X 58 40.77 4.52 -12.06
C PRO X 58 41.30 5.50 -13.07
N GLY X 59 40.44 6.43 -13.48
CA GLY X 59 40.85 7.47 -14.40
C GLY X 59 41.57 8.59 -13.64
N VAL X 60 41.84 9.67 -14.34
CA VAL X 60 42.62 10.80 -13.84
C VAL X 60 41.75 12.02 -13.58
N ALA X 61 42.03 12.70 -12.47
CA ALA X 61 41.31 13.89 -12.02
C ALA X 61 41.65 15.10 -12.88
N LYS X 62 40.77 16.09 -12.85
CA LYS X 62 40.93 17.33 -13.61
C LYS X 62 40.79 18.52 -12.67
N ASP X 63 41.53 19.59 -12.94
CA ASP X 63 41.47 20.78 -12.09
C ASP X 63 41.86 22.04 -12.88
N GLY X 64 42.21 23.10 -12.16
CA GLY X 64 42.59 24.36 -12.77
C GLY X 64 43.83 24.98 -12.15
N SER X 65 44.52 25.82 -12.92
CA SER X 65 45.73 26.48 -12.45
C SER X 65 45.52 28.00 -12.33
N VAL X 66 45.90 28.55 -11.19
CA VAL X 66 45.74 29.98 -10.94
C VAL X 66 47.02 30.78 -11.21
N GLN X 67 46.87 31.90 -11.92
CA GLN X 67 47.96 32.77 -12.26
C GLN X 67 47.74 34.19 -11.85
N VAL X 68 48.81 34.84 -11.46
CA VAL X 68 48.73 36.24 -11.13
C VAL X 68 49.62 37.09 -11.97
N GLU X 69 48.93 38.03 -12.62
CA GLU X 69 49.48 39.00 -13.53
C GLU X 69 50.09 40.04 -12.67
N ARG X 70 51.19 40.62 -13.13
CA ARG X 70 51.83 41.61 -12.28
C ARG X 70 50.87 42.70 -11.84
N GLY X 71 49.97 43.14 -12.68
CA GLY X 71 49.07 44.13 -12.16
C GLY X 71 48.17 44.69 -13.19
N MET X 72 47.23 45.48 -12.71
CA MET X 72 46.30 46.10 -13.59
C MET X 72 47.03 47.13 -14.39
N SER X 73 46.58 47.30 -15.61
CA SER X 73 47.09 48.25 -16.57
C SER X 73 45.96 48.51 -17.51
N GLN X 74 46.18 49.34 -18.50
CA GLN X 74 45.14 49.64 -19.47
C GLN X 74 44.82 48.45 -20.41
N SER X 75 45.63 47.38 -20.37
CA SER X 75 45.41 46.20 -21.20
C SER X 75 44.09 45.49 -20.89
N SER X 76 43.41 45.08 -21.95
CA SER X 76 42.13 44.38 -21.90
C SER X 76 42.25 42.89 -22.20
N VAL X 77 43.45 42.37 -22.20
CA VAL X 77 43.64 40.98 -22.59
C VAL X 77 42.89 39.93 -21.79
N PHE X 78 42.94 39.99 -20.45
CA PHE X 78 42.28 38.95 -19.63
C PHE X 78 40.77 39.18 -19.63
N THR X 79 40.34 40.43 -19.80
CA THR X 79 38.95 40.75 -19.82
C THR X 79 38.30 40.22 -21.08
N GLN X 80 38.94 40.38 -22.22
CA GLN X 80 38.28 39.87 -23.39
C GLN X 80 38.24 38.36 -23.45
N TRP X 81 39.27 37.68 -22.92
CA TRP X 81 39.19 36.23 -22.98
C TRP X 81 37.96 35.76 -22.20
N ILE X 82 37.76 36.30 -20.99
CA ILE X 82 36.60 35.88 -20.22
C ILE X 82 35.29 36.35 -20.87
N ASN X 83 35.29 37.49 -21.56
CA ASN X 83 34.06 37.91 -22.21
C ASN X 83 33.61 36.94 -23.30
N ASP X 84 34.55 36.37 -24.07
CA ASP X 84 34.14 35.42 -25.10
C ASP X 84 33.52 34.20 -24.45
N SER X 85 34.07 33.80 -23.32
CA SER X 85 33.55 32.64 -22.63
C SER X 85 32.13 32.89 -22.13
N MET X 86 31.93 34.03 -21.49
CA MET X 86 30.62 34.36 -20.92
C MET X 86 29.57 34.55 -21.99
N ALA X 87 29.99 35.01 -23.16
CA ALA X 87 29.12 35.27 -24.28
C ALA X 87 28.72 34.00 -25.02
N GLY X 88 29.32 32.85 -24.69
CA GLY X 88 28.99 31.61 -25.36
C GLY X 88 29.73 31.36 -26.66
N ARG X 89 30.85 32.03 -26.89
CA ARG X 89 31.59 31.83 -28.12
C ARG X 89 32.77 30.97 -27.79
N MET X 90 32.72 29.70 -28.15
CA MET X 90 33.79 28.83 -27.71
C MET X 90 35.11 29.37 -28.22
N ALA X 91 36.03 29.59 -27.30
CA ALA X 91 37.34 30.15 -27.59
C ALA X 91 38.38 29.64 -26.62
N THR X 92 38.70 28.36 -26.72
CA THR X 92 39.65 27.76 -25.80
C THR X 92 41.03 28.01 -26.31
N ALA X 93 42.03 27.73 -25.50
CA ALA X 93 43.40 27.99 -25.95
C ALA X 93 44.33 26.89 -25.55
N ARG X 94 45.43 26.76 -26.29
CA ARG X 94 46.42 25.74 -25.95
C ARG X 94 47.51 26.43 -25.14
N LYS X 95 47.85 25.88 -23.98
CA LYS X 95 48.90 26.53 -23.18
C LYS X 95 50.12 25.69 -22.97
N ASN X 96 51.20 26.38 -22.64
CA ASN X 96 52.44 25.69 -22.34
C ASN X 96 53.18 26.33 -21.19
N ALA X 97 53.22 25.64 -20.05
CA ALA X 97 53.87 26.20 -18.87
C ALA X 97 55.34 25.80 -18.90
N THR X 98 56.23 26.77 -18.98
CA THR X 98 57.65 26.49 -19.12
C THR X 98 58.51 26.88 -17.93
N ILE X 99 59.41 25.98 -17.57
CA ILE X 99 60.39 26.24 -16.54
C ILE X 99 61.75 26.40 -17.17
N ILE X 100 62.37 27.55 -16.89
CA ILE X 100 63.67 27.83 -17.47
C ILE X 100 64.71 27.83 -16.37
N VAL X 101 65.85 27.19 -16.64
CA VAL X 101 66.88 27.09 -15.61
C VAL X 101 67.72 28.34 -15.53
N MET X 102 68.68 28.35 -14.60
CA MET X 102 69.60 29.51 -14.51
C MET X 102 69.89 30.01 -15.92
N ASP X 103 70.00 29.10 -16.89
CA ASP X 103 70.22 29.51 -18.30
C ASP X 103 68.85 29.77 -18.95
N TYR X 104 68.56 31.05 -19.25
CA TYR X 104 67.24 31.41 -19.85
C TYR X 104 67.09 30.73 -21.21
N GLU X 105 68.21 30.49 -21.91
CA GLU X 105 68.15 29.77 -23.20
C GLU X 105 67.72 28.33 -22.95
N ASP X 106 68.19 27.73 -21.84
CA ASP X 106 67.86 26.31 -21.54
C ASP X 106 66.44 26.22 -20.97
N ASN X 107 65.54 25.53 -21.68
CA ASN X 107 64.13 25.37 -21.21
C ASN X 107 63.82 23.87 -21.09
N PRO X 108 64.36 23.14 -20.09
CA PRO X 108 64.14 21.72 -19.96
C PRO X 108 62.73 21.23 -19.62
N VAL X 109 61.87 22.05 -19.02
CA VAL X 109 60.57 21.47 -18.70
C VAL X 109 59.44 22.26 -19.30
N LYS X 110 58.58 21.58 -20.04
CA LYS X 110 57.45 22.22 -20.67
C LYS X 110 56.20 21.37 -20.47
N ARG X 111 55.13 21.95 -19.94
CA ARG X 111 53.92 21.16 -19.71
C ARG X 111 52.76 21.55 -20.60
N TRP X 112 52.15 20.54 -21.22
CA TRP X 112 51.01 20.73 -22.10
C TRP X 112 49.76 20.95 -21.36
N ASN X 113 49.08 22.07 -21.66
CA ASN X 113 47.75 22.32 -21.06
C ASN X 113 46.73 22.05 -22.17
N LEU X 114 45.71 21.23 -21.88
CA LEU X 114 44.76 20.85 -22.96
C LEU X 114 44.24 22.10 -23.66
N ARG X 115 44.07 22.04 -24.99
CA ARG X 115 43.62 23.22 -25.76
C ARG X 115 42.29 23.75 -25.21
N ASN X 116 41.58 22.93 -24.42
CA ASN X 116 40.28 23.36 -23.85
C ASN X 116 40.52 24.44 -22.79
N ALA X 117 41.78 24.70 -22.44
CA ALA X 117 42.11 25.75 -21.45
C ALA X 117 41.05 26.85 -21.51
N TRP X 118 40.42 27.15 -20.38
CA TRP X 118 39.26 28.09 -20.38
C TRP X 118 39.31 29.01 -19.16
N CYS X 119 39.28 30.33 -19.34
CA CYS X 119 39.24 31.23 -18.19
C CYS X 119 37.86 31.37 -17.59
N SER X 120 37.76 31.09 -16.29
CA SER X 120 36.49 31.15 -15.57
C SER X 120 36.37 32.33 -14.62
N LYS X 121 37.47 32.73 -14.01
CA LYS X 121 37.34 33.80 -13.03
C LYS X 121 38.38 34.88 -13.13
N VAL X 122 37.94 36.10 -12.91
CA VAL X 122 38.88 37.21 -12.80
C VAL X 122 38.62 37.91 -11.47
N VAL X 123 39.65 37.99 -10.65
CA VAL X 123 39.47 38.60 -9.33
C VAL X 123 40.40 39.78 -9.09
N ALA X 124 39.79 40.88 -8.63
CA ALA X 124 40.51 42.12 -8.32
C ALA X 124 41.11 42.06 -6.94
N GLY X 125 42.12 42.87 -6.69
CA GLY X 125 42.68 42.95 -5.35
C GLY X 125 41.90 43.96 -4.53
N THR X 126 42.38 44.25 -3.32
CA THR X 126 41.73 45.20 -2.42
C THR X 126 42.19 46.61 -2.67
N LEU X 127 41.24 47.54 -2.76
CA LEU X 127 41.66 48.91 -2.95
C LEU X 127 41.49 49.70 -1.69
N LYS X 128 42.59 49.97 -0.99
CA LYS X 128 42.51 50.70 0.26
C LYS X 128 43.39 51.93 0.27
N ALA X 129 42.75 53.08 0.45
CA ALA X 129 43.47 54.32 0.42
C ALA X 129 44.45 54.38 1.55
N GLY X 130 45.66 54.81 1.24
CA GLY X 130 46.70 54.95 2.24
C GLY X 130 47.47 53.66 2.47
N ASP X 131 47.06 52.55 1.84
CA ASP X 131 47.77 51.31 2.08
C ASP X 131 48.95 51.25 1.13
N THR X 132 49.93 52.09 1.42
CA THR X 132 51.04 52.37 0.52
C THR X 132 52.10 51.31 0.52
N ASN X 133 51.71 50.11 0.18
CA ASN X 133 52.62 49.00 0.06
C ASN X 133 52.03 48.09 -0.95
N ALA X 134 50.80 48.40 -1.32
CA ALA X 134 50.08 47.53 -2.18
C ALA X 134 49.90 48.09 -3.56
N LEU X 135 49.93 47.16 -4.47
CA LEU X 135 49.70 47.40 -5.87
C LEU X 135 48.52 46.56 -6.27
N THR X 136 47.84 46.91 -7.34
CA THR X 136 46.71 46.07 -7.66
C THR X 136 47.08 44.98 -8.63
N GLU X 137 46.91 43.76 -8.15
CA GLU X 137 47.22 42.51 -8.84
C GLU X 137 45.99 41.96 -9.51
N THR X 138 46.16 41.13 -10.54
CA THR X 138 44.95 40.51 -11.07
C THR X 138 45.10 39.01 -10.99
N ILE X 139 44.03 38.34 -10.63
CA ILE X 139 44.06 36.91 -10.55
C ILE X 139 43.24 36.29 -11.64
N THR X 140 43.86 35.43 -12.43
CA THR X 140 43.16 34.77 -13.53
C THR X 140 43.08 33.30 -13.23
N ILE X 141 41.88 32.75 -13.25
CA ILE X 141 41.75 31.32 -12.98
C ILE X 141 41.32 30.57 -14.20
N VAL X 142 42.17 29.62 -14.59
CA VAL X 142 42.00 28.86 -15.82
C VAL X 142 41.81 27.39 -15.55
N PHE X 143 40.70 26.86 -16.08
CA PHE X 143 40.40 25.42 -15.87
C PHE X 143 40.96 24.63 -17.06
N GLU X 144 41.41 23.40 -16.80
CA GLU X 144 42.01 22.55 -17.88
C GLU X 144 41.66 21.08 -17.67
N GLU X 145 41.36 20.34 -18.73
CA GLU X 145 41.12 18.91 -18.59
C GLU X 145 42.35 18.06 -18.39
N LEU X 146 43.38 18.36 -19.13
CA LEU X 146 44.54 17.50 -19.18
C LEU X 146 45.89 18.17 -19.18
N VAL X 147 46.77 17.70 -18.29
CA VAL X 147 48.13 18.20 -18.25
C VAL X 147 49.14 17.12 -18.52
N VAL X 148 49.99 17.34 -19.51
CA VAL X 148 50.99 16.33 -19.85
C VAL X 148 52.43 16.85 -19.77
N GLU X 149 53.26 16.14 -18.99
CA GLU X 149 54.66 16.42 -18.70
C GLU X 149 55.50 16.27 -19.98
N MET Y 1 -9.95 -71.45 23.92
CA MET Y 1 -9.52 -70.05 23.67
C MET Y 1 -8.24 -70.06 22.83
N PRO Y 2 -8.29 -70.45 21.53
CA PRO Y 2 -7.10 -70.42 20.68
C PRO Y 2 -6.63 -68.98 20.45
N SER Y 3 -7.50 -68.00 20.70
CA SER Y 3 -7.15 -66.57 20.52
C SER Y 3 -6.88 -66.29 19.04
N TYR Y 4 -6.19 -65.18 18.74
CA TYR Y 4 -5.84 -64.88 17.33
C TYR Y 4 -4.34 -64.57 17.26
N LEU Y 5 -3.50 -65.59 17.46
CA LEU Y 5 -2.03 -65.40 17.42
C LEU Y 5 -1.46 -66.09 16.17
N SER Y 6 -1.72 -67.40 16.03
CA SER Y 6 -1.15 -68.11 14.90
C SER Y 6 -1.67 -69.52 14.73
N PRO Y 7 -1.80 -70.00 13.48
CA PRO Y 7 -2.01 -71.40 13.13
C PRO Y 7 -0.91 -72.31 13.71
N GLY Y 8 0.25 -71.72 14.01
CA GLY Y 8 1.41 -72.40 14.57
C GLY Y 8 2.11 -71.39 15.47
N VAL Y 9 1.99 -71.60 16.77
CA VAL Y 9 2.52 -70.67 17.76
C VAL Y 9 3.95 -70.88 18.20
N TYR Y 10 4.34 -72.07 18.59
CA TYR Y 10 5.70 -72.15 19.10
C TYR Y 10 6.70 -72.11 17.97
N VAL Y 11 6.30 -72.64 16.82
CA VAL Y 11 7.11 -72.58 15.63
C VAL Y 11 6.27 -71.87 14.61
N GLU Y 12 6.74 -70.76 14.09
CA GLU Y 12 5.90 -70.03 13.18
C GLU Y 12 5.91 -70.63 11.79
N GLU Y 13 5.05 -71.64 11.64
CA GLU Y 13 4.83 -72.51 10.48
C GLU Y 13 4.32 -71.68 9.31
N VAL Y 14 3.84 -70.52 9.64
CA VAL Y 14 3.32 -69.54 8.72
C VAL Y 14 4.42 -68.96 7.76
N ALA Y 15 5.72 -69.03 8.16
CA ALA Y 15 6.89 -68.58 7.40
C ALA Y 15 7.37 -69.76 6.56
N GLY Y 28 -10.88 -71.40 -5.35
CA GLY Y 28 -10.96 -72.48 -4.40
C GLY Y 28 -12.16 -73.38 -4.76
N VAL Y 29 -12.44 -74.38 -3.89
CA VAL Y 29 -13.55 -75.36 -4.06
C VAL Y 29 -14.70 -75.23 -3.03
N GLY Y 30 -14.51 -74.43 -1.98
CA GLY Y 30 -15.57 -74.24 -0.97
C GLY Y 30 -15.30 -74.96 0.35
N THR Y 31 -16.15 -74.65 1.34
CA THR Y 31 -16.05 -75.15 2.71
C THR Y 31 -16.95 -76.36 2.93
N SER Y 32 -17.58 -76.78 1.84
CA SER Y 32 -18.52 -77.89 1.78
C SER Y 32 -17.90 -79.11 1.10
N VAL Y 33 -16.58 -79.10 0.92
CA VAL Y 33 -15.87 -80.21 0.29
C VAL Y 33 -15.50 -81.35 1.25
N ALA Y 34 -15.84 -82.53 0.76
CA ALA Y 34 -15.64 -83.80 1.45
C ALA Y 34 -14.45 -84.58 0.92
N ALA Y 35 -13.98 -85.53 1.72
CA ALA Y 35 -12.98 -86.47 1.24
C ALA Y 35 -13.29 -87.87 1.72
N PHE Y 36 -13.06 -88.84 0.83
CA PHE Y 36 -13.36 -90.23 1.13
C PHE Y 36 -12.21 -91.19 0.86
N VAL Y 37 -12.11 -92.21 1.72
CA VAL Y 37 -11.12 -93.27 1.56
C VAL Y 37 -11.74 -94.67 1.33
N GLY Y 38 -11.38 -95.28 0.19
CA GLY Y 38 -11.89 -96.62 -0.11
C GLY Y 38 -11.34 -97.18 -1.41
N LEU Y 39 -11.77 -98.38 -1.76
CA LEU Y 39 -11.31 -99.17 -2.92
C LEU Y 39 -12.02 -98.90 -4.22
N ALA Y 40 -11.37 -99.25 -5.33
CA ALA Y 40 -12.01 -99.11 -6.63
C ALA Y 40 -11.41 -100.09 -7.66
N PRO Y 41 -12.12 -100.41 -8.74
CA PRO Y 41 -11.66 -101.16 -9.89
C PRO Y 41 -10.76 -100.25 -10.67
N THR Y 42 -10.24 -100.73 -11.80
CA THR Y 42 -9.28 -99.99 -12.60
C THR Y 42 -9.61 -98.52 -12.66
N GLY Y 43 -8.59 -97.75 -12.28
CA GLY Y 43 -8.64 -96.32 -12.13
C GLY Y 43 -7.27 -95.85 -11.64
N PRO Y 44 -7.12 -94.58 -11.20
CA PRO Y 44 -5.90 -93.94 -10.76
C PRO Y 44 -5.40 -94.52 -9.45
N LEU Y 45 -4.11 -94.35 -9.21
CA LEU Y 45 -3.40 -94.84 -8.03
C LEU Y 45 -3.72 -94.10 -6.76
N ASN Y 46 -3.15 -94.56 -5.64
CA ASN Y 46 -3.38 -93.99 -4.32
C ASN Y 46 -2.80 -92.58 -4.15
N GLU Y 47 -1.70 -92.31 -4.80
CA GLU Y 47 -1.02 -91.04 -4.67
C GLU Y 47 -1.74 -89.79 -5.23
N PRO Y 48 -2.24 -89.77 -6.48
CA PRO Y 48 -2.89 -88.62 -7.08
C PRO Y 48 -4.31 -88.45 -6.58
N THR Y 49 -4.45 -88.11 -5.31
CA THR Y 49 -5.78 -87.97 -4.75
C THR Y 49 -6.48 -86.91 -5.59
N LEU Y 50 -7.68 -87.25 -6.06
CA LEU Y 50 -8.41 -86.38 -6.97
C LEU Y 50 -9.61 -85.71 -6.38
N VAL Y 51 -9.75 -84.41 -6.61
CA VAL Y 51 -10.95 -83.71 -6.16
C VAL Y 51 -11.81 -83.36 -7.34
N THR Y 52 -13.10 -83.73 -7.23
CA THR Y 52 -13.92 -83.45 -8.43
C THR Y 52 -15.41 -83.71 -8.29
N ASN Y 53 -16.08 -83.87 -9.42
CA ASN Y 53 -17.51 -84.06 -9.64
C ASN Y 53 -17.85 -85.53 -9.88
N TRP Y 54 -19.11 -85.92 -9.67
CA TRP Y 54 -19.53 -87.29 -9.98
C TRP Y 54 -19.17 -87.74 -11.39
N THR Y 55 -19.31 -86.88 -12.39
CA THR Y 55 -19.05 -87.32 -13.77
C THR Y 55 -17.63 -87.84 -13.95
N GLN Y 56 -16.65 -87.12 -13.41
CA GLN Y 56 -15.26 -87.54 -13.53
C GLN Y 56 -15.00 -88.67 -12.57
N TYR Y 57 -15.64 -88.63 -11.41
CA TYR Y 57 -15.44 -89.70 -10.45
C TYR Y 57 -15.70 -91.01 -11.10
N VAL Y 58 -16.80 -91.13 -11.81
CA VAL Y 58 -17.09 -92.39 -12.44
C VAL Y 58 -16.08 -92.70 -13.53
N ALA Y 59 -15.77 -91.72 -14.36
CA ALA Y 59 -14.83 -91.98 -15.43
C ALA Y 59 -13.48 -92.48 -14.89
N ALA Y 60 -13.06 -91.94 -13.75
CA ALA Y 60 -11.81 -92.32 -13.13
C ALA Y 60 -11.87 -93.57 -12.25
N PHE Y 61 -12.94 -93.78 -11.49
CA PHE Y 61 -12.99 -94.90 -10.54
C PHE Y 61 -13.97 -96.06 -10.82
N GLY Y 62 -14.90 -95.93 -11.77
CA GLY Y 62 -15.86 -97.00 -12.05
C GLY Y 62 -17.29 -96.70 -11.57
N ASP Y 63 -18.29 -97.17 -12.33
CA ASP Y 63 -19.69 -96.91 -11.97
C ASP Y 63 -20.26 -98.00 -11.07
N PHE Y 64 -19.73 -98.16 -9.84
CA PHE Y 64 -20.29 -99.15 -8.87
C PHE Y 64 -20.06 -100.60 -9.32
N THR Y 65 -19.24 -100.85 -10.34
CA THR Y 65 -19.06 -102.19 -10.89
C THR Y 65 -18.07 -103.05 -10.12
N GLY Y 66 -17.30 -102.41 -9.27
CA GLY Y 66 -16.27 -103.08 -8.48
C GLY Y 66 -16.70 -103.54 -7.09
N GLY Y 67 -17.98 -103.33 -6.70
CA GLY Y 67 -18.41 -103.78 -5.37
C GLY Y 67 -17.80 -103.02 -4.18
N TYR Y 68 -17.52 -101.75 -4.37
CA TYR Y 68 -16.88 -100.92 -3.36
C TYR Y 68 -17.79 -99.84 -2.80
N TYR Y 69 -17.50 -99.38 -1.58
CA TYR Y 69 -18.32 -98.36 -0.94
C TYR Y 69 -18.12 -96.93 -1.39
N LEU Y 70 -16.99 -96.60 -2.01
CA LEU Y 70 -16.86 -95.21 -2.44
C LEU Y 70 -17.94 -94.84 -3.44
N ALA Y 71 -18.32 -95.74 -4.35
CA ALA Y 71 -19.26 -95.27 -5.35
C ALA Y 71 -20.55 -94.83 -4.73
N HIS Y 72 -21.04 -95.56 -3.72
CA HIS Y 72 -22.34 -95.13 -3.17
C HIS Y 72 -22.16 -93.87 -2.32
N SER Y 73 -21.09 -93.81 -1.51
CA SER Y 73 -20.97 -92.65 -0.66
C SER Y 73 -20.71 -91.39 -1.48
N VAL Y 74 -19.93 -91.51 -2.54
CA VAL Y 74 -19.64 -90.39 -3.39
C VAL Y 74 -20.90 -90.02 -4.15
N TYR Y 75 -21.65 -90.99 -4.65
CA TYR Y 75 -22.88 -90.69 -5.33
C TYR Y 75 -23.83 -89.98 -4.41
N GLY Y 76 -24.00 -90.52 -3.19
CA GLY Y 76 -24.91 -89.96 -2.21
C GLY Y 76 -24.51 -88.53 -1.91
N PHE Y 77 -23.23 -88.26 -1.89
CA PHE Y 77 -22.79 -86.91 -1.67
C PHE Y 77 -23.29 -86.05 -2.83
N PHE Y 78 -23.06 -86.50 -4.06
CA PHE Y 78 -23.45 -85.66 -5.19
C PHE Y 78 -24.91 -85.74 -5.58
N ASN Y 79 -25.66 -86.62 -4.93
CA ASN Y 79 -27.08 -86.74 -5.16
C ASN Y 79 -27.80 -85.73 -4.26
N ASN Y 80 -26.99 -85.04 -3.42
CA ASN Y 80 -27.49 -83.98 -2.49
C ASN Y 80 -26.73 -82.68 -2.79
N GLY Y 81 -26.06 -82.03 -1.81
CA GLY Y 81 -25.31 -80.83 -2.21
C GLY Y 81 -23.80 -81.07 -2.25
N GLY Y 82 -23.01 -80.03 -2.49
CA GLY Y 82 -21.55 -80.17 -2.52
C GLY Y 82 -20.95 -80.00 -3.90
N SER Y 83 -19.88 -79.20 -3.96
CA SER Y 83 -19.21 -78.89 -5.21
C SER Y 83 -18.20 -79.94 -5.64
N ALA Y 84 -17.61 -80.60 -4.67
CA ALA Y 84 -16.56 -81.54 -4.98
C ALA Y 84 -16.25 -82.44 -3.82
N ALA Y 85 -15.55 -83.51 -4.13
CA ALA Y 85 -15.02 -84.36 -3.10
C ALA Y 85 -13.70 -84.97 -3.54
N TYR Y 86 -12.82 -85.20 -2.57
CA TYR Y 86 -11.53 -85.83 -2.78
C TYR Y 86 -11.61 -87.34 -2.64
N VAL Y 87 -11.06 -88.05 -3.60
CA VAL Y 87 -11.09 -89.49 -3.52
C VAL Y 87 -9.74 -90.15 -3.54
N VAL Y 88 -9.54 -90.97 -2.50
CA VAL Y 88 -8.33 -91.74 -2.32
C VAL Y 88 -8.58 -93.16 -2.78
N ARG Y 89 -7.78 -93.63 -3.73
CA ARG Y 89 -7.92 -94.96 -4.31
C ARG Y 89 -7.73 -96.12 -3.33
N VAL Y 90 -6.75 -95.99 -2.42
CA VAL Y 90 -6.46 -97.04 -1.38
C VAL Y 90 -5.83 -98.30 -1.98
N GLY Y 91 -6.54 -99.00 -2.86
CA GLY Y 91 -6.14 -100.24 -3.49
C GLY Y 91 -7.21 -100.68 -4.49
N GLY Y 92 -6.97 -101.79 -5.16
CA GLY Y 92 -7.96 -102.22 -6.14
C GLY Y 92 -9.02 -103.14 -5.52
N SER Y 93 -10.18 -103.21 -6.16
CA SER Y 93 -11.18 -104.20 -5.75
C SER Y 93 -10.63 -105.57 -6.12
N ALA Y 94 -10.95 -106.58 -5.31
CA ALA Y 94 -10.56 -107.95 -5.61
C ALA Y 94 -11.48 -108.52 -6.67
N GLU Y 95 -10.99 -109.46 -7.46
CA GLU Y 95 -11.82 -110.12 -8.44
C GLU Y 95 -12.91 -110.92 -7.71
N ASP Y 96 -14.16 -110.91 -8.25
CA ASP Y 96 -15.35 -111.64 -7.77
C ASP Y 96 -15.52 -111.57 -6.25
N GLN Y 232 -2.19 -109.47 6.54
CA GLN Y 232 -2.32 -108.29 5.69
C GLN Y 232 -3.44 -108.47 4.64
N ALA Y 233 -4.67 -108.07 5.03
CA ALA Y 233 -5.89 -108.06 4.23
C ALA Y 233 -6.23 -106.59 4.10
N GLU Y 234 -7.42 -106.17 4.56
CA GLU Y 234 -7.74 -104.72 4.56
C GLU Y 234 -6.91 -104.05 5.67
N SER Y 235 -5.58 -104.05 5.54
CA SER Y 235 -4.70 -103.50 6.60
C SER Y 235 -4.50 -101.99 6.40
N ALA Y 236 -3.44 -101.43 7.00
CA ALA Y 236 -3.21 -99.97 6.92
C ALA Y 236 -2.97 -99.54 5.47
N HIS Y 237 -1.90 -100.04 4.84
CA HIS Y 237 -1.57 -99.65 3.45
C HIS Y 237 -2.59 -100.24 2.46
N PRO Y 238 -2.91 -101.55 2.53
CA PRO Y 238 -3.82 -102.17 1.55
C PRO Y 238 -5.27 -101.74 1.80
N GLY Y 239 -5.71 -101.75 3.06
CA GLY Y 239 -7.09 -101.38 3.39
C GLY Y 239 -7.25 -99.87 3.52
N PRO Y 240 -8.48 -99.34 3.67
CA PRO Y 240 -8.70 -97.90 3.85
C PRO Y 240 -8.18 -97.45 5.22
N ALA Y 241 -6.88 -97.18 5.32
CA ALA Y 241 -6.30 -96.76 6.58
C ALA Y 241 -5.25 -95.64 6.44
N GLN Y 242 -3.97 -95.89 6.81
CA GLN Y 242 -2.98 -94.83 6.69
C GLN Y 242 -1.54 -95.19 6.45
N TYR Y 243 -0.97 -94.59 5.40
CA TYR Y 243 0.45 -94.73 5.12
C TYR Y 243 1.08 -93.39 4.75
N LEU Y 244 2.06 -92.97 5.55
CA LEU Y 244 2.73 -91.70 5.32
C LEU Y 244 3.89 -91.79 4.38
N GLY Y 245 4.69 -92.85 4.44
CA GLY Y 245 5.81 -92.90 3.52
C GLY Y 245 6.86 -91.82 3.80
N ASP Y 246 7.13 -91.52 5.07
CA ASP Y 246 8.08 -90.44 5.38
C ASP Y 246 7.66 -89.13 4.73
N SER Y 247 6.40 -88.79 5.00
CA SER Y 247 5.70 -87.60 4.49
C SER Y 247 5.58 -87.59 2.97
N SER Y 248 5.33 -88.77 2.40
CA SER Y 248 5.06 -88.88 0.99
C SER Y 248 3.54 -88.77 0.87
N ASP Y 249 2.85 -89.04 1.98
CA ASP Y 249 1.41 -88.92 2.15
C ASP Y 249 0.66 -89.66 1.06
N ARG Y 250 1.13 -90.87 0.79
CA ARG Y 250 0.63 -91.70 -0.29
C ARG Y 250 -0.71 -92.40 -0.10
N THR Y 251 -1.03 -92.92 1.09
CA THR Y 251 -2.30 -93.65 1.16
C THR Y 251 -3.19 -93.27 2.33
N GLY Y 252 -4.48 -93.21 2.03
CA GLY Y 252 -5.50 -92.99 3.04
C GLY Y 252 -5.36 -91.67 3.75
N PHE Y 253 -5.30 -91.76 5.08
CA PHE Y 253 -5.20 -90.62 5.98
C PHE Y 253 -3.87 -89.93 5.82
N GLY Y 254 -2.96 -90.56 5.09
CA GLY Y 254 -1.66 -89.98 4.86
C GLY Y 254 -1.82 -88.63 4.19
N GLY Y 255 -2.88 -88.42 3.39
CA GLY Y 255 -3.09 -87.17 2.70
C GLY Y 255 -3.71 -86.07 3.57
N LEU Y 256 -4.04 -86.36 4.83
CA LEU Y 256 -4.63 -85.35 5.68
C LEU Y 256 -3.53 -84.38 6.07
N GLU Y 257 -3.89 -83.12 6.29
CA GLU Y 257 -2.97 -82.00 6.59
C GLU Y 257 -2.31 -81.55 5.28
N ALA Y 258 -1.71 -82.51 4.58
CA ALA Y 258 -1.09 -82.28 3.29
C ALA Y 258 -2.10 -81.70 2.30
N ILE Y 259 -3.35 -82.17 2.38
CA ILE Y 259 -4.39 -81.65 1.52
C ILE Y 259 -5.34 -80.75 2.30
N ASP Y 260 -5.40 -79.50 1.84
CA ASP Y 260 -6.23 -78.45 2.40
C ASP Y 260 -7.61 -78.43 1.74
N GLU Y 261 -8.46 -77.50 2.18
CA GLU Y 261 -9.84 -77.30 1.70
C GLU Y 261 -10.73 -78.54 1.77
N ILE Y 262 -10.60 -79.27 2.85
CA ILE Y 262 -11.46 -80.41 3.16
C ILE Y 262 -12.00 -80.12 4.53
N SER Y 263 -13.31 -80.10 4.65
CA SER Y 263 -13.92 -79.82 5.94
C SER Y 263 -14.52 -81.08 6.55
N MET Y 264 -14.81 -82.07 5.72
CA MET Y 264 -15.40 -83.30 6.24
C MET Y 264 -14.84 -84.56 5.61
N VAL Y 265 -14.67 -85.59 6.46
CA VAL Y 265 -14.12 -86.87 6.01
C VAL Y 265 -14.86 -88.13 6.44
N ALA Y 266 -14.72 -89.18 5.63
CA ALA Y 266 -15.29 -90.50 5.91
C ALA Y 266 -14.50 -91.61 5.22
N VAL Y 267 -14.64 -92.85 5.71
CA VAL Y 267 -13.95 -93.98 5.08
C VAL Y 267 -14.95 -95.09 4.73
N PRO Y 268 -15.63 -95.01 3.56
CA PRO Y 268 -16.64 -95.92 3.11
C PRO Y 268 -16.26 -97.40 3.15
N ASP Y 269 -14.98 -97.77 2.96
CA ASP Y 269 -14.67 -99.21 3.01
C ASP Y 269 -14.03 -99.69 4.32
N LEU Y 270 -14.13 -98.93 5.42
CA LEU Y 270 -13.54 -99.46 6.65
C LEU Y 270 -14.52 -100.29 7.45
N MET Y 271 -15.55 -99.69 8.11
CA MET Y 271 -16.47 -100.55 8.86
C MET Y 271 -17.22 -101.48 7.94
N ALA Y 272 -17.47 -101.00 6.74
CA ALA Y 272 -18.22 -101.76 5.77
C ALA Y 272 -17.45 -103.00 5.31
N ALA Y 273 -16.15 -103.06 5.56
CA ALA Y 273 -15.37 -104.20 5.16
C ALA Y 273 -14.87 -104.96 6.38
N TYR Y 274 -15.49 -104.72 7.54
CA TYR Y 274 -15.05 -105.35 8.79
C TYR Y 274 -14.91 -106.88 8.66
N GLN Y 275 -15.78 -107.54 7.91
CA GLN Y 275 -15.62 -108.98 7.75
C GLN Y 275 -15.03 -109.39 6.41
N ARG Y 276 -15.44 -108.74 5.32
CA ARG Y 276 -14.93 -109.11 3.97
C ARG Y 276 -13.42 -108.86 3.88
N GLY Y 277 -12.87 -107.94 4.69
CA GLY Y 277 -11.48 -107.59 4.70
C GLY Y 277 -10.72 -108.32 5.81
N ALA Y 278 -11.37 -109.23 6.56
CA ALA Y 278 -10.77 -109.94 7.68
C ALA Y 278 -10.15 -108.99 8.70
N ILE Y 279 -10.89 -107.95 9.07
CA ILE Y 279 -10.46 -106.91 9.99
C ILE Y 279 -11.53 -106.58 11.02
N ASP Y 280 -11.98 -107.63 11.72
CA ASP Y 280 -13.13 -107.45 12.62
C ASP Y 280 -12.77 -107.27 14.09
N LEU Y 281 -13.68 -106.67 14.84
CA LEU Y 281 -13.61 -106.45 16.28
C LEU Y 281 -12.78 -105.28 16.76
N GLU Y 282 -11.46 -105.37 16.51
CA GLU Y 282 -10.49 -104.36 16.93
C GLU Y 282 -9.85 -103.60 15.78
N ALA Y 283 -9.72 -104.27 14.64
CA ALA Y 283 -9.00 -103.68 13.53
C ALA Y 283 -9.66 -102.42 13.03
N VAL Y 284 -10.99 -102.33 13.12
CA VAL Y 284 -11.64 -101.12 12.68
C VAL Y 284 -11.28 -99.95 13.58
N LYS Y 285 -11.32 -100.13 14.90
CA LYS Y 285 -10.99 -99.04 15.83
C LYS Y 285 -9.57 -98.57 15.61
N ALA Y 286 -8.69 -99.51 15.27
CA ALA Y 286 -7.28 -99.22 15.03
C ALA Y 286 -7.07 -98.19 13.93
N VAL Y 287 -8.05 -98.06 13.06
CA VAL Y 287 -7.98 -97.12 11.96
C VAL Y 287 -8.91 -95.93 12.21
N GLN Y 288 -10.13 -96.22 12.65
CA GLN Y 288 -11.18 -95.25 12.85
C GLN Y 288 -10.76 -94.16 13.85
N LEU Y 289 -9.99 -94.55 14.87
CA LEU Y 289 -9.49 -93.62 15.86
C LEU Y 289 -8.45 -92.67 15.24
N GLY Y 290 -7.77 -93.10 14.17
CA GLY Y 290 -6.78 -92.29 13.50
C GLY Y 290 -7.49 -91.18 12.78
N LEU Y 291 -8.61 -91.52 12.13
CA LEU Y 291 -9.36 -90.52 11.37
C LEU Y 291 -9.72 -89.37 12.31
N ILE Y 292 -10.15 -89.75 13.51
CA ILE Y 292 -10.54 -88.79 14.51
C ILE Y 292 -9.35 -87.98 15.00
N ALA Y 293 -8.23 -88.64 15.29
CA ALA Y 293 -7.06 -87.92 15.78
C ALA Y 293 -6.56 -86.91 14.78
N HIS Y 294 -6.60 -87.22 13.50
CA HIS Y 294 -6.08 -86.30 12.52
C HIS Y 294 -6.97 -85.09 12.44
N CYS Y 295 -8.27 -85.30 12.54
CA CYS Y 295 -9.19 -84.19 12.50
C CYS Y 295 -8.94 -83.27 13.68
N GLU Y 296 -8.71 -83.83 14.87
CA GLU Y 296 -8.44 -82.98 16.03
C GLU Y 296 -7.16 -82.18 15.86
N LEU Y 297 -6.13 -82.79 15.29
CA LEU Y 297 -4.88 -82.05 15.11
C LEU Y 297 -5.05 -80.87 14.17
N MET Y 298 -5.81 -81.05 13.09
CA MET Y 298 -6.09 -79.99 12.14
C MET Y 298 -7.07 -78.95 12.64
N GLY Y 299 -8.01 -79.38 13.46
CA GLY Y 299 -9.05 -78.54 14.03
C GLY Y 299 -10.19 -78.36 13.06
N ASP Y 300 -9.92 -77.76 11.92
CA ASP Y 300 -10.99 -77.53 10.98
C ASP Y 300 -11.26 -78.72 10.07
N ARG Y 301 -11.82 -79.77 10.65
CA ARG Y 301 -12.19 -80.96 9.90
C ARG Y 301 -13.01 -81.88 10.81
N VAL Y 302 -14.11 -82.42 10.31
CA VAL Y 302 -14.93 -83.34 11.12
C VAL Y 302 -15.12 -84.73 10.51
N ALA Y 303 -14.89 -85.74 11.35
CA ALA Y 303 -15.04 -87.14 10.99
C ALA Y 303 -16.45 -87.69 11.19
N ILE Y 304 -16.86 -88.51 10.25
CA ILE Y 304 -18.13 -89.20 10.31
C ILE Y 304 -17.85 -90.64 10.73
N ILE Y 305 -18.44 -91.09 11.84
CA ILE Y 305 -18.13 -92.42 12.34
C ILE Y 305 -19.13 -93.45 11.85
N ASP Y 306 -18.65 -94.46 11.16
CA ASP Y 306 -19.48 -95.52 10.64
C ASP Y 306 -19.75 -96.66 11.68
N PRO Y 307 -21.04 -96.95 12.03
CA PRO Y 307 -21.48 -97.99 12.95
C PRO Y 307 -21.42 -99.34 12.25
N PRO Y 308 -21.38 -100.47 12.99
CA PRO Y 308 -21.47 -101.82 12.46
C PRO Y 308 -22.82 -101.99 11.74
N PRO Y 309 -22.93 -102.87 10.73
CA PRO Y 309 -24.15 -103.17 9.96
C PRO Y 309 -25.39 -103.67 10.72
N ASN Y 310 -25.23 -104.31 11.88
CA ASN Y 310 -26.43 -104.82 12.54
C ASN Y 310 -26.39 -104.81 14.04
N GLN Y 311 -26.95 -103.78 14.64
CA GLN Y 311 -26.98 -103.71 16.09
C GLN Y 311 -28.32 -103.26 16.63
N ASN Y 312 -28.67 -103.84 17.76
CA ASN Y 312 -29.83 -103.48 18.56
C ASN Y 312 -29.54 -102.17 19.21
N ALA Y 313 -30.55 -101.38 19.55
CA ALA Y 313 -30.26 -100.11 20.19
C ALA Y 313 -29.39 -100.31 21.43
N ARG Y 314 -29.58 -101.42 22.14
CA ARG Y 314 -28.77 -101.69 23.31
C ARG Y 314 -27.31 -101.88 22.90
N GLN Y 315 -27.08 -102.50 21.74
CA GLN Y 315 -25.75 -102.80 21.24
C GLN Y 315 -25.11 -101.53 20.71
N ILE Y 316 -25.92 -100.64 20.12
CA ILE Y 316 -25.39 -99.39 19.61
C ILE Y 316 -24.84 -98.62 20.78
N ARG Y 317 -25.62 -98.56 21.87
CA ARG Y 317 -25.22 -97.86 23.08
C ARG Y 317 -24.03 -98.48 23.77
N VAL Y 318 -24.04 -99.79 23.97
CA VAL Y 318 -22.92 -100.41 24.65
C VAL Y 318 -21.66 -100.30 23.80
N TRP Y 319 -21.77 -100.49 22.51
CA TRP Y 319 -20.60 -100.37 21.71
C TRP Y 319 -20.04 -98.95 21.86
N ARG Y 320 -20.88 -97.93 21.66
CA ARG Y 320 -20.40 -96.58 21.81
C ARG Y 320 -19.92 -96.21 23.23
N GLN Y 321 -20.51 -96.76 24.29
CA GLN Y 321 -20.07 -96.40 25.63
C GLN Y 321 -18.97 -97.24 26.24
N GLU Y 322 -18.96 -98.55 25.98
CA GLU Y 322 -18.02 -99.44 26.63
C GLU Y 322 -16.97 -100.10 25.75
N THR Y 323 -17.26 -100.41 24.46
CA THR Y 323 -16.26 -101.19 23.72
C THR Y 323 -15.61 -100.41 22.60
N ALA Y 324 -16.25 -99.32 22.22
CA ALA Y 324 -15.82 -98.45 21.14
C ALA Y 324 -16.06 -97.01 21.50
N GLY Y 325 -15.45 -96.55 22.58
CA GLY Y 325 -15.64 -95.16 22.93
C GLY Y 325 -14.77 -94.32 22.00
N TYR Y 326 -15.21 -93.11 21.72
CA TYR Y 326 -14.47 -92.19 20.88
C TYR Y 326 -14.31 -90.84 21.60
N ASP Y 327 -15.47 -90.27 21.94
CA ASP Y 327 -15.65 -89.02 22.70
C ASP Y 327 -14.91 -87.78 22.16
N SER Y 328 -14.85 -87.63 20.84
CA SER Y 328 -14.17 -86.51 20.21
C SER Y 328 -15.03 -85.31 19.89
N LYS Y 329 -14.40 -84.14 19.82
CA LYS Y 329 -15.08 -82.90 19.48
C LYS Y 329 -15.13 -82.69 17.97
N TYR Y 330 -14.49 -83.60 17.26
CA TYR Y 330 -14.33 -83.57 15.83
C TYR Y 330 -15.00 -84.73 15.16
N ALA Y 331 -16.04 -85.28 15.80
CA ALA Y 331 -16.70 -86.42 15.23
C ALA Y 331 -18.12 -86.61 15.75
N ALA Y 332 -18.91 -87.36 14.97
CA ALA Y 332 -20.25 -87.76 15.41
C ALA Y 332 -20.64 -89.14 14.86
N LEU Y 333 -21.46 -89.86 15.66
CA LEU Y 333 -22.01 -91.19 15.33
C LEU Y 333 -23.53 -91.15 15.13
N TYR Y 334 -24.01 -91.99 14.20
CA TYR Y 334 -25.43 -92.17 13.86
C TYR Y 334 -25.88 -93.63 14.01
N TYR Y 335 -27.14 -93.83 14.40
CA TYR Y 335 -27.63 -95.21 14.74
C TYR Y 335 -27.77 -96.13 13.52
N PRO Y 336 -28.81 -96.00 12.66
CA PRO Y 336 -29.05 -96.98 11.59
C PRO Y 336 -28.39 -96.75 10.23
N TRP Y 337 -28.08 -97.84 9.53
CA TRP Y 337 -27.55 -97.71 8.15
C TRP Y 337 -28.71 -97.34 7.24
N ILE Y 338 -28.51 -97.35 5.92
CA ILE Y 338 -29.57 -96.93 5.02
C ILE Y 338 -29.60 -97.78 3.75
N LYS Y 339 -30.79 -98.26 3.41
CA LYS Y 339 -30.98 -99.07 2.23
C LYS Y 339 -31.06 -98.19 1.01
N SER Y 340 -30.38 -98.57 -0.06
CA SER Y 340 -30.39 -97.81 -1.31
C SER Y 340 -30.14 -98.66 -2.56
N PHE Y 341 -30.42 -98.10 -3.73
CA PHE Y 341 -30.25 -98.78 -5.01
C PHE Y 341 -28.85 -98.66 -5.60
N ASP Y 342 -28.31 -99.77 -6.11
CA ASP Y 342 -27.02 -99.84 -6.78
C ASP Y 342 -27.18 -100.42 -8.19
N PRO Y 343 -27.16 -99.60 -9.25
CA PRO Y 343 -27.39 -99.95 -10.64
C PRO Y 343 -26.52 -101.09 -11.15
N ALA Y 344 -25.36 -101.31 -10.52
CA ALA Y 344 -24.49 -102.37 -10.98
C ALA Y 344 -25.12 -103.74 -10.81
N THR Y 345 -25.90 -103.92 -9.72
CA THR Y 345 -26.49 -105.24 -9.48
C THR Y 345 -28.00 -105.23 -9.19
N GLY Y 346 -28.54 -104.08 -8.79
CA GLY Y 346 -29.94 -104.02 -8.36
C GLY Y 346 -30.15 -103.30 -7.02
N GLN Y 347 -31.31 -103.53 -6.42
CA GLN Y 347 -31.73 -102.88 -5.18
C GLN Y 347 -31.17 -103.46 -3.89
N SER Y 348 -30.49 -104.60 -3.96
CA SER Y 348 -30.04 -105.27 -2.74
C SER Y 348 -28.77 -104.69 -2.11
N ARG Y 349 -28.83 -103.46 -1.61
CA ARG Y 349 -27.65 -102.88 -0.98
C ARG Y 349 -27.90 -102.00 0.25
N LEU Y 350 -27.06 -102.20 1.27
CA LEU Y 350 -27.10 -101.34 2.45
C LEU Y 350 -25.80 -100.56 2.52
N VAL Y 351 -25.86 -99.31 2.97
CA VAL Y 351 -24.67 -98.47 3.09
C VAL Y 351 -24.66 -97.78 4.48
N PRO Y 352 -23.49 -97.57 5.11
CA PRO Y 352 -23.36 -96.85 6.36
C PRO Y 352 -23.95 -95.46 6.19
N PRO Y 353 -24.37 -94.79 7.27
CA PRO Y 353 -24.92 -93.45 7.27
C PRO Y 353 -23.81 -92.41 7.10
N SER Y 354 -23.20 -92.42 5.92
CA SER Y 354 -22.11 -91.52 5.56
C SER Y 354 -22.28 -91.17 4.08
N GLY Y 355 -21.58 -90.15 3.58
CA GLY Y 355 -21.70 -89.76 2.18
C GLY Y 355 -22.93 -88.87 1.99
N HIS Y 356 -24.07 -89.44 2.31
CA HIS Y 356 -25.35 -88.80 2.28
C HIS Y 356 -25.44 -87.73 3.34
N VAL Y 357 -24.86 -87.98 4.51
CA VAL Y 357 -24.94 -86.97 5.57
C VAL Y 357 -24.09 -85.79 5.18
N ALA Y 358 -22.96 -86.06 4.53
CA ALA Y 358 -22.07 -85.02 4.07
C ALA Y 358 -22.81 -84.18 3.03
N GLY Y 359 -23.61 -84.87 2.21
CA GLY Y 359 -24.43 -84.25 1.18
C GLY Y 359 -25.49 -83.31 1.78
N ILE Y 360 -26.02 -83.67 2.96
CA ILE Y 360 -27.00 -82.83 3.63
C ILE Y 360 -26.31 -81.59 4.15
N TRP Y 361 -25.15 -81.78 4.78
CA TRP Y 361 -24.45 -80.64 5.31
C TRP Y 361 -24.10 -79.69 4.18
N ALA Y 362 -23.62 -80.24 3.07
CA ALA Y 362 -23.25 -79.40 1.97
C ALA Y 362 -24.43 -78.61 1.43
N ARG Y 363 -25.61 -79.23 1.31
CA ARG Y 363 -26.76 -78.48 0.82
C ARG Y 363 -27.12 -77.36 1.75
N ASN Y 364 -27.19 -77.67 3.04
CA ASN Y 364 -27.62 -76.69 4.00
C ASN Y 364 -26.77 -75.47 4.01
N ASP Y 365 -25.48 -75.67 3.99
CA ASP Y 365 -24.63 -74.54 4.13
C ASP Y 365 -24.67 -73.74 2.85
N SER Y 366 -24.76 -74.43 1.71
CA SER Y 366 -24.77 -73.75 0.42
C SER Y 366 -25.98 -72.84 0.30
N GLU Y 367 -27.13 -73.28 0.78
CA GLU Y 367 -28.33 -72.46 0.69
C GLU Y 367 -28.61 -71.54 1.87
N ARG Y 368 -28.24 -71.94 3.10
CA ARG Y 368 -28.59 -71.15 4.27
C ARG Y 368 -27.46 -70.61 5.13
N GLY Y 369 -26.21 -70.95 4.86
CA GLY Y 369 -25.13 -70.52 5.73
C GLY Y 369 -24.99 -71.50 6.88
N VAL Y 370 -24.09 -71.22 7.81
CA VAL Y 370 -23.90 -72.16 8.90
C VAL Y 370 -24.40 -71.57 10.19
N HIS Y 371 -25.60 -71.96 10.60
CA HIS Y 371 -26.15 -71.37 11.80
C HIS Y 371 -26.73 -72.47 12.66
N LYS Y 372 -27.17 -73.50 11.97
CA LYS Y 372 -27.78 -74.68 12.57
C LYS Y 372 -27.31 -75.91 11.84
N ALA Y 373 -27.21 -77.02 12.53
CA ALA Y 373 -26.92 -78.27 11.88
C ALA Y 373 -28.24 -78.74 11.26
N PRO Y 374 -28.28 -79.08 9.97
CA PRO Y 374 -29.48 -79.44 9.24
C PRO Y 374 -29.99 -80.83 9.48
N ALA Y 375 -30.36 -81.14 10.70
CA ALA Y 375 -30.89 -82.48 10.88
C ALA Y 375 -32.22 -82.61 10.12
N ASN Y 376 -33.02 -81.55 10.19
CA ASN Y 376 -34.35 -81.59 9.60
C ASN Y 376 -34.36 -81.26 8.11
N GLU Y 377 -33.82 -82.18 7.33
CA GLU Y 377 -33.71 -82.12 5.88
C GLU Y 377 -33.83 -83.54 5.33
N VAL Y 378 -34.28 -83.66 4.09
CA VAL Y 378 -34.47 -84.97 3.46
C VAL Y 378 -33.28 -85.53 2.70
N VAL Y 379 -33.03 -86.81 2.97
CA VAL Y 379 -31.97 -87.51 2.30
C VAL Y 379 -32.48 -88.00 0.96
N ARG Y 380 -31.83 -87.59 -0.14
CA ARG Y 380 -32.32 -88.04 -1.43
C ARG Y 380 -31.52 -89.22 -1.92
N GLY Y 381 -32.22 -90.20 -2.48
CA GLY Y 381 -31.62 -91.41 -3.02
C GLY Y 381 -31.80 -92.56 -2.04
N ALA Y 382 -32.18 -92.24 -0.82
CA ALA Y 382 -32.44 -93.23 0.21
C ALA Y 382 -33.71 -93.98 -0.12
N VAL Y 383 -33.75 -95.26 0.21
CA VAL Y 383 -34.95 -96.05 0.01
C VAL Y 383 -35.61 -96.40 1.33
N ASP Y 384 -34.82 -96.94 2.28
CA ASP Y 384 -35.42 -97.34 3.55
C ASP Y 384 -34.41 -97.32 4.71
N LEU Y 385 -34.89 -97.62 5.93
CA LEU Y 385 -34.03 -97.64 7.11
C LEU Y 385 -34.03 -99.00 7.80
N GLU Y 386 -32.83 -99.50 8.12
CA GLU Y 386 -32.69 -100.81 8.77
C GLU Y 386 -33.22 -100.88 10.21
N LEU Y 387 -33.08 -99.80 10.95
CA LEU Y 387 -33.54 -99.78 12.33
C LEU Y 387 -34.75 -98.91 12.45
N GLN Y 388 -35.69 -99.30 13.30
CA GLN Y 388 -36.81 -98.41 13.54
C GLN Y 388 -36.59 -97.75 14.89
N ILE Y 389 -36.83 -96.47 14.94
CA ILE Y 389 -36.61 -95.71 16.14
C ILE Y 389 -37.89 -95.06 16.64
N THR Y 390 -38.16 -95.23 17.92
CA THR Y 390 -39.34 -94.67 18.58
C THR Y 390 -39.02 -93.65 19.65
N ARG Y 391 -40.06 -93.09 20.26
CA ARG Y 391 -39.89 -92.03 21.26
C ARG Y 391 -39.02 -92.46 22.45
N GLY Y 392 -39.15 -93.71 22.86
CA GLY Y 392 -38.37 -94.20 24.00
C GLY Y 392 -36.89 -94.35 23.62
N GLU Y 393 -36.61 -94.46 22.32
CA GLU Y 393 -35.27 -94.63 21.88
C GLU Y 393 -34.63 -93.27 21.95
N GLN Y 394 -35.40 -92.23 21.63
CA GLN Y 394 -34.85 -90.88 21.65
C GLN Y 394 -34.34 -90.56 23.08
N ASP Y 395 -35.08 -91.01 24.09
CA ASP Y 395 -34.61 -90.80 25.46
C ASP Y 395 -33.37 -91.63 25.79
N LEU Y 396 -33.22 -92.79 25.16
CA LEU Y 396 -32.03 -93.59 25.41
C LEU Y 396 -30.79 -93.02 24.69
N LEU Y 397 -30.96 -92.61 23.44
CA LEU Y 397 -29.86 -92.13 22.60
C LEU Y 397 -29.39 -90.68 22.76
N ASN Y 398 -30.27 -89.75 23.12
CA ASN Y 398 -29.80 -88.37 23.21
C ASN Y 398 -28.65 -88.20 24.21
N PRO Y 399 -28.71 -88.77 25.43
CA PRO Y 399 -27.70 -88.69 26.47
C PRO Y 399 -26.35 -89.30 26.10
N ILE Y 400 -26.29 -90.10 25.02
CA ILE Y 400 -25.03 -90.70 24.66
C ILE Y 400 -24.47 -90.03 23.41
N GLY Y 401 -25.21 -89.05 22.90
CA GLY Y 401 -24.76 -88.30 21.75
C GLY Y 401 -24.84 -89.05 20.44
N VAL Y 402 -25.70 -90.05 20.32
CA VAL Y 402 -25.69 -90.77 19.05
C VAL Y 402 -26.94 -90.38 18.34
N ASN Y 403 -26.78 -89.84 17.15
CA ASN Y 403 -27.92 -89.28 16.45
C ASN Y 403 -28.80 -90.30 15.76
N CYS Y 404 -30.10 -90.07 15.89
CA CYS Y 404 -31.04 -90.92 15.21
C CYS Y 404 -31.55 -90.31 13.94
N ILE Y 405 -31.81 -91.20 12.99
CA ILE Y 405 -32.34 -90.93 11.67
C ILE Y 405 -33.68 -91.63 11.57
N ARG Y 406 -34.71 -90.93 11.14
CA ARG Y 406 -36.04 -91.51 11.09
C ARG Y 406 -36.84 -91.23 9.82
N SER Y 407 -37.76 -92.14 9.50
CA SER Y 407 -38.69 -91.97 8.41
C SER Y 407 -40.00 -91.47 8.99
N PHE Y 408 -40.42 -90.28 8.59
CA PHE Y 408 -41.63 -89.71 9.15
C PHE Y 408 -42.77 -89.69 8.13
N PRO Y 409 -43.99 -90.10 8.49
CA PRO Y 409 -45.12 -89.99 7.60
C PRO Y 409 -45.29 -88.53 7.29
N GLY Y 410 -45.41 -88.20 6.01
CA GLY Y 410 -45.62 -86.82 5.58
C GLY Y 410 -44.33 -85.98 5.49
N ARG Y 411 -43.20 -86.54 5.92
CA ARG Y 411 -41.94 -85.80 5.90
C ARG Y 411 -40.76 -86.54 5.20
N GLY Y 412 -40.76 -87.88 5.21
CA GLY Y 412 -39.68 -88.66 4.58
C GLY Y 412 -38.50 -88.93 5.50
N ILE Y 413 -37.36 -89.32 4.91
CA ILE Y 413 -36.22 -89.68 5.74
C ILE Y 413 -35.40 -88.47 6.04
N ARG Y 414 -35.34 -88.16 7.33
CA ARG Y 414 -34.67 -86.99 7.85
C ARG Y 414 -33.86 -87.37 9.07
N VAL Y 415 -32.89 -86.56 9.42
CA VAL Y 415 -32.11 -86.81 10.59
C VAL Y 415 -32.86 -86.10 11.69
N TRP Y 416 -33.04 -86.71 12.83
CA TRP Y 416 -33.77 -85.99 13.84
C TRP Y 416 -32.82 -85.26 14.78
N GLY Y 417 -31.79 -85.96 15.26
CA GLY Y 417 -30.87 -85.33 16.23
C GLY Y 417 -29.68 -84.59 15.60
N ALA Y 418 -29.04 -83.71 16.37
CA ALA Y 418 -27.83 -83.02 15.90
C ALA Y 418 -26.81 -82.82 17.03
N ARG Y 419 -26.52 -83.88 17.76
CA ARG Y 419 -25.64 -83.80 18.92
C ARG Y 419 -24.20 -84.17 18.56
N THR Y 420 -23.27 -83.62 19.32
CA THR Y 420 -21.86 -83.93 19.19
C THR Y 420 -21.53 -85.18 19.96
N LEU Y 421 -20.36 -85.73 19.70
CA LEU Y 421 -19.92 -86.94 20.36
C LEU Y 421 -19.27 -86.71 21.73
N SER Y 422 -18.60 -85.58 21.86
CA SER Y 422 -17.87 -85.21 23.07
C SER Y 422 -18.77 -84.92 24.24
N SER Y 423 -18.28 -85.25 25.43
CA SER Y 423 -18.97 -85.00 26.69
C SER Y 423 -18.81 -83.56 27.16
N ASP Y 424 -17.93 -82.80 26.49
CA ASP Y 424 -17.62 -81.43 26.86
C ASP Y 424 -18.82 -80.52 26.56
N PRO Y 425 -19.47 -79.94 27.59
CA PRO Y 425 -20.70 -79.17 27.52
C PRO Y 425 -20.56 -77.91 26.69
N ALA Y 426 -19.32 -77.48 26.45
CA ALA Y 426 -19.09 -76.30 25.65
C ALA Y 426 -19.60 -76.55 24.24
N TRP Y 427 -19.54 -77.79 23.78
CA TRP Y 427 -19.98 -78.12 22.44
C TRP Y 427 -20.90 -79.30 22.48
N ARG Y 428 -22.13 -79.10 22.94
CA ARG Y 428 -23.10 -80.18 22.98
C ARG Y 428 -23.68 -80.40 21.60
N TYR Y 429 -23.76 -79.32 20.82
CA TYR Y 429 -24.39 -79.38 19.52
C TYR Y 429 -23.46 -79.04 18.37
N LEU Y 430 -23.79 -79.66 17.25
CA LEU Y 430 -23.08 -79.48 16.01
C LEU Y 430 -23.21 -78.05 15.53
N ASN Y 431 -24.37 -77.43 15.78
CA ASN Y 431 -24.61 -76.05 15.29
C ASN Y 431 -23.41 -75.15 15.61
N ILE Y 432 -22.92 -75.18 16.85
CA ILE Y 432 -21.82 -74.26 17.27
C ILE Y 432 -20.47 -74.77 16.78
N ARG Y 433 -20.19 -76.08 16.89
CA ARG Y 433 -18.84 -76.42 16.52
C ARG Y 433 -18.62 -76.10 15.03
N ARG Y 434 -19.66 -76.34 14.21
CA ARG Y 434 -19.58 -76.08 12.79
C ARG Y 434 -19.38 -74.61 12.47
N TYR Y 435 -20.10 -73.75 13.18
CA TYR Y 435 -19.99 -72.32 12.95
C TYR Y 435 -18.59 -71.83 13.30
N PHE Y 436 -18.04 -72.31 14.41
CA PHE Y 436 -16.72 -71.84 14.75
C PHE Y 436 -15.69 -72.27 13.71
N ASN Y 437 -15.78 -73.48 13.16
CA ASN Y 437 -14.80 -73.82 12.12
C ASN Y 437 -14.95 -72.93 10.91
N TYR Y 438 -16.18 -72.59 10.56
CA TYR Y 438 -16.40 -71.69 9.45
C TYR Y 438 -15.69 -70.38 9.66
N LEU Y 439 -15.88 -69.80 10.85
CA LEU Y 439 -15.28 -68.53 11.15
C LEU Y 439 -13.76 -68.59 11.15
N GLU Y 440 -13.17 -69.66 11.64
CA GLU Y 440 -11.72 -69.68 11.65
C GLU Y 440 -11.16 -69.59 10.25
N GLU Y 441 -11.78 -70.27 9.30
CA GLU Y 441 -11.27 -70.17 7.94
C GLU Y 441 -11.54 -68.77 7.39
N SER Y 442 -12.72 -68.23 7.69
CA SER Y 442 -13.13 -66.94 7.17
C SER Y 442 -12.16 -65.83 7.57
N ILE Y 443 -11.70 -65.87 8.82
CA ILE Y 443 -10.79 -64.85 9.27
C ILE Y 443 -9.35 -65.15 8.85
N LEU Y 444 -8.88 -66.38 9.04
CA LEU Y 444 -7.49 -66.63 8.76
C LEU Y 444 -7.11 -66.44 7.30
N ILE Y 445 -8.00 -66.79 6.38
CA ILE Y 445 -7.71 -66.66 4.97
C ILE Y 445 -7.52 -65.20 4.56
N GLY Y 446 -8.02 -64.26 5.35
CA GLY Y 446 -7.94 -62.86 5.04
C GLY Y 446 -6.74 -62.15 5.65
N THR Y 447 -5.84 -62.85 6.35
CA THR Y 447 -4.74 -62.12 6.97
C THR Y 447 -3.40 -62.37 6.27
N GLN Y 448 -2.91 -61.32 5.63
CA GLN Y 448 -1.68 -61.32 4.84
C GLN Y 448 -0.45 -60.95 5.65
N TRP Y 449 -0.65 -60.61 6.90
CA TRP Y 449 0.42 -60.11 7.75
C TRP Y 449 1.24 -61.22 8.39
N VAL Y 450 1.97 -61.88 7.52
CA VAL Y 450 2.85 -63.01 7.76
C VAL Y 450 4.17 -62.62 7.17
N VAL Y 451 5.27 -63.17 7.73
CA VAL Y 451 6.63 -62.75 7.27
C VAL Y 451 6.45 -61.30 6.85
N PHE Y 452 6.12 -60.42 7.79
CA PHE Y 452 5.92 -59.00 7.47
C PHE Y 452 7.04 -58.11 7.97
N GLU Y 453 6.73 -56.84 8.18
CA GLU Y 453 7.70 -55.86 8.65
C GLU Y 453 7.80 -55.79 10.17
N PRO Y 454 8.19 -54.62 10.69
CA PRO Y 454 8.34 -54.37 12.12
C PRO Y 454 7.03 -54.44 12.90
N ASN Y 455 7.10 -55.04 14.08
CA ASN Y 455 5.93 -55.17 14.97
C ASN Y 455 5.51 -53.85 15.58
N ASP Y 456 4.96 -53.01 14.73
CA ASP Y 456 4.47 -51.70 15.08
C ASP Y 456 3.07 -51.78 15.65
N HIS Y 457 2.71 -50.83 16.50
CA HIS Y 457 1.30 -50.79 17.00
C HIS Y 457 0.38 -50.56 15.80
N ASN Y 458 0.90 -50.00 14.71
CA ASN Y 458 0.13 -49.73 13.54
C ASN Y 458 -0.42 -51.04 13.00
N LEU Y 459 0.28 -52.16 13.19
CA LEU Y 459 -0.22 -53.42 12.68
C LEU Y 459 -1.32 -53.86 13.59
N TRP Y 460 -1.20 -53.52 14.86
CA TRP Y 460 -2.22 -53.92 15.82
C TRP Y 460 -3.51 -53.24 15.40
N ALA Y 461 -3.41 -51.95 15.05
CA ALA Y 461 -4.59 -51.25 14.60
C ALA Y 461 -5.17 -51.87 13.34
N ARG Y 462 -4.32 -52.30 12.43
CA ARG Y 462 -4.83 -52.86 11.20
C ARG Y 462 -5.61 -54.14 11.43
N ILE Y 463 -5.13 -55.00 12.32
CA ILE Y 463 -5.85 -56.23 12.54
C ILE Y 463 -7.13 -55.98 13.30
N ARG Y 464 -7.14 -55.04 14.25
CA ARG Y 464 -8.37 -54.81 14.96
C ARG Y 464 -9.47 -54.42 14.00
N ARG Y 465 -9.13 -53.58 13.02
CA ARG Y 465 -10.18 -53.17 12.12
C ARG Y 465 -10.63 -54.28 11.20
N ASN Y 466 -9.74 -55.11 10.68
CA ASN Y 466 -10.29 -56.11 9.78
C ASN Y 466 -11.20 -57.10 10.48
N VAL Y 467 -10.87 -57.44 11.72
CA VAL Y 467 -11.69 -58.41 12.42
C VAL Y 467 -13.03 -57.80 12.76
N SER Y 468 -13.01 -56.58 13.26
CA SER Y 468 -14.25 -55.92 13.62
C SER Y 468 -15.14 -55.73 12.40
N ALA Y 469 -14.58 -55.30 11.27
CA ALA Y 469 -15.43 -55.09 10.10
C ALA Y 469 -16.11 -56.40 9.70
N PHE Y 470 -15.40 -57.52 9.79
CA PHE Y 470 -16.04 -58.77 9.47
C PHE Y 470 -17.20 -59.05 10.39
N LEU Y 471 -16.95 -58.93 11.68
CA LEU Y 471 -17.93 -59.26 12.68
C LEU Y 471 -19.10 -58.32 12.71
N VAL Y 472 -18.93 -57.05 12.34
CA VAL Y 472 -20.11 -56.22 12.42
C VAL Y 472 -21.08 -56.63 11.35
N ASN Y 473 -20.60 -56.97 10.17
CA ASN Y 473 -21.52 -57.36 9.14
C ASN Y 473 -22.16 -58.68 9.48
N GLU Y 474 -21.39 -59.57 10.08
CA GLU Y 474 -21.89 -60.87 10.41
C GLU Y 474 -22.89 -60.85 11.56
N TRP Y 475 -22.55 -60.23 12.69
CA TRP Y 475 -23.49 -60.30 13.86
C TRP Y 475 -24.86 -59.74 13.48
N ARG Y 476 -24.92 -58.79 12.56
CA ARG Y 476 -26.11 -58.10 12.17
C ARG Y 476 -27.07 -58.96 11.36
N ASN Y 477 -26.52 -60.01 10.77
CA ASN Y 477 -27.27 -60.94 9.97
C ASN Y 477 -27.85 -61.93 10.94
N GLY Y 478 -28.59 -62.94 10.50
CA GLY Y 478 -29.13 -63.90 11.46
C GLY Y 478 -28.03 -64.86 11.93
N ALA Y 479 -27.06 -64.32 12.67
CA ALA Y 479 -25.87 -65.03 13.07
C ALA Y 479 -25.58 -64.92 14.55
N LEU Y 480 -25.40 -63.71 15.10
CA LEU Y 480 -25.03 -63.65 16.51
C LEU Y 480 -26.11 -63.04 17.33
N PHE Y 481 -26.21 -63.47 18.56
CA PHE Y 481 -27.11 -62.85 19.48
C PHE Y 481 -26.65 -61.46 19.78
N GLY Y 482 -27.56 -60.50 19.81
CA GLY Y 482 -27.16 -59.17 20.18
C GLY Y 482 -28.33 -58.25 20.03
N GLN Y 483 -28.19 -56.95 20.33
CA GLN Y 483 -29.27 -55.94 20.08
C GLN Y 483 -28.49 -54.75 19.57
N SER Y 484 -27.18 -54.87 19.65
CA SER Y 484 -26.17 -53.94 19.26
C SER Y 484 -24.94 -54.79 19.14
N PRO Y 485 -23.95 -54.45 18.29
CA PRO Y 485 -22.66 -55.08 18.18
C PRO Y 485 -21.96 -55.02 19.54
N ASP Y 486 -22.39 -54.06 20.38
CA ASP Y 486 -21.84 -53.86 21.69
C ASP Y 486 -21.96 -55.12 22.54
N GLN Y 487 -23.02 -55.91 22.35
CA GLN Y 487 -23.14 -57.13 23.11
C GLN Y 487 -22.76 -58.30 22.24
N ALA Y 488 -23.00 -58.17 20.93
CA ALA Y 488 -22.80 -59.31 20.07
C ALA Y 488 -21.36 -59.79 19.99
N TYR Y 489 -20.37 -58.89 19.97
CA TYR Y 489 -19.00 -59.38 19.86
C TYR Y 489 -17.97 -58.41 20.40
N TYR Y 490 -16.74 -58.88 20.61
CA TYR Y 490 -15.68 -57.97 21.06
C TYR Y 490 -14.27 -58.31 20.55
N VAL Y 491 -13.52 -57.28 20.13
CA VAL Y 491 -12.15 -57.44 19.64
C VAL Y 491 -11.14 -56.55 20.38
N LYS Y 492 -10.04 -57.14 20.86
CA LYS Y 492 -9.01 -56.36 21.56
C LYS Y 492 -7.57 -56.67 21.11
N CYS Y 493 -6.76 -55.62 20.97
CA CYS Y 493 -5.35 -55.80 20.62
C CYS Y 493 -4.53 -54.55 20.98
N ASP Y 494 -3.88 -54.61 22.13
CA ASP Y 494 -3.10 -53.51 22.69
C ASP Y 494 -1.94 -54.08 23.52
N GLU Y 495 -1.22 -53.22 24.25
CA GLU Y 495 -0.02 -53.58 25.01
C GLU Y 495 -0.22 -54.63 26.11
N GLU Y 496 -1.45 -54.85 26.56
CA GLU Y 496 -1.67 -55.85 27.61
C GLU Y 496 -1.93 -57.22 27.00
N THR Y 497 -2.00 -57.23 25.66
CA THR Y 497 -2.25 -58.41 24.84
C THR Y 497 -0.97 -58.72 24.08
N ASN Y 498 -0.21 -57.65 23.82
CA ASN Y 498 1.05 -57.66 23.09
C ASN Y 498 2.14 -56.97 23.91
N PRO Y 499 2.71 -57.68 24.90
CA PRO Y 499 3.65 -57.18 25.89
C PRO Y 499 4.86 -56.59 25.15
N PRO Y 500 5.55 -55.61 25.78
CA PRO Y 500 6.66 -54.83 25.26
C PRO Y 500 7.87 -55.64 24.85
N GLU Y 501 8.00 -56.87 25.34
CA GLU Y 501 9.13 -57.66 24.95
C GLU Y 501 9.14 -57.85 23.44
N SER Y 502 7.96 -58.01 22.82
CA SER Y 502 7.87 -58.18 21.38
C SER Y 502 8.88 -59.18 20.80
N VAL Y 503 8.96 -60.36 21.38
CA VAL Y 503 9.91 -61.31 20.83
C VAL Y 503 9.18 -62.37 20.07
N ASP Y 504 9.22 -62.26 18.75
CA ASP Y 504 8.57 -63.14 17.79
C ASP Y 504 7.05 -63.20 17.91
N LEU Y 505 6.55 -63.68 19.04
CA LEU Y 505 5.13 -63.92 19.22
C LEU Y 505 4.37 -62.72 19.72
N GLY Y 506 4.34 -61.74 18.85
CA GLY Y 506 3.59 -60.52 19.04
C GLY Y 506 2.39 -60.73 18.16
N ARG Y 507 1.68 -59.67 17.80
CA ARG Y 507 0.50 -59.82 16.93
C ARG Y 507 -0.56 -60.74 17.52
N VAL Y 508 -0.81 -60.59 18.81
CA VAL Y 508 -1.82 -61.36 19.51
C VAL Y 508 -3.13 -60.60 19.55
N VAL Y 509 -4.22 -61.26 19.21
CA VAL Y 509 -5.52 -60.64 19.23
C VAL Y 509 -6.47 -61.43 20.11
N CYS Y 510 -7.16 -60.75 21.01
CA CYS Y 510 -8.12 -61.41 21.87
C CYS Y 510 -9.51 -61.21 21.30
N GLU Y 511 -10.28 -62.29 21.22
CA GLU Y 511 -11.63 -62.21 20.60
C GLU Y 511 -12.70 -62.57 21.62
N ILE Y 512 -13.66 -61.66 21.85
CA ILE Y 512 -14.74 -61.91 22.84
C ILE Y 512 -16.08 -61.63 22.16
N GLY Y 513 -17.18 -61.53 22.93
CA GLY Y 513 -18.51 -61.31 22.34
C GLY Y 513 -19.29 -62.60 22.24
N ILE Y 514 -18.60 -63.75 22.34
CA ILE Y 514 -19.26 -65.08 22.29
C ILE Y 514 -18.86 -65.86 23.55
N ALA Y 515 -19.80 -66.60 24.15
CA ALA Y 515 -19.51 -67.33 25.41
C ALA Y 515 -18.20 -68.11 25.26
N PRO Y 516 -18.01 -68.95 24.22
CA PRO Y 516 -16.73 -69.64 24.01
C PRO Y 516 -15.71 -68.65 23.43
N VAL Y 517 -15.11 -67.83 24.29
CA VAL Y 517 -14.12 -66.81 23.84
C VAL Y 517 -12.86 -67.52 23.35
N LYS Y 518 -11.93 -66.77 22.74
CA LYS Y 518 -10.67 -67.35 22.25
C LYS Y 518 -9.53 -66.43 22.66
N MET Z 1 -40.27 -44.63 21.27
CA MET Z 1 -41.61 -44.49 21.86
C MET Z 1 -41.61 -44.08 23.37
N SER Z 2 -40.47 -43.52 23.87
CA SER Z 2 -40.31 -43.08 25.27
C SER Z 2 -41.02 -41.77 25.59
N LEU Z 3 -41.38 -41.03 24.55
CA LEU Z 3 -42.09 -39.79 24.75
C LEU Z 3 -43.54 -40.11 24.46
N PRO Z 4 -44.52 -39.45 25.09
CA PRO Z 4 -45.93 -39.59 24.79
C PRO Z 4 -46.27 -38.77 23.56
N LYS Z 5 -45.57 -39.07 22.49
CA LYS Z 5 -45.70 -38.42 21.23
C LYS Z 5 -45.32 -39.53 20.24
N PRO Z 6 -46.11 -40.64 20.22
CA PRO Z 6 -45.83 -41.91 19.56
C PRO Z 6 -46.05 -41.93 18.07
N GLU Z 7 -45.20 -41.30 17.31
CA GLU Z 7 -45.44 -41.30 15.88
C GLU Z 7 -44.50 -42.25 15.14
N ASP Z 8 -44.96 -43.47 14.80
CA ASP Z 8 -44.06 -44.39 14.13
C ASP Z 8 -43.62 -43.86 12.79
N VAL Z 9 -42.31 -43.83 12.57
CA VAL Z 9 -41.77 -43.38 11.25
C VAL Z 9 -41.29 -44.63 10.53
N LEU Z 10 -41.07 -44.57 9.22
CA LEU Z 10 -40.62 -45.79 8.63
C LEU Z 10 -39.32 -46.21 9.28
N VAL Z 11 -39.32 -47.41 9.78
CA VAL Z 11 -38.16 -48.00 10.39
C VAL Z 11 -37.72 -49.12 9.50
N ALA Z 12 -38.67 -49.97 9.13
CA ALA Z 12 -38.39 -51.05 8.21
C ALA Z 12 -39.65 -51.64 7.62
N PRO Z 13 -39.63 -52.06 6.35
CA PRO Z 13 -40.62 -52.86 5.69
C PRO Z 13 -40.33 -54.27 6.12
N ASN Z 14 -40.48 -54.51 7.44
CA ASN Z 14 -40.12 -55.83 8.02
C ASN Z 14 -41.21 -56.83 7.69
N PHE Z 15 -40.91 -57.77 6.79
CA PHE Z 15 -41.93 -58.74 6.40
C PHE Z 15 -41.51 -60.19 6.65
N GLY Z 16 -42.17 -60.86 7.59
CA GLY Z 16 -41.84 -62.22 8.02
C GLY Z 16 -42.64 -63.27 7.25
N ILE Z 17 -41.97 -64.01 6.39
CA ILE Z 17 -42.66 -64.97 5.54
C ILE Z 17 -41.93 -66.31 5.61
N GLN Z 18 -42.52 -67.40 5.10
CA GLN Z 18 -41.87 -68.73 5.15
C GLN Z 18 -40.77 -68.88 4.08
N ILE Z 19 -40.73 -67.94 3.18
CA ILE Z 19 -39.82 -67.81 2.05
C ILE Z 19 -38.65 -66.91 2.41
N ASP Z 20 -37.43 -67.27 2.04
CA ASP Z 20 -36.30 -66.40 2.40
C ASP Z 20 -36.17 -65.21 1.45
N GLY Z 21 -37.14 -64.32 1.57
CA GLY Z 21 -37.33 -63.12 0.80
C GLY Z 21 -36.54 -61.98 1.40
N VAL Z 22 -35.22 -62.14 1.45
CA VAL Z 22 -34.30 -61.17 2.05
C VAL Z 22 -34.18 -59.81 1.37
N MET Z 23 -34.25 -59.76 0.05
CA MET Z 23 -34.03 -58.50 -0.63
C MET Z 23 -35.26 -57.61 -0.68
N VAL Z 24 -35.64 -57.05 0.44
CA VAL Z 24 -36.90 -56.29 0.50
C VAL Z 24 -36.77 -54.78 0.39
N GLU Z 25 -37.54 -54.19 -0.54
CA GLU Z 25 -37.52 -52.75 -0.59
C GLU Z 25 -38.81 -52.21 0.00
N TYR Z 26 -39.96 -52.65 -0.52
CA TYR Z 26 -41.17 -51.98 0.02
C TYR Z 26 -42.50 -52.71 -0.12
N LEU Z 27 -43.39 -52.48 0.85
CA LEU Z 27 -44.75 -52.99 0.90
C LEU Z 27 -45.73 -51.86 0.60
N ASN Z 28 -46.76 -52.14 -0.20
CA ASN Z 28 -47.78 -51.13 -0.50
C ASN Z 28 -49.19 -51.75 -0.66
N SER Z 29 -50.18 -50.89 -0.92
CA SER Z 29 -51.60 -51.23 -1.09
C SER Z 29 -52.24 -52.03 0.05
N VAL Z 30 -52.06 -51.59 1.29
CA VAL Z 30 -52.66 -52.29 2.42
C VAL Z 30 -53.83 -51.55 3.05
N SER Z 31 -55.01 -52.19 3.06
CA SER Z 31 -56.21 -51.58 3.63
C SER Z 31 -57.22 -52.60 4.19
N ASN Z 32 -57.99 -52.12 5.17
CA ASN Z 32 -59.08 -52.81 5.85
C ASN Z 32 -60.43 -52.25 5.39
N LEU Z 33 -61.18 -53.02 4.60
CA LEU Z 33 -62.44 -52.52 4.07
C LEU Z 33 -63.68 -53.28 4.57
N GLN Z 34 -64.75 -52.51 4.79
CA GLN Z 34 -66.03 -53.04 5.22
C GLN Z 34 -67.05 -52.51 4.21
N ILE Z 35 -67.92 -53.37 3.70
CA ILE Z 35 -68.88 -52.96 2.69
C ILE Z 35 -70.13 -52.26 3.21
N GLU Z 36 -70.39 -51.06 2.70
CA GLU Z 36 -71.58 -50.30 3.09
C GLU Z 36 -72.86 -50.71 2.38
N GLN Z 37 -73.99 -50.82 3.10
CA GLN Z 37 -75.28 -51.00 2.42
C GLN Z 37 -76.09 -49.73 2.58
N ASP Z 38 -76.80 -49.33 1.51
CA ASP Z 38 -77.54 -48.08 1.52
C ASP Z 38 -79.02 -48.19 1.16
N VAL Z 39 -79.92 -48.05 2.12
CA VAL Z 39 -81.35 -48.14 1.84
C VAL Z 39 -82.13 -46.91 2.29
N ILE Z 40 -82.91 -46.31 1.40
CA ILE Z 40 -83.70 -45.17 1.83
C ILE Z 40 -85.12 -45.63 2.04
N ARG Z 41 -85.59 -45.42 3.24
CA ARG Z 41 -86.92 -45.82 3.61
C ARG Z 41 -87.83 -44.62 3.43
N TYR Z 42 -88.99 -44.87 2.84
CA TYR Z 42 -89.98 -43.82 2.57
C TYR Z 42 -90.70 -43.23 3.81
N GLN Z 43 -91.60 -42.30 3.58
CA GLN Z 43 -92.32 -41.69 4.68
C GLN Z 43 -93.11 -42.77 5.39
N GLN Z 44 -92.96 -42.83 6.71
CA GLN Z 44 -93.63 -43.84 7.50
C GLN Z 44 -94.99 -43.33 7.88
N ASN Z 45 -95.84 -43.15 6.87
CA ASN Z 45 -97.22 -42.65 7.09
C ASN Z 45 -97.31 -41.45 8.00
N GLN Z 46 -96.46 -40.47 7.77
CA GLN Z 46 -96.41 -39.28 8.60
C GLN Z 46 -95.89 -38.11 7.81
N GLY Z 47 -96.10 -36.90 8.30
CA GLY Z 47 -95.63 -35.69 7.61
C GLY Z 47 -94.14 -35.39 7.79
N THR Z 48 -93.29 -36.33 7.43
CA THR Z 48 -91.84 -36.19 7.55
C THR Z 48 -91.17 -36.65 6.27
N THR Z 49 -89.86 -36.54 6.27
CA THR Z 49 -89.04 -37.00 5.18
C THR Z 49 -88.81 -38.46 5.41
N GLY Z 50 -88.21 -39.11 4.43
CA GLY Z 50 -87.86 -40.49 4.59
C GLY Z 50 -86.55 -40.48 5.35
N ARG Z 51 -85.96 -41.66 5.52
CA ARG Z 51 -84.72 -41.80 6.27
C ARG Z 51 -83.68 -42.64 5.57
N ASN Z 52 -82.43 -42.32 5.81
CA ASN Z 52 -81.36 -43.06 5.18
C ASN Z 52 -80.80 -44.11 6.10
N ASN Z 53 -81.05 -45.36 5.80
CA ASN Z 53 -80.53 -46.35 6.70
C ASN Z 53 -79.14 -46.63 6.22
N VAL Z 54 -78.21 -45.98 6.90
CA VAL Z 54 -76.82 -46.00 6.53
C VAL Z 54 -76.02 -46.78 7.54
N THR Z 55 -76.71 -47.55 8.37
CA THR Z 55 -76.07 -48.32 9.44
C THR Z 55 -76.06 -49.81 9.13
N LEU Z 56 -76.40 -50.13 7.91
CA LEU Z 56 -76.47 -51.49 7.43
C LEU Z 56 -75.04 -52.00 7.21
N MET Z 57 -74.76 -53.22 7.70
CA MET Z 57 -73.42 -53.80 7.68
C MET Z 57 -73.13 -55.10 6.93
N PRO Z 58 -72.86 -55.05 5.63
CA PRO Z 58 -72.41 -56.15 4.78
C PRO Z 58 -71.02 -56.56 5.23
N GLY Z 59 -70.49 -57.64 4.64
CA GLY Z 59 -69.19 -58.18 5.02
C GLY Z 59 -68.03 -57.34 4.49
N VAL Z 60 -66.88 -57.97 4.31
CA VAL Z 60 -65.69 -57.21 3.96
C VAL Z 60 -65.09 -57.61 2.63
N ALA Z 61 -64.28 -56.72 2.09
CA ALA Z 61 -63.65 -56.99 0.81
C ALA Z 61 -62.32 -57.71 0.95
N LYS Z 62 -62.05 -58.56 -0.02
CA LYS Z 62 -60.77 -59.25 -0.20
C LYS Z 62 -59.88 -58.30 -0.98
N ASP Z 63 -58.56 -58.45 -0.87
CA ASP Z 63 -57.64 -57.57 -1.57
C ASP Z 63 -56.26 -58.20 -1.72
N GLY Z 64 -55.35 -57.47 -2.36
CA GLY Z 64 -53.99 -57.94 -2.58
C GLY Z 64 -52.97 -56.88 -2.18
N SER Z 65 -51.79 -57.31 -1.77
CA SER Z 65 -50.73 -56.40 -1.36
C SER Z 65 -49.50 -56.46 -2.27
N VAL Z 66 -49.04 -55.29 -2.71
CA VAL Z 66 -47.87 -55.20 -3.57
C VAL Z 66 -46.59 -55.38 -2.76
N GLN Z 67 -45.66 -56.17 -3.29
CA GLN Z 67 -44.40 -56.42 -2.61
C GLN Z 67 -43.26 -56.18 -3.58
N VAL Z 68 -42.29 -55.38 -3.17
CA VAL Z 68 -41.19 -55.13 -4.07
C VAL Z 68 -39.87 -55.61 -3.57
N GLU Z 69 -39.31 -56.46 -4.41
CA GLU Z 69 -38.04 -57.09 -4.19
C GLU Z 69 -37.05 -56.17 -4.83
N ARG Z 70 -35.90 -56.00 -4.20
CA ARG Z 70 -34.96 -55.00 -4.75
C ARG Z 70 -34.61 -55.33 -6.21
N GLY Z 71 -34.43 -56.61 -6.56
CA GLY Z 71 -34.07 -56.83 -7.92
C GLY Z 71 -33.64 -58.20 -8.23
N MET Z 72 -33.30 -58.37 -9.46
CA MET Z 72 -32.88 -59.62 -10.00
C MET Z 72 -31.56 -60.10 -9.45
N SER Z 73 -31.51 -61.41 -9.28
CA SER Z 73 -30.35 -62.16 -8.87
C SER Z 73 -30.65 -63.56 -9.35
N GLN Z 74 -29.71 -64.47 -9.16
CA GLN Z 74 -29.89 -65.86 -9.55
C GLN Z 74 -30.89 -66.62 -8.64
N SER Z 75 -31.24 -66.04 -7.50
CA SER Z 75 -32.12 -66.70 -6.54
C SER Z 75 -33.58 -66.56 -6.93
N SER Z 76 -34.02 -67.33 -7.93
CA SER Z 76 -35.38 -67.25 -8.49
C SER Z 76 -36.46 -67.92 -7.61
N VAL Z 77 -36.53 -67.43 -6.39
CA VAL Z 77 -37.41 -67.90 -5.34
C VAL Z 77 -38.85 -67.59 -5.59
N PHE Z 78 -39.12 -66.34 -5.97
CA PHE Z 78 -40.51 -65.91 -6.23
C PHE Z 78 -40.97 -66.47 -7.58
N THR Z 79 -40.02 -66.77 -8.47
CA THR Z 79 -40.42 -67.35 -9.72
C THR Z 79 -40.94 -68.74 -9.44
N GLN Z 80 -40.26 -69.52 -8.59
CA GLN Z 80 -40.82 -70.84 -8.33
C GLN Z 80 -42.18 -70.77 -7.68
N TRP Z 81 -42.38 -69.84 -6.75
CA TRP Z 81 -43.68 -69.77 -6.10
C TRP Z 81 -44.78 -69.60 -7.15
N ILE Z 82 -44.59 -68.67 -8.08
CA ILE Z 82 -45.62 -68.52 -9.10
C ILE Z 82 -45.67 -69.73 -10.02
N ASN Z 83 -44.53 -70.37 -10.34
CA ASN Z 83 -44.55 -71.52 -11.23
C ASN Z 83 -45.37 -72.67 -10.65
N ASP Z 84 -45.27 -72.88 -9.34
CA ASP Z 84 -46.00 -73.98 -8.75
C ASP Z 84 -47.48 -73.71 -8.80
N SER Z 85 -47.87 -72.45 -8.59
CA SER Z 85 -49.29 -72.12 -8.67
C SER Z 85 -49.81 -72.25 -10.10
N MET Z 86 -49.01 -71.84 -11.08
CA MET Z 86 -49.45 -71.93 -12.49
C MET Z 86 -49.65 -73.38 -12.88
N ALA Z 87 -48.85 -74.26 -12.30
CA ALA Z 87 -48.90 -75.68 -12.54
C ALA Z 87 -50.01 -76.40 -11.75
N GLY Z 88 -50.71 -75.68 -10.87
CA GLY Z 88 -51.77 -76.29 -10.07
C GLY Z 88 -51.27 -77.00 -8.83
N ARG Z 89 -50.01 -76.84 -8.48
CA ARG Z 89 -49.50 -77.54 -7.32
C ARG Z 89 -49.79 -76.71 -6.11
N MET Z 90 -51.01 -76.85 -5.65
CA MET Z 90 -51.51 -76.00 -4.61
C MET Z 90 -50.95 -76.12 -3.22
N ALA Z 91 -50.64 -74.95 -2.70
CA ALA Z 91 -50.22 -74.69 -1.36
C ALA Z 91 -50.43 -73.20 -1.15
N THR Z 92 -50.73 -72.79 0.05
CA THR Z 92 -50.88 -71.39 0.39
C THR Z 92 -50.05 -71.10 1.60
N ALA Z 93 -49.86 -69.84 1.94
CA ALA Z 93 -49.07 -69.58 3.13
C ALA Z 93 -49.46 -68.33 3.88
N ARG Z 94 -49.15 -68.37 5.17
CA ARG Z 94 -49.37 -67.32 6.15
C ARG Z 94 -48.25 -66.30 6.07
N LYS Z 95 -48.58 -65.01 6.13
CA LYS Z 95 -47.53 -63.96 6.08
C LYS Z 95 -47.69 -62.94 7.22
N ASN Z 96 -46.59 -62.34 7.68
CA ASN Z 96 -46.69 -61.33 8.74
C ASN Z 96 -45.98 -59.99 8.49
N ALA Z 97 -46.75 -58.94 8.30
CA ALA Z 97 -46.16 -57.63 8.08
C ALA Z 97 -45.94 -56.99 9.45
N THR Z 98 -44.70 -56.65 9.76
CA THR Z 98 -44.40 -56.15 11.09
C THR Z 98 -43.86 -54.73 11.10
N ILE Z 99 -44.37 -53.95 12.02
CA ILE Z 99 -43.91 -52.61 12.23
C ILE Z 99 -43.08 -52.58 13.47
N ILE Z 100 -41.87 -52.07 13.31
CA ILE Z 100 -40.91 -51.99 14.38
C ILE Z 100 -40.66 -50.52 14.62
N VAL Z 101 -40.03 -50.19 15.74
CA VAL Z 101 -39.89 -48.78 16.12
C VAL Z 101 -38.51 -48.24 16.05
N MET Z 102 -38.35 -46.97 16.42
CA MET Z 102 -37.07 -46.29 16.30
C MET Z 102 -35.99 -47.14 16.92
N ASP Z 103 -36.30 -47.77 18.04
CA ASP Z 103 -35.39 -48.73 18.60
C ASP Z 103 -35.78 -50.03 17.90
N TYR Z 104 -34.92 -50.48 16.99
CA TYR Z 104 -35.16 -51.61 16.10
C TYR Z 104 -35.38 -52.94 16.83
N GLU Z 105 -35.08 -52.95 18.12
CA GLU Z 105 -35.25 -54.10 18.97
C GLU Z 105 -36.73 -54.49 19.18
N ASP Z 106 -37.65 -53.52 19.26
CA ASP Z 106 -39.02 -53.96 19.57
C ASP Z 106 -39.85 -54.28 18.32
N ASN Z 107 -41.09 -54.72 18.52
CA ASN Z 107 -42.03 -55.08 17.43
C ASN Z 107 -43.50 -54.88 17.81
N PRO Z 108 -43.99 -53.67 18.12
CA PRO Z 108 -45.35 -53.45 18.60
C PRO Z 108 -46.53 -53.73 17.65
N VAL Z 109 -46.36 -53.73 16.32
CA VAL Z 109 -47.55 -53.98 15.51
C VAL Z 109 -47.38 -55.04 14.45
N LYS Z 110 -48.33 -55.96 14.40
CA LYS Z 110 -48.30 -57.02 13.40
C LYS Z 110 -49.61 -57.12 12.65
N ARG Z 111 -49.51 -57.43 11.36
CA ARG Z 111 -50.70 -57.72 10.56
C ARG Z 111 -50.54 -59.03 9.85
N TRP Z 112 -51.52 -59.88 10.03
CA TRP Z 112 -51.47 -61.19 9.45
C TRP Z 112 -52.26 -61.30 8.17
N ASN Z 113 -51.63 -62.00 7.26
CA ASN Z 113 -52.15 -62.36 5.96
C ASN Z 113 -52.70 -63.76 6.07
N LEU Z 114 -54.01 -63.91 5.92
CA LEU Z 114 -54.65 -65.19 6.11
C LEU Z 114 -54.04 -66.23 5.17
N ARG Z 115 -53.85 -67.47 5.65
CA ARG Z 115 -53.18 -68.48 4.85
C ARG Z 115 -53.98 -69.10 3.72
N ASN Z 116 -54.36 -68.23 2.78
CA ASN Z 116 -55.02 -68.67 1.53
C ASN Z 116 -54.31 -67.80 0.50
N ALA Z 117 -53.30 -67.05 0.97
CA ALA Z 117 -52.56 -66.16 0.12
C ALA Z 117 -51.68 -66.86 -0.91
N TRP Z 118 -51.55 -66.21 -2.07
CA TRP Z 118 -50.68 -66.76 -3.14
C TRP Z 118 -50.23 -65.65 -4.10
N CYS Z 119 -49.27 -65.94 -4.99
CA CYS Z 119 -48.69 -65.01 -5.96
C CYS Z 119 -49.32 -65.00 -7.35
N SER Z 120 -49.82 -63.84 -7.73
CA SER Z 120 -50.51 -63.55 -8.97
C SER Z 120 -49.60 -63.17 -10.11
N LYS Z 121 -48.72 -62.22 -9.84
CA LYS Z 121 -47.87 -61.68 -10.89
C LYS Z 121 -46.44 -61.52 -10.50
N VAL Z 122 -45.58 -61.64 -11.50
CA VAL Z 122 -44.20 -61.22 -11.34
C VAL Z 122 -43.89 -60.24 -12.48
N VAL Z 123 -43.54 -59.01 -12.12
CA VAL Z 123 -43.30 -57.98 -13.14
C VAL Z 123 -41.88 -57.45 -13.15
N ALA Z 124 -41.25 -57.48 -14.32
CA ALA Z 124 -39.87 -57.02 -14.51
C ALA Z 124 -39.79 -55.51 -14.73
N GLY Z 125 -38.62 -54.94 -14.49
CA GLY Z 125 -38.40 -53.52 -14.75
C GLY Z 125 -38.00 -53.31 -16.21
N THR Z 126 -37.54 -52.11 -16.55
CA THR Z 126 -37.17 -51.74 -17.93
C THR Z 126 -35.67 -51.75 -18.12
N LEU Z 127 -35.19 -52.34 -19.21
CA LEU Z 127 -33.75 -52.38 -19.45
C LEU Z 127 -33.32 -51.50 -20.60
N LYS Z 128 -32.77 -50.32 -20.31
CA LYS Z 128 -32.39 -49.40 -21.40
C LYS Z 128 -30.95 -48.95 -21.38
N ALA Z 129 -30.25 -49.17 -22.48
CA ALA Z 129 -28.84 -48.86 -22.54
C ALA Z 129 -28.63 -47.41 -22.20
N GLY Z 130 -27.71 -47.15 -21.30
CA GLY Z 130 -27.40 -45.79 -20.92
C GLY Z 130 -28.16 -45.27 -19.70
N ASP Z 131 -29.27 -45.88 -19.29
CA ASP Z 131 -29.95 -45.33 -18.08
C ASP Z 131 -28.90 -45.10 -16.98
N THR Z 132 -28.03 -46.09 -16.75
CA THR Z 132 -26.94 -46.04 -15.79
C THR Z 132 -27.49 -46.12 -14.36
N ASN Z 133 -28.23 -45.12 -13.93
CA ASN Z 133 -28.80 -45.08 -12.59
C ASN Z 133 -30.13 -45.81 -12.55
N ALA Z 134 -30.08 -47.11 -12.76
CA ALA Z 134 -31.28 -47.93 -12.73
C ALA Z 134 -30.96 -49.36 -12.39
N LEU Z 135 -31.88 -50.01 -11.67
CA LEU Z 135 -31.74 -51.41 -11.30
C LEU Z 135 -32.89 -52.24 -11.76
N THR Z 136 -32.65 -53.53 -11.95
CA THR Z 136 -33.74 -54.34 -12.42
C THR Z 136 -34.56 -54.81 -11.25
N GLU Z 137 -35.47 -53.93 -10.83
CA GLU Z 137 -36.36 -54.10 -9.69
C GLU Z 137 -37.49 -55.02 -10.10
N THR Z 138 -38.09 -55.76 -9.17
CA THR Z 138 -39.24 -56.55 -9.58
C THR Z 138 -40.42 -56.39 -8.63
N ILE Z 139 -41.61 -56.56 -9.18
CA ILE Z 139 -42.81 -56.44 -8.38
C ILE Z 139 -43.56 -57.75 -8.28
N THR Z 140 -43.85 -58.15 -7.05
CA THR Z 140 -44.61 -59.36 -6.82
C THR Z 140 -46.00 -59.00 -6.32
N ILE Z 141 -47.01 -59.55 -6.95
CA ILE Z 141 -48.39 -59.28 -6.53
C ILE Z 141 -48.98 -60.48 -5.86
N VAL Z 142 -49.46 -60.28 -4.63
CA VAL Z 142 -50.00 -61.33 -3.76
C VAL Z 142 -51.44 -61.10 -3.30
N PHE Z 143 -52.24 -62.17 -3.36
CA PHE Z 143 -53.67 -62.07 -2.99
C PHE Z 143 -53.87 -62.45 -1.52
N GLU Z 144 -54.85 -61.84 -0.84
CA GLU Z 144 -55.14 -62.25 0.56
C GLU Z 144 -56.66 -62.20 0.77
N GLU Z 145 -57.26 -63.25 1.37
CA GLU Z 145 -58.70 -63.12 1.62
C GLU Z 145 -58.96 -62.11 2.73
N LEU Z 146 -58.22 -62.24 3.82
CA LEU Z 146 -58.43 -61.39 4.99
C LEU Z 146 -57.17 -60.76 5.52
N VAL Z 147 -57.35 -59.57 6.10
CA VAL Z 147 -56.30 -58.87 6.82
C VAL Z 147 -56.66 -58.94 8.28
N VAL Z 148 -55.79 -59.51 9.07
CA VAL Z 148 -56.06 -59.70 10.47
C VAL Z 148 -55.09 -58.91 11.37
N GLU Z 149 -55.63 -58.05 12.28
CA GLU Z 149 -54.87 -57.20 13.22
C GLU Z 149 -53.68 -57.95 13.90
N MET AA 1 31.31 -55.98 12.79
CA MET AA 1 32.12 -54.79 12.64
C MET AA 1 32.70 -54.73 11.18
N PRO AA 2 31.86 -54.50 10.10
CA PRO AA 2 32.25 -54.41 8.69
C PRO AA 2 33.01 -53.11 8.39
N SER AA 3 33.76 -53.08 7.28
CA SER AA 3 34.52 -51.89 6.91
C SER AA 3 33.71 -50.67 6.58
N TYR AA 4 34.31 -49.53 6.89
CA TYR AA 4 33.73 -48.23 6.62
C TYR AA 4 34.73 -47.13 6.26
N LEU AA 5 35.97 -47.25 6.75
CA LEU AA 5 36.97 -46.21 6.50
C LEU AA 5 37.53 -46.36 5.09
N SER AA 6 37.53 -47.59 4.59
CA SER AA 6 38.09 -47.87 3.29
C SER AA 6 37.74 -49.23 2.73
N PRO AA 7 37.64 -49.36 1.39
CA PRO AA 7 37.59 -50.63 0.67
C PRO AA 7 38.83 -51.50 0.95
N GLY AA 8 39.91 -50.87 1.42
CA GLY AA 8 41.17 -51.50 1.76
C GLY AA 8 41.73 -50.73 2.94
N VAL AA 9 41.93 -51.39 4.07
CA VAL AA 9 42.30 -50.65 5.29
C VAL AA 9 43.74 -50.79 5.75
N TYR AA 10 44.56 -51.51 4.99
CA TYR AA 10 45.96 -51.65 5.40
C TYR AA 10 46.90 -51.00 4.40
N VAL AA 11 46.48 -51.04 3.15
CA VAL AA 11 47.21 -50.56 1.99
C VAL AA 11 46.29 -49.64 1.25
N GLU AA 12 46.77 -48.50 0.75
CA GLU AA 12 45.88 -47.61 -0.01
C GLU AA 12 45.73 -48.09 -1.46
N GLU AA 13 45.20 -49.30 -1.59
CA GLU AA 13 44.96 -50.05 -2.81
C GLU AA 13 43.84 -49.37 -3.57
N VAL AA 14 43.16 -48.49 -2.85
CA VAL AA 14 42.05 -47.68 -3.32
C VAL AA 14 42.43 -46.67 -4.43
N ALA AA 15 43.74 -46.28 -4.56
CA ALA AA 15 44.24 -45.34 -5.56
C ALA AA 15 45.52 -45.90 -6.17
N GLY AA 28 25.39 -45.94 -15.77
CA GLY AA 28 25.16 -47.09 -14.93
C GLY AA 28 23.99 -47.91 -15.48
N VAL AA 29 23.75 -49.09 -14.87
CA VAL AA 29 22.68 -50.05 -15.21
C VAL AA 29 21.55 -50.03 -14.17
N GLY AA 30 21.93 -50.09 -12.88
CA GLY AA 30 20.94 -50.14 -11.82
C GLY AA 30 21.34 -51.12 -10.75
N THR AA 31 20.57 -51.20 -9.66
CA THR AA 31 20.95 -52.09 -8.58
C THR AA 31 20.37 -53.50 -8.75
N SER AA 32 19.35 -53.64 -9.56
CA SER AA 32 18.74 -54.96 -9.75
C SER AA 32 19.46 -55.75 -10.85
N VAL AA 33 20.71 -56.09 -10.53
CA VAL AA 33 21.64 -56.79 -11.40
C VAL AA 33 22.23 -58.04 -10.75
N ALA AA 34 22.19 -59.12 -11.53
CA ALA AA 34 22.69 -60.42 -11.09
C ALA AA 34 23.62 -61.03 -12.13
N ALA AA 35 24.48 -61.94 -11.72
CA ALA AA 35 25.33 -62.65 -12.67
C ALA AA 35 25.08 -64.14 -12.68
N PHE AA 36 25.04 -64.70 -13.89
CA PHE AA 36 24.80 -66.11 -14.05
C PHE AA 36 25.92 -66.83 -14.79
N VAL AA 37 26.46 -67.84 -14.14
CA VAL AA 37 27.55 -68.64 -14.67
C VAL AA 37 27.07 -70.01 -15.10
N GLY AA 38 27.20 -70.33 -16.37
CA GLY AA 38 26.73 -71.65 -16.83
C GLY AA 38 27.13 -71.88 -18.27
N LEU AA 39 26.68 -72.97 -18.87
CA LEU AA 39 27.09 -73.34 -20.25
C LEU AA 39 26.09 -73.01 -21.33
N ALA AA 40 26.57 -72.83 -22.56
CA ALA AA 40 25.66 -72.52 -23.65
C ALA AA 40 26.18 -72.93 -25.02
N PRO AA 41 25.29 -73.21 -26.01
CA PRO AA 41 25.73 -73.53 -27.37
C PRO AA 41 25.73 -72.28 -28.25
N THR AA 42 26.65 -72.21 -29.23
CA THR AA 42 26.67 -71.06 -30.18
C THR AA 42 26.53 -69.75 -29.40
N GLY AA 43 27.37 -69.54 -28.39
CA GLY AA 43 27.30 -68.30 -27.58
C GLY AA 43 28.60 -67.52 -27.61
N PRO AA 44 28.58 -66.19 -27.37
CA PRO AA 44 29.81 -65.40 -27.33
C PRO AA 44 30.80 -66.01 -26.35
N LEU AA 45 32.10 -65.94 -26.64
CA LEU AA 45 33.13 -66.56 -25.77
C LEU AA 45 32.95 -66.10 -24.32
N ASN AA 46 33.54 -66.83 -23.37
CA ASN AA 46 33.45 -66.45 -21.97
C ASN AA 46 34.15 -65.15 -21.59
N GLU AA 47 35.16 -64.77 -22.36
CA GLU AA 47 35.85 -63.51 -22.12
C GLU AA 47 34.93 -62.28 -22.16
N PRO AA 48 34.14 -62.02 -23.22
CA PRO AA 48 33.25 -60.89 -23.32
C PRO AA 48 31.99 -61.10 -22.50
N THR AA 49 32.11 -61.05 -21.18
CA THR AA 49 30.93 -61.21 -20.35
C THR AA 49 30.00 -60.09 -20.70
N LEU AA 50 28.74 -60.40 -20.97
CA LEU AA 50 27.83 -59.36 -21.41
C LEU AA 50 26.79 -59.00 -20.40
N VAL AA 51 26.33 -57.75 -20.43
CA VAL AA 51 25.21 -57.35 -19.60
C VAL AA 51 24.01 -57.31 -20.52
N THR AA 52 23.04 -58.18 -20.26
CA THR AA 52 21.94 -58.33 -21.17
C THR AA 52 20.53 -58.36 -20.62
N ASN AA 53 19.59 -58.13 -21.55
CA ASN AA 53 18.14 -58.32 -21.39
C ASN AA 53 17.79 -59.64 -22.11
N TRP AA 54 16.52 -60.08 -22.12
CA TRP AA 54 16.20 -61.35 -22.78
C TRP AA 54 16.48 -61.36 -24.29
N THR AA 55 16.10 -60.32 -25.01
CA THR AA 55 16.32 -60.35 -26.45
C THR AA 55 17.80 -60.58 -26.75
N GLN AA 56 18.65 -59.89 -26.01
CA GLN AA 56 20.09 -60.00 -26.14
C GLN AA 56 20.59 -61.37 -25.68
N TYR AA 57 20.00 -61.90 -24.62
CA TYR AA 57 20.36 -63.21 -24.12
C TYR AA 57 20.17 -64.23 -25.19
N VAL AA 58 19.02 -64.18 -25.83
CA VAL AA 58 18.73 -65.15 -26.87
C VAL AA 58 19.69 -64.99 -28.01
N ALA AA 59 20.00 -63.77 -28.42
CA ALA AA 59 20.95 -63.63 -29.52
C ALA AA 59 22.29 -64.31 -29.15
N ALA AA 60 22.66 -64.24 -27.88
CA ALA AA 60 23.90 -64.84 -27.34
C ALA AA 60 23.76 -66.32 -26.88
N PHE AA 61 22.58 -66.93 -26.99
CA PHE AA 61 22.34 -68.31 -26.51
C PHE AA 61 21.50 -69.21 -27.43
N GLY AA 62 20.42 -68.67 -28.00
CA GLY AA 62 19.41 -69.45 -28.71
C GLY AA 62 18.14 -69.65 -27.86
N ASP AA 63 17.11 -70.24 -28.45
CA ASP AA 63 15.85 -70.39 -27.75
C ASP AA 63 15.72 -71.64 -26.89
N PHE AA 64 16.53 -71.71 -25.83
CA PHE AA 64 16.59 -72.84 -24.86
C PHE AA 64 17.12 -74.17 -25.44
N THR AA 65 17.50 -74.19 -26.71
CA THR AA 65 17.75 -75.43 -27.44
C THR AA 65 18.97 -76.24 -27.04
N GLY AA 66 19.90 -75.62 -26.33
CA GLY AA 66 21.08 -76.35 -25.88
C GLY AA 66 20.76 -77.26 -24.71
N GLY AA 67 19.61 -77.07 -24.05
CA GLY AA 67 19.25 -77.89 -22.91
C GLY AA 67 19.99 -77.52 -21.62
N TYR AA 68 20.41 -76.27 -21.50
CA TYR AA 68 21.16 -75.81 -20.35
C TYR AA 68 20.31 -74.96 -19.46
N TYR AA 69 20.63 -74.93 -18.17
CA TYR AA 69 19.84 -74.18 -17.23
C TYR AA 69 19.98 -72.67 -17.33
N LEU AA 70 21.01 -72.13 -17.99
CA LEU AA 70 21.05 -70.68 -18.06
C LEU AA 70 19.82 -70.15 -18.73
N ALA AA 71 19.28 -70.82 -19.74
CA ALA AA 71 18.16 -70.19 -20.40
C ALA AA 71 16.99 -70.06 -19.47
N HIS AA 72 16.80 -71.02 -18.59
CA HIS AA 72 15.68 -71.00 -17.69
C HIS AA 72 15.88 -70.00 -16.58
N SER AA 73 17.10 -69.90 -16.06
CA SER AA 73 17.32 -68.99 -14.97
C SER AA 73 17.30 -67.54 -15.43
N VAL AA 74 17.81 -67.29 -16.63
CA VAL AA 74 17.79 -65.94 -17.14
C VAL AA 74 16.37 -65.57 -17.51
N TYR AA 75 15.69 -66.47 -18.22
CA TYR AA 75 14.26 -66.21 -18.57
C TYR AA 75 13.43 -66.14 -17.28
N GLY AA 76 13.87 -66.88 -16.25
CA GLY AA 76 13.12 -66.91 -14.98
C GLY AA 76 13.10 -65.56 -14.28
N PHE AA 77 14.28 -64.96 -14.10
CA PHE AA 77 14.37 -63.66 -13.37
C PHE AA 77 13.86 -62.54 -14.29
N PHE AA 78 14.15 -62.64 -15.59
CA PHE AA 78 13.78 -61.59 -16.51
C PHE AA 78 12.28 -61.38 -16.55
N ASN AA 79 11.51 -62.43 -16.31
CA ASN AA 79 10.06 -62.33 -16.33
C ASN AA 79 9.46 -62.02 -14.98
N ASN AA 80 10.33 -61.69 -14.05
CA ASN AA 80 10.00 -61.27 -12.71
C ASN AA 80 10.59 -59.86 -12.67
N GLY AA 81 11.04 -59.31 -11.54
CA GLY AA 81 11.55 -57.95 -11.65
C GLY AA 81 13.02 -57.99 -12.02
N GLY AA 82 13.63 -56.83 -12.26
CA GLY AA 82 15.06 -56.78 -12.57
C GLY AA 82 15.33 -56.13 -13.89
N SER AA 83 16.54 -55.60 -14.06
CA SER AA 83 16.82 -54.93 -15.32
C SER AA 83 17.94 -55.55 -16.13
N ALA AA 84 18.86 -56.23 -15.48
CA ALA AA 84 19.96 -56.77 -16.28
C ALA AA 84 20.70 -57.86 -15.59
N ALA AA 85 21.40 -58.63 -16.39
CA ALA AA 85 22.25 -59.61 -15.79
C ALA AA 85 23.50 -59.81 -16.59
N TYR AA 86 24.53 -60.26 -15.90
CA TYR AA 86 25.78 -60.59 -16.55
C TYR AA 86 25.74 -62.04 -16.98
N VAL AA 87 26.02 -62.27 -18.26
CA VAL AA 87 25.97 -63.67 -18.80
C VAL AA 87 27.39 -64.22 -18.90
N VAL AA 88 27.67 -65.35 -18.23
CA VAL AA 88 29.01 -65.99 -18.29
C VAL AA 88 28.92 -67.22 -19.18
N ARG AA 89 29.46 -67.15 -20.40
CA ARG AA 89 29.39 -68.29 -21.36
C ARG AA 89 30.13 -69.49 -20.77
N VAL AA 90 31.29 -69.26 -20.14
CA VAL AA 90 32.08 -70.36 -19.52
C VAL AA 90 32.60 -71.30 -20.62
N GLY AA 91 31.71 -72.08 -21.24
CA GLY AA 91 32.12 -73.03 -22.25
C GLY AA 91 30.96 -73.41 -23.17
N GLY AA 92 31.20 -74.36 -24.07
CA GLY AA 92 30.22 -74.69 -25.08
C GLY AA 92 29.29 -75.87 -24.87
N SER AA 93 29.03 -76.55 -26.01
CA SER AA 93 28.10 -77.65 -26.12
C SER AA 93 28.53 -78.69 -27.11
N ALA AA 94 27.97 -79.88 -26.93
CA ALA AA 94 28.12 -80.99 -27.84
C ALA AA 94 26.96 -80.98 -28.80
N GLU AA 95 27.11 -81.61 -29.94
CA GLU AA 95 26.00 -81.68 -30.88
C GLU AA 95 24.85 -82.44 -30.21
N ASP AA 96 23.59 -81.95 -30.37
CA ASP AA 96 22.34 -82.52 -29.86
C ASP AA 96 22.43 -82.92 -28.38
N GLN AA 232 34.33 -82.03 -21.94
CA GLN AA 232 34.64 -81.79 -20.52
C GLN AA 232 34.26 -80.37 -20.01
N ALA AA 233 33.45 -79.59 -20.80
CA ALA AA 233 32.96 -78.22 -20.45
C ALA AA 233 32.13 -78.27 -19.18
N GLU AA 234 31.44 -79.39 -18.98
CA GLU AA 234 30.63 -79.65 -17.82
C GLU AA 234 31.41 -79.89 -16.54
N SER AA 235 32.69 -80.26 -16.62
CA SER AA 235 33.50 -80.59 -15.46
C SER AA 235 33.66 -79.34 -14.63
N ALA AA 236 33.70 -79.46 -13.31
CA ALA AA 236 33.78 -78.26 -12.49
C ALA AA 236 35.00 -77.38 -12.73
N HIS AA 237 36.21 -77.94 -12.75
CA HIS AA 237 37.41 -77.06 -12.86
C HIS AA 237 37.49 -76.29 -14.20
N PRO AA 238 37.42 -76.95 -15.38
CA PRO AA 238 37.64 -76.32 -16.66
C PRO AA 238 36.43 -75.50 -17.11
N GLY AA 239 36.11 -74.47 -16.35
CA GLY AA 239 35.00 -73.59 -16.66
C GLY AA 239 34.17 -73.07 -15.47
N PRO AA 240 33.09 -73.73 -15.05
CA PRO AA 240 32.17 -73.25 -14.01
C PRO AA 240 32.65 -73.46 -12.59
N ALA AA 241 33.80 -72.89 -12.25
CA ALA AA 241 34.39 -73.04 -10.92
C ALA AA 241 35.42 -71.96 -10.63
N GLN AA 242 36.39 -72.29 -9.76
CA GLN AA 242 37.40 -71.33 -9.31
C GLN AA 242 38.52 -71.14 -10.32
N TYR AA 243 38.15 -70.50 -11.41
CA TYR AA 243 39.01 -70.15 -12.52
C TYR AA 243 39.64 -68.79 -12.32
N LEU AA 244 40.93 -68.69 -12.60
CA LEU AA 244 41.61 -67.41 -12.53
C LEU AA 244 42.24 -67.03 -13.88
N GLY AA 245 43.02 -67.97 -14.45
CA GLY AA 245 43.68 -67.73 -15.73
C GLY AA 245 44.82 -66.74 -15.59
N ASP AA 246 45.44 -66.70 -14.42
CA ASP AA 246 46.50 -65.73 -14.14
C ASP AA 246 45.91 -64.34 -14.40
N SER AA 247 44.77 -64.12 -13.75
CA SER AA 247 43.95 -62.92 -13.84
C SER AA 247 43.51 -62.65 -15.27
N SER AA 248 43.08 -63.70 -15.97
CA SER AA 248 42.57 -63.47 -17.31
C SER AA 248 41.16 -63.01 -17.07
N ASP AA 249 40.59 -63.52 -15.97
CA ASP AA 249 39.25 -63.21 -15.49
C ASP AA 249 38.21 -63.40 -16.59
N ARG AA 250 38.46 -64.40 -17.43
CA ARG AA 250 37.62 -64.74 -18.57
C ARG AA 250 36.56 -65.80 -18.33
N THR AA 251 36.77 -66.65 -17.37
CA THR AA 251 35.88 -67.78 -17.22
C THR AA 251 35.44 -67.98 -15.79
N GLY AA 252 34.25 -68.56 -15.64
CA GLY AA 252 33.75 -68.98 -14.34
C GLY AA 252 33.61 -67.84 -13.35
N PHE AA 253 34.18 -68.04 -12.19
CA PHE AA 253 34.12 -67.08 -11.11
C PHE AA 253 35.28 -66.12 -11.22
N GLY AA 254 36.06 -66.26 -12.28
CA GLY AA 254 37.19 -65.41 -12.52
C GLY AA 254 36.68 -64.03 -12.89
N GLY AA 255 35.40 -63.92 -13.30
CA GLY AA 255 34.89 -62.61 -13.67
C GLY AA 255 34.52 -61.78 -12.43
N LEU AA 256 34.56 -62.40 -11.25
CA LEU AA 256 34.19 -61.72 -10.03
C LEU AA 256 35.38 -60.88 -9.64
N GLU AA 257 35.12 -59.78 -8.92
CA GLU AA 257 36.12 -58.77 -8.51
C GLU AA 257 36.43 -57.87 -9.70
N ALA AA 258 36.78 -58.48 -10.83
CA ALA AA 258 37.00 -57.77 -12.08
C ALA AA 258 35.73 -57.03 -12.48
N ILE AA 259 34.57 -57.64 -12.22
CA ILE AA 259 33.30 -57.04 -12.53
C ILE AA 259 32.51 -56.60 -11.28
N ASP AA 260 32.13 -55.33 -11.31
CA ASP AA 260 31.35 -54.66 -10.28
C ASP AA 260 29.87 -54.49 -10.74
N GLU AA 261 29.07 -53.87 -9.87
CA GLU AA 261 27.63 -53.60 -10.04
C GLU AA 261 26.81 -54.88 -10.21
N ILE AA 262 27.11 -55.86 -9.38
CA ILE AA 262 26.39 -57.13 -9.28
C ILE AA 262 26.02 -57.33 -7.82
N SER AA 263 24.75 -57.57 -7.50
CA SER AA 263 24.45 -57.83 -6.10
C SER AA 263 24.28 -59.32 -5.84
N MET AA 264 23.85 -60.06 -6.86
CA MET AA 264 23.59 -61.49 -6.68
C MET AA 264 24.27 -62.34 -7.72
N VAL AA 265 24.74 -63.51 -7.29
CA VAL AA 265 25.33 -64.46 -8.21
C VAL AA 265 24.73 -65.85 -8.08
N ALA AA 266 24.71 -66.57 -9.19
CA ALA AA 266 24.21 -67.95 -9.21
C ALA AA 266 24.85 -68.76 -10.32
N VAL AA 267 24.81 -70.08 -10.17
CA VAL AA 267 25.30 -70.99 -11.18
C VAL AA 267 24.19 -71.98 -11.59
N PRO AA 268 23.36 -71.65 -12.60
CA PRO AA 268 22.23 -72.46 -13.04
C PRO AA 268 22.59 -73.89 -13.42
N ASP AA 269 23.70 -74.17 -14.12
CA ASP AA 269 23.90 -75.55 -14.72
C ASP AA 269 24.79 -76.56 -13.99
N LEU AA 270 25.63 -76.08 -13.09
CA LEU AA 270 26.58 -77.01 -12.44
C LEU AA 270 25.81 -78.07 -11.65
N MET AA 271 24.77 -77.67 -10.90
CA MET AA 271 23.95 -78.62 -10.12
C MET AA 271 23.17 -79.54 -11.07
N ALA AA 272 23.59 -79.62 -12.34
CA ALA AA 272 22.85 -80.43 -13.33
C ALA AA 272 23.76 -81.47 -13.99
N ALA AA 273 25.07 -81.19 -14.06
CA ALA AA 273 26.02 -82.12 -14.72
C ALA AA 273 26.35 -83.28 -13.78
N TYR AA 274 25.67 -83.35 -12.63
CA TYR AA 274 25.96 -84.42 -11.63
C TYR AA 274 25.71 -85.80 -12.22
N GLN AA 275 24.86 -85.90 -13.24
CA GLN AA 275 24.52 -87.22 -13.83
C GLN AA 275 25.24 -87.41 -15.16
N ARG AA 276 24.89 -86.60 -16.17
CA ARG AA 276 25.48 -86.76 -17.51
C ARG AA 276 26.99 -86.97 -17.53
N GLY AA 277 27.71 -86.24 -16.68
CA GLY AA 277 29.15 -86.35 -16.62
C GLY AA 277 29.56 -87.01 -15.31
N ALA AA 278 28.57 -87.56 -14.59
CA ALA AA 278 28.77 -88.13 -13.27
C ALA AA 278 29.44 -87.13 -12.34
N ILE AA 279 29.05 -85.87 -12.41
CA ILE AA 279 29.69 -84.90 -11.56
C ILE AA 279 28.97 -84.84 -10.25
N ASP AA 280 29.32 -85.78 -9.40
CA ASP AA 280 28.70 -85.95 -8.10
C ASP AA 280 29.65 -85.59 -6.96
N LEU AA 281 29.13 -85.71 -5.75
CA LEU AA 281 29.85 -85.53 -4.51
C LEU AA 281 30.57 -84.19 -4.44
N GLU AA 282 31.88 -84.23 -4.14
CA GLU AA 282 32.66 -83.03 -3.98
C GLU AA 282 32.80 -82.24 -5.26
N ALA AA 283 32.58 -82.88 -6.40
CA ALA AA 283 32.74 -82.17 -7.65
C ALA AA 283 31.77 -80.99 -7.72
N VAL AA 284 30.59 -81.10 -7.10
CA VAL AA 284 29.66 -80.00 -7.14
C VAL AA 284 29.89 -79.15 -5.90
N LYS AA 285 30.11 -79.79 -4.74
CA LYS AA 285 30.33 -79.03 -3.52
C LYS AA 285 31.44 -78.01 -3.70
N ALA AA 286 32.49 -78.39 -4.43
CA ALA AA 286 33.62 -77.52 -4.69
C ALA AA 286 33.21 -76.25 -5.40
N VAL AA 287 32.21 -76.31 -6.28
CA VAL AA 287 31.81 -75.13 -7.03
C VAL AA 287 31.02 -74.25 -6.10
N GLN AA 288 30.14 -74.85 -5.28
CA GLN AA 288 29.35 -74.04 -4.34
C GLN AA 288 30.27 -73.35 -3.34
N LEU AA 289 31.34 -74.03 -2.89
CA LEU AA 289 32.25 -73.41 -1.96
C LEU AA 289 32.94 -72.23 -2.60
N GLY AA 290 33.30 -72.36 -3.89
CA GLY AA 290 33.93 -71.27 -4.61
C GLY AA 290 33.00 -70.07 -4.72
N LEU AA 291 31.77 -70.30 -5.16
CA LEU AA 291 30.86 -69.19 -5.37
C LEU AA 291 30.71 -68.39 -4.07
N ILE AA 292 30.60 -69.12 -2.95
CA ILE AA 292 30.45 -68.48 -1.68
C ILE AA 292 31.72 -67.74 -1.28
N ALA AA 293 32.88 -68.39 -1.45
CA ALA AA 293 34.14 -67.76 -1.07
C ALA AA 293 34.38 -66.47 -1.81
N HIS AA 294 34.01 -66.39 -3.08
CA HIS AA 294 34.25 -65.17 -3.81
C HIS AA 294 33.40 -64.06 -3.26
N CYS AA 295 32.17 -64.40 -2.89
CA CYS AA 295 31.30 -63.38 -2.33
C CYS AA 295 31.90 -62.86 -1.03
N GLU AA 296 32.39 -63.79 -0.20
CA GLU AA 296 32.96 -63.44 1.09
C GLU AA 296 34.17 -62.53 0.94
N LEU AA 297 35.02 -62.80 -0.06
CA LEU AA 297 36.18 -61.98 -0.31
C LEU AA 297 35.84 -60.58 -0.80
N MET AA 298 34.83 -60.45 -1.67
CA MET AA 298 34.44 -59.15 -2.18
C MET AA 298 33.78 -58.26 -1.13
N GLY AA 299 32.97 -58.87 -0.25
CA GLY AA 299 32.31 -58.15 0.84
C GLY AA 299 30.88 -57.70 0.54
N ASP AA 300 30.48 -57.71 -0.72
CA ASP AA 300 29.13 -57.32 -1.14
C ASP AA 300 28.68 -58.11 -2.34
N ARG AA 301 28.08 -59.25 -2.05
CA ARG AA 301 27.58 -60.15 -3.06
C ARG AA 301 26.85 -61.27 -2.35
N VAL AA 302 25.73 -61.74 -2.86
CA VAL AA 302 25.10 -62.90 -2.24
C VAL AA 302 24.92 -64.04 -3.22
N ALA AA 303 25.39 -65.21 -2.80
CA ALA AA 303 25.30 -66.43 -3.58
C ALA AA 303 24.01 -67.17 -3.36
N ILE AA 304 23.40 -67.59 -4.44
CA ILE AA 304 22.22 -68.41 -4.32
C ILE AA 304 22.61 -69.81 -4.78
N ILE AA 305 22.35 -70.78 -3.92
CA ILE AA 305 22.72 -72.16 -4.21
C ILE AA 305 21.54 -73.12 -4.12
N ASP AA 306 21.70 -74.29 -4.76
CA ASP AA 306 20.67 -75.33 -4.77
C ASP AA 306 20.98 -76.54 -3.89
N PRO AA 307 19.97 -77.22 -3.35
CA PRO AA 307 20.04 -78.52 -2.75
C PRO AA 307 19.95 -79.49 -3.91
N PRO AA 308 20.34 -80.74 -3.74
CA PRO AA 308 20.11 -81.81 -4.71
C PRO AA 308 18.62 -81.87 -5.10
N PRO AA 309 18.30 -82.17 -6.38
CA PRO AA 309 16.98 -82.22 -7.00
C PRO AA 309 15.93 -83.22 -6.50
N ASN AA 310 16.31 -84.29 -5.82
CA ASN AA 310 15.28 -85.22 -5.39
C ASN AA 310 15.55 -85.78 -4.01
N GLN AA 311 14.92 -85.21 -3.01
CA GLN AA 311 15.18 -85.68 -1.66
C GLN AA 311 14.07 -85.35 -0.66
N ASN AA 312 14.03 -86.14 0.39
CA ASN AA 312 13.16 -86.01 1.55
C ASN AA 312 13.60 -84.85 2.43
N ALA AA 313 12.67 -84.27 3.19
CA ALA AA 313 13.05 -83.21 4.12
C ALA AA 313 14.12 -83.70 5.10
N ARG AA 314 14.08 -84.97 5.50
CA ARG AA 314 15.12 -85.43 6.40
C ARG AA 314 16.48 -85.42 5.71
N GLN AA 315 16.49 -85.70 4.40
CA GLN AA 315 17.71 -85.79 3.63
C GLN AA 315 18.33 -84.42 3.45
N ILE AA 316 17.50 -83.38 3.24
CA ILE AA 316 18.12 -82.07 3.11
C ILE AA 316 18.72 -81.67 4.43
N ARG AA 317 18.07 -82.02 5.54
CA ARG AA 317 18.62 -81.66 6.82
C ARG AA 317 20.00 -82.30 7.01
N VAL AA 318 20.13 -83.57 6.66
CA VAL AA 318 21.43 -84.22 6.78
C VAL AA 318 22.42 -83.68 5.77
N TRP AA 319 22.00 -83.48 4.54
CA TRP AA 319 22.93 -82.99 3.57
C TRP AA 319 23.49 -81.65 4.01
N ARG AA 320 22.62 -80.75 4.47
CA ARG AA 320 23.07 -79.40 4.91
C ARG AA 320 23.89 -79.49 6.21
N GLN AA 321 23.55 -80.37 7.16
CA GLN AA 321 24.26 -80.38 8.43
C GLN AA 321 25.53 -81.23 8.42
N GLU AA 322 25.54 -82.31 7.66
CA GLU AA 322 26.70 -83.18 7.66
C GLU AA 322 27.56 -83.13 6.41
N THR AA 323 26.98 -82.91 5.22
CA THR AA 323 27.85 -82.99 4.04
C THR AA 323 28.13 -81.67 3.31
N ALA AA 324 27.24 -80.68 3.45
CA ALA AA 324 27.41 -79.41 2.75
C ALA AA 324 26.97 -78.20 3.56
N GLY AA 325 27.45 -78.07 4.80
CA GLY AA 325 27.09 -76.89 5.57
C GLY AA 325 27.98 -75.75 5.13
N TYR AA 326 27.49 -74.52 5.19
CA TYR AA 326 28.33 -73.40 4.80
C TYR AA 326 28.58 -72.36 5.90
N ASP AA 327 27.57 -72.04 6.72
CA ASP AA 327 27.72 -71.09 7.85
C ASP AA 327 28.32 -69.69 7.57
N SER AA 328 27.73 -68.90 6.66
CA SER AA 328 28.30 -67.58 6.40
C SER AA 328 27.23 -66.57 6.00
N LYS AA 329 27.64 -65.32 5.90
CA LYS AA 329 26.75 -64.20 5.64
C LYS AA 329 26.48 -63.95 4.17
N TYR AA 330 27.02 -64.77 3.30
CA TYR AA 330 26.93 -64.51 1.88
C TYR AA 330 26.09 -65.46 1.06
N ALA AA 331 25.17 -66.21 1.65
CA ALA AA 331 24.42 -67.15 0.82
C ALA AA 331 23.02 -67.51 1.32
N ALA AA 332 22.20 -67.98 0.37
CA ALA AA 332 20.83 -68.46 0.65
C ALA AA 332 20.46 -69.72 -0.14
N LEU AA 333 19.62 -70.57 0.47
CA LEU AA 333 19.11 -71.80 -0.15
C LEU AA 333 17.63 -72.03 0.16
N TYR AA 334 16.88 -72.46 -0.86
CA TYR AA 334 15.47 -72.81 -0.73
C TYR AA 334 15.33 -74.31 -0.98
N TYR AA 335 14.59 -75.01 -0.13
CA TYR AA 335 14.44 -76.47 -0.27
C TYR AA 335 13.86 -77.06 -1.56
N PRO AA 336 12.65 -76.69 -1.99
CA PRO AA 336 11.98 -77.35 -3.07
C PRO AA 336 12.51 -76.99 -4.43
N TRP AA 337 12.31 -77.89 -5.36
CA TRP AA 337 12.52 -77.65 -6.77
C TRP AA 337 11.18 -77.36 -7.43
N ILE AA 338 11.23 -76.64 -8.55
CA ILE AA 338 10.06 -76.13 -9.26
C ILE AA 338 9.73 -76.81 -10.58
N LYS AA 339 8.44 -77.07 -10.80
CA LYS AA 339 8.00 -77.59 -12.08
C LYS AA 339 7.78 -76.41 -13.02
N SER AA 340 8.42 -76.48 -14.18
CA SER AA 340 8.36 -75.49 -15.24
C SER AA 340 8.32 -76.20 -16.58
N PHE AA 341 8.73 -75.51 -17.65
CA PHE AA 341 8.65 -76.10 -18.99
C PHE AA 341 9.73 -75.58 -19.92
N ASP AA 342 9.90 -76.23 -21.07
CA ASP AA 342 10.88 -75.83 -22.06
C ASP AA 342 10.27 -75.95 -23.44
N PRO AA 343 9.79 -74.84 -24.05
CA PRO AA 343 9.00 -74.79 -25.26
C PRO AA 343 9.75 -75.30 -26.47
N ALA AA 344 11.08 -75.41 -26.35
CA ALA AA 344 11.88 -75.91 -27.45
C ALA AA 344 11.56 -77.38 -27.71
N THR AA 345 11.22 -78.13 -26.64
CA THR AA 345 10.94 -79.55 -26.75
C THR AA 345 9.55 -79.95 -26.24
N GLY AA 346 9.05 -79.29 -25.19
CA GLY AA 346 7.78 -79.71 -24.60
C GLY AA 346 7.27 -78.87 -23.44
N GLN AA 347 6.19 -79.34 -22.86
CA GLN AA 347 5.44 -78.62 -21.85
C GLN AA 347 5.89 -78.82 -20.42
N SER AA 348 6.97 -79.55 -20.19
CA SER AA 348 7.44 -79.71 -18.83
C SER AA 348 8.95 -79.88 -18.70
N ARG AA 349 9.49 -79.43 -17.56
CA ARG AA 349 10.94 -79.54 -17.25
C ARG AA 349 11.22 -79.22 -15.78
N LEU AA 350 12.08 -79.98 -15.08
CA LEU AA 350 12.45 -79.77 -13.70
C LEU AA 350 13.54 -78.72 -13.57
N VAL AA 351 13.28 -77.65 -12.81
CA VAL AA 351 14.25 -76.58 -12.68
C VAL AA 351 14.50 -76.24 -11.20
N PRO AA 352 15.67 -75.71 -10.86
CA PRO AA 352 16.07 -75.28 -9.53
C PRO AA 352 15.36 -74.01 -9.12
N PRO AA 353 15.30 -73.71 -7.82
CA PRO AA 353 14.79 -72.49 -7.24
C PRO AA 353 15.85 -71.42 -7.39
N SER AA 354 16.14 -71.07 -8.63
CA SER AA 354 17.19 -70.16 -9.04
C SER AA 354 16.73 -69.35 -10.22
N GLY AA 355 17.27 -68.15 -10.38
CA GLY AA 355 16.86 -67.29 -11.49
C GLY AA 355 15.59 -66.55 -11.13
N HIS AA 356 14.48 -67.30 -11.06
CA HIS AA 356 13.19 -66.68 -10.64
C HIS AA 356 13.41 -65.97 -9.29
N VAL AA 357 14.17 -66.58 -8.38
CA VAL AA 357 14.36 -65.96 -7.09
C VAL AA 357 15.08 -64.61 -7.24
N ALA AA 358 15.97 -64.45 -8.22
CA ALA AA 358 16.67 -63.18 -8.37
C ALA AA 358 15.67 -62.09 -8.66
N GLY AA 359 14.65 -62.47 -9.40
CA GLY AA 359 13.61 -61.54 -9.81
C GLY AA 359 12.63 -61.23 -8.68
N ILE AA 360 12.72 -61.97 -7.57
CA ILE AA 360 11.86 -61.75 -6.44
C ILE AA 360 12.46 -60.61 -5.66
N TRP AA 361 13.78 -60.65 -5.46
CA TRP AA 361 14.34 -59.54 -4.74
C TRP AA 361 14.35 -58.34 -5.65
N ALA AA 362 14.55 -58.54 -6.95
CA ALA AA 362 14.58 -57.39 -7.81
C ALA AA 362 13.26 -56.65 -7.84
N ARG AA 363 12.12 -57.35 -7.86
CA ARG AA 363 10.87 -56.63 -7.84
C ARG AA 363 10.69 -55.96 -6.49
N ASN AA 364 10.97 -56.67 -5.42
CA ASN AA 364 10.75 -56.12 -4.10
C ASN AA 364 11.54 -54.86 -3.86
N ASP AA 365 12.81 -54.92 -4.22
CA ASP AA 365 13.71 -53.84 -3.93
C ASP AA 365 13.44 -52.66 -4.85
N SER AA 366 13.06 -52.92 -6.11
CA SER AA 366 12.79 -51.81 -7.02
C SER AA 366 11.40 -51.19 -6.84
N GLU AA 367 10.41 -51.94 -6.33
CA GLU AA 367 9.09 -51.34 -6.16
C GLU AA 367 8.80 -50.84 -4.76
N ARG AA 368 9.28 -51.51 -3.71
CA ARG AA 368 8.98 -51.04 -2.37
C ARG AA 368 10.24 -50.59 -1.64
N GLY AA 369 11.33 -51.33 -1.86
CA GLY AA 369 12.60 -51.03 -1.17
C GLY AA 369 13.18 -52.27 -0.52
N VAL AA 370 14.30 -52.15 0.18
CA VAL AA 370 14.94 -53.31 0.88
C VAL AA 370 14.53 -53.25 2.36
N HIS AA 371 13.52 -52.45 2.68
CA HIS AA 371 13.06 -52.32 4.09
C HIS AA 371 12.54 -53.66 4.62
N LYS AA 372 11.80 -54.41 3.80
CA LYS AA 372 11.20 -55.69 4.26
C LYS AA 372 11.58 -56.81 3.28
N ALA AA 373 11.65 -58.05 3.75
CA ALA AA 373 11.99 -59.18 2.88
C ALA AA 373 10.86 -59.49 1.93
N PRO AA 374 11.12 -60.01 0.72
CA PRO AA 374 10.10 -60.48 -0.19
C PRO AA 374 9.64 -61.86 0.22
N ALA AA 375 9.10 -61.96 1.40
CA ALA AA 375 8.75 -63.24 1.98
C ALA AA 375 7.33 -63.67 1.66
N ASN AA 376 6.59 -62.86 0.91
CA ASN AA 376 5.23 -63.25 0.49
C ASN AA 376 5.09 -63.15 -1.00
N GLU AA 377 6.18 -63.13 -1.73
CA GLU AA 377 6.04 -62.89 -3.15
C GLU AA 377 5.73 -64.12 -3.97
N VAL AA 378 5.04 -63.89 -5.08
CA VAL AA 378 4.63 -64.91 -6.03
C VAL AA 378 5.65 -65.28 -7.08
N VAL AA 379 5.85 -66.58 -7.21
CA VAL AA 379 6.79 -67.05 -8.21
C VAL AA 379 5.96 -67.11 -9.47
N ARG AA 380 6.03 -66.02 -10.22
CA ARG AA 380 5.15 -65.81 -11.36
C ARG AA 380 5.24 -66.86 -12.43
N GLY AA 381 6.42 -67.40 -12.67
CA GLY AA 381 6.58 -68.37 -13.73
C GLY AA 381 6.47 -69.83 -13.28
N ALA AA 382 6.13 -70.09 -12.02
CA ALA AA 382 6.05 -71.49 -11.58
C ALA AA 382 4.80 -72.14 -12.12
N VAL AA 383 4.89 -73.41 -12.49
CA VAL AA 383 3.70 -74.13 -12.88
C VAL AA 383 3.20 -74.83 -11.65
N ASP AA 384 4.12 -75.52 -11.00
CA ASP AA 384 3.81 -76.25 -9.78
C ASP AA 384 5.09 -76.50 -9.01
N LEU AA 385 4.99 -77.14 -7.86
CA LEU AA 385 6.16 -77.50 -7.04
C LEU AA 385 6.38 -79.00 -7.05
N GLU AA 386 7.62 -79.45 -6.91
CA GLU AA 386 7.84 -80.91 -6.83
C GLU AA 386 7.23 -81.53 -5.60
N LEU AA 387 7.27 -80.82 -4.50
CA LEU AA 387 6.71 -81.29 -3.26
C LEU AA 387 5.98 -80.17 -2.55
N GLN AA 388 4.81 -80.47 -2.02
CA GLN AA 388 4.07 -79.51 -1.22
C GLN AA 388 4.42 -79.71 0.24
N ILE AA 389 5.11 -78.73 0.77
CA ILE AA 389 5.67 -78.80 2.11
C ILE AA 389 4.57 -78.69 3.15
N THR AA 390 4.59 -79.63 4.08
CA THR AA 390 3.60 -79.67 5.15
C THR AA 390 4.12 -79.01 6.41
N ARG AA 391 3.30 -79.02 7.45
CA ARG AA 391 3.69 -78.32 8.66
C ARG AA 391 4.89 -78.92 9.36
N GLY AA 392 4.94 -80.24 9.48
CA GLY AA 392 6.09 -80.85 10.12
C GLY AA 392 7.36 -80.54 9.35
N GLU AA 393 7.27 -80.49 8.02
CA GLU AA 393 8.41 -80.19 7.18
C GLU AA 393 8.82 -78.73 7.34
N GLN AA 394 7.86 -77.82 7.46
CA GLN AA 394 8.20 -76.42 7.68
C GLN AA 394 8.88 -76.27 9.04
N ASP AA 395 8.43 -77.02 10.04
CA ASP AA 395 9.03 -76.94 11.40
C ASP AA 395 10.45 -77.52 11.35
N LEU AA 396 10.66 -78.57 10.56
CA LEU AA 396 11.98 -79.19 10.40
C LEU AA 396 12.97 -78.22 9.78
N LEU AA 397 12.54 -77.51 8.73
CA LEU AA 397 13.48 -76.63 7.99
C LEU AA 397 13.71 -75.30 8.73
N ASN AA 398 12.67 -74.72 9.34
CA ASN AA 398 12.84 -73.41 9.97
C ASN AA 398 14.11 -73.22 10.83
N PRO AA 399 14.38 -74.05 11.86
CA PRO AA 399 15.49 -73.90 12.77
C PRO AA 399 16.84 -74.25 12.17
N ILE AA 400 16.88 -74.76 10.93
CA ILE AA 400 18.15 -75.13 10.37
C ILE AA 400 18.54 -74.14 9.27
N GLY AA 401 17.69 -73.11 9.08
CA GLY AA 401 17.95 -72.06 8.10
C GLY AA 401 17.57 -72.35 6.66
N VAL AA 402 16.69 -73.31 6.41
CA VAL AA 402 16.31 -73.58 5.02
C VAL AA 402 15.02 -72.88 4.69
N ASN AA 403 14.99 -72.15 3.58
CA ASN AA 403 13.78 -71.44 3.24
C ASN AA 403 12.85 -72.31 2.42
N CYS AA 404 11.57 -72.00 2.48
CA CYS AA 404 10.57 -72.75 1.74
C CYS AA 404 9.77 -71.93 0.74
N ILE AA 405 9.28 -72.63 -0.28
CA ILE AA 405 8.35 -72.14 -1.30
C ILE AA 405 7.14 -73.08 -1.19
N ARG AA 406 5.94 -72.52 -1.05
CA ARG AA 406 4.71 -73.29 -0.86
C ARG AA 406 3.50 -72.80 -1.64
N SER AA 407 2.59 -73.74 -1.95
CA SER AA 407 1.34 -73.43 -2.66
C SER AA 407 0.16 -73.22 -1.72
N PHE AA 408 -0.51 -72.08 -1.87
CA PHE AA 408 -1.66 -71.73 -1.05
C PHE AA 408 -3.01 -71.70 -1.81
N PRO AA 409 -4.13 -72.02 -1.13
CA PRO AA 409 -5.47 -72.21 -1.69
C PRO AA 409 -6.15 -70.93 -2.12
N GLY AA 410 -5.67 -70.39 -3.22
CA GLY AA 410 -6.18 -69.15 -3.80
C GLY AA 410 -5.18 -68.01 -3.66
N ARG AA 411 -4.00 -68.32 -3.13
CA ARG AA 411 -2.97 -67.31 -2.98
C ARG AA 411 -1.81 -67.59 -3.94
N GLY AA 412 -1.73 -68.80 -4.50
CA GLY AA 412 -0.69 -69.14 -5.47
C GLY AA 412 0.60 -69.68 -4.87
N ILE AA 413 1.66 -69.67 -5.67
CA ILE AA 413 2.93 -70.23 -5.25
C ILE AA 413 3.82 -69.10 -4.80
N ARG AA 414 4.13 -69.11 -3.53
CA ARG AA 414 4.88 -68.02 -2.93
C ARG AA 414 6.11 -68.47 -2.20
N VAL AA 415 7.05 -67.55 -2.11
CA VAL AA 415 8.28 -67.75 -1.36
C VAL AA 415 7.93 -67.38 0.04
N TRP AA 416 8.32 -68.19 1.03
CA TRP AA 416 7.86 -67.92 2.41
C TRP AA 416 9.03 -67.73 3.38
N GLY AA 417 10.11 -68.51 3.25
CA GLY AA 417 11.17 -68.38 4.25
C GLY AA 417 11.94 -67.10 4.03
N ALA AA 418 12.63 -66.61 5.07
CA ALA AA 418 13.43 -65.40 4.91
C ALA AA 418 14.76 -65.42 5.67
N ARG AA 419 15.40 -66.58 5.78
CA ARG AA 419 16.67 -66.66 6.51
C ARG AA 419 17.89 -67.01 5.67
N THR AA 420 19.03 -66.61 6.22
CA THR AA 420 20.35 -66.80 5.64
C THR AA 420 20.98 -68.11 6.05
N LEU AA 421 22.02 -68.52 5.33
CA LEU AA 421 22.72 -69.74 5.70
C LEU AA 421 23.85 -69.47 6.67
N SER AA 422 23.47 -69.02 7.88
CA SER AA 422 24.43 -68.66 8.94
C SER AA 422 23.94 -68.89 10.35
N SER AA 423 24.86 -69.33 11.20
CA SER AA 423 24.58 -69.56 12.60
C SER AA 423 24.61 -68.30 13.46
N ASP AA 424 25.11 -67.18 12.92
CA ASP AA 424 25.25 -65.93 13.68
C ASP AA 424 23.92 -65.21 13.82
N PRO AA 425 23.33 -65.09 15.03
CA PRO AA 425 22.04 -64.46 15.26
C PRO AA 425 21.92 -63.09 14.58
N ALA AA 426 23.03 -62.34 14.55
CA ALA AA 426 23.00 -61.01 13.97
C ALA AA 426 22.61 -61.01 12.52
N TRP AA 427 23.01 -62.03 11.79
CA TRP AA 427 22.81 -62.07 10.37
C TRP AA 427 21.86 -63.14 9.92
N ARG AA 428 20.91 -63.54 10.77
CA ARG AA 428 19.95 -64.57 10.40
C ARG AA 428 18.98 -64.18 9.30
N TYR AA 429 18.65 -62.90 9.17
CA TYR AA 429 17.67 -62.53 8.19
C TYR AA 429 18.22 -61.88 6.95
N LEU AA 430 17.60 -62.25 5.83
CA LEU AA 430 17.98 -61.74 4.53
C LEU AA 430 17.76 -60.26 4.41
N ASN AA 431 16.70 -59.77 5.02
CA ASN AA 431 16.36 -58.36 4.94
C ASN AA 431 17.45 -57.48 5.50
N ILE AA 432 18.06 -57.91 6.59
CA ILE AA 432 19.06 -57.11 7.23
C ILE AA 432 20.31 -57.15 6.43
N ARG AA 433 20.67 -58.33 5.94
CA ARG AA 433 21.93 -58.49 5.16
C ARG AA 433 21.86 -57.61 3.91
N ARG AA 434 20.68 -57.52 3.29
CA ARG AA 434 20.51 -56.73 2.07
C ARG AA 434 20.49 -55.25 2.35
N TYR AA 435 19.87 -54.87 3.47
CA TYR AA 435 19.80 -53.48 3.87
C TYR AA 435 21.19 -52.90 4.02
N PHE AA 436 22.06 -53.61 4.72
CA PHE AA 436 23.39 -53.08 4.89
C PHE AA 436 24.17 -53.02 3.59
N ASN AA 437 24.05 -54.00 2.70
CA ASN AA 437 24.81 -53.88 1.46
C ASN AA 437 24.33 -52.68 0.66
N TYR AA 438 23.02 -52.41 0.69
CA TYR AA 438 22.51 -51.26 -0.02
C TYR AA 438 23.14 -49.98 0.48
N LEU AA 439 23.18 -49.83 1.81
CA LEU AA 439 23.73 -48.60 2.35
C LEU AA 439 25.19 -48.45 1.96
N GLU AA 440 25.93 -49.56 1.94
CA GLU AA 440 27.34 -49.49 1.60
C GLU AA 440 27.54 -49.05 0.17
N GLU AA 441 26.73 -49.54 -0.75
CA GLU AA 441 26.95 -49.10 -2.11
C GLU AA 441 26.78 -47.60 -2.23
N SER AA 442 25.74 -47.05 -1.59
CA SER AA 442 25.52 -45.61 -1.70
C SER AA 442 26.59 -44.78 -1.02
N ILE AA 443 27.05 -45.21 0.15
CA ILE AA 443 28.06 -44.44 0.83
C ILE AA 443 29.37 -44.45 0.06
N LEU AA 444 29.79 -45.59 -0.47
CA LEU AA 444 31.04 -45.59 -1.17
C LEU AA 444 31.01 -44.80 -2.45
N ILE AA 445 29.93 -44.88 -3.23
CA ILE AA 445 29.93 -44.13 -4.48
C ILE AA 445 29.93 -42.64 -4.21
N GLY AA 446 29.33 -42.26 -3.09
CA GLY AA 446 29.26 -40.87 -2.69
C GLY AA 446 30.59 -40.22 -2.28
N THR AA 447 31.67 -40.97 -2.04
CA THR AA 447 32.90 -40.28 -1.63
C THR AA 447 34.03 -40.38 -2.62
N GLN AA 448 34.40 -39.24 -3.19
CA GLN AA 448 35.49 -39.15 -4.18
C GLN AA 448 36.79 -38.72 -3.54
N TRP AA 449 36.74 -38.43 -2.27
CA TRP AA 449 37.85 -37.87 -1.51
C TRP AA 449 38.82 -38.94 -1.08
N VAL AA 450 39.46 -39.56 -2.06
CA VAL AA 450 40.34 -40.67 -1.76
C VAL AA 450 41.77 -40.20 -1.55
N VAL AA 451 42.27 -39.37 -2.47
CA VAL AA 451 43.63 -38.87 -2.32
C VAL AA 451 43.59 -37.36 -2.39
N PHE AA 452 43.45 -36.71 -1.23
CA PHE AA 452 43.39 -35.24 -1.16
C PHE AA 452 43.67 -34.72 0.24
N GLU AA 453 44.90 -34.27 0.47
CA GLU AA 453 45.33 -33.74 1.75
C GLU AA 453 44.96 -34.66 2.92
N PRO AA 454 45.55 -35.86 2.93
CA PRO AA 454 45.31 -36.89 3.95
C PRO AA 454 45.50 -36.39 5.39
N ASN AA 455 45.79 -35.11 5.57
CA ASN AA 455 45.99 -34.57 6.94
C ASN AA 455 44.90 -33.54 7.25
N ASP AA 456 44.28 -32.96 6.22
CA ASP AA 456 43.23 -31.92 6.43
C ASP AA 456 42.14 -32.47 7.36
N HIS AA 457 41.79 -31.71 8.39
CA HIS AA 457 40.71 -32.13 9.32
C HIS AA 457 39.37 -31.60 8.79
N ASN AA 458 39.39 -30.51 8.02
CA ASN AA 458 38.18 -29.96 7.48
C ASN AA 458 37.44 -31.04 6.72
N LEU AA 459 38.16 -32.08 6.30
CA LEU AA 459 37.54 -33.18 5.62
C LEU AA 459 36.64 -33.91 6.58
N TRP AA 460 36.96 -33.95 7.87
CA TRP AA 460 36.13 -34.70 8.79
C TRP AA 460 34.78 -34.05 8.83
N ALA AA 461 34.79 -32.72 8.82
CA ALA AA 461 33.53 -32.00 8.84
C ALA AA 461 32.72 -32.25 7.57
N ARG AA 462 33.39 -32.32 6.43
CA ARG AA 462 32.69 -32.56 5.17
C ARG AA 462 32.10 -33.97 5.17
N ILE AA 463 32.81 -34.92 5.76
CA ILE AA 463 32.31 -36.28 5.86
C ILE AA 463 31.08 -36.35 6.71
N ARG AA 464 31.11 -35.73 7.88
CA ARG AA 464 29.96 -35.81 8.74
C ARG AA 464 28.75 -35.24 8.04
N ARG AA 465 28.96 -34.16 7.31
CA ARG AA 465 27.88 -33.54 6.61
C ARG AA 465 27.20 -34.47 5.61
N ASN AA 466 28.00 -35.14 4.79
CA ASN AA 466 27.38 -35.98 3.78
C ASN AA 466 26.71 -37.21 4.36
N VAL AA 467 27.31 -37.79 5.39
CA VAL AA 467 26.76 -38.99 5.97
C VAL AA 467 25.46 -38.70 6.67
N SER AA 468 25.42 -37.62 7.44
CA SER AA 468 24.22 -37.26 8.15
C SER AA 468 23.09 -36.98 7.19
N ALA AA 469 23.36 -36.23 6.13
CA ALA AA 469 22.25 -35.93 5.24
C ALA AA 469 21.63 -37.19 4.65
N PHE AA 470 22.46 -38.17 4.29
CA PHE AA 470 21.94 -39.40 3.73
C PHE AA 470 21.12 -40.21 4.72
N LEU AA 471 21.63 -40.39 5.92
CA LEU AA 471 20.93 -41.25 6.84
C LEU AA 471 19.70 -40.61 7.43
N VAL AA 472 19.70 -39.30 7.63
CA VAL AA 472 18.50 -38.70 8.15
C VAL AA 472 17.39 -38.84 7.10
N ASN AA 473 17.71 -38.66 5.83
CA ASN AA 473 16.69 -38.83 4.82
C ASN AA 473 16.03 -40.21 4.94
N GLU AA 474 16.82 -41.25 5.30
CA GLU AA 474 16.27 -42.60 5.48
C GLU AA 474 15.39 -42.70 6.74
N TRP AA 475 15.79 -41.98 7.81
CA TRP AA 475 15.02 -41.91 9.05
C TRP AA 475 13.63 -41.34 8.83
N ARG AA 476 13.55 -40.35 7.98
CA ARG AA 476 12.29 -39.65 7.70
C ARG AA 476 11.33 -40.50 6.85
N ASN AA 477 11.79 -41.69 6.46
CA ASN AA 477 11.11 -42.69 5.69
C ASN AA 477 11.03 -43.94 6.58
N GLY AA 478 11.02 -45.14 6.03
CA GLY AA 478 10.81 -46.32 6.86
C GLY AA 478 12.06 -47.08 7.31
N ALA AA 479 13.25 -46.53 7.11
CA ALA AA 479 14.45 -47.29 7.40
C ALA AA 479 14.76 -47.57 8.88
N LEU AA 480 14.44 -46.65 9.78
CA LEU AA 480 14.90 -46.85 11.15
C LEU AA 480 13.84 -46.93 12.21
N PHE AA 481 14.08 -47.81 13.16
CA PHE AA 481 13.15 -48.06 14.22
C PHE AA 481 13.31 -47.09 15.39
N GLY AA 482 12.88 -45.84 15.19
CA GLY AA 482 12.98 -44.85 16.28
C GLY AA 482 12.25 -43.52 15.99
N GLN AA 483 12.04 -42.76 17.08
CA GLN AA 483 11.29 -41.49 17.08
C GLN AA 483 12.03 -40.24 16.64
N SER AA 484 13.32 -40.34 16.54
CA SER AA 484 14.18 -39.22 16.20
C SER AA 484 15.52 -39.73 15.81
N PRO AA 485 16.26 -39.09 14.89
CA PRO AA 485 17.60 -39.48 14.55
C PRO AA 485 18.45 -39.60 15.82
N ASP AA 486 18.16 -38.81 16.86
CA ASP AA 486 18.96 -38.91 18.07
C ASP AA 486 18.97 -40.31 18.68
N GLN AA 487 17.89 -41.05 18.53
CA GLN AA 487 17.78 -42.40 19.08
C GLN AA 487 17.78 -43.44 17.99
N ALA AA 488 18.08 -43.05 16.76
CA ALA AA 488 18.01 -43.99 15.64
C ALA AA 488 19.26 -44.05 14.78
N TYR AA 489 19.98 -42.93 14.73
CA TYR AA 489 21.16 -42.86 13.82
C TYR AA 489 22.33 -42.13 14.48
N TYR AA 490 23.54 -42.63 14.28
CA TYR AA 490 24.74 -41.99 14.82
C TYR AA 490 25.91 -41.91 13.86
N VAL AA 491 26.59 -40.77 13.82
CA VAL AA 491 27.83 -40.64 13.09
C VAL AA 491 28.87 -39.84 13.87
N LYS AA 492 30.11 -40.30 13.87
CA LYS AA 492 31.18 -39.53 14.46
C LYS AA 492 32.50 -39.61 13.68
N CYS AA 493 33.14 -38.48 13.52
CA CYS AA 493 34.43 -38.43 12.82
C CYS AA 493 35.21 -37.27 13.40
N ASP AA 494 36.25 -37.60 14.14
CA ASP AA 494 37.04 -36.64 14.90
C ASP AA 494 38.48 -37.10 15.05
N GLU AA 495 39.30 -36.31 15.73
CA GLU AA 495 40.70 -36.62 15.94
C GLU AA 495 40.89 -37.96 16.63
N GLU AA 496 40.00 -38.29 17.56
CA GLU AA 496 40.11 -39.56 18.25
C GLU AA 496 39.80 -40.76 17.35
N THR AA 497 39.16 -40.55 16.19
CA THR AA 497 38.80 -41.66 15.32
C THR AA 497 39.84 -41.70 14.19
N ASN AA 498 40.54 -40.58 14.00
CA ASN AA 498 41.59 -40.38 13.01
C ASN AA 498 42.85 -39.90 13.74
N PRO AA 499 43.62 -40.83 14.36
CA PRO AA 499 44.71 -40.59 15.28
C PRO AA 499 45.70 -39.61 14.67
N PRO AA 500 46.41 -38.84 15.52
CA PRO AA 500 47.31 -37.75 15.20
C PRO AA 500 48.44 -38.12 14.28
N GLU AA 501 48.83 -39.39 14.22
CA GLU AA 501 49.90 -39.76 13.33
C GLU AA 501 49.53 -39.33 11.92
N SER AA 502 48.23 -39.34 11.60
CA SER AA 502 47.75 -38.90 10.26
C SER AA 502 48.16 -39.93 9.21
N VAL AA 503 47.95 -41.22 9.50
CA VAL AA 503 48.28 -42.30 8.52
C VAL AA 503 47.31 -42.19 7.34
N ASP AA 504 47.73 -42.64 6.15
CA ASP AA 504 46.85 -42.60 4.95
C ASP AA 504 45.55 -43.35 5.27
N LEU AA 505 45.60 -44.26 6.24
CA LEU AA 505 44.39 -45.03 6.63
C LEU AA 505 43.44 -44.10 7.38
N GLY AA 506 43.37 -42.81 6.98
CA GLY AA 506 42.44 -41.89 7.59
C GLY AA 506 41.04 -42.26 7.18
N ARG AA 507 40.18 -41.24 7.05
CA ARG AA 507 38.77 -41.47 6.66
C ARG AA 507 38.08 -42.40 7.67
N VAL AA 508 38.36 -42.26 8.97
CA VAL AA 508 37.66 -43.11 9.89
C VAL AA 508 36.40 -42.45 10.36
N VAL AA 509 35.28 -43.13 10.14
CA VAL AA 509 33.98 -42.62 10.50
C VAL AA 509 33.24 -43.66 11.31
N CYS AA 510 32.87 -43.35 12.53
CA CYS AA 510 32.17 -44.32 13.34
C CYS AA 510 30.68 -44.17 13.15
N GLU AA 511 29.98 -45.26 12.87
CA GLU AA 511 28.54 -45.16 12.63
C GLU AA 511 27.68 -46.21 13.31
N ILE AA 512 26.45 -45.81 13.68
CA ILE AA 512 25.47 -46.79 14.17
C ILE AA 512 24.33 -46.83 13.16
N GLY AA 513 24.18 -48.01 12.55
CA GLY AA 513 23.25 -48.25 11.46
C GLY AA 513 21.77 -48.18 11.84
N ILE AA 514 21.47 -48.69 13.03
CA ILE AA 514 20.13 -48.76 13.59
C ILE AA 514 20.35 -49.17 15.02
N ALA AA 515 21.46 -49.86 15.18
CA ALA AA 515 21.98 -50.41 16.45
C ALA AA 515 23.35 -51.08 16.23
N PRO AA 516 23.59 -51.89 15.16
CA PRO AA 516 24.87 -52.47 14.85
C PRO AA 516 25.86 -51.36 14.59
N VAL AA 517 27.09 -51.60 15.00
CA VAL AA 517 28.15 -50.64 14.82
C VAL AA 517 28.99 -50.94 13.57
N LYS AA 518 29.22 -49.90 12.75
CA LYS AA 518 29.95 -49.86 11.49
C LYS AA 518 30.69 -48.53 11.40
N MET BA 1 0.29 -32.73 23.74
CA MET BA 1 -1.03 -32.52 24.33
C MET BA 1 -0.95 -32.62 25.89
N SER BA 2 0.09 -31.98 26.48
CA SER BA 2 0.40 -31.94 27.92
C SER BA 2 -0.56 -31.14 28.80
N LEU BA 3 -1.27 -30.22 28.18
CA LEU BA 3 -2.23 -29.37 28.85
C LEU BA 3 -3.61 -29.72 28.35
N PRO BA 4 -4.71 -29.39 29.08
CA PRO BA 4 -6.10 -29.48 28.63
C PRO BA 4 -6.44 -28.40 27.60
N LYS BA 5 -5.58 -27.40 27.57
CA LYS BA 5 -5.62 -26.20 26.75
C LYS BA 5 -5.42 -26.31 25.20
N PRO BA 6 -4.61 -27.29 24.73
CA PRO BA 6 -4.30 -27.38 23.32
C PRO BA 6 -5.33 -28.13 22.50
N GLU BA 7 -5.30 -27.89 21.20
CA GLU BA 7 -6.18 -28.52 20.28
C GLU BA 7 -5.33 -29.28 19.33
N ASP BA 8 -5.85 -30.31 18.70
CA ASP BA 8 -5.03 -30.95 17.73
C ASP BA 8 -4.69 -29.89 16.73
N VAL BA 9 -3.39 -29.72 16.45
CA VAL BA 9 -2.95 -28.72 15.42
C VAL BA 9 -2.79 -29.50 14.13
N LEU BA 10 -3.21 -28.96 12.98
CA LEU BA 10 -3.00 -29.76 11.82
C LEU BA 10 -1.50 -30.05 11.69
N VAL BA 11 -1.15 -31.34 11.81
CA VAL BA 11 0.23 -31.82 11.81
C VAL BA 11 0.59 -32.85 10.76
N ALA BA 12 -0.20 -33.91 10.65
CA ALA BA 12 0.11 -34.98 9.71
C ALA BA 12 -0.96 -36.05 9.57
N PRO BA 13 -2.01 -35.81 8.77
CA PRO BA 13 -3.04 -36.81 8.52
C PRO BA 13 -2.40 -37.86 7.60
N ASN BA 14 -2.64 -39.14 7.90
CA ASN BA 14 -2.01 -40.19 7.12
C ASN BA 14 -2.97 -41.29 6.74
N PHE BA 15 -2.49 -42.28 5.98
CA PHE BA 15 -3.38 -43.33 5.51
C PHE BA 15 -3.00 -44.79 5.70
N GLY BA 16 -3.83 -45.46 6.45
CA GLY BA 16 -3.73 -46.89 6.71
C GLY BA 16 -4.46 -47.58 5.57
N ILE BA 17 -3.83 -47.59 4.41
CA ILE BA 17 -4.46 -48.10 3.21
C ILE BA 17 -3.70 -49.22 2.51
N GLN BA 18 -4.40 -49.94 1.63
CA GLN BA 18 -3.87 -51.11 0.90
C GLN BA 18 -3.29 -50.78 -0.49
N ILE BA 19 -3.28 -49.50 -0.80
CA ILE BA 19 -2.81 -48.95 -2.07
C ILE BA 19 -1.69 -47.97 -1.73
N ASP BA 20 -0.65 -47.85 -2.54
CA ASP BA 20 0.47 -46.99 -2.15
C ASP BA 20 0.27 -45.49 -2.40
N GLY BA 21 -0.65 -44.93 -1.64
CA GLY BA 21 -1.00 -43.52 -1.65
C GLY BA 21 -0.05 -42.78 -0.73
N VAL BA 22 1.23 -42.84 -1.05
CA VAL BA 22 2.27 -42.34 -0.15
C VAL BA 22 2.41 -40.83 0.01
N MET BA 23 2.20 -40.02 -1.01
CA MET BA 23 2.38 -38.59 -0.76
C MET BA 23 1.20 -37.76 -1.18
N VAL BA 24 0.65 -37.07 -0.19
CA VAL BA 24 -0.57 -36.30 -0.34
C VAL BA 24 -0.48 -34.86 0.11
N GLU BA 25 -1.44 -34.05 -0.34
CA GLU BA 25 -1.56 -32.67 0.09
C GLU BA 25 -2.72 -32.44 1.04
N TYR BA 26 -3.88 -33.02 0.76
CA TYR BA 26 -5.05 -32.79 1.60
C TYR BA 26 -6.12 -33.86 1.54
N LEU BA 27 -6.98 -33.79 2.56
CA LEU BA 27 -8.20 -34.57 2.66
C LEU BA 27 -9.36 -33.67 3.08
N ASN BA 28 -10.41 -33.64 2.25
CA ASN BA 28 -11.57 -32.79 2.51
C ASN BA 28 -12.91 -33.55 2.55
N SER BA 29 -13.98 -32.78 2.81
CA SER BA 29 -15.37 -33.25 2.86
C SER BA 29 -15.65 -34.42 3.80
N VAL BA 30 -15.18 -34.33 5.03
CA VAL BA 30 -15.44 -35.39 5.99
C VAL BA 30 -16.51 -34.98 6.99
N SER BA 31 -17.61 -35.74 7.02
CA SER BA 31 -18.76 -35.45 7.89
C SER BA 31 -19.52 -36.71 8.30
N ASN BA 32 -20.34 -36.56 9.35
CA ASN BA 32 -21.20 -37.61 9.92
C ASN BA 32 -22.66 -37.17 10.06
N LEU BA 33 -23.52 -37.63 9.16
CA LEU BA 33 -24.91 -37.18 9.14
C LEU BA 33 -25.97 -38.07 9.81
N GLN BA 34 -26.89 -37.40 10.48
CA GLN BA 34 -28.02 -38.04 11.14
C GLN BA 34 -29.26 -37.46 10.49
N ILE BA 35 -30.16 -38.32 10.02
CA ILE BA 35 -31.36 -37.86 9.33
C ILE BA 35 -32.55 -37.59 10.24
N GLU BA 36 -33.04 -36.35 10.21
CA GLU BA 36 -34.22 -35.97 11.01
C GLU BA 36 -35.45 -35.70 10.16
N GLN BA 37 -36.65 -35.75 10.75
CA GLN BA 37 -37.86 -35.33 10.00
C GLN BA 37 -38.81 -34.54 10.91
N ASP BA 38 -39.57 -33.61 10.32
CA ASP BA 38 -40.53 -32.74 11.00
C ASP BA 38 -41.97 -33.17 10.97
N VAL BA 39 -42.51 -33.53 12.12
CA VAL BA 39 -43.88 -33.98 12.16
C VAL BA 39 -44.78 -33.12 13.04
N ILE BA 40 -45.87 -32.59 12.48
CA ILE BA 40 -46.77 -31.72 13.25
C ILE BA 40 -48.17 -32.28 13.45
N ARG BA 41 -48.62 -32.32 14.70
CA ARG BA 41 -49.97 -32.81 15.02
C ARG BA 41 -50.69 -31.98 16.05
N TYR BA 42 -52.01 -32.15 16.13
CA TYR BA 42 -52.84 -31.42 17.08
C TYR BA 42 -53.19 -32.25 18.32
N GLN BA 43 -53.13 -31.61 19.49
CA GLN BA 43 -53.42 -32.26 20.78
C GLN BA 43 -54.89 -32.59 21.06
N GLN BA 44 -55.12 -33.59 21.90
CA GLN BA 44 -56.47 -34.03 22.29
C GLN BA 44 -57.31 -32.89 22.86
N ASN BA 45 -58.19 -32.37 22.01
CA ASN BA 45 -59.11 -31.26 22.24
C ASN BA 45 -58.73 -30.29 23.33
N GLN BA 46 -57.45 -29.98 23.48
CA GLN BA 46 -57.07 -29.07 24.54
C GLN BA 46 -56.86 -27.63 24.10
N GLY BA 47 -57.01 -27.33 22.81
CA GLY BA 47 -56.78 -25.96 22.36
C GLY BA 47 -55.29 -25.64 22.28
N THR BA 48 -54.47 -26.61 21.96
CA THR BA 48 -53.06 -26.37 21.88
C THR BA 48 -52.69 -26.10 20.47
N THR BA 49 -51.50 -25.63 20.28
CA THR BA 49 -50.98 -25.43 18.96
C THR BA 49 -50.60 -26.79 18.53
N GLY BA 50 -50.21 -26.94 17.29
CA GLY BA 50 -49.79 -28.27 16.96
C GLY BA 50 -48.47 -28.45 17.68
N ARG BA 51 -48.02 -29.70 17.74
CA ARG BA 51 -46.76 -30.04 18.38
C ARG BA 51 -45.83 -30.62 17.34
N ASN BA 52 -44.63 -30.08 17.26
CA ASN BA 52 -43.65 -30.55 16.28
C ASN BA 52 -42.71 -31.53 16.90
N ASN BA 53 -42.63 -32.72 16.32
CA ASN BA 53 -41.75 -33.79 16.74
C ASN BA 53 -40.51 -33.83 15.87
N VAL BA 54 -39.35 -33.43 16.39
CA VAL BA 54 -38.16 -33.46 15.52
C VAL BA 54 -37.11 -34.35 16.13
N THR BA 55 -37.53 -35.25 17.01
CA THR BA 55 -36.57 -36.13 17.69
C THR BA 55 -36.59 -37.50 17.08
N LEU BA 56 -37.27 -37.58 15.96
CA LEU BA 56 -37.41 -38.79 15.21
C LEU BA 56 -36.07 -39.08 14.58
N MET BA 57 -35.74 -40.35 14.44
CA MET BA 57 -34.45 -40.76 13.93
C MET BA 57 -34.58 -41.72 12.74
N PRO BA 58 -35.14 -41.31 11.59
CA PRO BA 58 -35.41 -42.14 10.42
C PRO BA 58 -34.23 -42.72 9.63
N GLY BA 59 -33.03 -42.15 9.69
CA GLY BA 59 -31.99 -42.81 8.90
C GLY BA 59 -30.66 -42.10 8.87
N VAL BA 60 -29.64 -42.73 8.26
CA VAL BA 60 -28.28 -42.19 8.19
C VAL BA 60 -27.78 -42.07 6.75
N ALA BA 61 -27.17 -40.92 6.44
CA ALA BA 61 -26.64 -40.57 5.13
C ALA BA 61 -25.32 -41.28 4.80
N LYS BA 62 -25.06 -41.45 3.51
CA LYS BA 62 -23.81 -42.04 3.00
C LYS BA 62 -23.19 -41.00 2.07
N ASP BA 63 -21.87 -41.01 1.91
CA ASP BA 63 -21.20 -40.03 1.04
C ASP BA 63 -19.81 -40.51 0.62
N GLY BA 64 -19.00 -39.58 0.10
CA GLY BA 64 -17.66 -39.87 -0.35
C GLY BA 64 -16.67 -38.81 0.13
N SER BA 65 -15.40 -39.19 0.23
CA SER BA 65 -14.37 -38.27 0.70
C SER BA 65 -13.36 -37.93 -0.39
N VAL BA 66 -13.09 -36.64 -0.57
CA VAL BA 66 -12.15 -36.16 -1.57
C VAL BA 66 -10.71 -36.20 -1.03
N GLN BA 67 -9.76 -36.44 -1.92
CA GLN BA 67 -8.36 -36.50 -1.55
C GLN BA 67 -7.46 -36.13 -2.69
N VAL BA 68 -6.41 -35.36 -2.37
CA VAL BA 68 -5.50 -34.85 -3.44
C VAL BA 68 -4.14 -35.53 -3.37
N GLU BA 69 -3.72 -36.15 -4.47
CA GLU BA 69 -2.42 -36.75 -4.60
C GLU BA 69 -1.56 -35.56 -4.77
N ARG BA 70 -0.42 -35.54 -4.10
CA ARG BA 70 0.43 -34.36 -4.18
C ARG BA 70 0.68 -33.96 -5.62
N GLY BA 71 0.89 -34.91 -6.51
CA GLY BA 71 1.08 -34.54 -7.88
C GLY BA 71 1.24 -35.72 -8.79
N MET BA 72 1.19 -35.44 -10.08
CA MET BA 72 1.39 -36.50 -11.04
C MET BA 72 2.85 -36.88 -11.03
N SER BA 73 3.12 -38.15 -11.23
CA SER BA 73 4.47 -38.68 -11.29
C SER BA 73 4.38 -39.94 -12.11
N GLN BA 74 5.51 -40.60 -12.29
CA GLN BA 74 5.56 -41.82 -13.07
C GLN BA 74 4.89 -43.01 -12.39
N SER BA 75 4.59 -42.92 -11.10
CA SER BA 75 3.99 -44.05 -10.41
C SER BA 75 2.54 -44.27 -10.83
N SER BA 76 2.17 -45.52 -11.04
CA SER BA 76 0.79 -45.85 -11.35
C SER BA 76 0.14 -46.44 -10.13
N VAL BA 77 -0.74 -45.68 -9.51
CA VAL BA 77 -1.36 -46.11 -8.28
C VAL BA 77 -2.87 -46.04 -8.42
N PHE BA 78 -3.39 -44.82 -8.54
CA PHE BA 78 -4.85 -44.64 -8.61
C PHE BA 78 -5.37 -45.05 -9.99
N THR BA 79 -4.53 -44.94 -11.02
CA THR BA 79 -4.99 -45.25 -12.33
C THR BA 79 -5.35 -46.72 -12.41
N GLN BA 80 -4.57 -47.56 -11.75
CA GLN BA 80 -4.91 -48.97 -11.80
C GLN BA 80 -6.18 -49.22 -11.03
N TRP BA 81 -6.34 -48.53 -9.91
CA TRP BA 81 -7.51 -48.74 -9.09
C TRP BA 81 -8.77 -48.38 -9.85
N ILE BA 82 -8.77 -47.22 -10.49
CA ILE BA 82 -9.97 -46.83 -11.21
C ILE BA 82 -10.22 -47.76 -12.39
N ASN BA 83 -9.16 -48.24 -13.04
CA ASN BA 83 -9.38 -49.13 -14.16
C ASN BA 83 -10.02 -50.44 -13.72
N ASP BA 84 -9.66 -50.94 -12.54
CA ASP BA 84 -10.25 -52.20 -12.10
C ASP BA 84 -11.74 -52.03 -11.88
N SER BA 85 -12.13 -50.87 -11.32
CA SER BA 85 -13.55 -50.63 -11.11
C SER BA 85 -14.29 -50.43 -12.44
N MET BA 86 -13.70 -49.73 -13.40
CA MET BA 86 -14.40 -49.52 -14.67
C MET BA 86 -14.59 -50.82 -15.41
N ALA BA 87 -13.66 -51.74 -15.20
CA ALA BA 87 -13.68 -53.06 -15.79
C ALA BA 87 -14.79 -53.94 -15.24
N GLY BA 88 -15.37 -53.57 -14.10
CA GLY BA 88 -16.42 -54.36 -13.47
C GLY BA 88 -15.95 -55.29 -12.35
N ARG BA 89 -14.70 -55.19 -11.90
CA ARG BA 89 -14.29 -56.07 -10.82
C ARG BA 89 -14.74 -55.46 -9.51
N MET BA 90 -15.19 -56.26 -8.57
CA MET BA 90 -15.45 -55.63 -7.29
C MET BA 90 -14.06 -55.42 -6.73
N ALA BA 91 -13.71 -54.17 -6.50
CA ALA BA 91 -12.36 -53.81 -6.12
C ALA BA 91 -12.33 -52.77 -5.03
N THR BA 92 -12.79 -53.17 -3.84
CA THR BA 92 -12.90 -52.25 -2.73
C THR BA 92 -11.84 -52.58 -1.69
N ALA BA 93 -11.67 -51.67 -0.74
CA ALA BA 93 -10.71 -51.85 0.36
C ALA BA 93 -11.11 -50.99 1.54
N ARG BA 94 -10.58 -51.28 2.73
CA ARG BA 94 -10.86 -50.40 3.91
C ARG BA 94 -9.90 -49.21 3.87
N LYS BA 95 -10.32 -48.06 4.39
CA LYS BA 95 -9.37 -46.96 4.48
C LYS BA 95 -9.31 -46.35 5.88
N ASN BA 96 -8.13 -46.32 6.48
CA ASN BA 96 -7.98 -45.72 7.80
C ASN BA 96 -7.33 -44.33 7.80
N ALA BA 97 -8.12 -43.29 8.03
CA ALA BA 97 -7.56 -41.93 8.05
C ALA BA 97 -7.05 -41.68 9.46
N THR BA 98 -5.76 -41.39 9.59
CA THR BA 98 -5.13 -41.22 10.91
C THR BA 98 -4.68 -39.82 11.21
N ILE BA 99 -4.95 -39.43 12.46
CA ILE BA 99 -4.67 -38.04 12.94
C ILE BA 99 -3.54 -37.96 13.96
N ILE BA 100 -2.44 -37.33 13.60
CA ILE BA 100 -1.26 -37.00 14.39
C ILE BA 100 -1.35 -35.67 15.07
N VAL BA 101 -0.85 -35.62 16.29
CA VAL BA 101 -0.82 -34.37 17.05
C VAL BA 101 0.60 -33.80 17.10
N MET BA 102 0.81 -32.80 17.94
CA MET BA 102 2.07 -32.05 17.95
C MET BA 102 3.29 -32.95 17.89
N ASP BA 103 3.33 -33.94 18.77
CA ASP BA 103 4.37 -34.95 18.79
C ASP BA 103 3.93 -36.05 17.83
N TYR BA 104 4.73 -36.32 16.82
CA TYR BA 104 4.41 -37.26 15.75
C TYR BA 104 4.19 -38.71 16.20
N GLU BA 105 4.69 -39.02 17.38
CA GLU BA 105 4.50 -40.35 17.98
C GLU BA 105 3.04 -40.53 18.39
N ASP BA 106 2.37 -39.43 18.72
CA ASP BA 106 1.01 -39.50 19.19
C ASP BA 106 0.01 -39.49 18.05
N ASN BA 107 -0.79 -40.56 18.02
CA ASN BA 107 -1.78 -40.81 16.97
C ASN BA 107 -3.15 -41.14 17.56
N PRO BA 108 -3.77 -40.21 18.34
CA PRO BA 108 -5.01 -40.39 19.05
C PRO BA 108 -6.30 -40.47 18.26
N VAL BA 109 -6.35 -39.99 17.01
CA VAL BA 109 -7.65 -40.01 16.36
C VAL BA 109 -7.67 -40.76 15.04
N LYS BA 110 -8.62 -41.66 14.90
CA LYS BA 110 -8.74 -42.42 13.67
C LYS BA 110 -10.16 -42.43 13.14
N ARG BA 111 -10.30 -42.50 11.82
CA ARG BA 111 -11.65 -42.54 11.19
C ARG BA 111 -11.63 -43.58 10.08
N TRP BA 112 -12.53 -44.57 10.14
CA TRP BA 112 -12.51 -45.61 9.15
C TRP BA 112 -13.61 -45.58 8.15
N ASN BA 113 -13.22 -45.72 6.89
CA ASN BA 113 -14.25 -45.82 5.81
C ASN BA 113 -14.58 -47.30 5.63
N LEU BA 114 -15.83 -47.64 5.37
CA LEU BA 114 -16.22 -49.07 5.26
C LEU BA 114 -15.28 -49.77 4.28
N ARG BA 115 -14.97 -51.04 4.53
CA ARG BA 115 -14.03 -51.81 3.66
C ARG BA 115 -14.57 -51.81 2.23
N ASN BA 116 -15.84 -51.43 2.05
CA ASN BA 116 -16.43 -51.34 0.68
C ASN BA 116 -15.92 -50.06 0.02
N ALA BA 117 -15.08 -49.29 0.71
CA ALA BA 117 -14.53 -48.03 0.14
C ALA BA 117 -14.27 -48.23 -1.36
N TRP BA 118 -14.87 -47.39 -2.20
CA TRP BA 118 -14.74 -47.58 -3.66
C TRP BA 118 -14.46 -46.25 -4.38
N CYS BA 119 -13.60 -46.27 -5.39
CA CYS BA 119 -13.25 -45.06 -6.16
C CYS BA 119 -13.99 -44.90 -7.46
N SER BA 120 -14.39 -43.67 -7.78
CA SER BA 120 -15.19 -43.45 -9.01
C SER BA 120 -14.65 -42.27 -9.85
N LYS BA 121 -13.88 -41.35 -9.28
CA LYS BA 121 -13.51 -40.23 -10.15
C LYS BA 121 -12.10 -39.69 -9.94
N VAL BA 122 -11.44 -39.43 -11.06
CA VAL BA 122 -10.13 -38.80 -11.03
C VAL BA 122 -10.07 -37.54 -11.89
N VAL BA 123 -9.61 -36.43 -11.31
CA VAL BA 123 -9.53 -35.15 -12.02
C VAL BA 123 -8.14 -34.55 -12.04
N ALA BA 124 -7.66 -34.17 -13.22
CA ALA BA 124 -6.33 -33.57 -13.33
C ALA BA 124 -6.41 -32.05 -13.22
N GLY BA 125 -5.36 -31.42 -12.71
CA GLY BA 125 -5.33 -29.95 -12.70
C GLY BA 125 -5.05 -29.47 -14.13
N THR BA 126 -5.05 -28.15 -14.36
CA THR BA 126 -4.86 -27.62 -15.70
C THR BA 126 -3.44 -27.39 -16.11
N LEU BA 127 -3.22 -27.27 -17.43
CA LEU BA 127 -1.91 -27.03 -17.97
C LEU BA 127 -1.82 -25.71 -18.71
N LYS BA 128 -1.07 -24.73 -18.18
CA LYS BA 128 -0.99 -23.41 -18.86
C LYS BA 128 0.41 -22.80 -18.94
N ALA BA 129 0.78 -22.34 -20.14
CA ALA BA 129 2.09 -21.75 -20.38
C ALA BA 129 2.32 -20.56 -19.49
N GLY BA 130 3.50 -20.51 -18.90
CA GLY BA 130 3.84 -19.39 -18.05
C GLY BA 130 3.39 -19.57 -16.60
N ASP BA 131 2.67 -20.64 -16.31
CA ASP BA 131 2.20 -20.86 -14.95
C ASP BA 131 3.27 -21.56 -14.15
N THR BA 132 3.90 -20.82 -13.26
CA THR BA 132 5.03 -21.30 -12.49
C THR BA 132 4.60 -21.71 -11.11
N ASN BA 133 3.30 -21.72 -10.89
CA ASN BA 133 2.76 -22.03 -9.59
C ASN BA 133 1.88 -23.26 -9.63
N ALA BA 134 2.17 -24.19 -10.52
CA ALA BA 134 1.35 -25.37 -10.61
C ALA BA 134 2.14 -26.62 -10.90
N LEU BA 135 1.71 -27.68 -10.22
CA LEU BA 135 2.26 -29.01 -10.39
C LEU BA 135 1.31 -30.01 -10.95
N THR BA 136 0.23 -29.56 -11.56
CA THR BA 136 -0.68 -30.52 -12.13
C THR BA 136 -0.97 -31.67 -11.16
N GLU BA 137 -1.78 -31.37 -10.15
CA GLU BA 137 -2.13 -32.33 -9.14
C GLU BA 137 -3.25 -33.24 -9.59
N THR BA 138 -3.61 -34.21 -8.76
CA THR BA 138 -4.77 -35.04 -9.11
C THR BA 138 -5.73 -35.15 -7.95
N ILE BA 139 -7.01 -35.18 -8.27
CA ILE BA 139 -8.02 -35.37 -7.26
C ILE BA 139 -8.67 -36.71 -7.40
N THR BA 140 -8.72 -37.46 -6.33
CA THR BA 140 -9.35 -38.77 -6.35
C THR BA 140 -10.58 -38.76 -5.43
N ILE BA 141 -11.71 -39.21 -5.96
CA ILE BA 141 -12.94 -39.27 -5.16
C ILE BA 141 -13.38 -40.68 -4.86
N VAL BA 142 -13.52 -40.91 -3.54
CA VAL BA 142 -13.83 -42.20 -2.91
C VAL BA 142 -15.10 -42.20 -2.06
N PHE BA 143 -15.84 -43.31 -2.21
CA PHE BA 143 -17.15 -43.42 -1.54
C PHE BA 143 -17.08 -44.18 -0.22
N GLU BA 144 -17.86 -43.72 0.75
CA GLU BA 144 -18.00 -44.31 2.06
C GLU BA 144 -19.40 -44.85 2.37
N GLU BA 145 -19.58 -46.18 2.35
CA GLU BA 145 -20.88 -46.77 2.70
C GLU BA 145 -21.17 -46.57 4.18
N LEU BA 146 -20.13 -46.67 4.97
CA LEU BA 146 -20.25 -46.57 6.41
C LEU BA 146 -19.00 -45.97 7.01
N VAL BA 147 -19.18 -45.05 7.95
CA VAL BA 147 -18.03 -44.45 8.60
C VAL BA 147 -18.01 -44.69 10.09
N VAL BA 148 -16.86 -45.14 10.56
CA VAL BA 148 -16.66 -45.41 11.97
C VAL BA 148 -15.68 -44.42 12.61
N GLU BA 149 -16.09 -43.81 13.73
CA GLU BA 149 -15.31 -42.85 14.53
C GLU BA 149 -13.91 -43.40 14.88
N MET CA 1 69.79 -31.28 -0.61
CA MET CA 1 69.60 -29.85 -0.75
C MET CA 1 69.80 -29.42 -2.24
N PRO CA 2 68.71 -29.21 -3.08
CA PRO CA 2 68.73 -28.72 -4.47
C PRO CA 2 69.34 -27.33 -4.51
N SER CA 3 69.95 -26.92 -5.62
CA SER CA 3 70.60 -25.61 -5.59
C SER CA 3 69.70 -24.51 -5.10
N TYR CA 4 70.26 -23.77 -4.16
CA TYR CA 4 69.65 -22.63 -3.49
C TYR CA 4 70.57 -21.43 -3.68
N LEU CA 5 71.52 -21.63 -4.56
CA LEU CA 5 72.52 -20.63 -4.87
C LEU CA 5 72.52 -20.16 -6.30
N SER CA 6 72.48 -21.09 -7.23
CA SER CA 6 72.67 -20.67 -8.58
C SER CA 6 72.28 -21.68 -9.64
N PRO CA 7 72.13 -21.22 -10.90
CA PRO CA 7 72.04 -22.01 -12.11
C PRO CA 7 73.30 -22.86 -12.35
N GLY CA 8 74.41 -22.49 -11.72
CA GLY CA 8 75.70 -23.17 -11.84
C GLY CA 8 76.56 -22.64 -10.72
N VAL CA 9 77.25 -23.54 -10.04
CA VAL CA 9 77.98 -23.21 -8.81
C VAL CA 9 79.47 -23.03 -8.89
N TYR CA 10 80.16 -23.91 -9.60
CA TYR CA 10 81.60 -23.86 -9.60
C TYR CA 10 82.12 -22.77 -10.50
N VAL CA 11 81.39 -22.52 -11.57
CA VAL CA 11 81.74 -21.49 -12.51
C VAL CA 11 80.51 -20.65 -12.82
N GLU CA 12 80.62 -19.32 -12.78
CA GLU CA 12 79.47 -18.50 -13.14
C GLU CA 12 79.46 -18.33 -14.64
N GLU CA 13 79.32 -19.46 -15.34
CA GLU CA 13 79.41 -19.61 -16.77
C GLU CA 13 78.30 -18.87 -17.45
N VAL CA 14 77.27 -18.61 -16.67
CA VAL CA 14 76.10 -17.93 -17.17
C VAL CA 14 76.42 -16.51 -17.70
N ALA CA 15 77.46 -15.81 -17.12
CA ALA CA 15 77.89 -14.48 -17.50
C ALA CA 15 78.51 -14.58 -18.90
N GLY CA 28 56.08 -15.70 -19.36
CA GLY CA 28 56.47 -17.00 -19.85
C GLY CA 28 55.23 -17.82 -20.22
N VAL CA 29 55.47 -19.05 -20.73
CA VAL CA 29 54.42 -20.00 -21.17
C VAL CA 29 53.71 -20.76 -20.05
N GLY CA 30 54.41 -21.03 -18.95
CA GLY CA 30 53.82 -21.78 -17.85
C GLY CA 30 54.18 -23.27 -17.86
N THR CA 31 53.61 -24.01 -16.93
CA THR CA 31 53.94 -25.41 -16.71
C THR CA 31 53.35 -26.33 -17.75
N SER CA 32 52.42 -25.80 -18.54
CA SER CA 32 51.74 -26.56 -19.57
C SER CA 32 52.61 -26.90 -20.78
N VAL CA 33 53.76 -26.24 -20.96
CA VAL CA 33 54.56 -26.58 -22.12
C VAL CA 33 55.46 -27.77 -21.85
N ALA CA 34 55.41 -28.71 -22.77
CA ALA CA 34 56.13 -29.97 -22.74
C ALA CA 34 56.73 -30.25 -24.09
N ALA CA 35 57.52 -31.31 -24.20
CA ALA CA 35 58.12 -31.68 -25.46
C ALA CA 35 57.95 -33.15 -25.78
N PHE CA 36 57.88 -33.46 -27.08
CA PHE CA 36 57.67 -34.86 -27.53
C PHE CA 36 58.67 -35.24 -28.63
N VAL CA 37 59.23 -36.46 -28.55
CA VAL CA 37 60.16 -36.99 -29.55
C VAL CA 37 59.55 -38.16 -30.38
N GLY CA 38 59.51 -37.98 -31.70
CA GLY CA 38 58.96 -39.05 -32.57
C GLY CA 38 58.98 -38.66 -34.04
N LEU CA 39 58.41 -39.50 -34.90
CA LEU CA 39 58.38 -39.30 -36.38
C LEU CA 39 57.13 -38.64 -36.92
N ALA CA 40 57.29 -37.90 -38.01
CA ALA CA 40 56.15 -37.23 -38.62
C ALA CA 40 55.80 -37.80 -39.97
N PRO CA 41 54.55 -37.78 -40.38
CA PRO CA 41 54.16 -38.08 -41.73
C PRO CA 41 55.01 -37.22 -42.65
N THR CA 42 54.95 -35.90 -42.43
CA THR CA 42 55.72 -34.95 -43.20
C THR CA 42 56.63 -34.21 -42.25
N GLY CA 43 56.17 -33.06 -41.77
CA GLY CA 43 56.90 -32.23 -40.82
C GLY CA 43 57.93 -31.32 -41.50
N PRO CA 44 58.50 -30.37 -40.73
CA PRO CA 44 59.54 -29.40 -41.04
C PRO CA 44 60.89 -30.08 -40.97
N LEU CA 45 61.97 -29.34 -41.08
CA LEU CA 45 63.25 -29.98 -40.86
C LEU CA 45 63.20 -30.49 -39.43
N ASN CA 46 63.87 -31.61 -39.18
CA ASN CA 46 63.80 -32.21 -37.86
C ASN CA 46 64.53 -31.62 -36.67
N GLU CA 47 65.60 -30.89 -36.90
CA GLU CA 47 66.39 -30.23 -35.87
C GLU CA 47 65.72 -29.02 -35.15
N PRO CA 48 65.10 -28.04 -35.84
CA PRO CA 48 64.53 -26.87 -35.24
C PRO CA 48 63.27 -27.25 -34.51
N THR CA 49 63.45 -27.69 -33.28
CA THR CA 49 62.31 -28.15 -32.50
C THR CA 49 61.33 -26.98 -32.45
N LEU CA 50 60.07 -27.21 -32.79
CA LEU CA 50 59.12 -26.09 -32.78
C LEU CA 50 58.07 -26.26 -31.75
N VAL CA 51 57.54 -25.15 -31.23
CA VAL CA 51 56.44 -25.23 -30.28
C VAL CA 51 55.18 -24.61 -30.83
N THR CA 52 54.10 -25.37 -30.84
CA THR CA 52 52.84 -24.84 -31.34
C THR CA 52 51.58 -25.56 -30.89
N ASN CA 53 50.45 -25.06 -31.42
CA ASN CA 53 49.08 -25.55 -31.20
C ASN CA 53 48.65 -26.58 -32.25
N TRP CA 54 47.63 -27.40 -31.95
CA TRP CA 54 47.11 -28.37 -32.90
C TRP CA 54 46.86 -27.79 -34.27
N THR CA 55 46.28 -26.61 -34.30
CA THR CA 55 45.90 -26.00 -35.54
C THR CA 55 47.08 -25.86 -36.51
N GLN CA 56 48.26 -25.49 -36.02
CA GLN CA 56 49.39 -25.32 -36.91
C GLN CA 56 50.16 -26.62 -37.01
N TYR CA 57 50.10 -27.41 -35.96
CA TYR CA 57 50.80 -28.66 -35.90
C TYR CA 57 50.41 -29.52 -37.02
N VAL CA 58 49.13 -29.70 -37.22
CA VAL CA 58 48.70 -30.61 -38.24
C VAL CA 58 49.06 -30.10 -39.62
N ALA CA 59 49.02 -28.79 -39.81
CA ALA CA 59 49.38 -28.24 -41.10
C ALA CA 59 50.82 -28.60 -41.50
N ALA CA 60 51.74 -28.61 -40.53
CA ALA CA 60 53.13 -28.97 -40.85
C ALA CA 60 53.41 -30.47 -40.80
N PHE CA 61 52.79 -31.17 -39.83
CA PHE CA 61 53.11 -32.61 -39.61
C PHE CA 61 52.32 -33.54 -40.55
N GLY CA 62 51.00 -33.33 -40.70
CA GLY CA 62 50.22 -34.29 -41.49
C GLY CA 62 49.05 -34.92 -40.72
N ASP CA 63 47.97 -35.26 -41.44
CA ASP CA 63 46.75 -35.80 -40.81
C ASP CA 63 46.82 -37.31 -40.55
N PHE CA 64 47.69 -37.71 -39.63
CA PHE CA 64 47.90 -39.11 -39.18
C PHE CA 64 48.31 -40.09 -40.29
N THR CA 65 48.73 -39.61 -41.45
CA THR CA 65 48.96 -40.49 -42.58
C THR CA 65 50.20 -41.36 -42.51
N GLY CA 66 51.09 -41.04 -41.60
CA GLY CA 66 52.33 -41.78 -41.45
C GLY CA 66 52.19 -42.95 -40.47
N GLY CA 67 51.06 -43.02 -39.74
CA GLY CA 67 50.85 -44.09 -38.77
C GLY CA 67 51.73 -43.96 -37.53
N TYR CA 68 52.10 -42.72 -37.18
CA TYR CA 68 52.99 -42.47 -36.06
C TYR CA 68 52.24 -42.10 -34.79
N TYR CA 69 52.89 -42.31 -33.65
CA TYR CA 69 52.27 -42.02 -32.37
C TYR CA 69 52.21 -40.54 -32.07
N LEU CA 70 53.10 -39.71 -32.64
CA LEU CA 70 53.00 -38.28 -32.34
C LEU CA 70 51.67 -37.74 -32.81
N ALA CA 71 51.16 -38.31 -33.90
CA ALA CA 71 49.91 -37.86 -34.47
C ALA CA 71 48.77 -37.94 -33.47
N HIS CA 72 48.88 -38.83 -32.50
CA HIS CA 72 47.85 -39.03 -31.51
C HIS CA 72 48.22 -38.46 -30.14
N SER CA 73 49.48 -38.58 -29.72
CA SER CA 73 49.88 -38.10 -28.40
C SER CA 73 49.86 -36.60 -28.35
N VAL CA 74 49.91 -35.96 -29.50
CA VAL CA 74 49.83 -34.53 -29.57
C VAL CA 74 48.53 -34.02 -28.99
N TYR CA 75 47.46 -34.81 -29.16
CA TYR CA 75 46.12 -34.37 -28.68
C TYR CA 75 46.13 -34.23 -27.16
N GLY CA 76 47.13 -34.81 -26.49
CA GLY CA 76 47.17 -34.73 -25.07
C GLY CA 76 47.02 -33.30 -24.61
N PHE CA 77 47.49 -32.36 -25.44
CA PHE CA 77 47.45 -30.93 -25.06
C PHE CA 77 46.35 -30.18 -25.81
N PHE CA 78 45.48 -30.87 -26.55
CA PHE CA 78 44.46 -30.14 -27.37
C PHE CA 78 43.06 -30.69 -27.10
N ASN CA 79 42.93 -31.97 -26.79
CA ASN CA 79 41.62 -32.56 -26.45
C ASN CA 79 41.54 -32.71 -24.93
N ASN CA 80 42.45 -32.05 -24.26
CA ASN CA 80 42.62 -32.01 -22.84
C ASN CA 80 43.24 -30.65 -22.55
N GLY CA 81 43.53 -30.35 -21.31
CA GLY CA 81 44.07 -29.04 -21.02
C GLY CA 81 45.43 -28.86 -21.68
N GLY CA 82 45.71 -27.65 -22.15
CA GLY CA 82 46.99 -27.40 -22.82
C GLY CA 82 47.02 -26.06 -23.54
N SER CA 83 48.06 -25.86 -24.35
CA SER CA 83 48.26 -24.61 -25.08
C SER CA 83 49.10 -24.85 -26.33
N ALA CA 84 50.34 -25.24 -26.08
CA ALA CA 84 51.31 -25.52 -27.12
C ALA CA 84 52.35 -26.50 -26.61
N ALA CA 85 53.04 -27.18 -27.51
CA ALA CA 85 54.11 -28.09 -27.09
C ALA CA 85 55.19 -28.20 -28.14
N TYR CA 86 56.40 -28.56 -27.70
CA TYR CA 86 57.56 -28.71 -28.56
C TYR CA 86 57.66 -30.06 -29.24
N VAL CA 87 57.90 -30.04 -30.54
CA VAL CA 87 58.02 -31.31 -31.24
C VAL CA 87 59.33 -31.48 -32.01
N VAL CA 88 59.98 -32.59 -31.69
CA VAL CA 88 61.23 -33.02 -32.32
C VAL CA 88 60.84 -34.05 -33.35
N ARG CA 89 61.15 -33.78 -34.61
CA ARG CA 89 60.66 -34.63 -35.69
C ARG CA 89 61.42 -35.90 -35.95
N VAL CA 90 62.72 -35.89 -35.74
CA VAL CA 90 63.59 -37.02 -36.04
C VAL CA 90 63.78 -37.30 -37.54
N GLY CA 91 62.68 -37.53 -38.24
CA GLY CA 91 62.62 -37.82 -39.66
C GLY CA 91 61.15 -37.97 -40.07
N GLY CA 92 60.88 -38.20 -41.35
CA GLY CA 92 59.49 -38.32 -41.76
C GLY CA 92 59.12 -39.70 -42.27
N SER CA 93 57.90 -39.81 -42.79
CA SER CA 93 57.37 -41.05 -43.35
C SER CA 93 58.08 -41.43 -44.60
N ALA CA 94 58.16 -42.72 -44.81
CA ALA CA 94 58.69 -43.27 -46.03
C ALA CA 94 57.68 -42.98 -47.10
N GLU CA 95 58.12 -42.93 -48.34
CA GLU CA 95 57.21 -42.69 -49.43
C GLU CA 95 56.20 -43.84 -49.51
N ASP CA 96 54.91 -43.51 -49.77
CA ASP CA 96 53.78 -44.44 -49.93
C ASP CA 96 53.67 -45.44 -48.76
N GLN CA 232 65.98 -47.92 -40.15
CA GLN CA 232 67.18 -47.27 -39.62
C GLN CA 232 66.85 -46.34 -38.43
N ALA CA 233 65.71 -45.61 -38.49
CA ALA CA 233 65.23 -44.64 -37.48
C ALA CA 233 64.68 -45.39 -36.27
N GLU CA 234 64.54 -46.70 -36.44
CA GLU CA 234 64.02 -47.62 -35.45
C GLU CA 234 65.11 -48.14 -34.50
N SER CA 235 66.37 -47.76 -34.77
CA SER CA 235 67.53 -48.10 -33.96
C SER CA 235 67.56 -47.31 -32.66
N ALA CA 236 68.25 -47.82 -31.65
CA ALA CA 236 68.34 -47.12 -30.36
C ALA CA 236 69.28 -45.91 -30.40
N HIS CA 237 70.06 -45.79 -31.46
CA HIS CA 237 70.97 -44.66 -31.61
C HIS CA 237 70.34 -43.31 -32.10
N PRO CA 238 69.65 -43.24 -33.26
CA PRO CA 238 69.00 -42.06 -33.80
C PRO CA 238 67.65 -41.84 -33.13
N GLY CA 239 67.05 -40.68 -33.36
CA GLY CA 239 65.66 -40.43 -32.98
C GLY CA 239 65.36 -40.48 -31.48
N PRO CA 240 64.60 -41.48 -30.99
CA PRO CA 240 64.23 -41.66 -29.58
C PRO CA 240 65.48 -42.18 -28.90
N ALA CA 241 66.42 -41.27 -28.78
CA ALA CA 241 67.77 -41.54 -28.34
C ALA CA 241 68.45 -40.23 -27.96
N GLN CA 242 69.64 -40.30 -27.37
CA GLN CA 242 70.37 -39.06 -27.10
C GLN CA 242 71.12 -38.60 -28.37
N TYR CA 243 70.34 -38.33 -29.40
CA TYR CA 243 70.86 -38.02 -30.72
C TYR CA 243 71.19 -36.55 -30.93
N LEU CA 244 72.19 -36.12 -30.16
CA LEU CA 244 72.71 -34.75 -30.13
C LEU CA 244 73.49 -34.36 -31.37
N GLY CA 245 74.24 -35.32 -31.93
CA GLY CA 245 75.08 -35.04 -33.08
C GLY CA 245 76.39 -34.35 -32.74
N ASP CA 246 77.03 -34.69 -31.60
CA ASP CA 246 78.28 -34.04 -31.21
C ASP CA 246 78.11 -32.53 -31.14
N SER CA 247 77.22 -32.09 -30.22
CA SER CA 247 76.98 -30.64 -30.03
C SER CA 247 76.28 -30.05 -31.26
N SER CA 248 75.36 -30.81 -31.86
CA SER CA 248 74.59 -30.29 -33.02
C SER CA 248 73.12 -30.12 -32.63
N ASP CA 249 72.78 -30.39 -31.36
CA ASP CA 249 71.37 -30.32 -30.91
C ASP CA 249 70.50 -31.09 -31.92
N ARG CA 250 71.00 -32.23 -32.38
CA ARG CA 250 70.25 -33.04 -33.40
C ARG CA 250 69.00 -33.63 -32.72
N THR CA 251 68.03 -34.09 -33.53
CA THR CA 251 66.77 -34.62 -32.97
C THR CA 251 67.08 -35.62 -31.85
N GLY CA 252 66.50 -35.42 -30.67
CA GLY CA 252 66.76 -36.31 -29.52
C GLY CA 252 66.88 -35.53 -28.23
N PHE CA 253 67.06 -36.22 -27.10
CA PHE CA 253 67.14 -35.54 -25.79
C PHE CA 253 68.19 -34.42 -25.87
N GLY CA 254 69.22 -34.60 -26.69
CA GLY CA 254 70.29 -33.60 -26.76
C GLY CA 254 69.82 -32.33 -27.44
N GLY CA 255 68.93 -32.45 -28.40
CA GLY CA 255 68.44 -31.30 -29.15
C GLY CA 255 67.61 -30.35 -28.29
N LEU CA 256 67.16 -30.81 -27.11
CA LEU CA 256 66.36 -29.99 -26.22
C LEU CA 256 67.20 -29.31 -25.16
N GLU CA 257 68.51 -29.55 -25.12
CA GLU CA 257 69.34 -28.98 -24.06
C GLU CA 257 69.39 -27.47 -24.10
N ALA CA 258 69.28 -26.90 -25.28
CA ALA CA 258 69.33 -25.47 -25.46
C ALA CA 258 67.96 -24.84 -25.27
N ILE CA 259 66.92 -25.62 -24.99
CA ILE CA 259 65.59 -25.06 -24.89
C ILE CA 259 65.04 -25.04 -23.47
N ASP CA 260 64.65 -23.84 -23.06
CA ASP CA 260 64.08 -23.58 -21.75
C ASP CA 260 62.55 -23.71 -21.83
N GLU CA 261 61.87 -23.50 -20.72
CA GLU CA 261 60.42 -23.58 -20.63
C GLU CA 261 59.77 -24.89 -21.07
N ILE CA 262 60.36 -26.02 -20.67
CA ILE CA 262 59.82 -27.35 -20.90
C ILE CA 262 59.69 -28.06 -19.56
N SER CA 263 58.48 -28.47 -19.18
CA SER CA 263 58.30 -29.12 -17.88
C SER CA 263 58.31 -30.66 -17.93
N MET CA 264 57.98 -31.21 -19.10
CA MET CA 264 57.90 -32.66 -19.26
C MET CA 264 58.42 -33.11 -20.61
N VAL CA 265 59.05 -34.28 -20.66
CA VAL CA 265 59.44 -34.83 -21.96
C VAL CA 265 58.94 -36.26 -22.17
N ALA CA 266 58.29 -36.47 -23.32
CA ALA CA 266 57.74 -37.76 -23.72
C ALA CA 266 58.37 -38.26 -25.01
N VAL CA 267 58.42 -39.58 -25.22
CA VAL CA 267 58.96 -40.14 -26.45
C VAL CA 267 58.00 -41.15 -27.09
N PRO CA 268 56.86 -40.72 -27.67
CA PRO CA 268 55.80 -41.54 -28.20
C PRO CA 268 56.22 -42.59 -29.23
N ASP CA 269 57.28 -42.34 -30.01
CA ASP CA 269 57.60 -43.38 -30.98
C ASP CA 269 58.67 -44.37 -30.55
N LEU CA 270 59.12 -44.35 -29.31
CA LEU CA 270 60.16 -45.33 -28.96
C LEU CA 270 59.69 -46.75 -29.18
N MET CA 271 58.48 -47.05 -28.76
CA MET CA 271 57.96 -48.38 -28.90
C MET CA 271 57.16 -48.57 -30.17
N ALA CA 272 57.13 -47.56 -31.05
CA ALA CA 272 56.32 -47.62 -32.26
C ALA CA 272 56.76 -48.76 -33.13
N ALA CA 273 58.05 -49.02 -33.10
CA ALA CA 273 58.64 -50.07 -33.88
C ALA CA 273 59.17 -51.13 -32.96
N TYR CA 274 58.59 -51.29 -31.77
CA TYR CA 274 59.14 -52.27 -30.85
C TYR CA 274 59.26 -53.61 -31.53
N GLN CA 275 58.20 -54.02 -32.19
CA GLN CA 275 58.26 -55.30 -32.84
C GLN CA 275 58.98 -55.17 -34.18
N ARG CA 276 58.64 -54.14 -34.96
CA ARG CA 276 59.19 -54.03 -36.32
C ARG CA 276 60.69 -53.88 -36.38
N GLY CA 277 61.24 -53.09 -35.47
CA GLY CA 277 62.65 -52.77 -35.44
C GLY CA 277 63.41 -53.67 -34.50
N ALA CA 278 62.74 -54.70 -33.96
CA ALA CA 278 63.38 -55.58 -32.99
C ALA CA 278 64.04 -54.76 -31.91
N ILE CA 279 63.23 -53.87 -31.29
CA ILE CA 279 63.81 -52.96 -30.25
C ILE CA 279 64.02 -53.77 -28.97
N ASP CA 280 65.21 -54.34 -28.81
CA ASP CA 280 65.51 -55.17 -27.60
C ASP CA 280 65.23 -54.34 -26.36
N LEU CA 281 64.85 -55.00 -25.25
CA LEU CA 281 64.62 -54.26 -23.98
C LEU CA 281 65.80 -53.31 -23.78
N GLU CA 282 67.01 -53.74 -24.15
CA GLU CA 282 68.21 -52.86 -24.05
C GLU CA 282 67.96 -51.60 -24.88
N ALA CA 283 67.85 -51.75 -26.21
CA ALA CA 283 67.59 -50.59 -27.09
C ALA CA 283 66.60 -49.65 -26.39
N VAL CA 284 65.55 -50.21 -25.77
CA VAL CA 284 64.57 -49.39 -25.01
C VAL CA 284 65.20 -48.92 -23.69
N LYS CA 285 65.68 -49.84 -22.86
CA LYS CA 285 66.19 -49.44 -21.56
C LYS CA 285 67.21 -48.33 -21.71
N ALA CA 286 68.10 -48.45 -22.68
CA ALA CA 286 69.11 -47.45 -22.91
C ALA CA 286 68.52 -46.09 -23.22
N VAL CA 287 67.39 -46.06 -23.92
CA VAL CA 287 66.79 -44.81 -24.29
C VAL CA 287 66.12 -44.21 -23.11
N GLN CA 288 65.40 -45.04 -22.35
CA GLN CA 288 64.71 -44.52 -21.19
C GLN CA 288 65.75 -44.00 -20.20
N LEU CA 289 66.90 -44.66 -20.09
CA LEU CA 289 67.94 -44.15 -19.22
C LEU CA 289 68.46 -42.82 -19.75
N GLY CA 290 68.62 -42.69 -21.07
CA GLY CA 290 69.08 -41.44 -21.67
C GLY CA 290 68.10 -40.30 -21.40
N LEU CA 291 66.81 -40.59 -21.44
CA LEU CA 291 65.78 -39.59 -21.20
C LEU CA 291 65.78 -39.15 -19.75
N ILE CA 292 65.92 -40.11 -18.85
CA ILE CA 292 65.93 -39.78 -17.45
C ILE CA 292 67.16 -38.96 -17.15
N ALA CA 293 68.32 -39.36 -17.67
CA ALA CA 293 69.54 -38.62 -17.44
C ALA CA 293 69.43 -37.21 -17.96
N HIS CA 294 68.79 -37.03 -19.12
CA HIS CA 294 68.59 -35.71 -19.69
C HIS CA 294 67.86 -34.86 -18.70
N CYS CA 295 66.75 -35.39 -18.21
CA CYS CA 295 65.95 -34.65 -17.27
C CYS CA 295 66.72 -34.34 -15.98
N GLU CA 296 67.50 -35.30 -15.48
CA GLU CA 296 68.25 -35.05 -14.26
C GLU CA 296 69.26 -33.92 -14.46
N LEU CA 297 69.91 -33.90 -15.61
CA LEU CA 297 70.90 -32.88 -15.92
C LEU CA 297 70.30 -31.49 -16.12
N MET CA 298 69.14 -31.40 -16.78
CA MET CA 298 68.55 -30.07 -16.97
C MET CA 298 68.12 -29.57 -15.59
N GLY CA 299 67.55 -30.48 -14.81
CA GLY CA 299 67.17 -30.28 -13.42
C GLY CA 299 65.75 -29.76 -13.12
N ASP CA 300 65.01 -29.32 -14.15
CA ASP CA 300 63.67 -28.69 -13.90
C ASP CA 300 62.56 -29.29 -14.78
N ARG CA 301 62.76 -30.49 -15.31
CA ARG CA 301 61.74 -31.17 -16.11
C ARG CA 301 61.76 -32.62 -15.81
N VAL CA 302 60.65 -33.31 -16.08
CA VAL CA 302 60.62 -34.75 -15.80
C VAL CA 302 60.33 -35.63 -16.99
N ALA CA 303 60.69 -36.90 -16.83
CA ALA CA 303 60.52 -37.90 -17.86
C ALA CA 303 59.25 -38.72 -17.74
N ILE CA 304 58.64 -38.92 -18.89
CA ILE CA 304 57.47 -39.79 -19.00
C ILE CA 304 57.96 -41.12 -19.56
N ILE CA 305 57.85 -42.16 -18.75
CA ILE CA 305 58.38 -43.47 -19.11
C ILE CA 305 57.26 -44.42 -19.50
N ASP CA 306 57.37 -45.02 -20.66
CA ASP CA 306 56.38 -45.98 -21.13
C ASP CA 306 56.66 -47.39 -20.61
N PRO CA 307 55.63 -48.16 -20.23
CA PRO CA 307 55.73 -49.55 -19.87
C PRO CA 307 55.91 -50.28 -21.18
N PRO CA 308 56.42 -51.51 -21.20
CA PRO CA 308 56.51 -52.33 -22.37
C PRO CA 308 55.09 -52.54 -22.95
N PRO CA 309 54.96 -52.92 -24.24
CA PRO CA 309 53.64 -52.95 -24.91
C PRO CA 309 52.50 -53.85 -24.43
N ASN CA 310 52.79 -55.09 -23.99
CA ASN CA 310 51.64 -55.96 -23.70
C ASN CA 310 52.05 -57.05 -22.74
N GLN CA 311 51.72 -56.90 -21.48
CA GLN CA 311 52.12 -57.87 -20.49
C GLN CA 311 51.23 -57.78 -19.28
N ASN CA 312 51.22 -58.84 -18.48
CA ASN CA 312 50.37 -58.91 -17.31
C ASN CA 312 50.99 -58.19 -16.15
N ALA CA 313 50.29 -58.16 -15.02
CA ALA CA 313 50.79 -57.46 -13.84
C ALA CA 313 52.09 -58.08 -13.35
N ARG CA 314 52.20 -59.39 -13.45
CA ARG CA 314 53.38 -60.07 -12.95
C ARG CA 314 54.62 -59.65 -13.69
N GLN CA 315 54.45 -59.31 -14.94
CA GLN CA 315 55.56 -59.07 -15.80
C GLN CA 315 56.08 -57.66 -15.64
N ILE CA 316 55.29 -56.81 -14.99
CA ILE CA 316 55.71 -55.46 -14.80
C ILE CA 316 56.34 -55.41 -13.45
N ARG CA 317 55.85 -56.27 -12.55
CA ARG CA 317 56.49 -56.34 -11.27
C ARG CA 317 57.93 -56.78 -11.55
N VAL CA 318 58.01 -57.61 -12.61
CA VAL CA 318 59.31 -58.20 -13.03
C VAL CA 318 60.22 -57.12 -13.60
N TRP CA 319 59.78 -56.41 -14.67
CA TRP CA 319 60.83 -55.49 -15.13
C TRP CA 319 61.13 -54.45 -14.06
N ARG CA 320 60.12 -54.04 -13.27
CA ARG CA 320 60.36 -53.02 -12.27
C ARG CA 320 61.38 -53.40 -11.22
N GLN CA 321 61.29 -54.62 -10.72
CA GLN CA 321 62.20 -55.05 -9.68
C GLN CA 321 63.44 -55.80 -10.16
N GLU CA 322 63.34 -56.49 -11.29
CA GLU CA 322 64.44 -57.34 -11.73
C GLU CA 322 65.24 -56.91 -12.96
N THR CA 323 64.62 -56.23 -13.96
CA THR CA 323 65.42 -56.01 -15.17
C THR CA 323 65.63 -54.56 -15.61
N ALA CA 324 64.73 -53.65 -15.27
CA ALA CA 324 64.86 -52.28 -15.75
C ALA CA 324 64.27 -51.25 -14.81
N GLY CA 325 64.55 -51.36 -13.52
CA GLY CA 325 64.02 -50.35 -12.62
C GLY CA 325 64.86 -49.11 -12.86
N TYR CA 326 64.29 -47.92 -12.68
CA TYR CA 326 65.12 -46.73 -12.89
C TYR CA 326 65.49 -45.97 -11.62
N ASP CA 327 64.65 -46.08 -10.59
CA ASP CA 327 64.88 -45.44 -9.29
C ASP CA 327 65.28 -43.95 -9.30
N SER CA 328 64.42 -43.07 -9.83
CA SER CA 328 64.77 -41.64 -9.90
C SER CA 328 63.64 -40.66 -9.66
N LYS CA 329 63.98 -39.57 -8.97
CA LYS CA 329 63.03 -38.52 -8.62
C LYS CA 329 62.55 -37.74 -9.82
N TYR CA 330 63.20 -37.94 -10.96
CA TYR CA 330 62.86 -37.27 -12.19
C TYR CA 330 62.01 -38.08 -13.16
N ALA CA 331 61.42 -39.19 -12.73
CA ALA CA 331 60.61 -39.95 -13.68
C ALA CA 331 59.38 -40.60 -13.08
N ALA CA 332 58.39 -40.84 -13.95
CA ALA CA 332 57.17 -41.56 -13.56
C ALA CA 332 56.61 -42.40 -14.71
N LEU CA 333 55.93 -43.49 -14.33
CA LEU CA 333 55.29 -44.44 -15.25
C LEU CA 333 53.89 -44.88 -14.85
N TYR CA 334 53.02 -44.96 -15.86
CA TYR CA 334 51.66 -45.47 -15.75
C TYR CA 334 51.66 -46.81 -16.48
N TYR CA 335 50.80 -47.76 -16.09
CA TYR CA 335 50.91 -49.13 -16.66
C TYR CA 335 49.96 -49.49 -17.83
N PRO CA 336 48.61 -49.45 -17.69
CA PRO CA 336 47.76 -49.98 -18.72
C PRO CA 336 47.78 -49.15 -19.98
N TRP CA 337 47.59 -49.80 -21.10
CA TRP CA 337 47.49 -49.12 -22.38
C TRP CA 337 46.05 -48.74 -22.63
N ILE CA 338 45.88 -47.63 -23.35
CA ILE CA 338 44.58 -47.04 -23.63
C ILE CA 338 44.08 -47.23 -25.05
N LYS CA 339 42.84 -47.66 -25.16
CA LYS CA 339 42.21 -47.82 -26.44
C LYS CA 339 41.61 -46.48 -26.83
N SER CA 340 41.85 -46.08 -28.07
CA SER CA 340 41.35 -44.85 -28.66
C SER CA 340 41.11 -45.11 -30.13
N PHE CA 341 40.58 -44.14 -30.88
CA PHE CA 341 40.32 -44.40 -32.30
C PHE CA 341 41.26 -43.62 -33.18
N ASP CA 342 41.17 -43.83 -34.49
CA ASP CA 342 42.02 -43.12 -35.43
C ASP CA 342 41.19 -42.77 -36.65
N PRO CA 343 40.69 -41.52 -36.75
CA PRO CA 343 39.72 -41.04 -37.71
C PRO CA 343 40.22 -41.11 -39.13
N ALA CA 344 41.52 -41.26 -39.31
CA ALA CA 344 42.02 -41.33 -40.65
C ALA CA 344 41.50 -42.60 -41.33
N THR CA 345 41.36 -43.71 -40.56
CA THR CA 345 40.90 -44.96 -41.17
C THR CA 345 39.80 -45.72 -40.42
N GLY CA 346 39.65 -45.55 -39.09
CA GLY CA 346 38.70 -46.41 -38.39
C GLY CA 346 38.57 -46.22 -36.86
N GLN CA 347 37.82 -47.14 -36.26
CA GLN CA 347 37.44 -47.11 -34.85
C GLN CA 347 38.50 -47.42 -33.80
N SER CA 348 39.63 -48.05 -34.12
CA SER CA 348 40.54 -48.33 -33.01
C SER CA 348 42.02 -48.35 -33.33
N ARG CA 349 42.76 -47.99 -32.28
CA ARG CA 349 44.21 -48.02 -32.16
C ARG CA 349 44.57 -48.16 -30.69
N LEU CA 350 45.73 -48.74 -30.39
CA LEU CA 350 46.12 -48.74 -28.99
C LEU CA 350 47.23 -47.71 -28.81
N VAL CA 351 47.19 -46.94 -27.73
CA VAL CA 351 48.22 -45.95 -27.45
C VAL CA 351 48.75 -46.08 -26.01
N PRO CA 352 49.99 -45.67 -25.72
CA PRO CA 352 50.59 -45.72 -24.40
C PRO CA 352 49.91 -44.72 -23.51
N PRO CA 353 49.99 -44.88 -22.19
CA PRO CA 353 49.40 -44.01 -21.19
C PRO CA 353 50.20 -42.72 -21.01
N SER CA 354 50.21 -41.95 -22.08
CA SER CA 354 50.88 -40.67 -22.22
C SER CA 354 49.96 -39.75 -22.97
N GLY CA 355 50.49 -38.69 -23.54
CA GLY CA 355 49.56 -37.85 -24.27
C GLY CA 355 48.55 -37.25 -23.33
N HIS CA 356 47.30 -37.72 -23.46
CA HIS CA 356 46.20 -37.22 -22.60
C HIS CA 356 46.62 -37.35 -21.14
N VAL CA 357 47.35 -38.42 -20.80
CA VAL CA 357 47.75 -38.57 -19.43
C VAL CA 357 48.52 -37.34 -19.00
N ALA CA 358 49.35 -36.77 -19.89
CA ALA CA 358 50.10 -35.58 -19.55
C ALA CA 358 49.21 -34.32 -19.62
N GLY CA 359 48.18 -34.39 -20.46
CA GLY CA 359 47.19 -33.31 -20.64
C GLY CA 359 46.55 -33.00 -19.30
N ILE CA 360 46.41 -34.03 -18.50
CA ILE CA 360 45.90 -33.92 -17.16
C ILE CA 360 46.77 -33.02 -16.30
N TRP CA 361 48.08 -33.06 -16.43
CA TRP CA 361 48.87 -32.19 -15.56
C TRP CA 361 48.52 -30.75 -15.87
N ALA CA 362 48.37 -30.43 -17.15
CA ALA CA 362 48.05 -29.05 -17.51
C ALA CA 362 46.69 -28.67 -16.93
N ARG CA 363 45.73 -29.58 -16.99
CA ARG CA 363 44.41 -29.32 -16.44
C ARG CA 363 44.48 -29.10 -14.94
N ASN CA 364 45.22 -29.97 -14.26
CA ASN CA 364 45.34 -29.95 -12.83
C ASN CA 364 45.92 -28.67 -12.32
N ASP CA 365 46.93 -28.15 -13.02
CA ASP CA 365 47.59 -26.93 -12.60
C ASP CA 365 46.68 -25.72 -12.75
N SER CA 366 45.76 -25.76 -13.72
CA SER CA 366 44.82 -24.66 -13.86
C SER CA 366 43.76 -24.72 -12.76
N GLU CA 367 43.31 -25.92 -12.39
CA GLU CA 367 42.27 -26.05 -11.36
C GLU CA 367 42.77 -25.60 -9.98
N ARG CA 368 43.92 -26.13 -9.58
CA ARG CA 368 44.45 -25.82 -8.22
C ARG CA 368 45.98 -25.65 -8.30
N GLY CA 369 46.65 -25.59 -7.15
CA GLY CA 369 48.11 -25.48 -7.13
C GLY CA 369 48.78 -26.77 -7.55
N VAL CA 370 50.03 -26.68 -8.04
CA VAL CA 370 50.78 -27.90 -8.47
C VAL CA 370 50.91 -28.84 -7.27
N HIS CA 371 50.80 -28.30 -6.06
CA HIS CA 371 50.91 -29.11 -4.82
C HIS CA 371 49.82 -30.19 -4.80
N LYS CA 372 48.69 -29.95 -5.47
CA LYS CA 372 47.59 -30.96 -5.52
C LYS CA 372 47.97 -32.04 -6.54
N ALA CA 373 47.60 -33.31 -6.28
CA ALA CA 373 47.95 -34.37 -7.19
C ALA CA 373 46.74 -34.68 -8.06
N PRO CA 374 46.89 -35.00 -9.35
CA PRO CA 374 45.82 -35.46 -10.19
C PRO CA 374 45.61 -36.93 -9.91
N ALA CA 375 45.26 -37.23 -8.68
CA ALA CA 375 45.12 -38.61 -8.20
C ALA CA 375 43.73 -39.14 -8.45
N ASN CA 376 42.88 -38.29 -9.01
CA ASN CA 376 41.52 -38.65 -9.36
C ASN CA 376 41.10 -37.74 -10.50
N GLU CA 377 41.41 -38.12 -11.73
CA GLU CA 377 41.04 -37.27 -12.87
C GLU CA 377 40.72 -38.06 -14.14
N VAL CA 378 39.81 -37.53 -14.93
CA VAL CA 378 39.32 -38.15 -16.16
C VAL CA 378 40.24 -38.06 -17.36
N VAL CA 379 40.49 -39.22 -17.97
CA VAL CA 379 41.35 -39.24 -19.13
C VAL CA 379 40.50 -38.95 -20.34
N ARG CA 380 40.22 -37.69 -20.51
CA ARG CA 380 39.34 -37.29 -21.57
C ARG CA 380 39.91 -37.70 -22.90
N GLY CA 381 39.07 -38.30 -23.73
CA GLY CA 381 39.44 -38.75 -25.06
C GLY CA 381 39.65 -40.26 -25.12
N ALA CA 382 39.80 -40.88 -23.95
CA ALA CA 382 39.97 -42.32 -23.87
C ALA CA 382 38.68 -43.01 -24.22
N VAL CA 383 38.76 -44.19 -24.83
CA VAL CA 383 37.58 -44.97 -25.11
C VAL CA 383 37.47 -46.10 -24.10
N ASP CA 384 38.55 -46.86 -23.94
CA ASP CA 384 38.54 -47.96 -22.98
C ASP CA 384 39.96 -48.35 -22.56
N LEU CA 385 40.07 -49.32 -21.67
CA LEU CA 385 41.37 -49.80 -21.22
C LEU CA 385 41.57 -51.26 -21.61
N GLU CA 386 42.81 -51.69 -21.85
CA GLU CA 386 42.98 -53.12 -22.13
C GLU CA 386 42.64 -54.03 -20.98
N LEU CA 387 42.95 -53.61 -19.77
CA LEU CA 387 42.65 -54.45 -18.63
C LEU CA 387 42.21 -53.63 -17.44
N GLN CA 388 41.32 -54.20 -16.66
CA GLN CA 388 40.93 -53.61 -15.40
C GLN CA 388 41.82 -54.20 -14.34
N ILE CA 389 42.47 -53.35 -13.57
CA ILE CA 389 43.40 -53.81 -12.56
C ILE CA 389 42.70 -53.77 -11.22
N THR CA 390 42.54 -54.93 -10.60
CA THR CA 390 41.76 -55.08 -9.39
C THR CA 390 42.54 -54.79 -8.13
N ARG CA 391 41.86 -54.70 -6.99
CA ARG CA 391 42.54 -54.35 -5.74
C ARG CA 391 43.65 -55.33 -5.37
N GLY CA 392 43.49 -56.60 -5.71
CA GLY CA 392 44.53 -57.57 -5.40
C GLY CA 392 45.81 -57.31 -6.21
N GLU CA 393 45.70 -56.51 -7.26
CA GLU CA 393 46.82 -56.16 -8.10
C GLU CA 393 47.34 -54.77 -7.71
N GLN CA 394 46.43 -53.89 -7.26
CA GLN CA 394 46.82 -52.54 -6.85
C GLN CA 394 47.72 -52.64 -5.62
N ASP CA 395 47.46 -53.67 -4.82
CA ASP CA 395 48.21 -54.01 -3.62
C ASP CA 395 49.67 -54.36 -3.95
N LEU CA 396 49.95 -54.80 -5.17
CA LEU CA 396 51.30 -55.15 -5.54
C LEU CA 396 51.97 -54.07 -6.37
N LEU CA 397 51.20 -53.31 -7.15
CA LEU CA 397 51.79 -52.32 -8.03
C LEU CA 397 52.01 -50.92 -7.41
N ASN CA 398 51.13 -50.45 -6.55
CA ASN CA 398 51.34 -49.11 -6.03
C ASN CA 398 52.61 -49.01 -5.17
N PRO CA 399 52.96 -50.01 -4.32
CA PRO CA 399 54.13 -50.02 -3.49
C PRO CA 399 55.44 -50.01 -4.27
N ILE CA 400 55.41 -50.26 -5.58
CA ILE CA 400 56.64 -50.28 -6.34
C ILE CA 400 56.66 -49.12 -7.33
N GLY CA 401 55.75 -48.15 -7.14
CA GLY CA 401 55.72 -46.95 -7.98
C GLY CA 401 55.03 -47.05 -9.33
N VAL CA 402 54.14 -48.02 -9.53
CA VAL CA 402 53.47 -48.09 -10.82
C VAL CA 402 52.09 -47.49 -10.74
N ASN CA 403 51.85 -46.44 -11.52
CA ASN CA 403 50.58 -45.78 -11.46
C ASN CA 403 49.56 -46.46 -12.35
N CYS CA 404 48.33 -46.52 -11.89
CA CYS CA 404 47.29 -47.12 -12.70
C CYS CA 404 46.16 -46.20 -13.06
N ILE CA 405 45.54 -46.56 -14.17
CA ILE CA 405 44.36 -45.94 -14.73
C ILE CA 405 43.29 -47.02 -14.69
N ARG CA 406 42.12 -46.69 -14.17
CA ARG CA 406 41.03 -47.66 -14.03
C ARG CA 406 39.70 -47.16 -14.54
N SER CA 407 38.83 -48.10 -14.93
CA SER CA 407 37.48 -47.76 -15.33
C SER CA 407 36.65 -47.86 -14.06
N PHE CA 408 36.12 -46.74 -13.62
CA PHE CA 408 35.44 -46.74 -12.36
C PHE CA 408 33.91 -46.83 -12.58
N PRO CA 409 33.19 -47.67 -11.80
CA PRO CA 409 31.77 -47.92 -11.91
C PRO CA 409 30.90 -46.74 -11.52
N GLY CA 410 30.81 -45.80 -12.45
CA GLY CA 410 30.04 -44.58 -12.27
C GLY CA 410 30.87 -43.30 -12.37
N ARG CA 411 32.17 -43.43 -12.58
CA ARG CA 411 32.98 -42.22 -12.71
C ARG CA 411 33.78 -42.13 -14.03
N GLY CA 412 33.83 -43.23 -14.80
CA GLY CA 412 34.55 -43.23 -16.08
C GLY CA 412 36.03 -43.59 -15.96
N ILE CA 413 36.81 -43.26 -16.99
CA ILE CA 413 38.21 -43.69 -17.00
C ILE CA 413 39.04 -42.66 -16.30
N ARG CA 414 39.66 -43.05 -15.19
CA ARG CA 414 40.41 -42.09 -14.42
C ARG CA 414 41.79 -42.53 -13.98
N VAL CA 415 42.64 -41.54 -13.83
CA VAL CA 415 43.97 -41.74 -13.31
C VAL CA 415 43.84 -41.80 -11.82
N TRP CA 416 44.41 -42.84 -11.23
CA TRP CA 416 44.38 -43.05 -9.80
C TRP CA 416 45.73 -43.05 -9.10
N GLY CA 417 46.73 -43.68 -9.70
CA GLY CA 417 48.00 -43.72 -8.99
C GLY CA 417 48.69 -42.37 -9.08
N ALA CA 418 49.50 -42.01 -8.07
CA ALA CA 418 50.23 -40.75 -8.15
C ALA CA 418 51.62 -40.83 -7.49
N ARG CA 419 52.41 -41.82 -7.87
CA ARG CA 419 53.73 -42.02 -7.31
C ARG CA 419 54.85 -41.86 -8.31
N THR CA 420 55.98 -41.44 -7.78
CA THR CA 420 57.25 -41.24 -8.44
C THR CA 420 57.93 -42.57 -8.66
N LEU CA 421 58.60 -42.76 -9.80
CA LEU CA 421 59.29 -44.02 -10.03
C LEU CA 421 60.69 -43.92 -9.41
N SER CA 422 60.68 -43.89 -8.06
CA SER CA 422 61.84 -43.65 -7.19
C SER CA 422 61.82 -44.43 -5.90
N SER CA 423 63.02 -44.81 -5.47
CA SER CA 423 63.28 -45.51 -4.23
C SER CA 423 63.43 -44.62 -3.00
N ASP CA 424 63.56 -43.30 -3.22
CA ASP CA 424 63.79 -42.34 -2.14
C ASP CA 424 62.49 -41.86 -1.51
N PRO CA 425 62.17 -42.21 -0.23
CA PRO CA 425 60.93 -41.86 0.45
C PRO CA 425 60.57 -40.38 0.33
N ALA CA 426 61.58 -39.50 0.30
CA ALA CA 426 61.33 -38.08 0.22
C ALA CA 426 60.57 -37.67 -1.00
N TRP CA 427 60.80 -38.36 -2.11
CA TRP CA 427 60.23 -37.95 -3.36
C TRP CA 427 59.15 -38.87 -3.88
N ARG CA 428 58.54 -39.66 -3.00
CA ARG CA 428 57.52 -40.60 -3.45
C ARG CA 428 56.29 -40.02 -4.11
N TYR CA 429 55.89 -38.82 -3.70
CA TYR CA 429 54.66 -38.23 -4.22
C TYR CA 429 54.92 -37.26 -5.37
N LEU CA 430 54.20 -37.45 -6.46
CA LEU CA 430 54.44 -36.63 -7.64
C LEU CA 430 54.15 -35.16 -7.47
N ASN CA 431 53.14 -34.83 -6.69
CA ASN CA 431 52.76 -33.44 -6.52
C ASN CA 431 53.75 -32.68 -5.69
N ILE CA 432 54.56 -33.39 -4.92
CA ILE CA 432 55.51 -32.70 -4.08
C ILE CA 432 56.67 -32.40 -4.94
N ARG CA 433 57.11 -33.38 -5.73
CA ARG CA 433 58.24 -33.15 -6.68
C ARG CA 433 57.90 -31.98 -7.58
N ARG CA 434 56.64 -31.90 -8.05
CA ARG CA 434 56.22 -30.83 -8.92
C ARG CA 434 56.15 -29.49 -8.22
N TYR CA 435 55.68 -29.44 -6.98
CA TYR CA 435 55.63 -28.18 -6.26
C TYR CA 435 57.01 -27.57 -6.22
N PHE CA 436 58.01 -28.37 -5.94
CA PHE CA 436 59.34 -27.80 -5.92
C PHE CA 436 59.79 -27.31 -7.29
N ASN CA 437 59.51 -28.04 -8.37
CA ASN CA 437 59.95 -27.48 -9.65
C ASN CA 437 59.23 -26.19 -9.96
N TYR CA 438 57.97 -26.11 -9.56
CA TYR CA 438 57.18 -24.91 -9.74
C TYR CA 438 57.75 -23.71 -9.04
N LEU CA 439 58.11 -23.86 -7.76
CA LEU CA 439 58.64 -22.74 -7.06
C LEU CA 439 59.96 -22.32 -7.64
N GLU CA 440 60.78 -23.29 -8.05
CA GLU CA 440 62.08 -22.93 -8.58
C GLU CA 440 61.97 -22.17 -9.86
N GLU CA 441 61.09 -22.56 -10.76
CA GLU CA 441 61.07 -21.80 -11.99
C GLU CA 441 60.70 -20.35 -11.74
N SER CA 442 59.68 -20.10 -10.93
CA SER CA 442 59.27 -18.72 -10.74
C SER CA 442 60.25 -17.89 -9.95
N ILE CA 443 60.87 -18.45 -8.91
CA ILE CA 443 61.75 -17.63 -8.11
C ILE CA 443 63.03 -17.33 -8.84
N LEU CA 444 63.54 -18.29 -9.62
CA LEU CA 444 64.78 -18.09 -10.35
C LEU CA 444 64.61 -17.08 -11.45
N ILE CA 445 63.46 -17.06 -12.12
CA ILE CA 445 63.26 -16.06 -13.13
C ILE CA 445 63.14 -14.70 -12.48
N GLY CA 446 62.36 -14.62 -11.40
CA GLY CA 446 62.16 -13.36 -10.74
C GLY CA 446 63.47 -12.69 -10.30
N THR CA 447 64.26 -13.36 -9.46
CA THR CA 447 65.48 -12.69 -8.99
C THR CA 447 66.62 -12.96 -9.95
N GLN CA 448 66.54 -12.36 -11.12
CA GLN CA 448 67.55 -12.56 -12.12
C GLN CA 448 68.40 -11.34 -12.32
N TRP CA 449 69.55 -11.33 -11.70
CA TRP CA 449 70.49 -10.25 -11.81
C TRP CA 449 71.72 -10.88 -12.42
N VAL CA 450 72.41 -10.17 -13.30
CA VAL CA 450 73.57 -10.77 -13.95
C VAL CA 450 74.85 -10.01 -13.69
N VAL CA 451 75.87 -10.80 -13.32
CA VAL CA 451 77.18 -10.33 -12.94
C VAL CA 451 76.96 -9.66 -11.62
N PHE CA 452 77.44 -10.30 -10.57
CA PHE CA 452 77.33 -9.76 -9.24
C PHE CA 452 78.39 -8.67 -9.11
N GLU CA 453 78.00 -7.51 -8.62
CA GLU CA 453 78.93 -6.41 -8.45
C GLU CA 453 79.78 -6.61 -7.21
N PRO CA 454 79.34 -6.06 -6.07
CA PRO CA 454 80.09 -6.22 -4.83
C PRO CA 454 79.33 -7.03 -3.79
N ASN CA 455 79.96 -8.07 -3.25
CA ASN CA 455 79.38 -8.88 -2.21
C ASN CA 455 79.15 -7.86 -1.11
N ASP CA 456 77.90 -7.71 -0.74
CA ASP CA 456 77.48 -6.65 0.16
C ASP CA 456 76.17 -6.99 0.83
N HIS CA 457 76.04 -6.55 2.08
CA HIS CA 457 74.79 -6.80 2.85
C HIS CA 457 73.59 -6.18 2.12
N ASN CA 458 73.79 -5.06 1.41
CA ASN CA 458 72.65 -4.43 0.82
C ASN CA 458 71.99 -5.37 -0.19
N LEU CA 459 72.77 -6.29 -0.79
CA LEU CA 459 72.15 -7.17 -1.75
C LEU CA 459 71.46 -8.26 -0.99
N TRP CA 460 72.04 -8.64 0.14
CA TRP CA 460 71.43 -9.68 0.92
C TRP CA 460 70.07 -9.18 1.36
N ALA CA 461 70.00 -7.93 1.80
CA ALA CA 461 68.73 -7.43 2.23
C ALA CA 461 67.70 -7.43 1.11
N ARG CA 462 68.11 -7.07 -0.12
CA ARG CA 462 67.14 -7.06 -1.20
C ARG CA 462 66.62 -8.45 -1.47
N ILE CA 463 67.50 -9.43 -1.40
CA ILE CA 463 67.12 -10.80 -1.66
C ILE CA 463 66.22 -11.37 -0.60
N ARG CA 464 66.55 -11.16 0.68
CA ARG CA 464 65.71 -11.74 1.72
C ARG CA 464 64.33 -11.19 1.63
N ARG CA 465 64.25 -9.90 1.37
CA ARG CA 465 62.97 -9.29 1.32
C ARG CA 465 62.15 -9.82 0.17
N ASN CA 466 62.77 -10.01 -1.00
CA ASN CA 466 62.03 -10.51 -2.14
C ASN CA 466 61.59 -11.95 -2.03
N VAL CA 467 62.40 -12.80 -1.42
CA VAL CA 467 61.99 -14.18 -1.33
C VAL CA 467 60.82 -14.31 -0.37
N SER CA 468 60.89 -13.64 0.77
CA SER CA 468 59.81 -13.73 1.71
C SER CA 468 58.51 -13.17 1.12
N ALA CA 469 58.59 -12.03 0.42
CA ALA CA 469 57.38 -11.48 -0.17
C ALA CA 469 56.72 -12.48 -1.11
N PHE CA 470 57.53 -13.21 -1.86
CA PHE CA 470 57.01 -14.24 -2.76
C PHE CA 470 56.33 -15.39 -2.03
N LEU CA 471 57.00 -15.93 -1.01
CA LEU CA 471 56.51 -17.11 -0.29
C LEU CA 471 55.36 -16.85 0.68
N VAL CA 472 55.21 -15.64 1.20
CA VAL CA 472 54.14 -15.46 2.16
C VAL CA 472 52.79 -15.72 1.52
N ASN CA 473 52.65 -15.49 0.22
CA ASN CA 473 51.39 -15.78 -0.43
C ASN CA 473 51.08 -17.26 -0.51
N GLU CA 474 52.07 -18.13 -0.47
CA GLU CA 474 51.79 -19.55 -0.52
C GLU CA 474 51.13 -19.89 0.81
N TRP CA 475 51.60 -19.23 1.87
CA TRP CA 475 51.00 -19.37 3.20
C TRP CA 475 49.60 -18.76 3.31
N ARG CA 476 49.43 -17.54 2.77
CA ARG CA 476 48.14 -16.85 2.84
C ARG CA 476 47.11 -17.66 2.10
N ASN CA 477 47.54 -18.27 1.01
CA ASN CA 477 46.74 -19.13 0.18
C ASN CA 477 46.81 -20.50 0.82
N GLY CA 478 46.16 -21.51 0.27
CA GLY CA 478 46.18 -22.80 0.95
C GLY CA 478 47.36 -23.75 0.69
N ALA CA 479 48.35 -23.33 -0.09
CA ALA CA 479 49.47 -24.23 -0.44
C ALA CA 479 50.34 -24.71 0.74
N LEU CA 480 50.59 -23.86 1.74
CA LEU CA 480 51.47 -24.27 2.86
C LEU CA 480 50.78 -24.63 4.15
N PHE CA 481 51.50 -25.38 4.97
CA PHE CA 481 51.05 -25.77 6.30
C PHE CA 481 51.60 -24.83 7.35
N GLY CA 482 50.85 -24.59 8.41
CA GLY CA 482 51.32 -23.79 9.54
C GLY CA 482 50.33 -22.69 9.92
N GLN CA 483 50.36 -22.29 11.19
CA GLN CA 483 49.46 -21.26 11.71
C GLN CA 483 49.85 -19.84 11.37
N SER CA 484 51.09 -19.67 10.94
CA SER CA 484 51.66 -18.37 10.63
C SER CA 484 52.90 -18.58 9.75
N PRO CA 485 53.37 -17.57 9.00
CA PRO CA 485 54.59 -17.58 8.19
C PRO CA 485 55.79 -18.05 9.00
N ASP CA 486 55.75 -17.78 10.29
CA ASP CA 486 56.78 -18.13 11.23
C ASP CA 486 57.12 -19.61 11.16
N GLN CA 487 56.11 -20.43 10.93
CA GLN CA 487 56.33 -21.85 10.87
C GLN CA 487 56.23 -22.33 9.43
N ALA CA 488 55.43 -21.64 8.64
CA ALA CA 488 55.16 -22.06 7.28
C ALA CA 488 56.37 -22.03 6.35
N TYR CA 489 57.28 -21.07 6.51
CA TYR CA 489 58.46 -21.05 5.63
C TYR CA 489 59.63 -20.35 6.29
N TYR CA 490 60.83 -20.51 5.70
CA TYR CA 490 62.03 -19.90 6.30
C TYR CA 490 62.99 -19.35 5.24
N VAL CA 491 63.44 -18.10 5.40
CA VAL CA 491 64.44 -17.53 4.49
C VAL CA 491 65.67 -16.98 5.22
N LYS CA 492 66.87 -17.40 4.79
CA LYS CA 492 68.12 -16.90 5.38
C LYS CA 492 69.19 -16.50 4.36
N CYS CA 493 69.70 -15.29 4.50
CA CYS CA 493 70.76 -14.81 3.61
C CYS CA 493 71.52 -13.71 4.31
N ASP CA 494 72.66 -14.09 4.85
CA ASP CA 494 73.50 -13.24 5.67
C ASP CA 494 74.94 -13.74 5.57
N GLU CA 495 75.84 -13.17 6.36
CA GLU CA 495 77.25 -13.51 6.30
C GLU CA 495 77.57 -14.96 6.65
N GLU CA 496 76.63 -15.73 7.18
CA GLU CA 496 76.97 -17.11 7.46
C GLU CA 496 76.65 -18.03 6.29
N THR CA 497 76.04 -17.48 5.23
CA THR CA 497 75.73 -18.31 4.07
C THR CA 497 76.68 -17.77 3.03
N ASN CA 498 77.09 -16.52 3.30
CA ASN CA 498 77.98 -15.74 2.45
C ASN CA 498 79.18 -15.26 3.28
N PRO CA 499 80.11 -16.16 3.64
CA PRO CA 499 81.22 -15.96 4.55
C PRO CA 499 82.23 -14.98 3.96
N PRO CA 500 83.13 -14.41 4.81
CA PRO CA 500 84.15 -13.42 4.54
C PRO CA 500 85.06 -13.68 3.36
N GLU CA 501 85.32 -14.94 3.00
CA GLU CA 501 86.20 -15.15 1.87
C GLU CA 501 85.65 -14.40 0.66
N SER CA 502 84.32 -14.33 0.53
CA SER CA 502 83.70 -13.56 -0.52
C SER CA 502 84.30 -13.85 -1.88
N VAL CA 503 84.48 -15.12 -2.21
CA VAL CA 503 85.11 -15.39 -3.47
C VAL CA 503 84.13 -15.42 -4.58
N ASP CA 504 84.26 -14.48 -5.49
CA ASP CA 504 83.40 -14.36 -6.63
C ASP CA 504 81.92 -14.45 -6.24
N LEU CA 505 81.15 -15.40 -6.79
CA LEU CA 505 79.75 -15.43 -6.45
C LEU CA 505 79.43 -15.77 -5.01
N GLY CA 506 78.58 -14.92 -4.44
CA GLY CA 506 78.03 -15.04 -3.12
C GLY CA 506 76.59 -15.40 -3.37
N ARG CA 507 75.66 -14.54 -2.93
CA ARG CA 507 74.22 -14.77 -3.19
C ARG CA 507 73.80 -16.17 -2.74
N VAL CA 508 74.22 -16.62 -1.55
CA VAL CA 508 73.77 -17.89 -1.06
C VAL CA 508 72.52 -17.69 -0.22
N VAL CA 509 71.40 -18.33 -0.61
CA VAL CA 509 70.17 -18.14 0.15
C VAL CA 509 69.66 -19.47 0.66
N CYS CA 510 69.50 -19.62 1.95
CA CYS CA 510 69.01 -20.89 2.44
C CYS CA 510 67.52 -20.80 2.63
N GLU CA 511 66.79 -21.84 2.22
CA GLU CA 511 65.33 -21.78 2.37
C GLU CA 511 64.70 -23.06 2.88
N ILE CA 512 63.65 -22.90 3.66
CA ILE CA 512 62.93 -24.06 4.15
C ILE CA 512 61.54 -24.05 3.58
N GLY CA 513 61.13 -25.19 3.05
CA GLY CA 513 59.81 -25.34 2.47
C GLY CA 513 58.94 -25.74 3.63
N ILE CA 514 58.52 -26.98 3.69
CA ILE CA 514 57.67 -27.35 4.81
C ILE CA 514 58.58 -28.01 5.86
N ALA CA 515 58.97 -29.26 5.60
CA ALA CA 515 60.04 -29.90 6.34
C ALA CA 515 61.42 -29.81 5.64
N PRO CA 516 61.54 -30.08 4.31
CA PRO CA 516 62.79 -30.15 3.61
C PRO CA 516 63.42 -28.80 3.44
N VAL CA 517 64.74 -28.82 3.32
CA VAL CA 517 65.52 -27.61 3.21
C VAL CA 517 66.31 -27.57 1.88
N LYS CA 518 66.33 -26.40 1.22
CA LYS CA 518 67.07 -26.12 -0.01
C LYS CA 518 68.32 -25.32 0.38
N MET DA 1 39.34 -16.90 22.68
CA MET DA 1 38.12 -16.97 23.50
C MET DA 1 38.46 -17.50 24.91
N SER DA 2 39.40 -16.83 25.61
CA SER DA 2 39.88 -17.17 26.97
C SER DA 2 38.94 -16.76 28.09
N LEU DA 3 38.01 -15.87 27.76
CA LEU DA 3 37.06 -15.29 28.68
C LEU DA 3 35.66 -15.44 28.13
N PRO DA 4 34.61 -15.37 28.98
CA PRO DA 4 33.20 -15.30 28.57
C PRO DA 4 32.85 -13.96 27.90
N LYS DA 5 33.71 -12.95 28.07
CA LYS DA 5 33.42 -11.56 27.59
C LYS DA 5 33.43 -11.38 26.05
N PRO DA 6 34.34 -11.98 25.26
CA PRO DA 6 34.32 -11.83 23.80
C PRO DA 6 33.18 -12.49 23.10
N GLU DA 7 32.98 -12.04 21.88
CA GLU DA 7 31.98 -12.53 20.97
C GLU DA 7 32.63 -12.75 19.66
N ASP DA 8 32.06 -13.62 18.86
CA ASP DA 8 32.61 -13.81 17.54
C ASP DA 8 32.55 -12.49 16.79
N VAL DA 9 33.56 -12.23 16.02
CA VAL DA 9 33.75 -11.03 15.21
C VAL DA 9 33.80 -11.40 13.75
N LEU DA 10 33.58 -10.45 12.88
CA LEU DA 10 33.64 -10.66 11.45
C LEU DA 10 35.07 -10.75 10.97
N VAL DA 11 35.68 -11.86 11.36
CA VAL DA 11 37.05 -12.19 11.11
C VAL DA 11 37.24 -12.90 9.81
N ALA DA 12 36.45 -13.94 9.58
CA ALA DA 12 36.66 -14.74 8.40
C ALA DA 12 35.50 -15.62 8.04
N PRO DA 13 34.40 -15.10 7.54
CA PRO DA 13 33.32 -15.95 7.15
C PRO DA 13 33.81 -16.72 5.96
N ASN DA 14 33.60 -18.05 5.89
CA ASN DA 14 34.07 -18.76 4.66
C ASN DA 14 33.11 -19.89 4.29
N PHE DA 15 33.31 -20.55 3.14
CA PHE DA 15 32.30 -21.57 2.74
C PHE DA 15 32.80 -22.89 2.14
N GLY DA 16 32.28 -24.00 2.66
CA GLY DA 16 32.45 -25.33 2.11
C GLY DA 16 31.50 -25.43 0.93
N ILE DA 17 32.03 -25.67 -0.26
CA ILE DA 17 31.24 -25.75 -1.48
C ILE DA 17 32.01 -26.49 -2.60
N GLN DA 18 31.36 -27.25 -3.49
CA GLN DA 18 32.18 -27.96 -4.53
C GLN DA 18 32.48 -26.99 -5.67
N ILE DA 19 31.65 -25.96 -5.83
CA ILE DA 19 31.72 -24.91 -6.83
C ILE DA 19 32.71 -23.88 -6.32
N ASP DA 20 33.66 -23.48 -7.13
CA ASP DA 20 34.77 -22.66 -6.62
C ASP DA 20 34.55 -21.18 -6.30
N GLY DA 21 33.78 -20.98 -5.26
CA GLY DA 21 33.49 -19.69 -4.65
C GLY DA 21 34.65 -19.43 -3.70
N VAL DA 22 35.83 -19.27 -4.28
CA VAL DA 22 37.08 -19.18 -3.52
C VAL DA 22 37.22 -17.91 -2.71
N MET DA 23 36.91 -16.74 -3.28
CA MET DA 23 37.01 -15.48 -2.51
C MET DA 23 35.66 -14.77 -2.50
N VAL DA 24 35.27 -14.24 -1.34
CA VAL DA 24 33.99 -13.57 -1.17
C VAL DA 24 34.06 -12.21 -0.47
N GLU DA 25 33.00 -11.41 -0.59
CA GLU DA 25 32.91 -10.20 0.22
C GLU DA 25 32.06 -10.42 1.45
N TYR DA 26 30.83 -10.93 1.24
CA TYR DA 26 29.93 -11.10 2.38
C TYR DA 26 28.78 -12.09 2.25
N LEU DA 27 28.23 -12.42 3.41
CA LEU DA 27 27.05 -13.27 3.54
C LEU DA 27 25.93 -12.61 4.34
N ASN DA 28 24.71 -12.64 3.82
CA ASN DA 28 23.61 -12.03 4.55
C ASN DA 28 22.29 -12.82 4.46
N SER DA 29 21.25 -12.31 5.13
CA SER DA 29 19.90 -12.87 5.23
C SER DA 29 19.83 -14.29 5.77
N VAL DA 30 20.55 -14.56 6.85
CA VAL DA 30 20.52 -15.88 7.45
C VAL DA 30 19.66 -15.94 8.72
N SER DA 31 18.63 -16.78 8.70
CA SER DA 31 17.71 -16.89 9.83
C SER DA 31 17.08 -18.28 9.98
N ASN DA 32 16.64 -18.56 11.21
CA ASN DA 32 15.97 -19.78 11.62
C ASN DA 32 14.55 -19.55 12.17
N LEU DA 33 13.51 -19.91 11.41
CA LEU DA 33 12.13 -19.65 11.85
C LEU DA 33 11.16 -20.82 12.00
N GLN DA 34 10.57 -20.91 13.18
CA GLN DA 34 9.55 -21.89 13.51
C GLN DA 34 8.24 -21.09 13.50
N ILE DA 35 7.26 -21.54 12.71
CA ILE DA 35 6.01 -20.83 12.57
C ILE DA 35 5.09 -21.07 13.75
N GLU DA 36 4.49 -20.03 14.32
CA GLU DA 36 3.57 -20.22 15.44
C GLU DA 36 2.12 -20.26 14.94
N GLN DA 37 1.19 -20.46 15.87
CA GLN DA 37 -0.23 -20.50 15.55
C GLN DA 37 -1.01 -19.89 16.69
N ASP DA 38 -2.16 -19.30 16.40
CA ASP DA 38 -2.93 -18.58 17.42
C ASP DA 38 -4.43 -18.86 17.46
N VAL DA 39 -4.91 -19.48 18.55
CA VAL DA 39 -6.35 -19.76 18.66
C VAL DA 39 -6.98 -19.17 19.91
N ILE DA 40 -8.17 -18.61 19.77
CA ILE DA 40 -8.86 -18.02 20.90
C ILE DA 40 -10.12 -18.82 21.23
N ARG DA 41 -10.30 -19.17 22.50
CA ARG DA 41 -11.50 -19.90 22.93
C ARG DA 41 -12.20 -19.26 24.12
N TYR DA 42 -13.46 -19.63 24.31
CA TYR DA 42 -14.23 -19.16 25.47
C TYR DA 42 -14.09 -20.24 26.54
N GLN DA 43 -14.02 -19.84 27.80
CA GLN DA 43 -13.83 -20.81 28.88
C GLN DA 43 -14.98 -21.75 29.31
N GLN DA 44 -14.55 -22.82 29.96
CA GLN DA 44 -15.38 -23.92 30.43
C GLN DA 44 -16.69 -23.69 31.23
N ASN DA 45 -17.68 -23.04 30.61
CA ASN DA 45 -19.04 -22.93 31.20
C ASN DA 45 -18.95 -22.29 32.58
N GLN DA 46 -18.29 -21.12 32.66
CA GLN DA 46 -18.22 -20.43 33.92
C GLN DA 46 -17.87 -18.97 33.72
N GLY DA 47 -17.92 -18.21 34.79
CA GLY DA 47 -17.62 -16.77 34.74
C GLY DA 47 -16.13 -16.40 34.71
N THR DA 48 -15.39 -16.93 33.75
CA THR DA 48 -13.98 -16.58 33.58
C THR DA 48 -13.74 -16.25 32.12
N THR DA 49 -12.61 -15.67 31.81
CA THR DA 49 -12.34 -15.21 30.46
C THR DA 49 -11.92 -16.33 29.58
N GLY DA 50 -11.85 -16.04 28.31
CA GLY DA 50 -11.39 -17.01 27.40
C GLY DA 50 -9.90 -17.14 27.53
N ARG DA 51 -9.35 -18.02 26.70
CA ARG DA 51 -7.93 -18.29 26.70
C ARG DA 51 -7.35 -18.16 25.32
N ASN DA 52 -6.05 -17.93 25.30
CA ASN DA 52 -5.27 -17.81 24.10
C ASN DA 52 -4.24 -18.90 24.01
N ASN DA 53 -4.37 -19.77 23.04
CA ASN DA 53 -3.39 -20.83 22.95
C ASN DA 53 -2.40 -20.52 21.84
N VAL DA 54 -1.19 -20.23 22.26
CA VAL DA 54 -0.08 -19.84 21.41
C VAL DA 54 1.08 -20.80 21.59
N THR DA 55 0.80 -21.99 22.09
CA THR DA 55 1.77 -23.05 22.34
C THR DA 55 1.66 -24.11 21.26
N LEU DA 56 0.90 -23.77 20.26
CA LEU DA 56 0.65 -24.57 19.11
C LEU DA 56 1.92 -24.47 18.29
N MET DA 57 2.34 -25.53 17.63
CA MET DA 57 3.61 -25.49 16.91
C MET DA 57 3.65 -26.09 15.50
N PRO DA 58 3.29 -25.31 14.47
CA PRO DA 58 3.35 -25.61 13.04
C PRO DA 58 4.79 -25.83 12.59
N GLY DA 59 4.99 -26.19 11.32
CA GLY DA 59 6.33 -26.53 10.87
C GLY DA 59 7.32 -25.39 10.69
N VAL DA 60 8.49 -25.77 10.20
CA VAL DA 60 9.65 -24.91 10.03
C VAL DA 60 9.74 -24.30 8.65
N ALA DA 61 10.03 -23.01 8.63
CA ALA DA 61 10.16 -22.20 7.43
C ALA DA 61 11.49 -22.45 6.71
N LYS DA 62 11.52 -22.12 5.43
CA LYS DA 62 12.67 -22.25 4.55
C LYS DA 62 12.91 -20.91 3.85
N ASP DA 63 14.14 -20.65 3.42
CA ASP DA 63 14.46 -19.38 2.75
C ASP DA 63 15.75 -19.49 1.93
N GLY DA 64 16.31 -18.34 1.58
CA GLY DA 64 17.54 -18.27 0.81
C GLY DA 64 18.51 -17.26 1.41
N SER DA 65 19.79 -17.46 1.16
CA SER DA 65 20.82 -16.57 1.70
C SER DA 65 21.58 -15.83 0.61
N VAL DA 66 21.70 -14.52 0.76
CA VAL DA 66 22.41 -13.68 -0.21
C VAL DA 66 23.91 -13.91 -0.11
N GLN DA 67 24.56 -14.04 -1.25
CA GLN DA 67 25.99 -14.27 -1.29
C GLN DA 67 26.66 -13.28 -2.21
N VAL DA 68 27.62 -12.52 -1.72
CA VAL DA 68 28.26 -11.57 -2.61
C VAL DA 68 29.70 -11.85 -2.86
N GLU DA 69 29.97 -12.01 -4.14
CA GLU DA 69 31.26 -12.28 -4.70
C GLU DA 69 31.81 -10.91 -4.91
N ARG DA 70 33.08 -10.72 -4.58
CA ARG DA 70 33.64 -9.39 -4.68
C ARG DA 70 33.38 -8.75 -6.03
N GLY DA 71 33.51 -9.50 -7.10
CA GLY DA 71 33.27 -8.90 -8.38
C GLY DA 71 33.54 -9.82 -9.52
N MET DA 72 33.26 -9.32 -10.69
CA MET DA 72 33.42 -10.10 -11.88
C MET DA 72 34.87 -10.31 -12.19
N SER DA 73 35.17 -11.48 -12.73
CA SER DA 73 36.49 -11.89 -13.16
C SER DA 73 36.25 -12.80 -14.35
N GLN DA 74 37.31 -13.31 -14.92
CA GLN DA 74 37.20 -14.15 -16.10
C GLN DA 74 36.69 -15.58 -15.78
N SER DA 75 36.64 -15.95 -14.50
CA SER DA 75 36.22 -17.32 -14.17
C SER DA 75 34.73 -17.43 -13.90
N SER DA 76 34.00 -18.03 -14.84
CA SER DA 76 32.55 -18.08 -14.79
C SER DA 76 31.98 -19.24 -13.96
N VAL DA 77 32.30 -19.21 -12.69
CA VAL DA 77 31.91 -20.25 -11.75
C VAL DA 77 30.43 -20.25 -11.46
N PHE DA 78 29.91 -19.08 -11.09
CA PHE DA 78 28.48 -18.97 -10.74
C PHE DA 78 27.62 -19.01 -12.00
N THR DA 79 28.15 -18.50 -13.13
CA THR DA 79 27.33 -18.47 -14.30
C THR DA 79 27.02 -19.89 -14.70
N GLN DA 80 28.00 -20.78 -14.66
CA GLN DA 80 27.63 -22.11 -15.07
C GLN DA 80 26.68 -22.76 -14.08
N TRP DA 81 26.82 -22.48 -12.79
CA TRP DA 81 25.90 -23.12 -11.86
C TRP DA 81 24.46 -22.76 -12.25
N ILE DA 82 24.21 -21.48 -12.53
CA ILE DA 82 22.85 -21.14 -12.92
C ILE DA 82 22.49 -21.74 -14.27
N ASN DA 83 23.44 -21.85 -15.20
CA ASN DA 83 23.10 -22.45 -16.49
C ASN DA 83 22.65 -23.89 -16.34
N ASP DA 84 23.27 -24.65 -15.43
CA ASP DA 84 22.88 -26.06 -15.28
C ASP DA 84 21.45 -26.21 -14.80
N SER DA 85 21.03 -25.33 -13.89
CA SER DA 85 19.67 -25.39 -13.42
C SER DA 85 18.69 -24.91 -14.50
N MET DA 86 19.06 -23.89 -15.26
CA MET DA 86 18.15 -23.39 -16.31
C MET DA 86 17.93 -24.44 -17.37
N ALA DA 87 18.94 -25.26 -17.60
CA ALA DA 87 18.93 -26.33 -18.57
C ALA DA 87 18.04 -27.50 -18.15
N GLY DA 88 17.61 -27.55 -16.90
CA GLY DA 88 16.76 -28.62 -16.40
C GLY DA 88 17.42 -29.73 -15.56
N ARG DA 89 18.69 -29.61 -15.20
CA ARG DA 89 19.25 -30.67 -14.37
C ARG DA 89 19.05 -30.28 -12.91
N MET DA 90 18.73 -31.23 -12.04
CA MET DA 90 18.59 -30.86 -10.63
C MET DA 90 19.98 -30.77 -10.01
N ALA DA 91 20.70 -29.73 -10.40
CA ALA DA 91 22.08 -29.47 -10.06
C ALA DA 91 22.22 -28.76 -8.73
N THR DA 92 21.85 -29.46 -7.68
CA THR DA 92 21.86 -28.88 -6.36
C THR DA 92 23.10 -29.32 -5.61
N ALA DA 93 23.40 -28.66 -4.49
CA ALA DA 93 24.55 -29.08 -3.70
C ALA DA 93 24.47 -28.67 -2.23
N ARG DA 94 25.17 -29.40 -1.38
CA ARG DA 94 25.32 -29.10 0.05
C ARG DA 94 26.30 -27.98 0.29
N LYS DA 95 26.02 -27.10 1.25
CA LYS DA 95 26.95 -26.02 1.60
C LYS DA 95 27.19 -25.85 3.09
N ASN DA 96 28.35 -25.29 3.43
CA ASN DA 96 28.66 -25.01 4.84
C ASN DA 96 29.16 -23.61 5.12
N ALA DA 97 28.38 -22.83 5.86
CA ALA DA 97 28.78 -21.47 6.19
C ALA DA 97 29.51 -21.46 7.52
N THR DA 98 30.78 -21.06 7.51
CA THR DA 98 31.62 -21.14 8.71
C THR DA 98 31.97 -19.79 9.35
N ILE DA 99 31.82 -19.72 10.68
CA ILE DA 99 32.19 -18.56 11.48
C ILE DA 99 33.45 -18.87 12.27
N ILE DA 100 34.43 -17.99 12.12
CA ILE DA 100 35.78 -18.15 12.64
C ILE DA 100 36.21 -17.10 13.68
N VAL DA 101 36.97 -17.58 14.66
CA VAL DA 101 37.51 -16.83 15.79
C VAL DA 101 38.73 -15.98 15.48
N MET DA 102 38.98 -15.01 16.34
CA MET DA 102 40.09 -14.07 16.23
C MET DA 102 41.36 -14.83 15.87
N ASP DA 103 41.65 -15.89 16.62
CA ASP DA 103 42.72 -16.81 16.28
C ASP DA 103 42.02 -17.79 15.40
N TYR DA 104 42.27 -17.65 14.13
CA TYR DA 104 41.56 -18.32 13.07
C TYR DA 104 41.60 -19.83 13.08
N GLU DA 105 42.53 -20.42 13.79
CA GLU DA 105 42.53 -21.88 13.77
C GLU DA 105 41.30 -22.43 14.50
N ASP DA 106 40.69 -21.60 15.35
CA ASP DA 106 39.51 -21.94 16.10
C ASP DA 106 38.27 -21.62 15.25
N ASN DA 107 37.49 -22.65 14.87
CA ASN DA 107 36.36 -22.51 13.94
C ASN DA 107 35.07 -23.08 14.54
N PRO DA 108 34.51 -22.48 15.62
CA PRO DA 108 33.43 -23.00 16.43
C PRO DA 108 32.01 -23.05 15.86
N VAL DA 109 31.66 -22.27 14.84
CA VAL DA 109 30.26 -22.36 14.44
C VAL DA 109 30.08 -22.64 12.97
N LYS DA 110 29.30 -23.67 12.67
CA LYS DA 110 29.05 -24.01 11.30
C LYS DA 110 27.58 -24.24 11.04
N ARG DA 111 27.10 -23.76 9.89
CA ARG DA 111 25.73 -24.01 9.50
C ARG DA 111 25.63 -24.79 8.20
N TRP DA 112 24.93 -25.90 8.31
CA TRP DA 112 24.70 -26.80 7.20
C TRP DA 112 23.50 -26.44 6.40
N ASN DA 113 23.71 -26.26 5.11
CA ASN DA 113 22.66 -25.98 4.19
C ASN DA 113 22.38 -27.25 3.40
N LEU DA 114 21.09 -27.55 3.37
CA LEU DA 114 20.60 -28.78 2.71
C LEU DA 114 21.13 -28.98 1.30
N ARG DA 115 21.34 -30.23 0.94
CA ARG DA 115 21.78 -30.69 -0.37
C ARG DA 115 20.95 -30.28 -1.54
N ASN DA 116 19.76 -29.79 -1.28
CA ASN DA 116 18.89 -29.36 -2.31
C ASN DA 116 19.09 -27.89 -2.63
N ALA DA 117 20.06 -27.24 -2.01
CA ALA DA 117 20.27 -25.83 -2.29
C ALA DA 117 20.69 -25.58 -3.74
N TRP DA 118 20.19 -24.46 -4.29
CA TRP DA 118 20.52 -24.11 -5.70
C TRP DA 118 20.47 -22.60 -5.95
N CYS DA 119 21.08 -22.12 -7.03
CA CYS DA 119 21.11 -20.71 -7.43
C CYS DA 119 20.02 -20.26 -8.37
N SER DA 120 19.24 -19.26 -7.96
CA SER DA 120 18.15 -18.75 -8.80
C SER DA 120 18.51 -17.42 -9.47
N LYS DA 121 19.43 -16.66 -8.87
CA LYS DA 121 19.78 -15.39 -9.50
C LYS DA 121 21.23 -15.05 -9.57
N VAL DA 122 21.56 -14.38 -10.66
CA VAL DA 122 22.84 -13.71 -10.78
C VAL DA 122 22.58 -12.24 -11.13
N VAL DA 123 23.03 -11.31 -10.28
CA VAL DA 123 22.75 -9.90 -10.54
C VAL DA 123 24.02 -9.06 -10.65
N ALA DA 124 24.09 -8.30 -11.74
CA ALA DA 124 25.23 -7.42 -12.00
C ALA DA 124 25.12 -6.11 -11.26
N GLY DA 125 26.25 -5.44 -11.04
CA GLY DA 125 26.22 -4.12 -10.45
C GLY DA 125 26.01 -3.08 -11.55
N THR DA 126 26.06 -1.80 -11.20
CA THR DA 126 25.87 -0.69 -12.15
C THR DA 126 27.18 -0.32 -12.80
N LEU DA 127 27.16 -0.09 -14.11
CA LEU DA 127 28.40 0.34 -14.75
C LEU DA 127 28.30 1.77 -15.26
N LYS DA 128 28.94 2.71 -14.53
CA LYS DA 128 28.86 4.13 -14.86
C LYS DA 128 30.22 4.81 -14.90
N ALA DA 129 30.47 5.55 -15.98
CA ALA DA 129 31.76 6.17 -16.14
C ALA DA 129 32.10 7.09 -14.99
N GLY DA 130 33.31 6.91 -14.45
CA GLY DA 130 33.82 7.75 -13.39
C GLY DA 130 33.38 7.39 -11.97
N ASP DA 131 32.51 6.39 -11.79
CA ASP DA 131 32.04 6.15 -10.42
C ASP DA 131 33.10 5.85 -9.41
N THR DA 132 34.18 5.19 -9.82
CA THR DA 132 35.34 4.93 -8.97
C THR DA 132 35.14 3.97 -7.80
N ASN DA 133 34.16 4.20 -6.96
CA ASN DA 133 33.93 3.35 -5.80
C ASN DA 133 32.93 2.25 -6.09
N ALA DA 134 32.53 2.18 -7.33
CA ALA DA 134 31.64 1.15 -7.82
C ALA DA 134 32.57 0.18 -8.52
N LEU DA 135 32.61 -1.06 -8.03
CA LEU DA 135 33.59 -2.01 -8.51
C LEU DA 135 33.07 -3.36 -9.01
N THR DA 136 32.05 -3.33 -9.86
CA THR DA 136 31.44 -4.50 -10.51
C THR DA 136 31.26 -5.73 -9.60
N GLU DA 137 30.47 -5.58 -8.55
CA GLU DA 137 30.16 -6.67 -7.61
C GLU DA 137 29.17 -7.62 -8.24
N THR DA 138 29.10 -8.87 -7.77
CA THR DA 138 28.03 -9.73 -8.29
C THR DA 138 27.24 -10.29 -7.13
N ILE DA 139 25.94 -10.39 -7.31
CA ILE DA 139 25.13 -10.92 -6.24
C ILE DA 139 24.58 -12.26 -6.63
N THR DA 140 24.78 -13.26 -5.80
CA THR DA 140 24.27 -14.58 -6.11
C THR DA 140 23.18 -14.94 -5.11
N ILE DA 141 22.03 -15.37 -5.60
CA ILE DA 141 20.97 -15.75 -4.69
C ILE DA 141 20.74 -17.24 -4.69
N VAL DA 142 20.89 -17.83 -3.51
CA VAL DA 142 20.79 -19.27 -3.33
C VAL DA 142 19.67 -19.66 -2.39
N PHE DA 143 18.84 -20.60 -2.84
CA PHE DA 143 17.69 -21.06 -2.01
C PHE DA 143 18.15 -22.18 -1.08
N GLU DA 144 17.88 -22.03 0.21
CA GLU DA 144 18.23 -23.03 1.20
C GLU DA 144 17.01 -23.65 1.89
N GLU DA 145 16.66 -24.85 1.44
CA GLU DA 145 15.50 -25.57 1.93
C GLU DA 145 15.51 -25.78 3.43
N LEU DA 146 16.67 -26.09 3.96
CA LEU DA 146 16.82 -26.37 5.37
C LEU DA 146 18.16 -25.97 5.92
N VAL DA 147 18.15 -25.22 7.02
CA VAL DA 147 19.39 -24.80 7.63
C VAL DA 147 19.50 -25.35 9.03
N VAL DA 148 20.57 -26.08 9.28
CA VAL DA 148 20.83 -26.71 10.57
C VAL DA 148 22.18 -26.29 11.15
N GLU DA 149 22.25 -25.87 12.44
CA GLU DA 149 23.52 -25.49 13.08
C GLU DA 149 24.48 -26.69 13.16
N MET EA 1 100.72 -0.49 -12.65
CA MET EA 1 101.33 0.79 -12.29
C MET EA 1 101.80 1.53 -13.57
N PRO EA 2 100.88 2.12 -14.41
CA PRO EA 2 101.17 2.91 -15.61
C PRO EA 2 101.72 4.22 -15.16
N SER EA 3 102.49 4.92 -15.97
CA SER EA 3 102.88 6.21 -15.46
C SER EA 3 101.68 7.12 -15.36
N TYR EA 4 101.64 7.83 -14.26
CA TYR EA 4 100.66 8.82 -13.90
C TYR EA 4 101.25 10.19 -13.64
N LEU EA 5 102.54 10.33 -14.00
CA LEU EA 5 103.28 11.57 -13.80
C LEU EA 5 102.79 12.65 -14.75
N SER EA 6 102.58 12.27 -15.98
CA SER EA 6 102.33 13.19 -17.07
C SER EA 6 101.68 12.57 -18.29
N PRO EA 7 101.06 13.38 -19.17
CA PRO EA 7 100.64 13.01 -20.51
C PRO EA 7 101.83 12.45 -21.34
N GLY EA 8 103.06 12.78 -20.93
CA GLY EA 8 104.29 12.33 -21.57
C GLY EA 8 105.46 12.82 -20.71
N VAL EA 9 106.54 12.03 -20.67
CA VAL EA 9 107.67 12.39 -19.81
C VAL EA 9 108.96 12.74 -20.54
N TYR EA 10 108.91 12.89 -21.85
CA TYR EA 10 110.13 13.22 -22.57
C TYR EA 10 110.02 14.56 -23.26
N VAL EA 11 109.01 14.73 -24.10
CA VAL EA 11 108.89 16.01 -24.77
C VAL EA 11 107.54 16.62 -24.50
N GLU EA 12 107.52 17.78 -23.89
CA GLU EA 12 106.25 18.39 -23.57
C GLU EA 12 105.70 19.20 -24.71
N GLU EA 13 105.13 18.52 -25.68
CA GLU EA 13 104.60 19.21 -26.86
C GLU EA 13 103.22 19.78 -26.52
N VAL EA 14 103.23 20.80 -25.64
CA VAL EA 14 102.01 21.41 -25.11
C VAL EA 14 101.80 22.93 -25.34
N ALA EA 15 102.80 23.65 -25.91
CA ALA EA 15 102.79 25.11 -26.12
C ALA EA 15 101.97 25.48 -27.37
N GLY EA 28 84.41 18.90 -24.36
CA GLY EA 28 84.22 17.62 -25.01
C GLY EA 28 82.79 17.15 -24.75
N VAL EA 29 82.50 15.89 -25.12
CA VAL EA 29 81.19 15.22 -24.98
C VAL EA 29 81.20 14.01 -24.05
N GLY EA 30 82.37 13.71 -23.48
CA GLY EA 30 82.53 12.53 -22.63
C GLY EA 30 82.66 11.32 -23.54
N THR EA 31 82.44 10.13 -23.00
CA THR EA 31 82.59 8.90 -23.78
C THR EA 31 81.30 8.66 -24.52
N SER EA 32 80.95 9.60 -25.37
CA SER EA 32 79.70 9.64 -26.11
C SER EA 32 79.92 9.39 -27.59
N VAL EA 33 81.20 9.20 -27.94
CA VAL EA 33 81.60 8.99 -29.31
C VAL EA 33 82.55 7.82 -29.49
N ALA EA 34 82.53 7.30 -30.70
CA ALA EA 34 83.36 6.15 -31.09
C ALA EA 34 83.84 6.26 -32.51
N ALA EA 35 84.89 5.51 -32.86
CA ALA EA 35 85.39 5.52 -34.24
C ALA EA 35 85.11 4.22 -34.97
N PHE EA 36 84.59 4.39 -36.16
CA PHE EA 36 84.25 3.32 -37.08
C PHE EA 36 85.17 3.41 -38.28
N VAL EA 37 86.04 2.43 -38.39
CA VAL EA 37 87.02 2.44 -39.45
C VAL EA 37 86.72 1.40 -40.47
N GLY EA 38 86.50 1.81 -41.71
CA GLY EA 38 86.23 0.82 -42.75
C GLY EA 38 85.72 1.40 -44.04
N LEU EA 39 85.73 0.55 -45.06
CA LEU EA 39 85.37 0.92 -46.42
C LEU EA 39 83.93 1.32 -46.49
N ALA EA 40 83.60 2.23 -47.42
CA ALA EA 40 82.22 2.74 -47.50
C ALA EA 40 81.87 3.12 -48.94
N PRO EA 41 80.63 2.90 -49.42
CA PRO EA 41 80.23 3.32 -50.76
C PRO EA 41 79.96 4.83 -50.79
N THR EA 42 80.65 5.55 -51.68
CA THR EA 42 80.43 7.02 -51.82
C THR EA 42 80.46 7.69 -50.44
N GLY EA 43 81.41 7.27 -49.58
CA GLY EA 43 81.54 7.88 -48.25
C GLY EA 43 82.44 9.11 -48.29
N PRO EA 44 82.86 9.67 -47.13
CA PRO EA 44 83.79 10.80 -47.13
C PRO EA 44 85.14 10.39 -47.74
N LEU EA 45 86.14 11.28 -47.73
CA LEU EA 45 87.44 10.91 -48.25
C LEU EA 45 88.15 10.04 -47.23
N ASN EA 46 89.10 9.23 -47.67
CA ASN EA 46 89.84 8.28 -46.83
C ASN EA 46 90.45 8.76 -45.50
N GLU EA 47 91.06 9.93 -45.51
CA GLU EA 47 91.74 10.58 -44.39
C GLU EA 47 90.96 11.48 -43.37
N PRO EA 48 90.16 12.47 -43.80
CA PRO EA 48 89.53 13.46 -42.96
C PRO EA 48 88.38 12.90 -42.18
N THR EA 49 88.73 12.19 -41.13
CA THR EA 49 87.76 11.52 -40.30
C THR EA 49 86.69 12.52 -39.87
N LEU EA 50 85.44 12.15 -40.09
CA LEU EA 50 84.30 13.01 -39.76
C LEU EA 50 83.52 12.56 -38.57
N VAL EA 51 83.13 13.47 -37.68
CA VAL EA 51 82.28 13.03 -36.58
C VAL EA 51 80.91 13.65 -36.58
N THR EA 52 79.89 12.79 -36.52
CA THR EA 52 78.48 13.25 -36.46
C THR EA 52 77.49 12.19 -36.01
N ASN EA 53 76.20 12.57 -36.02
CA ASN EA 53 75.04 11.74 -35.62
C ASN EA 53 74.47 10.89 -36.78
N TRP EA 54 73.41 10.10 -36.52
CA TRP EA 54 72.88 9.26 -37.61
C TRP EA 54 72.34 10.05 -38.80
N THR EA 55 71.55 11.06 -38.54
CA THR EA 55 70.93 11.81 -39.60
C THR EA 55 71.94 12.35 -40.62
N GLN EA 56 73.02 12.93 -40.12
CA GLN EA 56 74.02 13.44 -41.03
C GLN EA 56 74.87 12.32 -41.62
N TYR EA 57 75.09 11.25 -40.85
CA TYR EA 57 75.84 10.12 -41.33
C TYR EA 57 75.21 9.62 -42.59
N VAL EA 58 73.90 9.47 -42.59
CA VAL EA 58 73.24 8.98 -43.80
C VAL EA 58 73.41 9.96 -44.92
N ALA EA 59 73.23 11.25 -44.66
CA ALA EA 59 73.38 12.21 -45.75
C ALA EA 59 74.76 12.10 -46.40
N ALA EA 60 75.78 11.82 -45.60
CA ALA EA 60 77.16 11.66 -46.04
C ALA EA 60 77.61 10.20 -46.28
N PHE EA 61 76.72 9.22 -46.17
CA PHE EA 61 77.09 7.80 -46.31
C PHE EA 61 76.24 7.01 -47.30
N GLY EA 62 74.93 7.21 -47.30
CA GLY EA 62 73.99 6.41 -48.10
C GLY EA 62 73.11 5.50 -47.22
N ASP EA 63 71.86 5.32 -47.63
CA ASP EA 63 70.94 4.50 -46.82
C ASP EA 63 71.07 3.01 -47.09
N PHE EA 64 72.19 2.42 -46.63
CA PHE EA 64 72.46 0.98 -46.80
C PHE EA 64 72.44 0.56 -48.28
N THR EA 65 72.75 1.47 -49.19
CA THR EA 65 72.57 1.18 -50.61
C THR EA 65 73.57 0.23 -51.22
N GLY EA 66 74.73 0.07 -50.59
CA GLY EA 66 75.71 -0.86 -51.13
C GLY EA 66 75.48 -2.27 -50.58
N GLY EA 67 74.51 -2.43 -49.65
CA GLY EA 67 74.23 -3.72 -49.02
C GLY EA 67 75.40 -4.04 -48.11
N TYR EA 68 75.98 -2.92 -47.66
CA TYR EA 68 77.25 -3.01 -46.93
C TYR EA 68 77.16 -2.81 -45.42
N TYR EA 69 78.13 -3.38 -44.71
CA TYR EA 69 78.09 -3.43 -43.23
C TYR EA 69 78.25 -2.11 -42.47
N LEU EA 70 79.11 -1.19 -42.89
CA LEU EA 70 79.27 -0.06 -41.97
C LEU EA 70 77.94 0.60 -41.68
N ALA EA 71 76.97 0.53 -42.58
CA ALA EA 71 75.73 1.17 -42.26
C ALA EA 71 75.10 0.56 -41.02
N HIS EA 72 75.23 -0.77 -40.92
CA HIS EA 72 74.59 -1.51 -39.80
C HIS EA 72 75.30 -1.21 -38.48
N SER EA 73 76.64 -1.22 -38.46
CA SER EA 73 77.29 -1.04 -37.18
C SER EA 73 77.06 0.36 -36.66
N VAL EA 74 76.99 1.33 -37.57
CA VAL EA 74 76.75 2.69 -37.12
C VAL EA 74 75.30 2.84 -36.73
N TYR EA 75 74.38 2.30 -37.53
CA TYR EA 75 73.00 2.38 -37.19
C TYR EA 75 72.75 1.77 -35.85
N GLY EA 76 73.30 0.56 -35.60
CA GLY EA 76 73.12 -0.14 -34.35
C GLY EA 76 73.62 0.68 -33.19
N PHE EA 77 74.73 1.38 -33.37
CA PHE EA 77 75.24 2.24 -32.32
C PHE EA 77 74.24 3.30 -31.96
N PHE EA 78 73.82 4.09 -32.96
CA PHE EA 78 72.86 5.18 -32.71
C PHE EA 78 71.49 4.57 -32.39
N ASN EA 79 71.29 3.30 -32.77
CA ASN EA 79 70.00 2.62 -32.48
C ASN EA 79 69.85 2.49 -30.96
N ASN EA 80 70.96 2.27 -30.25
CA ASN EA 80 70.89 2.07 -28.78
C ASN EA 80 71.18 3.40 -28.06
N GLY EA 81 72.31 4.04 -28.38
CA GLY EA 81 72.68 5.29 -27.69
C GLY EA 81 74.01 5.86 -28.18
N GLY EA 82 74.36 7.07 -27.74
CA GLY EA 82 75.61 7.72 -28.16
C GLY EA 82 75.20 8.93 -28.97
N SER EA 83 76.05 9.96 -29.02
CA SER EA 83 75.62 11.14 -29.76
C SER EA 83 76.28 11.30 -31.11
N ALA EA 84 77.46 10.73 -31.27
CA ALA EA 84 78.14 10.90 -32.53
C ALA EA 84 79.22 9.86 -32.71
N ALA EA 85 79.68 9.73 -33.93
CA ALA EA 85 80.78 8.85 -34.14
C ALA EA 85 81.64 9.36 -35.26
N TYR EA 86 82.91 9.01 -35.17
CA TYR EA 86 83.95 9.33 -36.12
C TYR EA 86 84.01 8.28 -37.20
N VAL EA 87 83.95 8.69 -38.46
CA VAL EA 87 84.02 7.70 -39.52
C VAL EA 87 85.22 7.91 -40.42
N VAL EA 88 85.94 6.82 -40.61
CA VAL EA 88 87.11 6.82 -41.46
C VAL EA 88 86.75 6.06 -42.70
N ARG EA 89 86.73 6.73 -43.83
CA ARG EA 89 86.35 6.08 -45.07
C ARG EA 89 87.28 4.97 -45.45
N VAL EA 90 88.58 5.16 -45.24
CA VAL EA 90 89.62 4.20 -45.63
C VAL EA 90 89.79 4.15 -47.17
N GLY EA 91 88.72 3.77 -47.85
CA GLY EA 91 88.65 3.65 -49.29
C GLY EA 91 87.24 3.24 -49.69
N GLY EA 92 87.02 3.03 -50.97
CA GLY EA 92 85.68 2.69 -51.39
C GLY EA 92 85.32 1.23 -51.17
N SER EA 93 84.02 1.01 -51.04
CA SER EA 93 83.41 -0.31 -50.92
C SER EA 93 82.54 -0.57 -52.12
N ALA EA 94 81.56 -1.45 -51.95
CA ALA EA 94 80.69 -1.77 -53.06
C ALA EA 94 79.88 -0.54 -53.45
N GLU EA 95 79.81 -0.29 -54.75
CA GLU EA 95 79.04 0.81 -55.33
C GLU EA 95 78.34 0.30 -56.59
N ASP EA 96 77.15 0.87 -56.93
CA ASP EA 96 76.35 0.57 -58.14
C ASP EA 96 75.97 -0.92 -58.19
N GLN EA 232 93.58 -4.24 -53.97
CA GLN EA 232 93.78 -5.06 -52.74
C GLN EA 232 92.90 -4.52 -51.61
N ALA EA 233 91.60 -4.29 -51.89
CA ALA EA 233 90.67 -3.82 -50.84
C ALA EA 233 90.74 -4.73 -49.61
N GLU EA 234 91.00 -6.02 -49.85
CA GLU EA 234 91.12 -7.03 -48.80
C GLU EA 234 92.47 -6.93 -48.07
N SER EA 235 93.43 -6.18 -48.62
CA SER EA 235 94.73 -6.06 -48.01
C SER EA 235 94.63 -5.16 -46.83
N ALA EA 236 95.56 -5.36 -45.91
CA ALA EA 236 95.57 -4.50 -44.71
C ALA EA 236 96.20 -3.15 -45.05
N HIS EA 237 97.08 -3.05 -46.06
CA HIS EA 237 97.78 -1.74 -46.28
C HIS EA 237 96.81 -0.59 -46.61
N PRO EA 238 95.87 -0.71 -47.57
CA PRO EA 238 94.97 0.35 -47.96
C PRO EA 238 93.74 0.27 -47.06
N GLY EA 239 93.80 -0.64 -46.11
CA GLY EA 239 92.70 -1.06 -45.29
C GLY EA 239 93.06 -0.73 -43.85
N PRO EA 240 92.56 -1.49 -42.87
CA PRO EA 240 92.71 -1.25 -41.45
C PRO EA 240 94.10 -1.67 -40.93
N ALA EA 241 95.12 -1.04 -41.47
CA ALA EA 241 96.51 -1.23 -41.09
C ALA EA 241 97.00 0.01 -40.43
N GLN EA 242 98.23 -0.05 -39.93
CA GLN EA 242 98.80 1.14 -39.36
C GLN EA 242 99.37 1.97 -40.50
N TYR EA 243 98.49 2.52 -41.33
CA TYR EA 243 98.95 3.25 -42.49
C TYR EA 243 99.30 4.65 -42.08
N LEU EA 244 100.49 4.74 -41.55
CA LEU EA 244 100.98 6.00 -41.10
C LEU EA 244 101.39 6.79 -42.30
N GLY EA 245 101.79 6.15 -43.41
CA GLY EA 245 102.10 6.97 -44.56
C GLY EA 245 103.38 7.78 -44.37
N ASP EA 246 104.41 7.16 -43.79
CA ASP EA 246 105.65 7.87 -43.49
C ASP EA 246 105.36 9.08 -42.61
N SER EA 247 104.65 8.76 -41.52
CA SER EA 247 104.17 9.67 -40.48
C SER EA 247 103.22 10.76 -40.97
N SER EA 248 102.33 10.40 -41.91
CA SER EA 248 101.30 11.30 -42.40
C SER EA 248 99.99 11.09 -41.63
N ASP EA 249 99.85 9.90 -41.00
CA ASP EA 249 98.66 9.49 -40.24
C ASP EA 249 97.41 9.50 -41.14
N ARG EA 250 97.23 8.52 -42.03
CA ARG EA 250 96.10 8.72 -42.99
C ARG EA 250 95.10 7.59 -43.22
N THR EA 251 95.52 6.32 -43.32
CA THR EA 251 94.55 5.31 -43.76
C THR EA 251 94.32 4.21 -42.74
N GLY EA 252 93.10 3.71 -42.67
CA GLY EA 252 92.86 2.63 -41.74
C GLY EA 252 92.89 3.20 -40.35
N PHE EA 253 93.87 2.80 -39.58
CA PHE EA 253 93.95 3.35 -38.24
C PHE EA 253 94.73 4.63 -38.32
N GLY EA 254 95.30 4.89 -39.47
CA GLY EA 254 96.01 6.11 -39.66
C GLY EA 254 94.92 7.16 -39.68
N GLY EA 255 95.22 8.28 -39.11
CA GLY EA 255 94.34 9.41 -39.04
C GLY EA 255 93.71 9.45 -37.66
N LEU EA 256 93.80 8.34 -36.93
CA LEU EA 256 93.23 8.34 -35.61
C LEU EA 256 94.26 8.64 -34.53
N GLU EA 257 95.56 8.54 -34.81
CA GLU EA 257 96.52 8.81 -33.73
C GLU EA 257 96.41 10.27 -33.35
N ALA EA 258 96.09 11.08 -34.35
CA ALA EA 258 95.93 12.52 -34.22
C ALA EA 258 94.60 12.93 -33.61
N ILE EA 259 93.69 11.99 -33.33
CA ILE EA 259 92.39 12.37 -32.83
C ILE EA 259 92.11 11.87 -31.41
N ASP EA 260 91.77 12.83 -30.55
CA ASP EA 260 91.41 12.63 -29.17
C ASP EA 260 89.89 12.49 -29.12
N GLU EA 261 89.33 12.25 -27.93
CA GLU EA 261 87.86 12.18 -27.76
C GLU EA 261 87.30 10.92 -28.43
N ILE EA 262 88.01 9.79 -28.37
CA ILE EA 262 87.46 8.53 -28.87
C ILE EA 262 87.59 7.48 -27.79
N SER EA 263 86.48 6.84 -27.37
CA SER EA 263 86.67 5.82 -26.34
C SER EA 263 86.81 4.41 -26.92
N MET EA 264 86.18 4.19 -28.07
CA MET EA 264 86.13 2.87 -28.71
C MET EA 264 86.49 2.89 -30.19
N VAL EA 265 87.21 1.86 -30.64
CA VAL EA 265 87.50 1.70 -32.07
C VAL EA 265 87.10 0.32 -32.59
N ALA EA 266 86.40 0.31 -33.73
CA ALA EA 266 85.97 -0.94 -34.37
C ALA EA 266 86.28 -0.94 -35.87
N VAL EA 267 86.50 -2.14 -36.42
CA VAL EA 267 86.77 -2.35 -37.86
C VAL EA 267 85.84 -3.37 -38.52
N PRO EA 268 84.57 -3.01 -38.75
CA PRO EA 268 83.52 -3.87 -39.26
C PRO EA 268 83.72 -4.41 -40.68
N ASP EA 269 84.61 -3.82 -41.49
CA ASP EA 269 84.76 -4.34 -42.84
C ASP EA 269 85.85 -5.39 -42.93
N LEU EA 270 86.45 -5.76 -41.80
CA LEU EA 270 87.48 -6.79 -41.84
C LEU EA 270 86.84 -8.09 -42.23
N MET EA 271 85.65 -8.32 -41.70
CA MET EA 271 84.97 -9.56 -41.98
C MET EA 271 84.44 -9.59 -43.40
N ALA EA 272 84.14 -8.42 -43.99
CA ALA EA 272 83.69 -8.43 -45.37
C ALA EA 272 84.84 -8.92 -46.24
N ALA EA 273 86.06 -8.45 -45.90
CA ALA EA 273 87.26 -8.87 -46.59
C ALA EA 273 87.53 -10.34 -46.35
N TYR EA 274 87.26 -10.81 -45.14
CA TYR EA 274 87.47 -12.21 -44.81
C TYR EA 274 86.69 -13.06 -45.79
N GLN EA 275 85.40 -12.74 -45.94
CA GLN EA 275 84.50 -13.48 -46.82
C GLN EA 275 84.78 -13.34 -48.31
N ARG EA 276 85.15 -12.14 -48.77
CA ARG EA 276 85.33 -11.94 -50.20
C ARG EA 276 86.76 -12.07 -50.70
N GLY EA 277 87.76 -11.78 -49.88
CA GLY EA 277 89.14 -11.81 -50.29
C GLY EA 277 89.76 -13.18 -50.05
N ALA EA 278 88.94 -14.09 -49.50
CA ALA EA 278 89.37 -15.44 -49.16
C ALA EA 278 90.61 -15.45 -48.26
N ILE EA 279 90.54 -14.75 -47.12
CA ILE EA 279 91.71 -14.67 -46.23
C ILE EA 279 91.40 -15.10 -44.80
N ASP EA 280 92.44 -15.49 -44.05
CA ASP EA 280 92.29 -15.89 -42.64
C ASP EA 280 93.62 -15.73 -41.89
N LEU EA 281 93.59 -16.06 -40.60
CA LEU EA 281 94.74 -16.09 -39.71
C LEU EA 281 95.61 -14.87 -39.79
N GLU EA 282 96.81 -14.98 -40.34
CA GLU EA 282 97.71 -13.83 -40.34
C GLU EA 282 97.12 -12.63 -41.07
N ALA EA 283 96.25 -12.88 -42.05
CA ALA EA 283 95.63 -11.81 -42.82
C ALA EA 283 94.53 -11.10 -42.04
N VAL EA 284 94.20 -11.65 -40.89
CA VAL EA 284 93.20 -11.12 -40.00
C VAL EA 284 93.91 -10.55 -38.77
N LYS EA 285 94.83 -11.33 -38.22
CA LYS EA 285 95.62 -10.98 -37.04
C LYS EA 285 96.45 -9.73 -37.30
N ALA EA 286 96.90 -9.54 -38.53
CA ALA EA 286 97.67 -8.36 -38.87
C ALA EA 286 96.87 -7.10 -38.55
N VAL EA 287 95.56 -7.18 -38.69
CA VAL EA 287 94.70 -6.07 -38.43
C VAL EA 287 94.31 -6.00 -36.97
N GLN EA 288 93.95 -7.14 -36.40
CA GLN EA 288 93.49 -7.17 -35.03
C GLN EA 288 94.61 -6.83 -34.04
N LEU EA 289 95.82 -7.28 -34.32
CA LEU EA 289 96.95 -6.97 -33.45
C LEU EA 289 97.32 -5.52 -33.68
N GLY EA 290 97.08 -5.05 -34.90
CA GLY EA 290 97.30 -3.66 -35.29
C GLY EA 290 96.40 -2.75 -34.45
N LEU EA 291 95.12 -3.09 -34.38
CA LEU EA 291 94.15 -2.35 -33.60
C LEU EA 291 94.53 -2.34 -32.13
N ILE EA 292 95.00 -3.47 -31.61
CA ILE EA 292 95.39 -3.49 -30.22
C ILE EA 292 96.58 -2.58 -30.02
N ALA EA 293 97.58 -2.66 -30.89
CA ALA EA 293 98.76 -1.82 -30.73
C ALA EA 293 98.39 -0.36 -30.75
N HIS EA 294 97.44 0.02 -31.61
CA HIS EA 294 96.96 1.39 -31.69
C HIS EA 294 96.40 1.81 -30.37
N CYS EA 295 95.53 0.99 -29.80
CA CYS EA 295 94.90 1.34 -28.55
C CYS EA 295 95.93 1.45 -27.42
N GLU EA 296 96.90 0.54 -27.39
CA GLU EA 296 97.93 0.54 -26.37
C GLU EA 296 98.78 1.80 -26.49
N LEU EA 297 99.03 2.24 -27.72
CA LEU EA 297 99.81 3.43 -27.99
C LEU EA 297 99.12 4.67 -27.46
N MET EA 298 97.80 4.77 -27.67
CA MET EA 298 97.08 5.94 -27.17
C MET EA 298 97.16 5.96 -25.65
N GLY EA 299 97.07 4.77 -25.06
CA GLY EA 299 97.17 4.52 -23.63
C GLY EA 299 95.80 4.41 -22.96
N ASP EA 300 94.79 4.92 -23.64
CA ASP EA 300 93.39 4.88 -23.21
C ASP EA 300 92.48 4.84 -24.42
N ARG EA 301 92.07 3.64 -24.78
CA ARG EA 301 91.24 3.38 -25.94
C ARG EA 301 90.91 1.90 -25.89
N VAL EA 302 89.71 1.48 -26.28
CA VAL EA 302 89.50 0.02 -26.29
C VAL EA 302 89.17 -0.52 -27.66
N ALA EA 303 89.80 -1.64 -27.96
CA ALA EA 303 89.61 -2.34 -29.20
C ALA EA 303 88.42 -3.27 -29.16
N ILE EA 304 87.60 -3.20 -30.19
CA ILE EA 304 86.50 -4.14 -30.32
C ILE EA 304 86.89 -5.17 -31.35
N ILE EA 305 87.05 -6.42 -30.90
CA ILE EA 305 87.44 -7.53 -31.82
C ILE EA 305 86.26 -8.48 -31.99
N ASP EA 306 85.81 -8.69 -33.23
CA ASP EA 306 84.70 -9.63 -33.50
C ASP EA 306 85.28 -10.87 -34.18
N PRO EA 307 84.78 -12.10 -33.88
CA PRO EA 307 85.33 -13.33 -34.46
C PRO EA 307 84.67 -13.67 -35.81
N PRO EA 308 85.15 -14.70 -36.54
CA PRO EA 308 84.52 -15.11 -37.80
C PRO EA 308 83.02 -15.37 -37.63
N PRO EA 309 82.19 -15.09 -38.67
CA PRO EA 309 80.73 -15.26 -38.55
C PRO EA 309 80.29 -16.71 -38.30
N ASN EA 310 80.80 -17.65 -39.11
CA ASN EA 310 80.39 -19.07 -38.98
C ASN EA 310 81.54 -19.87 -38.39
N GLN EA 311 81.33 -20.49 -37.22
CA GLN EA 311 82.41 -21.26 -36.54
C GLN EA 311 81.87 -21.88 -35.26
N ASN EA 312 81.76 -23.21 -35.21
CA ASN EA 312 81.33 -23.88 -33.98
C ASN EA 312 81.97 -23.33 -32.72
N ALA EA 313 81.31 -23.50 -31.58
CA ALA EA 313 81.88 -23.09 -30.30
C ALA EA 313 83.23 -23.74 -30.06
N ARG EA 314 83.37 -24.99 -30.51
CA ARG EA 314 84.62 -25.71 -30.35
C ARG EA 314 85.72 -25.02 -31.13
N GLN EA 315 85.37 -24.52 -32.30
CA GLN EA 315 86.30 -23.85 -33.18
C GLN EA 315 86.67 -22.49 -32.61
N ILE EA 316 85.72 -21.86 -31.94
CA ILE EA 316 85.96 -20.57 -31.32
C ILE EA 316 86.95 -20.71 -30.18
N ARG EA 317 86.80 -21.75 -29.36
CA ARG EA 317 87.80 -21.93 -28.31
C ARG EA 317 89.19 -22.04 -28.93
N VAL EA 318 89.31 -22.81 -30.03
CA VAL EA 318 90.59 -22.99 -30.71
C VAL EA 318 91.10 -21.66 -31.24
N TRP EA 319 90.24 -20.89 -31.86
CA TRP EA 319 90.69 -19.61 -32.34
C TRP EA 319 91.31 -18.81 -31.21
N ARG EA 320 90.53 -18.58 -30.15
CA ARG EA 320 91.00 -17.79 -29.03
C ARG EA 320 92.28 -18.27 -28.37
N GLN EA 321 92.42 -19.58 -28.15
CA GLN EA 321 93.60 -20.03 -27.46
C GLN EA 321 94.76 -20.54 -28.30
N GLU EA 322 94.48 -21.12 -29.45
CA GLU EA 322 95.52 -21.77 -30.21
C GLU EA 322 95.97 -21.07 -31.49
N THR EA 323 95.09 -20.35 -32.20
CA THR EA 323 95.56 -19.82 -33.47
C THR EA 323 95.64 -18.31 -33.52
N ALA EA 324 94.87 -17.64 -32.67
CA ALA EA 324 94.78 -16.19 -32.69
C ALA EA 324 94.72 -15.59 -31.30
N GLY EA 325 95.71 -15.84 -30.46
CA GLY EA 325 95.65 -15.23 -29.14
C GLY EA 325 95.89 -13.73 -29.29
N TYR EA 326 95.34 -12.95 -28.39
CA TYR EA 326 95.53 -11.50 -28.38
C TYR EA 326 96.20 -11.08 -27.08
N ASP EA 327 95.65 -11.59 -25.97
CA ASP EA 327 96.20 -11.41 -24.64
C ASP EA 327 96.52 -9.96 -24.21
N SER EA 328 95.54 -9.07 -24.30
CA SER EA 328 95.76 -7.67 -23.94
C SER EA 328 94.60 -6.98 -23.23
N LYS EA 329 95.03 -6.13 -22.32
CA LYS EA 329 94.23 -5.29 -21.43
C LYS EA 329 93.41 -4.27 -22.17
N TYR EA 330 93.77 -4.03 -23.41
CA TYR EA 330 93.13 -3.05 -24.26
C TYR EA 330 92.11 -3.60 -25.23
N ALA EA 331 91.69 -4.85 -25.06
CA ALA EA 331 90.71 -5.38 -26.00
C ALA EA 331 89.69 -6.34 -25.41
N ALA EA 332 88.52 -6.42 -26.08
CA ALA EA 332 87.45 -7.36 -25.72
C ALA EA 332 86.76 -7.92 -26.99
N LEU EA 333 86.28 -9.16 -26.89
CA LEU EA 333 85.60 -9.88 -27.98
C LEU EA 333 84.27 -10.51 -27.60
N TYR EA 334 83.29 -10.41 -28.49
CA TYR EA 334 81.98 -11.03 -28.29
C TYR EA 334 81.82 -12.28 -29.16
N TYR EA 335 81.22 -13.32 -28.60
CA TYR EA 335 81.09 -14.62 -29.27
C TYR EA 335 80.25 -14.78 -30.56
N PRO EA 336 78.91 -14.59 -30.58
CA PRO EA 336 78.03 -14.87 -31.70
C PRO EA 336 77.94 -13.75 -32.70
N TRP EA 337 77.51 -14.06 -33.91
CA TRP EA 337 77.03 -13.01 -34.79
C TRP EA 337 75.54 -12.80 -34.57
N ILE EA 338 75.09 -11.59 -34.86
CA ILE EA 338 73.72 -11.15 -34.66
C ILE EA 338 72.89 -11.16 -35.91
N LYS EA 339 71.66 -11.66 -35.81
CA LYS EA 339 70.76 -11.62 -36.93
C LYS EA 339 70.10 -10.27 -36.90
N SER EA 340 70.18 -9.57 -38.02
CA SER EA 340 69.63 -8.24 -38.14
C SER EA 340 69.09 -8.07 -39.54
N PHE EA 341 68.38 -6.98 -39.77
CA PHE EA 341 67.77 -6.76 -41.07
C PHE EA 341 68.28 -5.48 -41.70
N ASP EA 342 68.13 -5.41 -43.03
CA ASP EA 342 68.51 -4.18 -43.78
C ASP EA 342 67.22 -3.41 -44.02
N PRO EA 343 66.98 -2.28 -43.33
CA PRO EA 343 65.72 -1.58 -43.44
C PRO EA 343 65.42 -1.12 -44.85
N ALA EA 344 66.47 -0.93 -45.65
CA ALA EA 344 66.29 -0.49 -47.01
C ALA EA 344 66.30 -1.63 -48.04
N THR EA 345 66.82 -2.83 -47.70
CA THR EA 345 66.99 -3.87 -48.73
C THR EA 345 66.41 -5.28 -48.45
N GLY EA 346 66.10 -5.63 -47.19
CA GLY EA 346 65.63 -7.01 -46.93
C GLY EA 346 65.54 -7.40 -45.47
N GLN EA 347 64.88 -8.52 -45.21
CA GLN EA 347 64.62 -8.98 -43.86
C GLN EA 347 65.74 -9.60 -43.04
N SER EA 348 66.82 -10.09 -43.64
CA SER EA 348 67.83 -10.68 -42.78
C SER EA 348 69.22 -10.83 -43.35
N ARG EA 349 70.19 -10.78 -42.45
CA ARG EA 349 71.59 -11.07 -42.69
C ARG EA 349 72.29 -11.21 -41.35
N LEU EA 350 73.52 -11.73 -41.34
CA LEU EA 350 74.24 -11.65 -40.07
C LEU EA 350 75.24 -10.53 -40.08
N VAL EA 351 75.37 -9.90 -38.91
CA VAL EA 351 76.30 -8.83 -38.69
C VAL EA 351 77.11 -9.11 -37.44
N PRO EA 352 78.28 -8.51 -37.30
CA PRO EA 352 79.11 -8.63 -36.11
C PRO EA 352 78.49 -7.86 -34.94
N PRO EA 353 78.88 -8.17 -33.69
CA PRO EA 353 78.54 -7.49 -32.43
C PRO EA 353 78.94 -6.02 -32.31
N SER EA 354 79.86 -5.55 -33.13
CA SER EA 354 80.31 -4.18 -33.00
C SER EA 354 79.18 -3.24 -33.37
N GLY EA 355 79.29 -2.00 -32.95
CA GLY EA 355 78.22 -1.04 -33.23
C GLY EA 355 77.11 -1.20 -32.20
N HIS EA 356 76.47 -2.36 -32.21
CA HIS EA 356 75.39 -2.68 -31.31
C HIS EA 356 75.85 -2.70 -29.87
N VAL EA 357 77.03 -3.26 -29.63
CA VAL EA 357 77.58 -3.23 -28.28
C VAL EA 357 78.05 -1.84 -27.93
N ALA EA 358 78.68 -1.15 -28.88
CA ALA EA 358 79.19 0.19 -28.59
C ALA EA 358 78.05 1.09 -28.14
N GLY EA 359 76.87 0.88 -28.70
CA GLY EA 359 75.68 1.64 -28.36
C GLY EA 359 75.17 1.32 -26.96
N ILE EA 360 75.67 0.24 -26.36
CA ILE EA 360 75.29 -0.12 -25.02
C ILE EA 360 76.23 0.59 -24.12
N TRP EA 361 77.51 0.59 -24.47
CA TRP EA 361 78.48 1.25 -23.61
C TRP EA 361 78.10 2.73 -23.47
N ALA EA 362 77.57 3.28 -24.56
CA ALA EA 362 77.14 4.66 -24.65
C ALA EA 362 76.07 5.01 -23.61
N ARG EA 363 75.28 4.01 -23.19
CA ARG EA 363 74.22 4.21 -22.23
C ARG EA 363 74.66 3.78 -20.85
N ASN EA 364 75.43 2.71 -20.79
CA ASN EA 364 75.85 2.14 -19.53
C ASN EA 364 76.60 3.13 -18.67
N ASP EA 365 77.42 3.98 -19.29
CA ASP EA 365 78.22 4.97 -18.53
C ASP EA 365 77.49 6.32 -18.47
N SER EA 366 76.22 6.36 -18.90
CA SER EA 366 75.43 7.58 -18.86
C SER EA 366 74.33 7.47 -17.81
N GLU EA 367 73.56 6.38 -17.91
CA GLU EA 367 72.45 6.13 -16.99
C GLU EA 367 72.98 5.90 -15.57
N ARG EA 368 74.15 5.27 -15.49
CA ARG EA 368 74.87 4.97 -14.26
C ARG EA 368 76.31 5.42 -14.48
N GLY EA 369 77.12 5.49 -13.45
CA GLY EA 369 78.49 5.95 -13.70
C GLY EA 369 79.29 4.81 -14.27
N VAL EA 370 80.57 5.04 -14.51
CA VAL EA 370 81.38 4.00 -15.13
C VAL EA 370 81.81 3.05 -14.04
N HIS EA 371 80.87 2.25 -13.57
CA HIS EA 371 81.14 1.42 -12.42
C HIS EA 371 80.96 -0.06 -12.66
N LYS EA 372 80.21 -0.41 -13.70
CA LYS EA 372 79.94 -1.82 -13.97
C LYS EA 372 79.73 -2.01 -15.45
N ALA EA 373 80.11 -3.16 -15.98
CA ALA EA 373 79.84 -3.53 -17.36
C ALA EA 373 78.32 -3.77 -17.51
N PRO EA 374 77.72 -3.51 -18.69
CA PRO EA 374 76.31 -3.67 -18.98
C PRO EA 374 75.91 -5.11 -19.21
N ALA EA 375 76.09 -5.92 -18.19
CA ALA EA 375 75.90 -7.36 -18.26
C ALA EA 375 74.45 -7.79 -18.45
N ASN EA 376 73.50 -6.89 -18.22
CA ASN EA 376 72.12 -7.25 -18.45
C ASN EA 376 71.49 -6.38 -19.49
N GLU EA 377 72.27 -5.74 -20.32
CA GLU EA 377 71.61 -4.84 -21.25
C GLU EA 377 71.12 -5.51 -22.50
N VAL EA 378 70.08 -4.88 -23.04
CA VAL EA 378 69.36 -5.30 -24.23
C VAL EA 378 69.99 -4.93 -25.54
N VAL EA 379 70.09 -5.90 -26.42
CA VAL EA 379 70.61 -5.58 -27.73
C VAL EA 379 69.39 -5.15 -28.51
N ARG EA 380 69.11 -3.88 -28.43
CA ARG EA 380 67.86 -3.33 -28.93
C ARG EA 380 67.63 -3.52 -30.42
N GLY EA 381 68.67 -3.51 -31.21
CA GLY EA 381 68.51 -3.65 -32.64
C GLY EA 381 68.56 -5.09 -33.16
N ALA EA 382 68.69 -6.08 -32.28
CA ALA EA 382 68.81 -7.47 -32.73
C ALA EA 382 67.45 -8.07 -33.02
N VAL EA 383 67.42 -8.96 -34.00
CA VAL EA 383 66.22 -9.73 -34.29
C VAL EA 383 66.35 -11.04 -33.55
N ASP EA 384 67.50 -11.67 -33.72
CA ASP EA 384 67.83 -12.95 -33.11
C ASP EA 384 69.33 -13.11 -33.11
N LEU EA 385 69.81 -14.21 -32.59
CA LEU EA 385 71.23 -14.53 -32.65
C LEU EA 385 71.39 -15.69 -33.60
N GLU EA 386 72.53 -15.81 -34.29
CA GLU EA 386 72.65 -16.98 -35.17
C GLU EA 386 72.64 -18.31 -34.42
N LEU EA 387 73.11 -18.30 -33.18
CA LEU EA 387 73.17 -19.49 -32.36
C LEU EA 387 72.94 -19.22 -30.89
N GLN EA 388 72.13 -20.06 -30.23
CA GLN EA 388 72.01 -19.94 -28.79
C GLN EA 388 73.06 -20.82 -28.23
N ILE EA 389 73.62 -20.45 -27.11
CA ILE EA 389 74.69 -21.23 -26.53
C ILE EA 389 74.18 -22.15 -25.47
N THR EA 390 74.32 -23.44 -25.68
CA THR EA 390 73.89 -24.39 -24.71
C THR EA 390 74.80 -24.11 -23.53
N ARG EA 391 74.26 -24.04 -22.33
CA ARG EA 391 75.09 -23.68 -21.20
C ARG EA 391 76.32 -24.53 -20.98
N GLY EA 392 76.29 -25.81 -21.29
CA GLY EA 392 77.47 -26.63 -21.05
C GLY EA 392 78.71 -26.15 -21.82
N GLU EA 393 78.53 -25.31 -22.85
CA GLU EA 393 79.62 -24.77 -23.64
C GLU EA 393 80.16 -23.47 -23.06
N GLN EA 394 79.46 -22.87 -22.12
CA GLN EA 394 79.90 -21.58 -21.63
C GLN EA 394 81.17 -21.71 -20.82
N ASP EA 395 81.38 -22.86 -20.20
CA ASP EA 395 82.58 -23.09 -19.42
C ASP EA 395 83.81 -23.16 -20.33
N LEU EA 396 83.62 -23.26 -21.65
CA LEU EA 396 84.74 -23.32 -22.55
C LEU EA 396 85.01 -21.94 -23.15
N LEU EA 397 84.19 -20.95 -22.79
CA LEU EA 397 84.29 -19.60 -23.31
C LEU EA 397 84.57 -18.57 -22.20
N ASN EA 398 83.76 -18.63 -21.15
CA ASN EA 398 83.90 -17.67 -20.06
C ASN EA 398 85.32 -17.57 -19.50
N PRO EA 399 85.99 -18.67 -19.14
CA PRO EA 399 87.31 -18.68 -18.53
C PRO EA 399 88.42 -18.16 -19.43
N ILE EA 400 88.14 -18.00 -20.73
CA ILE EA 400 89.17 -17.55 -21.65
C ILE EA 400 88.84 -16.16 -22.19
N GLY EA 401 87.89 -15.49 -21.54
CA GLY EA 401 87.56 -14.10 -21.88
C GLY EA 401 86.59 -13.87 -23.02
N VAL EA 402 85.81 -14.86 -23.43
CA VAL EA 402 84.89 -14.60 -24.54
C VAL EA 402 83.53 -14.14 -24.00
N ASN EA 403 83.08 -12.97 -24.45
CA ASN EA 403 81.82 -12.42 -23.95
C ASN EA 403 80.60 -12.86 -24.74
N CYS EA 404 79.70 -13.55 -24.07
CA CYS EA 404 78.55 -14.11 -24.75
C CYS EA 404 77.26 -13.29 -24.65
N ILE EA 405 76.44 -13.45 -25.70
CA ILE EA 405 75.12 -12.83 -25.82
C ILE EA 405 74.10 -13.97 -25.90
N ARG EA 406 73.04 -13.91 -25.09
CA ARG EA 406 72.00 -14.96 -25.10
C ARG EA 406 70.56 -14.46 -25.04
N SER EA 407 69.64 -15.28 -25.57
CA SER EA 407 68.22 -15.00 -25.47
C SER EA 407 67.61 -15.62 -24.22
N PHE EA 408 66.79 -14.86 -23.51
CA PHE EA 408 66.12 -15.36 -22.32
C PHE EA 408 64.60 -15.15 -22.38
N PRO EA 409 63.78 -16.07 -21.85
CA PRO EA 409 62.35 -15.95 -21.84
C PRO EA 409 61.94 -14.81 -20.98
N GLY EA 410 61.10 -13.93 -21.50
CA GLY EA 410 60.62 -12.79 -20.72
C GLY EA 410 61.64 -11.66 -20.65
N ARG EA 411 62.78 -11.81 -21.33
CA ARG EA 411 63.82 -10.80 -21.25
C ARG EA 411 64.32 -10.30 -22.59
N GLY EA 412 64.37 -11.16 -23.60
CA GLY EA 412 64.91 -10.77 -24.88
C GLY EA 412 66.39 -11.10 -24.97
N ILE EA 413 67.11 -10.36 -25.81
CA ILE EA 413 68.50 -10.67 -26.09
C ILE EA 413 69.39 -9.78 -25.25
N ARG EA 414 70.17 -10.40 -24.38
CA ARG EA 414 70.99 -9.64 -23.45
C ARG EA 414 72.46 -10.01 -23.55
N VAL EA 415 73.32 -9.04 -23.26
CA VAL EA 415 74.76 -9.30 -23.30
C VAL EA 415 75.27 -9.62 -21.92
N TRP EA 416 75.63 -10.88 -21.67
CA TRP EA 416 76.00 -11.28 -20.31
C TRP EA 416 77.48 -11.27 -19.95
N GLY EA 417 78.36 -11.33 -20.93
CA GLY EA 417 79.78 -11.33 -20.60
C GLY EA 417 80.32 -9.97 -20.18
N ALA EA 418 81.34 -9.99 -19.30
CA ALA EA 418 82.00 -8.76 -18.86
C ALA EA 418 83.52 -8.90 -18.67
N ARG EA 419 84.20 -9.67 -19.53
CA ARG EA 419 85.64 -9.88 -19.36
C ARG EA 419 86.52 -9.28 -20.44
N THR EA 420 87.78 -9.09 -20.07
CA THR EA 420 88.80 -8.58 -20.98
C THR EA 420 89.63 -9.72 -21.59
N LEU EA 421 90.30 -9.47 -22.71
CA LEU EA 421 91.15 -10.50 -23.32
C LEU EA 421 92.55 -10.49 -22.77
N SER EA 422 92.67 -10.86 -21.51
CA SER EA 422 93.96 -10.83 -20.84
C SER EA 422 94.14 -11.89 -19.77
N SER EA 423 95.38 -12.36 -19.67
CA SER EA 423 95.80 -13.36 -18.70
C SER EA 423 96.18 -12.77 -17.34
N ASP EA 424 96.26 -11.44 -17.26
CA ASP EA 424 96.65 -10.78 -16.01
C ASP EA 424 95.44 -10.72 -15.10
N PRO EA 425 95.44 -11.45 -13.97
CA PRO EA 425 94.30 -11.63 -13.10
C PRO EA 425 93.76 -10.34 -12.50
N ALA EA 426 94.58 -9.30 -12.42
CA ALA EA 426 94.10 -8.08 -11.82
C ALA EA 426 93.28 -7.25 -12.79
N TRP EA 427 93.37 -7.55 -14.07
CA TRP EA 427 92.76 -6.74 -15.11
C TRP EA 427 91.78 -7.53 -15.96
N ARG EA 428 91.17 -8.56 -15.39
CA ARG EA 428 90.24 -9.42 -16.09
C ARG EA 428 88.86 -8.86 -16.33
N TYR EA 429 88.51 -7.78 -15.66
CA TYR EA 429 87.16 -7.30 -15.78
C TYR EA 429 87.04 -5.92 -16.35
N LEU EA 430 85.99 -5.75 -17.13
CA LEU EA 430 85.62 -4.47 -17.71
C LEU EA 430 85.14 -3.52 -16.62
N ASN EA 431 84.53 -4.09 -15.58
CA ASN EA 431 84.10 -3.26 -14.44
C ASN EA 431 85.30 -2.51 -13.85
N ILE EA 432 86.51 -3.09 -13.91
CA ILE EA 432 87.64 -2.42 -13.30
C ILE EA 432 88.35 -1.51 -14.26
N ARG EA 433 88.62 -2.02 -15.45
CA ARG EA 433 89.43 -1.22 -16.32
C ARG EA 433 88.75 0.01 -16.88
N ARG EA 434 87.46 -0.03 -17.17
CA ARG EA 434 86.87 1.16 -17.75
C ARG EA 434 86.93 2.30 -16.76
N TYR EA 435 86.72 1.97 -15.51
CA TYR EA 435 86.74 2.93 -14.43
C TYR EA 435 88.12 3.53 -14.29
N PHE EA 436 89.17 2.73 -14.32
CA PHE EA 436 90.46 3.37 -14.23
C PHE EA 436 90.68 4.33 -15.38
N ASN EA 437 90.28 3.96 -16.60
CA ASN EA 437 90.48 4.91 -17.69
C ASN EA 437 89.69 6.19 -17.46
N TYR EA 438 88.48 6.06 -16.93
CA TYR EA 438 87.65 7.21 -16.63
C TYR EA 438 88.33 8.17 -15.68
N LEU EA 439 88.86 7.66 -14.59
CA LEU EA 439 89.50 8.56 -13.66
C LEU EA 439 90.73 9.20 -14.24
N GLU EA 440 91.52 8.46 -15.02
CA GLU EA 440 92.74 9.04 -15.54
C GLU EA 440 92.46 10.15 -16.53
N GLU EA 441 91.45 10.00 -17.39
CA GLU EA 441 91.22 11.11 -18.30
C GLU EA 441 90.66 12.28 -17.54
N SER EA 442 89.88 12.04 -16.50
CA SER EA 442 89.30 13.18 -15.82
C SER EA 442 90.36 14.08 -15.23
N ILE EA 443 91.38 13.50 -14.62
CA ILE EA 443 92.43 14.31 -14.04
C ILE EA 443 93.31 14.95 -15.09
N LEU EA 444 93.72 14.18 -16.10
CA LEU EA 444 94.61 14.72 -17.12
C LEU EA 444 93.94 15.80 -17.94
N ILE EA 445 92.65 15.69 -18.16
CA ILE EA 445 91.95 16.71 -18.89
C ILE EA 445 91.83 17.97 -18.04
N GLY EA 446 91.47 17.84 -16.78
CA GLY EA 446 91.32 19.04 -15.98
C GLY EA 446 92.59 19.90 -15.79
N THR EA 447 93.78 19.31 -15.62
CA THR EA 447 94.96 20.14 -15.35
C THR EA 447 95.60 20.75 -16.59
N GLN EA 448 94.88 21.65 -17.27
CA GLN EA 448 95.40 22.26 -18.49
C GLN EA 448 96.30 23.43 -18.22
N TRP EA 449 97.46 23.14 -17.73
CA TRP EA 449 98.44 24.17 -17.46
C TRP EA 449 99.27 24.31 -18.73
N VAL EA 450 99.72 25.52 -19.06
CA VAL EA 450 100.57 25.64 -20.24
C VAL EA 450 102.01 25.54 -19.82
N VAL EA 451 102.68 24.51 -20.31
CA VAL EA 451 104.03 24.16 -19.94
C VAL EA 451 103.96 24.16 -18.42
N PHE EA 452 104.55 25.12 -17.70
CA PHE EA 452 104.54 25.14 -16.24
C PHE EA 452 105.01 26.47 -15.66
N GLU EA 453 105.48 26.41 -14.42
CA GLU EA 453 106.00 27.57 -13.71
C GLU EA 453 107.16 27.10 -12.83
N PRO EA 454 107.60 27.95 -11.90
CA PRO EA 454 108.71 27.58 -11.00
C PRO EA 454 108.36 26.34 -10.20
N ASN EA 455 108.87 25.18 -10.62
CA ASN EA 455 108.58 23.93 -9.91
C ASN EA 455 108.87 23.97 -8.43
N ASP EA 456 108.12 24.82 -7.74
CA ASP EA 456 108.23 24.95 -6.31
C ASP EA 456 107.10 24.18 -5.62
N HIS EA 457 107.12 24.24 -4.31
CA HIS EA 457 106.14 23.56 -3.47
C HIS EA 457 104.74 24.10 -3.64
N ASN EA 458 104.63 25.28 -4.22
CA ASN EA 458 103.34 25.87 -4.44
C ASN EA 458 102.57 25.12 -5.52
N LEU EA 459 103.25 24.50 -6.49
CA LEU EA 459 102.47 23.79 -7.48
C LEU EA 459 102.13 22.46 -6.89
N TRP EA 460 102.99 21.96 -6.01
CA TRP EA 460 102.69 20.67 -5.43
C TRP EA 460 101.38 20.79 -4.68
N ALA EA 461 101.24 21.89 -3.94
CA ALA EA 461 100.02 22.10 -3.18
C ALA EA 461 98.80 22.24 -4.05
N ARG EA 462 98.91 22.94 -5.19
CA ARG EA 462 97.74 23.08 -6.04
C ARG EA 462 97.28 21.74 -6.57
N ILE EA 463 98.24 20.89 -6.91
CA ILE EA 463 97.89 19.59 -7.43
C ILE EA 463 97.23 18.73 -6.38
N ARG EA 464 97.77 18.67 -5.18
CA ARG EA 464 97.17 17.80 -4.20
C ARG EA 464 95.74 18.20 -3.93
N ARG EA 465 95.51 19.49 -3.82
CA ARG EA 465 94.18 19.94 -3.51
C ARG EA 465 93.17 19.61 -4.61
N ASN EA 466 93.54 19.84 -5.86
CA ASN EA 466 92.58 19.63 -6.92
C ASN EA 466 92.26 18.17 -7.16
N VAL EA 467 93.28 17.32 -7.06
CA VAL EA 467 93.07 15.91 -7.33
C VAL EA 467 92.23 15.28 -6.26
N SER EA 468 92.54 15.59 -5.00
CA SER EA 468 91.80 15.01 -3.91
C SER EA 468 90.35 15.42 -3.93
N ALA EA 469 90.06 16.70 -4.17
CA ALA EA 469 88.67 17.09 -4.13
C ALA EA 469 87.83 16.31 -5.13
N PHE EA 470 88.36 16.05 -6.33
CA PHE EA 470 87.61 15.30 -7.32
C PHE EA 470 87.30 13.89 -6.82
N LEU EA 471 88.32 13.21 -6.32
CA LEU EA 471 88.15 11.84 -5.87
C LEU EA 471 87.31 11.69 -4.61
N VAL EA 472 87.31 12.68 -3.72
CA VAL EA 472 86.48 12.54 -2.54
C VAL EA 472 85.01 12.49 -2.93
N ASN EA 473 84.59 13.32 -3.89
CA ASN EA 473 83.19 13.23 -4.28
C ASN EA 473 82.88 11.89 -4.94
N GLU EA 474 83.85 11.33 -5.63
CA GLU EA 474 83.60 10.03 -6.25
C GLU EA 474 83.35 8.98 -5.14
N TRP EA 475 84.11 9.06 -4.04
CA TRP EA 475 83.88 8.17 -2.90
C TRP EA 475 82.53 8.36 -2.24
N ARG EA 476 82.12 9.60 -2.00
CA ARG EA 476 80.87 9.78 -1.25
C ARG EA 476 79.68 9.35 -2.07
N ASN EA 477 79.84 9.29 -3.40
CA ASN EA 477 78.77 8.88 -4.28
C ASN EA 477 78.69 7.37 -4.43
N GLY EA 478 79.56 6.64 -3.72
CA GLY EA 478 79.54 5.18 -3.73
C GLY EA 478 80.37 4.47 -4.78
N ALA EA 479 81.27 5.17 -5.47
CA ALA EA 479 82.07 4.49 -6.48
C ALA EA 479 83.25 3.72 -5.91
N LEU EA 480 83.75 4.18 -4.78
CA LEU EA 480 84.94 3.62 -4.18
C LEU EA 480 84.58 2.93 -2.89
N PHE EA 481 85.33 1.90 -2.55
CA PHE EA 481 85.10 1.20 -1.31
C PHE EA 481 85.96 1.65 -0.15
N GLY EA 482 85.31 1.86 0.98
CA GLY EA 482 85.97 2.23 2.23
C GLY EA 482 84.94 2.88 3.12
N GLN EA 483 85.27 3.04 4.41
CA GLN EA 483 84.35 3.64 5.38
C GLN EA 483 84.48 5.15 5.41
N SER EA 484 85.54 5.63 4.82
CA SER EA 484 85.89 7.03 4.79
C SER EA 484 86.91 7.20 3.67
N PRO EA 485 87.15 8.41 3.15
CA PRO EA 485 88.18 8.68 2.18
C PRO EA 485 89.55 8.28 2.72
N ASP EA 486 89.69 8.29 4.04
CA ASP EA 486 90.95 7.94 4.68
C ASP EA 486 91.35 6.49 4.43
N GLN EA 487 90.39 5.66 4.06
CA GLN EA 487 90.70 4.28 3.79
C GLN EA 487 90.66 4.05 2.30
N ALA EA 488 89.71 4.70 1.63
CA ALA EA 488 89.47 4.50 0.21
C ALA EA 488 90.50 5.14 -0.72
N TYR EA 489 91.08 6.28 -0.32
CA TYR EA 489 91.95 6.99 -1.30
C TYR EA 489 93.12 7.76 -0.68
N TYR EA 490 94.24 7.86 -1.40
CA TYR EA 490 95.44 8.66 -0.99
C TYR EA 490 96.10 9.45 -2.14
N VAL EA 491 96.67 10.64 -1.83
CA VAL EA 491 97.46 11.43 -2.80
C VAL EA 491 98.77 11.94 -2.21
N LYS EA 492 99.88 11.80 -2.95
CA LYS EA 492 101.18 12.30 -2.52
C LYS EA 492 101.91 13.19 -3.54
N CYS EA 493 102.41 14.32 -3.06
CA CYS EA 493 103.22 15.26 -3.84
C CYS EA 493 104.21 15.91 -2.89
N ASP EA 494 105.02 15.09 -2.25
CA ASP EA 494 105.98 15.54 -1.25
C ASP EA 494 107.40 15.60 -1.81
N GLU EA 495 108.36 16.01 -1.00
CA GLU EA 495 109.76 16.08 -1.42
C GLU EA 495 110.39 14.71 -1.66
N GLU EA 496 109.73 13.66 -1.18
CA GLU EA 496 110.20 12.30 -1.38
C GLU EA 496 109.53 11.70 -2.62
N THR EA 497 108.67 12.49 -3.24
CA THR EA 497 107.94 12.11 -4.43
C THR EA 497 108.54 12.94 -5.53
N ASN EA 498 109.03 14.12 -5.15
CA ASN EA 498 109.66 15.10 -6.02
C ASN EA 498 111.05 15.48 -5.49
N PRO EA 499 112.06 14.62 -5.70
CA PRO EA 499 113.40 14.74 -5.20
C PRO EA 499 114.00 16.06 -5.66
N PRO EA 500 114.96 16.61 -4.90
CA PRO EA 500 115.62 17.89 -5.07
C PRO EA 500 116.40 18.03 -6.36
N GLU EA 501 116.66 16.93 -7.05
CA GLU EA 501 117.40 17.05 -8.29
C GLU EA 501 116.63 17.91 -9.30
N SER EA 502 115.28 17.89 -9.24
CA SER EA 502 114.48 18.70 -10.13
C SER EA 502 115.00 18.70 -11.56
N VAL EA 503 115.22 17.54 -12.15
CA VAL EA 503 115.81 17.59 -13.47
C VAL EA 503 114.77 17.76 -14.51
N ASP EA 504 114.56 19.01 -14.93
CA ASP EA 504 113.54 19.31 -15.97
C ASP EA 504 112.14 19.05 -15.39
N LEU EA 505 111.46 18.02 -15.88
CA LEU EA 505 110.08 17.70 -15.40
C LEU EA 505 110.19 16.87 -14.11
N GLY EA 506 110.61 17.49 -13.01
CA GLY EA 506 110.72 16.77 -11.72
C GLY EA 506 109.35 16.52 -11.11
N ARG EA 507 108.31 17.16 -11.66
CA ARG EA 507 106.93 17.02 -11.12
C ARG EA 507 106.57 15.54 -10.99
N VAL EA 508 106.06 15.12 -9.83
CA VAL EA 508 105.63 13.71 -9.62
C VAL EA 508 104.44 13.70 -8.66
N VAL EA 509 103.41 12.90 -8.97
CA VAL EA 509 102.20 12.81 -8.10
C VAL EA 509 101.81 11.33 -7.97
N CYS EA 510 101.85 10.78 -6.75
CA CYS EA 510 101.55 9.37 -6.59
C CYS EA 510 100.17 9.24 -6.01
N GLU EA 511 99.41 8.26 -6.47
CA GLU EA 511 98.06 8.12 -5.99
C GLU EA 511 97.66 6.69 -5.69
N ILE EA 512 96.77 6.55 -4.73
CA ILE EA 512 96.14 5.29 -4.46
C ILE EA 512 94.67 5.51 -4.73
N GLY EA 513 94.21 5.08 -5.92
CA GLY EA 513 92.84 5.33 -6.34
C GLY EA 513 91.87 4.41 -5.66
N ILE EA 514 92.42 3.32 -5.18
CA ILE EA 514 91.74 2.25 -4.50
C ILE EA 514 92.93 1.56 -3.85
N ALA EA 515 92.78 0.92 -2.68
CA ALA EA 515 93.96 0.26 -2.06
C ALA EA 515 94.75 -0.62 -3.05
N PRO EA 516 94.13 -1.51 -3.88
CA PRO EA 516 94.82 -2.25 -4.92
C PRO EA 516 95.07 -1.29 -6.08
N VAL EA 517 96.03 -0.44 -5.81
CA VAL EA 517 96.45 0.68 -6.60
C VAL EA 517 96.82 0.33 -8.04
N LYS EA 518 96.41 1.17 -8.99
CA LYS EA 518 96.69 0.92 -10.42
C LYS EA 518 97.93 0.03 -10.56
N MET FA 1 73.82 3.58 19.45
CA MET FA 1 74.26 2.19 19.23
C MET FA 1 75.40 1.79 20.21
N SER FA 2 76.41 2.69 20.39
CA SER FA 2 77.59 2.47 21.26
C SER FA 2 77.29 2.52 22.75
N LEU FA 3 76.17 3.14 23.07
CA LEU FA 3 75.73 3.32 24.44
C LEU FA 3 74.28 2.88 24.55
N PRO FA 4 73.81 2.44 25.73
CA PRO FA 4 72.42 2.09 26.01
C PRO FA 4 71.43 3.26 26.07
N LYS FA 5 71.93 4.48 26.25
CA LYS FA 5 71.08 5.66 26.39
C LYS FA 5 70.59 6.43 25.13
N PRO FA 6 71.49 6.59 24.12
CA PRO FA 6 71.20 7.41 22.95
C PRO FA 6 69.99 7.07 22.08
N GLU FA 7 69.32 8.10 21.55
CA GLU FA 7 68.14 7.90 20.67
C GLU FA 7 68.55 8.23 19.24
N ASP FA 8 68.17 7.38 18.27
CA ASP FA 8 68.59 7.60 16.89
C ASP FA 8 68.23 9.03 16.47
N VAL FA 9 69.06 9.61 15.61
CA VAL FA 9 68.83 10.98 15.17
C VAL FA 9 68.69 11.04 13.68
N LEU FA 10 68.28 12.19 13.15
CA LEU FA 10 68.08 12.23 11.70
C LEU FA 10 69.33 12.34 10.88
N VAL FA 11 69.98 11.20 10.73
CA VAL FA 11 71.19 11.08 9.96
C VAL FA 11 70.80 11.02 8.50
N ALA FA 12 69.94 10.07 8.15
CA ALA FA 12 69.48 9.99 6.80
C ALA FA 12 68.39 8.95 6.59
N PRO FA 13 67.32 9.28 5.85
CA PRO FA 13 66.40 8.35 5.29
C PRO FA 13 67.12 7.81 4.08
N ASN FA 14 66.94 6.54 3.74
CA ASN FA 14 67.55 5.96 2.55
C ASN FA 14 66.58 4.99 1.88
N PHE FA 15 66.57 4.90 0.54
CA PHE FA 15 65.58 4.01 -0.06
C PHE FA 15 65.98 3.00 -1.09
N GLY FA 16 65.41 1.81 -0.93
CA GLY FA 16 65.50 0.78 -1.94
C GLY FA 16 64.25 0.89 -2.80
N ILE FA 17 64.43 0.72 -4.08
CA ILE FA 17 63.38 0.81 -5.10
C ILE FA 17 63.96 0.19 -6.37
N GLN FA 18 63.13 -0.25 -7.31
CA GLN FA 18 63.62 -0.79 -8.59
C GLN FA 18 63.73 0.29 -9.67
N ILE FA 19 63.47 1.51 -9.27
CA ILE FA 19 63.48 2.73 -10.07
C ILE FA 19 64.66 3.60 -9.64
N ASP FA 20 65.53 4.02 -10.54
CA ASP FA 20 66.73 4.75 -10.08
C ASP FA 20 66.58 6.23 -9.74
N GLY FA 21 65.91 6.49 -8.62
CA GLY FA 21 65.80 7.85 -8.09
C GLY FA 21 67.12 8.06 -7.35
N VAL FA 22 67.59 9.31 -7.20
CA VAL FA 22 68.88 9.46 -6.51
C VAL FA 22 68.89 10.21 -5.16
N MET FA 23 68.27 11.40 -5.06
CA MET FA 23 68.37 12.16 -3.81
C MET FA 23 67.07 12.81 -3.36
N VAL FA 24 66.79 12.65 -2.07
CA VAL FA 24 65.58 13.13 -1.44
C VAL FA 24 65.86 13.93 -0.18
N GLU FA 25 64.87 14.68 0.27
CA GLU FA 25 65.00 15.35 1.55
C GLU FA 25 64.19 14.66 2.61
N TYR FA 26 63.00 14.19 2.29
CA TYR FA 26 62.25 13.61 3.39
C TYR FA 26 61.17 12.60 3.13
N LEU FA 27 60.87 11.91 4.23
CA LEU FA 27 59.79 10.93 4.32
C LEU FA 27 58.78 11.26 5.43
N ASN FA 28 57.53 11.47 5.03
CA ASN FA 28 56.44 11.79 5.96
C ASN FA 28 55.37 10.72 6.12
N SER FA 29 54.72 10.79 7.29
CA SER FA 29 53.54 10.02 7.67
C SER FA 29 53.60 8.50 7.61
N VAL FA 30 54.65 7.93 8.17
CA VAL FA 30 54.76 6.48 8.22
C VAL FA 30 54.17 5.95 9.53
N SER FA 31 53.24 5.02 9.44
CA SER FA 31 52.59 4.46 10.63
C SER FA 31 52.11 3.02 10.47
N ASN FA 32 51.97 2.35 11.62
CA ASN FA 32 51.44 0.99 11.77
C ASN FA 32 50.12 1.03 12.53
N LEU FA 33 48.99 0.91 11.82
CA LEU FA 33 47.72 1.11 12.52
C LEU FA 33 46.73 -0.05 12.54
N GLN FA 34 46.47 -0.56 13.74
CA GLN FA 34 45.50 -1.63 13.94
C GLN FA 34 44.17 -1.01 14.30
N ILE FA 35 43.08 -1.54 13.75
CA ILE FA 35 41.75 -1.03 13.98
C ILE FA 35 41.18 -1.57 15.28
N GLU FA 36 40.49 -0.74 16.06
CA GLU FA 36 39.84 -1.16 17.31
C GLU FA 36 38.35 -1.27 17.11
N GLN FA 37 37.69 -2.19 17.83
CA GLN FA 37 36.23 -2.31 17.76
C GLN FA 37 35.77 -2.66 19.16
N ASP FA 38 34.54 -2.34 19.53
CA ASP FA 38 34.11 -2.69 20.88
C ASP FA 38 32.62 -2.85 21.07
N VAL FA 39 32.27 -3.51 22.18
CA VAL FA 39 30.87 -3.63 22.61
C VAL FA 39 30.64 -3.36 24.08
N ILE FA 40 29.40 -3.06 24.40
CA ILE FA 40 29.01 -2.98 25.78
C ILE FA 40 28.13 -4.16 26.07
N ARG FA 41 28.44 -4.89 27.12
CA ARG FA 41 27.63 -6.04 27.46
C ARG FA 41 27.18 -6.01 28.87
N TYR FA 42 25.92 -6.36 29.10
CA TYR FA 42 25.33 -6.38 30.44
C TYR FA 42 25.92 -7.51 31.32
N GLN FA 43 25.87 -7.34 32.63
CA GLN FA 43 26.44 -8.34 33.52
C GLN FA 43 25.59 -9.60 33.68
N GLN FA 44 26.20 -10.59 34.33
CA GLN FA 44 25.58 -11.90 34.58
C GLN FA 44 24.37 -11.86 35.53
N ASN FA 45 23.27 -11.35 34.99
CA ASN FA 45 21.97 -11.22 35.65
C ASN FA 45 22.08 -10.78 37.11
N GLN FA 46 22.96 -9.82 37.33
CA GLN FA 46 23.27 -9.19 38.58
C GLN FA 46 23.30 -7.74 38.24
N GLY FA 47 22.72 -6.83 39.03
CA GLY FA 47 22.68 -5.41 38.58
C GLY FA 47 24.00 -4.61 38.62
N THR FA 48 25.07 -5.26 38.27
CA THR FA 48 26.41 -4.72 38.25
C THR FA 48 26.72 -4.20 36.87
N THR FA 49 27.51 -3.15 36.84
CA THR FA 49 27.94 -2.51 35.61
C THR FA 49 28.47 -3.57 34.68
N GLY FA 50 28.09 -3.45 33.42
CA GLY FA 50 28.49 -4.40 32.43
C GLY FA 50 29.93 -4.22 32.04
N ARG FA 51 30.36 -4.97 31.06
CA ARG FA 51 31.75 -4.95 30.67
C ARG FA 51 31.95 -4.32 29.34
N ASN FA 52 33.11 -3.71 29.14
CA ASN FA 52 33.40 -3.14 27.85
C ASN FA 52 34.38 -4.01 27.14
N ASN FA 53 33.90 -4.71 26.11
CA ASN FA 53 34.80 -5.60 25.32
C ASN FA 53 35.62 -4.73 24.38
N VAL FA 54 36.80 -4.29 24.82
CA VAL FA 54 37.59 -3.38 24.01
C VAL FA 54 38.80 -4.02 23.44
N THR FA 55 38.82 -5.33 23.48
CA THR FA 55 39.93 -6.12 22.99
C THR FA 55 39.48 -7.00 21.88
N LEU FA 56 38.45 -6.61 21.21
CA LEU FA 56 38.06 -7.40 20.09
C LEU FA 56 39.15 -7.03 19.09
N MET FA 57 39.58 -7.94 18.23
CA MET FA 57 40.73 -7.64 17.37
C MET FA 57 40.47 -7.70 15.83
N PRO FA 58 40.23 -6.55 15.18
CA PRO FA 58 39.99 -6.31 13.75
C PRO FA 58 41.22 -6.45 12.89
N GLY FA 59 41.05 -6.17 11.60
CA GLY FA 59 42.18 -6.20 10.68
C GLY FA 59 42.99 -4.90 10.79
N VAL FA 60 43.93 -4.74 9.89
CA VAL FA 60 44.88 -3.63 9.88
C VAL FA 60 44.59 -2.64 8.75
N ALA FA 61 44.71 -1.36 9.07
CA ALA FA 61 44.47 -0.26 8.15
C ALA FA 61 45.59 -0.13 7.12
N LYS FA 62 45.27 0.53 6.01
CA LYS FA 62 46.21 0.75 4.92
C LYS FA 62 46.27 2.23 4.58
N ASP FA 63 47.45 2.72 4.18
CA ASP FA 63 47.61 4.13 3.85
C ASP FA 63 48.77 4.34 2.86
N GLY FA 64 49.24 5.57 2.76
CA GLY FA 64 50.33 5.91 1.86
C GLY FA 64 51.40 6.78 2.49
N SER FA 65 52.61 6.73 1.94
CA SER FA 65 53.72 7.52 2.45
C SER FA 65 54.16 8.58 1.44
N VAL FA 66 54.29 9.82 1.91
CA VAL FA 66 54.69 10.93 1.05
C VAL FA 66 56.18 11.24 1.12
N GLN FA 67 56.80 11.42 -0.05
CA GLN FA 67 58.20 11.72 -0.16
C GLN FA 67 58.48 12.95 -0.96
N VAL FA 68 59.51 13.66 -0.56
CA VAL FA 68 59.92 14.81 -1.31
C VAL FA 68 61.33 14.72 -1.80
N GLU FA 69 61.40 14.84 -3.12
CA GLU FA 69 62.60 14.75 -3.92
C GLU FA 69 63.24 16.07 -3.76
N ARG FA 70 64.57 16.11 -3.76
CA ARG FA 70 65.22 17.39 -3.58
C ARG FA 70 64.74 18.43 -4.57
N GLY FA 71 64.48 18.06 -5.80
CA GLY FA 71 63.99 19.10 -6.67
C GLY FA 71 63.85 18.69 -8.07
N MET FA 72 63.25 19.56 -8.84
CA MET FA 72 63.07 19.28 -10.23
C MET FA 72 64.41 19.33 -10.89
N SER FA 73 64.54 18.50 -11.91
CA SER FA 73 65.73 18.39 -12.71
C SER FA 73 65.25 17.82 -14.03
N GLN FA 74 66.16 17.61 -14.96
CA GLN FA 74 65.78 17.06 -16.24
C GLN FA 74 65.34 15.58 -16.18
N SER FA 75 65.53 14.92 -15.02
CA SER FA 75 65.13 13.52 -14.84
C SER FA 75 63.63 13.30 -14.97
N SER FA 76 63.27 12.22 -15.66
CA SER FA 76 61.90 11.80 -15.90
C SER FA 76 61.46 10.62 -15.06
N VAL FA 77 62.23 10.29 -14.04
CA VAL FA 77 61.93 9.08 -13.27
C VAL FA 77 60.56 9.03 -12.61
N PHE FA 78 60.16 10.09 -11.91
CA PHE FA 78 58.86 10.05 -11.17
C PHE FA 78 57.71 10.19 -12.18
N THR FA 79 57.96 10.88 -13.30
CA THR FA 79 56.95 11.07 -14.32
C THR FA 79 56.64 9.76 -15.00
N GLN FA 80 57.65 8.98 -15.35
CA GLN FA 80 57.31 7.76 -16.03
C GLN FA 80 56.65 6.75 -15.11
N TRP FA 81 57.01 6.72 -13.84
CA TRP FA 81 56.35 5.74 -12.99
C TRP FA 81 54.84 6.03 -12.97
N ILE FA 82 54.48 7.30 -12.78
CA ILE FA 82 53.05 7.62 -12.77
C ILE FA 82 52.42 7.42 -14.14
N ASN FA 83 53.15 7.63 -15.23
CA ASN FA 83 52.55 7.40 -16.53
C ASN FA 83 52.17 5.95 -16.75
N ASP FA 84 52.98 4.99 -16.26
CA ASP FA 84 52.59 3.58 -16.45
C ASP FA 84 51.32 3.30 -15.69
N SER FA 85 51.20 3.91 -14.52
CA SER FA 85 50.02 3.69 -13.72
C SER FA 85 48.77 4.23 -14.40
N MET FA 86 48.85 5.45 -14.91
CA MET FA 86 47.71 6.10 -15.54
C MET FA 86 47.32 5.41 -16.83
N ALA FA 87 48.30 4.81 -17.50
CA ALA FA 87 48.09 4.12 -18.76
C ALA FA 87 47.49 2.74 -18.57
N GLY FA 88 47.36 2.26 -17.33
CA GLY FA 88 46.80 0.94 -17.09
C GLY FA 88 47.78 -0.22 -17.20
N ARG FA 89 49.08 0.04 -17.12
CA ARG FA 89 50.04 -1.03 -17.22
C ARG FA 89 50.53 -1.34 -15.83
N MET FA 90 50.06 -2.43 -15.26
CA MET FA 90 50.42 -2.65 -13.87
C MET FA 90 51.93 -2.68 -13.74
N ALA FA 91 52.45 -1.84 -12.86
CA ALA FA 91 53.88 -1.71 -12.63
C ALA FA 91 54.15 -1.29 -11.21
N THR FA 92 53.92 -2.19 -10.28
CA THR FA 92 54.09 -1.87 -8.87
C THR FA 92 55.53 -2.10 -8.52
N ALA FA 93 55.94 -1.66 -7.35
CA ALA FA 93 57.34 -1.83 -6.98
C ALA FA 93 57.49 -2.25 -5.55
N ARG FA 94 58.61 -2.89 -5.23
CA ARG FA 94 58.87 -3.27 -3.86
C ARG FA 94 59.76 -2.22 -3.25
N LYS FA 95 59.40 -1.69 -2.08
CA LYS FA 95 60.24 -0.66 -1.49
C LYS FA 95 60.81 -1.03 -0.16
N ASN FA 96 61.89 -0.34 0.20
CA ASN FA 96 62.51 -0.55 1.49
C ASN FA 96 62.97 0.74 2.13
N ALA FA 97 62.29 1.17 3.17
CA ALA FA 97 62.65 2.44 3.82
C ALA FA 97 63.69 2.15 4.88
N THR FA 98 64.88 2.72 4.74
CA THR FA 98 65.97 2.43 5.63
C THR FA 98 66.42 3.59 6.50
N ILE FA 99 66.64 3.29 7.78
CA ILE FA 99 67.20 4.26 8.70
C ILE FA 99 68.61 3.88 9.03
N ILE FA 100 69.52 4.81 8.82
CA ILE FA 100 70.93 4.56 9.06
C ILE FA 100 71.39 5.39 10.23
N VAL FA 101 72.14 4.79 11.14
CA VAL FA 101 72.58 5.51 12.33
C VAL FA 101 73.78 6.38 12.05
N MET FA 102 74.21 7.11 13.08
CA MET FA 102 75.42 7.98 12.93
C MET FA 102 76.39 7.30 11.95
N ASP FA 103 76.59 5.99 12.11
CA ASP FA 103 77.43 5.24 11.14
C ASP FA 103 76.62 5.00 9.86
N TYR FA 104 76.97 5.69 8.78
CA TYR FA 104 76.21 5.56 7.50
C TYR FA 104 76.31 4.11 7.01
N GLU FA 105 77.17 3.31 7.66
CA GLU FA 105 77.33 1.89 7.26
C GLU FA 105 76.44 1.00 8.15
N ASP FA 106 76.10 1.48 9.35
CA ASP FA 106 75.32 0.64 10.26
C ASP FA 106 73.84 0.92 10.01
N ASN FA 107 73.12 -0.05 9.46
CA ASN FA 107 71.76 0.19 8.99
C ASN FA 107 70.72 -0.69 9.71
N PRO FA 108 70.43 -0.45 11.02
CA PRO FA 108 69.58 -1.28 11.86
C PRO FA 108 68.09 -1.32 11.57
N VAL FA 109 67.51 -0.35 10.87
CA VAL FA 109 66.07 -0.48 10.67
C VAL FA 109 65.70 -0.44 9.21
N LYS FA 110 64.96 -1.44 8.78
CA LYS FA 110 64.53 -1.50 7.40
C LYS FA 110 63.06 -1.90 7.34
N ARG FA 111 62.24 -1.11 6.65
CA ARG FA 111 60.81 -1.44 6.59
C ARG FA 111 60.34 -1.88 5.21
N TRP FA 112 59.63 -3.00 5.18
CA TRP FA 112 59.09 -3.56 3.95
C TRP FA 112 57.88 -2.85 3.49
N ASN FA 113 57.92 -2.34 2.26
CA ASN FA 113 56.72 -1.69 1.67
C ASN FA 113 56.12 -2.68 0.68
N LEU FA 114 54.84 -3.03 0.84
CA LEU FA 114 54.24 -4.08 -0.03
C LEU FA 114 54.50 -3.73 -1.50
N ARG FA 115 54.77 -4.74 -2.34
CA ARG FA 115 55.12 -4.48 -3.76
C ARG FA 115 54.02 -3.66 -4.44
N ASN FA 116 52.77 -3.80 -4.00
CA ASN FA 116 51.66 -3.03 -4.60
C ASN FA 116 51.94 -1.53 -4.44
N ALA FA 117 53.13 -1.17 -3.98
CA ALA FA 117 53.50 0.22 -3.86
C ALA FA 117 53.22 0.80 -5.20
N TRP FA 118 52.47 1.90 -5.22
CA TRP FA 118 51.97 2.46 -6.51
C TRP FA 118 51.85 3.98 -6.41
N CYS FA 119 52.55 4.73 -7.28
CA CYS FA 119 52.49 6.19 -7.26
C CYS FA 119 51.19 6.74 -7.80
N SER FA 120 50.52 7.55 -6.99
CA SER FA 120 49.24 8.14 -7.37
C SER FA 120 49.29 9.63 -7.68
N LYS FA 121 50.16 10.35 -6.98
CA LYS FA 121 50.15 11.80 -7.21
C LYS FA 121 51.52 12.40 -7.36
N VAL FA 122 51.60 13.35 -8.26
CA VAL FA 122 52.81 14.16 -8.37
C VAL FA 122 52.42 15.62 -8.26
N VAL FA 123 53.01 16.31 -7.30
CA VAL FA 123 52.64 17.71 -7.07
C VAL FA 123 53.83 18.65 -7.18
N ALA FA 124 53.64 19.72 -7.97
CA ALA FA 124 54.65 20.74 -8.18
C ALA FA 124 54.61 21.77 -7.07
N GLY FA 125 55.71 22.48 -6.88
CA GLY FA 125 55.72 23.55 -5.90
C GLY FA 125 55.22 24.84 -6.56
N THR FA 126 55.30 25.94 -5.82
CA THR FA 126 54.85 27.25 -6.30
C THR FA 126 55.92 27.96 -7.07
N LEU FA 127 55.57 28.49 -8.25
CA LEU FA 127 56.59 29.23 -8.97
C LEU FA 127 56.33 30.71 -8.89
N LYS FA 128 57.09 31.42 -8.08
CA LYS FA 128 56.89 32.84 -7.92
C LYS FA 128 58.14 33.63 -8.20
N ALA FA 129 58.05 34.52 -9.18
CA ALA FA 129 59.19 35.30 -9.58
C ALA FA 129 59.61 36.19 -8.46
N GLY FA 130 60.90 36.23 -8.22
CA GLY FA 130 61.46 37.08 -7.19
C GLY FA 130 61.46 36.43 -5.82
N ASP FA 131 60.88 35.25 -5.69
CA ASP FA 131 60.84 34.62 -4.37
C ASP FA 131 62.14 33.86 -4.17
N THR FA 132 63.19 34.62 -4.01
CA THR FA 132 64.55 34.11 -4.03
C THR FA 132 64.98 33.44 -2.76
N ASN FA 133 64.26 32.41 -2.39
CA ASN FA 133 64.58 31.60 -1.25
C ASN FA 133 64.06 30.23 -1.54
N ALA FA 134 63.32 30.17 -2.62
CA ALA FA 134 62.66 28.94 -2.95
C ALA FA 134 63.25 28.24 -4.12
N LEU FA 135 63.21 26.94 -4.01
CA LEU FA 135 63.63 26.02 -5.03
C LEU FA 135 62.45 25.18 -5.38
N THR FA 136 62.43 24.58 -6.55
CA THR FA 136 61.24 23.80 -6.83
C THR FA 136 61.43 22.35 -6.45
N GLU FA 137 60.58 21.93 -5.51
CA GLU FA 137 60.55 20.60 -4.91
C GLU FA 137 59.54 19.74 -5.61
N THR FA 138 59.69 18.42 -5.55
CA THR FA 138 58.62 17.61 -6.12
C THR FA 138 58.08 16.70 -5.04
N ILE FA 139 56.77 16.55 -5.03
CA ILE FA 139 56.14 15.69 -4.07
C ILE FA 139 55.59 14.45 -4.72
N THR FA 140 56.03 13.29 -4.24
CA THR FA 140 55.56 12.04 -4.81
C THR FA 140 54.75 11.31 -3.75
N ILE FA 141 53.53 10.94 -4.10
CA ILE FA 141 52.70 10.24 -3.12
C ILE FA 141 52.47 8.81 -3.55
N VAL FA 142 52.91 7.91 -2.67
CA VAL FA 142 52.88 6.48 -2.93
C VAL FA 142 52.00 5.73 -1.98
N PHE FA 143 51.04 4.99 -2.54
CA PHE FA 143 50.10 4.22 -1.69
C PHE FA 143 50.64 2.80 -1.51
N GLU FA 144 50.40 2.21 -0.34
CA GLU FA 144 50.92 0.85 -0.05
C GLU FA 144 49.91 0.06 0.81
N GLU FA 145 49.74 -1.23 0.53
CA GLU FA 145 48.86 -2.04 1.38
C GLU FA 145 49.43 -2.44 2.72
N LEU FA 146 50.69 -2.81 2.72
CA LEU FA 146 51.30 -3.40 3.89
C LEU FA 146 52.70 -2.96 4.23
N VAL FA 147 52.90 -2.60 5.49
CA VAL FA 147 54.23 -2.23 5.97
C VAL FA 147 54.68 -3.15 7.07
N VAL FA 148 55.85 -3.75 6.89
CA VAL FA 148 56.37 -4.67 7.90
C VAL FA 148 57.75 -4.27 8.44
N GLU FA 149 57.84 -4.13 9.77
CA GLU FA 149 59.02 -3.73 10.53
C GLU FA 149 60.10 -4.81 10.42
N MET GA 1 -47.90 -29.77 52.42
CA MET GA 1 -47.24 -28.65 51.76
C MET GA 1 -45.68 -28.76 51.92
N PRO GA 2 -45.00 -29.93 51.60
CA PRO GA 2 -43.59 -30.19 51.90
C PRO GA 2 -42.58 -29.52 50.96
N SER GA 3 -42.65 -28.20 50.83
CA SER GA 3 -41.65 -27.50 50.02
C SER GA 3 -41.34 -28.20 48.71
N TYR GA 4 -40.06 -28.55 48.60
CA TYR GA 4 -39.51 -29.22 47.41
C TYR GA 4 -38.02 -29.38 47.77
N LEU GA 5 -37.60 -28.76 48.88
CA LEU GA 5 -36.22 -28.83 49.32
C LEU GA 5 -35.64 -30.22 49.45
N SER GA 6 -36.34 -31.10 50.13
CA SER GA 6 -35.77 -32.41 50.31
C SER GA 6 -36.76 -33.45 50.82
N PRO GA 7 -36.61 -34.72 50.40
CA PRO GA 7 -37.26 -35.90 50.96
C PRO GA 7 -36.96 -36.03 52.47
N GLY GA 8 -35.86 -35.42 52.91
CA GLY GA 8 -35.40 -35.43 54.29
C GLY GA 8 -34.70 -34.10 54.54
N VAL GA 9 -35.36 -33.24 55.29
CA VAL GA 9 -34.89 -31.88 55.52
C VAL GA 9 -33.96 -31.67 56.68
N TYR GA 10 -34.28 -32.14 57.87
CA TYR GA 10 -33.39 -31.81 58.96
C TYR GA 10 -32.13 -32.65 58.90
N VAL GA 11 -32.28 -33.86 58.40
CA VAL GA 11 -31.15 -34.73 58.18
C VAL GA 11 -31.17 -35.06 56.72
N GLU GA 12 -30.10 -34.74 56.01
CA GLU GA 12 -30.15 -34.98 54.59
C GLU GA 12 -29.89 -36.43 54.23
N GLU GA 13 -30.99 -37.18 54.32
CA GLU GA 13 -31.13 -38.63 54.12
C GLU GA 13 -30.76 -38.99 52.69
N VAL GA 14 -30.78 -37.98 51.86
CA VAL GA 14 -30.45 -38.08 50.46
C VAL GA 14 -28.95 -38.43 50.21
N ALA GA 15 -28.05 -38.17 51.19
CA ALA GA 15 -26.62 -38.46 51.16
C ALA GA 15 -26.42 -39.86 51.74
N GLY GA 28 -37.86 -50.04 36.16
CA GLY GA 28 -38.75 -50.01 37.29
C GLY GA 28 -39.99 -50.87 37.00
N VAL GA 29 -40.97 -50.85 37.93
CA VAL GA 29 -42.25 -51.60 37.84
C VAL GA 29 -43.51 -50.74 37.65
N GLY GA 30 -43.40 -49.41 37.81
CA GLY GA 30 -44.55 -48.53 37.63
C GLY GA 30 -45.12 -47.97 38.93
N THR GA 31 -46.05 -47.01 38.79
CA THR GA 31 -46.69 -46.29 39.89
C THR GA 31 -48.03 -46.89 40.25
N SER GA 32 -48.33 -48.00 39.59
CA SER GA 32 -49.56 -48.76 39.73
C SER GA 32 -49.34 -50.07 40.48
N VAL GA 33 -48.18 -50.20 41.13
CA VAL GA 33 -47.85 -51.39 41.90
C VAL GA 33 -48.37 -51.40 43.33
N ALA GA 34 -48.99 -52.53 43.64
CA ALA GA 34 -49.62 -52.82 44.91
C ALA GA 34 -48.79 -53.72 45.79
N ALA GA 35 -49.10 -53.72 47.09
CA ALA GA 35 -48.50 -54.69 47.99
C ALA GA 35 -49.54 -55.23 48.95
N PHE GA 36 -49.44 -56.53 49.23
CA PHE GA 36 -50.39 -57.20 50.09
C PHE GA 36 -49.76 -58.03 51.20
N VAL GA 37 -50.43 -58.02 52.36
CA VAL GA 37 -50.02 -58.83 53.51
C VAL GA 37 -51.05 -59.91 53.92
N GLY GA 38 -50.60 -61.17 53.90
CA GLY GA 38 -51.49 -62.26 54.30
C GLY GA 38 -50.80 -63.62 54.28
N LEU GA 39 -51.56 -64.66 54.61
CA LEU GA 39 -51.09 -66.05 54.75
C LEU GA 39 -51.10 -66.87 53.49
N ALA GA 40 -50.30 -67.94 53.49
CA ALA GA 40 -50.30 -68.85 52.35
C ALA GA 40 -49.86 -70.27 52.76
N PRO GA 41 -50.18 -71.31 51.99
CA PRO GA 41 -49.71 -72.67 52.11
C PRO GA 41 -48.28 -72.68 51.64
N THR GA 42 -47.66 -73.86 51.63
CA THR GA 42 -46.26 -74.00 51.28
C THR GA 42 -45.87 -73.08 50.14
N GLY GA 43 -44.83 -72.31 50.42
CA GLY GA 43 -44.31 -71.26 49.56
C GLY GA 43 -43.15 -70.58 50.30
N PRO GA 44 -42.65 -69.43 49.81
CA PRO GA 44 -41.52 -68.67 50.34
C PRO GA 44 -41.83 -68.06 51.68
N LEU GA 45 -40.79 -67.76 52.43
CA LEU GA 45 -40.83 -67.18 53.77
C LEU GA 45 -41.24 -65.71 53.79
N ASN GA 46 -41.37 -65.17 55.01
CA ASN GA 46 -41.79 -63.78 55.21
C ASN GA 46 -40.78 -62.75 54.73
N GLU GA 47 -39.51 -63.07 54.83
CA GLU GA 47 -38.45 -62.15 54.50
C GLU GA 47 -38.30 -61.77 53.00
N PRO GA 48 -38.25 -62.72 52.04
CA PRO GA 48 -38.07 -62.44 50.63
C PRO GA 48 -39.36 -61.95 49.99
N THR GA 49 -39.78 -60.76 50.36
CA THR GA 49 -41.02 -60.24 49.82
C THR GA 49 -40.85 -60.21 48.31
N LEU GA 50 -41.81 -60.79 47.60
CA LEU GA 50 -41.70 -60.91 46.15
C LEU GA 50 -42.62 -60.04 45.36
N VAL GA 51 -42.10 -59.37 44.34
CA VAL GA 51 -42.95 -58.58 43.46
C VAL GA 51 -43.08 -59.26 42.13
N THR GA 52 -44.33 -59.42 41.69
CA THR GA 52 -44.46 -60.15 40.41
C THR GA 52 -45.85 -60.21 39.80
N ASN GA 53 -46.05 -61.18 38.94
CA ASN GA 53 -47.25 -61.48 38.13
C ASN GA 53 -48.07 -62.61 38.74
N TRP GA 54 -49.36 -62.69 38.39
CA TRP GA 54 -50.20 -63.81 38.86
C TRP GA 54 -49.57 -65.19 38.60
N THR GA 55 -48.94 -65.39 37.44
CA THR GA 55 -48.43 -66.73 37.13
C THR GA 55 -47.40 -67.21 38.17
N GLN GA 56 -46.49 -66.33 38.56
CA GLN GA 56 -45.48 -66.69 39.53
C GLN GA 56 -46.09 -66.69 40.89
N TYR GA 57 -47.03 -65.77 41.14
CA TYR GA 57 -47.67 -65.73 42.43
C TYR GA 57 -48.21 -67.07 42.78
N VAL GA 58 -48.93 -67.69 41.85
CA VAL GA 58 -49.48 -68.98 42.15
C VAL GA 58 -48.39 -70.01 42.34
N ALA GA 59 -47.40 -70.02 41.45
CA ALA GA 59 -46.35 -71.00 41.58
C ALA GA 59 -45.65 -70.90 42.94
N ALA GA 60 -45.49 -69.68 43.44
CA ALA GA 60 -44.85 -69.45 44.72
C ALA GA 60 -45.75 -69.60 45.94
N PHE GA 61 -47.00 -69.15 45.87
CA PHE GA 61 -47.87 -69.14 47.06
C PHE GA 61 -49.08 -70.10 47.08
N GLY GA 62 -49.45 -70.74 45.97
CA GLY GA 62 -50.60 -71.64 45.96
C GLY GA 62 -51.82 -71.09 45.22
N ASP GA 63 -52.57 -71.96 44.55
CA ASP GA 63 -53.74 -71.53 43.79
C ASP GA 63 -55.02 -71.53 44.64
N PHE GA 64 -55.09 -70.70 45.68
CA PHE GA 64 -56.33 -70.60 46.52
C PHE GA 64 -56.61 -71.88 47.32
N THR GA 65 -55.67 -72.82 47.40
CA THR GA 65 -55.90 -74.10 48.07
C THR GA 65 -55.73 -74.06 49.57
N GLY GA 66 -55.13 -73.00 50.05
CA GLY GA 66 -54.86 -72.83 51.46
C GLY GA 66 -55.91 -72.05 52.25
N GLY GA 67 -57.02 -71.63 51.61
CA GLY GA 67 -58.06 -70.90 52.37
C GLY GA 67 -57.66 -69.50 52.84
N TYR GA 68 -56.81 -68.82 52.11
CA TYR GA 68 -56.28 -67.52 52.48
C TYR GA 68 -56.78 -66.39 51.58
N TYR GA 69 -56.78 -65.16 52.11
CA TYR GA 69 -57.26 -64.01 51.34
C TYR GA 69 -56.30 -63.44 50.30
N LEU GA 70 -55.01 -63.70 50.40
CA LEU GA 70 -54.14 -63.14 49.37
C LEU GA 70 -54.51 -63.67 48.00
N ALA GA 71 -54.88 -64.94 47.86
CA ALA GA 71 -55.10 -65.41 46.50
C ALA GA 71 -56.19 -64.65 45.83
N HIS GA 72 -57.27 -64.35 46.56
CA HIS GA 72 -58.37 -63.65 45.84
C HIS GA 72 -57.98 -62.19 45.60
N SER GA 73 -57.36 -61.52 46.60
CA SER GA 73 -57.08 -60.12 46.38
C SER GA 73 -56.02 -59.94 45.30
N VAL GA 74 -55.04 -60.84 45.25
CA VAL GA 74 -54.00 -60.77 44.26
C VAL GA 74 -54.61 -61.10 42.89
N TYR GA 75 -55.46 -62.13 42.83
CA TYR GA 75 -56.11 -62.45 41.58
C TYR GA 75 -56.93 -61.28 41.09
N GLY GA 76 -57.74 -60.69 41.98
CA GLY GA 76 -58.60 -59.59 41.62
C GLY GA 76 -57.77 -58.44 41.11
N PHE GA 77 -56.59 -58.25 41.68
CA PHE GA 77 -55.73 -57.21 41.18
C PHE GA 77 -55.35 -57.54 39.74
N PHE GA 78 -54.91 -58.77 39.50
CA PHE GA 78 -54.45 -59.11 38.16
C PHE GA 78 -55.56 -59.45 37.18
N ASN GA 79 -56.79 -59.52 37.66
CA ASN GA 79 -57.93 -59.77 36.79
C ASN GA 79 -58.42 -58.43 36.24
N ASN GA 80 -57.76 -57.34 36.71
CA ASN GA 80 -58.06 -55.95 36.25
C ASN GA 80 -56.76 -55.34 35.70
N GLY GA 81 -56.28 -54.18 36.18
CA GLY GA 81 -54.99 -53.71 35.63
C GLY GA 81 -53.84 -53.89 36.63
N GLY GA 82 -52.64 -53.41 36.28
CA GLY GA 82 -51.49 -53.52 37.18
C GLY GA 82 -50.42 -54.46 36.68
N SER GA 83 -49.17 -54.00 36.74
CA SER GA 83 -48.02 -54.76 36.26
C SER GA 83 -47.49 -55.76 37.26
N ALA GA 84 -47.64 -55.45 38.53
CA ALA GA 84 -47.07 -56.30 39.55
C ALA GA 84 -47.63 -55.98 40.91
N ALA GA 85 -47.39 -56.91 41.82
CA ALA GA 85 -47.69 -56.67 43.21
C ALA GA 85 -46.71 -57.39 44.10
N TYR GA 86 -46.44 -56.80 45.25
CA TYR GA 86 -45.56 -57.36 46.28
C TYR GA 86 -46.33 -58.22 47.25
N VAL GA 87 -45.84 -59.43 47.49
CA VAL GA 87 -46.52 -60.29 48.44
C VAL GA 87 -45.67 -60.72 49.61
N VAL GA 88 -46.24 -60.46 50.79
CA VAL GA 88 -45.64 -60.82 52.06
C VAL GA 88 -46.30 -62.08 52.58
N ARG GA 89 -45.48 -63.11 52.81
CA ARG GA 89 -45.97 -64.40 53.27
C ARG GA 89 -46.68 -64.41 54.62
N VAL GA 90 -46.14 -63.63 55.58
CA VAL GA 90 -46.73 -63.49 56.95
C VAL GA 90 -46.53 -64.77 57.78
N GLY GA 91 -47.11 -65.89 57.36
CA GLY GA 91 -47.08 -67.16 58.04
C GLY GA 91 -47.79 -68.23 57.18
N GLY GA 92 -47.82 -69.45 57.66
CA GLY GA 92 -48.48 -70.48 56.87
C GLY GA 92 -49.97 -70.59 57.18
N SER GA 93 -50.73 -71.13 56.22
CA SER GA 93 -52.12 -71.46 56.51
C SER GA 93 -52.14 -72.62 57.49
N ALA GA 94 -53.12 -72.64 58.37
CA ALA GA 94 -53.29 -73.76 59.29
C ALA GA 94 -53.91 -74.94 58.57
N GLU GA 95 -53.62 -76.14 59.03
CA GLU GA 95 -54.24 -77.32 58.46
C GLU GA 95 -55.75 -77.29 58.73
N ASP GA 96 -56.57 -77.69 57.73
CA ASP GA 96 -58.05 -77.79 57.78
C ASP GA 96 -58.71 -76.58 58.45
N GLN GA 232 -51.45 -65.44 71.43
CA GLN GA 232 -50.74 -65.33 70.16
C GLN GA 232 -51.36 -66.24 69.08
N ALA GA 233 -52.34 -65.68 68.34
CA ALA GA 233 -53.05 -66.30 67.23
C ALA GA 233 -52.65 -65.45 66.03
N GLU GA 234 -53.64 -64.79 65.40
CA GLU GA 234 -53.34 -63.80 64.33
C GLU GA 234 -52.77 -62.58 65.07
N SER GA 235 -51.51 -62.65 65.47
CA SER GA 235 -50.84 -61.65 66.29
C SER GA 235 -50.37 -60.39 65.62
N ALA GA 236 -50.20 -59.37 66.48
CA ALA GA 236 -49.72 -58.06 66.10
C ALA GA 236 -48.32 -58.10 65.49
N HIS GA 237 -47.50 -59.09 65.85
CA HIS GA 237 -46.16 -59.15 65.29
C HIS GA 237 -46.02 -60.22 64.16
N PRO GA 238 -45.98 -61.54 64.45
CA PRO GA 238 -45.99 -62.55 63.39
C PRO GA 238 -47.46 -62.56 63.00
N GLY GA 239 -47.82 -62.97 61.78
CA GLY GA 239 -49.25 -62.85 61.49
C GLY GA 239 -49.40 -61.59 60.67
N PRO GA 240 -50.62 -61.22 60.24
CA PRO GA 240 -50.89 -60.14 59.30
C PRO GA 240 -50.78 -58.79 59.94
N ALA GA 241 -49.58 -58.46 60.38
CA ALA GA 241 -49.37 -57.23 61.10
C ALA GA 241 -47.97 -56.61 60.91
N GLN GA 242 -47.16 -56.48 61.99
CA GLN GA 242 -45.83 -55.90 61.81
C GLN GA 242 -44.71 -56.31 62.72
N TYR GA 243 -43.60 -56.73 62.11
CA TYR GA 243 -42.39 -57.03 62.85
C TYR GA 243 -41.16 -56.46 62.16
N LEU GA 244 -40.46 -55.57 62.87
CA LEU GA 244 -39.27 -54.93 62.33
C LEU GA 244 -38.01 -55.71 62.54
N GLY GA 245 -37.83 -56.34 63.69
CA GLY GA 245 -36.60 -57.08 63.87
C GLY GA 245 -35.37 -56.17 63.93
N ASP GA 246 -35.46 -55.01 64.56
CA ASP GA 246 -34.33 -54.08 64.57
C ASP GA 246 -33.89 -53.72 63.16
N SER GA 247 -34.87 -53.30 62.38
CA SER GA 247 -34.74 -52.93 60.97
C SER GA 247 -34.29 -54.08 60.09
N SER GA 248 -34.80 -55.28 60.39
CA SER GA 248 -34.56 -56.44 59.55
C SER GA 248 -35.72 -56.44 58.56
N ASP GA 249 -36.82 -55.77 58.95
CA ASP GA 249 -38.01 -55.58 58.15
C ASP GA 249 -38.55 -56.88 57.60
N ARG GA 250 -38.59 -57.87 58.49
CA ARG GA 250 -38.98 -59.23 58.16
C ARG GA 250 -40.46 -59.53 57.96
N THR GA 251 -41.36 -58.96 58.73
CA THR GA 251 -42.76 -59.38 58.51
C THR GA 251 -43.75 -58.23 58.39
N GLY GA 252 -44.68 -58.42 57.47
CA GLY GA 252 -45.81 -57.51 57.28
C GLY GA 252 -45.36 -56.12 56.91
N PHE GA 253 -45.84 -55.16 57.71
CA PHE GA 253 -45.59 -53.73 57.51
C PHE GA 253 -44.14 -53.42 57.75
N GLY GA 254 -43.39 -54.37 58.28
CA GLY GA 254 -41.99 -54.19 58.52
C GLY GA 254 -41.28 -53.82 57.22
N GLY GA 255 -41.79 -54.30 56.07
CA GLY GA 255 -41.18 -54.03 54.78
C GLY GA 255 -41.52 -52.65 54.20
N LEU GA 256 -42.37 -51.87 54.86
CA LEU GA 256 -42.74 -50.57 54.35
C LEU GA 256 -41.55 -49.65 54.57
N GLU GA 257 -41.39 -48.67 53.69
CA GLU GA 257 -40.25 -47.72 53.65
C GLU GA 257 -39.05 -48.43 53.05
N ALA GA 258 -38.70 -49.58 53.61
CA ALA GA 258 -37.62 -50.42 53.13
C ALA GA 258 -37.85 -50.81 51.68
N ILE GA 259 -39.11 -51.05 51.31
CA ILE GA 259 -39.43 -51.37 49.94
C ILE GA 259 -40.11 -50.20 49.25
N ASP GA 260 -39.46 -49.76 48.17
CA ASP GA 260 -39.88 -48.64 47.34
C ASP GA 260 -40.78 -49.13 46.19
N GLU GA 261 -41.24 -48.20 45.37
CA GLU GA 261 -42.11 -48.44 44.21
C GLU GA 261 -43.41 -49.18 44.53
N ILE GA 262 -44.02 -48.83 45.64
CA ILE GA 262 -45.32 -49.33 46.04
C ILE GA 262 -46.14 -48.09 46.28
N SER GA 263 -47.26 -47.99 45.59
CA SER GA 263 -48.11 -46.83 45.76
C SER GA 263 -49.37 -47.17 46.53
N MET GA 264 -49.74 -48.45 46.56
CA MET GA 264 -50.95 -48.83 47.27
C MET GA 264 -50.80 -50.12 48.06
N VAL GA 265 -51.41 -50.14 49.25
CA VAL GA 265 -51.35 -51.29 50.13
C VAL GA 265 -52.67 -51.78 50.75
N ALA GA 266 -52.70 -53.09 51.05
CA ALA GA 266 -53.84 -53.71 51.71
C ALA GA 266 -53.42 -54.96 52.50
N VAL GA 267 -54.25 -55.38 53.45
CA VAL GA 267 -53.95 -56.59 54.24
C VAL GA 267 -55.12 -57.57 54.17
N PRO GA 268 -55.21 -58.41 53.13
CA PRO GA 268 -56.29 -59.34 52.88
C PRO GA 268 -56.62 -60.26 54.06
N ASP GA 269 -55.66 -60.64 54.92
CA ASP GA 269 -56.04 -61.53 56.03
C ASP GA 269 -56.19 -60.85 57.39
N LEU GA 270 -56.35 -59.51 57.44
CA LEU GA 270 -56.54 -58.91 58.76
C LEU GA 270 -58.00 -58.83 59.16
N MET GA 271 -58.83 -57.96 58.54
CA MET GA 271 -60.23 -57.92 58.96
C MET GA 271 -60.90 -59.22 58.64
N ALA GA 272 -60.49 -59.84 57.56
CA ALA GA 272 -61.07 -61.07 57.10
C ALA GA 272 -60.81 -62.22 58.08
N ALA GA 273 -59.85 -62.07 58.99
CA ALA GA 273 -59.56 -63.11 59.94
C ALA GA 273 -59.91 -62.66 61.34
N TYR GA 274 -60.74 -61.62 61.46
CA TYR GA 274 -61.10 -61.07 62.76
C TYR GA 274 -61.60 -62.15 63.75
N GLN GA 275 -62.34 -63.15 63.27
CA GLN GA 275 -62.77 -64.20 64.20
C GLN GA 275 -61.98 -65.48 64.07
N ARG GA 276 -61.66 -65.92 62.84
CA ARG GA 276 -60.86 -67.16 62.63
C ARG GA 276 -59.50 -67.07 63.31
N GLY GA 277 -58.94 -65.87 63.45
CA GLY GA 277 -57.64 -65.63 64.03
C GLY GA 277 -57.72 -65.26 65.51
N ALA GA 278 -58.93 -65.27 66.10
CA ALA GA 278 -59.15 -64.87 67.50
C ALA GA 278 -58.60 -63.47 67.79
N ILE GA 279 -58.89 -62.52 66.91
CA ILE GA 279 -58.43 -61.15 66.98
C ILE GA 279 -59.55 -60.14 66.72
N ASP GA 280 -60.62 -60.29 67.50
CA ASP GA 280 -61.82 -59.48 67.21
C ASP GA 280 -61.99 -58.24 68.08
N LEU GA 281 -62.74 -57.28 67.59
CA LEU GA 281 -63.12 -56.04 68.25
C LEU GA 281 -62.09 -54.92 68.24
N GLU GA 282 -60.96 -55.16 68.90
CA GLU GA 282 -59.88 -54.19 69.03
C GLU GA 282 -58.60 -54.59 68.30
N ALA GA 283 -58.37 -55.89 68.19
CA ALA GA 283 -57.11 -56.36 67.64
C ALA GA 283 -56.94 -55.92 66.20
N VAL GA 284 -58.02 -55.80 65.44
CA VAL GA 284 -57.88 -55.37 64.08
C VAL GA 284 -57.40 -53.91 64.01
N LYS GA 285 -57.99 -53.02 64.81
CA LYS GA 285 -57.59 -51.62 64.80
C LYS GA 285 -56.13 -51.48 65.20
N ALA GA 286 -55.69 -52.34 66.09
CA ALA GA 286 -54.32 -52.34 66.59
C ALA GA 286 -53.30 -52.52 65.47
N VAL GA 287 -53.72 -53.10 64.36
CA VAL GA 287 -52.87 -53.34 63.23
C VAL GA 287 -53.21 -52.38 62.09
N GLN GA 288 -54.49 -52.24 61.82
CA GLN GA 288 -55.03 -51.45 60.72
C GLN GA 288 -54.58 -49.99 60.81
N LEU GA 289 -54.47 -49.46 62.02
CA LEU GA 289 -54.01 -48.10 62.24
C LEU GA 289 -52.52 -47.96 61.90
N GLY GA 290 -51.76 -49.06 61.99
CA GLY GA 290 -50.35 -49.05 61.68
C GLY GA 290 -50.20 -48.89 60.18
N LEU GA 291 -51.04 -49.61 59.42
CA LEU GA 291 -50.93 -49.54 57.97
C LEU GA 291 -51.09 -48.09 57.54
N ILE GA 292 -52.04 -47.41 58.19
CA ILE GA 292 -52.31 -46.03 57.88
C ILE GA 292 -51.15 -45.14 58.30
N ALA GA 293 -50.62 -45.33 59.52
CA ALA GA 293 -49.53 -44.50 59.97
C ALA GA 293 -48.31 -44.60 59.08
N HIS GA 294 -48.01 -45.80 58.58
CA HIS GA 294 -46.83 -45.95 57.76
C HIS GA 294 -47.02 -45.23 56.45
N CYS GA 295 -48.22 -45.29 55.91
CA CYS GA 295 -48.48 -44.61 54.67
C CYS GA 295 -48.30 -43.11 54.85
N GLU GA 296 -48.79 -42.55 55.97
CA GLU GA 296 -48.62 -41.13 56.19
C GLU GA 296 -47.16 -40.74 56.32
N LEU GA 297 -46.36 -41.57 57.00
CA LEU GA 297 -44.95 -41.23 57.14
C LEU GA 297 -44.23 -41.19 55.79
N MET GA 298 -44.56 -42.13 54.91
CA MET GA 298 -43.98 -42.18 53.57
C MET GA 298 -44.52 -41.13 52.63
N GLY GA 299 -45.79 -40.78 52.80
CA GLY GA 299 -46.47 -39.80 51.99
C GLY GA 299 -47.00 -40.43 50.71
N ASP GA 300 -46.09 -40.90 49.88
CA ASP GA 300 -46.54 -41.49 48.63
C ASP GA 300 -46.94 -42.95 48.75
N ARG GA 301 -48.08 -43.18 49.41
CA ARG GA 301 -48.62 -44.51 49.55
C ARG GA 301 -50.03 -44.42 50.16
N VAL GA 302 -50.98 -45.15 49.61
CA VAL GA 302 -52.34 -45.11 50.16
C VAL GA 302 -52.88 -46.47 50.60
N ALA GA 303 -53.44 -46.48 51.82
CA ALA GA 303 -54.03 -47.66 52.43
C ALA GA 303 -55.51 -47.86 52.08
N ILE GA 304 -55.86 -49.11 51.86
CA ILE GA 304 -57.23 -49.51 51.63
C ILE GA 304 -57.78 -50.12 52.92
N ILE GA 305 -58.86 -49.56 53.46
CA ILE GA 305 -59.37 -50.03 54.74
C ILE GA 305 -60.45 -51.06 54.56
N ASP GA 306 -60.23 -52.24 55.11
CA ASP GA 306 -61.18 -53.33 55.04
C ASP GA 306 -62.29 -53.26 56.15
N PRO GA 307 -63.60 -53.18 55.80
CA PRO GA 307 -64.74 -53.14 56.69
C PRO GA 307 -65.02 -54.55 57.22
N PRO GA 308 -65.75 -54.71 58.34
CA PRO GA 308 -66.22 -55.99 58.86
C PRO GA 308 -67.13 -56.65 57.82
N PRO GA 309 -67.25 -57.99 57.77
CA PRO GA 309 -68.10 -58.76 56.88
C PRO GA 309 -69.61 -58.51 56.90
N ASN GA 310 -70.18 -58.03 58.01
CA ASN GA 310 -71.63 -57.86 57.99
C ASN GA 310 -72.14 -56.70 58.82
N GLN GA 311 -72.38 -55.57 58.17
CA GLN GA 311 -72.90 -54.43 58.87
C GLN GA 311 -74.01 -53.71 58.11
N ASN GA 312 -74.96 -53.23 58.88
CA ASN GA 312 -76.05 -52.39 58.43
C ASN GA 312 -75.48 -51.05 58.11
N ALA GA 313 -76.10 -50.28 57.23
CA ALA GA 313 -75.54 -48.97 56.93
C ALA GA 313 -75.36 -48.15 58.20
N ARG GA 314 -76.26 -48.31 59.18
CA ARG GA 314 -76.13 -47.60 60.42
C ARG GA 314 -74.86 -48.04 61.15
N GLN GA 315 -74.51 -49.32 61.05
CA GLN GA 315 -73.36 -49.89 61.72
C GLN GA 315 -72.10 -49.49 60.99
N ILE GA 316 -72.17 -49.37 59.68
CA ILE GA 316 -71.00 -48.95 58.90
C ILE GA 316 -70.64 -47.55 59.35
N ARG GA 317 -71.65 -46.69 59.46
CA ARG GA 317 -71.45 -45.31 59.88
C ARG GA 317 -71.00 -45.18 61.31
N VAL GA 318 -71.64 -45.88 62.25
CA VAL GA 318 -71.22 -45.76 63.62
C VAL GA 318 -69.84 -46.32 63.81
N TRP GA 319 -69.54 -47.44 63.19
CA TRP GA 319 -68.22 -47.98 63.34
C TRP GA 319 -67.22 -46.95 62.84
N ARG GA 320 -67.39 -46.44 61.62
CA ARG GA 320 -66.47 -45.45 61.11
C ARG GA 320 -66.42 -44.13 61.91
N GLN GA 321 -67.54 -43.67 62.48
CA GLN GA 321 -67.51 -42.41 63.21
C GLN GA 321 -67.18 -42.49 64.69
N GLU GA 322 -67.65 -43.53 65.38
CA GLU GA 322 -67.49 -43.60 66.82
C GLU GA 322 -66.58 -44.71 67.38
N THR GA 323 -66.49 -45.89 66.72
CA THR GA 323 -65.74 -46.96 67.38
C THR GA 323 -64.46 -47.32 66.65
N ALA GA 324 -64.37 -46.90 65.40
CA ALA GA 324 -63.25 -47.17 64.53
C ALA GA 324 -62.96 -45.97 63.67
N GLY GA 325 -62.65 -44.85 64.29
CA GLY GA 325 -62.32 -43.69 63.49
C GLY GA 325 -60.91 -43.86 62.97
N TYR GA 326 -60.65 -43.29 61.80
CA TYR GA 326 -59.34 -43.34 61.19
C TYR GA 326 -58.89 -41.93 60.81
N ASP GA 327 -59.72 -41.29 59.97
CA ASP GA 327 -59.60 -39.91 59.48
C ASP GA 327 -58.27 -39.53 58.84
N SER GA 328 -57.67 -40.44 58.08
CA SER GA 328 -56.40 -40.19 57.42
C SER GA 328 -56.47 -39.68 56.01
N LYS GA 329 -55.42 -38.97 55.58
CA LYS GA 329 -55.32 -38.44 54.23
C LYS GA 329 -54.72 -39.45 53.28
N TYR GA 330 -54.33 -40.58 53.83
CA TYR GA 330 -53.66 -41.66 53.15
C TYR GA 330 -54.49 -42.92 53.14
N ALA GA 331 -55.80 -42.78 53.24
CA ALA GA 331 -56.64 -43.95 53.28
C ALA GA 331 -58.08 -43.68 52.88
N ALA GA 332 -58.77 -44.75 52.49
CA ALA GA 332 -60.21 -44.68 52.23
C ALA GA 332 -60.93 -45.98 52.59
N LEU GA 333 -62.20 -45.85 53.00
CA LEU GA 333 -63.11 -46.94 53.37
C LEU GA 333 -64.28 -47.09 52.37
N TYR GA 334 -64.70 -48.34 52.13
CA TYR GA 334 -65.83 -48.71 51.26
C TYR GA 334 -66.88 -49.53 52.02
N TYR GA 335 -68.15 -49.37 51.64
CA TYR GA 335 -69.27 -49.99 52.40
C TYR GA 335 -69.35 -51.52 52.27
N PRO GA 336 -69.83 -52.08 51.14
CA PRO GA 336 -70.08 -53.54 51.05
C PRO GA 336 -68.92 -54.43 50.57
N TRP GA 337 -68.89 -55.68 51.05
CA TRP GA 337 -67.89 -56.64 50.54
C TRP GA 337 -68.36 -57.10 49.15
N ILE GA 338 -67.71 -58.11 48.58
CA ILE GA 338 -68.09 -58.55 47.24
C ILE GA 338 -68.01 -60.05 47.09
N LYS GA 339 -69.08 -60.63 46.55
CA LYS GA 339 -69.16 -62.06 46.31
C LYS GA 339 -68.40 -62.42 45.07
N SER GA 340 -67.61 -63.49 45.14
CA SER GA 340 -66.84 -63.95 43.98
C SER GA 340 -66.56 -65.45 43.99
N PHE GA 341 -66.11 -65.98 42.85
CA PHE GA 341 -65.81 -67.41 42.71
C PHE GA 341 -64.38 -67.79 43.10
N ASP GA 342 -64.24 -68.89 43.85
CA ASP GA 342 -62.94 -69.44 44.25
C ASP GA 342 -62.81 -70.90 43.79
N PRO GA 343 -62.06 -71.18 42.72
CA PRO GA 343 -61.90 -72.48 42.07
C PRO GA 343 -61.48 -73.58 43.01
N ALA GA 344 -60.86 -73.25 44.14
CA ALA GA 344 -60.42 -74.29 45.06
C ALA GA 344 -61.61 -75.04 45.66
N THR GA 345 -62.73 -74.33 45.92
CA THR GA 345 -63.86 -74.99 46.54
C THR GA 345 -65.20 -74.76 45.83
N GLY GA 346 -65.31 -73.71 45.01
CA GLY GA 346 -66.60 -73.34 44.41
C GLY GA 346 -66.94 -71.85 44.55
N GLN GA 347 -68.21 -71.55 44.36
CA GLN GA 347 -68.74 -70.18 44.37
C GLN GA 347 -68.98 -69.56 45.74
N SER GA 348 -68.90 -70.34 46.81
CA SER GA 348 -69.25 -69.84 48.13
C SER GA 348 -68.19 -68.99 48.82
N ARG GA 349 -67.89 -67.82 48.26
CA ARG GA 349 -66.89 -66.96 48.90
C ARG GA 349 -67.16 -65.45 48.86
N LEU GA 350 -66.93 -64.80 50.00
CA LEU GA 350 -67.02 -63.34 50.06
C LEU GA 350 -65.63 -62.79 50.34
N VAL GA 351 -65.31 -61.64 49.74
CA VAL GA 351 -64.01 -61.00 49.96
C VAL GA 351 -64.20 -59.50 50.27
N PRO GA 352 -63.37 -58.88 51.13
CA PRO GA 352 -63.42 -57.46 51.41
C PRO GA 352 -63.24 -56.69 50.11
N PRO GA 353 -63.69 -55.44 50.03
CA PRO GA 353 -63.56 -54.57 48.87
C PRO GA 353 -62.14 -54.03 48.74
N SER GA 354 -61.21 -54.94 48.46
CA SER GA 354 -59.78 -54.63 48.32
C SER GA 354 -59.24 -55.55 47.23
N GLY GA 355 -58.03 -55.27 46.72
CA GLY GA 355 -57.46 -56.10 45.64
C GLY GA 355 -58.02 -55.67 44.28
N HIS GA 356 -59.33 -55.80 44.18
CA HIS GA 356 -60.10 -55.41 43.03
C HIS GA 356 -60.10 -53.90 42.87
N VAL GA 357 -60.15 -53.17 43.98
CA VAL GA 357 -60.17 -51.71 43.85
C VAL GA 357 -58.81 -51.25 43.38
N ALA GA 358 -57.76 -51.93 43.85
CA ALA GA 358 -56.42 -51.59 43.44
C ALA GA 358 -56.28 -51.85 41.95
N GLY GA 359 -56.94 -52.93 41.49
CA GLY GA 359 -56.98 -53.32 40.09
C GLY GA 359 -57.67 -52.25 39.22
N ILE GA 360 -58.68 -51.58 39.78
CA ILE GA 360 -59.37 -50.54 39.04
C ILE GA 360 -58.46 -49.33 38.93
N TRP GA 361 -57.81 -48.97 40.03
CA TRP GA 361 -56.93 -47.84 40.00
C TRP GA 361 -55.83 -48.08 39.00
N ALA GA 362 -55.27 -49.29 39.02
CA ALA GA 362 -54.19 -49.58 38.12
C ALA GA 362 -54.63 -49.49 36.66
N ARG GA 363 -55.83 -49.99 36.32
CA ARG GA 363 -56.27 -49.88 34.94
C ARG GA 363 -56.43 -48.45 34.51
N ASN GA 364 -57.09 -47.66 35.36
CA ASN GA 364 -57.37 -46.30 35.01
C ASN GA 364 -56.15 -45.50 34.73
N ASP GA 365 -55.17 -45.64 35.58
CA ASP GA 365 -54.02 -44.81 35.41
C ASP GA 365 -53.24 -45.28 34.20
N SER GA 366 -53.20 -46.59 33.98
CA SER GA 366 -52.45 -47.14 32.86
C SER GA 366 -53.00 -46.65 31.53
N GLU GA 367 -54.33 -46.56 31.43
CA GLU GA 367 -54.93 -46.11 30.18
C GLU GA 367 -55.19 -44.61 30.08
N ARG GA 368 -55.50 -43.93 31.18
CA ARG GA 368 -55.88 -42.53 31.10
C ARG GA 368 -55.03 -41.51 31.85
N GLY GA 369 -54.03 -41.94 32.63
CA GLY GA 369 -53.27 -41.00 33.43
C GLY GA 369 -54.00 -40.76 34.74
N VAL GA 370 -53.48 -39.85 35.57
CA VAL GA 370 -54.12 -39.62 36.85
C VAL GA 370 -54.75 -38.26 36.88
N HIS GA 371 -56.05 -38.19 36.66
CA HIS GA 371 -56.70 -36.90 36.61
C HIS GA 371 -57.95 -36.95 37.45
N LYS GA 372 -58.51 -38.15 37.48
CA LYS GA 372 -59.75 -38.44 38.20
C LYS GA 372 -59.63 -39.80 38.85
N ALA GA 373 -60.26 -39.98 39.99
CA ALA GA 373 -60.33 -41.28 40.59
C ALA GA 373 -61.39 -42.06 39.81
N PRO GA 374 -61.11 -43.26 39.32
CA PRO GA 374 -61.99 -44.05 38.48
C PRO GA 374 -63.09 -44.76 39.20
N ALA GA 375 -63.98 -44.03 39.83
CA ALA GA 375 -65.07 -44.75 40.48
C ALA GA 375 -65.95 -45.41 39.42
N ASN GA 376 -66.17 -44.69 38.32
CA ASN GA 376 -67.07 -45.16 37.29
C ASN GA 376 -66.40 -46.09 36.28
N GLU GA 377 -66.07 -47.28 36.75
CA GLU GA 377 -65.42 -48.36 36.01
C GLU GA 377 -65.93 -49.69 36.54
N VAL GA 378 -65.92 -50.71 35.70
CA VAL GA 378 -66.40 -52.03 36.10
C VAL GA 378 -65.39 -52.99 36.72
N VAL GA 379 -65.83 -53.60 37.80
CA VAL GA 379 -65.01 -54.56 38.50
C VAL GA 379 -65.15 -55.90 37.81
N ARG GA 380 -64.05 -56.48 37.33
CA ARG GA 380 -64.17 -57.76 36.64
C ARG GA 380 -63.84 -58.89 37.58
N GLY GA 381 -64.64 -59.95 37.51
CA GLY GA 381 -64.47 -61.15 38.34
C GLY GA 381 -65.48 -61.14 39.48
N ALA GA 382 -66.10 -59.99 39.70
CA ALA GA 382 -67.11 -59.84 40.74
C ALA GA 382 -68.36 -60.58 40.31
N VAL GA 383 -69.07 -61.15 41.27
CA VAL GA 383 -70.32 -61.82 40.99
C VAL GA 383 -71.51 -61.03 41.56
N ASP GA 384 -71.43 -60.65 42.83
CA ASP GA 384 -72.56 -59.92 43.43
C ASP GA 384 -72.14 -59.02 44.60
N LEU GA 385 -73.10 -58.29 45.16
CA LEU GA 385 -72.84 -57.39 46.29
C LEU GA 385 -73.66 -57.75 47.51
N GLU GA 386 -73.02 -57.81 48.68
CA GLU GA 386 -73.71 -58.17 49.93
C GLU GA 386 -74.69 -57.11 50.43
N LEU GA 387 -74.38 -55.84 50.23
CA LEU GA 387 -75.25 -54.78 50.70
C LEU GA 387 -75.92 -54.13 49.51
N GLN GA 388 -77.16 -53.73 49.68
CA GLN GA 388 -77.80 -52.96 48.63
C GLN GA 388 -77.83 -51.52 49.04
N ILE GA 389 -77.48 -50.65 48.12
CA ILE GA 389 -77.41 -49.23 48.41
C ILE GA 389 -78.36 -48.44 47.53
N THR GA 390 -79.14 -47.57 48.18
CA THR GA 390 -80.10 -46.70 47.50
C THR GA 390 -79.79 -45.23 47.61
N ARG GA 391 -80.63 -44.41 47.00
CA ARG GA 391 -80.40 -42.96 46.95
C ARG GA 391 -80.29 -42.33 48.34
N GLY GA 392 -81.09 -42.81 49.29
CA GLY GA 392 -81.06 -42.26 50.63
C GLY GA 392 -79.77 -42.65 51.36
N GLU GA 393 -79.13 -43.71 50.91
CA GLU GA 393 -77.92 -44.17 51.54
C GLU GA 393 -76.84 -43.24 51.07
N GLN GA 394 -76.91 -42.80 49.80
CA GLN GA 394 -75.88 -41.91 49.28
C GLN GA 394 -75.84 -40.63 50.12
N ASP GA 395 -77.01 -40.13 50.52
CA ASP GA 395 -77.02 -38.94 51.39
C ASP GA 395 -76.48 -39.23 52.78
N LEU GA 396 -76.63 -40.46 53.27
CA LEU GA 396 -76.09 -40.79 54.58
C LEU GA 396 -74.56 -40.96 54.54
N LEU GA 397 -74.06 -41.66 53.52
CA LEU GA 397 -72.64 -41.98 53.38
C LEU GA 397 -71.69 -40.93 52.81
N ASN GA 398 -72.14 -40.06 51.92
CA ASN GA 398 -71.19 -39.11 51.37
C ASN GA 398 -70.53 -38.24 52.44
N PRO GA 399 -71.27 -37.66 53.42
CA PRO GA 399 -70.78 -36.81 54.48
C PRO GA 399 -69.79 -37.50 55.43
N ILE GA 400 -69.70 -38.83 55.40
CA ILE GA 400 -68.79 -39.50 56.31
C ILE GA 400 -67.59 -40.01 55.53
N GLY GA 401 -67.59 -39.78 54.22
CA GLY GA 401 -66.47 -40.17 53.39
C GLY GA 401 -66.38 -41.67 53.13
N VAL GA 402 -67.48 -42.40 53.21
CA VAL GA 402 -67.32 -43.83 53.00
C VAL GA 402 -67.93 -44.13 51.67
N ASN GA 403 -67.15 -44.69 50.78
CA ASN GA 403 -67.58 -44.86 49.42
C ASN GA 403 -68.50 -46.04 49.18
N CYS GA 404 -69.52 -45.81 48.37
CA CYS GA 404 -70.43 -46.87 48.03
C CYS GA 404 -70.10 -47.45 46.67
N ILE GA 405 -70.37 -48.75 46.59
CA ILE GA 405 -70.20 -49.59 45.41
C ILE GA 405 -71.57 -50.12 45.06
N ARG GA 406 -71.97 -49.99 43.80
CA ARG GA 406 -73.30 -50.41 43.39
C ARG GA 406 -73.37 -51.20 42.09
N SER GA 407 -74.40 -52.03 41.98
CA SER GA 407 -74.71 -52.75 40.76
C SER GA 407 -75.79 -52.00 40.01
N PHE GA 408 -75.47 -51.53 38.81
CA PHE GA 408 -76.43 -50.73 38.07
C PHE GA 408 -76.99 -51.51 36.87
N PRO GA 409 -78.30 -51.50 36.64
CA PRO GA 409 -78.87 -52.10 35.46
C PRO GA 409 -78.26 -51.41 34.27
N GLY GA 410 -77.75 -52.17 33.32
CA GLY GA 410 -77.18 -51.61 32.10
C GLY GA 410 -75.72 -51.14 32.24
N ARG GA 411 -75.18 -51.17 33.47
CA ARG GA 411 -73.82 -50.71 33.70
C ARG GA 411 -72.91 -51.72 34.45
N GLY GA 412 -73.48 -52.58 35.31
CA GLY GA 412 -72.71 -53.55 36.08
C GLY GA 412 -72.17 -53.02 37.40
N ILE GA 413 -71.20 -53.73 37.98
CA ILE GA 413 -70.70 -53.33 39.29
C ILE GA 413 -69.61 -52.31 39.15
N ARG GA 414 -69.91 -51.13 39.67
CA ARG GA 414 -69.03 -49.99 39.58
C ARG GA 414 -68.98 -49.30 40.92
N VAL GA 415 -67.94 -48.50 41.15
CA VAL GA 415 -67.84 -47.76 42.37
C VAL GA 415 -68.56 -46.47 42.08
N TRP GA 416 -69.38 -45.99 42.97
CA TRP GA 416 -70.05 -44.74 42.65
C TRP GA 416 -69.27 -43.56 43.23
N GLY GA 417 -68.90 -43.64 44.49
CA GLY GA 417 -68.22 -42.50 45.13
C GLY GA 417 -66.69 -42.50 45.00
N ALA GA 418 -66.07 -41.34 45.21
CA ALA GA 418 -64.60 -41.26 45.22
C ALA GA 418 -64.08 -40.26 46.26
N ARG GA 419 -64.56 -40.38 47.48
CA ARG GA 419 -64.22 -39.46 48.56
C ARG GA 419 -63.07 -39.96 49.40
N THR GA 420 -62.34 -39.02 49.98
CA THR GA 420 -61.26 -39.32 50.90
C THR GA 420 -61.81 -39.54 52.29
N LEU GA 421 -60.98 -40.09 53.16
CA LEU GA 421 -61.38 -40.37 54.54
C LEU GA 421 -61.24 -39.16 55.46
N SER GA 422 -60.24 -38.34 55.21
CA SER GA 422 -59.93 -37.18 56.02
C SER GA 422 -60.97 -36.09 55.96
N SER GA 423 -61.14 -35.40 57.07
CA SER GA 423 -62.06 -34.27 57.19
C SER GA 423 -61.47 -32.99 56.62
N ASP GA 424 -60.18 -33.01 56.29
CA ASP GA 424 -59.47 -31.85 55.79
C ASP GA 424 -59.95 -31.49 54.38
N PRO GA 425 -60.61 -30.32 54.19
CA PRO GA 425 -61.27 -29.88 52.98
C PRO GA 425 -60.31 -29.70 51.81
N ALA GA 426 -59.01 -29.62 52.11
CA ALA GA 426 -58.02 -29.47 51.08
C ALA GA 426 -58.04 -30.71 50.19
N TRP GA 427 -58.35 -31.87 50.77
CA TRP GA 427 -58.38 -33.09 50.02
C TRP GA 427 -59.67 -33.82 50.27
N ARG GA 428 -60.76 -33.34 49.69
CA ARG GA 428 -62.04 -34.01 49.85
C ARG GA 428 -62.11 -35.21 48.93
N TYR GA 429 -61.43 -35.10 47.78
CA TYR GA 429 -61.50 -36.15 46.78
C TYR GA 429 -60.17 -36.81 46.47
N LEU GA 430 -60.30 -38.06 46.08
CA LEU GA 430 -59.18 -38.89 45.72
C LEU GA 430 -58.50 -38.34 44.48
N ASN GA 431 -59.28 -37.76 43.57
CA ASN GA 431 -58.71 -37.24 42.30
C ASN GA 431 -57.44 -36.42 42.58
N ILE GA 432 -57.50 -35.49 43.54
CA ILE GA 432 -56.35 -34.58 43.79
C ILE GA 432 -55.28 -35.27 44.63
N ARG GA 433 -55.65 -36.03 45.66
CA ARG GA 433 -54.55 -36.52 46.44
C ARG GA 433 -53.69 -37.47 45.58
N ARG GA 434 -54.35 -38.25 44.70
CA ARG GA 434 -53.65 -39.18 43.84
C ARG GA 434 -52.75 -38.47 42.84
N TYR GA 435 -53.23 -37.37 42.27
CA TYR GA 435 -52.43 -36.62 41.31
C TYR GA 435 -51.20 -36.05 41.97
N PHE GA 436 -51.36 -35.50 43.18
CA PHE GA 436 -50.19 -34.94 43.81
C PHE GA 436 -49.14 -36.00 44.10
N ASN GA 437 -49.53 -37.21 44.53
CA ASN GA 437 -48.49 -38.23 44.74
C ASN GA 437 -47.79 -38.58 43.45
N TYR GA 438 -48.54 -38.63 42.35
CA TYR GA 438 -47.93 -38.90 41.07
C TYR GA 438 -46.84 -37.89 40.76
N LEU GA 439 -47.19 -36.62 40.92
CA LEU GA 439 -46.25 -35.57 40.61
C LEU GA 439 -45.02 -35.61 41.51
N GLU GA 440 -45.18 -35.92 42.78
CA GLU GA 440 -43.99 -35.92 43.62
C GLU GA 440 -42.99 -36.94 43.14
N GLU GA 441 -43.45 -38.11 42.71
CA GLU GA 441 -42.49 -39.07 42.21
C GLU GA 441 -41.91 -38.60 40.88
N SER GA 442 -42.76 -38.01 40.04
CA SER GA 442 -42.34 -37.58 38.71
C SER GA 442 -41.22 -36.57 38.77
N ILE GA 443 -41.30 -35.63 39.72
CA ILE GA 443 -40.27 -34.63 39.83
C ILE GA 443 -39.07 -35.14 40.61
N LEU GA 444 -39.28 -35.79 41.74
CA LEU GA 444 -38.13 -36.18 42.54
C LEU GA 444 -37.22 -37.16 41.85
N ILE GA 445 -37.76 -38.10 41.09
CA ILE GA 445 -36.95 -39.10 40.42
C ILE GA 445 -36.01 -38.47 39.38
N GLY GA 446 -36.31 -37.26 38.93
CA GLY GA 446 -35.52 -36.60 37.93
C GLY GA 446 -34.45 -35.66 38.48
N THR GA 447 -34.27 -35.59 39.81
CA THR GA 447 -33.27 -34.64 40.30
C THR GA 447 -32.02 -35.33 40.83
N GLN GA 448 -30.92 -35.15 40.11
CA GLN GA 448 -29.62 -35.75 40.38
C GLN GA 448 -28.74 -34.89 41.27
N TRP GA 449 -29.20 -33.72 41.61
CA TRP GA 449 -28.43 -32.75 42.35
C TRP GA 449 -28.45 -32.97 43.85
N VAL GA 450 -27.82 -34.06 44.21
CA VAL GA 450 -27.67 -34.60 45.55
C VAL GA 450 -26.20 -34.81 45.75
N VAL GA 451 -25.74 -34.72 47.01
CA VAL GA 451 -24.27 -34.80 47.27
C VAL GA 451 -23.63 -34.20 46.03
N PHE GA 452 -23.86 -32.91 45.77
CA PHE GA 452 -23.30 -32.26 44.59
C PHE GA 452 -22.16 -31.30 44.92
N GLU GA 453 -21.96 -30.31 44.04
CA GLU GA 453 -20.91 -29.32 44.22
C GLU GA 453 -21.35 -28.12 45.05
N PRO GA 454 -20.72 -26.97 44.81
CA PRO GA 454 -20.99 -25.70 45.51
C PRO GA 454 -22.39 -25.15 45.22
N ASN GA 455 -23.03 -24.63 46.27
CA ASN GA 455 -24.36 -24.03 46.17
C ASN GA 455 -24.37 -22.72 45.41
N ASP GA 456 -24.13 -22.83 44.12
CA ASP GA 456 -24.11 -21.72 43.21
C ASP GA 456 -25.51 -21.35 42.77
N HIS GA 457 -25.71 -20.06 42.43
CA HIS GA 457 -27.02 -19.67 41.87
C HIS GA 457 -27.26 -20.44 40.57
N ASN GA 458 -26.19 -20.91 39.93
CA ASN GA 458 -26.30 -21.63 38.70
C ASN GA 458 -27.11 -22.89 38.92
N LEU GA 459 -27.08 -23.47 40.13
CA LEU GA 459 -27.85 -24.67 40.37
C LEU GA 459 -29.29 -24.25 40.52
N TRP GA 460 -29.49 -23.06 41.05
CA TRP GA 460 -30.85 -22.59 41.23
C TRP GA 460 -31.48 -22.46 39.85
N ALA GA 461 -30.71 -21.91 38.91
CA ALA GA 461 -31.22 -21.80 37.56
C ALA GA 461 -31.52 -23.15 36.94
N ARG GA 462 -30.65 -24.14 37.21
CA ARG GA 462 -30.88 -25.45 36.64
C ARG GA 462 -32.16 -26.10 37.12
N ILE GA 463 -32.45 -25.96 38.41
CA ILE GA 463 -33.66 -26.58 38.90
C ILE GA 463 -34.89 -25.84 38.42
N ARG GA 464 -34.84 -24.51 38.32
CA ARG GA 464 -36.02 -23.82 37.86
C ARG GA 464 -36.40 -24.30 36.49
N ARG GA 465 -35.40 -24.52 35.63
CA ARG GA 465 -35.77 -24.93 34.30
C ARG GA 465 -36.29 -26.36 34.26
N ASN GA 466 -35.72 -27.28 35.01
CA ASN GA 466 -36.27 -28.62 34.85
C ASN GA 466 -37.70 -28.72 35.33
N VAL GA 467 -38.02 -28.00 36.40
CA VAL GA 467 -39.37 -28.09 36.91
C VAL GA 467 -40.34 -27.42 35.96
N SER GA 468 -39.99 -26.25 35.46
CA SER GA 468 -40.86 -25.55 34.54
C SER GA 468 -41.07 -26.37 33.27
N ALA GA 469 -40.00 -26.97 32.71
CA ALA GA 469 -40.19 -27.72 31.48
C ALA GA 469 -41.17 -28.87 31.70
N PHE GA 470 -41.10 -29.52 32.87
CA PHE GA 470 -42.06 -30.58 33.13
C PHE GA 470 -43.47 -30.05 33.12
N LEU GA 471 -43.68 -28.98 33.89
CA LEU GA 471 -44.99 -28.43 34.07
C LEU GA 471 -45.56 -27.80 32.84
N VAL GA 472 -44.75 -27.28 31.92
CA VAL GA 472 -45.39 -26.68 30.78
C VAL GA 472 -45.99 -27.76 29.91
N ASN GA 473 -45.29 -28.88 29.78
CA ASN GA 473 -45.86 -29.93 28.97
C ASN GA 473 -47.08 -30.51 29.62
N GLU GA 474 -47.04 -30.63 30.94
CA GLU GA 474 -48.14 -31.21 31.65
C GLU GA 474 -49.36 -30.32 31.68
N TRP GA 475 -49.24 -29.04 32.08
CA TRP GA 475 -50.46 -28.20 32.22
C TRP GA 475 -51.21 -28.13 30.89
N ARG GA 476 -50.52 -28.23 29.76
CA ARG GA 476 -51.07 -28.09 28.45
C ARG GA 476 -51.94 -29.25 28.03
N ASN GA 477 -51.73 -30.38 28.68
CA ASN GA 477 -52.45 -31.59 28.42
C ASN GA 477 -53.72 -31.48 29.24
N GLY GA 478 -54.59 -32.47 29.22
CA GLY GA 478 -55.80 -32.35 30.03
C GLY GA 478 -55.48 -32.61 31.52
N ALA GA 479 -54.70 -31.70 32.11
CA ALA GA 479 -54.18 -31.85 33.44
C ALA GA 479 -54.43 -30.65 34.33
N LEU GA 480 -53.96 -29.45 33.96
CA LEU GA 480 -54.14 -28.33 34.88
C LEU GA 480 -55.07 -27.31 34.31
N PHE GA 481 -55.79 -26.65 35.18
CA PHE GA 481 -56.60 -25.54 34.77
C PHE GA 481 -55.72 -24.42 34.31
N GLY GA 482 -56.07 -23.78 33.22
CA GLY GA 482 -55.30 -22.63 32.79
C GLY GA 482 -55.81 -22.16 31.46
N GLN GA 483 -55.26 -21.09 30.88
CA GLN GA 483 -55.62 -20.65 29.49
C GLN GA 483 -54.27 -20.27 28.92
N SER GA 484 -53.27 -20.28 29.78
CA SER GA 484 -51.89 -19.98 29.55
C SER GA 484 -51.19 -20.62 30.73
N PRO GA 485 -49.92 -21.04 30.61
CA PRO GA 485 -49.10 -21.53 31.69
C PRO GA 485 -48.98 -20.45 32.76
N ASP GA 486 -49.23 -19.20 32.36
CA ASP GA 486 -49.17 -18.05 33.23
C ASP GA 486 -50.12 -18.22 34.42
N GLN GA 487 -51.27 -18.88 34.21
CA GLN GA 487 -52.16 -19.08 35.32
C GLN GA 487 -52.03 -20.50 35.81
N ALA GA 488 -51.71 -21.42 34.91
CA ALA GA 488 -51.72 -22.82 35.29
C ALA GA 488 -50.70 -23.18 36.35
N TYR GA 489 -49.50 -22.62 36.33
CA TYR GA 489 -48.54 -23.01 37.36
C TYR GA 489 -47.46 -21.97 37.62
N TYR GA 490 -46.73 -22.11 38.71
CA TYR GA 490 -45.63 -21.18 38.97
C TYR GA 490 -44.43 -21.79 39.71
N VAL GA 491 -43.20 -21.46 39.26
CA VAL GA 491 -41.97 -21.93 39.89
C VAL GA 491 -41.02 -20.79 40.27
N LYS GA 492 -40.54 -20.79 41.53
CA LYS GA 492 -39.61 -19.77 42.00
C LYS GA 492 -38.39 -20.31 42.76
N CYS GA 493 -37.21 -19.73 42.48
CA CYS GA 493 -36.00 -20.13 43.21
C CYS GA 493 -34.91 -19.05 43.07
N ASP GA 494 -34.82 -18.20 44.08
CA ASP GA 494 -33.90 -17.06 44.12
C ASP GA 494 -33.49 -16.79 45.57
N GLU GA 495 -32.79 -15.68 45.83
CA GLU GA 495 -32.24 -15.34 47.14
C GLU GA 495 -33.26 -15.16 48.27
N GLU GA 496 -34.53 -14.96 47.96
CA GLU GA 496 -35.53 -14.79 49.02
C GLU GA 496 -36.11 -16.15 49.41
N THR GA 497 -35.69 -17.19 48.68
CA THR GA 497 -36.10 -18.57 48.84
C THR GA 497 -34.90 -19.35 49.35
N ASN GA 498 -33.72 -18.87 48.97
CA ASN GA 498 -32.42 -19.42 49.30
C ASN GA 498 -31.52 -18.35 49.91
N PRO GA 499 -31.72 -18.05 51.21
CA PRO GA 499 -31.08 -16.97 51.95
C PRO GA 499 -29.57 -17.15 51.87
N PRO GA 500 -28.80 -16.06 51.97
CA PRO GA 500 -27.35 -15.94 51.83
C PRO GA 500 -26.56 -16.77 52.81
N GLU GA 501 -27.16 -17.19 53.91
CA GLU GA 501 -26.42 -18.00 54.84
C GLU GA 501 -25.94 -19.28 54.17
N SER GA 502 -26.76 -19.85 53.28
CA SER GA 502 -26.39 -21.07 52.57
C SER GA 502 -25.78 -22.14 53.46
N VAL GA 503 -26.44 -22.47 54.56
CA VAL GA 503 -25.85 -23.50 55.40
C VAL GA 503 -26.64 -24.76 55.26
N ASP GA 504 -26.07 -25.70 54.52
CA ASP GA 504 -26.65 -27.00 54.19
C ASP GA 504 -27.98 -26.95 53.43
N LEU GA 505 -29.01 -26.40 54.06
CA LEU GA 505 -30.35 -26.42 53.51
C LEU GA 505 -30.63 -25.26 52.59
N GLY GA 506 -29.93 -25.30 51.48
CA GLY GA 506 -30.08 -24.36 50.39
C GLY GA 506 -30.84 -25.17 49.38
N ARG GA 507 -30.84 -24.77 48.12
CA ARG GA 507 -31.56 -25.53 47.09
C ARG GA 507 -33.05 -25.67 47.38
N VAL GA 508 -33.67 -24.59 47.82
CA VAL GA 508 -35.09 -24.55 48.12
C VAL GA 508 -35.86 -24.03 46.92
N VAL GA 509 -36.92 -24.73 46.54
CA VAL GA 509 -37.74 -24.30 45.41
C VAL GA 509 -39.17 -24.13 45.87
N CYS GA 510 -39.77 -23.01 45.51
CA CYS GA 510 -41.17 -22.78 45.84
C CYS GA 510 -42.02 -23.09 44.63
N GLU GA 511 -43.11 -23.79 44.84
CA GLU GA 511 -43.97 -24.11 43.71
C GLU GA 511 -45.43 -23.88 44.00
N ILE GA 512 -46.14 -23.49 42.95
CA ILE GA 512 -47.58 -23.36 42.96
C ILE GA 512 -48.15 -24.39 42.02
N GLY GA 513 -49.11 -25.18 42.50
CA GLY GA 513 -49.76 -26.19 41.72
C GLY GA 513 -50.81 -25.48 40.94
N ILE GA 514 -51.95 -25.25 41.56
CA ILE GA 514 -52.99 -24.42 40.92
C ILE GA 514 -53.29 -23.39 41.99
N ALA GA 515 -54.30 -23.64 42.81
CA ALA GA 515 -54.51 -22.79 43.95
C ALA GA 515 -53.64 -23.33 45.09
N PRO GA 516 -53.59 -24.68 45.35
CA PRO GA 516 -52.75 -25.28 46.38
C PRO GA 516 -51.31 -25.02 46.03
N VAL GA 517 -50.50 -24.79 47.06
CA VAL GA 517 -49.08 -24.52 46.88
C VAL GA 517 -48.26 -25.43 47.82
N LYS GA 518 -46.94 -25.56 47.55
CA LYS GA 518 -45.98 -26.31 48.37
C LYS GA 518 -44.78 -25.39 48.65
N MET HA 1 -60.25 -12.46 16.78
CA MET HA 1 -61.51 -11.92 16.24
C MET HA 1 -61.86 -10.49 16.78
N SER HA 2 -60.87 -9.75 17.35
CA SER HA 2 -61.05 -8.38 17.90
C SER HA 2 -61.20 -7.31 16.83
N LEU HA 3 -60.80 -7.63 15.62
CA LEU HA 3 -60.93 -6.68 14.54
C LEU HA 3 -62.16 -7.11 13.77
N PRO HA 4 -62.90 -6.20 13.14
CA PRO HA 4 -64.02 -6.51 12.27
C PRO HA 4 -63.50 -6.92 10.90
N LYS HA 5 -62.66 -7.93 10.92
CA LYS HA 5 -62.02 -8.49 9.76
C LYS HA 5 -61.84 -9.97 10.16
N PRO HA 6 -62.95 -10.69 10.41
CA PRO HA 6 -63.04 -12.01 11.01
C PRO HA 6 -62.69 -13.16 10.11
N GLU HA 7 -61.43 -13.34 9.79
CA GLU HA 7 -61.11 -14.44 8.90
C GLU HA 7 -60.48 -15.61 9.64
N ASP HA 8 -61.27 -16.66 9.96
CA ASP HA 8 -60.67 -17.76 10.69
C ASP HA 8 -59.60 -18.45 9.90
N VAL HA 9 -58.42 -18.61 10.50
CA VAL HA 9 -57.30 -19.31 9.82
C VAL HA 9 -57.19 -20.68 10.50
N LEU HA 10 -56.49 -21.64 9.89
CA LEU HA 10 -56.44 -22.88 10.61
C LEU HA 10 -55.78 -22.64 11.94
N VAL HA 11 -56.49 -23.03 12.98
CA VAL HA 11 -56.01 -22.95 14.33
C VAL HA 11 -55.79 -24.35 14.81
N ALA HA 12 -56.82 -25.18 14.62
CA ALA HA 12 -56.72 -26.57 14.96
C ALA HA 12 -57.80 -27.42 14.30
N PRO HA 13 -57.49 -28.66 13.92
CA PRO HA 13 -58.43 -29.68 13.50
C PRO HA 13 -58.95 -30.24 14.80
N ASN HA 14 -59.65 -29.39 15.56
CA ASN HA 14 -60.13 -29.80 16.90
C ASN HA 14 -61.35 -30.71 16.75
N PHE HA 15 -61.20 -31.99 17.03
CA PHE HA 15 -62.30 -32.92 16.87
C PHE HA 15 -62.67 -33.67 18.15
N GLY HA 16 -63.86 -33.37 18.70
CA GLY HA 16 -64.33 -33.92 19.98
C GLY HA 16 -65.15 -35.18 19.78
N ILE HA 17 -64.61 -36.31 20.17
CA ILE HA 17 -65.28 -37.58 19.94
C ILE HA 17 -65.29 -38.39 21.23
N GLN HA 18 -66.05 -39.49 21.32
CA GLN HA 18 -66.11 -40.29 22.55
C GLN HA 18 -64.88 -41.21 22.71
N ILE HA 19 -64.11 -41.30 21.64
CA ILE HA 19 -62.90 -42.09 21.48
C ILE HA 19 -61.67 -41.23 21.76
N ASP HA 20 -60.68 -41.73 22.48
CA ASP HA 20 -59.51 -40.90 22.76
C ASP HA 20 -58.54 -40.87 21.57
N GLY HA 21 -59.01 -40.21 20.54
CA GLY HA 21 -58.36 -40.02 19.25
C GLY HA 21 -57.43 -38.82 19.31
N VAL HA 22 -56.44 -38.89 20.17
CA VAL HA 22 -55.48 -37.81 20.40
C VAL HA 22 -54.53 -37.45 19.25
N MET HA 23 -54.11 -38.42 18.48
CA MET HA 23 -53.11 -38.13 17.44
C MET HA 23 -53.74 -37.61 16.15
N VAL HA 24 -54.22 -36.38 16.18
CA VAL HA 24 -54.94 -35.84 15.02
C VAL HA 24 -54.15 -34.97 14.08
N GLU HA 25 -54.19 -35.29 12.79
CA GLU HA 25 -53.53 -34.40 11.86
C GLU HA 25 -54.57 -33.61 11.10
N TYR HA 26 -55.53 -34.30 10.46
CA TYR HA 26 -56.44 -33.44 9.63
C TYR HA 26 -57.81 -34.03 9.27
N LEU HA 27 -58.78 -33.14 9.14
CA LEU HA 27 -60.14 -33.43 8.72
C LEU HA 27 -60.36 -32.93 7.29
N ASN HA 28 -61.04 -33.72 6.46
CA ASN HA 28 -61.34 -33.31 5.08
C ASN HA 28 -62.71 -33.82 4.60
N SER HA 29 -63.07 -33.47 3.36
CA SER HA 29 -64.32 -33.82 2.68
C SER HA 29 -65.60 -33.47 3.43
N VAL HA 30 -65.72 -32.23 3.91
CA VAL HA 30 -66.93 -31.82 4.62
C VAL HA 30 -67.81 -30.85 3.82
N SER HA 31 -69.05 -31.27 3.57
CA SER HA 31 -69.99 -30.43 2.82
C SER HA 31 -71.47 -30.66 3.18
N ASN HA 32 -72.25 -29.60 2.95
CA ASN HA 32 -73.70 -29.53 3.14
C ASN HA 32 -74.41 -29.52 1.79
N LEU HA 33 -75.07 -30.62 1.43
CA LEU HA 33 -75.71 -30.70 0.12
C LEU HA 33 -77.23 -30.81 0.17
N GLN HA 34 -77.86 -30.15 -0.80
CA GLN HA 34 -79.31 -30.16 -0.97
C GLN HA 34 -79.55 -30.58 -2.42
N ILE HA 35 -80.45 -31.53 -2.63
CA ILE HA 35 -80.71 -32.05 -3.97
C ILE HA 35 -81.63 -31.20 -4.84
N GLU HA 36 -81.13 -30.82 -6.01
CA GLU HA 36 -81.94 -30.03 -6.96
C GLU HA 36 -82.91 -30.84 -7.81
N GLN HA 37 -84.15 -30.36 -7.99
CA GLN HA 37 -85.05 -31.00 -8.96
C GLN HA 37 -85.22 -30.06 -10.14
N ASP HA 38 -85.25 -30.62 -11.35
CA ASP HA 38 -85.32 -29.81 -12.57
C ASP HA 38 -86.46 -30.16 -13.53
N VAL HA 39 -87.50 -29.32 -13.60
CA VAL HA 39 -88.62 -29.60 -14.50
C VAL HA 39 -88.89 -28.47 -15.48
N ILE HA 40 -88.95 -28.76 -16.77
CA ILE HA 40 -89.26 -27.70 -17.71
C ILE HA 40 -90.70 -27.83 -18.11
N ARG HA 41 -91.45 -26.78 -17.88
CA ARG HA 41 -92.85 -26.74 -18.17
C ARG HA 41 -93.02 -26.13 -19.53
N TYR HA 42 -93.88 -26.74 -20.35
CA TYR HA 42 -94.14 -26.25 -21.72
C TYR HA 42 -94.92 -24.94 -21.83
N GLN HA 43 -95.18 -24.51 -23.07
CA GLN HA 43 -95.91 -23.27 -23.26
C GLN HA 43 -97.29 -23.44 -22.65
N GLN HA 44 -97.67 -22.46 -21.83
CA GLN HA 44 -98.95 -22.50 -21.14
C GLN HA 44 -100.00 -21.89 -22.03
N ASN HA 45 -100.25 -22.55 -23.17
CA ASN HA 45 -101.24 -22.06 -24.13
C ASN HA 45 -101.13 -20.58 -24.47
N GLN HA 46 -99.93 -20.13 -24.73
CA GLN HA 46 -99.68 -18.74 -25.02
C GLN HA 46 -98.46 -18.58 -25.88
N GLY HA 47 -98.28 -17.42 -26.50
CA GLY HA 47 -97.12 -17.18 -27.36
C GLY HA 47 -95.82 -16.84 -26.63
N THR HA 48 -95.41 -17.73 -25.74
CA THR HA 48 -94.19 -17.54 -24.95
C THR HA 48 -93.37 -18.81 -24.96
N THR HA 49 -92.24 -18.75 -24.29
CA THR HA 49 -91.36 -19.88 -24.12
C THR HA 49 -91.89 -20.64 -22.93
N GLY HA 50 -91.31 -21.81 -22.71
CA GLY HA 50 -91.67 -22.57 -21.55
C GLY HA 50 -90.88 -21.99 -20.41
N ARG HA 51 -90.95 -22.62 -19.25
CA ARG HA 51 -90.27 -22.13 -18.06
C ARG HA 51 -89.52 -23.21 -17.32
N ASN HA 52 -88.43 -22.81 -16.68
CA ASN HA 52 -87.64 -23.77 -15.95
C ASN HA 52 -87.97 -23.75 -14.48
N ASN HA 53 -88.60 -24.77 -13.99
CA ASN HA 53 -88.93 -24.74 -12.59
C ASN HA 53 -87.72 -25.28 -11.88
N VAL HA 54 -86.93 -24.34 -11.42
CA VAL HA 54 -85.65 -24.62 -10.81
C VAL HA 54 -85.70 -24.36 -9.34
N THR HA 55 -86.90 -24.22 -8.78
CA THR HA 55 -87.10 -23.90 -7.37
C THR HA 55 -87.62 -25.09 -6.60
N LEU HA 56 -87.59 -26.23 -7.24
CA LEU HA 56 -88.05 -27.47 -6.66
C LEU HA 56 -87.02 -27.97 -5.65
N MET HA 57 -87.50 -28.38 -4.47
CA MET HA 57 -86.63 -28.76 -3.34
C MET HA 57 -86.68 -30.19 -2.76
N PRO HA 58 -85.97 -31.15 -3.33
CA PRO HA 58 -85.75 -32.50 -2.84
C PRO HA 58 -84.95 -32.43 -1.55
N GLY HA 59 -84.76 -33.57 -0.89
CA GLY HA 59 -84.06 -33.62 0.39
C GLY HA 59 -82.55 -33.49 0.24
N VAL HA 60 -81.80 -34.03 1.19
CA VAL HA 60 -80.36 -33.81 1.20
C VAL HA 60 -79.57 -35.08 1.08
N ALA HA 61 -78.31 -34.93 0.68
CA ALA HA 61 -77.44 -36.07 0.54
C ALA HA 61 -76.71 -36.43 1.81
N LYS HA 62 -76.51 -37.73 1.99
CA LYS HA 62 -75.67 -38.30 3.05
C LYS HA 62 -74.25 -38.28 2.54
N ASP HA 63 -73.27 -38.29 3.44
CA ASP HA 63 -71.87 -38.27 3.03
C ASP HA 63 -70.95 -38.76 4.15
N GLY HA 64 -69.65 -38.80 3.86
CA GLY HA 64 -68.66 -39.25 4.82
C GLY HA 64 -67.50 -38.28 4.91
N SER HA 65 -66.86 -38.21 6.08
CA SER HA 65 -65.74 -37.30 6.29
C SER HA 65 -64.43 -38.04 6.56
N VAL HA 66 -63.38 -37.67 5.84
CA VAL HA 66 -62.07 -38.28 5.99
C VAL HA 66 -61.38 -37.77 7.25
N GLN HA 67 -60.75 -38.67 7.98
CA GLN HA 67 -60.06 -38.33 9.21
C GLN HA 67 -58.67 -38.91 9.20
N VAL HA 68 -57.67 -38.09 9.45
CA VAL HA 68 -56.33 -38.62 9.44
C VAL HA 68 -55.63 -38.53 10.75
N GLU HA 69 -55.22 -39.72 11.16
CA GLU HA 69 -54.53 -39.96 12.40
C GLU HA 69 -53.09 -39.86 12.03
N ARG HA 70 -52.31 -39.24 12.92
CA ARG HA 70 -50.86 -39.03 12.67
C ARG HA 70 -50.20 -40.34 12.21
N GLY HA 71 -50.48 -41.47 12.88
CA GLY HA 71 -49.78 -42.64 12.49
C GLY HA 71 -49.91 -43.77 13.44
N MET HA 72 -49.25 -44.82 13.07
CA MET HA 72 -49.26 -46.03 13.82
C MET HA 72 -48.57 -45.91 15.16
N SER HA 73 -49.15 -46.63 16.10
CA SER HA 73 -48.68 -46.80 17.45
C SER HA 73 -49.35 -48.07 17.92
N GLN HA 74 -49.03 -48.51 19.12
CA GLN HA 74 -49.65 -49.70 19.69
C GLN HA 74 -51.12 -49.49 20.09
N SER HA 75 -51.58 -48.24 20.12
CA SER HA 75 -52.94 -47.94 20.56
C SER HA 75 -53.94 -48.15 19.44
N SER HA 76 -54.27 -49.40 19.15
CA SER HA 76 -55.16 -49.79 18.03
C SER HA 76 -56.66 -49.55 18.31
N VAL HA 77 -56.95 -48.30 18.61
CA VAL HA 77 -58.26 -47.79 18.97
C VAL HA 77 -59.23 -47.78 17.83
N PHE HA 78 -58.77 -47.28 16.68
CA PHE HA 78 -59.64 -47.19 15.49
C PHE HA 78 -59.77 -48.58 14.87
N THR HA 79 -58.79 -49.46 15.11
CA THR HA 79 -58.91 -50.79 14.60
C THR HA 79 -60.05 -51.47 15.33
N GLN HA 80 -60.13 -51.33 16.66
CA GLN HA 80 -61.25 -51.98 17.32
C GLN HA 80 -62.58 -51.44 16.84
N TRP HA 81 -62.69 -50.13 16.64
CA TRP HA 81 -63.97 -49.58 16.21
C TRP HA 81 -64.43 -50.27 14.93
N ILE HA 82 -63.53 -50.39 13.94
CA ILE HA 82 -63.94 -51.07 12.73
C ILE HA 82 -64.16 -52.57 12.98
N ASN HA 83 -63.39 -53.21 13.86
CA ASN HA 83 -63.58 -54.64 14.10
C ASN HA 83 -64.96 -54.94 14.68
N ASP HA 84 -65.45 -54.07 15.57
CA ASP HA 84 -66.74 -54.32 16.16
C ASP HA 84 -67.83 -54.18 15.12
N SER HA 85 -67.68 -53.22 14.21
CA SER HA 85 -68.68 -53.06 13.16
C SER HA 85 -68.65 -54.24 12.19
N MET HA 86 -67.45 -54.73 11.87
CA MET HA 86 -67.34 -55.86 10.93
C MET HA 86 -67.99 -57.09 11.51
N ALA HA 87 -67.92 -57.21 12.84
CA ALA HA 87 -68.49 -58.32 13.58
C ALA HA 87 -70.00 -58.17 13.83
N GLY HA 88 -70.59 -57.04 13.44
CA GLY HA 88 -72.02 -56.82 13.65
C GLY HA 88 -72.37 -56.33 15.05
N ARG HA 89 -71.39 -55.95 15.84
CA ARG HA 89 -71.68 -55.52 17.19
C ARG HA 89 -72.00 -54.06 17.15
N MET HA 90 -73.24 -53.79 16.80
CA MET HA 90 -73.67 -52.44 16.52
C MET HA 90 -73.75 -51.47 17.65
N ALA HA 91 -73.18 -50.32 17.36
CA ALA HA 91 -73.20 -49.12 18.15
C ALA HA 91 -72.81 -48.01 17.19
N THR HA 92 -73.33 -46.82 17.41
CA THR HA 92 -72.96 -45.66 16.62
C THR HA 92 -72.61 -44.55 17.55
N ALA HA 93 -72.02 -43.48 17.03
CA ALA HA 93 -71.68 -42.40 17.95
C ALA HA 93 -71.75 -41.02 17.33
N ARG HA 94 -71.97 -40.06 18.23
CA ARG HA 94 -72.07 -38.63 17.96
C ARG HA 94 -70.67 -38.04 17.90
N LYS HA 95 -70.41 -37.15 16.93
CA LYS HA 95 -69.06 -36.52 16.83
C LYS HA 95 -69.18 -34.99 16.71
N ASN HA 96 -68.17 -34.25 17.19
CA ASN HA 96 -68.20 -32.79 17.06
C ASN HA 96 -66.95 -32.12 16.48
N ALA HA 97 -67.06 -31.59 15.27
CA ALA HA 97 -65.93 -30.91 14.66
C ALA HA 97 -65.96 -29.46 15.11
N THR HA 98 -64.91 -29.00 15.76
CA THR HA 98 -64.92 -27.66 16.33
C THR HA 98 -63.88 -26.73 15.73
N ILE HA 99 -64.30 -25.53 15.45
CA ILE HA 99 -63.41 -24.51 14.96
C ILE HA 99 -63.16 -23.54 16.08
N ILE HA 100 -61.89 -23.33 16.35
CA ILE HA 100 -61.44 -22.46 17.41
C ILE HA 100 -60.70 -21.32 16.75
N VAL HA 101 -60.43 -20.27 17.49
CA VAL HA 101 -59.86 -19.07 16.89
C VAL HA 101 -58.45 -18.77 17.29
N MET HA 102 -57.91 -17.67 16.77
CA MET HA 102 -56.51 -17.32 17.00
C MET HA 102 -56.21 -17.40 18.48
N ASP HA 103 -57.14 -16.94 19.29
CA ASP HA 103 -57.01 -17.14 20.71
C ASP HA 103 -57.64 -18.51 20.93
N TYR HA 104 -56.80 -19.49 21.23
CA TYR HA 104 -57.16 -20.90 21.34
C TYR HA 104 -58.18 -21.20 22.43
N GLU HA 105 -58.40 -20.22 23.29
CA GLU HA 105 -59.36 -20.31 24.37
C GLU HA 105 -60.82 -20.39 23.90
N ASP HA 106 -61.19 -19.72 22.81
CA ASP HA 106 -62.63 -19.75 22.47
C ASP HA 106 -62.99 -20.92 21.55
N ASN HA 107 -64.28 -21.05 21.24
CA ASN HA 107 -64.82 -22.11 20.36
C ASN HA 107 -66.08 -21.70 19.60
N PRO HA 108 -66.08 -20.69 18.72
CA PRO HA 108 -67.28 -20.18 18.07
C PRO HA 108 -68.03 -21.09 17.08
N VAL HA 109 -67.40 -22.09 16.46
CA VAL HA 109 -68.19 -22.88 15.51
C VAL HA 109 -68.13 -24.38 15.72
N LYS HA 110 -69.29 -25.00 15.74
CA LYS HA 110 -69.36 -26.45 15.90
C LYS HA 110 -70.21 -27.10 14.82
N ARG HA 111 -69.80 -28.28 14.39
CA ARG HA 111 -70.61 -29.09 13.48
C ARG HA 111 -70.79 -30.47 14.02
N TRP HA 112 -72.03 -30.88 14.10
CA TRP HA 112 -72.35 -32.16 14.64
C TRP HA 112 -72.57 -33.22 13.60
N ASN HA 113 -72.03 -34.36 13.90
CA ASN HA 113 -72.14 -35.58 13.16
C ASN HA 113 -73.24 -36.41 13.79
N LEU HA 114 -74.33 -36.61 13.06
CA LEU HA 114 -75.48 -37.29 13.61
C LEU HA 114 -75.08 -38.68 14.11
N ARG HA 115 -75.64 -39.11 15.26
CA ARG HA 115 -75.24 -40.37 15.86
C ARG HA 115 -75.75 -41.64 15.18
N ASN HA 116 -75.34 -41.79 13.93
CA ASN HA 116 -75.62 -43.04 13.18
C ASN HA 116 -74.29 -43.27 12.47
N ALA HA 117 -73.31 -42.43 12.82
CA ALA HA 117 -72.00 -42.51 12.22
C ALA HA 117 -71.21 -43.74 12.62
N TRP HA 118 -70.40 -44.21 11.66
CA TRP HA 118 -69.52 -45.38 11.92
C TRP HA 118 -68.32 -45.40 10.97
N CYS HA 119 -67.34 -46.26 11.22
CA CYS HA 119 -66.10 -46.41 10.44
C CYS HA 119 -66.11 -47.48 9.35
N SER HA 120 -65.89 -47.01 8.13
CA SER HA 120 -65.88 -47.78 6.89
C SER HA 120 -64.55 -48.42 6.57
N LYS HA 121 -63.51 -47.58 6.62
CA LYS HA 121 -62.20 -48.05 6.18
C LYS HA 121 -61.08 -47.64 7.10
N VAL HA 122 -60.06 -48.49 7.14
CA VAL HA 122 -58.80 -48.09 7.73
C VAL HA 122 -57.71 -48.33 6.69
N VAL HA 123 -57.01 -47.27 6.28
CA VAL HA 123 -56.01 -47.39 5.23
C VAL HA 123 -54.60 -47.05 5.69
N ALA HA 124 -53.67 -47.97 5.45
CA ALA HA 124 -52.26 -47.81 5.83
C ALA HA 124 -51.47 -47.01 4.81
N GLY HA 125 -50.34 -46.46 5.24
CA GLY HA 125 -49.44 -45.75 4.34
C GLY HA 125 -48.50 -46.73 3.65
N THR HA 126 -47.47 -46.21 2.96
CA THR HA 126 -46.51 -47.03 2.21
C THR HA 126 -45.20 -47.18 2.95
N LEU HA 127 -44.66 -48.40 3.03
CA LEU HA 127 -43.41 -48.61 3.73
C LEU HA 127 -42.25 -48.93 2.81
N LYS HA 128 -41.39 -47.95 2.53
CA LYS HA 128 -40.30 -48.18 1.58
C LYS HA 128 -38.91 -47.87 2.12
N ALA HA 129 -38.04 -48.87 2.08
CA ALA HA 129 -36.72 -48.70 2.64
C ALA HA 129 -36.04 -47.51 2.01
N GLY HA 130 -35.49 -46.66 2.85
CA GLY HA 130 -34.78 -45.49 2.38
C GLY HA 130 -35.63 -44.22 2.27
N ASP HA 131 -36.97 -44.30 2.23
CA ASP HA 131 -37.72 -43.01 2.15
C ASP HA 131 -37.15 -42.03 3.18
N THR HA 132 -36.95 -42.49 4.43
CA THR HA 132 -36.39 -41.72 5.51
C THR HA 132 -37.40 -40.68 6.01
N ASN HA 133 -37.73 -39.71 5.18
CA ASN HA 133 -38.66 -38.66 5.55
C ASN HA 133 -40.10 -39.09 5.28
N ALA HA 134 -40.55 -40.09 6.02
CA ALA HA 134 -41.89 -40.60 5.88
C ALA HA 134 -42.38 -41.26 7.15
N LEU HA 135 -43.67 -41.12 7.42
CA LEU HA 135 -44.29 -41.74 8.58
C LEU HA 135 -45.43 -42.63 8.22
N THR HA 136 -45.72 -43.61 9.07
CA THR HA 136 -46.80 -44.50 8.72
C THR HA 136 -48.11 -43.90 9.16
N GLU HA 137 -48.63 -43.01 8.32
CA GLU HA 137 -49.86 -42.24 8.53
C GLU HA 137 -51.03 -43.15 8.26
N THR HA 138 -52.18 -42.91 8.88
CA THR HA 138 -53.34 -43.73 8.51
C THR HA 138 -54.58 -42.91 8.25
N ILE HA 139 -55.43 -43.43 7.39
CA ILE HA 139 -56.67 -42.75 7.07
C ILE HA 139 -57.88 -43.51 7.52
N THR HA 140 -58.75 -42.83 8.26
CA THR HA 140 -59.98 -43.43 8.72
C THR HA 140 -61.14 -42.81 7.97
N ILE HA 141 -62.00 -43.66 7.43
CA ILE HA 141 -63.17 -43.16 6.70
C ILE HA 141 -64.43 -43.42 7.47
N VAL HA 142 -65.17 -42.34 7.73
CA VAL HA 142 -66.39 -42.36 8.55
C VAL HA 142 -67.64 -41.86 7.84
N PHE HA 143 -68.75 -42.60 8.03
CA PHE HA 143 -70.03 -42.25 7.36
C PHE HA 143 -70.89 -41.37 8.27
N GLU HA 144 -71.76 -40.54 7.69
CA GLU HA 144 -72.59 -39.62 8.51
C GLU HA 144 -73.92 -39.34 7.79
N GLU HA 145 -75.07 -39.67 8.40
CA GLU HA 145 -76.30 -39.40 7.63
C GLU HA 145 -76.48 -37.90 7.43
N LEU HA 146 -76.33 -37.15 8.51
CA LEU HA 146 -76.55 -35.70 8.48
C LEU HA 146 -75.43 -34.89 9.08
N VAL HA 147 -75.28 -33.69 8.53
CA VAL HA 147 -74.38 -32.68 9.05
C VAL HA 147 -75.23 -31.61 9.67
N VAL HA 148 -75.05 -31.38 10.96
CA VAL HA 148 -75.86 -30.43 11.66
C VAL HA 148 -75.05 -29.23 12.18
N GLU HA 149 -75.45 -27.98 11.82
CA GLU HA 149 -74.80 -26.70 12.22
C GLU HA 149 -74.39 -26.67 13.71
N MET IA 1 -2.97 -26.22 59.86
CA MET IA 1 -1.73 -25.55 59.47
C MET IA 1 -0.70 -26.64 58.99
N PRO IA 2 -0.90 -27.32 57.79
CA PRO IA 2 -0.02 -28.34 57.20
C PRO IA 2 1.26 -27.73 56.65
N SER IA 3 2.29 -28.56 56.47
CA SER IA 3 3.58 -28.09 55.95
C SER IA 3 3.57 -27.56 54.54
N TYR IA 4 4.43 -26.59 54.32
CA TYR IA 4 4.62 -25.94 53.02
C TYR IA 4 6.05 -25.51 52.72
N LEU IA 5 6.84 -25.22 53.74
CA LEU IA 5 8.20 -24.75 53.53
C LEU IA 5 9.11 -25.93 53.19
N SER IA 6 8.76 -27.10 53.70
CA SER IA 6 9.58 -28.26 53.49
C SER IA 6 8.91 -29.58 53.86
N PRO IA 7 9.25 -30.69 53.19
CA PRO IA 7 8.93 -32.06 53.57
C PRO IA 7 9.47 -32.40 54.97
N GLY IA 8 10.47 -31.63 55.42
CA GLY IA 8 11.11 -31.78 56.72
C GLY IA 8 11.48 -30.38 57.17
N VAL IA 9 10.94 -29.93 58.31
CA VAL IA 9 11.13 -28.52 58.69
C VAL IA 9 12.09 -28.27 59.84
N TYR IA 10 12.74 -29.30 60.35
CA TYR IA 10 13.68 -29.08 61.45
C TYR IA 10 15.10 -29.44 61.03
N VAL IA 11 15.19 -30.41 60.16
CA VAL IA 11 16.42 -30.99 59.66
C VAL IA 11 16.32 -30.97 58.16
N GLU IA 12 17.40 -30.61 57.45
CA GLU IA 12 17.32 -30.62 55.99
C GLU IA 12 17.52 -32.04 55.43
N GLU IA 13 16.60 -32.92 55.83
CA GLU IA 13 16.52 -34.33 55.51
C GLU IA 13 16.17 -34.48 54.05
N VAL IA 14 15.73 -33.37 53.49
CA VAL IA 14 15.34 -33.21 52.10
C VAL IA 14 16.49 -33.41 51.10
N ALA IA 15 17.78 -33.25 51.52
CA ALA IA 15 18.96 -33.41 50.67
C ALA IA 15 20.00 -34.24 51.43
N GLY IA 28 6.86 -41.62 34.98
CA GLY IA 28 5.87 -41.72 36.03
C GLY IA 28 4.74 -42.68 35.60
N VAL IA 29 3.81 -42.95 36.53
CA VAL IA 29 2.64 -43.84 36.35
C VAL IA 29 1.34 -43.03 36.27
N GLY IA 30 1.16 -42.09 37.20
CA GLY IA 30 -0.07 -41.30 37.23
C GLY IA 30 -0.55 -41.11 38.65
N THR IA 31 -1.62 -40.33 38.83
CA THR IA 31 -2.08 -40.08 40.19
C THR IA 31 -3.09 -41.11 40.67
N SER IA 32 -3.72 -41.83 39.75
CA SER IA 32 -4.71 -42.83 40.14
C SER IA 32 -4.06 -44.18 40.46
N VAL IA 33 -3.28 -44.14 41.55
CA VAL IA 33 -2.51 -45.26 42.06
C VAL IA 33 -2.81 -45.57 43.52
N ALA IA 34 -3.01 -46.85 43.78
CA ALA IA 34 -3.32 -47.36 45.11
C ALA IA 34 -2.45 -48.55 45.46
N ALA IA 35 -2.28 -48.81 46.74
CA ALA IA 35 -1.53 -50.00 47.16
C ALA IA 35 -2.39 -50.96 47.96
N PHE IA 36 -2.22 -52.25 47.65
CA PHE IA 36 -2.97 -53.29 48.32
C PHE IA 36 -2.08 -54.31 49.01
N VAL IA 37 -2.32 -54.46 50.31
CA VAL IA 37 -1.56 -55.39 51.15
C VAL IA 37 -2.39 -56.59 51.50
N GLY IA 38 -1.97 -57.78 51.12
CA GLY IA 38 -2.75 -58.97 51.44
C GLY IA 38 -2.00 -60.23 51.04
N LEU IA 39 -2.62 -61.39 51.16
CA LEU IA 39 -1.95 -62.68 50.90
C LEU IA 39 -2.23 -63.30 49.54
N ALA IA 40 -1.30 -64.10 49.03
CA ALA IA 40 -1.48 -64.65 47.67
C ALA IA 40 -0.80 -66.01 47.53
N PRO IA 41 -1.38 -66.97 46.78
CA PRO IA 41 -0.74 -68.26 46.55
C PRO IA 41 0.22 -68.19 45.35
N THR IA 42 1.38 -68.82 45.45
CA THR IA 42 2.35 -68.85 44.31
C THR IA 42 2.50 -67.44 43.74
N GLY IA 43 2.83 -66.46 44.58
CA GLY IA 43 3.01 -65.07 44.12
C GLY IA 43 4.45 -64.60 44.30
N PRO IA 44 4.91 -63.59 43.52
CA PRO IA 44 6.26 -63.04 43.69
C PRO IA 44 6.49 -62.65 45.15
N LEU IA 45 7.71 -62.83 45.66
CA LEU IA 45 8.01 -62.53 47.09
C LEU IA 45 7.52 -61.13 47.46
N ASN IA 46 7.32 -60.88 48.75
CA ASN IA 46 6.90 -59.56 49.21
C ASN IA 46 7.92 -58.44 48.99
N GLU IA 47 9.19 -58.78 48.91
CA GLU IA 47 10.21 -57.79 48.63
C GLU IA 47 10.00 -57.02 47.31
N PRO IA 48 9.84 -57.67 46.14
CA PRO IA 48 9.62 -57.01 44.87
C PRO IA 48 8.20 -56.53 44.72
N THR IA 49 7.85 -55.48 45.46
CA THR IA 49 6.50 -54.95 45.34
C THR IA 49 6.35 -54.49 43.91
N LEU IA 50 5.27 -54.90 43.26
CA LEU IA 50 5.12 -54.57 41.86
C LEU IA 50 4.06 -53.57 41.58
N VAL IA 51 4.22 -52.79 40.52
CA VAL IA 51 3.18 -51.89 40.06
C VAL IA 51 2.53 -52.57 38.88
N THR IA 52 1.26 -52.93 39.03
CA THR IA 52 0.62 -53.73 38.00
C THR IA 52 -0.76 -53.33 37.53
N ASN IA 53 -1.09 -53.89 36.35
CA ASN IA 53 -2.43 -53.89 35.73
C ASN IA 53 -3.03 -55.30 35.99
N TRP IA 54 -4.26 -55.58 35.55
CA TRP IA 54 -4.83 -56.91 35.82
C TRP IA 54 -4.06 -58.06 35.20
N THR IA 55 -3.66 -57.95 33.94
CA THR IA 55 -2.96 -59.07 33.31
C THR IA 55 -1.74 -59.45 34.14
N GLN IA 56 -1.01 -58.43 34.57
CA GLN IA 56 0.18 -58.61 35.38
C GLN IA 56 -0.18 -59.14 36.77
N TYR IA 57 -1.28 -58.66 37.34
CA TYR IA 57 -1.71 -59.13 38.63
C TYR IA 57 -1.93 -60.61 38.61
N VAL IA 58 -2.63 -61.07 37.59
CA VAL IA 58 -2.91 -62.49 37.48
C VAL IA 58 -1.62 -63.25 37.32
N ALA IA 59 -0.70 -62.78 36.50
CA ALA IA 59 0.55 -63.52 36.37
C ALA IA 59 1.23 -63.69 37.74
N ALA IA 60 1.11 -62.67 38.59
CA ALA IA 60 1.66 -62.64 39.94
C ALA IA 60 0.75 -63.23 41.05
N PHE IA 61 -0.45 -63.72 40.71
CA PHE IA 61 -1.42 -64.23 41.71
C PHE IA 61 -2.16 -65.53 41.30
N GLY IA 62 -2.62 -65.61 40.06
CA GLY IA 62 -3.53 -66.66 39.60
C GLY IA 62 -4.97 -66.14 39.47
N ASP IA 63 -5.85 -66.96 38.95
CA ASP IA 63 -7.23 -66.53 38.70
C ASP IA 63 -8.18 -66.69 39.89
N PHE IA 64 -7.93 -65.91 40.94
CA PHE IA 64 -8.72 -65.90 42.20
C PHE IA 64 -8.65 -67.19 43.03
N THR IA 65 -7.89 -68.18 42.59
CA THR IA 65 -7.94 -69.54 43.12
C THR IA 65 -7.43 -69.74 44.54
N GLY IA 66 -6.65 -68.81 45.05
CA GLY IA 66 -6.16 -68.93 46.41
C GLY IA 66 -7.25 -68.62 47.43
N GLY IA 67 -8.35 -68.00 47.01
CA GLY IA 67 -9.42 -67.65 47.94
C GLY IA 67 -9.12 -66.42 48.80
N TYR IA 68 -8.27 -65.53 48.31
CA TYR IA 68 -7.87 -64.35 49.06
C TYR IA 68 -8.54 -63.12 48.51
N TYR IA 69 -8.71 -62.11 49.35
CA TYR IA 69 -9.38 -60.91 48.93
C TYR IA 69 -8.59 -60.01 48.00
N LEU IA 70 -7.26 -60.17 47.91
CA LEU IA 70 -6.57 -59.30 46.97
C LEU IA 70 -7.11 -59.46 45.58
N ALA IA 71 -7.48 -60.67 45.16
CA ALA IA 71 -7.90 -60.77 43.79
C ALA IA 71 -9.15 -59.97 43.53
N HIS IA 72 -10.04 -59.92 44.51
CA HIS IA 72 -11.29 -59.22 44.32
C HIS IA 72 -11.09 -57.72 44.40
N SER IA 73 -10.22 -57.27 45.31
CA SER IA 73 -10.05 -55.84 45.43
C SER IA 73 -9.28 -55.26 44.26
N VAL IA 74 -8.31 -56.02 43.75
CA VAL IA 74 -7.55 -55.54 42.62
C VAL IA 74 -8.44 -55.58 41.39
N TYR IA 75 -9.13 -56.71 41.19
CA TYR IA 75 -10.07 -56.81 40.04
C TYR IA 75 -11.20 -55.81 40.25
N GLY IA 76 -11.48 -55.46 41.51
CA GLY IA 76 -12.58 -54.53 41.82
C GLY IA 76 -12.30 -53.13 41.32
N PHE IA 77 -11.13 -52.58 41.63
CA PHE IA 77 -10.78 -51.19 41.23
C PHE IA 77 -10.38 -51.18 39.75
N PHE IA 78 -9.69 -52.24 39.30
CA PHE IA 78 -9.22 -52.26 37.94
C PHE IA 78 -10.34 -52.15 36.93
N ASN IA 79 -11.53 -52.65 37.30
CA ASN IA 79 -12.67 -52.61 36.40
C ASN IA 79 -13.52 -51.37 36.59
N ASN IA 80 -13.01 -50.43 37.36
CA ASN IA 80 -13.59 -49.15 37.63
C ASN IA 80 -12.50 -48.21 37.08
N GLY IA 81 -12.30 -47.00 37.60
CA GLY IA 81 -11.26 -46.19 36.95
C GLY IA 81 -9.92 -46.51 37.62
N GLY IA 82 -8.83 -45.94 37.10
CA GLY IA 82 -7.52 -46.15 37.71
C GLY IA 82 -6.53 -46.74 36.75
N SER IA 83 -5.24 -46.53 37.00
CA SER IA 83 -4.27 -47.06 36.08
C SER IA 83 -3.32 -48.09 36.67
N ALA IA 84 -3.08 -48.03 37.97
CA ALA IA 84 -2.12 -48.98 38.50
C ALA IA 84 -2.24 -49.17 39.97
N ALA IA 85 -1.69 -50.26 40.44
CA ALA IA 85 -1.63 -50.44 41.85
C ALA IA 85 -0.39 -51.17 42.26
N TYR IA 86 0.01 -50.93 43.49
CA TYR IA 86 1.13 -51.65 44.06
C TYR IA 86 0.63 -52.90 44.72
N VAL IA 87 1.25 -54.02 44.38
CA VAL IA 87 0.84 -55.29 44.93
C VAL IA 87 1.85 -55.82 45.91
N VAL IA 88 1.44 -55.95 47.17
CA VAL IA 88 2.34 -56.48 48.23
C VAL IA 88 1.96 -57.94 48.51
N ARG IA 89 2.82 -58.89 48.11
CA ARG IA 89 2.53 -60.32 48.31
C ARG IA 89 2.42 -60.63 49.81
N VAL IA 90 3.28 -60.01 50.62
CA VAL IA 90 3.25 -60.22 52.11
C VAL IA 90 3.66 -61.65 52.41
N GLY IA 91 2.78 -62.62 52.18
CA GLY IA 91 3.07 -64.01 52.47
C GLY IA 91 2.28 -64.96 51.56
N GLY IA 92 2.39 -66.26 51.83
CA GLY IA 92 1.81 -67.25 50.95
C GLY IA 92 0.46 -67.85 51.28
N SER IA 93 0.36 -69.15 50.96
CA SER IA 93 -0.84 -69.94 51.07
C SER IA 93 -0.57 -71.37 51.43
N ALA IA 94 -1.61 -72.00 51.97
CA ALA IA 94 -1.64 -73.42 52.28
C ALA IA 94 -2.24 -74.14 51.11
N GLU IA 95 -1.97 -75.42 50.98
CA GLU IA 95 -2.59 -76.18 49.91
C GLU IA 95 -4.11 -76.16 50.09
N ASP IA 96 -4.87 -75.98 48.98
CA ASP IA 96 -6.34 -75.95 48.91
C ASP IA 96 -6.97 -75.07 49.99
N GLN IA 232 0.90 -69.56 59.58
CA GLN IA 232 0.73 -68.32 60.34
C GLN IA 232 0.85 -67.02 59.50
N ALA IA 233 0.81 -67.11 58.14
CA ALA IA 233 0.87 -65.98 57.19
C ALA IA 233 -0.29 -65.02 57.42
N GLU IA 234 -1.42 -65.60 57.85
CA GLU IA 234 -2.64 -64.88 58.17
C GLU IA 234 -2.56 -64.06 59.44
N SER IA 235 -1.62 -64.36 60.34
CA SER IA 235 -1.53 -63.68 61.63
C SER IA 235 -1.15 -62.23 61.38
N ALA IA 236 -1.65 -61.30 62.18
CA ALA IA 236 -1.37 -59.90 61.90
C ALA IA 236 0.10 -59.53 61.90
N HIS IA 237 0.87 -59.89 62.93
CA HIS IA 237 2.29 -59.42 62.99
C HIS IA 237 3.17 -59.95 61.84
N PRO IA 238 3.26 -61.28 61.59
CA PRO IA 238 4.18 -61.84 60.63
C PRO IA 238 3.69 -61.67 59.20
N GLY IA 239 3.61 -60.42 58.77
CA GLY IA 239 3.18 -60.10 57.42
C GLY IA 239 2.29 -58.84 57.25
N PRO IA 240 0.95 -58.95 57.28
CA PRO IA 240 0.02 -57.85 57.01
C PRO IA 240 -0.19 -56.88 58.17
N ALA IA 241 0.89 -56.26 58.63
CA ALA IA 241 0.82 -55.35 59.77
C ALA IA 241 2.04 -54.43 59.83
N GLN IA 242 2.38 -53.97 61.05
CA GLN IA 242 3.45 -53.02 61.26
C GLN IA 242 4.84 -53.65 61.23
N TYR IA 243 5.20 -54.08 60.04
CA TYR IA 243 6.46 -54.71 59.71
C TYR IA 243 7.51 -53.68 59.31
N LEU IA 244 8.71 -53.83 59.82
CA LEU IA 244 9.80 -52.95 59.43
C LEU IA 244 10.96 -53.74 58.84
N GLY IA 245 11.42 -54.77 59.57
CA GLY IA 245 12.53 -55.60 59.11
C GLY IA 245 13.86 -54.86 59.19
N ASP IA 246 13.96 -53.95 60.15
CA ASP IA 246 15.14 -53.11 60.28
C ASP IA 246 15.36 -52.39 58.93
N SER IA 247 14.28 -51.76 58.49
CA SER IA 247 14.15 -51.07 57.23
C SER IA 247 14.42 -51.98 56.05
N SER IA 248 13.86 -53.19 56.10
CA SER IA 248 14.03 -54.07 54.95
C SER IA 248 12.97 -53.59 53.99
N ASP IA 249 11.88 -53.07 54.57
CA ASP IA 249 10.75 -52.51 53.88
C ASP IA 249 10.19 -53.47 52.83
N ARG IA 250 10.27 -54.77 53.15
CA ARG IA 250 9.85 -55.86 52.29
C ARG IA 250 8.44 -56.35 52.48
N THR IA 251 7.89 -56.17 53.66
CA THR IA 251 6.62 -56.78 53.95
C THR IA 251 5.63 -55.81 54.58
N GLY IA 252 4.35 -56.06 54.37
CA GLY IA 252 3.28 -55.34 55.04
C GLY IA 252 3.31 -53.86 54.75
N PHE IA 253 3.27 -53.09 55.83
CA PHE IA 253 3.25 -51.65 55.75
C PHE IA 253 4.66 -51.12 55.75
N GLY IA 254 5.62 -52.03 55.72
CA GLY IA 254 7.01 -51.66 55.68
C GLY IA 254 7.32 -51.05 54.33
N GLY IA 255 6.46 -51.29 53.32
CA GLY IA 255 6.75 -50.73 52.01
C GLY IA 255 6.33 -49.25 51.93
N LEU IA 256 5.67 -48.75 52.97
CA LEU IA 256 5.22 -47.38 52.98
C LEU IA 256 6.43 -46.54 53.33
N GLU IA 257 6.43 -45.28 52.87
CA GLU IA 257 7.54 -44.32 53.02
C GLU IA 257 8.61 -44.65 51.97
N ALA IA 258 9.05 -45.90 51.97
CA ALA IA 258 9.98 -46.40 50.98
C ALA IA 258 9.41 -46.23 49.58
N ILE IA 259 8.10 -46.43 49.46
CA ILE IA 259 7.42 -46.28 48.19
C ILE IA 259 6.51 -45.05 48.13
N ASP IA 260 6.75 -44.24 47.11
CA ASP IA 260 6.02 -43.03 46.77
C ASP IA 260 5.04 -43.26 45.59
N GLU IA 261 4.33 -42.20 45.21
CA GLU IA 261 3.32 -42.17 44.15
C GLU IA 261 2.15 -43.11 44.39
N ILE IA 262 1.68 -43.11 45.63
CA ILE IA 262 0.49 -43.85 46.07
C ILE IA 262 -0.43 -42.87 46.77
N SER IA 263 -1.69 -42.77 46.37
CA SER IA 263 -2.57 -41.87 47.11
C SER IA 263 -3.45 -42.63 48.09
N MET IA 264 -3.74 -43.89 47.77
CA MET IA 264 -4.63 -44.67 48.63
C MET IA 264 -4.07 -46.02 49.00
N VAL IA 265 -4.34 -46.44 50.23
CA VAL IA 265 -3.93 -47.76 50.69
C VAL IA 265 -5.08 -48.55 51.29
N ALA IA 266 -5.00 -49.87 51.14
CA ALA IA 266 -6.00 -50.76 51.72
C ALA IA 266 -5.43 -52.13 52.00
N VAL IA 267 -6.08 -52.86 52.89
CA VAL IA 267 -5.70 -54.23 53.21
C VAL IA 267 -6.89 -55.18 52.99
N PRO IA 268 -7.08 -55.73 51.78
CA PRO IA 268 -8.19 -56.59 51.42
C PRO IA 268 -8.38 -57.80 52.33
N ASP IA 269 -7.33 -58.54 52.73
CA ASP IA 269 -7.55 -59.90 53.38
C ASP IA 269 -7.54 -60.02 54.91
N LEU IA 270 -6.97 -59.04 55.58
CA LEU IA 270 -6.84 -59.17 57.05
C LEU IA 270 -8.23 -59.21 57.70
N MET IA 271 -9.17 -58.37 57.22
CA MET IA 271 -10.56 -58.37 57.77
C MET IA 271 -11.23 -59.70 57.45
N ALA IA 272 -10.46 -60.72 57.05
CA ALA IA 272 -11.06 -62.02 56.65
C ALA IA 272 -10.49 -63.16 57.50
N ALA IA 273 -9.26 -63.01 58.00
CA ALA IA 273 -8.60 -64.08 58.78
C ALA IA 273 -9.18 -64.11 60.20
N TYR IA 274 -10.19 -63.27 60.46
CA TYR IA 274 -10.79 -63.19 61.82
C TYR IA 274 -11.36 -64.54 62.25
N GLN IA 275 -11.74 -65.39 61.29
CA GLN IA 275 -12.38 -66.68 61.62
C GLN IA 275 -11.37 -67.82 61.45
N ARG IA 276 -10.96 -68.09 60.21
CA ARG IA 276 -10.05 -69.22 59.92
C ARG IA 276 -8.90 -69.37 60.90
N GLY IA 277 -8.30 -68.26 61.30
CA GLY IA 277 -7.18 -68.27 62.22
C GLY IA 277 -7.61 -67.69 63.55
N ALA IA 278 -8.91 -67.50 63.73
CA ALA IA 278 -9.47 -66.85 64.89
C ALA IA 278 -8.83 -65.49 65.13
N ILE IA 279 -8.58 -64.74 64.08
CA ILE IA 279 -7.94 -63.47 64.28
C ILE IA 279 -8.99 -62.42 64.53
N ASP IA 280 -9.42 -62.38 65.78
CA ASP IA 280 -10.47 -61.49 66.22
C ASP IA 280 -9.95 -60.38 67.14
N LEU IA 281 -10.87 -59.54 67.57
CA LEU IA 281 -10.65 -58.48 68.51
C LEU IA 281 -9.50 -57.56 68.12
N GLU IA 282 -8.54 -57.36 69.04
CA GLU IA 282 -7.44 -56.46 68.80
C GLU IA 282 -6.52 -56.94 67.70
N ALA IA 283 -6.57 -58.22 67.37
CA ALA IA 283 -5.67 -58.72 66.35
C ALA IA 283 -5.93 -58.01 65.02
N VAL IA 284 -7.18 -57.61 64.76
CA VAL IA 284 -7.46 -56.93 63.52
C VAL IA 284 -7.35 -55.44 63.76
N LYS IA 285 -7.87 -54.96 64.91
CA LYS IA 285 -7.81 -53.53 65.20
C LYS IA 285 -6.37 -53.01 65.09
N ALA IA 286 -5.41 -53.82 65.53
CA ALA IA 286 -4.01 -53.47 65.48
C ALA IA 286 -3.54 -53.18 64.06
N VAL IA 287 -4.08 -53.89 63.07
CA VAL IA 287 -3.63 -53.71 61.72
C VAL IA 287 -4.23 -52.43 61.20
N GLN IA 288 -5.52 -52.19 61.52
CA GLN IA 288 -6.16 -50.96 61.06
C GLN IA 288 -5.47 -49.73 61.68
N LEU IA 289 -5.04 -49.83 62.94
CA LEU IA 289 -4.36 -48.72 63.56
C LEU IA 289 -3.05 -48.45 62.86
N GLY IA 290 -2.33 -49.52 62.47
CA GLY IA 290 -1.09 -49.37 61.75
C GLY IA 290 -1.29 -48.69 60.42
N LEU IA 291 -2.25 -49.18 59.62
CA LEU IA 291 -2.45 -48.62 58.29
C LEU IA 291 -2.70 -47.11 58.40
N ILE IA 292 -3.51 -46.72 59.38
CA ILE IA 292 -3.82 -45.33 59.58
C ILE IA 292 -2.60 -44.56 60.04
N ALA IA 293 -1.86 -45.10 61.01
CA ALA IA 293 -0.69 -44.41 61.53
C ALA IA 293 0.34 -44.14 60.46
N HIS IA 294 0.53 -45.06 59.52
CA HIS IA 294 1.53 -44.84 58.50
C HIS IA 294 1.10 -43.71 57.61
N CYS IA 295 -0.19 -43.63 57.32
CA CYS IA 295 -0.68 -42.55 56.49
C CYS IA 295 -0.44 -41.22 57.18
N GLU IA 296 -0.73 -41.19 58.49
CA GLU IA 296 -0.58 -39.97 59.28
C GLU IA 296 0.87 -39.50 59.31
N LEU IA 297 1.81 -40.44 59.43
CA LEU IA 297 3.22 -40.10 59.43
C LEU IA 297 3.72 -39.56 58.10
N MET IA 298 3.26 -40.16 56.99
CA MET IA 298 3.68 -39.71 55.66
C MET IA 298 3.14 -38.34 55.30
N GLY IA 299 1.90 -38.05 55.68
CA GLY IA 299 1.26 -36.77 55.43
C GLY IA 299 0.38 -36.69 54.17
N ASP IA 300 0.50 -37.68 53.30
CA ASP IA 300 -0.28 -37.74 52.07
C ASP IA 300 -0.55 -39.16 51.67
N ARG IA 301 -1.64 -39.69 52.20
CA ARG IA 301 -2.09 -41.03 51.96
C ARG IA 301 -3.43 -41.21 52.63
N VAL IA 302 -4.37 -41.90 52.02
CA VAL IA 302 -5.63 -42.18 52.73
C VAL IA 302 -5.90 -43.67 52.84
N ALA IA 303 -6.18 -44.09 54.05
CA ALA IA 303 -6.49 -45.47 54.36
C ALA IA 303 -7.96 -45.78 54.22
N ILE IA 304 -8.25 -46.89 53.57
CA ILE IA 304 -9.62 -47.32 53.49
C ILE IA 304 -9.74 -48.56 54.35
N ILE IA 305 -10.69 -48.54 55.27
CA ILE IA 305 -10.88 -49.64 56.20
C ILE IA 305 -12.29 -50.20 56.18
N ASP IA 306 -12.43 -51.44 56.68
CA ASP IA 306 -13.73 -52.11 56.75
C ASP IA 306 -14.32 -52.22 58.15
N PRO IA 307 -15.64 -52.24 58.29
CA PRO IA 307 -16.36 -52.61 59.48
C PRO IA 307 -16.44 -54.13 59.43
N PRO IA 308 -16.70 -54.82 60.52
CA PRO IA 308 -17.01 -56.22 60.56
C PRO IA 308 -18.12 -56.58 59.55
N PRO IA 309 -18.05 -57.76 58.89
CA PRO IA 309 -18.94 -58.26 57.84
C PRO IA 309 -20.42 -58.52 58.14
N ASN IA 310 -20.81 -58.69 59.40
CA ASN IA 310 -22.22 -58.95 59.63
C ASN IA 310 -22.74 -58.26 60.86
N GLN IA 311 -23.38 -57.12 60.68
CA GLN IA 311 -23.86 -56.39 61.84
C GLN IA 311 -24.99 -55.41 61.54
N ASN IA 312 -25.76 -55.13 62.58
CA ASN IA 312 -26.84 -54.15 62.61
C ASN IA 312 -26.30 -52.74 62.60
N ALA IA 313 -27.08 -51.78 62.11
CA ALA IA 313 -26.64 -50.38 62.14
C ALA IA 313 -26.33 -49.95 63.59
N ARG IA 314 -27.06 -50.46 64.57
CA ARG IA 314 -26.72 -50.07 65.93
C ARG IA 314 -25.35 -50.58 66.33
N GLN IA 315 -24.99 -51.77 65.81
CA GLN IA 315 -23.73 -52.40 66.14
C GLN IA 315 -22.58 -51.67 65.53
N ILE IA 316 -22.73 -51.16 64.31
CA ILE IA 316 -21.60 -50.42 63.76
C ILE IA 316 -21.41 -49.15 64.54
N ARG IA 317 -22.52 -48.53 64.99
CA ARG IA 317 -22.36 -47.32 65.75
C ARG IA 317 -21.58 -47.58 67.02
N VAL IA 318 -21.88 -48.66 67.72
CA VAL IA 318 -21.14 -49.00 68.93
C VAL IA 318 -19.71 -49.41 68.60
N TRP IA 319 -19.53 -50.24 67.59
CA TRP IA 319 -18.20 -50.67 67.28
C TRP IA 319 -17.32 -49.46 66.99
N ARG IA 320 -17.76 -48.53 66.16
CA ARG IA 320 -16.90 -47.38 65.93
C ARG IA 320 -16.81 -46.41 67.10
N GLN IA 321 -17.87 -46.22 67.88
CA GLN IA 321 -17.75 -45.26 68.97
C GLN IA 321 -17.05 -45.81 70.22
N GLU IA 322 -17.23 -47.09 70.52
CA GLU IA 322 -16.66 -47.65 71.71
C GLU IA 322 -15.46 -48.57 71.50
N THR IA 323 -15.42 -49.35 70.40
CA THR IA 323 -14.31 -50.30 70.32
C THR IA 323 -13.25 -50.00 69.25
N ALA IA 324 -13.60 -49.25 68.20
CA ALA IA 324 -12.66 -48.97 67.12
C ALA IA 324 -12.79 -47.57 66.55
N GLY IA 325 -12.79 -46.55 67.39
CA GLY IA 325 -12.87 -45.21 66.85
C GLY IA 325 -11.48 -44.81 66.39
N TYR IA 326 -11.37 -43.96 65.38
CA TYR IA 326 -10.04 -43.54 64.92
C TYR IA 326 -9.78 -42.03 65.00
N ASP IA 327 -10.78 -41.20 64.66
CA ASP IA 327 -10.66 -39.73 64.75
C ASP IA 327 -9.47 -39.04 64.06
N SER IA 328 -9.28 -39.23 62.74
CA SER IA 328 -8.15 -38.57 62.08
C SER IA 328 -8.43 -38.23 60.63
N LYS IA 329 -7.53 -37.50 60.02
CA LYS IA 329 -7.69 -36.98 58.66
C LYS IA 329 -7.27 -37.95 57.58
N TYR IA 330 -6.85 -39.14 57.95
CA TYR IA 330 -6.30 -40.05 56.97
C TYR IA 330 -7.10 -41.30 56.66
N ALA IA 331 -8.41 -41.33 56.93
CA ALA IA 331 -9.13 -42.58 56.65
C ALA IA 331 -10.62 -42.42 56.37
N ALA IA 332 -11.16 -43.45 55.70
CA ALA IA 332 -12.59 -43.54 55.37
C ALA IA 332 -13.16 -44.96 55.54
N LEU IA 333 -14.45 -45.03 55.93
CA LEU IA 333 -15.17 -46.31 56.09
C LEU IA 333 -16.61 -46.22 55.57
N TYR IA 334 -17.04 -47.28 54.87
CA TYR IA 334 -18.40 -47.39 54.38
C TYR IA 334 -19.07 -48.56 55.11
N TYR IA 335 -20.30 -48.36 55.58
CA TYR IA 335 -21.00 -49.40 56.34
C TYR IA 335 -21.26 -50.77 55.70
N PRO IA 336 -21.95 -50.87 54.56
CA PRO IA 336 -22.39 -52.12 54.02
C PRO IA 336 -21.30 -52.92 53.36
N TRP IA 337 -21.52 -54.21 53.33
CA TRP IA 337 -20.73 -55.15 52.55
C TRP IA 337 -21.47 -55.46 51.26
N ILE IA 338 -20.72 -55.85 50.24
CA ILE IA 338 -21.21 -56.07 48.88
C ILE IA 338 -21.28 -57.52 48.43
N LYS IA 339 -22.38 -57.85 47.74
CA LYS IA 339 -22.51 -59.17 47.15
C LYS IA 339 -21.83 -59.12 45.78
N SER IA 340 -20.92 -60.06 45.56
CA SER IA 340 -20.15 -60.24 44.34
C SER IA 340 -20.01 -61.71 44.06
N PHE IA 341 -18.99 -62.11 43.29
CA PHE IA 341 -18.81 -63.50 42.90
C PHE IA 341 -17.36 -63.87 42.69
N ASP IA 342 -17.09 -65.18 42.57
CA ASP IA 342 -15.74 -65.67 42.36
C ASP IA 342 -15.80 -66.82 41.35
N PRO IA 343 -15.50 -66.56 40.07
CA PRO IA 343 -15.68 -67.45 38.93
C PRO IA 343 -14.84 -68.71 39.04
N ALA IA 344 -13.84 -68.70 39.92
CA ALA IA 344 -12.99 -69.85 40.11
C ALA IA 344 -13.80 -71.00 40.71
N THR IA 345 -14.79 -70.66 41.56
CA THR IA 345 -15.60 -71.66 42.26
C THR IA 345 -17.10 -71.53 41.98
N GLY IA 346 -17.61 -70.30 41.85
CA GLY IA 346 -19.05 -70.12 41.73
C GLY IA 346 -19.53 -68.69 41.51
N GLN IA 347 -20.84 -68.55 41.50
CA GLN IA 347 -21.52 -67.32 41.16
C GLN IA 347 -21.75 -66.34 42.30
N SER IA 348 -21.26 -66.65 43.50
CA SER IA 348 -21.43 -65.69 44.58
C SER IA 348 -20.31 -65.72 45.62
N ARG IA 349 -20.07 -64.55 46.22
CA ARG IA 349 -19.15 -64.34 47.33
C ARG IA 349 -19.50 -63.06 48.11
N LEU IA 350 -19.07 -63.01 49.35
CA LEU IA 350 -19.19 -61.80 50.18
C LEU IA 350 -17.88 -61.04 50.19
N VAL IA 351 -17.91 -59.77 49.76
CA VAL IA 351 -16.70 -58.97 49.71
C VAL IA 351 -16.88 -57.63 50.43
N PRO IA 352 -15.80 -57.03 50.93
CA PRO IA 352 -15.77 -55.73 51.58
C PRO IA 352 -15.96 -54.60 50.61
N PRO IA 353 -16.36 -53.41 51.08
CA PRO IA 353 -16.46 -52.18 50.32
C PRO IA 353 -15.07 -51.60 50.16
N SER IA 354 -14.23 -52.33 49.45
CA SER IA 354 -12.81 -52.05 49.26
C SER IA 354 -12.42 -52.44 47.85
N GLY IA 355 -11.40 -51.79 47.30
CA GLY IA 355 -10.96 -52.09 45.95
C GLY IA 355 -11.82 -51.33 44.95
N HIS IA 356 -13.08 -51.77 44.83
CA HIS IA 356 -14.03 -51.05 43.94
C HIS IA 356 -14.04 -49.56 44.33
N VAL IA 357 -13.99 -49.25 45.63
CA VAL IA 357 -14.04 -47.86 46.03
C VAL IA 357 -12.82 -47.11 45.51
N ALA IA 358 -11.66 -47.76 45.38
CA ALA IA 358 -10.48 -47.05 44.90
C ALA IA 358 -10.73 -46.57 43.49
N GLY IA 359 -11.46 -47.39 42.75
CA GLY IA 359 -11.77 -47.10 41.38
C GLY IA 359 -12.86 -46.04 41.22
N ILE IA 360 -13.51 -45.66 42.32
CA ILE IA 360 -14.53 -44.66 42.30
C ILE IA 360 -13.83 -43.33 42.34
N TRP IA 361 -12.84 -43.20 43.21
CA TRP IA 361 -12.14 -41.93 43.21
C TRP IA 361 -11.30 -41.86 41.97
N ALA IA 362 -10.74 -42.99 41.53
CA ALA IA 362 -9.90 -42.90 40.36
C ALA IA 362 -10.66 -42.45 39.13
N ARG IA 363 -11.90 -42.92 38.93
CA ARG IA 363 -12.63 -42.44 37.77
C ARG IA 363 -12.98 -40.98 37.95
N ASN IA 364 -13.45 -40.61 39.13
CA ASN IA 364 -13.86 -39.24 39.37
C ASN IA 364 -12.76 -38.25 39.14
N ASP IA 365 -11.61 -38.55 39.70
CA ASP IA 365 -10.50 -37.65 39.68
C ASP IA 365 -9.88 -37.59 38.30
N SER IA 366 -9.84 -38.72 37.57
CA SER IA 366 -9.26 -38.71 36.24
C SER IA 366 -10.20 -38.17 35.16
N GLU IA 367 -11.52 -38.26 35.35
CA GLU IA 367 -12.42 -37.75 34.31
C GLU IA 367 -12.96 -36.35 34.58
N ARG IA 368 -13.23 -35.98 35.83
CA ARG IA 368 -13.76 -34.65 36.07
C ARG IA 368 -12.80 -33.81 36.88
N GLY IA 369 -12.12 -34.45 37.84
CA GLY IA 369 -11.19 -33.73 38.73
C GLY IA 369 -11.51 -34.00 40.19
N VAL IA 370 -10.73 -33.44 41.11
CA VAL IA 370 -10.99 -33.61 42.57
C VAL IA 370 -11.86 -32.45 43.04
N HIS IA 371 -12.40 -31.67 42.10
CA HIS IA 371 -13.26 -30.51 42.45
C HIS IA 371 -14.48 -30.98 43.26
N LYS IA 372 -15.10 -32.09 42.86
CA LYS IA 372 -16.33 -32.58 43.54
C LYS IA 372 -16.10 -34.01 44.03
N ALA IA 373 -16.85 -34.43 45.06
CA ALA IA 373 -16.70 -35.80 45.61
C ALA IA 373 -17.47 -36.80 44.74
N PRO IA 374 -16.99 -38.05 44.59
CA PRO IA 374 -17.71 -39.06 43.83
C PRO IA 374 -18.83 -39.63 44.66
N ALA IA 375 -19.75 -38.78 45.05
CA ALA IA 375 -20.79 -39.18 45.96
C ALA IA 375 -22.04 -39.70 45.26
N ASN IA 376 -22.04 -39.76 43.94
CA ASN IA 376 -23.16 -40.31 43.19
C ASN IA 376 -22.70 -41.39 42.25
N GLU IA 377 -21.53 -41.94 42.48
CA GLU IA 377 -21.03 -42.87 41.49
C GLU IA 377 -21.51 -44.30 41.65
N VAL IA 378 -21.57 -45.00 40.53
CA VAL IA 378 -22.01 -46.38 40.44
C VAL IA 378 -20.95 -47.42 40.70
N VAL IA 379 -21.29 -48.36 41.57
CA VAL IA 379 -20.37 -49.42 41.85
C VAL IA 379 -20.60 -50.42 40.75
N ARG IA 380 -19.82 -50.30 39.71
CA ARG IA 380 -20.04 -51.04 38.47
C ARG IA 380 -20.03 -52.54 38.62
N GLY IA 381 -19.20 -53.06 39.49
CA GLY IA 381 -19.11 -54.50 39.65
C GLY IA 381 -19.99 -55.09 40.74
N ALA IA 382 -20.84 -54.30 41.38
CA ALA IA 382 -21.66 -54.87 42.46
C ALA IA 382 -22.78 -55.69 41.87
N VAL IA 383 -23.11 -56.80 42.52
CA VAL IA 383 -24.27 -57.56 42.10
C VAL IA 383 -25.43 -57.07 42.92
N ASP IA 384 -25.22 -57.01 44.22
CA ASP IA 384 -26.23 -56.56 45.15
C ASP IA 384 -25.55 -56.12 46.44
N LEU IA 385 -26.34 -55.65 47.41
CA LEU IA 385 -25.82 -55.26 48.72
C LEU IA 385 -26.28 -56.24 49.79
N GLU IA 386 -25.50 -56.41 50.86
CA GLU IA 386 -25.97 -57.30 51.94
C GLU IA 386 -27.21 -56.75 52.63
N LEU IA 387 -27.26 -55.45 52.78
CA LEU IA 387 -28.38 -54.80 53.43
C LEU IA 387 -28.75 -53.53 52.69
N GLN IA 388 -30.04 -53.32 52.51
CA GLN IA 388 -30.53 -52.08 51.91
C GLN IA 388 -30.85 -51.10 53.00
N ILE IA 389 -30.05 -50.07 53.06
CA ILE IA 389 -30.11 -49.09 54.12
C ILE IA 389 -31.34 -48.22 53.99
N THR IA 390 -32.08 -48.11 55.09
CA THR IA 390 -33.30 -47.31 55.13
C THR IA 390 -33.05 -45.93 55.67
N ARG IA 391 -34.10 -45.14 55.77
CA ARG IA 391 -33.92 -43.75 56.18
C ARG IA 391 -33.44 -43.62 57.62
N GLY IA 392 -34.01 -44.37 58.54
CA GLY IA 392 -33.56 -44.28 59.92
C GLY IA 392 -32.10 -44.67 60.03
N GLU IA 393 -31.67 -45.64 59.24
CA GLU IA 393 -30.29 -46.09 59.23
C GLU IA 393 -29.37 -45.04 58.64
N GLN IA 394 -29.83 -44.35 57.58
CA GLN IA 394 -29.02 -43.29 57.01
C GLN IA 394 -28.88 -42.16 58.03
N ASP IA 395 -29.94 -41.87 58.77
CA ASP IA 395 -29.90 -40.78 59.79
C ASP IA 395 -28.97 -41.18 60.93
N LEU IA 396 -28.96 -42.47 61.29
CA LEU IA 396 -28.09 -42.99 62.34
C LEU IA 396 -26.62 -42.84 61.95
N LEU IA 397 -26.28 -43.19 60.70
CA LEU IA 397 -24.86 -43.18 60.28
C LEU IA 397 -24.37 -41.76 59.97
N ASN IA 398 -25.20 -40.92 59.33
CA ASN IA 398 -24.71 -39.60 58.94
C ASN IA 398 -23.90 -38.82 60.01
N PRO IA 399 -24.41 -38.56 61.22
CA PRO IA 399 -23.76 -37.77 62.24
C PRO IA 399 -22.58 -38.46 62.90
N ILE IA 400 -22.32 -39.73 62.59
CA ILE IA 400 -21.22 -40.40 63.24
C ILE IA 400 -20.08 -40.59 62.25
N GLY IA 401 -20.27 -40.08 61.02
CA GLY IA 401 -19.24 -40.16 59.99
C GLY IA 401 -19.15 -41.45 59.18
N VAL IA 402 -20.21 -42.26 59.15
CA VAL IA 402 -20.13 -43.49 58.38
C VAL IA 402 -20.78 -43.31 57.02
N ASN IA 403 -20.07 -43.67 55.97
CA ASN IA 403 -20.64 -43.48 54.66
C ASN IA 403 -21.49 -44.67 54.24
N CYS IA 404 -22.44 -44.44 53.35
CA CYS IA 404 -23.33 -45.48 52.87
C CYS IA 404 -23.26 -45.71 51.38
N ILE IA 405 -23.59 -46.95 51.00
CA ILE IA 405 -23.78 -47.41 49.62
C ILE IA 405 -25.22 -47.92 49.59
N ARG IA 406 -26.02 -47.46 48.63
CA ARG IA 406 -27.44 -47.81 48.53
C ARG IA 406 -27.95 -48.10 47.12
N SER IA 407 -29.00 -48.94 47.04
CA SER IA 407 -29.63 -49.28 45.76
C SER IA 407 -30.86 -48.43 45.46
N PHE IA 408 -30.86 -47.82 44.28
CA PHE IA 408 -31.96 -46.96 43.84
C PHE IA 408 -32.79 -47.53 42.66
N PRO IA 409 -34.10 -47.22 42.59
CA PRO IA 409 -35.08 -47.75 41.67
C PRO IA 409 -34.94 -47.26 40.23
N GLY IA 410 -33.90 -47.76 39.58
CA GLY IA 410 -33.58 -47.40 38.21
C GLY IA 410 -32.31 -46.56 38.13
N ARG IA 411 -31.67 -46.36 39.26
CA ARG IA 411 -30.44 -45.59 39.29
C ARG IA 411 -29.24 -46.50 39.61
N GLY IA 412 -29.50 -47.71 40.12
CA GLY IA 412 -28.44 -48.68 40.42
C GLY IA 412 -27.83 -48.56 41.80
N ILE IA 413 -26.66 -49.17 41.97
CA ILE IA 413 -25.99 -49.20 43.26
C ILE IA 413 -24.94 -48.15 43.27
N ARG IA 414 -25.14 -47.17 44.14
CA ARG IA 414 -24.29 -46.01 44.20
C ARG IA 414 -23.72 -45.74 45.56
N VAL IA 415 -22.57 -45.08 45.56
CA VAL IA 415 -21.92 -44.64 46.76
C VAL IA 415 -22.56 -43.31 47.08
N TRP IA 416 -22.95 -43.10 48.34
CA TRP IA 416 -23.71 -41.85 48.65
C TRP IA 416 -23.01 -40.98 49.70
N GLY IA 417 -22.41 -41.58 50.73
CA GLY IA 417 -21.85 -40.74 51.78
C GLY IA 417 -20.57 -40.09 51.29
N ALA IA 418 -20.17 -38.97 51.91
CA ALA IA 418 -18.93 -38.31 51.52
C ALA IA 418 -18.12 -37.75 52.69
N ARG IA 419 -18.14 -38.41 53.85
CA ARG IA 419 -17.38 -37.91 55.00
C ARG IA 419 -16.23 -38.76 55.46
N THR IA 420 -15.31 -38.09 56.14
CA THR IA 420 -14.09 -38.65 56.70
C THR IA 420 -14.29 -39.18 58.11
N LEU IA 421 -13.35 -40.01 58.57
CA LEU IA 421 -13.42 -40.51 59.93
C LEU IA 421 -12.73 -39.57 60.91
N SER IA 422 -13.28 -38.37 61.06
CA SER IA 422 -12.73 -37.32 61.92
C SER IA 422 -13.75 -36.40 62.55
N SER IA 423 -13.49 -36.03 63.80
CA SER IA 423 -14.32 -35.10 64.53
C SER IA 423 -14.06 -33.64 64.21
N ASP IA 424 -12.97 -33.33 63.50
CA ASP IA 424 -12.59 -31.94 63.19
C ASP IA 424 -13.43 -31.37 62.06
N PRO IA 425 -14.31 -30.36 62.29
CA PRO IA 425 -15.19 -29.78 61.29
C PRO IA 425 -14.45 -29.42 59.99
N ALA IA 426 -13.19 -28.96 60.13
CA ALA IA 426 -12.43 -28.56 58.96
C ALA IA 426 -12.22 -29.67 57.97
N TRP IA 427 -12.08 -30.88 58.46
CA TRP IA 427 -11.74 -31.99 57.62
C TRP IA 427 -12.82 -33.03 57.51
N ARG IA 428 -14.08 -32.63 57.68
CA ARG IA 428 -15.19 -33.58 57.59
C ARG IA 428 -15.42 -34.17 56.22
N TYR IA 429 -15.09 -33.45 55.16
CA TYR IA 429 -15.39 -33.97 53.84
C TYR IA 429 -14.21 -34.50 53.08
N LEU IA 430 -14.46 -35.59 52.38
CA LEU IA 430 -13.45 -36.25 51.58
C LEU IA 430 -12.96 -35.39 50.45
N ASN IA 431 -13.85 -34.61 49.87
CA ASN IA 431 -13.49 -33.76 48.75
C ASN IA 431 -12.41 -32.76 49.09
N ILE IA 432 -12.49 -32.22 50.30
CA ILE IA 432 -11.55 -31.20 50.70
C ILE IA 432 -10.24 -31.84 51.00
N ARG IA 433 -10.29 -32.99 51.69
CA ARG IA 433 -9.03 -33.68 52.08
C ARG IA 433 -8.24 -34.07 50.82
N ARG IA 434 -8.95 -34.49 49.77
CA ARG IA 434 -8.31 -34.91 48.53
C ARG IA 434 -7.80 -33.74 47.74
N TYR IA 435 -8.54 -32.64 47.74
CA TYR IA 435 -8.15 -31.43 47.04
C TYR IA 435 -6.81 -30.96 47.53
N PHE IA 436 -6.65 -30.88 48.84
CA PHE IA 436 -5.39 -30.41 49.35
C PHE IA 436 -4.24 -31.35 49.07
N ASN IA 437 -4.46 -32.67 49.14
CA ASN IA 437 -3.32 -33.54 48.83
C ASN IA 437 -2.90 -33.39 47.38
N TYR IA 438 -3.86 -33.19 46.49
CA TYR IA 438 -3.54 -32.98 45.09
C TYR IA 438 -2.65 -31.77 44.90
N LEU IA 439 -3.04 -30.67 45.53
CA LEU IA 439 -2.25 -29.46 45.36
C LEU IA 439 -0.84 -29.68 45.88
N GLU IA 440 -0.70 -30.39 47.00
CA GLU IA 440 0.61 -30.61 47.56
C GLU IA 440 1.49 -31.41 46.63
N GLU IA 441 0.95 -32.45 46.01
CA GLU IA 441 1.81 -33.20 45.12
C GLU IA 441 2.36 -32.33 44.01
N SER IA 442 1.51 -31.48 43.42
CA SER IA 442 1.99 -30.64 42.32
C SER IA 442 2.99 -29.59 42.78
N ILE IA 443 2.75 -28.97 43.92
CA ILE IA 443 3.68 -27.95 44.37
C ILE IA 443 5.04 -28.53 44.70
N LEU IA 444 5.07 -29.68 45.37
CA LEU IA 444 6.37 -30.23 45.72
C LEU IA 444 7.15 -30.69 44.51
N ILE IA 445 6.50 -31.35 43.55
CA ILE IA 445 7.28 -31.82 42.41
C ILE IA 445 7.82 -30.64 41.61
N GLY IA 446 7.09 -29.54 41.62
CA GLY IA 446 7.49 -28.34 40.92
C GLY IA 446 8.72 -27.61 41.47
N THR IA 447 9.19 -27.91 42.69
CA THR IA 447 10.36 -27.15 43.16
C THR IA 447 11.61 -27.99 43.34
N GLN IA 448 12.62 -27.69 42.52
CA GLN IA 448 13.91 -28.37 42.56
C GLN IA 448 14.95 -27.61 43.35
N TRP IA 449 14.56 -26.44 43.82
CA TRP IA 449 15.45 -25.51 44.50
C TRP IA 449 15.63 -25.87 45.94
N VAL IA 450 16.25 -27.01 46.18
CA VAL IA 450 16.38 -27.50 47.54
C VAL IA 450 17.69 -27.04 48.16
N VAL IA 451 18.79 -27.21 47.43
CA VAL IA 451 20.07 -26.76 47.95
C VAL IA 451 20.73 -25.85 46.94
N PHE IA 452 20.47 -24.55 47.08
CA PHE IA 452 21.01 -23.53 46.19
C PHE IA 452 20.88 -22.14 46.81
N GLU IA 453 21.91 -21.72 47.55
CA GLU IA 453 21.93 -20.42 48.21
C GLU IA 453 20.65 -20.15 49.00
N PRO IA 454 20.41 -20.95 50.04
CA PRO IA 454 19.23 -20.82 50.91
C PRO IA 454 19.06 -19.41 51.45
N ASN IA 455 19.99 -18.52 51.13
CA ASN IA 455 19.93 -17.11 51.61
C ASN IA 455 19.46 -16.21 50.47
N ASP IA 456 19.74 -16.58 49.22
CA ASP IA 456 19.37 -15.72 48.06
C ASP IA 456 17.92 -15.27 48.21
N HIS IA 457 17.68 -13.96 48.14
CA HIS IA 457 16.30 -13.41 48.22
C HIS IA 457 15.64 -13.53 46.85
N ASN IA 458 16.43 -13.48 45.78
CA ASN IA 458 15.86 -13.53 44.45
C ASN IA 458 15.06 -14.82 44.31
N LEU IA 459 15.37 -15.81 45.16
CA LEU IA 459 14.63 -17.03 45.14
C LEU IA 459 13.21 -16.77 45.61
N TRP IA 460 12.99 -15.80 46.50
CA TRP IA 460 11.65 -15.58 46.99
C TRP IA 460 10.81 -15.14 45.83
N ALA IA 461 11.39 -14.28 45.00
CA ALA IA 461 10.65 -13.81 43.84
C ALA IA 461 10.34 -14.94 42.88
N ARG IA 462 11.28 -15.86 42.69
CA ARG IA 462 11.05 -16.97 41.78
C ARG IA 462 9.96 -17.90 42.33
N ILE IA 463 9.92 -18.04 43.65
CA ILE IA 463 8.89 -18.85 44.27
C ILE IA 463 7.53 -18.24 44.07
N ARG IA 464 7.39 -16.94 44.32
CA ARG IA 464 6.08 -16.34 44.18
C ARG IA 464 5.61 -16.51 42.77
N ARG IA 465 6.50 -16.37 41.81
CA ARG IA 465 6.13 -16.51 40.44
C ARG IA 465 5.53 -17.86 40.12
N ASN IA 466 6.20 -18.94 40.55
CA ASN IA 466 5.70 -20.24 40.20
C ASN IA 466 4.40 -20.60 40.90
N VAL IA 467 4.27 -20.17 42.16
CA VAL IA 467 3.09 -20.51 42.92
C VAL IA 467 1.89 -19.78 42.37
N SER IA 468 2.04 -18.50 42.08
CA SER IA 468 0.94 -17.73 41.54
C SER IA 468 0.49 -18.28 40.23
N ALA IA 469 1.40 -18.62 39.33
CA ALA IA 469 0.96 -19.10 38.05
C ALA IA 469 0.11 -20.37 38.18
N PHE IA 470 0.51 -21.27 39.08
CA PHE IA 470 -0.26 -22.49 39.27
C PHE IA 470 -1.65 -22.24 39.84
N LEU IA 471 -1.73 -21.44 40.89
CA LEU IA 471 -3.03 -21.30 41.51
C LEU IA 471 -3.97 -20.43 40.73
N VAL IA 472 -3.47 -19.44 40.01
CA VAL IA 472 -4.40 -18.65 39.22
C VAL IA 472 -5.00 -19.54 38.13
N ASN IA 473 -4.19 -20.41 37.53
CA ASN IA 473 -4.74 -21.29 36.53
C ASN IA 473 -5.92 -22.09 37.09
N GLU IA 474 -5.86 -22.48 38.37
CA GLU IA 474 -6.95 -23.21 39.02
C GLU IA 474 -8.18 -22.30 39.25
N TRP IA 475 -7.93 -21.03 39.59
CA TRP IA 475 -8.99 -20.03 39.77
C TRP IA 475 -9.80 -19.84 38.52
N ARG IA 476 -9.13 -19.85 37.38
CA ARG IA 476 -9.77 -19.62 36.10
C ARG IA 476 -10.63 -20.81 35.63
N ASN IA 477 -10.61 -21.88 36.43
CA ASN IA 477 -11.34 -23.11 36.26
C ASN IA 477 -12.25 -23.23 37.49
N GLY IA 478 -12.58 -24.43 37.95
CA GLY IA 478 -13.57 -24.55 39.03
C GLY IA 478 -13.03 -24.69 40.45
N ALA IA 479 -11.73 -24.50 40.66
CA ALA IA 479 -11.17 -24.75 41.97
C ALA IA 479 -11.58 -23.81 43.11
N LEU IA 480 -11.78 -22.52 42.83
CA LEU IA 480 -11.98 -21.61 43.94
C LEU IA 480 -13.28 -20.85 43.96
N PHE IA 481 -13.80 -20.69 45.15
CA PHE IA 481 -15.07 -20.03 45.35
C PHE IA 481 -14.94 -18.51 45.44
N GLY IA 482 -14.68 -17.86 44.31
CA GLY IA 482 -14.55 -16.39 44.31
C GLY IA 482 -14.49 -15.75 42.92
N GLN IA 483 -14.73 -14.43 42.89
CA GLN IA 483 -14.80 -13.62 41.66
C GLN IA 483 -13.49 -13.15 41.06
N SER IA 484 -12.43 -13.30 41.79
CA SER IA 484 -11.12 -12.82 41.39
C SER IA 484 -10.09 -13.46 42.27
N PRO IA 485 -8.87 -13.75 41.79
CA PRO IA 485 -7.80 -14.26 42.61
C PRO IA 485 -7.61 -13.37 43.84
N ASP IA 486 -7.89 -12.07 43.73
CA ASP IA 486 -7.71 -11.20 44.88
C ASP IA 486 -8.53 -11.64 46.10
N GLN IA 487 -9.70 -12.22 45.88
CA GLN IA 487 -10.55 -12.67 46.96
C GLN IA 487 -10.62 -14.17 47.05
N ALA IA 488 -9.74 -14.87 46.32
CA ALA IA 488 -9.82 -16.33 46.27
C ALA IA 488 -8.49 -17.02 46.56
N TYR IA 489 -7.38 -16.34 46.23
CA TYR IA 489 -6.06 -16.99 46.37
C TYR IA 489 -5.02 -16.01 46.91
N TYR IA 490 -4.16 -16.49 47.81
CA TYR IA 490 -3.10 -15.67 48.38
C TYR IA 490 -1.74 -16.35 48.47
N VAL IA 491 -0.68 -15.64 48.11
CA VAL IA 491 0.68 -16.12 48.34
C VAL IA 491 1.59 -15.00 48.83
N LYS IA 492 2.42 -15.30 49.82
CA LYS IA 492 3.42 -14.35 50.25
C LYS IA 492 4.74 -15.01 50.64
N CYS IA 493 5.84 -14.40 50.22
CA CYS IA 493 7.17 -14.90 50.52
C CYS IA 493 8.11 -13.71 50.54
N ASP IA 494 8.55 -13.35 51.73
CA ASP IA 494 9.34 -12.15 51.98
C ASP IA 494 10.28 -12.33 53.15
N GLU IA 495 11.05 -11.30 53.48
CA GLU IA 495 12.00 -11.35 54.58
C GLU IA 495 11.32 -11.68 55.90
N GLU IA 496 10.12 -11.19 56.10
CA GLU IA 496 9.41 -11.47 57.33
C GLU IA 496 8.95 -12.93 57.44
N THR IA 497 8.94 -13.67 56.32
CA THR IA 497 8.48 -15.06 56.36
C THR IA 497 9.72 -15.95 56.38
N ASN IA 498 10.86 -15.38 55.96
CA ASN IA 498 12.18 -16.01 55.90
C ASN IA 498 13.15 -15.14 56.69
N PRO IA 499 13.16 -15.26 58.04
CA PRO IA 499 13.83 -14.40 59.01
C PRO IA 499 15.30 -14.24 58.62
N PRO IA 500 15.91 -13.09 58.99
CA PRO IA 500 17.23 -12.64 58.62
C PRO IA 500 18.34 -13.57 59.01
N GLU IA 501 18.12 -14.37 60.07
CA GLU IA 501 19.12 -15.38 60.48
C GLU IA 501 19.18 -16.48 59.43
N SER IA 502 18.02 -17.05 59.07
CA SER IA 502 17.95 -18.12 58.03
C SER IA 502 19.03 -19.17 58.30
N VAL IA 503 18.98 -19.80 59.48
CA VAL IA 503 20.04 -20.80 59.86
C VAL IA 503 19.67 -22.17 59.26
N ASP IA 504 20.19 -22.47 58.07
CA ASP IA 504 19.94 -23.80 57.43
C ASP IA 504 18.44 -24.00 57.24
N LEU IA 505 17.66 -22.92 57.23
CA LEU IA 505 16.19 -23.01 57.05
C LEU IA 505 15.69 -21.85 56.20
N GLY IA 506 14.61 -22.05 55.44
CA GLY IA 506 14.06 -20.99 54.58
C GLY IA 506 12.86 -21.48 53.78
N ARG IA 507 12.80 -21.11 52.50
CA ARG IA 507 11.68 -21.54 51.62
C ARG IA 507 10.35 -21.39 52.35
N VAL IA 508 10.17 -20.31 53.12
CA VAL IA 508 8.89 -20.16 53.76
C VAL IA 508 7.96 -19.37 52.87
N VAL IA 509 6.82 -19.98 52.55
CA VAL IA 509 5.84 -19.37 51.69
C VAL IA 509 4.48 -19.42 52.37
N CYS IA 510 3.86 -18.30 52.60
CA CYS IA 510 2.57 -18.29 53.26
C CYS IA 510 1.48 -18.34 52.21
N GLU IA 511 0.53 -19.26 52.37
CA GLU IA 511 -0.52 -19.38 51.36
C GLU IA 511 -1.94 -19.53 51.90
N ILE IA 512 -2.92 -19.00 51.15
CA ILE IA 512 -4.32 -19.24 51.47
C ILE IA 512 -4.92 -20.04 50.33
N GLY IA 513 -5.33 -21.28 50.66
CA GLY IA 513 -5.81 -22.26 49.70
C GLY IA 513 -7.13 -21.94 49.03
N ILE IA 514 -8.03 -21.35 49.81
CA ILE IA 514 -9.37 -20.96 49.39
C ILE IA 514 -9.89 -20.13 50.54
N ALA IA 515 -9.33 -20.45 51.70
CA ALA IA 515 -9.60 -19.84 53.00
C ALA IA 515 -8.68 -20.44 54.08
N PRO IA 516 -8.45 -21.77 54.16
CA PRO IA 516 -7.52 -22.38 55.08
C PRO IA 516 -6.13 -21.86 54.81
N VAL IA 517 -5.37 -21.71 55.87
CA VAL IA 517 -4.01 -21.23 55.77
C VAL IA 517 -2.99 -22.39 55.77
N LYS IA 518 -2.06 -22.33 54.80
CA LYS IA 518 -0.98 -23.28 54.53
C LYS IA 518 0.24 -22.48 54.05
N MET JA 1 -22.51 -2.89 33.45
CA MET JA 1 -23.73 -2.30 32.89
C MET JA 1 -24.27 -1.17 33.83
N SER JA 2 -23.36 -0.30 34.32
CA SER JA 2 -23.61 0.83 35.25
C SER JA 2 -24.38 2.01 34.66
N LEU JA 3 -24.34 2.12 33.36
CA LEU JA 3 -25.00 3.19 32.63
C LEU JA 3 -26.11 2.58 31.79
N PRO JA 4 -27.14 3.34 31.36
CA PRO JA 4 -28.17 2.94 30.39
C PRO JA 4 -27.61 2.85 28.97
N LYS JA 5 -26.46 3.48 28.81
CA LYS JA 5 -25.67 3.62 27.59
C LYS JA 5 -24.99 2.36 26.94
N PRO JA 6 -24.57 1.37 27.77
CA PRO JA 6 -23.84 0.23 27.27
C PRO JA 6 -24.72 -0.89 26.72
N GLU JA 7 -24.12 -1.72 25.90
CA GLU JA 7 -24.79 -2.83 25.31
C GLU JA 7 -24.06 -4.05 25.76
N ASP JA 8 -24.71 -5.18 25.79
CA ASP JA 8 -23.96 -6.35 26.14
C ASP JA 8 -22.85 -6.43 25.13
N VAL JA 9 -21.60 -6.53 25.60
CA VAL JA 9 -20.45 -6.67 24.68
C VAL JA 9 -20.17 -8.17 24.58
N LEU JA 10 -19.86 -8.69 23.38
CA LEU JA 10 -19.63 -10.10 23.39
C LEU JA 10 -18.46 -10.38 24.36
N VAL JA 11 -18.77 -11.12 25.43
CA VAL JA 11 -17.84 -11.43 26.52
C VAL JA 11 -17.60 -12.89 26.81
N ALA JA 12 -18.68 -13.67 26.97
CA ALA JA 12 -18.54 -15.08 27.33
C ALA JA 12 -19.83 -15.87 27.34
N PRO JA 13 -20.31 -16.32 26.15
CA PRO JA 13 -21.50 -17.17 26.07
C PRO JA 13 -21.10 -18.54 26.61
N ASN JA 14 -21.94 -19.14 27.44
CA ASN JA 14 -21.60 -20.41 28.05
C ASN JA 14 -22.73 -21.41 28.00
N PHE JA 15 -22.48 -22.63 28.49
CA PHE JA 15 -23.51 -23.66 28.41
C PHE JA 15 -23.89 -24.46 29.65
N GLY JA 16 -25.14 -24.32 30.00
CA GLY JA 16 -25.76 -25.04 31.09
C GLY JA 16 -26.25 -26.35 30.52
N ILE JA 17 -25.32 -27.25 30.26
CA ILE JA 17 -25.62 -28.50 29.59
C ILE JA 17 -25.22 -29.75 30.36
N GLN JA 18 -25.79 -30.89 29.95
CA GLN JA 18 -25.58 -32.20 30.59
C GLN JA 18 -24.46 -33.05 29.97
N ILE JA 19 -23.78 -32.46 29.01
CA ILE JA 19 -22.70 -33.09 28.26
C ILE JA 19 -21.48 -32.18 28.45
N ASP JA 20 -20.28 -32.74 28.52
CA ASP JA 20 -19.11 -31.88 28.81
C ASP JA 20 -18.54 -31.12 27.63
N GLY JA 21 -19.34 -30.17 27.16
CA GLY JA 21 -19.02 -29.27 26.06
C GLY JA 21 -18.25 -28.08 26.62
N VAL JA 22 -17.10 -28.37 27.22
CA VAL JA 22 -16.35 -27.36 27.96
C VAL JA 22 -15.65 -26.26 27.17
N MET JA 23 -15.09 -26.52 26.00
CA MET JA 23 -14.42 -25.41 25.34
C MET JA 23 -14.89 -25.20 23.92
N VAL JA 24 -15.40 -24.00 23.69
CA VAL JA 24 -16.02 -23.62 22.44
C VAL JA 24 -15.49 -22.34 21.82
N GLU JA 25 -15.77 -22.18 20.53
CA GLU JA 25 -15.42 -20.95 19.82
C GLU JA 25 -16.63 -20.08 19.52
N TYR JA 26 -17.74 -20.67 19.08
CA TYR JA 26 -18.91 -19.88 18.73
C TYR JA 26 -20.23 -20.61 18.76
N LEU JA 27 -21.28 -19.79 18.78
CA LEU JA 27 -22.65 -20.21 18.63
C LEU JA 27 -23.38 -19.31 17.63
N ASN JA 28 -23.94 -19.93 16.58
CA ASN JA 28 -24.62 -19.19 15.52
C ASN JA 28 -26.07 -19.64 15.27
N SER JA 29 -26.72 -18.95 14.32
CA SER JA 29 -28.09 -19.21 13.85
C SER JA 29 -29.17 -19.24 14.93
N VAL JA 30 -29.18 -18.25 15.80
CA VAL JA 30 -30.20 -18.19 16.83
C VAL JA 30 -31.28 -17.16 16.50
N SER JA 31 -32.52 -17.62 16.38
CA SER JA 31 -33.66 -16.78 16.02
C SER JA 31 -34.98 -17.27 16.60
N ASN JA 32 -35.98 -16.37 16.60
CA ASN JA 32 -37.34 -16.61 17.08
C ASN JA 32 -38.41 -16.22 16.04
N LEU JA 33 -39.01 -17.21 15.38
CA LEU JA 33 -39.97 -16.90 14.32
C LEU JA 33 -41.46 -17.14 14.59
N GLN JA 34 -42.27 -16.20 14.11
CA GLN JA 34 -43.72 -16.24 14.22
C GLN JA 34 -44.23 -16.25 12.79
N ILE JA 35 -45.11 -17.19 12.46
CA ILE JA 35 -45.62 -17.30 11.09
C ILE JA 35 -46.83 -16.44 10.76
N GLU JA 36 -46.68 -15.60 9.74
CA GLU JA 36 -47.78 -14.73 9.27
C GLU JA 36 -48.37 -15.22 7.94
N GLN JA 37 -49.60 -14.79 7.62
CA GLN JA 37 -50.15 -15.08 6.28
C GLN JA 37 -50.92 -13.89 5.72
N ASP JA 38 -50.92 -13.74 4.38
CA ASP JA 38 -51.60 -12.66 3.66
C ASP JA 38 -52.96 -12.96 3.10
N VAL JA 39 -53.97 -12.32 3.63
CA VAL JA 39 -55.32 -12.57 3.16
C VAL JA 39 -56.01 -11.35 2.59
N ILE JA 40 -56.48 -11.43 1.34
CA ILE JA 40 -57.12 -10.29 0.70
C ILE JA 40 -58.59 -10.50 0.35
N ARG JA 41 -59.44 -9.56 0.79
CA ARG JA 41 -60.87 -9.64 0.52
C ARG JA 41 -61.48 -8.31 0.12
N TYR JA 42 -62.67 -8.37 -0.46
CA TYR JA 42 -63.40 -7.16 -0.89
C TYR JA 42 -64.49 -6.74 0.10
N GLN JA 43 -64.60 -5.44 0.34
CA GLN JA 43 -65.58 -4.86 1.27
C GLN JA 43 -67.04 -4.87 0.79
N GLN JA 44 -67.97 -4.85 1.75
CA GLN JA 44 -69.41 -4.85 1.47
C GLN JA 44 -69.83 -3.69 0.58
N ASN JA 45 -70.02 -4.00 -0.70
CA ASN JA 45 -70.38 -3.12 -1.79
C ASN JA 45 -70.04 -1.65 -1.60
N GLN JA 46 -68.90 -1.34 -1.00
CA GLN JA 46 -68.58 0.06 -0.80
C GLN JA 46 -67.63 0.64 -1.84
N GLY JA 47 -67.16 -0.16 -2.79
CA GLY JA 47 -66.21 0.38 -3.75
C GLY JA 47 -64.81 0.53 -3.16
N THR JA 48 -64.44 -0.34 -2.26
CA THR JA 48 -63.14 -0.24 -1.65
C THR JA 48 -62.21 -1.15 -2.38
N THR JA 49 -60.94 -0.99 -2.10
CA THR JA 49 -59.95 -1.87 -2.64
C THR JA 49 -60.07 -3.08 -1.78
N GLY JA 50 -59.37 -4.12 -2.12
CA GLY JA 50 -59.47 -5.23 -1.23
C GLY JA 50 -58.73 -4.79 0.01
N ARG JA 51 -58.91 -5.55 1.09
CA ARG JA 51 -58.25 -5.28 2.36
C ARG JA 51 -57.36 -6.45 2.70
N ASN JA 52 -56.10 -6.17 2.99
CA ASN JA 52 -55.14 -7.21 3.31
C ASN JA 52 -55.01 -7.37 4.81
N ASN JA 53 -55.25 -8.57 5.29
CA ASN JA 53 -55.14 -8.95 6.69
C ASN JA 53 -53.82 -9.64 6.95
N VAL JA 54 -52.88 -8.99 7.63
CA VAL JA 54 -51.59 -9.67 7.86
C VAL JA 54 -51.33 -9.76 9.34
N THR JA 55 -52.37 -9.68 10.13
CA THR JA 55 -52.22 -9.72 11.59
C THR JA 55 -52.61 -11.07 12.13
N LEU JA 56 -52.80 -11.97 11.20
CA LEU JA 56 -53.16 -13.33 11.48
C LEU JA 56 -51.95 -14.00 12.09
N MET JA 57 -52.18 -14.91 13.00
CA MET JA 57 -51.10 -15.59 13.71
C MET JA 57 -51.19 -17.11 13.63
N PRO JA 58 -51.06 -17.72 12.43
CA PRO JA 58 -51.21 -19.15 12.18
C PRO JA 58 -50.21 -20.13 12.80
N GLY JA 59 -48.99 -19.72 13.14
CA GLY JA 59 -48.13 -20.75 13.74
C GLY JA 59 -46.70 -20.31 14.02
N VAL JA 60 -45.93 -21.19 14.67
CA VAL JA 60 -44.54 -20.90 15.06
C VAL JA 60 -43.55 -21.92 14.48
N ALA JA 61 -42.43 -21.41 13.94
CA ALA JA 61 -41.36 -22.19 13.33
C ALA JA 61 -40.48 -22.90 14.35
N LYS JA 62 -39.86 -24.01 13.93
CA LYS JA 62 -38.89 -24.76 14.73
C LYS JA 62 -37.60 -24.81 13.92
N ASP JA 63 -36.46 -24.94 14.59
CA ASP JA 63 -35.17 -24.97 13.89
C ASP JA 63 -34.06 -25.59 14.75
N GLY JA 64 -32.82 -25.40 14.34
CA GLY JA 64 -31.66 -25.93 15.04
C GLY JA 64 -30.57 -24.88 15.19
N SER JA 65 -29.72 -25.04 16.19
CA SER JA 65 -28.64 -24.09 16.44
C SER JA 65 -27.26 -24.71 16.22
N VAL JA 66 -26.43 -24.01 15.46
CA VAL JA 66 -25.06 -24.46 15.16
C VAL JA 66 -24.09 -24.08 16.28
N GLN JA 67 -23.09 -24.92 16.51
CA GLN JA 67 -22.09 -24.68 17.54
C GLN JA 67 -20.78 -25.31 17.20
N VAL JA 68 -19.70 -24.56 17.47
CA VAL JA 68 -18.34 -25.05 17.10
C VAL JA 68 -17.52 -25.44 18.33
N GLU JA 69 -17.05 -26.69 18.38
CA GLU JA 69 -16.20 -27.17 19.42
C GLU JA 69 -14.90 -26.53 19.06
N ARG JA 70 -14.19 -26.00 20.05
CA ARG JA 70 -12.96 -25.31 19.74
C ARG JA 70 -12.06 -26.15 18.87
N GLY JA 71 -11.98 -27.45 19.11
CA GLY JA 71 -11.15 -28.26 18.26
C GLY JA 71 -11.20 -29.71 18.61
N MET JA 72 -10.65 -30.52 17.72
CA MET JA 72 -10.59 -31.94 17.99
C MET JA 72 -9.56 -32.17 19.06
N SER JA 73 -9.82 -33.14 19.91
CA SER JA 73 -8.91 -33.53 20.97
C SER JA 73 -9.22 -34.96 21.29
N GLN JA 74 -8.52 -35.53 22.24
CA GLN JA 74 -8.72 -36.91 22.62
C GLN JA 74 -10.03 -37.16 23.36
N SER JA 75 -10.71 -36.11 23.82
CA SER JA 75 -11.95 -36.31 24.56
C SER JA 75 -13.09 -36.77 23.66
N SER JA 76 -13.85 -37.74 24.14
CA SER JA 76 -15.02 -38.19 23.40
C SER JA 76 -16.26 -37.63 24.06
N VAL JA 77 -16.87 -36.67 23.41
CA VAL JA 77 -18.03 -36.01 23.98
C VAL JA 77 -19.19 -36.08 23.02
N PHE JA 78 -19.04 -35.38 21.88
CA PHE JA 78 -20.16 -35.31 20.90
C PHE JA 78 -20.26 -36.64 20.14
N THR JA 79 -19.14 -37.35 20.00
CA THR JA 79 -19.18 -38.56 19.24
C THR JA 79 -20.07 -39.56 19.92
N GLN JA 80 -20.05 -39.60 21.25
CA GLN JA 80 -20.90 -40.54 21.92
C GLN JA 80 -22.34 -40.12 21.77
N TRP JA 81 -22.58 -38.82 21.83
CA TRP JA 81 -23.94 -38.34 21.75
C TRP JA 81 -24.55 -38.68 20.40
N ILE JA 82 -23.81 -38.42 19.31
CA ILE JA 82 -24.38 -38.72 18.01
C ILE JA 82 -24.55 -40.22 17.84
N ASN JA 83 -23.65 -41.03 18.39
CA ASN JA 83 -23.81 -42.46 18.23
C ASN JA 83 -25.07 -42.96 18.93
N ASP JA 84 -25.41 -42.39 20.09
CA ASP JA 84 -26.60 -42.85 20.78
C ASP JA 84 -27.85 -42.58 19.96
N SER JA 85 -27.87 -41.41 19.30
CA SER JA 85 -29.02 -41.09 18.45
C SER JA 85 -29.06 -41.97 17.21
N MET JA 86 -27.91 -42.26 16.59
CA MET JA 86 -27.93 -43.09 15.38
C MET JA 86 -28.39 -44.50 15.70
N ALA JA 87 -28.09 -44.93 16.93
CA ALA JA 87 -28.46 -46.24 17.44
C ALA JA 87 -29.96 -46.39 17.65
N GLY JA 88 -30.70 -45.28 17.70
CA GLY JA 88 -32.12 -45.30 17.94
C GLY JA 88 -32.54 -45.03 19.38
N ARG JA 89 -31.63 -44.63 20.26
CA ARG JA 89 -32.06 -44.45 21.68
C ARG JA 89 -32.53 -42.99 21.85
N MET JA 90 -33.72 -42.77 22.43
CA MET JA 90 -34.12 -41.38 22.57
C MET JA 90 -33.10 -40.81 23.53
N ALA JA 91 -32.34 -39.83 23.05
CA ALA JA 91 -31.21 -39.31 23.78
C ALA JA 91 -31.15 -37.81 23.73
N THR JA 92 -32.12 -37.16 24.35
CA THR JA 92 -32.22 -35.71 24.30
C THR JA 92 -31.86 -35.13 25.65
N ALA JA 93 -31.67 -33.82 25.68
CA ALA JA 93 -31.36 -33.09 26.92
C ALA JA 93 -31.74 -31.65 26.77
N ARG JA 94 -31.87 -30.91 27.89
CA ARG JA 94 -32.17 -29.45 27.80
C ARG JA 94 -30.85 -28.69 27.60
N LYS JA 95 -30.87 -27.56 26.88
CA LYS JA 95 -29.64 -26.79 26.78
C LYS JA 95 -29.83 -25.32 27.16
N ASN JA 96 -29.07 -24.85 28.14
CA ASN JA 96 -29.16 -23.44 28.54
C ASN JA 96 -28.02 -22.56 28.02
N ALA JA 97 -28.31 -21.72 27.04
CA ALA JA 97 -27.27 -20.83 26.51
C ALA JA 97 -27.24 -19.58 27.39
N THR JA 98 -26.11 -19.29 28.00
CA THR JA 98 -26.00 -18.18 28.95
C THR JA 98 -25.13 -17.04 28.49
N ILE JA 99 -25.64 -15.82 28.74
CA ILE JA 99 -24.98 -14.58 28.27
C ILE JA 99 -24.38 -13.74 29.41
N ILE JA 100 -23.07 -13.61 29.44
CA ILE JA 100 -22.25 -12.80 30.31
C ILE JA 100 -21.99 -11.42 29.78
N VAL JA 101 -22.00 -10.45 30.69
CA VAL JA 101 -21.70 -9.07 30.33
C VAL JA 101 -20.31 -8.66 30.78
N MET JA 102 -20.01 -7.37 30.72
CA MET JA 102 -18.65 -6.88 30.94
C MET JA 102 -18.01 -7.51 32.19
N ASP JA 103 -18.74 -7.47 33.29
CA ASP JA 103 -18.30 -8.11 34.53
C ASP JA 103 -18.80 -9.54 34.46
N TYR JA 104 -17.89 -10.50 34.56
CA TYR JA 104 -18.18 -11.92 34.40
C TYR JA 104 -19.14 -12.50 35.43
N GLU JA 105 -19.30 -11.79 36.54
CA GLU JA 105 -20.24 -12.19 37.59
C GLU JA 105 -21.67 -12.00 37.09
N ASP JA 106 -21.88 -11.04 36.20
CA ASP JA 106 -23.20 -10.74 35.73
C ASP JA 106 -23.60 -11.59 34.55
N ASN JA 107 -24.70 -12.31 34.77
CA ASN JA 107 -25.26 -13.27 33.81
C ASN JA 107 -26.75 -13.03 33.54
N PRO JA 108 -27.13 -11.84 33.02
CA PRO JA 108 -28.50 -11.40 32.82
C PRO JA 108 -29.31 -12.06 31.72
N VAL JA 109 -28.69 -12.70 30.73
CA VAL JA 109 -29.54 -13.23 29.67
C VAL JA 109 -29.39 -14.71 29.42
N LYS JA 110 -30.52 -15.40 29.38
CA LYS JA 110 -30.51 -16.84 29.14
C LYS JA 110 -31.49 -17.24 28.06
N ARG JA 111 -31.15 -18.30 27.33
CA ARG JA 111 -32.06 -18.80 26.26
C ARG JA 111 -32.08 -20.33 26.33
N TRP JA 112 -33.27 -20.93 26.48
CA TRP JA 112 -33.34 -22.35 26.63
C TRP JA 112 -33.88 -23.10 25.46
N ASN JA 113 -33.16 -24.16 25.09
CA ASN JA 113 -33.65 -25.04 24.00
C ASN JA 113 -34.50 -26.14 24.66
N LEU JA 114 -35.59 -26.55 24.02
CA LEU JA 114 -36.49 -27.56 24.65
C LEU JA 114 -35.66 -28.75 25.11
N ARG JA 115 -36.04 -29.38 26.23
CA ARG JA 115 -35.29 -30.54 26.77
C ARG JA 115 -35.21 -31.64 25.71
N ASN JA 116 -36.03 -31.53 24.66
CA ASN JA 116 -35.97 -32.52 23.55
C ASN JA 116 -34.77 -32.20 22.66
N ALA JA 117 -34.00 -31.17 23.02
CA ALA JA 117 -32.79 -30.81 22.24
C ALA JA 117 -32.12 -32.08 21.71
N TRP JA 118 -31.94 -32.18 20.40
CA TRP JA 118 -31.38 -33.42 19.81
C TRP JA 118 -30.31 -33.11 18.75
N CYS JA 119 -29.24 -33.91 18.71
CA CYS JA 119 -28.15 -33.72 17.74
C CYS JA 119 -28.23 -34.61 16.52
N SER JA 120 -27.91 -34.06 15.36
CA SER JA 120 -28.02 -34.86 14.11
C SER JA 120 -26.78 -34.75 13.22
N LYS JA 121 -25.95 -33.70 13.38
CA LYS JA 121 -24.83 -33.66 12.42
C LYS JA 121 -23.52 -33.16 12.97
N VAL JA 122 -22.45 -33.85 12.59
CA VAL JA 122 -21.10 -33.42 12.95
C VAL JA 122 -20.19 -33.26 11.73
N VAL JA 123 -19.56 -32.10 11.59
CA VAL JA 123 -18.68 -31.82 10.45
C VAL JA 123 -17.26 -31.45 10.86
N ALA JA 124 -16.27 -32.11 10.25
CA ALA JA 124 -14.88 -31.80 10.57
C ALA JA 124 -14.32 -30.74 9.62
N GLY JA 125 -13.37 -29.95 10.08
CA GLY JA 125 -12.72 -29.00 9.18
C GLY JA 125 -11.76 -29.78 8.28
N THR JA 126 -11.10 -29.10 7.32
CA THR JA 126 -10.24 -29.79 6.37
C THR JA 126 -8.80 -29.96 6.82
N LEU JA 127 -8.11 -30.88 6.16
CA LEU JA 127 -6.72 -31.15 6.46
C LEU JA 127 -5.80 -30.86 5.29
N LYS JA 128 -4.95 -29.83 5.36
CA LYS JA 128 -4.08 -29.51 4.23
C LYS JA 128 -2.62 -29.16 4.59
N ALA JA 129 -1.68 -29.79 3.87
CA ALA JA 129 -0.26 -29.59 4.10
C ALA JA 129 0.11 -28.15 3.95
N GLY JA 130 0.90 -27.66 4.89
CA GLY JA 130 1.37 -26.29 4.84
C GLY JA 130 0.38 -25.30 5.47
N ASP JA 131 -0.78 -25.77 5.90
CA ASP JA 131 -1.76 -24.87 6.49
C ASP JA 131 -1.48 -24.70 7.97
N THR JA 132 -0.95 -23.55 8.32
CA THR JA 132 -0.50 -23.27 9.66
C THR JA 132 -1.54 -22.47 10.42
N ASN JA 133 -2.71 -22.31 9.81
CA ASN JA 133 -3.76 -21.52 10.39
C ASN JA 133 -5.00 -22.35 10.65
N ALA JA 134 -4.83 -23.63 10.93
CA ALA JA 134 -5.98 -24.44 11.16
C ALA JA 134 -5.76 -25.47 12.24
N LEU JA 135 -6.82 -25.64 13.02
CA LEU JA 135 -6.88 -26.62 14.09
C LEU JA 135 -7.89 -27.69 13.89
N THR JA 136 -8.36 -27.87 12.68
CA THR JA 136 -9.34 -28.92 12.47
C THR JA 136 -10.42 -28.92 13.54
N GLU JA 137 -11.32 -27.96 13.43
CA GLU JA 137 -12.41 -27.80 14.38
C GLU JA 137 -13.54 -28.73 14.08
N THR JA 138 -14.58 -28.72 14.92
CA THR JA 138 -15.75 -29.52 14.61
C THR JA 138 -17.02 -28.72 14.76
N ILE JA 139 -17.97 -28.98 13.89
CA ILE JA 139 -19.26 -28.31 13.98
C ILE JA 139 -20.32 -29.30 14.38
N THR JA 140 -21.08 -28.95 15.40
CA THR JA 140 -22.15 -29.80 15.85
C THR JA 140 -23.50 -29.10 15.66
N ILE JA 141 -24.44 -29.80 15.02
CA ILE JA 141 -25.76 -29.22 14.78
C ILE JA 141 -26.85 -29.91 15.57
N VAL JA 142 -27.54 -29.05 16.35
CA VAL JA 142 -28.58 -29.39 17.33
C VAL JA 142 -29.94 -28.74 17.06
N PHE JA 143 -30.97 -29.57 17.26
CA PHE JA 143 -32.35 -29.12 16.94
C PHE JA 143 -33.10 -28.60 18.17
N GLU JA 144 -33.89 -27.56 17.95
CA GLU JA 144 -34.75 -26.94 18.95
C GLU JA 144 -36.25 -27.05 18.65
N GLU JA 145 -36.96 -27.92 19.39
CA GLU JA 145 -38.41 -28.02 19.21
C GLU JA 145 -39.11 -26.78 19.72
N LEU JA 146 -38.57 -26.24 20.78
CA LEU JA 146 -39.15 -25.07 21.41
C LEU JA 146 -38.08 -24.22 22.05
N VAL JA 147 -38.17 -22.92 21.87
CA VAL JA 147 -37.21 -22.03 22.48
C VAL JA 147 -37.82 -21.04 23.44
N VAL JA 148 -37.25 -20.97 24.61
CA VAL JA 148 -37.71 -20.06 25.66
C VAL JA 148 -36.70 -18.95 25.92
N GLU JA 149 -37.19 -17.69 25.90
CA GLU JA 149 -36.41 -16.46 26.17
C GLU JA 149 -35.62 -16.54 27.49
N MET KA 1 44.34 -20.57 58.83
CA MET KA 1 44.85 -19.75 57.74
C MET KA 1 45.74 -20.62 56.79
N PRO KA 2 45.23 -21.12 55.60
CA PRO KA 2 45.96 -21.87 54.56
C PRO KA 2 47.08 -21.00 54.02
N SER KA 3 48.17 -21.59 53.50
CA SER KA 3 49.25 -20.73 53.05
C SER KA 3 48.81 -19.64 52.12
N TYR KA 4 49.25 -18.45 52.47
CA TYR KA 4 49.00 -17.20 51.76
C TYR KA 4 50.34 -16.58 51.42
N LEU KA 5 51.37 -17.38 51.62
CA LEU KA 5 52.74 -16.98 51.39
C LEU KA 5 53.46 -17.76 50.32
N SER KA 6 53.35 -19.07 50.39
CA SER KA 6 54.20 -19.84 49.52
C SER KA 6 53.81 -21.29 49.37
N PRO KA 7 54.34 -21.96 48.32
CA PRO KA 7 54.36 -23.41 48.14
C PRO KA 7 55.13 -24.14 49.26
N GLY KA 8 55.99 -23.41 49.98
CA GLY KA 8 56.79 -23.94 51.07
C GLY KA 8 57.32 -22.75 51.83
N VAL KA 9 57.26 -22.80 53.15
CA VAL KA 9 57.55 -21.65 54.01
C VAL KA 9 58.90 -21.60 54.68
N TYR KA 10 59.34 -22.70 55.25
CA TYR KA 10 60.55 -22.66 56.03
C TYR KA 10 61.78 -22.66 55.15
N VAL KA 11 61.68 -23.32 54.02
CA VAL KA 11 62.75 -23.38 53.07
C VAL KA 11 62.20 -23.07 51.69
N GLU KA 12 62.86 -22.19 50.92
CA GLU KA 12 62.39 -21.93 49.57
C GLU KA 12 63.01 -22.97 48.65
N GLU KA 13 62.65 -24.22 48.92
CA GLU KA 13 63.19 -25.43 48.30
C GLU KA 13 62.83 -25.46 46.85
N VAL KA 14 61.81 -24.70 46.52
CA VAL KA 14 61.33 -24.65 45.16
C VAL KA 14 62.40 -24.14 44.16
N ALA KA 15 63.34 -23.25 44.62
CA ALA KA 15 64.41 -22.68 43.82
C ALA KA 15 65.39 -23.82 43.48
N GLY KA 28 46.55 -24.91 31.29
CA GLY KA 28 46.50 -26.11 32.08
C GLY KA 28 45.26 -26.92 31.70
N VAL KA 29 45.10 -28.10 32.34
CA VAL KA 29 43.98 -29.05 32.10
C VAL KA 29 42.66 -28.68 32.79
N GLY KA 30 42.72 -28.02 33.94
CA GLY KA 30 41.51 -27.65 34.66
C GLY KA 30 41.18 -28.62 35.80
N THR KA 31 40.04 -28.38 36.45
CA THR KA 31 39.62 -29.12 37.63
C THR KA 31 39.13 -30.51 37.32
N SER KA 32 38.88 -30.77 36.05
CA SER KA 32 38.36 -32.05 35.61
C SER KA 32 39.38 -33.19 35.66
N VAL KA 33 40.67 -32.90 35.80
CA VAL KA 33 41.60 -34.02 35.85
C VAL KA 33 41.73 -34.57 37.25
N ALA KA 34 41.61 -35.88 37.32
CA ALA KA 34 41.66 -36.66 38.54
C ALA KA 34 42.53 -37.87 38.34
N ALA KA 35 42.76 -38.64 39.40
CA ALA KA 35 43.55 -39.85 39.30
C ALA KA 35 42.90 -41.05 39.97
N PHE KA 36 43.18 -42.23 39.42
CA PHE KA 36 42.57 -43.48 39.96
C PHE KA 36 43.63 -44.57 40.19
N VAL KA 37 43.54 -45.29 41.30
CA VAL KA 37 44.43 -46.40 41.64
C VAL KA 37 43.73 -47.78 41.60
N GLY KA 38 44.24 -48.69 40.77
CA GLY KA 38 43.65 -50.03 40.66
C GLY KA 38 44.37 -50.91 39.65
N LEU KA 39 43.84 -52.11 39.39
CA LEU KA 39 44.45 -53.11 38.48
C LEU KA 39 43.89 -53.09 37.06
N ALA KA 40 44.75 -53.46 36.10
CA ALA KA 40 44.32 -53.49 34.71
C ALA KA 40 44.27 -54.90 34.16
N PRO KA 41 43.40 -55.20 33.21
CA PRO KA 41 43.43 -56.43 32.47
C PRO KA 41 44.85 -56.57 31.93
N THR KA 42 45.29 -55.55 31.17
CA THR KA 42 46.61 -55.53 30.59
C THR KA 42 47.33 -54.33 31.14
N GLY KA 43 47.27 -53.23 30.42
CA GLY KA 43 47.89 -51.97 30.80
C GLY KA 43 49.38 -51.90 30.45
N PRO KA 44 49.98 -50.70 30.59
CA PRO KA 44 51.38 -50.31 30.39
C PRO KA 44 52.16 -50.70 31.62
N LEU KA 45 53.42 -50.30 31.69
CA LEU KA 45 54.12 -50.54 32.94
C LEU KA 45 53.35 -49.78 34.00
N ASN KA 46 53.31 -50.30 35.22
CA ASN KA 46 52.51 -49.69 36.26
C ASN KA 46 52.94 -48.39 36.93
N GLU KA 47 54.22 -48.09 36.94
CA GLU KA 47 54.79 -46.88 37.52
C GLU KA 47 54.51 -45.55 36.77
N PRO KA 48 54.66 -45.46 35.43
CA PRO KA 48 54.47 -44.24 34.70
C PRO KA 48 53.02 -43.93 34.61
N THR KA 49 52.51 -43.26 35.63
CA THR KA 49 51.09 -42.97 35.69
C THR KA 49 50.78 -42.17 34.43
N LEU KA 50 49.76 -42.59 33.69
CA LEU KA 50 49.46 -41.86 32.45
C LEU KA 50 48.14 -41.17 32.51
N VAL KA 51 48.00 -40.06 31.79
CA VAL KA 51 46.71 -39.40 31.72
C VAL KA 51 46.13 -39.41 30.32
N THR KA 52 44.91 -39.92 30.20
CA THR KA 52 44.29 -39.95 28.87
C THR KA 52 42.77 -40.07 28.86
N ASN KA 53 42.24 -40.16 27.62
CA ASN KA 53 40.82 -40.31 27.28
C ASN KA 53 40.40 -41.77 27.13
N TRP KA 54 39.10 -42.06 27.24
CA TRP KA 54 38.61 -43.43 27.05
C TRP KA 54 39.15 -44.10 25.81
N THR KA 55 39.18 -43.36 24.73
CA THR KA 55 39.58 -43.92 23.46
C THR KA 55 40.97 -44.57 23.52
N GLN KA 56 41.92 -43.96 24.22
CA GLN KA 56 43.26 -44.53 24.27
C GLN KA 56 43.37 -45.45 25.47
N TYR KA 57 42.59 -45.14 26.50
CA TYR KA 57 42.61 -45.90 27.72
C TYR KA 57 42.33 -47.32 27.45
N VAL KA 58 41.25 -47.58 26.73
CA VAL KA 58 40.88 -48.95 26.53
C VAL KA 58 41.91 -49.67 25.68
N ALA KA 59 42.50 -48.98 24.72
CA ALA KA 59 43.50 -49.61 23.89
C ALA KA 59 44.68 -50.15 24.71
N ALA KA 60 45.09 -49.42 25.77
CA ALA KA 60 46.20 -49.89 26.60
C ALA KA 60 45.76 -50.81 27.74
N PHE KA 61 44.60 -50.52 28.34
CA PHE KA 61 44.16 -51.29 29.54
C PHE KA 61 43.45 -52.59 29.19
N GLY KA 62 42.50 -52.58 28.25
CA GLY KA 62 41.73 -53.80 27.99
C GLY KA 62 40.21 -53.62 28.13
N ASP KA 63 39.43 -54.39 27.36
CA ASP KA 63 37.97 -54.26 27.35
C ASP KA 63 37.27 -55.03 28.47
N PHE KA 64 37.49 -54.58 29.71
CA PHE KA 64 36.90 -55.14 30.94
C PHE KA 64 37.22 -56.62 31.21
N THR KA 65 38.19 -57.20 30.52
CA THR KA 65 38.41 -58.64 30.61
C THR KA 65 39.03 -59.14 31.90
N GLY KA 66 39.58 -58.22 32.68
CA GLY KA 66 40.22 -58.59 33.94
C GLY KA 66 39.24 -58.60 35.11
N GLY KA 67 38.02 -58.09 34.90
CA GLY KA 67 37.04 -58.03 35.98
C GLY KA 67 37.36 -56.98 37.05
N TYR KA 68 38.07 -55.93 36.66
CA TYR KA 68 38.51 -54.91 37.61
C TYR KA 68 37.60 -53.71 37.62
N TYR KA 69 37.61 -52.97 38.72
CA TYR KA 69 36.78 -51.79 38.86
C TYR KA 69 37.25 -50.60 38.05
N LEU KA 70 38.55 -50.51 37.73
CA LEU KA 70 38.98 -49.36 36.93
C LEU KA 70 38.29 -49.39 35.58
N ALA KA 71 38.01 -50.58 35.09
CA ALA KA 71 37.38 -50.73 33.79
C ALA KA 71 36.05 -50.01 33.72
N HIS KA 72 35.39 -49.85 34.87
CA HIS KA 72 34.10 -49.21 34.94
C HIS KA 72 34.15 -47.80 35.51
N SER KA 73 34.99 -47.56 36.53
CA SER KA 73 35.05 -46.24 37.16
C SER KA 73 35.65 -45.22 36.22
N VAL KA 74 36.40 -45.70 35.23
CA VAL KA 74 36.98 -44.84 34.24
C VAL KA 74 35.91 -44.08 33.49
N TYR KA 75 34.75 -44.70 33.30
CA TYR KA 75 33.66 -44.04 32.52
C TYR KA 75 33.16 -42.79 33.25
N GLY KA 76 33.50 -42.65 34.53
CA GLY KA 76 33.06 -41.52 35.26
C GLY KA 76 33.39 -40.25 34.51
N PHE KA 77 34.48 -40.28 33.74
CA PHE KA 77 34.93 -39.06 33.02
C PHE KA 77 34.61 -39.15 31.52
N PHE KA 78 33.86 -40.17 31.08
CA PHE KA 78 33.63 -40.32 29.62
C PHE KA 78 32.14 -40.47 29.30
N ASN KA 79 31.37 -41.06 30.22
CA ASN KA 79 29.92 -41.17 30.02
C ASN KA 79 29.23 -40.11 30.87
N ASN KA 80 30.03 -39.18 31.33
CA ASN KA 80 29.66 -38.06 32.15
C ASN KA 80 30.65 -36.97 31.80
N GLY KA 81 30.57 -35.82 32.43
CA GLY KA 81 31.48 -34.75 32.06
C GLY KA 81 32.92 -35.16 32.36
N GLY KA 82 33.86 -34.73 31.52
CA GLY KA 82 35.25 -35.09 31.73
C GLY KA 82 36.13 -34.77 30.51
N SER KA 83 37.36 -35.26 30.54
CA SER KA 83 38.33 -35.02 29.47
C SER KA 83 39.37 -36.12 29.43
N ALA KA 84 40.14 -36.19 30.52
CA ALA KA 84 41.20 -37.17 30.68
C ALA KA 84 41.44 -37.40 32.16
N ALA KA 85 42.04 -38.52 32.51
CA ALA KA 85 42.38 -38.78 33.90
C ALA KA 85 43.61 -39.67 34.03
N TYR KA 86 44.30 -39.55 35.17
CA TYR KA 86 45.50 -40.31 35.47
C TYR KA 86 45.25 -41.69 36.02
N VAL KA 87 45.92 -42.69 35.45
CA VAL KA 87 45.73 -44.03 35.94
C VAL KA 87 47.02 -44.73 36.38
N VAL KA 88 46.96 -45.21 37.63
CA VAL KA 88 48.03 -45.96 38.27
C VAL KA 88 47.65 -47.41 38.14
N ARG KA 89 48.48 -48.20 37.48
CA ARG KA 89 48.09 -49.59 37.17
C ARG KA 89 48.26 -50.60 38.26
N VAL KA 90 49.27 -50.43 39.10
CA VAL KA 90 49.61 -51.39 40.16
C VAL KA 90 50.19 -52.72 39.63
N GLY KA 91 49.44 -53.39 38.78
CA GLY KA 91 49.78 -54.67 38.18
C GLY KA 91 48.65 -55.08 37.22
N GLY KA 92 48.79 -56.22 36.54
CA GLY KA 92 47.74 -56.60 35.63
C GLY KA 92 47.02 -57.88 36.02
N SER KA 93 46.15 -58.35 35.12
CA SER KA 93 45.38 -59.57 35.29
C SER KA 93 46.26 -60.77 35.28
N ALA KA 94 45.85 -61.76 36.03
CA ALA KA 94 46.49 -63.05 36.03
C ALA KA 94 46.18 -63.68 34.70
N GLU KA 95 47.01 -64.60 34.27
CA GLU KA 95 46.76 -65.29 33.02
C GLU KA 95 45.45 -66.08 33.14
N ASP KA 96 44.63 -66.08 32.06
CA ASP KA 96 43.35 -66.80 31.93
C ASP KA 96 42.41 -66.54 33.11
N GLN KA 232 48.37 -61.53 46.20
CA GLN KA 232 49.45 -60.71 46.75
C GLN KA 232 49.15 -59.20 46.62
N ALA KA 233 48.54 -58.79 45.47
CA ALA KA 233 48.19 -57.39 45.13
C ALA KA 233 46.98 -56.94 45.93
N GLU KA 234 46.36 -57.92 46.60
CA GLU KA 234 45.16 -57.75 47.40
C GLU KA 234 45.51 -57.36 48.86
N SER KA 235 46.81 -57.32 49.18
CA SER KA 235 47.33 -56.92 50.48
C SER KA 235 47.21 -55.42 50.68
N ALA KA 236 47.20 -54.96 51.93
CA ALA KA 236 47.10 -53.54 52.23
C ALA KA 236 48.41 -52.79 51.98
N HIS KA 237 49.50 -53.53 51.77
CA HIS KA 237 50.80 -52.90 51.49
C HIS KA 237 51.02 -52.41 50.03
N PRO KA 238 50.91 -53.25 48.97
CA PRO KA 238 51.08 -52.91 47.59
C PRO KA 238 49.83 -52.25 47.03
N GLY KA 239 49.91 -51.69 45.83
CA GLY KA 239 48.73 -51.23 45.10
C GLY KA 239 47.93 -50.12 45.76
N PRO KA 240 46.68 -50.38 46.21
CA PRO KA 240 45.79 -49.43 46.86
C PRO KA 240 46.35 -49.24 48.26
N ALA KA 241 47.48 -48.56 48.29
CA ALA KA 241 48.32 -48.39 49.45
C ALA KA 241 49.30 -47.26 49.21
N GLN KA 242 50.04 -46.86 50.24
CA GLN KA 242 51.07 -45.85 50.00
C GLN KA 242 52.34 -46.52 49.47
N TYR KA 243 52.21 -47.14 48.31
CA TYR KA 243 53.24 -47.96 47.71
C TYR KA 243 54.22 -47.16 46.86
N LEU KA 244 54.97 -46.30 47.55
CA LEU KA 244 55.97 -45.40 47.00
C LEU KA 244 57.24 -46.10 46.54
N GLY KA 245 57.63 -47.14 47.27
CA GLY KA 245 58.87 -47.84 46.95
C GLY KA 245 60.13 -47.13 47.44
N ASP KA 246 60.09 -46.49 48.62
CA ASP KA 246 61.27 -45.76 49.12
C ASP KA 246 61.75 -44.73 48.10
N SER KA 247 60.87 -43.77 47.79
CA SER KA 247 61.21 -42.69 46.83
C SER KA 247 61.33 -43.27 45.42
N SER KA 248 60.49 -44.25 45.08
CA SER KA 248 60.49 -44.82 43.72
C SER KA 248 59.24 -44.35 42.96
N ASP KA 249 58.40 -43.54 43.62
CA ASP KA 249 57.13 -43.09 42.99
C ASP KA 249 56.39 -44.32 42.44
N ARG KA 250 56.46 -45.43 43.17
CA ARG KA 250 55.79 -46.68 42.72
C ARG KA 250 54.27 -46.52 42.83
N THR KA 251 53.51 -47.37 42.15
CA THR KA 251 52.03 -47.28 42.18
C THR KA 251 51.55 -47.14 43.63
N GLY KA 252 50.79 -46.08 43.94
CA GLY KA 252 50.26 -45.89 45.30
C GLY KA 252 50.10 -44.42 45.66
N PHE KA 253 49.70 -44.14 46.90
CA PHE KA 253 49.54 -42.73 47.37
C PHE KA 253 50.90 -42.05 47.38
N GLY KA 254 51.90 -42.66 46.76
CA GLY KA 254 53.23 -42.07 46.70
C GLY KA 254 53.65 -41.77 45.26
N GLY KA 255 53.22 -42.59 44.32
CA GLY KA 255 53.58 -42.42 42.93
C GLY KA 255 52.99 -41.16 42.31
N LEU KA 256 51.99 -40.56 42.97
CA LEU KA 256 51.36 -39.34 42.49
C LEU KA 256 51.96 -38.09 43.09
N GLU KA 257 52.93 -38.21 44.00
CA GLU KA 257 53.48 -37.04 44.67
C GLU KA 257 54.18 -36.09 43.73
N ALA KA 258 54.77 -36.64 42.67
CA ALA KA 258 55.49 -35.85 41.70
C ALA KA 258 54.56 -35.29 40.62
N ILE KA 259 53.26 -35.59 40.70
CA ILE KA 259 52.37 -35.16 39.64
C ILE KA 259 51.41 -34.05 40.07
N ASP KA 260 51.46 -32.96 39.31
CA ASP KA 260 50.62 -31.79 39.51
C ASP KA 260 49.34 -31.95 38.69
N GLU KA 261 48.46 -30.96 38.77
CA GLU KA 261 47.19 -30.93 38.04
C GLU KA 261 46.25 -32.12 38.28
N ILE KA 262 46.12 -32.54 39.53
CA ILE KA 262 45.17 -33.58 39.95
C ILE KA 262 44.26 -33.00 41.03
N SER KA 263 42.95 -32.98 40.81
CA SER KA 263 42.06 -32.40 41.82
C SER KA 263 41.41 -33.43 42.76
N MET KA 264 41.33 -34.68 42.32
CA MET KA 264 40.69 -35.74 43.10
C MET KA 264 41.43 -37.06 42.95
N VAL KA 265 41.45 -37.85 44.02
CA VAL KA 265 42.02 -39.19 43.91
C VAL KA 265 41.05 -40.28 44.41
N ALA KA 266 40.84 -41.29 43.56
CA ALA KA 266 39.99 -42.43 43.86
C ALA KA 266 40.76 -43.74 43.84
N VAL KA 267 40.31 -44.75 44.59
CA VAL KA 267 40.95 -46.06 44.60
C VAL KA 267 39.96 -47.19 44.36
N PRO KA 268 39.42 -47.36 43.13
CA PRO KA 268 38.37 -48.29 42.78
C PRO KA 268 38.64 -49.75 43.12
N ASP KA 269 39.92 -50.20 43.15
CA ASP KA 269 40.08 -51.61 43.47
C ASP KA 269 40.38 -51.92 44.93
N LEU KA 270 40.31 -50.96 45.83
CA LEU KA 270 40.62 -51.31 47.22
C LEU KA 270 39.70 -52.39 47.74
N MET KA 271 38.41 -52.26 47.46
CA MET KA 271 37.46 -53.22 47.94
C MET KA 271 37.17 -54.32 46.92
N ALA KA 272 37.90 -54.34 45.81
CA ALA KA 272 37.65 -55.32 44.75
C ALA KA 272 37.85 -56.71 45.26
N ALA KA 273 38.78 -56.86 46.16
CA ALA KA 273 39.09 -58.12 46.75
C ALA KA 273 38.74 -58.10 48.22
N TYR KA 274 37.76 -57.30 48.61
CA TYR KA 274 37.47 -57.23 50.02
C TYR KA 274 37.24 -58.60 50.59
N GLN KA 275 36.42 -59.39 49.91
CA GLN KA 275 36.16 -60.69 50.39
C GLN KA 275 37.29 -61.65 50.00
N ARG KA 276 37.74 -61.57 48.75
CA ARG KA 276 38.73 -62.55 48.27
C ARG KA 276 40.07 -62.50 48.99
N GLY KA 277 40.53 -61.29 49.28
CA GLY KA 277 41.81 -61.05 49.89
C GLY KA 277 41.71 -60.92 51.39
N ALA KA 278 40.52 -61.17 51.95
CA ALA KA 278 40.31 -60.99 53.37
C ALA KA 278 40.81 -59.64 53.80
N ILE KA 279 40.32 -58.59 53.13
CA ILE KA 279 40.80 -57.22 53.42
C ILE KA 279 40.16 -56.75 54.73
N ASP KA 280 40.83 -57.00 55.85
CA ASP KA 280 40.29 -56.60 57.18
C ASP KA 280 39.95 -55.11 57.16
N LEU KA 281 38.96 -54.69 57.95
CA LEU KA 281 38.63 -53.24 58.03
C LEU KA 281 39.94 -52.48 58.21
N GLU KA 282 40.90 -53.03 58.96
CA GLU KA 282 42.22 -52.38 59.12
C GLU KA 282 42.87 -52.22 57.75
N ALA KA 283 43.19 -53.34 57.08
CA ALA KA 283 43.79 -53.26 55.73
C ALA KA 283 43.14 -52.12 54.96
N VAL KA 284 41.81 -52.01 55.05
CA VAL KA 284 41.07 -50.90 54.37
C VAL KA 284 41.31 -49.59 55.13
N LYS KA 285 41.01 -49.55 56.43
CA LYS KA 285 41.13 -48.29 57.15
C LYS KA 285 42.50 -47.69 56.96
N ALA KA 286 43.55 -48.50 57.01
CA ALA KA 286 44.89 -48.04 56.84
C ALA KA 286 45.11 -47.40 55.47
N VAL KA 287 44.44 -47.91 54.45
CA VAL KA 287 44.62 -47.40 53.11
C VAL KA 287 43.89 -46.11 52.99
N GLN KA 288 42.67 -46.06 53.51
CA GLN KA 288 41.90 -44.84 53.40
C GLN KA 288 42.63 -43.75 54.18
N LEU KA 289 43.25 -44.09 55.30
CA LEU KA 289 44.01 -43.09 56.04
C LEU KA 289 45.20 -42.64 55.22
N GLY KA 290 45.87 -43.57 54.52
CA GLY KA 290 47.00 -43.23 53.67
C GLY KA 290 46.60 -42.29 52.54
N LEU KA 291 45.41 -42.51 51.98
CA LEU KA 291 44.91 -41.67 50.90
C LEU KA 291 44.58 -40.29 51.38
N ILE KA 292 43.95 -40.22 52.54
CA ILE KA 292 43.59 -38.93 53.08
C ILE KA 292 44.86 -38.17 53.41
N ALA KA 293 45.82 -38.83 54.06
CA ALA KA 293 47.08 -38.17 54.41
C ALA KA 293 47.78 -37.67 53.16
N HIS KA 294 47.76 -38.44 52.08
CA HIS KA 294 48.37 -38.02 50.83
C HIS KA 294 47.76 -36.72 50.39
N CYS KA 295 46.44 -36.68 50.37
CA CYS KA 295 45.75 -35.48 49.95
C CYS KA 295 46.06 -34.31 50.87
N GLU KA 296 46.11 -34.53 52.17
CA GLU KA 296 46.39 -33.44 53.08
C GLU KA 296 47.78 -32.87 52.85
N LEU KA 297 48.75 -33.75 52.58
CA LEU KA 297 50.12 -33.31 52.34
C LEU KA 297 50.30 -32.58 51.02
N MET KA 298 49.62 -33.03 49.95
CA MET KA 298 49.78 -32.32 48.68
C MET KA 298 49.13 -30.94 48.85
N GLY KA 299 47.98 -30.92 49.53
CA GLY KA 299 47.26 -29.73 49.92
C GLY KA 299 46.20 -29.17 48.95
N ASP KA 300 46.16 -29.66 47.71
CA ASP KA 300 45.24 -29.07 46.69
C ASP KA 300 44.37 -30.13 45.98
N ARG KA 301 44.21 -31.32 46.55
CA ARG KA 301 43.37 -32.36 45.99
C ARG KA 301 42.64 -33.07 47.08
N VAL KA 302 41.53 -33.72 46.75
CA VAL KA 302 40.78 -34.42 47.79
C VAL KA 302 40.59 -35.90 47.54
N ALA KA 303 40.28 -36.60 48.64
CA ALA KA 303 40.09 -38.03 48.63
C ALA KA 303 38.64 -38.47 48.50
N ILE KA 304 38.46 -39.47 47.66
CA ILE KA 304 37.18 -40.12 47.51
C ILE KA 304 37.21 -41.40 48.31
N ILE KA 305 36.36 -41.46 49.34
CA ILE KA 305 36.37 -42.58 50.27
C ILE KA 305 35.18 -43.47 50.04
N ASP KA 306 35.43 -44.77 49.86
CA ASP KA 306 34.37 -45.74 49.66
C ASP KA 306 33.80 -46.25 50.99
N PRO KA 307 32.49 -46.46 51.09
CA PRO KA 307 31.83 -47.08 52.22
C PRO KA 307 32.14 -48.54 52.08
N PRO KA 308 32.04 -49.35 53.13
CA PRO KA 308 32.18 -50.78 53.10
C PRO KA 308 31.13 -51.35 52.11
N PRO KA 309 31.33 -52.59 51.59
CA PRO KA 309 30.47 -53.12 50.51
C PRO KA 309 28.96 -53.33 50.70
N ASN KA 310 28.51 -53.78 51.87
CA ASN KA 310 27.08 -54.12 51.93
C ASN KA 310 26.60 -54.10 53.36
N GLN KA 311 25.93 -53.03 53.75
CA GLN KA 311 25.50 -52.90 55.11
C GLN KA 311 24.35 -51.91 55.19
N ASN KA 312 23.59 -52.00 56.29
CA ASN KA 312 22.44 -51.15 56.48
C ASN KA 312 22.83 -49.78 56.98
N ALA KA 313 21.87 -48.90 57.17
CA ALA KA 313 22.16 -47.55 57.63
C ALA KA 313 22.78 -47.57 59.02
N ARG KA 314 22.35 -48.49 59.85
CA ARG KA 314 22.83 -48.55 61.21
C ARG KA 314 24.30 -48.84 61.26
N GLN KA 315 24.77 -49.58 60.29
CA GLN KA 315 26.11 -50.07 60.30
C GLN KA 315 27.08 -49.05 59.78
N ILE KA 316 26.56 -48.01 59.15
CA ILE KA 316 27.43 -46.99 58.64
C ILE KA 316 27.47 -45.93 59.67
N ARG KA 317 26.38 -45.79 60.42
CA ARG KA 317 26.41 -44.85 61.51
C ARG KA 317 27.50 -45.36 62.45
N VAL KA 318 27.59 -46.70 62.46
CA VAL KA 318 28.57 -47.39 63.33
C VAL KA 318 30.00 -47.15 62.86
N TRP KA 319 30.33 -47.51 61.60
CA TRP KA 319 31.75 -47.26 61.37
C TRP KA 319 32.06 -45.77 61.44
N ARG KA 320 31.12 -44.90 61.04
CA ARG KA 320 31.40 -43.48 61.06
C ARG KA 320 31.70 -42.92 62.43
N GLN KA 321 30.92 -43.33 63.42
CA GLN KA 321 31.09 -42.81 64.76
C GLN KA 321 31.97 -43.66 65.67
N GLU KA 322 32.00 -44.98 65.46
CA GLU KA 322 32.70 -45.86 66.37
C GLU KA 322 33.99 -46.52 65.90
N THR KA 323 34.14 -46.85 64.60
CA THR KA 323 35.34 -47.62 64.26
C THR KA 323 36.30 -47.03 63.24
N ALA KA 324 35.82 -46.18 62.33
CA ALA KA 324 36.69 -45.67 61.28
C ALA KA 324 36.31 -44.29 60.80
N GLY KA 325 36.02 -43.37 61.71
CA GLY KA 325 35.71 -42.03 61.26
C GLY KA 325 37.01 -41.42 60.81
N TYR KA 326 37.00 -40.51 59.85
CA TYR KA 326 38.27 -39.92 59.45
C TYR KA 326 38.43 -38.45 59.85
N ASP KA 327 37.33 -37.72 59.99
CA ASP KA 327 37.31 -36.32 60.40
C ASP KA 327 38.30 -35.37 59.68
N SER KA 328 38.15 -35.20 58.36
CA SER KA 328 39.09 -34.34 57.62
C SER KA 328 38.48 -33.53 56.49
N LYS KA 329 38.99 -32.31 56.35
CA LYS KA 329 38.54 -31.36 55.34
C LYS KA 329 38.92 -31.78 53.94
N TYR KA 330 39.77 -32.78 53.83
CA TYR KA 330 40.24 -33.30 52.55
C TYR KA 330 39.53 -34.55 52.07
N ALA KA 331 38.41 -34.93 52.68
CA ALA KA 331 37.76 -36.15 52.19
C ALA KA 331 36.24 -36.12 52.23
N ALA KA 332 35.64 -36.94 51.35
CA ALA KA 332 34.17 -37.10 51.34
C ALA KA 332 33.77 -38.52 50.93
N LEU KA 333 32.59 -38.92 51.44
CA LEU KA 333 32.00 -40.24 51.19
C LEU KA 333 30.50 -40.23 50.89
N TYR KA 334 30.11 -41.05 49.92
CA TYR KA 334 28.73 -41.29 49.54
C TYR KA 334 28.42 -42.71 49.99
N TYR KA 335 27.16 -43.02 50.31
CA TYR KA 335 26.87 -44.35 50.94
C TYR KA 335 26.35 -45.48 50.01
N PRO KA 336 25.21 -45.34 49.30
CA PRO KA 336 24.64 -46.47 48.61
C PRO KA 336 25.49 -46.89 47.42
N TRP KA 337 25.45 -48.17 47.13
CA TRP KA 337 26.13 -48.72 45.96
C TRP KA 337 25.19 -48.67 44.77
N ILE KA 338 25.79 -48.51 43.60
CA ILE KA 338 25.08 -48.33 42.34
C ILE KA 338 25.09 -49.54 41.44
N LYS KA 339 23.92 -49.90 40.95
CA LYS KA 339 23.81 -50.99 40.00
C LYS KA 339 24.04 -50.43 38.62
N SER KA 340 24.85 -51.12 37.83
CA SER KA 340 25.19 -50.78 36.47
C SER KA 340 25.40 -52.07 35.70
N PHE KA 341 25.67 -52.03 34.40
CA PHE KA 341 25.86 -53.29 33.67
C PHE KA 341 27.29 -53.45 33.24
N ASP KA 342 27.60 -54.58 32.62
CA ASP KA 342 28.95 -54.85 32.16
C ASP KA 342 28.86 -55.56 30.81
N PRO KA 343 29.02 -54.83 29.69
CA PRO KA 343 28.77 -55.27 28.33
C PRO KA 343 29.67 -56.38 27.90
N ALA KA 344 30.75 -56.62 28.64
CA ALA KA 344 31.61 -57.70 28.25
C ALA KA 344 30.89 -59.03 28.40
N THR KA 345 30.02 -59.16 29.42
CA THR KA 345 29.32 -60.43 29.64
C THR KA 345 27.80 -60.35 29.90
N GLY KA 346 27.27 -59.22 30.41
CA GLY KA 346 25.86 -59.23 30.80
C GLY KA 346 25.28 -57.94 31.40
N GLN KA 347 24.04 -58.08 31.87
CA GLN KA 347 23.24 -56.98 32.40
C GLN KA 347 23.59 -56.36 33.76
N SER KA 348 24.37 -57.02 34.62
CA SER KA 348 24.58 -56.36 35.89
C SER KA 348 25.92 -56.60 36.59
N ARG KA 349 26.31 -55.58 37.32
CA ARG KA 349 27.45 -55.50 38.22
C ARG KA 349 27.15 -54.47 39.30
N LEU KA 350 27.74 -54.60 40.47
CA LEU KA 350 27.57 -53.54 41.44
C LEU KA 350 28.87 -52.74 41.51
N VAL KA 351 28.77 -51.41 41.57
CA VAL KA 351 29.95 -50.57 41.68
C VAL KA 351 29.79 -49.54 42.83
N PRO KA 352 30.90 -49.06 43.42
CA PRO KA 352 30.89 -48.08 44.49
C PRO KA 352 30.43 -46.75 43.95
N PRO KA 353 29.95 -45.84 44.80
CA PRO KA 353 29.49 -44.52 44.44
C PRO KA 353 30.63 -43.55 44.18
N SER KA 354 31.36 -43.86 43.12
CA SER KA 354 32.53 -43.15 42.62
C SER KA 354 32.43 -43.14 41.13
N GLY KA 355 33.52 -42.89 40.45
CA GLY KA 355 33.40 -42.91 39.00
C GLY KA 355 32.47 -41.81 38.55
N HIS KA 356 31.28 -42.21 38.09
CA HIS KA 356 30.31 -41.20 37.58
C HIS KA 356 29.97 -40.20 38.69
N VAL KA 357 30.07 -40.62 39.96
CA VAL KA 357 29.83 -39.68 41.01
C VAL KA 357 30.84 -38.54 40.90
N ALA KA 358 32.09 -38.87 40.53
CA ALA KA 358 33.11 -37.84 40.39
C ALA KA 358 32.93 -37.08 39.05
N GLY KA 359 32.36 -37.77 38.06
CA GLY KA 359 32.08 -37.22 36.73
C GLY KA 359 31.20 -35.98 36.88
N ILE KA 360 30.33 -36.04 37.88
CA ILE KA 360 29.49 -34.95 38.23
C ILE KA 360 30.27 -33.71 38.61
N TRP KA 361 31.39 -33.82 39.31
CA TRP KA 361 32.09 -32.61 39.66
C TRP KA 361 32.54 -31.91 38.40
N ALA KA 362 33.02 -32.70 37.43
CA ALA KA 362 33.48 -32.08 36.18
C ALA KA 362 32.32 -31.38 35.48
N ARG KA 363 31.15 -32.03 35.48
CA ARG KA 363 29.98 -31.44 34.86
C ARG KA 363 29.57 -30.15 35.56
N ASN KA 364 29.57 -30.19 36.88
CA ASN KA 364 29.15 -29.08 37.71
C ASN KA 364 30.01 -27.86 37.50
N ASP KA 365 31.33 -28.06 37.36
CA ASP KA 365 32.25 -26.95 37.19
C ASP KA 365 32.06 -26.29 35.83
N SER KA 366 31.64 -27.06 34.83
CA SER KA 366 31.40 -26.46 33.54
C SER KA 366 30.09 -25.66 33.54
N GLU KA 367 29.07 -26.15 34.25
CA GLU KA 367 27.78 -25.44 34.29
C GLU KA 367 27.87 -24.10 35.01
N ARG KA 368 28.49 -24.11 36.20
CA ARG KA 368 28.63 -22.94 37.04
C ARG KA 368 29.98 -22.90 37.69
N GLY KA 369 30.27 -21.77 38.34
CA GLY KA 369 31.52 -21.66 39.11
C GLY KA 369 31.58 -22.71 40.21
N VAL KA 370 32.65 -22.72 41.02
CA VAL KA 370 32.85 -23.79 42.04
C VAL KA 370 31.82 -23.70 43.17
N HIS KA 371 31.27 -22.51 43.45
CA HIS KA 371 30.34 -22.36 44.61
C HIS KA 371 29.12 -23.27 44.46
N LYS KA 372 28.64 -23.49 43.24
CA LYS KA 372 27.40 -24.30 43.05
C LYS KA 372 27.67 -25.77 43.41
N ALA KA 373 27.20 -26.22 44.58
CA ALA KA 373 27.35 -27.60 44.97
C ALA KA 373 26.55 -28.47 44.02
N PRO KA 374 27.00 -29.65 43.62
CA PRO KA 374 26.23 -30.60 42.85
C PRO KA 374 25.31 -31.33 43.82
N ALA KA 375 24.43 -30.59 44.47
CA ALA KA 375 23.55 -31.11 45.50
C ALA KA 375 22.27 -31.63 44.93
N ASN KA 376 22.14 -31.52 43.62
CA ASN KA 376 21.00 -32.02 42.89
C ASN KA 376 21.45 -32.30 41.47
N GLU KA 377 21.99 -33.49 41.24
CA GLU KA 377 22.47 -33.82 39.88
C GLU KA 377 22.31 -35.30 39.53
N VAL KA 378 22.08 -35.56 38.25
CA VAL KA 378 21.87 -36.90 37.73
C VAL KA 378 23.09 -37.76 37.56
N VAL KA 379 23.02 -38.97 38.10
CA VAL KA 379 24.14 -39.87 37.97
C VAL KA 379 24.00 -40.62 36.68
N ARG KA 380 24.39 -39.94 35.63
CA ARG KA 380 24.21 -40.49 34.32
C ARG KA 380 24.99 -41.77 34.20
N GLY KA 381 24.34 -42.79 33.66
CA GLY KA 381 24.93 -44.10 33.44
C GLY KA 381 24.49 -45.11 34.49
N ALA KA 382 23.90 -44.62 35.59
CA ALA KA 382 23.41 -45.49 36.64
C ALA KA 382 22.16 -46.20 36.15
N VAL KA 383 21.95 -47.43 36.62
CA VAL KA 383 20.73 -48.14 36.29
C VAL KA 383 19.79 -48.10 37.48
N ASP KA 384 20.29 -48.45 38.66
CA ASP KA 384 19.46 -48.43 39.86
C ASP KA 384 20.30 -48.36 41.14
N LEU KA 385 19.66 -48.31 42.29
CA LEU KA 385 20.36 -48.28 43.56
C LEU KA 385 20.05 -49.51 44.38
N GLU KA 386 20.96 -49.98 45.23
CA GLU KA 386 20.59 -51.11 46.08
C GLU KA 386 19.49 -50.80 47.08
N LEU KA 387 19.49 -49.61 47.62
CA LEU KA 387 18.48 -49.28 48.60
C LEU KA 387 18.02 -47.85 48.46
N GLN KA 388 16.75 -47.61 48.74
CA GLN KA 388 16.24 -46.26 48.80
C GLN KA 388 16.33 -45.83 50.24
N ILE KA 389 16.95 -44.70 50.48
CA ILE KA 389 17.16 -44.22 51.83
C ILE KA 389 16.11 -43.16 52.12
N THR KA 390 15.26 -43.45 53.10
CA THR KA 390 14.10 -42.61 53.39
C THR KA 390 14.42 -41.46 54.32
N ARG KA 391 13.48 -40.53 54.49
CA ARG KA 391 13.73 -39.34 55.31
C ARG KA 391 14.10 -39.70 56.75
N GLY KA 392 13.54 -40.76 57.29
CA GLY KA 392 13.87 -41.16 58.66
C GLY KA 392 15.33 -41.61 58.78
N GLU KA 393 15.97 -41.90 57.65
CA GLU KA 393 17.35 -42.32 57.61
C GLU KA 393 18.23 -41.13 57.24
N GLN KA 394 17.70 -40.22 56.41
CA GLN KA 394 18.45 -39.02 56.00
C GLN KA 394 18.71 -38.15 57.21
N ASP KA 395 17.76 -38.20 58.15
CA ASP KA 395 17.80 -37.51 59.42
C ASP KA 395 18.97 -37.98 60.29
N LEU KA 396 19.45 -39.20 60.08
CA LEU KA 396 20.55 -39.70 60.87
C LEU KA 396 21.87 -39.63 60.13
N LEU KA 397 21.84 -39.76 58.80
CA LEU KA 397 23.09 -39.79 58.03
C LEU KA 397 23.64 -38.43 57.60
N ASN KA 398 22.79 -37.46 57.26
CA ASN KA 398 23.37 -36.19 56.82
C ASN KA 398 24.15 -35.47 57.93
N PRO KA 399 23.70 -35.46 59.20
CA PRO KA 399 24.36 -34.83 60.32
C PRO KA 399 25.72 -35.43 60.64
N ILE KA 400 26.06 -36.59 60.08
CA ILE KA 400 27.35 -37.18 60.38
C ILE KA 400 28.23 -37.19 59.12
N GLY KA 401 27.83 -36.43 58.10
CA GLY KA 401 28.63 -36.29 56.89
C GLY KA 401 28.51 -37.39 55.84
N VAL KA 402 27.42 -38.17 55.85
CA VAL KA 402 27.32 -39.20 54.82
C VAL KA 402 26.39 -38.76 53.71
N ASN KA 403 26.94 -38.68 52.50
CA ASN KA 403 26.15 -38.20 51.39
C ASN KA 403 25.34 -39.33 50.77
N CYS KA 404 24.13 -39.02 50.36
CA CYS KA 404 23.31 -40.03 49.73
C CYS KA 404 22.91 -39.70 48.30
N ILE KA 405 22.63 -40.79 47.61
CA ILE KA 405 22.14 -40.81 46.24
C ILE KA 405 20.77 -41.49 46.34
N ARG KA 406 19.76 -40.87 45.76
CA ARG KA 406 18.39 -41.39 45.83
C ARG KA 406 17.70 -41.47 44.49
N SER KA 407 16.71 -42.37 44.39
CA SER KA 407 15.88 -42.45 43.19
C SER KA 407 14.70 -41.55 43.47
N PHE KA 408 14.59 -40.49 42.70
CA PHE KA 408 13.57 -39.52 42.98
C PHE KA 408 12.34 -39.74 42.06
N PRO KA 409 11.11 -39.69 42.60
CA PRO KA 409 9.86 -39.93 41.89
C PRO KA 409 9.52 -38.88 40.87
N GLY KA 410 10.17 -38.99 39.71
CA GLY KA 410 10.01 -38.06 38.60
C GLY KA 410 11.28 -37.32 38.22
N ARG KA 411 12.38 -37.57 38.92
CA ARG KA 411 13.62 -36.88 38.55
C ARG KA 411 14.79 -37.83 38.24
N GLY KA 412 14.64 -39.13 38.55
CA GLY KA 412 15.71 -40.11 38.28
C GLY KA 412 16.72 -40.24 39.41
N ILE KA 413 17.88 -40.83 39.10
CA ILE KA 413 18.85 -41.10 40.15
C ILE KA 413 19.74 -39.91 40.34
N ARG KA 414 19.67 -39.32 41.53
CA ARG KA 414 20.42 -38.11 41.75
C ARG KA 414 21.21 -38.06 43.03
N VAL KA 415 22.29 -37.30 42.97
CA VAL KA 415 23.11 -37.02 44.13
C VAL KA 415 22.44 -35.92 44.89
N TRP KA 416 22.25 -36.14 46.18
CA TRP KA 416 21.62 -35.18 47.05
C TRP KA 416 22.47 -34.65 48.19
N GLY KA 417 23.24 -35.51 48.83
CA GLY KA 417 24.02 -34.99 49.95
C GLY KA 417 25.20 -34.20 49.43
N ALA KA 418 25.66 -33.19 50.20
CA ALA KA 418 26.84 -32.44 49.78
C ALA KA 418 27.71 -31.98 50.95
N ARG KA 419 28.06 -32.91 51.83
CA ARG KA 419 28.87 -32.61 53.00
C ARG KA 419 30.23 -33.28 53.00
N THR KA 420 31.15 -32.59 53.66
CA THR KA 420 32.53 -32.97 53.89
C THR KA 420 32.59 -33.99 55.01
N LEU KA 421 33.47 -34.98 54.90
CA LEU KA 421 33.59 -35.98 55.96
C LEU KA 421 34.55 -35.43 57.01
N SER KA 422 34.08 -34.40 57.71
CA SER KA 422 34.81 -33.57 58.67
C SER KA 422 34.01 -33.08 59.84
N SER KA 423 34.67 -33.00 60.99
CA SER KA 423 34.13 -32.50 62.23
C SER KA 423 34.20 -30.98 62.40
N ASP KA 424 34.94 -30.30 61.53
CA ASP KA 424 35.16 -28.86 61.62
C ASP KA 424 34.06 -28.07 60.92
N PRO KA 425 33.19 -27.31 61.63
CA PRO KA 425 32.07 -26.57 61.09
C PRO KA 425 32.45 -25.70 59.88
N ALA KA 426 33.67 -25.16 59.89
CA ALA KA 426 34.11 -24.30 58.79
C ALA KA 426 34.11 -24.98 57.45
N TRP KA 427 34.40 -26.27 57.44
CA TRP KA 427 34.55 -26.97 56.19
C TRP KA 427 33.46 -27.95 55.89
N ARG KA 428 32.30 -27.79 56.51
CA ARG KA 428 31.21 -28.74 56.29
C ARG KA 428 30.69 -28.87 54.88
N TYR KA 429 30.73 -27.80 54.10
CA TYR KA 429 30.15 -27.81 52.78
C TYR KA 429 31.20 -28.07 51.70
N LEU KA 430 30.92 -29.03 50.82
CA LEU KA 430 31.91 -29.40 49.81
C LEU KA 430 32.23 -28.32 48.82
N ASN KA 431 31.25 -27.52 48.45
CA ASN KA 431 31.49 -26.50 47.45
C ASN KA 431 32.33 -25.37 47.97
N ILE KA 432 32.41 -25.22 49.28
CA ILE KA 432 33.19 -24.15 49.83
C ILE KA 432 34.60 -24.61 49.83
N ARG KA 433 34.82 -25.84 50.28
CA ARG KA 433 36.19 -26.42 50.29
C ARG KA 433 36.74 -26.36 48.85
N ARG KA 434 35.91 -26.66 47.86
CA ARG KA 434 36.34 -26.63 46.48
C ARG KA 434 36.61 -25.25 45.96
N TYR KA 435 35.79 -24.26 46.33
CA TYR KA 435 36.02 -22.91 45.89
C TYR KA 435 37.42 -22.49 46.29
N PHE KA 436 37.80 -22.79 47.52
CA PHE KA 436 39.13 -22.41 47.92
C PHE KA 436 40.21 -23.13 47.13
N ASN KA 437 40.06 -24.42 46.85
CA ASN KA 437 41.13 -25.04 46.08
C ASN KA 437 41.20 -24.45 44.68
N TYR KA 438 40.06 -24.08 44.14
CA TYR KA 438 39.99 -23.46 42.83
C TYR KA 438 40.73 -22.15 42.78
N LEU KA 439 40.49 -21.28 43.75
CA LEU KA 439 41.16 -20.01 43.72
C LEU KA 439 42.64 -20.19 43.89
N GLU KA 440 43.04 -21.12 44.74
CA GLU KA 440 44.46 -21.30 44.97
C GLU KA 440 45.17 -21.79 43.75
N GLU KA 441 44.61 -22.72 43.02
CA GLU KA 441 45.36 -23.18 41.88
C GLU KA 441 45.60 -22.05 40.88
N SER KA 442 44.56 -21.28 40.58
CA SER KA 442 44.75 -20.24 39.58
C SER KA 442 45.63 -19.09 40.03
N ILE KA 443 45.52 -18.67 41.28
CA ILE KA 443 46.31 -17.52 41.69
C ILE KA 443 47.77 -17.89 41.83
N LEU KA 444 48.05 -19.10 42.32
CA LEU KA 444 49.42 -19.54 42.50
C LEU KA 444 50.13 -19.73 41.18
N ILE KA 445 49.42 -20.23 40.16
CA ILE KA 445 50.07 -20.36 38.88
C ILE KA 445 50.32 -18.98 38.31
N GLY KA 446 49.31 -18.11 38.38
CA GLY KA 446 49.45 -16.78 37.83
C GLY KA 446 50.66 -16.04 38.37
N THR KA 447 50.72 -15.80 39.68
CA THR KA 447 51.84 -15.03 40.20
C THR KA 447 53.02 -15.93 40.51
N GLN KA 448 53.63 -16.44 39.46
CA GLN KA 448 54.74 -17.34 39.62
C GLN KA 448 56.05 -16.71 39.22
N TRP KA 449 56.77 -16.22 40.21
CA TRP KA 449 58.06 -15.60 39.98
C TRP KA 449 59.03 -16.48 40.75
N VAL KA 450 60.22 -16.70 40.23
CA VAL KA 450 61.16 -17.58 40.92
C VAL KA 450 62.45 -16.90 41.30
N VAL KA 451 62.81 -17.12 42.58
CA VAL KA 451 63.96 -16.52 43.21
C VAL KA 451 63.59 -15.09 43.36
N PHE KA 452 63.33 -14.69 44.60
CA PHE KA 452 63.00 -13.32 44.91
C PHE KA 452 64.29 -12.52 44.88
N GLU KA 453 64.28 -11.39 44.18
CA GLU KA 453 65.46 -10.55 44.09
C GLU KA 453 65.64 -9.74 45.36
N PRO KA 454 65.08 -8.52 45.37
CA PRO KA 454 65.18 -7.67 46.55
C PRO KA 454 63.83 -7.40 47.20
N ASN KA 455 63.72 -7.65 48.49
CA ASN KA 455 62.51 -7.36 49.23
C ASN KA 455 62.35 -5.87 49.04
N ASP KA 456 61.24 -5.49 48.44
CA ASP KA 456 61.03 -4.13 48.01
C ASP KA 456 59.56 -3.83 47.85
N HIS KA 457 59.18 -2.59 48.15
CA HIS KA 457 57.77 -2.17 48.01
C HIS KA 457 57.31 -2.32 46.56
N ASN KA 458 58.22 -2.15 45.59
CA ASN KA 458 57.77 -2.20 44.23
C ASN KA 458 57.18 -3.57 43.93
N LEU KA 459 57.65 -4.62 44.61
CA LEU KA 459 57.10 -5.92 44.32
C LEU KA 459 55.79 -6.04 45.02
N TRP KA 460 55.69 -5.42 46.19
CA TRP KA 460 54.45 -5.49 46.92
C TRP KA 460 53.39 -4.84 46.07
N ALA KA 461 53.71 -3.70 45.48
CA ALA KA 461 52.72 -3.05 44.66
C ALA KA 461 52.29 -3.90 43.49
N ARG KA 462 53.22 -4.61 42.84
CA ARG KA 462 52.82 -5.43 41.72
C ARG KA 462 51.87 -6.54 42.15
N ILE KA 463 52.16 -7.12 43.31
CA ILE KA 463 51.35 -8.19 43.83
C ILE KA 463 49.97 -7.75 44.24
N ARG KA 464 49.87 -6.63 44.97
CA ARG KA 464 48.55 -6.21 45.42
C ARG KA 464 47.69 -5.93 44.25
N ARG KA 465 48.27 -5.30 43.24
CA ARG KA 465 47.49 -4.93 42.11
C ARG KA 465 47.01 -6.16 41.37
N ASN KA 466 47.86 -7.18 41.22
CA ASN KA 466 47.45 -8.37 40.50
C ASN KA 466 46.43 -9.22 41.23
N VAL KA 467 46.50 -9.29 42.54
CA VAL KA 467 45.53 -10.12 43.24
C VAL KA 467 44.17 -9.47 43.17
N SER KA 468 44.10 -8.16 43.38
CA SER KA 468 42.82 -7.50 43.33
C SER KA 468 42.22 -7.60 41.94
N ALA KA 469 43.03 -7.40 40.89
CA ALA KA 469 42.48 -7.48 39.55
C ALA KA 469 41.84 -8.85 39.31
N PHE KA 470 42.47 -9.91 39.82
CA PHE KA 470 41.92 -11.25 39.71
C PHE KA 470 40.59 -11.44 40.44
N LEU KA 471 40.55 -11.01 41.70
CA LEU KA 471 39.37 -11.20 42.54
C LEU KA 471 38.18 -10.30 42.25
N VAL KA 472 38.39 -9.12 41.69
CA VAL KA 472 37.23 -8.27 41.47
C VAL KA 472 36.24 -8.92 40.53
N ASN KA 473 36.69 -9.78 39.62
CA ASN KA 473 35.77 -10.46 38.74
C ASN KA 473 34.90 -11.47 39.47
N GLU KA 474 35.33 -12.00 40.60
CA GLU KA 474 34.51 -12.95 41.30
C GLU KA 474 33.33 -12.16 41.86
N TRP KA 475 33.61 -10.92 42.26
CA TRP KA 475 32.57 -10.00 42.72
C TRP KA 475 31.65 -9.51 41.60
N ARG KA 476 32.24 -9.15 40.45
CA ARG KA 476 31.44 -8.64 39.33
C ARG KA 476 30.49 -9.74 38.86
N ASN KA 477 30.99 -10.97 38.91
CA ASN KA 477 30.26 -12.15 38.56
C ASN KA 477 29.49 -12.55 39.81
N GLY KA 478 28.72 -13.62 39.78
CA GLY KA 478 27.93 -13.92 40.97
C GLY KA 478 28.59 -14.74 42.11
N ALA KA 479 29.87 -15.07 41.99
CA ALA KA 479 30.54 -15.91 43.00
C ALA KA 479 30.62 -15.31 44.42
N LEU KA 480 30.82 -14.00 44.56
CA LEU KA 480 30.98 -13.41 45.90
C LEU KA 480 29.77 -12.65 46.43
N PHE KA 481 29.75 -12.50 47.74
CA PHE KA 481 28.72 -11.74 48.44
C PHE KA 481 29.21 -10.33 48.71
N GLY KA 482 28.31 -9.36 48.71
CA GLY KA 482 28.63 -7.97 49.06
C GLY KA 482 28.15 -6.99 48.01
N GLN KA 483 27.89 -5.75 48.45
CA GLN KA 483 27.40 -4.70 47.57
C GLN KA 483 28.47 -4.04 46.71
N SER KA 484 29.71 -4.25 47.08
CA SER KA 484 30.85 -3.66 46.41
C SER KA 484 32.11 -4.47 46.78
N PRO KA 485 33.21 -4.39 46.00
CA PRO KA 485 34.51 -5.02 46.27
C PRO KA 485 35.00 -4.71 47.68
N ASP KA 486 34.60 -3.54 48.16
CA ASP KA 486 34.97 -3.04 49.47
C ASP KA 486 34.64 -4.06 50.55
N GLN KA 487 33.53 -4.76 50.38
CA GLN KA 487 33.13 -5.72 51.37
C GLN KA 487 33.36 -7.12 50.86
N ALA KA 488 33.28 -7.29 49.55
CA ALA KA 488 33.37 -8.60 48.94
C ALA KA 488 34.72 -9.29 49.11
N TYR KA 489 35.82 -8.55 49.10
CA TYR KA 489 37.12 -9.21 49.28
C TYR KA 489 38.16 -8.25 49.85
N TYR KA 490 39.28 -8.81 50.32
CA TYR KA 490 40.33 -7.95 50.93
C TYR KA 490 41.75 -8.41 50.56
N VAL KA 491 42.60 -7.49 50.12
CA VAL KA 491 43.99 -7.81 49.83
C VAL KA 491 44.98 -6.91 50.57
N LYS KA 492 45.95 -7.50 51.28
CA LYS KA 492 46.98 -6.72 51.98
C LYS KA 492 48.41 -7.26 51.79
N CYS KA 493 49.31 -6.37 51.38
CA CYS KA 493 50.71 -6.74 51.21
C CYS KA 493 51.56 -5.49 51.32
N ASP KA 494 52.14 -5.32 52.49
CA ASP KA 494 52.90 -4.15 52.86
C ASP KA 494 53.91 -4.55 53.93
N GLU KA 495 54.61 -3.58 54.50
CA GLU KA 495 55.65 -3.84 55.47
C GLU KA 495 55.16 -4.51 56.76
N GLU KA 496 53.86 -4.60 57.00
CA GLU KA 496 53.45 -5.27 58.21
C GLU KA 496 53.20 -6.75 57.99
N THR KA 497 53.33 -7.22 56.74
CA THR KA 497 53.13 -8.63 56.48
C THR KA 497 54.53 -9.07 56.11
N ASN KA 498 55.31 -8.07 55.70
CA ASN KA 498 56.68 -8.23 55.26
C ASN KA 498 57.58 -7.27 56.07
N PRO KA 499 57.84 -7.58 57.36
CA PRO KA 499 58.51 -6.75 58.34
C PRO KA 499 59.98 -6.57 57.98
N PRO KA 500 60.65 -5.55 58.58
CA PRO KA 500 62.03 -5.12 58.38
C PRO KA 500 63.09 -6.19 58.44
N GLU KA 501 62.89 -7.28 59.19
CA GLU KA 501 63.94 -8.28 59.21
C GLU KA 501 64.25 -8.72 57.79
N SER KA 502 63.23 -8.78 56.93
CA SER KA 502 63.42 -9.09 55.53
C SER KA 502 64.29 -10.31 55.33
N VAL KA 503 64.02 -11.37 56.06
CA VAL KA 503 64.89 -12.52 55.92
C VAL KA 503 64.45 -13.39 54.79
N ASP KA 504 65.31 -13.49 53.79
CA ASP KA 504 65.05 -14.28 52.62
C ASP KA 504 63.65 -14.04 52.05
N LEU KA 505 62.82 -15.08 51.92
CA LEU KA 505 61.52 -14.84 51.34
C LEU KA 505 60.59 -13.94 52.13
N GLY KA 506 60.05 -12.96 51.41
CA GLY KA 506 59.05 -12.03 51.88
C GLY KA 506 57.80 -12.45 51.17
N ARG KA 507 57.25 -11.56 50.33
CA ARG KA 507 56.05 -11.90 49.52
C ARG KA 507 54.93 -12.46 50.41
N VAL KA 508 54.66 -11.84 51.56
CA VAL KA 508 53.56 -12.30 52.38
C VAL KA 508 52.31 -11.52 51.99
N VAL KA 509 51.25 -12.23 51.57
CA VAL KA 509 50.05 -11.53 51.15
C VAL KA 509 48.86 -11.99 51.97
N CYS KA 510 48.19 -11.10 52.65
CA CYS KA 510 47.07 -11.55 53.44
C CYS KA 510 45.80 -11.34 52.64
N GLU KA 511 44.90 -12.32 52.67
CA GLU KA 511 43.67 -12.17 51.90
C GLU KA 511 42.41 -12.61 52.62
N ILE KA 512 41.32 -11.91 52.34
CA ILE KA 512 40.05 -12.28 52.93
C ILE KA 512 39.12 -12.71 51.82
N GLY KA 513 38.49 -13.85 52.04
CA GLY KA 513 37.54 -14.39 51.08
C GLY KA 513 36.22 -13.76 51.47
N ILE KA 514 35.32 -14.52 52.05
CA ILE KA 514 34.05 -13.89 52.40
C ILE KA 514 34.14 -13.52 53.87
N ALA KA 515 34.01 -14.52 54.75
CA ALA KA 515 34.34 -14.36 56.15
C ALA KA 515 35.78 -14.84 56.50
N PRO KA 516 36.25 -16.04 56.03
CA PRO KA 516 37.51 -16.61 56.41
C PRO KA 516 38.67 -15.87 55.82
N VAL KA 517 39.79 -15.98 56.51
CA VAL KA 517 41.00 -15.28 56.12
C VAL KA 517 42.15 -16.27 55.84
N LYS KA 518 42.92 -16.03 54.76
CA LYS KA 518 44.10 -16.80 54.35
C LYS KA 518 45.33 -15.97 54.76
N MET LA 1 16.93 6.51 44.93
CA MET LA 1 15.61 7.08 44.71
C MET LA 1 15.13 7.82 46.00
N SER LA 2 15.95 8.79 46.46
CA SER LA 2 15.71 9.62 47.67
C SER LA 2 14.70 10.74 47.47
N LEU LA 3 14.44 11.05 46.22
CA LEU LA 3 13.58 12.13 45.81
C LEU LA 3 12.55 11.61 44.82
N PRO LA 4 11.41 12.30 44.63
CA PRO LA 4 10.42 12.04 43.58
C PRO LA 4 10.95 12.39 42.18
N LYS LA 5 12.04 13.17 42.11
CA LYS LA 5 12.57 13.69 40.82
C LYS LA 5 13.21 12.63 39.90
N PRO LA 6 14.00 11.64 40.36
CA PRO LA 6 14.58 10.62 39.49
C PRO LA 6 13.60 9.66 38.89
N GLU LA 7 14.08 9.01 37.84
CA GLU LA 7 13.36 8.01 37.10
C GLU LA 7 14.28 6.85 36.92
N ASP LA 8 13.75 5.69 36.72
CA ASP LA 8 14.59 4.56 36.45
C ASP LA 8 15.38 4.82 35.18
N VAL LA 9 16.62 4.41 35.18
CA VAL LA 9 17.57 4.56 34.09
C VAL LA 9 17.98 3.21 33.59
N LEU LA 10 18.53 3.15 32.39
CA LEU LA 10 19.00 1.92 31.80
C LEU LA 10 20.32 1.49 32.41
N VAL LA 11 20.20 1.08 33.66
CA VAL LA 11 21.28 0.68 34.51
C VAL LA 11 21.61 -0.78 34.37
N ALA LA 12 20.60 -1.62 34.47
CA ALA LA 12 20.85 -3.04 34.47
C ALA LA 12 19.64 -3.89 34.18
N PRO LA 13 19.13 -3.94 32.95
CA PRO LA 13 18.01 -4.78 32.68
C PRO LA 13 18.52 -6.19 32.82
N ASN LA 14 17.81 -7.09 33.49
CA ASN LA 14 18.33 -8.48 33.55
C ASN LA 14 17.18 -9.50 33.54
N PHE LA 15 17.49 -10.80 33.44
CA PHE LA 15 16.36 -11.77 33.32
C PHE LA 15 16.42 -13.08 34.12
N GLY LA 16 15.32 -13.40 34.80
CA GLY LA 16 15.08 -14.68 35.45
C GLY LA 16 14.69 -15.64 34.34
N ILE LA 17 15.46 -16.71 34.18
CA ILE LA 17 15.21 -17.69 33.12
C ILE LA 17 15.93 -19.03 33.43
N GLN LA 18 15.40 -20.19 33.07
CA GLN LA 18 16.14 -21.44 33.43
C GLN LA 18 17.22 -21.69 32.38
N ILE LA 19 17.04 -21.15 31.18
CA ILE LA 19 17.90 -21.24 30.02
C ILE LA 19 18.99 -20.19 30.20
N ASP LA 20 20.25 -20.55 30.06
CA ASP LA 20 21.32 -19.63 30.43
C ASP LA 20 21.66 -18.44 29.54
N GLY LA 21 20.74 -17.51 29.53
CA GLY LA 21 20.84 -16.21 28.88
C GLY LA 21 21.56 -15.32 29.87
N VAL LA 22 22.82 -15.66 30.14
CA VAL LA 22 23.61 -15.02 31.18
C VAL LA 22 23.98 -13.58 30.88
N MET LA 23 24.43 -13.27 29.66
CA MET LA 23 24.78 -11.87 29.34
C MET LA 23 23.97 -11.40 28.14
N VAL LA 24 23.46 -10.18 28.20
CA VAL LA 24 22.62 -9.61 27.13
C VAL LA 24 23.01 -8.20 26.69
N GLU LA 25 22.53 -7.78 25.52
CA GLU LA 25 22.69 -6.38 25.14
C GLU LA 25 21.44 -5.59 25.45
N TYR LA 26 20.27 -6.08 24.97
CA TYR LA 26 19.05 -5.30 25.16
C TYR LA 26 17.73 -6.05 25.08
N LEU LA 27 16.70 -5.37 25.60
CA LEU LA 27 15.32 -5.82 25.53
C LEU LA 27 14.39 -4.78 24.90
N ASN LA 28 13.55 -5.20 23.96
CA ASN LA 28 12.63 -4.25 23.33
C ASN LA 28 11.24 -4.84 23.05
N SER LA 29 10.37 -3.99 22.49
CA SER LA 29 8.97 -4.27 22.14
C SER LA 29 8.11 -4.77 23.28
N VAL LA 30 8.19 -4.11 24.43
CA VAL LA 30 7.38 -4.51 25.58
C VAL LA 30 6.18 -3.57 25.80
N SER LA 31 4.97 -4.12 25.73
CA SER LA 31 3.75 -3.33 25.89
C SER LA 31 2.59 -4.11 26.49
N ASN LA 32 1.65 -3.36 27.07
CA ASN LA 32 0.42 -3.83 27.69
C ASN LA 32 -0.85 -3.26 27.03
N LEU LA 33 -1.59 -4.07 26.27
CA LEU LA 33 -2.77 -3.57 25.56
C LEU LA 33 -4.14 -4.21 25.83
N GLN LA 34 -5.09 -3.36 26.19
CA GLN LA 34 -6.48 -3.74 26.40
C GLN LA 34 -7.21 -3.23 25.15
N ILE LA 35 -7.92 -4.12 24.46
CA ILE LA 35 -8.60 -3.77 23.24
C ILE LA 35 -9.89 -3.03 23.50
N GLU LA 36 -10.15 -1.92 22.79
CA GLU LA 36 -11.40 -1.19 22.99
C GLU LA 36 -12.43 -1.59 21.94
N GLN LA 37 -13.61 -1.02 22.02
CA GLN LA 37 -14.69 -1.29 21.08
C GLN LA 37 -15.48 -0.02 20.87
N ASP LA 38 -16.08 0.14 19.69
CA ASP LA 38 -16.77 1.37 19.34
C ASP LA 38 -18.15 1.22 18.69
N VAL LA 39 -19.21 1.67 19.39
CA VAL LA 39 -20.55 1.56 18.81
C VAL LA 39 -21.28 2.92 18.75
N ILE LA 40 -21.96 3.15 17.64
CA ILE LA 40 -22.69 4.40 17.49
C ILE LA 40 -24.20 4.14 17.46
N ARG LA 41 -24.96 4.88 18.25
CA ARG LA 41 -26.42 4.75 18.26
C ARG LA 41 -27.16 6.06 18.09
N TYR LA 42 -28.42 5.98 17.72
CA TYR LA 42 -29.28 7.15 17.60
C TYR LA 42 -30.01 7.29 18.94
N GLN LA 43 -30.25 8.52 19.39
CA GLN LA 43 -30.91 8.72 20.69
C GLN LA 43 -32.40 8.44 20.86
N GLN LA 44 -32.75 8.25 22.12
CA GLN LA 44 -34.10 7.91 22.59
C GLN LA 44 -35.34 8.66 22.14
N ASN LA 45 -35.66 8.60 20.84
CA ASN LA 45 -36.96 9.12 20.32
C ASN LA 45 -37.10 10.60 20.69
N GLN LA 46 -36.09 11.40 20.38
CA GLN LA 46 -36.19 12.81 20.64
C GLN LA 46 -35.20 13.59 19.81
N GLY LA 47 -35.29 14.91 19.87
CA GLY LA 47 -34.42 15.80 19.11
C GLY LA 47 -33.00 16.02 19.68
N THR LA 48 -32.28 14.93 19.94
CA THR LA 48 -30.90 15.03 20.43
C THR LA 48 -30.04 14.12 19.57
N THR LA 49 -28.73 14.27 19.67
CA THR LA 49 -27.82 13.52 18.82
C THR LA 49 -27.65 12.14 19.31
N GLY LA 50 -26.99 11.36 18.49
CA GLY LA 50 -26.71 10.03 18.88
C GLY LA 50 -25.57 10.04 19.86
N ARG LA 51 -25.20 8.84 20.29
CA ARG LA 51 -24.15 8.67 21.26
C ARG LA 51 -23.10 7.69 20.78
N ASN LA 52 -21.93 7.83 21.35
CA ASN LA 52 -20.79 6.98 21.08
C ASN LA 52 -20.39 6.21 22.30
N ASN LA 53 -20.52 4.91 22.27
CA ASN LA 53 -20.13 4.16 23.43
C ASN LA 53 -18.77 3.51 23.22
N VAL LA 54 -17.81 4.03 23.94
CA VAL LA 54 -16.41 3.63 23.87
C VAL LA 54 -15.93 3.15 25.22
N THR LA 55 -16.86 2.76 26.07
CA THR LA 55 -16.61 2.27 27.44
C THR LA 55 -16.77 0.76 27.47
N LEU LA 56 -16.87 0.22 26.28
CA LEU LA 56 -17.01 -1.18 26.04
C LEU LA 56 -15.62 -1.74 26.27
N MET LA 57 -15.49 -2.93 26.82
CA MET LA 57 -14.17 -3.45 27.13
C MET LA 57 -13.88 -4.93 26.79
N PRO LA 58 -13.47 -5.21 25.54
CA PRO LA 58 -13.03 -6.50 25.00
C PRO LA 58 -11.78 -6.98 25.71
N GLY LA 59 -11.29 -8.17 25.38
CA GLY LA 59 -10.18 -8.75 26.11
C GLY LA 59 -8.80 -8.14 25.85
N VAL LA 60 -7.82 -8.77 26.49
CA VAL LA 60 -6.44 -8.34 26.52
C VAL LA 60 -5.58 -9.01 25.45
N ALA LA 61 -4.78 -8.20 24.78
CA ALA LA 61 -3.89 -8.60 23.72
C ALA LA 61 -2.64 -9.31 24.24
N LYS LA 62 -2.02 -10.07 23.36
CA LYS LA 62 -0.80 -10.82 23.62
C LYS LA 62 0.23 -10.51 22.54
N ASP LA 63 1.52 -10.66 22.84
CA ASP LA 63 2.56 -10.37 21.86
C ASP LA 63 3.88 -11.05 22.23
N GLY LA 64 4.97 -10.58 21.63
CA GLY LA 64 6.30 -11.12 21.88
C GLY LA 64 7.32 -10.02 22.11
N SER LA 65 8.38 -10.34 22.83
CA SER LA 65 9.41 -9.35 23.13
C SER LA 65 10.76 -9.72 22.51
N VAL LA 66 11.37 -8.75 21.82
CA VAL LA 66 12.66 -8.96 21.18
C VAL LA 66 13.77 -9.03 22.22
N GLN LA 67 14.68 -9.98 22.06
CA GLN LA 67 15.77 -10.16 22.99
C GLN LA 67 17.08 -10.24 22.25
N VAL LA 68 18.02 -9.36 22.59
CA VAL LA 68 19.28 -9.44 21.88
C VAL LA 68 20.45 -9.80 22.74
N GLU LA 69 21.05 -10.89 22.30
CA GLU LA 69 22.22 -11.48 22.92
C GLU LA 69 23.34 -10.76 22.25
N ARG LA 70 24.35 -10.39 23.01
CA ARG LA 70 25.42 -9.62 22.42
C ARG LA 70 25.98 -10.23 21.17
N GLY LA 71 26.16 -11.54 21.15
CA GLY LA 71 26.67 -12.13 19.95
C GLY LA 71 26.90 -13.58 20.08
N MET LA 72 27.32 -14.16 18.98
CA MET LA 72 27.55 -15.59 18.93
C MET LA 72 28.77 -15.96 19.73
N SER LA 73 28.70 -17.12 20.34
CA SER LA 73 29.77 -17.71 21.11
C SER LA 73 29.62 -19.20 20.93
N GLN LA 74 30.48 -19.97 21.54
CA GLN LA 74 30.44 -21.42 21.38
C GLN LA 74 29.31 -22.09 22.16
N SER LA 75 28.63 -21.35 23.06
CA SER LA 75 27.58 -21.97 23.87
C SER LA 75 26.20 -21.84 23.23
N SER LA 76 25.68 -22.95 22.70
CA SER LA 76 24.42 -22.94 21.95
C SER LA 76 23.17 -23.05 22.80
N VAL LA 77 22.98 -22.06 23.64
CA VAL LA 77 21.87 -22.01 24.57
C VAL LA 77 20.55 -21.79 23.89
N PHE LA 78 20.49 -20.76 23.05
CA PHE LA 78 19.22 -20.41 22.37
C PHE LA 78 18.96 -21.41 21.23
N THR LA 79 20.02 -21.94 20.61
CA THR LA 79 19.78 -22.82 19.50
C THR LA 79 19.06 -24.04 20.02
N GLN LA 80 19.48 -24.59 21.16
CA GLN LA 80 18.74 -25.75 21.56
C GLN LA 80 17.31 -25.41 21.97
N TRP LA 81 17.08 -24.24 22.56
CA TRP LA 81 15.70 -23.94 22.93
C TRP LA 81 14.82 -24.02 21.68
N ILE LA 82 15.26 -23.40 20.58
CA ILE LA 82 14.43 -23.48 19.40
C ILE LA 82 14.36 -24.90 18.85
N ASN LA 83 15.45 -25.69 18.96
CA ASN LA 83 15.37 -27.06 18.47
C ASN LA 83 14.32 -27.88 19.21
N ASP LA 84 14.17 -27.68 20.52
CA ASP LA 84 13.19 -28.46 21.27
C ASP LA 84 11.77 -28.18 20.81
N SER LA 85 11.47 -26.92 20.51
CA SER LA 85 10.15 -26.60 20.02
C SER LA 85 9.94 -27.12 18.60
N MET LA 86 10.97 -27.04 17.75
CA MET LA 86 10.81 -27.53 16.37
C MET LA 86 10.56 -29.01 16.34
N ALA LA 87 11.13 -29.71 17.31
CA ALA LA 87 11.01 -31.15 17.46
C ALA LA 87 9.62 -31.59 17.92
N GLY LA 88 8.78 -30.65 18.37
CA GLY LA 88 7.44 -30.97 18.84
C GLY LA 88 7.20 -31.03 20.35
N ARG LA 89 8.17 -30.69 21.20
CA ARG LA 89 7.87 -30.73 22.62
C ARG LA 89 7.35 -29.36 23.03
N MET LA 90 6.36 -29.31 23.91
CA MET LA 90 5.88 -27.99 24.34
C MET LA 90 6.84 -27.46 25.42
N ALA LA 91 8.03 -27.08 24.95
CA ALA LA 91 9.17 -26.65 25.75
C ALA LA 91 9.10 -25.19 26.08
N THR LA 92 8.11 -24.84 26.88
CA THR LA 92 7.89 -23.44 27.21
C THR LA 92 8.46 -23.15 28.59
N ALA LA 93 8.57 -21.87 28.94
CA ALA LA 93 9.06 -21.53 30.27
C ALA LA 93 8.63 -20.15 30.73
N ARG LA 94 8.59 -19.97 32.06
CA ARG LA 94 8.31 -18.68 32.71
C ARG LA 94 9.54 -17.77 32.69
N LYS LA 95 9.32 -16.47 32.47
CA LYS LA 95 10.44 -15.51 32.51
C LYS LA 95 10.16 -14.25 33.32
N ASN LA 96 11.24 -13.63 33.81
CA ASN LA 96 11.10 -12.38 34.54
C ASN LA 96 12.01 -11.26 34.10
N ALA LA 97 11.45 -10.19 33.56
CA ALA LA 97 12.24 -9.06 33.09
C ALA LA 97 12.37 -8.04 34.22
N THR LA 98 13.58 -7.79 34.67
CA THR LA 98 13.81 -6.92 35.83
C THR LA 98 14.45 -5.56 35.52
N ILE LA 99 13.88 -4.50 36.10
CA ILE LA 99 14.39 -3.14 35.99
C ILE LA 99 15.01 -2.74 37.33
N ILE LA 100 16.25 -2.28 37.23
CA ILE LA 100 17.12 -1.99 38.37
C ILE LA 100 17.54 -0.51 38.51
N VAL LA 101 17.60 -0.08 39.76
CA VAL LA 101 17.96 1.28 40.19
C VAL LA 101 19.45 1.58 40.16
N MET LA 102 19.76 2.87 40.16
CA MET LA 102 21.12 3.38 40.14
C MET LA 102 21.98 2.62 41.14
N ASP LA 103 21.49 2.51 42.37
CA ASP LA 103 22.10 1.67 43.37
C ASP LA 103 21.42 0.36 43.14
N TYR LA 104 22.15 -0.53 42.51
CA TYR LA 104 21.65 -1.77 41.97
C TYR LA 104 21.03 -2.73 42.95
N GLU LA 105 21.29 -2.57 44.23
CA GLU LA 105 20.66 -3.52 45.14
C GLU LA 105 19.15 -3.32 45.18
N ASP LA 106 18.69 -2.14 44.76
CA ASP LA 106 17.29 -1.77 44.71
C ASP LA 106 16.72 -2.23 43.35
N ASN LA 107 15.77 -3.18 43.37
CA ASN LA 107 15.23 -3.80 42.15
C ASN LA 107 13.70 -3.70 42.10
N PRO LA 108 13.11 -2.49 41.97
CA PRO LA 108 11.70 -2.21 42.12
C PRO LA 108 10.71 -2.67 41.05
N VAL LA 109 11.13 -2.96 39.83
CA VAL LA 109 10.08 -3.33 38.87
C VAL LA 109 10.35 -4.63 38.17
N LYS LA 110 9.36 -5.51 38.22
CA LYS LA 110 9.51 -6.79 37.57
C LYS LA 110 8.29 -7.13 36.75
N ARG LA 111 8.52 -7.70 35.57
CA ARG LA 111 7.42 -8.17 34.74
C ARG LA 111 7.47 -9.66 34.49
N TRP LA 112 6.38 -10.29 34.85
CA TRP LA 112 6.21 -11.72 34.71
C TRP LA 112 5.65 -12.11 33.38
N ASN LA 113 6.38 -12.98 32.70
CA ASN LA 113 5.97 -13.50 31.44
C ASN LA 113 5.47 -14.92 31.67
N LEU LA 114 4.29 -15.13 31.10
CA LEU LA 114 3.60 -16.43 31.26
C LEU LA 114 4.46 -17.64 30.93
N ARG LA 115 4.22 -18.73 31.65
CA ARG LA 115 4.87 -20.02 31.50
C ARG LA 115 4.78 -20.65 30.14
N ASN LA 116 3.92 -20.14 29.30
CA ASN LA 116 3.75 -20.65 27.99
C ASN LA 116 4.67 -19.95 27.00
N ALA LA 117 5.53 -19.06 27.47
CA ALA LA 117 6.42 -18.36 26.55
C ALA LA 117 7.40 -19.31 25.85
N TRP LA 118 7.66 -19.02 24.57
CA TRP LA 118 8.60 -19.88 23.78
C TRP LA 118 9.30 -19.09 22.67
N CYS LA 119 10.40 -19.62 22.15
CA CYS LA 119 11.18 -19.00 21.07
C CYS LA 119 10.82 -19.44 19.65
N SER LA 120 10.46 -18.48 18.80
CA SER LA 120 10.10 -18.79 17.42
C SER LA 120 11.21 -18.45 16.43
N LYS LA 121 12.07 -17.50 16.79
CA LYS LA 121 13.14 -17.17 15.84
C LYS LA 121 14.51 -17.01 16.41
N VAL LA 122 15.47 -17.39 15.60
CA VAL LA 122 16.86 -17.06 15.83
C VAL LA 122 17.40 -16.38 14.57
N VAL LA 123 17.87 -15.15 14.69
CA VAL LA 123 18.34 -14.42 13.50
C VAL LA 123 19.79 -13.98 13.62
N ALA LA 124 20.57 -14.31 12.60
CA ALA LA 124 21.99 -13.96 12.55
C ALA LA 124 22.19 -12.54 12.05
N GLY LA 125 23.33 -11.95 12.38
CA GLY LA 125 23.67 -10.64 11.86
C GLY LA 125 24.34 -10.81 10.49
N THR LA 126 24.81 -9.72 9.90
CA THR LA 126 25.47 -9.73 8.59
C THR LA 126 26.95 -10.00 8.74
N LEU LA 127 27.52 -10.84 7.88
CA LEU LA 127 28.95 -11.07 7.98
C LEU LA 127 29.67 -10.52 6.75
N LYS LA 128 30.34 -9.37 6.90
CA LYS LA 128 31.01 -8.71 5.78
C LYS LA 128 32.44 -8.30 6.11
N ALA LA 129 33.35 -8.65 5.20
CA ALA LA 129 34.75 -8.37 5.46
C ALA LA 129 35.01 -6.90 5.68
N GLY LA 130 35.73 -6.60 6.75
CA GLY LA 130 36.13 -5.25 7.08
C GLY LA 130 35.09 -4.39 7.81
N ASP LA 131 33.88 -4.90 8.06
CA ASP LA 131 32.89 -4.01 8.66
C ASP LA 131 33.27 -3.43 9.99
N THR LA 132 34.02 -4.16 10.78
CA THR LA 132 34.57 -3.67 12.06
C THR LA 132 33.56 -3.40 13.18
N ASN LA 133 32.54 -2.61 12.92
CA ASN LA 133 31.57 -2.26 13.95
C ASN LA 133 30.37 -3.19 13.93
N ALA LA 134 30.46 -4.20 13.09
CA ALA LA 134 29.47 -5.22 12.98
C ALA LA 134 30.05 -6.39 13.74
N LEU LA 135 29.38 -6.82 14.80
CA LEU LA 135 29.96 -7.79 15.71
C LEU LA 135 29.14 -9.05 16.01
N THR LA 136 28.61 -9.68 14.96
CA THR LA 136 27.83 -10.93 15.01
C THR LA 136 26.83 -11.03 16.16
N GLU LA 137 25.85 -10.13 16.19
CA GLU LA 137 24.79 -10.11 17.20
C GLU LA 137 23.78 -11.20 16.91
N THR LA 138 23.02 -11.65 17.90
CA THR LA 138 21.95 -12.59 17.57
C THR LA 138 20.64 -12.07 18.09
N ILE LA 139 19.59 -12.27 17.32
CA ILE LA 139 18.30 -11.79 17.76
C ILE LA 139 17.41 -12.96 18.10
N THR LA 140 16.84 -12.97 19.28
CA THR LA 140 15.96 -14.05 19.66
C THR LA 140 14.55 -13.52 19.82
N ILE LA 141 13.59 -14.17 19.18
CA ILE LA 141 12.21 -13.71 19.30
C ILE LA 141 11.38 -14.69 20.10
N VAL LA 142 10.82 -14.15 21.20
CA VAL LA 142 10.05 -14.94 22.15
C VAL LA 142 8.62 -14.48 22.25
N PHE LA 143 7.70 -15.43 22.15
CA PHE LA 143 6.25 -15.08 22.23
C PHE LA 143 5.81 -15.09 23.69
N GLU LA 144 5.17 -14.00 24.12
CA GLU LA 144 4.67 -13.89 25.49
C GLU LA 144 3.15 -13.76 25.55
N GLU LA 145 2.50 -14.88 25.86
CA GLU LA 145 1.05 -14.97 25.94
C GLU LA 145 0.42 -13.96 26.87
N LEU LA 146 1.06 -13.75 28.01
CA LEU LA 146 0.55 -12.86 29.01
C LEU LA 146 1.64 -12.17 29.80
N VAL LA 147 1.54 -10.85 29.91
CA VAL LA 147 2.53 -10.11 30.67
C VAL LA 147 1.87 -9.39 31.83
N VAL LA 148 2.35 -9.67 33.03
CA VAL LA 148 1.82 -9.08 34.25
C VAL LA 148 2.91 -8.37 35.05
N GLU LA 149 2.68 -7.12 35.51
CA GLU LA 149 3.66 -6.37 36.33
C GLU LA 149 3.91 -7.10 37.68
N MET MA 1 87.54 -9.96 50.42
CA MET MA 1 88.46 -8.86 50.16
C MET MA 1 89.63 -9.35 49.28
N PRO MA 2 89.43 -9.62 47.93
CA PRO MA 2 90.45 -10.04 46.96
C PRO MA 2 91.31 -8.84 46.69
N SER MA 3 92.54 -9.01 46.25
CA SER MA 3 93.23 -7.80 45.92
C SER MA 3 92.61 -7.14 44.72
N TYR MA 4 92.47 -5.84 44.83
CA TYR MA 4 91.95 -4.93 43.84
C TYR MA 4 92.95 -3.84 43.45
N LEU MA 5 94.20 -4.03 43.90
CA LEU MA 5 95.27 -3.08 43.64
C LEU MA 5 95.67 -3.10 42.18
N SER MA 6 95.79 -4.31 41.64
CA SER MA 6 96.38 -4.54 40.35
C SER MA 6 96.02 -5.88 39.73
N PRO MA 7 96.17 -6.02 38.40
CA PRO MA 7 96.16 -7.29 37.68
C PRO MA 7 97.19 -8.29 38.26
N GLY MA 8 98.20 -7.76 38.96
CA GLY MA 8 99.26 -8.53 39.61
C GLY MA 8 100.12 -7.57 40.41
N VAL MA 9 100.65 -8.03 41.54
CA VAL MA 9 101.44 -7.14 42.41
C VAL MA 9 102.92 -7.47 42.53
N TYR MA 10 103.41 -8.39 41.71
CA TYR MA 10 104.82 -8.73 41.81
C TYR MA 10 105.56 -8.39 40.54
N VAL MA 11 105.11 -8.93 39.41
CA VAL MA 11 105.81 -8.62 38.18
C VAL MA 11 104.85 -8.02 37.17
N GLU MA 12 105.12 -6.80 36.75
CA GLU MA 12 104.21 -6.17 35.81
C GLU MA 12 104.54 -6.52 34.39
N GLU MA 13 104.11 -7.70 33.97
CA GLU MA 13 104.41 -8.16 32.62
C GLU MA 13 103.39 -7.53 31.67
N VAL MA 14 103.52 -6.20 31.49
CA VAL MA 14 102.58 -5.40 30.69
C VAL MA 14 103.15 -4.61 29.49
N ALA MA 15 104.50 -4.57 29.30
CA ALA MA 15 105.20 -3.80 28.26
C ALA MA 15 105.13 -4.51 26.91
N GLY MA 28 86.70 -6.45 22.76
CA GLY MA 28 86.22 -7.77 23.11
C GLY MA 28 84.75 -7.87 22.74
N VAL MA 29 84.09 -8.97 23.18
CA VAL MA 29 82.67 -9.28 22.93
C VAL MA 29 81.82 -9.36 24.20
N GLY MA 30 82.46 -9.12 25.35
CA GLY MA 30 81.77 -9.22 26.62
C GLY MA 30 81.68 -10.69 26.99
N THR MA 31 80.79 -11.05 27.91
CA THR MA 31 80.67 -12.43 28.36
C THR MA 31 79.76 -13.16 27.39
N SER MA 32 80.19 -13.21 26.15
CA SER MA 32 79.45 -13.76 25.03
C SER MA 32 80.06 -15.04 24.51
N VAL MA 33 81.16 -15.44 25.18
CA VAL MA 33 81.89 -16.62 24.81
C VAL MA 33 82.25 -17.51 25.99
N ALA MA 34 82.44 -18.78 25.66
CA ALA MA 34 82.77 -19.81 26.65
C ALA MA 34 83.73 -20.83 26.09
N ALA MA 35 84.40 -21.58 26.97
CA ALA MA 35 85.31 -22.62 26.52
C ALA MA 35 84.79 -24.02 26.79
N PHE MA 36 84.86 -24.82 25.75
CA PHE MA 36 84.47 -26.21 25.76
C PHE MA 36 85.69 -27.07 25.58
N VAL MA 37 86.03 -27.79 26.63
CA VAL MA 37 87.22 -28.59 26.62
C VAL MA 37 86.91 -30.05 26.56
N GLY MA 38 87.35 -30.73 25.52
CA GLY MA 38 87.07 -32.15 25.45
C GLY MA 38 87.37 -32.78 24.10
N LEU MA 39 87.38 -34.10 24.10
CA LEU MA 39 87.75 -34.91 22.94
C LEU MA 39 86.75 -34.71 21.83
N ALA MA 40 87.21 -34.85 20.61
CA ALA MA 40 86.29 -34.70 19.48
C ALA MA 40 86.75 -35.50 18.26
N PRO MA 41 85.85 -35.80 17.30
CA PRO MA 41 86.22 -36.55 16.10
C PRO MA 41 86.66 -35.63 14.95
N THR MA 42 87.87 -35.85 14.42
CA THR MA 42 88.36 -35.03 13.28
C THR MA 42 88.19 -33.54 13.61
N GLY MA 43 88.38 -33.16 14.88
CA GLY MA 43 88.25 -31.75 15.29
C GLY MA 43 89.56 -31.00 15.06
N PRO MA 44 89.71 -29.76 15.56
CA PRO MA 44 90.97 -29.03 15.44
C PRO MA 44 92.10 -29.78 16.15
N LEU MA 45 93.33 -29.24 16.13
CA LEU MA 45 94.42 -29.88 16.83
C LEU MA 45 94.26 -29.65 18.33
N ASN MA 46 94.87 -30.52 19.13
CA ASN MA 46 94.76 -30.48 20.60
C ASN MA 46 94.99 -29.15 21.34
N GLU MA 47 96.01 -28.41 20.93
CA GLU MA 47 96.44 -27.13 21.51
C GLU MA 47 95.81 -25.78 21.05
N PRO MA 48 95.74 -25.47 19.74
CA PRO MA 48 95.34 -24.19 19.20
C PRO MA 48 93.86 -23.95 19.32
N THR MA 49 93.47 -23.60 20.53
CA THR MA 49 92.07 -23.41 20.85
C THR MA 49 91.46 -22.43 19.84
N LEU MA 50 90.35 -22.83 19.24
CA LEU MA 50 89.66 -22.03 18.23
C LEU MA 50 88.39 -21.42 18.72
N VAL MA 51 88.14 -20.14 18.40
CA VAL MA 51 86.85 -19.59 18.78
C VAL MA 51 85.97 -19.18 17.60
N THR MA 52 84.74 -19.69 17.60
CA THR MA 52 83.76 -19.36 16.56
C THR MA 52 82.31 -19.69 16.91
N ASN MA 53 81.42 -19.46 15.93
CA ASN MA 53 79.96 -19.68 16.01
C ASN MA 53 79.54 -21.12 15.62
N TRP MA 54 78.24 -21.43 15.64
CA TRP MA 54 77.83 -22.80 15.30
C TRP MA 54 78.16 -23.20 13.87
N THR MA 55 77.85 -22.35 12.92
CA THR MA 55 78.04 -22.69 11.53
C THR MA 55 79.48 -23.11 11.22
N GLN MA 56 80.45 -22.37 11.73
CA GLN MA 56 81.83 -22.73 11.49
C GLN MA 56 82.25 -23.90 12.36
N TYR MA 57 81.70 -23.99 13.57
CA TYR MA 57 82.00 -25.10 14.46
C TYR MA 57 81.72 -26.39 13.75
N VAL MA 58 80.57 -26.48 13.10
CA VAL MA 58 80.25 -27.71 12.40
C VAL MA 58 81.23 -27.95 11.28
N ALA MA 59 81.54 -26.92 10.50
CA ALA MA 59 82.48 -27.14 9.40
C ALA MA 59 83.81 -27.70 9.90
N ALA MA 60 84.23 -27.27 11.08
CA ALA MA 60 85.47 -27.70 11.72
C ALA MA 60 85.29 -28.83 12.77
N PHE MA 61 84.09 -29.37 12.94
CA PHE MA 61 83.84 -30.39 13.99
C PHE MA 61 83.16 -31.68 13.48
N GLY MA 62 82.16 -31.53 12.60
CA GLY MA 62 81.33 -32.66 12.16
C GLY MA 62 79.90 -32.58 12.71
N ASP MA 63 78.93 -33.01 11.91
CA ASP MA 63 77.52 -32.91 12.32
C ASP MA 63 77.08 -34.08 13.20
N PHE MA 64 77.58 -34.10 14.45
CA PHE MA 64 77.25 -35.16 15.42
C PHE MA 64 77.58 -36.57 14.89
N THR MA 65 78.57 -36.69 14.00
CA THR MA 65 78.81 -37.96 13.33
C THR MA 65 79.45 -39.03 14.18
N GLY MA 66 80.10 -38.65 15.27
CA GLY MA 66 80.71 -39.66 16.12
C GLY MA 66 79.71 -40.14 17.17
N GLY MA 67 78.50 -39.54 17.21
CA GLY MA 67 77.49 -39.89 18.22
C GLY MA 67 77.99 -39.40 19.56
N TYR MA 68 78.79 -38.34 19.41
CA TYR MA 68 79.53 -37.83 20.57
C TYR MA 68 79.00 -36.55 21.20
N TYR MA 69 79.29 -36.37 22.49
CA TYR MA 69 78.69 -35.27 23.28
C TYR MA 69 79.11 -33.84 22.94
N LEU MA 70 80.38 -33.57 22.62
CA LEU MA 70 80.67 -32.14 22.48
C LEU MA 70 79.76 -31.48 21.47
N ALA MA 71 79.24 -32.22 20.50
CA ALA MA 71 78.38 -31.56 19.55
C ALA MA 71 77.14 -31.02 20.24
N HIS MA 72 76.64 -31.79 21.21
CA HIS MA 72 75.39 -31.41 21.91
C HIS MA 72 75.62 -30.21 22.83
N SER MA 73 76.72 -30.20 23.59
CA SER MA 73 76.86 -29.09 24.53
C SER MA 73 77.10 -27.80 23.79
N VAL MA 74 77.79 -27.87 22.66
CA VAL MA 74 78.01 -26.66 21.91
C VAL MA 74 76.74 -26.26 21.20
N TYR MA 75 76.05 -27.22 20.59
CA TYR MA 75 74.81 -26.91 19.93
C TYR MA 75 73.84 -26.27 20.90
N GLY MA 76 73.70 -26.86 22.10
CA GLY MA 76 72.78 -26.35 23.11
C GLY MA 76 73.13 -24.94 23.49
N PHE MA 77 74.42 -24.62 23.58
CA PHE MA 77 74.83 -23.27 23.89
C PHE MA 77 74.32 -22.32 22.83
N PHE MA 78 74.66 -22.60 21.57
CA PHE MA 78 74.25 -21.69 20.46
C PHE MA 78 72.73 -21.74 20.29
N ASN MA 79 72.07 -22.73 20.91
CA ASN MA 79 70.59 -22.80 20.85
C ASN MA 79 70.04 -21.50 21.44
N ASN MA 80 70.63 -21.04 22.56
CA ASN MA 80 70.21 -19.75 23.16
C ASN MA 80 71.34 -18.74 22.97
N GLY MA 81 71.29 -17.93 21.91
CA GLY MA 81 72.40 -16.99 21.62
C GLY MA 81 73.73 -17.72 21.61
N GLY MA 82 74.71 -17.24 22.37
CA GLY MA 82 76.00 -17.96 22.47
C GLY MA 82 77.13 -17.27 21.73
N SER MA 83 76.81 -16.50 20.68
CA SER MA 83 77.85 -15.76 19.92
C SER MA 83 78.96 -16.71 19.46
N ALA MA 84 79.94 -17.01 20.33
CA ALA MA 84 81.04 -17.86 19.94
C ALA MA 84 81.55 -18.67 21.10
N ALA MA 85 82.31 -19.67 20.80
CA ALA MA 85 82.92 -20.41 21.86
C ALA MA 85 84.25 -20.94 21.43
N TYR MA 86 85.12 -21.10 22.42
CA TYR MA 86 86.46 -21.61 22.29
C TYR MA 86 86.45 -23.12 22.41
N VAL MA 87 87.03 -23.82 21.46
CA VAL MA 87 87.04 -25.26 21.56
C VAL MA 87 88.45 -25.81 21.63
N VAL MA 88 88.65 -26.67 22.63
CA VAL MA 88 89.92 -27.31 22.83
C VAL MA 88 89.74 -28.75 22.45
N ARG MA 89 90.44 -29.18 21.42
CA ARG MA 89 90.28 -30.55 20.95
C ARG MA 89 90.72 -31.55 21.98
N VAL MA 90 91.80 -31.27 22.70
CA VAL MA 90 92.38 -32.19 23.69
C VAL MA 90 93.06 -33.40 23.00
N GLY MA 91 92.27 -34.17 22.27
CA GLY MA 91 92.68 -35.34 21.55
C GLY MA 91 91.48 -35.92 20.79
N GLY MA 92 91.68 -37.04 20.13
CA GLY MA 92 90.57 -37.58 19.36
C GLY MA 92 89.56 -38.34 20.20
N SER MA 93 88.34 -38.39 19.67
CA SER MA 93 87.23 -39.14 20.22
C SER MA 93 86.83 -40.24 19.27
N ALA MA 94 85.59 -40.67 19.36
CA ALA MA 94 85.13 -41.72 18.48
C ALA MA 94 85.14 -41.23 17.04
N GLU MA 95 85.66 -42.07 16.15
CA GLU MA 95 85.71 -41.80 14.70
C GLU MA 95 85.36 -43.09 13.96
N ASP MA 96 84.76 -42.98 12.76
CA ASP MA 96 84.41 -44.11 11.86
C ASP MA 96 83.47 -45.11 12.55
N GLN MA 232 95.03 -44.00 26.83
CA GLN MA 232 94.40 -43.59 28.11
C GLN MA 232 93.49 -42.38 27.87
N ALA MA 233 92.63 -42.44 26.85
CA ALA MA 233 91.68 -41.34 26.59
C ALA MA 233 90.90 -40.98 27.86
N GLU MA 234 90.63 -42.00 28.69
CA GLU MA 234 89.93 -41.84 29.95
C GLU MA 234 90.81 -41.23 31.04
N SER MA 235 92.12 -41.15 30.81
CA SER MA 235 93.03 -40.61 31.79
C SER MA 235 92.91 -39.13 31.80
N ALA MA 236 93.25 -38.55 32.94
CA ALA MA 236 93.20 -37.08 33.03
C ALA MA 236 94.43 -36.47 32.37
N HIS MA 237 95.56 -37.17 32.25
CA HIS MA 237 96.79 -36.51 31.70
C HIS MA 237 96.60 -36.02 30.25
N PRO MA 238 96.12 -36.82 29.29
CA PRO MA 238 95.98 -36.44 27.91
C PRO MA 238 94.60 -35.82 27.74
N GLY MA 239 93.92 -35.67 28.85
CA GLY MA 239 92.53 -35.31 28.93
C GLY MA 239 92.45 -34.00 29.69
N PRO MA 240 91.35 -33.74 30.41
CA PRO MA 240 91.06 -32.50 31.11
C PRO MA 240 91.83 -32.36 32.43
N ALA MA 241 93.14 -32.37 32.32
CA ALA MA 241 94.08 -32.21 33.41
C ALA MA 241 94.77 -30.91 33.26
N GLN MA 242 95.58 -30.56 34.25
CA GLN MA 242 96.35 -29.35 34.14
C GLN MA 242 97.60 -29.70 33.33
N TYR MA 243 97.41 -29.97 32.05
CA TYR MA 243 98.53 -30.38 31.23
C TYR MA 243 99.27 -29.19 30.75
N LEU MA 244 100.11 -28.71 31.65
CA LEU MA 244 100.89 -27.56 31.36
C LEU MA 244 102.01 -27.97 30.45
N GLY MA 245 102.46 -29.22 30.50
CA GLY MA 245 103.50 -29.58 29.55
C GLY MA 245 104.82 -28.92 29.87
N ASP MA 246 105.20 -28.87 31.15
CA ASP MA 246 106.43 -28.18 31.55
C ASP MA 246 106.38 -26.73 31.10
N SER MA 247 105.27 -26.10 31.47
CA SER MA 247 104.88 -24.73 31.18
C SER MA 247 104.75 -24.39 29.69
N SER MA 248 104.20 -25.34 28.92
CA SER MA 248 103.91 -25.15 27.51
C SER MA 248 102.46 -24.68 27.32
N ASP MA 249 101.61 -24.98 28.31
CA ASP MA 249 100.16 -24.66 28.32
C ASP MA 249 99.47 -25.34 27.12
N ARG MA 250 99.22 -26.66 27.16
CA ARG MA 250 98.72 -27.26 25.89
C ARG MA 250 97.49 -28.16 25.92
N THR MA 251 97.33 -29.05 26.91
CA THR MA 251 96.24 -30.05 26.76
C THR MA 251 95.22 -29.97 27.87
N GLY MA 252 93.97 -30.24 27.54
CA GLY MA 252 92.96 -30.23 28.58
C GLY MA 252 92.73 -28.80 28.97
N PHE MA 253 93.08 -28.46 30.19
CA PHE MA 253 92.90 -27.08 30.60
C PHE MA 253 94.12 -26.30 30.18
N GLY MA 254 95.13 -27.03 29.73
CA GLY MA 254 96.31 -26.38 29.26
C GLY MA 254 95.88 -25.73 27.97
N GLY MA 255 96.39 -24.57 27.74
CA GLY MA 255 96.14 -23.78 26.56
C GLY MA 255 95.13 -22.71 26.91
N LEU MA 256 94.46 -22.87 28.06
CA LEU MA 256 93.50 -21.85 28.44
C LEU MA 256 94.10 -20.84 29.39
N GLU MA 257 95.24 -21.12 30.04
CA GLU MA 257 95.73 -20.11 30.99
C GLU MA 257 96.14 -18.89 30.21
N ALA MA 258 96.59 -19.12 28.98
CA ALA MA 258 97.03 -18.10 28.05
C ALA MA 258 95.89 -17.37 27.37
N ILE MA 259 94.63 -17.76 27.59
CA ILE MA 259 93.54 -17.13 26.88
C ILE MA 259 92.58 -16.36 27.80
N ASP MA 260 92.41 -15.09 27.46
CA ASP MA 260 91.52 -14.16 28.11
C ASP MA 260 90.18 -14.21 27.37
N GLU MA 261 89.19 -13.45 27.84
CA GLU MA 261 87.87 -13.38 27.14
C GLU MA 261 87.11 -14.71 27.27
N ILE MA 262 87.18 -15.37 28.42
CA ILE MA 262 86.38 -16.57 28.64
C ILE MA 262 85.63 -16.42 29.94
N SER MA 263 84.30 -16.51 29.95
CA SER MA 263 83.64 -16.38 31.24
C SER MA 263 83.35 -17.74 31.90
N MET MA 264 83.16 -18.76 31.08
CA MET MA 264 82.78 -20.10 31.55
C MET MA 264 83.61 -21.21 30.96
N VAL MA 265 83.93 -22.23 31.77
CA VAL MA 265 84.63 -23.41 31.28
C VAL MA 265 83.89 -24.71 31.64
N ALA MA 266 83.71 -25.58 30.65
CA ALA MA 266 83.06 -26.89 30.87
C ALA MA 266 83.85 -28.03 30.23
N VAL MA 267 83.72 -29.23 30.83
CA VAL MA 267 84.37 -30.45 30.34
C VAL MA 267 83.41 -31.61 30.12
N PRO MA 268 82.60 -31.57 29.05
CA PRO MA 268 81.54 -32.51 28.73
C PRO MA 268 82.01 -33.95 28.43
N ASP MA 269 83.27 -34.19 28.13
CA ASP MA 269 83.66 -35.55 27.82
C ASP MA 269 84.14 -36.30 29.06
N LEU MA 270 84.08 -35.68 30.23
CA LEU MA 270 84.49 -36.36 31.43
C LEU MA 270 83.54 -37.50 31.70
N MET MA 271 82.28 -37.25 31.45
CA MET MA 271 81.27 -38.24 31.70
C MET MA 271 81.34 -39.36 30.67
N ALA MA 272 81.81 -39.06 29.45
CA ALA MA 272 81.93 -40.13 28.47
C ALA MA 272 82.99 -41.11 28.96
N ALA MA 273 84.07 -40.54 29.53
CA ALA MA 273 85.15 -41.34 30.11
C ALA MA 273 84.64 -42.09 31.32
N TYR MA 274 83.77 -41.47 32.11
CA TYR MA 274 83.21 -42.12 33.28
C TYR MA 274 82.56 -43.43 32.87
N GLN MA 275 81.69 -43.33 31.85
CA GLN MA 275 80.95 -44.48 31.34
C GLN MA 275 81.79 -45.53 30.62
N ARG MA 276 82.78 -45.11 29.83
CA ARG MA 276 83.53 -46.07 29.05
C ARG MA 276 84.84 -46.55 29.66
N GLY MA 277 85.49 -45.72 30.48
CA GLY MA 277 86.78 -46.07 31.07
C GLY MA 277 86.59 -46.76 32.40
N ALA MA 278 85.34 -46.93 32.81
CA ALA MA 278 84.98 -47.53 34.10
C ALA MA 278 85.67 -46.84 35.28
N ILE MA 279 85.50 -45.52 35.40
CA ILE MA 279 86.18 -44.78 36.47
C ILE MA 279 85.22 -43.97 37.34
N ASP MA 280 85.63 -43.64 38.56
CA ASP MA 280 84.83 -42.83 39.48
C ASP MA 280 85.71 -42.16 40.53
N LEU MA 281 85.08 -41.37 41.40
CA LEU MA 281 85.69 -40.71 42.55
C LEU MA 281 86.97 -39.99 42.22
N GLU MA 282 88.11 -40.48 42.67
CA GLU MA 282 89.35 -39.75 42.47
C GLU MA 282 89.65 -39.53 40.98
N ALA MA 283 89.18 -40.44 40.13
CA ALA MA 283 89.41 -40.34 38.69
C ALA MA 283 88.53 -39.29 38.04
N VAL MA 284 87.59 -38.76 38.81
CA VAL MA 284 86.67 -37.73 38.39
C VAL MA 284 87.07 -36.43 39.08
N LYS MA 285 87.28 -36.50 40.39
CA LYS MA 285 87.66 -35.38 41.24
C LYS MA 285 88.98 -34.78 40.78
N ALA MA 286 89.88 -35.60 40.25
CA ALA MA 286 91.15 -35.09 39.77
C ALA MA 286 90.92 -34.05 38.68
N VAL MA 287 89.85 -34.19 37.93
CA VAL MA 287 89.53 -33.28 36.86
C VAL MA 287 88.71 -32.12 37.38
N GLN MA 288 87.71 -32.42 38.19
CA GLN MA 288 86.81 -31.40 38.69
C GLN MA 288 87.53 -30.42 39.63
N LEU MA 289 88.44 -30.91 40.46
CA LEU MA 289 89.18 -30.05 41.35
C LEU MA 289 90.20 -29.29 40.52
N GLY MA 290 90.65 -29.92 39.44
CA GLY MA 290 91.57 -29.34 38.49
C GLY MA 290 90.92 -28.10 37.85
N LEU MA 291 89.69 -28.28 37.37
CA LEU MA 291 88.92 -27.20 36.78
C LEU MA 291 88.70 -26.07 37.77
N ILE MA 292 88.41 -26.39 39.02
CA ILE MA 292 88.23 -25.34 39.99
C ILE MA 292 89.52 -24.60 40.18
N ALA MA 293 90.64 -25.31 40.35
CA ALA MA 293 91.91 -24.65 40.57
C ALA MA 293 92.25 -23.73 39.42
N HIS MA 294 91.93 -24.14 38.19
CA HIS MA 294 92.16 -23.33 37.02
C HIS MA 294 91.40 -22.03 37.13
N CYS MA 295 90.12 -22.14 37.45
CA CYS MA 295 89.31 -20.96 37.55
C CYS MA 295 89.78 -20.02 38.66
N GLU MA 296 90.17 -20.58 39.80
CA GLU MA 296 90.66 -19.79 40.93
C GLU MA 296 91.95 -19.08 40.55
N LEU MA 297 92.79 -19.75 39.75
CA LEU MA 297 94.05 -19.17 39.30
C LEU MA 297 93.82 -17.98 38.40
N MET MA 298 92.85 -18.07 37.48
CA MET MA 298 92.59 -16.93 36.60
C MET MA 298 92.10 -15.77 37.44
N GLY MA 299 91.30 -16.08 38.45
CA GLY MA 299 90.75 -15.14 39.42
C GLY MA 299 89.34 -14.70 39.08
N ASP MA 300 88.96 -14.90 37.83
CA ASP MA 300 87.65 -14.59 37.30
C ASP MA 300 87.31 -15.54 36.17
N ARG MA 301 86.59 -16.60 36.50
CA ARG MA 301 86.22 -17.65 35.58
C ARG MA 301 85.28 -18.57 36.35
N VAL MA 302 84.24 -19.13 35.73
CA VAL MA 302 83.46 -20.07 36.53
C VAL MA 302 83.44 -21.48 35.96
N ALA MA 303 83.60 -22.43 36.87
CA ALA MA 303 83.58 -23.82 36.54
C ALA MA 303 82.18 -24.38 36.49
N ILE MA 304 81.90 -25.13 35.43
CA ILE MA 304 80.64 -25.84 35.34
C ILE MA 304 80.89 -27.29 35.66
N ILE MA 305 80.31 -27.77 36.75
CA ILE MA 305 80.58 -29.14 37.17
C ILE MA 305 79.33 -29.99 37.08
N ASP MA 306 79.43 -31.10 36.34
CA ASP MA 306 78.24 -31.97 36.14
C ASP MA 306 78.39 -33.24 36.98
N PRO MA 307 77.28 -33.81 37.54
CA PRO MA 307 77.35 -35.04 38.32
C PRO MA 307 77.15 -36.28 37.44
N PRO MA 308 77.31 -37.51 37.98
CA PRO MA 308 77.07 -38.74 37.21
C PRO MA 308 75.68 -38.74 36.56
N PRO MA 309 75.52 -39.36 35.36
CA PRO MA 309 74.22 -39.33 34.65
C PRO MA 309 73.08 -40.00 35.43
N ASN MA 310 73.31 -41.22 35.92
CA ASN MA 310 72.25 -41.97 36.64
C ASN MA 310 72.64 -42.09 38.12
N GLN MA 311 71.78 -41.59 39.02
CA GLN MA 311 72.09 -41.63 40.48
C GLN MA 311 70.90 -41.04 41.26
N ASN MA 312 70.26 -41.86 42.11
CA ASN MA 312 69.17 -41.35 42.95
C ASN MA 312 69.49 -40.03 43.63
N ALA MA 313 68.45 -39.26 43.97
CA ALA MA 313 68.64 -38.02 44.72
C ALA MA 313 69.38 -38.25 46.02
N ARG MA 314 69.13 -39.40 46.64
CA ARG MA 314 69.79 -39.75 47.88
C ARG MA 314 71.28 -39.89 47.65
N GLN MA 315 71.63 -40.46 46.52
CA GLN MA 315 73.01 -40.71 46.15
C GLN MA 315 73.70 -39.40 45.81
N ILE MA 316 72.94 -38.48 45.23
CA ILE MA 316 73.46 -37.17 44.88
C ILE MA 316 73.81 -36.41 46.13
N ARG MA 317 72.94 -36.43 47.14
CA ARG MA 317 73.31 -35.74 48.37
C ARG MA 317 74.64 -36.29 48.90
N VAL MA 318 74.79 -37.63 48.87
CA VAL MA 318 76.02 -38.26 49.34
C VAL MA 318 77.21 -37.82 48.52
N TRP MA 319 77.06 -37.79 47.21
CA TRP MA 319 78.15 -37.34 46.39
C TRP MA 319 78.60 -35.96 46.84
N ARG MA 320 77.67 -35.00 46.82
CA ARG MA 320 77.99 -33.62 47.19
C ARG MA 320 78.61 -33.43 48.55
N GLN MA 321 78.07 -34.11 49.58
CA GLN MA 321 78.60 -33.88 50.90
C GLN MA 321 79.64 -34.85 51.43
N GLU MA 322 79.58 -36.10 51.03
CA GLU MA 322 80.43 -37.10 51.62
C GLU MA 322 81.57 -37.63 50.75
N THR MA 323 81.41 -37.70 49.42
CA THR MA 323 82.49 -38.34 48.68
C THR MA 323 83.23 -37.40 47.74
N ALA MA 324 82.58 -36.32 47.34
CA ALA MA 324 83.14 -35.40 46.36
C ALA MA 324 82.84 -33.95 46.68
N GLY MA 325 83.24 -33.47 47.85
CA GLY MA 325 82.98 -32.07 48.12
C GLY MA 325 83.88 -31.22 47.24
N TYR MA 326 83.43 -30.01 46.92
CA TYR MA 326 84.22 -29.08 46.11
C TYR MA 326 84.47 -27.82 46.91
N ASP MA 327 83.40 -27.29 47.51
CA ASP MA 327 83.45 -26.15 48.42
C ASP MA 327 84.19 -24.91 47.91
N SER MA 328 83.79 -24.39 46.75
CA SER MA 328 84.44 -23.23 46.17
C SER MA 328 83.52 -22.23 45.47
N LYS MA 329 83.92 -20.99 45.65
CA LYS MA 329 83.29 -19.77 45.14
C LYS MA 329 83.33 -19.68 43.64
N TYR MA 330 84.17 -20.48 43.03
CA TYR MA 330 84.38 -20.49 41.61
C TYR MA 330 83.65 -21.59 40.86
N ALA MA 331 82.70 -22.27 41.50
CA ALA MA 331 82.00 -23.33 40.78
C ALA MA 331 80.53 -23.50 41.13
N ALA MA 332 79.79 -24.06 40.17
CA ALA MA 332 78.37 -24.39 40.34
C ALA MA 332 78.01 -25.71 39.63
N LEU MA 333 77.04 -26.44 40.21
CA LEU MA 333 76.57 -27.74 39.69
C LEU MA 333 75.06 -27.85 39.55
N TYR MA 334 74.61 -28.48 38.45
CA TYR MA 334 73.19 -28.72 38.21
C TYR MA 334 72.85 -30.18 38.45
N TYR MA 335 71.69 -30.43 39.06
CA TYR MA 335 71.26 -31.78 39.46
C TYR MA 335 70.97 -32.88 38.40
N PRO MA 336 69.96 -32.76 37.52
CA PRO MA 336 69.51 -33.80 36.60
C PRO MA 336 70.29 -33.85 35.32
N TRP MA 337 70.23 -34.97 34.62
CA TRP MA 337 70.62 -34.97 33.22
C TRP MA 337 69.39 -34.66 32.36
N ILE MA 338 69.66 -34.12 31.19
CA ILE MA 338 68.65 -33.67 30.24
C ILE MA 338 68.40 -34.63 29.12
N LYS MA 339 67.14 -34.88 28.79
CA LYS MA 339 66.82 -35.71 27.66
C LYS MA 339 66.84 -34.83 26.45
N SER MA 340 67.62 -35.23 25.47
CA SER MA 340 67.78 -34.47 24.25
C SER MA 340 67.91 -35.43 23.09
N PHE MA 341 67.90 -34.91 21.88
CA PHE MA 341 67.96 -35.77 20.70
C PHE MA 341 69.16 -35.43 19.85
N ASP MA 342 69.55 -36.40 19.02
CA ASP MA 342 70.66 -36.16 18.06
C ASP MA 342 70.01 -35.87 16.72
N PRO MA 343 70.06 -34.62 16.23
CA PRO MA 343 69.35 -34.24 15.03
C PRO MA 343 69.83 -35.02 13.81
N ALA MA 344 71.06 -35.52 13.85
CA ALA MA 344 71.59 -36.28 12.76
C ALA MA 344 71.48 -37.80 12.93
N THR MA 345 71.27 -38.30 14.17
CA THR MA 345 71.34 -39.76 14.38
C THR MA 345 70.15 -40.45 15.08
N GLY MA 346 69.28 -39.72 15.80
CA GLY MA 346 68.21 -40.41 16.54
C GLY MA 346 67.44 -39.53 17.53
N GLN MA 347 66.31 -40.07 17.98
CA GLN MA 347 65.40 -39.32 18.85
C GLN MA 347 65.77 -39.10 20.31
N SER MA 348 66.67 -39.87 20.91
CA SER MA 348 66.93 -39.59 22.31
C SER MA 348 68.23 -40.12 22.89
N ARG MA 349 68.71 -39.40 23.89
CA ARG MA 349 69.83 -39.77 24.73
C ARG MA 349 69.87 -38.84 25.93
N LEU MA 350 70.66 -39.16 26.94
CA LEU MA 350 70.81 -38.14 27.98
C LEU MA 350 72.13 -37.42 27.83
N VAL MA 351 72.08 -36.13 28.12
CA VAL MA 351 73.24 -35.27 28.09
C VAL MA 351 73.34 -34.48 29.39
N PRO MA 352 74.50 -34.00 29.76
CA PRO MA 352 74.71 -33.17 30.91
C PRO MA 352 74.10 -31.77 30.71
N PRO MA 353 73.84 -31.01 31.79
CA PRO MA 353 73.38 -29.62 31.84
C PRO MA 353 74.31 -28.57 31.20
N SER MA 354 75.57 -28.90 30.99
CA SER MA 354 76.48 -27.92 30.43
C SER MA 354 76.09 -27.60 29.02
N GLY MA 355 76.56 -26.48 28.51
CA GLY MA 355 76.20 -26.07 27.17
C GLY MA 355 74.84 -25.39 27.17
N HIS MA 356 73.81 -26.14 27.54
CA HIS MA 356 72.45 -25.66 27.61
C HIS MA 356 72.30 -24.57 28.65
N VAL MA 357 72.95 -24.75 29.80
CA VAL MA 357 72.92 -23.70 30.80
C VAL MA 357 73.80 -22.54 30.37
N ALA MA 358 74.96 -22.82 29.80
CA ALA MA 358 75.85 -21.74 29.39
C ALA MA 358 75.14 -20.80 28.42
N GLY MA 359 74.27 -21.37 27.58
CA GLY MA 359 73.50 -20.63 26.61
C GLY MA 359 72.43 -19.76 27.27
N ILE MA 360 72.15 -20.00 28.56
CA ILE MA 360 71.19 -19.20 29.28
C ILE MA 360 71.95 -18.05 29.84
N TRP MA 361 73.13 -18.32 30.38
CA TRP MA 361 73.90 -17.23 30.96
C TRP MA 361 74.18 -16.18 29.88
N ALA MA 362 74.38 -16.66 28.66
CA ALA MA 362 74.65 -15.84 27.50
C ALA MA 362 73.53 -14.82 27.23
N ARG MA 363 72.31 -15.14 27.63
CA ARG MA 363 71.18 -14.28 27.42
C ARG MA 363 70.84 -13.50 28.67
N ASN MA 364 71.01 -14.14 29.81
CA ASN MA 364 70.63 -13.54 31.08
C ASN MA 364 71.37 -12.25 31.34
N ASP MA 365 72.64 -12.18 30.93
CA ASP MA 365 73.46 -10.96 31.16
C ASP MA 365 73.41 -10.04 29.93
N SER MA 366 72.54 -10.34 28.95
CA SER MA 366 72.40 -9.52 27.75
C SER MA 366 71.06 -8.80 27.77
N GLU MA 367 69.98 -9.57 27.97
CA GLU MA 367 68.63 -9.03 27.99
C GLU MA 367 68.46 -8.09 29.19
N ARG MA 368 69.12 -8.43 30.28
CA ARG MA 368 69.14 -7.69 31.53
C ARG MA 368 70.60 -7.57 31.95
N GLY MA 369 70.92 -6.73 32.92
CA GLY MA 369 72.33 -6.62 33.26
C GLY MA 369 72.72 -7.80 34.12
N VAL MA 370 73.97 -7.83 34.58
CA VAL MA 370 74.42 -8.97 35.37
C VAL MA 370 73.95 -8.76 36.78
N HIS MA 371 72.66 -8.90 37.01
CA HIS MA 371 72.11 -8.56 38.30
C HIS MA 371 71.41 -9.70 39.00
N LYS MA 372 71.01 -10.72 38.26
CA LYS MA 372 70.28 -11.83 38.85
C LYS MA 372 70.56 -13.09 38.05
N ALA MA 373 70.58 -14.24 38.71
CA ALA MA 373 70.69 -15.53 38.07
C ALA MA 373 69.39 -15.80 37.28
N PRO MA 374 69.43 -16.53 36.16
CA PRO MA 374 68.31 -16.86 35.31
C PRO MA 374 67.44 -17.97 35.86
N ALA MA 375 66.86 -17.70 37.02
CA ALA MA 375 66.11 -18.68 37.79
C ALA MA 375 64.80 -19.11 37.13
N ASN MA 376 64.32 -18.36 36.16
CA ASN MA 376 63.11 -18.76 35.49
C ASN MA 376 63.34 -18.99 34.02
N GLU MA 377 64.58 -19.22 33.62
CA GLU MA 377 64.75 -19.35 32.19
C GLU MA 377 64.51 -20.73 31.67
N VAL MA 378 64.12 -20.75 30.39
CA VAL MA 378 63.77 -21.92 29.62
C VAL MA 378 64.93 -22.69 29.04
N VAL MA 379 64.91 -23.99 29.25
CA VAL MA 379 65.96 -24.78 28.65
C VAL MA 379 65.42 -25.11 27.28
N ARG MA 380 65.71 -24.23 26.35
CA ARG MA 380 65.10 -24.27 25.03
C ARG MA 380 65.36 -25.52 24.23
N GLY MA 381 66.52 -26.11 24.41
CA GLY MA 381 66.84 -27.31 23.64
C GLY MA 381 66.46 -28.63 24.30
N ALA MA 382 65.81 -28.59 25.47
CA ALA MA 382 65.46 -29.83 26.17
C ALA MA 382 64.20 -30.45 25.63
N VAL MA 383 64.14 -31.77 25.65
CA VAL MA 383 62.93 -32.48 25.31
C VAL MA 383 62.20 -32.75 26.61
N ASP MA 384 62.95 -33.29 27.57
CA ASP MA 384 62.44 -33.66 28.88
C ASP MA 384 63.61 -33.75 29.83
N LEU MA 385 63.34 -34.06 31.07
CA LEU MA 385 64.39 -34.31 32.05
C LEU MA 385 64.37 -35.80 32.37
N GLU MA 386 65.50 -36.40 32.71
CA GLU MA 386 65.43 -37.82 33.05
C GLU MA 386 64.56 -38.10 34.29
N LEU MA 387 64.50 -37.15 35.21
CA LEU MA 387 63.76 -37.28 36.43
C LEU MA 387 63.14 -35.98 36.91
N GLN MA 388 61.88 -36.01 37.33
CA GLN MA 388 61.30 -34.83 37.95
C GLN MA 388 61.59 -34.98 39.40
N ILE MA 389 61.79 -33.87 40.08
CA ILE MA 389 62.13 -33.94 41.47
C ILE MA 389 60.93 -33.72 42.34
N THR MA 390 60.57 -34.71 43.11
CA THR MA 390 59.45 -34.58 44.00
C THR MA 390 59.89 -33.50 44.96
N ARG MA 391 59.03 -32.52 45.24
CA ARG MA 391 59.47 -31.44 46.10
C ARG MA 391 60.04 -31.81 47.44
N GLY MA 392 59.58 -32.88 48.06
CA GLY MA 392 60.11 -33.22 49.37
C GLY MA 392 61.62 -33.50 49.36
N GLU MA 393 62.20 -33.75 48.18
CA GLU MA 393 63.62 -34.00 48.03
C GLU MA 393 64.43 -32.72 47.82
N GLN MA 394 63.76 -31.61 47.55
CA GLN MA 394 64.50 -30.40 47.25
C GLN MA 394 65.19 -29.86 48.47
N ASP MA 395 64.65 -30.14 49.64
CA ASP MA 395 65.26 -29.69 50.89
C ASP MA 395 66.58 -30.43 51.14
N LEU MA 396 66.85 -31.50 50.40
CA LEU MA 396 68.07 -32.23 50.59
C LEU MA 396 69.12 -31.80 49.55
N LEU MA 397 68.73 -30.89 48.65
CA LEU MA 397 69.59 -30.42 47.58
C LEU MA 397 69.85 -28.91 47.67
N ASN MA 398 68.79 -28.14 47.81
CA ASN MA 398 68.92 -26.70 47.86
C ASN MA 398 69.93 -26.20 48.90
N PRO MA 399 69.89 -26.63 50.18
CA PRO MA 399 70.75 -26.17 51.24
C PRO MA 399 72.22 -26.52 51.06
N ILE MA 400 72.53 -27.41 50.11
CA ILE MA 400 73.90 -27.83 49.92
C ILE MA 400 74.43 -27.34 48.57
N GLY MA 401 73.70 -26.42 47.95
CA GLY MA 401 74.13 -25.79 46.71
C GLY MA 401 73.85 -26.51 45.40
N VAL MA 402 72.95 -27.47 45.38
CA VAL MA 402 72.70 -28.15 44.12
C VAL MA 402 71.58 -27.45 43.34
N ASN MA 403 71.87 -27.03 42.10
CA ASN MA 403 70.89 -26.29 41.30
C ASN MA 403 69.98 -27.19 40.49
N CYS MA 404 68.69 -27.11 40.76
CA CYS MA 404 67.75 -27.99 40.10
C CYS MA 404 66.99 -27.39 38.91
N ILE MA 405 66.63 -28.30 37.99
CA ILE MA 405 65.86 -27.98 36.80
C ILE MA 405 64.55 -28.79 36.89
N ARG MA 406 63.41 -28.13 36.69
CA ARG MA 406 62.10 -28.81 36.77
C ARG MA 406 61.10 -28.45 35.66
N SER MA 407 60.18 -29.38 35.39
CA SER MA 407 59.10 -29.12 34.45
C SER MA 407 57.87 -28.57 35.17
N PHE MA 408 57.26 -27.53 34.60
CA PHE MA 408 56.06 -26.94 35.17
C PHE MA 408 54.92 -26.85 34.13
N PRO MA 409 53.66 -27.05 34.56
CA PRO MA 409 52.52 -26.96 33.68
C PRO MA 409 52.36 -25.56 33.17
N GLY MA 410 52.24 -25.39 31.86
CA GLY MA 410 52.05 -24.07 31.29
C GLY MA 410 53.36 -23.28 31.18
N ARG MA 411 54.48 -23.90 31.56
CA ARG MA 411 55.74 -23.20 31.56
C ARG MA 411 56.86 -23.89 30.81
N GLY MA 412 56.90 -25.23 30.85
CA GLY MA 412 57.98 -25.95 30.23
C GLY MA 412 59.09 -26.23 31.22
N ILE MA 413 60.31 -26.39 30.71
CA ILE MA 413 61.42 -26.80 31.55
C ILE MA 413 62.24 -25.59 31.94
N ARG MA 414 62.30 -25.33 33.23
CA ARG MA 414 62.96 -24.13 33.71
C ARG MA 414 64.06 -24.44 34.71
N VAL MA 415 65.07 -23.59 34.75
CA VAL MA 415 66.17 -23.78 35.70
C VAL MA 415 65.95 -22.94 36.92
N TRP MA 416 65.62 -23.55 38.05
CA TRP MA 416 65.25 -22.77 39.23
C TRP MA 416 66.35 -22.48 40.25
N GLY MA 417 67.41 -23.28 40.26
CA GLY MA 417 68.46 -23.03 41.24
C GLY MA 417 69.34 -21.84 40.92
N ALA MA 418 69.85 -21.17 41.97
CA ALA MA 418 70.76 -20.04 41.80
C ALA MA 418 71.90 -19.99 42.84
N ARG MA 419 72.43 -21.14 43.26
CA ARG MA 419 73.46 -21.14 44.29
C ARG MA 419 74.84 -21.59 43.84
N THR MA 420 75.84 -21.18 44.63
CA THR MA 420 77.23 -21.54 44.40
C THR MA 420 77.64 -22.75 45.26
N LEU MA 421 78.71 -23.45 44.88
CA LEU MA 421 79.19 -24.57 45.69
C LEU MA 421 80.14 -24.14 46.77
N SER MA 422 79.63 -23.42 47.74
CA SER MA 422 80.46 -22.89 48.81
C SER MA 422 79.76 -22.75 50.14
N SER MA 423 80.54 -22.98 51.19
CA SER MA 423 80.12 -22.86 52.57
C SER MA 423 80.19 -21.45 53.14
N ASP MA 424 80.80 -20.53 52.40
CA ASP MA 424 80.96 -19.15 52.85
C ASP MA 424 79.65 -18.42 52.63
N PRO MA 425 78.92 -18.02 53.68
CA PRO MA 425 77.59 -17.47 53.61
C PRO MA 425 77.48 -16.19 52.80
N ALA MA 426 78.58 -15.46 52.66
CA ALA MA 426 78.49 -14.20 51.93
C ALA MA 426 78.51 -14.40 50.43
N TRP MA 427 78.93 -15.58 49.99
CA TRP MA 427 79.15 -15.87 48.59
C TRP MA 427 78.32 -17.03 48.07
N ARG MA 428 77.17 -17.24 48.69
CA ARG MA 428 76.28 -18.34 48.33
C ARG MA 428 75.47 -18.16 47.07
N TYR MA 429 75.40 -16.95 46.55
CA TYR MA 429 74.54 -16.75 45.42
C TYR MA 429 75.23 -16.29 44.18
N LEU MA 430 74.73 -16.78 43.06
CA LEU MA 430 75.19 -16.39 41.73
C LEU MA 430 74.81 -14.96 41.45
N ASN MA 431 73.68 -14.53 42.02
CA ASN MA 431 73.26 -13.11 41.86
C ASN MA 431 74.36 -12.18 42.38
N ILE MA 432 75.14 -12.60 43.38
CA ILE MA 432 76.14 -11.70 43.93
C ILE MA 432 77.46 -11.85 43.24
N ARG MA 433 77.90 -13.09 43.08
CA ARG MA 433 79.24 -13.24 42.57
C ARG MA 433 79.41 -12.88 41.11
N ARG MA 434 78.43 -13.14 40.26
CA ARG MA 434 78.67 -12.81 38.86
C ARG MA 434 78.85 -11.32 38.71
N TYR MA 435 78.08 -10.57 39.46
CA TYR MA 435 78.12 -9.13 39.44
C TYR MA 435 79.46 -8.62 39.90
N PHE MA 436 79.99 -9.17 40.98
CA PHE MA 436 81.31 -8.69 41.36
C PHE MA 436 82.32 -8.95 40.27
N ASN MA 437 82.27 -10.12 39.62
CA ASN MA 437 83.25 -10.35 38.57
C ASN MA 437 83.06 -9.35 37.43
N TYR MA 438 81.81 -9.03 37.11
CA TYR MA 438 81.51 -8.05 36.08
C TYR MA 438 82.14 -6.71 36.35
N LEU MA 439 81.97 -6.21 37.56
CA LEU MA 439 82.54 -4.92 37.84
C LEU MA 439 84.05 -4.94 37.82
N GLU MA 440 84.66 -6.02 38.33
CA GLU MA 440 86.11 -6.04 38.37
C GLU MA 440 86.72 -6.09 36.99
N GLU MA 441 86.13 -6.84 36.04
CA GLU MA 441 86.76 -6.83 34.74
C GLU MA 441 86.53 -5.50 34.08
N SER MA 442 85.40 -4.85 34.35
CA SER MA 442 85.16 -3.59 33.66
C SER MA 442 86.21 -2.56 34.01
N ILE MA 443 86.58 -2.48 35.28
CA ILE MA 443 87.59 -1.50 35.66
C ILE MA 443 88.97 -1.90 35.19
N LEU MA 444 89.35 -3.16 35.37
CA LEU MA 444 90.68 -3.60 35.00
C LEU MA 444 90.90 -3.53 33.50
N ILE MA 445 89.86 -3.77 32.73
CA ILE MA 445 89.99 -3.67 31.30
C ILE MA 445 90.13 -2.22 30.89
N GLY MA 446 89.31 -1.32 31.43
CA GLY MA 446 89.42 0.06 31.01
C GLY MA 446 90.77 0.76 31.29
N THR MA 447 91.43 0.51 32.42
CA THR MA 447 92.67 1.25 32.71
C THR MA 447 93.91 0.69 32.02
N GLN MA 448 93.95 0.75 30.69
CA GLN MA 448 95.09 0.21 29.95
C GLN MA 448 96.23 1.17 29.85
N TRP MA 449 96.89 1.35 30.97
CA TRP MA 449 98.05 2.23 31.01
C TRP MA 449 99.26 1.34 30.71
N VAL MA 450 100.27 1.87 30.03
CA VAL MA 450 101.45 1.04 29.80
C VAL MA 450 102.45 1.31 30.90
N VAL MA 451 102.72 0.26 31.67
CA VAL MA 451 103.56 0.31 32.85
C VAL MA 451 102.94 1.48 33.62
N PHE MA 452 103.60 2.65 33.73
CA PHE MA 452 103.05 3.79 34.48
C PHE MA 452 103.80 5.08 34.20
N GLU MA 453 103.73 6.00 35.18
CA GLU MA 453 104.39 7.29 35.11
C GLU MA 453 104.84 7.66 36.53
N PRO MA 454 105.22 8.92 36.73
CA PRO MA 454 105.65 9.37 38.07
C PRO MA 454 104.53 9.19 39.09
N ASN MA 455 104.61 8.13 39.88
CA ASN MA 455 103.57 7.86 40.88
C ASN MA 455 103.28 9.02 41.80
N ASP MA 456 102.78 10.08 41.22
CA ASP MA 456 102.42 11.26 41.95
C ASP MA 456 100.90 11.30 42.16
N HIS MA 457 100.45 12.35 42.84
CA HIS MA 457 99.07 12.55 43.17
C HIS MA 457 98.20 12.75 41.94
N ASN MA 458 98.82 13.08 40.83
CA ASN MA 458 98.09 13.28 39.60
C ASN MA 458 97.53 11.98 39.06
N LEU MA 459 98.17 10.85 39.33
CA LEU MA 459 97.58 9.62 38.82
C LEU MA 459 96.52 9.23 39.78
N TRP MA 460 96.69 9.57 41.05
CA TRP MA 460 95.67 9.19 42.00
C TRP MA 460 94.37 9.85 41.58
N ALA MA 461 94.46 11.11 41.20
CA ALA MA 461 93.27 11.84 40.79
C ALA MA 461 92.63 11.25 39.54
N ARG MA 462 93.45 10.83 38.56
CA ARG MA 462 92.85 10.26 37.35
C ARG MA 462 92.08 9.00 37.67
N ILE MA 463 92.62 8.19 38.57
CA ILE MA 463 91.97 6.96 38.92
C ILE MA 463 90.67 7.21 39.63
N ARG MA 464 90.66 8.10 40.62
CA ARG MA 464 89.43 8.29 41.36
C ARG MA 464 88.32 8.74 40.44
N ARG MA 465 88.64 9.66 39.55
CA ARG MA 465 87.63 10.17 38.68
C ARG MA 465 87.06 9.13 37.74
N ASN MA 466 87.92 8.32 37.13
CA ASN MA 466 87.41 7.37 36.16
C ASN MA 466 86.61 6.24 36.78
N VAL MA 467 87.04 5.78 37.94
CA VAL MA 467 86.37 4.66 38.58
C VAL MA 467 85.01 5.09 39.06
N SER MA 468 84.94 6.25 39.71
CA SER MA 468 83.69 6.71 40.24
C SER MA 468 82.68 6.96 39.15
N ALA MA 469 83.08 7.59 38.06
CA ALA MA 469 82.08 7.86 37.04
C ALA MA 469 81.41 6.59 36.53
N PHE MA 470 82.18 5.52 36.35
CA PHE MA 470 81.59 4.28 35.89
C PHE MA 470 80.54 3.74 36.87
N LEU MA 471 80.91 3.70 38.14
CA LEU MA 471 80.02 3.16 39.14
C LEU MA 471 78.80 4.03 39.44
N VAL MA 472 78.90 5.34 39.29
CA VAL MA 472 77.73 6.16 39.52
C VAL MA 472 76.64 5.83 38.52
N ASN MA 473 77.00 5.63 37.26
CA ASN MA 473 75.94 5.28 36.31
C ASN MA 473 75.36 3.90 36.63
N GLU MA 474 76.16 3.01 37.16
CA GLU MA 474 75.62 1.71 37.51
C GLU MA 474 74.56 1.88 38.63
N TRP MA 475 74.82 2.77 39.60
CA TRP MA 475 73.83 3.07 40.63
C TRP MA 475 72.55 3.70 40.10
N ARG MA 476 72.67 4.68 39.21
CA ARG MA 476 71.45 5.37 38.78
C ARG MA 476 70.58 4.46 37.95
N ASN MA 477 71.16 3.41 37.37
CA ASN MA 477 70.42 2.48 36.56
C ASN MA 477 69.75 1.38 37.40
N GLY MA 478 69.90 1.46 38.73
CA GLY MA 478 69.25 0.52 39.63
C GLY MA 478 70.03 -0.75 39.99
N ALA MA 479 71.31 -0.83 39.70
CA ALA MA 479 72.04 -2.04 40.04
C ALA MA 479 72.48 -2.10 41.49
N LEU MA 480 72.68 -0.93 42.09
CA LEU MA 480 73.20 -0.84 43.42
C LEU MA 480 72.14 -0.29 44.34
N PHE MA 481 72.20 -0.69 45.60
CA PHE MA 481 71.25 -0.20 46.57
C PHE MA 481 71.73 0.98 47.39
N GLY MA 482 70.88 1.98 47.49
CA GLY MA 482 71.12 3.18 48.28
C GLY MA 482 70.23 4.28 47.78
N GLN MA 483 70.11 5.36 48.54
CA GLN MA 483 69.26 6.48 48.16
C GLN MA 483 69.99 7.50 47.29
N SER MA 484 71.29 7.35 47.27
CA SER MA 484 72.20 8.22 46.57
C SER MA 484 73.53 7.48 46.44
N PRO MA 485 74.43 7.86 45.53
CA PRO MA 485 75.76 7.29 45.43
C PRO MA 485 76.52 7.45 46.74
N ASP MA 486 76.15 8.47 47.52
CA ASP MA 486 76.81 8.72 48.79
C ASP MA 486 76.60 7.61 49.81
N GLN MA 487 75.59 6.79 49.59
CA GLN MA 487 75.35 5.69 50.49
C GLN MA 487 75.75 4.39 49.83
N ALA MA 488 75.50 4.31 48.52
CA ALA MA 488 75.73 3.10 47.77
C ALA MA 488 77.19 2.80 47.44
N TYR MA 489 78.02 3.83 47.27
CA TYR MA 489 79.40 3.54 46.79
C TYR MA 489 80.48 4.52 47.29
N TYR MA 490 81.70 4.02 47.46
CA TYR MA 490 82.88 4.85 47.85
C TYR MA 490 84.20 4.49 47.13
N VAL MA 491 85.06 5.49 46.85
CA VAL MA 491 86.41 5.25 46.28
C VAL MA 491 87.51 6.03 47.02
N LYS MA 492 88.62 5.37 47.33
CA LYS MA 492 89.76 6.02 47.98
C LYS MA 492 91.11 5.82 47.29
N CYS MA 493 91.85 6.92 47.11
CA CYS MA 493 93.20 6.93 46.56
C CYS MA 493 93.95 8.07 47.22
N ASP MA 494 94.04 8.03 48.53
CA ASP MA 494 94.66 9.09 49.32
C ASP MA 494 96.06 8.69 49.78
N GLU MA 495 96.73 9.58 50.50
CA GLU MA 495 98.08 9.31 51.01
C GLU MA 495 98.09 8.24 52.12
N GLU MA 496 96.91 7.94 52.67
CA GLU MA 496 96.78 6.89 53.68
C GLU MA 496 96.42 5.57 53.03
N THR MA 497 96.28 5.59 51.72
CA THR MA 497 95.94 4.45 50.91
C THR MA 497 97.20 4.14 50.13
N ASN MA 498 97.97 5.19 49.87
CA ASN MA 498 99.23 5.16 49.15
C ASN MA 498 100.35 5.81 49.96
N PRO MA 499 100.90 5.09 50.97
CA PRO MA 499 101.87 5.56 51.93
C PRO MA 499 103.10 6.05 51.18
N PRO MA 500 103.86 6.98 51.77
CA PRO MA 500 105.02 7.68 51.24
C PRO MA 500 106.19 6.78 50.91
N GLU MA 501 106.18 5.54 51.39
CA GLU MA 501 107.29 4.68 51.07
C GLU MA 501 107.40 4.45 49.57
N SER MA 502 106.26 4.51 48.87
CA SER MA 502 106.25 4.28 47.40
C SER MA 502 106.98 2.97 47.07
N VAL MA 503 107.03 2.04 48.02
CA VAL MA 503 107.76 0.76 47.82
C VAL MA 503 107.01 -0.10 46.79
N ASP MA 504 107.74 -0.77 45.89
CA ASP MA 504 107.11 -1.66 44.88
C ASP MA 504 106.01 -0.88 44.15
N LEU MA 505 104.83 -1.48 44.03
CA LEU MA 505 103.69 -0.81 43.33
C LEU MA 505 103.04 0.17 44.32
N GLY MA 506 103.61 1.37 44.43
CA GLY MA 506 103.09 2.36 45.40
C GLY MA 506 101.61 2.65 45.18
N ARG MA 507 101.20 2.82 43.92
CA ARG MA 507 99.78 3.19 43.63
C ARG MA 507 98.85 2.06 44.09
N VAL MA 508 97.69 2.42 44.65
CA VAL MA 508 96.69 1.40 45.10
C VAL MA 508 95.35 2.12 45.36
N VAL MA 509 94.24 1.43 45.17
CA VAL MA 509 92.89 2.08 45.33
C VAL MA 509 92.02 1.20 46.22
N CYS MA 510 91.19 1.81 47.07
CA CYS MA 510 90.27 1.03 47.88
C CYS MA 510 88.86 1.39 47.50
N GLU MA 511 87.99 0.39 47.45
CA GLU MA 511 86.63 0.68 47.02
C GLU MA 511 85.58 -0.02 47.85
N ILE MA 512 84.44 0.64 47.95
CA ILE MA 512 83.28 0.04 48.54
C ILE MA 512 82.26 -0.04 47.43
N GLY MA 513 82.12 -1.23 46.82
CA GLY MA 513 81.24 -1.38 45.65
C GLY MA 513 79.80 -1.46 46.06
N ILE MA 514 79.61 -1.79 47.31
CA ILE MA 514 78.34 -1.95 47.95
C ILE MA 514 78.78 -1.90 49.42
N ALA MA 515 77.97 -1.41 50.35
CA ALA MA 515 78.43 -1.36 51.76
C ALA MA 515 79.06 -2.70 52.24
N PRO MA 516 78.47 -3.90 52.01
CA PRO MA 516 79.09 -5.18 52.32
C PRO MA 516 80.13 -5.44 51.24
N VAL MA 517 81.20 -4.69 51.38
CA VAL MA 517 82.32 -4.58 50.50
C VAL MA 517 83.00 -5.90 50.16
N LYS MA 518 83.36 -6.09 48.90
CA LYS MA 518 84.00 -7.36 48.45
C LYS MA 518 84.70 -8.02 49.64
N MET NA 1 55.41 17.21 49.73
CA MET NA 1 55.26 16.17 50.73
C MET NA 1 55.68 16.66 52.15
N SER NA 2 56.84 17.37 52.25
CA SER NA 2 57.40 17.89 53.51
C SER NA 2 56.62 19.06 54.10
N LEU NA 3 55.86 19.72 53.26
CA LEU NA 3 55.07 20.87 53.61
C LEU NA 3 53.65 20.68 53.13
N PRO NA 4 52.64 21.30 53.77
CA PRO NA 4 51.24 21.29 53.36
C PRO NA 4 50.90 22.09 52.09
N LYS NA 5 51.77 23.00 51.70
CA LYS NA 5 51.53 23.87 50.55
C LYS NA 5 51.92 23.40 49.12
N PRO NA 6 53.09 22.73 48.98
CA PRO NA 6 53.64 22.36 47.68
C PRO NA 6 52.81 21.48 46.76
N GLU NA 7 52.89 21.74 45.44
CA GLU NA 7 52.15 20.94 44.44
C GLU NA 7 53.15 20.05 43.70
N ASP NA 8 52.83 18.76 43.51
CA ASP NA 8 53.77 17.85 42.86
C ASP NA 8 54.23 18.44 41.54
N VAL NA 9 55.49 18.17 41.19
CA VAL NA 9 56.06 18.70 39.96
C VAL NA 9 56.50 17.60 39.05
N LEU NA 10 56.86 17.92 37.81
CA LEU NA 10 57.22 16.86 36.91
C LEU NA 10 58.61 16.29 37.09
N VAL NA 11 58.71 15.46 38.12
CA VAL NA 11 59.93 14.78 38.45
C VAL NA 11 60.12 13.63 37.51
N ALA NA 12 59.13 12.76 37.43
CA ALA NA 12 59.20 11.66 36.50
C ALA NA 12 57.93 10.83 36.43
N PRO NA 13 57.45 10.48 35.23
CA PRO NA 13 56.50 9.45 35.00
C PRO NA 13 57.31 8.17 35.11
N ASN NA 14 56.73 7.10 35.63
CA ASN NA 14 57.42 5.82 35.71
C ASN NA 14 56.45 4.68 35.42
N PHE NA 15 56.88 3.59 34.76
CA PHE NA 15 55.88 2.57 34.44
C PHE NA 15 56.16 1.12 34.77
N GLY NA 16 55.12 0.48 35.27
CA GLY NA 16 55.11 -0.96 35.45
C GLY NA 16 54.45 -1.54 34.20
N ILE NA 17 54.99 -2.64 33.74
CA ILE NA 17 54.53 -3.36 32.56
C ILE NA 17 55.21 -4.73 32.59
N GLN NA 18 54.66 -5.74 31.90
CA GLN NA 18 55.30 -7.06 31.84
C GLN NA 18 56.26 -7.19 30.65
N ILE NA 19 56.42 -6.09 29.93
CA ILE NA 19 57.24 -5.92 28.75
C ILE NA 19 58.44 -5.03 29.10
N ASP NA 20 59.67 -5.45 28.84
CA ASP NA 20 60.79 -4.64 29.30
C ASP NA 20 61.19 -3.42 28.47
N GLY NA 21 60.35 -2.40 28.51
CA GLY NA 21 60.64 -1.12 27.88
C GLY NA 21 61.57 -0.42 28.87
N VAL NA 22 62.44 0.50 28.43
CA VAL NA 22 63.31 1.14 29.44
C VAL NA 22 63.16 2.65 29.69
N MET NA 23 63.12 3.49 28.64
CA MET NA 23 63.08 4.94 28.87
C MET NA 23 62.12 5.70 27.97
N VAL NA 24 61.36 6.58 28.60
CA VAL NA 24 60.33 7.38 27.94
C VAL NA 24 60.45 8.85 28.26
N GLU NA 25 59.79 9.68 27.46
CA GLU NA 25 59.72 11.09 27.80
C GLU NA 25 58.37 11.46 28.35
N TYR NA 26 57.31 10.90 27.80
CA TYR NA 26 56.03 11.38 28.33
C TYR NA 26 54.81 10.53 28.22
N LEU NA 27 53.85 10.92 29.07
CA LEU NA 27 52.51 10.36 29.12
C LEU NA 27 51.41 11.42 28.94
N ASN NA 28 50.61 11.26 27.89
CA ASN NA 28 49.52 12.16 27.56
C ASN NA 28 48.12 11.61 27.72
N SER NA 29 47.19 12.54 27.93
CA SER NA 29 45.73 12.34 27.94
C SER NA 29 45.16 11.32 28.91
N VAL NA 30 45.58 11.38 30.16
CA VAL NA 30 45.03 10.48 31.17
C VAL NA 30 43.83 11.15 31.87
N SER NA 31 42.68 10.48 31.89
CA SER NA 31 41.48 11.02 32.50
C SER NA 31 40.52 9.98 33.06
N ASN NA 32 39.70 10.42 34.01
CA ASN NA 32 38.61 9.67 34.65
C ASN NA 32 37.27 10.27 34.29
N LEU NA 33 36.54 9.66 33.36
CA LEU NA 33 35.33 10.32 32.88
C LEU NA 33 34.00 9.58 33.06
N GLN NA 34 33.13 10.18 33.88
CA GLN NA 34 31.79 9.63 34.12
C GLN NA 34 30.83 10.33 33.15
N ILE NA 35 29.91 9.55 32.58
CA ILE NA 35 28.95 10.05 31.64
C ILE NA 35 27.76 10.71 32.34
N GLU NA 36 27.28 11.84 31.85
CA GLU NA 36 26.11 12.53 32.40
C GLU NA 36 24.89 12.30 31.53
N GLN NA 37 23.70 12.25 32.11
CA GLN NA 37 22.46 12.12 31.34
C GLN NA 37 21.42 12.97 32.04
N ASP NA 38 20.40 13.46 31.34
CA ASP NA 38 19.41 14.27 32.03
C ASP NA 38 18.03 14.31 31.40
N VAL NA 39 17.06 14.74 32.20
CA VAL NA 39 15.70 14.98 31.72
C VAL NA 39 15.09 16.28 32.20
N ILE NA 40 14.09 16.72 31.48
CA ILE NA 40 13.30 17.84 31.93
C ILE NA 40 11.95 17.29 32.35
N ARG NA 41 11.51 17.63 33.55
CA ARG NA 41 10.22 17.14 34.00
C ARG NA 41 9.36 18.25 34.46
N TYR NA 42 8.08 18.19 34.09
CA TYR NA 42 7.10 19.21 34.49
C TYR NA 42 6.78 19.15 35.99
N GLN NA 43 6.33 20.28 36.56
CA GLN NA 43 6.04 20.30 37.99
C GLN NA 43 4.75 19.61 38.40
N GLN NA 44 4.58 19.49 39.70
CA GLN NA 44 3.42 18.83 40.32
C GLN NA 44 2.09 19.57 40.11
N ASN NA 45 1.60 19.48 38.88
CA ASN NA 45 0.34 20.08 38.42
C ASN NA 45 0.09 21.48 38.99
N GLN NA 46 1.15 22.26 38.98
CA GLN NA 46 1.23 23.64 39.42
C GLN NA 46 2.00 24.30 38.33
N GLY NA 47 1.63 25.48 37.86
CA GLY NA 47 2.37 26.06 36.70
C GLY NA 47 3.79 26.61 36.97
N THR NA 48 4.53 25.93 37.79
CA THR NA 48 5.86 26.26 38.20
C THR NA 48 6.85 25.53 37.31
N THR NA 49 7.98 26.18 37.08
CA THR NA 49 9.04 25.65 36.26
C THR NA 49 9.36 24.25 36.74
N GLY NA 50 9.56 23.38 35.78
CA GLY NA 50 9.82 22.00 36.08
C GLY NA 50 11.24 21.83 36.57
N ARG NA 51 11.64 20.59 36.76
CA ARG NA 51 12.93 20.30 37.34
C ARG NA 51 13.85 19.69 36.33
N ASN NA 52 15.14 19.94 36.50
CA ASN NA 52 16.09 19.31 35.62
C ASN NA 52 16.80 18.21 36.35
N ASN NA 53 16.47 16.97 35.97
CA ASN NA 53 17.11 15.80 36.63
C ASN NA 53 18.51 15.63 36.04
N VAL NA 54 19.51 16.25 36.66
CA VAL NA 54 20.84 16.22 36.10
C VAL NA 54 21.78 15.37 36.89
N THR NA 55 21.22 14.55 37.75
CA THR NA 55 21.96 13.67 38.61
C THR NA 55 21.62 12.25 38.32
N LEU NA 56 21.19 12.00 37.13
CA LEU NA 56 20.92 10.64 36.82
C LEU NA 56 22.35 10.11 36.68
N MET NA 57 22.62 8.86 37.04
CA MET NA 57 24.01 8.39 37.03
C MET NA 57 24.33 7.18 36.11
N PRO NA 58 24.87 7.42 34.89
CA PRO NA 58 25.30 6.48 33.85
C PRO NA 58 26.56 5.73 34.18
N GLY NA 59 27.01 4.93 33.22
CA GLY NA 59 28.27 4.21 33.39
C GLY NA 59 29.45 5.13 33.09
N VAL NA 60 30.63 4.53 33.04
CA VAL NA 60 31.89 5.24 32.86
C VAL NA 60 32.50 5.02 31.48
N ALA NA 61 33.03 6.09 30.90
CA ALA NA 61 33.65 6.09 29.58
C ALA NA 61 34.99 5.38 29.59
N LYS NA 62 35.42 4.96 28.40
CA LYS NA 62 36.69 4.27 28.22
C LYS NA 62 37.50 4.97 27.14
N ASP NA 63 38.82 4.97 27.28
CA ASP NA 63 39.69 5.63 26.30
C ASP NA 63 41.09 5.00 26.30
N GLY NA 64 42.05 5.71 25.73
CA GLY NA 64 43.43 5.25 25.66
C GLY NA 64 44.45 6.29 26.03
N SER NA 65 45.63 5.83 26.46
CA SER NA 65 46.70 6.73 26.87
C SER NA 65 47.89 6.65 25.90
N VAL NA 66 48.37 7.80 25.45
CA VAL NA 66 49.48 7.86 24.51
C VAL NA 66 50.82 8.12 25.20
N GLN NA 67 51.83 7.34 24.81
CA GLN NA 67 53.17 7.44 25.35
C GLN NA 67 54.22 7.62 24.30
N VAL NA 68 55.23 8.39 24.65
CA VAL NA 68 56.35 8.55 23.75
C VAL NA 68 57.64 8.12 24.35
N GLU NA 69 58.23 7.18 23.62
CA GLU NA 69 59.47 6.53 23.92
C GLU NA 69 60.52 7.49 23.53
N ARG NA 70 61.62 7.51 24.26
CA ARG NA 70 62.66 8.47 23.91
C ARG NA 70 63.06 8.39 22.46
N GLY NA 71 63.14 7.21 21.88
CA GLY NA 71 63.49 7.22 20.50
C GLY NA 71 63.72 5.86 19.94
N MET NA 72 63.86 5.84 18.64
CA MET NA 72 64.11 4.60 17.98
C MET NA 72 65.48 4.13 18.34
N SER NA 73 65.60 2.82 18.40
CA SER NA 73 66.82 2.12 18.72
C SER NA 73 66.66 0.76 18.11
N GLN NA 74 67.65 -0.09 18.26
CA GLN NA 74 67.57 -1.44 17.71
C GLN NA 74 66.54 -2.33 18.44
N SER NA 75 65.99 -1.87 19.58
CA SER NA 75 65.01 -2.64 20.33
C SER NA 75 63.71 -2.88 19.56
N SER NA 76 63.20 -4.09 19.67
CA SER NA 76 61.99 -4.55 19.02
C SER NA 76 60.80 -4.67 19.97
N VAL NA 77 60.92 -4.11 21.16
CA VAL NA 77 59.87 -4.29 22.16
C VAL NA 77 58.48 -3.81 21.77
N PHE NA 78 58.35 -2.60 21.25
CA PHE NA 78 56.99 -2.08 20.93
C PHE NA 78 56.47 -2.74 19.66
N THR NA 79 57.37 -3.16 18.76
CA THR NA 79 57.00 -3.80 17.55
C THR NA 79 56.43 -5.18 17.83
N GLN NA 80 57.05 -5.94 18.70
CA GLN NA 80 56.49 -7.25 18.93
C GLN NA 80 55.18 -7.20 19.68
N TRP NA 81 54.99 -6.25 20.58
CA TRP NA 81 53.72 -6.22 21.28
C TRP NA 81 52.59 -6.02 20.25
N ILE NA 82 52.77 -5.06 19.34
CA ILE NA 82 51.73 -4.84 18.35
C ILE NA 82 51.62 -6.02 17.38
N ASN NA 83 52.71 -6.73 17.08
CA ASN NA 83 52.59 -7.87 16.20
C ASN NA 83 51.72 -8.98 16.78
N ASP NA 84 51.80 -9.22 18.10
CA ASP NA 84 50.95 -10.26 18.68
C ASP NA 84 49.50 -9.86 18.55
N SER NA 85 49.23 -8.58 18.71
CA SER NA 85 47.87 -8.10 18.61
C SER NA 85 47.33 -8.29 17.20
N MET NA 86 48.10 -7.88 16.20
CA MET NA 86 47.67 -7.96 14.81
C MET NA 86 47.51 -9.38 14.34
N ALA NA 87 48.31 -10.28 14.91
CA ALA NA 87 48.30 -11.69 14.57
C ALA NA 87 47.13 -12.44 15.21
N GLY NA 88 46.38 -11.79 16.10
CA GLY NA 88 45.25 -12.46 16.74
C GLY NA 88 45.60 -13.29 17.97
N ARG NA 89 46.75 -13.06 18.57
CA ARG NA 89 47.13 -13.82 19.74
C ARG NA 89 46.89 -12.95 20.94
N MET NA 90 45.82 -13.22 21.69
CA MET NA 90 45.52 -12.30 22.76
C MET NA 90 46.71 -12.22 23.71
N ALA NA 91 47.18 -11.00 23.93
CA ALA NA 91 48.33 -10.75 24.77
C ALA NA 91 48.22 -9.39 25.42
N THR NA 92 47.29 -9.25 26.35
CA THR NA 92 47.07 -7.97 26.99
C THR NA 92 48.04 -7.86 28.14
N ALA NA 93 48.14 -6.67 28.71
CA ALA NA 93 49.09 -6.51 29.81
C ALA NA 93 48.51 -5.66 30.92
N ARG NA 94 49.04 -5.84 32.11
CA ARG NA 94 48.59 -5.04 33.25
C ARG NA 94 49.56 -3.89 33.41
N LYS NA 95 49.07 -2.66 33.48
CA LYS NA 95 49.99 -1.54 33.62
C LYS NA 95 49.82 -0.77 34.89
N ASN NA 96 50.87 -0.04 35.25
CA ASN NA 96 50.83 0.81 36.41
C ASN NA 96 51.53 2.13 36.19
N ALA NA 97 50.77 3.21 36.10
CA ALA NA 97 51.39 4.51 35.84
C ALA NA 97 51.73 5.14 37.17
N THR NA 98 53.03 5.40 37.40
CA THR NA 98 53.47 5.94 38.72
C THR NA 98 54.17 7.29 38.51
N ILE NA 99 53.55 8.37 38.99
CA ILE NA 99 54.18 9.72 38.89
C ILE NA 99 55.11 9.92 40.08
N ILE NA 100 56.26 9.23 40.09
CA ILE NA 100 57.24 9.40 41.20
C ILE NA 100 57.61 10.88 41.29
N VAL NA 101 57.53 11.47 42.49
CA VAL NA 101 57.84 12.91 42.67
C VAL NA 101 58.98 13.06 43.69
N MET NA 102 59.84 14.05 43.50
CA MET NA 102 60.96 14.30 44.46
C MET NA 102 61.62 12.97 44.80
N ASP NA 103 61.61 12.59 46.08
CA ASP NA 103 62.24 11.31 46.52
C ASP NA 103 61.77 10.19 45.59
N TYR NA 104 62.69 9.65 44.78
CA TYR NA 104 62.33 8.55 43.86
C TYR NA 104 61.90 7.33 44.67
N GLU NA 105 62.36 7.23 45.93
CA GLU NA 105 61.91 6.13 46.82
C GLU NA 105 60.43 6.33 47.13
N ASP NA 106 60.01 7.59 47.31
CA ASP NA 106 58.59 7.89 47.65
C ASP NA 106 57.75 7.90 46.37
N ASN NA 107 56.80 6.96 46.25
CA ASN NA 107 55.92 6.90 45.06
C ASN NA 107 54.46 6.98 45.51
N PRO NA 108 53.94 8.18 45.88
CA PRO NA 108 52.57 8.28 46.38
C PRO NA 108 51.43 8.03 45.40
N VAL NA 109 51.62 8.12 44.09
CA VAL NA 109 50.45 7.88 43.26
C VAL NA 109 50.70 6.80 42.24
N LYS NA 110 49.82 5.83 42.23
CA LYS NA 110 49.94 4.72 41.29
C LYS NA 110 48.58 4.42 40.68
N ARG NA 111 48.48 4.40 39.36
CA ARG NA 111 47.19 4.14 38.73
C ARG NA 111 47.11 2.80 38.01
N TRP NA 112 46.05 2.05 38.31
CA TRP NA 112 45.81 0.75 37.69
C TRP NA 112 45.29 0.87 36.32
N ASN NA 113 45.89 0.15 35.42
CA ASN NA 113 45.39 0.06 34.07
C ASN NA 113 45.01 -1.41 33.86
N LEU NA 114 43.70 -1.65 33.72
CA LEU NA 114 43.18 -3.04 33.52
C LEU NA 114 44.08 -3.81 32.54
N ARG NA 115 44.19 -5.13 32.72
CA ARG NA 115 45.08 -5.95 31.86
C ARG NA 115 44.72 -5.80 30.37
N ASN NA 116 43.45 -5.54 30.06
CA ASN NA 116 43.03 -5.47 28.63
C ASN NA 116 43.85 -4.38 27.92
N ALA NA 117 44.80 -3.78 28.61
CA ALA NA 117 45.66 -2.79 28.00
C ALA NA 117 46.16 -3.45 26.77
N TRP NA 118 46.03 -2.75 25.63
CA TRP NA 118 46.34 -3.39 24.33
C TRP NA 118 46.84 -2.34 23.33
N CYS NA 119 48.06 -2.52 22.81
CA CYS NA 119 48.65 -1.55 21.86
C CYS NA 119 48.01 -1.62 20.49
N SER NA 120 47.50 -0.47 20.01
CA SER NA 120 46.84 -0.39 18.72
C SER NA 120 47.64 0.34 17.66
N LYS NA 121 48.42 1.34 18.06
CA LYS NA 121 49.12 2.09 17.02
C LYS NA 121 50.56 2.37 17.32
N VAL NA 122 51.37 2.29 16.29
CA VAL NA 122 52.75 2.72 16.41
C VAL NA 122 53.02 3.75 15.32
N VAL NA 123 53.45 4.94 15.73
CA VAL NA 123 53.68 6.00 14.76
C VAL NA 123 55.11 6.53 14.77
N ALA NA 124 55.69 6.61 13.58
CA ALA NA 124 57.05 7.10 13.38
C ALA NA 124 57.05 8.62 13.30
N GLY NA 125 58.20 9.22 13.58
CA GLY NA 125 58.32 10.65 13.42
C GLY NA 125 58.69 10.99 11.98
N THR NA 126 58.97 12.26 11.72
CA THR NA 126 59.33 12.74 10.39
C THR NA 126 60.81 12.60 10.12
N LEU NA 127 61.18 12.04 8.98
CA LEU NA 127 62.59 11.96 8.70
C LEU NA 127 62.98 12.97 7.66
N LYS NA 128 63.63 14.06 8.07
CA LYS NA 128 64.02 15.10 7.14
C LYS NA 128 65.50 15.38 7.20
N ALA NA 129 66.17 15.21 6.07
CA ALA NA 129 67.59 15.41 6.00
C ALA NA 129 67.92 16.84 6.27
N GLY NA 130 68.91 17.05 7.11
CA GLY NA 130 69.36 18.38 7.42
C GLY NA 130 68.58 19.01 8.57
N ASP NA 131 67.54 18.35 9.06
CA ASP NA 131 66.76 18.96 10.13
C ASP NA 131 67.43 18.63 11.44
N THR NA 132 68.58 19.23 11.65
CA THR NA 132 69.48 18.90 12.72
C THR NA 132 69.08 19.44 14.07
N ASN NA 133 67.92 19.04 14.51
CA ASN NA 133 67.41 19.41 15.81
C ASN NA 133 66.49 18.30 16.22
N ALA NA 134 66.25 17.43 15.27
CA ALA NA 134 65.29 16.39 15.51
C ALA NA 134 65.91 15.04 15.66
N LEU NA 135 65.27 14.29 16.52
CA LEU NA 135 65.59 12.92 16.79
C LEU NA 135 64.38 12.11 16.47
N THR NA 136 64.52 10.82 16.21
CA THR NA 136 63.31 10.12 15.88
C THR NA 136 62.70 9.47 17.11
N GLU NA 137 61.49 9.92 17.40
CA GLU NA 137 60.67 9.52 18.54
C GLU NA 137 59.72 8.43 18.14
N THR NA 138 59.25 7.63 19.10
CA THR NA 138 58.22 6.67 18.70
C THR NA 138 56.98 6.91 19.54
N ILE NA 139 55.85 6.82 18.90
CA ILE NA 139 54.60 7.01 19.61
C ILE NA 139 53.86 5.71 19.74
N THR NA 140 53.54 5.33 20.96
CA THR NA 140 52.81 4.09 21.19
C THR NA 140 51.45 4.43 21.75
N ILE NA 141 50.41 3.92 21.11
CA ILE NA 141 49.07 4.21 21.61
C ILE NA 141 48.41 2.98 22.16
N VAL NA 142 48.07 3.06 23.44
CA VAL NA 142 47.52 1.95 24.19
C VAL NA 142 46.12 2.20 24.66
N PHE NA 143 45.21 1.29 24.30
CA PHE NA 143 43.80 1.44 24.70
C PHE NA 143 43.57 0.67 26.00
N GLU NA 144 42.67 1.18 26.85
CA GLU NA 144 42.40 0.53 28.16
C GLU NA 144 40.93 0.67 28.54
N GLU NA 145 40.33 -0.37 29.13
CA GLU NA 145 38.95 -0.24 29.60
C GLU NA 145 38.77 0.54 30.88
N LEU NA 146 39.65 0.29 31.83
CA LEU NA 146 39.46 0.81 33.16
C LEU NA 146 40.69 1.35 33.86
N VAL NA 147 40.56 2.55 34.41
CA VAL NA 147 41.64 3.15 35.18
C VAL NA 147 41.22 3.41 36.61
N VAL NA 148 41.98 2.88 37.55
CA VAL NA 148 41.64 3.07 38.95
C VAL NA 148 42.76 3.73 39.76
N GLU NA 149 42.41 4.84 40.44
CA GLU NA 149 43.28 5.69 41.25
C GLU NA 149 43.75 4.91 42.49
N MET OA 1 -71.44 20.95 19.62
CA MET OA 1 -70.18 21.18 18.94
C MET OA 1 -69.00 21.22 19.97
N PRO OA 2 -68.82 20.22 20.93
CA PRO OA 2 -67.87 20.28 22.04
C PRO OA 2 -66.41 20.00 21.69
N SER OA 3 -65.85 20.74 20.75
CA SER OA 3 -64.43 20.58 20.44
C SER OA 3 -64.01 19.12 20.35
N TYR OA 4 -63.05 18.82 21.25
CA TYR OA 4 -62.45 17.47 21.35
C TYR OA 4 -61.42 17.65 22.47
N LEU OA 5 -61.21 18.90 22.91
CA LEU OA 5 -60.26 19.19 23.98
C LEU OA 5 -60.44 18.39 25.25
N SER OA 6 -61.65 18.35 25.78
CA SER OA 6 -61.81 17.65 27.02
C SER OA 6 -63.25 17.36 27.39
N PRO OA 7 -63.52 16.22 28.05
CA PRO OA 7 -64.77 15.91 28.72
C PRO OA 7 -65.14 16.97 29.77
N GLY OA 8 -64.12 17.69 30.25
CA GLY OA 8 -64.24 18.75 31.25
C GLY OA 8 -63.19 19.79 30.93
N VAL OA 9 -63.63 20.92 30.41
CA VAL OA 9 -62.74 21.98 29.94
C VAL OA 9 -62.30 23.00 30.96
N TYR OA 10 -63.21 23.60 31.69
CA TYR OA 10 -62.72 24.65 32.57
C TYR OA 10 -62.02 24.07 33.78
N VAL OA 11 -62.49 22.91 34.20
CA VAL OA 11 -61.85 22.19 35.27
C VAL OA 11 -61.48 20.85 34.69
N GLU OA 12 -60.21 20.51 34.71
CA GLU OA 12 -59.83 19.28 34.08
C GLU OA 12 -60.11 18.07 34.95
N GLU OA 13 -61.38 17.64 34.85
CA GLU OA 13 -62.05 16.55 35.58
C GLU OA 13 -61.38 15.23 35.27
N VAL OA 14 -60.65 15.24 34.18
CA VAL OA 14 -59.91 14.11 33.67
C VAL OA 14 -58.73 13.69 34.60
N ALA OA 15 -58.23 14.62 35.48
CA ALA OA 15 -57.17 14.41 36.46
C ALA OA 15 -57.82 13.94 37.76
N GLY OA 28 -66.00 -4.54 29.47
CA GLY OA 28 -67.13 -3.65 29.54
C GLY OA 28 -68.42 -4.42 29.23
N VAL OA 29 -69.56 -3.70 29.15
CA VAL OA 29 -70.91 -4.26 28.87
C VAL OA 29 -71.51 -3.84 27.51
N GLY OA 30 -70.90 -2.87 26.82
CA GLY OA 30 -71.40 -2.44 25.51
C GLY OA 30 -72.11 -1.09 25.53
N THR OA 31 -72.41 -0.58 24.32
CA THR OA 31 -73.02 0.73 24.09
C THR OA 31 -74.52 0.61 23.91
N SER OA 32 -75.01 -0.60 24.08
CA SER OA 32 -76.40 -0.99 23.95
C SER OA 32 -77.06 -1.24 25.31
N VAL OA 33 -76.40 -0.83 26.38
CA VAL OA 33 -76.92 -1.01 27.73
C VAL OA 33 -77.87 0.08 28.20
N ALA OA 34 -78.98 -0.42 28.73
CA ALA OA 34 -80.09 0.37 29.23
C ALA OA 34 -80.12 0.47 30.74
N ALA OA 35 -80.83 1.45 31.25
CA ALA OA 35 -81.08 1.53 32.68
C ALA OA 35 -82.54 1.92 32.95
N PHE OA 36 -83.12 1.29 33.97
CA PHE OA 36 -84.51 1.52 34.32
C PHE OA 36 -84.74 1.84 35.79
N VAL OA 37 -85.71 2.73 36.02
CA VAL OA 37 -86.13 3.09 37.37
C VAL OA 37 -87.60 2.71 37.69
N GLY OA 38 -87.77 1.88 38.72
CA GLY OA 38 -89.12 1.48 39.12
C GLY OA 38 -89.13 0.60 40.37
N LEU OA 39 -90.33 0.17 40.77
CA LEU OA 39 -90.59 -0.61 41.99
C LEU OA 39 -90.49 -2.11 41.84
N ALA OA 40 -90.30 -2.79 42.96
CA ALA OA 40 -90.28 -4.25 42.93
C ALA OA 40 -90.67 -4.85 44.30
N PRO OA 41 -91.12 -6.10 44.35
CA PRO OA 41 -91.35 -6.88 45.54
C PRO OA 41 -90.01 -7.26 46.11
N THR OA 42 -89.99 -8.02 47.21
CA THR OA 42 -88.77 -8.39 47.89
C THR OA 42 -87.64 -8.67 46.93
N GLY OA 43 -86.55 -7.94 47.17
CA GLY OA 43 -85.36 -7.94 46.35
C GLY OA 43 -84.38 -6.93 46.97
N PRO OA 44 -83.29 -6.56 46.26
CA PRO OA 44 -82.22 -5.68 46.71
C PRO OA 44 -82.70 -4.25 46.85
N LEU OA 45 -81.99 -3.48 47.65
CA LEU OA 45 -82.25 -2.08 47.96
C LEU OA 45 -81.97 -1.13 46.83
N ASN OA 46 -82.28 0.15 47.05
CA ASN OA 46 -82.11 1.20 46.04
C ASN OA 46 -80.65 1.51 45.71
N GLU OA 47 -79.78 1.37 46.68
CA GLU OA 47 -78.38 1.71 46.52
C GLU OA 47 -77.55 0.80 45.58
N PRO OA 48 -77.57 -0.54 45.69
CA PRO OA 48 -76.80 -1.44 44.86
C PRO OA 48 -77.41 -1.62 43.49
N THR OA 49 -77.38 -0.56 42.70
CA THR OA 49 -77.98 -0.64 41.37
C THR OA 49 -77.28 -1.78 40.65
N LEU OA 50 -78.05 -2.69 40.11
CA LEU OA 50 -77.50 -3.89 39.48
C LEU OA 50 -77.60 -3.92 37.97
N VAL OA 51 -76.50 -4.28 37.31
CA VAL OA 51 -76.54 -4.44 35.86
C VAL OA 51 -76.46 -5.90 35.52
N THR OA 52 -77.40 -6.34 34.68
CA THR OA 52 -77.36 -7.78 34.39
C THR OA 52 -78.32 -8.29 33.32
N ASN OA 53 -78.59 -9.58 33.36
CA ASN OA 53 -79.40 -10.39 32.44
C ASN OA 53 -80.80 -10.65 33.02
N TRP OA 54 -81.77 -10.97 32.17
CA TRP OA 54 -83.11 -11.34 32.64
C TRP OA 54 -83.09 -12.43 33.72
N THR OA 55 -82.24 -13.44 33.59
CA THR OA 55 -82.29 -14.53 34.57
C THR OA 55 -82.02 -14.05 36.00
N GLN OA 56 -81.02 -13.19 36.17
CA GLN OA 56 -80.70 -12.67 37.48
C GLN OA 56 -81.70 -11.62 37.85
N TYR OA 57 -82.17 -10.85 36.88
CA TYR OA 57 -83.15 -9.83 37.17
C TYR OA 57 -84.31 -10.43 37.90
N VAL OA 58 -84.83 -11.54 37.39
CA VAL OA 58 -85.95 -12.13 38.06
C VAL OA 58 -85.56 -12.66 39.42
N ALA OA 59 -84.43 -13.34 39.51
CA ALA OA 59 -84.03 -13.88 40.81
C ALA OA 59 -83.91 -12.77 41.85
N ALA OA 60 -83.43 -11.60 41.44
CA ALA OA 60 -83.26 -10.49 42.34
C ALA OA 60 -84.51 -9.64 42.57
N PHE OA 61 -85.32 -9.39 41.54
CA PHE OA 61 -86.47 -8.49 41.68
C PHE OA 61 -87.89 -9.07 41.62
N GLY OA 62 -88.06 -10.35 41.23
CA GLY OA 62 -89.41 -10.94 41.13
C GLY OA 62 -89.91 -11.15 39.70
N ASP OA 63 -90.67 -12.23 39.48
CA ASP OA 63 -91.16 -12.53 38.13
C ASP OA 63 -92.53 -11.88 37.87
N PHE OA 64 -92.61 -10.55 37.86
CA PHE OA 64 -93.88 -9.84 37.54
C PHE OA 64 -94.96 -10.06 38.61
N THR OA 65 -94.62 -10.59 39.78
CA THR OA 65 -95.61 -10.91 40.81
C THR OA 65 -96.00 -9.73 41.68
N GLY OA 66 -95.22 -8.69 41.60
CA GLY OA 66 -95.43 -7.49 42.40
C GLY OA 66 -96.25 -6.39 41.73
N GLY OA 67 -96.76 -6.61 40.50
CA GLY OA 67 -97.57 -5.56 39.85
C GLY OA 67 -96.81 -4.29 39.46
N TYR OA 68 -95.55 -4.42 39.11
CA TYR OA 68 -94.69 -3.29 38.79
C TYR OA 68 -94.28 -3.25 37.31
N TYR OA 69 -93.95 -2.07 36.81
CA TYR OA 69 -93.56 -1.91 35.41
C TYR OA 69 -92.15 -2.33 35.03
N LEU OA 70 -91.22 -2.43 35.98
CA LEU OA 70 -89.91 -2.86 35.57
C LEU OA 70 -89.93 -4.26 34.97
N ALA OA 71 -90.74 -5.17 35.50
CA ALA OA 71 -90.62 -6.52 34.95
C ALA OA 71 -90.96 -6.54 33.49
N HIS OA 72 -91.97 -5.79 33.07
CA HIS OA 72 -92.32 -5.89 31.64
C HIS OA 72 -91.28 -5.14 30.81
N SER OA 73 -90.85 -3.95 31.25
CA SER OA 73 -89.93 -3.20 30.42
C SER OA 73 -88.59 -3.92 30.33
N VAL OA 74 -88.15 -4.53 31.42
CA VAL OA 74 -86.90 -5.24 31.43
C VAL OA 74 -87.05 -6.50 30.58
N TYR OA 75 -88.18 -7.21 30.71
CA TYR OA 75 -88.39 -8.38 29.89
C TYR OA 75 -88.38 -8.00 28.43
N GLY OA 76 -89.13 -6.95 28.07
CA GLY OA 76 -89.23 -6.50 26.69
C GLY OA 76 -87.86 -6.16 26.16
N PHE OA 77 -87.02 -5.60 27.01
CA PHE OA 77 -85.68 -5.31 26.57
C PHE OA 77 -84.99 -6.63 26.24
N PHE OA 78 -85.06 -7.60 27.14
CA PHE OA 78 -84.35 -8.84 26.89
C PHE OA 78 -85.05 -9.81 25.96
N ASN OA 79 -86.27 -9.50 25.57
CA ASN OA 79 -87.01 -10.32 24.63
C ASN OA 79 -86.63 -9.88 23.22
N ASN OA 80 -85.78 -8.82 23.14
CA ASN OA 80 -85.26 -8.27 21.86
C ASN OA 80 -83.72 -8.31 21.91
N GLY OA 81 -83.00 -7.19 21.69
CA GLY OA 81 -81.54 -7.31 21.84
C GLY OA 81 -81.03 -6.67 23.13
N GLY OA 82 -79.70 -6.61 23.32
CA GLY OA 82 -79.13 -6.00 24.51
C GLY OA 82 -78.46 -6.99 25.44
N SER OA 83 -77.26 -6.64 25.89
CA SER OA 83 -76.46 -7.49 26.77
C SER OA 83 -76.83 -7.37 28.23
N ALA OA 84 -77.27 -6.20 28.62
CA ALA OA 84 -77.53 -5.96 30.02
C ALA OA 84 -78.35 -4.72 30.23
N ALA OA 85 -78.89 -4.62 31.43
CA ALA OA 85 -79.54 -3.41 31.85
C ALA OA 85 -79.36 -3.19 33.32
N TYR OA 86 -79.30 -1.92 33.72
CA TYR OA 86 -79.20 -1.50 35.11
C TYR OA 86 -80.56 -1.31 35.74
N VAL OA 87 -80.76 -1.89 36.91
CA VAL OA 87 -82.03 -1.73 37.58
C VAL OA 87 -81.96 -1.11 38.95
N VAL OA 88 -82.73 -0.04 39.09
CA VAL OA 88 -82.85 0.69 40.32
C VAL OA 88 -84.13 0.28 41.03
N ARG OA 89 -83.98 -0.20 42.26
CA ARG OA 89 -85.11 -0.69 43.05
C ARG OA 89 -86.19 0.35 43.37
N VAL OA 90 -85.76 1.59 43.70
CA VAL OA 90 -86.68 2.72 44.00
C VAL OA 90 -87.38 2.54 45.37
N GLY OA 91 -88.18 1.50 45.52
CA GLY OA 91 -88.96 1.19 46.71
C GLY OA 91 -89.69 -0.14 46.52
N GLY OA 92 -90.43 -0.57 47.52
CA GLY OA 92 -91.11 -1.83 47.37
C GLY OA 92 -92.50 -1.68 46.78
N SER OA 93 -93.03 -2.75 46.19
CA SER OA 93 -94.41 -2.74 45.75
C SER OA 93 -95.28 -2.74 47.00
N ALA OA 94 -96.43 -2.09 46.93
CA ALA OA 94 -97.39 -2.10 48.03
C ALA OA 94 -98.15 -3.40 48.04
N GLU OA 95 -98.59 -3.83 49.22
CA GLU OA 95 -99.41 -5.02 49.30
C GLU OA 95 -100.73 -4.80 48.58
N ASP OA 96 -101.23 -5.82 47.83
CA ASP OA 96 -102.51 -5.86 47.10
C ASP OA 96 -102.78 -4.56 46.31
N GLN OA 232 -96.68 12.55 50.26
CA GLN OA 232 -95.59 11.65 49.92
C GLN OA 232 -96.11 10.24 49.58
N ALA OA 233 -96.41 10.03 48.27
CA ALA OA 233 -96.85 8.78 47.66
C ALA OA 233 -95.72 8.41 46.72
N GLU OA 234 -96.02 8.36 45.41
CA GLU OA 234 -94.95 8.17 44.37
C GLU OA 234 -94.21 9.50 44.32
N SER OA 235 -93.37 9.78 45.29
CA SER OA 235 -92.68 11.05 45.48
C SER OA 235 -91.51 11.36 44.59
N ALA OA 236 -91.23 12.66 44.51
CA ALA OA 236 -90.13 13.23 43.74
C ALA OA 236 -88.77 12.73 44.22
N HIS OA 237 -88.66 12.37 45.51
CA HIS OA 237 -87.37 11.90 46.01
C HIS OA 237 -87.30 10.35 46.16
N PRO OA 238 -87.94 9.72 47.18
CA PRO OA 238 -88.01 8.25 47.24
C PRO OA 238 -89.09 7.96 46.21
N GLY OA 239 -89.11 6.75 45.62
CA GLY OA 239 -90.13 6.60 44.59
C GLY OA 239 -89.42 6.78 43.26
N PRO OA 240 -90.11 6.70 42.12
CA PRO OA 240 -89.53 6.67 40.78
C PRO OA 240 -89.09 8.03 40.32
N ALA OA 241 -88.10 8.58 41.03
CA ALA OA 241 -87.66 9.92 40.76
C ALA OA 241 -86.18 10.18 41.05
N GLN OA 242 -85.85 11.09 42.00
CA GLN OA 242 -84.43 11.33 42.28
C GLN OA 242 -84.01 11.76 43.67
N TYR OA 243 -83.06 11.02 44.24
CA TYR OA 243 -82.46 11.40 45.50
C TYR OA 243 -80.94 11.24 45.47
N LEU OA 244 -80.25 12.36 45.68
CA LEU OA 244 -78.79 12.36 45.65
C LEU OA 244 -78.15 12.02 46.97
N GLY OA 245 -78.70 12.49 48.08
CA GLY OA 245 -78.06 12.15 49.34
C GLY OA 245 -76.68 12.77 49.49
N ASP OA 246 -76.49 14.02 49.03
CA ASP OA 246 -75.16 14.62 49.09
C ASP OA 246 -74.13 13.77 48.38
N SER OA 247 -74.47 13.44 47.14
CA SER OA 247 -73.70 12.60 46.22
C SER OA 247 -73.49 11.19 46.75
N SER OA 248 -74.55 10.65 47.37
CA SER OA 248 -74.54 9.26 47.79
C SER OA 248 -75.14 8.49 46.62
N ASP OA 249 -75.89 9.22 45.77
CA ASP OA 249 -76.50 8.74 44.54
C ASP OA 249 -77.32 7.48 44.79
N ARG OA 250 -78.10 7.52 45.86
CA ARG OA 250 -78.88 6.40 46.32
C ARG OA 250 -80.16 6.04 45.57
N THR OA 251 -80.95 7.00 45.11
CA THR OA 251 -82.20 6.57 44.47
C THR OA 251 -82.48 7.22 43.12
N GLY OA 252 -82.98 6.38 42.22
CA GLY OA 252 -83.46 6.82 40.93
C GLY OA 252 -82.37 7.44 40.08
N PHE OA 253 -82.63 8.66 39.64
CA PHE OA 253 -81.74 9.44 38.78
C PHE OA 253 -80.49 9.82 39.53
N GLY OA 254 -80.47 9.61 40.83
CA GLY OA 254 -79.32 9.92 41.63
C GLY OA 254 -78.11 9.15 41.11
N GLY OA 255 -78.32 7.97 40.52
CA GLY OA 255 -77.22 7.15 40.00
C GLY OA 255 -76.71 7.59 38.63
N LEU OA 256 -77.32 8.60 38.00
CA LEU OA 256 -76.87 9.05 36.70
C LEU OA 256 -75.57 9.81 36.91
N GLU OA 257 -74.69 9.76 35.92
CA GLU OA 257 -73.33 10.35 35.94
C GLU OA 257 -72.42 9.42 36.74
N ALA OA 258 -72.85 9.12 37.97
CA ALA OA 258 -72.15 8.21 38.86
C ALA OA 258 -71.97 6.85 38.20
N ILE OA 259 -72.97 6.42 37.44
CA ILE OA 259 -72.88 5.15 36.74
C ILE OA 259 -72.68 5.39 35.25
N ASP OA 260 -71.56 4.85 34.77
CA ASP OA 260 -71.13 4.92 33.38
C ASP OA 260 -71.67 3.72 32.58
N GLU OA 261 -71.35 3.70 31.28
CA GLU OA 261 -71.74 2.66 30.33
C GLU OA 261 -73.25 2.42 30.23
N ILE OA 262 -74.01 3.49 30.25
CA ILE OA 262 -75.44 3.48 30.05
C ILE OA 262 -75.68 4.46 28.93
N SER OA 263 -76.30 4.00 27.86
CA SER OA 263 -76.56 4.87 26.73
C SER OA 263 -78.04 5.25 26.66
N MET OA 264 -78.90 4.44 27.27
CA MET OA 264 -80.32 4.75 27.22
C MET OA 264 -81.04 4.52 28.53
N VAL OA 265 -81.99 5.41 28.82
CA VAL OA 265 -82.75 5.35 30.06
C VAL OA 265 -84.27 5.51 29.95
N ALA OA 266 -84.97 4.90 30.92
CA ALA OA 266 -86.44 5.00 31.02
C ALA OA 266 -86.90 4.81 32.47
N VAL OA 267 -88.12 5.26 32.78
CA VAL OA 267 -88.67 5.08 34.13
C VAL OA 267 -90.04 4.39 34.05
N PRO OA 268 -90.11 3.06 33.97
CA PRO OA 268 -91.31 2.27 33.83
C PRO OA 268 -92.42 2.58 34.84
N ASP OA 269 -92.09 3.00 36.08
CA ASP OA 269 -93.19 3.27 37.02
C ASP OA 269 -93.51 4.76 37.22
N LEU OA 270 -93.09 5.65 36.32
CA LEU OA 270 -93.46 7.05 36.53
C LEU OA 270 -94.78 7.41 35.86
N MET OA 271 -94.86 7.51 34.52
CA MET OA 271 -96.16 7.84 33.93
C MET OA 271 -97.16 6.76 34.20
N ALA OA 272 -96.68 5.53 34.25
CA ALA OA 272 -97.54 4.39 34.46
C ALA OA 272 -98.17 4.40 35.85
N ALA OA 273 -97.64 5.20 36.77
CA ALA OA 273 -98.19 5.25 38.10
C ALA OA 273 -98.80 6.61 38.37
N TYR OA 274 -99.07 7.37 37.31
CA TYR OA 274 -99.62 8.73 37.44
C TYR OA 274 -100.85 8.79 38.37
N GLN OA 275 -101.72 7.77 38.33
CA GLN OA 275 -102.86 7.81 39.24
C GLN OA 275 -102.72 6.88 40.44
N ARG OA 276 -102.17 5.68 40.25
CA ARG OA 276 -102.03 4.71 41.38
C ARG OA 276 -101.08 5.27 42.44
N GLY OA 277 -100.16 6.17 42.06
CA GLY OA 277 -99.19 6.76 42.96
C GLY OA 277 -99.62 8.13 43.45
N ALA OA 278 -100.85 8.58 43.10
CA ALA OA 278 -101.36 9.90 43.46
C ALA OA 278 -100.41 11.03 43.05
N ILE OA 279 -99.92 10.97 41.81
CA ILE OA 279 -98.98 11.90 41.24
C ILE OA 279 -99.37 12.35 39.84
N ASP OA 280 -100.61 12.73 39.64
CA ASP OA 280 -101.02 13.07 38.30
C ASP OA 280 -100.75 14.53 37.93
N LEU OA 281 -101.10 14.80 36.65
CA LEU OA 281 -101.07 16.16 36.04
C LEU OA 281 -99.68 16.75 35.93
N GLU OA 282 -99.17 17.22 37.05
CA GLU OA 282 -97.91 17.95 37.12
C GLU OA 282 -96.76 17.15 37.70
N ALA OA 283 -97.09 16.22 38.60
CA ALA OA 283 -96.06 15.49 39.32
C ALA OA 283 -95.20 14.67 38.37
N VAL OA 284 -95.77 14.17 37.28
CA VAL OA 284 -94.97 13.41 36.35
C VAL OA 284 -93.92 14.28 35.68
N LYS OA 285 -94.32 15.47 35.21
CA LYS OA 285 -93.37 16.37 34.54
C LYS OA 285 -92.25 16.76 35.48
N ALA OA 286 -92.59 16.90 36.76
CA ALA OA 286 -91.63 17.28 37.79
C ALA OA 286 -90.46 16.30 37.88
N VAL OA 287 -90.67 15.08 37.43
CA VAL OA 287 -89.65 14.06 37.45
C VAL OA 287 -89.11 13.80 36.06
N GLN OA 288 -90.01 13.70 35.09
CA GLN OA 288 -89.71 13.35 33.71
C GLN OA 288 -88.74 14.36 33.08
N LEU OA 289 -88.86 15.63 33.45
CA LEU OA 289 -87.97 16.67 32.97
C LEU OA 289 -86.56 16.50 33.54
N GLY OA 290 -86.44 15.86 34.71
CA GLY OA 290 -85.15 15.63 35.35
C GLY OA 290 -84.42 14.59 34.53
N LEU OA 291 -85.15 13.55 34.11
CA LEU OA 291 -84.50 12.48 33.35
C LEU OA 291 -83.85 13.08 32.12
N ILE OA 292 -84.58 14.00 31.49
CA ILE OA 292 -84.09 14.67 30.31
C ILE OA 292 -82.91 15.56 30.62
N ALA OA 293 -82.99 16.37 31.68
CA ALA OA 293 -81.89 17.25 32.03
C ALA OA 293 -80.60 16.50 32.30
N HIS OA 294 -80.70 15.35 32.95
CA HIS OA 294 -79.49 14.63 33.28
C HIS OA 294 -78.85 14.09 32.04
N CYS OA 295 -79.68 13.64 31.11
CA CYS OA 295 -79.15 13.13 29.87
C CYS OA 295 -78.42 14.23 29.12
N GLU OA 296 -78.99 15.44 29.08
CA GLU OA 296 -78.31 16.53 28.40
C GLU OA 296 -76.99 16.88 29.05
N LEU OA 297 -76.93 16.87 30.37
CA LEU OA 297 -75.67 17.19 31.04
C LEU OA 297 -74.57 16.19 30.70
N MET OA 298 -74.92 14.90 30.64
CA MET OA 298 -73.98 13.85 30.29
C MET OA 298 -73.63 13.81 28.81
N GLY OA 299 -74.59 14.16 27.98
CA GLY OA 299 -74.44 14.18 26.53
C GLY OA 299 -74.68 12.79 25.95
N ASP OA 300 -73.84 11.84 26.34
CA ASP OA 300 -74.01 10.50 25.78
C ASP OA 300 -75.01 9.66 26.55
N ARG OA 301 -76.28 10.02 26.40
CA ARG OA 301 -77.36 9.27 27.02
C ARG OA 301 -78.70 9.80 26.48
N VAL OA 302 -79.61 8.91 26.11
CA VAL OA 302 -80.92 9.35 25.61
C VAL OA 302 -82.11 8.81 26.40
N ALA OA 303 -83.02 9.74 26.74
CA ALA OA 303 -84.24 9.44 27.47
C ALA OA 303 -85.41 9.05 26.58
N ILE OA 304 -86.17 8.07 27.06
CA ILE OA 304 -87.39 7.64 26.42
C ILE OA 304 -88.56 8.23 27.17
N ILE OA 305 -89.41 9.01 26.49
CA ILE OA 305 -90.50 9.69 27.18
C ILE OA 305 -91.78 8.88 27.13
N ASP OA 306 -92.30 8.54 28.30
CA ASP OA 306 -93.53 7.79 28.40
C ASP OA 306 -94.82 8.68 28.33
N PRO OA 307 -95.74 8.46 27.36
CA PRO OA 307 -96.99 9.18 27.15
C PRO OA 307 -98.02 8.68 28.16
N PRO OA 308 -99.10 9.42 28.46
CA PRO OA 308 -100.23 9.00 29.27
C PRO OA 308 -100.90 7.79 28.63
N PRO OA 309 -101.54 6.88 29.38
CA PRO OA 309 -102.26 5.70 28.91
C PRO OA 309 -103.40 5.88 27.91
N ASN OA 310 -104.07 7.04 27.88
CA ASN OA 310 -105.19 7.14 26.95
C ASN OA 310 -105.42 8.51 26.36
N GLN OA 311 -104.89 8.73 25.17
CA GLN OA 311 -105.07 10.02 24.52
C GLN OA 311 -105.41 9.89 23.05
N ASN OA 312 -106.26 10.80 22.61
CA ASN OA 312 -106.64 10.98 21.23
C ASN OA 312 -105.47 11.60 20.53
N ALA OA 313 -105.33 11.41 19.23
CA ALA OA 313 -104.20 12.04 18.55
C ALA OA 313 -104.16 13.54 18.81
N ARG OA 314 -105.32 14.18 18.92
CA ARG OA 314 -105.35 15.59 19.22
C ARG OA 314 -104.75 15.87 20.59
N GLN OA 315 -104.99 14.96 21.54
CA GLN OA 315 -104.53 15.12 22.91
C GLN OA 315 -103.05 14.81 22.99
N ILE OA 316 -102.57 13.89 22.17
CA ILE OA 316 -101.15 13.56 22.15
C ILE OA 316 -100.42 14.81 21.71
N ARG OA 317 -100.92 15.44 20.64
CA ARG OA 317 -100.31 16.65 20.11
C ARG OA 317 -100.40 17.83 21.05
N VAL OA 318 -101.56 18.10 21.62
CA VAL OA 318 -101.68 19.23 22.51
C VAL OA 318 -100.84 19.02 23.74
N TRP OA 319 -100.85 17.81 24.30
CA TRP OA 319 -100.05 17.59 25.45
C TRP OA 319 -98.59 17.87 25.12
N ARG OA 320 -98.07 17.25 24.05
CA ARG OA 320 -96.69 17.51 23.67
C ARG OA 320 -96.38 18.97 23.28
N GLN OA 321 -97.32 19.70 22.67
CA GLN OA 321 -97.01 21.07 22.27
C GLN OA 321 -97.31 22.16 23.30
N GLU OA 322 -98.40 22.01 24.05
CA GLU OA 322 -98.82 23.07 24.96
C GLU OA 322 -98.75 22.78 26.47
N THR OA 323 -98.94 21.52 26.91
CA THR OA 323 -99.03 21.34 28.36
C THR OA 323 -97.87 20.55 28.92
N ALA OA 324 -97.15 19.86 28.04
CA ALA OA 324 -96.03 19.02 28.39
C ALA OA 324 -94.96 19.13 27.34
N GLY OA 325 -94.44 20.33 27.13
CA GLY OA 325 -93.39 20.47 26.15
C GLY OA 325 -92.10 19.96 26.78
N TYR OA 326 -91.22 19.43 25.95
CA TYR OA 326 -89.94 18.93 26.40
C TYR OA 326 -88.82 19.55 25.56
N ASP OA 327 -88.92 19.32 24.25
CA ASP OA 327 -88.05 19.83 23.17
C ASP OA 327 -86.54 19.58 23.35
N SER OA 328 -86.18 18.42 23.86
CA SER OA 328 -84.78 18.07 24.07
C SER OA 328 -84.09 17.32 22.95
N LYS OA 329 -82.78 17.44 22.87
CA LYS OA 329 -81.97 16.76 21.87
C LYS OA 329 -81.57 15.37 22.34
N TYR OA 330 -81.93 15.08 23.57
CA TYR OA 330 -81.61 13.85 24.27
C TYR OA 330 -82.82 13.04 24.60
N ALA OA 331 -83.88 13.20 23.83
CA ALA OA 331 -85.09 12.48 24.11
C ALA OA 331 -86.01 12.35 22.91
N ALA OA 332 -86.92 11.37 22.99
CA ALA OA 332 -87.99 11.20 22.00
C ALA OA 332 -89.27 10.63 22.61
N LEU OA 333 -90.40 11.05 22.02
CA LEU OA 333 -91.76 10.62 22.39
C LEU OA 333 -92.42 9.76 21.29
N TYR OA 334 -93.23 8.78 21.72
CA TYR OA 334 -94.00 7.87 20.87
C TYR OA 334 -95.50 7.92 21.19
N TYR OA 335 -96.35 7.74 20.16
CA TYR OA 335 -97.81 7.92 20.34
C TYR OA 335 -98.49 6.83 21.18
N PRO OA 336 -98.72 5.60 20.67
CA PRO OA 336 -99.52 4.60 21.40
C PRO OA 336 -98.77 3.65 22.36
N TRP OA 337 -99.46 3.22 23.42
CA TRP OA 337 -98.87 2.21 24.33
C TRP OA 337 -98.95 0.86 23.62
N ILE OA 338 -98.65 -0.23 24.32
CA ILE OA 338 -98.66 -1.53 23.67
C ILE OA 338 -99.19 -2.63 24.58
N LYS OA 339 -100.12 -3.40 24.05
CA LYS OA 339 -100.73 -4.51 24.79
C LYS OA 339 -99.79 -5.69 24.78
N SER OA 340 -99.63 -6.33 25.94
CA SER OA 340 -98.77 -7.51 26.06
C SER OA 340 -99.19 -8.47 27.18
N PHE OA 341 -98.65 -9.68 27.16
CA PHE OA 341 -98.95 -10.71 28.15
C PHE OA 341 -98.08 -10.65 29.40
N ASP OA 342 -98.71 -10.78 30.57
CA ASP OA 342 -98.02 -10.82 31.87
C ASP OA 342 -98.39 -12.12 32.62
N PRO OA 343 -97.49 -13.13 32.65
CA PRO OA 343 -97.68 -14.45 33.22
C PRO OA 343 -98.16 -14.45 34.66
N ALA OA 344 -97.90 -13.37 35.40
CA ALA OA 344 -98.33 -13.34 36.78
C ALA OA 344 -99.85 -13.35 36.91
N THR OA 345 -100.56 -12.70 35.96
CA THR OA 345 -102.01 -12.65 36.07
C THR OA 345 -102.76 -13.05 34.80
N GLY OA 346 -102.09 -13.00 33.63
CA GLY OA 346 -102.78 -13.22 32.36
C GLY OA 346 -102.47 -12.16 31.30
N GLN OA 347 -103.32 -12.10 30.29
CA GLN OA 347 -103.18 -11.22 29.13
C GLN OA 347 -103.61 -9.77 29.33
N SER OA 348 -104.25 -9.46 30.43
CA SER OA 348 -104.81 -8.12 30.63
C SER OA 348 -103.82 -7.06 31.05
N ARG OA 349 -102.87 -6.72 30.18
CA ARG OA 349 -101.91 -5.68 30.54
C ARG OA 349 -101.47 -4.75 29.42
N LEU OA 350 -101.40 -3.45 29.74
CA LEU OA 350 -100.87 -2.47 28.80
C LEU OA 350 -99.59 -1.89 29.38
N VAL OA 351 -98.60 -1.60 28.52
CA VAL OA 351 -97.35 -1.04 28.96
C VAL OA 351 -96.95 0.16 28.07
N PRO OA 352 -96.32 1.23 28.60
CA PRO OA 352 -95.85 2.36 27.83
C PRO OA 352 -94.89 1.86 26.75
N PRO OA 353 -94.69 2.59 25.66
CA PRO OA 353 -93.79 2.27 24.58
C PRO OA 353 -92.34 2.52 24.97
N SER OA 354 -91.86 1.73 25.92
CA SER OA 354 -90.51 1.81 26.46
C SER OA 354 -90.05 0.38 26.77
N GLY OA 355 -88.75 0.17 26.99
CA GLY OA 355 -88.24 -1.18 27.27
C GLY OA 355 -88.02 -1.94 25.95
N HIS OA 356 -89.13 -2.11 25.24
CA HIS OA 356 -89.18 -2.75 23.96
C HIS OA 356 -88.47 -1.89 22.92
N VAL OA 357 -88.59 -0.57 23.02
CA VAL OA 357 -87.94 0.27 22.02
C VAL OA 357 -86.44 0.22 22.24
N ALA OA 358 -86.04 0.13 23.50
CA ALA OA 358 -84.63 0.03 23.85
C ALA OA 358 -84.10 -1.28 23.29
N GLY OA 359 -84.93 -2.31 23.36
CA GLY OA 359 -84.62 -3.64 22.84
C GLY OA 359 -84.42 -3.62 21.31
N ILE OA 360 -85.17 -2.77 20.61
CA ILE OA 360 -85.02 -2.66 19.17
C ILE OA 360 -83.71 -1.97 18.87
N TRP OA 361 -83.42 -0.89 19.58
CA TRP OA 361 -82.18 -0.18 19.35
C TRP OA 361 -81.02 -1.11 19.60
N ALA OA 362 -81.09 -1.88 20.69
CA ALA OA 362 -79.99 -2.75 21.00
C ALA OA 362 -79.79 -3.81 19.92
N ARG OA 363 -80.88 -4.38 19.38
CA ARG OA 363 -80.69 -5.38 18.33
C ARG OA 363 -80.05 -4.77 17.11
N ASN OA 364 -80.56 -3.63 16.69
CA ASN OA 364 -80.07 -3.02 15.48
C ASN OA 364 -78.62 -2.72 15.51
N ASP OA 365 -78.18 -2.16 16.61
CA ASP OA 365 -76.81 -1.76 16.64
C ASP OA 365 -75.93 -2.98 16.74
N SER OA 366 -76.38 -3.99 17.47
CA SER OA 366 -75.60 -5.20 17.64
C SER OA 366 -75.36 -5.90 16.32
N GLU OA 367 -76.38 -5.92 15.46
CA GLU OA 367 -76.22 -6.59 14.18
C GLU OA 367 -75.75 -5.70 13.02
N ARG OA 368 -76.11 -4.42 13.01
CA ARG OA 368 -75.80 -3.58 11.86
C ARG OA 368 -74.93 -2.35 12.10
N GLY OA 369 -74.57 -2.03 13.35
CA GLY OA 369 -73.83 -0.80 13.61
C GLY OA 369 -74.80 0.35 13.74
N VAL OA 370 -74.29 1.56 13.90
CA VAL OA 370 -75.18 2.69 14.07
C VAL OA 370 -75.11 3.58 12.86
N HIS OA 371 -76.09 3.46 11.98
CA HIS OA 371 -76.04 4.27 10.76
C HIS OA 371 -77.40 4.86 10.54
N LYS OA 372 -78.40 4.12 10.99
CA LYS OA 372 -79.80 4.48 10.87
C LYS OA 372 -80.52 4.11 12.14
N ALA OA 373 -81.55 4.86 12.49
CA ALA OA 373 -82.38 4.48 13.60
C ALA OA 373 -83.31 3.39 13.08
N PRO OA 374 -83.42 2.24 13.73
CA PRO OA 374 -84.19 1.09 13.30
C PRO OA 374 -85.66 1.18 13.51
N ALA OA 375 -86.31 2.13 12.87
CA ALA OA 375 -87.75 2.16 13.07
C ALA OA 375 -88.37 0.92 12.42
N ASN OA 376 -87.84 0.55 11.25
CA ASN OA 376 -88.42 -0.55 10.50
C ASN OA 376 -87.89 -1.91 10.93
N GLU OA 377 -88.31 -2.32 12.12
CA GLU OA 377 -87.97 -3.58 12.76
C GLU OA 377 -89.16 -4.03 13.60
N VAL OA 378 -89.29 -5.33 13.81
CA VAL OA 378 -90.41 -5.87 14.59
C VAL OA 378 -90.21 -6.01 16.08
N VAL OA 379 -91.21 -5.57 16.80
CA VAL OA 379 -91.21 -5.67 18.25
C VAL OA 379 -91.67 -7.06 18.64
N ARG OA 380 -90.83 -7.80 19.37
CA ARG OA 380 -91.23 -9.13 19.74
C ARG OA 380 -91.79 -9.14 21.16
N GLY OA 381 -92.87 -9.89 21.34
CA GLY OA 381 -93.56 -10.03 22.62
C GLY OA 381 -94.79 -9.14 22.66
N ALA OA 382 -94.90 -8.24 21.70
CA ALA OA 382 -96.04 -7.35 21.58
C ALA OA 382 -97.24 -8.15 21.11
N VAL OA 383 -98.42 -7.78 21.59
CA VAL OA 383 -99.65 -8.43 21.15
C VAL OA 383 -100.47 -7.49 20.29
N ASP OA 384 -100.72 -6.26 20.77
CA ASP OA 384 -101.56 -5.35 19.99
C ASP OA 384 -101.24 -3.86 20.28
N LEU OA 385 -101.93 -2.97 19.58
CA LEU OA 385 -101.73 -1.53 19.75
C LEU OA 385 -103.01 -0.82 20.16
N GLU OA 386 -102.93 0.03 21.18
CA GLU OA 386 -104.11 0.76 21.68
C GLU OA 386 -104.65 1.83 20.74
N LEU OA 387 -103.77 2.49 19.99
CA LEU OA 387 -104.21 3.52 19.07
C LEU OA 387 -104.04 3.04 17.66
N GLN OA 388 -104.95 3.43 16.80
CA GLN OA 388 -104.77 3.11 15.39
C GLN OA 388 -104.32 4.36 14.68
N ILE OA 389 -103.32 4.21 13.84
CA ILE OA 389 -102.75 5.34 13.14
C ILE OA 389 -102.88 5.19 11.63
N THR OA 390 -103.38 6.23 10.99
CA THR OA 390 -103.55 6.28 9.54
C THR OA 390 -102.70 7.31 8.83
N ARG OA 391 -102.81 7.37 7.52
CA ARG OA 391 -101.97 8.26 6.72
C ARG OA 391 -102.13 9.73 7.11
N GLY OA 392 -103.34 10.14 7.46
CA GLY OA 392 -103.56 11.54 7.84
C GLY OA 392 -102.93 11.84 9.21
N GLU OA 393 -102.69 10.81 10.00
CA GLU OA 393 -102.12 11.00 11.30
C GLU OA 393 -100.66 11.24 11.08
N GLN OA 394 -100.07 10.55 10.10
CA GLN OA 394 -98.64 10.73 9.84
C GLN OA 394 -98.36 12.19 9.49
N ASP OA 395 -99.26 12.82 8.73
CA ASP OA 395 -99.07 14.24 8.43
C ASP OA 395 -99.26 15.12 9.66
N LEU OA 396 -100.08 14.72 10.61
CA LEU OA 396 -100.26 15.50 11.82
C LEU OA 396 -99.06 15.36 12.78
N LEU OA 397 -98.57 14.13 12.96
CA LEU OA 397 -97.49 13.81 13.89
C LEU OA 397 -96.05 14.05 13.46
N ASN OA 398 -95.72 13.93 12.18
CA ASN OA 398 -94.32 14.12 11.83
C ASN OA 398 -93.79 15.52 12.21
N PRO OA 399 -94.51 16.63 11.95
CA PRO OA 399 -94.12 17.99 12.26
C PRO OA 399 -93.95 18.27 13.74
N ILE OA 400 -94.43 17.39 14.63
CA ILE OA 400 -94.30 17.65 16.04
C ILE OA 400 -93.25 16.73 16.63
N GLY OA 401 -92.67 15.88 15.79
CA GLY OA 401 -91.62 14.98 16.23
C GLY OA 401 -92.10 13.83 17.09
N VAL OA 402 -93.35 13.42 16.97
CA VAL OA 402 -93.75 12.33 17.85
C VAL OA 402 -93.90 11.13 16.99
N ASN OA 403 -93.18 10.09 17.32
CA ASN OA 403 -93.11 8.93 16.47
C ASN OA 403 -94.31 8.00 16.56
N CYS OA 404 -94.74 7.53 15.41
CA CYS OA 404 -95.83 6.58 15.39
C CYS OA 404 -95.32 5.17 15.21
N ILE OA 405 -96.07 4.26 15.84
CA ILE OA 405 -95.87 2.83 15.84
C ILE OA 405 -97.10 2.21 15.22
N ARG OA 406 -96.91 1.33 14.25
CA ARG OA 406 -98.04 0.75 13.54
C ARG OA 406 -97.97 -0.76 13.30
N SER OA 407 -99.16 -1.37 13.19
CA SER OA 407 -99.26 -2.78 12.83
C SER OA 407 -99.55 -2.86 11.35
N PHE OA 408 -98.66 -3.48 10.59
CA PHE OA 408 -98.82 -3.54 9.15
C PHE OA 408 -99.20 -4.95 8.69
N PRO OA 409 -100.19 -5.13 7.82
CA PRO OA 409 -100.49 -6.41 7.26
C PRO OA 409 -99.25 -6.88 6.52
N GLY OA 410 -98.82 -8.10 6.78
CA GLY OA 410 -97.65 -8.66 6.11
C GLY OA 410 -96.31 -8.26 6.71
N ARG OA 411 -96.32 -7.34 7.69
CA ARG OA 411 -95.08 -6.87 8.29
C ARG OA 411 -95.04 -6.94 9.84
N GLY OA 412 -96.20 -6.83 10.51
CA GLY OA 412 -96.25 -6.87 11.98
C GLY OA 412 -96.07 -5.52 12.64
N ILE OA 413 -95.77 -5.53 13.95
CA ILE OA 413 -95.68 -4.26 14.67
C ILE OA 413 -94.29 -3.72 14.57
N ARG OA 414 -94.20 -2.56 13.93
CA ARG OA 414 -92.95 -1.89 13.66
C ARG OA 414 -93.10 -0.42 13.97
N VAL OA 415 -91.99 0.26 14.17
CA VAL OA 415 -92.03 1.67 14.41
C VAL OA 415 -91.95 2.28 13.03
N TRP OA 416 -92.75 3.27 12.73
CA TRP OA 416 -92.65 3.83 11.40
C TRP OA 416 -91.70 5.03 11.39
N GLY OA 417 -91.89 5.95 12.33
CA GLY OA 417 -91.08 7.18 12.33
C GLY OA 417 -89.77 7.07 13.13
N ALA OA 418 -88.82 7.99 12.86
CA ALA OA 418 -87.58 8.04 13.63
C ALA OA 418 -87.09 9.48 13.85
N ARG OA 419 -87.99 10.34 14.31
CA ARG OA 419 -87.69 11.75 14.48
C ARG OA 419 -87.27 12.08 15.90
N THR OA 420 -86.47 13.13 16.03
CA THR OA 420 -86.04 13.64 17.31
C THR OA 420 -87.10 14.56 17.88
N LEU OA 421 -86.97 14.87 19.15
CA LEU OA 421 -87.91 15.74 19.83
C LEU OA 421 -87.63 17.23 19.65
N SER OA 422 -86.35 17.57 19.54
CA SER OA 422 -85.89 18.94 19.43
C SER OA 422 -86.25 19.59 18.12
N SER OA 423 -86.50 20.89 18.18
CA SER OA 423 -86.81 21.70 17.01
C SER OA 423 -85.57 22.09 16.22
N ASP OA 424 -84.39 21.82 16.80
CA ASP OA 424 -83.12 22.19 16.20
C ASP OA 424 -82.85 21.34 14.95
N PRO OA 425 -82.82 21.95 13.74
CA PRO OA 425 -82.73 21.29 12.44
C PRO OA 425 -81.44 20.52 12.26
N ALA OA 426 -80.44 20.82 13.09
CA ALA OA 426 -79.18 20.11 13.00
C ALA OA 426 -79.41 18.64 13.30
N TRP OA 427 -80.38 18.34 14.16
CA TRP OA 427 -80.65 16.97 14.54
C TRP OA 427 -82.13 16.70 14.41
N ARG OA 428 -82.62 16.56 13.17
CA ARG OA 428 -84.01 16.25 12.95
C ARG OA 428 -84.26 14.78 13.18
N TYR OA 429 -83.23 13.96 12.90
CA TYR OA 429 -83.38 12.52 12.98
C TYR OA 429 -82.46 11.86 13.99
N LEU OA 430 -82.96 10.76 14.50
CA LEU OA 430 -82.26 9.95 15.46
C LEU OA 430 -81.01 9.35 14.84
N ASN OA 431 -81.07 9.03 13.55
CA ASN OA 431 -79.92 8.39 12.86
C ASN OA 431 -78.62 9.14 13.20
N ILE OA 432 -78.62 10.47 13.10
CA ILE OA 432 -77.37 11.25 13.31
C ILE OA 432 -77.08 11.45 14.79
N ARG OA 433 -78.09 11.75 15.62
CA ARG OA 433 -77.68 12.02 16.96
C ARG OA 433 -77.07 10.76 17.58
N ARG OA 434 -77.63 9.58 17.24
CA ARG OA 434 -77.14 8.32 17.76
C ARG OA 434 -75.73 8.02 17.30
N TYR OA 435 -75.43 8.29 16.02
CA TYR OA 435 -74.11 8.03 15.50
C TYR OA 435 -73.09 8.92 16.18
N PHE OA 436 -73.41 10.19 16.39
CA PHE OA 436 -72.43 11.03 17.03
C PHE OA 436 -72.14 10.57 18.44
N ASN OA 437 -73.14 10.11 19.22
CA ASN OA 437 -72.80 9.64 20.55
C ASN OA 437 -71.90 8.42 20.49
N TYR OA 438 -72.14 7.55 19.52
CA TYR OA 438 -71.28 6.39 19.36
C TYR OA 438 -69.85 6.81 19.16
N LEU OA 439 -69.63 7.74 18.24
CA LEU OA 439 -68.29 8.18 17.94
C LEU OA 439 -67.62 8.84 19.14
N GLU OA 440 -68.35 9.61 19.93
CA GLU OA 440 -67.67 10.26 21.04
C GLU OA 440 -67.11 9.24 22.00
N GLU OA 441 -67.84 8.15 22.25
CA GLU OA 441 -67.28 7.15 23.13
C GLU OA 441 -66.12 6.44 22.45
N SER OA 442 -66.26 6.17 21.16
CA SER OA 442 -65.25 5.43 20.42
C SER OA 442 -63.90 6.13 20.44
N ILE OA 443 -63.91 7.45 20.30
CA ILE OA 443 -62.67 8.19 20.30
C ILE OA 443 -62.18 8.46 21.73
N LEU OA 444 -63.05 8.91 22.62
CA LEU OA 444 -62.55 9.27 23.94
C LEU OA 444 -61.97 8.11 24.71
N ILE OA 445 -62.55 6.93 24.59
CA ILE OA 445 -62.07 5.77 25.32
C ILE OA 445 -60.65 5.38 24.90
N GLY OA 446 -60.21 5.81 23.73
CA GLY OA 446 -58.91 5.46 23.23
C GLY OA 446 -57.81 6.49 23.53
N THR OA 447 -58.12 7.55 24.29
CA THR OA 447 -57.06 8.54 24.52
C THR OA 447 -56.53 8.51 25.95
N GLN OA 448 -55.28 8.07 26.06
CA GLN OA 448 -54.56 7.90 27.32
C GLN OA 448 -53.79 9.13 27.75
N TRP OA 449 -53.79 10.14 26.92
CA TRP OA 449 -52.99 11.33 27.14
C TRP OA 449 -53.66 12.34 28.06
N VAL OA 450 -53.74 11.92 29.30
CA VAL OA 450 -54.34 12.59 30.44
C VAL OA 450 -53.28 12.61 31.51
N VAL OA 451 -53.32 13.63 32.39
CA VAL OA 451 -52.23 13.78 33.41
C VAL OA 451 -50.99 13.23 32.72
N PHE OA 452 -50.54 13.86 31.65
CA PHE OA 452 -49.37 13.38 30.92
C PHE OA 452 -48.14 14.25 31.12
N GLU OA 453 -47.23 14.22 30.15
CA GLU OA 453 -45.99 14.98 30.22
C GLU OA 453 -46.13 16.39 29.65
N PRO OA 454 -45.03 16.94 29.14
CA PRO OA 454 -44.96 18.29 28.56
C PRO OA 454 -45.77 18.43 27.27
N ASN OA 455 -46.46 19.56 27.14
CA ASN OA 455 -47.26 19.86 25.96
C ASN OA 455 -46.43 20.13 24.73
N ASP OA 456 -45.82 19.08 24.24
CA ASP OA 456 -44.98 19.09 23.07
C ASP OA 456 -45.81 19.01 21.81
N HIS OA 457 -45.30 19.55 20.70
CA HIS OA 457 -46.02 19.39 19.41
C HIS OA 457 -46.07 17.89 19.08
N ASN OA 458 -45.16 17.10 19.64
CA ASN OA 458 -45.11 15.70 19.38
C ASN OA 458 -46.41 15.06 19.84
N LEU OA 459 -47.07 15.61 20.86
CA LEU OA 459 -48.32 15.02 21.31
C LEU OA 459 -49.37 15.39 20.32
N TRP OA 460 -49.22 16.58 19.73
CA TRP OA 460 -50.20 17.02 18.76
C TRP OA 460 -50.16 16.03 17.59
N ALA OA 461 -48.95 15.66 17.18
CA ALA OA 461 -48.83 14.71 16.10
C ALA OA 461 -49.44 13.37 16.47
N ARG OA 462 -49.26 12.94 17.72
CA ARG OA 462 -49.79 11.66 18.11
C ARG OA 462 -51.30 11.61 18.05
N ILE OA 463 -51.95 12.68 18.49
CA ILE OA 463 -53.40 12.66 18.45
C ILE OA 463 -53.92 12.77 17.04
N ARG OA 464 -53.27 13.55 16.18
CA ARG OA 464 -53.78 13.64 14.83
C ARG OA 464 -53.79 12.28 14.20
N ARG OA 465 -52.76 11.49 14.43
CA ARG OA 465 -52.76 10.20 13.79
C ARG OA 465 -53.78 9.25 14.38
N ASN OA 466 -53.99 9.22 15.68
CA ASN OA 466 -54.96 8.25 16.13
C ASN OA 466 -56.37 8.54 15.65
N VAL OA 467 -56.71 9.84 15.56
CA VAL OA 467 -58.05 10.17 15.14
C VAL OA 467 -58.21 9.87 13.66
N SER OA 468 -57.23 10.23 12.86
CA SER OA 468 -57.32 9.98 11.43
C SER OA 468 -57.37 8.48 11.16
N ALA OA 469 -56.55 7.67 11.83
CA ALA OA 469 -56.59 6.24 11.56
C ALA OA 469 -57.97 5.68 11.85
N PHE OA 470 -58.62 6.14 12.91
CA PHE OA 470 -59.96 5.67 13.19
C PHE OA 470 -60.90 6.00 12.05
N LEU OA 471 -60.88 7.27 11.66
CA LEU OA 471 -61.80 7.77 10.67
C LEU OA 471 -61.55 7.23 9.29
N VAL OA 472 -60.32 6.87 8.95
CA VAL OA 472 -60.17 6.38 7.59
C VAL OA 472 -60.82 5.02 7.48
N ASN OA 473 -60.68 4.20 8.51
CA ASN OA 473 -61.30 2.90 8.42
C ASN OA 473 -62.80 3.02 8.44
N GLU OA 474 -63.30 3.96 9.24
CA GLU OA 474 -64.71 4.13 9.37
C GLU OA 474 -65.35 4.73 8.13
N TRP OA 475 -64.85 5.85 7.61
CA TRP OA 475 -65.54 6.50 6.46
C TRP OA 475 -65.66 5.53 5.28
N ARG OA 476 -64.70 4.60 5.14
CA ARG OA 476 -64.62 3.69 4.03
C ARG OA 476 -65.69 2.61 4.06
N ASN OA 477 -66.24 2.39 5.24
CA ASN OA 477 -67.27 1.40 5.46
C ASN OA 477 -68.57 2.10 5.11
N GLY OA 478 -69.70 1.46 5.24
CA GLY OA 478 -70.95 2.14 4.91
C GLY OA 478 -71.33 3.12 6.03
N ALA OA 479 -70.51 4.15 6.21
CA ALA OA 479 -70.63 5.08 7.31
C ALA OA 479 -70.64 6.53 6.89
N LEU OA 480 -69.60 7.02 6.20
CA LEU OA 480 -69.60 8.45 5.86
C LEU OA 480 -69.72 8.67 4.40
N PHE OA 481 -70.35 9.76 4.04
CA PHE OA 481 -70.39 10.16 2.67
C PHE OA 481 -69.01 10.54 2.21
N GLY OA 482 -68.63 10.10 1.03
CA GLY OA 482 -67.34 10.51 0.51
C GLY OA 482 -67.08 9.80 -0.78
N GLN OA 483 -65.94 10.04 -1.45
CA GLN OA 483 -65.54 9.26 -2.67
C GLN OA 483 -64.05 9.07 -2.46
N SER OA 484 -63.55 9.72 -1.44
CA SER OA 484 -62.20 9.73 -0.97
C SER OA 484 -62.33 10.23 0.45
N PRO OA 485 -61.42 9.88 1.38
CA PRO OA 485 -61.35 10.39 2.73
C PRO OA 485 -61.17 11.90 2.69
N ASP OA 486 -60.69 12.39 1.54
CA ASP OA 486 -60.47 13.80 1.31
C ASP OA 486 -61.75 14.60 1.51
N GLN OA 487 -62.91 14.02 1.17
CA GLN OA 487 -64.13 14.74 1.37
C GLN OA 487 -64.82 14.20 2.60
N ALA OA 488 -64.62 12.92 2.88
CA ALA OA 488 -65.36 12.31 3.97
C ALA OA 488 -65.08 12.89 5.33
N TYR OA 489 -63.84 13.24 5.65
CA TYR OA 489 -63.58 13.78 7.00
C TYR OA 489 -62.33 14.63 7.07
N TYR OA 490 -62.19 15.38 8.16
CA TYR OA 490 -60.97 16.18 8.34
C TYR OA 490 -60.51 16.36 9.78
N VAL OA 491 -59.20 16.23 10.02
CA VAL OA 491 -58.61 16.40 11.36
C VAL OA 491 -57.48 17.44 11.38
N LYS OA 492 -57.53 18.39 12.32
CA LYS OA 492 -56.49 19.41 12.44
C LYS OA 492 -56.00 19.65 13.88
N CYS OA 493 -54.68 19.81 14.03
CA CYS OA 493 -54.11 20.11 15.34
C CYS OA 493 -52.70 20.70 15.21
N ASP OA 494 -52.62 22.01 15.26
CA ASP OA 494 -51.39 22.79 15.07
C ASP OA 494 -51.45 24.08 15.92
N GLU OA 495 -50.49 24.97 15.74
CA GLU OA 495 -50.36 26.20 16.53
C GLU OA 495 -51.54 27.18 16.45
N GLU OA 496 -52.40 27.07 15.43
CA GLU OA 496 -53.53 27.98 15.33
C GLU OA 496 -54.73 27.41 16.07
N THR OA 497 -54.57 26.18 16.57
CA THR OA 497 -55.57 25.43 17.30
C THR OA 497 -55.10 25.31 18.75
N ASN OA 498 -53.78 25.34 18.90
CA ASN OA 498 -53.06 25.23 20.16
C ASN OA 498 -52.09 26.38 20.32
N PRO OA 499 -52.58 27.58 20.70
CA PRO OA 499 -51.86 28.83 20.78
C PRO OA 499 -50.66 28.65 21.70
N PRO OA 500 -49.58 29.44 21.49
CA PRO OA 500 -48.31 29.41 22.17
C PRO OA 500 -48.36 29.61 23.66
N GLU OA 501 -49.44 30.20 24.17
CA GLU OA 501 -49.51 30.39 25.59
C GLU OA 501 -49.43 29.04 26.31
N SER OA 502 -50.03 28.00 25.74
CA SER OA 502 -49.98 26.67 26.34
C SER OA 502 -50.28 26.66 27.84
N VAL OA 503 -51.35 27.30 28.26
CA VAL OA 503 -51.62 27.27 29.68
C VAL OA 503 -52.76 26.36 29.96
N ASP OA 504 -52.44 25.19 30.48
CA ASP OA 504 -53.35 24.10 30.80
C ASP OA 504 -54.15 23.55 29.62
N LEU OA 505 -55.00 24.39 29.02
CA LEU OA 505 -55.91 23.95 27.98
C LEU OA 505 -55.30 23.98 26.60
N GLY OA 506 -54.34 23.11 26.43
CA GLY OA 506 -53.66 22.88 25.18
C GLY OA 506 -54.28 21.59 24.72
N ARG OA 507 -53.64 20.88 23.80
CA ARG OA 507 -54.19 19.60 23.33
C ARG OA 507 -55.59 19.74 22.73
N VAL OA 508 -55.79 20.77 21.94
CA VAL OA 508 -57.05 21.03 21.27
C VAL OA 508 -57.02 20.44 19.86
N VAL OA 509 -58.07 19.70 19.51
CA VAL OA 509 -58.15 19.11 18.18
C VAL OA 509 -59.43 19.56 17.50
N CYS OA 510 -59.31 20.02 16.26
CA CYS OA 510 -60.48 20.43 15.50
C CYS OA 510 -60.88 19.29 14.58
N GLU OA 511 -62.15 19.00 14.52
CA GLU OA 511 -62.59 17.93 13.63
C GLU OA 511 -63.81 18.29 12.82
N ILE OA 512 -63.85 17.75 11.61
CA ILE OA 512 -64.97 17.83 10.72
C ILE OA 512 -65.55 16.44 10.56
N GLY OA 513 -66.86 16.32 10.76
CA GLY OA 513 -67.55 15.06 10.63
C GLY OA 513 -67.83 14.92 9.17
N ILE OA 514 -68.90 15.54 8.71
CA ILE OA 514 -69.15 15.59 7.27
C ILE OA 514 -69.34 17.07 7.01
N ALA OA 515 -70.58 17.54 7.03
CA ALA OA 515 -70.82 18.96 6.97
C ALA OA 515 -70.75 19.49 8.42
N PRO OA 516 -71.37 18.82 9.44
CA PRO OA 516 -71.31 19.22 10.83
C PRO OA 516 -69.88 19.11 11.30
N VAL OA 517 -69.50 20.05 12.16
CA VAL OA 517 -68.14 20.10 12.70
C VAL OA 517 -68.20 20.22 14.22
N LYS OA 518 -67.06 19.94 14.91
CA LYS OA 518 -66.89 20.07 16.36
C LYS OA 518 -65.61 20.89 16.61
N MET PA 1 -61.20 4.80 -17.22
CA MET PA 1 -61.82 4.74 -18.55
C MET PA 1 -61.71 6.07 -19.37
N SER PA 2 -60.76 6.97 -18.99
CA SER PA 2 -60.53 8.28 -19.65
C SER PA 2 -59.80 8.16 -20.98
N LEU PA 3 -59.16 7.03 -21.21
CA LEU PA 3 -58.46 6.81 -22.44
C LEU PA 3 -59.38 5.95 -23.27
N PRO PA 4 -59.38 6.04 -24.60
CA PRO PA 4 -60.12 5.18 -25.51
C PRO PA 4 -59.38 3.86 -25.67
N LYS PA 5 -59.13 3.23 -24.55
CA LYS PA 5 -58.42 1.99 -24.46
C LYS PA 5 -59.05 1.33 -23.21
N PRO PA 6 -60.37 1.06 -23.25
CA PRO PA 6 -61.22 0.67 -22.13
C PRO PA 6 -61.12 -0.76 -21.69
N GLU PA 7 -60.04 -1.12 -21.04
CA GLU PA 7 -59.92 -2.51 -20.63
C GLU PA 7 -60.18 -2.69 -19.15
N ASP PA 8 -61.38 -3.12 -18.75
CA ASP PA 8 -61.65 -3.27 -17.33
C ASP PA 8 -60.77 -4.32 -16.72
N VAL PA 9 -60.08 -3.96 -15.63
CA VAL PA 9 -59.21 -4.94 -14.91
C VAL PA 9 -59.95 -5.29 -13.62
N LEU PA 10 -59.58 -6.38 -12.95
CA LEU PA 10 -60.33 -6.63 -11.75
C LEU PA 10 -60.17 -5.45 -10.83
N VAL PA 11 -61.29 -4.92 -10.43
CA VAL PA 11 -61.34 -3.82 -9.50
C VAL PA 11 -61.96 -4.36 -8.23
N ALA PA 12 -63.09 -5.04 -8.39
CA ALA PA 12 -63.74 -5.67 -7.27
C ALA PA 12 -64.75 -6.71 -7.69
N PRO PA 13 -64.89 -7.82 -6.94
CA PRO PA 13 -65.95 -8.78 -7.04
C PRO PA 13 -67.11 -8.16 -6.29
N ASN PA 14 -67.59 -7.03 -6.83
CA ASN PA 14 -68.65 -6.26 -6.12
C ASN PA 14 -69.99 -6.96 -6.32
N PHE PA 15 -70.51 -7.58 -5.26
CA PHE PA 15 -71.78 -8.29 -5.40
C PHE PA 15 -72.87 -7.79 -4.45
N GLY PA 16 -73.91 -7.18 -5.02
CA GLY PA 16 -75.00 -6.57 -4.25
C GLY PA 16 -76.16 -7.51 -4.03
N ILE PA 17 -76.35 -7.96 -2.80
CA ILE PA 17 -77.37 -8.95 -2.50
C ILE PA 17 -78.19 -8.47 -1.30
N GLN PA 18 -79.33 -9.12 -1.00
CA GLN PA 18 -80.17 -8.70 0.14
C GLN PA 18 -79.60 -9.16 1.49
N ILE PA 19 -78.62 -10.03 1.42
CA ILE PA 19 -77.90 -10.66 2.51
C ILE PA 19 -76.62 -9.89 2.81
N ASP PA 20 -76.28 -9.67 4.07
CA ASP PA 20 -75.06 -8.92 4.35
C ASP PA 20 -73.81 -9.81 4.24
N GLY PA 21 -73.54 -10.17 3.01
CA GLY PA 21 -72.46 -11.04 2.58
C GLY PA 21 -71.19 -10.23 2.38
N VAL PA 22 -70.71 -9.62 3.44
CA VAL PA 22 -69.53 -8.74 3.42
C VAL PA 22 -68.19 -9.38 3.11
N MET PA 23 -67.98 -10.61 3.57
CA MET PA 23 -66.65 -11.21 3.39
C MET PA 23 -66.47 -11.86 2.02
N VAL PA 24 -66.35 -11.04 0.99
CA VAL PA 24 -66.29 -11.59 -0.37
C VAL PA 24 -64.92 -11.75 -0.98
N GLU PA 25 -64.62 -12.95 -1.48
CA GLU PA 25 -63.36 -13.09 -2.17
C GLU PA 25 -63.60 -13.16 -3.65
N TYR PA 26 -64.45 -14.08 -4.11
CA TYR PA 26 -64.53 -14.17 -5.59
C TYR PA 26 -65.78 -14.82 -6.19
N LEU PA 27 -66.16 -14.34 -7.38
CA LEU PA 27 -67.25 -14.86 -8.19
C LEU PA 27 -66.69 -15.63 -9.38
N ASN PA 28 -67.30 -16.78 -9.71
CA ASN PA 28 -66.87 -17.57 -10.86
C ASN PA 28 -68.05 -18.27 -11.57
N SER PA 29 -67.74 -18.99 -12.66
CA SER PA 29 -68.68 -19.74 -13.50
C SER PA 29 -69.85 -18.93 -14.05
N VAL PA 30 -69.59 -17.77 -14.64
CA VAL PA 30 -70.67 -16.97 -15.20
C VAL PA 30 -70.69 -16.96 -16.73
N SER PA 31 -71.81 -17.41 -17.31
CA SER PA 31 -71.94 -17.46 -18.77
C SER PA 31 -73.39 -17.32 -19.26
N ASN PA 32 -73.50 -16.81 -20.49
CA ASN PA 32 -74.73 -16.62 -21.26
C ASN PA 32 -74.82 -17.66 -22.39
N LEU PA 33 -75.72 -18.63 -22.26
CA LEU PA 33 -75.79 -19.69 -23.26
C LEU PA 33 -77.12 -19.73 -24.02
N GLN PA 34 -77.01 -20.04 -25.31
CA GLN PA 34 -78.14 -20.18 -26.21
C GLN PA 34 -78.00 -21.56 -26.84
N ILE PA 35 -79.09 -22.33 -26.86
CA ILE PA 35 -79.02 -23.69 -27.40
C ILE PA 35 -79.10 -23.81 -28.92
N GLU PA 36 -78.11 -24.47 -29.51
CA GLU PA 36 -78.08 -24.68 -30.95
C GLU PA 36 -78.93 -25.86 -31.44
N GLN PA 37 -79.67 -25.69 -32.54
CA GLN PA 37 -80.34 -26.84 -33.17
C GLN PA 37 -79.65 -27.15 -34.48
N ASP PA 38 -79.46 -28.43 -34.79
CA ASP PA 38 -78.74 -28.83 -35.98
C ASP PA 38 -79.48 -29.79 -36.91
N VAL PA 39 -79.95 -29.31 -38.06
CA VAL PA 39 -80.67 -30.18 -39.00
C VAL PA 39 -80.04 -30.20 -40.39
N ILE PA 40 -79.75 -31.38 -40.92
CA ILE PA 40 -79.22 -31.42 -42.27
C ILE PA 40 -80.32 -31.81 -43.22
N ARG PA 41 -80.56 -30.95 -44.17
CA ARG PA 41 -81.60 -31.16 -45.14
C ARG PA 41 -80.97 -31.80 -46.35
N TYR PA 42 -81.64 -32.82 -46.89
CA TYR PA 42 -81.16 -33.56 -48.07
C TYR PA 42 -81.20 -32.80 -49.40
N GLN PA 43 -80.78 -33.46 -50.47
CA GLN PA 43 -80.77 -32.81 -51.77
C GLN PA 43 -82.21 -32.45 -52.12
N GLN PA 44 -82.39 -31.20 -52.51
CA GLN PA 44 -83.72 -30.71 -52.84
C GLN PA 44 -83.99 -30.99 -54.30
N ASN PA 45 -84.08 -32.28 -54.62
CA ASN PA 45 -84.34 -32.71 -56.01
C ASN PA 45 -83.49 -32.02 -57.06
N GLN PA 46 -82.20 -31.93 -56.80
CA GLN PA 46 -81.29 -31.25 -57.70
C GLN PA 46 -79.90 -31.81 -57.57
N GLY PA 47 -79.03 -31.54 -58.53
CA GLY PA 47 -77.65 -32.04 -58.49
C GLY PA 47 -76.70 -31.26 -57.57
N THR PA 48 -77.06 -31.16 -56.31
CA THR PA 48 -76.27 -30.43 -55.31
C THR PA 48 -76.14 -31.25 -54.05
N THR PA 49 -75.41 -30.69 -53.10
CA THR PA 49 -75.24 -31.29 -51.80
C THR PA 49 -76.44 -30.88 -50.99
N GLY PA 50 -76.55 -31.46 -49.81
CA GLY PA 50 -77.60 -31.05 -48.91
C GLY PA 50 -77.09 -29.81 -48.22
N ARG PA 51 -77.85 -29.34 -47.26
CA ARG PA 51 -77.51 -28.10 -46.54
C ARG PA 51 -77.62 -28.23 -45.04
N ASN PA 52 -76.80 -27.48 -44.34
CA ASN PA 52 -76.82 -27.54 -42.91
C ASN PA 52 -77.61 -26.39 -42.32
N ASN PA 53 -78.77 -26.69 -41.77
CA ASN PA 53 -79.52 -25.59 -41.24
C ASN PA 53 -79.01 -25.40 -39.84
N VAL PA 54 -78.12 -24.44 -39.74
CA VAL PA 54 -77.41 -24.16 -38.51
C VAL PA 54 -77.87 -22.86 -37.92
N THR PA 55 -79.00 -22.35 -38.40
CA THR PA 55 -79.54 -21.05 -37.96
C THR PA 55 -80.77 -21.23 -37.09
N LEU PA 56 -81.01 -22.46 -36.69
CA LEU PA 56 -82.13 -22.81 -35.86
C LEU PA 56 -81.86 -22.36 -34.44
N MET PA 57 -82.86 -21.71 -33.81
CA MET PA 57 -82.72 -21.11 -32.49
C MET PA 57 -83.59 -21.58 -31.31
N PRO PA 58 -83.21 -22.63 -30.60
CA PRO PA 58 -83.78 -23.12 -29.35
C PRO PA 58 -83.57 -22.09 -28.26
N GLY PA 59 -84.15 -22.31 -27.09
CA GLY PA 59 -84.05 -21.36 -25.99
C GLY PA 59 -82.68 -21.40 -25.30
N VAL PA 60 -82.66 -21.02 -24.03
CA VAL PA 60 -81.38 -20.88 -23.35
C VAL PA 60 -81.23 -21.78 -22.16
N ALA PA 61 -79.98 -21.98 -21.76
CA ALA PA 61 -79.70 -22.83 -20.62
C ALA PA 61 -79.71 -22.09 -19.30
N LYS PA 62 -80.17 -22.79 -18.27
CA LYS PA 62 -80.12 -22.34 -16.88
C LYS PA 62 -78.75 -22.72 -16.35
N ASP PA 63 -78.27 -22.04 -15.31
CA ASP PA 63 -76.95 -22.34 -14.76
C ASP PA 63 -76.81 -21.83 -13.33
N GLY PA 64 -75.64 -22.06 -12.74
CA GLY PA 64 -75.37 -21.63 -11.38
C GLY PA 64 -74.04 -20.91 -11.29
N SER PA 65 -73.91 -20.01 -10.33
CA SER PA 65 -72.68 -19.24 -10.15
C SER PA 65 -72.01 -19.52 -8.81
N VAL PA 66 -70.70 -19.80 -8.85
CA VAL PA 66 -69.93 -20.08 -7.65
C VAL PA 66 -69.60 -18.79 -6.92
N GLN PA 67 -69.75 -18.79 -5.60
CA GLN PA 67 -69.48 -17.63 -4.78
C GLN PA 67 -68.58 -18.02 -3.64
N VAL PA 68 -67.49 -17.29 -3.46
CA VAL PA 68 -66.60 -17.64 -2.37
C VAL PA 68 -66.47 -16.59 -1.33
N GLU PA 69 -66.79 -17.03 -0.13
CA GLU PA 69 -66.78 -16.25 1.06
C GLU PA 69 -65.41 -16.46 1.63
N ARG PA 70 -64.82 -15.37 2.14
CA ARG PA 70 -63.44 -15.44 2.69
C ARG PA 70 -63.29 -16.63 3.65
N GLY PA 71 -64.26 -16.85 4.55
CA GLY PA 71 -64.05 -17.90 5.49
C GLY PA 71 -64.99 -17.89 6.63
N MET PA 72 -64.76 -18.85 7.47
CA MET PA 72 -65.56 -19.06 8.64
C MET PA 72 -65.43 -17.96 9.66
N SER PA 73 -66.57 -17.69 10.28
CA SER PA 73 -66.73 -16.77 11.37
C SER PA 73 -68.01 -17.23 12.04
N GLN PA 74 -68.37 -16.60 13.13
CA GLN PA 74 -69.60 -16.93 13.85
C GLN PA 74 -70.87 -16.49 13.10
N SER PA 75 -70.72 -15.66 12.07
CA SER PA 75 -71.87 -15.13 11.34
C SER PA 75 -72.39 -16.12 10.31
N SER PA 76 -73.10 -17.16 10.77
CA SER PA 76 -73.59 -18.26 9.91
C SER PA 76 -74.81 -17.88 9.07
N VAL PA 77 -74.64 -16.85 8.27
CA VAL PA 77 -75.62 -16.25 7.40
C VAL PA 77 -76.01 -17.13 6.25
N PHE PA 78 -74.98 -17.67 5.57
CA PHE PA 78 -75.24 -18.53 4.40
C PHE PA 78 -75.72 -19.91 4.87
N THR PA 79 -75.38 -20.27 6.12
CA THR PA 79 -75.87 -21.53 6.61
C THR PA 79 -77.37 -21.41 6.79
N GLN PA 80 -77.86 -20.30 7.36
CA GLN PA 80 -79.30 -20.21 7.48
C GLN PA 80 -80.00 -20.23 6.14
N TRP PA 81 -79.44 -19.55 5.15
CA TRP PA 81 -80.11 -19.52 3.85
C TRP PA 81 -80.31 -20.95 3.35
N ILE PA 82 -79.28 -21.77 3.41
CA ILE PA 82 -79.47 -23.14 2.96
C ILE PA 82 -80.39 -23.91 3.91
N ASN PA 83 -80.34 -23.65 5.22
CA ASN PA 83 -81.21 -24.39 6.14
C ASN PA 83 -82.67 -24.14 5.85
N ASP PA 84 -83.03 -22.91 5.50
CA ASP PA 84 -84.42 -22.61 5.25
C ASP PA 84 -84.89 -23.32 4.00
N SER PA 85 -84.02 -23.39 2.98
CA SER PA 85 -84.39 -24.10 1.77
C SER PA 85 -84.53 -25.59 2.01
N MET PA 86 -83.63 -26.17 2.83
CA MET PA 86 -83.68 -27.60 3.11
C MET PA 86 -84.97 -27.95 3.83
N ALA PA 87 -85.45 -27.02 4.65
CA ALA PA 87 -86.66 -27.16 5.42
C ALA PA 87 -87.93 -26.88 4.61
N GLY PA 88 -87.79 -26.45 3.35
CA GLY PA 88 -88.94 -26.14 2.52
C GLY PA 88 -89.53 -24.76 2.75
N ARG PA 89 -88.85 -23.90 3.49
CA ARG PA 89 -89.40 -22.59 3.77
C ARG PA 89 -89.01 -21.69 2.64
N MET PA 90 -89.80 -21.78 1.59
CA MET PA 90 -89.46 -21.13 0.35
C MET PA 90 -89.52 -19.64 0.28
N ALA PA 91 -88.44 -19.12 -0.27
CA ALA PA 91 -88.23 -17.75 -0.63
C ALA PA 91 -87.08 -17.76 -1.61
N THR PA 92 -87.08 -16.83 -2.55
CA THR PA 92 -85.99 -16.69 -3.50
C THR PA 92 -85.55 -15.26 -3.50
N ALA PA 93 -84.42 -14.97 -4.12
CA ALA PA 93 -84.01 -13.57 -4.12
C ALA PA 93 -83.24 -13.15 -5.36
N ARG PA 94 -83.33 -11.85 -5.62
CA ARG PA 94 -82.69 -11.14 -6.71
C ARG PA 94 -81.26 -10.81 -6.34
N LYS PA 95 -80.31 -10.97 -7.26
CA LYS PA 95 -78.90 -10.64 -6.96
C LYS PA 95 -78.29 -9.75 -8.05
N ASN PA 96 -77.31 -8.90 -7.70
CA ASN PA 96 -76.66 -8.06 -8.69
C ASN PA 96 -75.12 -8.08 -8.73
N ALA PA 97 -74.55 -8.66 -9.77
CA ALA PA 97 -73.10 -8.70 -9.88
C ALA PA 97 -72.67 -7.42 -10.58
N THR PA 98 -71.83 -6.62 -9.93
CA THR PA 98 -71.47 -5.33 -10.49
C THR PA 98 -69.99 -5.18 -10.79
N ILE PA 99 -69.71 -4.63 -11.95
CA ILE PA 99 -68.36 -4.34 -12.34
C ILE PA 99 -68.14 -2.86 -12.23
N ILE PA 100 -67.11 -2.52 -11.49
CA ILE PA 100 -66.75 -1.15 -11.22
C ILE PA 100 -65.41 -0.92 -11.88
N VAL PA 101 -64.99 0.32 -12.00
CA VAL PA 101 -63.77 0.63 -12.77
C VAL PA 101 -62.63 1.12 -11.94
N MET PA 102 -61.53 1.44 -12.61
CA MET PA 102 -60.31 1.83 -11.92
C MET PA 102 -60.64 2.93 -10.91
N ASP PA 103 -61.50 3.84 -11.30
CA ASP PA 103 -61.99 4.80 -10.35
C ASP PA 103 -63.19 4.10 -9.72
N TYR PA 104 -63.02 3.69 -8.46
CA TYR PA 104 -63.97 2.86 -7.71
C TYR PA 104 -65.32 3.50 -7.53
N GLU PA 105 -65.41 4.79 -7.82
CA GLU PA 105 -66.63 5.56 -7.72
C GLU PA 105 -67.70 5.15 -8.75
N ASP PA 106 -67.31 4.75 -9.96
CA ASP PA 106 -68.39 4.47 -10.92
C ASP PA 106 -68.86 3.01 -10.88
N ASN PA 107 -69.86 2.68 -11.70
CA ASN PA 107 -70.45 1.33 -11.79
C ASN PA 107 -71.04 1.01 -13.17
N PRO PA 108 -70.29 0.99 -14.28
CA PRO PA 108 -70.81 0.82 -15.62
C PRO PA 108 -71.47 -0.52 -16.00
N VAL PA 109 -71.17 -1.64 -15.33
CA VAL PA 109 -71.82 -2.88 -15.78
C VAL PA 109 -72.49 -3.68 -14.69
N LYS PA 110 -73.73 -4.07 -14.94
CA LYS PA 110 -74.46 -4.87 -13.98
C LYS PA 110 -75.05 -6.12 -14.62
N ARG PA 111 -75.06 -7.21 -13.88
CA ARG PA 111 -75.74 -8.42 -14.30
C ARG PA 111 -76.69 -8.89 -13.23
N TRP PA 112 -77.91 -9.10 -13.65
CA TRP PA 112 -78.93 -9.52 -12.72
C TRP PA 112 -79.20 -11.00 -12.75
N ASN PA 113 -79.36 -11.50 -11.55
CA ASN PA 113 -79.71 -12.86 -11.23
C ASN PA 113 -81.20 -12.90 -11.00
N LEU PA 114 -81.92 -13.59 -11.87
CA LEU PA 114 -83.37 -13.61 -11.80
C LEU PA 114 -83.81 -14.11 -10.44
N ARG PA 115 -84.87 -13.51 -9.87
CA ARG PA 115 -85.31 -13.87 -8.53
C ARG PA 115 -86.03 -15.20 -8.36
N ASN PA 116 -85.31 -16.26 -8.71
CA ASN PA 116 -85.81 -17.64 -8.48
C ASN PA 116 -84.55 -18.33 -7.95
N ALA PA 117 -83.50 -17.52 -7.74
CA ALA PA 117 -82.23 -18.02 -7.27
C ALA PA 117 -82.25 -18.51 -5.83
N TRP PA 118 -81.44 -19.55 -5.60
CA TRP PA 118 -81.32 -20.10 -4.22
C TRP PA 118 -79.99 -20.84 -4.04
N CYS PA 119 -79.65 -21.20 -2.80
CA CYS PA 119 -78.41 -21.90 -2.42
C CYS PA 119 -78.48 -23.42 -2.34
N SER PA 120 -77.65 -24.05 -3.15
CA SER PA 120 -77.52 -25.49 -3.32
C SER PA 120 -76.58 -26.15 -2.34
N LYS PA 121 -75.37 -25.58 -2.25
CA LYS PA 121 -74.34 -26.21 -1.44
C LYS PA 121 -73.58 -25.25 -0.59
N VAL PA 122 -73.11 -25.77 0.54
CA VAL PA 122 -72.11 -25.06 1.32
C VAL PA 122 -70.94 -26.00 1.53
N VAL PA 123 -69.76 -25.63 1.04
CA VAL PA 123 -68.60 -26.52 1.12
C VAL PA 123 -67.46 -25.94 1.95
N ALA PA 124 -66.99 -26.72 2.92
CA ALA PA 124 -65.91 -26.33 3.83
C ALA PA 124 -64.54 -26.60 3.22
N GLY PA 125 -63.52 -25.90 3.74
CA GLY PA 125 -62.14 -26.14 3.31
C GLY PA 125 -61.53 -27.29 4.10
N THR PA 126 -60.22 -27.48 3.99
CA THR PA 126 -59.51 -28.60 4.65
C THR PA 126 -58.76 -28.11 5.88
N LEU PA 127 -58.87 -28.85 7.00
CA LEU PA 127 -58.18 -28.44 8.21
C LEU PA 127 -57.03 -29.34 8.57
N LYS PA 128 -55.80 -28.93 8.29
CA LYS PA 128 -54.64 -29.80 8.55
C LYS PA 128 -53.56 -29.20 9.42
N ALA PA 129 -53.25 -29.87 10.53
CA ALA PA 129 -52.30 -29.33 11.46
C ALA PA 129 -50.99 -29.04 10.76
N GLY PA 130 -50.49 -27.85 10.98
CA GLY PA 130 -49.22 -27.47 10.38
C GLY PA 130 -49.33 -26.73 9.04
N ASP PA 131 -50.45 -26.81 8.33
CA ASP PA 131 -50.50 -26.05 7.04
C ASP PA 131 -49.98 -24.63 7.29
N THR PA 132 -50.45 -23.97 8.36
CA THR PA 132 -50.05 -22.65 8.77
C THR PA 132 -50.62 -21.59 7.80
N ASN PA 133 -50.17 -21.59 6.56
CA ASN PA 133 -50.62 -20.64 5.57
C ASN PA 133 -51.90 -21.12 4.88
N ALA PA 134 -52.97 -21.21 5.66
CA ALA PA 134 -54.25 -21.63 5.14
C ALA PA 134 -55.39 -21.09 5.96
N LEU PA 135 -56.50 -20.79 5.29
CA LEU PA 135 -57.70 -20.31 5.94
C LEU PA 135 -58.90 -21.16 5.67
N THR PA 136 -59.86 -21.14 6.57
CA THR PA 136 -61.02 -21.98 6.34
C THR PA 136 -62.01 -21.25 5.46
N GLU PA 137 -61.74 -21.32 4.16
CA GLU PA 137 -62.49 -20.67 3.09
C GLU PA 137 -63.76 -21.46 2.86
N THR PA 138 -64.83 -20.84 2.39
CA THR PA 138 -66.00 -21.65 2.07
C THR PA 138 -66.58 -21.31 0.70
N ILE PA 139 -67.20 -22.31 0.09
CA ILE PA 139 -67.81 -22.12 -1.21
C ILE PA 139 -69.31 -22.26 -1.17
N THR PA 140 -70.00 -21.26 -1.70
CA THR PA 140 -71.44 -21.30 -1.76
C THR PA 140 -71.86 -21.47 -3.22
N ILE PA 141 -72.73 -22.43 -3.45
CA ILE PA 141 -73.21 -22.68 -4.81
C ILE PA 141 -74.65 -22.24 -4.94
N VAL PA 142 -74.89 -21.36 -5.91
CA VAL PA 142 -76.20 -20.75 -6.15
C VAL PA 142 -76.77 -20.96 -7.56
N PHE PA 143 -78.07 -21.30 -7.61
CA PHE PA 143 -78.72 -21.58 -8.90
C PHE PA 143 -79.39 -20.32 -9.47
N GLU PA 144 -79.44 -20.18 -10.80
CA GLU PA 144 -80.15 -19.02 -11.39
C GLU PA 144 -80.88 -19.48 -12.65
N GLU PA 145 -82.16 -19.13 -12.84
CA GLU PA 145 -82.77 -19.54 -14.10
C GLU PA 145 -82.20 -18.74 -15.26
N LEU PA 146 -82.13 -17.42 -15.07
CA LEU PA 146 -81.70 -16.52 -16.13
C LEU PA 146 -80.63 -15.54 -15.70
N VAL PA 147 -79.79 -15.18 -16.67
CA VAL PA 147 -78.81 -14.13 -16.51
C VAL PA 147 -79.27 -12.97 -17.34
N VAL PA 148 -79.48 -11.83 -16.70
CA VAL PA 148 -80.00 -10.68 -17.39
C VAL PA 148 -79.00 -9.51 -17.41
N GLU PA 149 -78.66 -8.99 -18.61
CA GLU PA 149 -77.72 -7.87 -18.84
C GLU PA 149 -77.92 -6.70 -17.84
N MET QA 1 -35.53 28.95 46.68
CA MET QA 1 -34.08 29.08 46.76
C MET QA 1 -33.52 28.01 47.76
N PRO QA 2 -33.54 26.66 47.45
CA PRO QA 2 -33.04 25.54 48.27
C PRO QA 2 -31.52 25.52 48.33
N SER QA 3 -30.95 24.85 49.34
CA SER QA 3 -29.51 24.76 49.48
C SER QA 3 -28.77 24.02 48.39
N TYR QA 4 -27.56 24.48 48.15
CA TYR QA 4 -26.66 23.90 47.16
C TYR QA 4 -25.18 23.94 47.54
N LEU QA 5 -24.76 24.92 48.34
CA LEU QA 5 -23.36 25.05 48.69
C LEU QA 5 -23.00 24.04 49.78
N SER QA 6 -23.98 23.67 50.59
CA SER QA 6 -23.73 22.77 51.67
C SER QA 6 -24.99 22.20 52.33
N PRO QA 7 -24.94 20.97 52.86
CA PRO QA 7 -25.94 20.39 53.74
C PRO QA 7 -26.15 21.24 55.01
N GLY QA 8 -25.16 22.08 55.33
CA GLY QA 8 -25.16 22.97 56.48
C GLY QA 8 -24.42 24.22 56.04
N VAL QA 9 -25.08 25.38 56.05
CA VAL QA 9 -24.45 26.57 55.48
C VAL QA 9 -23.97 27.62 56.46
N TYR QA 10 -24.07 27.36 57.76
CA TYR QA 10 -23.59 28.33 58.74
C TYR QA 10 -22.42 27.79 59.53
N VAL QA 11 -22.45 26.49 59.74
CA VAL QA 11 -21.50 25.74 60.53
C VAL QA 11 -21.03 24.60 59.67
N GLU QA 12 -19.73 24.28 59.67
CA GLU QA 12 -19.26 23.16 58.85
C GLU QA 12 -19.51 21.82 59.57
N GLU QA 13 -20.79 21.56 59.82
CA GLU QA 13 -21.35 20.41 60.51
C GLU QA 13 -21.18 19.20 59.62
N VAL QA 14 -20.86 19.48 58.37
CA VAL QA 14 -20.61 18.53 57.32
C VAL QA 14 -19.38 17.62 57.55
N ALA QA 15 -18.39 18.05 58.40
CA ALA QA 15 -17.19 17.29 58.73
C ALA QA 15 -16.95 17.34 60.24
N GLY QA 28 -25.03 0.01 48.75
CA GLY QA 28 -26.26 0.74 48.82
C GLY QA 28 -27.44 -0.20 48.55
N VAL QA 29 -28.68 0.32 48.70
CA VAL QA 29 -29.96 -0.38 48.50
C VAL QA 29 -30.65 0.07 47.22
N GLY QA 30 -30.74 1.39 47.01
CA GLY QA 30 -31.42 1.93 45.84
C GLY QA 30 -32.24 3.14 46.20
N THR QA 31 -32.86 3.77 45.20
CA THR QA 31 -33.63 4.98 45.49
C THR QA 31 -35.08 4.68 45.83
N SER QA 32 -35.58 3.51 45.45
CA SER QA 32 -36.96 3.17 45.72
C SER QA 32 -37.12 2.54 47.11
N VAL QA 33 -36.88 3.41 48.11
CA VAL QA 33 -36.89 3.07 49.52
C VAL QA 33 -37.81 4.00 50.33
N ALA QA 34 -38.63 3.36 51.16
CA ALA QA 34 -39.58 4.06 52.01
C ALA QA 34 -39.50 3.55 53.45
N ALA QA 35 -39.94 4.37 54.40
CA ALA QA 35 -39.99 3.93 55.79
C ALA QA 35 -41.40 3.92 56.34
N PHE QA 36 -41.71 2.86 57.08
CA PHE QA 36 -43.02 2.70 57.67
C PHE QA 36 -42.97 2.58 59.18
N VAL QA 37 -43.70 3.47 59.83
CA VAL QA 37 -43.78 3.51 61.28
C VAL QA 37 -45.13 3.01 61.77
N GLY QA 38 -45.14 1.94 62.56
CA GLY QA 38 -46.43 1.42 63.04
C GLY QA 38 -46.21 0.32 64.04
N LEU QA 39 -47.26 -0.34 64.49
CA LEU QA 39 -47.16 -1.37 65.54
C LEU QA 39 -47.18 -2.81 65.05
N ALA QA 40 -46.57 -3.70 65.83
CA ALA QA 40 -46.47 -5.12 65.39
C ALA QA 40 -46.69 -6.06 66.58
N PRO QA 41 -47.13 -7.32 66.36
CA PRO QA 41 -47.28 -8.27 67.46
C PRO QA 41 -45.91 -8.83 67.87
N THR QA 42 -45.33 -8.29 68.94
CA THR QA 42 -44.02 -8.77 69.45
C THR QA 42 -43.00 -8.81 68.31
N GLY QA 43 -42.93 -7.75 67.51
CA GLY QA 43 -41.94 -7.68 66.41
C GLY QA 43 -40.55 -7.36 66.95
N PRO QA 44 -39.49 -7.40 66.11
CA PRO QA 44 -38.14 -7.02 66.56
C PRO QA 44 -38.19 -5.64 67.23
N LEU QA 45 -37.43 -5.46 68.32
CA LEU QA 45 -37.46 -4.17 69.06
C LEU QA 45 -37.40 -2.99 68.10
N ASN QA 46 -37.95 -1.84 68.50
CA ASN QA 46 -37.90 -0.65 67.67
C ASN QA 46 -36.50 -0.09 67.42
N GLU QA 47 -35.57 -0.38 68.30
CA GLU QA 47 -34.19 0.05 68.11
C GLU QA 47 -33.56 -0.47 66.80
N PRO QA 48 -33.54 -1.78 66.51
CA PRO QA 48 -32.98 -2.33 65.30
C PRO QA 48 -33.88 -2.13 64.11
N THR QA 49 -34.00 -0.90 63.64
CA THR QA 49 -34.84 -0.64 62.48
C THR QA 49 -34.25 -1.45 61.34
N LEU QA 50 -35.08 -2.21 60.65
CA LEU QA 50 -34.55 -3.07 59.61
C LEU QA 50 -34.89 -2.64 58.23
N VAL QA 51 -34.02 -2.96 57.27
CA VAL QA 51 -34.34 -2.72 55.86
C VAL QA 51 -34.74 -4.06 55.30
N THR QA 52 -35.99 -4.19 54.89
CA THR QA 52 -36.50 -5.48 54.50
C THR QA 52 -37.28 -5.59 53.21
N ASN QA 53 -37.38 -6.85 52.75
CA ASN QA 53 -38.26 -7.32 51.67
C ASN QA 53 -39.45 -8.03 52.35
N TRP QA 54 -40.43 -8.56 51.61
CA TRP QA 54 -41.58 -9.20 52.27
C TRP QA 54 -41.22 -10.42 53.10
N THR QA 55 -40.38 -11.32 52.59
CA THR QA 55 -40.06 -12.51 53.35
C THR QA 55 -39.51 -12.12 54.73
N GLN QA 56 -38.62 -11.14 54.72
CA GLN QA 56 -38.02 -10.63 55.94
C GLN QA 56 -39.03 -9.91 56.81
N TYR QA 57 -39.95 -9.17 56.19
CA TYR QA 57 -40.99 -8.47 56.92
C TYR QA 57 -41.79 -9.44 57.72
N VAL QA 58 -42.19 -10.53 57.08
CA VAL QA 58 -43.00 -11.51 57.77
C VAL QA 58 -42.21 -12.13 58.88
N ALA QA 59 -40.95 -12.46 58.67
CA ALA QA 59 -40.19 -13.03 59.77
C ALA QA 59 -40.20 -12.08 60.99
N ALA QA 60 -40.17 -10.78 60.73
CA ALA QA 60 -40.19 -9.73 61.74
C ALA QA 60 -41.60 -9.27 62.19
N PHE QA 61 -42.68 -9.84 61.63
CA PHE QA 61 -44.06 -9.41 61.95
C PHE QA 61 -45.09 -10.54 62.12
N GLY QA 62 -45.04 -11.55 61.26
CA GLY QA 62 -46.08 -12.57 61.17
C GLY QA 62 -47.00 -12.34 59.96
N ASP QA 63 -47.90 -13.27 59.70
CA ASP QA 63 -48.75 -13.18 58.52
C ASP QA 63 -50.04 -12.38 58.71
N PHE QA 64 -49.88 -11.07 58.92
CA PHE QA 64 -50.98 -10.10 59.13
C PHE QA 64 -51.79 -10.30 60.44
N THR QA 65 -51.43 -11.28 61.26
CA THR QA 65 -52.25 -11.74 62.37
C THR QA 65 -52.43 -10.79 63.53
N GLY QA 66 -51.57 -9.80 63.66
CA GLY QA 66 -51.71 -8.83 64.74
C GLY QA 66 -52.85 -7.84 64.47
N GLY QA 67 -53.34 -7.77 63.22
CA GLY QA 67 -54.40 -6.84 62.90
C GLY QA 67 -53.94 -5.38 62.75
N TYR QA 68 -52.68 -5.19 62.41
CA TYR QA 68 -52.11 -3.85 62.28
C TYR QA 68 -51.93 -3.49 60.84
N TYR QA 69 -51.94 -2.19 60.55
CA TYR QA 69 -51.83 -1.73 59.18
C TYR QA 69 -50.44 -1.87 58.58
N LEU QA 70 -49.38 -2.04 59.38
CA LEU QA 70 -48.10 -2.20 58.72
C LEU QA 70 -48.11 -3.38 57.77
N ALA QA 71 -48.79 -4.47 58.11
CA ALA QA 71 -48.67 -5.59 57.21
C ALA QA 71 -49.27 -5.28 55.86
N HIS QA 72 -50.34 -4.50 55.85
CA HIS QA 72 -50.99 -4.18 54.60
C HIS QA 72 -50.22 -3.15 53.81
N SER QA 73 -49.63 -2.18 54.48
CA SER QA 73 -48.91 -1.15 53.75
C SER QA 73 -47.60 -1.68 53.20
N VAL QA 74 -46.94 -2.55 53.95
CA VAL QA 74 -45.70 -3.12 53.48
C VAL QA 74 -46.00 -4.09 52.35
N TYR QA 75 -46.99 -4.97 52.57
CA TYR QA 75 -47.38 -5.91 51.50
C TYR QA 75 -47.98 -5.11 50.33
N GLY QA 76 -48.51 -3.92 50.62
CA GLY QA 76 -49.13 -3.09 49.57
C GLY QA 76 -48.10 -2.56 48.58
N PHE QA 77 -47.02 -1.96 49.07
CA PHE QA 77 -45.99 -1.38 48.16
C PHE QA 77 -45.11 -2.51 47.60
N PHE QA 78 -44.85 -3.53 48.41
CA PHE QA 78 -43.96 -4.59 47.98
C PHE QA 78 -44.48 -5.29 46.74
N ASN QA 79 -45.80 -5.33 46.58
CA ASN QA 79 -46.41 -5.99 45.44
C ASN QA 79 -46.64 -5.05 44.27
N ASN QA 80 -46.08 -3.86 44.38
CA ASN QA 80 -46.10 -2.82 43.38
C ASN QA 80 -44.61 -2.63 43.11
N GLY QA 81 -44.11 -1.46 42.73
CA GLY QA 81 -42.66 -1.44 42.47
C GLY QA 81 -41.93 -1.13 43.77
N GLY QA 82 -40.61 -1.17 43.75
CA GLY QA 82 -39.84 -0.83 44.96
C GLY QA 82 -38.92 -1.95 45.37
N SER QA 83 -37.87 -1.62 46.10
CA SER QA 83 -36.94 -2.67 46.50
C SER QA 83 -36.82 -2.87 47.98
N ALA QA 84 -37.08 -1.84 48.78
CA ALA QA 84 -36.88 -2.05 50.20
C ALA QA 84 -37.59 -1.04 51.04
N ALA QA 85 -37.79 -1.39 52.29
CA ALA QA 85 -38.33 -0.42 53.18
C ALA QA 85 -37.78 -0.58 54.56
N TYR QA 86 -37.79 0.51 55.29
CA TYR QA 86 -37.37 0.50 56.67
C TYR QA 86 -38.58 0.19 57.54
N VAL QA 87 -38.42 -0.79 58.41
CA VAL QA 87 -39.51 -1.17 59.27
C VAL QA 87 -39.25 -0.77 60.70
N VAL QA 88 -40.14 0.08 61.24
CA VAL QA 88 -40.00 0.51 62.67
C VAL QA 88 -41.09 -0.16 63.51
N ARG QA 89 -40.69 -0.92 64.54
CA ARG QA 89 -41.67 -1.64 65.40
C ARG QA 89 -42.50 -0.64 66.21
N VAL QA 90 -41.86 0.40 66.75
CA VAL QA 90 -42.56 1.42 67.58
C VAL QA 90 -42.99 0.77 68.91
N GLY QA 91 -43.71 -0.36 68.85
CA GLY QA 91 -44.17 -1.02 70.06
C GLY QA 91 -44.91 -2.32 69.73
N GLY QA 92 -45.47 -2.95 70.75
CA GLY QA 92 -46.06 -4.28 70.59
C GLY QA 92 -47.55 -4.40 70.37
N SER QA 93 -48.07 -5.49 70.98
CA SER QA 93 -49.45 -5.91 70.85
C SER QA 93 -49.98 -6.55 72.10
N ALA QA 94 -51.30 -6.54 72.20
CA ALA QA 94 -52.04 -7.23 73.25
C ALA QA 94 -52.43 -8.58 72.73
N GLU QA 95 -52.71 -9.51 73.63
CA GLU QA 95 -53.16 -10.82 73.19
C GLU QA 95 -54.48 -10.66 72.42
N ASP QA 96 -54.62 -11.39 71.29
CA ASP QA 96 -55.79 -11.43 70.39
C ASP QA 96 -56.34 -10.03 70.07
N GLN QA 232 -50.94 0.85 76.11
CA GLN QA 232 -50.81 2.24 75.64
C GLN QA 232 -49.86 2.42 74.44
N ALA QA 233 -49.43 1.32 73.76
CA ALA QA 233 -48.55 1.32 72.56
C ALA QA 233 -49.18 2.12 71.43
N GLU QA 234 -50.52 2.08 71.39
CA GLU QA 234 -51.33 2.78 70.41
C GLU QA 234 -51.37 4.29 70.61
N SER QA 235 -51.06 4.78 71.81
CA SER QA 235 -51.15 6.20 72.11
C SER QA 235 -50.12 6.94 71.28
N ALA QA 236 -50.43 8.15 70.84
CA ALA QA 236 -49.48 8.84 69.96
C ALA QA 236 -48.11 9.08 70.55
N HIS QA 237 -48.01 9.63 71.76
CA HIS QA 237 -46.66 9.99 72.29
C HIS QA 237 -45.74 8.76 72.52
N PRO QA 238 -46.15 7.72 73.28
CA PRO QA 238 -45.29 6.63 73.64
C PRO QA 238 -45.10 5.63 72.50
N GLY QA 239 -44.47 6.12 71.43
CA GLY QA 239 -44.19 5.28 70.27
C GLY QA 239 -44.32 5.96 68.89
N PRO QA 240 -45.49 5.92 68.21
CA PRO QA 240 -45.68 6.42 66.84
C PRO QA 240 -45.86 7.93 66.74
N ALA QA 241 -44.87 8.68 67.20
CA ALA QA 241 -44.93 10.15 67.19
C ALA QA 241 -43.56 10.78 67.32
N GLN QA 242 -43.52 12.00 67.87
CA GLN QA 242 -42.29 12.79 67.98
C GLN QA 242 -41.42 12.35 69.15
N TYR QA 243 -40.87 11.16 68.99
CA TYR QA 243 -39.99 10.50 69.93
C TYR QA 243 -38.53 10.86 69.66
N LEU QA 244 -37.79 11.16 70.71
CA LEU QA 244 -36.37 11.43 70.56
C LEU QA 244 -35.53 10.47 71.40
N GLY QA 245 -35.87 10.37 72.69
CA GLY QA 245 -35.14 9.48 73.60
C GLY QA 245 -33.76 10.02 73.92
N ASP QA 246 -33.63 11.33 73.91
CA ASP QA 246 -32.33 11.98 74.11
C ASP QA 246 -31.36 11.41 73.08
N SER QA 247 -31.81 11.47 71.83
CA SER QA 247 -31.17 10.95 70.65
C SER QA 247 -30.90 9.46 70.75
N SER QA 248 -31.91 8.72 71.24
CA SER QA 248 -31.74 7.28 71.27
C SER QA 248 -32.04 6.85 69.86
N ASP QA 249 -32.94 7.63 69.23
CA ASP QA 249 -33.38 7.46 67.86
C ASP QA 249 -33.87 6.03 67.60
N ARG QA 250 -34.48 5.45 68.64
CA ARG QA 250 -34.99 4.09 68.63
C ARG QA 250 -36.45 3.92 68.25
N THR QA 251 -37.24 4.93 68.45
CA THR QA 251 -38.66 4.76 68.26
C THR QA 251 -39.28 5.87 67.44
N GLY QA 252 -40.38 5.54 66.77
CA GLY QA 252 -41.18 6.52 66.05
C GLY QA 252 -40.42 7.27 64.98
N PHE QA 253 -40.51 8.58 65.05
CA PHE QA 253 -39.88 9.45 64.08
C PHE QA 253 -38.48 9.79 64.54
N GLY QA 254 -38.07 9.18 65.64
CA GLY QA 254 -36.75 9.39 66.18
C GLY QA 254 -35.73 8.73 65.25
N GLY QA 255 -36.19 7.82 64.38
CA GLY QA 255 -35.23 7.17 63.49
C GLY QA 255 -34.91 8.06 62.28
N LEU QA 256 -35.61 9.19 62.14
CA LEU QA 256 -35.40 10.08 61.03
C LEU QA 256 -34.17 10.89 61.36
N GLU QA 257 -33.45 11.33 60.33
CA GLU QA 257 -32.18 12.07 60.42
C GLU QA 257 -31.05 11.06 60.68
N ALA QA 258 -31.23 10.25 61.72
CA ALA QA 258 -30.31 9.17 62.04
C ALA QA 258 -30.22 8.21 60.86
N ILE QA 259 -31.33 7.99 60.18
CA ILE QA 259 -31.37 7.12 59.03
C ILE QA 259 -31.58 7.86 57.70
N ASP QA 260 -30.65 7.59 56.79
CA ASP QA 260 -30.60 8.12 55.43
C ASP QA 260 -31.09 7.06 54.40
N GLU QA 261 -31.07 7.46 53.13
CA GLU QA 261 -31.51 6.67 51.97
C GLU QA 261 -32.98 6.24 52.04
N ILE QA 262 -33.81 7.19 52.42
CA ILE QA 262 -35.26 7.06 52.46
C ILE QA 262 -35.86 8.21 51.69
N SER QA 263 -36.72 7.97 50.70
CA SER QA 263 -37.31 9.12 50.03
C SER QA 263 -38.73 9.38 50.54
N MET QA 264 -39.41 8.32 50.99
CA MET QA 264 -40.79 8.48 51.45
C MET QA 264 -41.04 7.90 52.80
N VAL QA 265 -41.89 8.57 53.57
CA VAL QA 265 -42.28 8.07 54.88
C VAL QA 265 -43.79 8.02 55.05
N ALA QA 266 -44.25 7.07 55.85
CA ALA QA 266 -45.66 6.93 56.16
C ALA QA 266 -45.88 6.26 57.50
N VAL QA 267 -47.07 6.47 58.07
CA VAL QA 267 -47.45 5.84 59.31
C VAL QA 267 -48.77 5.06 59.12
N PRO QA 268 -48.73 3.78 58.72
CA PRO QA 268 -49.89 2.94 58.45
C PRO QA 268 -50.89 2.86 59.60
N ASP QA 269 -50.49 2.71 60.87
CA ASP QA 269 -51.48 2.36 61.96
C ASP QA 269 -52.06 3.48 62.84
N LEU QA 270 -51.36 4.60 62.91
CA LEU QA 270 -51.82 5.69 63.79
C LEU QA 270 -53.24 6.10 63.40
N MET QA 271 -53.49 6.27 62.10
CA MET QA 271 -54.85 6.66 61.61
C MET QA 271 -55.84 5.52 61.86
N ALA QA 272 -55.51 4.60 62.77
CA ALA QA 272 -56.40 3.42 63.02
C ALA QA 272 -56.75 3.32 64.51
N ALA QA 273 -55.86 3.77 65.40
CA ALA QA 273 -56.10 3.66 66.85
C ALA QA 273 -57.08 4.75 67.30
N TYR QA 274 -57.64 5.50 66.34
CA TYR QA 274 -58.56 6.61 66.67
C TYR QA 274 -59.79 6.10 67.42
N GLN QA 275 -60.14 4.83 67.24
CA GLN QA 275 -61.37 4.28 67.89
C GLN QA 275 -60.98 3.40 69.08
N ARG QA 276 -60.33 2.26 68.82
CA ARG QA 276 -59.96 1.32 69.90
C ARG QA 276 -59.43 1.97 71.16
N GLY QA 277 -58.60 3.00 71.01
CA GLY QA 277 -58.01 3.69 72.14
C GLY QA 277 -58.60 5.08 72.25
N ALA QA 278 -59.66 5.34 71.47
CA ALA QA 278 -60.27 6.66 71.37
C ALA QA 278 -59.24 7.71 71.00
N ILE QA 279 -58.32 7.39 70.10
CA ILE QA 279 -57.31 8.37 69.77
C ILE QA 279 -57.83 9.23 68.64
N ASP QA 280 -58.62 10.21 69.04
CA ASP QA 280 -59.27 11.12 68.12
C ASP QA 280 -58.68 12.54 68.20
N LEU QA 281 -59.24 13.40 67.38
CA LEU QA 281 -58.94 14.82 67.33
C LEU QA 281 -57.45 15.10 67.20
N GLU QA 282 -56.91 15.93 68.08
CA GLU QA 282 -55.52 16.33 68.02
C GLU QA 282 -54.56 15.19 68.27
N ALA QA 283 -55.03 14.10 68.87
CA ALA QA 283 -54.15 13.00 69.14
C ALA QA 283 -53.57 12.44 67.85
N VAL QA 284 -54.34 12.50 66.74
CA VAL QA 284 -53.83 11.99 65.50
C VAL QA 284 -53.17 13.14 64.75
N LYS QA 285 -53.81 14.32 64.77
CA LYS QA 285 -53.25 15.47 64.05
C LYS QA 285 -51.80 15.71 64.47
N ALA QA 286 -51.51 15.53 65.76
CA ALA QA 286 -50.20 15.73 66.30
C ALA QA 286 -49.16 14.82 65.64
N VAL QA 287 -49.56 13.61 65.25
CA VAL QA 287 -48.61 12.68 64.67
C VAL QA 287 -48.37 13.11 63.24
N GLN QA 288 -49.45 13.51 62.54
CA GLN QA 288 -49.27 13.94 61.15
C GLN QA 288 -48.40 15.21 61.11
N LEU QA 289 -48.56 16.11 62.07
CA LEU QA 289 -47.73 17.30 62.10
C LEU QA 289 -46.28 16.93 62.29
N GLY QA 290 -46.01 15.96 63.15
CA GLY QA 290 -44.66 15.50 63.38
C GLY QA 290 -44.04 14.91 62.13
N LEU QA 291 -44.75 14.01 61.46
CA LEU QA 291 -44.20 13.34 60.31
C LEU QA 291 -43.79 14.39 59.27
N ILE QA 292 -44.64 15.40 59.09
CA ILE QA 292 -44.37 16.44 58.13
C ILE QA 292 -43.20 17.29 58.58
N ALA QA 293 -43.17 17.68 59.86
CA ALA QA 293 -42.09 18.52 60.35
C ALA QA 293 -40.74 17.88 60.20
N HIS QA 294 -40.65 16.57 60.38
CA HIS QA 294 -39.36 15.94 60.27
C HIS QA 294 -38.90 15.97 58.84
N CYS QA 295 -39.83 15.80 57.91
CA CYS QA 295 -39.46 15.86 56.50
C CYS QA 295 -38.95 17.26 56.17
N GLU QA 296 -39.64 18.28 56.68
CA GLU QA 296 -39.28 19.66 56.42
C GLU QA 296 -37.89 19.99 56.96
N LEU QA 297 -37.56 19.47 58.14
CA LEU QA 297 -36.25 19.70 58.72
C LEU QA 297 -35.12 19.01 57.96
N MET QA 298 -35.36 17.78 57.49
CA MET QA 298 -34.34 17.06 56.73
C MET QA 298 -34.06 17.66 55.36
N GLY QA 299 -35.10 18.14 54.70
CA GLY QA 299 -34.98 18.78 53.39
C GLY QA 299 -35.22 17.86 52.18
N ASP QA 300 -35.22 16.55 52.40
CA ASP QA 300 -35.45 15.58 51.34
C ASP QA 300 -36.15 14.35 51.88
N ARG QA 301 -37.47 14.42 51.87
CA ARG QA 301 -38.32 13.37 52.35
C ARG QA 301 -39.76 13.78 52.06
N VAL QA 302 -40.60 12.86 51.65
CA VAL QA 302 -42.02 13.22 51.48
C VAL QA 302 -42.93 12.35 52.32
N ALA QA 303 -43.79 13.01 53.09
CA ALA QA 303 -44.74 12.35 53.94
C ALA QA 303 -46.04 12.04 53.24
N ILE QA 304 -46.53 10.84 53.42
CA ILE QA 304 -47.81 10.48 52.88
C ILE QA 304 -48.75 10.35 54.05
N ILE QA 305 -49.86 11.07 54.00
CA ILE QA 305 -50.82 11.07 55.09
C ILE QA 305 -52.24 10.70 54.63
N ASP QA 306 -53.07 10.28 55.59
CA ASP QA 306 -54.46 9.90 55.33
C ASP QA 306 -55.49 10.92 55.80
N PRO QA 307 -56.66 11.00 55.15
CA PRO QA 307 -57.84 11.66 55.61
C PRO QA 307 -58.53 10.65 56.49
N PRO QA 308 -59.45 11.06 57.35
CA PRO QA 308 -60.33 10.17 58.10
C PRO QA 308 -61.02 9.17 57.15
N PRO QA 309 -61.23 7.91 57.59
CA PRO QA 309 -61.81 6.78 56.85
C PRO QA 309 -63.25 6.84 56.34
N ASN QA 310 -64.10 7.70 56.89
CA ASN QA 310 -65.46 7.70 56.39
C ASN QA 310 -66.04 9.10 56.31
N GLN QA 311 -66.01 9.69 55.14
CA GLN QA 311 -66.53 11.04 55.02
C GLN QA 311 -66.92 11.44 53.60
N ASN QA 312 -67.80 12.42 53.54
CA ASN QA 312 -68.29 13.08 52.33
C ASN QA 312 -67.23 13.98 51.73
N ALA QA 313 -67.29 14.22 50.43
CA ALA QA 313 -66.34 15.14 49.81
C ALA QA 313 -66.40 16.53 50.47
N ARG QA 314 -67.59 16.96 50.91
CA ARG QA 314 -67.63 18.25 51.57
C ARG QA 314 -66.86 18.21 52.88
N GLN QA 315 -66.89 17.06 53.56
CA GLN QA 315 -66.26 16.91 54.85
C GLN QA 315 -64.76 16.90 54.72
N ILE QA 316 -64.22 16.30 53.65
CA ILE QA 316 -62.78 16.36 53.54
C ILE QA 316 -62.35 17.76 53.25
N ARG QA 317 -63.15 18.51 52.48
CA ARG QA 317 -62.79 19.87 52.21
C ARG QA 317 -62.72 20.68 53.48
N VAL QA 318 -63.69 20.52 54.38
CA VAL QA 318 -63.65 21.23 55.63
C VAL QA 318 -62.54 20.72 56.53
N TRP QA 319 -62.38 19.41 56.62
CA TRP QA 319 -61.35 18.90 57.48
C TRP QA 319 -60.00 19.45 57.06
N ARG QA 320 -59.66 19.42 55.78
CA ARG QA 320 -58.36 19.97 55.42
C ARG QA 320 -58.29 21.49 55.48
N GLN QA 321 -59.37 22.22 55.18
CA GLN QA 321 -59.26 23.66 55.22
C GLN QA 321 -59.38 24.26 56.62
N GLU QA 322 -60.18 23.67 57.48
CA GLU QA 322 -60.39 24.23 58.80
C GLU QA 322 -59.72 23.47 59.94
N THR QA 323 -59.62 22.14 59.88
CA THR QA 323 -59.08 21.46 61.06
C THR QA 323 -57.69 20.83 60.90
N ALA QA 324 -57.27 20.51 59.68
CA ALA QA 324 -55.98 19.85 59.45
C ALA QA 324 -55.28 20.32 58.19
N GLY QA 325 -55.15 21.63 57.99
CA GLY QA 325 -54.43 22.08 56.81
C GLY QA 325 -52.95 21.98 57.11
N TYR QA 326 -52.13 21.75 56.08
CA TYR QA 326 -50.68 21.67 56.32
C TYR QA 326 -49.85 22.72 55.56
N ASP QA 327 -50.18 22.99 54.30
CA ASP QA 327 -49.48 24.00 53.48
C ASP QA 327 -47.94 23.90 53.35
N SER QA 328 -47.40 22.79 52.87
CA SER QA 328 -45.93 22.70 52.75
C SER QA 328 -45.50 21.81 51.60
N LYS QA 329 -44.22 21.82 51.32
CA LYS QA 329 -43.63 21.11 50.19
C LYS QA 329 -43.30 19.66 50.46
N TYR QA 330 -43.62 19.17 51.64
CA TYR QA 330 -43.20 17.83 52.01
C TYR QA 330 -44.29 16.80 52.18
N ALA QA 331 -45.48 16.99 51.61
CA ALA QA 331 -46.51 15.97 51.84
C ALA QA 331 -47.57 15.85 50.75
N ALA QA 332 -48.22 14.67 50.74
CA ALA QA 332 -49.31 14.35 49.82
C ALA QA 332 -50.45 13.58 50.49
N LEU QA 333 -51.70 13.83 50.01
CA LEU QA 333 -52.89 13.13 50.49
C LEU QA 333 -53.86 12.79 49.35
N TYR QA 334 -54.42 11.57 49.41
CA TYR QA 334 -55.41 11.12 48.44
C TYR QA 334 -56.73 10.93 49.19
N TYR QA 335 -57.84 11.42 48.62
CA TYR QA 335 -59.14 11.33 49.29
C TYR QA 335 -59.72 9.96 49.67
N PRO QA 336 -59.91 9.03 48.74
CA PRO QA 336 -60.61 7.80 48.99
C PRO QA 336 -59.83 6.79 49.77
N TRP QA 337 -60.55 5.93 50.45
CA TRP QA 337 -60.02 4.74 51.06
C TRP QA 337 -60.30 3.54 50.16
N ILE QA 338 -59.48 2.51 50.30
CA ILE QA 338 -59.48 1.33 49.43
C ILE QA 338 -60.00 0.05 50.06
N LYS QA 339 -60.80 -0.68 49.28
CA LYS QA 339 -61.25 -1.99 49.73
C LYS QA 339 -60.19 -3.01 49.36
N SER QA 340 -59.76 -3.78 50.35
CA SER QA 340 -58.75 -4.83 50.24
C SER QA 340 -59.17 -5.99 51.11
N PHE QA 341 -58.22 -6.83 51.52
CA PHE QA 341 -58.54 -8.03 52.29
C PHE QA 341 -57.42 -8.43 53.24
N ASP QA 342 -57.72 -9.35 54.16
CA ASP QA 342 -56.75 -9.85 55.12
C ASP QA 342 -56.92 -11.34 55.27
N PRO QA 343 -56.09 -12.17 54.61
CA PRO QA 343 -56.21 -13.61 54.46
C PRO QA 343 -56.10 -14.33 55.78
N ALA QA 344 -55.59 -13.65 56.81
CA ALA QA 344 -55.47 -14.25 58.12
C ALA QA 344 -56.85 -14.52 58.71
N THR QA 345 -57.82 -13.66 58.38
CA THR QA 345 -59.17 -13.77 58.93
C THR QA 345 -60.26 -13.90 57.86
N GLY QA 346 -60.10 -13.21 56.72
CA GLY QA 346 -61.17 -13.19 55.73
C GLY QA 346 -60.87 -12.43 54.44
N GLN QA 347 -61.89 -12.36 53.61
CA GLN QA 347 -61.79 -11.81 52.26
C GLN QA 347 -61.98 -10.32 52.12
N SER QA 348 -62.13 -9.59 53.22
CA SER QA 348 -62.26 -8.15 53.10
C SER QA 348 -61.71 -7.38 54.30
N ARG QA 349 -61.23 -6.16 54.02
CA ARG QA 349 -60.79 -5.17 54.99
C ARG QA 349 -60.81 -3.75 54.40
N LEU QA 350 -60.89 -2.76 55.27
CA LEU QA 350 -60.76 -1.37 54.88
C LEU QA 350 -59.35 -0.86 55.14
N VAL QA 351 -58.67 -0.37 54.09
CA VAL QA 351 -57.31 0.09 54.25
C VAL QA 351 -57.14 1.52 53.67
N PRO QA 352 -56.17 2.29 54.17
CA PRO QA 352 -55.83 3.62 53.72
C PRO QA 352 -55.14 3.60 52.38
N PRO QA 353 -55.13 4.72 51.65
CA PRO QA 353 -54.40 4.93 50.41
C PRO QA 353 -52.94 5.19 50.75
N SER QA 354 -52.31 4.17 51.31
CA SER QA 354 -50.95 4.21 51.82
C SER QA 354 -50.28 2.88 51.54
N GLY QA 355 -48.97 2.89 51.42
CA GLY QA 355 -48.23 1.65 51.13
C GLY QA 355 -48.26 1.37 49.64
N HIS QA 356 -49.44 1.00 49.14
CA HIS QA 356 -49.60 0.79 47.68
C HIS QA 356 -49.10 2.04 46.94
N VAL QA 357 -49.39 3.23 47.46
CA VAL QA 357 -48.99 4.43 46.77
C VAL QA 357 -47.46 4.52 46.71
N ALA QA 358 -46.73 4.01 47.70
CA ALA QA 358 -45.28 4.09 47.68
C ALA QA 358 -44.77 3.32 46.48
N GLY QA 359 -45.46 2.24 46.19
CA GLY QA 359 -45.10 1.36 45.10
C GLY QA 359 -45.48 1.93 43.73
N ILE QA 360 -46.24 3.01 43.72
CA ILE QA 360 -46.65 3.64 42.48
C ILE QA 360 -45.51 4.52 42.07
N TRP QA 361 -44.95 5.27 43.01
CA TRP QA 361 -43.84 6.09 42.59
C TRP QA 361 -42.64 5.18 42.37
N ALA QA 362 -42.51 4.12 43.17
CA ALA QA 362 -41.36 3.28 42.96
C ALA QA 362 -41.35 2.64 41.59
N ARG QA 363 -42.50 2.18 41.08
CA ARG QA 363 -42.47 1.60 39.75
C ARG QA 363 -42.19 2.68 38.73
N ASN QA 364 -42.85 3.82 38.86
CA ASN QA 364 -42.70 4.88 37.89
C ASN QA 364 -41.27 5.35 37.76
N ASP QA 365 -40.66 5.58 38.90
CA ASP QA 365 -39.35 6.14 38.94
C ASP QA 365 -38.30 5.13 38.52
N SER QA 366 -38.50 3.84 38.87
CA SER QA 366 -37.53 2.84 38.48
C SER QA 366 -37.68 2.35 37.04
N GLU QA 367 -38.88 2.43 36.44
CA GLU QA 367 -39.02 1.97 35.08
C GLU QA 367 -38.96 3.07 34.03
N ARG QA 368 -39.47 4.27 34.31
CA ARG QA 368 -39.43 5.31 33.29
C ARG QA 368 -38.56 6.47 33.73
N GLY QA 369 -38.63 6.80 35.03
CA GLY QA 369 -37.89 7.96 35.56
C GLY QA 369 -38.80 8.88 36.36
N VAL QA 370 -38.26 9.99 36.88
CA VAL QA 370 -39.07 10.97 37.66
C VAL QA 370 -39.46 12.12 36.73
N HIS QA 371 -39.31 11.92 35.41
CA HIS QA 371 -39.64 12.98 34.42
C HIS QA 371 -41.13 13.33 34.49
N LYS QA 372 -41.99 12.32 34.62
CA LYS QA 372 -43.46 12.56 34.62
C LYS QA 372 -44.09 11.91 35.86
N ALA QA 373 -45.21 12.46 36.34
CA ALA QA 373 -45.88 11.91 37.52
C ALA QA 373 -46.54 10.57 37.19
N PRO QA 374 -46.66 9.65 38.15
CA PRO QA 374 -47.41 8.41 37.96
C PRO QA 374 -48.88 8.68 38.14
N ALA QA 375 -49.41 9.52 37.29
CA ALA QA 375 -50.78 9.96 37.44
C ALA QA 375 -51.79 9.10 36.69
N ASN QA 376 -51.33 8.04 36.02
CA ASN QA 376 -52.23 7.12 35.35
C ASN QA 376 -51.98 5.70 35.79
N GLU QA 377 -51.32 5.51 36.91
CA GLU QA 377 -50.94 4.16 37.27
C GLU QA 377 -52.01 3.37 37.98
N VAL QA 378 -51.97 2.06 37.79
CA VAL QA 378 -52.89 1.11 38.37
C VAL QA 378 -52.56 0.63 39.77
N VAL QA 379 -53.56 0.70 40.62
CA VAL QA 379 -53.36 0.23 41.96
C VAL QA 379 -53.60 -1.26 41.87
N ARG QA 380 -52.50 -1.98 41.69
CA ARG QA 380 -52.56 -3.39 41.37
C ARG QA 380 -53.25 -4.25 42.41
N GLY QA 381 -53.11 -3.91 43.68
CA GLY QA 381 -53.71 -4.73 44.72
C GLY QA 381 -55.09 -4.28 45.18
N ALA QA 382 -55.68 -3.27 44.53
CA ALA QA 382 -57.00 -2.81 45.00
C ALA QA 382 -58.07 -3.79 44.58
N VAL QA 383 -59.06 -4.00 45.44
CA VAL QA 383 -60.19 -4.83 45.04
C VAL QA 383 -61.23 -3.88 44.51
N ASP QA 384 -61.50 -2.85 45.29
CA ASP QA 384 -62.48 -1.84 44.92
C ASP QA 384 -62.21 -0.57 45.72
N LEU QA 385 -62.99 0.46 45.49
CA LEU QA 385 -62.88 1.73 46.22
C LEU QA 385 -64.07 1.91 47.15
N GLU QA 386 -63.89 2.63 48.27
CA GLU QA 386 -65.04 2.88 49.14
C GLU QA 386 -66.09 3.77 48.47
N LEU QA 387 -65.62 4.72 47.69
CA LEU QA 387 -66.50 5.64 47.00
C LEU QA 387 -65.99 5.88 45.59
N GLN QA 388 -66.90 5.87 44.62
CA GLN QA 388 -66.55 6.21 43.25
C GLN QA 388 -66.79 7.68 43.03
N ILE QA 389 -65.70 8.39 42.86
CA ILE QA 389 -65.72 9.83 42.78
C ILE QA 389 -66.32 10.29 41.47
N THR QA 390 -67.27 11.19 41.56
CA THR QA 390 -67.95 11.75 40.39
C THR QA 390 -67.34 13.04 39.94
N ARG QA 391 -67.91 13.63 38.90
CA ARG QA 391 -67.30 14.84 38.35
C ARG QA 391 -67.38 16.02 39.30
N GLY QA 392 -68.52 16.25 39.93
CA GLY QA 392 -68.59 17.36 40.86
C GLY QA 392 -67.59 17.20 42.00
N GLU QA 393 -67.38 15.97 42.43
CA GLU QA 393 -66.44 15.67 43.50
C GLU QA 393 -65.00 15.90 43.03
N GLN QA 394 -64.69 15.52 41.79
CA GLN QA 394 -63.37 15.77 41.26
C GLN QA 394 -63.12 17.28 41.16
N ASP QA 395 -64.16 18.03 40.77
CA ASP QA 395 -64.03 19.51 40.64
C ASP QA 395 -63.84 20.12 42.03
N LEU QA 396 -64.51 19.57 43.05
CA LEU QA 396 -64.39 20.04 44.43
C LEU QA 396 -62.99 19.85 44.95
N LEU QA 397 -62.40 18.67 44.70
CA LEU QA 397 -61.07 18.35 45.28
C LEU QA 397 -59.94 19.03 44.49
N ASN QA 398 -60.03 19.09 43.15
CA ASN QA 398 -58.92 19.63 42.38
C ASN QA 398 -58.30 20.94 42.91
N PRO QA 399 -59.05 22.03 43.11
CA PRO QA 399 -58.54 23.33 43.52
C PRO QA 399 -58.10 23.40 44.96
N ILE QA 400 -58.32 22.34 45.75
CA ILE QA 400 -57.94 22.40 47.14
C ILE QA 400 -56.73 21.52 47.38
N GLY QA 401 -56.21 20.92 46.30
CA GLY QA 401 -55.02 20.08 46.39
C GLY QA 401 -55.21 18.63 46.83
N VAL QA 402 -56.42 18.08 46.72
CA VAL QA 402 -56.62 16.69 47.13
C VAL QA 402 -56.57 15.78 45.93
N ASN QA 403 -55.77 14.73 45.99
CA ASN QA 403 -55.68 13.85 44.85
C ASN QA 403 -56.74 12.77 44.91
N CYS QA 404 -57.10 12.25 43.75
CA CYS QA 404 -58.11 11.20 43.67
C CYS QA 404 -57.61 9.91 43.04
N ILE QA 405 -58.28 8.82 43.44
CA ILE QA 405 -58.14 7.48 42.89
C ILE QA 405 -59.54 7.12 42.39
N ARG QA 406 -59.65 6.68 41.14
CA ARG QA 406 -60.93 6.38 40.50
C ARG QA 406 -60.97 5.11 39.65
N SER QA 407 -62.16 4.51 39.55
CA SER QA 407 -62.37 3.31 38.73
C SER QA 407 -62.90 3.63 37.33
N PHE QA 408 -62.21 3.11 36.32
CA PHE QA 408 -62.59 3.33 34.92
C PHE QA 408 -63.09 2.06 34.19
N PRO QA 409 -64.01 2.21 33.22
CA PRO QA 409 -64.72 1.15 32.51
C PRO QA 409 -63.87 0.38 31.52
N GLY QA 410 -62.99 -0.45 32.07
CA GLY QA 410 -62.07 -1.27 31.29
C GLY QA 410 -60.63 -0.79 31.44
N ARG QA 411 -60.43 0.21 32.28
CA ARG QA 411 -59.09 0.73 32.50
C ARG QA 411 -58.61 0.39 33.92
N GLY QA 412 -59.53 0.00 34.82
CA GLY QA 412 -59.18 -0.40 36.18
C GLY QA 412 -59.13 0.73 37.19
N ILE QA 413 -58.48 0.47 38.33
CA ILE QA 413 -58.43 1.44 39.41
C ILE QA 413 -57.10 2.14 39.33
N ARG QA 414 -57.16 3.43 39.07
CA ARG QA 414 -55.97 4.22 38.85
C ARG QA 414 -55.88 5.44 39.72
N VAL QA 415 -54.66 5.86 39.95
CA VAL QA 415 -54.37 7.06 40.68
C VAL QA 415 -54.43 8.16 39.65
N TRP QA 416 -55.12 9.26 39.95
CA TRP QA 416 -55.33 10.30 38.91
C TRP QA 416 -54.76 11.67 39.31
N GLY QA 417 -54.89 12.07 40.58
CA GLY QA 417 -54.44 13.41 40.91
C GLY QA 417 -52.92 13.46 40.96
N ALA QA 418 -52.34 14.66 40.81
CA ALA QA 418 -50.90 14.79 40.89
C ALA QA 418 -50.40 16.03 41.62
N ARG QA 419 -51.13 16.50 42.64
CA ARG QA 419 -50.71 17.70 43.35
C ARG QA 419 -50.29 17.51 44.80
N THR QA 420 -49.49 18.46 45.25
CA THR QA 420 -48.93 18.52 46.58
C THR QA 420 -49.83 19.26 47.56
N LEU QA 421 -49.57 19.09 48.85
CA LEU QA 421 -50.34 19.81 49.85
C LEU QA 421 -49.73 21.15 50.18
N SER QA 422 -49.72 22.04 49.17
CA SER QA 422 -49.12 23.38 49.30
C SER QA 422 -49.79 24.45 48.47
N SER QA 423 -49.88 25.64 49.04
CA SER QA 423 -50.42 26.81 48.37
C SER QA 423 -49.46 27.51 47.42
N ASP QA 424 -48.17 27.15 47.46
CA ASP QA 424 -47.16 27.82 46.63
C ASP QA 424 -47.18 27.32 45.20
N PRO QA 425 -47.55 28.15 44.19
CA PRO QA 425 -47.66 27.75 42.79
C PRO QA 425 -46.43 26.98 42.30
N ALA QA 426 -45.25 27.38 42.79
CA ALA QA 426 -44.02 26.76 42.35
C ALA QA 426 -43.96 25.29 42.63
N TRP QA 427 -44.54 24.88 43.75
CA TRP QA 427 -44.44 23.52 44.19
C TRP QA 427 -45.75 22.77 44.18
N ARG QA 428 -46.68 23.15 43.30
CA ARG QA 428 -47.96 22.47 43.24
C ARG QA 428 -47.92 21.04 42.74
N TYR QA 429 -46.95 20.70 41.92
CA TYR QA 429 -46.93 19.36 41.37
C TYR QA 429 -45.91 18.44 41.98
N LEU QA 430 -46.34 17.19 42.15
CA LEU QA 430 -45.50 16.16 42.71
C LEU QA 430 -44.31 15.85 41.84
N ASN QA 431 -44.49 15.91 40.54
CA ASN QA 431 -43.43 15.59 39.62
C ASN QA 431 -42.24 16.50 39.78
N ILE QA 432 -42.50 17.77 40.02
CA ILE QA 432 -41.43 18.72 40.12
C ILE QA 432 -40.74 18.55 41.43
N ARG QA 433 -41.51 18.34 42.49
CA ARG QA 433 -40.91 18.19 43.86
C ARG QA 433 -39.99 16.98 43.87
N ARG QA 434 -40.36 15.91 43.17
CA ARG QA 434 -39.58 14.68 43.15
C ARG QA 434 -38.35 14.83 42.27
N TYR QA 435 -38.49 15.54 41.16
CA TYR QA 435 -37.40 15.77 40.25
C TYR QA 435 -36.26 16.46 40.96
N PHE QA 436 -36.58 17.51 41.70
CA PHE QA 436 -35.51 18.20 42.38
C PHE QA 436 -34.87 17.39 43.48
N ASN QA 437 -35.64 16.59 44.24
CA ASN QA 437 -34.97 15.80 45.26
C ASN QA 437 -34.02 14.78 44.62
N TYR QA 438 -34.41 14.24 43.48
CA TYR QA 438 -33.56 13.29 42.80
C TYR QA 438 -32.23 13.92 42.43
N LEU QA 439 -32.29 15.12 41.85
CA LEU QA 439 -31.07 15.76 41.44
C LEU QA 439 -30.18 16.03 42.65
N GLU QA 440 -30.78 16.41 43.78
CA GLU QA 440 -29.99 16.71 44.95
C GLU QA 440 -29.27 15.48 45.47
N GLU QA 441 -29.94 14.34 45.47
CA GLU QA 441 -29.23 13.17 45.97
C GLU QA 441 -28.00 12.90 45.13
N SER QA 442 -28.12 12.99 43.80
CA SER QA 442 -26.97 12.69 42.96
C SER QA 442 -25.85 13.70 43.10
N ILE QA 443 -26.19 14.98 43.19
CA ILE QA 443 -25.15 15.98 43.30
C ILE QA 443 -24.41 15.86 44.61
N LEU QA 444 -25.12 15.64 45.73
CA LEU QA 444 -24.40 15.55 46.98
C LEU QA 444 -23.52 14.33 47.07
N ILE QA 445 -23.98 13.17 46.60
CA ILE QA 445 -23.13 12.00 46.73
C ILE QA 445 -21.89 12.14 45.88
N GLY QA 446 -22.02 12.85 44.77
CA GLY QA 446 -20.93 13.09 43.86
C GLY QA 446 -19.80 13.99 44.39
N THR QA 447 -19.98 14.73 45.49
CA THR QA 447 -18.86 15.56 45.92
C THR QA 447 -18.25 15.17 47.25
N GLN QA 448 -16.99 14.75 47.20
CA GLN QA 448 -16.24 14.32 48.38
C GLN QA 448 -15.34 15.43 48.91
N TRP QA 449 -15.32 16.53 48.20
CA TRP QA 449 -14.43 17.65 48.47
C TRP QA 449 -14.97 18.52 49.57
N VAL QA 450 -15.04 17.98 50.77
CA VAL QA 450 -15.63 18.70 51.88
C VAL QA 450 -14.58 19.47 52.65
N VAL QA 451 -13.46 18.81 52.99
CA VAL QA 451 -12.40 19.49 53.71
C VAL QA 451 -11.11 19.31 52.96
N PHE QA 452 -10.81 20.26 52.07
CA PHE QA 452 -9.60 20.24 51.26
C PHE QA 452 -9.34 21.60 50.64
N GLU QA 453 -8.57 22.42 51.34
CA GLU QA 453 -8.23 23.78 50.88
C GLU QA 453 -9.46 24.56 50.42
N PRO QA 454 -10.38 24.85 51.36
CA PRO QA 454 -11.61 25.58 51.08
C PRO QA 454 -11.35 26.92 50.40
N ASN QA 455 -10.07 27.24 50.18
CA ASN QA 455 -9.70 28.52 49.53
C ASN QA 455 -9.28 28.25 48.07
N ASP QA 456 -8.76 27.04 47.79
CA ASP QA 456 -8.27 26.73 46.42
C ASP QA 456 -9.33 27.12 45.38
N HIS QA 457 -8.92 27.88 44.37
CA HIS QA 457 -9.86 28.29 43.29
C HIS QA 457 -9.96 27.16 42.25
N ASN QA 458 -8.88 26.38 42.09
CA ASN QA 458 -8.90 25.33 41.11
C ASN QA 458 -10.07 24.40 41.39
N LEU QA 459 -10.55 24.40 42.64
CA LEU QA 459 -11.69 23.60 42.99
C LEU QA 459 -12.91 24.13 42.27
N TRP QA 460 -12.99 25.43 42.01
CA TRP QA 460 -14.18 25.95 41.38
C TRP QA 460 -14.26 25.35 40.01
N ALA QA 461 -13.11 25.27 39.34
CA ALA QA 461 -13.10 24.67 38.02
C ALA QA 461 -13.50 23.21 38.05
N ARG QA 462 -13.05 22.47 39.06
CA ARG QA 462 -13.39 21.06 39.15
C ARG QA 462 -14.89 20.90 39.41
N ILE QA 463 -15.47 21.81 40.18
CA ILE QA 463 -16.89 21.77 40.44
C ILE QA 463 -17.68 22.01 39.18
N ARG QA 464 -17.32 23.03 38.41
CA ARG QA 464 -18.09 23.31 37.23
C ARG QA 464 -18.05 22.12 36.31
N ARG QA 465 -16.89 21.48 36.22
CA ARG QA 465 -16.76 20.33 35.36
C ARG QA 465 -17.73 19.21 35.72
N ASN QA 466 -17.79 18.87 37.00
CA ASN QA 466 -18.65 17.75 37.36
C ASN QA 466 -20.12 18.06 37.22
N VAL QA 467 -20.50 19.28 37.55
CA VAL QA 467 -21.90 19.65 37.50
C VAL QA 467 -22.38 19.70 36.07
N SER QA 468 -21.60 20.31 35.19
CA SER QA 468 -21.97 20.39 33.80
C SER QA 468 -22.11 19.02 33.19
N ALA QA 469 -21.16 18.13 33.44
CA ALA QA 469 -21.29 16.83 32.82
C ALA QA 469 -22.59 16.13 33.21
N PHE QA 470 -22.97 16.23 34.48
CA PHE QA 470 -24.19 15.59 34.92
C PHE QA 470 -25.45 16.18 34.29
N LEU QA 471 -25.55 17.49 34.28
CA LEU QA 471 -26.78 18.08 33.81
C LEU QA 471 -26.90 18.02 32.31
N VAL QA 472 -25.80 18.11 31.57
CA VAL QA 472 -25.94 18.01 30.13
C VAL QA 472 -26.42 16.61 29.78
N ASN QA 473 -25.91 15.59 30.46
CA ASN QA 473 -26.37 14.26 30.17
C ASN QA 473 -27.91 14.17 30.32
N GLU QA 474 -28.48 14.91 31.28
CA GLU QA 474 -29.94 14.94 31.47
C GLU QA 474 -30.64 15.69 30.32
N TRP QA 475 -30.02 16.77 29.84
CA TRP QA 475 -30.51 17.56 28.71
C TRP QA 475 -30.65 16.72 27.45
N ARG QA 476 -29.70 15.83 27.25
CA ARG QA 476 -29.65 15.01 26.05
C ARG QA 476 -30.70 13.88 26.08
N ASN QA 477 -31.44 13.81 27.19
CA ASN QA 477 -32.51 12.89 27.47
C ASN QA 477 -33.77 13.75 27.68
N GLY QA 478 -34.72 13.33 28.49
CA GLY QA 478 -35.98 14.07 28.58
C GLY QA 478 -36.11 15.07 29.74
N ALA QA 479 -35.03 15.36 30.45
CA ALA QA 479 -35.16 16.20 31.62
C ALA QA 479 -35.51 17.68 31.40
N LEU QA 480 -35.01 18.29 30.33
CA LEU QA 480 -35.18 19.74 30.23
C LEU QA 480 -35.94 20.23 29.03
N PHE QA 481 -36.73 21.25 29.27
CA PHE QA 481 -37.56 21.82 28.23
C PHE QA 481 -36.84 22.87 27.40
N GLY QA 482 -35.93 22.42 26.52
CA GLY QA 482 -35.19 23.37 25.67
C GLY QA 482 -34.35 22.71 24.57
N GLN QA 483 -33.97 23.54 23.59
CA GLN QA 483 -33.24 23.12 22.38
C GLN QA 483 -31.73 22.96 22.50
N SER QA 484 -31.19 23.44 23.58
CA SER QA 484 -29.76 23.43 23.80
C SER QA 484 -29.50 23.69 25.25
N PRO QA 485 -28.44 23.14 25.87
CA PRO QA 485 -28.09 23.44 27.24
C PRO QA 485 -27.99 24.96 27.43
N ASP QA 486 -27.62 25.71 26.39
CA ASP QA 486 -27.51 27.15 26.56
C ASP QA 486 -28.82 27.80 27.02
N GLN QA 487 -29.95 27.25 26.62
CA GLN QA 487 -31.25 27.80 26.98
C GLN QA 487 -31.98 26.89 27.96
N ALA QA 488 -31.29 25.88 28.49
CA ALA QA 488 -31.97 24.91 29.35
C ALA QA 488 -31.27 24.68 30.68
N TYR QA 489 -29.95 24.87 30.71
CA TYR QA 489 -29.19 24.56 31.95
C TYR QA 489 -28.10 25.61 32.20
N TYR QA 490 -27.92 25.98 33.47
CA TYR QA 490 -26.90 26.95 33.85
C TYR QA 490 -26.11 26.59 35.09
N VAL QA 491 -24.79 26.76 35.04
CA VAL QA 491 -23.97 26.64 36.23
C VAL QA 491 -22.91 27.72 36.31
N LYS QA 492 -22.72 28.29 37.49
CA LYS QA 492 -21.63 29.24 37.69
C LYS QA 492 -20.96 29.11 39.05
N CYS QA 493 -19.64 29.17 39.05
CA CYS QA 493 -18.87 29.10 40.29
C CYS QA 493 -17.59 29.87 40.07
N ASP QA 494 -17.51 31.01 40.74
CA ASP QA 494 -16.42 31.97 40.55
C ASP QA 494 -16.15 32.76 41.83
N GLU QA 495 -15.19 33.67 41.78
CA GLU QA 495 -14.82 34.48 42.93
C GLU QA 495 -16.01 35.28 43.45
N GLU QA 496 -16.86 35.75 42.57
CA GLU QA 496 -18.02 36.51 43.00
C GLU QA 496 -19.07 35.65 43.73
N THR QA 497 -19.00 34.32 43.60
CA THR QA 497 -19.98 33.46 44.23
C THR QA 497 -19.35 32.90 45.51
N ASN QA 498 -18.01 32.95 45.57
CA ASN QA 498 -17.17 32.50 46.67
C ASN QA 498 -16.28 33.66 47.10
N PRO QA 499 -16.82 34.62 47.90
CA PRO QA 499 -16.24 35.90 48.24
C PRO QA 499 -14.82 35.72 48.76
N PRO QA 500 -13.95 36.74 48.57
CA PRO QA 500 -12.53 36.75 48.84
C PRO QA 500 -12.17 36.44 50.27
N GLU QA 501 -13.07 36.66 51.22
CA GLU QA 501 -12.74 36.34 52.59
C GLU QA 501 -12.30 34.88 52.67
N SER QA 502 -12.88 34.04 51.81
CA SER QA 502 -12.51 32.60 51.76
C SER QA 502 -13.00 31.89 53.04
N VAL QA 503 -14.27 32.12 53.41
CA VAL QA 503 -14.85 31.44 54.60
C VAL QA 503 -15.05 29.96 54.26
N ASP QA 504 -15.05 29.10 55.28
CA ASP QA 504 -15.26 27.64 55.05
C ASP QA 504 -16.59 27.43 54.31
N LEU QA 505 -17.51 28.39 54.44
CA LEU QA 505 -18.81 28.31 53.73
C LEU QA 505 -18.58 28.50 52.23
N GLY QA 506 -17.46 28.02 51.70
CA GLY QA 506 -17.18 28.09 50.28
C GLY QA 506 -18.11 27.14 49.56
N ARG QA 507 -17.63 26.60 48.44
CA ARG QA 507 -18.44 25.64 47.65
C ARG QA 507 -19.72 26.31 47.15
N VAL QA 508 -19.68 27.60 46.78
CA VAL QA 508 -20.91 28.18 46.29
C VAL QA 508 -21.01 28.02 44.81
N VAL QA 509 -22.09 27.37 44.38
CA VAL QA 509 -22.32 27.11 42.98
C VAL QA 509 -23.72 27.59 42.60
N CYS QA 510 -23.83 28.49 41.67
CA CYS QA 510 -25.13 29.00 41.29
C CYS QA 510 -25.67 28.17 40.15
N GLU QA 511 -26.91 27.69 40.27
CA GLU QA 511 -27.47 26.84 39.23
C GLU QA 511 -28.89 27.16 38.80
N ILE QA 512 -29.20 26.93 37.52
CA ILE QA 512 -30.58 27.01 37.05
C ILE QA 512 -30.99 25.61 36.62
N GLY QA 513 -31.99 25.08 37.34
CA GLY QA 513 -32.46 23.72 37.18
C GLY QA 513 -33.18 23.42 35.88
N ILE QA 514 -33.95 24.39 35.41
CA ILE QA 514 -34.74 24.32 34.19
C ILE QA 514 -35.22 25.73 33.98
N ALA QA 515 -35.31 26.41 35.11
CA ALA QA 515 -35.74 27.81 35.27
C ALA QA 515 -35.64 28.24 36.74
N PRO QA 516 -36.05 27.45 37.76
CA PRO QA 516 -35.89 27.76 39.15
C PRO QA 516 -34.42 27.88 39.47
N VAL QA 517 -34.11 28.79 40.36
CA VAL QA 517 -32.74 29.03 40.76
C VAL QA 517 -32.40 28.28 42.07
N LYS QA 518 -31.26 27.58 42.05
CA LYS QA 518 -30.67 26.76 43.11
C LYS QA 518 -29.15 26.91 43.04
N MET RA 1 -32.00 23.74 6.88
CA MET RA 1 -32.54 23.70 5.53
C MET RA 1 -32.83 25.13 5.00
N SER RA 2 -31.89 26.08 5.24
CA SER RA 2 -31.95 27.50 4.87
C SER RA 2 -31.85 27.81 3.37
N LEU RA 3 -31.29 26.89 2.63
CA LEU RA 3 -31.12 27.01 1.20
C LEU RA 3 -32.00 25.99 0.51
N PRO RA 4 -32.36 26.14 -0.78
CA PRO RA 4 -33.02 25.15 -1.62
C PRO RA 4 -32.08 24.00 -2.00
N LYS RA 5 -30.81 24.28 -1.82
CA LYS RA 5 -29.66 23.44 -2.13
C LYS RA 5 -29.41 22.14 -1.28
N PRO RA 6 -29.78 22.14 0.02
CA PRO RA 6 -29.49 21.01 0.89
C PRO RA 6 -30.50 19.88 0.79
N GLU RA 7 -30.07 18.71 1.22
CA GLU RA 7 -30.88 17.54 1.24
C GLU RA 7 -30.97 17.11 2.66
N ASP RA 8 -32.01 16.39 3.02
CA ASP RA 8 -32.01 15.91 4.37
C ASP RA 8 -30.76 15.09 4.51
N VAL RA 9 -29.96 15.39 5.52
CA VAL RA 9 -28.72 14.59 5.78
C VAL RA 9 -29.11 13.55 6.82
N LEU RA 10 -28.65 12.30 6.69
CA LEU RA 10 -29.07 11.40 7.73
C LEU RA 10 -28.57 11.95 9.08
N VAL RA 11 -29.54 12.30 9.94
CA VAL RA 11 -29.30 12.94 11.23
C VAL RA 11 -29.84 12.22 12.46
N ALA RA 12 -31.13 11.84 12.42
CA ALA RA 12 -31.75 11.21 13.58
C ALA RA 12 -33.15 10.71 13.35
N PRO RA 13 -33.32 9.50 12.74
CA PRO RA 13 -34.63 8.91 12.56
C PRO RA 13 -35.09 8.43 13.94
N ASN RA 14 -36.35 8.68 14.29
CA ASN RA 14 -36.84 8.33 15.61
C ASN RA 14 -38.19 7.65 15.57
N PHE RA 15 -38.68 7.24 16.74
CA PHE RA 15 -39.94 6.51 16.77
C PHE RA 15 -41.05 6.95 17.72
N GLY RA 16 -42.16 7.31 17.11
CA GLY RA 16 -43.37 7.68 17.80
C GLY RA 16 -44.14 6.39 18.05
N ILE RA 17 -43.67 5.62 19.00
CA ILE RA 17 -44.20 4.29 19.27
C ILE RA 17 -44.70 4.09 20.70
N GLN RA 18 -45.50 3.04 20.88
CA GLN RA 18 -46.15 2.69 22.16
C GLN RA 18 -45.36 1.67 22.99
N ILE RA 19 -44.20 1.31 22.50
CA ILE RA 19 -43.30 0.34 23.10
C ILE RA 19 -41.96 1.05 23.32
N ASP RA 20 -41.24 0.77 24.40
CA ASP RA 20 -40.02 1.53 24.66
C ASP RA 20 -38.78 1.13 23.87
N GLY RA 21 -38.86 1.37 22.58
CA GLY RA 21 -37.80 1.11 21.61
C GLY RA 21 -36.86 2.30 21.58
N VAL RA 22 -36.25 2.57 22.73
CA VAL RA 22 -35.47 3.79 22.91
C VAL RA 22 -34.13 3.89 22.20
N MET RA 23 -33.36 2.83 22.06
CA MET RA 23 -32.08 3.03 21.38
C MET RA 23 -31.86 2.09 20.22
N VAL RA 24 -31.68 2.69 19.06
CA VAL RA 24 -31.58 1.98 17.80
C VAL RA 24 -30.36 2.33 16.97
N GLU RA 25 -30.05 1.44 16.02
CA GLU RA 25 -28.98 1.69 15.06
C GLU RA 25 -29.49 2.02 13.67
N TYR RA 26 -30.50 1.30 13.19
CA TYR RA 26 -31.00 1.54 11.84
C TYR RA 26 -32.42 1.09 11.57
N LEU RA 27 -32.93 1.63 10.47
CA LEU RA 27 -34.20 1.25 9.89
C LEU RA 27 -34.05 1.07 8.37
N ASN RA 28 -34.39 -0.14 7.89
CA ASN RA 28 -34.26 -0.47 6.48
C ASN RA 28 -35.55 -0.95 5.80
N SER RA 29 -35.44 -1.24 4.50
CA SER RA 29 -36.51 -1.77 3.65
C SER RA 29 -37.81 -0.97 3.63
N VAL RA 30 -37.71 0.34 3.45
CA VAL RA 30 -38.90 1.17 3.39
C VAL RA 30 -39.23 1.58 1.95
N SER RA 31 -40.41 1.18 1.49
CA SER RA 31 -40.85 1.45 0.11
C SER RA 31 -42.37 1.58 -0.02
N ASN RA 32 -42.80 2.15 -1.14
CA ASN RA 32 -44.21 2.37 -1.50
C ASN RA 32 -44.54 1.83 -2.91
N LEU RA 33 -45.21 0.67 -2.96
CA LEU RA 33 -45.48 0.04 -4.25
C LEU RA 33 -46.87 0.19 -4.85
N GLN RA 34 -46.90 0.41 -6.16
CA GLN RA 34 -48.12 0.52 -6.94
C GLN RA 34 -48.08 -0.60 -7.95
N ILE RA 35 -49.14 -1.41 -8.01
CA ILE RA 35 -49.15 -2.55 -8.92
C ILE RA 35 -49.64 -2.26 -10.33
N GLU RA 36 -48.81 -2.60 -11.32
CA GLU RA 36 -49.18 -2.40 -12.73
C GLU RA 36 -49.39 -3.73 -13.47
N GLN RA 37 -50.10 -3.71 -14.59
CA GLN RA 37 -50.19 -4.92 -15.43
C GLN RA 37 -50.11 -4.58 -16.92
N ASP RA 38 -49.56 -5.51 -17.72
CA ASP RA 38 -49.38 -5.37 -19.17
C ASP RA 38 -50.44 -5.99 -20.05
N VAL RA 39 -51.19 -5.17 -20.75
CA VAL RA 39 -52.24 -5.69 -21.60
C VAL RA 39 -52.08 -5.34 -23.06
N ILE RA 40 -52.05 -6.36 -23.93
CA ILE RA 40 -51.85 -6.11 -25.37
C ILE RA 40 -53.03 -6.50 -26.25
N ARG RA 41 -53.48 -5.57 -27.08
CA ARG RA 41 -54.60 -5.83 -27.99
C ARG RA 41 -54.39 -5.28 -29.38
N TYR RA 42 -55.19 -5.77 -30.33
CA TYR RA 42 -55.11 -5.32 -31.73
C TYR RA 42 -56.18 -4.29 -32.08
N GLN RA 43 -55.80 -3.27 -32.84
CA GLN RA 43 -56.70 -2.19 -33.26
C GLN RA 43 -57.72 -2.56 -34.33
N GLN RA 44 -58.84 -1.82 -34.35
CA GLN RA 44 -59.92 -2.02 -35.31
C GLN RA 44 -59.44 -1.95 -36.77
N ASN RA 45 -59.28 -3.13 -37.35
CA ASN RA 45 -58.80 -3.41 -38.70
C ASN RA 45 -57.95 -2.32 -39.34
N GLN RA 46 -57.10 -1.66 -38.57
CA GLN RA 46 -56.30 -0.61 -39.17
C GLN RA 46 -54.89 -1.02 -39.54
N GLY RA 47 -54.50 -2.26 -39.27
CA GLY RA 47 -53.13 -2.66 -39.60
C GLY RA 47 -52.12 -2.11 -38.60
N THR RA 48 -52.52 -1.97 -37.35
CA THR RA 48 -51.63 -1.44 -36.36
C THR RA 48 -50.99 -2.58 -35.64
N THR RA 49 -49.97 -2.27 -34.88
CA THR RA 49 -49.34 -3.25 -34.05
C THR RA 49 -50.27 -3.37 -32.90
N GLY RA 50 -50.02 -4.30 -32.03
CA GLY RA 50 -50.91 -4.32 -30.92
C GLY RA 50 -50.56 -3.10 -30.11
N ARG RA 51 -51.42 -2.76 -29.16
CA ARG RA 51 -51.21 -1.61 -28.29
C ARG RA 51 -51.12 -2.11 -26.86
N ASN RA 52 -50.06 -1.70 -26.17
CA ASN RA 52 -49.84 -2.12 -24.80
C ASN RA 52 -50.34 -1.09 -23.84
N ASN RA 53 -51.23 -1.49 -22.95
CA ASN RA 53 -51.82 -0.66 -21.92
C ASN RA 53 -51.11 -0.92 -20.59
N VAL RA 54 -50.31 0.04 -20.11
CA VAL RA 54 -49.62 -0.23 -18.83
C VAL RA 54 -49.98 0.84 -17.84
N THR RA 55 -51.10 1.51 -18.06
CA THR RA 55 -51.51 2.60 -17.18
C THR RA 55 -52.61 2.13 -16.26
N LEU RA 56 -52.83 0.84 -16.28
CA LEU RA 56 -53.82 0.19 -15.48
C LEU RA 56 -53.33 0.23 -14.06
N MET RA 57 -54.23 0.33 -13.12
CA MET RA 57 -53.90 0.45 -11.71
C MET RA 57 -54.60 -0.60 -10.84
N PRO RA 58 -54.32 -1.91 -11.01
CA PRO RA 58 -54.97 -3.02 -10.33
C PRO RA 58 -54.79 -3.18 -8.81
N GLY RA 59 -53.73 -2.65 -8.21
CA GLY RA 59 -53.68 -2.86 -6.75
C GLY RA 59 -52.42 -2.36 -6.07
N VAL RA 60 -52.40 -2.42 -4.74
CA VAL RA 60 -51.26 -1.94 -3.93
C VAL RA 60 -50.67 -3.03 -3.03
N ALA RA 61 -49.34 -3.11 -3.02
CA ALA RA 61 -48.58 -4.09 -2.24
C ALA RA 61 -48.51 -3.76 -0.75
N LYS RA 62 -48.33 -4.80 0.07
CA LYS RA 62 -48.15 -4.67 1.52
C LYS RA 62 -46.81 -5.32 1.85
N ASP RA 63 -46.17 -4.89 2.93
CA ASP RA 63 -44.86 -5.44 3.31
C ASP RA 63 -44.54 -5.18 4.79
N GLY RA 64 -43.28 -5.38 5.15
CA GLY RA 64 -42.80 -5.18 6.51
C GLY RA 64 -41.50 -4.39 6.54
N SER RA 65 -41.25 -3.73 7.66
CA SER RA 65 -40.03 -2.92 7.80
C SER RA 65 -39.08 -3.48 8.86
N VAL RA 66 -37.80 -3.62 8.48
CA VAL RA 66 -36.78 -4.14 9.37
C VAL RA 66 -36.21 -3.04 10.27
N GLN RA 67 -35.82 -3.41 11.48
CA GLN RA 67 -35.27 -2.46 12.44
C GLN RA 67 -34.33 -3.13 13.41
N VAL RA 68 -33.21 -2.44 13.69
CA VAL RA 68 -32.17 -3.04 14.57
C VAL RA 68 -32.11 -2.35 15.92
N GLU RA 69 -32.28 -3.11 17.00
CA GLU RA 69 -32.16 -2.63 18.35
C GLU RA 69 -30.68 -2.49 18.48
N ARG RA 70 -30.23 -1.38 19.07
CA ARG RA 70 -28.80 -1.18 19.16
C ARG RA 70 -28.10 -2.39 19.74
N GLY RA 71 -28.68 -3.03 20.74
CA GLY RA 71 -28.05 -4.22 21.26
C GLY RA 71 -28.84 -4.88 22.34
N MET RA 72 -28.41 -6.07 22.69
CA MET RA 72 -29.08 -6.78 23.76
C MET RA 72 -28.70 -6.12 25.06
N SER RA 73 -29.65 -6.09 25.98
CA SER RA 73 -29.45 -5.52 27.30
C SER RA 73 -30.44 -6.20 28.20
N GLN RA 74 -30.46 -5.84 29.47
CA GLN RA 74 -31.36 -6.44 30.42
C GLN RA 74 -32.81 -6.04 30.23
N SER RA 75 -33.09 -5.00 29.43
CA SER RA 75 -34.46 -4.57 29.25
C SER RA 75 -35.28 -5.55 28.42
N SER RA 76 -36.51 -5.81 28.85
CA SER RA 76 -37.39 -6.67 28.09
C SER RA 76 -38.41 -5.80 27.39
N VAL RA 77 -38.27 -5.69 26.09
CA VAL RA 77 -39.14 -4.83 25.32
C VAL RA 77 -39.78 -5.61 24.20
N PHE RA 78 -38.95 -6.02 23.24
CA PHE RA 78 -39.48 -6.73 22.04
C PHE RA 78 -39.87 -8.16 22.42
N THR RA 79 -39.19 -8.73 23.43
CA THR RA 79 -39.47 -10.10 23.77
C THR RA 79 -40.90 -10.22 24.26
N GLN RA 80 -41.36 -9.23 25.00
CA GLN RA 80 -42.73 -9.31 25.47
C GLN RA 80 -43.68 -9.16 24.31
N TRP RA 81 -43.34 -8.27 23.38
CA TRP RA 81 -44.22 -8.03 22.27
C TRP RA 81 -44.38 -9.29 21.43
N ILE RA 82 -43.27 -9.95 21.11
CA ILE RA 82 -43.39 -11.13 20.28
C ILE RA 82 -44.11 -12.23 21.03
N ASN RA 83 -43.92 -12.33 22.36
CA ASN RA 83 -44.61 -13.37 23.08
C ASN RA 83 -46.13 -13.16 23.06
N ASP RA 84 -46.58 -11.90 23.12
CA ASP RA 84 -48.02 -11.67 23.11
C ASP RA 84 -48.62 -12.14 21.79
N SER RA 85 -47.90 -11.89 20.69
CA SER RA 85 -48.39 -12.33 19.39
C SER RA 85 -48.36 -13.85 19.27
N MET RA 86 -47.32 -14.50 19.77
CA MET RA 86 -47.25 -15.96 19.65
C MET RA 86 -48.36 -16.62 20.45
N ALA RA 87 -48.74 -15.97 21.54
CA ALA RA 87 -49.79 -16.41 22.42
C ALA RA 87 -51.18 -16.34 21.78
N GLY RA 88 -51.31 -15.59 20.69
CA GLY RA 88 -52.60 -15.43 20.03
C GLY RA 88 -53.36 -14.15 20.39
N ARG RA 89 -52.75 -13.22 21.12
CA ARG RA 89 -53.50 -12.01 21.43
C ARG RA 89 -53.39 -11.07 20.26
N MET RA 90 -54.45 -10.36 19.92
CA MET RA 90 -54.23 -9.37 18.89
C MET RA 90 -53.49 -8.27 19.61
N ALA RA 91 -52.28 -8.00 19.17
CA ALA RA 91 -51.38 -7.10 19.87
C ALA RA 91 -50.65 -6.18 18.92
N THR RA 92 -51.41 -5.28 18.29
CA THR RA 92 -50.85 -4.39 17.30
C THR RA 92 -50.79 -2.98 17.85
N ALA RA 93 -50.08 -2.11 17.14
CA ALA RA 93 -49.96 -0.70 17.51
C ALA RA 93 -49.60 0.12 16.31
N ARG RA 94 -49.81 1.44 16.34
CA ARG RA 94 -49.37 2.30 15.21
C ARG RA 94 -47.90 2.65 15.37
N LYS RA 95 -47.15 2.83 14.27
CA LYS RA 95 -45.76 3.25 14.42
C LYS RA 95 -45.43 4.48 13.60
N ASN RA 96 -44.94 5.54 14.24
CA ASN RA 96 -44.56 6.74 13.51
C ASN RA 96 -43.06 6.93 13.32
N ALA RA 97 -42.57 6.72 12.10
CA ALA RA 97 -41.15 6.88 11.85
C ALA RA 97 -40.90 8.36 11.54
N THR RA 98 -40.06 9.01 12.33
CA THR RA 98 -39.84 10.45 12.19
C THR RA 98 -38.46 10.83 11.72
N ILE RA 99 -38.45 11.81 10.79
CA ILE RA 99 -37.19 12.25 10.13
C ILE RA 99 -36.75 13.66 10.54
N ILE RA 100 -35.62 13.77 11.22
CA ILE RA 100 -34.91 14.97 11.63
C ILE RA 100 -33.91 15.44 10.62
N VAL RA 101 -33.82 16.76 10.48
CA VAL RA 101 -32.86 17.37 9.59
C VAL RA 101 -31.69 17.97 10.35
N MET RA 102 -30.87 18.76 9.68
CA MET RA 102 -29.62 19.26 10.26
C MET RA 102 -29.81 19.80 11.67
N ASP RA 103 -30.79 20.67 11.83
CA ASP RA 103 -31.16 21.21 13.12
C ASP RA 103 -32.16 20.24 13.72
N TYR RA 104 -31.86 19.69 14.89
CA TYR RA 104 -32.65 18.65 15.54
C TYR RA 104 -34.08 19.06 15.91
N GLU RA 105 -34.30 20.38 15.97
CA GLU RA 105 -35.63 20.92 16.24
C GLU RA 105 -36.55 20.66 15.05
N ASP RA 106 -35.98 20.60 13.86
CA ASP RA 106 -36.76 20.44 12.66
C ASP RA 106 -37.05 18.98 12.36
N ASN RA 107 -38.34 18.67 12.29
CA ASN RA 107 -38.86 17.33 12.08
C ASN RA 107 -39.90 17.29 10.95
N PRO RA 108 -39.52 17.65 9.71
CA PRO RA 108 -40.37 17.78 8.55
C PRO RA 108 -40.93 16.50 7.92
N VAL RA 109 -40.34 15.33 8.16
CA VAL RA 109 -40.88 14.18 7.44
C VAL RA 109 -41.31 13.04 8.33
N LYS RA 110 -42.52 12.57 8.11
CA LYS RA 110 -43.04 11.46 8.90
C LYS RA 110 -43.64 10.37 8.03
N ARG RA 111 -43.55 9.13 8.50
CA ARG RA 111 -44.13 7.99 7.73
C ARG RA 111 -44.84 7.06 8.73
N TRP RA 112 -46.12 6.80 8.51
CA TRP RA 112 -46.85 5.99 9.45
C TRP RA 112 -47.19 4.62 9.00
N ASN RA 113 -46.93 3.64 9.88
CA ASN RA 113 -47.32 2.25 9.58
C ASN RA 113 -48.72 2.05 10.14
N LEU RA 114 -49.57 1.28 9.45
CA LEU RA 114 -50.98 1.13 9.92
C LEU RA 114 -50.97 0.71 11.39
N ARG RA 115 -51.96 1.16 12.15
CA ARG RA 115 -52.04 0.83 13.61
C ARG RA 115 -52.07 -0.69 13.78
N ASN RA 116 -52.32 -1.43 12.69
CA ASN RA 116 -52.30 -2.91 12.75
C ASN RA 116 -50.84 -3.39 12.77
N ALA RA 117 -49.88 -2.45 12.75
CA ALA RA 117 -48.45 -2.81 12.78
C ALA RA 117 -48.25 -4.03 13.69
N TRP RA 118 -47.66 -5.10 13.15
CA TRP RA 118 -47.53 -6.36 13.94
C TRP RA 118 -46.14 -6.97 13.78
N CYS RA 119 -45.58 -7.51 14.86
CA CYS RA 119 -44.24 -8.13 14.85
C CYS RA 119 -44.26 -9.64 14.72
N SER RA 120 -43.32 -10.17 13.92
CA SER RA 120 -43.31 -11.64 13.70
C SER RA 120 -41.91 -12.25 13.86
N LYS RA 121 -40.83 -11.46 13.77
CA LYS RA 121 -39.54 -12.16 13.86
C LYS RA 121 -38.44 -11.42 14.57
N VAL RA 122 -37.72 -12.15 15.41
CA VAL RA 122 -36.55 -11.59 16.09
C VAL RA 122 -35.30 -12.43 15.85
N VAL RA 123 -34.22 -11.79 15.40
CA VAL RA 123 -32.96 -12.48 15.12
C VAL RA 123 -31.77 -11.94 15.90
N ALA RA 124 -31.02 -12.82 16.56
CA ALA RA 124 -29.85 -12.38 17.32
C ALA RA 124 -28.60 -12.43 16.46
N GLY RA 125 -27.63 -11.56 16.74
CA GLY RA 125 -26.35 -11.64 16.04
C GLY RA 125 -25.58 -12.83 16.58
N THR RA 126 -24.40 -13.12 16.02
CA THR RA 126 -23.62 -14.29 16.43
C THR RA 126 -22.68 -14.07 17.59
N LEU RA 127 -22.27 -15.16 18.22
CA LEU RA 127 -21.35 -15.10 19.33
C LEU RA 127 -20.04 -15.81 19.04
N LYS RA 128 -18.92 -15.09 18.90
CA LYS RA 128 -17.63 -15.75 18.59
C LYS RA 128 -16.42 -15.26 19.40
N ALA RA 129 -15.65 -16.21 19.93
CA ALA RA 129 -14.48 -15.90 20.73
C ALA RA 129 -13.50 -15.09 19.95
N GLY RA 130 -12.98 -14.06 20.59
CA GLY RA 130 -11.98 -13.20 19.96
C GLY RA 130 -12.59 -12.10 19.12
N ASP RA 131 -13.91 -12.06 18.97
CA ASP RA 131 -14.54 -11.04 18.17
C ASP RA 131 -14.78 -9.80 19.01
N THR RA 132 -13.98 -8.79 18.77
CA THR RA 132 -13.97 -7.57 19.55
C THR RA 132 -14.76 -6.49 18.86
N ASN RA 133 -15.42 -6.85 17.78
CA ASN RA 133 -16.16 -5.90 17.00
C ASN RA 133 -17.64 -6.23 16.96
N ALA RA 134 -18.15 -6.84 18.01
CA ALA RA 134 -19.55 -7.19 18.00
C ALA RA 134 -20.21 -7.02 19.35
N LEU RA 135 -21.44 -6.53 19.27
CA LEU RA 135 -22.30 -6.34 20.42
C LEU RA 135 -23.52 -7.19 20.42
N THR RA 136 -23.55 -8.23 19.62
CA THR RA 136 -24.72 -9.07 19.64
C THR RA 136 -26.01 -8.25 19.59
N GLU RA 137 -26.30 -7.71 18.41
CA GLU RA 137 -27.47 -6.88 18.20
C GLU RA 137 -28.70 -7.71 18.00
N THR RA 138 -29.86 -7.05 17.85
CA THR RA 138 -31.06 -7.83 17.53
C THR RA 138 -31.81 -7.19 16.38
N ILE RA 139 -32.39 -8.02 15.54
CA ILE RA 139 -33.20 -7.52 14.45
C ILE RA 139 -34.65 -7.85 14.68
N THR RA 140 -35.49 -6.85 14.58
CA THR RA 140 -36.92 -7.06 14.75
C THR RA 140 -37.65 -6.76 13.45
N ILE RA 141 -38.49 -7.69 13.01
CA ILE RA 141 -39.25 -7.51 11.78
C ILE RA 141 -40.74 -7.33 12.02
N VAL RA 142 -41.22 -6.19 11.51
CA VAL RA 142 -42.58 -5.66 11.65
C VAL RA 142 -43.32 -5.45 10.33
N PHE RA 143 -44.61 -5.82 10.38
CA PHE RA 143 -45.44 -5.78 9.15
C PHE RA 143 -46.27 -4.51 9.04
N GLU RA 144 -46.40 -4.01 7.83
CA GLU RA 144 -47.20 -2.85 7.48
C GLU RA 144 -48.38 -3.14 6.54
N GLU RA 145 -49.61 -3.14 7.09
CA GLU RA 145 -50.79 -3.35 6.24
C GLU RA 145 -51.01 -2.16 5.32
N LEU RA 146 -50.73 -0.99 5.85
CA LEU RA 146 -50.93 0.24 5.12
C LEU RA 146 -49.90 1.28 5.53
N VAL RA 147 -49.36 1.98 4.55
CA VAL RA 147 -48.39 3.03 4.86
C VAL RA 147 -48.83 4.39 4.39
N VAL RA 148 -48.75 5.34 5.30
CA VAL RA 148 -49.12 6.71 5.03
C VAL RA 148 -47.90 7.64 5.03
N GLU RA 149 -47.75 8.43 3.95
CA GLU RA 149 -46.68 9.42 3.75
C GLU RA 149 -46.55 10.38 4.94
N MET SA 1 6.34 31.82 69.26
CA MET SA 1 7.51 31.52 68.46
C MET SA 1 8.21 30.22 69.01
N PRO SA 2 8.01 28.98 68.40
CA PRO SA 2 8.67 27.72 68.74
C PRO SA 2 10.17 27.85 68.53
N SER SA 3 11.00 27.09 69.23
CA SER SA 3 12.43 27.29 69.08
C SER SA 3 12.88 27.27 67.64
N TYR SA 4 13.63 28.31 67.31
CA TYR SA 4 14.22 28.58 66.02
C TYR SA 4 15.72 28.71 66.19
N LEU SA 5 16.14 28.36 67.37
CA LEU SA 5 17.54 28.43 67.77
C LEU SA 5 18.18 27.11 68.12
N SER SA 6 17.51 26.33 68.92
CA SER SA 6 18.18 25.16 69.42
C SER SA 6 17.29 24.11 70.04
N PRO SA 7 17.81 22.88 70.21
CA PRO SA 7 17.28 21.81 71.04
C PRO SA 7 17.19 22.20 72.53
N GLY SA 8 17.95 23.22 72.94
CA GLY SA 8 17.99 23.71 74.31
C GLY SA 8 18.67 25.06 74.25
N VAL SA 9 18.11 26.04 74.95
CA VAL SA 9 18.53 27.43 74.84
C VAL SA 9 19.43 27.99 75.92
N TYR SA 10 19.11 27.70 77.17
CA TYR SA 10 19.85 28.34 78.25
C TYR SA 10 21.18 27.66 78.47
N VAL SA 11 21.21 26.37 78.24
CA VAL SA 11 22.43 25.60 78.36
C VAL SA 11 22.61 24.75 77.13
N GLU SA 12 23.81 24.74 76.53
CA GLU SA 12 24.02 23.85 75.39
C GLU SA 12 24.41 22.49 75.91
N GLU SA 13 23.49 21.88 76.64
CA GLU SA 13 23.64 20.64 77.37
C GLU SA 13 23.85 19.50 76.43
N VAL SA 14 23.46 19.74 75.20
CA VAL SA 14 23.58 18.74 74.16
C VAL SA 14 25.03 18.30 73.92
N ALA SA 15 26.03 19.22 74.13
CA ALA SA 15 27.46 18.97 73.95
C ALA SA 15 27.89 17.99 75.05
N GLY SA 28 16.31 7.95 58.63
CA GLY SA 28 15.45 7.78 59.78
C GLY SA 28 14.21 6.96 59.38
N VAL SA 29 13.35 6.69 60.38
CA VAL SA 29 12.10 5.90 60.23
C VAL SA 29 10.92 6.67 59.61
N GLY SA 30 10.84 7.97 59.84
CA GLY SA 30 9.73 8.76 59.31
C GLY SA 30 8.62 9.00 60.33
N THR SA 31 7.56 9.64 59.88
CA THR SA 31 6.46 10.08 60.74
C THR SA 31 5.56 8.95 61.18
N SER SA 32 5.71 7.81 60.53
CA SER SA 32 4.89 6.64 60.81
C SER SA 32 5.21 5.96 62.13
N VAL SA 33 6.36 6.25 62.75
CA VAL SA 33 6.63 5.57 64.01
C VAL SA 33 5.99 6.29 65.18
N ALA SA 34 5.31 5.50 65.98
CA ALA SA 34 4.56 5.93 67.15
C ALA SA 34 4.83 4.99 68.30
N ALA SA 35 4.30 5.31 69.48
CA ALA SA 35 4.47 4.46 70.64
C ALA SA 35 3.16 4.20 71.38
N PHE SA 36 3.08 3.02 72.01
CA PHE SA 36 1.85 2.63 72.73
C PHE SA 36 2.17 2.10 74.13
N VAL SA 37 1.38 2.49 75.13
CA VAL SA 37 1.52 2.04 76.51
C VAL SA 37 0.35 1.12 76.97
N GLY SA 38 0.69 -0.11 77.39
CA GLY SA 38 -0.34 -1.05 77.85
C GLY SA 38 0.24 -2.39 78.27
N LEU SA 39 -0.62 -3.36 78.60
CA LEU SA 39 -0.23 -4.70 79.08
C LEU SA 39 -0.16 -5.78 78.01
N ALA SA 40 0.74 -6.74 78.21
CA ALA SA 40 0.87 -7.83 77.25
C ALA SA 40 0.44 -9.16 77.82
N PRO SA 41 -0.08 -10.08 77.02
CA PRO SA 41 -0.30 -11.42 77.42
C PRO SA 41 1.00 -11.94 78.01
N THR SA 42 2.07 -11.87 77.22
CA THR SA 42 3.39 -12.30 77.65
C THR SA 42 4.30 -11.09 77.59
N GLY SA 43 5.00 -10.94 76.47
CA GLY SA 43 5.90 -9.84 76.24
C GLY SA 43 7.30 -10.07 76.85
N PRO SA 44 8.25 -9.19 76.49
CA PRO SA 44 9.64 -9.08 76.93
C PRO SA 44 9.69 -8.39 78.27
N LEU SA 45 10.87 -8.08 78.77
CA LEU SA 45 10.88 -7.28 79.98
C LEU SA 45 10.19 -5.98 79.62
N ASN SA 46 9.50 -5.39 80.58
CA ASN SA 46 8.73 -4.19 80.30
C ASN SA 46 9.39 -2.84 80.07
N GLU SA 47 10.58 -2.65 80.62
CA GLU SA 47 11.36 -1.42 80.48
C GLU SA 47 11.96 -1.14 79.08
N PRO SA 48 12.62 -2.10 78.39
CA PRO SA 48 13.26 -1.89 77.13
C PRO SA 48 12.22 -1.75 76.06
N THR SA 49 11.72 -0.54 75.91
CA THR SA 49 10.66 -0.31 74.95
C THR SA 49 11.20 -0.75 73.60
N LEU SA 50 10.45 -1.59 72.89
CA LEU SA 50 10.96 -2.08 71.60
C LEU SA 50 10.15 -1.59 70.46
N VAL SA 51 10.77 -1.43 69.29
CA VAL SA 51 10.02 -1.05 68.10
C VAL SA 51 10.05 -2.12 67.05
N THR SA 52 8.87 -2.55 66.61
CA THR SA 52 8.81 -3.59 65.58
C THR SA 52 7.53 -3.67 64.78
N ASN SA 53 7.49 -4.68 63.90
CA ASN SA 53 6.38 -5.04 63.00
C ASN SA 53 5.47 -6.10 63.62
N TRP SA 54 4.23 -6.19 63.12
CA TRP SA 54 3.28 -7.21 63.60
C TRP SA 54 3.90 -8.60 63.67
N THR SA 55 4.63 -8.96 62.64
CA THR SA 55 5.19 -10.28 62.57
C THR SA 55 6.03 -10.65 63.79
N GLN SA 56 6.83 -9.73 64.30
CA GLN SA 56 7.66 -10.06 65.44
C GLN SA 56 6.92 -9.72 66.72
N TYR SA 57 6.05 -8.74 66.64
CA TYR SA 57 5.28 -8.29 67.78
C TYR SA 57 4.53 -9.41 68.37
N VAL SA 58 3.79 -10.13 67.55
CA VAL SA 58 2.97 -11.17 68.10
C VAL SA 58 3.82 -12.28 68.68
N ALA SA 59 4.96 -12.58 68.08
CA ALA SA 59 5.82 -13.62 68.60
C ALA SA 59 6.26 -13.32 70.04
N ALA SA 60 6.52 -12.06 70.37
CA ALA SA 60 6.93 -11.72 71.72
C ALA SA 60 5.76 -11.45 72.67
N PHE SA 61 4.70 -10.80 72.15
CA PHE SA 61 3.58 -10.38 73.05
C PHE SA 61 2.55 -11.48 73.27
N GLY SA 62 2.12 -12.20 72.22
CA GLY SA 62 1.05 -13.18 72.42
C GLY SA 62 -0.17 -12.95 71.52
N ASP SA 63 -0.87 -14.04 71.15
CA ASP SA 63 -2.02 -13.96 70.24
C ASP SA 63 -3.33 -13.60 70.93
N PHE SA 64 -3.41 -12.37 71.43
CA PHE SA 64 -4.58 -11.79 72.10
C PHE SA 64 -5.06 -12.53 73.37
N THR SA 65 -4.26 -13.42 73.92
CA THR SA 65 -4.73 -14.28 75.00
C THR SA 65 -4.90 -13.62 76.34
N GLY SA 66 -4.34 -12.43 76.49
CA GLY SA 66 -4.43 -11.70 77.76
C GLY SA 66 -5.66 -10.81 77.83
N GLY SA 67 -6.38 -10.64 76.70
CA GLY SA 67 -7.56 -9.79 76.68
C GLY SA 67 -7.22 -8.29 76.78
N TYR SA 68 -6.05 -7.90 76.31
CA TYR SA 68 -5.59 -6.53 76.41
C TYR SA 68 -5.82 -5.75 75.14
N TYR SA 69 -5.89 -4.42 75.27
CA TYR SA 69 -6.12 -3.56 74.13
C TYR SA 69 -4.92 -3.42 73.22
N LEU SA 70 -3.70 -3.60 73.72
CA LEU SA 70 -2.55 -3.48 72.81
C LEU SA 70 -2.65 -4.52 71.72
N ALA SA 71 -3.21 -5.67 72.04
CA ALA SA 71 -3.32 -6.75 71.11
C ALA SA 71 -4.08 -6.35 69.86
N HIS SA 72 -4.98 -5.37 70.00
CA HIS SA 72 -5.79 -4.91 68.90
C HIS SA 72 -5.35 -3.55 68.34
N SER SA 73 -4.92 -2.62 69.21
CA SER SA 73 -4.54 -1.30 68.73
C SER SA 73 -3.26 -1.37 67.94
N VAL SA 74 -2.48 -2.42 68.15
CA VAL SA 74 -1.27 -2.62 67.39
C VAL SA 74 -1.56 -2.70 65.91
N TYR SA 75 -2.71 -3.26 65.54
CA TYR SA 75 -3.04 -3.43 64.10
C TYR SA 75 -3.17 -2.07 63.42
N GLY SA 76 -3.30 -0.99 64.20
CA GLY SA 76 -3.46 0.29 63.62
C GLY SA 76 -2.36 0.54 62.61
N PHE SA 77 -1.19 -0.08 62.84
CA PHE SA 77 -0.04 0.16 61.93
C PHE SA 77 0.21 -1.05 61.02
N PHE SA 78 -0.68 -2.03 61.00
CA PHE SA 78 -0.40 -3.26 60.19
C PHE SA 78 -1.59 -3.59 59.28
N ASN SA 79 -2.81 -3.28 59.70
CA ASN SA 79 -3.99 -3.51 58.86
C ASN SA 79 -4.42 -2.17 58.24
N ASN SA 80 -3.51 -1.21 58.35
CA ASN SA 80 -3.63 0.14 57.87
C ASN SA 80 -2.20 0.56 57.55
N GLY SA 81 -2.02 1.79 57.11
CA GLY SA 81 -0.66 2.20 56.76
C GLY SA 81 0.24 2.17 57.99
N GLY SA 82 1.50 1.78 57.79
CA GLY SA 82 2.43 1.73 58.92
C GLY SA 82 3.72 0.99 58.57
N SER SA 83 4.53 0.70 59.59
CA SER SA 83 5.82 0.05 59.42
C SER SA 83 6.22 -0.70 60.68
N ALA SA 84 6.42 0.08 61.73
CA ALA SA 84 6.82 -0.41 63.03
C ALA SA 84 6.37 0.57 64.10
N ALA SA 85 6.26 0.11 65.34
CA ALA SA 85 5.92 1.02 66.44
C ALA SA 85 6.50 0.54 67.75
N TYR SA 86 6.71 1.49 68.68
CA TYR SA 86 7.27 1.23 69.99
C TYR SA 86 6.27 0.76 71.01
N VAL SA 87 6.60 -0.31 71.72
CA VAL SA 87 5.69 -0.80 72.72
C VAL SA 87 6.27 -0.91 74.12
N VAL SA 88 5.58 -0.26 75.06
CA VAL SA 88 5.90 -0.26 76.48
C VAL SA 88 5.00 -1.29 77.11
N ARG SA 89 5.59 -2.31 77.73
CA ARG SA 89 4.79 -3.43 78.22
C ARG SA 89 4.10 -3.25 79.53
N VAL SA 90 4.70 -2.50 80.44
CA VAL SA 90 4.17 -2.31 81.80
C VAL SA 90 4.28 -3.56 82.69
N GLY SA 91 3.66 -4.65 82.24
CA GLY SA 91 3.62 -5.93 82.93
C GLY SA 91 2.86 -6.93 82.04
N GLY SA 92 2.73 -8.17 82.48
CA GLY SA 92 2.03 -9.13 81.63
C GLY SA 92 0.75 -9.65 82.24
N SER SA 93 0.14 -10.64 81.57
CA SER SA 93 -1.08 -11.29 82.01
C SER SA 93 -0.86 -12.08 83.25
N ALA SA 94 -1.91 -12.14 84.05
CA ALA SA 94 -1.93 -12.97 85.23
C ALA SA 94 -1.99 -14.39 84.74
N GLU SA 95 -1.53 -15.32 85.56
CA GLU SA 95 -1.59 -16.72 85.19
C GLU SA 95 -3.05 -17.13 85.02
N ASP SA 96 -3.33 -17.95 83.97
CA ASP SA 96 -4.66 -18.53 83.64
C ASP SA 96 -5.75 -17.45 83.58
N GLN SA 232 -3.43 -4.21 90.72
CA GLN SA 232 -2.38 -3.25 91.11
C GLN SA 232 -1.93 -2.39 89.91
N ALA SA 233 -1.83 -3.00 88.70
CA ALA SA 233 -1.39 -2.36 87.43
C ALA SA 233 -2.49 -1.46 86.89
N GLU SA 234 -3.67 -1.59 87.51
CA GLU SA 234 -4.88 -0.85 87.16
C GLU SA 234 -4.95 0.52 87.88
N SER SA 235 -3.98 0.78 88.76
CA SER SA 235 -3.84 2.04 89.49
C SER SA 235 -3.37 3.16 88.59
N ALA SA 236 -3.64 4.40 88.95
CA ALA SA 236 -3.20 5.56 88.15
C ALA SA 236 -1.71 5.85 88.29
N HIS SA 237 -1.06 5.21 89.26
CA HIS SA 237 0.38 5.39 89.45
C HIS SA 237 1.31 4.59 88.49
N PRO SA 238 1.24 3.24 88.40
CA PRO SA 238 2.03 2.40 87.53
C PRO SA 238 1.49 2.40 86.13
N GLY SA 239 2.24 1.85 85.18
CA GLY SA 239 1.73 1.58 83.83
C GLY SA 239 1.30 2.80 83.03
N PRO SA 240 -0.01 2.98 82.73
CA PRO SA 240 -0.57 4.10 81.97
C PRO SA 240 -0.54 5.28 82.90
N ALA SA 241 0.68 5.74 83.13
CA ALA SA 241 1.03 6.73 84.12
C ALA SA 241 2.41 7.28 83.83
N GLN SA 242 2.82 8.33 84.54
CA GLN SA 242 4.20 8.80 84.36
C GLN SA 242 5.14 7.95 85.22
N TYR SA 243 5.20 6.67 84.91
CA TYR SA 243 5.91 5.68 85.69
C TYR SA 243 7.38 5.54 85.30
N LEU SA 244 8.10 6.63 85.54
CA LEU SA 244 9.53 6.79 85.23
C LEU SA 244 10.43 5.98 86.15
N GLY SA 245 10.05 5.87 87.42
CA GLY SA 245 10.88 5.18 88.39
C GLY SA 245 12.06 6.02 88.92
N ASP SA 246 11.87 7.33 89.11
CA ASP SA 246 12.98 8.19 89.58
C ASP SA 246 14.18 8.06 88.66
N SER SA 247 13.99 8.47 87.40
CA SER SA 247 15.10 8.44 86.41
C SER SA 247 15.45 7.00 86.05
N SER SA 248 14.49 6.08 86.15
CA SER SA 248 14.73 4.67 85.76
C SER SA 248 14.17 4.42 84.36
N ASP SA 249 13.57 5.45 83.74
CA ASP SA 249 12.94 5.28 82.40
C ASP SA 249 12.06 4.04 82.45
N ARG SA 250 11.32 3.87 83.55
CA ARG SA 250 10.46 2.67 83.72
C ARG SA 250 9.23 2.78 82.81
N THR SA 251 8.48 1.69 82.65
CA THR SA 251 7.30 1.69 81.76
C THR SA 251 6.43 2.91 82.06
N GLY SA 252 6.07 3.67 81.03
CA GLY SA 252 5.25 4.89 81.23
C GLY SA 252 5.77 6.05 80.40
N PHE SA 253 5.07 7.18 80.42
CA PHE SA 253 5.48 8.36 79.61
C PHE SA 253 6.95 8.66 79.88
N GLY SA 254 7.44 8.36 81.08
CA GLY SA 254 8.81 8.69 81.43
C GLY SA 254 9.81 7.79 80.72
N GLY SA 255 9.43 6.54 80.50
CA GLY SA 255 10.31 5.58 79.85
C GLY SA 255 10.59 5.93 78.38
N LEU SA 256 9.80 6.82 77.79
CA LEU SA 256 9.98 7.23 76.42
C LEU SA 256 10.79 8.50 76.28
N GLU SA 257 11.20 9.11 77.39
CA GLU SA 257 11.93 10.39 77.31
C GLU SA 257 13.25 10.27 76.61
N ALA SA 258 13.89 9.12 76.73
CA ALA SA 258 15.18 8.88 76.12
C ALA SA 258 15.05 8.41 74.67
N ILE SA 259 13.82 8.27 74.16
CA ILE SA 259 13.64 7.74 72.82
C ILE SA 259 13.18 8.78 71.81
N ASP SA 260 13.97 8.90 70.75
CA ASP SA 260 13.71 9.81 69.65
C ASP SA 260 12.87 9.09 68.58
N GLU SA 261 12.55 9.78 67.51
CA GLU SA 261 11.78 9.24 66.39
C GLU SA 261 10.41 8.65 66.73
N ILE SA 262 9.65 9.33 67.58
CA ILE SA 262 8.28 8.99 67.93
C ILE SA 262 7.39 10.18 67.62
N SER SA 263 6.39 10.04 66.75
CA SER SA 263 5.53 11.18 66.41
C SER SA 263 4.21 11.24 67.21
N MET SA 264 3.77 10.09 67.71
CA MET SA 264 2.51 10.01 68.44
C MET SA 264 2.59 9.06 69.61
N VAL SA 265 1.88 9.36 70.69
CA VAL SA 265 1.81 8.41 71.80
C VAL SA 265 0.36 8.09 72.21
N ALA SA 266 0.06 6.79 72.29
CA ALA SA 266 -1.25 6.29 72.68
C ALA SA 266 -1.17 5.43 73.93
N VAL SA 267 -2.25 5.36 74.71
CA VAL SA 267 -2.28 4.52 75.90
C VAL SA 267 -3.51 3.60 75.93
N PRO SA 268 -3.58 2.56 75.08
CA PRO SA 268 -4.71 1.69 74.89
C PRO SA 268 -5.25 1.01 76.15
N ASP SA 269 -4.41 0.74 77.17
CA ASP SA 269 -4.99 0.09 78.32
C ASP SA 269 -5.40 1.00 79.46
N LEU SA 270 -5.38 2.31 79.29
CA LEU SA 270 -5.78 3.15 80.43
C LEU SA 270 -7.19 2.85 80.86
N MET SA 271 -8.10 2.72 79.92
CA MET SA 271 -9.48 2.46 80.24
C MET SA 271 -9.82 0.98 80.23
N ALA SA 272 -8.81 0.12 80.07
CA ALA SA 272 -9.07 -1.32 79.97
C ALA SA 272 -9.69 -1.83 81.24
N ALA SA 273 -9.31 -1.23 82.34
CA ALA SA 273 -9.82 -1.59 83.64
C ALA SA 273 -10.63 -0.46 84.19
N TYR SA 274 -11.22 0.36 83.35
CA TYR SA 274 -11.96 1.49 83.89
C TYR SA 274 -12.95 1.03 84.92
N GLN SA 275 -13.70 0.01 84.59
CA GLN SA 275 -14.67 -0.46 85.53
C GLN SA 275 -14.00 -1.38 86.56
N ARG SA 276 -13.14 -2.29 86.10
CA ARG SA 276 -12.57 -3.27 87.02
C ARG SA 276 -11.71 -2.69 88.12
N GLY SA 277 -10.91 -1.70 87.78
CA GLY SA 277 -9.98 -1.08 88.68
C GLY SA 277 -10.55 0.15 89.33
N ALA SA 278 -11.84 0.43 89.12
CA ALA SA 278 -12.45 1.62 89.64
C ALA SA 278 -11.60 2.83 89.29
N ILE SA 279 -11.36 3.04 88.01
CA ILE SA 279 -10.47 4.15 87.70
C ILE SA 279 -11.35 5.38 87.79
N ASP SA 280 -11.33 6.01 88.96
CA ASP SA 280 -12.10 7.26 89.15
C ASP SA 280 -11.80 8.23 87.99
N LEU SA 281 -12.62 9.28 87.83
CA LEU SA 281 -12.43 10.23 86.70
C LEU SA 281 -11.01 10.82 86.76
N GLU SA 282 -10.60 11.30 87.94
CA GLU SA 282 -9.25 11.94 88.06
C GLU SA 282 -8.18 10.89 87.75
N ALA SA 283 -8.31 9.69 88.33
CA ALA SA 283 -7.36 8.59 88.02
C ALA SA 283 -7.13 8.55 86.51
N VAL SA 284 -8.15 8.89 85.71
CA VAL SA 284 -7.99 8.91 84.27
C VAL SA 284 -7.42 10.27 83.91
N LYS SA 285 -8.05 11.33 84.43
CA LYS SA 285 -7.67 12.69 84.08
C LYS SA 285 -6.19 12.93 84.37
N ALA SA 286 -5.71 12.45 85.51
CA ALA SA 286 -4.33 12.61 85.89
C ALA SA 286 -3.39 11.98 84.87
N VAL SA 287 -3.79 10.87 84.27
CA VAL SA 287 -2.93 10.18 83.35
C VAL SA 287 -2.93 10.91 82.05
N GLN SA 288 -4.11 11.34 81.60
CA GLN SA 288 -4.17 12.05 80.35
C GLN SA 288 -3.38 13.34 80.48
N LEU SA 289 -3.43 13.99 81.65
CA LEU SA 289 -2.64 15.19 81.83
C LEU SA 289 -1.16 14.85 81.78
N GLY SA 290 -0.76 13.72 82.38
CA GLY SA 290 0.63 13.29 82.36
C GLY SA 290 1.12 13.03 80.93
N LEU SA 291 0.25 12.46 80.10
CA LEU SA 291 0.59 12.16 78.71
C LEU SA 291 0.74 13.43 77.91
N ILE SA 292 -0.16 14.36 78.13
CA ILE SA 292 -0.10 15.60 77.40
C ILE SA 292 1.13 16.35 77.81
N ALA SA 293 1.43 16.42 79.10
CA ALA SA 293 2.61 17.11 79.58
C ALA SA 293 3.88 16.48 79.01
N HIS SA 294 3.90 15.15 78.89
CA HIS SA 294 5.04 14.46 78.32
C HIS SA 294 5.27 14.96 76.92
N CYS SA 295 4.19 14.98 76.14
CA CYS SA 295 4.30 15.42 74.77
C CYS SA 295 4.73 16.88 74.69
N GLU SA 296 4.19 17.74 75.55
CA GLU SA 296 4.56 19.14 75.50
C GLU SA 296 6.05 19.33 75.80
N LEU SA 297 6.58 18.56 76.77
CA LEU SA 297 7.97 18.65 77.13
C LEU SA 297 8.91 18.11 76.06
N MET SA 298 8.56 17.01 75.40
CA MET SA 298 9.45 16.50 74.37
C MET SA 298 9.45 17.50 73.22
N GLY SA 299 8.26 18.04 72.92
CA GLY SA 299 8.04 19.10 71.96
C GLY SA 299 7.76 18.73 70.50
N ASP SA 300 7.96 17.45 70.13
CA ASP SA 300 7.82 17.05 68.70
C ASP SA 300 6.92 15.82 68.50
N ARG SA 301 6.05 15.50 69.47
CA ARG SA 301 5.12 14.40 69.35
C ARG SA 301 3.81 14.78 69.97
N VAL SA 302 2.73 14.11 69.57
CA VAL SA 302 1.44 14.44 70.15
C VAL SA 302 0.72 13.31 70.85
N ALA SA 303 -0.22 13.71 71.70
CA ALA SA 303 -1.00 12.77 72.49
C ALA SA 303 -2.32 12.38 71.87
N ILE SA 304 -2.61 11.10 71.97
CA ILE SA 304 -3.89 10.56 71.57
C ILE SA 304 -4.72 10.36 72.82
N ILE SA 305 -5.81 11.10 72.93
CA ILE SA 305 -6.62 11.11 74.13
C ILE SA 305 -7.91 10.34 73.91
N ASP SA 306 -8.19 9.38 74.77
CA ASP SA 306 -9.43 8.60 74.68
C ASP SA 306 -10.59 9.29 75.38
N PRO SA 307 -11.81 9.23 74.83
CA PRO SA 307 -13.03 9.69 75.44
C PRO SA 307 -13.34 8.64 76.48
N PRO SA 308 -14.17 8.93 77.49
CA PRO SA 308 -14.65 7.98 78.45
C PRO SA 308 -15.40 6.86 77.70
N PRO SA 309 -15.59 5.67 78.31
CA PRO SA 309 -16.14 4.50 77.59
C PRO SA 309 -17.54 4.51 76.97
N ASN SA 310 -18.54 5.11 77.62
CA ASN SA 310 -19.88 4.94 77.07
C ASN SA 310 -20.79 6.05 77.54
N GLN SA 311 -21.02 7.03 76.70
CA GLN SA 311 -21.82 8.16 77.09
C GLN SA 311 -22.37 8.85 75.86
N ASN SA 312 -23.42 9.64 76.06
CA ASN SA 312 -24.08 10.33 74.98
C ASN SA 312 -23.34 11.60 74.61
N ALA SA 313 -23.84 12.30 73.60
CA ALA SA 313 -23.18 13.53 73.16
C ALA SA 313 -23.18 14.59 74.26
N ARG SA 314 -24.25 14.63 75.03
CA ARG SA 314 -24.35 15.63 76.08
C ARG SA 314 -23.29 15.48 77.11
N GLN SA 315 -22.86 14.26 77.33
CA GLN SA 315 -21.98 13.95 78.41
C GLN SA 315 -20.55 14.21 78.03
N ILE SA 316 -20.30 14.40 76.75
CA ILE SA 316 -18.96 14.65 76.32
C ILE SA 316 -18.84 16.15 76.22
N ARG SA 317 -19.96 16.80 75.91
CA ARG SA 317 -19.91 18.23 75.92
C ARG SA 317 -19.57 18.62 77.35
N VAL SA 318 -20.09 17.78 78.26
CA VAL SA 318 -19.89 17.99 79.71
C VAL SA 318 -18.44 17.80 80.10
N TRP SA 319 -17.86 16.60 79.85
CA TRP SA 319 -16.50 16.58 80.38
C TRP SA 319 -15.62 17.60 79.65
N ARG SA 320 -15.87 17.85 78.36
CA ARG SA 320 -15.04 18.78 77.62
C ARG SA 320 -15.05 20.18 78.17
N GLN SA 321 -16.23 20.68 78.51
CA GLN SA 321 -16.35 22.04 78.99
C GLN SA 321 -16.32 22.19 80.51
N GLU SA 322 -16.78 21.18 81.24
CA GLU SA 322 -16.92 21.33 82.69
C GLU SA 322 -15.96 20.52 83.58
N THR SA 323 -15.51 19.33 83.17
CA THR SA 323 -14.75 18.56 84.18
C THR SA 323 -13.32 18.16 83.79
N ALA SA 324 -13.02 18.01 82.51
CA ALA SA 324 -11.69 17.54 82.11
C ALA SA 324 -11.24 18.06 80.76
N GLY SA 325 -11.41 19.35 80.52
CA GLY SA 325 -10.93 19.87 79.25
C GLY SA 325 -9.43 19.92 79.37
N TYR SA 326 -8.69 19.76 78.26
CA TYR SA 326 -7.24 19.84 78.39
C TYR SA 326 -6.62 21.09 77.77
N ASP SA 327 -7.28 21.66 76.77
CA ASP SA 327 -6.83 22.88 76.09
C ASP SA 327 -5.35 22.94 75.66
N SER SA 328 -4.91 22.04 74.77
CA SER SA 328 -3.50 22.02 74.37
C SER SA 328 -3.23 21.68 72.91
N LYS SA 329 -2.23 22.36 72.35
CA LYS SA 329 -1.84 22.20 70.95
C LYS SA 329 -1.19 20.85 70.69
N TYR SA 330 -0.88 20.13 71.75
CA TYR SA 330 -0.26 18.82 71.65
C TYR SA 330 -1.20 17.65 71.80
N ALA SA 331 -2.52 17.85 71.74
CA ALA SA 331 -3.40 16.70 71.88
C ALA SA 331 -4.65 16.76 71.01
N ALA SA 332 -5.19 15.56 70.72
CA ALA SA 332 -6.46 15.43 69.99
C ALA SA 332 -7.27 14.22 70.45
N LEU SA 333 -8.59 14.35 70.31
CA LEU SA 333 -9.56 13.31 70.67
C LEU SA 333 -10.68 13.09 69.67
N TYR SA 334 -11.00 11.81 69.45
CA TYR SA 334 -12.10 11.36 68.61
C TYR SA 334 -13.14 10.79 69.58
N TYR SA 335 -14.43 10.84 69.24
CA TYR SA 335 -15.48 10.46 70.24
C TYR SA 335 -16.05 9.04 70.17
N PRO SA 336 -16.68 8.58 69.06
CA PRO SA 336 -17.38 7.32 69.09
C PRO SA 336 -16.44 6.14 69.20
N TRP SA 337 -16.91 5.09 69.84
CA TRP SA 337 -16.17 3.84 69.95
C TRP SA 337 -16.49 2.97 68.75
N ILE SA 338 -15.49 2.17 68.36
CA ILE SA 338 -15.56 1.32 67.19
C ILE SA 338 -15.73 -0.16 67.48
N LYS SA 339 -16.68 -0.76 66.79
CA LYS SA 339 -16.89 -2.18 66.91
C LYS SA 339 -15.96 -2.88 65.95
N SER SA 340 -15.31 -3.92 66.43
CA SER SA 340 -14.38 -4.75 65.67
C SER SA 340 -14.49 -6.16 66.21
N PHE SA 341 -13.78 -7.13 65.64
CA PHE SA 341 -13.89 -8.50 66.15
C PHE SA 341 -12.63 -8.94 66.84
N ASP SA 342 -12.64 -10.14 67.40
CA ASP SA 342 -11.47 -10.67 68.07
C ASP SA 342 -11.36 -12.15 67.77
N PRO SA 343 -10.51 -12.54 66.80
CA PRO SA 343 -10.41 -13.85 66.21
C PRO SA 343 -10.00 -14.91 67.20
N ALA SA 344 -9.47 -14.49 68.35
CA ALA SA 344 -9.08 -15.49 69.32
C ALA SA 344 -10.31 -16.23 69.82
N THR SA 345 -11.46 -15.53 69.95
CA THR SA 345 -12.65 -16.18 70.47
C THR SA 345 -13.97 -15.93 69.71
N GLY SA 346 -14.11 -14.82 68.97
CA GLY SA 346 -15.42 -14.53 68.38
C GLY SA 346 -15.55 -13.23 67.57
N GLN SA 347 -16.81 -12.96 67.20
CA GLN SA 347 -17.19 -11.85 66.33
C GLN SA 347 -17.13 -10.41 66.86
N SER SA 348 -17.08 -10.18 68.17
CA SER SA 348 -17.08 -8.77 68.55
C SER SA 348 -16.34 -8.41 69.83
N ARG SA 349 -15.84 -7.18 69.80
CA ARG SA 349 -15.19 -6.44 70.87
C ARG SA 349 -15.38 -4.96 70.61
N LEU SA 350 -15.38 -4.14 71.66
CA LEU SA 350 -15.42 -2.71 71.40
C LEU SA 350 -14.03 -2.14 71.67
N VAL SA 351 -13.56 -1.24 70.80
CA VAL SA 351 -12.26 -0.61 70.99
C VAL SA 351 -12.35 0.92 70.88
N PRO SA 352 -11.45 1.68 71.50
CA PRO SA 352 -11.42 3.12 71.45
C PRO SA 352 -11.03 3.56 70.06
N PRO SA 353 -11.35 4.81 69.66
CA PRO SA 353 -11.03 5.39 68.38
C PRO SA 353 -9.57 5.80 68.27
N SER SA 354 -8.72 4.80 68.33
CA SER SA 354 -7.26 4.87 68.26
C SER SA 354 -6.81 3.74 67.40
N GLY SA 355 -5.54 3.38 67.50
CA GLY SA 355 -5.13 2.26 66.68
C GLY SA 355 -5.25 2.62 65.22
N HIS SA 356 -6.23 1.99 64.56
CA HIS SA 356 -6.47 2.26 63.12
C HIS SA 356 -6.61 3.77 62.90
N VAL SA 357 -7.24 4.47 63.86
CA VAL SA 357 -7.41 5.88 63.68
C VAL SA 357 -6.04 6.52 63.48
N ALA SA 358 -5.02 6.04 64.19
CA ALA SA 358 -3.68 6.58 64.04
C ALA SA 358 -3.02 6.05 62.76
N GLY SA 359 -3.42 4.84 62.35
CA GLY SA 359 -2.93 4.18 61.13
C GLY SA 359 -3.18 5.09 59.94
N ILE SA 360 -4.28 5.81 60.02
CA ILE SA 360 -4.64 6.79 59.03
C ILE SA 360 -3.59 7.88 58.89
N TRP SA 361 -2.97 8.34 59.96
CA TRP SA 361 -2.00 9.39 59.79
C TRP SA 361 -0.87 8.87 58.92
N ALA SA 362 -0.45 7.62 59.18
CA ALA SA 362 0.64 7.07 58.38
C ALA SA 362 0.23 6.98 56.91
N ARG SA 363 -1.01 6.57 56.67
CA ARG SA 363 -1.49 6.47 55.30
C ARG SA 363 -1.52 7.83 54.63
N ASN SA 364 -2.03 8.82 55.36
CA ASN SA 364 -2.20 10.17 54.86
C ASN SA 364 -0.88 10.79 54.46
N ASP SA 365 0.16 10.56 55.26
CA ASP SA 365 1.47 11.14 54.97
C ASP SA 365 2.10 10.53 53.74
N SER SA 366 1.78 9.27 53.45
CA SER SA 366 2.31 8.66 52.25
C SER SA 366 1.58 9.18 51.00
N GLU SA 367 0.27 9.41 51.12
CA GLU SA 367 -0.51 9.89 49.97
C GLU SA 367 -0.12 11.30 49.56
N ARG SA 368 -0.04 12.20 50.54
CA ARG SA 368 0.27 13.61 50.33
C ARG SA 368 1.17 14.13 51.40
N GLY SA 369 1.77 15.30 51.16
CA GLY SA 369 2.57 15.93 52.23
C GLY SA 369 1.76 16.04 53.51
N VAL SA 370 2.43 16.15 54.67
CA VAL SA 370 1.73 16.18 55.98
C VAL SA 370 0.73 17.35 56.01
N HIS SA 371 0.89 18.31 55.11
CA HIS SA 371 0.01 19.52 55.08
C HIS SA 371 -1.46 19.11 54.99
N LYS SA 372 -1.78 18.06 54.23
CA LYS SA 372 -3.20 17.63 54.03
C LYS SA 372 -3.77 17.06 55.32
N ALA SA 373 -5.07 17.27 55.59
CA ALA SA 373 -5.67 16.68 56.76
C ALA SA 373 -6.38 15.39 56.34
N PRO SA 374 -6.37 14.32 57.15
CA PRO SA 374 -7.13 13.12 56.90
C PRO SA 374 -8.56 13.39 57.36
N ALA SA 375 -9.19 14.38 56.74
CA ALA SA 375 -10.52 14.83 57.12
C ALA SA 375 -11.60 14.04 56.42
N ASN SA 376 -11.19 13.12 55.57
CA ASN SA 376 -12.07 12.24 54.87
C ASN SA 376 -11.31 10.97 54.54
N GLU SA 377 -11.29 10.02 55.47
CA GLU SA 377 -10.55 8.77 55.23
C GLU SA 377 -11.17 7.56 55.90
N VAL SA 378 -11.03 6.40 55.26
CA VAL SA 378 -11.59 5.14 55.70
C VAL SA 378 -10.89 4.46 56.84
N VAL SA 379 -11.67 4.09 57.85
CA VAL SA 379 -11.08 3.42 59.00
C VAL SA 379 -11.05 1.95 58.70
N ARG SA 380 -10.05 1.59 57.93
CA ARG SA 380 -9.96 0.23 57.48
C ARG SA 380 -9.83 -0.69 58.67
N GLY SA 381 -10.61 -1.77 58.65
CA GLY SA 381 -10.61 -2.76 59.70
C GLY SA 381 -11.80 -2.61 60.65
N ALA SA 382 -12.46 -1.46 60.59
CA ALA SA 382 -13.64 -1.22 61.42
C ALA SA 382 -14.79 -2.05 60.91
N VAL SA 383 -15.66 -2.48 61.81
CA VAL SA 383 -16.86 -3.18 61.40
C VAL SA 383 -18.04 -2.24 61.47
N ASP SA 384 -18.22 -1.58 62.61
CA ASP SA 384 -19.33 -0.65 62.76
C ASP SA 384 -19.06 0.37 63.88
N LEU SA 385 -20.00 1.29 64.08
CA LEU SA 385 -19.86 2.29 65.14
C LEU SA 385 -20.96 2.12 66.17
N GLU SA 386 -20.70 2.48 67.44
CA GLU SA 386 -21.82 2.39 68.39
C GLU SA 386 -22.95 3.35 68.12
N LEU SA 387 -22.63 4.54 67.65
CA LEU SA 387 -23.68 5.50 67.38
C LEU SA 387 -23.39 6.32 66.14
N GLN SA 388 -24.44 6.68 65.43
CA GLN SA 388 -24.31 7.60 64.32
C GLN SA 388 -24.56 8.98 64.87
N ILE SA 389 -23.64 9.89 64.63
CA ILE SA 389 -23.77 11.23 65.15
C ILE SA 389 -24.27 12.13 64.05
N THR SA 390 -25.46 12.70 64.27
CA THR SA 390 -26.16 13.47 63.25
C THR SA 390 -25.73 14.92 63.19
N ARG SA 391 -26.17 15.63 62.16
CA ARG SA 391 -25.75 17.03 62.00
C ARG SA 391 -26.12 17.90 63.19
N GLY SA 392 -27.24 17.63 63.84
CA GLY SA 392 -27.64 18.42 64.99
C GLY SA 392 -26.67 18.23 66.16
N GLU SA 393 -25.86 17.18 66.12
CA GLU SA 393 -24.89 16.87 67.13
C GLU SA 393 -23.51 17.36 66.68
N GLN SA 394 -23.25 17.32 65.36
CA GLN SA 394 -21.96 17.76 64.81
C GLN SA 394 -21.82 19.26 65.06
N ASP SA 395 -22.96 19.93 65.05
CA ASP SA 395 -23.10 21.36 65.31
C ASP SA 395 -22.64 21.72 66.73
N LEU SA 396 -22.70 20.78 67.66
CA LEU SA 396 -22.30 21.05 69.01
C LEU SA 396 -20.91 20.53 69.32
N LEU SA 397 -20.50 19.43 68.67
CA LEU SA 397 -19.21 18.84 69.00
C LEU SA 397 -18.00 19.38 68.22
N ASN SA 398 -18.16 19.74 66.94
CA ASN SA 398 -16.98 20.22 66.23
C ASN SA 398 -16.43 21.53 66.81
N PRO SA 399 -17.26 22.51 67.22
CA PRO SA 399 -16.86 23.76 67.80
C PRO SA 399 -16.10 23.64 69.11
N ILE SA 400 -16.12 22.46 69.74
CA ILE SA 400 -15.41 22.31 71.00
C ILE SA 400 -14.24 21.34 70.84
N GLY SA 401 -13.87 21.05 69.59
CA GLY SA 401 -12.71 20.21 69.31
C GLY SA 401 -12.90 18.70 69.37
N VAL SA 402 -14.13 18.20 69.26
CA VAL SA 402 -14.30 16.76 69.30
C VAL SA 402 -14.46 16.19 67.91
N ASN SA 403 -13.54 15.31 67.53
CA ASN SA 403 -13.58 14.76 66.19
C ASN SA 403 -14.51 13.57 66.12
N CYS SA 404 -15.22 13.45 65.02
CA CYS SA 404 -16.11 12.32 64.86
C CYS SA 404 -15.79 11.43 63.68
N ILE SA 405 -16.22 10.20 63.84
CA ILE SA 405 -16.16 9.14 62.86
C ILE SA 405 -17.60 8.79 62.55
N ARG SA 406 -17.96 8.75 61.28
CA ARG SA 406 -19.34 8.46 60.87
C ARG SA 406 -19.45 7.38 59.82
N SER SA 407 -20.62 6.73 59.78
CA SER SA 407 -20.91 5.77 58.73
C SER SA 407 -21.60 6.54 57.64
N PHE SA 408 -20.96 6.63 56.49
CA PHE SA 408 -21.48 7.47 55.46
C PHE SA 408 -22.25 6.63 54.43
N PRO SA 409 -23.45 7.08 53.97
CA PRO SA 409 -24.32 6.38 53.05
C PRO SA 409 -23.77 6.27 51.64
N GLY SA 410 -22.86 5.32 51.47
CA GLY SA 410 -22.20 5.06 50.20
C GLY SA 410 -20.69 5.25 50.25
N ARG SA 411 -20.14 5.63 51.39
CA ARG SA 411 -18.69 5.79 51.46
C ARG SA 411 -18.02 4.93 52.57
N GLY SA 412 -18.82 4.33 53.47
CA GLY SA 412 -18.27 3.51 54.55
C GLY SA 412 -17.89 4.28 55.80
N ILE SA 413 -17.08 3.67 56.66
CA ILE SA 413 -16.77 4.29 57.94
C ILE SA 413 -15.60 5.21 57.78
N ARG SA 414 -15.83 6.50 58.00
CA ARG SA 414 -14.75 7.45 57.78
C ARG SA 414 -14.56 8.46 58.88
N VAL SA 415 -13.31 8.90 58.98
CA VAL SA 415 -12.94 9.96 59.88
C VAL SA 415 -13.30 11.26 59.20
N TRP SA 416 -14.01 12.10 59.93
CA TRP SA 416 -14.45 13.39 59.42
C TRP SA 416 -13.92 14.60 60.17
N GLY SA 417 -13.88 14.54 61.49
CA GLY SA 417 -13.44 15.73 62.20
C GLY SA 417 -11.92 15.85 62.08
N ALA SA 418 -11.39 17.07 62.12
CA ALA SA 418 -9.93 17.24 62.09
C ALA SA 418 -9.45 18.44 62.91
N ARG SA 419 -9.88 18.51 64.17
CA ARG SA 419 -9.50 19.60 65.04
C ARG SA 419 -8.67 19.17 66.23
N THR SA 420 -7.85 20.12 66.67
CA THR SA 420 -6.97 20.05 67.81
C THR SA 420 -7.77 20.25 69.09
N LEU SA 421 -7.43 19.53 70.16
CA LEU SA 421 -8.14 19.70 71.41
C LEU SA 421 -7.50 20.85 72.18
N SER SA 422 -7.68 22.06 71.62
CA SER SA 422 -7.07 23.33 72.03
C SER SA 422 -7.95 24.53 71.87
N SER SA 423 -7.78 25.47 72.81
CA SER SA 423 -8.48 26.74 72.85
C SER SA 423 -7.82 27.85 72.02
N ASP SA 424 -6.60 27.61 71.54
CA ASP SA 424 -5.82 28.62 70.80
C ASP SA 424 -6.14 28.59 69.31
N PRO SA 425 -6.79 29.62 68.72
CA PRO SA 425 -7.19 29.68 67.33
C PRO SA 425 -6.06 29.31 66.36
N ALA SA 426 -4.82 29.66 66.70
CA ALA SA 426 -3.70 29.39 65.83
C ALA SA 426 -3.50 27.92 65.54
N TRP SA 427 -3.81 27.07 66.52
CA TRP SA 427 -3.53 25.67 66.38
C TRP SA 427 -4.76 24.81 66.24
N ARG SA 428 -5.88 25.39 65.80
CA ARG SA 428 -7.10 24.60 65.67
C ARG SA 428 -7.07 23.44 64.71
N TYR SA 429 -6.30 23.55 63.64
CA TYR SA 429 -6.29 22.51 62.62
C TYR SA 429 -5.15 21.53 62.80
N LEU SA 430 -5.47 20.24 62.79
CA LEU SA 430 -4.46 19.23 63.05
C LEU SA 430 -3.35 19.16 62.02
N ASN SA 431 -3.68 19.40 60.76
CA ASN SA 431 -2.69 19.29 59.71
C ASN SA 431 -1.69 20.41 59.75
N ILE SA 432 -2.03 21.51 60.40
CA ILE SA 432 -1.14 22.62 60.45
C ILE SA 432 -0.17 22.33 61.53
N ARG SA 433 -0.68 21.87 62.68
CA ARG SA 433 0.21 21.51 63.82
C ARG SA 433 1.20 20.46 63.34
N ARG SA 434 0.74 19.50 62.53
CA ARG SA 434 1.61 18.45 62.03
C ARG SA 434 2.62 18.95 61.03
N TYR SA 435 2.24 19.87 60.13
CA TYR SA 435 3.18 20.40 59.17
C TYR SA 435 4.36 20.99 59.91
N PHE SA 436 4.10 21.73 60.97
CA PHE SA 436 5.22 22.28 61.69
C PHE SA 436 6.08 21.21 62.34
N ASN SA 437 5.50 20.17 62.92
CA ASN SA 437 6.40 19.18 63.51
C ASN SA 437 7.22 18.48 62.44
N TYR SA 438 6.63 18.31 61.27
CA TYR SA 438 7.31 17.71 60.14
C TYR SA 438 8.52 18.51 59.70
N LEU SA 439 8.34 19.82 59.53
CA LEU SA 439 9.45 20.61 59.09
C LEU SA 439 10.54 20.62 60.12
N GLU SA 440 10.15 20.68 61.40
CA GLU SA 440 11.17 20.74 62.42
C GLU SA 440 11.99 19.48 62.49
N GLU SA 441 11.38 18.33 62.38
CA GLU SA 441 12.22 17.16 62.48
C GLU SA 441 13.26 17.13 61.39
N SER SA 442 12.85 17.39 60.15
CA SER SA 442 13.82 17.29 59.07
C SER SA 442 14.88 18.37 59.08
N ILE SA 443 14.52 19.61 59.41
CA ILE SA 443 15.52 20.65 59.34
C ILE SA 443 16.52 20.53 60.48
N LEU SA 444 16.05 20.12 61.67
CA LEU SA 444 16.92 19.98 62.81
C LEU SA 444 17.90 18.84 62.62
N ILE SA 445 17.47 17.75 62.00
CA ILE SA 445 18.41 16.68 61.77
C ILE SA 445 19.42 17.12 60.73
N GLY SA 446 18.95 17.75 59.66
CA GLY SA 446 19.83 18.18 58.61
C GLY SA 446 20.96 19.08 59.09
N THR SA 447 20.63 20.23 59.68
CA THR SA 447 21.70 21.12 60.10
C THR SA 447 22.17 20.79 61.50
N GLN SA 448 22.84 19.65 61.61
CA GLN SA 448 23.31 19.20 62.89
C GLN SA 448 24.80 19.30 63.02
N TRP SA 449 25.26 20.36 63.64
CA TRP SA 449 26.67 20.60 63.87
C TRP SA 449 26.80 20.61 65.37
N VAL SA 450 27.88 20.08 65.91
CA VAL SA 450 28.03 20.04 67.35
C VAL SA 450 29.25 20.77 67.85
N VAL SA 451 28.99 21.60 68.87
CA VAL SA 451 29.96 22.48 69.48
C VAL SA 451 30.23 23.51 68.44
N PHE SA 452 29.73 24.71 68.71
CA PHE SA 452 29.93 25.83 67.81
C PHE SA 452 31.35 26.32 68.03
N GLU SA 453 32.09 26.52 66.94
CA GLU SA 453 33.46 26.99 67.02
C GLU SA 453 33.48 28.50 67.28
N PRO SA 454 33.57 29.28 66.20
CA PRO SA 454 33.58 30.74 66.36
C PRO SA 454 32.36 31.40 65.76
N ASN SA 455 31.67 32.23 66.54
CA ASN SA 455 30.53 32.97 66.07
C ASN SA 455 31.12 33.79 64.94
N ASP SA 456 30.59 33.57 63.75
CA ASP SA 456 31.16 34.12 62.55
C ASP SA 456 30.13 34.18 61.44
N HIS SA 457 30.24 35.22 60.61
CA HIS SA 457 29.31 35.38 59.47
C HIS SA 457 29.39 34.17 58.54
N ASN SA 458 30.57 33.54 58.42
CA ASN SA 458 30.67 32.47 57.47
C ASN SA 458 29.71 31.35 57.85
N LEU SA 459 29.38 31.20 59.15
CA LEU SA 459 28.48 30.14 59.50
C LEU SA 459 27.09 30.60 59.20
N TRP SA 460 26.86 31.89 59.38
CA TRP SA 460 25.54 32.40 59.12
C TRP SA 460 25.25 32.17 57.65
N ALA SA 461 26.22 32.45 56.79
CA ALA SA 461 25.98 32.25 55.39
C ALA SA 461 25.67 30.81 55.07
N ARG SA 462 26.37 29.86 55.69
CA ARG SA 462 26.10 28.47 55.39
C ARG SA 462 24.69 28.08 55.80
N ILE SA 463 24.25 28.60 56.93
CA ILE SA 463 22.93 28.30 57.43
C ILE SA 463 21.83 28.90 56.59
N ARG SA 464 21.97 30.18 56.22
CA ARG SA 464 20.90 30.78 55.45
C ARG SA 464 20.73 30.07 54.15
N ARG SA 465 21.85 29.71 53.55
CA ARG SA 465 21.77 29.08 52.28
C ARG SA 465 21.12 27.72 52.39
N ASN SA 466 21.43 26.96 53.43
CA ASN SA 466 20.84 25.64 53.57
C ASN SA 466 19.36 25.65 53.91
N VAL SA 467 18.92 26.61 54.70
CA VAL SA 467 17.51 26.61 55.05
C VAL SA 467 16.69 26.97 53.83
N SER SA 468 17.12 27.98 53.08
CA SER SA 468 16.36 28.37 51.92
C SER SA 468 16.33 27.23 50.90
N ALA SA 469 17.47 26.56 50.67
CA ALA SA 469 17.46 25.47 49.70
C ALA SA 469 16.43 24.42 50.07
N PHE SA 470 16.32 24.12 51.37
CA PHE SA 470 15.32 23.17 51.85
C PHE SA 470 13.88 23.61 51.61
N LEU SA 471 13.57 24.86 51.98
CA LEU SA 471 12.20 25.38 51.88
C LEU SA 471 11.71 25.73 50.50
N VAL SA 472 12.60 26.06 49.56
CA VAL SA 472 12.10 26.45 48.26
C VAL SA 472 11.33 25.30 47.62
N ASN SA 473 11.67 24.06 47.93
CA ASN SA 473 10.93 22.95 47.38
C ASN SA 473 9.52 22.84 47.90
N GLU SA 474 9.24 23.37 49.09
CA GLU SA 474 7.88 23.30 49.59
C GLU SA 474 7.05 24.23 48.72
N TRP SA 475 7.68 25.34 48.31
CA TRP SA 475 7.05 26.28 47.38
C TRP SA 475 6.91 25.74 45.96
N ARG SA 476 7.96 25.10 45.45
CA ARG SA 476 7.93 24.56 44.09
C ARG SA 476 6.86 23.50 44.00
N ASN SA 477 6.70 22.75 45.08
CA ASN SA 477 5.72 21.72 45.22
C ASN SA 477 4.46 22.41 45.71
N GLY SA 478 3.38 21.70 45.93
CA GLY SA 478 2.15 22.42 46.31
C GLY SA 478 1.95 22.76 47.81
N ALA SA 479 2.91 22.46 48.68
CA ALA SA 479 2.72 22.69 50.12
C ALA SA 479 2.53 24.16 50.55
N LEU SA 480 3.21 25.11 49.90
CA LEU SA 480 3.10 26.52 50.33
C LEU SA 480 2.25 27.41 49.46
N PHE SA 481 1.81 28.52 50.04
CA PHE SA 481 1.04 29.53 49.35
C PHE SA 481 1.95 30.65 48.88
N GLY SA 482 1.63 31.27 47.75
CA GLY SA 482 2.36 32.43 47.25
C GLY SA 482 2.78 32.26 45.80
N GLN SA 483 2.93 33.39 45.10
CA GLN SA 483 3.30 33.40 43.68
C GLN SA 483 4.79 33.17 43.42
N SER SA 484 5.58 33.31 44.46
CA SER SA 484 7.02 33.18 44.36
C SER SA 484 7.57 32.94 45.78
N PRO SA 485 8.80 32.40 45.95
CA PRO SA 485 9.50 32.21 47.21
C PRO SA 485 9.53 33.47 48.04
N ASP SA 486 9.54 34.61 47.34
CA ASP SA 486 9.58 35.92 47.92
C ASP SA 486 8.48 36.10 48.95
N GLN SA 487 7.31 35.52 48.68
CA GLN SA 487 6.21 35.65 49.59
C GLN SA 487 5.98 34.37 50.33
N ALA SA 488 6.32 33.25 49.69
CA ALA SA 488 6.05 31.93 50.26
C ALA SA 488 6.81 31.62 51.54
N TYR SA 489 8.04 32.10 51.69
CA TYR SA 489 8.76 31.82 52.94
C TYR SA 489 9.83 32.86 53.23
N TYR SA 490 10.33 32.88 54.46
CA TYR SA 490 11.36 33.88 54.83
C TYR SA 490 12.46 33.29 55.72
N VAL SA 491 13.73 33.57 55.38
CA VAL SA 491 14.84 33.13 56.23
C VAL SA 491 15.78 34.28 56.60
N LYS SA 492 16.06 34.45 57.90
CA LYS SA 492 16.99 35.48 58.36
C LYS SA 492 18.01 34.99 59.40
N CYS SA 493 19.28 35.25 59.14
CA CYS SA 493 20.35 34.89 60.07
C CYS SA 493 21.54 35.78 59.81
N ASP SA 494 21.68 36.77 60.66
CA ASP SA 494 22.67 37.82 60.55
C ASP SA 494 22.94 38.38 61.93
N GLU SA 495 23.74 39.44 62.01
CA GLU SA 495 24.13 40.01 63.29
C GLU SA 495 22.97 40.58 64.12
N GLU SA 496 21.77 40.70 63.57
CA GLU SA 496 20.69 41.20 64.40
C GLU SA 496 19.94 40.07 65.08
N THR SA 497 20.29 38.81 64.79
CA THR SA 497 19.62 37.70 65.43
C THR SA 497 20.71 37.14 66.30
N ASN SA 498 21.93 37.46 65.89
CA ASN SA 498 23.17 37.04 66.53
C ASN SA 498 24.02 38.26 66.86
N PRO SA 499 23.63 39.06 67.89
CA PRO SA 499 24.19 40.35 68.26
C PRO SA 499 25.61 40.18 68.80
N PRO SA 500 26.38 41.29 68.85
CA PRO SA 500 27.78 41.41 69.25
C PRO SA 500 28.17 40.77 70.55
N GLU SA 501 27.27 40.65 71.52
CA GLU SA 501 27.70 40.03 72.76
C GLU SA 501 28.28 38.65 72.46
N SER SA 502 27.72 37.95 71.46
CA SER SA 502 28.26 36.68 71.02
C SER SA 502 28.51 35.74 72.18
N VAL SA 503 27.57 35.62 73.08
CA VAL SA 503 27.84 34.77 74.22
C VAL SA 503 27.52 33.35 73.93
N ASP SA 504 28.54 32.53 73.94
CA ASP SA 504 28.42 31.12 73.67
C ASP SA 504 27.57 30.84 72.43
N LEU SA 505 26.48 30.08 72.55
CA LEU SA 505 25.72 29.78 71.36
C LEU SA 505 25.06 30.96 70.69
N GLY SA 506 25.30 31.04 69.38
CA GLY SA 506 24.70 31.99 68.47
C GLY SA 506 23.75 31.18 67.66
N ARG SA 507 23.97 31.11 66.35
CA ARG SA 507 23.12 30.26 65.47
C ARG SA 507 21.64 30.59 65.67
N VAL SA 508 21.27 31.87 65.72
CA VAL SA 508 19.88 32.21 65.81
C VAL SA 508 19.31 32.41 64.41
N VAL SA 509 18.29 31.62 64.03
CA VAL SA 509 17.76 31.76 62.69
C VAL SA 509 16.27 32.08 62.75
N CYS SA 510 15.86 33.18 62.18
CA CYS SA 510 14.45 33.50 62.24
C CYS SA 510 13.78 33.02 60.97
N GLU SA 511 12.61 32.41 61.10
CA GLU SA 511 11.94 31.91 59.90
C GLU SA 511 10.45 32.18 59.84
N ILE SA 512 9.96 32.43 58.64
CA ILE SA 512 8.53 32.63 58.46
C ILE SA 512 7.98 31.52 57.62
N GLY SA 513 6.89 30.94 58.11
CA GLY SA 513 6.22 29.86 57.40
C GLY SA 513 5.27 30.55 56.47
N ILE SA 514 3.97 30.51 56.74
CA ILE SA 514 3.07 31.18 55.82
C ILE SA 514 2.77 32.56 56.42
N ALA SA 515 1.92 32.58 57.45
CA ALA SA 515 1.75 33.76 58.27
C ALA SA 515 2.60 33.71 59.57
N PRO SA 516 2.65 32.59 60.34
CA PRO SA 516 3.29 32.51 61.63
C PRO SA 516 4.79 32.54 61.50
N VAL SA 517 5.42 33.00 62.56
CA VAL SA 517 6.86 33.15 62.60
C VAL SA 517 7.48 32.30 63.73
N LYS SA 518 8.61 31.62 63.43
CA LYS SA 518 9.41 30.82 64.36
C LYS SA 518 10.63 31.66 64.76
N MET TA 1 0.46 38.58 29.30
CA MET TA 1 -0.31 38.80 28.07
C MET TA 1 -0.84 40.25 28.02
N SER TA 2 0.08 41.23 28.12
CA SER TA 2 -0.20 42.69 28.10
C SER TA 2 -0.48 43.26 26.72
N LEU TA 3 -0.11 42.51 25.71
CA LEU TA 3 -0.20 42.87 24.31
C LEU TA 3 -0.91 41.80 23.54
N PRO TA 4 -1.49 42.08 22.36
CA PRO TA 4 -2.03 41.11 21.41
C PRO TA 4 -0.94 40.26 20.75
N LYS TA 5 0.32 40.72 20.84
CA LYS TA 5 1.45 40.05 20.11
C LYS TA 5 1.87 38.68 20.65
N PRO TA 6 1.91 38.39 21.98
CA PRO TA 6 2.27 37.07 22.48
C PRO TA 6 1.27 35.99 22.21
N GLU TA 7 1.76 34.77 22.34
CA GLU TA 7 1.02 33.56 22.18
C GLU TA 7 1.34 32.68 23.33
N ASP TA 8 0.45 31.77 23.66
CA ASP TA 8 0.77 30.83 24.71
C ASP TA 8 1.99 30.04 24.30
N VAL TA 9 2.83 29.78 25.27
CA VAL TA 9 4.08 29.04 25.13
C VAL TA 9 4.03 27.78 25.95
N LEU TA 10 4.89 26.83 25.67
CA LEU TA 10 4.96 25.58 26.40
C LEU TA 10 5.64 25.77 27.73
N VAL TA 11 4.91 26.47 28.59
CA VAL TA 11 5.32 26.86 29.91
C VAL TA 11 5.01 25.82 30.94
N ALA TA 12 3.77 25.35 30.95
CA ALA TA 12 3.38 24.44 31.99
C ALA TA 12 2.12 23.67 31.68
N PRO TA 13 2.12 22.70 30.79
CA PRO TA 13 0.94 21.94 30.53
C PRO TA 13 0.70 21.14 31.79
N ASN TA 14 -0.53 21.09 32.31
CA ASN TA 14 -0.72 20.23 33.52
C ASN TA 14 -2.11 19.57 33.50
N PHE TA 15 -2.38 18.66 34.45
CA PHE TA 15 -3.68 17.94 34.37
C PHE TA 15 -4.49 17.71 35.65
N GLY TA 16 -5.79 18.02 35.59
CA GLY TA 16 -6.77 17.70 36.61
C GLY TA 16 -7.11 16.23 36.41
N ILE TA 17 -6.87 15.42 37.43
CA ILE TA 17 -7.12 13.98 37.35
C ILE TA 17 -7.21 13.36 38.76
N GLN TA 18 -8.02 12.33 39.01
CA GLN TA 18 -8.08 11.80 40.42
C GLN TA 18 -6.91 10.83 40.62
N ILE TA 19 -6.39 10.27 39.54
CA ILE TA 19 -5.29 9.32 39.47
C ILE TA 19 -4.02 10.13 39.52
N ASP TA 20 -3.08 9.79 40.37
CA ASP TA 20 -1.93 10.66 40.60
C ASP TA 20 -0.81 10.75 39.56
N GLY TA 21 -1.17 11.35 38.45
CA GLY TA 21 -0.29 11.68 37.34
C GLY TA 21 0.33 13.02 37.71
N VAL TA 22 1.13 13.00 38.78
CA VAL TA 22 1.68 14.21 39.38
C VAL TA 22 2.71 14.91 38.52
N MET TA 23 3.66 14.18 37.92
CA MET TA 23 4.68 14.83 37.07
C MET TA 23 4.63 14.21 35.68
N VAL TA 24 4.73 15.04 34.64
CA VAL TA 24 4.67 14.60 33.25
C VAL TA 24 5.76 15.17 32.35
N GLU TA 25 5.97 14.54 31.19
CA GLU TA 25 6.85 15.15 30.19
C GLU TA 25 6.04 15.89 29.14
N TYR TA 26 5.04 15.21 28.54
CA TYR TA 26 4.29 15.86 27.46
C TYR TA 26 2.91 15.32 27.14
N LEU TA 27 2.17 16.14 26.41
CA LEU TA 27 0.86 15.81 25.88
C LEU TA 27 0.77 15.99 24.36
N ASN TA 28 0.23 15.00 23.66
CA ASN TA 28 0.12 15.13 22.20
C ASN TA 28 -1.18 14.53 21.63
N SER TA 29 -1.33 14.66 20.31
CA SER TA 29 -2.48 14.21 19.51
C SER TA 29 -3.83 14.75 19.95
N VAL TA 30 -3.90 16.05 20.19
CA VAL TA 30 -5.15 16.68 20.59
C VAL TA 30 -5.81 17.45 19.45
N SER TA 31 -7.03 17.05 19.08
CA SER TA 31 -7.75 17.67 17.97
C SER TA 31 -9.27 17.64 18.12
N ASN TA 32 -9.92 18.56 17.43
CA ASN TA 32 -11.37 18.72 17.36
C ASN TA 32 -11.93 18.60 15.93
N LEU TA 33 -12.62 17.49 15.62
CA LEU TA 33 -13.12 17.27 14.26
C LEU TA 33 -14.62 17.06 14.05
N GLN TA 34 -15.17 17.88 13.15
CA GLN TA 34 -16.55 17.80 12.72
C GLN TA 34 -16.48 17.17 11.33
N ILE TA 35 -17.22 16.07 11.12
CA ILE TA 35 -17.17 15.36 9.87
C ILE TA 35 -18.01 16.03 8.81
N GLU TA 36 -17.49 16.20 7.59
CA GLU TA 36 -18.27 16.83 6.53
C GLU TA 36 -18.92 15.76 5.65
N GLN TA 37 -19.68 16.20 4.65
CA GLN TA 37 -20.35 15.30 3.72
C GLN TA 37 -20.37 15.95 2.35
N ASP TA 38 -20.37 15.15 1.29
CA ASP TA 38 -20.28 15.68 -0.07
C ASP TA 38 -21.25 15.09 -1.09
N VAL TA 39 -22.19 15.91 -1.59
CA VAL TA 39 -23.12 15.40 -2.60
C VAL TA 39 -23.12 16.21 -3.89
N ILE TA 40 -23.18 15.52 -5.02
CA ILE TA 40 -23.19 16.21 -6.31
C ILE TA 40 -24.53 16.01 -7.00
N ARG TA 41 -25.13 17.10 -7.48
CA ARG TA 41 -26.39 17.02 -8.21
C ARG TA 41 -26.37 17.74 -9.55
N TYR TA 42 -27.31 17.39 -10.42
CA TYR TA 42 -27.46 18.06 -11.70
C TYR TA 42 -28.56 19.09 -11.45
N GLN TA 43 -28.36 20.32 -11.91
CA GLN TA 43 -29.35 21.37 -11.69
C GLN TA 43 -30.66 21.10 -12.43
N GLN TA 44 -31.75 21.62 -11.89
CA GLN TA 44 -33.07 21.38 -12.47
C GLN TA 44 -33.17 21.87 -13.90
N ASN TA 45 -33.77 21.02 -14.72
CA ASN TA 45 -33.99 21.23 -16.16
C ASN TA 45 -33.52 22.47 -16.92
N GLN TA 46 -32.27 22.92 -16.75
CA GLN TA 46 -31.84 24.03 -17.56
C GLN TA 46 -30.39 23.90 -17.94
N GLY TA 47 -29.92 24.79 -18.80
CA GLY TA 47 -28.53 24.78 -19.25
C GLY TA 47 -27.49 25.35 -18.30
N THR TA 48 -27.44 24.85 -17.07
CA THR TA 48 -26.44 25.30 -16.10
C THR TA 48 -25.81 24.05 -15.49
N THR TA 49 -24.71 24.22 -14.78
CA THR TA 49 -23.97 23.10 -14.25
C THR TA 49 -24.59 22.58 -13.02
N GLY TA 50 -24.09 21.44 -12.59
CA GLY TA 50 -24.57 20.89 -11.38
C GLY TA 50 -23.99 21.65 -10.23
N ARG TA 51 -24.37 21.22 -9.04
CA ARG TA 51 -23.93 21.85 -7.81
C ARG TA 51 -23.32 20.85 -6.86
N ASN TA 52 -22.48 21.38 -5.98
CA ASN TA 52 -21.81 20.62 -4.95
C ASN TA 52 -22.25 21.06 -3.60
N ASN TA 53 -22.91 20.20 -2.86
CA ASN TA 53 -23.34 20.61 -1.55
C ASN TA 53 -22.42 20.02 -0.49
N VAL TA 54 -21.66 20.91 0.12
CA VAL TA 54 -20.66 20.60 1.13
C VAL TA 54 -20.96 21.32 2.42
N THR TA 55 -22.21 21.73 2.59
CA THR TA 55 -22.71 22.45 3.76
C THR TA 55 -23.49 21.51 4.64
N LEU TA 56 -23.39 20.25 4.30
CA LEU TA 56 -24.02 19.17 4.97
C LEU TA 56 -23.19 18.98 6.22
N MET TA 57 -23.80 18.64 7.35
CA MET TA 57 -23.05 18.55 8.59
C MET TA 57 -23.31 17.33 9.50
N PRO TA 58 -22.64 16.19 9.26
CA PRO TA 58 -22.64 14.94 10.03
C PRO TA 58 -22.08 15.18 11.42
N GLY TA 59 -22.08 14.16 12.27
CA GLY TA 59 -21.67 14.35 13.65
C GLY TA 59 -20.17 14.55 13.91
N VAL TA 60 -19.87 14.63 15.19
CA VAL TA 60 -18.56 14.93 15.72
C VAL TA 60 -17.74 13.68 16.06
N ALA TA 61 -16.50 13.70 15.64
CA ALA TA 61 -15.54 12.62 15.83
C ALA TA 61 -15.01 12.57 17.26
N LYS TA 62 -14.51 11.40 17.64
CA LYS TA 62 -13.92 11.12 18.93
C LYS TA 62 -12.54 10.50 18.74
N ASP TA 63 -11.65 10.62 19.72
CA ASP TA 63 -10.30 10.07 19.61
C ASP TA 63 -9.64 9.91 20.99
N GLY TA 64 -8.32 9.75 20.98
CA GLY TA 64 -7.56 9.58 22.20
C GLY TA 64 -6.32 10.47 22.20
N SER TA 65 -5.84 10.83 23.39
CA SER TA 65 -4.67 11.69 23.50
C SER TA 65 -3.49 10.98 24.17
N VAL TA 66 -2.32 11.07 23.54
CA VAL TA 66 -1.11 10.45 24.05
C VAL TA 66 -0.60 11.21 25.28
N GLN TA 67 -0.21 10.48 26.31
CA GLN TA 67 0.28 11.07 27.53
C GLN TA 67 1.60 10.46 27.92
N VAL TA 68 2.63 11.28 28.08
CA VAL TA 68 3.90 10.69 28.45
C VAL TA 68 4.38 11.10 29.81
N GLU TA 69 4.58 10.08 30.62
CA GLU TA 69 5.05 10.16 31.96
C GLU TA 69 6.54 10.11 31.79
N ARG TA 70 7.25 10.94 32.53
CA ARG TA 70 8.68 10.99 32.33
C ARG TA 70 9.33 9.63 32.36
N GLY TA 71 8.92 8.78 33.27
CA GLY TA 71 9.53 7.48 33.31
C GLY TA 71 9.05 6.64 34.43
N MET TA 72 9.53 5.43 34.44
CA MET TA 72 9.13 4.48 35.45
C MET TA 72 9.70 4.84 36.79
N SER TA 73 8.91 4.57 37.82
CA SER TA 73 9.25 4.78 39.21
C SER TA 73 8.56 3.68 39.96
N GLN TA 74 8.71 3.66 41.27
CA GLN TA 74 8.11 2.61 42.07
C GLN TA 74 6.60 2.77 42.27
N SER TA 75 6.04 3.92 41.90
CA SER TA 75 4.61 4.14 42.12
C SER TA 75 3.75 3.74 40.92
N SER TA 76 3.04 2.62 41.05
CA SER TA 76 2.29 2.05 39.94
C SER TA 76 0.88 2.63 39.76
N VAL TA 77 0.87 3.91 39.46
CA VAL TA 77 -0.38 4.66 39.31
C VAL TA 77 -1.14 4.28 38.05
N PHE TA 78 -0.42 4.30 36.92
CA PHE TA 78 -1.07 3.99 35.62
C PHE TA 78 -1.30 2.48 35.51
N THR TA 79 -0.43 1.67 36.11
CA THR TA 79 -0.61 0.26 35.94
C THR TA 79 -1.92 -0.13 36.58
N GLN TA 80 -2.23 0.38 37.76
CA GLN TA 80 -3.48 -0.05 38.31
C GLN TA 80 -4.66 0.47 37.50
N TRP TA 81 -4.57 1.67 36.94
CA TRP TA 81 -5.70 2.15 36.17
C TRP TA 81 -6.02 1.15 35.05
N ILE TA 82 -4.98 0.71 34.33
CA ILE TA 82 -5.27 -0.25 33.28
C ILE TA 82 -5.74 -1.58 33.86
N ASN TA 83 -5.24 -2.01 35.02
CA ASN TA 83 -5.72 -3.26 35.58
C ASN TA 83 -7.20 -3.23 35.90
N ASP TA 84 -7.71 -2.09 36.38
CA ASP TA 84 -9.13 -2.03 36.72
C ASP TA 84 -10.01 -2.21 35.50
N SER TA 85 -9.60 -1.62 34.38
CA SER TA 85 -10.39 -1.79 33.16
C SER TA 85 -10.26 -3.21 32.63
N MET TA 86 -9.08 -3.82 32.71
CA MET TA 86 -8.90 -5.17 32.18
C MET TA 86 -9.74 -6.16 32.97
N ALA TA 87 -9.92 -5.86 34.25
CA ALA TA 87 -10.70 -6.67 35.17
C ALA TA 87 -12.21 -6.60 34.91
N GLY TA 88 -12.66 -5.65 34.09
CA GLY TA 88 -14.07 -5.50 33.78
C GLY TA 88 -14.85 -4.38 34.49
N ARG TA 89 -14.20 -3.51 35.26
CA ARG TA 89 -14.99 -2.46 35.87
C ARG TA 89 -14.99 -1.27 34.94
N MET TA 90 -16.09 -0.55 34.81
CA MET TA 90 -16.07 0.63 33.94
C MET TA 90 -15.44 1.79 34.71
N ALA TA 91 -14.13 1.68 34.90
CA ALA TA 91 -13.30 2.56 35.70
C ALA TA 91 -12.84 3.76 34.91
N THR TA 92 -13.79 4.60 34.55
CA THR TA 92 -13.50 5.75 33.72
C THR TA 92 -13.40 6.99 34.59
N ALA TA 93 -12.89 8.08 34.03
CA ALA TA 93 -12.81 9.32 34.79
C ALA TA 93 -12.74 10.57 33.93
N ARG TA 94 -13.18 11.69 34.49
CA ARG TA 94 -13.09 13.02 33.87
C ARG TA 94 -11.68 13.59 33.97
N LYS TA 95 -11.22 14.26 32.92
CA LYS TA 95 -9.89 14.92 32.96
C LYS TA 95 -9.87 16.34 32.44
N ASN TA 96 -8.89 17.11 32.90
CA ASN TA 96 -8.74 18.48 32.43
C ASN TA 96 -7.33 18.86 32.00
N ALA TA 97 -7.15 19.14 30.72
CA ALA TA 97 -5.83 19.51 30.20
C ALA TA 97 -5.70 21.03 30.23
N THR TA 98 -4.75 21.53 31.00
CA THR TA 98 -4.60 22.98 31.19
C THR TA 98 -3.38 23.62 30.53
N ILE TA 99 -3.61 24.74 29.84
CA ILE TA 99 -2.56 25.54 29.21
C ILE TA 99 -2.35 26.81 30.02
N ILE TA 100 -1.10 27.04 30.39
CA ILE TA 100 -0.67 28.11 31.28
C ILE TA 100 0.26 29.15 30.67
N VAL TA 101 0.05 30.39 31.09
CA VAL TA 101 0.77 31.59 30.67
C VAL TA 101 2.14 31.77 31.31
N MET TA 102 2.96 32.60 30.66
CA MET TA 102 4.31 32.91 31.09
C MET TA 102 4.32 33.19 32.59
N ASP TA 103 3.43 34.06 33.03
CA ASP TA 103 3.20 34.28 34.44
C ASP TA 103 2.16 33.26 34.76
N TYR TA 104 2.60 32.21 35.40
CA TYR TA 104 1.85 31.00 35.62
C TYR TA 104 0.58 31.13 36.39
N GLU TA 105 0.38 32.22 37.13
CA GLU TA 105 -0.87 32.30 37.85
C GLU TA 105 -2.04 32.46 36.88
N ASP TA 106 -1.76 32.90 35.67
CA ASP TA 106 -2.74 33.10 34.63
C ASP TA 106 -2.92 31.76 33.86
N ASN TA 107 -4.11 31.17 33.94
CA ASN TA 107 -4.37 29.83 33.37
C ASN TA 107 -5.59 29.85 32.42
N PRO TA 108 -5.50 30.53 31.26
CA PRO TA 108 -6.61 30.82 30.36
C PRO TA 108 -7.23 29.71 29.54
N VAL TA 109 -6.56 28.58 29.29
CA VAL TA 109 -7.23 27.62 28.43
C VAL TA 109 -7.33 26.24 29.03
N LYS TA 110 -8.54 25.71 29.07
CA LYS TA 110 -8.73 24.39 29.61
C LYS TA 110 -9.59 23.54 28.70
N ARG TA 111 -9.22 22.27 28.56
CA ARG TA 111 -10.03 21.34 27.79
C ARG TA 111 -10.53 20.20 28.63
N TRP TA 112 -11.84 20.06 28.61
CA TRP TA 112 -12.55 19.03 29.33
C TRP TA 112 -12.69 17.76 28.57
N ASN TA 113 -12.22 16.69 29.16
CA ASN TA 113 -12.33 15.38 28.60
C ASN TA 113 -13.43 14.64 29.34
N LEU TA 114 -14.29 14.06 28.50
CA LEU TA 114 -15.48 13.35 29.01
C LEU TA 114 -15.17 12.32 30.09
N ARG TA 115 -16.09 12.18 31.02
CA ARG TA 115 -16.07 11.23 32.12
C ARG TA 115 -15.92 9.79 31.76
N ASN TA 116 -16.11 9.48 30.51
CA ASN TA 116 -15.99 8.14 30.04
C ASN TA 116 -14.57 7.84 29.58
N ALA TA 117 -13.65 8.77 29.75
CA ALA TA 117 -12.28 8.50 29.32
C ALA TA 117 -11.63 7.37 30.11
N TRP TA 118 -10.81 6.57 29.39
CA TRP TA 118 -10.12 5.42 30.04
C TRP TA 118 -8.80 5.08 29.35
N CYS TA 119 -7.92 4.34 30.02
CA CYS TA 119 -6.63 3.89 29.51
C CYS TA 119 -6.60 2.54 28.83
N SER TA 120 -6.18 2.50 27.57
CA SER TA 120 -6.11 1.25 26.82
C SER TA 120 -4.69 0.72 26.71
N LYS TA 121 -3.70 1.59 26.78
CA LYS TA 121 -2.31 1.09 26.67
C LYS TA 121 -1.33 1.63 27.65
N VAL TA 122 -0.41 0.76 28.01
CA VAL TA 122 0.80 1.15 28.71
C VAL TA 122 1.99 0.62 27.91
N VAL TA 123 2.87 1.50 27.45
CA VAL TA 123 4.00 1.06 26.64
C VAL TA 123 5.35 1.44 27.23
N ALA TA 124 6.23 0.45 27.35
CA ALA TA 124 7.56 0.64 27.89
C ALA TA 124 8.53 1.16 26.85
N GLY TA 125 9.60 1.80 27.30
CA GLY TA 125 10.65 2.24 26.37
C GLY TA 125 11.61 1.09 26.13
N THR TA 126 12.69 1.33 25.40
CA THR TA 126 13.70 0.32 25.09
C THR TA 126 14.76 0.27 26.17
N LEU TA 127 15.17 -0.93 26.57
CA LEU TA 127 16.22 -1.00 27.56
C LEU TA 127 17.50 -1.59 26.98
N LYS TA 128 18.48 -0.74 26.70
CA LYS TA 128 19.74 -1.16 26.08
C LYS TA 128 20.98 -0.65 26.80
N ALA TA 129 21.92 -1.57 27.05
CA ALA TA 129 23.10 -1.20 27.81
C ALA TA 129 23.87 -0.08 27.14
N GLY TA 130 24.19 0.93 27.92
CA GLY TA 130 24.99 2.07 27.46
C GLY TA 130 24.24 3.17 26.73
N ASP TA 131 22.92 3.02 26.48
CA ASP TA 131 22.27 4.07 25.69
C ASP TA 131 22.36 5.45 26.25
N THR TA 132 22.37 5.59 27.56
CA THR TA 132 22.57 6.88 28.24
C THR TA 132 21.45 7.91 28.08
N ASN TA 133 21.05 8.22 26.87
CA ASN TA 133 20.02 9.24 26.66
C ASN TA 133 18.64 8.62 26.56
N ALA TA 134 18.58 7.33 26.79
CA ALA TA 134 17.35 6.58 26.82
C ALA TA 134 17.07 6.42 28.30
N LEU TA 135 15.92 6.96 28.75
CA LEU TA 135 15.66 7.02 30.18
C LEU TA 135 14.33 6.44 30.66
N THR TA 136 14.01 5.24 30.20
CA THR TA 136 12.81 4.48 30.58
C THR TA 136 11.51 5.29 30.69
N GLU TA 137 11.09 5.89 29.58
CA GLU TA 137 9.85 6.67 29.51
C GLU TA 137 8.66 5.75 29.47
N THR TA 138 7.47 6.21 29.86
CA THR TA 138 6.31 5.36 29.68
C THR TA 138 5.26 6.10 28.88
N ILE TA 139 4.58 5.37 28.00
CA ILE TA 139 3.56 6.02 27.21
C ILE TA 139 2.20 5.52 27.62
N THR TA 140 1.30 6.42 27.93
CA THR TA 140 -0.03 6.03 28.33
C THR TA 140 -1.03 6.48 27.27
N ILE TA 141 -1.87 5.56 26.81
CA ILE TA 141 -2.85 5.96 25.81
C ILE TA 141 -4.25 5.95 26.37
N VAL TA 142 -4.87 7.12 26.31
CA VAL TA 142 -6.20 7.34 26.88
C VAL TA 142 -7.22 7.72 25.83
N PHE TA 143 -8.36 7.03 25.85
CA PHE TA 143 -9.43 7.31 24.87
C PHE TA 143 -10.33 8.43 25.39
N GLU TA 144 -10.54 9.46 24.57
CA GLU TA 144 -11.40 10.57 24.94
C GLU TA 144 -12.62 10.70 24.03
N GLU TA 145 -13.75 10.23 24.55
CA GLU TA 145 -15.02 10.22 23.83
C GLU TA 145 -15.45 11.59 23.33
N LEU TA 146 -15.24 12.58 24.16
CA LEU TA 146 -15.64 13.94 23.83
C LEU TA 146 -14.74 14.98 24.44
N VAL TA 147 -14.28 15.91 23.61
CA VAL TA 147 -13.43 16.98 24.10
C VAL TA 147 -14.07 18.33 23.89
N VAL TA 148 -14.23 19.07 24.97
CA VAL TA 148 -14.86 20.38 24.95
C VAL TA 148 -13.96 21.45 25.55
N GLU TA 149 -13.76 22.61 24.87
CA GLU TA 149 -12.93 23.71 25.39
C GLU TA 149 -13.54 24.28 26.70
N MET UA 1 49.64 32.23 82.47
CA MET UA 1 50.97 32.73 82.15
C MET UA 1 52.05 31.74 82.67
N PRO UA 2 52.26 30.53 82.00
CA PRO UA 2 53.27 29.53 82.33
C PRO UA 2 54.60 30.09 81.91
N SER UA 3 55.69 29.64 82.48
CA SER UA 3 56.92 30.17 81.93
C SER UA 3 57.11 29.67 80.52
N TYR UA 4 57.53 30.60 79.68
CA TYR UA 4 57.86 30.43 78.29
C TYR UA 4 59.29 30.83 77.97
N LEU UA 5 60.07 31.06 79.01
CA LEU UA 5 61.47 31.47 78.89
C LEU UA 5 62.33 30.33 78.36
N SER UA 6 62.09 29.15 78.89
CA SER UA 6 62.94 28.00 78.68
C SER UA 6 62.29 26.67 78.99
N PRO UA 7 62.84 25.56 78.48
CA PRO UA 7 62.55 24.20 78.88
C PRO UA 7 62.77 24.00 80.40
N GLY UA 8 63.56 24.87 81.01
CA GLY UA 8 63.87 24.86 82.43
C GLY UA 8 64.69 26.11 82.75
N VAL UA 9 64.53 26.66 83.94
CA VAL UA 9 65.25 27.91 84.27
C VAL UA 9 66.28 27.79 85.39
N TYR UA 10 66.60 26.58 85.81
CA TYR UA 10 67.57 26.43 86.87
C TYR UA 10 68.79 25.68 86.40
N VAL UA 11 68.60 24.46 85.88
CA VAL UA 11 69.76 23.72 85.43
C VAL UA 11 69.59 23.33 83.98
N GLU UA 12 70.49 23.80 83.13
CA GLU UA 12 70.35 23.49 81.73
C GLU UA 12 70.98 22.18 81.37
N GLU UA 13 70.28 21.10 81.66
CA GLU UA 13 70.81 19.76 81.40
C GLU UA 13 70.60 19.44 79.92
N VAL UA 14 71.33 20.16 79.07
CA VAL UA 14 71.20 20.07 77.61
C VAL UA 14 72.45 19.66 76.78
N ALA UA 15 73.65 19.52 77.42
CA ALA UA 15 74.93 19.24 76.77
C ALA UA 15 75.07 17.74 76.46
N GLY UA 28 60.51 13.30 65.09
CA GLY UA 28 59.43 12.73 65.84
C GLY UA 28 58.30 12.37 64.88
N VAL UA 29 57.13 12.01 65.44
CA VAL UA 29 55.91 11.61 64.71
C VAL UA 29 54.72 12.54 64.94
N GLY UA 30 54.92 13.57 65.76
CA GLY UA 30 53.85 14.48 66.12
C GLY UA 30 53.00 13.81 67.19
N THR UA 31 51.78 14.28 67.39
CA THR UA 31 50.93 13.73 68.44
C THR UA 31 50.20 12.52 67.88
N SER UA 32 50.99 11.54 67.49
CA SER UA 32 50.56 10.34 66.82
C SER UA 32 50.69 9.13 67.71
N VAL UA 33 51.20 9.37 68.92
CA VAL UA 33 51.42 8.33 69.89
C VAL UA 33 50.90 8.66 71.28
N ALA UA 34 50.63 7.60 72.02
CA ALA UA 34 50.10 7.69 73.38
C ALA UA 34 50.65 6.61 74.28
N ALA UA 35 50.56 6.80 75.59
CA ALA UA 35 51.02 5.78 76.53
C ALA UA 35 49.89 5.09 77.27
N PHE UA 36 49.99 3.78 77.26
CA PHE UA 36 49.05 2.89 77.91
C PHE UA 36 49.76 2.20 79.05
N VAL UA 37 49.34 2.54 80.25
CA VAL UA 37 50.00 2.01 81.43
C VAL UA 37 49.12 1.04 82.14
N GLY UA 38 49.57 -0.20 82.27
CA GLY UA 38 48.76 -1.17 82.98
C GLY UA 38 49.21 -2.60 82.82
N LEU UA 39 48.65 -3.46 83.67
CA LEU UA 39 49.03 -4.86 83.77
C LEU UA 39 48.70 -5.58 82.49
N ALA UA 40 49.48 -6.62 82.17
CA ALA UA 40 49.27 -7.33 80.88
C ALA UA 40 49.66 -8.80 81.02
N PRO UA 41 48.92 -9.74 80.38
CA PRO UA 41 49.29 -11.15 80.41
C PRO UA 41 50.47 -11.41 79.46
N THR UA 42 51.57 -11.97 79.99
CA THR UA 42 52.76 -12.27 79.16
C THR UA 42 53.12 -11.04 78.32
N GLY UA 43 53.06 -9.85 78.92
CA GLY UA 43 53.39 -8.60 78.19
C GLY UA 43 54.89 -8.32 78.22
N PRO UA 44 55.33 -7.08 77.94
CA PRO UA 44 56.74 -6.71 77.99
C PRO UA 44 57.26 -6.70 79.43
N LEU UA 45 58.50 -6.27 79.64
CA LEU UA 45 59.04 -6.16 81.03
C LEU UA 45 58.46 -4.90 81.68
N ASN UA 46 58.19 -4.96 82.99
CA ASN UA 46 57.58 -3.81 83.68
C ASN UA 46 58.07 -2.38 83.37
N GLU UA 47 59.38 -2.21 83.24
CA GLU UA 47 60.09 -0.95 83.00
C GLU UA 47 60.32 -0.44 81.55
N PRO UA 48 60.87 -1.24 80.61
CA PRO UA 48 61.29 -0.82 79.28
C PRO UA 48 60.12 -0.58 78.37
N THR UA 49 59.51 0.57 78.56
CA THR UA 49 58.33 0.94 77.82
C THR UA 49 58.61 0.79 76.33
N LEU UA 50 57.74 0.08 75.63
CA LEU UA 50 57.87 -0.19 74.21
C LEU UA 50 56.92 0.58 73.36
N VAL UA 51 57.38 1.16 72.24
CA VAL UA 51 56.41 1.80 71.36
C VAL UA 51 56.29 1.17 69.99
N THR UA 52 55.06 0.83 69.62
CA THR UA 52 54.77 0.26 68.30
C THR UA 52 53.31 0.31 67.87
N ASN UA 53 53.02 -0.30 66.70
CA ASN UA 53 51.70 -0.38 66.07
C ASN UA 53 50.88 -1.60 66.53
N TRP UA 54 49.65 -1.79 66.01
CA TRP UA 54 48.85 -2.93 66.46
C TRP UA 54 49.46 -4.28 66.14
N THR UA 55 49.92 -4.45 64.92
CA THR UA 55 50.45 -5.74 64.51
C THR UA 55 51.55 -6.25 65.43
N GLN UA 56 52.50 -5.38 65.77
CA GLN UA 56 53.56 -5.81 66.64
C GLN UA 56 53.08 -5.89 68.09
N TYR UA 57 52.15 -5.02 68.48
CA TYR UA 57 51.60 -5.04 69.82
C TYR UA 57 51.07 -6.42 70.10
N VAL UA 58 50.32 -6.98 69.16
CA VAL UA 58 49.79 -8.30 69.39
C VAL UA 58 50.89 -9.32 69.49
N ALA UA 59 51.89 -9.25 68.61
CA ALA UA 59 52.96 -10.23 68.69
C ALA UA 59 53.63 -10.21 70.07
N ALA UA 60 53.74 -9.02 70.66
CA ALA UA 60 54.34 -8.81 71.97
C ALA UA 60 53.32 -8.74 73.14
N PHE UA 61 52.03 -8.96 72.90
CA PHE UA 61 51.02 -8.82 73.96
C PHE UA 61 50.08 -10.03 74.11
N GLY UA 62 49.63 -10.61 72.99
CA GLY UA 62 48.62 -11.67 73.00
C GLY UA 62 47.27 -11.20 72.42
N ASP UA 63 46.58 -12.10 71.73
CA ASP UA 63 45.31 -11.71 71.10
C ASP UA 63 44.12 -11.78 72.05
N PHE UA 64 44.07 -10.85 73.01
CA PHE UA 64 42.99 -10.79 74.01
C PHE UA 64 42.85 -12.11 74.80
N THR UA 65 43.93 -12.86 74.95
CA THR UA 65 43.83 -14.18 75.54
C THR UA 65 43.59 -14.23 77.03
N GLY UA 66 43.89 -13.15 77.74
CA GLY UA 66 43.65 -13.15 79.17
C GLY UA 66 42.23 -12.66 79.48
N GLY UA 67 41.48 -12.23 78.43
CA GLY UA 67 40.14 -11.69 78.61
C GLY UA 67 40.26 -10.34 79.29
N TYR UA 68 41.43 -9.78 79.00
CA TYR UA 68 41.85 -8.56 79.73
C TYR UA 68 41.73 -7.26 78.94
N TYR UA 69 41.57 -6.16 79.68
CA TYR UA 69 41.27 -4.84 79.05
C TYR UA 69 42.37 -4.18 78.22
N LEU UA 70 43.66 -4.25 78.59
CA LEU UA 70 44.55 -3.43 77.78
C LEU UA 70 44.45 -3.79 76.31
N ALA UA 71 44.05 -5.01 75.97
CA ALA UA 71 43.98 -5.31 74.56
C ALA UA 71 42.94 -4.43 73.89
N HIS UA 72 41.84 -4.19 74.61
CA HIS UA 72 40.72 -3.41 74.04
C HIS UA 72 41.10 -1.93 73.89
N SER UA 73 41.73 -1.34 74.91
CA SER UA 73 41.98 0.09 74.80
C SER UA 73 43.00 0.35 73.71
N VAL UA 74 43.95 -0.56 73.54
CA VAL UA 74 44.93 -0.35 72.50
C VAL UA 74 44.32 -0.64 71.16
N TYR UA 75 43.54 -1.72 71.05
CA TYR UA 75 42.90 -2.02 69.81
C TYR UA 75 42.02 -0.87 69.38
N GLY UA 76 41.21 -0.34 70.30
CA GLY UA 76 40.31 0.76 70.00
C GLY UA 76 41.07 1.97 69.51
N PHE UA 77 42.23 2.23 70.09
CA PHE UA 77 43.04 3.34 69.61
C PHE UA 77 43.42 3.15 68.17
N PHE UA 78 44.08 2.03 67.88
CA PHE UA 78 44.51 1.75 66.48
C PHE UA 78 43.28 1.50 65.61
N ASN UA 79 42.16 1.13 66.25
CA ASN UA 79 40.90 0.90 65.49
C ASN UA 79 40.48 2.21 64.81
N ASN UA 80 40.70 3.34 65.48
CA ASN UA 80 40.25 4.65 64.93
C ASN UA 80 41.42 5.33 64.20
N GLY UA 81 42.57 5.48 64.87
CA GLY UA 81 43.72 6.17 64.25
C GLY UA 81 44.91 6.27 65.18
N GLY UA 82 46.05 6.74 64.66
CA GLY UA 82 47.27 6.86 65.47
C GLY UA 82 48.27 5.87 64.89
N SER UA 83 49.57 6.12 65.05
CA SER UA 83 50.51 5.19 64.43
C SER UA 83 51.18 4.24 65.40
N ALA UA 84 51.27 4.65 66.65
CA ALA UA 84 51.94 3.80 67.61
C ALA UA 84 51.60 4.18 69.03
N ALA UA 85 51.90 3.29 69.93
CA ALA UA 85 51.69 3.64 71.30
C ALA UA 85 52.73 2.97 72.16
N TYR UA 86 53.01 3.62 73.28
CA TYR UA 86 53.95 3.20 74.29
C TYR UA 86 53.24 2.32 75.31
N VAL UA 87 53.76 1.13 75.57
CA VAL UA 87 53.12 0.28 76.54
C VAL UA 87 54.01 -0.02 77.72
N VAL UA 88 53.44 0.20 78.90
CA VAL UA 88 54.15 -0.06 80.13
C VAL UA 88 53.52 -1.27 80.74
N ARG UA 89 54.28 -2.35 80.85
CA ARG UA 89 53.74 -3.58 81.38
C ARG UA 89 53.28 -3.45 82.81
N VAL UA 90 54.04 -2.71 83.63
CA VAL UA 90 53.76 -2.54 85.06
C VAL UA 90 54.04 -3.84 85.84
N GLY UA 91 53.32 -4.90 85.49
CA GLY UA 91 53.42 -6.21 86.08
C GLY UA 91 52.46 -7.16 85.37
N GLY UA 92 52.37 -8.39 85.84
CA GLY UA 92 51.50 -9.32 85.15
C GLY UA 92 50.05 -9.17 85.50
N SER UA 93 49.21 -9.61 84.57
CA SER UA 93 47.76 -9.68 84.71
C SER UA 93 47.31 -11.10 84.66
N ALA UA 94 46.06 -11.32 84.28
CA ALA UA 94 45.55 -12.67 84.22
C ALA UA 94 46.29 -13.45 83.15
N GLU UA 95 46.69 -14.67 83.51
CA GLU UA 95 47.37 -15.60 82.60
C GLU UA 95 46.79 -17.00 82.82
N ASP UA 96 46.78 -17.86 81.77
CA ASP UA 96 46.33 -19.27 81.81
C ASP UA 96 44.87 -19.38 82.28
N GLN UA 232 49.71 -7.73 95.69
CA GLN UA 232 48.89 -6.48 95.76
C GLN UA 232 48.76 -5.89 94.35
N ALA UA 233 48.40 -6.72 93.37
CA ALA UA 233 48.18 -6.21 91.98
C ALA UA 233 47.23 -5.01 91.99
N GLU UA 234 46.27 -5.02 92.93
CA GLU UA 234 45.29 -3.96 93.10
C GLU UA 234 45.89 -2.73 93.78
N SER UA 235 47.09 -2.86 94.36
CA SER UA 235 47.71 -1.75 95.05
C SER UA 235 48.25 -0.80 94.04
N ALA UA 236 48.37 0.45 94.48
CA ALA UA 236 48.93 1.46 93.58
C ALA UA 236 50.45 1.35 93.53
N HIS UA 237 51.12 0.81 94.55
CA HIS UA 237 52.62 0.82 94.53
C HIS UA 237 53.21 0.02 93.34
N PRO UA 238 52.81 -1.24 93.07
CA PRO UA 238 53.37 -2.05 92.02
C PRO UA 238 52.56 -1.77 90.76
N GLY UA 239 51.65 -0.82 90.86
CA GLY UA 239 50.63 -0.53 89.90
C GLY UA 239 50.85 0.89 89.43
N PRO UA 240 49.79 1.60 89.02
CA PRO UA 240 49.85 2.94 88.45
C PRO UA 240 50.06 4.03 89.50
N ALA UA 241 51.18 3.95 90.19
CA ALA UA 241 51.62 4.89 91.19
C ALA UA 241 52.80 5.62 90.68
N GLN UA 242 53.26 6.59 91.44
CA GLN UA 242 54.47 7.29 91.05
C GLN UA 242 55.64 6.44 91.55
N TYR UA 243 55.84 5.28 90.94
CA TYR UA 243 56.88 4.39 91.40
C TYR UA 243 58.18 4.81 90.80
N LEU UA 244 58.75 5.79 91.45
CA LEU UA 244 60.00 6.32 91.01
C LEU UA 244 61.07 5.36 91.42
N GLY UA 245 60.89 4.59 92.50
CA GLY UA 245 61.93 3.62 92.80
C GLY UA 245 63.20 4.30 93.30
N ASP UA 246 63.05 5.31 94.15
CA ASP UA 246 64.22 6.06 94.63
C ASP UA 246 64.98 6.65 93.44
N SER UA 247 64.20 7.34 92.61
CA SER UA 247 64.58 8.00 91.37
C SER UA 247 65.14 7.07 90.30
N SER UA 248 64.57 5.87 90.18
CA SER UA 248 64.93 4.92 89.15
C SER UA 248 64.01 5.07 87.94
N ASP UA 249 62.80 5.64 88.16
CA ASP UA 249 61.75 5.85 87.15
C ASP UA 249 61.32 4.50 86.55
N ARG UA 250 60.54 3.68 87.26
CA ARG UA 250 60.33 2.32 86.69
C ARG UA 250 58.91 1.77 86.58
N THR UA 251 58.03 1.95 87.58
CA THR UA 251 56.75 1.20 87.52
C THR UA 251 55.54 2.09 87.47
N GLY UA 252 54.51 1.66 86.77
CA GLY UA 252 53.31 2.47 86.74
C GLY UA 252 53.60 3.69 85.92
N PHE UA 253 53.59 4.84 86.55
CA PHE UA 253 53.89 6.04 85.79
C PHE UA 253 55.38 6.22 85.78
N GLY UA 254 56.06 5.40 86.56
CA GLY UA 254 57.48 5.46 86.56
C GLY UA 254 57.87 4.89 85.22
N GLY UA 255 58.89 5.46 84.66
CA GLY UA 255 59.44 5.07 83.39
C GLY UA 255 58.95 6.02 82.33
N LEU UA 256 57.91 6.80 82.64
CA LEU UA 256 57.42 7.75 81.68
C LEU UA 256 58.01 9.13 81.88
N GLU UA 257 58.59 9.45 83.05
CA GLU UA 257 59.09 10.82 83.19
C GLU UA 257 60.25 11.01 82.23
N ALA UA 258 60.95 9.92 81.99
CA ALA UA 258 62.10 9.87 81.09
C ALA UA 258 61.72 9.81 79.62
N ILE UA 259 60.43 9.73 79.28
CA ILE UA 259 60.05 9.60 77.90
C ILE UA 259 59.26 10.78 77.35
N ASP UA 260 59.79 11.34 76.27
CA ASP UA 260 59.22 12.44 75.52
C ASP UA 260 58.37 11.84 74.41
N GLU UA 261 57.71 12.69 73.62
CA GLU UA 261 56.90 12.20 72.46
C GLU UA 261 55.66 11.45 72.93
N ILE UA 262 55.01 11.90 74.01
CA ILE UA 262 53.74 11.29 74.42
C ILE UA 262 52.72 12.39 74.60
N SER UA 263 51.58 12.32 73.91
CA SER UA 263 50.62 13.41 74.14
C SER UA 263 49.55 13.04 75.19
N MET UA 264 49.26 11.76 75.29
CA MET UA 264 48.20 11.24 76.17
C MET UA 264 48.62 10.08 77.03
N VAL UA 265 48.14 10.05 78.29
CA VAL UA 265 48.38 8.91 79.17
C VAL UA 265 47.08 8.36 79.75
N ALA UA 266 46.93 7.03 79.69
CA ALA UA 266 45.74 6.36 80.26
C ALA UA 266 46.13 5.15 81.09
N VAL UA 267 45.30 4.83 82.09
CA VAL UA 267 45.48 3.67 82.98
C VAL UA 267 44.26 2.75 83.04
N PRO UA 268 44.01 1.96 81.99
CA PRO UA 268 42.84 1.11 81.83
C PRO UA 268 42.70 -0.04 82.83
N ASP UA 269 43.76 -0.44 83.54
CA ASP UA 269 43.61 -1.54 84.45
C ASP UA 269 43.24 -1.08 85.86
N LEU UA 270 43.02 0.22 86.05
CA LEU UA 270 42.63 0.70 87.36
C LEU UA 270 41.26 0.17 87.68
N MET UA 271 40.41 0.15 86.67
CA MET UA 271 39.06 -0.31 86.87
C MET UA 271 39.01 -1.82 87.07
N ALA UA 272 39.96 -2.55 86.49
CA ALA UA 272 39.97 -3.99 86.72
C ALA UA 272 40.24 -4.24 88.20
N ALA UA 273 41.17 -3.44 88.75
CA ALA UA 273 41.50 -3.51 90.16
C ALA UA 273 40.32 -3.07 91.01
N TYR UA 274 39.59 -2.07 90.54
CA TYR UA 274 38.42 -1.60 91.26
C TYR UA 274 37.46 -2.75 91.50
N GLN UA 275 37.16 -3.47 90.41
CA GLN UA 275 36.24 -4.60 90.45
C GLN UA 275 36.73 -5.82 91.20
N ARG UA 276 38.02 -6.15 91.07
CA ARG UA 276 38.51 -7.36 91.69
C ARG UA 276 39.17 -7.21 93.05
N GLY UA 277 39.76 -6.05 93.33
CA GLY UA 277 40.46 -5.82 94.58
C GLY UA 277 39.52 -5.25 95.62
N ALA UA 278 38.26 -5.04 95.24
CA ALA UA 278 37.24 -4.45 96.10
C ALA UA 278 37.68 -3.10 96.69
N ILE UA 279 38.07 -2.16 95.82
CA ILE UA 279 38.55 -0.86 96.31
C ILE UA 279 37.80 0.32 95.72
N ASP UA 280 37.83 1.47 96.39
CA ASP UA 280 37.19 2.70 95.91
C ASP UA 280 37.83 3.94 96.54
N LEU UA 281 37.34 5.11 96.15
CA LEU UA 281 37.71 6.41 96.68
C LEU UA 281 39.19 6.63 96.77
N GLU UA 282 39.76 6.65 97.97
CA GLU UA 282 41.17 6.96 98.09
C GLU UA 282 42.05 5.98 97.34
N ALA UA 283 41.58 4.74 97.19
CA ALA UA 283 42.33 3.70 96.50
C ALA UA 283 42.30 3.87 94.99
N VAL UA 284 41.47 4.81 94.53
CA VAL UA 284 41.31 5.14 93.14
C VAL UA 284 41.95 6.50 92.91
N LYS UA 285 41.62 7.47 93.78
CA LYS UA 285 42.11 8.83 93.73
C LYS UA 285 43.62 8.87 93.84
N ALA UA 286 44.20 7.95 94.60
CA ALA UA 286 45.64 7.89 94.73
C ALA UA 286 46.30 7.74 93.36
N VAL UA 287 45.63 7.06 92.45
CA VAL UA 287 46.14 6.84 91.13
C VAL UA 287 45.78 7.97 90.22
N GLN UA 288 44.53 8.41 90.27
CA GLN UA 288 44.06 9.46 89.39
C GLN UA 288 44.72 10.80 89.66
N LEU UA 289 44.96 11.12 90.94
CA LEU UA 289 45.62 12.35 91.29
C LEU UA 289 47.09 12.21 90.93
N GLY UA 290 47.58 10.98 91.02
CA GLY UA 290 48.95 10.63 90.66
C GLY UA 290 49.17 10.93 89.17
N LEU UA 291 48.25 10.45 88.33
CA LEU UA 291 48.30 10.69 86.90
C LEU UA 291 48.25 12.17 86.58
N ILE UA 292 47.41 12.92 87.29
CA ILE UA 292 47.36 14.34 87.05
C ILE UA 292 48.69 14.97 87.41
N ALA UA 293 49.24 14.64 88.58
CA ALA UA 293 50.50 15.23 89.00
C ALA UA 293 51.59 14.95 87.99
N HIS UA 294 51.59 13.74 87.42
CA HIS UA 294 52.56 13.36 86.41
C HIS UA 294 52.46 14.28 85.22
N CYS UA 295 51.24 14.47 84.75
CA CYS UA 295 51.03 15.29 83.59
C CYS UA 295 51.43 16.74 83.85
N GLU UA 296 51.09 17.26 85.03
CA GLU UA 296 51.43 18.63 85.40
C GLU UA 296 52.94 18.80 85.48
N LEU UA 297 53.63 17.76 85.95
CA LEU UA 297 55.09 17.78 86.06
C LEU UA 297 55.73 17.87 84.70
N MET UA 298 55.23 17.10 83.73
CA MET UA 298 55.82 17.16 82.39
C MET UA 298 55.63 18.56 81.83
N GLY UA 299 54.46 19.14 82.10
CA GLY UA 299 54.07 20.48 81.72
C GLY UA 299 53.20 20.50 80.46
N ASP UA 300 53.26 19.41 79.71
CA ASP UA 300 52.50 19.20 78.49
C ASP UA 300 52.23 17.72 78.30
N ARG UA 301 51.05 17.29 78.73
CA ARG UA 301 50.63 15.92 78.70
C ARG UA 301 49.17 15.91 79.16
N VAL UA 302 48.30 15.08 78.60
CA VAL UA 302 46.95 15.09 79.19
C VAL UA 302 46.55 13.74 79.75
N ALA UA 303 45.94 13.82 80.93
CA ALA UA 303 45.44 12.68 81.63
C ALA UA 303 44.06 12.27 81.16
N ILE UA 304 43.89 10.98 80.91
CA ILE UA 304 42.58 10.46 80.60
C ILE UA 304 42.03 9.77 81.83
N ILE UA 305 40.95 10.30 82.39
CA ILE UA 305 40.43 9.74 83.62
C ILE UA 305 39.07 9.12 83.42
N ASP UA 306 38.94 7.84 83.79
CA ASP UA 306 37.64 7.13 83.60
C ASP UA 306 36.94 6.97 84.95
N PRO UA 307 35.59 7.00 85.01
CA PRO UA 307 34.85 6.84 86.26
C PRO UA 307 34.52 5.36 86.56
N PRO UA 308 34.01 5.04 87.76
CA PRO UA 308 33.61 3.66 88.08
C PRO UA 308 32.74 3.06 86.97
N PRO UA 309 32.84 1.75 86.68
CA PRO UA 309 32.10 1.14 85.57
C PRO UA 309 30.57 1.21 85.67
N ASN UA 310 29.99 0.94 86.83
CA ASN UA 310 28.51 0.90 86.94
C ASN UA 310 28.01 1.93 87.96
N GLN UA 311 27.08 2.80 87.56
CA GLN UA 311 26.51 3.78 88.46
C GLN UA 311 25.54 4.71 87.72
N ASN UA 312 24.63 5.34 88.47
CA ASN UA 312 23.65 6.30 87.98
C ASN UA 312 24.23 7.68 87.69
N ALA UA 313 23.58 8.43 86.79
CA ALA UA 313 24.00 9.79 86.51
C ALA UA 313 24.04 10.64 87.77
N ARG UA 314 23.10 10.38 88.69
CA ARG UA 314 23.05 11.11 89.94
C ARG UA 314 24.30 10.85 90.74
N GLN UA 315 24.76 9.60 90.70
CA GLN UA 315 25.92 9.16 91.45
C GLN UA 315 27.17 9.75 90.82
N ILE UA 316 27.16 9.89 89.50
CA ILE UA 316 28.29 10.47 88.79
C ILE UA 316 28.45 11.92 89.15
N ARG UA 317 27.36 12.67 89.23
CA ARG UA 317 27.50 14.06 89.64
C ARG UA 317 28.17 14.11 91.02
N VAL UA 318 27.74 13.23 91.95
CA VAL UA 318 28.31 13.19 93.28
C VAL UA 318 29.78 12.84 93.24
N TRP UA 319 30.14 11.85 92.45
CA TRP UA 319 31.54 11.52 92.34
C TRP UA 319 32.34 12.76 91.96
N ARG UA 320 31.99 13.36 90.82
CA ARG UA 320 32.72 14.51 90.32
C ARG UA 320 32.80 15.69 91.28
N GLN UA 321 31.71 16.04 91.94
CA GLN UA 321 31.76 17.20 92.80
C GLN UA 321 32.02 16.98 94.27
N GLU UA 322 31.57 15.86 94.83
CA GLU UA 322 31.62 15.69 96.25
C GLU UA 322 32.65 14.68 96.77
N THR UA 323 32.97 13.61 96.02
CA THR UA 323 33.86 12.63 96.64
C THR UA 323 35.22 12.51 95.96
N ALA UA 324 35.29 12.90 94.69
CA ALA UA 324 36.50 12.74 93.91
C ALA UA 324 36.77 13.93 93.00
N GLY UA 325 36.88 15.12 93.54
CA GLY UA 325 37.16 16.24 92.65
C GLY UA 325 38.60 16.11 92.16
N TYR UA 326 38.87 16.63 90.97
CA TYR UA 326 40.21 16.62 90.39
C TYR UA 326 40.68 18.05 90.16
N ASP UA 327 39.80 18.83 89.54
CA ASP UA 327 40.00 20.26 89.33
C ASP UA 327 41.33 20.68 88.69
N SER UA 328 41.65 20.13 87.53
CA SER UA 328 42.90 20.44 86.85
C SER UA 328 42.83 20.54 85.33
N LYS UA 329 43.63 21.47 84.87
CA LYS UA 329 43.82 21.87 83.48
C LYS UA 329 44.44 20.78 82.64
N TYR UA 330 45.01 19.80 83.30
CA TYR UA 330 45.70 18.70 82.66
C TYR UA 330 44.89 17.42 82.55
N ALA UA 331 43.58 17.47 82.79
CA ALA UA 331 42.81 16.24 82.68
C ALA UA 331 41.39 16.40 82.14
N ALA UA 332 40.88 15.30 81.57
CA ALA UA 332 39.50 15.22 81.05
C ALA UA 332 38.91 13.83 81.33
N LEU UA 333 37.57 13.79 81.54
CA LEU UA 333 36.81 12.57 81.82
C LEU UA 333 35.57 12.38 80.97
N TYR UA 334 35.33 11.14 80.53
CA TYR UA 334 34.14 10.80 79.75
C TYR UA 334 33.13 10.04 80.60
N TYR UA 335 31.85 10.35 80.44
CA TYR UA 335 30.77 9.80 81.26
C TYR UA 335 30.45 8.27 81.22
N PRO UA 336 29.98 7.67 80.11
CA PRO UA 336 29.50 6.29 80.03
C PRO UA 336 30.58 5.29 79.81
N TRP UA 337 30.31 4.03 80.12
CA TRP UA 337 31.13 2.96 79.59
C TRP UA 337 30.56 2.50 78.26
N ILE UA 338 31.44 1.95 77.44
CA ILE UA 338 31.14 1.52 76.08
C ILE UA 338 30.93 0.03 75.96
N LYS UA 339 29.91 -0.37 75.22
CA LYS UA 339 29.69 -1.78 74.98
C LYS UA 339 30.53 -2.14 73.78
N SER UA 340 31.36 -3.14 73.96
CA SER UA 340 32.26 -3.59 72.92
C SER UA 340 32.38 -5.09 72.98
N PHE UA 341 33.03 -5.68 72.00
CA PHE UA 341 33.14 -7.14 71.95
C PHE UA 341 34.59 -7.56 71.96
N ASP UA 342 34.79 -8.83 72.34
CA ASP UA 342 36.15 -9.42 72.33
C ASP UA 342 36.23 -10.25 71.05
N PRO UA 343 37.00 -9.81 70.04
CA PRO UA 343 37.02 -10.50 68.76
C PRO UA 343 37.50 -11.94 68.88
N ALA UA 344 38.29 -12.22 69.91
CA ALA UA 344 38.80 -13.55 70.11
C ALA UA 344 37.99 -14.39 71.10
N THR UA 345 37.15 -13.77 71.96
CA THR UA 345 36.50 -14.55 73.02
C THR UA 345 34.96 -14.45 73.17
N GLY UA 346 34.30 -13.44 72.60
CA GLY UA 346 32.86 -13.31 72.82
C GLY UA 346 32.23 -12.00 72.35
N GLN UA 347 30.91 -11.99 72.30
CA GLN UA 347 30.17 -10.85 71.78
C GLN UA 347 30.03 -9.58 72.61
N SER UA 348 30.23 -9.62 73.93
CA SER UA 348 30.06 -8.37 74.64
C SER UA 348 30.68 -8.27 76.02
N ARG UA 349 31.03 -7.04 76.36
CA ARG UA 349 31.49 -6.63 77.69
C ARG UA 349 31.48 -5.11 77.75
N LEU UA 350 31.63 -4.54 78.93
CA LEU UA 350 31.83 -3.10 78.93
C LEU UA 350 33.28 -2.75 79.14
N VAL UA 351 33.69 -1.69 78.45
CA VAL UA 351 35.03 -1.16 78.54
C VAL UA 351 34.97 0.35 78.79
N PRO UA 352 36.01 0.93 79.33
CA PRO UA 352 36.12 2.35 79.54
C PRO UA 352 36.29 3.09 78.20
N PRO UA 353 36.02 4.41 78.15
CA PRO UA 353 36.22 5.35 77.04
C PRO UA 353 37.67 5.53 76.56
N SER UA 354 38.65 5.16 77.37
CA SER UA 354 40.02 5.37 76.97
C SER UA 354 40.35 4.48 75.79
N GLY UA 355 41.41 4.82 75.08
CA GLY UA 355 41.78 4.05 73.91
C GLY UA 355 40.95 4.49 72.71
N HIS UA 356 39.64 4.29 72.81
CA HIS UA 356 38.70 4.66 71.76
C HIS UA 356 38.67 6.14 71.54
N VAL UA 357 38.70 6.92 72.63
CA VAL UA 357 38.77 8.36 72.49
C VAL UA 357 40.16 8.78 72.02
N ALA UA 358 41.20 8.16 72.54
CA ALA UA 358 42.56 8.55 72.14
C ALA UA 358 42.72 8.41 70.63
N GLY UA 359 42.07 7.39 70.07
CA GLY UA 359 42.10 7.12 68.65
C GLY UA 359 41.35 8.19 67.84
N ILE UA 360 40.56 9.02 68.52
CA ILE UA 360 39.84 10.09 67.86
C ILE UA 360 40.76 11.25 67.86
N TRP UA 361 41.42 11.50 68.98
CA TRP UA 361 42.32 12.64 69.04
C TRP UA 361 43.39 12.50 67.96
N ALA UA 362 43.80 11.25 67.72
CA ALA UA 362 44.80 10.89 66.74
C ALA UA 362 44.42 11.34 65.32
N ARG UA 363 43.12 11.44 65.05
CA ARG UA 363 42.63 11.83 63.75
C ARG UA 363 42.23 13.29 63.74
N ASN UA 364 41.69 13.75 64.84
CA ASN UA 364 41.17 15.11 64.92
C ASN UA 364 42.24 16.14 64.65
N ASP UA 365 43.47 15.86 65.12
CA ASP UA 365 44.59 16.83 64.93
C ASP UA 365 45.39 16.48 63.67
N SER UA 366 44.90 15.55 62.84
CA SER UA 366 45.57 15.15 61.61
C SER UA 366 44.77 15.62 60.41
N GLU UA 367 43.48 15.28 60.39
CA GLU UA 367 42.58 15.64 59.31
C GLU UA 367 42.42 17.17 59.24
N ARG UA 368 42.41 17.79 60.42
CA ARG UA 368 42.31 19.21 60.62
C ARG UA 368 43.40 19.62 61.59
N GLY UA 369 43.68 20.89 61.75
CA GLY UA 369 44.76 21.23 62.67
C GLY UA 369 44.27 21.13 64.09
N VAL UA 370 45.11 21.46 65.05
CA VAL UA 370 44.71 21.33 66.44
C VAL UA 370 43.91 22.56 66.80
N HIS UA 371 42.70 22.64 66.28
CA HIS UA 371 41.92 23.84 66.44
C HIS UA 371 40.59 23.65 67.14
N LYS UA 372 40.09 22.42 67.16
CA LYS UA 372 38.80 22.15 67.76
C LYS UA 372 38.78 20.73 68.30
N ALA UA 373 38.04 20.50 69.39
CA ALA UA 373 37.82 19.17 69.92
C ALA UA 373 36.92 18.40 68.94
N PRO UA 374 37.05 17.07 68.84
CA PRO UA 374 36.28 16.20 67.95
C PRO UA 374 34.89 15.93 68.46
N ALA UA 375 34.10 16.97 68.58
CA ALA UA 375 32.78 16.93 69.18
C ALA UA 375 31.76 16.16 68.37
N ASN UA 376 32.04 15.89 67.10
CA ASN UA 376 31.10 15.12 66.31
C ASN UA 376 31.74 13.85 65.82
N GLU UA 377 32.80 13.40 66.44
CA GLU UA 377 33.40 12.22 65.86
C GLU UA 377 32.79 10.93 66.32
N VAL UA 378 32.93 9.94 65.44
CA VAL UA 378 32.42 8.59 65.57
C VAL UA 378 33.25 7.66 66.41
N VAL UA 379 32.61 6.97 67.33
CA VAL UA 379 33.34 6.01 68.10
C VAL UA 379 33.25 4.75 67.28
N ARG UA 380 34.21 4.60 66.39
CA ARG UA 380 34.16 3.58 65.37
C ARG UA 380 34.13 2.16 65.88
N GLY UA 381 34.77 1.90 67.01
CA GLY UA 381 34.81 0.55 67.53
C GLY UA 381 33.68 0.20 68.51
N ALA UA 382 32.74 1.12 68.73
CA ALA UA 382 31.66 0.86 69.70
C ALA UA 382 30.53 0.06 69.08
N VAL UA 383 29.91 -0.78 69.90
CA VAL UA 383 28.73 -1.49 69.48
C VAL UA 383 27.54 -0.68 69.94
N ASP UA 384 27.58 -0.30 71.20
CA ASP UA 384 26.53 0.48 71.85
C ASP UA 384 27.10 1.14 73.07
N LEU UA 385 26.29 1.89 73.78
CA LEU UA 385 26.69 2.48 75.05
C LEU UA 385 25.92 1.77 76.14
N GLU UA 386 26.48 1.66 77.34
CA GLU UA 386 25.68 1.00 78.38
C GLU UA 386 24.39 1.75 78.73
N LEU UA 387 24.43 3.07 78.57
CA LEU UA 387 23.29 3.92 78.89
C LEU UA 387 23.17 5.13 77.97
N GLN UA 388 21.97 5.43 77.51
CA GLN UA 388 21.77 6.66 76.76
C GLN UA 388 21.42 7.68 77.79
N ILE UA 389 21.82 8.90 77.57
CA ILE UA 389 21.56 9.94 78.54
C ILE UA 389 20.36 10.74 78.18
N THR UA 390 19.35 10.70 79.02
CA THR UA 390 18.16 11.45 78.77
C THR UA 390 18.65 12.89 78.84
N ARG UA 391 18.26 13.72 77.90
CA ARG UA 391 18.77 15.09 77.90
C ARG UA 391 18.60 15.86 79.18
N GLY UA 392 17.52 15.66 79.92
CA GLY UA 392 17.34 16.44 81.13
C GLY UA 392 18.47 16.26 82.16
N GLU UA 393 19.27 15.19 82.02
CA GLU UA 393 20.39 14.92 82.90
C GLU UA 393 21.68 15.57 82.43
N GLN UA 394 21.71 16.08 81.22
CA GLN UA 394 22.95 16.64 80.71
C GLN UA 394 23.31 17.92 81.41
N ASP UA 395 22.31 18.63 81.90
CA ASP UA 395 22.57 19.88 82.62
C ASP UA 395 23.24 19.60 83.97
N LEU UA 396 23.28 18.33 84.40
CA LEU UA 396 23.90 18.00 85.66
C LEU UA 396 25.33 17.50 85.42
N LEU UA 397 25.73 17.39 84.16
CA LEU UA 397 27.03 16.87 83.76
C LEU UA 397 27.86 17.91 83.01
N ASN UA 398 27.27 18.52 81.99
CA ASN UA 398 27.98 19.49 81.18
C ASN UA 398 28.65 20.60 81.99
N PRO UA 399 27.96 21.30 82.92
CA PRO UA 399 28.48 22.42 83.68
C PRO UA 399 29.61 22.05 84.64
N ILE UA 400 29.83 20.75 84.87
CA ILE UA 400 30.86 20.34 85.80
C ILE UA 400 32.00 19.61 85.08
N GLY UA 401 32.01 19.73 83.75
CA GLY UA 401 33.09 19.20 82.95
C GLY UA 401 33.03 17.73 82.54
N VAL UA 402 31.87 17.09 82.62
CA VAL UA 402 31.83 15.69 82.24
C VAL UA 402 31.49 15.54 80.75
N ASN UA 403 32.36 14.86 79.99
CA ASN UA 403 32.17 14.73 78.56
C ASN UA 403 31.32 13.52 78.17
N CYS UA 404 30.19 13.79 77.55
CA CYS UA 404 29.28 12.71 77.21
C CYS UA 404 29.35 12.19 75.78
N ILE UA 405 28.98 10.91 75.66
CA ILE UA 405 28.91 10.18 74.39
C ILE UA 405 27.45 9.74 74.22
N ARG UA 406 26.86 10.01 73.05
CA ARG UA 406 25.47 9.63 72.79
C ARG UA 406 25.20 9.02 71.41
N SER UA 407 24.14 8.21 71.32
CA SER UA 407 23.69 7.66 70.05
C SER UA 407 22.66 8.56 69.40
N PHE UA 408 22.81 8.80 68.09
CA PHE UA 408 21.87 9.61 67.35
C PHE UA 408 21.34 8.87 66.09
N PRO UA 409 20.07 9.07 65.72
CA PRO UA 409 19.48 8.45 64.56
C PRO UA 409 20.14 8.97 63.32
N GLY UA 410 20.58 8.07 62.45
CA GLY UA 410 21.21 8.48 61.20
C GLY UA 410 22.67 8.92 61.40
N ARG UA 411 23.19 8.80 62.61
CA ARG UA 411 24.54 9.26 62.88
C ARG UA 411 25.43 8.22 63.55
N GLY UA 412 24.86 7.41 64.43
CA GLY UA 412 25.68 6.46 65.17
C GLY UA 412 26.11 7.05 66.51
N ILE UA 413 27.23 6.55 67.02
CA ILE UA 413 27.67 6.92 68.36
C ILE UA 413 28.72 8.00 68.26
N ARG UA 414 28.42 9.16 68.81
CA ARG UA 414 29.31 10.30 68.68
C ARG UA 414 29.72 10.87 70.03
N VAL UA 415 30.92 11.45 70.08
CA VAL UA 415 31.39 12.05 71.33
C VAL UA 415 31.13 13.53 71.32
N TRP UA 416 30.17 14.00 72.13
CA TRP UA 416 29.78 15.40 72.05
C TRP UA 416 30.44 16.37 73.03
N GLY UA 417 30.96 15.86 74.13
CA GLY UA 417 31.58 16.78 75.09
C GLY UA 417 32.95 17.31 74.66
N ALA UA 418 33.28 18.54 75.08
CA ALA UA 418 34.58 19.14 74.79
C ALA UA 418 35.16 19.97 75.96
N ARG UA 419 34.96 19.54 77.20
CA ARG UA 419 35.42 20.33 78.34
C ARG UA 419 36.54 19.71 79.16
N THR UA 420 37.26 20.57 79.89
CA THR UA 420 38.32 20.15 80.78
C THR UA 420 37.83 20.04 82.23
N LEU UA 421 38.55 19.31 83.07
CA LEU UA 421 38.16 19.19 84.49
C LEU UA 421 38.75 20.30 85.32
N SER UA 422 38.28 21.51 85.10
CA SER UA 422 38.80 22.68 85.79
C SER UA 422 37.80 23.78 86.02
N SER UA 423 37.97 24.44 87.16
CA SER UA 423 37.16 25.57 87.58
C SER UA 423 37.63 26.91 87.03
N ASP UA 424 38.80 26.93 86.40
CA ASP UA 424 39.36 28.16 85.86
C ASP UA 424 38.67 28.46 84.53
N PRO UA 425 37.87 29.53 84.43
CA PRO UA 425 37.03 29.83 83.29
C PRO UA 425 37.78 30.04 81.99
N ALA UA 426 39.07 30.39 82.07
CA ALA UA 426 39.80 30.64 80.85
C ALA UA 426 40.28 29.36 80.20
N TRP UA 427 40.28 28.27 80.94
CA TRP UA 427 40.83 27.01 80.50
C TRP UA 427 39.84 25.88 80.48
N ARG UA 428 38.57 26.20 80.30
CA ARG UA 428 37.48 25.23 80.31
C ARG UA 428 37.35 24.38 79.07
N TYR UA 429 38.02 24.76 77.98
CA TYR UA 429 37.80 24.03 76.77
C TYR UA 429 39.03 23.37 76.21
N LEU UA 430 38.79 22.20 75.64
CA LEU UA 430 39.83 21.42 74.96
C LEU UA 430 40.24 22.14 73.68
N ASN UA 431 39.29 22.84 73.08
CA ASN UA 431 39.61 23.64 71.86
C ASN UA 431 40.74 24.63 72.17
N ILE UA 432 40.83 25.13 73.41
CA ILE UA 432 41.83 26.13 73.69
C ILE UA 432 43.12 25.50 74.16
N ARG UA 433 43.00 24.59 75.12
CA ARG UA 433 44.23 24.10 75.69
C ARG UA 433 45.06 23.22 74.79
N ARG UA 434 44.44 22.39 73.94
CA ARG UA 434 45.29 21.54 73.12
C ARG UA 434 46.15 22.38 72.21
N TYR UA 435 45.56 23.44 71.69
CA TYR UA 435 46.22 24.35 70.80
C TYR UA 435 47.38 25.03 71.48
N PHE UA 436 47.19 25.51 72.71
CA PHE UA 436 48.34 26.11 73.34
C PHE UA 436 49.46 25.10 73.49
N ASN UA 437 49.15 23.85 73.86
CA ASN UA 437 50.24 22.91 74.00
C ASN UA 437 50.94 22.68 72.66
N TYR UA 438 50.16 22.63 71.58
CA TYR UA 438 50.70 22.47 70.25
C TYR UA 438 51.71 23.55 69.91
N LEU UA 439 51.34 24.79 70.13
CA LEU UA 439 52.27 25.84 69.78
C LEU UA 439 53.52 25.81 70.64
N GLU UA 440 53.37 25.49 71.93
CA GLU UA 440 54.53 25.52 72.79
C GLU UA 440 55.52 24.43 72.42
N GLU UA 441 55.05 23.22 72.07
CA GLU UA 441 56.05 22.23 71.73
C GLU UA 441 56.67 22.59 70.40
N SER UA 442 55.93 23.21 69.50
CA SER UA 442 56.52 23.48 68.21
C SER UA 442 57.71 24.42 68.32
N ILE UA 443 57.59 25.44 69.16
CA ILE UA 443 58.70 26.36 69.32
C ILE UA 443 59.85 25.75 70.09
N LEU UA 444 59.54 25.08 71.20
CA LEU UA 444 60.59 24.52 72.03
C LEU UA 444 61.34 23.42 71.31
N ILE UA 445 60.67 22.66 70.47
CA ILE UA 445 61.33 21.63 69.72
C ILE UA 445 62.23 22.25 68.66
N GLY UA 446 61.74 23.25 67.93
CA GLY UA 446 62.58 23.82 66.89
C GLY UA 446 63.89 24.47 67.36
N THR UA 447 63.92 25.18 68.49
CA THR UA 447 65.16 25.88 68.87
C THR UA 447 66.19 24.99 69.56
N GLN UA 448 66.73 24.01 68.84
CA GLN UA 448 67.70 23.10 69.43
C GLN UA 448 69.10 23.65 69.42
N TRP UA 449 69.33 24.61 70.27
CA TRP UA 449 70.64 25.20 70.39
C TRP UA 449 71.37 24.41 71.47
N VAL UA 450 72.67 24.22 71.35
CA VAL UA 450 73.38 23.53 72.41
C VAL UA 450 73.91 24.54 73.40
N VAL UA 451 73.41 24.45 74.62
CA VAL UA 451 73.69 25.39 75.69
C VAL UA 451 73.41 26.73 75.00
N PHE UA 452 74.41 27.57 74.70
CA PHE UA 452 74.18 28.88 74.07
C PHE UA 452 75.47 29.50 73.54
N GLU UA 453 75.45 30.82 73.42
CA GLU UA 453 76.58 31.61 72.95
C GLU UA 453 76.59 32.93 73.72
N PRO UA 454 77.37 33.91 73.24
CA PRO UA 454 77.44 35.21 73.91
C PRO UA 454 76.06 35.88 73.94
N ASN UA 455 75.37 35.80 75.08
CA ASN UA 455 74.04 36.39 75.19
C ASN UA 455 73.97 37.84 74.79
N ASP UA 456 74.23 38.08 73.51
CA ASP UA 456 74.17 39.40 72.95
C ASP UA 456 72.86 39.60 72.19
N HIS UA 457 72.69 40.78 71.64
CA HIS UA 457 71.51 41.16 70.90
C HIS UA 457 71.34 40.36 69.62
N ASN UA 458 72.39 39.71 69.17
CA ASN UA 458 72.32 38.90 67.99
C ASN UA 458 71.49 37.66 68.20
N LEU UA 459 71.43 37.13 69.43
CA LEU UA 459 70.62 35.95 69.60
C LEU UA 459 69.20 36.43 69.76
N TRP UA 460 69.04 37.63 70.32
CA TRP UA 460 67.69 38.09 70.49
C TRP UA 460 67.05 38.20 69.11
N ALA UA 461 67.81 38.73 68.16
CA ALA UA 461 67.29 38.88 66.81
C ALA UA 461 66.97 37.55 66.17
N ARG UA 462 67.81 36.53 66.37
CA ARG UA 462 67.51 35.24 65.75
C ARG UA 462 66.22 34.67 66.28
N ILE UA 463 65.99 34.83 67.57
CA ILE UA 463 64.79 34.31 68.17
C ILE UA 463 63.56 35.02 67.66
N ARG UA 464 63.58 36.35 67.61
CA ARG UA 464 62.38 37.02 67.19
C ARG UA 464 62.00 36.62 65.79
N ARG UA 465 62.98 36.52 64.93
CA ARG UA 465 62.67 36.19 63.56
C ARG UA 465 62.10 34.79 63.40
N ASN UA 466 62.68 33.81 64.08
CA ASN UA 466 62.22 32.46 63.87
C ASN UA 466 60.83 32.20 64.46
N VAL UA 467 60.56 32.80 65.62
CA VAL UA 467 59.30 32.56 66.27
C VAL UA 467 58.18 33.21 65.50
N SER UA 468 58.39 34.46 65.08
CA SER UA 468 57.36 35.16 64.36
C SER UA 468 57.03 34.48 63.05
N ALA UA 469 58.03 34.05 62.29
CA ALA UA 469 57.70 33.45 61.01
C ALA UA 469 56.78 32.23 61.17
N PHE UA 470 57.02 31.42 62.20
CA PHE UA 470 56.17 30.26 62.39
C PHE UA 470 54.71 30.66 62.66
N LEU UA 471 54.54 31.60 63.57
CA LEU UA 471 53.20 32.03 63.94
C LEU UA 471 52.46 32.82 62.86
N VAL UA 472 53.17 33.54 62.01
CA VAL UA 472 52.47 34.25 60.96
C VAL UA 472 51.79 33.26 60.03
N ASN UA 473 52.46 32.17 59.67
CA ASN UA 473 51.77 31.22 58.81
C ASN UA 473 50.58 30.58 59.50
N GLU UA 474 50.66 30.41 60.81
CA GLU UA 474 49.53 29.84 61.52
C GLU UA 474 48.32 30.81 61.40
N TRP UA 475 48.57 32.12 61.50
CA TRP UA 475 47.51 33.11 61.29
C TRP UA 475 46.93 33.10 59.90
N ARG UA 476 47.77 33.06 58.87
CA ARG UA 476 47.21 33.18 57.53
C ARG UA 476 46.39 31.95 57.16
N ASN UA 477 46.63 30.84 57.85
CA ASN UA 477 45.92 29.61 57.59
C ASN UA 477 44.60 29.55 58.35
N GLY UA 478 44.26 30.61 59.08
CA GLY UA 478 42.99 30.69 59.80
C GLY UA 478 42.95 30.16 61.22
N ALA UA 479 44.09 29.89 61.85
CA ALA UA 479 44.05 29.37 63.21
C ALA UA 479 43.86 30.44 64.26
N LEU UA 480 44.30 31.64 63.96
CA LEU UA 480 44.29 32.73 64.90
C LEU UA 480 43.32 33.78 64.44
N PHE UA 481 42.74 34.49 65.39
CA PHE UA 481 41.81 35.55 65.06
C PHE UA 481 42.42 36.94 65.03
N GLY UA 482 42.11 37.66 63.96
CA GLY UA 482 42.54 39.03 63.77
C GLY UA 482 42.47 39.35 62.30
N GLN UA 483 42.56 40.63 61.95
CA GLN UA 483 42.48 41.07 60.56
C GLN UA 483 43.82 41.05 59.87
N SER UA 484 44.85 40.94 60.69
CA SER UA 484 46.23 40.97 60.28
C SER UA 484 47.05 40.40 61.42
N PRO UA 485 48.30 39.94 61.22
CA PRO UA 485 49.18 39.50 62.28
C PRO UA 485 49.40 40.61 63.30
N ASP UA 486 49.26 41.86 62.86
CA ASP UA 486 49.45 42.99 63.74
C ASP UA 486 48.43 43.05 64.86
N GLN UA 487 47.31 42.36 64.70
CA GLN UA 487 46.31 42.35 65.73
C GLN UA 487 46.33 41.00 66.42
N ALA UA 488 46.56 39.95 65.64
CA ALA UA 488 46.50 38.59 66.14
C ALA UA 488 47.70 38.15 66.98
N TYR UA 489 48.90 38.68 66.70
CA TYR UA 489 50.08 38.12 67.42
C TYR UA 489 51.21 39.14 67.67
N TYR UA 490 51.94 38.96 68.77
CA TYR UA 490 53.13 39.79 69.12
C TYR UA 490 54.33 39.00 69.71
N VAL UA 491 55.57 39.43 69.41
CA VAL UA 491 56.78 38.85 70.02
C VAL UA 491 57.76 39.91 70.53
N LYS UA 492 58.28 39.73 71.75
CA LYS UA 492 59.27 40.64 72.33
C LYS UA 492 60.55 39.98 72.86
N CYS UA 493 61.69 40.56 72.48
CA CYS UA 493 63.01 40.14 72.93
C CYS UA 493 63.88 41.38 72.98
N ASP UA 494 63.46 42.36 73.77
CA ASP UA 494 64.14 43.64 73.87
C ASP UA 494 64.97 43.74 75.14
N GLU UA 495 65.65 44.87 75.35
CA GLU UA 495 66.45 45.08 76.55
C GLU UA 495 65.60 45.23 77.81
N GLU UA 496 64.29 45.46 77.64
CA GLU UA 496 63.37 45.57 78.76
C GLU UA 496 62.74 44.22 79.06
N THR UA 497 63.11 43.22 78.25
CA THR UA 497 62.63 41.87 78.37
C THR UA 497 63.80 41.08 78.87
N ASN UA 498 65.00 41.56 78.50
CA ASN UA 498 66.29 40.97 78.84
C ASN UA 498 67.19 42.02 79.50
N PRO UA 499 66.97 42.33 80.79
CA PRO UA 499 67.63 43.37 81.55
C PRO UA 499 69.13 43.11 81.53
N PRO UA 500 69.94 44.17 81.69
CA PRO UA 500 71.40 44.21 81.62
C PRO UA 500 72.10 43.38 82.67
N GLU UA 501 71.37 42.94 83.71
CA GLU UA 501 72.03 42.14 84.71
C GLU UA 501 72.57 40.85 84.11
N SER UA 502 71.91 40.32 83.06
CA SER UA 502 72.37 39.11 82.40
C SER UA 502 72.85 38.06 83.39
N VAL UA 503 72.05 37.70 84.37
CA VAL UA 503 72.59 36.78 85.34
C VAL UA 503 72.40 35.37 84.87
N ASP UA 504 73.45 34.81 84.27
CA ASP UA 504 73.40 33.41 83.77
C ASP UA 504 72.39 33.31 82.63
N LEU UA 505 71.20 32.78 82.90
CA LEU UA 505 70.18 32.61 81.83
C LEU UA 505 69.40 33.92 81.65
N GLY UA 506 70.08 34.97 81.20
CA GLY UA 506 69.41 36.26 80.96
C GLY UA 506 68.39 36.15 79.84
N ARG UA 507 68.52 35.12 79.00
CA ARG UA 507 67.59 34.93 77.84
C ARG UA 507 66.14 35.06 78.32
N VAL UA 508 65.34 35.91 77.65
CA VAL UA 508 63.90 36.08 77.99
C VAL UA 508 63.15 36.44 76.71
N VAL UA 509 61.98 35.83 76.49
CA VAL UA 509 61.16 36.13 75.28
C VAL UA 509 59.68 36.19 75.69
N CYS UA 510 58.96 37.25 75.31
CA CYS UA 510 57.57 37.36 75.72
C CYS UA 510 56.70 37.29 74.50
N GLU UA 511 55.57 36.61 74.60
CA GLU UA 511 54.72 36.46 73.43
C GLU UA 511 53.26 36.66 73.71
N ILE UA 512 52.56 37.16 72.72
CA ILE UA 512 51.12 37.21 72.75
C ILE UA 512 50.65 36.31 71.63
N GLY UA 513 50.25 35.08 71.98
CA GLY UA 513 49.89 34.09 70.97
C GLY UA 513 48.51 34.35 70.41
N ILE UA 514 47.76 35.09 71.18
CA ILE UA 514 46.41 35.48 70.91
C ILE UA 514 46.26 36.63 71.91
N ALA UA 515 45.46 37.67 71.63
CA ALA UA 515 45.35 38.78 72.61
C ALA UA 515 45.11 38.29 74.06
N PRO UA 516 44.20 37.34 74.37
CA PRO UA 516 44.06 36.74 75.68
C PRO UA 516 45.18 35.75 75.88
N VAL UA 517 46.34 36.35 76.08
CA VAL UA 517 47.64 35.74 76.17
C VAL UA 517 47.73 34.64 77.21
N LYS UA 518 48.42 33.54 76.85
CA LYS UA 518 48.57 32.39 77.78
C LYS UA 518 48.44 32.88 79.24
N MET VA 1 35.11 49.17 46.79
CA MET VA 1 34.17 49.26 47.90
C MET VA 1 34.21 50.65 48.59
N SER VA 2 35.43 51.19 48.83
CA SER VA 2 35.67 52.50 49.49
C SER VA 2 35.32 53.70 48.63
N LEU VA 3 35.27 53.47 47.33
CA LEU VA 3 35.00 54.49 46.35
C LEU VA 3 33.90 54.00 45.41
N PRO VA 4 33.11 54.88 44.80
CA PRO VA 4 32.10 54.56 43.79
C PRO VA 4 32.64 54.11 42.42
N LYS VA 5 33.90 54.40 42.13
CA LYS VA 5 34.48 54.06 40.83
C LYS VA 5 35.12 52.68 40.58
N PRO VA 6 35.85 52.15 41.61
CA PRO VA 6 36.61 50.91 41.46
C PRO VA 6 35.88 49.63 41.05
N GLU VA 7 36.54 48.80 40.24
CA GLU VA 7 35.94 47.51 39.80
C GLU VA 7 36.66 46.37 40.53
N ASP VA 8 35.90 45.40 41.06
CA ASP VA 8 36.52 44.32 41.82
C ASP VA 8 37.64 43.69 41.01
N VAL VA 9 38.69 43.24 41.70
CA VAL VA 9 39.84 42.64 41.03
C VAL VA 9 40.06 41.24 41.50
N LEU VA 10 40.94 40.51 40.83
CA LEU VA 10 41.11 39.12 41.24
C LEU VA 10 41.94 38.91 42.47
N VAL VA 11 41.28 39.15 43.59
CA VAL VA 11 41.89 38.97 44.90
C VAL VA 11 41.89 37.50 45.23
N ALA VA 12 40.71 36.89 45.18
CA ALA VA 12 40.65 35.47 45.42
C ALA VA 12 39.26 34.88 45.19
N PRO VA 13 39.16 33.73 44.51
CA PRO VA 13 38.01 32.89 44.50
C PRO VA 13 38.08 32.15 45.82
N ASN VA 14 36.95 31.86 46.45
CA ASN VA 14 36.94 31.10 47.69
C ASN VA 14 35.74 30.15 47.70
N PHE VA 15 35.88 28.95 48.28
CA PHE VA 15 34.72 28.04 48.21
C PHE VA 15 34.21 27.35 49.45
N GLY VA 16 32.89 27.33 49.53
CA GLY VA 16 32.20 26.54 50.53
C GLY VA 16 31.86 25.22 49.86
N ILE VA 17 31.99 24.14 50.61
CA ILE VA 17 31.74 22.78 50.19
C ILE VA 17 31.68 21.93 51.45
N GLN VA 18 31.06 20.75 51.41
CA GLN VA 18 31.04 19.86 52.58
C GLN VA 18 32.20 18.86 52.57
N ILE VA 19 33.07 19.02 51.59
CA ILE VA 19 34.25 18.21 51.32
C ILE VA 19 35.50 19.06 51.60
N ASP VA 20 36.42 18.59 52.43
CA ASP VA 20 37.54 19.48 52.79
C ASP VA 20 38.70 19.61 51.81
N GLY VA 21 38.43 20.31 50.72
CA GLY VA 21 39.46 20.65 49.73
C GLY VA 21 40.15 21.86 50.33
N VAL VA 22 41.43 22.12 50.01
CA VAL VA 22 42.06 23.29 50.64
C VAL VA 22 42.49 24.45 49.73
N MET VA 23 43.21 24.19 48.62
CA MET VA 23 43.72 25.30 47.81
C MET VA 23 43.58 25.11 46.31
N VAL VA 24 43.10 26.15 45.65
CA VAL VA 24 42.85 26.17 44.22
C VAL VA 24 43.45 27.35 43.53
N GLU VA 25 43.56 27.28 42.21
CA GLU VA 25 44.00 28.44 41.46
C GLU VA 25 42.84 29.10 40.75
N TYR VA 26 41.91 28.31 40.20
CA TYR VA 26 40.87 29.03 39.47
C TYR VA 26 39.53 28.40 39.26
N LEU VA 27 38.60 29.30 38.93
CA LEU VA 27 37.25 28.98 38.54
C LEU VA 27 36.87 29.52 37.16
N ASN VA 28 36.51 28.61 36.26
CA ASN VA 28 36.13 28.94 34.89
C ASN VA 28 34.66 28.71 34.54
N SER VA 29 34.22 29.46 33.53
CA SER VA 29 32.93 29.35 32.85
C SER VA 29 31.66 29.43 33.68
N VAL VA 30 31.58 30.43 34.55
CA VAL VA 30 30.37 30.63 35.34
C VAL VA 30 29.42 31.59 34.62
N SER VA 31 28.18 31.16 34.40
CA SER VA 31 27.20 31.99 33.70
C SER VA 31 25.75 31.75 34.11
N ASN VA 32 24.91 32.76 33.88
CA ASN VA 32 23.46 32.75 34.08
C ASN VA 32 22.74 32.86 32.74
N LEU VA 33 22.21 31.76 32.23
CA LEU VA 33 21.68 31.82 30.87
C LEU VA 33 20.19 31.49 30.69
N GLN VA 34 19.43 32.49 30.25
CA GLN VA 34 18.02 32.32 29.97
C GLN VA 34 17.86 32.03 28.48
N ILE VA 35 16.97 31.10 28.14
CA ILE VA 35 16.74 30.70 26.77
C ILE VA 35 15.79 31.66 26.07
N GLU VA 36 16.06 32.00 24.82
CA GLU VA 36 15.19 32.88 24.02
C GLU VA 36 14.40 32.06 23.01
N GLN VA 37 13.18 32.47 22.68
CA GLN VA 37 12.39 31.80 21.65
C GLN VA 37 11.64 32.88 20.91
N ASP VA 38 11.27 32.66 19.65
CA ASP VA 38 10.54 33.71 18.94
C ASP VA 38 9.66 33.25 17.81
N VAL VA 39 8.75 34.14 17.41
CA VAL VA 39 7.91 33.93 16.23
C VAL VA 39 7.79 35.13 15.33
N ILE VA 40 7.41 34.87 14.10
CA ILE VA 40 7.07 35.93 13.18
C ILE VA 40 5.58 35.89 12.99
N ARG VA 41 4.92 37.03 13.17
CA ARG VA 41 3.50 37.06 12.98
C ARG VA 41 3.08 38.13 12.05
N TYR VA 42 2.13 37.81 11.17
CA TYR VA 42 1.62 38.77 10.18
C TYR VA 42 0.79 39.90 10.84
N GLN VA 43 0.67 41.03 10.15
CA GLN VA 43 -0.07 42.14 10.71
C GLN VA 43 -1.59 42.00 10.68
N GLN VA 44 -2.25 42.95 11.33
CA GLN VA 44 -3.71 42.99 11.43
C GLN VA 44 -4.42 43.30 10.11
N ASN VA 45 -4.40 42.31 9.23
CA ASN VA 45 -5.02 42.33 7.89
C ASN VA 45 -4.82 43.66 7.17
N GLN VA 46 -3.61 44.17 7.28
CA GLN VA 46 -3.11 45.39 6.69
C GLN VA 46 -1.79 44.98 6.12
N GLY VA 47 -1.41 45.38 4.91
CA GLY VA 47 -0.14 44.86 4.36
C GLY VA 47 1.18 45.42 4.95
N THR VA 48 1.20 45.61 6.23
CA THR VA 48 2.30 46.14 7.00
C THR VA 48 3.12 45.00 7.54
N THR VA 49 4.41 45.23 7.64
CA THR VA 49 5.36 44.27 8.14
C THR VA 49 4.85 43.73 9.46
N GLY VA 50 4.99 42.43 9.62
CA GLY VA 50 4.51 41.77 10.80
C GLY VA 50 5.42 42.04 11.96
N ARG VA 51 5.14 41.40 13.07
CA ARG VA 51 5.87 41.65 14.28
C ARG VA 51 6.74 40.49 14.66
N ASN VA 52 7.85 40.77 15.32
CA ASN VA 52 8.68 39.70 15.79
C ASN VA 52 8.52 39.54 17.27
N ASN VA 53 7.85 38.46 17.67
CA ASN VA 53 7.64 38.21 19.11
C ASN VA 53 8.94 37.65 19.70
N VAL VA 54 9.80 38.52 20.20
CA VAL VA 54 11.10 38.08 20.68
C VAL VA 54 11.21 38.14 22.16
N THR VA 55 10.08 38.27 22.81
CA THR VA 55 10.00 38.36 24.26
C THR VA 55 9.21 37.23 24.80
N LEU VA 56 9.17 36.16 24.09
CA LEU VA 56 8.48 35.04 24.64
C LEU VA 56 9.48 34.59 25.69
N MET VA 57 9.04 34.06 26.83
CA MET VA 57 9.99 33.76 27.91
C MET VA 57 10.06 32.27 28.37
N PRO VA 58 11.05 31.50 27.87
CA PRO VA 58 11.38 30.10 28.15
C PRO VA 58 11.98 29.86 29.52
N GLY VA 59 12.36 28.61 29.77
CA GLY VA 59 13.02 28.28 31.02
C GLY VA 59 14.50 28.64 30.95
N VAL VA 60 15.24 28.22 31.97
CA VAL VA 60 16.65 28.54 32.13
C VAL VA 60 17.56 27.34 31.89
N ALA VA 61 18.67 27.59 31.20
CA ALA VA 61 19.66 26.58 30.85
C ALA VA 61 20.46 26.13 32.06
N LYS VA 62 21.06 24.96 31.94
CA LYS VA 62 21.88 24.36 32.99
C LYS VA 62 23.24 23.98 32.43
N ASP VA 63 24.29 24.10 33.25
CA ASP VA 63 25.63 23.77 32.81
C ASP VA 63 26.53 23.37 33.99
N GLY VA 64 27.84 23.40 33.78
CA GLY VA 64 28.79 23.03 34.82
C GLY VA 64 29.96 24.00 34.93
N SER VA 65 30.57 24.04 36.11
CA SER VA 65 31.71 24.92 36.36
C SER VA 65 32.99 24.12 36.57
N VAL VA 66 34.04 24.52 35.87
CA VAL VA 66 35.34 23.84 35.98
C VAL VA 66 36.30 24.53 36.94
N GLN VA 67 36.94 23.73 37.78
CA GLN VA 67 37.90 24.22 38.76
C GLN VA 67 39.22 23.52 38.69
N VAL VA 68 40.25 24.29 38.95
CA VAL VA 68 41.58 23.71 39.00
C VAL VA 68 42.24 23.88 40.32
N GLU VA 69 42.59 22.72 40.86
CA GLU VA 69 43.23 22.53 42.14
C GLU VA 69 44.65 22.85 41.92
N ARG VA 70 45.30 23.44 42.91
CA ARG VA 70 46.69 23.78 42.70
C ARG VA 70 47.52 22.61 42.20
N GLY VA 71 47.29 21.42 42.69
CA GLY VA 71 48.08 20.35 42.15
C GLY VA 71 47.89 19.06 42.83
N MET VA 72 48.47 18.06 42.24
CA MET VA 72 48.39 16.74 42.81
C MET VA 72 49.17 16.72 44.08
N SER VA 73 48.68 15.93 45.01
CA SER VA 73 49.28 15.72 46.31
C SER VA 73 48.78 14.37 46.75
N GLN VA 74 49.17 13.95 47.93
CA GLN VA 74 48.73 12.66 48.45
C GLN VA 74 47.23 12.64 48.81
N SER VA 75 46.56 13.81 48.82
CA SER VA 75 45.14 13.89 49.15
C SER VA 75 44.25 13.14 48.15
N SER VA 76 43.26 12.45 48.70
CA SER VA 76 42.30 11.66 47.96
C SER VA 76 40.92 12.31 47.86
N VAL VA 77 40.83 13.58 48.21
CA VAL VA 77 39.53 14.22 48.26
C VAL VA 77 38.72 14.23 46.98
N PHE VA 78 39.32 14.62 45.85
CA PHE VA 78 38.55 14.70 44.58
C PHE VA 78 38.30 13.30 44.03
N THR VA 79 39.18 12.35 44.34
CA THR VA 79 39.03 11.00 43.89
C THR VA 79 37.86 10.34 44.59
N GLN VA 80 37.74 10.52 45.89
CA GLN VA 80 36.63 9.85 46.51
C GLN VA 80 35.29 10.45 46.13
N TRP VA 81 35.23 11.76 45.90
CA TRP VA 81 33.93 12.30 45.55
C TRP VA 81 33.46 11.65 44.24
N ILE VA 82 34.35 11.56 43.25
CA ILE VA 82 33.95 10.94 42.00
C ILE VA 82 33.70 9.45 42.17
N ASN VA 83 34.40 8.77 43.08
CA ASN VA 83 34.13 7.36 43.26
C ASN VA 83 32.72 7.10 43.78
N ASP VA 84 32.20 7.95 44.67
CA ASP VA 84 30.84 7.71 45.15
C ASP VA 84 29.86 7.87 44.02
N SER VA 85 30.14 8.82 43.14
CA SER VA 85 29.26 9.05 42.02
C SER VA 85 29.24 7.85 41.08
N MET VA 86 30.43 7.35 40.73
CA MET VA 86 30.54 6.23 39.80
C MET VA 86 29.96 4.96 40.36
N ALA VA 87 30.03 4.83 41.68
CA ALA VA 87 29.53 3.66 42.38
C ALA VA 87 28.01 3.66 42.53
N GLY VA 88 27.35 4.75 42.17
CA GLY VA 88 25.89 4.81 42.30
C GLY VA 88 25.38 5.23 43.68
N ARG VA 89 26.20 5.84 44.51
CA ARG VA 89 25.76 6.24 45.82
C ARG VA 89 25.51 7.72 45.78
N MET VA 90 24.24 8.12 45.73
CA MET VA 90 24.00 9.53 45.55
C MET VA 90 24.67 10.30 46.66
N ALA VA 91 25.50 11.25 46.28
CA ALA VA 91 26.25 12.06 47.22
C ALA VA 91 26.52 13.44 46.65
N THR VA 92 25.48 14.24 46.53
CA THR VA 92 25.60 15.56 45.94
C THR VA 92 26.04 16.50 47.02
N ALA VA 93 26.42 17.71 46.63
CA ALA VA 93 26.88 18.65 47.63
C ALA VA 93 26.37 20.04 47.38
N ARG VA 94 26.29 20.85 48.43
CA ARG VA 94 25.85 22.22 48.26
C ARG VA 94 27.10 23.10 48.16
N LYS VA 95 27.19 23.93 47.15
CA LYS VA 95 28.39 24.77 47.04
C LYS VA 95 28.12 26.24 47.12
N ASN VA 96 29.18 26.98 47.45
CA ASN VA 96 29.08 28.43 47.50
C ASN VA 96 30.32 29.09 46.96
N ALA VA 97 30.19 29.72 45.80
CA ALA VA 97 31.35 30.36 45.18
C ALA VA 97 31.42 31.79 45.68
N THR VA 98 32.51 32.13 46.36
CA THR VA 98 32.63 33.44 46.98
C THR VA 98 33.70 34.33 46.39
N ILE VA 99 33.35 35.59 46.19
CA ILE VA 99 34.29 36.60 45.76
C ILE VA 99 34.58 37.54 46.90
N ILE VA 100 35.87 37.66 47.21
CA ILE VA 100 36.28 38.52 48.31
C ILE VA 100 37.03 39.71 47.78
N VAL VA 101 36.72 40.89 48.29
CA VAL VA 101 37.35 42.10 47.78
C VAL VA 101 38.72 42.31 48.39
N MET VA 102 39.39 43.38 47.96
CA MET VA 102 40.71 43.72 48.55
C MET VA 102 40.68 43.36 50.03
N ASP VA 103 39.54 43.60 50.70
CA ASP VA 103 39.40 43.23 52.13
C ASP VA 103 38.96 41.76 52.22
N TYR VA 104 39.84 40.89 52.69
CA TYR VA 104 39.51 39.44 52.80
C TYR VA 104 38.32 39.26 53.75
N GLU VA 105 38.18 40.16 54.73
CA GLU VA 105 37.01 40.11 55.66
C GLU VA 105 35.73 40.39 54.86
N ASP VA 106 35.80 41.33 53.91
CA ASP VA 106 34.59 41.72 53.13
C ASP VA 106 34.31 40.68 52.05
N ASN VA 107 33.17 39.99 52.13
CA ASN VA 107 32.78 38.97 51.12
C ASN VA 107 31.44 39.36 50.49
N PRO VA 108 31.38 40.41 49.64
CA PRO VA 108 30.13 40.86 49.06
C PRO VA 108 29.43 39.94 48.06
N VAL VA 109 30.11 38.99 47.41
CA VAL VA 109 29.34 38.20 46.46
C VAL VA 109 29.45 36.73 46.74
N LYS VA 110 28.30 36.10 46.85
CA LYS VA 110 28.26 34.67 47.11
C LYS VA 110 27.23 34.01 46.22
N ARG VA 111 27.62 32.97 45.48
CA ARG VA 111 26.67 32.33 44.58
C ARG VA 111 26.29 30.92 45.00
N TRP VA 112 24.99 30.66 45.02
CA TRP VA 112 24.45 29.36 45.39
C TRP VA 112 24.56 28.37 44.29
N ASN VA 113 25.07 27.22 44.61
CA ASN VA 113 25.11 26.14 43.67
C ASN VA 113 24.24 25.02 44.27
N LEU VA 114 23.09 24.80 43.63
CA LEU VA 114 22.13 23.77 44.13
C LEU VA 114 22.90 22.53 44.63
N ARG VA 115 22.35 21.86 45.65
CA ARG VA 115 23.04 20.68 46.24
C ARG VA 115 23.37 19.67 45.13
N ASN VA 116 22.71 19.79 43.98
CA ASN VA 116 22.97 18.86 42.84
C ASN VA 116 24.47 18.75 42.60
N ALA VA 117 25.22 19.84 42.83
CA ALA VA 117 26.69 19.85 42.61
C ALA VA 117 27.22 18.41 42.55
N TRP VA 118 27.56 17.93 41.35
CA TRP VA 118 27.96 16.52 41.17
C TRP VA 118 29.22 16.43 40.30
N CYS VA 119 30.31 15.86 40.82
CA CYS VA 119 31.54 15.75 40.04
C CYS VA 119 31.49 14.66 38.99
N SER VA 120 31.74 15.04 37.74
CA SER VA 120 31.70 14.10 36.62
C SER VA 120 33.06 13.75 36.06
N LYS VA 121 33.98 14.70 36.07
CA LYS VA 121 35.27 14.39 35.44
C LYS VA 121 36.46 14.81 36.24
N VAL VA 122 37.48 13.96 36.19
CA VAL VA 122 38.76 14.32 36.76
C VAL VA 122 39.83 14.16 35.69
N VAL VA 123 40.54 15.24 35.40
CA VAL VA 123 41.54 15.18 34.34
C VAL VA 123 42.94 15.53 34.81
N ALA VA 124 43.89 14.66 34.46
CA ALA VA 124 45.30 14.84 34.81
C ALA VA 124 45.99 15.75 33.82
N GLY VA 125 47.09 16.35 34.23
CA GLY VA 125 47.87 17.15 33.30
C GLY VA 125 48.85 16.27 32.54
N THR VA 126 49.72 16.88 31.75
CA THR VA 126 50.71 16.17 30.95
C THR VA 126 51.96 15.88 31.72
N LEU VA 127 52.45 14.64 31.68
CA LEU VA 127 53.68 14.38 32.38
C LEU VA 127 54.82 14.23 31.41
N LYS VA 128 55.67 15.25 31.31
CA LYS VA 128 56.78 15.20 30.38
C LYS VA 128 58.11 15.44 31.06
N ALA VA 129 58.98 14.45 30.94
CA ALA VA 129 60.27 14.53 31.59
C ALA VA 129 61.06 15.66 31.02
N GLY VA 130 61.67 16.43 31.88
CA GLY VA 130 62.51 17.54 31.46
C GLY VA 130 61.72 18.82 31.24
N ASP VA 131 60.39 18.76 31.33
CA ASP VA 131 59.62 19.98 31.07
C ASP VA 131 59.54 20.77 32.36
N THR VA 132 60.69 21.33 32.73
CA THR VA 132 60.90 21.93 34.03
C THR VA 132 60.30 23.30 34.17
N ASN VA 133 59.02 23.39 33.99
CA ASN VA 133 58.29 24.62 34.16
C ASN VA 133 56.90 24.22 34.57
N ALA VA 134 56.66 22.93 34.48
CA ALA VA 134 55.34 22.44 34.71
C ALA VA 134 55.22 21.69 36.01
N LEU VA 135 54.06 21.87 36.57
CA LEU VA 135 53.63 21.19 37.76
C LEU VA 135 52.39 20.42 37.41
N THR VA 136 52.06 19.40 38.17
CA THR VA 136 50.87 18.69 37.77
C THR VA 136 49.64 19.22 38.48
N GLU VA 137 48.72 19.73 37.67
CA GLU VA 137 47.46 20.34 38.06
C GLU VA 137 46.35 19.34 38.01
N THR VA 138 45.27 19.55 38.76
CA THR VA 138 44.15 18.64 38.57
C THR VA 138 42.93 19.43 38.16
N ILE VA 139 42.18 18.87 37.24
CA ILE VA 139 40.97 19.54 36.79
C ILE VA 139 39.76 18.80 37.26
N THR VA 140 38.88 19.49 37.97
CA THR VA 140 37.66 18.87 38.47
C THR VA 140 36.48 19.52 37.79
N ILE VA 141 35.63 18.70 37.18
CA ILE VA 141 34.47 19.28 36.50
C ILE VA 141 33.19 18.90 37.20
N VAL VA 142 32.48 19.94 37.63
CA VAL VA 142 31.28 19.79 38.43
C VAL VA 142 30.06 20.31 37.74
N PHE VA 143 29.05 19.44 37.60
CA PHE VA 143 27.80 19.85 36.92
C PHE VA 143 26.81 20.35 37.97
N GLU VA 144 25.99 21.33 37.59
CA GLU VA 144 25.00 21.92 38.55
C GLU VA 144 23.70 22.29 37.83
N GLU VA 145 22.55 22.08 38.46
CA GLU VA 145 21.30 22.52 37.85
C GLU VA 145 21.02 23.99 37.94
N LEU VA 146 21.30 24.57 39.09
CA LEU VA 146 20.88 25.92 39.37
C LEU VA 146 21.87 26.81 40.09
N VAL VA 147 22.08 28.01 39.55
CA VAL VA 147 22.95 28.97 40.18
C VAL VA 147 22.20 30.24 40.54
N VAL VA 148 22.26 30.61 41.81
CA VAL VA 148 21.55 31.81 42.25
C VAL VA 148 22.46 32.86 42.89
N GLU VA 149 22.41 34.08 42.34
CA GLU VA 149 23.20 35.26 42.74
C GLU VA 149 22.80 35.70 44.15
#